data_6M99
#
_entry.id   6M99
#
_cell.length_a   1
_cell.length_b   1
_cell.length_c   1
_cell.angle_alpha   90
_cell.angle_beta   90
_cell.angle_gamma   90
#
_symmetry.space_group_name_H-M   'P 1'
#
loop_
_entity.id
_entity.type
_entity.pdbx_description
1 polymer VP2
2 polymer 'Putative core protein NTPase/VP5'
3 polymer VP3
4 non-polymer 'PHOSPHATE ION'
5 non-polymer 'ZINC ION'
#
loop_
_entity_poly.entity_id
_entity_poly.type
_entity_poly.pdbx_seq_one_letter_code
_entity_poly.pdbx_strand_id
1 'polypeptide(L)'
;MEELFNALPQPLQQLSLALAGEIPLTDHIFEQAASTWHVQPRSLTYKLLDHIPFATPVVVPPSIYHSLDWSKCFAVNQDR
VERIPTIDNPDDVYVPNSDIGPLLTSLHTIPDYGFLHPTIENDATTLRAERARCASTFYKIASSQARQVKLDPIRMLGFL
LLVQARPRVPSGLVTDQPTRRDPTLSPALHAIWQVMQYYKVAGVYYAPALVVPSGAIWWIPPPGKRNVVSVQYLLTDLIS
LAILAHMTDMSPTLELTGVLMYLRAASSHSYAYTLLQMKSVFPALSLRSMYRNKGFGGKAPAIEWTEPRSKYKFRWTGVT
QLHDGLRPRSPSMDVPTLETLAKYELVDIGHTIIRERNAHPQHNHDSVRFVRDVMALTSGMYLVRQPTMSVLREYSQVPD
IKDPIPPSAWTGPIGNVRYLLPSVQGPARHLYDTWRAAARQIAQDPQWHDPLNQAIMRAQYVTARGGSSASLKFALKVTG
IVLPEYDDSKVKKSSKIYQAAQIARIAFMLLIAAIHAEVTMGIRNQVQRRARSIMPLNVIQQAISAPHTLVANYINKHMN
LSTTSGSVVTDKVIPLILYASTPPNTVVNVDIKACDASITYNYFLSVICGAMHEGFEVGNADAAFMGVPSTIVSDRRSPV
APYSRPISGLQTMVQHLADLYAAGFRYSVSDAFSSGNKFSFPTSTFPSGSTATSTEHTANNSTMMEYFLNVHAPSHVKSA
SLKRILTDMTIQRNYVCQGDDGILLLPHEAASKISADDMNELLTCLRDYGQLFGWNYDIDWSDTAEYLKLYALMGCRIPN
TSRHPPVGKEYAAPQTDEIWPSLIDIVIGHHLNGVTDVLNWREWLRFSWAFACYSSRGGYTNPRGQSFSAQYPWWTFVYL
GIPPILLPGQTPFIHSCYMPPGDQGMFSILNGWRDWLISHASTTLPPLRHNHPVWGLSDVPSLLSQFGVYAGYHAAQHYR
RPKPAPETASSDSINQITSDLTEYLFYDSALKARVMKGRYNWERLSSSLSLNVGSRVPSLFDVPGKWVAAGRDAEKPPPS
SVEDMFTSLNRCIRRPTHSFSRLLELYLRVHVALGESIPLAIDPDVPQVAGADPANDDHWFKYTCLGDIPSATRNYFGES
LFVGRVVSGLDVEAVDATLLRLKILGAPPEAFIAVLNGIGMSDSEAHQIAGRISLANAQLVQIARVVHLSIPSSWMTLNT
GPYIHHHAYDFKPGITQPSAKSRDKSIWMSPILKLLCTSYAMTVAGPVRTSIVTEIDGSAAALSGNLRVWMRDV
;
A
2 'polypeptide(L)'
;MITIVVIPTAHFSWTDTNFLNSVDYRLTSQPKIRDRFAVYAPGWLRRQLDEFSASLTASELLQALQTIPIPVKARCLLLP
KPKRFAQWLLDVPSANIWHIPVTTLRATVASKHPSSDVYNYIPDHVPPNAEFDTVTRRVAAGRDIYVRSTKVIGAPLCLA
APAKYYAGYLSTHQLDGIYPENWAPDNFHKREFCLTILPSLLGPRTFLLDVDADRDASYPLSVLWPQLRALALKSRLLLP
PVALLRRVVDPGLKPTWSADSDAAFRALRLSRPSSASKPVGFDFSALPVVDIICLLESEPDDHGRIAPGTRLTIHSVPTD
LLTSLSIQEGVRYPLRQESGMFVHWVLLALLMSDDVTISGTRRSVKLETAHASARPFVHITVERCASARIIDVRGSPAMY
ANAVCLTLPKGSYKSTIIDTLPAMFSDLPILEQAAVIDSDALGDSLRPSFETQFLERLENLDPNLLDRAVASILSPTSDT
SDDAVTTVLDAFNALYREIMTPAQRARLPLLTQQGRVLAFAHSDYELLSANIPIQVVRGSIPIDHVVNLLARRNRVGGTA
LQVLLDYCYRTQASPLAPTPAGRLYKQLFGPWLMVPRLSEPLIKLRLVASAPAKVLRAAGWTIDGDPPLEVSCLCAYVTD
RAAATALIERRLDSRALVTVGGDQLMFVEYAPPLPLVSIPRTFLLPVTYVVHWVPPQRVLLNGGNVSFTSGLEWTFDDDP
QVVTSTGV
;
B
3 'polypeptide(L)'
;MPRRSARKAQSAIASPADTNVVPAKDAPTTNSPPSTTSPNQAAADANQQQAGIVSSQSGPNAVGDSAPSSSVNNDGDIIT
RPTSDSIAAVANATKPAAVVSDPQSMKVTPIVNPSSYVCNVCNARFSTMSALSEHLRSDHRDDASTLLATPMINNAIRSF
LTAWDDIRILSPDVSSKSLSAYLDSAVANGPELIIEDTGLCTSFMLLDNIPSAHLTKELIGFTWFMQMYQMTPPLPEGAV
NRIVCMTNWASLGDEGRGLEVRLPPPTDSSVHAYKTVLSRGYIDNAQFNPLALRSNVLLMLLQFTLSNLKINKSSTFTSD
VTTITSGRMIRAFEGRPELLALAYPGRAVLPTQTKNAQFLSTAIADRIGRLDRANLIGGEVSAMVECMELCDALTLHIRE
TYIMLLRSMHQDPTQIVQIVNECANNLLNSTIPISLRPTILCPWFASSEDLRLQQVMHLVNISSNTAAALPLVEALSTLL
RSVTPLVLDPTVLTNAITTISESTTQTISPISEILRLLQPMGNDYAAFWKCIASWAYNGLVTTVLSEDAFPDSSQSITHL
PSMWKCLFLTLAGPMTSDPHSPVKVFMALANLLAQPEPIAIGVPGMHQTTPASQFSHPGVWPPGFLNPQLINPQQAPLLR
AFAEHIRANWPQPSEFGYGSTLQGSANLFIPSNRMVYPWPNQPLPRLTVAPTYDSAMSNWISTTIAFFIRVVNSVNMTAT
VNDLTRRTMTGVMTAMRQVKTMTPFYIQHMCPTELSVLASVTVTPPFQVPFTRLVQNDVITNVLVARVDPAQRGDAAVDI
RATHATFAAALPVDPAAIVVAMLCGQTETNLIPSHHYGKAFAPLFASNAMFTRNQRAVITREAFVCARSAVAQCQDAGFL
VPRPLDALRQFDVTSAAAAEIMHAVNDAFKTAFDLDGALLDGLALYGDPRIADLSAAYLQYGGNVVREHVPPGPSHIHRA
LQQVESTFMAEMNLFNVARGNLYLVQTATNGNWSPMAPVAAPPFVRGGPNVRVVGRFGTIVPRPNGLEPQLIDDGNVPRD
IAGDWVYPSDVLQVSVAVFRDYVWPMVKAGRTRVLVELGHYVYTLHYYDPQISLDEAPILEEWLSKINPAGIPPVPFCIP
IPQVYPCITARRVHYAFTSENNNDSLFSTNAASIDTAFGENAAVSPLRWPGLVDPNYRVGTNDLPNRITLYNSLYRYNFT
YPTLDGIMYVRSAT
;
C,D,E,F,G,H,I,J,K,L
#
# COMPACT_ATOMS: atom_id res chain seq x y z
N GLU A 2 6.49 53.50 5.10
CA GLU A 2 7.65 54.29 5.50
C GLU A 2 8.29 55.01 4.32
N GLU A 3 9.26 55.87 4.64
CA GLU A 3 10.06 56.52 3.61
C GLU A 3 11.06 55.57 2.98
N LEU A 4 11.39 54.47 3.64
CA LEU A 4 12.17 53.40 3.01
C LEU A 4 11.37 52.75 1.89
N PHE A 5 10.08 52.52 2.13
CA PHE A 5 9.22 51.98 1.08
C PHE A 5 9.02 52.95 -0.05
N ASN A 6 9.05 54.26 0.24
CA ASN A 6 8.90 55.26 -0.81
C ASN A 6 10.14 55.31 -1.69
N ALA A 7 11.31 55.02 -1.13
CA ALA A 7 12.56 55.08 -1.87
C ALA A 7 12.78 53.89 -2.79
N LEU A 8 12.02 52.81 -2.63
CA LEU A 8 12.17 51.65 -3.48
C LEU A 8 11.63 51.94 -4.88
N PRO A 9 12.12 51.23 -5.90
CA PRO A 9 11.49 51.32 -7.22
C PRO A 9 10.08 50.76 -7.19
N GLN A 10 9.25 51.27 -8.10
CA GLN A 10 7.83 50.93 -8.10
C GLN A 10 7.53 49.45 -8.37
N PRO A 11 8.22 48.72 -9.26
CA PRO A 11 8.04 47.25 -9.24
C PRO A 11 8.62 46.60 -8.01
N LEU A 12 9.64 47.20 -7.40
CA LEU A 12 10.18 46.65 -6.17
C LEU A 12 9.31 47.01 -4.98
N GLN A 13 8.60 48.14 -5.05
CA GLN A 13 7.57 48.45 -4.07
C GLN A 13 6.42 47.46 -4.15
N GLN A 14 6.11 47.00 -5.36
CA GLN A 14 4.96 46.14 -5.58
C GLN A 14 5.15 44.77 -4.98
N LEU A 15 6.40 44.33 -4.80
CA LEU A 15 6.67 43.05 -4.17
C LEU A 15 6.78 43.17 -2.66
N SER A 16 7.12 44.35 -2.14
CA SER A 16 7.07 44.55 -0.70
C SER A 16 5.63 44.55 -0.20
N LEU A 17 4.68 44.95 -1.04
CA LEU A 17 3.27 44.79 -0.71
C LEU A 17 2.89 43.33 -0.61
N ALA A 18 3.50 42.49 -1.46
CA ALA A 18 3.24 41.07 -1.42
C ALA A 18 3.86 40.44 -0.18
N LEU A 19 5.13 40.78 0.11
CA LEU A 19 5.83 40.21 1.26
C LEU A 19 5.21 40.65 2.58
N ALA A 20 4.60 41.84 2.62
CA ALA A 20 3.84 42.23 3.79
C ALA A 20 2.57 41.40 3.96
N GLY A 21 2.06 40.83 2.87
CA GLY A 21 0.81 40.10 2.90
C GLY A 21 -0.39 40.92 2.48
N GLU A 22 -0.17 42.12 1.95
CA GLU A 22 -1.28 42.97 1.54
C GLU A 22 -1.97 42.42 0.31
N ILE A 23 -1.19 42.09 -0.71
CA ILE A 23 -1.70 41.60 -1.99
C ILE A 23 -1.16 40.20 -2.24
N PRO A 24 -1.85 39.34 -3.00
CA PRO A 24 -1.26 38.07 -3.39
C PRO A 24 -0.13 38.29 -4.38
N LEU A 25 0.84 37.38 -4.35
CA LEU A 25 2.04 37.54 -5.16
C LEU A 25 1.76 36.89 -6.50
N THR A 26 1.25 37.68 -7.45
CA THR A 26 1.05 37.15 -8.77
C THR A 26 2.39 37.07 -9.51
N ASP A 27 2.36 36.42 -10.67
CA ASP A 27 3.59 36.12 -11.38
C ASP A 27 4.18 37.38 -12.01
N HIS A 28 3.34 38.37 -12.35
CA HIS A 28 3.83 39.58 -12.99
C HIS A 28 4.64 40.44 -12.03
N ILE A 29 4.24 40.47 -10.76
CA ILE A 29 5.05 41.14 -9.74
C ILE A 29 6.36 40.39 -9.54
N PHE A 30 6.30 39.08 -9.64
CA PHE A 30 7.47 38.25 -9.47
C PHE A 30 8.43 38.35 -10.64
N GLU A 31 7.94 38.74 -11.82
CA GLU A 31 8.82 38.89 -12.98
C GLU A 31 9.49 40.25 -13.01
N GLN A 32 8.70 41.31 -12.84
CA GLN A 32 9.20 42.67 -13.01
C GLN A 32 10.17 43.05 -11.89
N ALA A 33 9.87 42.64 -10.66
CA ALA A 33 10.76 42.97 -9.55
C ALA A 33 12.03 42.15 -9.60
N ALA A 34 11.97 40.92 -10.12
CA ALA A 34 13.19 40.15 -10.31
C ALA A 34 14.06 40.74 -11.40
N SER A 35 13.42 41.27 -12.45
CA SER A 35 14.16 42.02 -13.46
C SER A 35 14.66 43.35 -12.94
N THR A 36 14.01 43.88 -11.89
CA THR A 36 14.48 45.12 -11.28
C THR A 36 15.78 44.90 -10.52
N TRP A 37 16.00 43.70 -9.98
CA TRP A 37 17.23 43.43 -9.24
C TRP A 37 18.44 43.39 -10.15
N HIS A 38 18.32 42.71 -11.30
CA HIS A 38 19.50 42.41 -12.11
C HIS A 38 20.00 43.61 -12.89
N VAL A 39 19.09 44.41 -13.48
CA VAL A 39 19.52 45.57 -14.26
C VAL A 39 19.96 46.73 -13.39
N GLN A 40 19.70 46.68 -12.12
CA GLN A 40 20.07 47.73 -11.18
C GLN A 40 21.56 47.63 -10.85
N PRO A 41 22.26 48.76 -10.80
CA PRO A 41 23.60 48.77 -10.21
C PRO A 41 23.52 48.45 -8.73
N ARG A 42 24.41 47.56 -8.28
CA ARG A 42 24.35 47.06 -6.92
C ARG A 42 24.68 48.13 -5.88
N SER A 43 25.40 49.18 -6.28
CA SER A 43 25.73 50.27 -5.37
C SER A 43 24.51 51.07 -4.94
N LEU A 44 23.40 50.99 -5.67
CA LEU A 44 22.20 51.77 -5.34
C LEU A 44 21.50 51.23 -4.10
N THR A 45 21.81 49.99 -3.69
CA THR A 45 21.20 49.39 -2.52
C THR A 45 21.62 50.11 -1.24
N TYR A 46 22.88 50.52 -1.15
CA TYR A 46 23.32 51.26 0.02
C TYR A 46 22.77 52.68 0.07
N LYS A 47 22.34 53.22 -1.08
CA LYS A 47 21.67 54.51 -1.07
C LYS A 47 20.32 54.41 -0.38
N LEU A 48 19.66 53.25 -0.49
CA LEU A 48 18.39 53.03 0.21
C LEU A 48 18.57 53.00 1.72
N LEU A 49 19.76 52.63 2.18
CA LEU A 49 20.03 52.66 3.62
C LEU A 49 20.15 54.09 4.13
N ASP A 50 20.57 55.02 3.26
CA ASP A 50 20.64 56.42 3.64
C ASP A 50 19.25 57.04 3.74
N HIS A 51 18.25 56.47 3.07
CA HIS A 51 16.90 57.01 3.11
C HIS A 51 16.18 56.78 4.43
N ILE A 52 16.79 56.07 5.38
CA ILE A 52 16.21 55.93 6.71
C ILE A 52 16.95 56.90 7.64
N PRO A 53 16.27 57.90 8.19
CA PRO A 53 16.88 58.70 9.27
C PRO A 53 16.70 58.01 10.61
N PHE A 54 17.81 57.63 11.24
CA PHE A 54 17.72 56.84 12.45
C PHE A 54 19.01 56.95 13.24
N ALA A 55 18.91 56.69 14.54
CA ALA A 55 20.02 56.87 15.46
C ALA A 55 20.02 55.79 16.52
N THR A 56 21.22 55.36 16.89
CA THR A 56 21.46 54.37 17.93
C THR A 56 22.92 54.52 18.37
N PRO A 57 23.24 54.26 19.64
CA PRO A 57 24.61 54.51 20.11
C PRO A 57 25.64 53.52 19.60
N VAL A 58 26.06 53.68 18.34
CA VAL A 58 27.20 52.96 17.80
C VAL A 58 28.00 53.92 16.92
N VAL A 59 29.32 53.90 17.08
CA VAL A 59 30.22 54.76 16.32
C VAL A 59 31.28 53.88 15.68
N VAL A 60 31.30 53.85 14.35
CA VAL A 60 32.35 53.15 13.60
C VAL A 60 33.62 53.98 13.67
N PRO A 61 34.73 53.42 14.17
CA PRO A 61 35.95 54.20 14.28
C PRO A 61 36.60 54.36 12.91
N PRO A 62 37.40 55.41 12.72
CA PRO A 62 38.20 55.52 11.50
C PRO A 62 39.43 54.63 11.50
N SER A 63 39.71 53.95 12.60
CA SER A 63 40.89 53.09 12.74
C SER A 63 40.78 51.78 11.98
N ILE A 64 39.63 51.51 11.34
CA ILE A 64 39.52 50.34 10.49
C ILE A 64 40.42 50.47 9.28
N TYR A 65 40.41 51.64 8.66
CA TYR A 65 41.06 51.86 7.38
C TYR A 65 42.57 51.95 7.49
N HIS A 66 43.11 52.14 8.68
CA HIS A 66 44.56 52.12 8.90
C HIS A 66 45.06 50.69 8.71
N SER A 67 45.66 50.43 7.57
CA SER A 67 45.98 49.09 7.14
C SER A 67 47.45 48.76 7.37
N LEU A 68 47.76 47.48 7.31
CA LEU A 68 49.14 47.03 7.23
C LEU A 68 49.59 47.04 5.77
N ASP A 69 50.84 46.65 5.56
CA ASP A 69 51.35 46.35 4.24
C ASP A 69 51.33 44.83 4.06
N TRP A 70 50.73 44.36 2.97
CA TRP A 70 50.61 42.93 2.73
C TRP A 70 51.96 42.29 2.44
N SER A 71 52.87 43.03 1.80
CA SER A 71 54.18 42.47 1.49
C SER A 71 55.06 42.37 2.73
N LYS A 72 54.76 43.14 3.77
CA LYS A 72 55.38 42.91 5.07
C LYS A 72 54.79 41.69 5.76
N CYS A 73 53.60 41.25 5.33
CA CYS A 73 52.92 40.11 5.92
C CYS A 73 53.11 38.83 5.13
N PHE A 74 53.72 38.88 3.95
CA PHE A 74 53.95 37.71 3.12
C PHE A 74 55.41 37.65 2.72
N ALA A 75 55.95 36.43 2.65
CA ALA A 75 57.34 36.22 2.27
C ALA A 75 57.48 34.81 1.71
N VAL A 76 58.72 34.42 1.44
CA VAL A 76 59.03 33.14 0.80
C VAL A 76 59.86 32.32 1.80
N ASN A 77 59.61 31.02 1.82
CA ASN A 77 60.33 30.09 2.68
C ASN A 77 60.78 28.91 1.83
N GLN A 78 61.16 27.81 2.49
CA GLN A 78 61.77 26.66 1.84
C GLN A 78 60.85 26.03 0.80
N ASP A 79 61.48 25.35 -0.18
CA ASP A 79 60.87 24.78 -1.39
C ASP A 79 60.23 25.86 -2.28
N ARG A 80 60.60 27.13 -2.06
CA ARG A 80 60.04 28.31 -2.72
C ARG A 80 58.52 28.33 -2.65
N VAL A 81 58.00 28.42 -1.42
CA VAL A 81 56.57 28.52 -1.19
C VAL A 81 56.27 29.95 -0.75
N GLU A 82 55.17 30.50 -1.25
CA GLU A 82 54.70 31.79 -0.79
C GLU A 82 53.69 31.55 0.32
N ARG A 83 53.89 32.22 1.45
CA ARG A 83 53.06 32.02 2.62
C ARG A 83 53.09 33.27 3.47
N ILE A 84 52.35 33.24 4.58
CA ILE A 84 52.24 34.36 5.49
C ILE A 84 53.10 34.06 6.72
N PRO A 85 54.21 34.79 6.92
CA PRO A 85 54.89 34.72 8.22
C PRO A 85 54.01 35.33 9.30
N THR A 86 53.91 34.63 10.42
CA THR A 86 53.08 35.06 11.53
C THR A 86 53.70 36.28 12.20
N ILE A 87 52.94 37.37 12.29
CA ILE A 87 53.47 38.61 12.81
C ILE A 87 53.53 38.58 14.34
N ASP A 88 52.38 38.39 14.98
CA ASP A 88 52.28 38.48 16.43
C ASP A 88 52.31 37.13 17.11
N ASN A 89 51.38 36.24 16.74
CA ASN A 89 51.23 34.93 17.34
C ASN A 89 51.36 33.86 16.25
N PRO A 90 51.90 32.67 16.58
CA PRO A 90 52.25 31.70 15.52
C PRO A 90 51.07 31.08 14.76
N ASP A 91 49.84 31.48 15.02
CA ASP A 91 48.70 31.08 14.20
C ASP A 91 48.20 32.21 13.30
N ASP A 92 48.97 33.28 13.15
CA ASP A 92 48.57 34.41 12.31
C ASP A 92 48.69 33.99 10.85
N VAL A 93 47.61 33.43 10.31
CA VAL A 93 47.66 32.76 9.01
C VAL A 93 46.59 33.25 8.06
N TYR A 94 45.55 33.95 8.51
CA TYR A 94 44.44 34.33 7.66
C TYR A 94 44.77 35.65 6.94
N VAL A 95 43.76 36.26 6.35
CA VAL A 95 43.94 37.42 5.47
C VAL A 95 44.35 38.64 6.27
N PRO A 96 45.51 39.24 5.98
CA PRO A 96 45.87 40.50 6.63
C PRO A 96 45.09 41.65 6.03
N ASN A 97 44.83 42.66 6.86
CA ASN A 97 44.00 43.78 6.45
C ASN A 97 44.89 44.83 5.81
N SER A 98 45.02 44.75 4.49
CA SER A 98 45.84 45.68 3.74
C SER A 98 45.05 46.21 2.56
N ASP A 99 45.60 47.23 1.91
CA ASP A 99 44.96 47.84 0.76
C ASP A 99 45.05 46.90 -0.44
N ILE A 100 43.90 46.61 -1.05
CA ILE A 100 43.87 45.88 -2.32
C ILE A 100 44.13 46.81 -3.49
N GLY A 101 44.14 48.13 -3.24
CA GLY A 101 44.27 49.19 -4.23
C GLY A 101 45.36 49.09 -5.28
N PRO A 102 46.64 49.04 -4.89
CA PRO A 102 47.70 49.02 -5.90
C PRO A 102 47.82 47.70 -6.65
N LEU A 103 47.23 46.62 -6.15
CA LEU A 103 47.36 45.33 -6.82
C LEU A 103 46.42 45.18 -8.00
N LEU A 104 45.38 45.99 -8.07
CA LEU A 104 44.36 45.84 -9.09
C LEU A 104 44.53 46.89 -10.19
N THR A 105 44.22 46.49 -11.41
CA THR A 105 44.09 47.40 -12.53
C THR A 105 42.62 47.75 -12.71
N SER A 106 42.33 48.64 -13.64
CA SER A 106 40.95 48.95 -13.95
C SER A 106 40.34 47.84 -14.79
N LEU A 107 39.02 47.75 -14.73
CA LEU A 107 38.29 46.72 -15.46
C LEU A 107 37.66 47.34 -16.70
N HIS A 108 37.60 46.55 -17.78
CA HIS A 108 37.22 47.09 -19.08
C HIS A 108 35.72 47.39 -19.15
N THR A 109 34.90 46.46 -18.68
CA THR A 109 33.45 46.64 -18.72
C THR A 109 33.00 47.68 -17.71
N ILE A 110 33.28 47.44 -16.43
CA ILE A 110 32.91 48.36 -15.36
C ILE A 110 34.17 49.16 -14.99
N PRO A 111 34.24 50.44 -15.31
CA PRO A 111 35.45 51.22 -14.98
C PRO A 111 35.55 51.55 -13.51
N ASP A 112 34.48 51.40 -12.74
CA ASP A 112 34.53 51.74 -11.32
C ASP A 112 35.19 50.64 -10.49
N TYR A 113 35.12 49.41 -10.96
CA TYR A 113 35.71 48.27 -10.27
C TYR A 113 36.93 47.78 -11.04
N GLY A 114 37.58 46.75 -10.50
CA GLY A 114 38.76 46.24 -11.16
C GLY A 114 39.27 44.92 -10.62
N PHE A 115 39.80 44.09 -11.51
CA PHE A 115 40.41 42.82 -11.17
C PHE A 115 41.93 42.99 -11.10
N LEU A 116 42.65 41.87 -10.98
CA LEU A 116 44.09 41.88 -10.78
C LEU A 116 44.82 42.47 -11.98
N HIS A 117 45.89 43.19 -11.70
CA HIS A 117 46.73 43.79 -12.74
C HIS A 117 47.40 42.69 -13.54
N PRO A 118 47.22 42.64 -14.87
CA PRO A 118 47.63 41.47 -15.64
C PRO A 118 49.12 41.32 -15.83
N THR A 119 49.91 42.36 -15.54
CA THR A 119 51.35 42.20 -15.52
C THR A 119 51.78 41.31 -14.37
N ILE A 120 51.11 41.45 -13.22
CA ILE A 120 51.36 40.57 -12.09
C ILE A 120 50.82 39.17 -12.38
N GLU A 121 49.70 39.10 -13.10
CA GLU A 121 49.12 37.81 -13.48
C GLU A 121 50.01 37.09 -14.50
N ASN A 122 50.68 37.83 -15.37
CA ASN A 122 51.46 37.21 -16.43
C ASN A 122 52.74 36.59 -15.88
N ASP A 123 53.55 37.37 -15.17
CA ASP A 123 54.89 36.93 -14.83
C ASP A 123 54.91 35.90 -13.70
N ALA A 124 53.97 35.99 -12.76
CA ALA A 124 53.97 35.12 -11.58
C ALA A 124 53.72 33.66 -11.91
N THR A 125 53.11 33.37 -13.06
CA THR A 125 53.04 32.00 -13.55
C THR A 125 54.25 31.62 -14.39
N THR A 126 55.01 32.61 -14.87
CA THR A 126 56.20 32.38 -15.69
C THR A 126 57.48 32.50 -14.87
N LEU A 127 57.67 33.61 -14.16
CA LEU A 127 58.86 33.81 -13.34
C LEU A 127 58.44 33.92 -11.88
N ARG A 128 59.05 33.10 -11.05
CA ARG A 128 58.65 32.97 -9.64
C ARG A 128 59.38 34.05 -8.84
N ALA A 129 58.73 35.19 -8.67
CA ALA A 129 59.33 36.34 -8.00
C ALA A 129 58.88 36.41 -6.54
N GLU A 130 59.55 37.28 -5.79
CA GLU A 130 59.18 37.56 -4.41
C GLU A 130 58.21 38.71 -4.29
N ARG A 131 57.75 39.25 -5.42
CA ARG A 131 56.79 40.34 -5.44
C ARG A 131 55.51 39.95 -6.16
N ALA A 132 55.60 39.45 -7.39
CA ALA A 132 54.42 39.18 -8.19
C ALA A 132 53.72 37.90 -7.75
N ARG A 133 54.49 36.84 -7.54
CA ARG A 133 53.96 35.62 -6.93
C ARG A 133 53.50 35.88 -5.50
N CYS A 134 54.17 36.79 -4.81
CA CYS A 134 53.73 37.23 -3.49
C CYS A 134 52.43 38.00 -3.56
N ALA A 135 52.17 38.70 -4.67
CA ALA A 135 50.96 39.50 -4.80
C ALA A 135 49.74 38.65 -5.14
N SER A 136 49.88 37.72 -6.09
CA SER A 136 48.77 36.89 -6.50
C SER A 136 48.34 35.91 -5.43
N THR A 137 49.23 35.58 -4.49
CA THR A 137 48.83 34.80 -3.34
C THR A 137 47.87 35.57 -2.45
N PHE A 138 48.18 36.85 -2.19
CA PHE A 138 47.31 37.68 -1.36
C PHE A 138 45.99 37.97 -2.06
N TYR A 139 46.04 38.26 -3.37
CA TYR A 139 44.84 38.68 -4.08
C TYR A 139 43.82 37.55 -4.18
N LYS A 140 44.27 36.35 -4.52
CA LYS A 140 43.33 35.24 -4.70
C LYS A 140 42.80 34.74 -3.36
N ILE A 141 43.55 34.91 -2.29
CA ILE A 141 43.04 34.56 -0.97
C ILE A 141 42.07 35.64 -0.47
N ALA A 142 42.41 36.91 -0.67
CA ALA A 142 41.52 37.98 -0.24
C ALA A 142 40.25 38.03 -1.08
N SER A 143 40.32 37.64 -2.34
CA SER A 143 39.10 37.51 -3.13
C SER A 143 38.29 36.30 -2.71
N SER A 144 38.96 35.25 -2.20
CA SER A 144 38.25 34.03 -1.83
C SER A 144 37.44 34.21 -0.55
N GLN A 145 37.97 34.98 0.41
CA GLN A 145 37.21 35.22 1.64
C GLN A 145 36.00 36.10 1.39
N ALA A 146 36.07 36.98 0.38
CA ALA A 146 34.87 37.66 -0.07
C ALA A 146 33.95 36.75 -0.86
N ARG A 147 34.50 35.68 -1.46
CA ARG A 147 33.72 34.74 -2.25
C ARG A 147 32.94 33.75 -1.37
N GLN A 148 33.13 33.79 -0.06
CA GLN A 148 32.52 32.81 0.85
C GLN A 148 31.04 33.06 1.13
N VAL A 149 30.37 33.81 0.28
CA VAL A 149 28.95 34.05 0.37
C VAL A 149 28.24 33.33 -0.77
N LYS A 150 26.93 33.14 -0.61
CA LYS A 150 26.14 32.47 -1.64
C LYS A 150 25.97 33.37 -2.86
N LEU A 151 25.31 34.49 -2.68
CA LEU A 151 25.34 35.63 -3.59
C LEU A 151 25.81 36.82 -2.78
N ASP A 152 25.75 38.00 -3.39
CA ASP A 152 26.34 39.18 -2.78
C ASP A 152 25.59 39.58 -1.51
N PRO A 153 26.31 39.93 -0.44
CA PRO A 153 25.66 40.55 0.72
C PRO A 153 25.08 41.92 0.41
N ILE A 154 25.53 42.53 -0.69
CA ILE A 154 24.91 43.74 -1.22
C ILE A 154 23.43 43.50 -1.49
N ARG A 155 23.09 42.32 -1.99
CA ARG A 155 21.70 41.97 -2.22
C ARG A 155 21.02 41.41 -0.98
N MET A 156 21.79 40.77 -0.09
CA MET A 156 21.20 40.22 1.12
C MET A 156 20.73 41.32 2.06
N LEU A 157 21.43 42.45 2.07
CA LEU A 157 20.90 43.64 2.74
C LEU A 157 19.71 44.19 1.97
N GLY A 158 19.67 43.99 0.66
CA GLY A 158 18.56 44.48 -0.14
C GLY A 158 17.27 43.73 0.11
N PHE A 159 17.35 42.43 0.41
CA PHE A 159 16.13 41.70 0.72
C PHE A 159 15.61 42.09 2.09
N LEU A 160 16.53 42.35 3.03
CA LEU A 160 16.14 42.68 4.39
C LEU A 160 15.46 44.05 4.45
N LEU A 161 15.95 45.01 3.67
CA LEU A 161 15.25 46.30 3.60
C LEU A 161 13.94 46.18 2.84
N LEU A 162 13.84 45.22 1.93
CA LEU A 162 12.60 45.01 1.21
C LEU A 162 11.54 44.39 2.11
N VAL A 163 11.93 43.52 3.03
CA VAL A 163 10.99 42.96 3.99
C VAL A 163 10.55 44.02 4.99
N GLN A 164 11.47 44.87 5.42
CA GLN A 164 11.19 45.89 6.42
C GLN A 164 10.61 47.17 5.83
N ALA A 165 10.29 47.18 4.54
CA ALA A 165 9.68 48.36 3.96
C ALA A 165 8.25 48.52 4.45
N ARG A 166 7.44 47.51 4.26
CA ARG A 166 6.10 47.51 4.84
C ARG A 166 6.02 46.51 5.97
N PRO A 167 5.32 46.84 7.06
CA PRO A 167 5.12 45.85 8.12
C PRO A 167 4.16 44.78 7.66
N ARG A 168 4.30 43.59 8.23
CA ARG A 168 3.45 42.48 7.87
C ARG A 168 2.02 42.73 8.35
N VAL A 169 1.05 42.28 7.57
CA VAL A 169 -0.34 42.53 7.94
C VAL A 169 -0.74 41.48 8.97
N PRO A 170 -1.54 41.84 9.97
CA PRO A 170 -1.92 40.87 11.00
C PRO A 170 -2.90 39.84 10.46
N SER A 171 -2.49 38.58 10.49
CA SER A 171 -3.39 37.49 10.15
C SER A 171 -4.40 37.29 11.27
N GLY A 172 -5.50 36.61 10.94
CA GLY A 172 -6.54 36.36 11.91
C GLY A 172 -6.16 35.38 13.00
N LEU A 173 -5.10 34.62 12.80
CA LEU A 173 -4.54 33.78 13.85
C LEU A 173 -4.05 34.66 14.98
N VAL A 174 -4.64 34.48 16.17
CA VAL A 174 -4.46 35.44 17.26
C VAL A 174 -3.12 35.37 17.94
N THR A 175 -2.26 34.44 17.57
CA THR A 175 -0.94 34.31 18.18
C THR A 175 0.11 35.15 17.48
N ASP A 176 -0.21 35.84 16.40
CA ASP A 176 0.79 36.68 15.77
C ASP A 176 0.93 37.99 16.53
N GLN A 177 2.07 38.64 16.33
CA GLN A 177 2.31 39.96 16.91
C GLN A 177 3.01 40.81 15.86
N PRO A 178 2.75 42.12 15.85
CA PRO A 178 3.69 43.02 15.20
C PRO A 178 5.02 42.96 15.93
N THR A 179 6.10 42.89 15.17
CA THR A 179 7.41 42.63 15.75
C THR A 179 7.89 43.82 16.57
N ARG A 180 8.56 43.54 17.69
CA ARG A 180 9.03 44.59 18.57
C ARG A 180 10.24 45.31 18.00
N ARG A 181 10.93 44.70 17.05
CA ARG A 181 12.13 45.30 16.49
C ARG A 181 11.78 46.37 15.47
N ASP A 182 12.50 47.48 15.54
CA ASP A 182 12.49 48.50 14.53
C ASP A 182 13.82 48.50 13.78
N PRO A 183 13.82 48.83 12.49
CA PRO A 183 15.10 49.04 11.80
C PRO A 183 15.81 50.30 12.26
N THR A 184 15.07 51.24 12.86
CA THR A 184 15.68 52.46 13.36
C THR A 184 16.55 52.22 14.59
N LEU A 185 16.30 51.15 15.32
CA LEU A 185 17.00 50.88 16.57
C LEU A 185 18.14 49.89 16.41
N SER A 186 18.38 49.39 15.20
CA SER A 186 19.37 48.35 14.98
C SER A 186 20.75 48.96 14.77
N PRO A 187 21.73 48.67 15.63
CA PRO A 187 23.09 49.16 15.37
C PRO A 187 23.82 48.40 14.28
N ALA A 188 23.28 47.25 13.84
CA ALA A 188 23.89 46.53 12.73
C ALA A 188 23.74 47.31 11.43
N LEU A 189 22.53 47.82 11.17
CA LEU A 189 22.31 48.62 9.96
C LEU A 189 22.99 49.97 10.08
N HIS A 190 23.12 50.50 11.29
CA HIS A 190 23.73 51.81 11.47
C HIS A 190 25.22 51.77 11.23
N ALA A 191 25.86 50.65 11.61
CA ALA A 191 27.28 50.50 11.36
C ALA A 191 27.57 50.32 9.89
N ILE A 192 26.63 49.73 9.13
CA ILE A 192 26.80 49.61 7.69
C ILE A 192 26.68 50.97 7.03
N TRP A 193 25.75 51.79 7.50
CA TRP A 193 25.62 53.15 6.98
C TRP A 193 26.82 54.01 7.36
N GLN A 194 27.36 53.83 8.57
CA GLN A 194 28.52 54.60 8.97
C GLN A 194 29.78 54.18 8.23
N VAL A 195 29.87 52.92 7.83
CA VAL A 195 30.99 52.49 7.00
C VAL A 195 30.85 53.06 5.60
N MET A 196 29.65 53.04 5.04
CA MET A 196 29.42 53.47 3.67
C MET A 196 29.49 54.98 3.49
N GLN A 197 29.64 55.76 4.56
CA GLN A 197 29.94 57.18 4.38
C GLN A 197 31.34 57.37 3.82
N TYR A 198 32.25 56.43 4.11
CA TYR A 198 33.59 56.49 3.55
C TYR A 198 33.60 56.14 2.07
N TYR A 199 32.64 55.35 1.62
CA TYR A 199 32.71 54.75 0.28
C TYR A 199 31.79 55.44 -0.73
N LYS A 200 31.65 56.75 -0.65
CA LYS A 200 30.94 57.50 -1.68
C LYS A 200 31.75 58.74 -2.04
N VAL A 201 31.65 59.13 -3.32
CA VAL A 201 32.43 60.26 -3.82
C VAL A 201 31.46 61.32 -4.33
N ALA A 202 30.25 60.91 -4.69
CA ALA A 202 29.23 61.85 -5.11
C ALA A 202 27.85 61.42 -4.63
N GLY A 203 27.79 60.74 -3.49
CA GLY A 203 26.54 60.20 -3.01
C GLY A 203 26.10 59.00 -3.83
N VAL A 204 27.05 58.12 -4.12
CA VAL A 204 26.79 56.97 -4.99
C VAL A 204 27.05 55.64 -4.32
N TYR A 205 27.81 55.61 -3.22
CA TYR A 205 27.97 54.46 -2.32
C TYR A 205 28.54 53.23 -3.04
N TYR A 206 29.78 53.37 -3.51
CA TYR A 206 30.48 52.25 -4.13
C TYR A 206 30.73 51.14 -3.13
N ALA A 207 30.35 49.91 -3.51
CA ALA A 207 30.69 48.77 -2.67
C ALA A 207 32.18 48.48 -2.79
N PRO A 208 32.82 48.04 -1.70
CA PRO A 208 34.26 47.73 -1.80
C PRO A 208 34.55 46.48 -2.61
N ALA A 209 33.61 45.54 -2.68
CA ALA A 209 33.76 44.41 -3.58
C ALA A 209 32.41 44.09 -4.19
N LEU A 210 32.44 43.28 -5.24
CA LEU A 210 31.24 42.89 -5.98
C LEU A 210 31.53 41.50 -6.52
N VAL A 211 31.04 40.48 -5.81
CA VAL A 211 31.54 39.12 -5.98
C VAL A 211 30.86 38.52 -7.20
N VAL A 212 31.56 38.54 -8.33
CA VAL A 212 31.17 37.86 -9.57
C VAL A 212 31.29 36.37 -9.29
N PRO A 213 30.41 35.52 -9.86
CA PRO A 213 30.52 34.07 -9.62
C PRO A 213 31.83 33.42 -10.07
N SER A 214 32.64 34.09 -10.90
CA SER A 214 34.01 33.64 -11.08
C SER A 214 34.83 33.92 -9.82
N GLY A 215 34.64 35.08 -9.22
CA GLY A 215 35.39 35.48 -8.05
C GLY A 215 35.09 36.93 -7.74
N ALA A 216 35.56 37.36 -6.58
CA ALA A 216 35.30 38.72 -6.15
C ALA A 216 36.13 39.72 -6.96
N ILE A 217 35.51 40.84 -7.30
CA ILE A 217 36.15 41.92 -8.04
C ILE A 217 36.08 43.17 -7.19
N TRP A 218 37.23 43.77 -6.93
CA TRP A 218 37.38 44.80 -5.93
C TRP A 218 37.29 46.19 -6.53
N TRP A 219 36.91 47.14 -5.68
CA TRP A 219 36.71 48.52 -6.09
C TRP A 219 38.05 49.25 -6.21
N ILE A 220 38.21 50.02 -7.27
CA ILE A 220 39.45 50.79 -7.39
C ILE A 220 39.38 51.97 -6.43
N PRO A 221 40.49 52.37 -5.83
CA PRO A 221 40.43 53.48 -4.89
C PRO A 221 40.59 54.81 -5.61
N PRO A 222 40.01 55.88 -5.08
CA PRO A 222 40.31 57.20 -5.59
C PRO A 222 41.67 57.65 -5.09
N PRO A 223 42.29 58.67 -5.70
CA PRO A 223 43.55 59.19 -5.15
C PRO A 223 43.33 59.85 -3.80
N GLY A 224 44.09 59.39 -2.80
CA GLY A 224 43.99 59.87 -1.44
C GLY A 224 43.33 58.91 -0.49
N LYS A 225 42.46 58.03 -0.99
CA LYS A 225 41.75 57.06 -0.17
C LYS A 225 42.15 55.66 -0.58
N ARG A 226 42.01 54.72 0.34
CA ARG A 226 42.41 53.34 0.11
C ARG A 226 41.21 52.42 0.27
N ASN A 227 41.37 51.18 -0.20
CA ASN A 227 40.32 50.16 -0.15
C ASN A 227 40.91 48.96 0.58
N VAL A 228 40.77 48.95 1.91
CA VAL A 228 41.27 47.81 2.67
C VAL A 228 40.34 46.63 2.49
N VAL A 229 40.85 45.44 2.80
CA VAL A 229 40.10 44.21 2.57
C VAL A 229 39.18 43.88 3.74
N SER A 230 39.40 44.47 4.91
CA SER A 230 38.62 44.15 6.09
C SER A 230 37.20 44.69 6.03
N VAL A 231 36.94 45.68 5.18
CA VAL A 231 35.63 46.33 5.17
C VAL A 231 34.57 45.41 4.57
N GLN A 232 34.90 44.77 3.43
CA GLN A 232 33.98 43.81 2.81
C GLN A 232 33.69 42.64 3.72
N TYR A 233 34.65 42.28 4.57
CA TYR A 233 34.44 41.20 5.52
C TYR A 233 33.65 41.70 6.73
N LEU A 234 33.87 42.96 7.09
CA LEU A 234 33.07 43.61 8.11
C LEU A 234 31.62 43.77 7.66
N LEU A 235 31.42 44.17 6.41
CA LEU A 235 30.06 44.37 5.88
C LEU A 235 29.30 43.05 5.82
N THR A 236 29.98 41.97 5.43
CA THR A 236 29.33 40.67 5.35
C THR A 236 28.91 40.19 6.74
N ASP A 237 29.76 40.37 7.75
CA ASP A 237 29.42 39.94 9.10
C ASP A 237 28.31 40.79 9.70
N LEU A 238 28.24 42.08 9.35
CA LEU A 238 27.15 42.90 9.83
C LEU A 238 25.85 42.55 9.14
N ILE A 239 25.91 42.27 7.84
CA ILE A 239 24.71 41.82 7.11
C ILE A 239 24.30 40.44 7.58
N SER A 240 25.27 39.59 7.92
CA SER A 240 24.94 38.32 8.55
C SER A 240 24.33 38.51 9.93
N LEU A 241 24.68 39.58 10.62
CA LEU A 241 24.06 39.85 11.91
C LEU A 241 22.77 40.64 11.77
N ALA A 242 22.67 41.51 10.76
CA ALA A 242 21.44 42.28 10.60
C ALA A 242 20.28 41.41 10.16
N ILE A 243 20.56 40.35 9.40
CA ILE A 243 19.49 39.45 8.97
C ILE A 243 19.03 38.58 10.14
N LEU A 244 19.98 37.97 10.86
CA LEU A 244 19.63 37.00 11.89
C LEU A 244 18.95 37.65 13.08
N ALA A 245 19.36 38.87 13.43
CA ALA A 245 18.81 39.52 14.61
C ALA A 245 17.35 39.91 14.40
N HIS A 246 16.97 40.23 13.17
CA HIS A 246 15.56 40.40 12.85
C HIS A 246 14.82 39.09 12.69
N MET A 247 15.54 37.98 12.51
CA MET A 247 14.87 36.68 12.48
C MET A 247 14.83 36.03 13.85
N THR A 248 15.80 36.32 14.71
CA THR A 248 15.80 35.81 16.08
C THR A 248 15.06 36.71 17.04
N ASP A 249 14.55 37.86 16.56
CA ASP A 249 13.93 38.91 17.37
C ASP A 249 14.87 39.35 18.49
N MET A 250 16.09 39.70 18.09
CA MET A 250 17.11 40.08 19.05
C MET A 250 16.85 41.48 19.58
N SER A 251 17.23 41.69 20.84
CA SER A 251 17.16 43.02 21.42
C SER A 251 18.20 43.92 20.77
N PRO A 252 17.87 45.21 20.60
CA PRO A 252 18.86 46.14 20.02
C PRO A 252 20.06 46.40 20.91
N THR A 253 19.94 46.13 22.21
CA THR A 253 21.10 46.19 23.09
C THR A 253 22.01 44.98 22.95
N LEU A 254 21.55 43.93 22.26
CA LEU A 254 22.38 42.76 22.03
C LEU A 254 23.05 42.76 20.66
N GLU A 255 22.53 43.48 19.68
CA GLU A 255 23.28 43.65 18.44
C GLU A 255 24.52 44.50 18.70
N LEU A 256 24.38 45.57 19.50
CA LEU A 256 25.49 46.44 19.85
C LEU A 256 26.57 45.68 20.59
N THR A 257 26.19 44.65 21.35
CA THR A 257 27.16 43.73 21.93
C THR A 257 27.96 43.01 20.84
N GLY A 258 27.28 42.60 19.78
CA GLY A 258 27.97 41.93 18.69
C GLY A 258 28.73 42.88 17.79
N VAL A 259 28.09 44.00 17.41
CA VAL A 259 28.65 44.92 16.42
C VAL A 259 29.96 45.54 16.89
N LEU A 260 30.06 45.82 18.20
CA LEU A 260 31.30 46.36 18.74
C LEU A 260 32.45 45.37 18.72
N MET A 261 32.19 44.07 18.57
CA MET A 261 33.29 43.13 18.41
C MET A 261 33.79 43.12 16.97
N TYR A 262 32.87 43.21 16.00
CA TYR A 262 33.29 43.24 14.60
C TYR A 262 34.02 44.53 14.26
N LEU A 263 33.58 45.64 14.84
CA LEU A 263 34.28 46.90 14.62
C LEU A 263 35.63 46.91 15.33
N ARG A 264 35.76 46.15 16.41
CA ARG A 264 37.05 46.02 17.06
C ARG A 264 37.99 45.13 16.26
N ALA A 265 37.46 44.06 15.68
CA ALA A 265 38.30 43.19 14.86
C ALA A 265 38.67 43.86 13.54
N ALA A 266 37.79 44.71 13.01
CA ALA A 266 38.14 45.49 11.83
C ALA A 266 39.11 46.62 12.18
N SER A 267 39.07 47.11 13.42
CA SER A 267 40.07 48.07 13.87
C SER A 267 41.43 47.39 14.00
N SER A 268 41.44 46.14 14.46
CA SER A 268 42.67 45.39 14.55
C SER A 268 43.10 44.90 13.18
N HIS A 269 44.29 44.32 13.13
CA HIS A 269 44.85 43.79 11.90
C HIS A 269 44.62 42.28 11.85
N SER A 270 44.55 41.75 10.63
CA SER A 270 44.22 40.35 10.34
C SER A 270 42.85 40.00 10.94
N TYR A 271 41.82 40.61 10.33
CA TYR A 271 40.44 40.59 10.80
C TYR A 271 39.92 39.19 11.10
N ALA A 272 40.24 38.22 10.24
CA ALA A 272 39.74 36.87 10.46
C ALA A 272 40.44 36.19 11.63
N TYR A 273 41.70 36.56 11.89
CA TYR A 273 42.40 35.98 13.04
C TYR A 273 41.88 36.55 14.36
N THR A 274 41.59 37.86 14.39
CA THR A 274 41.01 38.45 15.58
C THR A 274 39.60 37.92 15.83
N LEU A 275 38.86 37.69 14.74
CA LEU A 275 37.53 37.11 14.85
C LEU A 275 37.59 35.65 15.24
N LEU A 276 38.70 34.97 14.95
CA LEU A 276 38.86 33.58 15.36
C LEU A 276 39.22 33.46 16.83
N GLN A 277 40.01 34.40 17.36
CA GLN A 277 40.40 34.34 18.77
C GLN A 277 39.23 34.60 19.71
N MET A 278 38.16 35.22 19.21
CA MET A 278 36.94 35.42 19.98
C MET A 278 35.79 34.58 19.44
N LYS A 279 36.09 33.38 18.92
CA LYS A 279 35.05 32.53 18.37
C LYS A 279 34.20 31.86 19.43
N SER A 280 34.66 31.84 20.68
CA SER A 280 33.95 31.14 21.74
C SER A 280 33.68 32.07 22.92
N VAL A 281 33.54 33.37 22.65
CA VAL A 281 33.23 34.30 23.72
C VAL A 281 31.74 34.27 24.04
N PHE A 282 30.91 34.43 23.03
CA PHE A 282 29.46 34.49 23.21
C PHE A 282 28.81 33.20 23.70
N PRO A 283 29.22 31.98 23.28
CA PRO A 283 28.69 30.81 23.99
C PRO A 283 29.21 30.67 25.40
N ALA A 284 30.43 31.16 25.68
CA ALA A 284 30.94 31.08 27.04
C ALA A 284 30.24 32.09 27.95
N LEU A 285 29.80 33.22 27.41
CA LEU A 285 29.12 34.19 28.24
C LEU A 285 27.67 33.81 28.49
N SER A 286 27.02 33.10 27.56
CA SER A 286 25.64 32.71 27.77
C SER A 286 25.44 31.21 27.89
N LEU A 287 25.78 30.42 26.87
CA LEU A 287 25.40 29.01 26.88
C LEU A 287 26.19 28.21 27.90
N ARG A 288 27.50 28.43 27.95
CA ARG A 288 28.36 27.71 28.87
C ARG A 288 28.16 28.12 30.34
N SER A 289 27.45 29.22 30.60
CA SER A 289 27.26 29.70 31.96
C SER A 289 25.94 30.45 32.02
N MET A 290 24.87 29.81 32.51
CA MET A 290 23.57 30.46 32.64
C MET A 290 23.13 30.66 34.08
N TYR A 291 22.97 29.57 34.83
CA TYR A 291 22.11 29.63 36.00
C TYR A 291 22.89 29.44 37.29
N ARG A 292 24.02 30.14 37.40
CA ARG A 292 24.88 30.02 38.55
C ARG A 292 24.47 30.95 39.68
N ASN A 293 23.37 31.66 39.54
CA ASN A 293 22.93 32.62 40.55
C ASN A 293 22.09 31.92 41.61
N LYS A 294 21.58 32.72 42.55
CA LYS A 294 20.84 32.18 43.68
C LYS A 294 19.45 31.73 43.27
N GLY A 295 18.64 32.66 42.76
CA GLY A 295 17.29 32.34 42.34
C GLY A 295 17.24 31.54 41.06
N PHE A 296 16.85 30.26 41.15
CA PHE A 296 16.79 29.38 40.00
C PHE A 296 15.55 28.53 40.07
N GLY A 297 14.92 28.31 38.92
CA GLY A 297 13.73 27.51 38.87
C GLY A 297 13.26 27.34 37.45
N GLY A 298 12.01 26.92 37.31
CA GLY A 298 11.43 26.71 36.01
C GLY A 298 10.97 25.28 35.83
N LYS A 299 10.83 24.86 34.58
CA LYS A 299 10.41 23.50 34.27
C LYS A 299 11.38 22.90 33.27
N ALA A 300 11.63 21.60 33.43
CA ALA A 300 12.60 20.89 32.63
C ALA A 300 12.04 19.54 32.26
N PRO A 301 12.38 19.01 31.09
CA PRO A 301 11.85 17.69 30.69
C PRO A 301 12.41 16.56 31.54
N ALA A 302 11.54 15.63 31.91
CA ALA A 302 11.93 14.45 32.64
C ALA A 302 12.13 13.29 31.66
N ILE A 303 13.22 13.36 30.91
CA ILE A 303 13.54 12.34 29.92
C ILE A 303 14.23 11.18 30.61
N GLU A 304 13.79 9.96 30.31
CA GLU A 304 14.37 8.77 30.90
C GLU A 304 15.08 7.94 29.83
N TRP A 305 16.26 7.44 30.19
CA TRP A 305 16.97 6.48 29.36
C TRP A 305 16.19 5.17 29.34
N THR A 306 15.99 4.60 28.15
CA THR A 306 15.29 3.31 28.06
C THR A 306 16.21 2.22 28.56
N GLU A 307 15.73 1.45 29.54
CA GLU A 307 16.62 0.70 30.43
C GLU A 307 17.47 -0.39 29.77
N PRO A 308 17.06 -1.09 28.69
CA PRO A 308 18.09 -1.76 27.89
C PRO A 308 18.99 -0.74 27.24
N ARG A 309 20.24 -0.71 27.73
CA ARG A 309 21.11 0.45 27.53
C ARG A 309 21.61 0.55 26.10
N SER A 310 21.90 -0.59 25.47
CA SER A 310 22.43 -0.61 24.13
C SER A 310 21.41 -0.21 23.07
N LYS A 311 20.13 -0.14 23.42
CA LYS A 311 19.12 0.23 22.45
C LYS A 311 19.20 1.71 22.07
N TYR A 312 19.74 2.54 22.98
CA TYR A 312 19.87 4.00 22.82
C TYR A 312 18.53 4.66 22.52
N LYS A 313 17.47 4.17 23.17
CA LYS A 313 16.15 4.74 23.02
C LYS A 313 15.86 5.71 24.16
N PHE A 314 14.98 6.65 23.90
CA PHE A 314 14.70 7.74 24.83
C PHE A 314 13.21 8.00 24.86
N ARG A 315 12.69 8.34 26.03
CA ARG A 315 11.27 8.67 26.18
C ARG A 315 11.13 9.89 27.05
N TRP A 316 10.34 10.86 26.58
CA TRP A 316 9.97 12.02 27.39
C TRP A 316 8.94 11.57 28.41
N THR A 317 9.28 11.64 29.70
CA THR A 317 8.39 11.10 30.73
C THR A 317 7.95 12.18 31.72
N GLY A 318 7.65 13.36 31.25
CA GLY A 318 7.05 14.38 32.08
C GLY A 318 7.96 15.57 32.30
N VAL A 319 7.60 16.35 33.31
CA VAL A 319 8.29 17.59 33.60
C VAL A 319 9.04 17.46 34.91
N THR A 320 10.01 18.34 35.09
CA THR A 320 10.81 18.40 36.32
C THR A 320 10.91 19.85 36.73
N GLN A 321 10.31 20.20 37.88
CA GLN A 321 10.41 21.56 38.36
C GLN A 321 11.76 21.76 39.04
N LEU A 322 12.39 22.89 38.72
CA LEU A 322 13.78 23.14 39.04
C LEU A 322 13.91 23.80 40.39
N HIS A 323 15.05 23.58 41.04
CA HIS A 323 15.37 24.25 42.28
C HIS A 323 16.88 24.41 42.38
N ASP A 324 17.33 24.99 43.48
CA ASP A 324 18.71 25.44 43.60
C ASP A 324 19.69 24.29 43.80
N GLY A 325 19.23 23.07 44.00
CA GLY A 325 20.10 21.92 43.93
C GLY A 325 20.29 21.38 42.54
N LEU A 326 19.51 21.88 41.58
CA LEU A 326 19.59 21.43 40.19
C LEU A 326 20.35 22.41 39.31
N ARG A 327 20.65 23.60 39.80
CA ARG A 327 21.47 24.54 39.06
C ARG A 327 22.91 23.99 38.97
N PRO A 328 23.66 24.38 37.95
CA PRO A 328 24.99 23.78 37.74
C PRO A 328 25.97 24.05 38.87
N ARG A 329 26.51 22.96 39.42
CA ARG A 329 27.61 23.04 40.37
C ARG A 329 28.91 23.46 39.70
N SER A 330 28.95 23.37 38.37
CA SER A 330 30.12 23.72 37.59
C SER A 330 30.44 25.22 37.74
N PRO A 331 31.70 25.60 37.70
CA PRO A 331 32.04 27.03 37.74
C PRO A 331 31.67 27.71 36.45
N SER A 332 31.37 29.00 36.56
CA SER A 332 31.04 29.80 35.40
C SER A 332 32.26 30.00 34.50
N MET A 333 32.01 30.23 33.22
CA MET A 333 33.06 30.54 32.26
C MET A 333 33.34 32.03 32.18
N ASP A 334 32.98 32.79 33.22
CA ASP A 334 33.03 34.25 33.15
C ASP A 334 34.47 34.76 33.29
N VAL A 335 35.21 34.23 34.26
CA VAL A 335 36.59 34.65 34.52
C VAL A 335 37.53 34.31 33.35
N PRO A 336 37.51 33.13 32.72
CA PRO A 336 38.37 32.96 31.54
C PRO A 336 37.92 33.74 30.31
N THR A 337 36.68 34.24 30.28
CA THR A 337 36.20 34.93 29.09
C THR A 337 36.51 36.42 29.13
N LEU A 338 36.32 37.06 30.28
CA LEU A 338 36.60 38.48 30.40
C LEU A 338 38.08 38.80 30.29
N GLU A 339 38.95 37.84 30.59
CA GLU A 339 40.37 38.03 30.32
C GLU A 339 40.64 38.04 28.82
N THR A 340 39.88 37.25 28.06
CA THR A 340 40.02 37.26 26.61
C THR A 340 39.48 38.56 26.02
N LEU A 341 38.38 39.07 26.58
CA LEU A 341 37.85 40.35 26.14
C LEU A 341 38.73 41.53 26.56
N ALA A 342 39.52 41.37 27.62
CA ALA A 342 40.48 42.41 27.98
C ALA A 342 41.65 42.47 27.03
N LYS A 343 41.95 41.36 26.33
CA LYS A 343 43.01 41.36 25.34
C LYS A 343 42.66 42.17 24.10
N TYR A 344 41.38 42.48 23.90
CA TYR A 344 40.95 43.25 22.73
C TYR A 344 40.12 44.46 23.14
N GLU A 345 40.18 44.83 24.42
CA GLU A 345 39.51 46.01 24.98
C GLU A 345 38.01 45.98 24.77
N LEU A 346 37.41 44.82 24.99
CA LEU A 346 35.98 44.62 24.80
C LEU A 346 35.33 44.12 26.09
N VAL A 347 35.72 44.69 27.22
CA VAL A 347 35.20 44.23 28.50
C VAL A 347 33.77 44.71 28.73
N ASP A 348 33.34 45.78 28.04
CA ASP A 348 31.96 46.21 28.13
C ASP A 348 31.01 45.28 27.39
N ILE A 349 31.51 44.56 26.40
CA ILE A 349 30.73 43.50 25.75
C ILE A 349 30.41 42.40 26.73
N GLY A 350 31.36 42.07 27.61
CA GLY A 350 31.11 41.07 28.63
C GLY A 350 30.10 41.54 29.66
N HIS A 351 30.29 42.74 30.19
CA HIS A 351 29.39 43.25 31.21
C HIS A 351 28.01 43.60 30.67
N THR A 352 27.85 43.71 29.36
CA THR A 352 26.52 43.92 28.80
C THR A 352 25.70 42.64 28.87
N ILE A 353 26.32 41.50 28.53
CA ILE A 353 25.60 40.23 28.53
C ILE A 353 25.29 39.77 29.95
N ILE A 354 26.26 39.91 30.86
CA ILE A 354 26.11 39.44 32.23
C ILE A 354 25.02 40.24 32.95
N ARG A 355 24.91 41.53 32.63
CA ARG A 355 23.79 42.33 33.12
C ARG A 355 22.46 41.84 32.56
N GLU A 356 22.46 41.42 31.28
CA GLU A 356 21.24 40.91 30.68
C GLU A 356 20.99 39.45 31.03
N ARG A 357 22.05 38.69 31.30
CA ARG A 357 21.87 37.28 31.66
C ARG A 357 21.29 37.14 33.04
N ASN A 358 21.67 38.03 33.96
CA ASN A 358 21.13 37.98 35.31
C ASN A 358 19.69 38.48 35.37
N ALA A 359 19.16 39.03 34.28
CA ALA A 359 17.73 39.27 34.15
C ALA A 359 16.95 38.00 33.84
N HIS A 360 17.63 36.88 33.60
CA HIS A 360 16.99 35.58 33.37
C HIS A 360 17.44 34.63 34.47
N PRO A 361 16.79 34.66 35.63
CA PRO A 361 17.26 33.81 36.73
C PRO A 361 16.74 32.37 36.62
N GLN A 362 15.60 32.18 35.98
CA GLN A 362 14.98 30.88 35.86
C GLN A 362 15.04 30.41 34.42
N HIS A 363 14.54 29.20 34.19
CA HIS A 363 14.60 28.53 32.89
C HIS A 363 13.22 28.58 32.25
N ASN A 364 13.04 29.49 31.31
CA ASN A 364 11.74 29.70 30.68
C ASN A 364 11.88 29.69 29.16
N HIS A 365 10.82 30.06 28.45
CA HIS A 365 10.94 30.33 27.03
C HIS A 365 11.78 31.57 26.77
N ASP A 366 11.68 32.57 27.65
CA ASP A 366 12.42 33.80 27.43
C ASP A 366 13.89 33.65 27.75
N SER A 367 14.24 32.70 28.62
CA SER A 367 15.64 32.53 29.01
C SER A 367 16.44 31.82 27.93
N VAL A 368 15.85 30.82 27.28
CA VAL A 368 16.58 30.12 26.23
C VAL A 368 16.66 30.96 24.96
N ARG A 369 15.77 31.93 24.79
CA ARG A 369 15.92 32.85 23.67
C ARG A 369 17.09 33.78 23.87
N PHE A 370 17.41 34.12 25.12
CA PHE A 370 18.60 34.89 25.39
C PHE A 370 19.86 34.11 25.02
N VAL A 371 19.83 32.79 25.15
CA VAL A 371 21.01 31.99 24.84
C VAL A 371 21.26 31.97 23.34
N ARG A 372 20.21 31.73 22.55
CA ARG A 372 20.40 31.67 21.11
C ARG A 372 20.57 33.05 20.47
N ASP A 373 20.14 34.12 21.14
CA ASP A 373 20.42 35.45 20.62
C ASP A 373 21.89 35.79 20.76
N VAL A 374 22.49 35.42 21.90
CA VAL A 374 23.91 35.67 22.08
C VAL A 374 24.72 34.70 21.23
N MET A 375 24.22 33.48 21.03
CA MET A 375 24.89 32.57 20.11
C MET A 375 24.71 32.97 18.65
N ALA A 376 23.78 33.86 18.35
CA ALA A 376 23.73 34.43 17.00
C ALA A 376 24.76 35.54 16.81
N LEU A 377 25.38 36.02 17.88
CA LEU A 377 26.36 37.08 17.76
C LEU A 377 27.73 36.57 17.35
N THR A 378 27.98 35.27 17.51
CA THR A 378 29.20 34.67 17.01
C THR A 378 29.21 34.72 15.49
N SER A 379 30.34 35.08 14.91
CA SER A 379 30.43 35.16 13.46
C SER A 379 30.49 33.77 12.85
N GLY A 380 29.58 33.50 11.92
CA GLY A 380 29.62 32.25 11.19
C GLY A 380 30.35 32.39 9.87
N MET A 381 31.24 33.37 9.78
CA MET A 381 31.98 33.61 8.54
C MET A 381 32.97 32.49 8.31
N TYR A 382 32.96 31.93 7.11
CA TYR A 382 33.85 30.83 6.76
C TYR A 382 35.24 31.41 6.51
N LEU A 383 36.13 31.22 7.49
CA LEU A 383 37.50 31.71 7.37
C LEU A 383 38.27 30.94 6.31
N VAL A 384 38.94 31.66 5.43
CA VAL A 384 39.75 31.06 4.37
C VAL A 384 41.17 31.57 4.50
N ARG A 385 42.09 30.66 4.72
CA ARG A 385 43.52 30.88 4.65
C ARG A 385 44.04 30.20 3.38
N GLN A 386 45.35 30.17 3.23
CA GLN A 386 45.93 29.49 2.09
C GLN A 386 45.75 27.99 2.27
N PRO A 387 45.28 27.27 1.25
CA PRO A 387 45.23 25.79 1.36
C PRO A 387 46.60 25.16 1.48
N THR A 388 47.63 25.84 0.99
CA THR A 388 49.00 25.46 1.35
C THR A 388 49.24 25.63 2.83
N MET A 389 48.89 26.80 3.37
CA MET A 389 49.04 27.07 4.79
C MET A 389 47.96 26.43 5.64
N SER A 390 46.88 25.93 5.04
CA SER A 390 45.92 25.13 5.80
C SER A 390 46.49 23.76 6.14
N VAL A 391 47.47 23.30 5.38
CA VAL A 391 48.10 22.02 5.61
C VAL A 391 49.47 22.17 6.26
N LEU A 392 50.18 23.28 6.01
CA LEU A 392 51.54 23.46 6.49
C LEU A 392 51.61 23.67 8.00
N ARG A 393 50.52 24.09 8.64
CA ARG A 393 50.50 24.28 10.08
C ARG A 393 49.62 23.27 10.81
N GLU A 394 48.34 23.18 10.46
CA GLU A 394 47.42 22.36 11.23
C GLU A 394 47.48 20.88 10.86
N TYR A 395 47.99 20.53 9.68
CA TYR A 395 48.26 19.15 9.35
C TYR A 395 49.74 18.80 9.55
N SER A 396 50.45 19.57 10.36
CA SER A 396 51.85 19.33 10.64
C SER A 396 52.13 19.10 12.12
N GLN A 397 51.13 19.19 12.98
CA GLN A 397 51.33 19.08 14.42
C GLN A 397 51.45 17.61 14.80
N VAL A 398 52.62 17.23 15.31
CA VAL A 398 52.84 15.87 15.80
C VAL A 398 52.56 15.87 17.29
N PRO A 399 52.00 14.78 17.84
CA PRO A 399 51.64 14.77 19.25
C PRO A 399 52.86 14.65 20.17
N ASP A 400 52.61 14.86 21.45
CA ASP A 400 53.64 14.79 22.49
C ASP A 400 53.29 13.63 23.41
N ILE A 401 54.02 12.53 23.26
CA ILE A 401 53.73 11.30 24.00
C ILE A 401 54.48 11.37 25.32
N LYS A 402 53.74 11.53 26.42
CA LYS A 402 54.40 11.57 27.72
C LYS A 402 54.86 10.20 28.18
N ASP A 403 54.23 9.13 27.71
CA ASP A 403 54.60 7.76 28.07
C ASP A 403 54.76 6.96 26.78
N PRO A 404 55.93 7.04 26.14
CA PRO A 404 56.15 6.25 24.93
C PRO A 404 56.42 4.80 25.27
N ILE A 405 56.09 3.93 24.32
CA ILE A 405 56.34 2.49 24.48
C ILE A 405 57.84 2.24 24.33
N PRO A 406 58.47 1.49 25.23
CA PRO A 406 59.89 1.21 25.08
C PRO A 406 60.13 0.26 23.92
N PRO A 407 61.31 0.33 23.30
CA PRO A 407 61.63 -0.65 22.25
C PRO A 407 61.79 -2.06 22.78
N SER A 408 62.11 -2.21 24.06
CA SER A 408 62.16 -3.53 24.68
C SER A 408 60.79 -4.14 24.88
N ALA A 409 59.72 -3.35 24.76
CA ALA A 409 58.36 -3.86 24.92
C ALA A 409 57.84 -4.53 23.67
N TRP A 410 58.58 -4.51 22.56
CA TRP A 410 58.15 -5.15 21.33
C TRP A 410 58.87 -6.48 21.17
N THR A 411 58.21 -7.41 20.47
CA THR A 411 58.81 -8.70 20.17
C THR A 411 59.74 -8.56 18.97
N GLY A 412 60.28 -9.69 18.54
CA GLY A 412 60.98 -9.75 17.29
C GLY A 412 60.00 -9.53 16.14
N PRO A 413 60.51 -9.02 15.02
CA PRO A 413 59.60 -8.69 13.90
C PRO A 413 59.09 -9.93 13.19
N ILE A 414 57.82 -9.86 12.77
CA ILE A 414 57.24 -10.86 11.90
C ILE A 414 57.03 -10.18 10.57
N GLY A 415 58.02 -10.25 9.69
CA GLY A 415 58.02 -9.34 8.55
C GLY A 415 58.20 -7.93 9.05
N ASN A 416 57.36 -7.03 8.57
CA ASN A 416 57.47 -5.63 8.96
C ASN A 416 56.97 -5.39 10.38
N VAL A 417 55.89 -6.07 10.76
CA VAL A 417 55.23 -5.74 12.02
C VAL A 417 55.95 -6.44 13.18
N ARG A 418 55.70 -5.92 14.37
CA ARG A 418 56.12 -6.53 15.62
C ARG A 418 54.90 -6.72 16.51
N TYR A 419 55.02 -7.63 17.47
CA TYR A 419 53.96 -7.82 18.45
C TYR A 419 54.35 -7.13 19.75
N LEU A 420 53.34 -6.80 20.54
CA LEU A 420 53.56 -6.18 21.83
C LEU A 420 53.75 -7.29 22.87
N LEU A 421 54.80 -7.18 23.67
CA LEU A 421 55.01 -8.12 24.76
C LEU A 421 53.91 -7.97 25.82
N PRO A 422 53.53 -9.05 26.48
CA PRO A 422 52.56 -8.94 27.57
C PRO A 422 53.13 -8.33 28.83
N SER A 423 54.45 -8.14 28.91
CA SER A 423 55.08 -7.59 30.10
C SER A 423 54.71 -6.13 30.33
N VAL A 424 54.37 -5.40 29.27
CA VAL A 424 53.91 -4.02 29.38
C VAL A 424 52.39 -4.00 29.46
N GLN A 425 51.87 -3.29 30.46
CA GLN A 425 50.44 -3.32 30.77
C GLN A 425 49.91 -1.92 31.04
N GLY A 426 50.30 -0.96 30.21
CA GLY A 426 49.74 0.36 30.30
C GLY A 426 48.45 0.45 29.53
N PRO A 427 48.07 1.66 29.12
CA PRO A 427 46.92 1.80 28.22
C PRO A 427 47.20 1.31 26.81
N ALA A 428 48.47 1.12 26.44
CA ALA A 428 48.78 0.54 25.14
C ALA A 428 48.38 -0.92 25.06
N ARG A 429 48.37 -1.63 26.19
CA ARG A 429 47.99 -3.03 26.18
C ARG A 429 46.51 -3.19 25.89
N HIS A 430 45.67 -2.35 26.49
CA HIS A 430 44.24 -2.39 26.21
C HIS A 430 43.94 -1.90 24.81
N LEU A 431 44.79 -1.04 24.24
CA LEU A 431 44.72 -0.77 22.82
C LEU A 431 45.11 -1.99 22.02
N TYR A 432 46.15 -2.69 22.46
CA TYR A 432 46.64 -3.84 21.73
C TYR A 432 45.69 -5.02 21.85
N ASP A 433 44.96 -5.11 22.95
CA ASP A 433 44.16 -6.29 23.18
C ASP A 433 42.71 -6.12 22.73
N THR A 434 42.30 -4.89 22.44
CA THR A 434 40.98 -4.67 21.84
C THR A 434 41.04 -4.82 20.34
N TRP A 435 42.05 -4.24 19.70
CA TRP A 435 42.24 -4.41 18.26
C TRP A 435 42.65 -5.82 17.89
N ARG A 436 43.18 -6.59 18.83
CA ARG A 436 43.53 -7.98 18.51
C ARG A 436 42.28 -8.85 18.48
N ALA A 437 41.46 -8.79 19.53
CA ALA A 437 40.27 -9.63 19.59
C ALA A 437 39.23 -9.21 18.56
N ALA A 438 39.20 -7.93 18.20
CA ALA A 438 38.33 -7.50 17.12
C ALA A 438 38.85 -7.99 15.77
N ALA A 439 40.16 -8.17 15.64
CA ALA A 439 40.71 -8.77 14.43
C ALA A 439 40.49 -10.27 14.40
N ARG A 440 40.30 -10.91 15.55
CA ARG A 440 40.01 -12.33 15.58
C ARG A 440 38.62 -12.64 15.06
N GLN A 441 37.69 -11.70 15.21
CA GLN A 441 36.30 -11.92 14.81
C GLN A 441 36.05 -11.58 13.35
N ILE A 442 37.10 -11.45 12.54
CA ILE A 442 36.98 -11.24 11.11
C ILE A 442 37.55 -12.41 10.33
N ALA A 443 38.68 -12.96 10.77
CA ALA A 443 39.15 -14.22 10.21
C ALA A 443 38.20 -15.37 10.52
N GLN A 444 37.43 -15.27 11.59
CA GLN A 444 36.36 -16.24 11.83
C GLN A 444 35.11 -15.95 11.02
N ASP A 445 34.89 -14.69 10.65
CA ASP A 445 33.61 -14.27 10.10
C ASP A 445 33.49 -14.71 8.64
N PRO A 446 32.48 -15.51 8.29
CA PRO A 446 32.35 -15.97 6.90
C PRO A 446 31.57 -15.01 6.02
N GLN A 447 31.40 -13.76 6.46
CA GLN A 447 30.77 -12.74 5.62
C GLN A 447 31.59 -12.44 4.38
N TRP A 448 32.89 -12.63 4.45
CA TRP A 448 33.76 -12.49 3.30
C TRP A 448 33.90 -13.84 2.62
N HIS A 449 34.59 -13.83 1.46
CA HIS A 449 34.46 -14.86 0.42
C HIS A 449 32.99 -15.04 0.03
N ASP A 450 32.28 -13.92 -0.05
CA ASP A 450 30.91 -13.84 -0.54
C ASP A 450 30.97 -12.77 -1.61
N PRO A 451 30.57 -13.08 -2.86
CA PRO A 451 30.78 -12.12 -3.96
C PRO A 451 30.04 -10.79 -3.81
N LEU A 452 28.88 -10.77 -3.15
CA LEU A 452 28.17 -9.51 -3.02
C LEU A 452 28.82 -8.63 -1.95
N ASN A 453 29.33 -9.23 -0.88
CA ASN A 453 30.00 -8.46 0.16
C ASN A 453 31.30 -7.83 -0.34
N GLN A 454 31.99 -8.49 -1.27
CA GLN A 454 33.20 -7.90 -1.84
C GLN A 454 32.85 -6.81 -2.83
N ALA A 455 31.66 -6.88 -3.45
CA ALA A 455 31.25 -5.85 -4.39
C ALA A 455 30.80 -4.59 -3.68
N ILE A 456 30.34 -4.71 -2.43
CA ILE A 456 29.90 -3.53 -1.68
C ILE A 456 31.11 -2.72 -1.21
N MET A 457 32.18 -3.40 -0.80
CA MET A 457 33.36 -2.70 -0.30
C MET A 457 34.08 -1.95 -1.41
N ARG A 458 34.15 -2.53 -2.60
CA ARG A 458 34.74 -1.82 -3.73
C ARG A 458 33.85 -0.70 -4.21
N ALA A 459 32.53 -0.83 -4.02
CA ALA A 459 31.62 0.27 -4.28
C ALA A 459 31.73 1.36 -3.23
N GLN A 460 32.21 1.01 -2.03
CA GLN A 460 32.26 1.98 -0.94
C GLN A 460 33.37 3.01 -1.15
N TYR A 461 34.47 2.61 -1.80
CA TYR A 461 35.56 3.56 -2.01
C TYR A 461 35.29 4.47 -3.20
N VAL A 462 34.55 4.00 -4.19
CA VAL A 462 34.31 4.80 -5.39
C VAL A 462 33.26 5.87 -5.12
N THR A 463 32.15 5.47 -4.50
CA THR A 463 30.98 6.33 -4.43
C THR A 463 31.11 7.41 -3.34
N ALA A 464 31.75 7.08 -2.21
CA ALA A 464 31.67 7.93 -1.02
C ALA A 464 32.45 9.23 -1.19
N ARG A 465 33.64 9.19 -1.76
CA ARG A 465 34.44 10.39 -1.93
C ARG A 465 34.84 10.56 -3.39
N GLY A 466 35.05 11.82 -3.78
CA GLY A 466 35.31 12.18 -5.16
C GLY A 466 36.69 11.84 -5.66
N GLY A 467 37.61 11.44 -4.78
CA GLY A 467 38.91 11.01 -5.21
C GLY A 467 39.85 12.17 -5.55
N SER A 468 41.14 11.85 -5.61
CA SER A 468 42.17 12.86 -5.74
C SER A 468 43.00 12.74 -7.02
N SER A 469 43.66 11.60 -7.24
CA SER A 469 44.77 11.55 -8.18
C SER A 469 44.62 10.36 -9.12
N ALA A 470 45.61 10.20 -9.99
CA ALA A 470 45.76 9.02 -10.84
C ALA A 470 47.21 8.58 -10.70
N SER A 471 47.48 7.78 -9.68
CA SER A 471 48.83 7.29 -9.42
C SER A 471 49.13 6.00 -10.16
N LEU A 472 48.24 5.55 -11.04
CA LEU A 472 48.59 4.47 -11.96
C LEU A 472 49.55 4.95 -13.03
N LYS A 473 49.56 6.25 -13.32
CA LYS A 473 50.63 6.83 -14.11
C LYS A 473 51.96 6.73 -13.39
N PHE A 474 51.93 6.74 -12.05
CA PHE A 474 53.10 6.43 -11.26
C PHE A 474 53.29 4.93 -11.11
N ALA A 475 52.20 4.16 -11.13
CA ALA A 475 52.27 2.71 -10.94
C ALA A 475 52.45 1.95 -12.26
N LEU A 476 52.93 2.60 -13.31
CA LEU A 476 53.48 1.89 -14.45
C LEU A 476 54.96 1.60 -14.28
N LYS A 477 55.51 1.89 -13.10
CA LYS A 477 56.95 1.80 -12.88
C LYS A 477 57.42 0.36 -12.72
N VAL A 478 56.54 -0.55 -12.30
CA VAL A 478 56.90 -1.96 -12.16
C VAL A 478 56.11 -2.87 -13.09
N THR A 479 55.00 -2.40 -13.66
CA THR A 479 54.15 -3.20 -14.52
C THR A 479 53.80 -2.37 -15.74
N GLY A 480 54.06 -2.91 -16.92
CA GLY A 480 53.75 -2.21 -18.15
C GLY A 480 52.27 -2.12 -18.42
N ILE A 481 51.70 -0.93 -18.28
CA ILE A 481 50.30 -0.68 -18.60
C ILE A 481 50.26 0.15 -19.88
N VAL A 482 49.21 -0.07 -20.69
CA VAL A 482 49.07 0.69 -21.92
C VAL A 482 48.64 2.13 -21.65
N LEU A 483 48.11 2.40 -20.45
CA LEU A 483 47.69 3.69 -19.91
C LEU A 483 46.73 4.43 -20.85
N PRO A 484 45.46 4.02 -20.92
CA PRO A 484 44.49 4.80 -21.72
C PRO A 484 44.19 6.12 -21.03
N GLU A 485 44.35 7.21 -21.77
CA GLU A 485 44.05 8.54 -21.22
C GLU A 485 42.55 8.82 -21.22
N TYR A 486 41.79 8.09 -22.05
CA TYR A 486 40.32 8.19 -22.15
C TYR A 486 39.87 9.60 -22.54
N ASP A 487 40.60 10.22 -23.47
CA ASP A 487 40.11 11.43 -24.10
C ASP A 487 39.06 11.15 -25.17
N ASP A 488 38.90 9.89 -25.57
CA ASP A 488 37.85 9.46 -26.48
C ASP A 488 36.57 9.07 -25.73
N SER A 489 36.44 9.49 -24.47
CA SER A 489 35.24 9.23 -23.70
C SER A 489 34.76 10.42 -22.88
N LYS A 490 35.52 11.54 -22.86
CA LYS A 490 35.15 12.85 -22.32
C LYS A 490 35.05 12.85 -20.79
N VAL A 491 35.26 11.70 -20.15
CA VAL A 491 35.01 11.55 -18.72
C VAL A 491 36.13 12.20 -17.93
N LYS A 492 35.80 12.66 -16.72
CA LYS A 492 36.77 13.22 -15.80
C LYS A 492 37.80 12.16 -15.39
N LYS A 493 39.05 12.58 -15.24
CA LYS A 493 40.14 11.69 -14.89
C LYS A 493 40.40 11.62 -13.39
N SER A 494 39.36 11.81 -12.56
CA SER A 494 39.50 11.71 -11.12
C SER A 494 39.64 10.25 -10.69
N SER A 495 39.86 10.05 -9.39
CA SER A 495 40.09 8.71 -8.85
C SER A 495 38.83 7.87 -8.77
N LYS A 496 37.65 8.45 -9.02
CA LYS A 496 36.41 7.68 -8.99
C LYS A 496 36.33 6.69 -10.15
N ILE A 497 36.61 7.17 -11.36
CA ILE A 497 36.35 6.40 -12.57
C ILE A 497 37.65 6.01 -13.27
N TYR A 498 38.62 6.94 -13.32
CA TYR A 498 39.82 6.72 -14.13
C TYR A 498 40.75 5.70 -13.51
N GLN A 499 40.73 5.56 -12.18
CA GLN A 499 41.57 4.55 -11.53
C GLN A 499 40.94 3.16 -11.62
N ALA A 500 39.75 3.00 -11.04
CA ALA A 500 39.18 1.69 -10.77
C ALA A 500 38.81 0.91 -12.03
N ALA A 501 38.61 1.60 -13.15
CA ALA A 501 38.38 0.88 -14.40
C ALA A 501 39.66 0.21 -14.88
N GLN A 502 40.81 0.84 -14.66
CA GLN A 502 42.09 0.26 -15.03
C GLN A 502 42.59 -0.77 -14.03
N ILE A 503 41.98 -0.85 -12.85
CA ILE A 503 42.35 -1.85 -11.85
C ILE A 503 41.83 -3.23 -12.25
N ALA A 504 40.77 -3.30 -13.05
CA ALA A 504 40.16 -4.58 -13.41
C ALA A 504 41.04 -5.46 -14.27
N ARG A 505 42.09 -4.92 -14.87
CA ARG A 505 43.01 -5.72 -15.69
C ARG A 505 44.14 -6.32 -14.87
N ILE A 506 44.71 -5.56 -13.93
CA ILE A 506 45.90 -5.96 -13.19
C ILE A 506 45.48 -6.46 -11.81
N ALA A 507 45.97 -7.62 -11.41
CA ALA A 507 45.69 -8.16 -10.09
C ALA A 507 46.37 -7.33 -9.00
N PHE A 508 45.92 -7.50 -7.76
CA PHE A 508 46.40 -6.69 -6.66
C PHE A 508 47.85 -7.04 -6.29
N MET A 509 48.20 -8.33 -6.33
CA MET A 509 49.50 -8.78 -5.83
C MET A 509 50.66 -8.26 -6.69
N LEU A 510 50.41 -8.06 -7.98
CA LEU A 510 51.38 -7.42 -8.86
C LEU A 510 51.36 -5.90 -8.75
N LEU A 511 50.58 -5.34 -7.83
CA LEU A 511 50.44 -3.91 -7.64
C LEU A 511 50.68 -3.46 -6.21
N ILE A 512 50.28 -4.26 -5.21
CA ILE A 512 50.40 -3.85 -3.81
C ILE A 512 51.84 -3.82 -3.34
N ALA A 513 52.76 -4.47 -4.05
CA ALA A 513 54.17 -4.42 -3.67
C ALA A 513 54.81 -3.09 -4.04
N ALA A 514 54.17 -2.28 -4.86
CA ALA A 514 54.74 -1.02 -5.33
C ALA A 514 53.69 0.08 -5.30
N ILE A 515 52.92 0.18 -4.22
CA ILE A 515 51.87 1.20 -4.14
C ILE A 515 52.38 2.55 -3.64
N HIS A 516 53.52 2.58 -2.94
CA HIS A 516 53.94 3.75 -2.18
C HIS A 516 54.32 4.89 -3.12
N ALA A 517 53.49 5.93 -3.13
CA ALA A 517 53.62 7.04 -4.06
C ALA A 517 53.69 8.36 -3.30
N GLU A 518 54.38 9.33 -3.89
CA GLU A 518 54.47 10.68 -3.34
C GLU A 518 53.34 11.59 -3.79
N VAL A 519 52.74 11.31 -4.96
CA VAL A 519 51.56 12.03 -5.44
C VAL A 519 50.47 10.96 -5.38
N THR A 520 50.50 10.19 -4.29
CA THR A 520 49.36 9.38 -3.85
C THR A 520 48.05 10.13 -3.94
N MET A 521 48.03 11.37 -3.45
CA MET A 521 46.77 12.10 -3.34
C MET A 521 47.04 13.60 -3.36
N GLY A 522 46.00 14.34 -3.70
CA GLY A 522 46.02 15.79 -3.62
C GLY A 522 45.53 16.49 -4.88
N ILE A 523 45.86 15.97 -6.06
CA ILE A 523 45.60 16.68 -7.31
C ILE A 523 45.53 15.67 -8.45
N ARG A 524 44.83 16.04 -9.52
CA ARG A 524 44.52 15.17 -10.67
C ARG A 524 45.74 15.08 -11.60
N ASN A 525 46.63 14.12 -11.27
CA ASN A 525 47.78 13.61 -12.04
C ASN A 525 48.58 14.68 -12.82
N GLN A 526 48.65 15.88 -12.24
CA GLN A 526 49.32 17.04 -12.82
C GLN A 526 49.54 18.01 -11.67
N VAL A 527 50.68 18.70 -11.69
CA VAL A 527 51.11 19.42 -10.49
C VAL A 527 50.46 20.80 -10.39
N GLN A 528 49.88 21.31 -11.46
CA GLN A 528 49.13 22.57 -11.39
C GLN A 528 47.78 22.39 -12.09
N ARG A 529 46.71 22.61 -11.34
CA ARG A 529 45.34 22.62 -11.85
C ARG A 529 44.61 23.75 -11.15
N ARG A 530 43.28 23.73 -11.21
CA ARG A 530 42.45 24.72 -10.55
C ARG A 530 41.73 24.16 -9.32
N ALA A 531 42.17 23.01 -8.81
CA ALA A 531 41.54 22.36 -7.68
C ALA A 531 42.40 22.46 -6.43
N ARG A 532 41.75 22.34 -5.28
CA ARG A 532 42.39 22.36 -3.98
C ARG A 532 42.88 20.98 -3.61
N SER A 533 44.00 20.94 -2.87
CA SER A 533 44.52 19.69 -2.32
C SER A 533 43.55 19.08 -1.32
N ILE A 534 42.99 17.92 -1.65
CA ILE A 534 41.93 17.32 -0.85
C ILE A 534 42.36 15.96 -0.29
N MET A 535 41.47 15.35 0.49
CA MET A 535 41.76 14.29 1.44
C MET A 535 41.94 12.84 0.95
N PRO A 536 41.05 12.23 0.15
CA PRO A 536 41.14 10.78 -0.05
C PRO A 536 42.31 10.38 -0.93
N LEU A 537 42.67 9.11 -0.84
CA LEU A 537 43.86 8.56 -1.48
C LEU A 537 43.47 7.47 -2.48
N ASN A 538 44.48 6.74 -2.97
CA ASN A 538 44.31 5.80 -4.07
C ASN A 538 43.40 4.65 -3.69
N VAL A 539 42.64 4.17 -4.69
CA VAL A 539 41.64 3.13 -4.42
C VAL A 539 42.30 1.78 -4.18
N ILE A 540 43.53 1.57 -4.66
CA ILE A 540 44.28 0.37 -4.34
C ILE A 540 45.15 0.53 -3.11
N GLN A 541 45.33 1.75 -2.61
CA GLN A 541 45.89 1.94 -1.27
C GLN A 541 44.80 2.08 -0.23
N GLN A 542 43.58 2.41 -0.63
CA GLN A 542 42.43 2.15 0.23
C GLN A 542 42.12 0.66 0.30
N ALA A 543 42.41 -0.08 -0.77
CA ALA A 543 42.19 -1.52 -0.76
C ALA A 543 43.21 -2.24 0.09
N ILE A 544 44.41 -1.67 0.24
CA ILE A 544 45.37 -2.24 1.19
C ILE A 544 45.07 -1.76 2.60
N SER A 545 44.24 -0.73 2.74
CA SER A 545 43.73 -0.28 4.03
C SER A 545 42.37 -0.89 4.36
N ALA A 546 41.96 -1.90 3.61
CA ALA A 546 40.66 -2.52 3.84
C ALA A 546 40.50 -3.25 5.17
N PRO A 547 41.47 -4.05 5.70
CA PRO A 547 41.20 -4.68 7.00
C PRO A 547 41.20 -3.70 8.15
N HIS A 548 41.99 -2.63 8.05
CA HIS A 548 41.99 -1.58 9.06
C HIS A 548 40.65 -0.88 9.17
N THR A 549 39.90 -0.82 8.07
CA THR A 549 38.52 -0.36 8.15
C THR A 549 37.64 -1.43 8.81
N LEU A 550 37.86 -2.70 8.48
CA LEU A 550 36.96 -3.75 8.94
C LEU A 550 37.10 -4.03 10.43
N VAL A 551 38.33 -4.00 10.96
CA VAL A 551 38.51 -4.22 12.38
C VAL A 551 37.97 -3.04 13.17
N ALA A 552 38.08 -1.84 12.60
CA ALA A 552 37.46 -0.67 13.21
C ALA A 552 35.95 -0.74 13.15
N ASN A 553 35.40 -1.44 12.15
CA ASN A 553 33.95 -1.60 12.08
C ASN A 553 33.44 -2.57 13.14
N TYR A 554 34.26 -3.54 13.53
CA TYR A 554 33.81 -4.50 14.53
C TYR A 554 33.82 -3.91 15.93
N ILE A 555 34.75 -2.98 16.20
CA ILE A 555 34.77 -2.30 17.48
C ILE A 555 33.54 -1.41 17.63
N ASN A 556 33.18 -0.72 16.56
CA ASN A 556 32.04 0.17 16.56
C ASN A 556 30.72 -0.53 16.29
N LYS A 557 30.74 -1.85 16.07
CA LYS A 557 29.49 -2.56 15.80
C LYS A 557 28.67 -2.74 17.08
N HIS A 558 29.28 -3.33 18.11
CA HIS A 558 28.55 -3.61 19.35
C HIS A 558 28.30 -2.36 20.18
N MET A 559 29.00 -1.26 19.89
CA MET A 559 28.87 -0.03 20.66
C MET A 559 28.08 1.04 19.92
N ASN A 560 28.41 1.28 18.65
CA ASN A 560 27.88 2.41 17.90
C ASN A 560 26.95 1.87 16.82
N LEU A 561 25.69 1.64 17.19
CA LEU A 561 24.68 1.16 16.25
C LEU A 561 24.18 2.34 15.42
N SER A 562 25.01 2.74 14.46
CA SER A 562 24.66 3.88 13.61
C SER A 562 23.59 3.52 12.58
N THR A 563 23.52 2.24 12.20
CA THR A 563 22.54 1.60 11.32
C THR A 563 22.54 2.11 9.88
N THR A 564 23.42 3.06 9.55
CA THR A 564 23.60 3.66 8.22
C THR A 564 22.27 4.21 7.67
N SER A 565 21.76 5.22 8.35
CA SER A 565 20.47 5.79 8.03
C SER A 565 20.60 7.28 7.75
N GLY A 566 19.68 7.80 6.95
CA GLY A 566 19.62 9.23 6.68
C GLY A 566 19.10 10.04 7.85
N SER A 567 18.42 9.41 8.80
CA SER A 567 17.93 10.05 10.00
C SER A 567 18.58 9.38 11.20
N VAL A 568 19.80 9.83 11.52
CA VAL A 568 20.50 9.37 12.71
C VAL A 568 20.92 10.51 13.61
N VAL A 569 21.08 11.72 13.09
CA VAL A 569 21.24 12.89 13.93
C VAL A 569 19.92 13.20 14.64
N THR A 570 18.83 13.19 13.90
CA THR A 570 17.55 13.58 14.45
C THR A 570 16.85 12.46 15.22
N ASP A 571 17.40 11.25 15.23
CA ASP A 571 16.83 10.15 15.99
C ASP A 571 17.66 9.74 17.19
N LYS A 572 18.98 9.80 17.08
CA LYS A 572 19.89 9.35 18.12
C LYS A 572 20.62 10.50 18.81
N VAL A 573 21.12 11.47 18.05
CA VAL A 573 21.91 12.55 18.63
C VAL A 573 21.00 13.51 19.39
N ILE A 574 19.90 13.92 18.77
CA ILE A 574 19.03 14.93 19.38
C ILE A 574 18.38 14.49 20.70
N PRO A 575 17.83 13.28 20.86
CA PRO A 575 17.33 12.92 22.19
C PRO A 575 18.43 12.68 23.21
N LEU A 576 19.64 12.31 22.79
CA LEU A 576 20.76 12.21 23.73
C LEU A 576 21.19 13.59 24.19
N ILE A 577 21.20 14.56 23.27
CA ILE A 577 21.40 15.96 23.61
C ILE A 577 20.35 16.43 24.61
N LEU A 578 19.10 15.98 24.43
CA LEU A 578 18.06 16.41 25.34
C LEU A 578 18.03 15.56 26.62
N TYR A 579 18.47 14.30 26.57
CA TYR A 579 18.58 13.53 27.81
C TYR A 579 19.75 14.02 28.66
N ALA A 580 20.85 14.39 28.01
CA ALA A 580 21.86 15.15 28.70
C ALA A 580 21.35 16.55 28.98
N SER A 581 22.04 17.24 29.88
CA SER A 581 21.78 18.59 30.41
C SER A 581 20.52 18.66 31.28
N THR A 582 19.77 17.57 31.42
CA THR A 582 18.64 17.53 32.34
C THR A 582 19.13 17.67 33.79
N PRO A 583 18.29 18.20 34.68
CA PRO A 583 18.69 18.37 36.08
C PRO A 583 19.00 17.09 36.86
N PRO A 584 18.56 15.85 36.45
CA PRO A 584 19.17 14.69 37.12
C PRO A 584 20.66 14.48 36.87
N ASN A 585 21.13 14.58 35.64
CA ASN A 585 22.49 14.20 35.30
C ASN A 585 23.30 15.38 34.76
N THR A 586 24.55 15.47 35.18
CA THR A 586 25.48 16.43 34.61
C THR A 586 26.55 15.71 33.81
N VAL A 587 26.98 16.35 32.72
CA VAL A 587 27.73 15.67 31.68
C VAL A 587 29.08 16.35 31.46
N VAL A 588 29.98 15.59 30.87
CA VAL A 588 31.28 16.08 30.43
C VAL A 588 31.34 15.82 28.93
N ASN A 589 31.08 16.84 28.13
CA ASN A 589 31.17 16.66 26.69
C ASN A 589 32.62 16.58 26.23
N VAL A 590 33.12 15.35 26.14
CA VAL A 590 34.51 15.07 25.82
C VAL A 590 34.74 15.29 24.33
N ASP A 591 35.62 16.24 24.00
CA ASP A 591 36.02 16.49 22.63
C ASP A 591 37.50 16.20 22.50
N ILE A 592 37.90 15.61 21.38
CA ILE A 592 39.30 15.29 21.11
C ILE A 592 39.73 16.15 19.92
N LYS A 593 40.47 17.21 20.18
CA LYS A 593 40.88 18.09 19.10
C LYS A 593 42.08 17.49 18.38
N ALA A 594 42.10 17.72 17.06
CA ALA A 594 43.18 17.28 16.15
C ALA A 594 43.41 15.78 16.22
N CYS A 595 42.31 15.01 16.31
CA CYS A 595 42.40 13.56 16.45
C CYS A 595 42.98 12.91 15.20
N ASP A 596 42.77 13.53 14.04
CA ASP A 596 43.33 12.99 12.80
C ASP A 596 44.86 13.13 12.78
N ALA A 597 45.38 14.23 13.31
CA ALA A 597 46.82 14.40 13.46
C ALA A 597 47.32 13.88 14.81
N SER A 598 46.58 12.99 15.45
CA SER A 598 46.95 12.41 16.73
C SER A 598 47.08 10.90 16.68
N ILE A 599 47.03 10.31 15.48
CA ILE A 599 47.14 8.87 15.29
C ILE A 599 48.36 8.65 14.42
N THR A 600 49.48 8.26 15.04
CA THR A 600 50.75 8.10 14.35
C THR A 600 51.16 6.64 14.35
N TYR A 601 52.22 6.35 13.59
CA TYR A 601 52.84 5.05 13.72
C TYR A 601 53.78 5.00 14.92
N ASN A 602 54.13 6.15 15.47
CA ASN A 602 55.02 6.19 16.63
C ASN A 602 54.35 5.56 17.85
N TYR A 603 53.05 5.77 18.01
CA TYR A 603 52.32 5.12 19.10
C TYR A 603 51.18 4.25 18.62
N PHE A 604 50.25 4.79 17.82
CA PHE A 604 48.99 4.09 17.58
C PHE A 604 49.11 3.06 16.47
N LEU A 605 49.57 3.47 15.29
CA LEU A 605 49.51 2.59 14.14
C LEU A 605 50.54 1.47 14.19
N SER A 606 51.51 1.53 15.10
CA SER A 606 52.35 0.36 15.35
C SER A 606 51.64 -0.65 16.24
N VAL A 607 50.79 -0.19 17.14
CA VAL A 607 50.11 -1.09 18.05
C VAL A 607 48.99 -1.84 17.34
N ILE A 608 48.19 -1.13 16.53
CA ILE A 608 47.05 -1.77 15.90
C ILE A 608 47.51 -2.70 14.77
N CYS A 609 48.57 -2.35 14.05
CA CYS A 609 49.08 -3.24 13.03
C CYS A 609 49.77 -4.45 13.63
N GLY A 610 50.29 -4.34 14.84
CA GLY A 610 50.72 -5.54 15.55
C GLY A 610 49.56 -6.30 16.14
N ALA A 611 48.49 -5.62 16.51
CA ALA A 611 47.32 -6.28 17.08
C ALA A 611 46.50 -6.97 16.01
N MET A 612 46.37 -6.34 14.84
CA MET A 612 45.68 -6.97 13.73
C MET A 612 46.44 -8.17 13.21
N HIS A 613 47.77 -8.12 13.24
CA HIS A 613 48.55 -9.22 12.70
C HIS A 613 48.53 -10.43 13.62
N GLU A 614 48.55 -10.21 14.94
CA GLU A 614 48.34 -11.32 15.85
C GLU A 614 46.88 -11.73 15.88
N GLY A 615 45.97 -10.78 15.62
CA GLY A 615 44.56 -11.11 15.59
C GLY A 615 44.16 -11.90 14.35
N PHE A 616 44.83 -11.65 13.23
CA PHE A 616 44.58 -12.39 12.01
C PHE A 616 45.32 -13.72 11.96
N GLU A 617 46.12 -14.02 12.99
CA GLU A 617 46.77 -15.33 13.09
C GLU A 617 45.75 -16.44 13.28
N VAL A 618 44.59 -16.13 13.85
CA VAL A 618 43.52 -17.10 13.93
C VAL A 618 42.97 -17.37 12.53
N GLY A 619 42.29 -18.48 12.39
CA GLY A 619 41.80 -18.86 11.09
C GLY A 619 42.90 -19.46 10.23
N ASN A 620 42.56 -19.63 8.95
CA ASN A 620 43.44 -20.31 8.01
C ASN A 620 44.62 -19.41 7.67
N ALA A 621 45.83 -19.91 7.90
CA ALA A 621 47.03 -19.20 7.48
C ALA A 621 47.25 -19.29 5.98
N ASP A 622 46.62 -20.25 5.32
CA ASP A 622 46.70 -20.40 3.87
C ASP A 622 45.33 -20.03 3.31
N ALA A 623 45.11 -18.73 3.14
CA ALA A 623 43.81 -18.23 2.70
C ALA A 623 44.00 -16.84 2.11
N ALA A 624 43.57 -16.66 0.87
CA ALA A 624 43.64 -15.35 0.23
C ALA A 624 42.50 -14.47 0.74
N PHE A 625 42.57 -13.20 0.36
CA PHE A 625 41.56 -12.24 0.79
C PHE A 625 41.52 -11.11 -0.23
N MET A 626 40.37 -10.99 -0.92
CA MET A 626 40.07 -9.93 -1.88
C MET A 626 41.08 -9.87 -3.03
N GLY A 627 41.68 -11.00 -3.38
CA GLY A 627 42.65 -11.04 -4.45
C GLY A 627 44.10 -10.94 -4.02
N VAL A 628 44.36 -10.84 -2.71
CA VAL A 628 45.71 -10.82 -2.19
C VAL A 628 46.02 -12.21 -1.66
N PRO A 629 46.96 -12.95 -2.25
CA PRO A 629 47.19 -14.34 -1.85
C PRO A 629 47.96 -14.44 -0.55
N SER A 630 48.08 -15.67 -0.08
CA SER A 630 48.97 -15.97 1.03
C SER A 630 50.43 -15.79 0.60
N THR A 631 51.29 -15.51 1.58
CA THR A 631 52.69 -15.27 1.25
C THR A 631 53.59 -15.69 2.40
N ILE A 632 54.88 -15.68 2.13
CA ILE A 632 55.90 -16.01 3.13
C ILE A 632 56.27 -14.76 3.90
N VAL A 633 56.21 -14.86 5.22
CA VAL A 633 56.73 -13.84 6.10
C VAL A 633 58.07 -14.35 6.63
N SER A 634 58.89 -13.44 7.12
CA SER A 634 60.17 -13.81 7.72
C SER A 634 60.05 -13.58 9.22
N ASP A 635 59.90 -14.67 9.97
CA ASP A 635 59.70 -14.58 11.41
C ASP A 635 61.04 -14.37 12.10
N ARG A 636 61.07 -13.42 13.05
CA ARG A 636 62.28 -13.13 13.81
C ARG A 636 61.98 -13.00 15.30
N ARG A 637 60.90 -13.61 15.78
CA ARG A 637 60.57 -13.49 17.20
C ARG A 637 61.55 -14.27 18.07
N SER A 638 61.73 -15.54 17.78
CA SER A 638 62.68 -16.34 18.52
C SER A 638 64.10 -15.96 18.12
N PRO A 639 64.96 -15.59 19.07
CA PRO A 639 66.34 -15.24 18.71
C PRO A 639 67.14 -16.43 18.23
N VAL A 640 66.79 -17.64 18.69
CA VAL A 640 67.52 -18.83 18.28
C VAL A 640 66.89 -19.48 17.05
N ALA A 641 65.61 -19.28 16.81
CA ALA A 641 64.92 -19.95 15.71
C ALA A 641 64.13 -18.96 14.85
N PRO A 642 64.79 -18.24 13.95
CA PRO A 642 64.05 -17.51 12.93
C PRO A 642 63.77 -18.40 11.72
N TYR A 643 62.63 -18.17 11.10
CA TYR A 643 62.19 -19.06 10.02
C TYR A 643 61.19 -18.34 9.14
N SER A 644 60.73 -19.05 8.12
CA SER A 644 59.78 -18.52 7.16
C SER A 644 58.42 -19.17 7.39
N ARG A 645 57.43 -18.36 7.69
CA ARG A 645 56.08 -18.74 7.99
C ARG A 645 55.16 -18.37 6.82
N PRO A 646 54.22 -19.24 6.46
CA PRO A 646 53.14 -18.80 5.56
C PRO A 646 52.11 -17.99 6.33
N ILE A 647 51.78 -16.82 5.81
CA ILE A 647 50.75 -15.97 6.40
C ILE A 647 49.66 -15.76 5.37
N SER A 648 48.46 -15.44 5.87
CA SER A 648 47.31 -15.29 5.01
C SER A 648 47.38 -13.99 4.23
N GLY A 649 46.48 -13.85 3.26
CA GLY A 649 46.34 -12.59 2.54
C GLY A 649 45.82 -11.47 3.42
N LEU A 650 45.09 -11.82 4.48
CA LEU A 650 44.61 -10.83 5.43
C LEU A 650 45.75 -10.34 6.32
N GLN A 651 46.76 -11.17 6.56
CA GLN A 651 48.00 -10.73 7.18
C GLN A 651 48.99 -10.15 6.18
N THR A 652 48.81 -10.43 4.90
CA THR A 652 49.69 -9.85 3.89
C THR A 652 49.42 -8.36 3.73
N MET A 653 48.14 -7.96 3.82
CA MET A 653 47.78 -6.56 3.70
C MET A 653 48.31 -5.74 4.86
N VAL A 654 48.44 -6.34 6.04
CA VAL A 654 48.95 -5.62 7.20
C VAL A 654 50.44 -5.40 7.07
N GLN A 655 51.14 -6.30 6.39
CA GLN A 655 52.57 -6.12 6.12
C GLN A 655 52.83 -4.92 5.22
N HIS A 656 51.95 -4.69 4.24
CA HIS A 656 52.09 -3.51 3.39
C HIS A 656 51.50 -2.27 4.04
N LEU A 657 50.53 -2.46 4.94
CA LEU A 657 49.94 -1.32 5.63
C LEU A 657 50.91 -0.74 6.65
N ALA A 658 51.76 -1.59 7.24
CA ALA A 658 52.77 -1.08 8.16
C ALA A 658 53.84 -0.30 7.42
N ASP A 659 54.13 -0.67 6.18
CA ASP A 659 55.08 0.10 5.38
C ASP A 659 54.46 1.43 4.94
N LEU A 660 53.14 1.49 4.82
CA LEU A 660 52.45 2.69 4.35
C LEU A 660 52.14 3.66 5.50
N TYR A 661 51.80 3.14 6.68
CA TYR A 661 51.53 4.01 7.81
C TYR A 661 52.82 4.62 8.36
N ALA A 662 53.92 3.87 8.33
CA ALA A 662 55.15 4.38 8.92
C ALA A 662 55.81 5.42 8.03
N ALA A 663 55.70 5.27 6.71
CA ALA A 663 56.21 6.31 5.82
C ALA A 663 55.34 7.56 5.84
N GLY A 664 54.09 7.44 6.29
CA GLY A 664 53.20 8.57 6.39
C GLY A 664 52.22 8.64 5.24
N PHE A 665 51.52 9.76 5.19
CA PHE A 665 50.52 10.04 4.17
C PHE A 665 50.96 11.26 3.37
N ARG A 666 51.11 11.08 2.05
CA ARG A 666 51.73 12.08 1.20
C ARG A 666 50.67 13.07 0.71
N TYR A 667 50.48 14.15 1.46
CA TYR A 667 49.68 15.26 0.99
C TYR A 667 50.46 16.06 -0.05
N SER A 668 49.85 16.30 -1.21
CA SER A 668 50.44 17.11 -2.26
C SER A 668 49.58 18.35 -2.47
N VAL A 669 50.14 19.51 -2.16
CA VAL A 669 49.40 20.76 -2.28
C VAL A 669 49.58 21.34 -3.68
N SER A 670 48.46 21.60 -4.34
CA SER A 670 48.46 22.20 -5.68
C SER A 670 47.32 23.19 -5.80
N ASP A 671 47.15 24.05 -4.79
CA ASP A 671 46.07 25.02 -4.79
C ASP A 671 46.28 26.08 -5.87
N ALA A 672 45.17 26.58 -6.40
CA ALA A 672 45.19 27.62 -7.43
C ALA A 672 45.13 29.01 -6.83
N PHE A 673 45.34 29.15 -5.52
CA PHE A 673 45.28 30.44 -4.86
C PHE A 673 46.64 31.14 -4.84
N SER A 674 47.66 30.46 -4.34
CA SER A 674 49.01 30.97 -4.44
C SER A 674 49.60 30.61 -5.80
N SER A 675 50.43 31.50 -6.33
CA SER A 675 50.92 31.40 -7.70
C SER A 675 51.97 30.29 -7.79
N GLY A 676 51.49 29.06 -7.96
CA GLY A 676 52.36 27.98 -8.37
C GLY A 676 53.19 27.34 -7.29
N ASN A 677 52.80 27.44 -6.02
CA ASN A 677 53.47 26.64 -5.01
C ASN A 677 52.97 25.20 -5.07
N LYS A 678 53.91 24.27 -5.00
CA LYS A 678 53.63 22.87 -5.32
C LYS A 678 54.68 21.98 -4.67
N PHE A 679 54.25 21.17 -3.71
CA PHE A 679 55.13 20.24 -3.01
C PHE A 679 54.30 19.15 -2.35
N SER A 680 54.74 17.92 -2.51
CA SER A 680 54.20 16.79 -1.78
C SER A 680 55.11 16.47 -0.60
N PHE A 681 54.50 16.02 0.50
CA PHE A 681 55.26 15.79 1.72
C PHE A 681 54.45 14.87 2.63
N PRO A 682 55.10 14.04 3.44
CA PRO A 682 54.36 13.12 4.30
C PRO A 682 53.80 13.81 5.54
N THR A 683 52.86 13.12 6.17
CA THR A 683 52.32 13.52 7.46
C THR A 683 51.76 12.28 8.14
N SER A 684 51.54 12.39 9.44
CA SER A 684 50.85 11.37 10.21
C SER A 684 49.37 11.72 10.42
N THR A 685 48.79 12.49 9.51
CA THR A 685 47.45 13.02 9.65
C THR A 685 46.49 12.24 8.76
N PHE A 686 45.44 11.69 9.36
CA PHE A 686 44.41 11.01 8.60
C PHE A 686 43.57 12.03 7.81
N PRO A 687 42.91 11.58 6.74
CA PRO A 687 41.90 12.43 6.10
C PRO A 687 40.73 12.71 7.03
N SER A 688 40.16 13.92 6.88
CA SER A 688 39.19 14.42 7.85
C SER A 688 37.80 13.84 7.63
N GLY A 689 37.22 14.11 6.46
CA GLY A 689 35.82 13.78 6.21
C GLY A 689 35.54 12.35 5.78
N SER A 690 36.56 11.50 5.68
CA SER A 690 36.37 10.12 5.26
C SER A 690 35.75 9.33 6.41
N THR A 691 34.43 9.10 6.33
CA THR A 691 33.71 8.44 7.40
C THR A 691 34.05 6.96 7.52
N ALA A 692 34.53 6.33 6.44
CA ALA A 692 35.00 4.95 6.53
C ALA A 692 36.38 4.84 7.15
N THR A 693 37.12 5.96 7.24
CA THR A 693 38.41 6.00 7.89
C THR A 693 38.36 6.69 9.25
N SER A 694 37.53 7.74 9.39
CA SER A 694 37.35 8.40 10.68
C SER A 694 36.53 7.58 11.66
N THR A 695 35.97 6.44 11.24
CA THR A 695 35.37 5.51 12.18
C THR A 695 36.43 4.79 13.02
N GLU A 696 37.70 4.82 12.59
CA GLU A 696 38.78 4.34 13.44
C GLU A 696 38.99 5.26 14.64
N HIS A 697 38.77 6.56 14.45
CA HIS A 697 38.78 7.47 15.58
C HIS A 697 37.64 7.18 16.54
N THR A 698 36.49 6.77 16.00
CA THR A 698 35.41 6.28 16.86
C THR A 698 35.78 4.96 17.49
N ALA A 699 36.56 4.13 16.79
CA ALA A 699 37.01 2.85 17.33
C ALA A 699 38.00 3.01 18.47
N ASN A 700 38.69 4.14 18.54
CA ASN A 700 39.59 4.40 19.66
C ASN A 700 38.96 5.27 20.73
N ASN A 701 37.88 5.98 20.41
CA ASN A 701 37.27 6.89 21.38
C ASN A 701 36.57 6.13 22.49
N SER A 702 35.80 5.10 22.14
CA SER A 702 35.16 4.29 23.16
C SER A 702 36.15 3.37 23.84
N THR A 703 37.21 2.98 23.13
CA THR A 703 38.16 2.02 23.68
C THR A 703 39.06 2.69 24.72
N MET A 704 39.59 3.86 24.39
CA MET A 704 40.46 4.56 25.34
C MET A 704 39.70 5.19 26.48
N MET A 705 38.41 5.50 26.30
CA MET A 705 37.62 5.91 27.43
C MET A 705 37.32 4.73 28.35
N GLU A 706 37.29 3.52 27.80
CA GLU A 706 36.99 2.35 28.60
C GLU A 706 38.14 1.99 29.53
N TYR A 707 39.38 2.19 29.07
CA TYR A 707 40.51 1.97 29.96
C TYR A 707 40.60 3.07 31.00
N PHE A 708 40.13 4.27 30.66
CA PHE A 708 40.14 5.37 31.62
C PHE A 708 39.15 5.13 32.75
N LEU A 709 37.90 4.83 32.41
CA LEU A 709 36.84 4.77 33.40
C LEU A 709 36.90 3.53 34.29
N ASN A 710 37.76 2.57 33.98
CA ASN A 710 37.75 1.30 34.71
C ASN A 710 39.08 0.96 35.34
N VAL A 711 40.19 1.31 34.70
CA VAL A 711 41.53 0.91 35.15
C VAL A 711 42.37 2.11 35.53
N HIS A 712 42.43 3.12 34.66
CA HIS A 712 43.33 4.24 34.89
C HIS A 712 42.82 5.15 36.00
N ALA A 713 41.68 5.78 35.78
CA ALA A 713 41.12 6.70 36.77
C ALA A 713 40.64 6.07 38.08
N PRO A 714 40.13 4.82 38.15
CA PRO A 714 39.90 4.23 39.47
C PRO A 714 41.17 3.85 40.23
N SER A 715 42.35 4.01 39.65
CA SER A 715 43.60 3.81 40.36
C SER A 715 44.41 5.07 40.53
N HIS A 716 44.29 6.03 39.61
CA HIS A 716 45.16 7.20 39.60
C HIS A 716 44.61 8.37 40.40
N VAL A 717 43.30 8.50 40.52
CA VAL A 717 42.74 9.68 41.16
C VAL A 717 42.93 9.59 42.67
N LYS A 718 43.03 10.75 43.31
CA LYS A 718 43.31 10.81 44.74
C LYS A 718 42.07 11.04 45.59
N SER A 719 40.97 11.47 44.99
CA SER A 719 39.74 11.68 45.74
C SER A 719 39.11 10.33 46.06
N ALA A 720 38.98 10.03 47.35
CA ALA A 720 38.38 8.77 47.77
C ALA A 720 36.89 8.72 47.47
N SER A 721 36.23 9.88 47.43
CA SER A 721 34.81 9.90 47.11
C SER A 721 34.58 9.62 45.63
N LEU A 722 35.45 10.12 44.76
CA LEU A 722 35.27 9.96 43.32
C LEU A 722 35.51 8.53 42.86
N LYS A 723 36.30 7.77 43.63
CA LYS A 723 36.53 6.36 43.32
C LYS A 723 35.24 5.54 43.46
N ARG A 724 34.31 6.00 44.29
CA ARG A 724 33.01 5.35 44.38
C ARG A 724 32.19 5.57 43.11
N ILE A 725 32.32 6.75 42.50
CA ILE A 725 31.63 7.04 41.25
C ILE A 725 32.26 6.26 40.10
N LEU A 726 33.60 6.29 40.01
CA LEU A 726 34.32 5.66 38.92
C LEU A 726 34.29 4.15 38.95
N THR A 727 33.78 3.54 40.02
CA THR A 727 33.75 2.09 40.11
C THR A 727 32.73 1.51 39.14
N ASP A 728 31.52 2.06 39.13
CA ASP A 728 30.43 1.50 38.34
C ASP A 728 30.12 2.31 37.09
N MET A 729 31.06 3.13 36.64
CA MET A 729 30.90 3.74 35.33
C MET A 729 31.27 2.74 34.25
N THR A 730 30.50 2.76 33.16
CA THR A 730 30.63 1.75 32.12
C THR A 730 30.31 2.43 30.80
N ILE A 731 31.15 2.21 29.78
CA ILE A 731 30.93 2.86 28.49
C ILE A 731 29.74 2.31 27.75
N GLN A 732 29.19 1.16 28.15
CA GLN A 732 27.90 0.75 27.63
C GLN A 732 26.74 1.44 28.33
N ARG A 733 27.00 2.23 29.37
CA ARG A 733 25.94 2.94 30.08
C ARG A 733 26.23 4.43 30.19
N ASN A 734 27.50 4.80 30.28
CA ASN A 734 27.86 6.16 30.69
C ASN A 734 28.74 6.90 29.68
N TYR A 735 28.96 6.35 28.49
CA TYR A 735 29.74 7.07 27.50
C TYR A 735 29.23 6.75 26.10
N VAL A 736 28.96 7.78 25.32
CA VAL A 736 28.50 7.63 23.94
C VAL A 736 29.46 8.41 23.05
N CYS A 737 30.02 7.75 22.05
CA CYS A 737 30.98 8.39 21.16
C CYS A 737 30.57 8.24 19.71
N GLN A 738 30.97 9.22 18.90
CA GLN A 738 30.95 9.13 17.44
C GLN A 738 31.93 10.17 16.93
N GLY A 739 32.91 9.73 16.14
CA GLY A 739 33.94 10.65 15.76
C GLY A 739 34.89 10.92 16.91
N ASP A 740 35.51 12.09 16.89
CA ASP A 740 36.43 12.45 17.96
C ASP A 740 35.71 12.87 19.23
N ASP A 741 34.48 13.38 19.12
CA ASP A 741 33.77 13.95 20.25
C ASP A 741 32.70 12.99 20.78
N GLY A 742 32.33 13.19 22.03
CA GLY A 742 31.34 12.34 22.66
C GLY A 742 30.97 12.85 24.02
N ILE A 743 29.83 12.35 24.51
CA ILE A 743 29.28 12.75 25.81
C ILE A 743 29.70 11.71 26.84
N LEU A 744 30.24 12.18 27.96
CA LEU A 744 30.45 11.36 29.14
C LEU A 744 29.32 11.60 30.13
N LEU A 745 28.78 10.53 30.69
CA LEU A 745 27.61 10.58 31.55
C LEU A 745 27.99 10.16 32.96
N LEU A 746 27.39 10.80 33.93
CA LEU A 746 27.68 10.39 35.28
C LEU A 746 26.58 9.49 35.83
N PRO A 747 26.89 8.59 36.77
CA PRO A 747 25.87 7.66 37.28
C PRO A 747 24.77 8.36 38.04
N HIS A 748 23.54 7.86 37.85
CA HIS A 748 22.30 8.54 38.24
C HIS A 748 22.19 8.75 39.74
N GLU A 749 22.88 7.94 40.54
CA GLU A 749 22.80 8.07 41.99
C GLU A 749 23.46 9.37 42.47
N ALA A 750 24.72 9.56 42.10
CA ALA A 750 25.48 10.74 42.50
C ALA A 750 25.78 11.65 41.30
N ALA A 751 24.80 11.83 40.41
CA ALA A 751 25.04 12.61 39.20
C ALA A 751 25.06 14.11 39.48
N SER A 752 23.93 14.68 39.87
CA SER A 752 23.84 16.12 40.03
C SER A 752 24.34 16.60 41.38
N LYS A 753 24.54 15.68 42.32
CA LYS A 753 25.01 16.01 43.66
C LYS A 753 26.52 15.85 43.79
N ILE A 754 27.23 15.79 42.68
CA ILE A 754 28.68 15.66 42.70
C ILE A 754 29.30 17.00 43.07
N SER A 755 30.40 16.94 43.81
CA SER A 755 31.15 18.15 44.13
C SER A 755 31.94 18.59 42.91
N ALA A 756 31.96 19.90 42.67
CA ALA A 756 32.77 20.45 41.59
C ALA A 756 34.26 20.32 41.86
N ASP A 757 34.66 20.21 43.13
CA ASP A 757 36.06 19.98 43.45
C ASP A 757 36.48 18.55 43.13
N ASP A 758 35.54 17.62 43.18
CA ASP A 758 35.82 16.26 42.73
C ASP A 758 35.86 16.18 41.21
N MET A 759 35.02 16.95 40.53
CA MET A 759 35.01 16.93 39.07
C MET A 759 36.25 17.58 38.49
N ASN A 760 36.79 18.61 39.15
CA ASN A 760 38.02 19.23 38.67
C ASN A 760 39.21 18.30 38.82
N GLU A 761 39.18 17.41 39.81
CA GLU A 761 40.22 16.40 39.92
C GLU A 761 40.02 15.25 38.95
N LEU A 762 38.79 15.04 38.49
CA LEU A 762 38.56 14.04 37.44
C LEU A 762 39.13 14.52 36.11
N LEU A 763 38.76 15.73 35.70
CA LEU A 763 39.11 16.22 34.38
C LEU A 763 40.59 16.57 34.29
N THR A 764 41.23 16.85 35.42
CA THR A 764 42.68 16.99 35.43
C THR A 764 43.33 15.66 35.09
N CYS A 765 42.81 14.56 35.64
CA CYS A 765 43.35 13.25 35.33
C CYS A 765 42.97 12.81 33.93
N LEU A 766 41.81 13.23 33.43
CA LEU A 766 41.42 12.88 32.06
C LEU A 766 42.25 13.65 31.04
N ARG A 767 42.57 14.90 31.33
CA ARG A 767 43.44 15.65 30.43
C ARG A 767 44.85 15.13 30.48
N ASP A 768 45.31 14.68 31.66
CA ASP A 768 46.60 14.02 31.76
C ASP A 768 46.57 12.60 31.22
N TYR A 769 45.38 12.03 31.02
CA TYR A 769 45.28 10.70 30.44
C TYR A 769 45.57 10.74 28.94
N GLY A 770 45.11 11.77 28.25
CA GLY A 770 45.43 11.91 26.85
C GLY A 770 46.84 12.35 26.57
N GLN A 771 47.56 12.83 27.59
CA GLN A 771 48.97 13.13 27.45
C GLN A 771 49.79 11.87 27.24
N LEU A 772 49.27 10.72 27.66
CA LEU A 772 49.92 9.44 27.39
C LEU A 772 49.80 9.05 25.92
N PHE A 773 48.87 9.67 25.19
CA PHE A 773 48.64 9.39 23.78
C PHE A 773 48.94 10.58 22.89
N GLY A 774 49.21 11.74 23.46
CA GLY A 774 49.20 12.98 22.71
C GLY A 774 47.82 13.53 22.43
N TRP A 775 46.76 12.89 22.93
CA TRP A 775 45.40 13.36 22.69
C TRP A 775 45.13 14.59 23.55
N ASN A 776 45.12 15.76 22.93
CA ASN A 776 44.69 16.97 23.60
C ASN A 776 43.17 16.92 23.72
N TYR A 777 42.69 16.55 24.91
CA TYR A 777 41.25 16.55 25.14
C TYR A 777 40.72 17.96 25.27
N ASP A 778 39.67 18.26 24.50
CA ASP A 778 38.96 19.53 24.64
C ASP A 778 37.77 19.32 25.57
N ILE A 779 38.10 19.14 26.85
CA ILE A 779 37.10 18.88 27.87
C ILE A 779 36.37 20.17 28.20
N ASP A 780 35.04 20.10 28.26
CA ASP A 780 34.22 21.20 28.76
C ASP A 780 33.38 20.69 29.92
N TRP A 781 33.20 21.56 30.91
CA TRP A 781 32.47 21.26 32.14
C TRP A 781 31.50 22.41 32.41
N SER A 782 30.66 22.66 31.44
CA SER A 782 29.72 23.77 31.51
C SER A 782 28.31 23.33 31.82
N ASP A 783 28.13 22.04 32.11
CA ASP A 783 26.84 21.41 32.43
C ASP A 783 25.83 21.62 31.29
N THR A 784 26.34 21.59 30.06
CA THR A 784 25.51 21.60 28.85
C THR A 784 25.98 20.45 27.96
N ALA A 785 25.15 20.12 26.99
CA ALA A 785 25.42 19.00 26.11
C ALA A 785 26.01 19.49 24.79
N GLU A 786 26.96 18.72 24.24
CA GLU A 786 27.47 18.95 22.90
C GLU A 786 27.99 17.60 22.39
N TYR A 787 27.19 16.93 21.57
CA TYR A 787 27.56 15.61 21.08
C TYR A 787 28.15 15.68 19.67
N LEU A 788 27.39 16.20 18.71
CA LEU A 788 27.93 16.50 17.39
C LEU A 788 27.51 17.92 17.03
N LYS A 789 28.24 18.90 17.58
CA LYS A 789 28.12 20.32 17.26
C LYS A 789 26.69 20.86 17.43
N LEU A 790 25.92 20.26 18.34
CA LEU A 790 24.56 20.63 18.66
C LEU A 790 24.45 20.74 20.17
N TYR A 791 23.64 21.68 20.65
CA TYR A 791 23.75 22.12 22.02
C TYR A 791 22.45 21.92 22.80
N ALA A 792 22.55 22.01 24.12
CA ALA A 792 21.39 21.87 24.99
C ALA A 792 21.55 22.77 26.20
N LEU A 793 20.43 23.01 26.87
CA LEU A 793 20.41 23.75 28.13
C LEU A 793 19.16 23.32 28.87
N MET A 794 19.33 22.51 29.92
CA MET A 794 18.25 21.99 30.75
C MET A 794 17.21 21.25 29.93
N GLY A 795 17.67 20.45 28.97
CA GLY A 795 16.78 19.70 28.13
C GLY A 795 16.07 20.51 27.07
N CYS A 796 16.56 21.69 26.75
CA CYS A 796 16.04 22.50 25.66
C CYS A 796 17.10 22.56 24.57
N ARG A 797 16.74 22.16 23.36
CA ARG A 797 17.69 22.18 22.25
C ARG A 797 17.99 23.61 21.87
N ILE A 798 19.26 23.94 21.75
CA ILE A 798 19.69 25.31 21.44
C ILE A 798 20.17 25.33 19.99
N PRO A 799 19.37 25.84 19.06
CA PRO A 799 19.81 25.84 17.65
C PRO A 799 20.86 26.91 17.43
N ASN A 800 22.06 26.47 17.04
CA ASN A 800 23.18 27.38 16.80
C ASN A 800 22.89 28.15 15.52
N THR A 801 22.43 29.39 15.69
CA THR A 801 22.08 30.21 14.54
C THR A 801 23.33 30.65 13.79
N SER A 802 24.45 30.79 14.48
CA SER A 802 25.72 31.12 13.83
C SER A 802 26.29 29.97 13.03
N ARG A 803 25.84 28.74 13.26
CA ARG A 803 26.36 27.61 12.52
C ARG A 803 25.91 27.64 11.07
N HIS A 804 24.65 27.96 10.81
CA HIS A 804 24.16 28.11 9.46
C HIS A 804 23.98 29.59 9.18
N PRO A 805 24.91 30.23 8.48
CA PRO A 805 24.82 31.67 8.27
C PRO A 805 23.76 32.00 7.24
N PRO A 806 23.16 33.19 7.32
CA PRO A 806 22.21 33.57 6.27
C PRO A 806 22.89 33.92 4.98
N VAL A 807 24.15 34.37 5.03
CA VAL A 807 24.86 34.79 3.85
C VAL A 807 26.01 33.85 3.49
N GLY A 808 26.59 33.13 4.45
CA GLY A 808 27.84 32.45 4.22
C GLY A 808 27.67 31.11 3.53
N LYS A 809 28.73 30.70 2.82
CA LYS A 809 28.77 29.41 2.13
C LYS A 809 30.23 29.05 1.90
N GLU A 810 30.60 27.83 2.27
CA GLU A 810 31.98 27.39 2.15
C GLU A 810 32.32 27.10 0.70
N TYR A 811 33.41 27.69 0.22
CA TYR A 811 33.94 27.43 -1.12
C TYR A 811 35.41 27.05 -1.01
N ALA A 812 35.72 25.79 -1.28
CA ALA A 812 37.11 25.34 -1.29
C ALA A 812 37.79 25.60 -2.62
N ALA A 813 37.06 26.08 -3.61
CA ALA A 813 37.56 26.43 -4.93
C ALA A 813 37.57 27.95 -5.09
N PRO A 814 38.47 28.51 -5.91
CA PRO A 814 38.43 29.98 -6.12
C PRO A 814 37.22 30.43 -6.91
N GLN A 815 36.63 29.57 -7.72
CA GLN A 815 35.40 29.86 -8.43
C GLN A 815 34.27 29.01 -7.86
N THR A 816 33.04 29.42 -8.17
CA THR A 816 31.89 28.62 -7.75
C THR A 816 31.77 27.35 -8.58
N ASP A 817 32.21 27.42 -9.85
CA ASP A 817 32.16 26.32 -10.82
C ASP A 817 30.72 25.81 -10.98
N GLU A 818 29.85 26.70 -11.42
CA GLU A 818 28.44 26.36 -11.56
C GLU A 818 27.79 27.21 -12.64
N ILE A 819 26.79 26.62 -13.29
CA ILE A 819 25.84 27.38 -14.07
C ILE A 819 24.79 27.94 -13.10
N TRP A 820 24.11 29.04 -13.51
CA TRP A 820 23.16 29.78 -12.71
C TRP A 820 22.09 29.00 -11.93
N PRO A 821 21.25 28.15 -12.52
CA PRO A 821 20.05 27.69 -11.78
C PRO A 821 20.34 26.73 -10.64
N SER A 822 21.60 26.37 -10.39
CA SER A 822 21.98 25.66 -9.18
C SER A 822 21.89 26.53 -7.93
N LEU A 823 21.72 27.85 -8.08
CA LEU A 823 21.46 28.72 -6.94
C LEU A 823 20.13 28.40 -6.28
N ILE A 824 19.16 27.91 -7.06
CA ILE A 824 17.83 27.61 -6.56
C ILE A 824 17.86 26.45 -5.57
N ASP A 825 18.68 25.43 -5.86
CA ASP A 825 18.86 24.36 -4.89
C ASP A 825 19.61 24.83 -3.65
N ILE A 826 20.35 25.93 -3.74
CA ILE A 826 20.96 26.52 -2.56
C ILE A 826 19.95 27.35 -1.78
N VAL A 827 18.91 27.85 -2.45
CA VAL A 827 17.86 28.61 -1.77
C VAL A 827 17.07 27.71 -0.83
N ILE A 828 16.66 26.53 -1.32
CA ILE A 828 15.82 25.62 -0.55
C ILE A 828 16.59 25.08 0.66
N GLY A 829 17.88 24.81 0.47
CA GLY A 829 18.72 24.46 1.61
C GLY A 829 18.91 25.61 2.57
N HIS A 830 18.97 26.84 2.05
CA HIS A 830 19.06 28.01 2.91
C HIS A 830 17.75 28.27 3.64
N HIS A 831 16.62 27.91 3.04
CA HIS A 831 15.34 28.11 3.71
C HIS A 831 15.15 27.11 4.83
N LEU A 832 15.41 25.82 4.57
CA LEU A 832 15.15 24.80 5.57
C LEU A 832 16.13 24.84 6.73
N ASN A 833 17.30 25.46 6.55
CA ASN A 833 18.18 25.69 7.69
C ASN A 833 17.62 26.75 8.63
N GLY A 834 16.83 27.69 8.10
CA GLY A 834 16.10 28.62 8.94
C GLY A 834 14.82 28.08 9.49
N VAL A 835 14.45 26.86 9.11
CA VAL A 835 13.28 26.20 9.65
C VAL A 835 13.66 25.18 10.71
N THR A 836 14.76 24.46 10.49
CA THR A 836 15.30 23.58 11.52
C THR A 836 15.81 24.38 12.71
N ASP A 837 16.80 25.25 12.46
CA ASP A 837 17.16 26.28 13.43
C ASP A 837 16.04 27.29 13.42
N VAL A 838 15.18 27.27 14.45
CA VAL A 838 13.92 27.97 14.38
C VAL A 838 14.14 29.48 14.47
N LEU A 839 13.44 30.21 13.62
CA LEU A 839 13.52 31.66 13.53
C LEU A 839 12.09 32.18 13.53
N ASN A 840 11.93 33.50 13.40
CA ASN A 840 10.61 34.08 13.29
C ASN A 840 10.00 33.64 11.96
N TRP A 841 9.03 32.72 12.03
CA TRP A 841 8.69 31.90 10.88
C TRP A 841 8.00 32.70 9.79
N ARG A 842 7.32 33.77 10.15
CA ARG A 842 6.73 34.62 9.12
C ARG A 842 7.81 35.48 8.48
N GLU A 843 8.64 36.14 9.29
CA GLU A 843 9.69 37.00 8.78
C GLU A 843 10.76 36.22 8.04
N TRP A 844 10.97 34.96 8.42
CA TRP A 844 11.87 34.12 7.64
C TRP A 844 11.24 33.72 6.32
N LEU A 845 9.93 33.51 6.33
CA LEU A 845 9.25 33.21 5.08
C LEU A 845 9.15 34.46 4.20
N ARG A 846 9.05 35.64 4.81
CA ARG A 846 9.10 36.88 4.05
C ARG A 846 10.49 37.09 3.46
N PHE A 847 11.52 36.75 4.21
CA PHE A 847 12.89 36.88 3.72
C PHE A 847 13.18 35.87 2.62
N SER A 848 12.56 34.69 2.70
CA SER A 848 12.87 33.63 1.75
C SER A 848 12.30 33.95 0.37
N TRP A 849 11.09 34.49 0.31
CA TRP A 849 10.52 34.84 -0.98
C TRP A 849 11.21 36.05 -1.60
N ALA A 850 11.75 36.94 -0.78
CA ALA A 850 12.62 37.98 -1.32
C ALA A 850 13.89 37.38 -1.87
N PHE A 851 14.51 36.48 -1.10
CA PHE A 851 15.76 35.85 -1.50
C PHE A 851 15.59 34.91 -2.67
N ALA A 852 14.43 34.28 -2.81
CA ALA A 852 14.21 33.40 -3.93
C ALA A 852 13.83 34.14 -5.19
N CYS A 853 13.31 35.36 -5.07
CA CYS A 853 12.90 36.13 -6.24
C CYS A 853 14.10 36.53 -7.09
N TYR A 854 15.23 36.83 -6.46
CA TYR A 854 16.44 37.10 -7.22
C TYR A 854 16.96 35.85 -7.91
N SER A 855 16.68 34.67 -7.36
CA SER A 855 17.11 33.43 -7.97
C SER A 855 16.14 32.90 -9.00
N SER A 856 15.36 33.77 -9.64
CA SER A 856 14.42 33.34 -10.66
C SER A 856 14.86 33.66 -12.08
N ARG A 857 15.74 34.64 -12.26
CA ARG A 857 16.20 35.06 -13.58
C ARG A 857 17.66 34.69 -13.78
N GLY A 858 17.98 34.20 -14.97
CA GLY A 858 19.35 33.83 -15.29
C GLY A 858 19.80 34.34 -16.64
N GLY A 859 21.05 34.75 -16.73
CA GLY A 859 21.60 35.26 -17.97
C GLY A 859 22.90 34.59 -18.35
N TYR A 860 22.91 33.92 -19.49
CA TYR A 860 24.08 33.17 -19.95
C TYR A 860 24.80 33.94 -21.05
N THR A 861 26.13 33.91 -21.00
CA THR A 861 26.97 34.62 -21.96
C THR A 861 27.59 33.58 -22.89
N ASN A 862 27.09 33.52 -24.12
CA ASN A 862 27.61 32.66 -25.17
C ASN A 862 28.21 33.54 -26.26
N PRO A 863 29.45 33.29 -26.68
CA PRO A 863 29.99 34.03 -27.84
C PRO A 863 29.21 33.82 -29.14
N ARG A 864 28.49 32.71 -29.28
CA ARG A 864 27.58 32.55 -30.40
C ARG A 864 26.33 33.41 -30.20
N GLY A 865 25.59 33.15 -29.12
CA GLY A 865 24.37 33.89 -28.83
C GLY A 865 24.51 34.83 -27.65
N GLN A 866 24.43 36.14 -27.90
CA GLN A 866 24.75 37.12 -26.87
C GLN A 866 23.63 37.33 -25.85
N SER A 867 22.45 36.77 -26.06
CA SER A 867 21.29 37.07 -25.22
C SER A 867 20.62 35.78 -24.77
N PHE A 868 20.51 35.62 -23.44
CA PHE A 868 19.74 34.54 -22.84
C PHE A 868 19.12 35.05 -21.55
N SER A 869 17.81 34.88 -21.41
CA SER A 869 17.11 35.35 -20.21
C SER A 869 16.00 34.36 -19.86
N ALA A 870 16.02 33.88 -18.62
CA ALA A 870 15.02 32.94 -18.13
C ALA A 870 14.20 33.57 -17.01
N GLN A 871 13.14 32.86 -16.65
CA GLN A 871 12.23 33.32 -15.60
C GLN A 871 11.51 32.10 -15.04
N TYR A 872 11.86 31.67 -13.85
CA TYR A 872 10.96 30.68 -13.28
C TYR A 872 9.72 31.36 -12.71
N PRO A 873 8.58 30.69 -12.74
CA PRO A 873 7.37 31.26 -12.14
C PRO A 873 7.46 31.33 -10.63
N TRP A 874 6.47 32.00 -10.05
CA TRP A 874 6.37 32.13 -8.60
C TRP A 874 6.11 30.78 -7.93
N TRP A 875 5.38 29.90 -8.60
CA TRP A 875 4.99 28.60 -8.06
C TRP A 875 6.08 27.55 -8.14
N THR A 876 7.23 27.87 -8.72
CA THR A 876 8.34 26.93 -8.74
C THR A 876 8.85 26.64 -7.33
N PHE A 877 9.02 27.69 -6.53
CA PHE A 877 9.49 27.58 -5.16
C PHE A 877 8.46 26.95 -4.25
N VAL A 878 7.19 27.01 -4.65
CA VAL A 878 6.12 26.35 -3.91
C VAL A 878 6.27 24.83 -4.00
N TYR A 879 6.58 24.32 -5.18
CA TYR A 879 6.76 22.87 -5.36
C TYR A 879 8.02 22.39 -4.64
N LEU A 880 9.03 23.23 -4.53
CA LEU A 880 10.30 22.83 -3.95
C LEU A 880 10.32 22.91 -2.44
N GLY A 881 9.31 23.49 -1.82
CA GLY A 881 9.22 23.42 -0.37
C GLY A 881 8.83 24.69 0.35
N ILE A 882 9.12 25.85 -0.24
CA ILE A 882 8.82 27.12 0.41
C ILE A 882 7.31 27.36 0.37
N PRO A 883 6.66 27.54 1.52
CA PRO A 883 5.22 27.76 1.52
C PRO A 883 4.88 29.17 1.07
N PRO A 884 3.73 29.36 0.44
CA PRO A 884 3.35 30.69 -0.04
C PRO A 884 2.84 31.57 1.08
N ILE A 885 3.17 32.85 0.99
CA ILE A 885 2.79 33.80 2.04
C ILE A 885 1.33 34.19 1.94
N LEU A 886 0.74 34.13 0.75
CA LEU A 886 -0.66 34.51 0.57
C LEU A 886 -1.21 33.88 -0.69
N LEU A 887 -2.37 33.29 -0.58
CA LEU A 887 -3.14 32.84 -1.72
C LEU A 887 -4.25 33.83 -2.01
N PRO A 888 -4.65 33.99 -3.27
CA PRO A 888 -5.81 34.83 -3.56
C PRO A 888 -7.10 34.23 -3.08
N GLY A 889 -7.71 34.86 -2.08
CA GLY A 889 -9.00 34.42 -1.60
C GLY A 889 -9.01 34.00 -0.15
N GLN A 890 -7.91 34.21 0.56
CA GLN A 890 -7.85 33.87 1.97
C GLN A 890 -6.85 34.79 2.66
N THR A 891 -6.58 34.53 3.92
CA THR A 891 -5.75 35.37 4.77
C THR A 891 -4.29 34.92 4.73
N PRO A 892 -3.33 35.84 4.84
CA PRO A 892 -1.93 35.46 4.70
C PRO A 892 -1.38 34.75 5.92
N PHE A 893 -0.24 34.09 5.69
CA PHE A 893 0.58 33.43 6.71
C PHE A 893 -0.20 32.36 7.46
N ILE A 894 -1.01 31.59 6.73
CA ILE A 894 -1.64 30.42 7.30
C ILE A 894 -0.94 29.14 6.87
N HIS A 895 -0.08 29.20 5.87
CA HIS A 895 0.64 28.02 5.40
C HIS A 895 1.93 27.89 6.18
N SER A 896 2.09 26.76 6.86
CA SER A 896 3.22 26.56 7.75
C SER A 896 4.48 26.24 6.98
N CYS A 897 5.61 26.49 7.62
CA CYS A 897 6.91 26.18 7.05
C CYS A 897 7.25 24.70 7.13
N TYR A 898 6.46 23.91 7.84
CA TYR A 898 6.58 22.45 7.84
C TYR A 898 5.77 21.80 6.72
N MET A 899 5.39 22.58 5.72
CA MET A 899 4.73 22.02 4.55
C MET A 899 5.71 21.14 3.77
N PRO A 900 5.25 20.00 3.26
CA PRO A 900 6.11 19.18 2.42
C PRO A 900 6.41 19.86 1.09
N PRO A 901 7.45 19.43 0.40
CA PRO A 901 7.60 19.82 -1.01
C PRO A 901 6.88 18.84 -1.91
N GLY A 902 6.96 19.05 -3.21
CA GLY A 902 6.48 18.05 -4.14
C GLY A 902 4.97 18.06 -4.32
N ASP A 903 4.46 16.94 -4.83
CA ASP A 903 3.02 16.74 -4.98
C ASP A 903 2.34 16.69 -3.63
N GLN A 904 3.06 16.21 -2.62
CA GLN A 904 2.55 16.14 -1.25
C GLN A 904 2.29 17.53 -0.68
N GLY A 905 3.08 18.52 -1.08
CA GLY A 905 2.84 19.88 -0.64
C GLY A 905 1.81 20.59 -1.49
N MET A 906 1.81 20.29 -2.80
CA MET A 906 0.83 20.88 -3.70
C MET A 906 -0.57 20.36 -3.44
N PHE A 907 -0.69 19.14 -2.90
CA PHE A 907 -1.97 18.66 -2.42
C PHE A 907 -2.48 19.51 -1.27
N SER A 908 -1.57 19.96 -0.40
CA SER A 908 -1.98 20.64 0.82
C SER A 908 -2.50 22.04 0.54
N ILE A 909 -1.93 22.73 -0.44
CA ILE A 909 -2.41 24.05 -0.78
C ILE A 909 -3.72 23.96 -1.54
N LEU A 910 -3.84 22.99 -2.44
CA LEU A 910 -5.03 22.83 -3.26
C LEU A 910 -6.17 22.13 -2.52
N ASN A 911 -6.15 22.12 -1.19
CA ASN A 911 -7.20 21.54 -0.38
C ASN A 911 -7.96 22.58 0.40
N GLY A 912 -7.27 23.39 1.21
CA GLY A 912 -7.94 24.48 1.90
C GLY A 912 -8.32 25.61 0.98
N TRP A 913 -7.52 25.83 -0.07
CA TRP A 913 -7.77 26.85 -1.07
C TRP A 913 -8.67 26.31 -2.19
N ARG A 914 -9.09 25.05 -2.09
CA ARG A 914 -9.94 24.45 -3.12
C ARG A 914 -11.35 25.04 -3.08
N ASP A 915 -11.88 25.28 -1.89
CA ASP A 915 -13.23 25.81 -1.73
C ASP A 915 -13.35 27.20 -2.36
N TRP A 916 -12.29 27.99 -2.32
CA TRP A 916 -12.25 29.23 -3.07
C TRP A 916 -12.18 28.97 -4.57
N LEU A 917 -11.42 27.94 -4.98
CA LEU A 917 -11.18 27.70 -6.39
C LEU A 917 -12.43 27.24 -7.12
N ILE A 918 -13.30 26.49 -6.45
CA ILE A 918 -14.54 26.09 -7.10
C ILE A 918 -15.50 27.27 -7.19
N SER A 919 -15.57 28.07 -6.13
CA SER A 919 -16.51 29.19 -6.12
C SER A 919 -16.06 30.31 -7.04
N HIS A 920 -14.76 30.62 -7.05
CA HIS A 920 -14.28 31.73 -7.88
C HIS A 920 -14.25 31.36 -9.35
N ALA A 921 -14.23 30.07 -9.68
CA ALA A 921 -14.31 29.66 -11.08
C ALA A 921 -15.72 29.31 -11.52
N SER A 922 -16.65 29.10 -10.59
CA SER A 922 -18.05 28.95 -10.98
C SER A 922 -18.60 30.27 -11.47
N THR A 923 -18.10 31.38 -10.96
CA THR A 923 -18.29 32.69 -11.56
C THR A 923 -17.08 33.02 -12.41
N THR A 924 -17.21 34.08 -13.22
CA THR A 924 -16.16 34.73 -14.01
C THR A 924 -15.46 33.82 -15.02
N LEU A 925 -15.94 32.59 -15.23
CA LEU A 925 -15.36 31.64 -16.17
C LEU A 925 -16.49 30.78 -16.70
N PRO A 926 -16.44 30.37 -17.96
CA PRO A 926 -17.45 29.46 -18.46
C PRO A 926 -17.23 28.06 -17.91
N PRO A 927 -18.29 27.28 -17.71
CA PRO A 927 -18.12 25.91 -17.20
C PRO A 927 -17.49 24.98 -18.21
N LEU A 928 -17.19 23.74 -17.80
CA LEU A 928 -16.65 22.78 -18.72
C LEU A 928 -17.74 22.23 -19.64
N ARG A 929 -17.35 21.91 -20.88
CA ARG A 929 -18.25 21.21 -21.77
C ARG A 929 -18.49 19.79 -21.29
N HIS A 930 -17.42 19.10 -20.91
CA HIS A 930 -17.49 17.77 -20.33
C HIS A 930 -17.60 17.90 -18.80
N ASN A 931 -17.39 16.81 -18.08
CA ASN A 931 -17.37 16.85 -16.63
C ASN A 931 -15.98 16.43 -16.15
N HIS A 932 -15.56 17.01 -15.03
CA HIS A 932 -14.28 16.77 -14.40
C HIS A 932 -14.49 16.08 -13.06
N PRO A 933 -13.62 15.15 -12.66
CA PRO A 933 -13.90 14.40 -11.41
C PRO A 933 -13.70 15.22 -10.14
N VAL A 934 -12.63 15.99 -10.03
CA VAL A 934 -12.34 16.62 -8.74
C VAL A 934 -12.87 18.05 -8.63
N TRP A 935 -13.27 18.68 -9.72
CA TRP A 935 -13.89 19.99 -9.60
C TRP A 935 -15.25 20.10 -10.26
N GLY A 936 -15.77 19.02 -10.86
CA GLY A 936 -17.10 19.05 -11.43
C GLY A 936 -17.21 19.85 -12.70
N LEU A 937 -18.06 20.87 -12.68
CA LEU A 937 -18.24 21.74 -13.83
C LEU A 937 -17.50 23.06 -13.69
N SER A 938 -16.94 23.35 -12.51
CA SER A 938 -16.19 24.59 -12.33
C SER A 938 -14.85 24.49 -13.05
N ASP A 939 -14.48 25.54 -13.77
CA ASP A 939 -13.30 25.50 -14.63
C ASP A 939 -12.06 25.95 -13.86
N VAL A 940 -11.75 25.16 -12.84
CA VAL A 940 -10.60 25.39 -11.96
C VAL A 940 -9.24 25.22 -12.67
N PRO A 941 -8.96 24.19 -13.50
CA PRO A 941 -7.64 24.13 -14.14
C PRO A 941 -7.37 25.23 -15.16
N SER A 942 -8.39 25.94 -15.64
CA SER A 942 -8.12 27.16 -16.38
C SER A 942 -7.68 28.27 -15.44
N LEU A 943 -8.30 28.35 -14.26
CA LEU A 943 -7.94 29.36 -13.28
C LEU A 943 -6.56 29.08 -12.69
N LEU A 944 -6.24 27.80 -12.47
CA LEU A 944 -4.90 27.44 -12.04
C LEU A 944 -3.87 27.71 -13.12
N SER A 945 -4.28 27.62 -14.38
CA SER A 945 -3.42 28.05 -15.47
C SER A 945 -3.25 29.56 -15.52
N GLN A 946 -4.20 30.32 -14.97
CA GLN A 946 -4.06 31.77 -14.95
C GLN A 946 -3.05 32.23 -13.91
N PHE A 947 -3.00 31.57 -12.75
CA PHE A 947 -2.04 31.94 -11.73
C PHE A 947 -0.66 31.38 -11.97
N GLY A 948 -0.48 30.58 -13.02
CA GLY A 948 0.81 29.95 -13.24
C GLY A 948 1.08 28.83 -12.27
N VAL A 949 0.04 28.16 -11.76
CA VAL A 949 0.23 27.01 -10.89
C VAL A 949 0.83 25.85 -11.68
N TYR A 950 0.30 25.60 -12.88
CA TYR A 950 0.89 24.58 -13.73
C TYR A 950 2.23 25.01 -14.31
N ALA A 951 2.49 26.31 -14.39
CA ALA A 951 3.75 26.80 -14.93
C ALA A 951 4.89 26.50 -13.97
N GLY A 952 4.73 26.89 -12.70
CA GLY A 952 5.76 26.61 -11.72
C GLY A 952 5.84 25.15 -11.32
N TYR A 953 4.78 24.38 -11.57
CA TYR A 953 4.79 22.96 -11.28
C TYR A 953 5.77 22.22 -12.18
N HIS A 954 5.70 22.47 -13.49
CA HIS A 954 6.59 21.78 -14.41
C HIS A 954 7.97 22.43 -14.45
N ALA A 955 8.07 23.72 -14.15
CA ALA A 955 9.37 24.37 -14.12
C ALA A 955 10.20 23.92 -12.92
N ALA A 956 9.55 23.46 -11.85
CA ALA A 956 10.29 22.93 -10.71
C ALA A 956 10.68 21.48 -10.94
N GLN A 957 9.83 20.71 -11.61
CA GLN A 957 10.14 19.33 -11.93
C GLN A 957 11.20 19.20 -13.02
N HIS A 958 11.37 20.24 -13.83
CA HIS A 958 12.38 20.20 -14.87
C HIS A 958 13.77 20.36 -14.24
N TYR A 959 14.76 19.71 -14.85
CA TYR A 959 16.11 19.69 -14.29
C TYR A 959 16.77 21.05 -14.45
N ARG A 960 17.79 21.28 -13.63
CA ARG A 960 18.48 22.56 -13.59
C ARG A 960 20.00 22.40 -13.57
N ARG A 961 20.50 21.34 -14.21
CA ARG A 961 21.92 21.08 -14.30
C ARG A 961 22.17 20.57 -15.71
N PRO A 962 23.21 21.07 -16.40
CA PRO A 962 23.43 20.69 -17.80
C PRO A 962 23.90 19.25 -17.94
N LYS A 963 23.16 18.47 -18.71
CA LYS A 963 23.60 17.14 -19.06
C LYS A 963 24.75 17.22 -20.06
N PRO A 964 25.68 16.26 -20.03
CA PRO A 964 26.82 16.32 -20.96
C PRO A 964 26.40 16.02 -22.40
N ALA A 965 27.22 16.54 -23.33
CA ALA A 965 26.95 16.52 -24.76
C ALA A 965 27.24 15.20 -25.49
N PRO A 966 28.35 14.45 -25.25
CA PRO A 966 28.51 13.19 -25.99
C PRO A 966 27.52 12.11 -25.54
N GLU A 967 26.95 11.42 -26.52
CA GLU A 967 26.04 10.32 -26.26
C GLU A 967 26.49 9.07 -27.03
N THR A 968 25.66 8.03 -27.03
CA THR A 968 26.01 6.78 -27.69
C THR A 968 25.51 6.68 -29.13
N ALA A 969 24.69 7.63 -29.57
CA ALA A 969 24.13 7.56 -30.91
C ALA A 969 25.13 7.92 -32.00
N SER A 970 26.21 8.62 -31.64
CA SER A 970 27.24 8.99 -32.61
C SER A 970 28.29 7.88 -32.69
N SER A 971 29.42 8.18 -33.34
CA SER A 971 30.52 7.24 -33.48
C SER A 971 31.52 7.34 -32.34
N ASP A 972 31.09 7.80 -31.17
CA ASP A 972 31.98 7.97 -30.04
C ASP A 972 32.26 6.63 -29.37
N SER A 973 33.46 6.50 -28.82
CA SER A 973 33.87 5.30 -28.10
C SER A 973 33.45 5.46 -26.65
N ILE A 974 32.21 5.06 -26.35
CA ILE A 974 31.63 5.32 -25.04
C ILE A 974 32.12 4.31 -24.01
N ASN A 975 32.13 3.02 -24.38
CA ASN A 975 32.35 1.94 -23.43
C ASN A 975 33.82 1.61 -23.21
N GLN A 976 34.71 2.60 -23.41
CA GLN A 976 36.12 2.39 -23.11
C GLN A 976 36.34 2.31 -21.60
N ILE A 977 35.85 3.29 -20.85
CA ILE A 977 36.05 3.33 -19.41
C ILE A 977 34.85 2.76 -18.65
N THR A 978 33.68 2.68 -19.27
CA THR A 978 32.51 2.15 -18.60
C THR A 978 32.57 0.64 -18.49
N SER A 979 32.93 -0.04 -19.58
CA SER A 979 32.97 -1.50 -19.57
C SER A 979 34.14 -2.03 -18.75
N ASP A 980 35.22 -1.25 -18.61
CA ASP A 980 36.29 -1.65 -17.71
C ASP A 980 35.91 -1.45 -16.25
N LEU A 981 35.11 -0.42 -15.97
CA LEU A 981 34.55 -0.27 -14.63
C LEU A 981 33.48 -1.32 -14.35
N THR A 982 32.80 -1.78 -15.42
CA THR A 982 31.89 -2.92 -15.29
C THR A 982 32.66 -4.18 -14.92
N GLU A 983 33.85 -4.36 -15.51
CA GLU A 983 34.70 -5.50 -15.15
C GLU A 983 35.24 -5.37 -13.74
N TYR A 984 35.39 -4.14 -13.25
CA TYR A 984 35.81 -3.93 -11.86
C TYR A 984 34.72 -4.36 -10.88
N LEU A 985 33.47 -3.99 -11.16
CA LEU A 985 32.38 -4.37 -10.27
C LEU A 985 32.06 -5.86 -10.41
N PHE A 986 32.13 -6.38 -11.64
CA PHE A 986 31.86 -7.80 -11.91
C PHE A 986 33.20 -8.53 -12.00
N TYR A 987 33.80 -8.78 -10.84
CA TYR A 987 35.03 -9.55 -10.81
C TYR A 987 34.72 -11.04 -10.88
N ASP A 988 33.94 -11.54 -9.92
CA ASP A 988 33.59 -12.95 -9.90
C ASP A 988 32.51 -13.23 -10.95
N SER A 989 32.61 -14.41 -11.56
CA SER A 989 31.61 -14.82 -12.53
C SER A 989 30.31 -15.26 -11.87
N ALA A 990 30.33 -15.52 -10.56
CA ALA A 990 29.12 -15.91 -9.86
C ALA A 990 28.16 -14.74 -9.72
N LEU A 991 28.69 -13.55 -9.45
CA LEU A 991 27.82 -12.39 -9.30
C LEU A 991 27.33 -11.88 -10.65
N LYS A 992 28.14 -12.04 -11.71
CA LYS A 992 27.67 -11.69 -13.05
C LYS A 992 26.57 -12.65 -13.51
N ALA A 993 26.64 -13.91 -13.09
CA ALA A 993 25.58 -14.86 -13.38
C ALA A 993 24.30 -14.56 -12.63
N ARG A 994 24.38 -13.80 -11.54
CA ARG A 994 23.17 -13.37 -10.84
C ARG A 994 22.45 -12.28 -11.63
N VAL A 995 23.20 -11.28 -12.09
CA VAL A 995 22.58 -10.10 -12.69
C VAL A 995 22.13 -10.39 -14.12
N MET A 996 22.87 -11.22 -14.85
CA MET A 996 22.39 -11.70 -16.14
C MET A 996 21.14 -12.55 -15.99
N LYS A 997 21.02 -13.28 -14.87
CA LYS A 997 19.77 -13.98 -14.58
C LYS A 997 18.68 -12.99 -14.19
N GLY A 998 19.05 -11.84 -13.62
CA GLY A 998 18.06 -10.90 -13.17
C GLY A 998 17.41 -10.14 -14.30
N ARG A 999 18.20 -9.62 -15.24
CA ARG A 999 17.64 -8.87 -16.35
C ARG A 999 16.98 -9.77 -17.39
N TYR A 1000 17.39 -11.04 -17.47
CA TYR A 1000 16.73 -11.95 -18.39
C TYR A 1000 15.34 -12.33 -17.88
N ASN A 1001 15.21 -12.49 -16.57
CA ASN A 1001 13.91 -12.86 -16.01
C ASN A 1001 12.96 -11.67 -15.94
N TRP A 1002 13.49 -10.47 -15.70
CA TRP A 1002 12.62 -9.31 -15.61
C TRP A 1002 12.09 -8.88 -16.97
N GLU A 1003 12.94 -8.86 -17.99
CA GLU A 1003 12.49 -8.52 -19.32
C GLU A 1003 11.65 -9.63 -19.95
N ARG A 1004 11.74 -10.84 -19.42
CA ARG A 1004 10.75 -11.86 -19.75
C ARG A 1004 9.42 -11.57 -19.05
N LEU A 1005 9.47 -11.15 -17.79
CA LEU A 1005 8.28 -10.84 -17.02
C LEU A 1005 7.82 -9.40 -17.19
N SER A 1006 8.52 -8.59 -18.00
CA SER A 1006 7.99 -7.27 -18.30
C SER A 1006 6.85 -7.37 -19.30
N SER A 1007 6.96 -8.28 -20.27
CA SER A 1007 5.96 -8.44 -21.32
C SER A 1007 4.98 -9.58 -21.04
N SER A 1008 5.41 -10.64 -20.37
CA SER A 1008 4.52 -11.76 -20.08
C SER A 1008 3.50 -11.38 -19.00
N LEU A 1009 3.98 -10.76 -17.91
CA LEU A 1009 3.07 -10.27 -16.88
C LEU A 1009 2.32 -9.03 -17.37
N SER A 1010 2.88 -8.32 -18.36
CA SER A 1010 2.17 -7.35 -19.21
C SER A 1010 1.64 -6.17 -18.40
N LEU A 1011 2.56 -5.44 -17.77
CA LEU A 1011 2.16 -4.23 -17.06
C LEU A 1011 3.02 -3.03 -17.44
N ASN A 1012 4.28 -3.25 -17.79
CA ASN A 1012 5.17 -2.16 -18.18
C ASN A 1012 6.02 -2.59 -19.38
N VAL A 1013 6.75 -1.62 -19.92
CA VAL A 1013 7.72 -1.87 -20.99
C VAL A 1013 8.86 -0.87 -20.85
N GLY A 1014 10.09 -1.39 -20.80
CA GLY A 1014 11.28 -0.56 -20.69
C GLY A 1014 11.40 0.24 -19.42
N SER A 1015 10.72 -0.17 -18.35
CA SER A 1015 10.70 0.60 -17.12
C SER A 1015 12.02 0.49 -16.37
N ARG A 1016 12.37 1.55 -15.65
CA ARG A 1016 13.63 1.61 -14.93
C ARG A 1016 13.52 0.79 -13.65
N VAL A 1017 14.33 -0.27 -13.56
CA VAL A 1017 14.43 -1.11 -12.39
C VAL A 1017 15.89 -1.13 -11.97
N PRO A 1018 16.22 -0.87 -10.70
CA PRO A 1018 17.63 -0.65 -10.32
C PRO A 1018 18.49 -1.90 -10.36
N SER A 1019 18.97 -2.27 -11.54
CA SER A 1019 19.92 -3.35 -11.70
C SER A 1019 21.34 -2.84 -11.46
N LEU A 1020 22.29 -3.78 -11.40
CA LEU A 1020 23.69 -3.40 -11.20
C LEU A 1020 24.36 -2.87 -12.46
N PHE A 1021 23.70 -2.91 -13.61
CA PHE A 1021 24.22 -2.22 -14.78
C PHE A 1021 23.86 -0.74 -14.80
N ASP A 1022 23.00 -0.30 -13.88
CA ASP A 1022 22.79 1.12 -13.68
C ASP A 1022 23.94 1.75 -12.89
N VAL A 1023 24.72 0.94 -12.20
CA VAL A 1023 25.75 1.43 -11.27
C VAL A 1023 26.99 1.94 -12.02
N PRO A 1024 27.50 1.33 -13.11
CA PRO A 1024 28.46 2.08 -13.94
C PRO A 1024 27.84 3.28 -14.63
N GLY A 1025 26.54 3.23 -14.94
CA GLY A 1025 25.87 4.43 -15.40
C GLY A 1025 25.68 5.46 -14.31
N LYS A 1026 25.60 5.00 -13.05
CA LYS A 1026 25.49 5.92 -11.93
C LYS A 1026 26.84 6.52 -11.57
N TRP A 1027 27.91 5.72 -11.66
CA TRP A 1027 29.23 6.18 -11.25
C TRP A 1027 29.85 7.13 -12.26
N VAL A 1028 29.80 6.77 -13.55
CA VAL A 1028 30.45 7.56 -14.59
C VAL A 1028 29.72 8.89 -14.79
N ALA A 1029 28.40 8.89 -14.66
CA ALA A 1029 27.65 10.14 -14.70
C ALA A 1029 27.84 10.96 -13.43
N ALA A 1030 28.33 10.36 -12.35
CA ALA A 1030 28.71 11.11 -11.16
C ALA A 1030 30.13 11.65 -11.25
N GLY A 1031 30.78 11.51 -12.40
CA GLY A 1031 32.09 12.10 -12.61
C GLY A 1031 32.03 13.30 -13.53
N ARG A 1032 31.12 13.26 -14.51
CA ARG A 1032 30.94 14.37 -15.43
C ARG A 1032 30.02 15.45 -14.90
N ASP A 1033 29.41 15.25 -13.73
CA ASP A 1033 28.58 16.29 -13.15
C ASP A 1033 29.42 17.43 -12.60
N ALA A 1034 30.62 17.14 -12.09
CA ALA A 1034 31.52 18.17 -11.62
C ALA A 1034 32.31 18.81 -12.76
N GLU A 1035 32.32 18.19 -13.94
CA GLU A 1035 33.01 18.76 -15.08
C GLU A 1035 32.22 19.95 -15.62
N LYS A 1036 32.94 20.98 -16.06
CA LYS A 1036 32.30 22.16 -16.61
C LYS A 1036 31.62 21.82 -17.94
N PRO A 1037 30.34 22.11 -18.10
CA PRO A 1037 29.64 21.74 -19.33
C PRO A 1037 30.00 22.68 -20.46
N PRO A 1038 29.93 22.23 -21.70
CA PRO A 1038 30.20 23.12 -22.84
C PRO A 1038 29.03 24.07 -23.05
N PRO A 1039 29.24 25.16 -23.79
CA PRO A 1039 28.12 26.07 -24.10
C PRO A 1039 27.02 25.45 -24.95
N SER A 1040 27.31 24.35 -25.67
CA SER A 1040 26.25 23.63 -26.37
C SER A 1040 25.31 22.94 -25.40
N SER A 1041 25.84 22.47 -24.26
CA SER A 1041 25.00 21.78 -23.28
C SER A 1041 24.21 22.75 -22.43
N VAL A 1042 24.76 23.93 -22.14
CA VAL A 1042 24.07 24.90 -21.30
C VAL A 1042 22.88 25.49 -22.04
N GLU A 1043 23.10 25.88 -23.30
CA GLU A 1043 22.02 26.45 -24.12
C GLU A 1043 20.93 25.41 -24.39
N ASP A 1044 21.31 24.14 -24.55
CA ASP A 1044 20.31 23.09 -24.69
C ASP A 1044 19.54 22.90 -23.39
N MET A 1045 20.23 23.03 -22.26
CA MET A 1045 19.55 23.06 -20.97
C MET A 1045 18.73 24.33 -20.82
N PHE A 1046 19.21 25.44 -21.38
CA PHE A 1046 18.51 26.72 -21.24
C PHE A 1046 17.25 26.75 -22.08
N THR A 1047 17.33 26.27 -23.32
CA THR A 1047 16.18 26.30 -24.21
C THR A 1047 15.10 25.33 -23.74
N SER A 1048 15.51 24.23 -23.11
CA SER A 1048 14.55 23.28 -22.54
C SER A 1048 13.80 23.86 -21.35
N LEU A 1049 14.34 24.89 -20.70
CA LEU A 1049 13.60 25.56 -19.63
C LEU A 1049 12.44 26.37 -20.19
N ASN A 1050 12.70 27.18 -21.22
CA ASN A 1050 11.67 28.06 -21.75
C ASN A 1050 10.61 27.27 -22.51
N ARG A 1051 11.00 26.14 -23.12
CA ARG A 1051 10.02 25.24 -23.71
C ARG A 1051 9.17 24.55 -22.64
N CYS A 1052 9.76 24.28 -21.47
CA CYS A 1052 9.00 23.63 -20.40
C CYS A 1052 8.04 24.59 -19.72
N ILE A 1053 8.39 25.87 -19.64
CA ILE A 1053 7.53 26.84 -18.98
C ILE A 1053 6.35 27.18 -19.88
N ARG A 1054 6.61 27.45 -21.15
CA ARG A 1054 5.59 27.93 -22.08
C ARG A 1054 4.80 26.80 -22.74
N ARG A 1055 4.98 25.55 -22.31
CA ARG A 1055 4.20 24.54 -22.99
C ARG A 1055 2.78 24.49 -22.45
N PRO A 1056 1.79 24.14 -23.29
CA PRO A 1056 0.40 24.18 -22.86
C PRO A 1056 -0.06 22.95 -22.08
N THR A 1057 0.86 22.16 -21.53
CA THR A 1057 0.48 21.05 -20.66
C THR A 1057 0.01 21.64 -19.34
N HIS A 1058 -1.30 21.81 -19.21
CA HIS A 1058 -1.90 22.39 -18.01
C HIS A 1058 -2.54 21.33 -17.15
N SER A 1059 -1.89 20.18 -17.02
CA SER A 1059 -2.32 19.11 -16.13
C SER A 1059 -1.18 18.79 -15.16
N PHE A 1060 -1.56 18.34 -13.96
CA PHE A 1060 -0.54 17.89 -13.02
C PHE A 1060 -0.08 16.49 -13.36
N SER A 1061 0.78 15.92 -12.51
CA SER A 1061 1.14 14.53 -12.67
C SER A 1061 -0.04 13.64 -12.30
N ARG A 1062 0.01 12.40 -12.76
CA ARG A 1062 -1.10 11.49 -12.56
C ARG A 1062 -1.20 10.92 -11.15
N LEU A 1063 -0.40 11.43 -10.20
CA LEU A 1063 -0.60 11.16 -8.79
C LEU A 1063 -1.31 12.30 -8.09
N LEU A 1064 -0.89 13.54 -8.35
CA LEU A 1064 -1.57 14.69 -7.77
C LEU A 1064 -2.97 14.86 -8.33
N GLU A 1065 -3.17 14.45 -9.59
CA GLU A 1065 -4.52 14.38 -10.14
C GLU A 1065 -5.35 13.30 -9.44
N LEU A 1066 -4.70 12.29 -8.86
CA LEU A 1066 -5.41 11.31 -8.06
C LEU A 1066 -5.42 11.65 -6.58
N TYR A 1067 -4.48 12.48 -6.11
CA TYR A 1067 -4.51 12.89 -4.71
C TYR A 1067 -5.67 13.83 -4.43
N LEU A 1068 -6.04 14.67 -5.40
CA LEU A 1068 -7.05 15.69 -5.19
C LEU A 1068 -8.47 15.13 -5.13
N ARG A 1069 -8.67 13.85 -5.40
CA ARG A 1069 -9.94 13.23 -5.09
C ARG A 1069 -10.14 13.17 -3.58
N VAL A 1070 -9.07 12.90 -2.85
CA VAL A 1070 -9.15 12.77 -1.40
C VAL A 1070 -9.31 14.16 -0.78
N HIS A 1071 -10.38 14.36 -0.04
CA HIS A 1071 -10.61 15.59 0.69
C HIS A 1071 -10.41 15.30 2.17
N VAL A 1072 -9.40 15.91 2.78
CA VAL A 1072 -9.20 15.74 4.21
C VAL A 1072 -9.64 17.01 4.91
N ALA A 1073 -10.06 16.86 6.17
CA ALA A 1073 -10.53 17.96 6.97
C ALA A 1073 -10.04 17.76 8.40
N LEU A 1074 -9.93 18.87 9.12
CA LEU A 1074 -9.22 18.93 10.40
C LEU A 1074 -10.19 19.32 11.49
N GLY A 1075 -10.35 18.45 12.47
CA GLY A 1075 -11.24 18.71 13.59
C GLY A 1075 -10.57 19.55 14.65
N GLU A 1076 -10.66 19.12 15.90
CA GLU A 1076 -10.00 19.85 16.97
C GLU A 1076 -8.52 19.51 17.00
N SER A 1077 -7.77 20.27 17.79
CA SER A 1077 -6.36 19.99 17.96
C SER A 1077 -6.17 18.72 18.79
N ILE A 1078 -5.12 17.97 18.46
CA ILE A 1078 -4.81 16.73 19.16
C ILE A 1078 -4.34 17.09 20.56
N PRO A 1079 -4.63 16.28 21.57
CA PRO A 1079 -4.16 16.56 22.92
C PRO A 1079 -2.65 16.47 23.03
N LEU A 1080 -2.13 17.11 24.07
CA LEU A 1080 -0.76 17.59 24.09
C LEU A 1080 0.25 16.48 24.33
N ALA A 1081 1.43 16.65 23.75
CA ALA A 1081 2.57 15.77 23.97
C ALA A 1081 3.41 16.24 25.15
N ILE A 1082 3.66 17.54 25.26
CA ILE A 1082 4.45 18.09 26.36
C ILE A 1082 3.69 19.25 27.00
N ASP A 1083 4.22 19.73 28.10
CA ASP A 1083 3.72 20.95 28.73
C ASP A 1083 4.36 22.14 28.04
N PRO A 1084 3.59 23.04 27.42
CA PRO A 1084 4.21 24.16 26.69
C PRO A 1084 4.86 25.21 27.57
N ASP A 1085 4.82 25.09 28.90
CA ASP A 1085 5.71 25.88 29.74
C ASP A 1085 7.15 25.41 29.63
N VAL A 1086 7.37 24.15 29.26
CA VAL A 1086 8.71 23.62 29.07
C VAL A 1086 9.20 24.01 27.68
N PRO A 1087 10.33 24.70 27.55
CA PRO A 1087 10.89 24.96 26.22
C PRO A 1087 11.53 23.70 25.65
N GLN A 1088 10.99 23.23 24.52
CA GLN A 1088 11.57 22.08 23.84
C GLN A 1088 12.78 22.49 23.02
N VAL A 1089 12.59 23.42 22.09
CA VAL A 1089 13.66 23.97 21.27
C VAL A 1089 13.67 25.48 21.52
N ALA A 1090 14.87 26.04 21.75
CA ALA A 1090 15.00 27.46 21.98
C ALA A 1090 14.62 28.25 20.75
N GLY A 1091 13.76 29.24 20.93
CA GLY A 1091 13.20 30.01 19.85
C GLY A 1091 11.76 29.67 19.56
N ALA A 1092 11.29 28.51 19.98
CA ALA A 1092 9.89 28.13 19.82
C ALA A 1092 9.04 28.64 20.99
N ASP A 1093 9.11 29.93 21.25
CA ASP A 1093 8.26 30.57 22.25
C ASP A 1093 6.87 30.74 21.68
N PRO A 1094 5.87 31.14 22.49
CA PRO A 1094 4.57 31.51 21.93
C PRO A 1094 4.58 32.70 20.96
N ALA A 1095 5.66 33.49 20.90
CA ALA A 1095 5.74 34.52 19.87
C ALA A 1095 5.98 33.89 18.49
N ASN A 1096 7.02 33.06 18.38
CA ASN A 1096 7.22 32.23 17.19
C ASN A 1096 6.23 31.08 17.28
N ASP A 1097 5.00 31.36 16.86
CA ASP A 1097 3.88 30.51 17.21
C ASP A 1097 3.89 29.19 16.47
N ASP A 1098 4.26 29.21 15.17
CA ASP A 1098 4.14 28.03 14.32
C ASP A 1098 5.07 26.91 14.79
N HIS A 1099 6.31 27.24 15.14
CA HIS A 1099 7.19 26.23 15.68
C HIS A 1099 6.82 25.86 17.10
N TRP A 1100 6.06 26.71 17.79
CA TRP A 1100 5.71 26.41 19.18
C TRP A 1100 4.67 25.32 19.29
N PHE A 1101 3.70 25.28 18.37
CA PHE A 1101 2.66 24.27 18.49
C PHE A 1101 3.17 22.91 18.05
N LYS A 1102 4.02 22.88 17.03
CA LYS A 1102 4.46 21.62 16.45
C LYS A 1102 5.35 20.84 17.43
N TYR A 1103 6.26 21.53 18.12
CA TYR A 1103 7.03 20.87 19.15
C TYR A 1103 6.23 20.63 20.42
N THR A 1104 5.06 21.24 20.57
CA THR A 1104 4.20 20.97 21.71
C THR A 1104 3.19 19.87 21.41
N CYS A 1105 2.54 19.93 20.24
CA CYS A 1105 1.54 18.93 19.91
C CYS A 1105 2.19 17.59 19.61
N LEU A 1106 3.32 17.59 18.92
CA LEU A 1106 3.99 16.34 18.57
C LEU A 1106 5.10 15.97 19.53
N GLY A 1107 5.99 16.92 19.83
CA GLY A 1107 7.17 16.61 20.61
C GLY A 1107 8.39 16.40 19.72
N ASP A 1108 9.56 16.58 20.32
CA ASP A 1108 10.80 16.51 19.58
C ASP A 1108 11.58 15.23 19.81
N ILE A 1109 11.09 14.33 20.66
CA ILE A 1109 11.69 13.02 20.85
C ILE A 1109 10.98 12.05 19.92
N PRO A 1110 11.65 11.53 18.88
CA PRO A 1110 10.98 10.62 17.94
C PRO A 1110 10.66 9.29 18.59
N SER A 1111 9.37 9.03 18.79
CA SER A 1111 8.93 7.81 19.47
C SER A 1111 9.14 6.61 18.54
N ALA A 1112 10.03 5.71 18.95
CA ALA A 1112 10.19 4.43 18.29
C ALA A 1112 8.91 3.62 18.48
N THR A 1113 8.18 3.41 17.40
CA THR A 1113 6.89 2.72 17.40
C THR A 1113 7.02 1.47 16.56
N ARG A 1114 5.88 0.86 16.18
CA ARG A 1114 5.89 -0.20 15.19
C ARG A 1114 6.52 0.28 13.87
N ASN A 1115 6.28 1.53 13.50
CA ASN A 1115 6.86 2.08 12.28
C ASN A 1115 8.30 2.57 12.49
N TYR A 1116 8.52 3.38 13.52
CA TYR A 1116 9.74 4.14 13.82
C TYR A 1116 10.37 4.82 12.61
N PHE A 1117 9.52 5.35 11.72
CA PHE A 1117 9.84 6.06 10.45
C PHE A 1117 10.90 5.37 9.59
N GLY A 1118 11.00 4.05 9.68
CA GLY A 1118 11.86 3.31 8.79
C GLY A 1118 13.35 3.39 9.07
N GLU A 1119 13.79 2.88 10.22
CA GLU A 1119 15.22 2.62 10.38
C GLU A 1119 15.62 1.33 9.70
N SER A 1120 14.68 0.40 9.54
CA SER A 1120 14.85 -0.75 8.67
C SER A 1120 14.45 -0.38 7.25
N LEU A 1121 15.20 -0.90 6.28
CA LEU A 1121 14.94 -0.59 4.87
C LEU A 1121 14.85 -1.84 4.02
N PHE A 1122 14.62 -3.00 4.65
CA PHE A 1122 14.31 -4.30 4.04
C PHE A 1122 15.43 -4.91 3.21
N VAL A 1123 16.53 -4.20 2.98
CA VAL A 1123 17.73 -4.76 2.37
C VAL A 1123 18.89 -4.20 3.17
N GLY A 1124 19.50 -5.03 4.03
CA GLY A 1124 20.49 -4.56 4.97
C GLY A 1124 21.80 -4.12 4.35
N ARG A 1125 22.07 -4.52 3.10
CA ARG A 1125 23.31 -4.17 2.45
C ARG A 1125 23.10 -4.10 0.95
N VAL A 1126 23.61 -3.03 0.34
CA VAL A 1126 23.48 -2.80 -1.10
C VAL A 1126 24.83 -2.39 -1.66
N VAL A 1127 24.98 -2.59 -2.97
CA VAL A 1127 26.08 -1.98 -3.70
C VAL A 1127 25.86 -0.47 -3.72
N SER A 1128 26.88 0.28 -3.32
CA SER A 1128 26.75 1.71 -3.13
C SER A 1128 26.59 2.41 -4.47
N GLY A 1129 25.42 3.01 -4.68
CA GLY A 1129 25.07 3.60 -5.96
C GLY A 1129 23.61 3.33 -6.27
N LEU A 1130 23.07 2.26 -5.71
CA LEU A 1130 21.66 1.94 -5.80
C LEU A 1130 20.95 2.45 -4.57
N ASP A 1131 19.97 3.31 -4.75
CA ASP A 1131 19.21 3.85 -3.64
C ASP A 1131 18.22 2.80 -3.14
N VAL A 1132 18.26 2.53 -1.84
CA VAL A 1132 17.34 1.58 -1.23
C VAL A 1132 15.93 2.14 -1.20
N GLU A 1133 15.81 3.47 -1.22
CA GLU A 1133 14.54 4.14 -1.45
C GLU A 1133 13.92 3.71 -2.78
N ALA A 1134 14.74 3.53 -3.80
CA ALA A 1134 14.27 3.04 -5.08
C ALA A 1134 14.08 1.53 -5.12
N VAL A 1135 14.51 0.81 -4.09
CA VAL A 1135 14.34 -0.64 -4.06
C VAL A 1135 13.07 -1.04 -3.30
N ASP A 1136 12.82 -0.40 -2.16
CA ASP A 1136 11.58 -0.65 -1.43
C ASP A 1136 10.37 -0.14 -2.20
N ALA A 1137 10.54 0.91 -2.98
CA ALA A 1137 9.48 1.38 -3.87
C ALA A 1137 9.34 0.53 -5.11
N THR A 1138 10.18 -0.50 -5.28
CA THR A 1138 10.05 -1.45 -6.36
C THR A 1138 9.46 -2.78 -5.89
N LEU A 1139 9.90 -3.27 -4.73
CA LEU A 1139 9.38 -4.54 -4.23
C LEU A 1139 7.97 -4.41 -3.70
N LEU A 1140 7.70 -3.35 -2.93
CA LEU A 1140 6.38 -3.21 -2.33
C LEU A 1140 5.31 -2.84 -3.34
N ARG A 1141 5.67 -2.27 -4.49
CA ARG A 1141 4.70 -2.13 -5.57
C ARG A 1141 4.27 -3.49 -6.08
N LEU A 1142 5.23 -4.38 -6.33
CA LEU A 1142 4.94 -5.70 -6.84
C LEU A 1142 4.20 -6.57 -5.83
N LYS A 1143 4.33 -6.25 -4.54
CA LYS A 1143 3.52 -6.93 -3.54
C LYS A 1143 2.07 -6.47 -3.60
N ILE A 1144 1.85 -5.19 -3.89
CA ILE A 1144 0.49 -4.68 -4.04
C ILE A 1144 -0.12 -5.19 -5.34
N LEU A 1145 0.66 -5.19 -6.42
CA LEU A 1145 0.17 -5.57 -7.73
C LEU A 1145 -0.13 -7.05 -7.88
N GLY A 1146 0.24 -7.87 -6.90
CA GLY A 1146 -0.02 -9.30 -7.00
C GLY A 1146 0.91 -9.98 -7.99
N ALA A 1147 2.17 -9.57 -8.02
CA ALA A 1147 3.13 -10.16 -8.93
C ALA A 1147 3.46 -11.59 -8.51
N PRO A 1148 3.87 -12.44 -9.46
CA PRO A 1148 4.41 -13.74 -9.08
C PRO A 1148 5.74 -13.58 -8.36
N PRO A 1149 6.15 -14.57 -7.57
CA PRO A 1149 7.40 -14.44 -6.81
C PRO A 1149 8.65 -14.38 -7.67
N GLU A 1150 8.57 -14.79 -8.95
CA GLU A 1150 9.69 -14.64 -9.86
C GLU A 1150 9.96 -13.19 -10.21
N ALA A 1151 8.94 -12.32 -10.11
CA ALA A 1151 9.16 -10.89 -10.37
C ALA A 1151 9.98 -10.24 -9.28
N PHE A 1152 9.82 -10.70 -8.03
CA PHE A 1152 10.64 -10.20 -6.94
C PHE A 1152 12.08 -10.66 -7.09
N ILE A 1153 12.27 -11.93 -7.46
CA ILE A 1153 13.59 -12.52 -7.61
C ILE A 1153 14.34 -11.89 -8.79
N ALA A 1154 13.62 -11.45 -9.82
CA ALA A 1154 14.26 -10.76 -10.92
C ALA A 1154 14.77 -9.38 -10.51
N VAL A 1155 14.10 -8.72 -9.56
CA VAL A 1155 14.60 -7.46 -9.04
C VAL A 1155 15.77 -7.70 -8.10
N LEU A 1156 15.67 -8.72 -7.25
CA LEU A 1156 16.71 -8.97 -6.25
C LEU A 1156 17.98 -9.54 -6.88
N ASN A 1157 17.86 -10.33 -7.94
CA ASN A 1157 19.06 -10.70 -8.69
C ASN A 1157 19.64 -9.53 -9.46
N GLY A 1158 18.84 -8.49 -9.71
CA GLY A 1158 19.35 -7.31 -10.38
C GLY A 1158 20.30 -6.51 -9.51
N ILE A 1159 20.03 -6.46 -8.21
CA ILE A 1159 20.92 -5.74 -7.29
C ILE A 1159 22.05 -6.61 -6.77
N GLY A 1160 22.10 -7.87 -7.17
CA GLY A 1160 23.21 -8.73 -6.82
C GLY A 1160 22.96 -9.74 -5.72
N MET A 1161 21.72 -9.86 -5.24
CA MET A 1161 21.42 -10.86 -4.21
C MET A 1161 21.52 -12.25 -4.82
N SER A 1162 21.90 -13.22 -4.00
CA SER A 1162 22.03 -14.59 -4.46
C SER A 1162 20.65 -15.20 -4.68
N ASP A 1163 20.63 -16.33 -5.38
CA ASP A 1163 19.39 -17.07 -5.57
C ASP A 1163 18.90 -17.65 -4.25
N SER A 1164 19.83 -18.00 -3.36
CA SER A 1164 19.47 -18.34 -1.99
C SER A 1164 18.97 -17.13 -1.22
N GLU A 1165 19.41 -15.94 -1.60
CA GLU A 1165 19.00 -14.71 -0.93
C GLU A 1165 17.77 -14.09 -1.54
N ALA A 1166 17.54 -14.29 -2.84
CA ALA A 1166 16.43 -13.62 -3.50
C ALA A 1166 15.09 -14.22 -3.10
N HIS A 1167 15.04 -15.55 -2.91
CA HIS A 1167 13.85 -16.16 -2.34
C HIS A 1167 13.64 -15.72 -0.90
N GLN A 1168 14.72 -15.60 -0.15
CA GLN A 1168 14.64 -15.42 1.29
C GLN A 1168 14.31 -13.97 1.67
N ILE A 1169 14.51 -13.03 0.74
CA ILE A 1169 14.02 -11.66 0.93
C ILE A 1169 12.56 -11.56 0.50
N ALA A 1170 12.20 -12.23 -0.61
CA ALA A 1170 10.89 -12.05 -1.21
C ALA A 1170 9.77 -12.63 -0.34
N GLY A 1171 10.02 -13.75 0.30
CA GLY A 1171 9.06 -14.25 1.27
C GLY A 1171 9.06 -13.41 2.54
N ARG A 1172 10.20 -12.78 2.85
CA ARG A 1172 10.31 -11.99 4.06
C ARG A 1172 9.55 -10.69 3.95
N ILE A 1173 9.55 -10.08 2.78
CA ILE A 1173 8.81 -8.84 2.59
C ILE A 1173 7.33 -9.15 2.45
N SER A 1174 6.51 -8.34 3.10
CA SER A 1174 5.07 -8.49 3.04
C SER A 1174 4.44 -7.11 3.18
N LEU A 1175 3.14 -7.05 2.88
CA LEU A 1175 2.44 -5.78 2.90
C LEU A 1175 1.95 -5.44 4.30
N ALA A 1176 1.77 -6.43 5.17
CA ALA A 1176 1.36 -6.21 6.54
C ALA A 1176 2.53 -6.02 7.48
N ASN A 1177 3.62 -6.75 7.26
CA ASN A 1177 4.79 -6.64 8.11
C ASN A 1177 5.56 -5.35 7.84
N ALA A 1178 5.30 -4.71 6.70
CA ALA A 1178 5.99 -3.48 6.37
C ALA A 1178 5.45 -2.33 7.22
N GLN A 1179 6.14 -1.21 7.13
CA GLN A 1179 5.91 -0.06 7.99
C GLN A 1179 5.17 1.02 7.21
N LEU A 1180 4.41 1.82 7.95
CA LEU A 1180 3.41 2.69 7.34
C LEU A 1180 4.04 3.84 6.57
N VAL A 1181 5.25 4.24 6.95
CA VAL A 1181 6.01 5.18 6.13
C VAL A 1181 6.52 4.50 4.87
N GLN A 1182 6.96 3.24 5.01
CA GLN A 1182 7.57 2.53 3.90
C GLN A 1182 6.56 2.15 2.82
N ILE A 1183 5.29 1.99 3.21
CA ILE A 1183 4.24 1.75 2.23
C ILE A 1183 4.01 3.00 1.39
N ALA A 1184 4.03 4.17 2.03
CA ALA A 1184 3.76 5.42 1.32
C ALA A 1184 4.90 5.83 0.39
N ARG A 1185 6.08 5.21 0.50
CA ARG A 1185 7.19 5.59 -0.35
C ARG A 1185 7.08 5.00 -1.75
N VAL A 1186 6.15 4.07 -1.99
CA VAL A 1186 5.97 3.53 -3.33
C VAL A 1186 5.16 4.44 -4.22
N VAL A 1187 4.51 5.45 -3.64
CA VAL A 1187 3.73 6.43 -4.37
C VAL A 1187 4.41 7.80 -4.28
N HIS A 1188 5.70 7.78 -3.91
CA HIS A 1188 6.58 8.94 -3.81
C HIS A 1188 6.09 9.96 -2.78
N LEU A 1189 5.41 9.46 -1.76
CA LEU A 1189 5.12 10.25 -0.57
C LEU A 1189 6.16 9.91 0.50
N SER A 1190 6.71 10.93 1.13
CA SER A 1190 7.78 10.70 2.08
C SER A 1190 7.73 11.75 3.17
N ILE A 1191 8.38 11.45 4.29
CA ILE A 1191 8.49 12.41 5.37
C ILE A 1191 9.53 13.46 4.98
N PRO A 1192 9.21 14.75 5.04
CA PRO A 1192 10.19 15.78 4.69
C PRO A 1192 11.27 15.91 5.74
N SER A 1193 12.31 16.66 5.37
CA SER A 1193 13.39 16.94 6.31
C SER A 1193 12.93 17.85 7.43
N SER A 1194 11.92 18.67 7.18
CA SER A 1194 11.40 19.58 8.19
C SER A 1194 10.58 18.88 9.25
N TRP A 1195 10.17 17.63 9.03
CA TRP A 1195 9.43 16.88 10.03
C TRP A 1195 10.33 15.97 10.85
N MET A 1196 11.61 15.90 10.50
CA MET A 1196 12.49 14.89 11.11
C MET A 1196 12.77 15.19 12.57
N THR A 1197 12.76 16.46 12.96
CA THR A 1197 12.99 16.83 14.35
C THR A 1197 11.74 16.71 15.20
N LEU A 1198 10.64 16.22 14.65
CA LEU A 1198 9.37 16.10 15.35
C LEU A 1198 9.05 14.64 15.61
N ASN A 1199 8.04 14.43 16.45
CA ASN A 1199 7.55 13.08 16.74
C ASN A 1199 6.31 12.84 15.89
N THR A 1200 6.54 12.58 14.60
CA THR A 1200 5.44 12.28 13.70
C THR A 1200 4.95 10.85 13.80
N GLY A 1201 5.59 10.02 14.62
CA GLY A 1201 5.25 8.62 14.75
C GLY A 1201 3.82 8.33 15.18
N PRO A 1202 3.46 8.71 16.41
CA PRO A 1202 2.08 8.49 16.86
C PRO A 1202 1.05 9.33 16.15
N TYR A 1203 1.43 10.46 15.54
CA TYR A 1203 0.42 11.29 14.90
C TYR A 1203 -0.04 10.69 13.58
N ILE A 1204 0.89 10.14 12.80
CA ILE A 1204 0.49 9.45 11.58
C ILE A 1204 -0.21 8.14 11.94
N HIS A 1205 0.14 7.55 13.08
CA HIS A 1205 -0.43 6.27 13.48
C HIS A 1205 -1.90 6.39 13.83
N HIS A 1206 -2.22 7.17 14.86
CA HIS A 1206 -3.55 7.12 15.45
C HIS A 1206 -4.09 8.52 15.72
N HIS A 1207 -3.84 9.45 14.82
CA HIS A 1207 -4.64 10.67 14.81
C HIS A 1207 -5.08 11.00 13.39
N ALA A 1208 -4.31 10.57 12.41
CA ALA A 1208 -4.69 10.70 11.02
C ALA A 1208 -5.62 9.55 10.65
N TYR A 1209 -6.75 9.87 10.04
CA TYR A 1209 -7.80 8.89 9.76
C TYR A 1209 -7.84 8.55 8.28
N ASP A 1210 -7.79 7.26 8.00
CA ASP A 1210 -8.26 6.79 6.69
C ASP A 1210 -9.78 6.75 6.63
N PHE A 1211 -10.41 6.51 7.78
CA PHE A 1211 -11.85 6.31 7.82
C PHE A 1211 -12.32 6.64 9.24
N LYS A 1212 -12.86 7.84 9.42
CA LYS A 1212 -13.51 8.19 10.68
C LYS A 1212 -14.99 7.93 10.52
N PRO A 1213 -15.55 6.91 11.18
CA PRO A 1213 -16.79 6.28 10.70
C PRO A 1213 -18.05 7.13 10.82
N GLY A 1214 -18.07 8.14 11.68
CA GLY A 1214 -19.26 8.95 11.81
C GLY A 1214 -19.23 10.20 10.94
N ILE A 1215 -18.03 10.65 10.61
CA ILE A 1215 -17.84 11.93 9.91
C ILE A 1215 -17.73 11.74 8.40
N THR A 1216 -16.96 10.74 7.96
CA THR A 1216 -16.66 10.62 6.55
C THR A 1216 -17.86 10.06 5.78
N GLN A 1217 -17.77 10.12 4.46
CA GLN A 1217 -18.76 9.44 3.67
C GLN A 1217 -18.28 8.03 3.33
N PRO A 1218 -19.19 7.07 3.19
CA PRO A 1218 -18.77 5.68 2.97
C PRO A 1218 -18.28 5.38 1.56
N SER A 1219 -18.21 6.37 0.67
CA SER A 1219 -17.54 6.18 -0.60
C SER A 1219 -16.03 6.02 -0.42
N ALA A 1220 -15.48 6.53 0.67
CA ALA A 1220 -14.06 6.43 0.96
C ALA A 1220 -13.70 5.19 1.77
N LYS A 1221 -14.55 4.17 1.78
CA LYS A 1221 -14.22 2.92 2.45
C LYS A 1221 -13.19 2.16 1.62
N SER A 1222 -11.96 2.09 2.12
CA SER A 1222 -10.92 1.33 1.45
C SER A 1222 -10.93 -0.11 1.96
N ARG A 1223 -12.01 -0.81 1.59
CA ARG A 1223 -12.16 -2.21 1.96
C ARG A 1223 -11.18 -3.07 1.18
N ASP A 1224 -10.52 -4.01 1.88
CA ASP A 1224 -9.50 -4.93 1.37
C ASP A 1224 -8.26 -4.27 0.80
N LYS A 1225 -8.16 -2.95 0.90
CA LYS A 1225 -7.01 -2.21 0.43
C LYS A 1225 -6.43 -1.33 1.52
N SER A 1226 -7.04 -1.32 2.71
CA SER A 1226 -6.59 -0.48 3.81
C SER A 1226 -5.28 -0.94 4.43
N ILE A 1227 -4.74 -2.09 4.00
CA ILE A 1227 -3.39 -2.45 4.38
C ILE A 1227 -2.37 -1.53 3.71
N TRP A 1228 -2.68 -1.02 2.52
CA TRP A 1228 -1.75 -0.16 1.80
C TRP A 1228 -2.34 1.16 1.33
N MET A 1229 -3.67 1.30 1.29
CA MET A 1229 -4.24 2.60 0.96
C MET A 1229 -4.27 3.51 2.18
N SER A 1230 -4.50 2.95 3.36
CA SER A 1230 -4.45 3.75 4.58
C SER A 1230 -3.09 4.37 4.91
N PRO A 1231 -1.93 3.76 4.63
CA PRO A 1231 -0.69 4.55 4.73
C PRO A 1231 -0.61 5.70 3.74
N ILE A 1232 -1.32 5.63 2.62
CA ILE A 1232 -1.36 6.78 1.73
C ILE A 1232 -2.35 7.81 2.25
N LEU A 1233 -3.49 7.35 2.78
CA LEU A 1233 -4.53 8.27 3.23
C LEU A 1233 -4.16 8.93 4.56
N LYS A 1234 -3.51 8.21 5.46
CA LYS A 1234 -3.08 8.83 6.71
C LYS A 1234 -1.96 9.83 6.48
N LEU A 1235 -1.10 9.58 5.49
CA LEU A 1235 0.01 10.48 5.30
C LEU A 1235 -0.39 11.70 4.48
N LEU A 1236 -1.44 11.60 3.66
CA LEU A 1236 -2.00 12.79 3.05
C LEU A 1236 -2.77 13.62 4.06
N CYS A 1237 -3.30 12.99 5.10
CA CYS A 1237 -3.90 13.74 6.21
C CYS A 1237 -2.85 14.57 6.93
N THR A 1238 -1.71 13.97 7.23
CA THR A 1238 -0.62 14.71 7.86
C THR A 1238 0.08 15.63 6.89
N SER A 1239 -0.10 15.42 5.59
CA SER A 1239 0.48 16.32 4.60
C SER A 1239 -0.19 17.69 4.63
N TYR A 1240 -1.44 17.74 5.08
CA TYR A 1240 -2.18 18.99 5.18
C TYR A 1240 -2.26 19.51 6.61
N ALA A 1241 -2.15 18.63 7.60
CA ALA A 1241 -2.15 19.06 8.99
C ALA A 1241 -0.92 19.89 9.32
N MET A 1242 0.22 19.51 8.76
CA MET A 1242 1.47 20.20 9.03
C MET A 1242 1.63 21.43 8.15
N THR A 1243 0.73 21.63 7.19
CA THR A 1243 0.74 22.80 6.33
C THR A 1243 -0.07 23.94 6.92
N VAL A 1244 -1.20 23.63 7.56
CA VAL A 1244 -1.97 24.64 8.26
C VAL A 1244 -1.20 25.10 9.49
N ALA A 1245 -1.14 26.41 9.71
CA ALA A 1245 -0.49 26.96 10.88
C ALA A 1245 -1.33 26.68 12.13
N GLY A 1246 -0.87 27.18 13.26
CA GLY A 1246 -1.58 26.95 14.49
C GLY A 1246 -1.34 25.55 15.00
N PRO A 1247 -2.12 25.12 15.98
CA PRO A 1247 -1.92 23.80 16.57
C PRO A 1247 -2.30 22.69 15.61
N VAL A 1248 -1.70 21.53 15.85
CA VAL A 1248 -1.86 20.38 14.97
C VAL A 1248 -3.21 19.76 15.26
N ARG A 1249 -4.08 19.73 14.25
CA ARG A 1249 -5.43 19.27 14.42
C ARG A 1249 -5.58 17.81 14.03
N THR A 1250 -6.59 17.16 14.61
CA THR A 1250 -6.93 15.80 14.25
C THR A 1250 -7.44 15.79 12.82
N SER A 1251 -6.75 15.07 11.94
CA SER A 1251 -7.04 15.10 10.52
C SER A 1251 -7.91 13.92 10.12
N ILE A 1252 -8.93 14.19 9.31
CA ILE A 1252 -9.95 13.22 8.95
C ILE A 1252 -10.16 13.29 7.45
N VAL A 1253 -10.01 12.15 6.77
CA VAL A 1253 -10.47 12.05 5.39
C VAL A 1253 -11.98 12.21 5.36
N THR A 1254 -12.46 13.22 4.63
CA THR A 1254 -13.90 13.43 4.54
C THR A 1254 -14.51 12.56 3.46
N GLU A 1255 -14.02 12.67 2.23
CA GLU A 1255 -14.58 11.91 1.12
C GLU A 1255 -13.57 11.83 -0.01
N ILE A 1256 -13.79 10.86 -0.89
CA ILE A 1256 -13.09 10.75 -2.16
C ILE A 1256 -14.11 11.03 -3.25
N ASP A 1257 -13.69 11.74 -4.30
CA ASP A 1257 -14.61 12.12 -5.37
C ASP A 1257 -15.10 10.91 -6.15
N GLY A 1258 -14.19 9.99 -6.47
CA GLY A 1258 -14.57 8.67 -6.89
C GLY A 1258 -14.77 7.77 -5.69
N SER A 1259 -14.85 6.48 -5.95
CA SER A 1259 -14.82 5.56 -4.82
C SER A 1259 -13.39 5.43 -4.31
N ALA A 1260 -13.26 4.91 -3.09
CA ALA A 1260 -11.94 4.48 -2.64
C ALA A 1260 -11.47 3.28 -3.43
N ALA A 1261 -12.40 2.44 -3.87
CA ALA A 1261 -12.07 1.37 -4.81
C ALA A 1261 -11.66 1.94 -6.16
N ALA A 1262 -12.22 3.09 -6.54
CA ALA A 1262 -11.79 3.73 -7.78
C ALA A 1262 -10.39 4.30 -7.66
N LEU A 1263 -10.00 4.72 -6.46
CA LEU A 1263 -8.64 5.21 -6.26
C LEU A 1263 -7.65 4.07 -6.08
N SER A 1264 -8.06 2.98 -5.45
CA SER A 1264 -7.20 1.80 -5.35
C SER A 1264 -7.01 1.14 -6.71
N GLY A 1265 -7.97 1.30 -7.61
CA GLY A 1265 -7.80 0.83 -8.97
C GLY A 1265 -6.87 1.74 -9.75
N ASN A 1266 -6.99 3.04 -9.54
CA ASN A 1266 -6.23 3.99 -10.36
C ASN A 1266 -4.77 4.09 -9.92
N LEU A 1267 -4.47 3.92 -8.64
CA LEU A 1267 -3.07 3.82 -8.24
C LEU A 1267 -2.48 2.50 -8.68
N ARG A 1268 -3.31 1.46 -8.78
CA ARG A 1268 -2.86 0.19 -9.34
C ARG A 1268 -2.55 0.32 -10.82
N VAL A 1269 -3.26 1.19 -11.53
CA VAL A 1269 -2.89 1.51 -12.91
C VAL A 1269 -1.57 2.25 -12.94
N TRP A 1270 -1.35 3.15 -11.98
CA TRP A 1270 -0.10 3.90 -11.92
C TRP A 1270 1.07 3.01 -11.54
N MET A 1271 0.86 2.08 -10.62
CA MET A 1271 1.95 1.21 -10.20
C MET A 1271 2.31 0.17 -11.26
N ARG A 1272 1.40 -0.11 -12.20
CA ARG A 1272 1.78 -0.91 -13.35
C ARG A 1272 2.61 -0.10 -14.34
N ASP A 1273 2.36 1.20 -14.44
CA ASP A 1273 3.11 2.03 -15.38
C ASP A 1273 4.54 2.28 -14.90
N VAL A 1274 4.77 2.20 -13.59
CA VAL A 1274 6.09 2.40 -13.05
C VAL A 1274 6.74 1.04 -12.76
N MET B 1 68.45 -35.53 -16.54
CA MET B 1 67.89 -36.71 -15.91
C MET B 1 67.40 -36.39 -14.51
N ILE B 2 68.33 -36.00 -13.64
CA ILE B 2 67.99 -35.64 -12.28
C ILE B 2 67.34 -34.26 -12.28
N THR B 3 66.13 -34.18 -11.74
CA THR B 3 65.35 -32.95 -11.73
C THR B 3 65.54 -32.25 -10.40
N ILE B 4 65.96 -31.00 -10.42
CA ILE B 4 66.23 -30.26 -9.20
C ILE B 4 65.27 -29.08 -9.15
N VAL B 5 64.25 -29.18 -8.30
CA VAL B 5 63.30 -28.09 -8.12
C VAL B 5 63.98 -26.98 -7.34
N VAL B 6 63.90 -25.76 -7.87
CA VAL B 6 64.43 -24.57 -7.21
C VAL B 6 63.29 -23.60 -6.96
N ILE B 7 63.17 -23.15 -5.72
CA ILE B 7 62.27 -22.07 -5.35
C ILE B 7 63.12 -20.81 -5.18
N PRO B 8 62.76 -19.70 -5.82
CA PRO B 8 63.65 -18.53 -5.84
C PRO B 8 63.74 -17.84 -4.49
N THR B 9 64.91 -17.23 -4.25
CA THR B 9 65.22 -16.58 -2.99
C THR B 9 64.59 -15.19 -2.95
N ALA B 10 65.02 -14.39 -1.97
CA ALA B 10 64.32 -13.16 -1.62
C ALA B 10 64.45 -12.08 -2.69
N HIS B 11 65.59 -12.02 -3.38
CA HIS B 11 65.84 -10.98 -4.36
C HIS B 11 66.34 -11.59 -5.65
N PHE B 12 65.59 -12.58 -6.11
CA PHE B 12 65.94 -13.35 -7.29
C PHE B 12 65.85 -12.48 -8.54
N SER B 13 66.86 -12.59 -9.39
CA SER B 13 66.95 -11.76 -10.59
C SER B 13 66.19 -12.43 -11.71
N TRP B 14 64.94 -12.01 -11.92
CA TRP B 14 64.16 -12.41 -13.09
C TRP B 14 64.42 -11.51 -14.29
N THR B 15 65.53 -10.77 -14.27
CA THR B 15 65.80 -9.74 -15.28
C THR B 15 66.30 -10.39 -16.56
N ASP B 16 66.81 -9.56 -17.48
CA ASP B 16 67.40 -10.06 -18.73
C ASP B 16 68.75 -10.68 -18.40
N THR B 17 68.69 -11.89 -17.88
CA THR B 17 69.87 -12.59 -17.38
C THR B 17 69.56 -14.08 -17.41
N ASN B 18 70.57 -14.87 -17.11
CA ASN B 18 70.40 -16.31 -17.09
C ASN B 18 69.67 -16.72 -15.81
N PHE B 19 68.86 -17.77 -15.93
CA PHE B 19 68.25 -18.36 -14.74
C PHE B 19 69.29 -19.06 -13.89
N LEU B 20 70.34 -19.58 -14.53
CA LEU B 20 71.38 -20.32 -13.81
C LEU B 20 72.17 -19.40 -12.90
N ASN B 21 72.42 -18.17 -13.35
CA ASN B 21 73.19 -17.23 -12.55
C ASN B 21 72.43 -16.80 -11.31
N SER B 22 71.14 -16.50 -11.46
CA SER B 22 70.36 -15.92 -10.37
C SER B 22 70.09 -16.90 -9.25
N VAL B 23 70.28 -18.20 -9.47
CA VAL B 23 70.32 -19.15 -8.36
C VAL B 23 71.75 -19.39 -7.88
N ASP B 24 72.70 -19.59 -8.79
CA ASP B 24 74.09 -19.84 -8.41
C ASP B 24 74.97 -19.55 -9.62
N TYR B 25 75.71 -18.43 -9.62
CA TYR B 25 76.50 -18.10 -10.80
C TYR B 25 77.75 -18.96 -10.93
N ARG B 26 78.03 -19.82 -9.95
CA ARG B 26 79.12 -20.79 -10.07
C ARG B 26 78.88 -21.77 -11.20
N LEU B 27 77.61 -22.05 -11.52
CA LEU B 27 77.28 -23.00 -12.58
C LEU B 27 77.69 -22.49 -13.96
N THR B 28 77.75 -21.18 -14.14
CA THR B 28 78.12 -20.59 -15.42
C THR B 28 79.59 -20.20 -15.47
N SER B 29 80.41 -20.78 -14.61
CA SER B 29 81.83 -20.47 -14.60
C SER B 29 82.55 -21.14 -15.77
N GLN B 30 82.51 -22.43 -15.82
CA GLN B 30 83.16 -23.20 -16.84
C GLN B 30 82.15 -23.68 -17.88
N PRO B 31 82.57 -23.92 -19.12
CA PRO B 31 81.62 -24.43 -20.11
C PRO B 31 81.19 -25.86 -19.84
N LYS B 32 82.05 -26.70 -19.27
CA LYS B 32 81.67 -28.09 -19.04
C LYS B 32 80.75 -28.25 -17.84
N ILE B 33 80.65 -27.23 -16.98
CA ILE B 33 79.70 -27.27 -15.89
C ILE B 33 78.43 -26.50 -16.23
N ARG B 34 78.48 -25.57 -17.18
CA ARG B 34 77.27 -24.92 -17.67
C ARG B 34 76.42 -25.91 -18.46
N ASP B 35 77.06 -26.81 -19.19
CA ASP B 35 76.36 -27.74 -20.07
C ASP B 35 75.74 -28.90 -19.34
N ARG B 36 75.99 -29.05 -18.03
CA ARG B 36 75.38 -30.12 -17.27
C ARG B 36 74.05 -29.72 -16.63
N PHE B 37 73.43 -28.63 -17.10
CA PHE B 37 72.21 -28.15 -16.47
C PHE B 37 71.22 -27.72 -17.55
N ALA B 38 70.20 -28.52 -17.78
CA ALA B 38 69.07 -28.10 -18.60
C ALA B 38 68.13 -27.28 -17.74
N VAL B 39 67.74 -26.13 -18.23
CA VAL B 39 66.90 -25.20 -17.47
C VAL B 39 65.47 -25.32 -17.98
N TYR B 40 64.51 -25.21 -17.06
CA TYR B 40 63.10 -25.14 -17.43
C TYR B 40 62.43 -24.10 -16.54
N ALA B 41 62.40 -22.86 -17.02
CA ALA B 41 61.65 -21.79 -16.37
C ALA B 41 60.96 -20.98 -17.46
N PRO B 42 59.85 -21.48 -17.99
CA PRO B 42 59.24 -20.83 -19.14
C PRO B 42 58.51 -19.54 -18.76
N GLY B 43 58.28 -18.70 -19.77
CA GLY B 43 57.62 -17.44 -19.54
C GLY B 43 56.11 -17.53 -19.48
N TRP B 44 55.53 -18.50 -20.20
CA TRP B 44 54.08 -18.66 -20.18
C TRP B 44 53.60 -19.19 -18.84
N LEU B 45 54.39 -20.05 -18.19
CA LEU B 45 54.01 -20.58 -16.90
C LEU B 45 54.28 -19.60 -15.78
N ARG B 46 55.21 -18.67 -15.99
CA ARG B 46 55.45 -17.62 -15.01
C ARG B 46 54.29 -16.62 -15.00
N ARG B 47 53.77 -16.29 -16.18
CA ARG B 47 52.60 -15.42 -16.27
C ARG B 47 51.34 -16.11 -15.74
N GLN B 48 51.25 -17.44 -15.91
CA GLN B 48 50.04 -18.15 -15.54
C GLN B 48 49.90 -18.27 -14.03
N LEU B 49 51.02 -18.44 -13.32
CA LEU B 49 50.97 -18.57 -11.87
C LEU B 49 50.67 -17.26 -11.17
N ASP B 50 50.95 -16.12 -11.81
CA ASP B 50 50.73 -14.83 -11.18
C ASP B 50 49.25 -14.48 -11.09
N GLU B 51 48.42 -15.04 -11.96
CA GLU B 51 46.98 -14.81 -11.90
C GLU B 51 46.22 -15.94 -11.22
N PHE B 52 46.80 -17.14 -11.14
CA PHE B 52 46.17 -18.26 -10.46
C PHE B 52 46.62 -18.37 -9.00
N SER B 53 47.38 -17.40 -8.51
CA SER B 53 47.90 -17.48 -7.14
C SER B 53 46.84 -17.17 -6.11
N ALA B 54 46.10 -16.06 -6.30
CA ALA B 54 45.10 -15.66 -5.33
C ALA B 54 43.88 -16.56 -5.38
N SER B 55 43.58 -17.14 -6.54
CA SER B 55 42.38 -17.95 -6.68
C SER B 55 42.55 -19.32 -6.02
N LEU B 56 43.69 -19.96 -6.26
CA LEU B 56 43.92 -21.33 -5.81
C LEU B 56 44.81 -21.31 -4.57
N THR B 57 44.35 -21.93 -3.49
CA THR B 57 45.12 -21.93 -2.26
C THR B 57 46.34 -22.84 -2.38
N ALA B 58 47.32 -22.60 -1.52
CA ALA B 58 48.64 -23.19 -1.69
C ALA B 58 48.71 -24.65 -1.28
N SER B 59 47.72 -25.16 -0.55
CA SER B 59 47.73 -26.59 -0.23
C SER B 59 47.43 -27.43 -1.46
N GLU B 60 46.50 -26.96 -2.30
CA GLU B 60 46.14 -27.66 -3.52
C GLU B 60 46.78 -27.04 -4.75
N LEU B 61 47.53 -25.96 -4.59
CA LEU B 61 48.39 -25.50 -5.67
C LEU B 61 49.56 -26.44 -5.87
N LEU B 62 49.99 -27.11 -4.79
CA LEU B 62 50.92 -28.22 -4.92
C LEU B 62 50.25 -29.41 -5.61
N GLN B 63 48.98 -29.65 -5.30
CA GLN B 63 48.27 -30.79 -5.88
C GLN B 63 48.00 -30.61 -7.36
N ALA B 64 47.95 -29.37 -7.85
CA ALA B 64 47.85 -29.15 -9.28
C ALA B 64 49.17 -29.43 -9.98
N LEU B 65 50.23 -28.74 -9.56
CA LEU B 65 51.46 -28.71 -10.33
C LEU B 65 52.31 -29.96 -10.21
N GLN B 66 52.07 -30.81 -9.20
CA GLN B 66 52.80 -32.06 -9.15
C GLN B 66 52.31 -33.06 -10.18
N THR B 67 51.05 -32.94 -10.62
CA THR B 67 50.51 -33.88 -11.60
C THR B 67 51.08 -33.65 -12.99
N ILE B 68 51.70 -32.50 -13.26
CA ILE B 68 52.26 -32.22 -14.57
C ILE B 68 53.66 -32.84 -14.66
N PRO B 69 53.89 -33.73 -15.63
CA PRO B 69 55.23 -34.28 -15.85
C PRO B 69 56.13 -33.34 -16.64
N ILE B 70 57.26 -33.87 -17.14
CA ILE B 70 58.07 -33.27 -18.19
C ILE B 70 57.14 -32.77 -19.30
N PRO B 71 57.16 -31.47 -19.61
CA PRO B 71 56.00 -30.83 -20.22
C PRO B 71 55.79 -31.20 -21.68
N VAL B 72 54.61 -30.83 -22.17
CA VAL B 72 54.22 -31.07 -23.55
C VAL B 72 54.24 -29.77 -24.33
N LYS B 190 67.74 -35.44 -23.16
CA LYS B 190 67.96 -34.27 -22.33
C LYS B 190 69.39 -34.26 -21.79
N ARG B 191 69.70 -33.24 -21.01
CA ARG B 191 71.02 -33.09 -20.41
C ARG B 191 71.07 -33.85 -19.09
N GLU B 192 72.11 -33.58 -18.30
CA GLU B 192 72.33 -34.32 -17.06
C GLU B 192 71.34 -33.92 -15.98
N PHE B 193 71.32 -32.64 -15.62
CA PHE B 193 70.51 -32.14 -14.53
C PHE B 193 69.44 -31.20 -15.06
N CYS B 194 68.23 -31.30 -14.52
CA CYS B 194 67.09 -30.53 -14.99
C CYS B 194 66.64 -29.58 -13.89
N LEU B 195 67.20 -28.36 -13.90
CA LEU B 195 66.74 -27.32 -13.00
C LEU B 195 65.38 -26.81 -13.48
N THR B 196 64.34 -27.11 -12.73
CA THR B 196 62.99 -26.71 -13.11
C THR B 196 62.43 -25.72 -12.10
N ILE B 197 61.35 -25.06 -12.50
CA ILE B 197 60.75 -24.01 -11.70
C ILE B 197 59.46 -24.47 -11.03
N LEU B 198 58.85 -25.55 -11.50
CA LEU B 198 57.65 -26.11 -10.92
C LEU B 198 57.96 -27.30 -10.04
N PRO B 199 57.21 -27.51 -8.97
CA PRO B 199 57.47 -28.65 -8.09
C PRO B 199 57.05 -29.95 -8.76
N SER B 200 57.53 -31.05 -8.19
CA SER B 200 57.22 -32.38 -8.70
C SER B 200 57.12 -33.34 -7.52
N LEU B 201 56.77 -34.59 -7.81
CA LEU B 201 56.77 -35.62 -6.78
C LEU B 201 58.21 -35.89 -6.39
N LEU B 202 58.57 -35.56 -5.16
CA LEU B 202 59.97 -35.60 -4.72
C LEU B 202 60.38 -37.04 -4.43
N GLY B 203 60.63 -37.79 -5.51
CA GLY B 203 61.14 -39.12 -5.42
C GLY B 203 62.65 -39.13 -5.29
N PRO B 204 63.27 -40.31 -5.35
CA PRO B 204 64.73 -40.36 -5.17
C PRO B 204 65.52 -39.86 -6.34
N ARG B 205 64.96 -39.91 -7.55
CA ARG B 205 65.68 -39.43 -8.72
C ARG B 205 65.69 -37.90 -8.79
N THR B 206 64.63 -37.26 -8.33
CA THR B 206 64.58 -35.81 -8.27
C THR B 206 64.95 -35.32 -6.88
N PHE B 207 65.07 -34.00 -6.75
CA PHE B 207 65.56 -33.39 -5.51
C PHE B 207 64.95 -32.02 -5.33
N LEU B 208 65.53 -31.26 -4.39
CA LEU B 208 65.19 -29.88 -4.08
C LEU B 208 66.48 -29.21 -3.66
N LEU B 209 66.57 -27.89 -3.81
CA LEU B 209 67.75 -27.17 -3.35
C LEU B 209 67.35 -26.11 -2.36
N ASP B 210 68.08 -26.04 -1.24
CA ASP B 210 67.98 -24.94 -0.32
C ASP B 210 69.20 -24.03 -0.48
N VAL B 211 68.98 -22.73 -0.32
CA VAL B 211 70.04 -21.74 -0.47
C VAL B 211 70.48 -21.20 0.89
N ASP B 212 69.78 -21.56 1.96
CA ASP B 212 69.92 -20.98 3.31
C ASP B 212 69.77 -19.46 3.24
N ALA B 213 68.75 -19.04 2.51
CA ALA B 213 68.34 -17.66 2.42
C ALA B 213 66.84 -17.59 2.63
N ASP B 214 66.29 -16.38 2.56
CA ASP B 214 64.86 -16.21 2.69
C ASP B 214 64.20 -16.32 1.32
N ARG B 215 63.03 -16.92 1.29
CA ARG B 215 62.23 -17.01 0.08
C ARG B 215 61.40 -15.73 -0.06
N ASP B 216 61.23 -15.28 -1.30
CA ASP B 216 60.61 -13.98 -1.53
C ASP B 216 59.11 -14.02 -1.32
N ALA B 217 58.50 -12.85 -1.37
CA ALA B 217 57.06 -12.71 -1.26
C ALA B 217 56.38 -12.53 -2.60
N SER B 218 57.10 -11.97 -3.59
CA SER B 218 56.49 -11.69 -4.88
C SER B 218 56.29 -12.93 -5.73
N TYR B 219 57.00 -13.99 -5.44
CA TYR B 219 56.90 -15.18 -6.26
C TYR B 219 55.76 -16.06 -5.76
N PRO B 220 54.90 -16.58 -6.65
CA PRO B 220 53.67 -17.23 -6.18
C PRO B 220 53.88 -18.59 -5.54
N LEU B 221 54.79 -19.41 -6.07
CA LEU B 221 55.06 -20.70 -5.45
C LEU B 221 56.07 -20.60 -4.31
N SER B 222 56.46 -19.39 -3.92
CA SER B 222 57.34 -19.24 -2.79
C SER B 222 56.65 -19.58 -1.49
N VAL B 223 55.32 -19.43 -1.44
CA VAL B 223 54.55 -19.83 -0.26
C VAL B 223 54.50 -21.34 -0.13
N LEU B 224 54.83 -22.08 -1.19
CA LEU B 224 54.88 -23.53 -1.16
C LEU B 224 56.19 -24.05 -0.56
N TRP B 225 57.10 -23.16 -0.17
CA TRP B 225 58.38 -23.60 0.37
C TRP B 225 58.34 -24.37 1.70
N PRO B 226 57.57 -23.99 2.74
CA PRO B 226 57.58 -24.83 3.95
C PRO B 226 56.85 -26.15 3.79
N GLN B 227 56.07 -26.33 2.73
CA GLN B 227 55.46 -27.62 2.46
C GLN B 227 56.39 -28.52 1.66
N LEU B 228 57.23 -27.94 0.79
CA LEU B 228 58.21 -28.74 0.06
C LEU B 228 59.44 -29.05 0.90
N ARG B 229 59.83 -28.15 1.80
CA ARG B 229 61.03 -28.38 2.59
C ARG B 229 60.81 -29.49 3.61
N ALA B 230 59.64 -29.52 4.24
CA ALA B 230 59.33 -30.54 5.23
C ALA B 230 59.26 -31.93 4.62
N LEU B 231 58.92 -32.03 3.34
CA LEU B 231 58.98 -33.32 2.68
C LEU B 231 60.42 -33.69 2.35
N ALA B 232 61.27 -32.69 2.08
CA ALA B 232 62.66 -32.95 1.79
C ALA B 232 63.48 -33.27 3.04
N LEU B 233 63.04 -32.79 4.20
CA LEU B 233 63.74 -33.13 5.43
C LEU B 233 63.51 -34.57 5.82
N LYS B 234 62.30 -35.08 5.60
CA LYS B 234 61.96 -36.44 6.00
C LYS B 234 62.62 -37.50 5.15
N SER B 235 63.19 -37.14 4.02
CA SER B 235 63.73 -38.10 3.09
C SER B 235 65.13 -37.76 2.61
N ARG B 236 65.71 -36.65 3.08
CA ARG B 236 67.05 -36.17 2.72
C ARG B 236 67.16 -35.97 1.21
N LEU B 237 66.39 -34.97 0.75
CA LEU B 237 66.39 -34.59 -0.64
C LEU B 237 66.81 -33.16 -0.91
N LEU B 238 66.73 -32.28 0.07
CA LEU B 238 67.25 -30.93 -0.14
C LEU B 238 68.77 -30.97 -0.11
N LEU B 239 69.37 -30.29 -1.08
CA LEU B 239 70.81 -30.32 -1.22
C LEU B 239 71.37 -28.91 -1.31
N PRO B 240 72.55 -28.67 -0.75
CA PRO B 240 73.13 -27.33 -0.77
C PRO B 240 73.55 -26.94 -2.18
N PRO B 241 73.70 -25.63 -2.47
CA PRO B 241 74.08 -25.23 -3.83
C PRO B 241 75.50 -25.59 -4.22
N VAL B 242 76.36 -25.97 -3.27
CA VAL B 242 77.69 -26.45 -3.64
C VAL B 242 77.62 -27.86 -4.21
N ALA B 243 76.54 -28.60 -3.93
CA ALA B 243 76.39 -29.95 -4.46
C ALA B 243 76.04 -29.98 -5.93
N LEU B 244 75.64 -28.84 -6.51
CA LEU B 244 75.42 -28.80 -7.95
C LEU B 244 76.73 -28.82 -8.72
N LEU B 245 77.82 -28.37 -8.11
CA LEU B 245 79.08 -28.24 -8.83
C LEU B 245 79.77 -29.58 -9.03
N ARG B 246 79.41 -30.58 -8.24
CA ARG B 246 80.11 -31.85 -8.28
C ARG B 246 79.62 -32.67 -9.48
N ARG B 247 80.33 -33.77 -9.73
CA ARG B 247 80.04 -34.58 -10.90
C ARG B 247 78.80 -35.44 -10.68
N VAL B 248 78.65 -36.02 -9.49
CA VAL B 248 77.47 -36.79 -9.15
C VAL B 248 76.84 -36.14 -7.92
N VAL B 249 75.52 -36.27 -7.79
CA VAL B 249 74.78 -35.62 -6.72
C VAL B 249 75.05 -36.38 -5.43
N ASP B 250 75.80 -35.77 -4.53
CA ASP B 250 75.90 -36.23 -3.15
C ASP B 250 75.33 -35.12 -2.29
N PRO B 251 74.15 -35.30 -1.70
CA PRO B 251 73.50 -34.20 -0.99
C PRO B 251 74.17 -33.87 0.34
N GLY B 252 74.88 -32.75 0.36
CA GLY B 252 75.47 -32.25 1.58
C GLY B 252 76.89 -31.76 1.39
N LEU B 253 77.32 -30.89 2.30
CA LEU B 253 78.65 -30.32 2.25
C LEU B 253 79.70 -31.35 2.61
N LYS B 254 80.90 -31.13 2.07
CA LYS B 254 82.13 -31.85 2.39
C LYS B 254 82.04 -33.37 2.22
N PRO B 255 81.92 -33.90 1.01
CA PRO B 255 81.79 -35.36 0.85
C PRO B 255 83.15 -36.04 1.03
N THR B 256 83.09 -37.36 1.09
CA THR B 256 84.29 -38.17 1.21
C THR B 256 85.04 -38.33 -0.10
N TRP B 257 84.40 -38.01 -1.23
CA TRP B 257 84.93 -38.38 -2.52
C TRP B 257 85.37 -37.19 -3.35
N SER B 258 84.86 -36.00 -3.07
CA SER B 258 85.29 -34.80 -3.76
C SER B 258 86.27 -34.04 -2.88
N ALA B 259 87.32 -33.50 -3.50
CA ALA B 259 88.28 -32.70 -2.75
C ALA B 259 87.76 -31.32 -2.41
N ASP B 260 86.74 -30.85 -3.15
CA ASP B 260 86.13 -29.52 -3.00
C ASP B 260 87.20 -28.44 -3.17
N SER B 261 88.00 -28.56 -4.22
CA SER B 261 89.10 -27.63 -4.45
C SER B 261 89.25 -27.25 -5.90
N ASP B 262 88.28 -27.55 -6.75
CA ASP B 262 88.31 -27.07 -8.13
C ASP B 262 88.06 -25.57 -8.16
N ALA B 263 88.51 -24.92 -9.24
CA ALA B 263 88.31 -23.49 -9.39
C ALA B 263 86.85 -23.11 -9.58
N ALA B 264 86.00 -24.05 -9.96
CA ALA B 264 84.57 -23.78 -10.04
C ALA B 264 83.93 -23.63 -8.65
N PHE B 265 84.54 -24.21 -7.62
CA PHE B 265 84.01 -24.05 -6.27
C PHE B 265 84.30 -22.66 -5.72
N ARG B 266 85.47 -22.11 -6.05
CA ARG B 266 85.90 -20.82 -5.52
C ARG B 266 85.14 -19.72 -6.27
N ALA B 267 84.11 -19.18 -5.63
CA ALA B 267 83.29 -18.14 -6.23
C ALA B 267 83.82 -16.75 -5.96
N LEU B 268 85.02 -16.63 -5.39
CA LEU B 268 85.62 -15.32 -5.15
C LEU B 268 86.46 -14.85 -6.34
N ARG B 269 86.50 -15.60 -7.42
CA ARG B 269 87.13 -15.13 -8.65
C ARG B 269 86.09 -14.40 -9.48
N LEU B 270 86.51 -13.96 -10.68
CA LEU B 270 85.59 -13.29 -11.59
C LEU B 270 84.59 -14.26 -12.19
N SER B 271 84.98 -15.53 -12.33
CA SER B 271 84.20 -16.65 -12.87
C SER B 271 83.79 -16.46 -14.33
N ARG B 272 84.38 -15.47 -15.03
CA ARG B 272 84.19 -15.11 -16.43
C ARG B 272 82.72 -14.92 -16.78
N PRO B 273 82.09 -13.82 -16.36
CA PRO B 273 80.67 -13.61 -16.70
C PRO B 273 80.44 -13.23 -18.14
N SER B 274 81.47 -12.77 -18.85
CA SER B 274 81.34 -12.31 -20.23
C SER B 274 82.04 -13.27 -21.18
N SER B 275 81.50 -13.37 -22.39
CA SER B 275 82.03 -14.24 -23.43
C SER B 275 81.74 -13.59 -24.78
N ALA B 276 81.81 -14.38 -25.85
CA ALA B 276 81.49 -13.86 -27.18
C ALA B 276 80.01 -13.51 -27.30
N SER B 277 79.14 -14.33 -26.72
CA SER B 277 77.72 -13.99 -26.64
C SER B 277 77.51 -12.91 -25.60
N LYS B 278 77.50 -11.66 -26.03
CA LYS B 278 77.57 -10.51 -25.15
C LYS B 278 76.34 -9.62 -25.37
N PRO B 279 75.68 -9.14 -24.31
CA PRO B 279 74.43 -8.38 -24.48
C PRO B 279 74.63 -6.97 -25.00
N VAL B 280 73.54 -6.19 -25.02
CA VAL B 280 73.64 -4.81 -25.49
C VAL B 280 74.42 -3.95 -24.49
N GLY B 281 73.99 -3.91 -23.23
CA GLY B 281 74.66 -3.14 -22.22
C GLY B 281 74.85 -3.96 -20.96
N PHE B 282 75.78 -3.51 -20.13
CA PHE B 282 76.06 -4.20 -18.88
C PHE B 282 74.96 -3.91 -17.88
N ASP B 283 74.49 -4.95 -17.21
CA ASP B 283 73.40 -4.83 -16.25
C ASP B 283 73.98 -4.39 -14.91
N PHE B 284 73.72 -3.15 -14.53
CA PHE B 284 74.10 -2.68 -13.21
C PHE B 284 73.05 -2.99 -12.16
N SER B 285 71.89 -3.50 -12.56
CA SER B 285 70.92 -3.97 -11.59
C SER B 285 71.22 -5.39 -11.14
N ALA B 286 71.76 -6.22 -12.01
CA ALA B 286 72.23 -7.53 -11.59
C ALA B 286 73.50 -7.39 -10.77
N LEU B 287 73.65 -8.24 -9.76
CA LEU B 287 74.78 -8.07 -8.86
C LEU B 287 75.18 -9.40 -8.25
N PRO B 288 76.43 -9.82 -8.41
CA PRO B 288 76.87 -11.08 -7.81
C PRO B 288 77.02 -10.95 -6.31
N VAL B 289 76.54 -11.97 -5.61
CA VAL B 289 76.54 -11.99 -4.14
C VAL B 289 76.99 -13.38 -3.69
N VAL B 290 78.06 -13.41 -2.90
CA VAL B 290 78.52 -14.64 -2.26
C VAL B 290 78.07 -14.65 -0.81
N ASP B 291 77.39 -15.73 -0.41
CA ASP B 291 77.24 -16.08 1.00
C ASP B 291 78.56 -16.70 1.43
N ILE B 292 79.35 -15.98 2.19
CA ILE B 292 80.70 -16.42 2.50
C ILE B 292 80.73 -16.96 3.92
N ILE B 293 81.57 -17.97 4.14
CA ILE B 293 81.77 -18.56 5.45
C ILE B 293 83.18 -18.22 5.91
N CYS B 294 83.27 -17.52 7.04
CA CYS B 294 84.55 -17.11 7.60
C CYS B 294 84.75 -17.78 8.94
N LEU B 295 85.97 -18.20 9.23
CA LEU B 295 86.33 -18.65 10.57
C LEU B 295 87.06 -17.50 11.25
N LEU B 296 86.53 -17.04 12.36
CA LEU B 296 87.17 -16.00 13.15
C LEU B 296 88.15 -16.67 14.11
N GLU B 297 89.42 -16.40 13.90
CA GLU B 297 90.50 -17.12 14.59
C GLU B 297 91.14 -16.17 15.58
N SER B 298 91.37 -16.66 16.79
CA SER B 298 91.82 -15.82 17.89
C SER B 298 93.34 -15.66 17.86
N GLU B 299 93.91 -15.18 18.95
CA GLU B 299 95.34 -14.93 19.04
C GLU B 299 96.09 -16.25 19.20
N PRO B 300 97.14 -16.49 18.41
CA PRO B 300 97.95 -17.70 18.60
C PRO B 300 98.78 -17.63 19.87
N ASP B 301 99.32 -18.77 20.25
CA ASP B 301 100.07 -18.90 21.49
C ASP B 301 101.54 -18.55 21.21
N ASP B 302 102.40 -18.74 22.22
CA ASP B 302 103.84 -18.67 22.00
C ASP B 302 104.30 -19.75 21.03
N HIS B 303 103.73 -20.94 21.15
CA HIS B 303 103.85 -21.95 20.12
C HIS B 303 102.79 -21.69 19.05
N GLY B 304 102.94 -22.35 17.90
CA GLY B 304 101.99 -22.15 16.82
C GLY B 304 100.66 -22.84 17.01
N ARG B 305 99.96 -22.54 18.10
CA ARG B 305 98.74 -23.23 18.47
C ARG B 305 97.61 -22.23 18.64
N ILE B 306 96.38 -22.73 18.56
CA ILE B 306 95.22 -21.86 18.46
C ILE B 306 93.99 -22.56 19.03
N ALA B 307 93.11 -21.76 19.64
CA ALA B 307 91.76 -22.19 19.94
C ALA B 307 91.00 -22.46 18.64
N PRO B 308 89.97 -23.31 18.67
CA PRO B 308 89.22 -23.60 17.43
C PRO B 308 88.46 -22.42 16.86
N GLY B 309 88.15 -21.41 17.66
CA GLY B 309 87.49 -20.23 17.14
C GLY B 309 86.02 -20.48 16.83
N THR B 310 85.44 -19.55 16.07
CA THR B 310 84.04 -19.61 15.68
C THR B 310 83.90 -19.40 14.18
N ARG B 311 83.01 -20.17 13.58
CA ARG B 311 82.65 -19.99 12.18
C ARG B 311 81.56 -18.92 12.09
N LEU B 312 81.60 -18.11 11.04
CA LEU B 312 80.54 -17.15 10.80
C LEU B 312 80.15 -17.15 9.33
N THR B 313 78.88 -16.84 9.06
CA THR B 313 78.39 -16.71 7.69
C THR B 313 77.95 -15.28 7.44
N ILE B 314 78.68 -14.58 6.58
CA ILE B 314 78.25 -13.29 6.06
C ILE B 314 77.30 -13.59 4.90
N HIS B 315 76.01 -13.30 5.10
CA HIS B 315 74.98 -13.91 4.23
C HIS B 315 74.94 -13.30 2.85
N SER B 316 74.89 -11.98 2.75
CA SER B 316 74.72 -11.39 1.43
C SER B 316 75.73 -10.26 1.29
N VAL B 317 76.94 -10.61 0.86
CA VAL B 317 77.98 -9.61 0.64
C VAL B 317 78.31 -9.68 -0.85
N PRO B 318 78.48 -8.55 -1.54
CA PRO B 318 78.81 -8.60 -2.96
C PRO B 318 80.19 -9.16 -3.22
N THR B 319 80.31 -9.89 -4.31
CA THR B 319 81.56 -10.56 -4.63
C THR B 319 82.59 -9.57 -5.12
N ASP B 320 82.15 -8.50 -5.77
CA ASP B 320 83.07 -7.54 -6.37
C ASP B 320 83.71 -6.64 -5.34
N LEU B 321 83.21 -6.63 -4.11
CA LEU B 321 83.97 -6.07 -3.00
C LEU B 321 85.10 -7.00 -2.60
N LEU B 322 85.01 -8.28 -2.92
CA LEU B 322 86.03 -9.25 -2.57
C LEU B 322 86.97 -9.55 -3.73
N THR B 323 86.65 -9.12 -4.94
CA THR B 323 87.58 -9.24 -6.07
C THR B 323 88.40 -7.98 -6.27
N SER B 324 87.79 -6.81 -6.12
CA SER B 324 88.53 -5.56 -6.20
C SER B 324 89.47 -5.42 -5.02
N LEU B 325 88.98 -5.61 -3.80
CA LEU B 325 89.85 -5.82 -2.66
C LEU B 325 90.31 -7.27 -2.77
N SER B 326 91.42 -7.47 -3.48
CA SER B 326 91.77 -8.77 -4.05
C SER B 326 92.13 -9.76 -2.96
N ILE B 327 91.25 -10.73 -2.73
CA ILE B 327 91.47 -11.78 -1.75
C ILE B 327 91.33 -13.14 -2.44
N GLN B 328 91.74 -14.17 -1.72
CA GLN B 328 91.43 -15.55 -2.05
C GLN B 328 90.83 -16.21 -0.82
N GLU B 329 90.20 -17.37 -1.01
CA GLU B 329 89.68 -18.11 0.12
C GLU B 329 90.64 -19.24 0.46
N GLY B 330 90.61 -19.65 1.73
CA GLY B 330 91.54 -20.63 2.23
C GLY B 330 92.85 -20.06 2.73
N VAL B 331 92.97 -18.74 2.80
CA VAL B 331 94.20 -18.09 3.24
C VAL B 331 93.85 -17.13 4.39
N ARG B 332 94.66 -17.15 5.44
CA ARG B 332 94.40 -16.37 6.63
C ARG B 332 94.68 -14.90 6.38
N TYR B 333 93.79 -14.04 6.89
CA TYR B 333 93.98 -12.60 6.77
C TYR B 333 94.04 -11.95 8.14
N PRO B 334 94.82 -10.88 8.29
CA PRO B 334 94.78 -10.10 9.53
C PRO B 334 93.45 -9.38 9.67
N LEU B 335 92.86 -9.50 10.84
CA LEU B 335 91.56 -8.91 11.12
C LEU B 335 91.66 -7.50 11.70
N ARG B 336 92.76 -7.18 12.33
CA ARG B 336 92.90 -5.95 13.10
C ARG B 336 93.78 -4.94 12.38
N GLN B 337 93.68 -3.70 12.82
CA GLN B 337 94.62 -2.65 12.49
C GLN B 337 95.48 -2.36 13.71
N GLU B 338 96.32 -1.33 13.59
CA GLU B 338 97.12 -0.91 14.74
C GLU B 338 96.24 -0.29 15.82
N SER B 339 95.15 0.35 15.42
CA SER B 339 94.26 1.03 16.34
C SER B 339 93.27 0.10 17.03
N GLY B 340 93.31 -1.20 16.73
CA GLY B 340 92.38 -2.15 17.29
C GLY B 340 91.11 -2.34 16.48
N MET B 341 90.67 -1.30 15.78
CA MET B 341 89.51 -1.38 14.90
C MET B 341 89.84 -2.30 13.73
N PHE B 342 88.80 -2.88 13.13
CA PHE B 342 88.97 -3.81 12.02
C PHE B 342 89.61 -3.13 10.80
N VAL B 343 90.20 -3.95 9.94
CA VAL B 343 90.60 -3.47 8.63
C VAL B 343 89.36 -3.17 7.81
N HIS B 344 89.49 -2.24 6.88
CA HIS B 344 88.35 -1.82 6.07
C HIS B 344 87.87 -2.88 5.09
N TRP B 345 88.68 -3.91 4.87
CA TRP B 345 88.26 -5.06 4.07
C TRP B 345 87.07 -5.77 4.68
N VAL B 346 87.24 -6.28 5.90
CA VAL B 346 86.16 -7.02 6.55
C VAL B 346 85.07 -6.07 7.02
N LEU B 347 85.42 -4.82 7.30
CA LEU B 347 84.45 -3.89 7.91
C LEU B 347 83.42 -3.45 6.89
N LEU B 348 83.83 -3.29 5.62
CA LEU B 348 82.85 -3.07 4.57
C LEU B 348 82.02 -4.31 4.31
N ALA B 349 82.63 -5.49 4.40
CA ALA B 349 81.93 -6.73 4.11
C ALA B 349 80.93 -7.09 5.21
N LEU B 350 81.10 -6.53 6.41
CA LEU B 350 80.14 -6.76 7.48
C LEU B 350 78.87 -5.94 7.29
N LEU B 351 79.00 -4.71 6.84
CA LEU B 351 77.85 -3.83 6.70
C LEU B 351 77.31 -3.75 5.28
N MET B 352 77.88 -4.51 4.35
CA MET B 352 77.19 -4.84 3.11
C MET B 352 76.25 -6.01 3.26
N SER B 353 76.30 -6.70 4.41
CA SER B 353 75.64 -7.98 4.57
C SER B 353 74.16 -7.82 4.89
N ASP B 354 73.45 -8.95 4.83
CA ASP B 354 72.11 -9.01 5.39
C ASP B 354 72.13 -9.47 6.85
N ASP B 355 72.87 -10.54 7.14
CA ASP B 355 72.89 -11.08 8.48
C ASP B 355 74.19 -11.83 8.68
N VAL B 356 74.58 -11.97 9.94
CA VAL B 356 75.72 -12.77 10.35
C VAL B 356 75.22 -13.83 11.31
N THR B 357 75.43 -15.10 10.99
CA THR B 357 75.11 -16.19 11.89
C THR B 357 76.33 -17.08 12.08
N ILE B 358 76.25 -17.92 13.12
CA ILE B 358 77.12 -19.08 13.20
C ILE B 358 76.77 -20.01 12.05
N SER B 359 77.79 -20.71 11.52
CA SER B 359 77.60 -21.46 10.28
C SER B 359 76.71 -22.68 10.47
N GLY B 360 76.87 -23.38 11.57
CA GLY B 360 76.10 -24.60 11.77
C GLY B 360 74.65 -24.34 12.12
N THR B 361 74.36 -23.22 12.76
CA THR B 361 73.02 -22.94 13.27
C THR B 361 72.44 -21.71 12.60
N ARG B 362 71.33 -21.25 13.14
CA ARG B 362 70.46 -20.28 12.50
C ARG B 362 70.35 -19.00 13.31
N ARG B 363 71.03 -18.91 14.45
CA ARG B 363 70.95 -17.75 15.32
C ARG B 363 71.79 -16.60 14.77
N SER B 364 71.16 -15.44 14.61
CA SER B 364 71.87 -14.25 14.18
C SER B 364 72.77 -13.73 15.31
N VAL B 365 73.83 -13.04 14.93
CA VAL B 365 74.83 -12.57 15.88
C VAL B 365 75.37 -11.23 15.40
N LYS B 366 75.65 -10.34 16.35
CA LYS B 366 76.27 -9.04 16.08
C LYS B 366 77.59 -8.99 16.83
N LEU B 367 78.66 -8.63 16.12
CA LEU B 367 80.00 -8.70 16.66
C LEU B 367 80.56 -7.31 16.95
N GLU B 368 81.39 -7.23 17.98
CA GLU B 368 81.98 -5.97 18.41
C GLU B 368 83.13 -5.59 17.48
N THR B 369 83.64 -4.37 17.66
CA THR B 369 84.72 -3.93 16.80
C THR B 369 86.11 -4.20 17.39
N ALA B 370 86.27 -4.05 18.70
CA ALA B 370 87.57 -4.01 19.37
C ALA B 370 87.32 -3.95 20.86
N HIS B 371 88.21 -4.58 21.63
CA HIS B 371 88.43 -4.43 23.07
C HIS B 371 87.22 -4.67 23.96
N ALA B 372 86.10 -5.15 23.40
CA ALA B 372 84.92 -5.46 24.18
C ALA B 372 84.95 -6.87 24.73
N SER B 373 85.81 -7.73 24.19
CA SER B 373 85.95 -9.10 24.64
C SER B 373 87.41 -9.39 24.87
N ALA B 374 87.73 -9.93 26.04
CA ALA B 374 89.02 -10.57 26.23
C ALA B 374 89.06 -11.84 25.39
N ARG B 375 90.28 -12.27 25.04
CA ARG B 375 90.60 -13.26 24.02
C ARG B 375 89.90 -12.85 22.72
N PRO B 376 90.39 -11.82 22.03
CA PRO B 376 89.68 -11.31 20.85
C PRO B 376 90.01 -12.13 19.60
N PHE B 377 89.28 -11.85 18.54
CA PHE B 377 89.54 -12.45 17.24
C PHE B 377 90.48 -11.56 16.45
N VAL B 378 91.55 -12.16 15.92
CA VAL B 378 92.58 -11.40 15.20
C VAL B 378 92.87 -11.96 13.82
N HIS B 379 92.19 -13.02 13.40
CA HIS B 379 92.39 -13.56 12.07
C HIS B 379 91.08 -14.05 11.48
N ILE B 380 90.97 -13.93 10.16
CA ILE B 380 89.89 -14.56 9.39
C ILE B 380 90.51 -15.38 8.28
N THR B 381 90.21 -16.66 8.26
CA THR B 381 90.46 -17.52 7.10
C THR B 381 89.12 -17.73 6.41
N VAL B 382 88.88 -16.96 5.35
CA VAL B 382 87.76 -17.20 4.46
C VAL B 382 87.90 -18.58 3.85
N GLU B 383 86.87 -19.42 4.00
CA GLU B 383 87.07 -20.81 3.61
C GLU B 383 86.06 -21.34 2.62
N ARG B 384 84.86 -20.77 2.57
CA ARG B 384 83.81 -21.37 1.77
C ARG B 384 82.78 -20.34 1.36
N CYS B 385 82.49 -20.28 0.07
CA CYS B 385 81.31 -19.58 -0.41
C CYS B 385 80.12 -20.51 -0.23
N ALA B 386 79.17 -20.13 0.61
CA ALA B 386 78.03 -21.02 0.85
C ALA B 386 77.07 -21.01 -0.32
N SER B 387 76.76 -19.84 -0.86
CA SER B 387 75.98 -19.73 -2.07
C SER B 387 76.43 -18.50 -2.84
N ALA B 388 76.14 -18.49 -4.14
CA ALA B 388 76.66 -17.48 -5.06
C ALA B 388 75.52 -16.96 -5.94
N ARG B 389 74.48 -16.45 -5.30
CA ARG B 389 73.35 -15.89 -6.03
C ARG B 389 73.73 -14.62 -6.78
N ILE B 390 72.89 -14.27 -7.75
CA ILE B 390 72.84 -12.94 -8.35
C ILE B 390 71.64 -12.23 -7.76
N ILE B 391 71.87 -11.10 -7.09
CA ILE B 391 70.82 -10.33 -6.45
C ILE B 391 70.52 -9.11 -7.31
N ASP B 392 69.25 -8.86 -7.57
CA ASP B 392 68.88 -7.67 -8.33
C ASP B 392 68.90 -6.43 -7.46
N VAL B 393 69.13 -5.29 -8.11
CA VAL B 393 69.20 -4.00 -7.43
C VAL B 393 67.91 -3.22 -7.58
N ARG B 394 67.41 -3.08 -8.80
CA ARG B 394 66.12 -2.42 -9.01
C ARG B 394 65.01 -3.25 -8.39
N GLY B 395 64.24 -2.61 -7.52
CA GLY B 395 63.48 -3.29 -6.51
C GLY B 395 64.10 -3.19 -5.14
N SER B 396 64.85 -2.14 -4.87
CA SER B 396 65.64 -1.98 -3.66
C SER B 396 64.74 -1.55 -2.51
N PRO B 397 65.27 -1.42 -1.29
CA PRO B 397 64.56 -0.60 -0.31
C PRO B 397 64.45 0.86 -0.70
N ALA B 398 65.39 1.37 -1.50
CA ALA B 398 65.23 2.69 -2.08
C ALA B 398 64.28 2.62 -3.28
N MET B 399 63.42 3.62 -3.40
CA MET B 399 62.44 3.66 -4.49
C MET B 399 62.47 4.95 -5.29
N TYR B 400 63.06 6.02 -4.77
CA TYR B 400 63.06 7.31 -5.43
C TYR B 400 64.49 7.70 -5.76
N ALA B 401 64.69 8.25 -6.96
CA ALA B 401 66.02 8.60 -7.40
C ALA B 401 66.52 9.90 -6.80
N ASN B 402 65.66 10.70 -6.19
CA ASN B 402 66.11 11.98 -5.65
C ASN B 402 66.71 11.86 -4.26
N ALA B 403 66.15 10.98 -3.42
CA ALA B 403 66.53 10.96 -2.02
C ALA B 403 66.18 9.62 -1.41
N VAL B 404 66.99 9.22 -0.43
CA VAL B 404 66.71 8.09 0.45
C VAL B 404 67.47 8.32 1.74
N CYS B 405 66.84 8.03 2.87
CA CYS B 405 67.47 8.25 4.16
C CYS B 405 67.51 6.95 4.94
N LEU B 406 68.68 6.65 5.50
CA LEU B 406 68.91 5.43 6.26
C LEU B 406 69.00 5.79 7.73
N THR B 407 68.07 5.27 8.52
CA THR B 407 68.05 5.51 9.96
C THR B 407 68.89 4.45 10.64
N LEU B 408 70.09 4.81 11.02
CA LEU B 408 70.96 3.91 11.75
C LEU B 408 71.14 4.40 13.18
N PRO B 409 71.30 3.51 14.14
CA PRO B 409 71.59 3.94 15.51
C PRO B 409 73.01 4.47 15.63
N LYS B 410 73.26 5.17 16.73
CA LYS B 410 74.58 5.73 16.95
C LYS B 410 75.58 4.64 17.26
N GLY B 411 76.76 4.75 16.66
CA GLY B 411 77.74 3.69 16.67
C GLY B 411 77.80 2.90 15.40
N SER B 412 76.85 3.10 14.50
CA SER B 412 76.95 2.52 13.18
C SER B 412 78.09 3.18 12.40
N TYR B 413 78.58 2.47 11.39
CA TYR B 413 79.75 2.93 10.66
C TYR B 413 79.31 3.63 9.38
N LYS B 414 78.66 4.77 9.58
CA LYS B 414 78.26 5.61 8.46
C LYS B 414 79.48 6.27 7.84
N SER B 415 80.38 6.79 8.67
CA SER B 415 81.59 7.45 8.19
C SER B 415 82.56 6.48 7.53
N THR B 416 82.44 5.18 7.81
CA THR B 416 83.26 4.19 7.13
C THR B 416 82.88 4.08 5.66
N ILE B 417 81.58 4.12 5.36
CA ILE B 417 81.16 3.97 3.98
C ILE B 417 80.98 5.33 3.29
N ILE B 418 80.88 6.43 4.04
CA ILE B 418 80.96 7.75 3.43
C ILE B 418 82.37 8.03 2.94
N ASP B 419 83.37 7.80 3.80
CA ASP B 419 84.73 8.24 3.54
C ASP B 419 85.62 7.13 2.99
N THR B 420 85.74 6.02 3.72
CA THR B 420 86.79 5.06 3.43
C THR B 420 86.50 4.16 2.24
N LEU B 421 85.23 4.01 1.87
CA LEU B 421 84.94 3.21 0.68
C LEU B 421 85.27 3.94 -0.62
N PRO B 422 84.97 5.23 -0.80
CA PRO B 422 85.58 5.92 -1.95
C PRO B 422 87.03 6.32 -1.73
N ALA B 423 87.58 6.13 -0.52
CA ALA B 423 89.03 6.23 -0.37
C ALA B 423 89.71 4.99 -0.93
N MET B 424 89.08 3.82 -0.80
CA MET B 424 89.60 2.63 -1.45
C MET B 424 89.39 2.65 -2.95
N PHE B 425 88.43 3.45 -3.44
CA PHE B 425 88.12 3.55 -4.87
C PHE B 425 88.11 5.03 -5.23
N SER B 426 89.28 5.59 -5.50
CA SER B 426 89.38 7.02 -5.76
C SER B 426 89.40 7.35 -7.24
N ASP B 427 89.76 6.41 -8.10
CA ASP B 427 89.86 6.67 -9.53
C ASP B 427 88.50 6.76 -10.23
N LEU B 428 87.42 6.47 -9.53
CA LEU B 428 86.10 6.43 -10.14
C LEU B 428 85.10 7.13 -9.22
N PRO B 429 84.27 8.03 -9.76
CA PRO B 429 83.44 8.87 -8.88
C PRO B 429 82.23 8.15 -8.32
N ILE B 430 82.30 7.76 -7.04
CA ILE B 430 81.19 7.04 -6.43
C ILE B 430 80.12 8.00 -5.96
N LEU B 431 80.51 8.97 -5.13
CA LEU B 431 79.56 9.83 -4.46
C LEU B 431 80.08 11.26 -4.49
N GLU B 432 79.28 12.17 -3.94
CA GLU B 432 79.66 13.57 -3.76
C GLU B 432 79.66 13.84 -2.26
N GLN B 433 80.80 14.30 -1.73
CA GLN B 433 80.95 14.45 -0.29
C GLN B 433 80.08 15.57 0.26
N ALA B 434 79.88 16.64 -0.52
CA ALA B 434 79.04 17.74 -0.05
C ALA B 434 77.56 17.39 -0.09
N ALA B 435 77.16 16.40 -0.89
CA ALA B 435 75.75 16.09 -1.09
C ALA B 435 75.31 14.84 -0.33
N VAL B 436 76.05 14.42 0.69
CA VAL B 436 75.65 13.33 1.56
C VAL B 436 75.53 13.88 2.97
N ILE B 437 74.37 13.67 3.58
CA ILE B 437 74.02 14.29 4.85
C ILE B 437 74.32 13.32 5.97
N ASP B 438 75.27 13.68 6.83
CA ASP B 438 75.52 12.90 8.02
C ASP B 438 74.43 13.17 9.06
N SER B 439 74.16 12.16 9.87
CA SER B 439 73.10 12.30 10.87
C SER B 439 73.57 13.15 12.04
N ASP B 440 74.84 13.02 12.42
CA ASP B 440 75.37 13.78 13.54
C ASP B 440 75.56 15.26 13.19
N ALA B 441 75.65 15.58 11.90
CA ALA B 441 75.93 16.94 11.47
C ALA B 441 74.73 17.86 11.61
N LEU B 442 73.50 17.33 11.59
CA LEU B 442 72.35 18.21 11.70
C LEU B 442 72.15 18.69 13.13
N GLY B 443 72.56 17.90 14.11
CA GLY B 443 72.67 18.41 15.47
C GLY B 443 73.85 19.33 15.67
N ASP B 444 74.81 19.31 14.75
CA ASP B 444 75.95 20.22 14.77
C ASP B 444 75.68 21.48 13.96
N SER B 445 74.52 21.56 13.29
CA SER B 445 74.21 22.71 12.45
C SER B 445 73.98 23.97 13.29
N LEU B 446 73.39 23.81 14.47
CA LEU B 446 73.10 24.95 15.33
C LEU B 446 74.37 25.52 15.93
N ARG B 447 74.33 26.82 16.23
CA ARG B 447 75.51 27.49 16.77
C ARG B 447 75.89 27.00 18.17
N PRO B 448 74.94 26.72 19.11
CA PRO B 448 75.27 25.76 20.16
C PRO B 448 74.90 24.35 19.71
N SER B 449 75.82 23.40 19.86
CA SER B 449 75.56 22.03 19.43
C SER B 449 74.47 21.38 20.27
N PHE B 450 73.70 20.48 19.64
CA PHE B 450 72.60 19.79 20.31
C PHE B 450 73.10 18.93 21.48
N GLU B 451 74.30 18.37 21.36
CA GLU B 451 74.87 17.63 22.47
C GLU B 451 75.39 18.55 23.56
N THR B 452 75.75 19.79 23.23
CA THR B 452 76.17 20.73 24.26
C THR B 452 74.98 21.24 25.06
N GLN B 453 73.83 21.44 24.41
CA GLN B 453 72.64 21.79 25.17
C GLN B 453 72.13 20.60 25.98
N PHE B 454 72.38 19.38 25.51
CA PHE B 454 71.96 18.20 26.25
C PHE B 454 72.81 17.98 27.49
N LEU B 455 74.05 18.49 27.50
CA LEU B 455 74.78 18.66 28.75
C LEU B 455 74.09 19.67 29.65
N GLU B 456 73.72 20.83 29.09
CA GLU B 456 73.18 21.91 29.88
C GLU B 456 71.77 21.63 30.35
N ARG B 457 71.02 20.81 29.60
CA ARG B 457 69.65 20.49 30.00
C ARG B 457 69.64 19.48 31.15
N LEU B 458 70.54 18.50 31.11
CA LEU B 458 70.56 17.48 32.15
C LEU B 458 71.20 17.98 33.45
N GLU B 459 72.20 18.86 33.33
CA GLU B 459 72.95 19.28 34.51
C GLU B 459 72.12 20.17 35.42
N ASN B 460 71.18 20.93 34.84
CA ASN B 460 70.40 21.88 35.62
C ASN B 460 69.36 21.20 36.50
N LEU B 461 68.97 19.96 36.18
CA LEU B 461 67.89 19.30 36.91
C LEU B 461 68.41 18.39 38.03
N ASP B 462 69.21 17.38 37.70
CA ASP B 462 69.63 16.33 38.63
C ASP B 462 70.94 15.70 38.20
N PRO B 463 71.95 15.65 39.07
CA PRO B 463 73.14 14.85 38.81
C PRO B 463 73.01 13.39 39.24
N ASN B 464 72.01 13.06 40.05
CA ASN B 464 71.90 11.73 40.62
C ASN B 464 71.18 10.76 39.68
N LEU B 465 70.17 11.23 38.95
CA LEU B 465 69.46 10.37 38.02
C LEU B 465 70.33 10.00 36.82
N LEU B 466 71.26 10.88 36.45
CA LEU B 466 72.23 10.54 35.42
C LEU B 466 73.19 9.46 35.89
N ASP B 467 73.44 9.38 37.20
CA ASP B 467 74.33 8.36 37.73
C ASP B 467 73.71 6.97 37.72
N ARG B 468 72.38 6.88 37.60
CA ARG B 468 71.71 5.59 37.55
C ARG B 468 70.97 5.36 36.25
N ALA B 469 70.92 6.35 35.35
CA ALA B 469 70.46 6.08 34.00
C ALA B 469 71.55 5.43 33.15
N VAL B 470 72.81 5.67 33.49
CA VAL B 470 73.91 4.97 32.83
C VAL B 470 73.95 3.49 33.19
N ALA B 471 73.35 3.12 34.33
CA ALA B 471 73.34 1.73 34.77
C ALA B 471 72.09 0.99 34.33
N SER B 472 71.01 1.72 34.03
CA SER B 472 69.77 1.09 33.58
C SER B 472 69.70 0.95 32.07
N ILE B 473 70.28 1.89 31.33
CA ILE B 473 70.37 1.75 29.88
C ILE B 473 71.37 0.67 29.52
N LEU B 474 72.53 0.64 30.19
CA LEU B 474 73.55 -0.37 29.96
C LEU B 474 73.33 -1.62 30.80
N SER B 475 72.12 -1.80 31.34
CA SER B 475 71.82 -3.00 32.11
C SER B 475 71.65 -4.19 31.17
N PRO B 476 72.00 -5.40 31.63
CA PRO B 476 71.71 -6.62 30.86
C PRO B 476 70.21 -6.85 30.73
N THR B 477 69.50 -6.76 31.85
CA THR B 477 68.04 -6.77 31.87
C THR B 477 67.53 -5.44 32.40
N SER B 478 66.50 -4.91 31.76
CA SER B 478 66.01 -3.58 32.04
C SER B 478 64.75 -3.64 32.89
N ASP B 479 64.70 -2.82 33.94
CA ASP B 479 63.52 -2.67 34.76
C ASP B 479 62.61 -1.63 34.14
N THR B 480 61.58 -1.19 34.88
CA THR B 480 60.73 -0.11 34.38
C THR B 480 61.48 1.22 34.37
N SER B 481 62.40 1.43 35.34
CA SER B 481 63.31 2.57 35.41
C SER B 481 62.58 3.91 35.35
N ASP B 482 61.45 3.99 36.05
CA ASP B 482 60.55 5.14 35.97
C ASP B 482 61.01 6.33 36.81
N ASP B 483 62.26 6.35 37.25
CA ASP B 483 62.87 7.51 37.87
C ASP B 483 64.07 8.01 37.09
N ALA B 484 64.86 7.11 36.51
CA ALA B 484 66.10 7.49 35.85
C ALA B 484 65.88 7.90 34.40
N VAL B 485 65.37 6.99 33.58
CA VAL B 485 65.39 7.24 32.14
C VAL B 485 64.23 8.12 31.70
N THR B 486 63.08 8.03 32.36
CA THR B 486 61.93 8.80 31.89
C THR B 486 62.05 10.27 32.24
N THR B 487 62.97 10.63 33.14
CA THR B 487 63.33 12.02 33.36
C THR B 487 64.33 12.50 32.32
N VAL B 488 65.10 11.58 31.74
CA VAL B 488 66.01 11.95 30.66
C VAL B 488 65.24 12.15 29.36
N LEU B 489 64.29 11.26 29.06
CA LEU B 489 63.65 11.23 27.76
C LEU B 489 62.70 12.39 27.55
N ASP B 490 61.92 12.77 28.57
CA ASP B 490 61.04 13.92 28.39
C ASP B 490 61.83 15.22 28.37
N ALA B 491 62.96 15.26 29.08
CA ALA B 491 63.89 16.38 28.92
C ALA B 491 64.56 16.35 27.56
N PHE B 492 64.78 15.16 27.01
CA PHE B 492 65.28 15.04 25.64
C PHE B 492 64.25 15.53 24.64
N ASN B 493 63.00 15.09 24.80
CA ASN B 493 61.97 15.42 23.81
C ASN B 493 61.54 16.87 23.90
N ALA B 494 61.59 17.47 25.10
CA ALA B 494 61.36 18.90 25.21
C ALA B 494 62.51 19.68 24.57
N LEU B 495 63.73 19.18 24.72
CA LEU B 495 64.86 19.77 24.00
C LEU B 495 64.77 19.50 22.51
N TYR B 496 64.22 18.36 22.12
CA TYR B 496 64.17 18.00 20.71
C TYR B 496 63.11 18.82 19.98
N ARG B 497 61.90 18.89 20.55
CA ARG B 497 60.81 19.61 19.92
C ARG B 497 61.06 21.12 19.88
N GLU B 498 61.89 21.63 20.79
CA GLU B 498 62.16 23.05 20.84
C GLU B 498 63.02 23.51 19.66
N ILE B 499 64.10 22.80 19.36
CA ILE B 499 65.07 23.25 18.39
C ILE B 499 65.14 22.34 17.16
N MET B 500 65.04 21.02 17.34
CA MET B 500 65.47 20.11 16.27
C MET B 500 64.43 19.97 15.18
N THR B 501 63.16 19.81 15.54
CA THR B 501 62.10 19.76 14.54
C THR B 501 61.93 21.06 13.74
N PRO B 502 61.99 22.28 14.30
CA PRO B 502 61.98 23.45 13.41
C PRO B 502 63.26 23.63 12.63
N ALA B 503 64.41 23.16 13.13
CA ALA B 503 65.63 23.25 12.34
C ALA B 503 65.63 22.25 11.18
N GLN B 504 65.00 21.09 11.38
CA GLN B 504 64.87 20.11 10.31
C GLN B 504 64.03 20.63 9.15
N ARG B 505 63.02 21.46 9.47
CA ARG B 505 62.24 22.10 8.42
C ARG B 505 63.07 23.10 7.64
N ALA B 506 64.02 23.76 8.29
CA ALA B 506 64.96 24.60 7.57
C ALA B 506 65.98 23.77 6.80
N ARG B 507 66.23 22.54 7.25
CA ARG B 507 67.12 21.62 6.55
C ARG B 507 66.41 20.79 5.50
N LEU B 508 65.14 21.06 5.23
CA LEU B 508 64.42 20.41 4.15
C LEU B 508 65.09 20.54 2.77
N PRO B 509 65.60 21.70 2.31
CA PRO B 509 66.22 21.70 0.97
C PRO B 509 67.57 21.01 0.91
N LEU B 510 68.28 20.83 2.03
CA LEU B 510 69.53 20.11 1.96
C LEU B 510 69.35 18.60 1.94
N LEU B 511 68.22 18.08 2.41
CA LEU B 511 68.03 16.65 2.52
C LEU B 511 67.16 16.04 1.45
N THR B 512 66.47 16.83 0.64
CA THR B 512 65.72 16.24 -0.46
C THR B 512 65.78 17.00 -1.77
N GLN B 513 66.23 18.26 -1.78
CA GLN B 513 66.06 19.11 -2.95
C GLN B 513 67.29 19.19 -3.83
N GLN B 514 68.33 18.44 -3.55
CA GLN B 514 69.49 18.41 -4.42
C GLN B 514 69.25 17.38 -5.53
N GLY B 515 70.30 17.06 -6.29
CA GLY B 515 70.17 16.12 -7.39
C GLY B 515 69.92 14.71 -6.90
N ARG B 516 70.83 14.19 -6.11
CA ARG B 516 70.64 12.93 -5.43
C ARG B 516 71.39 13.01 -4.11
N VAL B 517 70.72 12.64 -3.02
CA VAL B 517 71.33 12.72 -1.70
C VAL B 517 71.23 11.37 -1.03
N LEU B 518 72.09 11.17 -0.04
CA LEU B 518 72.03 10.03 0.86
C LEU B 518 72.01 10.63 2.26
N ALA B 519 70.84 10.97 2.74
CA ALA B 519 70.71 11.49 4.09
C ALA B 519 70.85 10.36 5.08
N PHE B 520 71.37 10.68 6.24
CA PHE B 520 71.43 9.76 7.37
C PHE B 520 70.64 10.36 8.52
N ALA B 521 69.95 9.51 9.26
CA ALA B 521 69.17 9.95 10.41
C ALA B 521 69.48 9.05 11.59
N HIS B 522 69.30 9.59 12.79
CA HIS B 522 69.43 8.78 13.98
C HIS B 522 68.15 8.02 14.30
N SER B 523 67.01 8.48 13.79
CA SER B 523 65.74 7.84 14.09
C SER B 523 64.75 8.12 12.97
N ASP B 524 63.59 7.48 13.09
CA ASP B 524 62.51 7.55 12.11
C ASP B 524 61.65 8.80 12.30
N TYR B 525 61.97 9.63 13.29
CA TYR B 525 61.04 10.67 13.70
C TYR B 525 61.15 11.90 12.82
N GLU B 526 62.36 12.47 12.73
CA GLU B 526 62.58 13.74 12.05
C GLU B 526 62.33 13.70 10.55
N LEU B 527 62.38 12.52 9.94
CA LEU B 527 62.02 12.40 8.55
C LEU B 527 60.51 12.52 8.36
N LEU B 528 59.73 12.19 9.39
CA LEU B 528 58.28 12.22 9.31
C LEU B 528 57.66 13.34 10.12
N SER B 529 58.24 13.69 11.27
CA SER B 529 57.62 14.69 12.13
C SER B 529 57.81 16.09 11.55
N ALA B 530 58.95 16.36 10.95
CA ALA B 530 59.16 17.65 10.28
C ALA B 530 58.67 17.65 8.85
N ASN B 531 58.07 16.54 8.40
CA ASN B 531 57.25 16.47 7.19
C ASN B 531 58.06 16.73 5.93
N ILE B 532 59.24 16.13 5.84
CA ILE B 532 60.14 16.31 4.72
C ILE B 532 59.93 15.17 3.73
N PRO B 533 59.81 15.45 2.43
CA PRO B 533 59.55 14.37 1.46
C PRO B 533 60.79 13.56 1.15
N ILE B 534 60.88 12.38 1.74
CA ILE B 534 62.07 11.54 1.60
C ILE B 534 61.68 10.12 1.97
N GLN B 535 62.22 9.16 1.22
CA GLN B 535 62.00 7.77 1.55
C GLN B 535 62.88 7.39 2.74
N VAL B 536 62.26 6.87 3.78
CA VAL B 536 62.99 6.38 4.94
C VAL B 536 63.07 4.86 4.87
N VAL B 537 64.28 4.34 5.02
CA VAL B 537 64.49 2.91 5.23
C VAL B 537 65.11 2.72 6.60
N ARG B 538 64.69 1.66 7.29
CA ARG B 538 65.04 1.47 8.69
C ARG B 538 66.19 0.47 8.74
N GLY B 539 67.38 0.96 9.05
CA GLY B 539 68.58 0.16 8.93
C GLY B 539 69.02 -0.51 10.22
N SER B 540 69.63 -1.69 10.08
CA SER B 540 70.28 -2.38 11.18
C SER B 540 71.49 -3.11 10.61
N ILE B 541 72.68 -2.62 10.94
CA ILE B 541 73.92 -3.28 10.56
C ILE B 541 74.25 -4.32 11.61
N PRO B 542 74.88 -5.47 11.25
CA PRO B 542 75.22 -6.51 12.24
C PRO B 542 76.54 -6.24 12.98
N ILE B 543 76.72 -5.01 13.41
CA ILE B 543 77.74 -4.63 14.37
C ILE B 543 77.01 -4.09 15.59
N ASP B 544 77.42 -4.51 16.78
CA ASP B 544 76.83 -3.96 17.99
C ASP B 544 77.30 -2.52 18.17
N HIS B 545 76.39 -1.60 17.88
CA HIS B 545 76.69 -0.17 17.91
C HIS B 545 76.84 0.36 19.32
N VAL B 546 76.35 -0.37 20.32
CA VAL B 546 76.38 0.13 21.68
C VAL B 546 77.78 0.09 22.27
N VAL B 547 78.66 -0.77 21.74
CA VAL B 547 80.06 -0.74 22.18
C VAL B 547 80.91 0.18 21.32
N ASN B 548 80.41 0.61 20.16
CA ASN B 548 81.14 1.60 19.38
C ASN B 548 81.12 2.97 20.05
N LEU B 549 80.02 3.29 20.74
CA LEU B 549 79.93 4.55 21.45
C LEU B 549 80.85 4.58 22.65
N LEU B 550 81.15 3.40 23.20
CA LEU B 550 82.19 3.28 24.21
C LEU B 550 83.57 3.27 23.57
N ALA B 551 83.68 2.71 22.36
CA ALA B 551 84.98 2.63 21.69
C ALA B 551 85.46 3.99 21.21
N ARG B 552 84.55 4.85 20.77
CA ARG B 552 84.94 6.19 20.40
C ARG B 552 85.20 7.01 21.65
N ARG B 553 86.10 8.00 21.53
CA ARG B 553 86.47 8.82 22.67
C ARG B 553 86.39 10.29 22.31
N ASN B 554 86.94 11.13 23.21
CA ASN B 554 87.10 12.59 23.18
C ASN B 554 85.92 13.35 22.56
N ARG B 555 84.71 12.92 22.89
CA ARG B 555 83.50 13.56 22.42
C ARG B 555 83.23 14.82 23.22
N VAL B 556 82.18 15.55 22.84
CA VAL B 556 81.86 16.78 23.54
C VAL B 556 81.10 16.49 24.83
N GLY B 557 80.47 15.32 24.94
CA GLY B 557 79.76 14.98 26.16
C GLY B 557 80.37 13.79 26.86
N GLY B 558 81.47 13.27 26.32
CA GLY B 558 82.09 12.08 26.87
C GLY B 558 81.34 10.82 26.48
N THR B 559 81.86 9.68 26.94
CA THR B 559 81.23 8.40 26.64
C THR B 559 79.93 8.20 27.40
N ALA B 560 79.69 8.97 28.45
CA ALA B 560 78.45 8.84 29.20
C ALA B 560 77.27 9.46 28.45
N LEU B 561 77.49 10.60 27.80
CA LEU B 561 76.42 11.22 27.03
C LEU B 561 76.10 10.45 25.76
N GLN B 562 77.06 9.69 25.23
CA GLN B 562 76.83 8.95 23.99
C GLN B 562 75.83 7.82 24.17
N VAL B 563 75.70 7.28 25.39
CA VAL B 563 74.79 6.16 25.62
C VAL B 563 73.43 6.59 26.15
N LEU B 564 73.31 7.78 26.75
CA LEU B 564 71.99 8.29 27.10
C LEU B 564 71.19 8.63 25.85
N LEU B 565 71.75 9.49 25.01
CA LEU B 565 71.01 9.85 23.82
C LEU B 565 71.09 8.80 22.72
N ASP B 566 71.87 7.73 22.90
CA ASP B 566 71.63 6.51 22.14
C ASP B 566 70.25 5.97 22.45
N TYR B 567 69.95 5.79 23.73
CA TYR B 567 68.66 5.27 24.15
C TYR B 567 67.53 6.24 23.84
N CYS B 568 67.85 7.54 23.77
CA CYS B 568 66.83 8.52 23.43
C CYS B 568 66.41 8.39 21.97
N TYR B 569 67.35 8.16 21.05
CA TYR B 569 66.95 7.98 19.66
C TYR B 569 66.31 6.62 19.42
N ARG B 570 66.64 5.61 20.24
CA ARG B 570 66.04 4.30 20.08
C ARG B 570 64.56 4.32 20.48
N THR B 571 64.24 5.00 21.58
CA THR B 571 62.85 5.15 21.97
C THR B 571 62.11 6.09 21.01
N GLN B 572 62.83 7.02 20.41
CA GLN B 572 62.22 7.96 19.49
C GLN B 572 61.85 7.30 18.17
N ALA B 573 62.61 6.29 17.75
CA ALA B 573 62.37 5.62 16.49
C ALA B 573 61.08 4.82 16.54
N SER B 574 60.35 4.83 15.43
CA SER B 574 59.07 4.14 15.37
C SER B 574 59.31 2.64 15.35
N PRO B 575 58.58 1.86 16.15
CA PRO B 575 58.82 0.42 16.19
C PRO B 575 58.34 -0.28 14.94
N LEU B 576 59.30 -0.62 14.08
CA LEU B 576 59.08 -1.38 12.87
C LEU B 576 60.35 -2.17 12.63
N ALA B 577 60.24 -3.21 11.81
CA ALA B 577 61.35 -4.09 11.48
C ALA B 577 62.51 -3.33 10.85
N PRO B 578 63.67 -3.32 11.47
CA PRO B 578 64.83 -2.70 10.82
C PRO B 578 65.37 -3.61 9.73
N THR B 579 65.23 -3.19 8.48
CA THR B 579 65.77 -3.96 7.39
C THR B 579 67.30 -3.89 7.44
N PRO B 580 68.00 -4.93 6.97
CA PRO B 580 69.47 -4.86 6.94
C PRO B 580 69.95 -3.76 6.01
N ALA B 581 70.77 -2.88 6.56
CA ALA B 581 71.23 -1.69 5.85
C ALA B 581 72.13 -2.04 4.69
N GLY B 582 72.76 -3.21 4.70
CA GLY B 582 73.54 -3.66 3.57
C GLY B 582 72.72 -3.87 2.31
N ARG B 583 71.43 -4.14 2.46
CA ARG B 583 70.56 -4.22 1.30
C ARG B 583 70.35 -2.84 0.67
N LEU B 584 70.42 -1.78 1.48
CA LEU B 584 70.43 -0.44 0.90
C LEU B 584 71.74 -0.15 0.20
N TYR B 585 72.87 -0.53 0.81
CA TYR B 585 74.16 -0.22 0.23
C TYR B 585 74.45 -1.03 -1.02
N LYS B 586 73.74 -2.14 -1.23
CA LYS B 586 73.86 -2.84 -2.50
C LYS B 586 73.24 -2.05 -3.65
N GLN B 587 72.20 -1.27 -3.38
CA GLN B 587 71.68 -0.39 -4.42
C GLN B 587 72.64 0.76 -4.68
N LEU B 588 73.22 1.30 -3.61
CA LEU B 588 74.05 2.49 -3.74
C LEU B 588 75.46 2.13 -4.19
N PHE B 589 76.18 1.39 -3.37
CA PHE B 589 77.59 1.12 -3.55
C PHE B 589 77.85 -0.20 -4.24
N GLY B 590 76.81 -0.97 -4.52
CA GLY B 590 76.94 -2.25 -5.17
C GLY B 590 77.45 -2.19 -6.60
N PRO B 591 76.71 -1.58 -7.52
CA PRO B 591 77.17 -1.52 -8.90
C PRO B 591 78.34 -0.58 -9.15
N TRP B 592 78.83 0.13 -8.14
CA TRP B 592 80.10 0.82 -8.26
C TRP B 592 81.29 -0.10 -8.01
N LEU B 593 81.04 -1.35 -7.64
CA LEU B 593 82.09 -2.34 -7.58
C LEU B 593 82.21 -3.13 -8.88
N MET B 594 81.31 -2.89 -9.83
CA MET B 594 81.40 -3.51 -11.14
C MET B 594 82.54 -2.90 -11.95
N VAL B 595 82.63 -1.58 -11.94
CA VAL B 595 83.52 -0.81 -12.81
C VAL B 595 85.02 -1.11 -12.65
N PRO B 596 85.57 -1.64 -11.53
CA PRO B 596 86.94 -2.16 -11.64
C PRO B 596 87.07 -3.44 -12.44
N ARG B 597 86.07 -4.32 -12.46
CA ARG B 597 86.18 -5.53 -13.27
C ARG B 597 85.57 -5.36 -14.65
N LEU B 598 84.93 -4.23 -14.92
CA LEU B 598 84.50 -3.94 -16.30
C LEU B 598 85.70 -3.55 -17.13
N SER B 599 85.90 -4.26 -18.24
CA SER B 599 87.05 -4.00 -19.10
C SER B 599 86.90 -2.75 -19.95
N GLU B 600 85.70 -2.20 -20.03
CA GLU B 600 85.45 -1.06 -20.90
C GLU B 600 85.33 0.20 -20.09
N PRO B 601 86.03 1.28 -20.46
CA PRO B 601 85.84 2.57 -19.75
C PRO B 601 84.53 3.21 -20.17
N LEU B 602 83.63 3.37 -19.18
CA LEU B 602 82.26 3.82 -19.43
C LEU B 602 82.22 5.29 -19.86
N ILE B 603 81.03 5.72 -20.27
CA ILE B 603 80.80 7.09 -20.72
C ILE B 603 79.87 7.78 -19.74
N LYS B 604 79.59 9.06 -19.97
CA LYS B 604 78.84 9.89 -19.04
C LYS B 604 77.55 10.37 -19.69
N LEU B 605 76.46 10.27 -18.95
CA LEU B 605 75.18 10.86 -19.32
C LEU B 605 74.74 11.81 -18.22
N ARG B 606 73.69 12.58 -18.51
CA ARG B 606 73.15 13.54 -17.55
C ARG B 606 71.75 13.93 -17.99
N LEU B 607 71.04 14.60 -17.07
CA LEU B 607 69.74 15.17 -17.33
C LEU B 607 69.85 16.64 -17.73
N VAL B 608 68.76 17.14 -18.33
CA VAL B 608 68.68 18.53 -18.78
C VAL B 608 67.37 19.11 -18.28
N ALA B 609 67.46 20.20 -17.53
CA ALA B 609 66.32 21.07 -17.24
C ALA B 609 66.69 22.43 -17.80
N SER B 610 66.29 22.67 -19.06
CA SER B 610 66.68 23.89 -19.75
C SER B 610 65.91 25.09 -19.21
N ALA B 611 66.60 26.21 -19.11
CA ALA B 611 66.02 27.44 -18.61
C ALA B 611 66.03 28.51 -19.70
N PRO B 612 64.93 29.21 -19.92
CA PRO B 612 64.93 30.32 -20.87
C PRO B 612 65.74 31.50 -20.36
N ALA B 613 66.20 32.32 -21.30
CA ALA B 613 66.90 33.54 -20.94
C ALA B 613 65.96 34.60 -20.37
N LYS B 614 64.67 34.52 -20.67
CA LYS B 614 63.72 35.51 -20.17
C LYS B 614 63.52 35.38 -18.66
N VAL B 615 63.51 34.15 -18.15
CA VAL B 615 63.44 33.97 -16.71
C VAL B 615 64.82 34.14 -16.08
N LEU B 616 65.89 34.00 -16.87
CA LEU B 616 67.24 34.24 -16.40
C LEU B 616 67.75 35.62 -16.76
N ARG B 617 66.87 36.55 -17.09
CA ARG B 617 67.21 37.96 -17.15
C ARG B 617 66.17 38.79 -16.43
N ALA B 618 65.29 38.16 -15.66
CA ALA B 618 64.26 38.89 -14.93
C ALA B 618 64.86 39.60 -13.72
N ALA B 619 65.47 38.85 -12.81
CA ALA B 619 66.12 39.43 -11.64
C ALA B 619 67.59 39.75 -11.90
N GLY B 620 68.09 39.52 -13.10
CA GLY B 620 69.43 39.97 -13.45
C GLY B 620 70.48 38.88 -13.45
N TRP B 621 70.86 38.41 -14.63
CA TRP B 621 71.97 37.48 -14.81
C TRP B 621 72.69 37.83 -16.10
N THR B 622 73.97 38.14 -16.00
CA THR B 622 74.78 38.39 -17.19
C THR B 622 75.07 37.06 -17.87
N ILE B 623 74.26 36.69 -18.85
CA ILE B 623 74.37 35.41 -19.53
C ILE B 623 74.52 35.65 -21.02
N ASP B 624 75.62 35.17 -21.59
CA ASP B 624 75.89 35.31 -23.01
C ASP B 624 75.26 34.15 -23.78
N GLY B 625 74.29 34.47 -24.64
CA GLY B 625 73.74 33.46 -25.52
C GLY B 625 72.24 33.44 -25.68
N ASP B 626 71.80 33.27 -26.93
CA ASP B 626 70.42 33.03 -27.32
C ASP B 626 69.87 31.62 -27.10
N PRO B 627 70.63 30.51 -27.27
CA PRO B 627 70.08 29.21 -26.87
C PRO B 627 69.86 29.14 -25.37
N PRO B 628 68.87 28.36 -24.92
CA PRO B 628 68.54 28.34 -23.49
C PRO B 628 69.62 27.67 -22.66
N LEU B 629 69.83 28.21 -21.47
CA LEU B 629 70.80 27.64 -20.54
C LEU B 629 70.21 26.43 -19.85
N GLU B 630 70.97 25.34 -19.82
CA GLU B 630 70.54 24.07 -19.26
C GLU B 630 71.32 23.76 -17.99
N VAL B 631 70.88 22.71 -17.30
CA VAL B 631 71.46 22.33 -16.02
C VAL B 631 71.46 20.81 -15.92
N SER B 632 72.40 20.28 -15.14
CA SER B 632 72.54 18.84 -14.92
C SER B 632 71.84 18.47 -13.63
N CYS B 633 70.68 17.80 -13.75
CA CYS B 633 69.95 17.38 -12.57
C CYS B 633 70.54 16.11 -11.97
N LEU B 634 70.80 15.11 -12.81
CA LEU B 634 71.30 13.83 -12.34
C LEU B 634 72.08 13.15 -13.46
N CYS B 635 73.26 12.64 -13.12
CA CYS B 635 74.09 11.93 -14.07
C CYS B 635 73.91 10.42 -13.93
N ALA B 636 74.32 9.71 -14.98
CA ALA B 636 74.31 8.25 -15.00
C ALA B 636 75.34 7.79 -16.02
N TYR B 637 75.84 6.57 -15.82
CA TYR B 637 76.93 6.03 -16.61
C TYR B 637 76.48 4.76 -17.32
N VAL B 638 76.78 4.67 -18.61
CA VAL B 638 76.45 3.50 -19.43
C VAL B 638 77.76 2.96 -19.99
N THR B 639 77.88 1.64 -20.07
CA THR B 639 79.09 1.02 -20.60
C THR B 639 79.19 1.09 -22.12
N ASP B 640 78.17 1.58 -22.82
CA ASP B 640 78.28 1.81 -24.25
C ASP B 640 77.44 3.03 -24.62
N ARG B 641 77.29 3.25 -25.92
CA ARG B 641 76.48 4.35 -26.42
C ARG B 641 75.12 3.88 -26.93
N ALA B 642 75.06 2.70 -27.54
CA ALA B 642 73.86 2.25 -28.22
C ALA B 642 72.74 1.86 -27.26
N ALA B 643 73.06 1.49 -26.02
CA ALA B 643 72.02 1.14 -25.07
C ALA B 643 71.28 2.36 -24.53
N ALA B 644 71.81 3.56 -24.72
CA ALA B 644 71.11 4.78 -24.37
C ALA B 644 70.40 5.43 -25.55
N THR B 645 70.65 4.96 -26.77
CA THR B 645 70.01 5.54 -27.95
C THR B 645 68.52 5.25 -28.01
N ALA B 646 68.06 4.18 -27.37
CA ALA B 646 66.63 3.94 -27.22
C ALA B 646 66.00 4.81 -26.14
N LEU B 647 66.81 5.55 -25.40
CA LEU B 647 66.31 6.36 -24.29
C LEU B 647 66.72 7.82 -24.37
N ILE B 648 67.78 8.16 -25.10
CA ILE B 648 68.16 9.55 -25.28
C ILE B 648 67.18 10.28 -26.20
N GLU B 649 66.44 9.54 -27.03
CA GLU B 649 65.50 10.16 -27.96
C GLU B 649 64.27 10.67 -27.23
N ARG B 650 63.65 9.81 -26.43
CA ARG B 650 62.44 10.19 -25.71
C ARG B 650 62.76 11.07 -24.52
N ARG B 651 61.90 12.05 -24.28
CA ARG B 651 61.97 12.82 -23.05
C ARG B 651 61.38 12.01 -21.90
N LEU B 652 61.66 12.45 -20.68
CA LEU B 652 61.18 11.76 -19.49
C LEU B 652 59.88 12.41 -19.05
N ASP B 653 58.93 11.58 -18.62
CA ASP B 653 57.62 12.07 -18.19
C ASP B 653 57.67 12.42 -16.71
N SER B 654 58.41 13.48 -16.41
CA SER B 654 58.39 14.09 -15.08
C SER B 654 58.79 15.55 -15.20
N ARG B 655 58.02 16.42 -14.54
CA ARG B 655 58.34 17.84 -14.50
C ARG B 655 59.34 18.10 -13.40
N ALA B 656 60.34 18.95 -13.69
CA ALA B 656 61.43 19.21 -12.77
C ALA B 656 61.57 20.70 -12.56
N LEU B 657 61.18 21.20 -11.39
CA LEU B 657 61.33 22.60 -11.07
C LEU B 657 62.67 22.81 -10.36
N VAL B 658 63.42 23.81 -10.80
CA VAL B 658 64.79 24.01 -10.35
C VAL B 658 64.85 25.30 -9.54
N THR B 659 65.03 25.17 -8.24
CA THR B 659 65.27 26.32 -7.38
C THR B 659 66.72 26.73 -7.47
N VAL B 660 66.97 27.94 -7.97
CA VAL B 660 68.31 28.50 -8.03
C VAL B 660 68.41 29.55 -6.93
N GLY B 661 69.36 29.38 -6.03
CA GLY B 661 69.51 30.30 -4.93
C GLY B 661 70.19 31.59 -5.35
N GLY B 662 70.15 32.57 -4.44
CA GLY B 662 70.84 33.83 -4.67
C GLY B 662 72.35 33.66 -4.63
N ASP B 663 72.83 32.68 -3.90
CA ASP B 663 74.23 32.32 -3.88
C ASP B 663 74.49 31.27 -4.96
N GLN B 664 75.63 30.57 -4.89
CA GLN B 664 75.98 29.54 -5.85
C GLN B 664 75.06 28.31 -5.75
N LEU B 665 74.39 28.13 -4.61
CA LEU B 665 73.55 26.95 -4.38
C LEU B 665 72.34 26.92 -5.30
N MET B 666 71.89 25.71 -5.60
CA MET B 666 70.87 25.49 -6.62
C MET B 666 70.26 24.11 -6.40
N PHE B 667 68.93 24.05 -6.37
CA PHE B 667 68.17 22.90 -5.89
C PHE B 667 67.18 22.45 -6.96
N VAL B 668 67.00 21.14 -7.05
CA VAL B 668 66.10 20.55 -8.04
C VAL B 668 65.01 19.71 -7.44
N GLU B 669 63.79 19.90 -7.92
CA GLU B 669 62.64 19.15 -7.43
C GLU B 669 61.86 18.65 -8.64
N TYR B 670 61.16 17.54 -8.49
CA TYR B 670 60.38 16.97 -9.58
C TYR B 670 58.90 16.97 -9.24
N ALA B 671 58.06 17.47 -10.14
CA ALA B 671 56.64 17.51 -9.88
C ALA B 671 56.19 16.08 -9.70
N PRO B 672 56.71 15.18 -10.61
CA PRO B 672 56.31 13.79 -10.38
C PRO B 672 57.57 13.07 -9.90
N PRO B 673 57.52 12.50 -8.71
CA PRO B 673 58.70 11.81 -8.20
C PRO B 673 59.07 10.74 -9.22
N LEU B 674 60.36 10.53 -9.48
CA LEU B 674 60.75 9.54 -10.46
C LEU B 674 61.11 8.24 -9.77
N PRO B 675 60.38 7.13 -10.18
CA PRO B 675 60.74 5.88 -9.51
C PRO B 675 62.16 5.47 -9.83
N LEU B 676 62.87 4.97 -8.83
CA LEU B 676 64.24 4.53 -9.02
C LEU B 676 64.18 3.51 -10.14
N VAL B 677 63.15 2.68 -10.12
CA VAL B 677 62.96 1.67 -11.15
C VAL B 677 62.65 2.27 -12.52
N SER B 678 62.49 3.59 -12.62
CA SER B 678 62.18 4.20 -13.91
C SER B 678 63.37 4.16 -14.86
N ILE B 679 64.59 4.28 -14.34
CA ILE B 679 65.78 4.24 -15.19
C ILE B 679 66.00 2.79 -15.63
N PRO B 680 66.51 2.55 -16.82
CA PRO B 680 66.74 1.17 -17.27
C PRO B 680 67.89 0.52 -16.50
N ARG B 681 67.95 -0.80 -16.64
CA ARG B 681 68.86 -1.66 -15.88
C ARG B 681 70.32 -1.47 -16.27
N THR B 682 70.60 -0.74 -17.35
CA THR B 682 71.97 -0.50 -17.79
C THR B 682 72.43 0.92 -17.48
N PHE B 683 71.91 1.52 -16.41
CA PHE B 683 72.39 2.82 -15.94
C PHE B 683 73.15 2.67 -14.64
N LEU B 684 74.28 3.38 -14.55
CA LEU B 684 75.05 3.46 -13.32
C LEU B 684 74.95 4.89 -12.81
N LEU B 685 74.00 5.11 -12.00
CA LEU B 685 73.88 6.44 -11.41
C LEU B 685 74.58 6.46 -10.06
N PRO B 686 75.14 7.61 -9.65
CA PRO B 686 75.95 7.65 -8.43
C PRO B 686 75.16 7.47 -7.15
N VAL B 687 75.88 7.39 -6.03
CA VAL B 687 75.22 7.28 -4.74
C VAL B 687 74.55 8.60 -4.37
N THR B 688 75.29 9.69 -4.49
CA THR B 688 74.72 11.01 -4.27
C THR B 688 75.33 11.99 -5.26
N TYR B 689 74.55 13.03 -5.59
CA TYR B 689 74.88 13.90 -6.71
C TYR B 689 74.32 15.29 -6.45
N VAL B 690 75.14 16.31 -6.72
CA VAL B 690 74.77 17.70 -6.49
C VAL B 690 74.57 18.36 -7.85
N VAL B 691 73.74 19.41 -7.88
CA VAL B 691 73.33 20.07 -9.10
C VAL B 691 74.33 21.17 -9.44
N HIS B 692 74.73 21.25 -10.70
CA HIS B 692 75.60 22.33 -11.17
C HIS B 692 75.19 22.70 -12.59
N TRP B 693 75.47 23.95 -12.96
CA TRP B 693 75.27 24.38 -14.34
C TRP B 693 76.27 23.66 -15.23
N VAL B 694 75.85 23.31 -16.45
CA VAL B 694 76.71 22.51 -17.30
C VAL B 694 77.78 23.42 -17.92
N PRO B 695 77.48 24.63 -18.42
CA PRO B 695 78.53 25.66 -18.43
C PRO B 695 78.50 26.49 -17.16
N PRO B 696 79.55 26.47 -16.37
CA PRO B 696 79.64 27.43 -15.26
C PRO B 696 80.01 28.81 -15.75
N GLN B 697 80.74 28.87 -16.86
CA GLN B 697 81.23 30.14 -17.39
C GLN B 697 80.14 30.96 -18.04
N ARG B 698 79.02 30.34 -18.43
CA ARG B 698 77.93 31.07 -19.07
C ARG B 698 77.15 31.89 -18.05
N VAL B 699 77.19 31.51 -16.79
CA VAL B 699 76.49 32.22 -15.73
C VAL B 699 77.42 33.29 -15.17
N LEU B 700 76.91 34.53 -15.08
CA LEU B 700 77.63 35.60 -14.42
C LEU B 700 76.61 36.54 -13.82
N LEU B 701 76.97 37.17 -12.70
CA LEU B 701 76.15 38.13 -11.96
C LEU B 701 74.83 37.49 -11.52
N ASN B 702 74.95 36.60 -10.53
CA ASN B 702 73.82 35.81 -10.05
C ASN B 702 72.66 36.69 -9.56
N GLY B 703 72.89 37.47 -8.51
CA GLY B 703 71.98 38.54 -8.07
C GLY B 703 70.53 38.21 -7.82
N GLY B 704 70.25 37.28 -6.91
CA GLY B 704 68.90 36.93 -6.54
C GLY B 704 68.56 35.49 -6.84
N ASN B 705 67.39 35.09 -6.35
CA ASN B 705 66.93 33.70 -6.39
C ASN B 705 65.59 33.61 -7.12
N VAL B 706 65.62 33.06 -8.34
CA VAL B 706 64.42 32.83 -9.14
C VAL B 706 64.42 31.39 -9.61
N SER B 707 63.33 30.68 -9.35
CA SER B 707 63.16 29.32 -9.79
C SER B 707 62.36 29.26 -11.08
N PHE B 708 62.27 28.06 -11.65
CA PHE B 708 61.62 27.83 -12.93
C PHE B 708 61.30 26.36 -13.05
N THR B 709 60.27 26.04 -13.85
CA THR B 709 59.90 24.66 -14.13
C THR B 709 60.36 24.26 -15.52
N SER B 710 60.77 23.00 -15.66
CA SER B 710 61.28 22.50 -16.92
C SER B 710 61.14 20.98 -16.96
N GLY B 711 61.17 20.44 -18.17
CA GLY B 711 61.12 19.01 -18.36
C GLY B 711 62.48 18.37 -18.19
N LEU B 712 62.55 17.08 -18.53
CA LEU B 712 63.79 16.33 -18.43
C LEU B 712 64.06 15.56 -19.71
N GLU B 713 65.31 15.59 -20.14
CA GLU B 713 65.80 14.76 -21.25
C GLU B 713 67.17 14.25 -20.87
N TRP B 714 67.35 12.93 -20.85
CA TRP B 714 68.67 12.36 -20.73
C TRP B 714 69.48 12.66 -21.98
N THR B 715 70.73 13.04 -21.80
CA THR B 715 71.60 13.37 -22.92
C THR B 715 73.01 12.89 -22.63
N PHE B 716 73.87 13.00 -23.64
CA PHE B 716 75.28 12.64 -23.51
C PHE B 716 76.07 13.86 -23.05
N ASP B 717 76.91 13.67 -22.04
CA ASP B 717 77.79 14.71 -21.54
C ASP B 717 79.21 14.40 -21.99
N ASP B 718 79.85 15.37 -22.64
CA ASP B 718 81.18 15.17 -23.20
C ASP B 718 82.21 16.00 -22.44
N LYS C 107 94.01 0.84 -1.40
CA LYS C 107 95.34 0.33 -1.10
C LYS C 107 95.35 -1.19 -1.05
N VAL C 108 96.54 -1.76 -0.95
CA VAL C 108 96.69 -3.21 -0.95
C VAL C 108 96.26 -3.76 0.42
N THR C 109 95.53 -4.87 0.39
CA THR C 109 95.07 -5.49 1.64
C THR C 109 96.24 -6.04 2.43
N PRO C 110 96.18 -5.99 3.77
CA PRO C 110 97.30 -6.45 4.59
C PRO C 110 97.43 -7.97 4.59
N ILE C 111 98.67 -8.44 4.70
CA ILE C 111 98.95 -9.87 4.68
C ILE C 111 99.20 -10.37 6.10
N VAL C 112 99.68 -9.50 6.98
CA VAL C 112 100.06 -9.90 8.34
C VAL C 112 99.55 -8.84 9.31
N ASN C 113 99.23 -9.29 10.53
CA ASN C 113 98.80 -8.39 11.58
C ASN C 113 99.96 -7.50 12.04
N PRO C 114 99.65 -6.29 12.55
CA PRO C 114 100.72 -5.44 13.09
C PRO C 114 101.32 -6.04 14.33
N SER C 115 102.66 -6.02 14.40
CA SER C 115 103.35 -6.55 15.57
C SER C 115 103.17 -5.66 16.79
N SER C 116 103.04 -4.35 16.57
CA SER C 116 102.82 -3.39 17.65
C SER C 116 101.46 -2.75 17.47
N TYR C 117 100.63 -2.81 18.52
CA TYR C 117 99.33 -2.17 18.54
C TYR C 117 99.44 -0.85 19.29
N VAL C 118 98.78 0.19 18.76
CA VAL C 118 98.79 1.50 19.37
C VAL C 118 97.48 1.71 20.12
N CYS C 119 97.55 2.46 21.23
CA CYS C 119 96.35 2.81 21.97
C CYS C 119 95.67 4.04 21.38
N ASN C 120 96.46 4.97 20.86
CA ASN C 120 96.12 6.27 20.26
C ASN C 120 95.59 7.27 21.29
N VAL C 121 95.41 6.86 22.55
CA VAL C 121 95.07 7.76 23.64
C VAL C 121 96.39 8.19 24.26
N CYS C 122 97.10 7.21 24.82
CA CYS C 122 98.51 7.35 25.17
C CYS C 122 99.33 6.54 24.17
N ASN C 123 100.53 7.04 23.86
CA ASN C 123 101.39 6.38 22.89
C ASN C 123 102.03 5.16 23.53
N ALA C 124 101.24 4.08 23.60
CA ALA C 124 101.65 2.85 24.26
C ALA C 124 101.64 1.71 23.25
N ARG C 125 102.80 1.10 23.05
CA ARG C 125 102.91 -0.03 22.14
C ARG C 125 102.50 -1.32 22.86
N PHE C 126 101.78 -2.18 22.14
CA PHE C 126 101.31 -3.44 22.69
C PHE C 126 101.66 -4.57 21.74
N SER C 127 102.25 -5.63 22.29
CA SER C 127 102.67 -6.76 21.49
C SER C 127 101.51 -7.67 21.10
N THR C 128 100.42 -7.63 21.86
CA THR C 128 99.28 -8.51 21.65
C THR C 128 98.01 -7.66 21.63
N MET C 129 97.06 -8.04 20.76
CA MET C 129 95.75 -7.41 20.74
C MET C 129 95.00 -7.61 22.05
N SER C 130 95.22 -8.75 22.71
CA SER C 130 94.62 -9.00 24.02
C SER C 130 95.15 -8.04 25.08
N ALA C 131 96.38 -7.56 24.92
CA ALA C 131 96.88 -6.52 25.80
C ALA C 131 96.24 -5.17 25.49
N LEU C 132 95.98 -4.90 24.22
CA LEU C 132 95.26 -3.68 23.85
C LEU C 132 93.79 -3.76 24.24
N SER C 133 93.22 -4.98 24.27
CA SER C 133 91.82 -5.14 24.64
C SER C 133 91.57 -4.83 26.11
N GLU C 134 92.58 -4.99 26.95
CA GLU C 134 92.42 -4.66 28.36
C GLU C 134 92.71 -3.18 28.63
N HIS C 135 93.72 -2.62 27.96
CA HIS C 135 94.13 -1.25 28.26
C HIS C 135 93.17 -0.22 27.70
N LEU C 136 92.53 -0.50 26.56
CA LEU C 136 91.43 0.35 26.11
C LEU C 136 90.24 0.24 27.04
N ARG C 137 89.99 -0.96 27.56
CA ARG C 137 88.97 -1.14 28.59
C ARG C 137 89.37 -0.47 29.90
N SER C 138 90.67 -0.39 30.18
CA SER C 138 91.14 0.23 31.42
C SER C 138 90.91 1.73 31.41
N ASP C 139 91.04 2.37 30.25
CA ASP C 139 90.90 3.81 30.17
C ASP C 139 89.45 4.27 30.19
N HIS C 140 88.49 3.37 29.97
CA HIS C 140 87.09 3.73 30.13
C HIS C 140 86.74 3.99 31.59
N ARG C 141 87.30 3.20 32.50
CA ARG C 141 87.09 3.40 33.92
C ARG C 141 87.99 4.55 34.41
N PRO C 151 83.49 6.71 38.87
CA PRO C 151 82.42 6.63 39.88
C PRO C 151 81.41 5.55 39.57
N MET C 152 80.12 5.86 39.75
CA MET C 152 79.06 4.91 39.43
C MET C 152 78.89 4.76 37.93
N ILE C 153 79.27 5.77 37.16
CA ILE C 153 79.05 5.77 35.71
C ILE C 153 79.99 4.78 35.03
N ASN C 154 81.28 4.85 35.37
CA ASN C 154 82.27 4.01 34.71
C ASN C 154 82.19 2.54 35.12
N ASN C 155 81.50 2.24 36.23
CA ASN C 155 81.39 0.85 36.66
C ASN C 155 80.42 0.09 35.78
N ALA C 156 79.30 0.72 35.40
CA ALA C 156 78.39 0.10 34.45
C ALA C 156 78.96 0.10 33.04
N ILE C 157 79.88 1.01 32.74
CA ILE C 157 80.58 0.99 31.46
C ILE C 157 81.61 -0.13 31.42
N ARG C 158 82.35 -0.31 32.51
CA ARG C 158 83.34 -1.38 32.57
C ARG C 158 82.68 -2.75 32.61
N SER C 159 81.54 -2.86 33.31
CA SER C 159 80.85 -4.15 33.38
C SER C 159 80.18 -4.50 32.07
N PHE C 160 79.81 -3.50 31.27
CA PHE C 160 79.21 -3.76 29.97
C PHE C 160 80.25 -4.27 28.98
N LEU C 161 81.52 -3.88 29.16
CA LEU C 161 82.61 -4.45 28.39
C LEU C 161 83.18 -5.71 29.02
N THR C 162 82.76 -6.05 30.24
CA THR C 162 83.26 -7.22 30.93
C THR C 162 82.47 -8.47 30.58
N ALA C 163 81.14 -8.38 30.70
CA ALA C 163 80.24 -9.53 30.65
C ALA C 163 79.27 -9.28 29.50
N TRP C 164 79.67 -9.66 28.30
CA TRP C 164 79.04 -9.10 27.12
C TRP C 164 78.75 -10.08 25.98
N ASP C 165 79.52 -11.17 25.87
CA ASP C 165 79.73 -11.82 24.57
C ASP C 165 78.48 -12.50 24.03
N ASP C 166 78.24 -12.31 22.74
CA ASP C 166 77.12 -12.89 22.04
C ASP C 166 77.52 -13.93 21.01
N ILE C 167 78.83 -14.23 20.90
CA ILE C 167 79.33 -15.12 19.86
C ILE C 167 78.94 -16.57 20.13
N ARG C 168 78.61 -16.90 21.37
CA ARG C 168 78.19 -18.26 21.71
C ARG C 168 76.79 -18.54 21.15
N ILE C 169 76.51 -19.83 20.95
CA ILE C 169 75.22 -20.22 20.41
C ILE C 169 74.13 -20.13 21.47
N LEU C 170 74.39 -20.68 22.64
CA LEU C 170 73.38 -20.80 23.67
C LEU C 170 73.16 -19.46 24.36
N SER C 171 71.91 -19.15 24.67
CA SER C 171 71.55 -17.93 25.39
C SER C 171 70.61 -18.27 26.53
N PRO C 172 71.14 -18.75 27.66
CA PRO C 172 70.28 -18.98 28.82
C PRO C 172 69.92 -17.70 29.55
N ASP C 173 70.70 -16.64 29.37
CA ASP C 173 70.46 -15.38 30.05
C ASP C 173 69.42 -14.53 29.34
N VAL C 174 69.32 -14.66 28.01
CA VAL C 174 68.26 -14.03 27.26
C VAL C 174 66.98 -14.80 27.54
N SER C 175 66.14 -14.26 28.42
CA SER C 175 64.87 -14.88 28.79
C SER C 175 63.79 -14.21 27.95
N SER C 176 63.50 -14.81 26.80
CA SER C 176 62.46 -14.29 25.91
C SER C 176 61.10 -14.47 26.56
N LYS C 177 60.46 -13.36 26.89
CA LYS C 177 59.23 -13.41 27.68
C LYS C 177 58.06 -13.81 26.78
N SER C 178 57.43 -14.94 27.14
CA SER C 178 56.27 -15.52 26.45
C SER C 178 56.57 -15.78 24.96
N LEU C 179 57.65 -16.51 24.72
CA LEU C 179 57.96 -16.92 23.36
C LEU C 179 57.04 -18.02 22.87
N SER C 180 56.43 -18.76 23.80
CA SER C 180 55.49 -19.84 23.49
C SER C 180 54.25 -19.31 22.76
N ALA C 181 54.12 -19.69 21.49
CA ALA C 181 52.95 -19.36 20.70
C ALA C 181 52.77 -20.47 19.67
N TYR C 182 51.68 -21.21 19.80
CA TYR C 182 51.45 -22.33 18.88
C TYR C 182 51.04 -21.81 17.52
N LEU C 183 51.55 -22.46 16.48
CA LEU C 183 51.31 -22.07 15.10
C LEU C 183 51.08 -23.31 14.26
N ASP C 184 50.26 -23.16 13.21
CA ASP C 184 50.01 -24.26 12.30
C ASP C 184 51.23 -24.60 11.47
N SER C 185 52.13 -23.63 11.28
CA SER C 185 53.37 -23.84 10.55
C SER C 185 54.52 -24.26 11.46
N ALA C 186 54.38 -24.09 12.78
CA ALA C 186 55.46 -24.44 13.68
C ALA C 186 55.64 -25.95 13.78
N VAL C 187 54.53 -26.68 13.84
CA VAL C 187 54.61 -28.14 13.82
C VAL C 187 54.84 -28.65 12.41
N ALA C 188 54.37 -27.89 11.40
CA ALA C 188 54.45 -28.31 10.00
C ALA C 188 55.88 -28.39 9.48
N ASN C 189 56.83 -27.73 10.14
CA ASN C 189 58.24 -27.97 9.89
C ASN C 189 58.69 -29.09 10.80
N GLY C 190 59.13 -30.20 10.21
CA GLY C 190 59.62 -31.32 10.97
C GLY C 190 61.07 -31.17 11.35
N PRO C 191 61.50 -31.84 12.41
CA PRO C 191 62.90 -31.78 12.82
C PRO C 191 63.79 -32.64 11.94
N GLU C 192 65.05 -32.23 11.84
CA GLU C 192 66.04 -32.99 11.06
C GLU C 192 66.50 -34.17 11.89
N LEU C 193 66.04 -35.36 11.53
CA LEU C 193 66.51 -36.57 12.18
C LEU C 193 67.56 -37.30 11.36
N ILE C 194 67.36 -37.39 10.05
CA ILE C 194 68.25 -38.17 9.20
C ILE C 194 69.38 -37.24 8.76
N ILE C 195 70.35 -37.10 9.66
CA ILE C 195 71.61 -36.43 9.36
C ILE C 195 72.70 -37.50 9.40
N GLU C 196 73.36 -37.70 8.27
CA GLU C 196 74.30 -38.79 8.11
C GLU C 196 75.73 -38.35 8.40
N ASP C 197 76.59 -39.33 8.66
CA ASP C 197 77.98 -39.11 8.96
C ASP C 197 78.80 -39.95 7.98
N THR C 198 79.20 -39.31 6.88
CA THR C 198 79.99 -40.02 5.88
C THR C 198 81.41 -40.25 6.38
N GLY C 199 81.91 -39.37 7.24
CA GLY C 199 83.22 -39.52 7.82
C GLY C 199 83.26 -40.54 8.93
N LEU C 200 84.25 -40.41 9.79
CA LEU C 200 84.50 -41.38 10.84
C LEU C 200 84.10 -40.79 12.19
N CYS C 201 83.49 -41.63 13.03
CA CYS C 201 82.74 -41.14 14.19
C CYS C 201 83.61 -41.17 15.44
N THR C 202 84.52 -40.21 15.52
CA THR C 202 85.24 -39.99 16.77
C THR C 202 85.06 -38.54 17.20
N SER C 203 85.18 -38.33 18.51
CA SER C 203 85.03 -37.00 19.09
C SER C 203 86.32 -36.51 19.73
N PHE C 204 87.38 -37.30 19.70
CA PHE C 204 88.63 -36.95 20.36
C PHE C 204 89.73 -36.90 19.32
N MET C 205 90.21 -35.71 19.01
CA MET C 205 91.36 -35.62 18.12
C MET C 205 92.63 -35.59 18.92
N LEU C 206 93.67 -36.18 18.35
CA LEU C 206 94.94 -36.39 19.03
C LEU C 206 95.80 -35.17 18.75
N LEU C 207 95.62 -34.15 19.58
CA LEU C 207 96.17 -32.84 19.29
C LEU C 207 97.59 -32.72 19.79
N ASP C 208 98.46 -32.16 18.95
CA ASP C 208 99.85 -31.92 19.26
C ASP C 208 99.99 -30.51 19.80
N ASN C 209 100.30 -30.37 21.09
CA ASN C 209 100.60 -29.06 21.64
C ASN C 209 101.94 -28.53 21.16
N ILE C 210 103.01 -29.23 21.50
CA ILE C 210 104.35 -28.70 21.32
C ILE C 210 105.06 -29.56 20.28
N PRO C 211 105.27 -29.07 19.07
CA PRO C 211 106.11 -29.78 18.12
C PRO C 211 107.55 -29.78 18.58
N SER C 212 108.30 -30.79 18.15
CA SER C 212 109.70 -30.85 18.53
C SER C 212 110.57 -29.87 17.76
N ALA C 213 110.01 -29.16 16.78
CA ALA C 213 110.75 -28.09 16.13
C ALA C 213 110.90 -26.88 17.05
N HIS C 214 110.00 -26.73 18.03
CA HIS C 214 110.13 -25.67 19.02
C HIS C 214 111.20 -25.96 20.07
N LEU C 215 111.74 -27.17 20.10
CA LEU C 215 112.87 -27.46 20.98
C LEU C 215 114.10 -26.70 20.49
N THR C 216 114.86 -26.15 21.45
CA THR C 216 115.93 -25.23 21.10
C THR C 216 117.13 -25.95 20.49
N LYS C 217 117.51 -27.09 21.04
CA LYS C 217 118.64 -27.86 20.53
C LYS C 217 118.11 -28.93 19.57
N GLU C 218 118.63 -28.92 18.35
CA GLU C 218 118.20 -29.86 17.32
C GLU C 218 119.43 -30.45 16.65
N LEU C 219 119.61 -31.76 16.81
CA LEU C 219 120.67 -32.49 16.13
C LEU C 219 120.06 -33.49 15.17
N ILE C 220 120.87 -33.91 14.20
CA ILE C 220 120.38 -34.73 13.09
C ILE C 220 120.10 -36.14 13.59
N GLY C 221 118.89 -36.64 13.30
CA GLY C 221 118.58 -38.03 13.48
C GLY C 221 117.87 -38.39 14.77
N PHE C 222 117.82 -37.48 15.74
CA PHE C 222 117.12 -37.77 16.98
C PHE C 222 115.61 -37.80 16.78
N THR C 223 115.07 -36.87 16.00
CA THR C 223 113.66 -36.83 15.69
C THR C 223 113.45 -37.04 14.20
N TRP C 224 112.44 -37.82 13.86
CA TRP C 224 112.14 -38.17 12.47
C TRP C 224 110.69 -37.84 12.18
N PHE C 225 110.45 -37.10 11.10
CA PHE C 225 109.11 -36.71 10.71
C PHE C 225 108.65 -37.47 9.48
N MET C 226 107.35 -37.74 9.42
CA MET C 226 106.79 -38.33 8.21
C MET C 226 106.68 -37.31 7.09
N GLN C 227 106.64 -36.02 7.43
CA GLN C 227 106.62 -34.96 6.42
C GLN C 227 107.92 -34.95 5.62
N MET C 228 109.01 -35.44 6.21
CA MET C 228 110.26 -35.63 5.49
C MET C 228 110.11 -36.63 4.34
N TYR C 229 109.20 -37.59 4.47
CA TYR C 229 109.03 -38.63 3.46
C TYR C 229 107.77 -38.44 2.63
N GLN C 230 107.28 -37.20 2.54
CA GLN C 230 106.08 -36.82 1.77
C GLN C 230 104.86 -37.65 2.17
N MET C 231 104.57 -37.68 3.46
CA MET C 231 103.54 -38.56 3.98
C MET C 231 102.99 -37.99 5.26
N THR C 232 101.68 -38.10 5.44
CA THR C 232 101.14 -37.54 6.68
C THR C 232 101.12 -38.59 7.78
N PRO C 233 101.48 -38.22 9.00
CA PRO C 233 101.54 -39.21 10.09
C PRO C 233 100.15 -39.58 10.58
N PRO C 234 99.96 -40.83 11.01
CA PRO C 234 98.65 -41.24 11.54
C PRO C 234 98.38 -40.68 12.93
N LEU C 235 99.36 -40.69 13.77
CA LEU C 235 99.49 -40.21 15.13
C LEU C 235 100.23 -38.87 15.14
N PRO C 236 99.95 -37.98 16.09
CA PRO C 236 100.63 -36.67 16.08
C PRO C 236 102.08 -36.81 16.48
N GLU C 237 102.88 -35.85 16.02
CA GLU C 237 104.33 -35.90 16.16
C GLU C 237 104.81 -34.61 16.82
N GLY C 238 104.91 -34.63 18.14
CA GLY C 238 105.44 -33.49 18.85
C GLY C 238 105.97 -33.90 20.20
N ALA C 239 106.23 -32.90 21.03
CA ALA C 239 106.83 -33.11 22.33
C ALA C 239 105.81 -33.06 23.47
N VAL C 240 104.54 -32.77 23.17
CA VAL C 240 103.39 -32.95 24.05
C VAL C 240 102.21 -33.32 23.14
N ASN C 241 101.58 -34.45 23.38
CA ASN C 241 100.39 -34.85 22.64
C ASN C 241 99.26 -35.07 23.63
N ARG C 242 98.27 -34.20 23.60
CA ARG C 242 97.09 -34.34 24.46
C ARG C 242 95.92 -34.90 23.65
N ILE C 243 94.96 -35.43 24.36
CA ILE C 243 93.72 -35.93 23.79
C ILE C 243 92.64 -34.94 24.21
N VAL C 244 92.28 -34.03 23.33
CA VAL C 244 91.36 -32.97 23.68
C VAL C 244 90.01 -33.26 23.02
N CYS C 245 88.94 -32.86 23.68
CA CYS C 245 87.59 -33.12 23.21
C CYS C 245 87.21 -32.09 22.16
N MET C 246 87.35 -32.47 20.90
CA MET C 246 86.93 -31.63 19.77
C MET C 246 85.99 -32.45 18.92
N THR C 247 84.69 -32.19 19.08
CA THR C 247 83.68 -32.99 18.41
C THR C 247 83.66 -32.70 16.92
N ASN C 248 83.45 -33.77 16.14
CA ASN C 248 83.23 -33.72 14.70
C ASN C 248 84.41 -33.11 13.95
N TRP C 249 85.63 -33.32 14.46
CA TRP C 249 86.81 -32.82 13.77
C TRP C 249 87.06 -33.58 12.49
N ALA C 250 86.69 -34.85 12.46
CA ALA C 250 86.82 -35.69 11.29
C ALA C 250 85.49 -35.98 10.62
N SER C 251 84.40 -35.45 11.15
CA SER C 251 83.07 -35.77 10.64
C SER C 251 82.82 -34.94 9.39
N LEU C 252 82.96 -35.57 8.23
CA LEU C 252 82.56 -34.96 6.98
C LEU C 252 81.16 -35.38 6.55
N GLY C 253 80.29 -35.66 7.51
CA GLY C 253 78.91 -35.91 7.19
C GLY C 253 78.20 -34.66 6.72
N ASP C 254 77.07 -34.87 6.06
CA ASP C 254 76.28 -33.76 5.56
C ASP C 254 75.58 -33.02 6.70
N GLU C 255 75.66 -31.69 6.64
CA GLU C 255 74.78 -30.77 7.41
C GLU C 255 74.91 -31.03 8.91
N GLY C 256 76.08 -30.64 9.43
CA GLY C 256 76.39 -30.77 10.85
C GLY C 256 75.34 -30.22 11.78
N ARG C 257 75.26 -30.76 12.99
CA ARG C 257 74.14 -30.59 13.92
C ARG C 257 73.99 -29.17 14.44
N GLY C 258 74.73 -28.16 14.00
CA GLY C 258 74.57 -26.85 14.56
C GLY C 258 75.50 -26.65 15.73
N LEU C 259 74.96 -26.88 16.93
CA LEU C 259 75.77 -26.81 18.14
C LEU C 259 76.85 -27.88 18.11
N GLU C 260 78.03 -27.50 18.59
CA GLU C 260 79.13 -28.43 18.85
C GLU C 260 79.84 -27.97 20.10
N VAL C 261 80.78 -28.77 20.56
CA VAL C 261 81.72 -28.32 21.57
C VAL C 261 83.13 -28.66 21.10
N ARG C 262 84.01 -27.65 21.14
CA ARG C 262 85.37 -27.73 20.60
C ARG C 262 86.27 -27.19 21.69
N LEU C 263 86.74 -28.06 22.56
CA LEU C 263 87.57 -27.57 23.65
C LEU C 263 88.97 -27.24 23.12
N PRO C 264 89.52 -26.09 23.50
CA PRO C 264 90.91 -25.81 23.19
C PRO C 264 91.81 -26.68 24.04
N PRO C 265 93.06 -26.89 23.63
CA PRO C 265 93.98 -27.76 24.38
C PRO C 265 94.33 -27.16 25.74
N PRO C 266 94.85 -27.96 26.68
CA PRO C 266 95.11 -27.45 28.03
C PRO C 266 96.13 -26.33 28.12
N THR C 267 96.89 -26.06 27.06
CA THR C 267 97.79 -24.92 27.08
C THR C 267 97.00 -23.61 27.02
N ASP C 268 95.83 -23.63 26.39
CA ASP C 268 94.95 -22.48 26.35
C ASP C 268 94.10 -22.40 27.61
N SER C 269 93.20 -21.42 27.66
CA SER C 269 92.46 -21.13 28.88
C SER C 269 91.39 -22.18 29.14
N SER C 270 90.56 -22.48 28.12
CA SER C 270 89.57 -23.55 28.13
C SER C 270 88.50 -23.35 29.22
N VAL C 271 87.96 -22.14 29.30
CA VAL C 271 86.87 -21.85 30.21
C VAL C 271 85.62 -21.34 29.51
N HIS C 272 85.71 -20.97 28.23
CA HIS C 272 84.51 -20.52 27.52
C HIS C 272 83.58 -21.68 27.20
N ALA C 273 84.09 -22.91 27.23
CA ALA C 273 83.23 -24.09 27.13
C ALA C 273 82.52 -24.39 28.44
N TYR C 274 82.92 -23.76 29.54
CA TYR C 274 82.32 -23.97 30.84
C TYR C 274 81.69 -22.71 31.40
N LYS C 275 81.37 -21.74 30.55
CA LYS C 275 80.56 -20.59 30.94
C LYS C 275 79.21 -20.60 30.24
N THR C 276 78.68 -21.78 30.00
CA THR C 276 77.49 -21.89 29.16
C THR C 276 76.19 -21.57 29.89
N VAL C 277 76.22 -21.45 31.22
CA VAL C 277 75.02 -21.10 31.99
C VAL C 277 75.49 -20.54 33.32
N LEU C 278 74.68 -19.64 33.90
CA LEU C 278 74.90 -19.04 35.23
C LEU C 278 76.25 -18.35 35.36
N SER C 279 76.82 -17.87 34.27
CA SER C 279 78.20 -17.41 34.34
C SER C 279 78.51 -16.12 33.62
N ARG C 280 77.60 -15.55 32.81
CA ARG C 280 78.00 -14.39 32.03
C ARG C 280 78.15 -13.15 32.90
N GLY C 281 77.06 -12.67 33.49
CA GLY C 281 77.12 -11.45 34.27
C GLY C 281 77.84 -11.60 35.59
N TYR C 282 77.97 -12.83 36.08
CA TYR C 282 78.48 -13.05 37.43
C TYR C 282 80.00 -13.02 37.48
N ILE C 283 80.66 -13.70 36.54
CA ILE C 283 82.12 -13.78 36.52
C ILE C 283 82.64 -13.27 35.19
N ASP C 284 83.86 -12.76 35.20
CA ASP C 284 84.48 -12.20 34.00
C ASP C 284 84.97 -13.31 33.08
N ASN C 285 85.67 -12.90 32.02
CA ASN C 285 85.99 -13.82 30.94
C ASN C 285 87.09 -14.80 31.34
N ALA C 286 88.06 -14.35 32.13
CA ALA C 286 89.21 -15.17 32.46
C ALA C 286 88.90 -16.27 33.48
N GLN C 287 87.72 -16.25 34.09
CA GLN C 287 87.37 -17.19 35.13
C GLN C 287 86.36 -18.22 34.63
N PHE C 288 86.16 -19.24 35.45
CA PHE C 288 85.01 -20.12 35.37
C PHE C 288 84.31 -20.10 36.71
N ASN C 289 83.01 -20.34 36.72
CA ASN C 289 82.22 -20.30 37.94
C ASN C 289 82.24 -21.68 38.58
N PRO C 290 82.93 -21.87 39.70
CA PRO C 290 83.03 -23.23 40.27
C PRO C 290 81.80 -23.65 41.05
N LEU C 291 80.97 -22.71 41.49
CA LEU C 291 79.77 -23.05 42.24
C LEU C 291 78.59 -23.31 41.33
N ALA C 292 78.77 -23.15 40.03
CA ALA C 292 77.81 -23.58 39.02
C ALA C 292 78.47 -24.55 38.04
N LEU C 293 79.46 -25.29 38.54
CA LEU C 293 80.28 -26.12 37.66
C LEU C 293 79.51 -27.34 37.17
N ARG C 294 78.68 -27.93 38.04
CA ARG C 294 77.91 -29.11 37.65
C ARG C 294 76.87 -28.76 36.58
N SER C 295 76.37 -27.52 36.58
CA SER C 295 75.49 -27.08 35.52
C SER C 295 76.24 -26.94 34.20
N ASN C 296 77.39 -26.26 34.23
CA ASN C 296 78.12 -25.96 33.00
C ASN C 296 78.73 -27.20 32.38
N VAL C 297 79.17 -28.15 33.20
CA VAL C 297 79.73 -29.38 32.67
C VAL C 297 78.63 -30.22 32.02
N LEU C 298 77.50 -30.37 32.70
CA LEU C 298 76.44 -31.23 32.20
C LEU C 298 75.77 -30.64 30.98
N LEU C 299 75.67 -29.31 30.92
CA LEU C 299 75.10 -28.68 29.74
C LEU C 299 76.06 -28.75 28.57
N MET C 300 77.36 -28.85 28.83
CA MET C 300 78.30 -29.17 27.77
C MET C 300 78.13 -30.59 27.29
N LEU C 301 77.83 -31.52 28.20
CA LEU C 301 77.65 -32.92 27.82
C LEU C 301 76.40 -33.12 26.99
N LEU C 302 75.37 -32.33 27.26
CA LEU C 302 74.21 -32.30 26.38
C LEU C 302 74.57 -31.72 25.02
N GLN C 303 75.44 -30.72 25.02
CA GLN C 303 75.96 -30.17 23.78
C GLN C 303 76.98 -31.13 23.15
N PHE C 304 77.56 -32.03 23.94
CA PHE C 304 78.39 -33.10 23.40
C PHE C 304 77.55 -34.17 22.74
N THR C 305 76.38 -34.48 23.31
CA THR C 305 75.55 -35.56 22.80
C THR C 305 74.80 -35.15 21.55
N LEU C 306 74.05 -34.04 21.62
CA LEU C 306 73.18 -33.64 20.52
C LEU C 306 73.95 -33.14 19.31
N SER C 307 75.22 -32.79 19.49
CA SER C 307 76.11 -32.55 18.36
C SER C 307 76.50 -33.82 17.64
N ASN C 308 76.19 -34.97 18.22
CA ASN C 308 76.82 -36.22 17.84
C ASN C 308 75.78 -37.27 17.51
N LEU C 309 74.52 -36.86 17.34
CA LEU C 309 73.43 -37.76 16.97
C LEU C 309 73.34 -37.80 15.45
N LYS C 310 74.24 -38.55 14.85
CA LYS C 310 74.28 -38.72 13.41
C LYS C 310 74.02 -40.18 13.05
N ILE C 311 74.05 -40.46 11.76
CA ILE C 311 73.87 -41.80 11.22
C ILE C 311 75.16 -42.18 10.52
N ASN C 312 75.75 -43.29 10.92
CA ASN C 312 77.01 -43.73 10.32
C ASN C 312 76.74 -44.32 8.95
N LYS C 313 77.39 -43.78 7.93
CA LYS C 313 77.16 -44.17 6.55
C LYS C 313 78.43 -44.68 5.91
N SER C 314 78.37 -45.86 5.30
CA SER C 314 79.52 -46.42 4.61
C SER C 314 79.77 -45.64 3.32
N SER C 315 81.02 -45.23 3.11
CA SER C 315 81.31 -44.35 1.99
C SER C 315 81.48 -45.15 0.69
N THR C 316 82.56 -45.91 0.62
CA THR C 316 82.95 -46.76 -0.51
C THR C 316 84.16 -47.58 -0.07
N PHE C 317 84.27 -48.80 -0.58
CA PHE C 317 85.27 -49.75 -0.12
C PHE C 317 86.05 -50.26 -1.32
N THR C 318 87.32 -49.91 -1.39
CA THR C 318 88.23 -50.44 -2.37
C THR C 318 89.13 -51.47 -1.71
N SER C 319 89.75 -52.30 -2.53
CA SER C 319 90.78 -53.20 -2.02
C SER C 319 92.10 -52.46 -1.94
N ASP C 320 92.89 -52.82 -0.94
CA ASP C 320 94.19 -52.18 -0.77
C ASP C 320 95.14 -52.80 -1.79
N VAL C 321 95.29 -52.13 -2.92
CA VAL C 321 96.05 -52.71 -4.03
C VAL C 321 97.54 -52.66 -3.73
N THR C 322 97.97 -51.71 -2.91
CA THR C 322 99.37 -51.60 -2.53
C THR C 322 99.73 -52.65 -1.48
N THR C 323 100.99 -52.65 -1.08
CA THR C 323 101.57 -53.72 -0.26
C THR C 323 101.45 -53.48 1.24
N ILE C 324 100.81 -52.39 1.66
CA ILE C 324 100.82 -52.03 3.07
C ILE C 324 99.95 -52.99 3.88
N THR C 325 98.78 -53.33 3.36
CA THR C 325 97.99 -54.43 3.89
C THR C 325 97.65 -55.50 2.87
N SER C 326 97.86 -55.23 1.57
CA SER C 326 97.84 -56.20 0.48
C SER C 326 96.48 -56.90 0.35
N GLY C 327 95.48 -56.10 0.01
CA GLY C 327 94.19 -56.62 -0.38
C GLY C 327 93.07 -56.45 0.63
N ARG C 328 93.31 -55.76 1.74
CA ARG C 328 92.28 -55.55 2.73
C ARG C 328 91.33 -54.46 2.25
N MET C 329 90.03 -54.65 2.49
CA MET C 329 89.01 -53.75 1.98
C MET C 329 89.03 -52.45 2.79
N ILE C 330 89.96 -51.57 2.39
CA ILE C 330 90.16 -50.29 3.05
C ILE C 330 88.96 -49.37 2.85
N ARG C 331 88.67 -48.55 3.85
CA ARG C 331 87.83 -47.38 3.66
C ARG C 331 88.45 -46.49 2.59
N ALA C 332 87.70 -46.22 1.53
CA ALA C 332 88.24 -45.46 0.42
C ALA C 332 87.87 -43.99 0.61
N PHE C 333 88.70 -43.28 1.38
CA PHE C 333 88.60 -41.83 1.40
C PHE C 333 89.19 -41.29 0.11
N GLU C 334 88.32 -41.11 -0.88
CA GLU C 334 88.78 -40.81 -2.24
C GLU C 334 89.30 -39.39 -2.33
N GLY C 335 88.45 -38.41 -2.08
CA GLY C 335 88.84 -37.03 -2.27
C GLY C 335 89.66 -36.43 -1.16
N ARG C 336 89.77 -37.11 -0.02
CA ARG C 336 90.47 -36.57 1.14
C ARG C 336 91.47 -37.60 1.66
N PRO C 337 92.70 -37.60 1.14
CA PRO C 337 93.73 -38.49 1.69
C PRO C 337 94.27 -38.04 3.02
N GLU C 338 94.01 -36.80 3.43
CA GLU C 338 94.47 -36.27 4.71
C GLU C 338 93.72 -36.86 5.89
N LEU C 339 92.65 -37.62 5.63
CA LEU C 339 91.92 -38.34 6.67
C LEU C 339 92.08 -39.85 6.54
N LEU C 340 92.50 -40.34 5.37
CA LEU C 340 92.77 -41.77 5.20
C LEU C 340 93.94 -42.22 6.07
N ALA C 341 94.97 -41.38 6.18
CA ALA C 341 96.10 -41.72 7.02
C ALA C 341 95.73 -41.66 8.50
N LEU C 342 94.78 -40.80 8.86
CA LEU C 342 94.36 -40.70 10.25
C LEU C 342 93.31 -41.73 10.62
N ALA C 343 92.55 -42.22 9.65
CA ALA C 343 91.54 -43.25 9.94
C ALA C 343 92.19 -44.56 10.33
N TYR C 344 93.32 -44.88 9.71
CA TYR C 344 93.93 -46.20 9.82
C TYR C 344 95.36 -46.08 10.29
N PRO C 345 95.63 -46.22 11.58
CA PRO C 345 97.02 -46.29 12.05
C PRO C 345 97.72 -47.58 11.67
N GLY C 346 96.96 -48.63 11.32
CA GLY C 346 97.58 -49.88 10.93
C GLY C 346 98.29 -49.83 9.60
N ARG C 347 97.93 -48.90 8.73
CA ARG C 347 98.62 -48.70 7.46
C ARG C 347 99.73 -47.68 7.56
N ALA C 348 100.32 -47.50 8.72
CA ALA C 348 101.41 -46.55 8.85
C ALA C 348 102.69 -47.14 8.29
N VAL C 349 103.48 -46.29 7.65
CA VAL C 349 104.85 -46.63 7.30
C VAL C 349 105.72 -46.28 8.50
N LEU C 350 106.60 -47.21 8.89
CA LEU C 350 107.40 -47.08 10.09
C LEU C 350 108.87 -47.11 9.69
N PRO C 351 109.41 -45.99 9.17
CA PRO C 351 110.77 -45.99 8.66
C PRO C 351 111.83 -46.14 9.73
N THR C 352 111.82 -45.24 10.70
CA THR C 352 112.77 -45.22 11.78
C THR C 352 112.07 -45.62 13.07
N GLN C 353 112.83 -45.66 14.16
CA GLN C 353 112.26 -46.01 15.46
C GLN C 353 111.69 -44.76 16.13
N THR C 354 110.67 -44.22 15.48
CA THR C 354 109.79 -43.23 16.08
C THR C 354 109.12 -43.87 17.29
N LYS C 355 108.81 -43.06 18.32
CA LYS C 355 108.08 -43.63 19.44
C LYS C 355 106.63 -43.94 19.04
N ASN C 356 106.11 -43.29 18.00
CA ASN C 356 104.90 -43.77 17.36
C ASN C 356 105.14 -45.13 16.73
N ALA C 357 106.28 -45.29 16.04
CA ALA C 357 106.65 -46.56 15.44
C ALA C 357 106.93 -47.62 16.48
N GLN C 358 107.29 -47.23 17.71
CA GLN C 358 107.36 -48.18 18.80
C GLN C 358 105.98 -48.74 19.11
N PHE C 359 104.95 -47.91 19.01
CA PHE C 359 103.59 -48.35 19.26
C PHE C 359 102.98 -49.01 18.03
N LEU C 360 103.13 -48.38 16.86
CA LEU C 360 102.47 -48.87 15.66
C LEU C 360 103.11 -50.12 15.09
N SER C 361 104.24 -50.56 15.65
CA SER C 361 104.76 -51.88 15.32
C SER C 361 103.90 -52.98 15.92
N THR C 362 103.20 -52.68 17.00
CA THR C 362 102.38 -53.65 17.71
C THR C 362 100.98 -53.76 17.11
N ALA C 363 100.70 -52.97 16.07
CA ALA C 363 99.38 -53.00 15.43
C ALA C 363 99.17 -54.30 14.69
N ILE C 364 98.04 -54.96 14.96
CA ILE C 364 97.72 -56.22 14.32
C ILE C 364 97.21 -55.93 12.91
N ALA C 365 97.62 -56.76 11.95
CA ALA C 365 97.47 -56.42 10.54
C ALA C 365 96.03 -56.50 10.07
N ASP C 366 95.23 -57.41 10.60
CA ASP C 366 93.86 -57.62 10.12
C ASP C 366 92.81 -56.96 11.01
N ARG C 367 93.11 -55.78 11.55
CA ARG C 367 92.19 -55.02 12.38
C ARG C 367 91.73 -53.76 11.66
N ILE C 368 91.44 -53.87 10.36
CA ILE C 368 91.30 -52.70 9.52
C ILE C 368 90.30 -53.01 8.42
N GLY C 369 89.52 -51.99 8.04
CA GLY C 369 88.59 -52.14 6.94
C GLY C 369 87.38 -52.95 7.32
N ARG C 370 86.59 -53.33 6.31
CA ARG C 370 85.38 -54.06 6.61
C ARG C 370 85.69 -55.52 6.89
N LEU C 371 84.79 -56.14 7.65
CA LEU C 371 84.91 -57.54 8.02
C LEU C 371 83.74 -58.35 7.50
N ASP C 372 82.52 -57.88 7.70
CA ASP C 372 81.31 -58.60 7.27
C ASP C 372 80.37 -57.58 6.63
N ARG C 373 80.41 -57.50 5.31
CA ARG C 373 79.44 -56.72 4.55
C ARG C 373 78.15 -57.51 4.50
N ALA C 374 77.16 -57.11 5.29
CA ALA C 374 75.88 -57.82 5.34
C ALA C 374 75.00 -57.37 4.18
N ASN C 375 75.32 -57.86 3.00
CA ASN C 375 74.55 -57.55 1.80
C ASN C 375 73.42 -58.55 1.61
N LEU C 376 72.40 -58.11 0.88
CA LEU C 376 71.22 -58.91 0.61
C LEU C 376 71.04 -59.18 -0.87
N ILE C 377 71.04 -58.14 -1.70
CA ILE C 377 70.63 -58.22 -3.08
C ILE C 377 71.84 -57.93 -3.96
N GLY C 378 72.07 -58.79 -4.95
CA GLY C 378 73.17 -58.59 -5.87
C GLY C 378 72.91 -57.40 -6.77
N GLY C 379 73.78 -56.41 -6.74
CA GLY C 379 73.58 -55.20 -7.52
C GLY C 379 73.12 -54.05 -6.67
N GLU C 380 72.24 -54.33 -5.71
CA GLU C 380 71.77 -53.30 -4.80
C GLU C 380 72.84 -53.01 -3.77
N VAL C 381 72.84 -51.77 -3.27
CA VAL C 381 73.76 -51.35 -2.21
C VAL C 381 73.52 -52.20 -0.95
N SER C 382 74.60 -52.47 -0.23
CA SER C 382 74.55 -53.33 0.94
C SER C 382 73.76 -52.66 2.07
N ALA C 383 73.34 -53.48 3.02
CA ALA C 383 72.49 -52.97 4.10
C ALA C 383 73.33 -52.34 5.21
N MET C 384 74.36 -53.04 5.64
CA MET C 384 75.08 -52.66 6.86
C MET C 384 76.45 -53.33 6.83
N VAL C 385 77.51 -52.56 6.67
CA VAL C 385 78.85 -53.11 6.73
C VAL C 385 79.32 -53.08 8.19
N GLU C 386 80.35 -53.86 8.48
CA GLU C 386 80.91 -53.96 9.83
C GLU C 386 82.41 -53.77 9.69
N CYS C 387 82.89 -52.56 9.95
CA CYS C 387 84.30 -52.24 9.73
C CYS C 387 84.95 -51.74 11.01
N MET C 388 86.27 -51.86 11.04
CA MET C 388 87.09 -51.35 12.13
C MET C 388 87.87 -50.15 11.64
N GLU C 389 87.73 -49.03 12.34
CA GLU C 389 88.40 -47.80 12.00
C GLU C 389 88.60 -47.02 13.28
N LEU C 390 89.23 -45.85 13.16
CA LEU C 390 89.49 -45.02 14.34
C LEU C 390 88.19 -44.39 14.81
N CYS C 391 87.73 -44.80 15.98
CA CYS C 391 86.57 -44.17 16.59
C CYS C 391 86.65 -44.41 18.09
N ASP C 392 86.21 -43.41 18.86
CA ASP C 392 86.08 -43.60 20.29
C ASP C 392 84.93 -44.53 20.61
N ALA C 393 84.94 -45.09 21.81
CA ALA C 393 83.85 -45.96 22.22
C ALA C 393 82.62 -45.18 22.68
N LEU C 394 82.73 -43.87 22.84
CA LEU C 394 81.64 -43.07 23.39
C LEU C 394 80.73 -42.50 22.31
N THR C 395 81.31 -41.93 21.25
CA THR C 395 80.51 -41.49 20.12
C THR C 395 79.75 -42.64 19.50
N LEU C 396 80.41 -43.79 19.35
CA LEU C 396 79.79 -44.98 18.79
C LEU C 396 78.60 -45.45 19.63
N HIS C 397 78.66 -45.26 20.95
CA HIS C 397 77.48 -45.54 21.76
C HIS C 397 76.39 -44.53 21.52
N ILE C 398 76.74 -43.27 21.27
CA ILE C 398 75.74 -42.24 20.98
C ILE C 398 75.13 -42.48 19.60
N ARG C 399 75.91 -43.00 18.65
CA ARG C 399 75.36 -43.28 17.33
C ARG C 399 74.43 -44.48 17.37
N GLU C 400 74.84 -45.57 18.04
CA GLU C 400 74.03 -46.78 18.03
C GLU C 400 72.76 -46.65 18.85
N THR C 401 72.74 -45.76 19.85
CA THR C 401 71.49 -45.49 20.53
C THR C 401 70.62 -44.50 19.78
N TYR C 402 71.15 -43.88 18.74
CA TYR C 402 70.37 -42.99 17.90
C TYR C 402 69.66 -43.75 16.80
N ILE C 403 70.32 -44.76 16.22
CA ILE C 403 69.64 -45.70 15.35
C ILE C 403 68.59 -46.47 16.14
N MET C 404 68.92 -46.85 17.39
CA MET C 404 67.95 -47.50 18.25
C MET C 404 66.80 -46.57 18.61
N LEU C 405 67.06 -45.25 18.67
CA LEU C 405 65.98 -44.29 18.69
C LEU C 405 65.25 -44.24 17.36
N LEU C 406 65.98 -44.37 16.26
CA LEU C 406 65.40 -44.11 14.95
C LEU C 406 64.64 -45.32 14.45
N ARG C 407 64.99 -46.52 14.91
CA ARG C 407 64.18 -47.70 14.66
C ARG C 407 62.89 -47.68 15.45
N SER C 408 62.87 -46.98 16.59
CA SER C 408 61.71 -46.99 17.47
C SER C 408 60.51 -46.28 16.87
N MET C 409 60.73 -45.42 15.89
CA MET C 409 59.65 -44.79 15.14
C MET C 409 59.57 -45.30 13.71
N HIS C 410 60.24 -46.40 13.41
CA HIS C 410 60.12 -47.07 12.13
C HIS C 410 59.08 -48.18 12.19
N GLN C 411 58.26 -48.27 11.15
CA GLN C 411 57.39 -49.40 10.93
C GLN C 411 57.65 -49.94 9.53
N ASP C 412 57.52 -51.25 9.38
CA ASP C 412 57.67 -51.87 8.07
C ASP C 412 56.50 -51.49 7.15
N PRO C 413 56.73 -51.48 5.83
CA PRO C 413 55.70 -50.96 4.91
C PRO C 413 54.43 -51.79 4.83
N THR C 414 54.44 -53.05 5.28
CA THR C 414 53.21 -53.81 5.34
C THR C 414 52.28 -53.28 6.43
N GLN C 415 52.85 -52.66 7.46
CA GLN C 415 52.04 -52.14 8.56
C GLN C 415 51.73 -50.66 8.43
N ILE C 416 52.51 -49.89 7.67
CA ILE C 416 52.16 -48.49 7.52
C ILE C 416 51.04 -48.30 6.50
N VAL C 417 50.80 -49.28 5.63
CA VAL C 417 49.66 -49.17 4.74
C VAL C 417 48.38 -49.51 5.51
N GLN C 418 48.49 -50.32 6.56
CA GLN C 418 47.35 -50.52 7.44
C GLN C 418 47.08 -49.27 8.26
N ILE C 419 48.13 -48.48 8.53
CA ILE C 419 47.93 -47.25 9.29
C ILE C 419 47.24 -46.21 8.45
N VAL C 420 47.68 -46.03 7.20
CA VAL C 420 47.12 -44.99 6.33
C VAL C 420 45.68 -45.33 5.95
N ASN C 421 45.38 -46.61 5.72
CA ASN C 421 44.01 -47.00 5.40
C ASN C 421 43.09 -46.86 6.61
N GLU C 422 43.56 -47.22 7.81
CA GLU C 422 42.74 -47.02 9.00
C GLU C 422 42.64 -45.55 9.37
N CYS C 423 43.66 -44.76 9.04
CA CYS C 423 43.56 -43.32 9.26
C CYS C 423 42.57 -42.68 8.29
N ALA C 424 42.45 -43.24 7.09
CA ALA C 424 41.50 -42.76 6.10
C ALA C 424 40.19 -43.54 6.12
N ASN C 425 40.00 -44.39 7.12
CA ASN C 425 38.81 -45.23 7.29
C ASN C 425 38.53 -46.11 6.07
N ASN C 426 39.60 -46.63 5.48
CA ASN C 426 39.58 -47.71 4.48
C ASN C 426 38.84 -47.32 3.20
N LEU C 427 38.66 -46.02 2.94
CA LEU C 427 38.04 -45.57 1.71
C LEU C 427 39.05 -44.89 0.78
N LEU C 428 40.33 -45.19 0.96
CA LEU C 428 41.37 -44.63 0.11
C LEU C 428 42.13 -45.76 -0.57
N ASN C 429 42.46 -45.56 -1.84
CA ASN C 429 43.03 -46.60 -2.69
C ASN C 429 44.55 -46.57 -2.64
N SER C 430 45.09 -47.20 -1.61
CA SER C 430 46.53 -47.23 -1.35
C SER C 430 47.00 -48.67 -1.39
N THR C 431 47.89 -48.98 -2.35
CA THR C 431 48.39 -50.34 -2.55
C THR C 431 49.89 -50.38 -2.36
N ILE C 432 50.39 -51.49 -1.81
CA ILE C 432 51.83 -51.68 -1.66
C ILE C 432 52.31 -52.86 -2.50
N PRO C 433 53.48 -52.76 -3.13
CA PRO C 433 54.06 -53.93 -3.78
C PRO C 433 54.53 -54.95 -2.77
N ILE C 434 54.28 -56.22 -3.07
CA ILE C 434 54.67 -57.32 -2.19
C ILE C 434 55.96 -57.89 -2.78
N SER C 435 57.09 -57.41 -2.26
CA SER C 435 58.41 -57.85 -2.65
C SER C 435 59.36 -57.50 -1.52
N LEU C 436 60.66 -57.56 -1.79
CA LEU C 436 61.66 -57.21 -0.79
C LEU C 436 62.16 -55.79 -0.98
N ARG C 437 62.50 -55.17 0.14
CA ARG C 437 62.97 -53.78 0.18
C ARG C 437 64.06 -53.69 1.24
N PRO C 438 65.33 -53.61 0.83
CA PRO C 438 66.45 -53.81 1.76
C PRO C 438 66.62 -52.76 2.86
N THR C 439 66.80 -51.49 2.47
CA THR C 439 67.26 -50.45 3.39
C THR C 439 66.22 -49.34 3.45
N ILE C 440 65.22 -49.51 4.30
CA ILE C 440 64.00 -48.71 4.20
C ILE C 440 63.58 -47.99 5.47
N LEU C 441 64.53 -47.42 6.22
CA LEU C 441 64.14 -46.54 7.33
C LEU C 441 63.24 -45.41 6.89
N CYS C 442 62.00 -45.48 7.38
CA CYS C 442 60.97 -44.47 7.13
C CYS C 442 60.47 -43.95 8.48
N PRO C 443 61.32 -43.23 9.22
CA PRO C 443 61.06 -43.06 10.66
C PRO C 443 59.98 -42.03 10.98
N TRP C 444 58.74 -42.50 11.23
CA TRP C 444 57.66 -41.52 11.38
C TRP C 444 56.61 -41.93 12.39
N PHE C 445 56.95 -42.70 13.42
CA PHE C 445 55.87 -43.28 14.22
C PHE C 445 56.15 -43.16 15.71
N ALA C 446 55.74 -42.04 16.29
CA ALA C 446 55.69 -41.93 17.73
C ALA C 446 54.58 -42.82 18.27
N SER C 447 54.77 -43.30 19.49
CA SER C 447 53.78 -44.15 20.13
C SER C 447 52.58 -43.31 20.60
N SER C 448 51.60 -44.00 21.18
CA SER C 448 50.45 -43.30 21.76
C SER C 448 50.83 -42.51 22.99
N GLU C 449 51.91 -42.89 23.68
CA GLU C 449 52.33 -42.17 24.87
C GLU C 449 52.99 -40.85 24.52
N ASP C 450 53.76 -40.82 23.43
CA ASP C 450 54.50 -39.62 23.08
C ASP C 450 53.62 -38.55 22.47
N LEU C 451 52.55 -38.96 21.78
CA LEU C 451 51.59 -38.01 21.24
C LEU C 451 50.82 -37.33 22.36
N ARG C 452 50.58 -38.04 23.47
CA ARG C 452 49.97 -37.43 24.64
C ARG C 452 50.88 -36.39 25.27
N LEU C 453 52.19 -36.63 25.23
CA LEU C 453 53.13 -35.71 25.85
C LEU C 453 53.27 -34.43 25.04
N GLN C 454 53.11 -34.52 23.71
CA GLN C 454 53.08 -33.31 22.92
C GLN C 454 51.74 -32.60 23.03
N GLN C 455 50.66 -33.37 23.19
CA GLN C 455 49.32 -32.78 23.23
C GLN C 455 49.13 -31.92 24.48
N VAL C 456 49.71 -32.34 25.61
CA VAL C 456 49.71 -31.47 26.78
C VAL C 456 50.66 -30.32 26.57
N MET C 457 51.82 -30.59 25.96
CA MET C 457 52.78 -29.54 25.65
C MET C 457 52.23 -28.57 24.60
N HIS C 458 51.33 -29.05 23.75
CA HIS C 458 50.53 -28.15 22.93
C HIS C 458 49.66 -27.25 23.79
N LEU C 459 49.02 -27.81 24.82
CA LEU C 459 48.11 -27.05 25.66
C LEU C 459 48.83 -26.20 26.70
N VAL C 460 50.11 -26.43 26.92
CA VAL C 460 50.91 -25.62 27.84
C VAL C 460 51.47 -24.38 27.13
N ASN C 461 51.85 -24.53 25.85
CA ASN C 461 52.38 -23.42 25.07
C ASN C 461 51.35 -22.31 24.86
N ILE C 462 50.08 -22.67 24.72
CA ILE C 462 49.04 -21.75 24.30
C ILE C 462 48.56 -20.90 25.46
N SER C 463 47.83 -19.84 25.14
CA SER C 463 47.05 -19.11 26.13
C SER C 463 45.73 -19.82 26.35
N SER C 464 45.38 -20.08 27.61
CA SER C 464 44.22 -20.90 27.91
C SER C 464 42.89 -20.15 27.82
N ASN C 465 42.88 -18.94 27.28
CA ASN C 465 41.62 -18.28 26.96
C ASN C 465 41.15 -18.73 25.58
N THR C 466 40.19 -18.00 25.01
CA THR C 466 39.64 -18.28 23.69
C THR C 466 40.60 -17.91 22.55
N ALA C 467 41.83 -17.49 22.80
CA ALA C 467 42.78 -17.15 21.76
C ALA C 467 43.45 -18.37 21.14
N ALA C 468 43.17 -19.57 21.63
CA ALA C 468 43.88 -20.75 21.18
C ALA C 468 43.00 -21.78 20.51
N ALA C 469 41.79 -22.00 21.03
CA ALA C 469 40.87 -22.93 20.38
C ALA C 469 40.29 -22.33 19.12
N LEU C 470 40.11 -21.03 19.10
CA LEU C 470 39.55 -20.32 17.96
C LEU C 470 40.45 -20.34 16.72
N PRO C 471 41.79 -20.40 16.80
CA PRO C 471 42.54 -20.87 15.64
C PRO C 471 42.30 -22.33 15.32
N LEU C 472 42.02 -23.13 16.32
CA LEU C 472 42.07 -24.58 16.18
C LEU C 472 40.78 -25.17 15.63
N VAL C 473 39.65 -24.52 15.90
CA VAL C 473 38.37 -24.97 15.34
C VAL C 473 38.34 -24.74 13.84
N GLU C 474 38.77 -23.56 13.39
CA GLU C 474 38.70 -23.25 11.97
C GLU C 474 39.76 -24.01 11.16
N ALA C 475 40.77 -24.57 11.84
CA ALA C 475 41.66 -25.52 11.18
C ALA C 475 40.90 -26.74 10.68
N LEU C 476 39.97 -27.27 11.49
CA LEU C 476 39.06 -28.28 10.98
C LEU C 476 38.06 -27.69 10.00
N SER C 477 37.40 -26.60 10.39
CA SER C 477 36.23 -26.10 9.66
C SER C 477 36.57 -25.59 8.27
N THR C 478 37.83 -25.21 8.01
CA THR C 478 38.23 -24.93 6.64
C THR C 478 38.33 -26.21 5.84
N LEU C 479 38.98 -27.22 6.40
CA LEU C 479 39.06 -28.52 5.75
C LEU C 479 37.74 -29.26 5.80
N LEU C 480 36.87 -28.95 6.76
CA LEU C 480 35.61 -29.65 6.86
C LEU C 480 34.64 -29.21 5.77
N ARG C 481 34.65 -27.92 5.45
CA ARG C 481 33.84 -27.42 4.34
C ARG C 481 34.45 -27.73 2.99
N SER C 482 35.74 -28.07 2.95
CA SER C 482 36.36 -28.39 1.68
C SER C 482 35.95 -29.76 1.16
N VAL C 483 35.64 -30.68 2.07
CA VAL C 483 35.38 -32.07 1.70
C VAL C 483 33.94 -32.46 1.88
N THR C 484 33.07 -31.56 2.27
CA THR C 484 31.77 -32.09 2.62
C THR C 484 30.84 -32.14 1.41
N PRO C 485 29.98 -33.14 1.33
CA PRO C 485 29.01 -33.21 0.22
C PRO C 485 27.77 -32.40 0.49
N LEU C 486 27.51 -32.09 1.77
CA LEU C 486 26.31 -31.38 2.17
C LEU C 486 26.36 -29.95 1.64
N VAL C 487 25.47 -29.64 0.70
CA VAL C 487 25.40 -28.33 0.07
C VAL C 487 24.18 -27.63 0.62
N LEU C 488 24.40 -26.57 1.40
CA LEU C 488 23.28 -25.81 1.93
C LEU C 488 22.61 -24.99 0.83
N ASP C 489 21.28 -24.92 0.88
CA ASP C 489 20.51 -24.19 -0.11
C ASP C 489 19.22 -23.76 0.52
N PRO C 490 19.18 -22.55 1.12
CA PRO C 490 18.02 -22.15 1.94
C PRO C 490 16.75 -21.82 1.18
N THR C 491 16.73 -22.05 -0.14
CA THR C 491 15.51 -21.82 -0.91
C THR C 491 14.44 -22.83 -0.57
N VAL C 492 14.81 -24.02 -0.10
CA VAL C 492 13.83 -25.07 0.14
C VAL C 492 12.96 -24.74 1.35
N LEU C 493 13.58 -24.37 2.47
CA LEU C 493 12.81 -23.98 3.64
C LEU C 493 12.11 -22.65 3.44
N THR C 494 12.66 -21.80 2.57
CA THR C 494 11.93 -20.61 2.15
C THR C 494 10.70 -20.97 1.36
N ASN C 495 10.85 -21.88 0.38
CA ASN C 495 9.73 -22.28 -0.46
C ASN C 495 8.74 -23.15 0.32
N ALA C 496 9.16 -23.73 1.44
CA ALA C 496 8.23 -24.49 2.27
C ALA C 496 7.37 -23.58 3.13
N ILE C 497 7.87 -22.41 3.51
CA ILE C 497 7.11 -21.51 4.38
C ILE C 497 6.27 -20.53 3.58
N THR C 498 6.83 -19.93 2.52
CA THR C 498 6.08 -18.95 1.74
C THR C 498 4.95 -19.57 0.93
N THR C 499 4.90 -20.89 0.82
CA THR C 499 3.77 -21.59 0.22
C THR C 499 2.83 -22.16 1.26
N ILE C 500 2.73 -21.52 2.43
CA ILE C 500 1.61 -21.77 3.33
C ILE C 500 0.68 -20.57 3.20
N SER C 501 -0.61 -20.81 3.39
CA SER C 501 -1.63 -19.82 3.06
C SER C 501 -1.92 -18.94 4.27
N GLU C 502 -1.97 -17.64 4.03
CA GLU C 502 -2.33 -16.67 5.06
C GLU C 502 -3.16 -15.56 4.43
N SER C 503 -4.27 -15.22 5.08
CA SER C 503 -5.01 -14.02 4.70
C SER C 503 -4.17 -12.79 4.97
N THR C 504 -4.03 -11.94 3.97
CA THR C 504 -3.19 -10.77 4.08
C THR C 504 -3.84 -9.63 4.85
N THR C 505 -5.08 -9.78 5.29
CA THR C 505 -5.75 -8.68 5.98
C THR C 505 -5.31 -8.51 7.42
N GLN C 506 -4.56 -9.45 7.98
CA GLN C 506 -4.10 -9.35 9.36
C GLN C 506 -3.05 -8.27 9.50
N THR C 507 -2.83 -7.85 10.75
CA THR C 507 -1.78 -6.88 11.03
C THR C 507 -0.43 -7.57 11.14
N ILE C 508 -0.40 -8.77 11.69
CA ILE C 508 0.82 -9.50 11.96
C ILE C 508 0.88 -10.71 11.06
N SER C 509 1.99 -10.87 10.35
CA SER C 509 2.19 -11.99 9.45
C SER C 509 3.17 -12.98 10.05
N PRO C 510 2.73 -14.17 10.47
CA PRO C 510 3.69 -15.18 10.93
C PRO C 510 4.56 -15.76 9.85
N ILE C 511 4.22 -15.58 8.58
CA ILE C 511 5.16 -15.93 7.53
C ILE C 511 6.31 -14.92 7.49
N SER C 512 5.96 -13.63 7.48
CA SER C 512 6.96 -12.61 7.24
C SER C 512 7.77 -12.26 8.48
N GLU C 513 7.20 -12.40 9.66
CA GLU C 513 7.94 -12.01 10.86
C GLU C 513 8.91 -13.08 11.33
N ILE C 514 9.01 -14.22 10.65
CA ILE C 514 9.99 -15.23 11.01
C ILE C 514 11.09 -15.36 9.96
N LEU C 515 10.83 -15.02 8.70
CA LEU C 515 11.90 -14.87 7.73
C LEU C 515 12.72 -13.62 8.01
N ARG C 516 12.18 -12.66 8.76
CA ARG C 516 12.99 -11.58 9.32
C ARG C 516 14.02 -12.13 10.29
N LEU C 517 13.66 -13.16 11.04
CA LEU C 517 14.51 -13.75 12.06
C LEU C 517 15.25 -14.97 11.55
N LEU C 518 15.43 -15.07 10.24
CA LEU C 518 15.94 -16.31 9.65
C LEU C 518 17.16 -16.04 8.78
N GLN C 519 17.19 -14.88 8.13
CA GLN C 519 18.15 -14.65 7.07
C GLN C 519 19.31 -13.81 7.57
N PRO C 520 20.54 -14.32 7.52
CA PRO C 520 21.70 -13.44 7.61
C PRO C 520 22.00 -12.82 6.26
N MET C 521 22.60 -11.63 6.30
CA MET C 521 22.80 -10.89 5.06
C MET C 521 23.90 -11.51 4.21
N GLY C 522 25.01 -11.91 4.82
CA GLY C 522 26.04 -12.64 4.12
C GLY C 522 25.69 -14.11 4.00
N ASN C 523 26.73 -14.94 3.83
CA ASN C 523 26.51 -16.38 3.86
C ASN C 523 26.20 -16.83 5.28
N ASP C 524 27.19 -16.67 6.18
CA ASP C 524 27.06 -16.94 7.62
C ASP C 524 26.60 -18.36 7.92
N TYR C 525 27.06 -19.31 7.09
CA TYR C 525 26.70 -20.70 7.21
C TYR C 525 27.88 -21.58 7.57
N ALA C 526 29.09 -21.04 7.57
CA ALA C 526 30.24 -21.74 8.12
C ALA C 526 30.22 -21.81 9.64
N ALA C 527 29.38 -21.00 10.29
CA ALA C 527 29.22 -21.09 11.74
C ALA C 527 28.55 -22.41 12.15
N PHE C 528 27.80 -23.01 11.25
CA PHE C 528 27.36 -24.40 11.43
C PHE C 528 28.54 -25.35 11.42
N TRP C 529 29.52 -25.10 10.54
CA TRP C 529 30.66 -25.98 10.43
C TRP C 529 31.70 -25.71 11.49
N LYS C 530 31.71 -24.50 12.06
CA LYS C 530 32.49 -24.29 13.27
C LYS C 530 31.81 -24.96 14.47
N CYS C 531 30.48 -25.04 14.45
CA CYS C 531 29.76 -25.72 15.51
C CYS C 531 29.99 -27.22 15.47
N ILE C 532 30.19 -27.79 14.29
CA ILE C 532 30.55 -29.20 14.17
C ILE C 532 31.99 -29.42 14.58
N ALA C 533 32.90 -28.55 14.10
CA ALA C 533 34.32 -28.71 14.36
C ALA C 533 34.70 -28.50 15.82
N SER C 534 33.83 -27.88 16.61
CA SER C 534 34.08 -27.76 18.03
C SER C 534 33.81 -29.05 18.80
N TRP C 535 33.19 -30.05 18.18
CA TRP C 535 32.92 -31.30 18.87
C TRP C 535 34.19 -32.11 19.05
N ALA C 536 35.16 -31.94 18.16
CA ALA C 536 36.47 -32.53 18.36
C ALA C 536 37.28 -31.80 19.41
N TYR C 537 36.86 -30.60 19.79
CA TYR C 537 37.62 -29.73 20.68
C TYR C 537 36.76 -29.26 21.84
N ASN C 538 35.90 -30.12 22.38
CA ASN C 538 35.04 -29.69 23.47
C ASN C 538 35.77 -29.54 24.79
N GLY C 539 37.04 -29.97 24.87
CA GLY C 539 37.82 -29.73 26.06
C GLY C 539 38.29 -28.29 26.16
N LEU C 540 38.76 -27.72 25.06
CA LEU C 540 39.16 -26.32 25.08
C LEU C 540 37.93 -25.41 25.06
N VAL C 541 37.11 -25.53 24.02
CA VAL C 541 36.06 -24.56 23.74
C VAL C 541 34.71 -25.25 23.85
N THR C 542 33.74 -24.54 24.41
CA THR C 542 32.34 -24.97 24.40
C THR C 542 31.54 -23.87 23.70
N THR C 543 30.94 -24.23 22.56
CA THR C 543 30.08 -23.29 21.86
C THR C 543 28.86 -22.97 22.69
N VAL C 544 28.62 -21.68 22.91
CA VAL C 544 27.52 -21.21 23.74
C VAL C 544 26.46 -20.63 22.81
N LEU C 545 25.20 -20.84 23.18
CA LEU C 545 24.10 -20.19 22.46
C LEU C 545 24.25 -18.69 22.60
N SER C 546 24.11 -17.98 21.47
CA SER C 546 24.40 -16.56 21.43
C SER C 546 23.38 -15.77 22.23
N GLU C 547 23.89 -14.95 23.16
CA GLU C 547 23.03 -14.32 24.17
C GLU C 547 22.11 -13.28 23.55
N ASP C 548 22.53 -12.67 22.44
CA ASP C 548 21.65 -11.74 21.74
C ASP C 548 20.57 -12.44 20.92
N ALA C 549 20.58 -13.77 20.86
CA ALA C 549 19.53 -14.52 20.19
C ALA C 549 18.49 -15.08 21.15
N PHE C 550 18.70 -14.95 22.45
CA PHE C 550 17.66 -15.32 23.40
C PHE C 550 16.53 -14.30 23.34
N PRO C 551 15.28 -14.72 23.51
CA PRO C 551 14.20 -13.75 23.69
C PRO C 551 14.29 -13.10 25.05
N ASP C 552 13.94 -11.83 25.10
CA ASP C 552 14.14 -11.03 26.30
C ASP C 552 13.14 -11.38 27.39
N SER C 553 13.42 -10.93 28.61
CA SER C 553 12.48 -11.01 29.71
C SER C 553 11.62 -9.76 29.80
N SER C 554 11.08 -9.37 28.69
CA SER C 554 10.13 -8.28 28.57
C SER C 554 8.93 -8.69 27.74
N GLN C 555 9.12 -9.54 26.74
CA GLN C 555 8.06 -9.93 25.84
C GLN C 555 7.46 -11.26 26.28
N SER C 556 6.20 -11.43 25.98
CA SER C 556 5.45 -12.60 26.39
C SER C 556 5.48 -13.64 25.29
N ILE C 557 4.68 -14.69 25.45
CA ILE C 557 4.53 -15.67 24.40
C ILE C 557 3.60 -15.15 23.29
N THR C 558 2.76 -14.16 23.60
CA THR C 558 1.91 -13.57 22.59
C THR C 558 2.71 -12.72 21.61
N HIS C 559 3.84 -12.16 22.05
CA HIS C 559 4.76 -11.48 21.15
C HIS C 559 5.36 -12.50 20.21
N LEU C 560 5.13 -12.31 18.92
CA LEU C 560 5.33 -13.40 17.97
C LEU C 560 6.79 -13.70 17.65
N PRO C 561 7.68 -12.71 17.34
CA PRO C 561 9.07 -13.09 17.09
C PRO C 561 9.81 -13.61 18.31
N SER C 562 9.32 -13.36 19.52
CA SER C 562 9.96 -13.93 20.70
C SER C 562 9.74 -15.43 20.77
N MET C 563 8.61 -15.91 20.25
CA MET C 563 8.35 -17.34 20.28
C MET C 563 9.19 -18.10 19.26
N TRP C 564 9.34 -17.55 18.07
CA TRP C 564 10.11 -18.23 17.03
C TRP C 564 11.60 -18.21 17.30
N LYS C 565 12.07 -17.30 18.16
CA LYS C 565 13.40 -17.46 18.72
C LYS C 565 13.49 -18.72 19.55
N CYS C 566 12.46 -18.98 20.36
CA CYS C 566 12.48 -20.14 21.23
C CYS C 566 12.35 -21.44 20.46
N LEU C 567 11.71 -21.40 19.28
CA LEU C 567 11.82 -22.52 18.36
C LEU C 567 13.24 -22.67 17.85
N PHE C 568 13.89 -21.56 17.51
CA PHE C 568 15.23 -21.63 16.96
C PHE C 568 16.27 -22.00 18.01
N LEU C 569 15.98 -21.72 19.29
CA LEU C 569 16.86 -22.20 20.34
C LEU C 569 16.68 -23.68 20.56
N THR C 570 15.43 -24.15 20.54
CA THR C 570 15.15 -25.55 20.85
C THR C 570 15.64 -26.46 19.73
N LEU C 571 15.58 -25.99 18.48
CA LEU C 571 16.14 -26.77 17.39
C LEU C 571 17.65 -26.83 17.46
N ALA C 572 18.29 -25.68 17.68
CA ALA C 572 19.75 -25.61 17.74
C ALA C 572 20.31 -25.94 19.11
N GLY C 573 19.53 -26.59 19.96
CA GLY C 573 19.98 -27.04 21.26
C GLY C 573 21.09 -28.07 21.25
N PRO C 574 20.86 -29.25 20.66
CA PRO C 574 21.89 -30.29 20.70
C PRO C 574 23.09 -30.03 19.81
N MET C 575 23.01 -29.06 18.88
CA MET C 575 24.17 -28.71 18.07
C MET C 575 25.28 -28.09 18.91
N THR C 576 24.93 -27.09 19.72
CA THR C 576 25.94 -26.43 20.54
C THR C 576 26.37 -27.33 21.68
N SER C 577 27.68 -27.36 21.94
CA SER C 577 28.30 -28.32 22.83
C SER C 577 28.42 -27.81 24.26
N ASP C 578 27.70 -26.75 24.59
CA ASP C 578 27.72 -26.24 25.96
C ASP C 578 26.97 -27.21 26.88
N PRO C 579 27.53 -27.53 28.05
CA PRO C 579 26.84 -28.47 28.95
C PRO C 579 25.57 -27.92 29.57
N HIS C 580 25.36 -26.61 29.51
CA HIS C 580 24.14 -25.99 30.01
C HIS C 580 23.21 -25.57 28.87
N SER C 581 23.39 -26.17 27.70
CA SER C 581 22.47 -25.92 26.59
C SER C 581 21.02 -26.32 26.88
N PRO C 582 20.69 -27.52 27.41
CA PRO C 582 19.26 -27.84 27.57
C PRO C 582 18.58 -27.06 28.68
N VAL C 583 19.32 -26.60 29.70
CA VAL C 583 18.66 -25.79 30.71
C VAL C 583 18.40 -24.39 30.19
N LYS C 584 19.20 -23.93 29.22
CA LYS C 584 18.90 -22.67 28.56
C LYS C 584 17.76 -22.82 27.58
N VAL C 585 17.65 -23.99 26.95
CA VAL C 585 16.50 -24.27 26.09
C VAL C 585 15.23 -24.36 26.92
N PHE C 586 15.32 -25.03 28.09
CA PHE C 586 14.14 -25.17 28.93
C PHE C 586 13.73 -23.85 29.55
N MET C 587 14.69 -23.00 29.87
CA MET C 587 14.33 -21.79 30.59
C MET C 587 13.81 -20.70 29.66
N ALA C 588 14.28 -20.69 28.41
CA ALA C 588 13.89 -19.65 27.47
C ALA C 588 12.42 -19.70 27.12
N LEU C 589 11.77 -20.84 27.29
CA LEU C 589 10.32 -20.88 27.24
C LEU C 589 9.72 -20.61 28.61
N ALA C 590 10.36 -21.14 29.67
CA ALA C 590 9.87 -20.90 31.03
C ALA C 590 9.98 -19.43 31.42
N ASN C 591 10.96 -18.73 30.86
CA ASN C 591 10.97 -17.28 30.95
C ASN C 591 9.78 -16.69 30.20
N LEU C 592 9.51 -17.20 29.02
CA LEU C 592 8.60 -16.56 28.09
C LEU C 592 7.13 -16.76 28.46
N LEU C 593 6.82 -17.64 29.41
CA LEU C 593 5.48 -17.82 29.94
C LEU C 593 5.50 -17.87 31.46
N ALA C 594 6.17 -16.88 32.07
CA ALA C 594 6.21 -16.82 33.52
C ALA C 594 4.87 -16.43 34.13
N GLN C 595 4.06 -15.66 33.41
CA GLN C 595 2.72 -15.36 33.91
C GLN C 595 1.76 -16.55 33.86
N PRO C 596 1.61 -17.31 32.75
CA PRO C 596 0.65 -18.41 32.81
C PRO C 596 1.11 -19.58 33.63
N GLU C 597 2.38 -19.98 33.52
CA GLU C 597 2.83 -21.26 34.05
C GLU C 597 4.03 -21.04 34.96
N PRO C 598 3.81 -20.79 36.25
CA PRO C 598 4.93 -20.60 37.17
C PRO C 598 5.44 -21.89 37.78
N ILE C 599 6.75 -21.94 37.99
CA ILE C 599 7.42 -23.06 38.64
C ILE C 599 8.42 -22.53 39.66
N ALA C 600 9.13 -23.44 40.30
CA ALA C 600 10.12 -23.12 41.31
C ALA C 600 11.51 -23.16 40.69
N ILE C 601 12.31 -22.13 40.96
CA ILE C 601 13.60 -21.96 40.30
C ILE C 601 14.67 -21.93 41.38
N GLY C 602 15.23 -23.11 41.68
CA GLY C 602 16.53 -23.31 42.33
C GLY C 602 16.76 -22.53 43.60
N VAL C 603 17.94 -21.93 43.69
CA VAL C 603 18.33 -21.08 44.79
C VAL C 603 17.67 -19.72 44.59
N PRO C 604 17.47 -18.92 45.63
CA PRO C 604 16.94 -17.56 45.43
C PRO C 604 17.97 -16.66 44.77
N GLY C 605 17.47 -15.55 44.24
CA GLY C 605 18.25 -14.65 43.42
C GLY C 605 18.19 -14.94 41.94
N MET C 606 17.73 -16.13 41.57
CA MET C 606 17.54 -16.51 40.18
C MET C 606 16.06 -16.81 40.05
N HIS C 607 15.31 -15.88 39.46
CA HIS C 607 13.87 -16.02 39.35
C HIS C 607 13.52 -16.65 38.01
N GLN C 608 12.21 -16.82 37.78
CA GLN C 608 11.76 -17.37 36.52
C GLN C 608 11.94 -16.38 35.38
N THR C 609 11.90 -15.09 35.67
CA THR C 609 12.13 -14.07 34.65
C THR C 609 13.60 -13.67 34.54
N THR C 610 14.50 -14.47 35.07
CA THR C 610 15.91 -14.30 34.76
C THR C 610 16.13 -14.64 33.29
N PRO C 611 16.86 -13.82 32.52
CA PRO C 611 16.80 -13.95 31.06
C PRO C 611 17.58 -15.11 30.45
N ALA C 612 17.49 -16.30 31.04
CA ALA C 612 17.85 -17.59 30.44
C ALA C 612 19.30 -17.75 29.99
N SER C 613 20.13 -16.74 30.20
CA SER C 613 21.55 -16.81 29.90
C SER C 613 22.40 -16.92 31.14
N GLN C 614 21.86 -16.56 32.29
CA GLN C 614 22.57 -16.65 33.55
C GLN C 614 22.40 -18.00 34.22
N PHE C 615 21.77 -18.95 33.55
CA PHE C 615 21.70 -20.32 34.06
C PHE C 615 22.79 -21.17 33.43
N SER C 616 24.02 -20.78 33.73
CA SER C 616 25.20 -21.41 33.17
C SER C 616 25.97 -22.19 34.22
N HIS C 617 25.41 -22.40 35.40
CA HIS C 617 26.00 -23.15 36.47
C HIS C 617 25.09 -24.31 36.82
N PRO C 618 25.63 -25.47 37.20
CA PRO C 618 24.75 -26.63 37.46
C PRO C 618 23.89 -26.50 38.69
N GLY C 619 24.24 -25.61 39.62
CA GLY C 619 23.44 -25.45 40.82
C GLY C 619 22.14 -24.71 40.60
N VAL C 620 22.02 -23.96 39.51
CA VAL C 620 20.80 -23.21 39.26
C VAL C 620 19.99 -23.87 38.16
N TRP C 621 20.16 -25.17 37.98
CA TRP C 621 19.15 -25.90 37.24
C TRP C 621 17.92 -26.02 38.11
N PRO C 622 16.73 -25.78 37.58
CA PRO C 622 15.53 -25.85 38.40
C PRO C 622 15.23 -27.29 38.79
N PRO C 623 14.60 -27.51 39.94
CA PRO C 623 14.28 -28.89 40.35
C PRO C 623 13.27 -29.56 39.44
N GLY C 624 12.40 -28.78 38.79
CA GLY C 624 11.47 -29.35 37.84
C GLY C 624 12.13 -29.84 36.58
N PHE C 625 13.28 -29.28 36.23
CA PHE C 625 13.98 -29.76 35.04
C PHE C 625 14.69 -31.08 35.29
N LEU C 626 15.17 -31.29 36.52
CA LEU C 626 15.77 -32.58 36.84
C LEU C 626 14.70 -33.65 37.01
N ASN C 627 13.58 -33.30 37.62
CA ASN C 627 12.48 -34.22 37.84
C ASN C 627 11.21 -33.52 37.39
N PRO C 628 10.65 -33.88 36.23
CA PRO C 628 9.41 -33.25 35.78
C PRO C 628 8.19 -33.59 36.63
N GLN C 629 8.28 -34.60 37.50
CA GLN C 629 7.22 -34.88 38.45
C GLN C 629 7.03 -33.75 39.45
N LEU C 630 8.09 -32.99 39.71
CA LEU C 630 8.01 -31.85 40.61
C LEU C 630 7.22 -30.68 40.01
N ILE C 631 7.01 -30.67 38.69
CA ILE C 631 6.13 -29.69 38.07
C ILE C 631 4.73 -30.26 38.01
N ASN C 632 3.77 -29.55 38.57
CA ASN C 632 2.40 -30.01 38.62
C ASN C 632 1.74 -29.82 37.26
N PRO C 633 1.14 -30.87 36.68
CA PRO C 633 0.35 -30.66 35.46
C PRO C 633 -0.91 -29.84 35.69
N GLN C 634 -1.48 -29.89 36.89
CA GLN C 634 -2.64 -29.08 37.19
C GLN C 634 -2.31 -27.60 37.33
N GLN C 635 -1.02 -27.26 37.48
CA GLN C 635 -0.58 -25.87 37.53
C GLN C 635 0.12 -25.46 36.24
N ALA C 636 1.16 -26.18 35.83
CA ALA C 636 1.95 -25.86 34.64
C ALA C 636 1.97 -27.06 33.70
N PRO C 637 0.91 -27.27 32.91
CA PRO C 637 0.87 -28.43 32.03
C PRO C 637 1.74 -28.26 30.79
N LEU C 638 1.84 -27.02 30.31
CA LEU C 638 2.60 -26.75 29.10
C LEU C 638 4.10 -26.77 29.35
N LEU C 639 4.51 -26.61 30.60
CA LEU C 639 5.93 -26.50 30.93
C LEU C 639 6.49 -27.80 31.49
N ARG C 640 5.65 -28.65 32.09
CA ARG C 640 6.10 -29.99 32.42
C ARG C 640 6.42 -30.79 31.16
N ALA C 641 5.56 -30.66 30.15
CA ALA C 641 5.72 -31.43 28.93
C ALA C 641 6.94 -31.00 28.12
N PHE C 642 7.51 -29.83 28.41
CA PHE C 642 8.79 -29.45 27.81
C PHE C 642 9.96 -29.98 28.60
N ALA C 643 9.79 -30.20 29.91
CA ALA C 643 10.75 -31.00 30.64
C ALA C 643 10.63 -32.47 30.30
N GLU C 644 9.41 -32.92 30.00
CA GLU C 644 9.21 -34.25 29.45
C GLU C 644 9.81 -34.37 28.05
N HIS C 645 9.85 -33.26 27.31
CA HIS C 645 10.38 -33.27 25.96
C HIS C 645 11.90 -33.40 25.94
N ILE C 646 12.58 -32.57 26.73
CA ILE C 646 14.03 -32.50 26.65
C ILE C 646 14.66 -33.74 27.27
N ARG C 647 14.12 -34.22 28.38
CA ARG C 647 14.71 -35.39 29.02
C ARG C 647 14.47 -36.68 28.25
N ALA C 648 13.56 -36.68 27.29
CA ALA C 648 13.30 -37.88 26.51
C ALA C 648 13.94 -37.85 25.13
N ASN C 649 14.08 -36.68 24.52
CA ASN C 649 14.48 -36.63 23.12
C ASN C 649 15.85 -36.01 22.88
N TRP C 650 16.53 -35.55 23.93
CA TRP C 650 17.89 -35.06 23.78
C TRP C 650 18.80 -36.20 23.38
N PRO C 651 19.72 -35.99 22.44
CA PRO C 651 20.39 -37.12 21.78
C PRO C 651 21.39 -37.82 22.67
N GLN C 652 21.69 -39.07 22.31
CA GLN C 652 22.58 -39.94 23.07
C GLN C 652 24.02 -39.72 22.64
N PRO C 653 24.92 -39.45 23.58
CA PRO C 653 26.31 -39.19 23.22
C PRO C 653 27.11 -40.43 22.84
N SER C 654 27.06 -40.85 21.58
CA SER C 654 27.78 -42.04 21.14
C SER C 654 29.25 -41.75 20.93
N GLU C 655 29.98 -42.69 20.35
CA GLU C 655 31.40 -42.54 20.12
C GLU C 655 31.82 -43.34 18.90
N PHE C 656 32.98 -42.99 18.35
CA PHE C 656 33.53 -43.69 17.20
C PHE C 656 35.05 -43.60 17.23
N GLY C 657 35.69 -44.42 16.41
CA GLY C 657 37.13 -44.47 16.36
C GLY C 657 37.72 -43.61 15.26
N TYR C 658 38.98 -43.24 15.44
CA TYR C 658 39.70 -42.50 14.42
C TYR C 658 41.14 -42.93 14.45
N GLY C 659 41.87 -42.59 13.40
CA GLY C 659 43.28 -42.93 13.35
C GLY C 659 43.51 -44.41 13.21
N SER C 660 44.69 -44.84 13.63
CA SER C 660 45.04 -46.25 13.64
C SER C 660 45.54 -46.63 15.03
N THR C 661 45.26 -47.88 15.40
CA THR C 661 45.70 -48.39 16.69
C THR C 661 47.22 -48.58 16.71
N LEU C 662 47.81 -48.83 15.54
CA LEU C 662 49.25 -49.01 15.46
C LEU C 662 50.00 -47.71 15.70
N GLN C 663 49.50 -46.61 15.16
CA GLN C 663 50.16 -45.33 15.36
C GLN C 663 49.92 -44.79 16.76
N GLY C 664 48.74 -45.02 17.32
CA GLY C 664 48.36 -44.39 18.55
C GLY C 664 47.67 -43.06 18.30
N SER C 665 47.35 -42.39 19.39
CA SER C 665 46.64 -41.12 19.29
C SER C 665 46.97 -40.26 20.49
N ALA C 666 46.68 -38.96 20.36
CA ALA C 666 46.91 -38.00 21.42
C ALA C 666 45.67 -37.75 22.26
N ASN C 667 44.78 -38.73 22.35
CA ASN C 667 43.65 -38.62 23.26
C ASN C 667 44.17 -38.66 24.69
N LEU C 668 43.64 -37.79 25.54
CA LEU C 668 44.01 -37.76 26.95
C LEU C 668 42.94 -38.37 27.83
N PHE C 669 41.70 -37.93 27.70
CA PHE C 669 40.63 -38.42 28.55
C PHE C 669 39.79 -39.49 27.88
N ILE C 670 39.59 -39.37 26.58
CA ILE C 670 38.99 -40.46 25.80
C ILE C 670 40.01 -41.57 25.69
N PRO C 671 39.61 -42.84 25.71
CA PRO C 671 40.55 -43.92 25.37
C PRO C 671 41.04 -43.77 23.94
N SER C 672 42.26 -44.27 23.70
CA SER C 672 43.03 -43.90 22.52
C SER C 672 42.39 -44.39 21.24
N ASN C 673 42.55 -43.58 20.18
CA ASN C 673 41.99 -43.80 18.86
C ASN C 673 40.47 -43.91 18.87
N ARG C 674 39.83 -43.13 19.73
CA ARG C 674 38.37 -43.05 19.80
C ARG C 674 37.99 -41.57 19.92
N MET C 675 36.74 -41.27 19.56
CA MET C 675 36.19 -39.92 19.68
C MET C 675 34.73 -40.00 20.08
N VAL C 676 34.36 -39.36 21.18
CA VAL C 676 32.95 -39.26 21.55
C VAL C 676 32.29 -38.25 20.62
N TYR C 677 30.96 -38.26 20.61
CA TYR C 677 30.22 -37.56 19.57
C TYR C 677 28.81 -37.37 20.10
N PRO C 678 28.21 -36.21 19.91
CA PRO C 678 26.94 -35.94 20.60
C PRO C 678 25.71 -36.51 19.91
N TRP C 679 25.89 -37.45 18.98
CA TRP C 679 24.79 -38.00 18.21
C TRP C 679 25.00 -39.50 18.01
N PRO C 680 23.94 -40.28 18.04
CA PRO C 680 24.10 -41.74 17.88
C PRO C 680 24.38 -42.14 16.44
N ASN C 681 25.66 -42.13 16.09
CA ASN C 681 26.12 -42.31 14.72
C ASN C 681 25.87 -43.72 14.19
N GLN C 682 26.04 -43.85 12.88
CA GLN C 682 25.94 -45.06 12.09
C GLN C 682 27.09 -45.05 11.11
N PRO C 683 27.55 -46.20 10.63
CA PRO C 683 28.68 -46.22 9.69
C PRO C 683 28.30 -45.67 8.32
N LEU C 684 29.33 -45.39 7.54
CA LEU C 684 29.16 -44.66 6.29
C LEU C 684 28.55 -45.56 5.23
N PRO C 685 27.51 -45.11 4.53
CA PRO C 685 26.97 -45.90 3.43
C PRO C 685 27.76 -45.69 2.14
N ARG C 686 27.71 -46.70 1.28
CA ARG C 686 28.41 -46.69 0.01
C ARG C 686 27.46 -46.69 -1.19
N LEU C 687 26.15 -46.74 -0.96
CA LEU C 687 25.17 -46.66 -2.03
C LEU C 687 24.58 -45.26 -2.10
N THR C 688 23.57 -45.10 -2.93
CA THR C 688 22.92 -43.81 -3.10
C THR C 688 22.09 -43.48 -1.87
N VAL C 689 22.26 -42.27 -1.35
CA VAL C 689 21.64 -41.85 -0.11
C VAL C 689 20.47 -40.92 -0.39
N ALA C 690 19.56 -40.85 0.57
CA ALA C 690 18.34 -40.08 0.48
C ALA C 690 18.02 -39.57 1.87
N PRO C 691 17.35 -38.42 1.99
CA PRO C 691 17.02 -37.89 3.32
C PRO C 691 16.00 -38.75 4.02
N THR C 692 16.39 -39.33 5.15
CA THR C 692 15.54 -40.22 5.93
C THR C 692 15.18 -39.57 7.26
N TYR C 693 14.11 -40.05 7.87
CA TYR C 693 13.60 -39.50 9.11
C TYR C 693 13.83 -40.42 10.30
N ASP C 694 14.69 -41.42 10.17
CA ASP C 694 15.01 -42.30 11.28
C ASP C 694 16.10 -41.76 12.18
N SER C 695 16.60 -40.55 11.93
CA SER C 695 17.71 -40.01 12.68
C SER C 695 17.27 -39.52 14.06
N ALA C 696 18.25 -39.35 14.95
CA ALA C 696 17.98 -38.67 16.21
C ALA C 696 17.77 -37.19 16.00
N MET C 697 18.36 -36.64 14.93
CA MET C 697 18.04 -35.29 14.51
C MET C 697 16.57 -35.16 14.14
N SER C 698 16.10 -36.06 13.28
CA SER C 698 14.69 -36.08 12.92
C SER C 698 13.82 -36.48 14.10
N ASN C 699 14.36 -37.24 15.05
CA ASN C 699 13.64 -37.44 16.30
C ASN C 699 13.58 -36.16 17.10
N TRP C 700 14.67 -35.39 17.10
CA TRP C 700 14.66 -34.14 17.84
C TRP C 700 13.83 -33.08 17.14
N ILE C 701 13.93 -32.99 15.80
CA ILE C 701 13.24 -31.94 15.07
C ILE C 701 11.73 -32.14 15.10
N SER C 702 11.28 -33.36 14.82
CA SER C 702 9.85 -33.62 14.71
C SER C 702 9.13 -33.48 16.05
N THR C 703 9.82 -33.76 17.16
CA THR C 703 9.17 -33.67 18.46
C THR C 703 9.16 -32.25 19.02
N THR C 704 10.04 -31.36 18.57
CA THR C 704 9.89 -29.96 18.92
C THR C 704 8.69 -29.35 18.22
N ILE C 705 8.54 -29.63 16.93
CA ILE C 705 7.39 -29.17 16.17
C ILE C 705 6.11 -29.81 16.70
N ALA C 706 6.20 -31.08 17.08
CA ALA C 706 5.08 -31.71 17.78
C ALA C 706 4.86 -31.11 19.16
N PHE C 707 5.86 -30.44 19.73
CA PHE C 707 5.60 -29.75 20.98
C PHE C 707 5.09 -28.34 20.76
N PHE C 708 5.56 -27.65 19.73
CA PHE C 708 5.12 -26.28 19.54
C PHE C 708 3.84 -26.19 18.72
N ILE C 709 3.40 -27.30 18.13
CA ILE C 709 2.01 -27.34 17.68
C ILE C 709 1.09 -27.40 18.89
N ARG C 710 1.58 -27.92 20.02
CA ARG C 710 0.80 -27.96 21.24
C ARG C 710 0.80 -26.61 21.94
N VAL C 711 1.91 -25.88 21.88
CA VAL C 711 2.00 -24.57 22.50
C VAL C 711 1.17 -23.56 21.74
N VAL C 712 1.24 -23.61 20.41
CA VAL C 712 0.42 -22.74 19.56
C VAL C 712 -1.07 -23.06 19.74
N ASN C 713 -1.42 -24.34 19.80
CA ASN C 713 -2.80 -24.73 20.04
C ASN C 713 -3.10 -24.97 21.51
N SER C 714 -2.40 -24.29 22.41
CA SER C 714 -2.69 -24.39 23.84
C SER C 714 -3.84 -23.45 24.18
N VAL C 715 -4.08 -23.27 25.48
CA VAL C 715 -5.16 -22.41 25.92
C VAL C 715 -4.69 -20.96 26.04
N ASN C 716 -3.41 -20.75 26.35
CA ASN C 716 -2.87 -19.40 26.53
C ASN C 716 -2.82 -18.64 25.20
N MET C 717 -2.37 -19.31 24.14
CA MET C 717 -2.35 -18.70 22.82
C MET C 717 -3.74 -18.57 22.22
N THR C 718 -4.69 -19.38 22.70
CA THR C 718 -6.05 -19.31 22.19
C THR C 718 -6.74 -18.01 22.58
N ALA C 719 -6.50 -17.53 23.80
CA ALA C 719 -7.18 -16.35 24.29
C ALA C 719 -6.70 -15.06 23.63
N THR C 720 -5.49 -15.05 23.09
CA THR C 720 -4.90 -13.84 22.52
C THR C 720 -4.76 -13.89 21.02
N VAL C 721 -4.09 -14.91 20.51
CA VAL C 721 -3.80 -15.00 19.07
C VAL C 721 -5.06 -15.41 18.34
N ASN C 722 -5.35 -14.73 17.24
CA ASN C 722 -6.53 -15.01 16.43
C ASN C 722 -6.43 -16.41 15.82
N ASP C 723 -7.59 -17.03 15.63
CA ASP C 723 -7.64 -18.44 15.26
C ASP C 723 -7.15 -18.67 13.84
N LEU C 724 -7.38 -17.72 12.93
CA LEU C 724 -6.93 -17.92 11.56
C LEU C 724 -5.45 -17.70 11.40
N THR C 725 -4.86 -16.77 12.16
CA THR C 725 -3.41 -16.61 12.15
C THR C 725 -2.73 -17.60 13.07
N ARG C 726 -3.49 -18.35 13.87
CA ARG C 726 -2.94 -19.44 14.65
C ARG C 726 -2.74 -20.67 13.77
N ARG C 727 -3.63 -20.87 12.79
CA ARG C 727 -3.45 -21.93 11.80
C ARG C 727 -2.22 -21.68 10.94
N THR C 728 -1.87 -20.42 10.71
CA THR C 728 -0.70 -20.07 9.92
C THR C 728 0.59 -20.51 10.61
N MET C 729 0.69 -20.25 11.92
CA MET C 729 1.85 -20.71 12.69
C MET C 729 1.93 -22.23 12.73
N THR C 730 0.79 -22.88 12.88
CA THR C 730 0.73 -24.33 12.83
C THR C 730 1.12 -24.84 11.45
N GLY C 731 0.69 -24.12 10.41
CA GLY C 731 1.01 -24.52 9.06
C GLY C 731 2.46 -24.32 8.69
N VAL C 732 3.13 -23.34 9.30
CA VAL C 732 4.54 -23.13 9.02
C VAL C 732 5.39 -24.24 9.63
N MET C 733 5.15 -24.54 10.91
CA MET C 733 5.99 -25.51 11.61
C MET C 733 5.77 -26.92 11.08
N THR C 734 4.53 -27.27 10.76
CA THR C 734 4.25 -28.57 10.15
C THR C 734 4.88 -28.65 8.75
N ALA C 735 4.96 -27.53 8.04
CA ALA C 735 5.73 -27.50 6.81
C ALA C 735 7.22 -27.62 7.11
N MET C 736 7.70 -26.95 8.16
CA MET C 736 9.10 -27.04 8.55
C MET C 736 9.48 -28.43 9.00
N ARG C 737 8.56 -29.16 9.63
CA ARG C 737 8.82 -30.53 10.04
C ARG C 737 8.94 -31.46 8.85
N GLN C 738 8.17 -31.19 7.79
CA GLN C 738 8.14 -32.07 6.62
C GLN C 738 9.11 -31.64 5.54
N VAL C 739 10.08 -30.78 5.85
CA VAL C 739 11.11 -30.44 4.88
C VAL C 739 12.07 -31.61 4.77
N LYS C 740 12.21 -32.14 3.57
CA LYS C 740 13.11 -33.27 3.34
C LYS C 740 14.53 -32.71 3.24
N THR C 741 15.25 -32.76 4.35
CA THR C 741 16.60 -32.23 4.43
C THR C 741 17.58 -33.33 4.79
N MET C 742 18.82 -33.15 4.32
CA MET C 742 19.82 -34.20 4.36
C MET C 742 20.62 -34.18 5.64
N THR C 743 20.61 -33.06 6.36
CA THR C 743 21.39 -32.91 7.58
C THR C 743 21.04 -33.89 8.70
N PRO C 744 19.78 -34.33 8.90
CA PRO C 744 19.59 -35.51 9.78
C PRO C 744 20.32 -36.76 9.33
N PHE C 745 20.38 -37.03 8.03
CA PHE C 745 21.18 -38.16 7.58
C PHE C 745 22.66 -37.84 7.66
N TYR C 746 23.02 -36.57 7.53
CA TYR C 746 24.43 -36.20 7.42
C TYR C 746 25.14 -36.33 8.76
N ILE C 747 24.53 -35.77 9.82
CA ILE C 747 25.13 -35.79 11.15
C ILE C 747 25.21 -37.21 11.69
N GLN C 748 24.30 -38.08 11.26
CA GLN C 748 24.33 -39.45 11.77
C GLN C 748 25.26 -40.35 10.98
N HIS C 749 25.32 -40.21 9.65
CA HIS C 749 26.05 -41.15 8.81
C HIS C 749 27.34 -40.57 8.24
N MET C 750 27.27 -39.44 7.54
CA MET C 750 28.41 -39.00 6.75
C MET C 750 29.38 -38.11 7.53
N CYS C 751 28.88 -37.28 8.43
CA CYS C 751 29.73 -36.42 9.24
C CYS C 751 30.66 -37.14 10.24
N PRO C 752 30.27 -38.23 10.92
CA PRO C 752 31.27 -38.89 11.79
C PRO C 752 32.38 -39.58 11.04
N THR C 753 32.22 -39.85 9.75
CA THR C 753 33.34 -40.38 8.98
C THR C 753 34.40 -39.32 8.77
N GLU C 754 33.99 -38.11 8.41
CA GLU C 754 34.97 -37.07 8.14
C GLU C 754 35.50 -36.41 9.41
N LEU C 755 34.81 -36.52 10.54
CA LEU C 755 35.45 -36.17 11.79
C LEU C 755 36.40 -37.24 12.27
N SER C 756 36.29 -38.45 11.72
CA SER C 756 37.28 -39.48 11.99
C SER C 756 38.49 -39.34 11.08
N VAL C 757 38.31 -38.79 9.89
CA VAL C 757 39.42 -38.65 8.95
C VAL C 757 40.22 -37.40 9.26
N LEU C 758 39.54 -36.26 9.36
CA LEU C 758 40.22 -34.98 9.54
C LEU C 758 40.83 -34.83 10.92
N ALA C 759 40.51 -35.71 11.86
CA ALA C 759 41.11 -35.66 13.19
C ALA C 759 42.57 -36.06 13.19
N SER C 760 43.08 -36.65 12.12
CA SER C 760 44.48 -37.02 12.05
C SER C 760 45.22 -36.40 10.89
N VAL C 761 44.59 -35.53 10.11
CA VAL C 761 45.30 -34.75 9.10
C VAL C 761 45.40 -33.27 9.46
N THR C 762 44.59 -32.78 10.40
CA THR C 762 44.83 -31.45 10.93
C THR C 762 46.04 -31.47 11.83
N VAL C 763 46.59 -30.28 12.09
CA VAL C 763 47.89 -30.17 12.74
C VAL C 763 47.83 -30.56 14.21
N THR C 764 46.64 -30.54 14.82
CA THR C 764 46.49 -30.92 16.21
C THR C 764 45.45 -32.02 16.31
N PRO C 765 45.73 -33.11 17.02
CA PRO C 765 44.73 -34.15 17.26
C PRO C 765 43.59 -33.63 18.12
N PRO C 766 42.43 -34.26 18.08
CA PRO C 766 41.29 -33.77 18.87
C PRO C 766 41.50 -33.98 20.36
N PHE C 767 41.30 -32.91 21.12
CA PHE C 767 41.32 -32.95 22.58
C PHE C 767 39.89 -32.94 23.06
N GLN C 768 39.36 -34.12 23.37
CA GLN C 768 37.97 -34.24 23.74
C GLN C 768 37.80 -34.55 25.22
N VAL C 769 36.62 -34.19 25.71
CA VAL C 769 36.11 -34.47 27.05
C VAL C 769 34.75 -35.11 26.81
N PRO C 770 34.38 -36.19 27.53
CA PRO C 770 33.14 -36.91 27.21
C PRO C 770 31.89 -36.06 27.39
N PHE C 771 30.98 -36.19 26.43
CA PHE C 771 29.72 -35.46 26.46
C PHE C 771 28.81 -36.01 27.56
N THR C 772 27.79 -35.23 27.89
CA THR C 772 26.91 -35.54 29.00
C THR C 772 25.48 -35.17 28.65
N ARG C 773 24.60 -36.15 28.59
CA ARG C 773 23.18 -35.91 28.34
C ARG C 773 22.51 -35.69 29.67
N LEU C 774 22.46 -34.41 30.09
CA LEU C 774 21.54 -33.90 31.11
C LEU C 774 21.80 -34.45 32.51
N VAL C 775 22.97 -35.01 32.77
CA VAL C 775 23.25 -35.53 34.10
C VAL C 775 23.72 -34.39 34.98
N GLN C 776 23.11 -34.25 36.16
CA GLN C 776 23.44 -33.16 37.07
C GLN C 776 24.87 -33.29 37.60
N ASN C 777 25.31 -34.51 37.89
CA ASN C 777 26.61 -34.72 38.50
C ASN C 777 27.74 -34.88 37.50
N ASP C 778 27.44 -34.95 36.20
CA ASP C 778 28.47 -35.18 35.20
C ASP C 778 28.69 -33.97 34.30
N VAL C 779 28.22 -32.80 34.70
CA VAL C 779 28.48 -31.58 33.94
C VAL C 779 29.94 -31.20 34.11
N ILE C 780 30.65 -31.06 32.98
CA ILE C 780 32.08 -30.75 33.02
C ILE C 780 32.21 -29.26 33.27
N THR C 781 32.43 -28.88 34.53
CA THR C 781 32.53 -27.46 34.85
C THR C 781 33.83 -26.86 34.34
N ASN C 782 34.95 -27.56 34.51
CA ASN C 782 36.25 -27.06 34.13
C ASN C 782 37.07 -28.17 33.51
N VAL C 783 37.88 -27.83 32.51
CA VAL C 783 38.83 -28.75 31.89
C VAL C 783 40.22 -28.19 32.15
N LEU C 784 41.10 -29.00 32.73
CA LEU C 784 42.23 -28.46 33.46
C LEU C 784 43.53 -29.14 33.08
N VAL C 785 44.58 -28.35 32.87
CA VAL C 785 45.92 -28.83 32.54
C VAL C 785 46.93 -28.04 33.35
N ALA C 786 47.81 -28.74 34.08
CA ALA C 786 48.83 -28.08 34.89
C ALA C 786 50.22 -28.26 34.30
N ARG C 787 51.12 -27.42 34.80
CA ARG C 787 52.53 -27.43 34.45
C ARG C 787 53.40 -27.88 35.60
N VAL C 788 52.79 -28.28 36.71
CA VAL C 788 53.48 -28.48 37.99
C VAL C 788 52.67 -29.48 38.80
N ASP C 789 53.34 -30.52 39.31
CA ASP C 789 52.50 -31.49 39.99
C ASP C 789 52.25 -31.06 41.44
N PRO C 790 51.11 -31.46 42.02
CA PRO C 790 50.82 -31.10 43.41
C PRO C 790 51.57 -31.89 44.46
N ALA C 791 52.63 -32.62 44.11
CA ALA C 791 53.39 -33.39 45.09
C ALA C 791 54.65 -32.67 45.54
N GLN C 792 55.37 -32.03 44.63
CA GLN C 792 56.60 -31.34 45.00
C GLN C 792 56.31 -30.11 45.84
N ARG C 793 55.39 -29.27 45.39
CA ARG C 793 54.78 -28.28 46.25
C ARG C 793 53.60 -28.91 46.97
N GLY C 794 53.41 -28.53 48.23
CA GLY C 794 52.48 -29.26 49.09
C GLY C 794 51.02 -29.00 48.82
N ASP C 795 50.52 -29.48 47.68
CA ASP C 795 49.16 -29.18 47.23
C ASP C 795 48.41 -30.45 46.83
N ALA C 796 48.76 -31.58 47.41
CA ALA C 796 48.24 -32.86 46.94
C ALA C 796 46.77 -33.06 47.30
N ALA C 797 46.29 -32.42 48.37
CA ALA C 797 44.95 -32.67 48.86
C ALA C 797 43.96 -31.56 48.55
N VAL C 798 44.40 -30.43 48.01
CA VAL C 798 43.52 -29.29 47.79
C VAL C 798 42.70 -29.52 46.53
N ASP C 799 41.72 -28.64 46.30
CA ASP C 799 40.82 -28.74 45.15
C ASP C 799 41.59 -28.64 43.84
N ILE C 800 41.09 -29.34 42.82
CA ILE C 800 41.85 -29.50 41.59
C ILE C 800 41.85 -28.22 40.77
N ARG C 801 40.92 -27.30 41.06
CA ARG C 801 40.92 -26.01 40.37
C ARG C 801 42.05 -25.11 40.83
N ALA C 802 42.62 -25.37 42.00
CA ALA C 802 43.74 -24.60 42.51
C ALA C 802 45.09 -25.16 42.09
N THR C 803 45.14 -26.40 41.60
CA THR C 803 46.40 -27.01 41.20
C THR C 803 46.65 -26.96 39.70
N HIS C 804 45.64 -26.67 38.91
CA HIS C 804 45.68 -26.81 37.47
C HIS C 804 45.15 -25.55 36.81
N ALA C 805 45.60 -25.30 35.58
CA ALA C 805 45.16 -24.16 34.81
C ALA C 805 44.00 -24.56 33.90
N THR C 806 43.06 -23.65 33.71
CA THR C 806 41.75 -23.97 33.16
C THR C 806 41.54 -23.29 31.81
N PHE C 807 40.90 -24.00 30.88
CA PHE C 807 40.69 -23.51 29.52
C PHE C 807 39.35 -22.80 29.42
N ALA C 808 39.37 -21.47 29.44
CA ALA C 808 38.15 -20.66 29.36
C ALA C 808 37.98 -20.20 27.92
N ALA C 809 37.25 -20.98 27.13
CA ALA C 809 36.98 -20.64 25.75
C ALA C 809 35.52 -20.91 25.42
N ALA C 810 34.97 -20.09 24.54
CA ALA C 810 33.56 -20.19 24.18
C ALA C 810 33.34 -19.57 22.80
N LEU C 811 32.32 -20.05 22.11
CA LEU C 811 31.94 -19.52 20.80
C LEU C 811 30.46 -19.19 20.79
N PRO C 812 30.07 -17.94 20.57
CA PRO C 812 28.64 -17.60 20.51
C PRO C 812 27.99 -18.01 19.19
N VAL C 813 27.53 -19.26 19.13
CA VAL C 813 26.88 -19.76 17.92
C VAL C 813 25.48 -19.17 17.79
N ASP C 814 25.20 -18.61 16.62
CA ASP C 814 23.88 -18.05 16.32
C ASP C 814 22.92 -19.17 15.95
N PRO C 815 21.81 -19.34 16.69
CA PRO C 815 20.88 -20.44 16.38
C PRO C 815 20.07 -20.22 15.12
N ALA C 816 19.92 -18.97 14.65
CA ALA C 816 19.17 -18.73 13.43
C ALA C 816 19.89 -19.30 12.21
N ALA C 817 21.22 -19.32 12.24
CA ALA C 817 21.98 -19.90 11.15
C ALA C 817 22.07 -21.42 11.26
N ILE C 818 21.84 -21.98 12.43
CA ILE C 818 21.87 -23.42 12.58
C ILE C 818 20.63 -24.05 11.98
N VAL C 819 19.47 -23.48 12.26
CA VAL C 819 18.18 -24.03 11.82
C VAL C 819 18.09 -24.00 10.30
N VAL C 820 18.62 -22.94 9.68
CA VAL C 820 18.77 -22.91 8.22
C VAL C 820 19.68 -24.04 7.76
N ALA C 821 20.77 -24.27 8.47
CA ALA C 821 21.69 -25.34 8.11
C ALA C 821 21.13 -26.71 8.46
N MET C 822 20.49 -26.82 9.63
CA MET C 822 19.94 -28.10 10.05
C MET C 822 18.74 -28.48 9.22
N LEU C 823 17.71 -27.65 9.25
CA LEU C 823 16.43 -28.05 8.68
C LEU C 823 16.38 -27.81 7.18
N CYS C 824 17.41 -27.21 6.58
CA CYS C 824 17.41 -27.01 5.13
C CYS C 824 18.81 -27.30 4.60
N GLY C 825 19.07 -28.56 4.28
CA GLY C 825 20.35 -28.96 3.74
C GLY C 825 20.16 -30.12 2.80
N GLN C 826 20.80 -30.08 1.64
CA GLN C 826 20.57 -31.08 0.61
C GLN C 826 21.89 -31.47 -0.02
N THR C 827 21.84 -32.51 -0.85
CA THR C 827 23.04 -33.08 -1.45
C THR C 827 22.68 -33.47 -2.89
N GLU C 828 23.72 -33.62 -3.71
CA GLU C 828 23.58 -34.18 -5.06
C GLU C 828 22.91 -35.55 -5.01
N THR C 829 22.09 -35.82 -6.04
CA THR C 829 21.14 -36.93 -5.98
C THR C 829 21.83 -38.28 -6.05
N ASN C 830 22.82 -38.41 -6.92
CA ASN C 830 23.50 -39.69 -7.14
C ASN C 830 24.78 -39.80 -6.32
N LEU C 831 24.75 -39.27 -5.10
CA LEU C 831 25.93 -39.25 -4.24
C LEU C 831 26.31 -40.64 -3.78
N ILE C 832 27.53 -41.04 -4.08
CA ILE C 832 28.16 -42.20 -3.43
C ILE C 832 29.09 -41.66 -2.35
N PRO C 833 28.74 -41.78 -1.06
CA PRO C 833 29.55 -41.13 -0.02
C PRO C 833 30.91 -41.75 0.17
N SER C 834 31.11 -43.01 -0.21
CA SER C 834 32.46 -43.55 -0.23
C SER C 834 33.26 -42.92 -1.34
N HIS C 835 32.65 -42.71 -2.50
CA HIS C 835 33.36 -42.10 -3.61
C HIS C 835 33.64 -40.62 -3.36
N HIS C 836 32.68 -39.91 -2.77
CA HIS C 836 32.88 -38.48 -2.58
C HIS C 836 33.88 -38.21 -1.47
N TYR C 837 33.95 -39.06 -0.46
CA TYR C 837 35.02 -38.96 0.52
C TYR C 837 36.32 -39.55 -0.02
N GLY C 838 36.23 -40.58 -0.86
CA GLY C 838 37.44 -41.16 -1.42
C GLY C 838 38.12 -40.28 -2.43
N LYS C 839 37.39 -39.35 -3.04
CA LYS C 839 37.98 -38.42 -3.98
C LYS C 839 38.47 -37.16 -3.29
N ALA C 840 37.82 -36.74 -2.21
CA ALA C 840 38.20 -35.50 -1.55
C ALA C 840 39.36 -35.69 -0.59
N PHE C 841 39.47 -36.86 0.04
CA PHE C 841 40.54 -37.11 1.00
C PHE C 841 41.84 -37.50 0.33
N ALA C 842 41.81 -37.88 -0.94
CA ALA C 842 43.01 -38.31 -1.65
C ALA C 842 44.13 -37.27 -1.76
N PRO C 843 43.91 -35.96 -1.98
CA PRO C 843 45.07 -35.05 -2.00
C PRO C 843 45.70 -34.79 -0.63
N LEU C 844 45.07 -35.20 0.47
CA LEU C 844 45.60 -34.92 1.79
C LEU C 844 46.05 -36.18 2.52
N PHE C 845 46.27 -37.27 1.79
CA PHE C 845 46.99 -38.42 2.30
C PHE C 845 48.17 -38.82 1.43
N ALA C 846 48.39 -38.13 0.30
CA ALA C 846 49.42 -38.54 -0.63
C ALA C 846 50.82 -38.24 -0.10
N SER C 847 50.95 -37.28 0.81
CA SER C 847 52.24 -36.89 1.35
C SER C 847 52.48 -37.57 2.69
N ASN C 848 53.75 -37.55 3.10
CA ASN C 848 54.14 -37.98 4.43
C ASN C 848 54.05 -36.87 5.46
N ALA C 849 53.48 -35.73 5.09
CA ALA C 849 53.37 -34.58 6.00
C ALA C 849 52.36 -34.83 7.11
N MET C 850 51.48 -35.81 6.95
CA MET C 850 50.61 -36.24 8.03
C MET C 850 51.41 -36.78 9.21
N PHE C 851 52.54 -37.43 8.93
CA PHE C 851 53.36 -38.03 9.96
C PHE C 851 54.37 -37.07 10.55
N THR C 852 54.19 -35.76 10.38
CA THR C 852 55.16 -34.81 10.88
C THR C 852 55.09 -34.69 12.40
N ARG C 853 53.86 -34.69 12.95
CA ARG C 853 53.69 -34.52 14.38
C ARG C 853 54.17 -35.73 15.17
N ASN C 854 54.32 -36.89 14.52
CA ASN C 854 54.98 -38.02 15.17
C ASN C 854 56.48 -37.76 15.32
N GLN C 855 57.09 -37.13 14.31
CA GLN C 855 58.48 -36.71 14.48
C GLN C 855 58.62 -35.57 15.45
N ARG C 856 57.58 -34.74 15.59
CA ARG C 856 57.60 -33.69 16.60
C ARG C 856 57.48 -34.27 18.00
N ALA C 857 56.64 -35.30 18.17
CA ALA C 857 56.30 -35.78 19.50
C ALA C 857 57.46 -36.51 20.16
N VAL C 858 58.33 -37.12 19.37
CA VAL C 858 59.51 -37.75 19.96
C VAL C 858 60.51 -36.70 20.40
N ILE C 859 60.71 -35.68 19.57
CA ILE C 859 61.62 -34.61 19.95
C ILE C 859 61.01 -33.77 21.07
N THR C 860 59.68 -33.69 21.13
CA THR C 860 59.03 -33.12 22.30
C THR C 860 59.26 -33.99 23.52
N ARG C 861 59.29 -35.32 23.33
CA ARG C 861 59.62 -36.20 24.44
C ARG C 861 61.09 -36.11 24.81
N GLU C 862 61.99 -36.28 23.84
CA GLU C 862 63.41 -36.38 24.13
C GLU C 862 63.97 -35.06 24.67
N ALA C 863 63.35 -33.95 24.34
CA ALA C 863 63.72 -32.70 24.98
C ALA C 863 63.12 -32.58 26.37
N PHE C 864 61.94 -33.17 26.61
CA PHE C 864 61.30 -33.03 27.91
C PHE C 864 62.00 -33.86 28.97
N VAL C 865 62.36 -35.10 28.63
CA VAL C 865 62.98 -35.99 29.61
C VAL C 865 64.38 -35.49 29.95
N CYS C 866 65.09 -34.99 28.95
CA CYS C 866 66.45 -34.57 29.15
C CYS C 866 66.54 -33.20 29.81
N ALA C 867 65.51 -32.37 29.69
CA ALA C 867 65.50 -31.09 30.40
C ALA C 867 65.10 -31.26 31.86
N ARG C 868 64.10 -32.09 32.14
CA ARG C 868 63.73 -32.33 33.53
C ARG C 868 64.78 -33.17 34.24
N SER C 869 65.60 -33.91 33.50
CA SER C 869 66.79 -34.50 34.10
C SER C 869 67.80 -33.43 34.45
N ALA C 870 68.14 -32.58 33.46
CA ALA C 870 69.22 -31.60 33.60
C ALA C 870 68.92 -30.58 34.69
N VAL C 871 67.65 -30.28 34.93
CA VAL C 871 67.29 -29.48 36.08
C VAL C 871 67.49 -30.27 37.36
N ALA C 872 66.96 -31.49 37.40
CA ALA C 872 67.02 -32.29 38.62
C ALA C 872 68.41 -32.86 38.89
N GLN C 873 69.27 -32.92 37.87
CA GLN C 873 70.68 -33.20 38.14
C GLN C 873 71.33 -32.05 38.90
N CYS C 874 70.94 -30.82 38.57
CA CYS C 874 71.53 -29.64 39.16
C CYS C 874 70.84 -29.22 40.46
N GLN C 875 69.73 -29.86 40.82
CA GLN C 875 69.16 -29.66 42.14
C GLN C 875 69.82 -30.65 43.10
N ASP C 876 69.24 -30.82 44.28
CA ASP C 876 69.67 -31.86 45.21
C ASP C 876 68.49 -32.78 45.46
N ALA C 877 68.57 -33.98 44.88
CA ALA C 877 67.59 -35.06 45.04
C ALA C 877 66.18 -34.62 44.62
N GLY C 878 66.06 -34.34 43.33
CA GLY C 878 64.80 -33.87 42.79
C GLY C 878 63.89 -35.03 42.40
N PHE C 879 63.63 -35.20 41.11
CA PHE C 879 62.89 -36.36 40.67
C PHE C 879 63.76 -37.61 40.77
N LEU C 880 63.15 -38.76 40.52
CA LEU C 880 63.90 -40.02 40.54
C LEU C 880 64.76 -40.09 39.29
N VAL C 881 65.88 -39.39 39.34
CA VAL C 881 66.87 -39.42 38.26
C VAL C 881 68.20 -39.85 38.87
N PRO C 882 69.00 -40.63 38.15
CA PRO C 882 70.33 -40.98 38.66
C PRO C 882 71.26 -39.78 38.57
N ARG C 883 72.14 -39.66 39.55
CA ARG C 883 72.97 -38.48 39.74
C ARG C 883 74.44 -38.88 39.71
N PRO C 884 75.03 -39.03 38.52
CA PRO C 884 76.43 -39.48 38.46
C PRO C 884 77.41 -38.34 38.68
N LEU C 885 77.00 -37.11 38.40
CA LEU C 885 77.85 -35.95 38.55
C LEU C 885 77.68 -35.28 39.89
N ASP C 886 77.10 -35.97 40.86
CA ASP C 886 76.80 -35.38 42.17
C ASP C 886 78.05 -35.06 42.96
N ALA C 887 79.21 -35.59 42.57
CA ALA C 887 80.48 -35.17 43.16
C ALA C 887 80.83 -33.73 42.81
N LEU C 888 80.31 -33.20 41.70
CA LEU C 888 80.67 -31.86 41.28
C LEU C 888 79.97 -30.81 42.14
N ARG C 889 80.54 -29.60 42.11
CA ARG C 889 80.07 -28.53 42.96
C ARG C 889 78.93 -27.78 42.29
N GLN C 890 77.81 -27.65 42.99
CA GLN C 890 76.66 -26.90 42.48
C GLN C 890 75.97 -26.26 43.69
N PHE C 891 75.99 -24.94 43.74
CA PHE C 891 75.42 -24.21 44.85
C PHE C 891 74.10 -23.54 44.51
N ASP C 892 74.04 -22.86 43.37
CA ASP C 892 72.87 -22.09 42.98
C ASP C 892 71.82 -23.04 42.44
N VAL C 893 70.83 -23.35 43.26
CA VAL C 893 69.79 -24.30 42.92
C VAL C 893 68.43 -23.60 42.93
N THR C 894 68.45 -22.29 42.70
CA THR C 894 67.22 -21.50 42.76
C THR C 894 66.37 -21.72 41.51
N SER C 895 65.23 -21.03 41.47
CA SER C 895 64.33 -21.15 40.33
C SER C 895 64.92 -20.50 39.10
N ALA C 896 65.41 -19.27 39.24
CA ALA C 896 65.95 -18.54 38.09
C ALA C 896 67.26 -19.13 37.61
N ALA C 897 68.00 -19.82 38.48
CA ALA C 897 69.18 -20.56 38.03
C ALA C 897 68.76 -21.75 37.20
N ALA C 898 67.79 -22.51 37.68
CA ALA C 898 67.29 -23.66 36.92
C ALA C 898 66.42 -23.22 35.75
N ALA C 899 65.90 -22.00 35.77
CA ALA C 899 65.22 -21.49 34.59
C ALA C 899 66.19 -21.26 33.45
N GLU C 900 67.42 -20.89 33.76
CA GLU C 900 68.44 -20.79 32.73
C GLU C 900 68.88 -22.15 32.23
N ILE C 901 68.74 -23.19 33.04
CA ILE C 901 69.15 -24.51 32.60
C ILE C 901 68.16 -25.10 31.61
N MET C 902 66.86 -25.03 31.94
CA MET C 902 65.85 -25.58 31.04
C MET C 902 65.75 -24.77 29.75
N HIS C 903 65.93 -23.45 29.86
CA HIS C 903 65.88 -22.61 28.67
C HIS C 903 67.06 -22.87 27.75
N ALA C 904 68.18 -23.32 28.29
CA ALA C 904 69.34 -23.61 27.45
C ALA C 904 69.24 -25.00 26.82
N VAL C 905 68.66 -25.96 27.54
CA VAL C 905 68.37 -27.27 26.94
C VAL C 905 67.32 -27.11 25.84
N ASN C 906 66.32 -26.28 26.10
CA ASN C 906 65.36 -25.90 25.06
C ASN C 906 66.07 -25.17 23.92
N ASP C 907 67.09 -24.38 24.23
CA ASP C 907 67.81 -23.66 23.19
C ASP C 907 68.69 -24.58 22.36
N ALA C 908 68.93 -25.80 22.84
CA ALA C 908 69.79 -26.76 22.15
C ALA C 908 69.01 -27.74 21.29
N PHE C 909 67.89 -28.27 21.80
CA PHE C 909 67.04 -29.10 20.97
C PHE C 909 66.38 -28.33 19.84
N LYS C 910 66.15 -27.02 20.03
CA LYS C 910 65.73 -26.18 18.91
C LYS C 910 66.86 -25.89 17.95
N THR C 911 68.11 -26.17 18.34
CA THR C 911 69.27 -25.94 17.51
C THR C 911 69.78 -27.21 16.86
N ALA C 912 69.86 -28.31 17.61
CA ALA C 912 70.41 -29.55 17.09
C ALA C 912 69.49 -30.16 16.04
N PHE C 913 68.20 -30.27 16.35
CA PHE C 913 67.22 -30.71 15.38
C PHE C 913 66.69 -29.56 14.55
N ASP C 914 67.28 -28.37 14.71
CA ASP C 914 67.07 -27.07 14.06
C ASP C 914 65.64 -26.81 13.64
N LEU C 915 64.72 -27.07 14.57
CA LEU C 915 63.30 -26.90 14.33
C LEU C 915 62.90 -25.47 14.64
N ASP C 916 61.60 -25.20 14.60
CA ASP C 916 61.13 -23.83 14.73
C ASP C 916 59.91 -23.70 15.63
N GLY C 917 59.39 -24.78 16.18
CA GLY C 917 58.22 -24.72 17.02
C GLY C 917 58.52 -24.21 18.40
N ALA C 918 57.55 -24.37 19.29
CA ALA C 918 57.70 -24.02 20.69
C ALA C 918 57.58 -25.30 21.51
N LEU C 919 58.69 -26.02 21.63
CA LEU C 919 58.79 -27.10 22.59
C LEU C 919 59.43 -26.56 23.85
N LEU C 920 58.97 -27.04 25.00
CA LEU C 920 59.48 -26.76 26.35
C LEU C 920 59.31 -25.32 26.81
N ASP C 921 58.87 -24.42 25.94
CA ASP C 921 58.47 -23.10 26.36
C ASP C 921 57.15 -23.22 27.10
N GLY C 922 56.88 -22.26 27.97
CA GLY C 922 55.68 -22.33 28.76
C GLY C 922 55.71 -23.30 29.91
N LEU C 923 56.71 -24.18 30.01
CA LEU C 923 56.93 -24.87 31.27
C LEU C 923 57.54 -23.93 32.30
N ALA C 924 58.18 -22.85 31.86
CA ALA C 924 58.58 -21.76 32.73
C ALA C 924 57.60 -20.59 32.66
N LEU C 925 56.33 -20.86 32.37
CA LEU C 925 55.33 -19.81 32.43
C LEU C 925 55.07 -19.39 33.85
N TYR C 926 54.94 -20.34 34.76
CA TYR C 926 54.82 -19.99 36.17
C TYR C 926 56.15 -19.59 36.77
N GLY C 927 57.25 -19.98 36.16
CA GLY C 927 58.56 -19.50 36.56
C GLY C 927 59.37 -20.46 37.40
N ASP C 928 58.88 -21.67 37.65
CA ASP C 928 59.61 -22.65 38.45
C ASP C 928 59.70 -23.95 37.67
N PRO C 929 60.71 -24.10 36.81
CA PRO C 929 60.90 -25.35 36.08
C PRO C 929 61.60 -26.43 36.89
N ARG C 930 61.88 -26.19 38.17
CA ARG C 930 62.35 -27.25 39.04
C ARG C 930 61.26 -28.28 39.28
N ILE C 931 60.01 -27.91 39.10
CA ILE C 931 58.88 -28.82 39.18
C ILE C 931 58.25 -28.83 37.79
N ALA C 932 58.64 -29.78 36.96
CA ALA C 932 58.13 -29.89 35.61
C ALA C 932 57.41 -31.23 35.49
N ASP C 933 56.09 -31.20 35.59
CA ASP C 933 55.31 -32.43 35.46
C ASP C 933 53.99 -32.05 34.81
N LEU C 934 53.62 -32.78 33.77
CA LEU C 934 52.46 -32.46 32.97
C LEU C 934 51.28 -33.32 33.40
N SER C 935 50.21 -32.68 33.83
CA SER C 935 49.00 -33.36 34.26
C SER C 935 47.81 -32.76 33.54
N ALA C 936 46.72 -33.52 33.53
CA ALA C 936 45.47 -33.05 32.94
C ALA C 936 44.31 -33.63 33.73
N ALA C 937 43.23 -32.87 33.82
CA ALA C 937 42.08 -33.28 34.61
C ALA C 937 40.85 -32.53 34.12
N TYR C 938 39.70 -32.98 34.59
CA TYR C 938 38.46 -32.24 34.43
C TYR C 938 37.57 -32.52 35.63
N LEU C 939 36.98 -31.47 36.18
CA LEU C 939 36.12 -31.60 37.35
C LEU C 939 34.68 -31.68 36.89
N GLN C 940 33.94 -32.63 37.45
CA GLN C 940 32.50 -32.72 37.26
C GLN C 940 31.80 -32.16 38.47
N TYR C 941 30.56 -31.69 38.26
CA TYR C 941 29.83 -31.01 39.33
C TYR C 941 29.49 -31.94 40.48
N GLY C 942 29.36 -33.24 40.22
CA GLY C 942 29.21 -34.19 41.30
C GLY C 942 30.46 -34.39 42.12
N GLY C 943 31.62 -33.98 41.60
CA GLY C 943 32.86 -34.09 42.33
C GLY C 943 33.78 -35.15 41.78
N ASN C 944 33.68 -35.43 40.49
CA ASN C 944 34.55 -36.40 39.85
C ASN C 944 35.81 -35.67 39.39
N VAL C 945 36.97 -36.16 39.82
CA VAL C 945 38.18 -35.35 39.91
C VAL C 945 39.31 -36.01 39.10
N VAL C 946 38.95 -36.56 37.93
CA VAL C 946 39.59 -37.66 37.21
C VAL C 946 41.12 -37.75 37.22
N ARG C 947 41.81 -36.67 36.86
CA ARG C 947 43.28 -36.56 36.89
C ARG C 947 43.98 -37.64 36.05
N GLU C 948 43.76 -37.57 34.74
CA GLU C 948 44.48 -38.46 33.83
C GLU C 948 45.78 -37.76 33.45
N HIS C 949 46.83 -38.00 34.22
CA HIS C 949 48.11 -37.35 33.99
C HIS C 949 49.05 -38.25 33.19
N VAL C 950 49.95 -37.62 32.47
CA VAL C 950 50.79 -38.31 31.49
C VAL C 950 52.27 -38.20 31.83
N PRO C 951 52.92 -39.31 32.15
CA PRO C 951 54.36 -39.30 32.34
C PRO C 951 55.06 -39.31 31.01
N PRO C 952 56.37 -39.04 30.98
CA PRO C 952 57.14 -39.25 29.75
C PRO C 952 57.31 -40.73 29.44
N GLY C 953 57.74 -41.00 28.21
CA GLY C 953 57.94 -42.35 27.76
C GLY C 953 59.36 -42.83 27.94
N PRO C 954 59.61 -44.07 27.52
CA PRO C 954 60.98 -44.62 27.64
C PRO C 954 61.92 -44.03 26.60
N SER C 955 62.48 -42.86 26.91
CA SER C 955 63.28 -42.12 25.94
C SER C 955 64.65 -42.77 25.75
N HIS C 956 65.32 -42.36 24.69
CA HIS C 956 66.60 -42.92 24.28
C HIS C 956 67.79 -41.99 24.49
N ILE C 957 67.62 -40.69 24.27
CA ILE C 957 68.73 -39.77 24.41
C ILE C 957 69.04 -39.51 25.88
N HIS C 958 68.01 -39.53 26.74
CA HIS C 958 68.22 -39.49 28.17
C HIS C 958 69.02 -40.69 28.67
N ARG C 959 68.91 -41.83 28.00
CA ARG C 959 69.82 -42.94 28.30
C ARG C 959 71.21 -42.68 27.76
N ALA C 960 71.32 -41.87 26.70
CA ALA C 960 72.63 -41.63 26.09
C ALA C 960 73.43 -40.62 26.90
N LEU C 961 72.79 -39.52 27.31
CA LEU C 961 73.47 -38.51 28.13
C LEU C 961 73.89 -39.09 29.46
N GLN C 962 73.05 -39.96 30.03
CA GLN C 962 73.36 -40.61 31.30
C GLN C 962 74.59 -41.50 31.19
N GLN C 963 74.85 -42.07 30.02
CA GLN C 963 76.06 -42.85 29.83
C GLN C 963 77.27 -41.94 29.61
N VAL C 964 77.08 -40.78 28.99
CA VAL C 964 78.18 -39.84 28.80
C VAL C 964 78.60 -39.24 30.14
N GLU C 965 77.62 -38.92 30.99
CA GLU C 965 77.92 -38.39 32.31
C GLU C 965 78.64 -39.41 33.18
N SER C 966 78.32 -40.69 33.02
CA SER C 966 79.00 -41.73 33.79
C SER C 966 80.45 -41.87 33.34
N THR C 967 80.70 -41.83 32.04
CA THR C 967 82.06 -41.95 31.55
C THR C 967 82.79 -40.61 31.50
N PHE C 968 82.09 -39.50 31.75
CA PHE C 968 82.81 -38.26 32.02
C PHE C 968 83.59 -38.36 33.31
N MET C 969 83.00 -38.97 34.34
CA MET C 969 83.61 -39.01 35.66
C MET C 969 84.89 -39.83 35.67
N ALA C 970 84.95 -40.88 34.85
CA ALA C 970 86.17 -41.68 34.76
C ALA C 970 87.27 -40.96 33.99
N GLU C 971 86.93 -40.03 33.11
CA GLU C 971 87.89 -39.31 32.29
C GLU C 971 87.59 -37.82 32.27
N MET C 972 87.47 -37.24 33.47
CA MET C 972 87.29 -35.80 33.59
C MET C 972 88.45 -35.03 32.99
N ASN C 973 89.67 -35.56 33.14
CA ASN C 973 90.88 -34.90 32.65
C ASN C 973 90.90 -34.79 31.14
N LEU C 974 90.13 -35.63 30.46
CA LEU C 974 90.06 -35.59 29.02
C LEU C 974 89.28 -34.37 28.53
N PHE C 975 88.47 -33.76 29.39
CA PHE C 975 87.69 -32.57 29.05
C PHE C 975 88.22 -31.34 29.78
N ASN C 976 89.54 -31.27 30.00
CA ASN C 976 90.23 -30.15 30.62
C ASN C 976 89.75 -29.86 32.05
N VAL C 977 89.27 -30.88 32.76
CA VAL C 977 88.78 -30.72 34.12
C VAL C 977 89.57 -31.66 35.02
N ALA C 978 90.30 -31.11 35.97
CA ALA C 978 91.05 -31.95 36.90
C ALA C 978 90.24 -32.17 38.16
N ARG C 979 90.34 -33.37 38.73
CA ARG C 979 89.71 -33.68 40.00
C ARG C 979 90.76 -33.71 41.10
N GLY C 980 90.28 -33.73 42.33
CA GLY C 980 91.16 -33.73 43.48
C GLY C 980 91.51 -32.32 43.94
N ASN C 981 92.27 -32.27 45.03
CA ASN C 981 92.60 -31.01 45.65
C ASN C 981 93.84 -30.42 45.00
N LEU C 982 94.30 -29.30 45.55
CA LEU C 982 95.40 -28.54 44.98
C LEU C 982 96.44 -28.30 46.05
N TYR C 983 97.69 -28.53 45.71
CA TYR C 983 98.80 -28.41 46.66
C TYR C 983 99.68 -27.24 46.28
N LEU C 984 100.04 -26.43 47.28
CA LEU C 984 100.93 -25.28 47.10
C LEU C 984 102.05 -25.41 48.12
N VAL C 985 103.08 -26.18 47.78
CA VAL C 985 104.26 -26.28 48.61
C VAL C 985 105.44 -25.86 47.76
N GLN C 986 106.49 -25.36 48.39
CA GLN C 986 107.67 -24.96 47.65
C GLN C 986 108.50 -26.20 47.36
N THR C 987 108.65 -26.51 46.07
CA THR C 987 109.39 -27.70 45.63
C THR C 987 110.47 -27.21 44.68
N ALA C 988 111.62 -26.84 45.23
CA ALA C 988 112.75 -26.39 44.42
C ALA C 988 113.53 -27.63 43.98
N THR C 989 113.28 -28.10 42.77
CA THR C 989 113.94 -29.28 42.25
C THR C 989 114.66 -29.00 40.94
N ASN C 990 115.40 -30.00 40.51
CA ASN C 990 116.15 -29.94 39.27
C ASN C 990 115.73 -31.03 38.28
N GLY C 991 115.32 -32.20 38.76
CA GLY C 991 114.98 -33.32 37.91
C GLY C 991 113.60 -33.22 37.30
N ASN C 992 112.96 -34.39 37.16
CA ASN C 992 111.64 -34.44 36.56
C ASN C 992 110.60 -33.88 37.49
N TRP C 993 109.61 -33.22 36.92
CA TRP C 993 108.56 -32.56 37.68
C TRP C 993 107.23 -32.83 37.01
N SER C 994 106.42 -33.69 37.62
CA SER C 994 105.13 -34.08 37.08
C SER C 994 104.05 -33.63 38.06
N PRO C 995 103.46 -32.44 37.83
CA PRO C 995 102.34 -32.02 38.68
C PRO C 995 101.11 -32.87 38.47
N MET C 996 100.81 -33.24 37.23
CA MET C 996 99.59 -33.97 36.92
C MET C 996 99.63 -35.39 37.47
N ALA C 997 100.81 -36.01 37.49
CA ALA C 997 100.99 -37.34 38.05
C ALA C 997 102.00 -37.24 39.18
N PRO C 998 101.55 -36.95 40.41
CA PRO C 998 102.48 -36.93 41.55
C PRO C 998 102.93 -38.35 41.87
N VAL C 999 104.23 -38.60 41.68
CA VAL C 999 104.74 -39.94 41.91
C VAL C 999 104.84 -40.24 43.41
N ALA C 1000 105.01 -39.22 44.24
CA ALA C 1000 105.09 -39.41 45.67
C ALA C 1000 103.68 -39.47 46.27
N ALA C 1001 103.62 -39.76 47.56
CA ALA C 1001 102.36 -39.72 48.28
C ALA C 1001 101.91 -38.27 48.46
N PRO C 1002 100.60 -38.01 48.41
CA PRO C 1002 100.11 -36.64 48.63
C PRO C 1002 100.26 -36.25 50.10
N PRO C 1003 101.02 -35.20 50.38
CA PRO C 1003 101.26 -34.83 51.77
C PRO C 1003 100.07 -34.12 52.40
N PHE C 1004 100.00 -34.22 53.73
CA PHE C 1004 99.07 -33.58 54.66
C PHE C 1004 97.61 -33.62 54.19
N VAL C 1005 97.01 -34.80 54.17
CA VAL C 1005 95.57 -34.89 53.91
C VAL C 1005 94.79 -34.21 55.04
N ARG C 1006 93.55 -33.85 54.74
CA ARG C 1006 92.72 -33.10 55.69
C ARG C 1006 92.37 -33.95 56.90
N GLY C 1007 92.60 -33.39 58.09
CA GLY C 1007 92.42 -34.12 59.32
C GLY C 1007 93.64 -34.91 59.75
N GLY C 1008 94.79 -34.68 59.12
CA GLY C 1008 95.98 -35.42 59.44
C GLY C 1008 96.67 -34.95 60.71
N PRO C 1009 97.92 -35.38 60.91
CA PRO C 1009 98.71 -34.87 62.03
C PRO C 1009 98.99 -33.38 61.86
N ASN C 1010 98.52 -32.61 62.86
CA ASN C 1010 98.52 -31.15 63.02
C ASN C 1010 98.35 -30.37 61.72
N VAL C 1011 97.33 -30.76 60.94
CA VAL C 1011 96.91 -30.03 59.75
C VAL C 1011 95.67 -29.23 60.13
N ARG C 1012 95.64 -27.97 59.74
CA ARG C 1012 94.66 -27.02 60.24
C ARG C 1012 93.80 -26.49 59.11
N VAL C 1013 92.49 -26.40 59.36
CA VAL C 1013 91.51 -26.00 58.36
C VAL C 1013 91.01 -24.61 58.73
N VAL C 1014 91.09 -23.68 57.78
CA VAL C 1014 90.69 -22.30 58.02
C VAL C 1014 89.18 -22.20 58.12
N GLY C 1015 88.70 -21.41 59.09
CA GLY C 1015 87.30 -21.10 59.22
C GLY C 1015 86.74 -20.29 58.06
N ARG C 1016 85.48 -19.89 58.22
CA ARG C 1016 84.70 -19.42 57.09
C ARG C 1016 85.14 -18.04 56.62
N PHE C 1017 85.74 -17.24 57.48
CA PHE C 1017 86.08 -15.88 57.08
C PHE C 1017 87.45 -15.78 56.44
N GLY C 1018 88.40 -16.63 56.83
CA GLY C 1018 89.75 -16.51 56.34
C GLY C 1018 90.44 -15.30 56.93
N THR C 1019 90.48 -15.25 58.26
CA THR C 1019 90.81 -14.04 59.00
C THR C 1019 92.14 -14.17 59.72
N ILE C 1020 93.10 -13.34 59.33
CA ILE C 1020 94.37 -13.17 60.04
C ILE C 1020 94.18 -12.13 61.13
N VAL C 1021 94.52 -12.49 62.36
CA VAL C 1021 94.62 -11.50 63.42
C VAL C 1021 96.07 -11.05 63.53
N PRO C 1022 96.33 -9.74 63.62
CA PRO C 1022 97.70 -9.27 63.79
C PRO C 1022 98.11 -9.26 65.26
N ARG C 1023 99.40 -9.51 65.48
CA ARG C 1023 99.89 -9.56 66.85
C ARG C 1023 101.01 -8.54 67.05
N PRO C 1024 101.04 -7.86 68.18
CA PRO C 1024 101.99 -6.77 68.35
C PRO C 1024 103.39 -7.24 68.74
N ASN C 1025 104.35 -6.33 68.52
CA ASN C 1025 105.71 -6.41 69.05
C ASN C 1025 106.47 -7.62 68.54
N GLY C 1026 106.49 -7.79 67.22
CA GLY C 1026 107.28 -8.83 66.60
C GLY C 1026 106.69 -10.22 66.67
N LEU C 1027 105.52 -10.40 67.26
CA LEU C 1027 104.88 -11.69 67.25
C LEU C 1027 104.24 -11.96 65.90
N GLU C 1028 104.25 -13.23 65.51
CA GLU C 1028 103.76 -13.61 64.19
C GLU C 1028 102.24 -13.48 64.12
N PRO C 1029 101.69 -13.13 62.95
CA PRO C 1029 100.24 -13.06 62.81
C PRO C 1029 99.63 -14.45 62.87
N GLN C 1030 98.51 -14.56 63.58
CA GLN C 1030 97.83 -15.82 63.77
C GLN C 1030 96.67 -15.92 62.80
N LEU C 1031 96.30 -17.16 62.46
CA LEU C 1031 95.21 -17.42 61.54
C LEU C 1031 94.10 -18.18 62.25
N ILE C 1032 92.87 -17.69 62.09
CA ILE C 1032 91.71 -18.34 62.71
C ILE C 1032 91.40 -19.61 61.95
N ASP C 1033 91.36 -20.74 62.67
CA ASP C 1033 91.08 -22.00 62.01
C ASP C 1033 89.58 -22.28 62.03
N ASP C 1034 89.20 -23.54 61.75
CA ASP C 1034 87.79 -23.91 61.71
C ASP C 1034 87.17 -23.85 63.11
N GLY C 1035 87.95 -24.13 64.15
CA GLY C 1035 87.44 -24.10 65.50
C GLY C 1035 87.45 -22.73 66.15
N ASN C 1036 87.57 -21.69 65.32
CA ASN C 1036 87.56 -20.28 65.74
C ASN C 1036 88.68 -20.00 66.73
N VAL C 1037 89.85 -20.56 66.47
CA VAL C 1037 91.02 -20.40 67.33
C VAL C 1037 92.14 -19.83 66.47
N PRO C 1038 92.76 -18.71 66.86
CA PRO C 1038 93.89 -18.20 66.09
C PRO C 1038 95.13 -19.05 66.25
N ARG C 1039 95.47 -19.81 65.22
CA ARG C 1039 96.67 -20.63 65.22
C ARG C 1039 97.68 -20.12 64.21
N ASP C 1040 98.95 -20.37 64.51
CA ASP C 1040 100.05 -19.76 63.80
C ASP C 1040 100.16 -20.27 62.36
N ILE C 1041 100.81 -19.46 61.52
CA ILE C 1041 100.76 -19.68 60.07
C ILE C 1041 101.62 -20.87 59.67
N ALA C 1042 102.85 -20.95 60.19
CA ALA C 1042 103.83 -21.92 59.70
C ALA C 1042 103.41 -23.35 60.06
N GLY C 1043 103.13 -24.14 59.03
CA GLY C 1043 102.63 -25.47 59.21
C GLY C 1043 101.82 -25.87 57.98
N ASP C 1044 101.02 -26.92 58.14
CA ASP C 1044 100.21 -27.46 57.07
C ASP C 1044 98.78 -26.94 57.19
N TRP C 1045 98.28 -26.35 56.11
CA TRP C 1045 96.95 -25.73 56.11
C TRP C 1045 96.10 -26.30 55.00
N VAL C 1046 94.80 -26.41 55.25
CA VAL C 1046 93.81 -26.73 54.23
C VAL C 1046 92.91 -25.51 54.07
N TYR C 1047 92.80 -25.00 52.85
CA TYR C 1047 91.86 -23.93 52.63
C TYR C 1047 90.71 -24.47 51.80
N PRO C 1048 89.46 -24.23 52.20
CA PRO C 1048 88.36 -24.46 51.27
C PRO C 1048 88.41 -23.47 50.14
N SER C 1049 87.77 -23.83 49.03
CA SER C 1049 87.77 -22.98 47.84
C SER C 1049 87.07 -21.65 48.11
N ASP C 1050 85.95 -21.69 48.81
CA ASP C 1050 85.14 -20.49 48.98
C ASP C 1050 85.75 -19.54 49.99
N VAL C 1051 86.52 -20.08 50.94
CA VAL C 1051 87.25 -19.23 51.87
C VAL C 1051 88.35 -18.46 51.13
N LEU C 1052 89.03 -19.15 50.22
CA LEU C 1052 90.11 -18.52 49.47
C LEU C 1052 89.58 -17.55 48.43
N GLN C 1053 88.30 -17.64 48.06
CA GLN C 1053 87.74 -16.65 47.15
C GLN C 1053 87.51 -15.30 47.81
N VAL C 1054 87.35 -15.26 49.13
CA VAL C 1054 87.13 -14.00 49.81
C VAL C 1054 88.33 -13.57 50.65
N SER C 1055 89.22 -14.47 51.01
CA SER C 1055 90.41 -14.12 51.78
C SER C 1055 91.63 -13.93 50.90
N VAL C 1056 91.43 -13.69 49.59
CA VAL C 1056 92.52 -13.77 48.63
C VAL C 1056 93.51 -12.63 48.79
N ALA C 1057 93.06 -11.45 49.23
CA ALA C 1057 94.00 -10.38 49.52
C ALA C 1057 94.72 -10.64 50.83
N VAL C 1058 94.03 -11.27 51.78
CA VAL C 1058 94.65 -11.67 53.03
C VAL C 1058 95.56 -12.87 52.80
N PHE C 1059 95.18 -13.75 51.87
CA PHE C 1059 96.02 -14.87 51.50
C PHE C 1059 97.34 -14.39 50.88
N ARG C 1060 97.23 -13.50 49.90
CA ARG C 1060 98.39 -13.10 49.12
C ARG C 1060 99.37 -12.25 49.93
N ASP C 1061 98.89 -11.59 50.97
CA ASP C 1061 99.72 -10.67 51.73
C ASP C 1061 100.27 -11.26 53.03
N TYR C 1062 99.66 -12.30 53.57
CA TYR C 1062 100.02 -12.78 54.89
C TYR C 1062 100.52 -14.22 54.91
N VAL C 1063 99.90 -15.12 54.17
CA VAL C 1063 100.27 -16.52 54.21
C VAL C 1063 100.86 -17.03 52.90
N TRP C 1064 100.64 -16.35 51.79
CA TRP C 1064 101.34 -16.70 50.57
C TRP C 1064 102.83 -16.39 50.58
N PRO C 1065 103.33 -15.27 51.16
CA PRO C 1065 104.80 -15.16 51.31
C PRO C 1065 105.38 -16.19 52.26
N MET C 1066 104.59 -16.75 53.16
CA MET C 1066 105.08 -17.81 54.02
C MET C 1066 105.21 -19.13 53.25
N VAL C 1067 104.49 -19.26 52.13
CA VAL C 1067 104.65 -20.43 51.25
C VAL C 1067 105.94 -20.32 50.46
N LYS C 1068 106.24 -19.13 49.95
CA LYS C 1068 107.46 -18.91 49.18
C LYS C 1068 108.72 -19.11 50.02
N ALA C 1069 108.63 -18.87 51.32
CA ALA C 1069 109.74 -19.17 52.22
C ALA C 1069 109.84 -20.66 52.53
N GLY C 1070 108.85 -21.45 52.15
CA GLY C 1070 108.85 -22.87 52.38
C GLY C 1070 108.53 -23.27 53.80
N ARG C 1071 108.18 -22.33 54.65
CA ARG C 1071 107.91 -22.66 56.04
C ARG C 1071 106.43 -22.94 56.29
N THR C 1072 105.60 -22.94 55.26
CA THR C 1072 104.25 -23.46 55.40
C THR C 1072 103.82 -24.10 54.10
N ARG C 1073 102.76 -24.90 54.18
CA ARG C 1073 102.26 -25.68 53.06
C ARG C 1073 100.74 -25.60 53.10
N VAL C 1074 100.12 -25.15 52.02
CA VAL C 1074 98.68 -24.90 52.01
C VAL C 1074 98.00 -25.82 51.00
N LEU C 1075 97.00 -26.56 51.46
CA LEU C 1075 96.13 -27.35 50.61
C LEU C 1075 94.95 -26.49 50.19
N VAL C 1076 94.63 -26.50 48.91
CA VAL C 1076 93.47 -25.73 48.47
C VAL C 1076 92.34 -26.70 48.15
N GLU C 1077 91.46 -26.92 49.13
CA GLU C 1077 90.45 -27.96 49.05
C GLU C 1077 89.33 -27.53 48.11
N LEU C 1078 89.26 -28.18 46.95
CA LEU C 1078 88.21 -27.96 45.99
C LEU C 1078 88.07 -29.20 45.12
N GLY C 1079 86.83 -29.56 44.82
CA GLY C 1079 86.54 -30.86 44.23
C GLY C 1079 87.03 -31.05 42.82
N HIS C 1080 86.45 -30.31 41.88
CA HIS C 1080 86.80 -30.45 40.48
C HIS C 1080 87.06 -29.05 39.93
N TYR C 1081 87.96 -28.97 38.95
CA TYR C 1081 88.41 -27.66 38.52
C TYR C 1081 89.01 -27.76 37.12
N VAL C 1082 88.82 -26.69 36.35
CA VAL C 1082 89.46 -26.59 35.05
C VAL C 1082 90.93 -26.27 35.26
N TYR C 1083 91.80 -26.99 34.57
CA TYR C 1083 93.24 -26.79 34.68
C TYR C 1083 93.78 -26.23 33.37
N THR C 1084 94.78 -25.36 33.48
CA THR C 1084 95.47 -24.79 32.34
C THR C 1084 96.96 -25.08 32.48
N LEU C 1085 97.51 -25.83 31.53
CA LEU C 1085 98.90 -26.23 31.63
C LEU C 1085 99.82 -25.19 31.02
N HIS C 1086 100.98 -25.02 31.63
CA HIS C 1086 102.01 -24.13 31.11
C HIS C 1086 103.28 -24.93 30.92
N TYR C 1087 103.96 -24.69 29.81
CA TYR C 1087 105.17 -25.43 29.47
C TYR C 1087 106.35 -24.49 29.33
N TYR C 1088 107.53 -25.04 29.56
CA TYR C 1088 108.77 -24.28 29.54
C TYR C 1088 109.90 -25.19 29.07
N ASP C 1089 110.94 -24.57 28.55
CA ASP C 1089 112.18 -25.29 28.31
C ASP C 1089 112.89 -25.48 29.63
N PRO C 1090 113.11 -26.72 30.09
CA PRO C 1090 113.79 -26.92 31.39
C PRO C 1090 115.26 -26.55 31.39
N GLN C 1091 115.87 -26.29 30.23
CA GLN C 1091 117.23 -25.79 30.21
C GLN C 1091 117.30 -24.37 30.75
N ILE C 1092 116.29 -23.56 30.46
CA ILE C 1092 116.20 -22.19 30.97
C ILE C 1092 115.53 -22.22 32.32
N SER C 1093 116.00 -21.38 33.24
CA SER C 1093 115.44 -21.32 34.59
C SER C 1093 114.05 -20.71 34.57
N LEU C 1094 113.25 -21.08 35.57
CA LEU C 1094 111.88 -20.58 35.70
C LEU C 1094 111.49 -20.59 37.16
N ASP C 1095 110.73 -19.59 37.56
CA ASP C 1095 110.11 -19.54 38.88
C ASP C 1095 108.60 -19.41 38.68
N GLU C 1096 107.84 -20.24 39.36
CA GLU C 1096 106.41 -20.34 39.09
C GLU C 1096 105.61 -19.19 39.69
N ALA C 1097 106.20 -18.40 40.59
CA ALA C 1097 105.48 -17.34 41.28
C ALA C 1097 104.97 -16.19 40.41
N PRO C 1098 105.67 -15.70 39.37
CA PRO C 1098 104.98 -14.77 38.45
C PRO C 1098 103.86 -15.43 37.65
N ILE C 1099 103.91 -16.75 37.47
CA ILE C 1099 102.83 -17.44 36.77
C ILE C 1099 101.68 -17.73 37.72
N LEU C 1100 101.97 -17.93 39.01
CA LEU C 1100 100.95 -18.35 39.96
C LEU C 1100 100.35 -17.18 40.75
N GLU C 1101 101.07 -16.09 40.95
CA GLU C 1101 100.45 -14.90 41.52
C GLU C 1101 99.49 -14.23 40.55
N GLU C 1102 99.67 -14.44 39.25
CA GLU C 1102 98.69 -13.97 38.28
C GLU C 1102 97.38 -14.72 38.44
N TRP C 1103 97.43 -15.97 38.90
CA TRP C 1103 96.22 -16.71 39.23
C TRP C 1103 95.56 -16.13 40.47
N LEU C 1104 96.36 -15.75 41.45
CA LEU C 1104 95.80 -15.17 42.68
C LEU C 1104 95.24 -13.79 42.45
N SER C 1105 95.78 -13.06 41.47
CA SER C 1105 95.37 -11.68 41.24
C SER C 1105 94.02 -11.58 40.54
N LYS C 1106 93.46 -12.69 40.07
CA LYS C 1106 92.16 -12.66 39.43
C LYS C 1106 91.12 -13.47 40.17
N ILE C 1107 91.45 -14.06 41.31
CA ILE C 1107 90.44 -14.74 42.12
C ILE C 1107 89.55 -13.68 42.76
N ASN C 1108 88.28 -13.71 42.40
CA ASN C 1108 87.26 -12.81 42.92
C ASN C 1108 86.53 -13.55 44.03
N PRO C 1109 85.56 -12.93 44.72
CA PRO C 1109 84.60 -13.73 45.50
C PRO C 1109 83.64 -14.53 44.64
N ALA C 1110 83.60 -14.29 43.34
CA ALA C 1110 82.62 -14.90 42.46
C ALA C 1110 83.14 -16.10 41.69
N GLY C 1111 84.41 -16.10 41.30
CA GLY C 1111 84.92 -17.23 40.55
C GLY C 1111 86.43 -17.24 40.59
N ILE C 1112 87.00 -18.34 40.08
CA ILE C 1112 88.45 -18.52 40.05
C ILE C 1112 88.91 -18.74 38.62
N PRO C 1113 90.14 -18.38 38.29
CA PRO C 1113 90.69 -18.75 36.98
C PRO C 1113 91.06 -20.22 36.97
N PRO C 1114 91.27 -20.82 35.80
CA PRO C 1114 91.86 -22.16 35.77
C PRO C 1114 93.29 -22.14 36.25
N VAL C 1115 93.75 -23.30 36.71
CA VAL C 1115 94.92 -23.39 37.59
C VAL C 1115 96.18 -23.53 36.74
N PRO C 1116 97.17 -22.66 36.90
CA PRO C 1116 98.36 -22.70 36.03
C PRO C 1116 99.46 -23.67 36.47
N PHE C 1117 99.36 -24.93 36.06
CA PHE C 1117 100.41 -25.89 36.34
C PHE C 1117 101.57 -25.71 35.37
N CYS C 1118 102.79 -25.66 35.89
CA CYS C 1118 103.99 -25.59 35.06
C CYS C 1118 104.57 -27.00 34.90
N ILE C 1119 104.74 -27.41 33.64
CA ILE C 1119 105.26 -28.74 33.32
C ILE C 1119 106.43 -28.59 32.37
N PRO C 1120 107.56 -29.24 32.60
CA PRO C 1120 108.68 -29.16 31.66
C PRO C 1120 108.40 -29.96 30.39
N ILE C 1121 108.90 -29.45 29.28
CA ILE C 1121 108.82 -30.19 28.02
C ILE C 1121 109.80 -31.34 28.07
N PRO C 1122 109.39 -32.57 27.75
CA PRO C 1122 110.33 -33.70 27.80
C PRO C 1122 111.36 -33.61 26.69
N GLN C 1123 112.63 -33.70 27.07
CA GLN C 1123 113.75 -33.47 26.19
C GLN C 1123 114.26 -34.76 25.60
N VAL C 1124 114.85 -34.67 24.41
CA VAL C 1124 115.36 -35.85 23.75
C VAL C 1124 116.80 -36.14 24.14
N TYR C 1125 117.51 -35.15 24.67
CA TYR C 1125 118.90 -35.29 25.05
C TYR C 1125 119.00 -35.41 26.57
N PRO C 1126 120.01 -36.09 27.09
CA PRO C 1126 120.29 -35.95 28.54
C PRO C 1126 120.99 -34.63 28.84
N CYS C 1127 120.25 -33.55 28.72
CA CYS C 1127 120.80 -32.20 28.76
C CYS C 1127 120.88 -31.69 30.19
N ILE C 1128 121.75 -30.70 30.39
CA ILE C 1128 121.85 -30.04 31.68
C ILE C 1128 120.61 -29.21 31.92
N THR C 1129 120.14 -29.20 33.17
CA THR C 1129 118.84 -28.69 33.52
C THR C 1129 118.99 -27.65 34.62
N ALA C 1130 118.23 -26.56 34.50
CA ALA C 1130 118.30 -25.50 35.49
C ALA C 1130 117.55 -25.88 36.74
N ARG C 1131 118.15 -25.56 37.89
CA ARG C 1131 117.42 -25.63 39.16
C ARG C 1131 116.28 -24.63 39.13
N ARG C 1132 115.09 -25.09 39.48
CA ARG C 1132 113.91 -24.26 39.34
C ARG C 1132 112.94 -24.54 40.47
N VAL C 1133 112.10 -23.56 40.76
CA VAL C 1133 111.24 -23.60 41.94
C VAL C 1133 109.79 -23.66 41.47
N HIS C 1134 109.09 -24.72 41.88
CA HIS C 1134 107.68 -24.86 41.58
C HIS C 1134 106.85 -24.83 42.86
N TYR C 1135 105.61 -24.41 42.72
CA TYR C 1135 104.68 -24.29 43.83
C TYR C 1135 103.45 -25.16 43.67
N ALA C 1136 102.81 -25.11 42.51
CA ALA C 1136 101.49 -25.69 42.32
C ALA C 1136 101.58 -27.08 41.72
N PHE C 1137 100.88 -28.03 42.33
CA PHE C 1137 100.70 -29.38 41.81
C PHE C 1137 99.47 -29.96 42.49
N THR C 1138 99.03 -31.12 42.02
CA THR C 1138 97.78 -31.70 42.47
C THR C 1138 98.02 -33.01 43.21
N SER C 1139 96.95 -33.51 43.81
CA SER C 1139 96.96 -34.72 44.64
C SER C 1139 96.56 -35.96 43.85
N GLU C 1140 95.38 -35.93 43.23
CA GLU C 1140 94.92 -37.05 42.44
C GLU C 1140 95.71 -37.12 41.13
N ASN C 1141 95.86 -38.33 40.60
CA ASN C 1141 96.47 -38.50 39.28
C ASN C 1141 95.56 -37.89 38.23
N ASN C 1142 95.95 -36.73 37.71
CA ASN C 1142 95.15 -35.99 36.75
C ASN C 1142 95.82 -35.91 35.38
N ASN C 1143 96.61 -36.92 35.03
CA ASN C 1143 97.38 -36.92 33.79
C ASN C 1143 96.72 -37.79 32.72
N ASP C 1144 95.40 -37.83 32.69
CA ASP C 1144 94.67 -38.80 31.89
C ASP C 1144 94.46 -38.35 30.46
N SER C 1145 94.90 -37.14 30.11
CA SER C 1145 94.75 -36.65 28.74
C SER C 1145 96.04 -36.70 27.95
N LEU C 1146 97.15 -37.07 28.58
CA LEU C 1146 98.44 -37.10 27.90
C LEU C 1146 98.50 -38.34 27.02
N PHE C 1147 98.56 -38.15 25.71
CA PHE C 1147 98.57 -39.29 24.81
C PHE C 1147 99.96 -39.91 24.73
N SER C 1148 100.92 -39.17 24.20
CA SER C 1148 102.29 -39.63 24.10
C SER C 1148 103.22 -38.52 24.56
N THR C 1149 104.27 -38.89 25.29
CA THR C 1149 105.13 -37.87 25.88
C THR C 1149 105.96 -37.15 24.82
N ASN C 1150 106.34 -37.84 23.75
CA ASN C 1150 107.18 -37.30 22.69
C ASN C 1150 107.15 -38.33 21.59
N ALA C 1151 106.93 -37.92 20.35
CA ALA C 1151 106.57 -38.90 19.34
C ALA C 1151 107.69 -39.09 18.32
N ALA C 1152 108.05 -38.04 17.59
CA ALA C 1152 109.01 -38.12 16.50
C ALA C 1152 110.40 -38.51 16.96
N SER C 1153 110.72 -38.27 18.22
CA SER C 1153 112.00 -38.66 18.78
C SER C 1153 112.13 -40.17 18.87
N ILE C 1154 113.39 -40.62 18.92
CA ILE C 1154 113.62 -42.05 19.09
C ILE C 1154 113.36 -42.47 20.53
N ASP C 1155 113.61 -41.57 21.49
CA ASP C 1155 113.50 -41.88 22.91
C ASP C 1155 113.51 -40.58 23.71
N THR C 1156 112.56 -40.42 24.62
CA THR C 1156 112.59 -39.28 25.53
C THR C 1156 113.62 -39.54 26.62
N ALA C 1157 114.29 -38.46 27.03
CA ALA C 1157 115.42 -38.59 27.94
C ALA C 1157 115.18 -37.92 29.28
N PHE C 1158 114.79 -36.65 29.29
CA PHE C 1158 114.67 -35.94 30.56
C PHE C 1158 113.28 -36.12 31.18
N GLY C 1159 112.23 -35.88 30.41
CA GLY C 1159 110.89 -35.92 30.93
C GLY C 1159 110.38 -37.32 31.20
N GLU C 1160 109.07 -37.43 31.36
CA GLU C 1160 108.45 -38.72 31.60
C GLU C 1160 108.46 -39.56 30.33
N ASN C 1161 108.52 -40.87 30.50
CA ASN C 1161 108.47 -41.79 29.37
C ASN C 1161 107.05 -42.30 29.12
N ALA C 1162 106.12 -41.37 29.04
CA ALA C 1162 104.70 -41.70 28.84
C ALA C 1162 104.47 -41.94 27.36
N ALA C 1163 104.71 -43.17 26.93
CA ALA C 1163 104.51 -43.54 25.53
C ALA C 1163 103.01 -43.74 25.26
N VAL C 1164 102.68 -44.22 24.06
CA VAL C 1164 101.29 -44.43 23.70
C VAL C 1164 100.74 -45.61 24.48
N SER C 1165 99.68 -45.36 25.24
CA SER C 1165 99.10 -46.39 26.08
C SER C 1165 98.32 -47.39 25.24
N PRO C 1166 98.63 -48.69 25.32
CA PRO C 1166 97.83 -49.68 24.61
C PRO C 1166 96.45 -49.91 25.21
N LEU C 1167 96.19 -49.37 26.41
CA LEU C 1167 94.85 -49.45 26.99
C LEU C 1167 93.87 -48.59 26.22
N ARG C 1168 94.35 -47.50 25.62
CA ARG C 1168 93.50 -46.70 24.73
C ARG C 1168 93.17 -47.46 23.45
N TRP C 1169 94.04 -48.38 23.04
CA TRP C 1169 93.91 -49.06 21.75
C TRP C 1169 93.89 -50.58 21.91
N PRO C 1170 92.83 -51.18 22.50
CA PRO C 1170 92.75 -52.64 22.42
C PRO C 1170 92.41 -53.14 21.04
N GLY C 1171 91.61 -52.39 20.28
CA GLY C 1171 91.20 -52.85 18.97
C GLY C 1171 92.30 -52.87 17.93
N LEU C 1172 93.47 -52.30 18.24
CA LEU C 1172 94.56 -52.22 17.29
C LEU C 1172 95.76 -53.07 17.66
N VAL C 1173 96.09 -53.19 18.95
CA VAL C 1173 97.30 -53.89 19.34
C VAL C 1173 97.04 -55.15 20.16
N ASP C 1174 95.88 -55.32 20.78
CA ASP C 1174 95.66 -56.44 21.70
C ASP C 1174 95.28 -57.68 20.91
N PRO C 1175 96.02 -58.79 21.05
CA PRO C 1175 95.61 -60.03 20.38
C PRO C 1175 94.35 -60.62 20.97
N ASN C 1176 94.10 -60.40 22.26
CA ASN C 1176 92.93 -60.93 22.95
C ASN C 1176 91.69 -60.08 22.74
N TYR C 1177 91.75 -59.07 21.87
CA TYR C 1177 90.61 -58.23 21.60
C TYR C 1177 89.56 -58.99 20.80
N ARG C 1178 88.37 -59.12 21.36
CA ARG C 1178 87.23 -59.65 20.62
C ARG C 1178 86.49 -58.48 19.98
N VAL C 1179 86.01 -58.71 18.76
CA VAL C 1179 85.22 -57.70 18.07
C VAL C 1179 83.90 -57.49 18.80
N GLY C 1180 83.63 -56.24 19.16
CA GLY C 1180 82.42 -55.88 19.84
C GLY C 1180 82.54 -55.68 21.33
N THR C 1181 83.70 -55.28 21.84
CA THR C 1181 83.91 -55.07 23.26
C THR C 1181 84.46 -53.67 23.50
N ASN C 1182 84.15 -53.14 24.68
CA ASN C 1182 84.68 -51.87 25.15
C ASN C 1182 84.59 -51.82 26.67
N ASP C 1183 85.48 -51.04 27.27
CA ASP C 1183 85.39 -50.73 28.69
C ASP C 1183 84.77 -49.34 28.91
N LEU C 1184 83.52 -49.21 28.50
CA LEU C 1184 82.91 -47.90 28.28
C LEU C 1184 82.62 -47.04 29.51
N PRO C 1185 82.13 -47.56 30.65
CA PRO C 1185 82.05 -46.69 31.85
C PRO C 1185 83.42 -46.30 32.39
N ASN C 1186 84.44 -47.11 32.13
CA ASN C 1186 85.82 -46.79 32.39
C ASN C 1186 86.39 -46.05 31.19
N ARG C 1187 87.70 -46.07 31.01
CA ARG C 1187 88.42 -45.33 29.97
C ARG C 1187 87.90 -45.64 28.57
N ILE C 1188 88.10 -44.71 27.65
CA ILE C 1188 87.52 -44.76 26.32
C ILE C 1188 88.52 -45.38 25.36
N THR C 1189 88.12 -46.46 24.70
CA THR C 1189 88.90 -47.05 23.62
C THR C 1189 88.81 -46.20 22.36
N LEU C 1190 89.96 -45.89 21.75
CA LEU C 1190 90.03 -45.00 20.60
C LEU C 1190 90.06 -45.72 19.26
N TYR C 1191 89.87 -47.04 19.22
CA TYR C 1191 89.86 -47.76 17.96
C TYR C 1191 88.95 -48.97 18.13
N ASN C 1192 87.76 -48.91 17.53
CA ASN C 1192 86.75 -49.91 17.77
C ASN C 1192 86.22 -50.45 16.45
N SER C 1193 85.51 -51.56 16.56
CA SER C 1193 84.67 -52.07 15.48
C SER C 1193 83.30 -51.43 15.58
N LEU C 1194 82.66 -51.27 14.42
CA LEU C 1194 81.41 -50.54 14.38
C LEU C 1194 80.52 -51.09 13.27
N TYR C 1195 79.49 -50.32 12.95
CA TYR C 1195 78.57 -50.64 11.85
C TYR C 1195 78.28 -49.34 11.11
N ARG C 1196 78.44 -49.36 9.80
CA ARG C 1196 77.99 -48.25 8.97
C ARG C 1196 76.72 -48.69 8.25
N TYR C 1197 76.01 -47.73 7.66
CA TYR C 1197 74.68 -48.00 7.14
C TYR C 1197 74.51 -47.39 5.75
N ASN C 1198 73.56 -47.94 5.01
CA ASN C 1198 73.22 -47.42 3.68
C ASN C 1198 71.72 -47.36 3.52
N PHE C 1199 71.04 -46.77 4.49
CA PHE C 1199 69.59 -46.67 4.45
C PHE C 1199 69.13 -45.75 3.33
N THR C 1200 68.24 -46.26 2.49
CA THR C 1200 67.48 -45.37 1.63
C THR C 1200 66.34 -44.78 2.43
N TYR C 1201 65.91 -43.58 2.02
CA TYR C 1201 64.95 -42.78 2.77
C TYR C 1201 63.76 -42.54 1.85
N PRO C 1202 62.84 -43.50 1.76
CA PRO C 1202 61.74 -43.37 0.81
C PRO C 1202 60.70 -42.37 1.29
N THR C 1203 60.03 -41.76 0.33
CA THR C 1203 58.82 -41.02 0.63
C THR C 1203 57.65 -42.00 0.68
N LEU C 1204 56.44 -41.47 0.83
CA LEU C 1204 55.27 -42.33 0.78
C LEU C 1204 54.99 -42.81 -0.63
N ASP C 1205 55.47 -42.07 -1.63
CA ASP C 1205 55.41 -42.55 -3.00
C ASP C 1205 56.39 -43.69 -3.24
N GLY C 1206 57.50 -43.72 -2.49
CA GLY C 1206 58.41 -44.83 -2.57
C GLY C 1206 57.95 -46.06 -1.83
N ILE C 1207 56.87 -45.95 -1.06
CA ILE C 1207 56.34 -47.09 -0.34
C ILE C 1207 55.10 -47.61 -1.04
N MET C 1208 54.10 -46.75 -1.20
CA MET C 1208 52.81 -47.17 -1.71
C MET C 1208 52.42 -46.32 -2.91
N TYR C 1209 51.33 -46.73 -3.56
CA TYR C 1209 50.79 -46.01 -4.70
C TYR C 1209 49.40 -45.52 -4.34
N VAL C 1210 49.15 -44.22 -4.52
CA VAL C 1210 47.87 -43.61 -4.22
C VAL C 1210 47.37 -42.91 -5.47
N ARG C 1211 46.21 -43.32 -5.96
CA ARG C 1211 45.57 -42.65 -7.08
C ARG C 1211 44.97 -41.32 -6.65
N SER D 15 175.40 32.87 58.50
CA SER D 15 174.71 32.81 57.23
C SER D 15 173.41 32.02 57.34
N PRO D 16 172.34 32.50 56.72
CA PRO D 16 171.07 31.80 56.79
C PRO D 16 171.06 30.57 55.90
N ALA D 17 170.36 29.53 56.40
CA ALA D 17 170.18 28.24 55.73
C ALA D 17 171.51 27.59 55.36
N ASP D 18 172.44 27.59 56.31
CA ASP D 18 173.77 27.07 56.02
C ASP D 18 174.22 26.01 57.01
N THR D 19 173.89 26.15 58.29
CA THR D 19 174.25 25.13 59.27
C THR D 19 173.26 23.97 59.24
N ASN D 20 172.01 24.24 58.87
CA ASN D 20 170.93 23.27 58.92
C ASN D 20 170.68 22.58 57.59
N VAL D 21 171.74 22.30 56.84
CA VAL D 21 171.64 21.60 55.58
C VAL D 21 171.43 20.11 55.85
N VAL D 22 170.32 19.57 55.36
CA VAL D 22 169.99 18.16 55.52
C VAL D 22 169.77 17.58 54.12
N PRO D 23 169.86 16.25 53.97
CA PRO D 23 169.46 15.64 52.70
C PRO D 23 167.96 15.81 52.44
N ALA D 24 167.62 16.07 51.18
CA ALA D 24 166.29 16.49 50.81
C ALA D 24 165.35 15.29 50.66
N LYS D 25 164.18 15.53 50.09
CA LYS D 25 163.18 14.48 49.91
C LYS D 25 163.62 13.50 48.84
N ASP D 26 163.59 12.21 49.19
CA ASP D 26 164.02 11.09 48.34
C ASP D 26 165.45 11.28 47.84
N ALA D 27 166.36 11.54 48.78
CA ALA D 27 167.74 11.90 48.51
C ALA D 27 168.59 10.83 47.80
N PRO D 28 168.42 9.52 48.04
CA PRO D 28 169.11 8.58 47.14
C PRO D 28 168.51 8.51 45.75
N THR D 29 167.20 8.67 45.61
CA THR D 29 166.51 8.44 44.34
C THR D 29 165.82 9.70 43.82
N THR D 30 166.52 10.82 43.86
CA THR D 30 165.98 12.05 43.28
C THR D 30 166.43 12.23 41.84
N ASN D 31 167.74 12.22 41.60
CA ASN D 31 168.31 12.48 40.29
C ASN D 31 168.51 11.19 39.48
N SER D 32 167.77 10.14 39.80
CA SER D 32 167.90 8.89 39.08
C SER D 32 167.13 8.96 37.77
N PRO D 33 167.78 8.79 36.63
CA PRO D 33 167.08 8.89 35.35
C PRO D 33 166.31 7.61 35.05
N PRO D 34 165.19 7.71 34.34
CA PRO D 34 164.42 6.50 34.02
C PRO D 34 165.11 5.64 32.96
N SER D 35 166.10 4.87 33.36
CA SER D 35 166.85 4.00 32.46
C SER D 35 166.57 2.55 32.81
N THR D 36 166.32 1.74 31.79
CA THR D 36 166.09 0.31 31.96
C THR D 36 167.28 -0.54 31.58
N THR D 37 168.36 0.08 31.08
CA THR D 37 169.52 -0.69 30.65
C THR D 37 170.34 -1.15 31.85
N SER D 38 170.86 -0.19 32.62
CA SER D 38 171.60 -0.50 33.85
C SER D 38 171.30 0.63 34.83
N PRO D 39 170.30 0.46 35.69
CA PRO D 39 169.84 1.60 36.51
C PRO D 39 170.82 1.99 37.60
N ASN D 40 171.48 1.02 38.24
CA ASN D 40 172.44 1.35 39.28
C ASN D 40 173.71 1.96 38.69
N GLN D 41 174.06 1.58 37.46
CA GLN D 41 175.24 2.15 36.82
C GLN D 41 174.96 3.53 36.24
N ALA D 42 173.71 3.82 35.89
CA ALA D 42 173.38 5.11 35.29
C ALA D 42 173.00 6.15 36.33
N ALA D 43 172.37 5.75 37.44
CA ALA D 43 172.04 6.72 38.48
C ALA D 43 173.28 7.18 39.23
N ALA D 44 174.31 6.34 39.27
CA ALA D 44 175.58 6.76 39.88
C ALA D 44 176.29 7.79 39.01
N ASP D 45 176.04 7.77 37.70
CA ASP D 45 176.63 8.74 36.80
C ASP D 45 175.83 10.03 36.73
N ALA D 46 174.50 9.95 36.83
CA ALA D 46 173.70 11.17 36.87
C ALA D 46 173.89 11.92 38.18
N ASN D 47 174.13 11.20 39.27
CA ASN D 47 174.49 11.83 40.53
C ASN D 47 175.92 12.33 40.52
N GLN D 48 176.77 11.76 39.65
CA GLN D 48 178.16 12.18 39.57
C GLN D 48 178.28 13.54 38.92
N GLN D 49 177.45 13.82 37.91
CA GLN D 49 177.50 15.09 37.21
C GLN D 49 176.59 16.14 37.81
N GLN D 50 175.56 15.73 38.56
CA GLN D 50 174.76 16.71 39.29
C GLN D 50 175.53 17.26 40.47
N ALA D 51 176.44 16.47 41.02
CA ALA D 51 177.34 16.96 42.08
C ALA D 51 178.38 17.92 41.55
N GLY D 52 178.61 17.95 40.23
CA GLY D 52 179.54 18.85 39.62
C GLY D 52 180.92 18.27 39.35
N ILE D 53 181.15 17.03 39.75
CA ILE D 53 182.46 16.40 39.58
C ILE D 53 182.62 15.99 38.13
N VAL D 54 183.68 16.45 37.48
CA VAL D 54 183.97 16.07 36.12
C VAL D 54 184.46 14.63 36.10
N SER D 55 184.00 13.85 35.12
CA SER D 55 184.37 12.44 35.04
C SER D 55 185.83 12.23 34.67
N SER D 56 186.51 13.24 34.12
CA SER D 56 187.93 13.13 33.87
C SER D 56 188.77 13.41 35.11
N GLN D 57 188.22 14.14 36.08
CA GLN D 57 188.97 14.40 37.32
C GLN D 57 189.02 13.17 38.21
N SER D 58 188.01 12.32 38.13
CA SER D 58 187.99 11.07 38.89
C SER D 58 188.45 9.93 37.99
N GLY D 59 189.33 9.08 38.51
CA GLY D 59 189.88 7.99 37.76
C GLY D 59 189.08 6.72 37.92
N PRO D 60 189.66 5.71 38.58
CA PRO D 60 188.94 4.45 38.82
C PRO D 60 187.78 4.56 39.81
N ASN D 61 187.59 5.70 40.47
CA ASN D 61 186.48 5.89 41.39
C ASN D 61 185.15 6.11 40.68
N ALA D 62 185.15 6.27 39.35
CA ALA D 62 183.93 6.48 38.59
C ALA D 62 183.66 5.37 37.58
N VAL D 63 184.42 4.28 37.62
CA VAL D 63 184.26 3.21 36.65
C VAL D 63 183.16 2.26 37.10
N GLY D 64 183.36 1.60 38.23
CA GLY D 64 182.37 0.72 38.79
C GLY D 64 181.77 1.27 40.06
N ASP D 65 180.54 1.77 39.99
CA ASP D 65 179.86 2.30 41.15
C ASP D 65 178.35 2.21 40.94
N SER D 66 177.62 2.17 42.05
CA SER D 66 176.18 2.03 42.02
C SER D 66 175.54 3.03 42.97
N ALA D 67 174.34 3.45 42.62
CA ALA D 67 173.53 4.37 43.42
C ALA D 67 172.10 3.89 43.38
N PRO D 68 171.31 4.16 44.42
CA PRO D 68 169.90 3.75 44.41
C PRO D 68 169.11 4.51 43.34
N SER D 69 168.43 3.75 42.48
CA SER D 69 167.63 4.31 41.40
C SER D 69 166.15 4.10 41.71
N SER D 70 165.32 4.94 41.08
CA SER D 70 163.88 4.85 41.28
C SER D 70 163.23 3.75 40.47
N SER D 71 163.94 3.20 39.47
CA SER D 71 163.40 2.11 38.65
C SER D 71 163.71 0.74 39.21
N VAL D 72 164.31 0.65 40.40
CA VAL D 72 164.60 -0.61 41.05
C VAL D 72 163.78 -0.69 42.32
N ASN D 73 163.12 -1.83 42.55
CA ASN D 73 162.29 -2.03 43.72
C ASN D 73 163.17 -2.29 44.95
N ASN D 74 162.53 -2.60 46.07
CA ASN D 74 163.26 -3.04 47.25
C ASN D 74 163.84 -4.44 47.05
N ASP D 75 163.13 -5.28 46.31
CA ASP D 75 163.75 -6.48 45.76
C ASP D 75 164.54 -6.12 44.51
N GLY D 76 165.55 -6.95 44.21
CA GLY D 76 166.43 -6.68 43.09
C GLY D 76 165.79 -6.99 41.74
N ASP D 77 164.84 -6.16 41.32
CA ASP D 77 164.15 -6.33 40.05
C ASP D 77 163.94 -4.96 39.44
N ILE D 78 164.42 -4.78 38.20
CA ILE D 78 164.26 -3.52 37.49
C ILE D 78 162.80 -3.37 37.06
N ILE D 79 162.18 -2.24 37.41
CA ILE D 79 160.77 -2.04 37.13
C ILE D 79 160.61 -0.73 36.37
N THR D 80 159.63 -0.70 35.47
CA THR D 80 159.41 0.49 34.65
C THR D 80 158.54 1.50 35.38
N ARG D 81 157.30 1.14 35.67
CA ARG D 81 156.37 1.95 36.43
C ARG D 81 156.45 1.59 37.89
N PRO D 82 155.89 2.42 38.83
CA PRO D 82 156.02 2.09 40.26
C PRO D 82 155.35 0.81 40.73
N THR D 83 155.49 0.54 42.02
CA THR D 83 155.03 -0.74 42.56
C THR D 83 153.51 -0.74 42.73
N SER D 84 152.92 0.40 43.07
CA SER D 84 151.49 0.45 43.35
C SER D 84 150.65 0.27 42.09
N ASP D 85 151.17 0.65 40.93
CA ASP D 85 150.50 0.37 39.67
C ASP D 85 151.15 -0.78 38.90
N SER D 86 152.03 -1.53 39.55
CA SER D 86 152.43 -2.86 39.08
C SER D 86 151.70 -3.96 39.83
N ILE D 87 151.48 -3.77 41.13
CA ILE D 87 150.57 -4.62 41.88
C ILE D 87 149.15 -4.48 41.33
N ALA D 88 148.78 -3.25 40.93
CA ALA D 88 147.46 -3.01 40.34
C ALA D 88 147.29 -3.69 38.99
N ALA D 89 148.38 -3.99 38.28
CA ALA D 89 148.26 -4.72 37.02
C ALA D 89 147.81 -6.15 37.26
N VAL D 90 148.33 -6.79 38.31
CA VAL D 90 147.91 -8.13 38.66
C VAL D 90 146.48 -8.11 39.18
N ALA D 91 146.12 -7.09 39.96
CA ALA D 91 144.79 -7.03 40.54
C ALA D 91 143.73 -6.64 39.53
N ASN D 92 144.06 -5.81 38.54
CA ASN D 92 143.05 -5.47 37.54
C ASN D 92 142.87 -6.59 36.52
N ALA D 93 143.91 -7.38 36.27
CA ALA D 93 143.75 -8.52 35.38
C ALA D 93 143.00 -9.65 36.05
N THR D 94 143.14 -9.79 37.37
CA THR D 94 142.45 -10.85 38.11
C THR D 94 141.15 -10.28 38.68
N LYS D 95 140.20 -10.07 37.78
CA LYS D 95 138.86 -9.63 38.15
C LYS D 95 137.85 -10.42 37.32
N PRO D 96 137.39 -11.55 37.84
CA PRO D 96 136.29 -12.26 37.19
C PRO D 96 134.99 -11.48 37.28
N ALA D 97 134.06 -11.84 36.40
CA ALA D 97 132.77 -11.17 36.36
C ALA D 97 131.92 -11.63 37.54
N ALA D 98 131.55 -10.69 38.41
CA ALA D 98 130.76 -11.03 39.59
C ALA D 98 129.31 -11.30 39.25
N VAL D 99 128.81 -10.73 38.16
CA VAL D 99 127.45 -10.97 37.69
C VAL D 99 127.55 -11.55 36.29
N VAL D 100 127.26 -12.85 36.17
CA VAL D 100 127.31 -13.55 34.90
C VAL D 100 125.90 -13.99 34.55
N SER D 101 125.36 -13.48 33.45
CA SER D 101 124.01 -13.83 33.03
C SER D 101 124.05 -15.19 32.33
N ASP D 102 123.47 -16.19 32.98
CA ASP D 102 123.39 -17.53 32.42
C ASP D 102 121.96 -18.04 32.51
N PRO D 103 121.55 -18.92 31.59
CA PRO D 103 120.20 -19.47 31.67
C PRO D 103 119.99 -20.37 32.87
N GLN D 104 120.90 -21.32 33.10
CA GLN D 104 120.82 -22.18 34.27
C GLN D 104 121.26 -21.39 35.49
N SER D 105 120.29 -20.98 36.31
CA SER D 105 120.60 -20.20 37.49
C SER D 105 119.47 -20.37 38.50
N MET D 106 119.80 -20.11 39.76
CA MET D 106 118.79 -20.05 40.81
C MET D 106 117.95 -18.79 40.65
N LYS D 107 116.80 -18.91 39.99
CA LYS D 107 115.92 -17.77 39.74
C LYS D 107 114.74 -17.86 40.70
N VAL D 108 114.75 -17.01 41.72
CA VAL D 108 113.75 -17.05 42.79
C VAL D 108 113.11 -15.67 42.90
N THR D 109 111.78 -15.64 42.84
CA THR D 109 111.01 -14.43 43.08
C THR D 109 111.20 -13.97 44.53
N PRO D 110 111.25 -12.66 44.78
CA PRO D 110 111.29 -12.17 46.17
C PRO D 110 110.09 -12.62 46.98
N ILE D 111 110.32 -12.76 48.28
CA ILE D 111 109.34 -13.37 49.16
C ILE D 111 108.17 -12.43 49.41
N VAL D 112 108.45 -11.27 49.98
CA VAL D 112 107.44 -10.23 50.13
C VAL D 112 107.48 -9.33 48.91
N ASN D 113 106.36 -8.66 48.65
CA ASN D 113 106.23 -7.89 47.42
C ASN D 113 106.87 -6.51 47.56
N PRO D 114 107.82 -6.15 46.70
CA PRO D 114 108.34 -4.78 46.72
C PRO D 114 107.45 -3.79 46.00
N SER D 115 106.61 -4.24 45.08
CA SER D 115 105.73 -3.32 44.37
C SER D 115 104.61 -2.83 45.27
N SER D 116 104.09 -3.71 46.12
CA SER D 116 103.05 -3.36 47.09
C SER D 116 103.67 -3.49 48.49
N TYR D 117 104.19 -2.37 48.99
CA TYR D 117 104.63 -2.30 50.37
C TYR D 117 103.40 -2.32 51.26
N VAL D 118 103.09 -3.48 51.83
CA VAL D 118 101.89 -3.60 52.64
C VAL D 118 102.09 -2.92 53.99
N CYS D 119 101.00 -2.34 54.50
CA CYS D 119 100.99 -1.65 55.77
C CYS D 119 101.27 -2.61 56.92
N ASN D 120 101.99 -2.10 57.93
CA ASN D 120 102.30 -2.90 59.11
C ASN D 120 101.05 -3.23 59.90
N VAL D 121 100.20 -2.22 60.12
CA VAL D 121 98.97 -2.42 60.89
C VAL D 121 97.80 -2.83 59.99
N CYS D 122 97.85 -2.49 58.70
CA CYS D 122 96.67 -2.51 57.84
C CYS D 122 97.05 -3.11 56.50
N ASN D 123 96.23 -2.90 55.47
CA ASN D 123 96.56 -3.29 54.10
C ASN D 123 96.57 -2.09 53.17
N ALA D 124 97.15 -0.99 53.63
CA ALA D 124 97.26 0.23 52.83
C ALA D 124 98.35 0.04 51.78
N ARG D 125 97.95 0.03 50.51
CA ARG D 125 98.87 -0.17 49.40
C ARG D 125 99.27 1.18 48.80
N PHE D 126 100.53 1.25 48.35
CA PHE D 126 101.07 2.45 47.73
C PHE D 126 102.07 2.02 46.66
N SER D 127 102.73 3.01 46.06
CA SER D 127 103.83 2.76 45.14
C SER D 127 105.20 2.88 45.79
N THR D 128 105.32 3.70 46.82
CA THR D 128 106.57 3.96 47.51
C THR D 128 106.32 3.77 49.00
N MET D 129 107.30 3.19 49.71
CA MET D 129 107.15 2.98 51.14
C MET D 129 107.21 4.29 51.92
N SER D 130 107.74 5.36 51.31
CA SER D 130 107.64 6.69 51.90
C SER D 130 106.20 7.19 51.93
N ALA D 131 105.37 6.75 50.98
CA ALA D 131 103.93 7.02 51.07
C ALA D 131 103.27 6.21 52.17
N LEU D 132 103.88 5.10 52.57
CA LEU D 132 103.46 4.34 53.75
C LEU D 132 104.19 4.81 55.01
N SER D 133 105.39 5.39 54.86
CA SER D 133 106.07 5.97 56.02
C SER D 133 105.34 7.21 56.52
N GLU D 134 104.63 7.91 55.63
CA GLU D 134 103.76 9.00 56.04
C GLU D 134 102.39 8.52 56.53
N HIS D 135 102.07 7.24 56.33
CA HIS D 135 100.82 6.70 56.84
C HIS D 135 100.90 6.46 58.34
N LEU D 136 101.90 5.68 58.79
CA LEU D 136 102.04 5.40 60.22
C LEU D 136 102.52 6.62 61.01
N ARG D 137 103.12 7.60 60.35
CA ARG D 137 103.56 8.81 61.03
C ARG D 137 102.38 9.71 61.38
N SER D 138 101.28 9.61 60.63
CA SER D 138 100.12 10.46 60.83
C SER D 138 98.89 9.72 61.33
N ASP D 139 98.63 8.51 60.82
CA ASP D 139 97.40 7.81 61.14
C ASP D 139 97.51 6.93 62.39
N HIS D 140 98.64 6.23 62.55
CA HIS D 140 98.83 5.32 63.68
C HIS D 140 99.79 5.96 64.67
N ARG D 141 99.25 6.78 65.57
CA ARG D 141 100.05 7.44 66.59
C ARG D 141 99.43 7.24 67.98
N ASN D 155 85.07 11.55 64.36
CA ASN D 155 84.11 10.47 64.43
C ASN D 155 84.57 9.33 65.32
N ALA D 156 83.84 8.21 65.26
CA ALA D 156 84.19 7.00 65.99
C ALA D 156 84.87 5.97 65.09
N ILE D 157 84.26 5.61 63.96
CA ILE D 157 84.85 4.72 62.98
C ILE D 157 85.25 5.58 61.78
N ARG D 158 86.50 5.44 61.35
CA ARG D 158 86.93 6.23 60.20
C ARG D 158 86.98 5.44 58.91
N SER D 159 87.30 4.14 58.95
CA SER D 159 87.41 3.34 57.75
C SER D 159 87.38 1.86 58.11
N PHE D 160 86.95 1.06 57.14
CA PHE D 160 87.23 -0.36 57.13
C PHE D 160 87.91 -0.68 55.81
N LEU D 161 88.38 -1.92 55.70
CA LEU D 161 89.04 -2.36 54.48
C LEU D 161 88.52 -3.76 54.18
N THR D 162 88.03 -3.96 52.97
CA THR D 162 87.40 -5.21 52.60
C THR D 162 88.46 -6.20 52.11
N ALA D 163 88.35 -7.44 52.55
CA ALA D 163 89.18 -8.47 51.96
C ALA D 163 88.64 -8.98 50.65
N TRP D 164 87.35 -8.80 50.41
CA TRP D 164 86.75 -9.37 49.21
C TRP D 164 86.91 -8.46 47.99
N ASP D 165 87.23 -7.19 48.19
CA ASP D 165 87.36 -6.28 47.05
C ASP D 165 88.59 -5.39 47.13
N ASP D 166 89.27 -5.32 48.28
CA ASP D 166 90.45 -4.48 48.53
C ASP D 166 90.17 -3.01 48.24
N ILE D 167 89.09 -2.51 48.85
CA ILE D 167 88.75 -1.09 48.83
C ILE D 167 88.44 -0.66 50.25
N ARG D 168 88.33 0.65 50.43
CA ARG D 168 88.03 1.24 51.73
C ARG D 168 86.56 1.62 51.79
N ILE D 169 85.98 1.48 52.98
CA ILE D 169 84.64 1.95 53.26
C ILE D 169 84.72 2.95 54.41
N LEU D 170 84.39 4.20 54.12
CA LEU D 170 84.52 5.28 55.10
C LEU D 170 83.14 5.65 55.64
N SER D 171 83.15 6.20 56.84
CA SER D 171 81.93 6.65 57.47
C SER D 171 81.43 7.93 56.81
N PRO D 172 80.13 8.23 56.92
CA PRO D 172 79.66 9.57 56.57
C PRO D 172 80.24 10.61 57.52
N ASP D 173 80.32 11.85 57.04
CA ASP D 173 81.08 12.90 57.68
C ASP D 173 80.47 13.35 59.01
N VAL D 174 81.24 14.16 59.75
CA VAL D 174 80.77 14.75 60.99
C VAL D 174 79.64 15.73 60.71
N SER D 175 79.81 16.58 59.69
CA SER D 175 78.81 17.60 59.34
C SER D 175 77.71 16.93 58.51
N SER D 176 76.81 16.25 59.21
CA SER D 176 75.59 15.73 58.62
C SER D 176 74.46 16.74 58.66
N LYS D 177 74.74 17.97 59.09
CA LYS D 177 73.75 19.03 59.05
C LYS D 177 73.50 19.51 57.63
N SER D 178 74.50 19.35 56.74
CA SER D 178 74.29 19.64 55.33
C SER D 178 73.39 18.59 54.67
N LEU D 179 73.33 17.39 55.23
CA LEU D 179 72.37 16.39 54.77
C LEU D 179 70.96 16.82 55.13
N SER D 180 70.01 16.50 54.26
CA SER D 180 68.64 16.97 54.42
C SER D 180 67.92 16.25 55.55
N ALA D 181 66.99 16.98 56.18
CA ALA D 181 66.12 16.43 57.21
C ALA D 181 64.78 16.07 56.57
N TYR D 182 64.29 14.88 56.85
CA TYR D 182 63.17 14.30 56.12
C TYR D 182 61.94 14.22 57.00
N LEU D 183 60.92 15.03 56.67
CA LEU D 183 59.54 14.90 57.14
C LEU D 183 59.45 15.07 58.67
N ASP D 184 59.87 16.25 59.12
CA ASP D 184 59.82 16.68 60.54
C ASP D 184 60.62 15.73 61.43
N SER D 185 61.75 15.26 60.90
CA SER D 185 62.65 14.38 61.63
C SER D 185 64.09 14.84 61.38
N ALA D 186 64.87 14.92 62.44
CA ALA D 186 66.24 15.39 62.37
C ALA D 186 67.21 14.21 62.36
N VAL D 187 68.25 14.32 61.52
CA VAL D 187 69.36 13.38 61.58
C VAL D 187 70.13 13.62 62.88
N ALA D 188 70.32 12.56 63.65
CA ALA D 188 70.92 12.70 64.97
C ALA D 188 72.41 13.00 64.89
N ASN D 189 72.89 13.75 65.87
CA ASN D 189 74.29 14.13 65.96
C ASN D 189 74.78 13.76 67.36
N GLY D 190 75.99 13.20 67.41
CA GLY D 190 76.60 12.83 68.67
C GLY D 190 76.97 14.05 69.48
N PRO D 191 76.72 14.01 70.78
CA PRO D 191 76.96 15.19 71.61
C PRO D 191 78.44 15.41 71.86
N GLU D 192 78.76 16.65 72.22
CA GLU D 192 80.14 17.07 72.40
C GLU D 192 80.59 16.62 73.80
N LEU D 193 80.96 15.34 73.89
CA LEU D 193 81.36 14.76 75.17
C LEU D 193 82.77 15.22 75.56
N ILE D 194 83.71 15.11 74.64
CA ILE D 194 85.12 15.37 74.95
C ILE D 194 85.34 16.87 74.81
N ILE D 195 85.38 17.58 75.94
CA ILE D 195 85.84 18.95 76.01
C ILE D 195 86.89 19.00 77.10
N GLU D 196 88.06 19.54 76.77
CA GLU D 196 89.20 19.46 77.65
C GLU D 196 89.96 20.77 77.62
N ASP D 197 90.61 21.09 78.73
CA ASP D 197 91.39 22.32 78.82
C ASP D 197 92.67 22.08 79.61
N THR D 198 93.65 22.92 79.33
CA THR D 198 94.93 22.89 80.03
C THR D 198 95.05 23.98 81.06
N GLY D 199 93.97 24.74 81.30
CA GLY D 199 94.02 25.87 82.19
C GLY D 199 93.84 25.49 83.64
N LEU D 200 93.39 26.46 84.42
CA LEU D 200 93.13 26.22 85.83
C LEU D 200 91.75 25.64 86.03
N CYS D 201 91.61 24.88 87.10
CA CYS D 201 90.35 24.26 87.47
C CYS D 201 89.59 25.16 88.45
N THR D 202 89.33 26.39 88.02
CA THR D 202 88.62 27.34 88.86
C THR D 202 87.47 28.01 88.12
N SER D 203 86.44 28.34 88.89
CA SER D 203 85.36 29.21 88.44
C SER D 203 85.25 30.43 89.32
N PHE D 204 86.22 30.65 90.21
CA PHE D 204 86.20 31.72 91.22
C PHE D 204 87.48 32.53 91.06
N MET D 205 87.44 33.63 90.31
CA MET D 205 88.59 34.52 90.35
C MET D 205 88.53 35.36 91.61
N LEU D 206 89.70 35.78 92.06
CA LEU D 206 89.83 36.63 93.22
C LEU D 206 90.01 38.06 92.73
N LEU D 207 88.93 38.80 92.70
CA LEU D 207 88.93 40.14 92.14
C LEU D 207 89.08 41.16 93.26
N ASP D 208 89.75 42.26 92.93
CA ASP D 208 89.86 43.40 93.83
C ASP D 208 88.95 44.52 93.34
N ASN D 209 88.00 44.91 94.19
CA ASN D 209 87.08 45.98 93.80
C ASN D 209 87.77 47.33 93.82
N ILE D 210 88.23 47.74 95.00
CA ILE D 210 88.94 49.01 95.16
C ILE D 210 90.43 48.73 94.98
N PRO D 211 91.11 49.39 94.06
CA PRO D 211 92.56 49.21 93.93
C PRO D 211 93.30 49.85 95.10
N SER D 212 94.57 49.50 95.20
CA SER D 212 95.43 50.08 96.22
C SER D 212 95.67 51.56 95.93
N ALA D 213 95.89 52.34 96.98
CA ALA D 213 95.99 53.79 96.85
C ALA D 213 97.42 54.26 96.65
N HIS D 214 98.12 53.63 95.69
CA HIS D 214 99.44 54.05 95.19
C HIS D 214 100.48 54.15 96.31
N LEU D 215 100.64 53.06 97.05
CA LEU D 215 101.54 53.06 98.19
C LEU D 215 102.98 52.86 97.75
N THR D 216 103.91 53.37 98.54
CA THR D 216 105.32 53.10 98.32
C THR D 216 105.61 51.64 98.61
N LYS D 217 106.61 51.09 97.93
CA LYS D 217 106.82 49.66 97.95
C LYS D 217 107.65 49.19 99.13
N GLU D 218 108.82 49.81 99.35
CA GLU D 218 109.82 49.58 100.41
C GLU D 218 110.59 48.27 100.16
N LEU D 219 110.13 47.46 99.21
CA LEU D 219 110.82 46.24 98.82
C LEU D 219 110.33 45.87 97.43
N ILE D 220 111.26 45.68 96.51
CA ILE D 220 110.93 45.37 95.13
C ILE D 220 111.40 43.93 94.99
N GLY D 221 111.25 43.34 93.82
CA GLY D 221 111.49 41.92 93.61
C GLY D 221 112.87 41.39 93.88
N PHE D 222 113.06 40.10 93.63
CA PHE D 222 114.28 39.41 94.01
C PHE D 222 115.46 39.87 93.17
N THR D 223 116.56 40.15 93.84
CA THR D 223 117.77 40.60 93.18
C THR D 223 118.65 39.42 92.83
N TRP D 224 119.04 39.33 91.56
CA TRP D 224 119.96 38.34 91.05
C TRP D 224 121.38 38.89 91.24
N PHE D 225 122.37 38.38 90.49
CA PHE D 225 123.73 38.93 90.53
C PHE D 225 123.73 40.43 90.29
N MET D 226 123.16 40.86 89.18
CA MET D 226 122.89 42.27 88.96
C MET D 226 121.47 42.56 88.53
N GLN D 227 120.69 41.53 88.18
CA GLN D 227 119.32 41.75 87.75
C GLN D 227 118.38 41.77 88.95
N MET D 228 117.18 42.30 88.70
CA MET D 228 116.11 42.32 89.68
C MET D 228 114.87 41.68 89.05
N TYR D 229 114.31 40.70 89.74
CA TYR D 229 113.17 39.94 89.23
C TYR D 229 111.92 40.30 90.00
N GLN D 230 111.11 41.20 89.43
CA GLN D 230 109.77 41.42 89.93
C GLN D 230 108.88 40.27 89.51
N MET D 231 107.85 40.00 90.31
CA MET D 231 106.91 38.94 89.99
C MET D 231 105.51 39.37 90.37
N THR D 232 104.56 39.05 89.50
CA THR D 232 103.16 39.36 89.75
C THR D 232 102.66 38.57 90.95
N PRO D 233 102.05 39.22 91.95
CA PRO D 233 101.61 38.50 93.14
C PRO D 233 100.43 37.59 92.82
N PRO D 234 100.30 36.47 93.52
CA PRO D 234 99.22 35.53 93.18
C PRO D 234 97.85 36.01 93.60
N LEU D 235 97.75 36.66 94.73
CA LEU D 235 96.50 37.16 95.22
C LEU D 235 96.33 38.62 94.82
N PRO D 236 95.11 39.13 94.74
CA PRO D 236 94.93 40.55 94.42
C PRO D 236 95.37 41.44 95.57
N GLU D 237 95.87 42.61 95.22
CA GLU D 237 96.37 43.58 96.17
C GLU D 237 95.53 44.85 96.04
N GLY D 238 94.39 44.87 96.72
CA GLY D 238 93.49 45.99 96.68
C GLY D 238 92.97 46.31 98.05
N ALA D 239 92.18 47.38 98.13
CA ALA D 239 91.61 47.76 99.41
C ALA D 239 90.49 46.82 99.81
N VAL D 240 89.79 46.23 98.85
CA VAL D 240 88.79 45.21 99.09
C VAL D 240 89.00 44.10 98.08
N ASN D 241 89.27 42.88 98.54
CA ASN D 241 89.41 41.72 97.68
C ASN D 241 88.18 40.85 97.85
N ARG D 242 87.61 40.39 96.75
CA ARG D 242 86.39 39.60 96.79
C ARG D 242 86.58 38.29 96.03
N ILE D 243 85.67 37.35 96.30
CA ILE D 243 85.66 36.06 95.63
C ILE D 243 84.48 36.05 94.67
N VAL D 244 84.72 36.41 93.42
CA VAL D 244 83.66 36.61 92.43
C VAL D 244 83.62 35.41 91.51
N CYS D 245 82.43 34.84 91.34
CA CYS D 245 82.23 33.68 90.47
C CYS D 245 82.23 34.11 89.02
N MET D 246 83.28 33.75 88.29
CA MET D 246 83.31 33.85 86.84
C MET D 246 83.75 32.50 86.31
N THR D 247 82.82 31.76 85.73
CA THR D 247 83.09 30.38 85.35
C THR D 247 83.99 30.32 84.13
N ASN D 248 84.95 29.40 84.20
CA ASN D 248 85.98 29.18 83.17
C ASN D 248 86.74 30.47 82.85
N TRP D 249 87.08 31.22 83.91
CA TRP D 249 87.81 32.46 83.72
C TRP D 249 89.26 32.18 83.39
N ALA D 250 89.79 31.05 83.84
CA ALA D 250 91.14 30.61 83.54
C ALA D 250 91.13 29.35 82.69
N SER D 251 90.21 29.28 81.74
CA SER D 251 90.18 28.17 80.79
C SER D 251 91.22 28.39 79.70
N LEU D 252 91.93 27.33 79.36
CA LEU D 252 92.95 27.38 78.32
C LEU D 252 92.79 26.16 77.41
N GLY D 253 91.55 25.91 76.99
CA GLY D 253 91.26 24.83 76.07
C GLY D 253 91.14 25.32 74.64
N ASP D 254 90.80 24.37 73.75
CA ASP D 254 90.56 24.75 72.36
C ASP D 254 89.22 25.48 72.22
N GLU D 255 88.18 24.96 72.86
CA GLU D 255 86.87 25.60 72.87
C GLU D 255 86.28 25.45 74.26
N GLY D 256 85.24 26.25 74.53
CA GLY D 256 84.43 26.08 75.70
C GLY D 256 82.99 25.89 75.29
N ARG D 257 82.16 25.54 76.27
CA ARG D 257 80.74 25.49 75.99
C ARG D 257 80.16 26.89 75.90
N GLY D 258 79.00 26.99 75.25
CA GLY D 258 78.37 28.28 75.07
C GLY D 258 77.43 28.63 76.22
N LEU D 259 77.84 28.27 77.43
CA LEU D 259 76.97 28.36 78.59
C LEU D 259 77.88 28.57 79.80
N GLU D 260 78.04 29.83 80.21
CA GLU D 260 78.94 30.16 81.31
C GLU D 260 78.29 31.20 82.20
N VAL D 261 78.61 31.15 83.48
CA VAL D 261 78.09 32.07 84.48
C VAL D 261 79.18 33.07 84.83
N ARG D 262 79.04 34.30 84.37
CA ARG D 262 79.99 35.36 84.67
C ARG D 262 79.28 36.38 85.54
N LEU D 263 79.32 36.16 86.86
CA LEU D 263 78.73 37.12 87.77
C LEU D 263 79.61 38.36 87.88
N PRO D 264 79.01 39.54 87.92
CA PRO D 264 79.78 40.75 88.17
C PRO D 264 80.18 40.82 89.63
N PRO D 265 81.20 41.60 89.98
CA PRO D 265 81.55 41.81 91.38
C PRO D 265 80.43 42.55 92.11
N PRO D 266 80.38 42.48 93.45
CA PRO D 266 79.19 43.00 94.17
C PRO D 266 78.99 44.50 94.09
N THR D 267 79.93 45.26 93.52
CA THR D 267 79.70 46.68 93.34
C THR D 267 78.71 46.97 92.22
N ASP D 268 78.45 46.00 91.35
CA ASP D 268 77.50 46.16 90.26
C ASP D 268 76.25 45.36 90.53
N SER D 269 75.21 45.64 89.75
CA SER D 269 73.95 44.92 89.86
C SER D 269 74.12 43.53 89.27
N SER D 270 74.05 42.51 90.11
CA SER D 270 74.21 41.12 89.70
C SER D 270 72.90 40.48 89.30
N VAL D 271 71.96 41.27 88.78
CA VAL D 271 70.59 40.81 88.61
C VAL D 271 70.42 39.92 87.38
N HIS D 272 71.29 40.06 86.38
CA HIS D 272 71.06 39.45 85.06
C HIS D 272 71.23 37.94 85.06
N ALA D 273 71.81 37.36 86.10
CA ALA D 273 71.94 35.92 86.18
C ALA D 273 70.80 35.27 86.94
N TYR D 274 69.91 36.06 87.55
CA TYR D 274 68.76 35.52 88.26
C TYR D 274 67.46 35.82 87.53
N LYS D 275 67.54 36.15 86.25
CA LYS D 275 66.37 36.34 85.39
C LYS D 275 66.53 35.37 84.24
N THR D 276 66.13 34.13 84.48
CA THR D 276 66.28 33.06 83.51
C THR D 276 64.96 32.39 83.16
N VAL D 277 64.13 32.08 84.14
CA VAL D 277 63.01 31.19 83.91
C VAL D 277 61.70 31.94 83.80
N LEU D 278 61.30 32.58 84.89
CA LEU D 278 59.96 33.17 84.99
C LEU D 278 60.01 34.69 85.06
N SER D 279 61.04 35.29 84.48
CA SER D 279 61.25 36.73 84.63
C SER D 279 61.10 37.51 83.34
N ARG D 280 61.49 36.94 82.19
CA ARG D 280 61.56 37.69 80.95
C ARG D 280 60.18 38.14 80.49
N GLY D 281 60.13 39.29 79.84
CA GLY D 281 58.87 39.92 79.58
C GLY D 281 58.58 41.07 80.52
N TYR D 282 57.82 40.79 81.57
CA TYR D 282 57.25 41.82 82.44
C TYR D 282 58.32 42.56 83.26
N ILE D 283 59.39 41.89 83.65
CA ILE D 283 60.30 42.47 84.62
C ILE D 283 61.21 43.48 83.94
N ASP D 284 61.76 44.41 84.73
CA ASP D 284 62.68 45.39 84.19
C ASP D 284 64.12 44.89 84.30
N ASN D 285 65.02 45.62 83.66
CA ASN D 285 66.42 45.22 83.61
C ASN D 285 67.18 45.46 84.91
N ALA D 286 66.53 46.04 85.92
CA ALA D 286 67.21 46.37 87.17
C ALA D 286 66.78 45.53 88.36
N GLN D 287 65.60 44.92 88.32
CA GLN D 287 65.11 44.15 89.45
C GLN D 287 64.96 42.68 89.09
N PHE D 288 65.12 41.83 90.09
CA PHE D 288 64.84 40.41 90.00
C PHE D 288 63.54 40.11 90.72
N ASN D 289 62.92 38.99 90.37
CA ASN D 289 61.69 38.58 91.00
C ASN D 289 62.01 37.75 92.24
N PRO D 290 61.63 38.19 93.44
CA PRO D 290 61.93 37.38 94.63
C PRO D 290 61.10 36.14 94.76
N LEU D 291 59.93 36.09 94.12
CA LEU D 291 59.12 34.88 94.20
C LEU D 291 59.68 33.78 93.31
N ALA D 292 60.23 34.13 92.15
CA ALA D 292 60.82 33.15 91.24
C ALA D 292 62.28 32.93 91.52
N LEU D 293 62.72 33.12 92.75
CA LEU D 293 64.14 33.11 93.07
C LEU D 293 64.70 31.70 93.08
N ARG D 294 63.97 30.74 93.65
CA ARG D 294 64.47 29.36 93.72
C ARG D 294 64.56 28.74 92.33
N SER D 295 63.60 29.05 91.46
CA SER D 295 63.67 28.54 90.10
C SER D 295 64.77 29.20 89.28
N ASN D 296 65.19 30.40 89.66
CA ASN D 296 66.26 31.08 88.94
C ASN D 296 67.63 30.82 89.55
N VAL D 297 67.69 30.55 90.86
CA VAL D 297 68.94 30.10 91.45
C VAL D 297 69.30 28.70 90.97
N LEU D 298 68.30 27.80 90.92
CA LEU D 298 68.53 26.41 90.53
C LEU D 298 69.03 26.29 89.11
N LEU D 299 68.62 27.19 88.22
CA LEU D 299 69.12 27.14 86.86
C LEU D 299 70.36 28.00 86.66
N MET D 300 70.69 28.86 87.62
CA MET D 300 72.04 29.43 87.63
C MET D 300 73.06 28.37 88.01
N LEU D 301 72.72 27.55 89.00
CA LEU D 301 73.62 26.48 89.42
C LEU D 301 73.71 25.38 88.39
N LEU D 302 72.66 25.21 87.58
CA LEU D 302 72.72 24.26 86.49
C LEU D 302 73.66 24.75 85.40
N GLN D 303 73.63 26.06 85.11
CA GLN D 303 74.60 26.62 84.20
C GLN D 303 75.98 26.73 84.82
N PHE D 304 76.05 26.73 86.16
CA PHE D 304 77.34 26.62 86.82
C PHE D 304 77.93 25.23 86.62
N THR D 305 77.09 24.20 86.76
CA THR D 305 77.56 22.82 86.61
C THR D 305 77.92 22.51 85.17
N LEU D 306 77.04 22.88 84.24
CA LEU D 306 77.25 22.58 82.84
C LEU D 306 78.30 23.46 82.18
N SER D 307 78.75 24.51 82.84
CA SER D 307 79.91 25.24 82.36
C SER D 307 81.21 24.51 82.65
N ASN D 308 81.20 23.58 83.58
CA ASN D 308 82.42 22.96 84.09
C ASN D 308 82.44 21.46 83.85
N LEU D 309 81.76 20.99 82.80
CA LEU D 309 81.80 19.57 82.45
C LEU D 309 82.93 19.33 81.47
N LYS D 310 84.14 19.44 81.98
CA LYS D 310 85.33 19.38 81.13
C LYS D 310 86.29 18.32 81.65
N ILE D 311 87.40 18.17 80.93
CA ILE D 311 88.47 17.24 81.25
C ILE D 311 89.71 18.05 81.55
N ASN D 312 90.44 17.67 82.60
CA ASN D 312 91.65 18.38 83.01
C ASN D 312 92.87 17.76 82.35
N LYS D 313 93.54 18.52 81.48
CA LYS D 313 94.63 18.00 80.67
C LYS D 313 95.98 18.16 81.34
N SER D 314 96.85 17.20 81.08
CA SER D 314 98.15 17.06 81.75
C SER D 314 99.27 17.66 80.92
N SER D 315 99.04 18.84 80.33
CA SER D 315 100.01 19.51 79.46
C SER D 315 101.31 19.82 80.22
N THR D 316 102.33 20.20 79.45
CA THR D 316 103.73 20.03 79.81
C THR D 316 104.13 20.83 81.04
N PHE D 317 105.14 20.33 81.74
CA PHE D 317 105.58 20.86 83.01
C PHE D 317 106.96 21.48 82.86
N THR D 318 107.30 22.36 83.81
CA THR D 318 108.65 22.86 83.97
C THR D 318 109.13 22.52 85.38
N SER D 319 110.44 22.38 85.54
CA SER D 319 111.03 22.08 86.84
C SER D 319 111.45 23.38 87.51
N ASP D 320 110.85 23.68 88.65
CA ASP D 320 111.07 24.96 89.29
C ASP D 320 112.44 24.99 89.95
N VAL D 321 113.22 26.01 89.61
CA VAL D 321 114.48 26.30 90.31
C VAL D 321 114.28 27.66 90.96
N THR D 322 113.79 27.66 92.19
CA THR D 322 113.50 28.88 92.93
C THR D 322 113.58 28.51 94.40
N THR D 323 114.17 29.41 95.20
CA THR D 323 114.71 29.22 96.54
C THR D 323 113.94 28.30 97.49
N ILE D 324 112.62 28.38 97.49
CA ILE D 324 111.85 27.58 98.44
C ILE D 324 111.24 26.39 97.73
N THR D 325 111.03 26.50 96.42
CA THR D 325 110.40 25.43 95.64
C THR D 325 111.37 24.83 94.64
N SER D 326 112.67 24.84 94.95
CA SER D 326 113.66 24.30 94.04
C SER D 326 113.59 22.78 94.02
N GLY D 327 113.49 22.22 92.82
CA GLY D 327 113.30 20.79 92.68
C GLY D 327 111.85 20.36 92.64
N ARG D 328 110.98 21.17 92.04
CA ARG D 328 109.56 20.90 92.03
C ARG D 328 109.03 21.11 90.62
N MET D 329 108.14 20.24 90.17
CA MET D 329 107.60 20.32 88.83
C MET D 329 106.28 21.09 88.85
N ILE D 330 106.27 22.25 88.21
CA ILE D 330 105.08 23.08 88.09
C ILE D 330 104.65 23.10 86.63
N ARG D 331 103.40 23.51 86.40
CA ARG D 331 102.88 23.52 85.04
C ARG D 331 103.40 24.75 84.30
N ALA D 332 103.26 24.71 82.97
CA ALA D 332 103.94 25.67 82.12
C ALA D 332 103.05 26.78 81.59
N PHE D 333 101.81 26.46 81.21
CA PHE D 333 100.79 27.40 80.72
C PHE D 333 101.27 28.13 79.46
N GLU D 334 101.42 27.34 78.39
CA GLU D 334 101.94 27.89 77.14
C GLU D 334 100.96 28.84 76.47
N GLY D 335 99.66 28.66 76.71
CA GLY D 335 98.67 29.52 76.08
C GLY D 335 98.75 30.96 76.57
N ARG D 336 98.90 31.14 77.88
CA ARG D 336 99.18 32.44 78.42
C ARG D 336 100.06 32.31 79.65
N PRO D 337 101.13 33.10 79.76
CA PRO D 337 102.02 32.99 80.93
C PRO D 337 101.49 33.71 82.15
N GLU D 338 100.38 34.43 82.04
CA GLU D 338 99.85 35.19 83.17
C GLU D 338 99.28 34.29 84.26
N LEU D 339 98.99 33.04 83.95
CA LEU D 339 98.48 32.11 84.94
C LEU D 339 99.55 31.47 85.78
N LEU D 340 100.82 31.56 85.39
CA LEU D 340 101.89 30.89 86.13
C LEU D 340 102.08 31.51 87.51
N ALA D 341 101.98 32.83 87.61
CA ALA D 341 101.99 33.47 88.91
C ALA D 341 100.72 33.18 89.68
N LEU D 342 99.61 33.00 88.98
CA LEU D 342 98.34 32.77 89.65
C LEU D 342 98.20 31.34 90.15
N ALA D 343 98.69 30.37 89.35
CA ALA D 343 98.39 28.96 89.60
C ALA D 343 99.01 28.45 90.89
N TYR D 344 100.15 28.99 91.29
CA TYR D 344 100.89 28.50 92.44
C TYR D 344 101.12 29.63 93.42
N PRO D 345 100.16 29.90 94.29
CA PRO D 345 100.42 30.83 95.39
C PRO D 345 101.39 30.22 96.36
N GLY D 346 102.12 31.08 97.05
CA GLY D 346 103.19 30.61 97.90
C GLY D 346 104.50 30.38 97.20
N ARG D 347 104.53 30.44 95.88
CA ARG D 347 105.74 30.23 95.11
C ARG D 347 106.44 31.56 94.87
N ALA D 348 107.72 31.64 95.26
CA ALA D 348 108.59 32.81 95.11
C ALA D 348 107.97 34.04 95.77
N VAL D 349 107.68 33.92 97.06
CA VAL D 349 107.03 34.98 97.80
C VAL D 349 108.06 36.04 98.14
N LEU D 350 107.80 37.27 97.73
CA LEU D 350 108.65 38.37 98.12
C LEU D 350 108.47 38.63 99.61
N PRO D 351 109.56 38.71 100.39
CA PRO D 351 109.43 38.75 101.85
C PRO D 351 108.98 40.08 102.44
N THR D 352 108.40 40.96 101.62
CA THR D 352 107.75 42.15 102.11
C THR D 352 106.65 41.82 103.10
N GLN D 353 106.45 42.69 104.09
CA GLN D 353 105.53 42.43 105.18
C GLN D 353 104.18 43.06 104.84
N THR D 354 103.45 42.39 103.96
CA THR D 354 102.11 42.79 103.59
C THR D 354 101.15 41.66 103.97
N LYS D 355 99.86 41.99 104.00
CA LYS D 355 98.84 40.97 104.30
C LYS D 355 98.81 39.88 103.24
N ASN D 356 99.18 40.20 102.02
CA ASN D 356 99.28 39.19 100.98
C ASN D 356 100.44 38.24 101.27
N ALA D 357 101.57 38.76 101.73
CA ALA D 357 102.76 37.93 101.90
C ALA D 357 102.95 37.43 103.32
N GLN D 358 102.19 37.93 104.29
CA GLN D 358 102.12 37.27 105.59
C GLN D 358 101.45 35.92 105.46
N PHE D 359 100.43 35.83 104.61
CA PHE D 359 99.73 34.57 104.40
C PHE D 359 100.57 33.60 103.60
N LEU D 360 101.12 34.07 102.47
CA LEU D 360 101.84 33.19 101.57
C LEU D 360 103.20 32.77 102.10
N SER D 361 103.68 33.40 103.17
CA SER D 361 104.89 32.91 103.84
C SER D 361 104.65 31.58 104.52
N THR D 362 103.42 31.31 104.93
CA THR D 362 103.06 30.08 105.62
C THR D 362 102.77 28.93 104.68
N ALA D 363 103.00 29.10 103.39
CA ALA D 363 102.69 28.07 102.40
C ALA D 363 103.72 26.96 102.47
N ILE D 364 103.24 25.72 102.47
CA ILE D 364 104.14 24.57 102.41
C ILE D 364 104.63 24.41 100.99
N ALA D 365 105.96 24.35 100.82
CA ALA D 365 106.52 24.22 99.49
C ALA D 365 106.35 22.83 98.91
N ASP D 366 106.02 21.84 99.75
CA ASP D 366 105.75 20.50 99.27
C ASP D 366 104.39 20.39 98.60
N ARG D 367 103.53 21.38 98.82
CA ARG D 367 102.21 21.39 98.21
C ARG D 367 102.20 22.06 96.85
N ILE D 368 103.16 22.91 96.55
CA ILE D 368 103.22 23.51 95.22
C ILE D 368 103.63 22.44 94.22
N GLY D 369 103.01 22.43 93.05
CA GLY D 369 103.44 21.57 91.97
C GLY D 369 102.68 20.26 91.89
N ARG D 370 103.31 19.28 91.25
CA ARG D 370 102.71 17.96 91.11
C ARG D 370 103.08 17.10 92.32
N LEU D 371 102.17 16.20 92.67
CA LEU D 371 102.34 15.46 93.91
C LEU D 371 103.12 14.17 93.71
N ASP D 372 103.04 13.57 92.54
CA ASP D 372 103.63 12.27 92.30
C ASP D 372 104.66 12.33 91.17
N ARG D 373 105.57 11.38 91.19
CA ARG D 373 106.45 11.17 90.05
C ARG D 373 105.67 10.54 88.91
N ALA D 374 106.27 10.56 87.71
CA ALA D 374 105.58 10.10 86.51
C ALA D 374 105.36 8.60 86.57
N ASN D 375 104.09 8.19 86.54
CA ASN D 375 103.72 6.81 86.83
C ASN D 375 103.48 5.98 85.58
N LEU D 376 102.51 6.38 84.76
CA LEU D 376 102.16 5.65 83.55
C LEU D 376 102.60 6.51 82.38
N ILE D 377 103.66 6.10 81.70
CA ILE D 377 104.36 6.94 80.75
C ILE D 377 104.18 6.37 79.36
N GLY D 378 103.86 7.23 78.41
CA GLY D 378 103.91 6.88 77.00
C GLY D 378 105.34 7.02 76.52
N GLY D 379 105.55 7.78 75.46
CA GLY D 379 106.91 8.12 75.07
C GLY D 379 107.59 8.96 76.15
N GLU D 380 107.01 10.11 76.44
CA GLU D 380 107.54 10.99 77.48
C GLU D 380 106.47 11.57 78.39
N VAL D 381 105.20 11.58 77.97
CA VAL D 381 104.15 12.31 78.67
C VAL D 381 103.42 11.32 79.57
N SER D 382 103.17 11.73 80.82
CA SER D 382 102.49 10.86 81.76
C SER D 382 101.00 10.78 81.43
N ALA D 383 100.43 9.61 81.67
CA ALA D 383 99.03 9.39 81.36
C ALA D 383 98.10 10.01 82.39
N MET D 384 98.56 10.14 83.64
CA MET D 384 97.80 10.82 84.68
C MET D 384 98.79 11.32 85.72
N VAL D 385 98.39 12.38 86.43
CA VAL D 385 99.28 13.05 87.36
C VAL D 385 98.51 13.75 88.48
N GLU D 386 98.91 13.49 89.72
CA GLU D 386 98.37 14.21 90.88
C GLU D 386 99.03 15.59 90.93
N CYS D 387 98.26 16.62 90.64
CA CYS D 387 98.73 17.99 90.72
C CYS D 387 98.01 18.72 91.84
N MET D 388 98.72 19.65 92.47
CA MET D 388 98.22 20.43 93.60
C MET D 388 98.40 21.92 93.31
N GLU D 389 97.89 22.36 92.17
CA GLU D 389 97.77 23.79 91.91
C GLU D 389 96.49 24.31 92.56
N LEU D 390 96.16 25.58 92.34
CA LEU D 390 94.90 26.07 92.89
C LEU D 390 93.73 25.58 92.08
N CYS D 391 92.71 25.12 92.78
CA CYS D 391 91.42 24.77 92.20
C CYS D 391 90.40 24.83 93.32
N ASP D 392 89.30 25.55 93.07
CA ASP D 392 88.20 25.51 94.02
C ASP D 392 87.61 24.12 94.08
N ALA D 393 87.13 23.74 95.25
CA ALA D 393 86.68 22.37 95.48
C ALA D 393 85.44 22.04 94.66
N LEU D 394 84.60 23.03 94.41
CA LEU D 394 83.32 22.76 93.77
C LEU D 394 83.48 22.50 92.28
N THR D 395 84.34 23.28 91.61
CA THR D 395 84.60 23.04 90.19
C THR D 395 85.40 21.76 90.00
N LEU D 396 86.30 21.44 90.94
CA LEU D 396 86.97 20.15 90.92
C LEU D 396 85.99 19.00 91.14
N HIS D 397 85.01 19.19 92.03
CA HIS D 397 84.04 18.14 92.26
C HIS D 397 83.11 17.95 91.09
N ILE D 398 82.90 18.97 90.28
CA ILE D 398 82.12 18.81 89.06
C ILE D 398 82.94 18.09 88.00
N ARG D 399 84.20 18.51 87.82
CA ARG D 399 85.05 17.90 86.81
C ARG D 399 85.48 16.49 87.20
N GLU D 400 85.49 16.15 88.49
CA GLU D 400 85.69 14.76 88.86
C GLU D 400 84.43 13.95 88.65
N THR D 401 83.27 14.57 88.83
CA THR D 401 82.02 13.85 88.64
C THR D 401 81.71 13.66 87.17
N TYR D 402 82.06 14.66 86.35
CA TYR D 402 81.90 14.53 84.91
C TYR D 402 82.80 13.46 84.33
N ILE D 403 83.98 13.25 84.91
CA ILE D 403 84.86 12.24 84.38
C ILE D 403 84.55 10.87 84.96
N MET D 404 83.72 10.81 86.00
CA MET D 404 83.11 9.56 86.36
C MET D 404 82.01 9.20 85.36
N LEU D 405 81.36 10.21 84.80
CA LEU D 405 80.35 9.97 83.76
C LEU D 405 80.98 9.45 82.48
N LEU D 406 82.17 9.95 82.13
CA LEU D 406 82.82 9.52 80.90
C LEU D 406 83.30 8.08 81.01
N ARG D 407 83.85 7.69 82.16
CA ARG D 407 84.28 6.32 82.34
C ARG D 407 83.11 5.38 82.53
N SER D 408 81.95 5.91 82.92
CA SER D 408 80.76 5.08 83.03
C SER D 408 80.25 4.68 81.66
N MET D 409 80.43 5.53 80.65
CA MET D 409 80.03 5.21 79.30
C MET D 409 81.19 4.67 78.46
N HIS D 410 82.31 4.34 79.09
CA HIS D 410 83.45 3.77 78.37
C HIS D 410 83.13 2.36 77.89
N GLN D 411 83.29 2.13 76.60
CA GLN D 411 83.22 0.80 76.02
C GLN D 411 84.62 0.29 75.74
N ASP D 412 84.90 -0.93 76.17
CA ASP D 412 86.18 -1.59 75.94
C ASP D 412 86.39 -1.78 74.44
N PRO D 413 87.40 -1.16 73.84
CA PRO D 413 87.53 -1.19 72.38
C PRO D 413 87.98 -2.53 71.83
N THR D 414 88.46 -3.43 72.67
CA THR D 414 88.84 -4.75 72.19
C THR D 414 87.66 -5.68 72.03
N GLN D 415 86.45 -5.24 72.40
CA GLN D 415 85.26 -6.06 72.30
C GLN D 415 84.34 -5.60 71.18
N ILE D 416 84.78 -4.66 70.34
CA ILE D 416 83.95 -4.18 69.23
C ILE D 416 83.79 -5.27 68.18
N VAL D 417 84.76 -6.19 68.10
CA VAL D 417 84.69 -7.32 67.16
C VAL D 417 83.48 -8.19 67.45
N GLN D 418 83.27 -8.51 68.74
CA GLN D 418 82.07 -9.27 69.10
C GLN D 418 80.80 -8.47 68.96
N ILE D 419 80.88 -7.14 69.01
CA ILE D 419 79.70 -6.33 68.76
C ILE D 419 79.35 -6.37 67.28
N VAL D 420 80.36 -6.34 66.41
CA VAL D 420 80.11 -6.40 64.97
C VAL D 420 79.65 -7.79 64.56
N ASN D 421 80.19 -8.83 65.19
CA ASN D 421 79.77 -10.20 64.88
C ASN D 421 78.33 -10.45 65.34
N GLU D 422 77.98 -10.02 66.54
CA GLU D 422 76.65 -10.35 67.05
C GLU D 422 75.57 -9.46 66.46
N CYS D 423 75.92 -8.25 66.04
CA CYS D 423 74.94 -7.40 65.34
C CYS D 423 74.85 -7.71 63.86
N ALA D 424 75.68 -8.61 63.34
CA ALA D 424 75.55 -9.06 61.96
C ALA D 424 75.11 -10.52 61.86
N ASN D 425 74.90 -11.18 63.00
CA ASN D 425 74.59 -12.62 63.08
C ASN D 425 75.63 -13.46 62.36
N ASN D 426 76.90 -13.10 62.54
CA ASN D 426 78.06 -13.75 61.92
C ASN D 426 77.97 -13.77 60.40
N LEU D 427 77.55 -12.66 59.83
CA LEU D 427 77.62 -12.47 58.39
C LEU D 427 78.73 -11.54 57.97
N LEU D 428 79.37 -10.87 58.93
CA LEU D 428 80.38 -9.86 58.60
C LEU D 428 81.30 -9.76 59.81
N ASN D 429 82.46 -10.38 59.73
CA ASN D 429 83.45 -10.35 60.80
C ASN D 429 84.50 -9.30 60.48
N SER D 430 85.18 -8.80 61.50
CA SER D 430 86.21 -7.81 61.31
C SER D 430 87.29 -7.95 62.36
N THR D 431 88.49 -7.50 62.02
CA THR D 431 89.63 -7.49 62.94
C THR D 431 90.10 -6.05 63.08
N ILE D 432 89.84 -5.46 64.25
CA ILE D 432 90.25 -4.10 64.54
C ILE D 432 91.40 -4.16 65.54
N PRO D 433 92.61 -3.82 65.13
CA PRO D 433 93.72 -3.74 66.10
C PRO D 433 93.68 -2.43 66.86
N ILE D 434 93.67 -2.53 68.18
CA ILE D 434 93.76 -1.36 69.05
C ILE D 434 95.08 -1.43 69.80
N SER D 435 95.49 -0.29 70.32
CA SER D 435 96.69 -0.19 71.15
C SER D 435 96.26 0.13 72.56
N LEU D 436 96.55 -0.78 73.48
CA LEU D 436 96.08 -0.63 74.85
C LEU D 436 96.89 0.43 75.60
N ARG D 437 96.49 1.67 75.45
CA ARG D 437 97.05 2.76 76.23
C ARG D 437 96.50 2.67 77.65
N PRO D 438 97.25 3.18 78.65
CA PRO D 438 96.74 3.12 80.03
C PRO D 438 95.53 4.00 80.25
N THR D 439 95.55 5.23 79.74
CA THR D 439 94.37 6.08 79.69
C THR D 439 93.77 5.95 78.30
N ILE D 440 92.68 5.21 78.21
CA ILE D 440 91.97 4.96 76.97
C ILE D 440 90.52 5.38 77.20
N LEU D 441 89.91 5.98 76.18
CA LEU D 441 88.54 6.46 76.35
C LEU D 441 87.82 6.31 75.02
N CYS D 442 86.83 5.41 74.99
CA CYS D 442 85.92 5.26 73.87
C CYS D 442 84.50 5.34 74.42
N PRO D 443 83.98 6.54 74.66
CA PRO D 443 82.69 6.70 75.32
C PRO D 443 81.51 6.31 74.44
N TRP D 444 81.36 5.00 74.20
CA TRP D 444 80.45 4.49 73.18
C TRP D 444 79.44 3.51 73.77
N PHE D 445 79.29 3.50 75.09
CA PHE D 445 78.52 2.50 75.82
C PHE D 445 77.37 3.12 76.58
N ALA D 446 76.21 2.50 76.51
CA ALA D 446 75.06 2.85 77.34
C ALA D 446 74.49 1.56 77.92
N SER D 447 74.01 1.63 79.15
CA SER D 447 73.50 0.45 79.81
C SER D 447 72.13 0.08 79.24
N SER D 448 71.70 -1.15 79.57
CA SER D 448 70.43 -1.64 79.09
C SER D 448 69.26 -0.87 79.68
N GLU D 449 69.40 -0.44 80.93
CA GLU D 449 68.35 0.36 81.55
C GLU D 449 68.34 1.78 81.00
N ASP D 450 69.50 2.26 80.54
CA ASP D 450 69.58 3.61 80.03
C ASP D 450 68.94 3.71 78.64
N LEU D 451 69.09 2.68 77.83
CA LEU D 451 68.46 2.69 76.51
C LEU D 451 66.95 2.49 76.60
N ARG D 452 66.45 1.93 77.70
CA ARG D 452 65.01 1.86 77.90
C ARG D 452 64.42 3.24 78.15
N LEU D 453 65.15 4.09 78.87
CA LEU D 453 64.67 5.44 79.13
C LEU D 453 64.73 6.29 77.88
N GLN D 454 65.70 6.03 77.00
CA GLN D 454 65.75 6.75 75.74
C GLN D 454 64.56 6.41 74.86
N GLN D 455 64.14 5.14 74.87
CA GLN D 455 63.04 4.72 74.01
C GLN D 455 61.71 5.31 74.47
N VAL D 456 61.50 5.42 75.78
CA VAL D 456 60.35 6.15 76.30
C VAL D 456 60.46 7.62 75.94
N MET D 457 61.67 8.17 75.99
CA MET D 457 61.86 9.57 75.68
C MET D 457 61.71 9.84 74.20
N HIS D 458 62.00 8.86 73.34
CA HIS D 458 61.53 8.92 71.97
C HIS D 458 60.01 8.93 71.94
N LEU D 459 59.39 8.01 72.69
CA LEU D 459 57.95 7.79 72.65
C LEU D 459 57.17 8.99 73.20
N VAL D 460 57.82 9.86 73.98
CA VAL D 460 57.23 11.14 74.33
C VAL D 460 57.29 12.09 73.15
N ASN D 461 58.48 12.23 72.54
CA ASN D 461 58.69 13.17 71.45
C ASN D 461 58.06 12.70 70.14
N ILE D 462 57.65 11.44 70.06
CA ILE D 462 57.09 10.82 68.87
C ILE D 462 55.65 10.50 69.25
N SER D 463 54.99 11.49 69.85
CA SER D 463 53.63 11.36 70.37
C SER D 463 52.60 11.32 69.24
N SER D 464 51.33 11.59 69.57
CA SER D 464 50.19 11.46 68.64
C SER D 464 50.31 12.30 67.36
N ASN D 465 51.30 13.18 67.25
CA ASN D 465 51.73 13.70 65.96
C ASN D 465 52.26 12.53 65.16
N THR D 466 51.48 12.05 64.19
CA THR D 466 51.84 10.85 63.44
C THR D 466 52.95 11.11 62.44
N ALA D 467 53.23 12.37 62.11
CA ALA D 467 54.32 12.70 61.20
C ALA D 467 55.69 12.58 61.85
N ALA D 468 55.75 12.31 63.15
CA ALA D 468 57.01 12.02 63.81
C ALA D 468 57.38 10.55 63.76
N ALA D 469 56.39 9.66 63.64
CA ALA D 469 56.66 8.22 63.57
C ALA D 469 56.79 7.71 62.16
N LEU D 470 56.24 8.43 61.19
CA LEU D 470 56.37 8.03 59.79
C LEU D 470 57.81 7.99 59.26
N PRO D 471 58.73 8.90 59.60
CA PRO D 471 60.12 8.69 59.16
C PRO D 471 60.84 7.56 59.87
N LEU D 472 60.31 7.05 60.97
CA LEU D 472 60.98 5.96 61.65
C LEU D 472 60.83 4.62 60.94
N VAL D 473 59.91 4.51 59.99
CA VAL D 473 59.81 3.32 59.17
C VAL D 473 60.18 3.58 57.72
N GLU D 474 60.03 4.80 57.22
CA GLU D 474 60.45 5.06 55.86
C GLU D 474 61.97 5.15 55.75
N ALA D 475 62.66 5.47 56.84
CA ALA D 475 64.11 5.37 56.83
C ALA D 475 64.54 3.90 56.88
N LEU D 476 63.83 3.09 57.65
CA LEU D 476 64.12 1.66 57.71
C LEU D 476 63.76 0.98 56.39
N SER D 477 62.69 1.45 55.73
CA SER D 477 62.31 0.91 54.44
C SER D 477 63.35 1.22 53.37
N THR D 478 64.05 2.34 53.49
CA THR D 478 65.14 2.64 52.57
C THR D 478 66.31 1.68 52.80
N LEU D 479 66.63 1.40 54.06
CA LEU D 479 67.68 0.45 54.37
C LEU D 479 67.29 -0.99 54.06
N LEU D 480 66.00 -1.31 54.06
CA LEU D 480 65.58 -2.66 53.70
C LEU D 480 65.77 -2.92 52.21
N ARG D 481 65.27 -2.02 51.37
CA ARG D 481 65.37 -2.22 49.93
C ARG D 481 66.76 -1.96 49.38
N SER D 482 67.68 -1.42 50.19
CA SER D 482 69.07 -1.31 49.79
C SER D 482 69.85 -2.57 50.12
N VAL D 483 69.46 -3.28 51.17
CA VAL D 483 70.17 -4.48 51.59
C VAL D 483 69.74 -5.69 50.79
N THR D 484 68.44 -5.80 50.52
CA THR D 484 67.81 -7.09 50.21
C THR D 484 68.29 -7.66 48.87
N PRO D 485 68.42 -8.99 48.77
CA PRO D 485 68.80 -9.60 47.50
C PRO D 485 67.65 -9.79 46.54
N LEU D 486 66.45 -9.38 46.94
CA LEU D 486 65.22 -9.76 46.25
C LEU D 486 64.76 -8.59 45.39
N VAL D 487 64.93 -8.72 44.08
CA VAL D 487 64.35 -7.77 43.15
C VAL D 487 62.88 -8.12 42.99
N LEU D 488 62.05 -7.13 42.65
CA LEU D 488 60.61 -7.33 42.54
C LEU D 488 60.23 -7.07 41.10
N ASP D 489 59.96 -8.14 40.36
CA ASP D 489 59.60 -8.04 38.94
C ASP D 489 58.30 -8.78 38.72
N PRO D 490 57.22 -8.08 38.37
CA PRO D 490 55.93 -8.76 38.16
C PRO D 490 55.80 -9.49 36.84
N THR D 491 56.82 -9.48 35.98
CA THR D 491 56.71 -10.05 34.65
C THR D 491 56.54 -11.56 34.65
N VAL D 492 56.97 -12.24 35.71
CA VAL D 492 56.68 -13.66 35.84
C VAL D 492 55.19 -13.87 36.07
N LEU D 493 54.60 -13.04 36.92
CA LEU D 493 53.14 -13.05 37.07
C LEU D 493 52.47 -12.51 35.82
N THR D 494 53.02 -11.46 35.22
CA THR D 494 52.35 -10.77 34.13
C THR D 494 52.32 -11.62 32.86
N ASN D 495 53.35 -12.42 32.62
CA ASN D 495 53.29 -13.38 31.54
C ASN D 495 52.29 -14.49 31.86
N ALA D 496 52.19 -14.88 33.12
CA ALA D 496 51.29 -15.96 33.51
C ALA D 496 49.84 -15.51 33.53
N ILE D 497 49.58 -14.22 33.63
CA ILE D 497 48.22 -13.72 33.83
C ILE D 497 47.66 -13.06 32.57
N THR D 498 48.50 -12.67 31.61
CA THR D 498 47.97 -12.06 30.40
C THR D 498 47.55 -13.11 29.38
N THR D 499 48.10 -14.32 29.48
CA THR D 499 47.66 -15.40 28.61
C THR D 499 46.23 -15.80 28.90
N ILE D 500 45.92 -16.08 30.17
CA ILE D 500 44.58 -16.53 30.54
C ILE D 500 43.56 -15.40 30.64
N SER D 501 43.97 -14.15 30.49
CA SER D 501 43.04 -13.04 30.49
C SER D 501 42.59 -12.72 29.07
N GLU D 502 41.51 -11.94 28.96
CA GLU D 502 40.92 -11.59 27.68
C GLU D 502 41.06 -10.11 27.35
N SER D 503 40.57 -9.23 28.24
CA SER D 503 40.72 -7.78 28.17
C SER D 503 40.14 -7.18 26.88
N THR D 504 38.87 -7.50 26.63
CA THR D 504 38.13 -7.00 25.49
C THR D 504 36.94 -6.21 26.05
N THR D 505 36.29 -5.40 25.21
CA THR D 505 35.26 -4.47 25.66
C THR D 505 34.03 -5.13 26.27
N GLN D 506 33.82 -6.42 26.03
CA GLN D 506 32.79 -7.18 26.72
C GLN D 506 33.33 -7.93 27.93
N THR D 507 34.59 -7.66 28.32
CA THR D 507 35.25 -8.44 29.34
C THR D 507 35.94 -7.54 30.38
N ILE D 508 35.89 -6.21 30.20
CA ILE D 508 36.58 -5.32 31.12
C ILE D 508 35.92 -5.31 32.49
N SER D 509 34.59 -5.43 32.52
CA SER D 509 33.85 -5.31 33.77
C SER D 509 34.16 -6.39 34.82
N PRO D 510 34.52 -7.65 34.49
CA PRO D 510 35.14 -8.48 35.54
C PRO D 510 36.64 -8.25 35.73
N ILE D 511 37.36 -7.97 34.64
CA ILE D 511 38.82 -8.00 34.69
C ILE D 511 39.43 -6.74 35.30
N SER D 512 38.71 -5.61 35.26
CA SER D 512 39.28 -4.27 35.48
C SER D 512 39.92 -4.08 36.85
N GLU D 513 39.58 -4.89 37.84
CA GLU D 513 40.24 -4.74 39.14
C GLU D 513 41.66 -5.29 39.08
N ILE D 514 41.88 -6.38 38.33
CA ILE D 514 43.21 -6.97 38.29
C ILE D 514 44.06 -6.39 37.17
N LEU D 515 43.47 -5.59 36.27
CA LEU D 515 44.29 -4.77 35.39
C LEU D 515 44.93 -3.62 36.16
N ARG D 516 44.26 -3.14 37.21
CA ARG D 516 44.86 -2.17 38.10
C ARG D 516 46.01 -2.77 38.89
N LEU D 517 45.94 -4.07 39.17
CA LEU D 517 47.07 -4.80 39.73
C LEU D 517 48.25 -4.80 38.76
N LEU D 518 47.98 -4.97 37.49
CA LEU D 518 49.04 -5.05 36.49
C LEU D 518 49.55 -3.70 36.03
N GLN D 519 48.95 -2.61 36.49
CA GLN D 519 49.37 -1.28 36.11
C GLN D 519 50.75 -0.99 36.68
N PRO D 520 51.79 -0.85 35.84
CA PRO D 520 53.16 -0.87 36.35
C PRO D 520 53.60 0.41 37.02
N MET D 521 52.75 1.43 37.06
CA MET D 521 53.08 2.69 37.72
C MET D 521 53.18 2.45 39.23
N GLY D 522 54.40 2.46 39.74
CA GLY D 522 54.62 2.26 41.16
C GLY D 522 56.00 2.74 41.53
N ASN D 523 56.15 3.14 42.79
CA ASN D 523 57.39 3.70 43.30
C ASN D 523 58.35 2.62 43.80
N ASP D 524 58.61 1.65 42.92
CA ASP D 524 59.38 0.43 43.21
C ASP D 524 58.82 -0.30 44.44
N TYR D 525 57.48 -0.32 44.53
CA TYR D 525 56.71 -1.13 45.46
C TYR D 525 57.03 -0.75 46.91
N ALA D 526 56.86 0.54 47.19
CA ALA D 526 57.21 1.06 48.51
C ALA D 526 56.22 0.64 49.58
N ALA D 527 55.00 0.25 49.20
CA ALA D 527 54.01 -0.16 50.19
C ALA D 527 54.38 -1.50 50.82
N PHE D 528 55.15 -2.32 50.10
CA PHE D 528 55.60 -3.59 50.65
C PHE D 528 56.66 -3.38 51.72
N TRP D 529 57.73 -2.65 51.38
CA TRP D 529 58.84 -2.48 52.30
C TRP D 529 58.50 -1.56 53.45
N LYS D 530 57.51 -0.67 53.27
CA LYS D 530 57.02 0.11 54.41
C LYS D 530 56.21 -0.76 55.35
N CYS D 531 55.58 -1.80 54.83
CA CYS D 531 54.78 -2.69 55.65
C CYS D 531 55.66 -3.66 56.44
N ILE D 532 56.84 -4.00 55.91
CA ILE D 532 57.80 -4.77 56.68
C ILE D 532 58.39 -3.91 57.80
N ALA D 533 58.77 -2.68 57.46
CA ALA D 533 59.48 -1.81 58.39
C ALA D 533 58.61 -1.38 59.56
N SER D 534 57.28 -1.45 59.42
CA SER D 534 56.39 -1.16 60.53
C SER D 534 56.32 -2.27 61.56
N TRP D 535 56.87 -3.45 61.26
CA TRP D 535 56.88 -4.52 62.25
C TRP D 535 57.86 -4.22 63.36
N ALA D 536 59.02 -3.68 63.00
CA ALA D 536 60.02 -3.32 64.01
C ALA D 536 59.53 -2.18 64.88
N TYR D 537 58.81 -1.23 64.28
CA TYR D 537 58.30 -0.09 64.99
C TYR D 537 56.80 -0.23 65.23
N ASN D 538 56.38 -1.46 65.48
CA ASN D 538 55.03 -1.74 65.92
C ASN D 538 54.81 -1.15 67.31
N GLY D 539 53.60 -0.67 67.56
CA GLY D 539 53.32 0.05 68.78
C GLY D 539 53.61 1.53 68.70
N LEU D 540 54.51 1.95 67.81
CA LEU D 540 54.71 3.35 67.51
C LEU D 540 54.07 3.75 66.19
N VAL D 541 53.95 2.82 65.26
CA VAL D 541 53.16 2.99 64.05
C VAL D 541 52.69 1.62 63.57
N THR D 542 51.41 1.51 63.24
CA THR D 542 50.83 0.27 62.74
C THR D 542 50.33 0.49 61.32
N THR D 543 50.63 -0.46 60.45
CA THR D 543 50.31 -0.33 59.02
C THR D 543 48.93 -0.92 58.75
N VAL D 544 47.89 -0.14 59.07
CA VAL D 544 46.53 -0.63 58.89
C VAL D 544 46.17 -0.63 57.41
N LEU D 545 45.14 -1.40 57.08
CA LEU D 545 44.59 -1.42 55.74
C LEU D 545 43.86 -0.12 55.46
N SER D 546 43.90 0.31 54.21
CA SER D 546 43.36 1.62 53.87
C SER D 546 41.84 1.60 53.83
N GLU D 547 41.25 2.80 53.82
CA GLU D 547 39.80 2.92 53.74
C GLU D 547 39.30 2.52 52.36
N ASP D 548 40.06 2.87 51.31
CA ASP D 548 39.73 2.51 49.95
C ASP D 548 40.11 1.09 49.59
N ALA D 549 40.73 0.36 50.51
CA ALA D 549 40.95 -1.06 50.32
C ALA D 549 39.65 -1.83 50.36
N PHE D 550 38.79 -1.48 51.28
CA PHE D 550 37.62 -2.27 51.57
C PHE D 550 36.55 -1.98 50.54
N PRO D 551 35.91 -2.99 49.97
CA PRO D 551 34.70 -2.75 49.20
C PRO D 551 33.58 -2.37 50.14
N ASP D 552 32.66 -1.55 49.64
CA ASP D 552 31.59 -1.03 50.46
C ASP D 552 30.62 -2.13 50.88
N SER D 553 30.08 -2.00 52.08
CA SER D 553 29.22 -3.04 52.64
C SER D 553 27.76 -2.84 52.24
N SER D 554 27.57 -2.63 50.95
CA SER D 554 26.27 -2.71 50.30
C SER D 554 26.35 -3.42 48.97
N GLN D 555 27.52 -3.43 48.34
CA GLN D 555 27.74 -4.20 47.13
C GLN D 555 27.72 -5.68 47.45
N SER D 556 27.09 -6.46 46.58
CA SER D 556 27.03 -7.90 46.80
C SER D 556 28.28 -8.57 46.26
N ILE D 557 28.39 -9.86 46.55
CA ILE D 557 29.54 -10.64 46.12
C ILE D 557 29.45 -10.99 44.64
N THR D 558 28.25 -10.92 44.04
CA THR D 558 28.10 -11.16 42.61
C THR D 558 28.79 -10.11 41.76
N HIS D 559 29.01 -8.91 42.29
CA HIS D 559 29.75 -7.89 41.57
C HIS D 559 31.23 -8.25 41.57
N LEU D 560 31.73 -8.60 40.40
CA LEU D 560 33.05 -9.20 40.22
C LEU D 560 34.27 -8.35 40.56
N PRO D 561 34.33 -7.03 40.31
CA PRO D 561 35.48 -6.26 40.82
C PRO D 561 35.50 -6.15 42.31
N SER D 562 34.36 -6.31 42.97
CA SER D 562 34.31 -6.17 44.41
C SER D 562 34.90 -7.38 45.11
N MET D 563 34.87 -8.55 44.48
CA MET D 563 35.43 -9.73 45.11
C MET D 563 36.91 -9.90 44.83
N TRP D 564 37.41 -9.37 43.72
CA TRP D 564 38.86 -9.24 43.56
C TRP D 564 39.42 -8.25 44.56
N LYS D 565 38.63 -7.21 44.86
CA LYS D 565 39.03 -6.22 45.86
C LYS D 565 39.05 -6.83 47.24
N CYS D 566 38.24 -7.86 47.48
CA CYS D 566 38.36 -8.64 48.71
C CYS D 566 39.45 -9.68 48.60
N LEU D 567 39.74 -10.16 47.40
CA LEU D 567 40.78 -11.16 47.21
C LEU D 567 42.16 -10.58 47.47
N PHE D 568 42.38 -9.34 47.05
CA PHE D 568 43.69 -8.71 47.21
C PHE D 568 43.93 -8.27 48.65
N LEU D 569 42.88 -8.30 49.45
CA LEU D 569 42.86 -7.89 50.84
C LEU D 569 43.17 -9.04 51.78
N THR D 570 42.62 -10.22 51.49
CA THR D 570 42.87 -11.39 52.31
C THR D 570 44.32 -11.84 52.17
N LEU D 571 44.89 -11.72 50.97
CA LEU D 571 46.30 -12.00 50.78
C LEU D 571 47.17 -10.98 51.50
N ALA D 572 46.80 -9.71 51.45
CA ALA D 572 47.57 -8.67 52.12
C ALA D 572 47.16 -8.48 53.58
N GLY D 573 46.36 -9.40 54.12
CA GLY D 573 45.95 -9.37 55.51
C GLY D 573 47.07 -9.55 56.51
N PRO D 574 47.69 -10.74 56.54
CA PRO D 574 48.76 -11.00 57.51
C PRO D 574 50.03 -10.21 57.29
N MET D 575 50.15 -9.53 56.14
CA MET D 575 51.31 -8.69 55.91
C MET D 575 51.30 -7.49 56.85
N THR D 576 50.12 -6.98 57.16
CA THR D 576 49.99 -5.80 57.98
C THR D 576 50.26 -6.11 59.45
N SER D 577 50.67 -5.08 60.18
CA SER D 577 50.88 -5.18 61.62
C SER D 577 49.66 -4.78 62.41
N ASP D 578 48.54 -4.54 61.74
CA ASP D 578 47.28 -4.26 62.40
C ASP D 578 46.83 -5.51 63.13
N PRO D 579 46.59 -5.45 64.45
CA PRO D 579 46.09 -6.63 65.15
C PRO D 579 44.65 -6.95 64.83
N HIS D 580 43.89 -5.97 64.34
CA HIS D 580 42.51 -6.18 63.93
C HIS D 580 42.39 -6.60 62.49
N SER D 581 43.51 -6.83 61.82
CA SER D 581 43.50 -7.32 60.45
C SER D 581 42.82 -8.67 60.22
N PRO D 582 42.84 -9.67 61.11
CA PRO D 582 42.03 -10.87 60.85
C PRO D 582 40.54 -10.62 60.81
N VAL D 583 40.04 -9.63 61.55
CA VAL D 583 38.61 -9.37 61.55
C VAL D 583 38.24 -8.50 60.36
N LYS D 584 39.10 -7.54 60.02
CA LYS D 584 38.85 -6.69 58.84
C LYS D 584 38.91 -7.50 57.56
N VAL D 585 39.80 -8.50 57.50
CA VAL D 585 39.79 -9.45 56.40
C VAL D 585 38.51 -10.27 56.40
N PHE D 586 38.09 -10.73 57.58
CA PHE D 586 36.92 -11.60 57.66
C PHE D 586 35.63 -10.86 57.33
N MET D 587 35.46 -9.66 57.88
CA MET D 587 34.19 -8.98 57.76
C MET D 587 34.00 -8.40 56.37
N ALA D 588 35.10 -8.02 55.70
CA ALA D 588 35.00 -7.47 54.35
C ALA D 588 34.48 -8.50 53.36
N LEU D 589 34.80 -9.78 53.56
CA LEU D 589 34.10 -10.81 52.82
C LEU D 589 32.66 -10.95 53.30
N ALA D 590 32.47 -10.93 54.62
CA ALA D 590 31.16 -11.10 55.22
C ALA D 590 30.22 -9.94 54.88
N ASN D 591 30.79 -8.77 54.56
CA ASN D 591 30.00 -7.69 53.99
C ASN D 591 29.44 -8.08 52.64
N LEU D 592 30.26 -8.69 51.79
CA LEU D 592 29.85 -8.95 50.42
C LEU D 592 28.81 -10.05 50.34
N LEU D 593 29.01 -11.13 51.09
CA LEU D 593 28.12 -12.27 50.95
C LEU D 593 27.06 -12.31 52.03
N ALA D 594 26.86 -11.17 52.72
CA ALA D 594 25.67 -10.98 53.53
C ALA D 594 24.40 -11.11 52.70
N GLN D 595 24.46 -10.68 51.45
CA GLN D 595 23.27 -10.71 50.59
C GLN D 595 22.87 -12.12 50.16
N PRO D 596 23.77 -13.03 49.71
CA PRO D 596 23.30 -14.42 49.53
C PRO D 596 23.05 -15.16 50.83
N GLU D 597 23.93 -15.02 51.83
CA GLU D 597 23.71 -15.75 53.07
C GLU D 597 23.66 -14.79 54.25
N PRO D 598 22.55 -14.74 54.96
CA PRO D 598 22.45 -13.86 56.13
C PRO D 598 22.88 -14.56 57.41
N ILE D 599 23.72 -13.91 58.20
CA ILE D 599 24.10 -14.43 59.51
C ILE D 599 23.99 -13.29 60.52
N ALA D 600 23.55 -13.63 61.73
CA ALA D 600 23.56 -12.67 62.82
C ALA D 600 24.92 -12.61 63.47
N ILE D 601 25.25 -11.43 63.99
CA ILE D 601 26.55 -11.18 64.61
C ILE D 601 26.30 -10.64 66.02
N GLY D 602 26.94 -11.26 67.01
CA GLY D 602 26.63 -11.02 68.41
C GLY D 602 27.13 -9.72 68.99
N VAL D 603 27.77 -8.86 68.20
CA VAL D 603 28.14 -7.54 68.74
C VAL D 603 26.88 -6.67 68.85
N PRO D 604 26.63 -6.01 69.96
CA PRO D 604 25.37 -5.28 70.12
C PRO D 604 25.33 -4.01 69.29
N GLY D 605 24.11 -3.70 68.82
CA GLY D 605 23.84 -2.50 68.06
C GLY D 605 24.38 -2.48 66.65
N MET D 606 25.05 -3.54 66.21
CA MET D 606 25.79 -3.54 64.97
C MET D 606 25.39 -4.76 64.15
N HIS D 607 25.59 -4.68 62.84
CA HIS D 607 24.99 -5.63 61.93
C HIS D 607 26.05 -6.14 60.95
N GLN D 608 25.61 -7.02 60.05
CA GLN D 608 26.52 -7.61 59.08
C GLN D 608 26.87 -6.63 57.96
N THR D 609 26.04 -5.62 57.74
CA THR D 609 26.33 -4.58 56.76
C THR D 609 27.21 -3.47 57.32
N THR D 610 27.72 -3.62 58.52
CA THR D 610 28.73 -2.73 59.05
C THR D 610 30.06 -3.03 58.38
N PRO D 611 30.76 -2.04 57.83
CA PRO D 611 31.95 -2.34 57.01
C PRO D 611 33.14 -2.88 57.79
N ALA D 612 34.19 -3.24 57.07
CA ALA D 612 35.42 -3.69 57.70
C ALA D 612 36.25 -2.53 58.25
N SER D 613 35.95 -1.30 57.83
CA SER D 613 36.67 -0.15 58.37
C SER D 613 36.35 0.07 59.85
N GLN D 614 35.16 -0.35 60.29
CA GLN D 614 34.74 -0.09 61.65
C GLN D 614 35.50 -0.96 62.65
N PHE D 615 35.72 -2.24 62.32
CA PHE D 615 36.10 -3.23 63.33
C PHE D 615 37.57 -3.04 63.70
N SER D 616 37.79 -2.14 64.65
CA SER D 616 39.14 -1.80 65.10
C SER D 616 39.26 -1.91 66.62
N HIS D 617 38.28 -2.48 67.29
CA HIS D 617 38.30 -2.65 68.73
C HIS D 617 38.03 -4.11 69.04
N PRO D 618 38.69 -4.68 70.05
CA PRO D 618 38.57 -6.13 70.27
C PRO D 618 37.22 -6.56 70.82
N GLY D 619 36.42 -5.67 71.36
CA GLY D 619 35.10 -6.04 71.82
C GLY D 619 34.05 -6.10 70.74
N VAL D 620 34.47 -5.87 69.49
CA VAL D 620 33.58 -5.83 68.34
C VAL D 620 33.78 -7.06 67.46
N TRP D 621 34.72 -7.94 67.82
CA TRP D 621 35.00 -9.11 67.01
C TRP D 621 33.82 -10.08 67.06
N PRO D 622 33.41 -10.62 65.92
CA PRO D 622 32.19 -11.41 65.87
C PRO D 622 32.36 -12.74 66.56
N PRO D 623 31.37 -13.20 67.32
CA PRO D 623 31.47 -14.52 67.95
C PRO D 623 31.45 -15.66 66.95
N GLY D 624 30.92 -15.44 65.74
CA GLY D 624 31.13 -16.40 64.68
C GLY D 624 32.56 -16.45 64.22
N PHE D 625 33.27 -15.32 64.27
CA PHE D 625 34.69 -15.33 63.97
C PHE D 625 35.51 -15.83 65.14
N LEU D 626 35.08 -15.53 66.37
CA LEU D 626 35.75 -16.07 67.54
C LEU D 626 35.53 -17.57 67.63
N ASN D 627 34.30 -18.00 67.42
CA ASN D 627 33.95 -19.42 67.42
C ASN D 627 33.31 -19.76 66.09
N PRO D 628 33.99 -20.47 65.20
CA PRO D 628 33.35 -20.89 63.94
C PRO D 628 32.25 -21.92 64.13
N GLN D 629 32.13 -22.52 65.31
CA GLN D 629 31.03 -23.43 65.59
C GLN D 629 29.70 -22.71 65.69
N LEU D 630 29.71 -21.38 65.89
CA LEU D 630 28.49 -20.60 65.89
C LEU D 630 27.96 -20.29 64.50
N ILE D 631 28.66 -20.70 63.45
CA ILE D 631 28.20 -20.55 62.07
C ILE D 631 27.72 -21.92 61.60
N ASN D 632 26.49 -21.99 61.11
CA ASN D 632 25.98 -23.25 60.60
C ASN D 632 26.67 -23.58 59.27
N PRO D 633 27.22 -24.77 59.11
CA PRO D 633 27.93 -25.10 57.87
C PRO D 633 27.02 -25.29 56.67
N GLN D 634 25.71 -25.41 56.86
CA GLN D 634 24.80 -25.51 55.74
C GLN D 634 24.01 -24.23 55.51
N GLN D 635 23.87 -23.37 56.51
CA GLN D 635 23.22 -22.08 56.31
C GLN D 635 24.17 -21.09 55.66
N ALA D 636 25.37 -20.97 56.21
CA ALA D 636 26.44 -20.12 55.66
C ALA D 636 27.68 -20.98 55.47
N PRO D 637 27.77 -21.71 54.35
CA PRO D 637 28.92 -22.60 54.17
C PRO D 637 30.22 -21.88 53.87
N LEU D 638 30.16 -20.68 53.31
CA LEU D 638 31.39 -19.98 52.95
C LEU D 638 32.02 -19.30 54.16
N LEU D 639 31.21 -18.69 55.01
CA LEU D 639 31.74 -18.15 56.26
C LEU D 639 32.08 -19.24 57.27
N ARG D 640 31.52 -20.44 57.10
CA ARG D 640 32.00 -21.58 57.85
C ARG D 640 33.45 -21.87 57.54
N ALA D 641 33.79 -21.90 56.26
CA ALA D 641 35.14 -22.24 55.85
C ALA D 641 36.09 -21.06 55.97
N PHE D 642 35.61 -19.84 55.70
CA PHE D 642 36.51 -18.69 55.70
C PHE D 642 36.90 -18.28 57.11
N ALA D 643 36.01 -18.45 58.08
CA ALA D 643 36.41 -18.30 59.46
C ALA D 643 37.36 -19.41 59.87
N GLU D 644 37.13 -20.62 59.34
CA GLU D 644 38.06 -21.71 59.55
C GLU D 644 39.37 -21.48 58.79
N HIS D 645 39.29 -20.78 57.67
CA HIS D 645 40.49 -20.44 56.89
C HIS D 645 41.40 -19.51 57.67
N ILE D 646 40.84 -18.48 58.31
CA ILE D 646 41.67 -17.53 59.03
C ILE D 646 42.16 -18.15 60.34
N ARG D 647 41.32 -18.96 60.98
CA ARG D 647 41.69 -19.58 62.25
C ARG D 647 42.82 -20.60 62.07
N ALA D 648 42.91 -21.23 60.91
CA ALA D 648 43.86 -22.31 60.70
C ALA D 648 44.98 -21.96 59.74
N ASN D 649 45.02 -20.77 59.16
CA ASN D 649 46.10 -20.42 58.25
C ASN D 649 46.75 -19.08 58.52
N TRP D 650 46.22 -18.28 59.45
CA TRP D 650 46.90 -17.05 59.82
C TRP D 650 48.23 -17.40 60.50
N PRO D 651 49.30 -16.67 60.19
CA PRO D 651 50.63 -17.07 60.68
C PRO D 651 50.78 -16.86 62.18
N GLN D 652 51.33 -17.87 62.83
CA GLN D 652 51.69 -17.75 64.22
C GLN D 652 52.90 -16.82 64.34
N PRO D 653 52.84 -15.76 65.15
CA PRO D 653 53.97 -14.87 65.27
C PRO D 653 55.13 -15.54 66.00
N SER D 654 56.33 -15.03 65.75
CA SER D 654 57.54 -15.66 66.26
C SER D 654 58.45 -14.58 66.82
N GLU D 655 59.69 -14.97 67.10
CA GLU D 655 60.66 -14.07 67.68
C GLU D 655 62.06 -14.47 67.25
N PHE D 656 62.96 -13.50 67.21
CA PHE D 656 64.34 -13.76 66.84
C PHE D 656 65.22 -12.74 67.54
N GLY D 657 66.42 -13.16 67.91
CA GLY D 657 67.34 -12.28 68.59
C GLY D 657 67.98 -11.28 67.65
N TYR D 658 68.26 -10.10 68.18
CA TYR D 658 68.95 -9.07 67.41
C TYR D 658 70.02 -8.45 68.30
N GLY D 659 70.97 -7.79 67.65
CA GLY D 659 71.95 -7.02 68.38
C GLY D 659 72.92 -7.90 69.13
N SER D 660 73.61 -7.28 70.08
CA SER D 660 74.63 -7.96 70.85
C SER D 660 74.17 -8.14 72.29
N THR D 661 74.63 -9.24 72.90
CA THR D 661 74.38 -9.50 74.30
C THR D 661 75.30 -8.71 75.21
N LEU D 662 76.30 -8.04 74.66
CA LEU D 662 77.20 -7.21 75.45
C LEU D 662 76.75 -5.75 75.51
N GLN D 663 75.86 -5.33 74.62
CA GLN D 663 75.59 -3.91 74.41
C GLN D 663 74.41 -3.40 75.21
N GLY D 664 73.22 -3.95 74.97
CA GLY D 664 72.04 -3.43 75.64
C GLY D 664 70.73 -3.85 75.00
N SER D 665 69.67 -3.91 75.81
CA SER D 665 68.38 -4.40 75.33
C SER D 665 67.67 -3.39 74.44
N ALA D 666 67.49 -2.16 74.95
CA ALA D 666 66.88 -1.03 74.28
C ALA D 666 65.42 -1.26 73.87
N ASN D 667 64.73 -2.19 74.52
CA ASN D 667 63.33 -2.43 74.21
C ASN D 667 62.57 -2.72 75.50
N LEU D 668 61.31 -2.29 75.51
CA LEU D 668 60.52 -2.22 76.73
C LEU D 668 59.63 -3.45 76.92
N PHE D 669 58.71 -3.67 76.00
CA PHE D 669 57.60 -4.58 76.19
C PHE D 669 57.96 -6.01 75.82
N ILE D 670 58.66 -6.18 74.72
CA ILE D 670 59.18 -7.48 74.30
C ILE D 670 60.44 -7.73 75.13
N PRO D 671 60.89 -9.00 75.29
CA PRO D 671 62.07 -9.24 76.14
C PRO D 671 63.38 -8.71 75.59
N SER D 672 64.47 -8.98 76.32
CA SER D 672 65.76 -8.37 76.02
C SER D 672 66.32 -8.88 74.71
N ASN D 673 66.86 -7.93 73.93
CA ASN D 673 67.51 -8.03 72.62
C ASN D 673 66.95 -9.12 71.70
N ARG D 674 65.62 -9.10 71.54
CA ARG D 674 64.93 -10.12 70.76
C ARG D 674 63.67 -9.50 70.17
N MET D 675 63.65 -9.31 68.86
CA MET D 675 62.50 -8.77 68.17
C MET D 675 61.37 -9.81 68.11
N VAL D 676 60.18 -9.35 67.77
CA VAL D 676 59.00 -10.20 67.63
C VAL D 676 58.48 -10.03 66.21
N TYR D 677 58.39 -11.13 65.50
CA TYR D 677 58.13 -11.17 64.09
C TYR D 677 56.75 -11.75 63.82
N PRO D 678 56.01 -11.23 62.85
CA PRO D 678 54.65 -11.73 62.62
C PRO D 678 54.60 -13.12 62.00
N TRP D 679 55.68 -13.59 61.41
CA TRP D 679 55.67 -14.82 60.67
C TRP D 679 56.53 -15.87 61.36
N PRO D 680 56.15 -17.14 61.32
CA PRO D 680 56.88 -18.15 62.10
C PRO D 680 58.22 -18.51 61.47
N ASN D 681 59.22 -17.69 61.73
CA ASN D 681 60.47 -17.69 60.97
C ASN D 681 61.33 -18.93 61.28
N GLN D 682 62.28 -19.16 60.38
CA GLN D 682 63.19 -20.30 60.40
C GLN D 682 64.53 -19.83 59.88
N PRO D 683 65.62 -20.53 60.21
CA PRO D 683 66.92 -20.17 59.65
C PRO D 683 66.99 -20.43 58.15
N LEU D 684 68.06 -19.92 57.54
CA LEU D 684 68.16 -19.85 56.09
C LEU D 684 68.66 -21.18 55.54
N PRO D 685 67.89 -21.86 54.67
CA PRO D 685 68.33 -23.15 54.15
C PRO D 685 69.10 -23.02 52.87
N ARG D 686 69.55 -24.16 52.33
CA ARG D 686 69.99 -24.19 50.94
C ARG D 686 68.76 -24.12 50.05
N LEU D 687 68.75 -23.17 49.12
CA LEU D 687 67.53 -22.73 48.46
C LEU D 687 66.99 -23.74 47.46
N THR D 688 66.51 -24.88 47.94
CA THR D 688 66.05 -25.95 47.08
C THR D 688 64.52 -25.91 46.97
N VAL D 689 63.95 -26.98 46.41
CA VAL D 689 62.55 -26.96 45.99
C VAL D 689 61.61 -27.06 47.18
N ALA D 690 61.91 -27.96 48.11
CA ALA D 690 60.96 -28.18 49.21
C ALA D 690 60.95 -27.06 50.25
N PRO D 691 62.10 -26.39 50.65
CA PRO D 691 62.00 -25.19 51.47
C PRO D 691 61.78 -23.89 50.69
N THR D 692 60.84 -23.91 49.76
CA THR D 692 60.32 -22.65 49.24
C THR D 692 58.81 -22.63 49.07
N TYR D 693 58.13 -23.76 49.21
CA TYR D 693 56.68 -23.79 49.22
C TYR D 693 56.12 -24.14 50.59
N ASP D 694 56.95 -24.52 51.55
CA ASP D 694 56.50 -24.79 52.90
C ASP D 694 56.41 -23.55 53.77
N SER D 695 56.64 -22.37 53.18
CA SER D 695 56.59 -21.12 53.92
C SER D 695 55.18 -20.82 54.38
N ALA D 696 55.08 -20.04 55.46
CA ALA D 696 53.77 -19.67 55.97
C ALA D 696 53.06 -18.70 55.05
N MET D 697 53.80 -17.89 54.30
CA MET D 697 53.13 -17.02 53.36
C MET D 697 52.79 -17.78 52.08
N SER D 698 53.57 -18.82 51.77
CA SER D 698 53.15 -19.76 50.74
C SER D 698 51.89 -20.49 51.15
N ASN D 699 51.78 -20.84 52.44
CA ASN D 699 50.58 -21.49 52.95
C ASN D 699 49.40 -20.56 52.90
N TRP D 700 49.61 -19.28 53.16
CA TRP D 700 48.51 -18.33 53.18
C TRP D 700 48.03 -18.00 51.77
N ILE D 701 48.95 -17.95 50.81
CA ILE D 701 48.55 -17.68 49.43
C ILE D 701 47.89 -18.90 48.82
N SER D 702 48.46 -20.09 49.03
CA SER D 702 47.93 -21.31 48.43
C SER D 702 46.59 -21.72 48.99
N THR D 703 46.23 -21.27 50.19
CA THR D 703 44.93 -21.61 50.76
C THR D 703 43.88 -20.52 50.59
N THR D 704 44.29 -19.25 50.50
CA THR D 704 43.33 -18.18 50.23
C THR D 704 42.79 -18.29 48.82
N ILE D 705 43.68 -18.43 47.84
CA ILE D 705 43.29 -18.55 46.45
C ILE D 705 42.45 -19.80 46.22
N ALA D 706 42.82 -20.90 46.89
CA ALA D 706 41.99 -22.10 46.86
C ALA D 706 40.64 -21.89 47.53
N PHE D 707 40.53 -20.94 48.45
CA PHE D 707 39.21 -20.62 48.97
C PHE D 707 38.45 -19.70 48.04
N PHE D 708 39.11 -18.73 47.42
CA PHE D 708 38.37 -17.81 46.59
C PHE D 708 38.05 -18.37 45.21
N ILE D 709 38.52 -19.58 44.89
CA ILE D 709 38.04 -20.27 43.70
C ILE D 709 36.65 -20.86 43.94
N ARG D 710 36.46 -21.54 45.08
CA ARG D 710 35.13 -22.06 45.37
C ARG D 710 34.14 -20.97 45.76
N VAL D 711 34.61 -19.74 46.01
CA VAL D 711 33.70 -18.62 46.12
C VAL D 711 33.10 -18.29 44.77
N VAL D 712 33.94 -18.10 43.75
CA VAL D 712 33.44 -17.67 42.45
C VAL D 712 32.74 -18.80 41.71
N ASN D 713 33.06 -20.05 42.04
CA ASN D 713 32.38 -21.19 41.43
C ASN D 713 31.22 -21.68 42.27
N SER D 714 30.82 -20.91 43.28
CA SER D 714 29.65 -21.25 44.04
C SER D 714 28.39 -20.96 43.24
N VAL D 715 27.26 -21.41 43.78
CA VAL D 715 25.98 -21.26 43.09
C VAL D 715 25.55 -19.81 43.09
N ASN D 716 25.92 -19.06 44.12
CA ASN D 716 25.38 -17.73 44.35
C ASN D 716 25.94 -16.66 43.41
N MET D 717 26.97 -16.98 42.63
CA MET D 717 27.58 -15.95 41.80
C MET D 717 26.86 -15.71 40.49
N THR D 718 26.13 -16.70 39.99
CA THR D 718 25.71 -16.78 38.59
C THR D 718 24.72 -15.71 38.15
N ALA D 719 24.31 -14.79 39.03
CA ALA D 719 23.43 -13.71 38.60
C ALA D 719 24.14 -12.73 37.68
N THR D 720 25.46 -12.58 37.84
CA THR D 720 26.22 -11.62 37.04
C THR D 720 27.31 -12.23 36.19
N VAL D 721 27.77 -13.44 36.49
CA VAL D 721 28.96 -14.00 35.88
C VAL D 721 28.58 -15.19 35.00
N ASN D 722 29.16 -15.24 33.82
CA ASN D 722 28.84 -16.24 32.82
C ASN D 722 29.74 -17.46 33.02
N ASP D 723 29.41 -18.56 32.33
CA ASP D 723 30.24 -19.76 32.42
C ASP D 723 31.61 -19.54 31.80
N LEU D 724 31.69 -18.71 30.75
CA LEU D 724 32.99 -18.32 30.23
C LEU D 724 33.78 -17.51 31.24
N THR D 725 33.10 -16.67 32.00
CA THR D 725 33.78 -15.81 32.96
C THR D 725 33.84 -16.36 34.37
N ARG D 726 33.02 -17.35 34.74
CA ARG D 726 33.34 -18.13 35.94
C ARG D 726 34.61 -18.92 35.72
N ARG D 727 34.76 -19.47 34.53
CA ARG D 727 35.93 -20.24 34.16
C ARG D 727 37.14 -19.34 33.90
N THR D 728 36.91 -18.07 33.58
CA THR D 728 38.03 -17.16 33.40
C THR D 728 38.58 -16.70 34.74
N MET D 729 37.70 -16.36 35.70
CA MET D 729 38.16 -15.94 37.03
C MET D 729 38.89 -17.06 37.74
N THR D 730 38.45 -18.31 37.54
CA THR D 730 39.14 -19.45 38.10
C THR D 730 40.55 -19.59 37.54
N GLY D 731 40.71 -19.30 36.24
CA GLY D 731 42.03 -19.39 35.63
C GLY D 731 42.96 -18.28 36.04
N VAL D 732 42.42 -17.12 36.42
CA VAL D 732 43.28 -16.02 36.84
C VAL D 732 43.84 -16.28 38.22
N MET D 733 43.02 -16.82 39.11
CA MET D 733 43.46 -17.12 40.47
C MET D 733 44.48 -18.25 40.49
N THR D 734 44.24 -19.33 39.74
CA THR D 734 45.19 -20.43 39.75
C THR D 734 46.48 -20.08 39.02
N ALA D 735 46.46 -19.02 38.20
CA ALA D 735 47.72 -18.44 37.75
C ALA D 735 48.44 -17.77 38.91
N MET D 736 47.72 -16.94 39.68
CA MET D 736 48.29 -16.21 40.81
C MET D 736 48.80 -17.14 41.90
N ARG D 737 48.16 -18.30 42.05
CA ARG D 737 48.53 -19.22 43.11
C ARG D 737 49.84 -19.93 42.80
N GLN D 738 50.17 -20.09 41.52
CA GLN D 738 51.32 -20.90 41.14
C GLN D 738 52.46 -20.11 40.53
N VAL D 739 52.37 -18.79 40.47
CA VAL D 739 53.53 -17.98 40.10
C VAL D 739 54.61 -18.15 41.13
N LYS D 740 55.80 -18.54 40.70
CA LYS D 740 56.92 -18.72 41.61
C LYS D 740 57.36 -17.37 42.15
N THR D 741 57.10 -17.14 43.42
CA THR D 741 57.53 -15.94 44.12
C THR D 741 58.43 -16.33 45.28
N MET D 742 59.53 -15.62 45.44
CA MET D 742 60.47 -15.92 46.50
C MET D 742 60.23 -15.03 47.72
N THR D 743 59.25 -14.13 47.66
CA THR D 743 58.87 -13.36 48.83
C THR D 743 58.27 -14.17 49.97
N PRO D 744 57.60 -15.31 49.77
CA PRO D 744 57.37 -16.16 50.95
C PRO D 744 58.61 -16.82 51.45
N PHE D 745 59.60 -17.11 50.59
CA PHE D 745 60.88 -17.60 51.09
C PHE D 745 61.61 -16.50 51.84
N TYR D 746 61.51 -15.27 51.36
CA TYR D 746 62.20 -14.15 51.98
C TYR D 746 61.65 -13.86 53.37
N ILE D 747 60.33 -13.83 53.49
CA ILE D 747 59.69 -13.45 54.74
C ILE D 747 59.82 -14.56 55.78
N GLN D 748 60.11 -15.78 55.35
CA GLN D 748 60.27 -16.94 56.21
C GLN D 748 61.70 -17.08 56.71
N HIS D 749 62.68 -16.84 55.86
CA HIS D 749 64.07 -17.10 56.19
C HIS D 749 64.95 -15.87 56.10
N MET D 750 64.87 -15.12 55.01
CA MET D 750 65.84 -14.06 54.75
C MET D 750 65.47 -12.72 55.36
N CYS D 751 64.20 -12.46 55.62
CA CYS D 751 63.86 -11.16 56.20
C CYS D 751 64.21 -11.00 57.68
N PRO D 752 64.04 -11.99 58.59
CA PRO D 752 64.47 -11.73 59.97
C PRO D 752 65.96 -11.61 60.16
N THR D 753 66.78 -12.26 59.32
CA THR D 753 68.21 -12.05 59.45
C THR D 753 68.67 -10.73 58.86
N GLU D 754 67.77 -9.98 58.22
CA GLU D 754 68.03 -8.60 57.87
C GLU D 754 67.49 -7.64 58.92
N LEU D 755 66.29 -7.90 59.45
CA LEU D 755 65.72 -7.06 60.49
C LEU D 755 66.51 -7.15 61.78
N SER D 756 67.16 -8.28 62.04
CA SER D 756 68.01 -8.38 63.22
C SER D 756 69.28 -7.56 63.07
N VAL D 757 69.78 -7.43 61.84
CA VAL D 757 70.97 -6.64 61.61
C VAL D 757 70.61 -5.16 61.53
N LEU D 758 69.57 -4.84 60.78
CA LEU D 758 69.16 -3.45 60.59
C LEU D 758 68.55 -2.82 61.83
N ALA D 759 68.24 -3.61 62.86
CA ALA D 759 67.79 -3.01 64.12
C ALA D 759 68.91 -2.32 64.87
N SER D 760 70.15 -2.75 64.66
CA SER D 760 71.28 -2.21 65.39
C SER D 760 72.13 -1.28 64.54
N VAL D 761 71.62 -0.81 63.40
CA VAL D 761 72.30 0.21 62.61
C VAL D 761 71.46 1.46 62.44
N THR D 762 70.25 1.49 63.00
CA THR D 762 69.45 2.70 62.98
C THR D 762 69.70 3.51 64.25
N VAL D 763 69.34 4.79 64.18
CA VAL D 763 69.48 5.66 65.34
C VAL D 763 68.50 5.24 66.42
N THR D 764 67.26 5.06 66.06
CA THR D 764 66.32 4.58 67.06
C THR D 764 66.25 3.06 67.02
N PRO D 765 66.32 2.41 68.19
CA PRO D 765 66.15 0.97 68.22
C PRO D 765 64.69 0.61 68.09
N PRO D 766 64.34 -0.61 67.66
CA PRO D 766 62.93 -0.91 67.38
C PRO D 766 62.06 -1.01 68.62
N PHE D 767 61.24 0.02 68.84
CA PHE D 767 60.16 -0.05 69.81
C PHE D 767 59.09 -0.99 69.27
N GLN D 768 58.80 -2.06 69.99
CA GLN D 768 58.05 -3.14 69.40
C GLN D 768 57.14 -3.77 70.44
N VAL D 769 55.94 -4.14 70.03
CA VAL D 769 54.93 -4.69 70.93
C VAL D 769 54.61 -6.10 70.43
N PRO D 770 54.14 -7.03 71.28
CA PRO D 770 53.94 -8.39 70.79
C PRO D 770 52.71 -8.52 69.91
N PHE D 771 52.83 -9.34 68.88
CA PHE D 771 51.73 -9.64 67.98
C PHE D 771 50.78 -10.65 68.61
N THR D 772 49.63 -10.83 67.98
CA THR D 772 48.58 -11.67 68.55
C THR D 772 47.98 -12.56 67.47
N ARG D 773 48.02 -13.87 67.72
CA ARG D 773 47.40 -14.85 66.83
C ARG D 773 45.95 -15.08 67.26
N LEU D 774 45.14 -14.05 66.98
CA LEU D 774 43.67 -14.11 67.03
C LEU D 774 43.13 -14.42 68.43
N VAL D 775 43.82 -13.99 69.47
CA VAL D 775 43.39 -14.23 70.83
C VAL D 775 42.83 -12.91 71.37
N GLN D 776 41.59 -12.96 71.86
CA GLN D 776 40.85 -11.73 72.08
C GLN D 776 41.28 -11.01 73.36
N ASN D 777 41.68 -11.72 74.39
CA ASN D 777 41.87 -11.05 75.67
C ASN D 777 43.19 -10.30 75.77
N ASP D 778 44.22 -10.74 75.05
CA ASP D 778 45.55 -10.14 75.19
C ASP D 778 45.93 -9.24 74.03
N VAL D 779 45.02 -8.98 73.08
CA VAL D 779 45.34 -8.07 71.98
C VAL D 779 45.33 -6.64 72.49
N ILE D 780 46.29 -5.85 72.01
CA ILE D 780 46.58 -4.55 72.59
C ILE D 780 45.54 -3.53 72.12
N THR D 781 45.00 -2.76 73.06
CA THR D 781 44.03 -1.72 72.76
C THR D 781 44.61 -0.32 72.82
N ASN D 782 45.46 -0.04 73.80
CA ASN D 782 46.06 1.28 73.95
C ASN D 782 47.53 1.12 74.33
N VAL D 783 48.32 2.13 74.01
CA VAL D 783 49.70 2.23 74.46
C VAL D 783 49.87 3.60 75.11
N LEU D 784 50.19 3.61 76.40
CA LEU D 784 50.24 4.85 77.17
C LEU D 784 51.66 5.15 77.60
N VAL D 785 51.92 6.44 77.80
CA VAL D 785 53.17 6.93 78.37
C VAL D 785 52.82 7.58 79.69
N ALA D 786 53.16 6.91 80.78
CA ALA D 786 52.85 7.42 82.11
C ALA D 786 54.01 8.29 82.59
N ARG D 787 53.77 9.58 82.73
CA ARG D 787 54.74 10.47 83.32
C ARG D 787 54.87 10.24 84.82
N VAL D 788 53.83 9.67 85.44
CA VAL D 788 53.80 9.36 86.86
C VAL D 788 52.80 8.23 87.03
N ASP D 789 53.05 7.35 88.01
CA ASP D 789 52.18 6.21 88.25
C ASP D 789 50.79 6.69 88.67
N PRO D 790 49.73 6.01 88.25
CA PRO D 790 48.37 6.50 88.50
C PRO D 790 47.95 6.52 89.96
N ALA D 791 48.58 5.70 90.81
CA ALA D 791 48.33 5.83 92.24
C ALA D 791 48.95 7.10 92.80
N GLN D 792 50.06 7.55 92.23
CA GLN D 792 50.72 8.77 92.65
C GLN D 792 50.46 9.93 91.69
N ARG D 793 49.43 9.82 90.85
CA ARG D 793 49.13 10.84 89.85
C ARG D 793 48.05 11.75 90.41
N GLY D 794 48.46 12.81 91.09
CA GLY D 794 47.53 13.87 91.44
C GLY D 794 47.25 14.71 90.20
N ASP D 795 45.98 15.15 90.10
CA ASP D 795 45.44 15.83 88.92
C ASP D 795 45.64 14.99 87.67
N ALA D 796 44.92 13.86 87.66
CA ALA D 796 45.18 12.76 86.73
C ALA D 796 44.92 13.17 85.28
N ALA D 797 45.85 12.82 84.40
CA ALA D 797 45.80 13.19 82.99
C ALA D 797 46.33 12.02 82.18
N VAL D 798 45.44 11.38 81.41
CA VAL D 798 45.81 10.24 80.59
C VAL D 798 46.58 10.74 79.36
N ASP D 799 47.41 9.86 78.79
CA ASP D 799 48.16 10.17 77.58
C ASP D 799 47.23 10.48 76.41
N ILE D 800 47.73 11.28 75.48
CA ILE D 800 46.97 11.74 74.33
C ILE D 800 46.79 10.62 73.29
N ARG D 801 47.58 9.55 73.38
CA ARG D 801 47.52 8.46 72.42
C ARG D 801 46.21 7.69 72.48
N ALA D 802 45.48 7.79 73.57
CA ALA D 802 44.20 7.11 73.72
C ALA D 802 43.07 7.78 72.95
N THR D 803 43.30 8.99 72.44
CA THR D 803 42.28 9.67 71.63
C THR D 803 42.11 8.98 70.29
N HIS D 804 43.21 8.52 69.69
CA HIS D 804 43.15 7.78 68.44
C HIS D 804 42.51 6.41 68.65
N ALA D 805 41.85 5.92 67.60
CA ALA D 805 41.23 4.59 67.68
C ALA D 805 42.27 3.49 67.71
N THR D 806 43.16 3.46 66.74
CA THR D 806 44.30 2.56 66.77
C THR D 806 45.27 3.02 67.85
N PHE D 807 45.97 2.05 68.44
CA PHE D 807 46.85 2.38 69.56
C PHE D 807 48.13 3.07 69.11
N ALA D 808 48.47 2.98 67.84
CA ALA D 808 49.63 3.70 67.31
C ALA D 808 49.22 4.53 66.11
N ALA D 809 50.21 5.07 65.39
CA ALA D 809 49.92 5.87 64.20
C ALA D 809 49.39 4.99 63.09
N ALA D 810 48.27 5.37 62.51
CA ALA D 810 47.66 4.60 61.43
C ALA D 810 48.42 4.87 60.14
N LEU D 811 49.00 3.81 59.57
CA LEU D 811 49.72 3.92 58.31
C LEU D 811 48.94 3.21 57.22
N PRO D 812 48.18 3.94 56.39
CA PRO D 812 47.33 3.27 55.40
C PRO D 812 48.16 2.67 54.28
N VAL D 813 48.12 1.35 54.17
CA VAL D 813 48.86 0.63 53.15
C VAL D 813 47.85 0.07 52.15
N ASP D 814 48.28 -0.06 50.92
CA ASP D 814 47.35 -0.47 49.88
C ASP D 814 47.52 -1.94 49.57
N PRO D 815 46.44 -2.71 49.58
CA PRO D 815 46.57 -4.17 49.43
C PRO D 815 46.88 -4.58 48.00
N ALA D 816 46.50 -3.78 47.02
CA ALA D 816 46.85 -4.09 45.64
C ALA D 816 48.34 -3.93 45.40
N ALA D 817 48.98 -3.00 46.11
CA ALA D 817 50.42 -2.82 46.00
C ALA D 817 51.21 -3.85 46.78
N ILE D 818 50.57 -4.58 47.70
CA ILE D 818 51.24 -5.65 48.40
C ILE D 818 51.11 -6.97 47.66
N VAL D 819 49.92 -7.24 47.13
CA VAL D 819 49.65 -8.52 46.48
C VAL D 819 50.42 -8.67 45.17
N VAL D 820 50.80 -7.56 44.54
CA VAL D 820 51.81 -7.61 43.48
C VAL D 820 53.13 -8.06 44.06
N ALA D 821 53.55 -7.43 45.16
CA ALA D 821 54.86 -7.67 45.73
C ALA D 821 54.96 -9.03 46.39
N MET D 822 53.86 -9.54 46.94
CA MET D 822 53.87 -10.88 47.50
C MET D 822 54.01 -11.93 46.41
N LEU D 823 53.33 -11.73 45.29
CA LEU D 823 53.25 -12.73 44.24
C LEU D 823 54.29 -12.56 43.16
N CYS D 824 55.16 -11.58 43.27
CA CYS D 824 56.35 -11.49 42.44
C CYS D 824 57.56 -11.56 43.37
N GLY D 825 58.73 -11.27 42.83
CA GLY D 825 59.87 -11.15 43.71
C GLY D 825 60.86 -12.29 43.67
N GLN D 826 61.22 -12.73 42.47
CA GLN D 826 62.32 -13.67 42.34
C GLN D 826 63.64 -12.98 42.67
N THR D 827 64.62 -13.78 43.09
CA THR D 827 65.89 -13.24 43.52
C THR D 827 66.87 -13.17 42.35
N GLU D 828 68.15 -12.92 42.66
CA GLU D 828 69.17 -12.77 41.64
C GLU D 828 69.49 -14.12 41.01
N THR D 829 69.80 -14.09 39.71
CA THR D 829 70.09 -15.32 38.98
C THR D 829 71.42 -15.94 39.39
N ASN D 830 72.29 -15.22 40.10
CA ASN D 830 73.48 -15.79 40.72
C ASN D 830 73.54 -15.20 42.13
N LEU D 831 72.87 -15.85 43.07
CA LEU D 831 72.76 -15.36 44.42
C LEU D 831 73.43 -16.32 45.38
N ILE D 832 74.34 -15.79 46.19
CA ILE D 832 74.87 -16.48 47.36
C ILE D 832 74.55 -15.62 48.57
N PRO D 833 73.78 -16.11 49.54
CA PRO D 833 73.33 -15.25 50.65
C PRO D 833 74.44 -14.85 51.59
N SER D 834 75.59 -15.51 51.55
CA SER D 834 76.69 -15.13 52.41
C SER D 834 77.46 -13.95 51.82
N HIS D 835 77.67 -13.94 50.51
CA HIS D 835 78.40 -12.82 49.92
C HIS D 835 77.54 -11.58 49.80
N HIS D 836 76.23 -11.75 49.57
CA HIS D 836 75.37 -10.59 49.37
C HIS D 836 75.17 -9.82 50.66
N TYR D 837 74.93 -10.53 51.76
CA TYR D 837 74.73 -9.85 53.04
C TYR D 837 76.03 -9.23 53.54
N GLY D 838 77.17 -9.82 53.20
CA GLY D 838 78.43 -9.19 53.53
C GLY D 838 78.68 -7.92 52.73
N LYS D 839 78.30 -7.93 51.45
CA LYS D 839 78.47 -6.74 50.63
C LYS D 839 77.43 -5.68 50.94
N ALA D 840 76.33 -6.05 51.60
CA ALA D 840 75.29 -5.09 51.90
C ALA D 840 75.47 -4.45 53.27
N PHE D 841 75.84 -5.26 54.27
CA PHE D 841 76.01 -4.78 55.63
C PHE D 841 77.32 -4.04 55.85
N ALA D 842 78.20 -4.05 54.86
CA ALA D 842 79.52 -3.47 55.00
C ALA D 842 79.53 -1.94 55.11
N PRO D 843 78.73 -1.17 54.35
CA PRO D 843 78.66 0.27 54.66
C PRO D 843 77.90 0.58 55.94
N LEU D 844 77.06 -0.33 56.43
CA LEU D 844 76.20 -0.02 57.57
C LEU D 844 76.98 0.01 58.87
N PHE D 845 78.04 -0.78 58.97
CA PHE D 845 78.83 -0.81 60.20
C PHE D 845 79.93 0.23 60.22
N ALA D 846 80.26 0.83 59.08
CA ALA D 846 81.17 1.96 59.09
C ALA D 846 80.52 3.19 59.72
N SER D 847 79.20 3.30 59.61
CA SER D 847 78.49 4.40 60.22
C SER D 847 78.46 4.25 61.74
N ASN D 848 78.50 5.38 62.43
CA ASN D 848 78.48 5.41 63.89
C ASN D 848 77.09 5.57 64.46
N ALA D 849 76.06 5.08 63.76
CA ALA D 849 74.71 5.12 64.31
C ALA D 849 74.55 4.15 65.46
N MET D 850 75.35 3.09 65.49
CA MET D 850 75.41 2.22 66.66
C MET D 850 76.02 2.95 67.84
N PHE D 851 76.88 3.93 67.59
CA PHE D 851 77.61 4.64 68.62
C PHE D 851 76.98 5.97 68.99
N THR D 852 76.29 6.62 68.06
CA THR D 852 75.56 7.84 68.38
C THR D 852 74.32 7.53 69.22
N ARG D 853 73.76 6.34 69.04
CA ARG D 853 72.59 5.91 69.83
C ARG D 853 72.91 5.83 71.30
N ASN D 854 74.10 5.33 71.65
CA ASN D 854 74.46 5.22 73.05
C ASN D 854 74.85 6.57 73.65
N GLN D 855 75.45 7.46 72.86
CA GLN D 855 75.88 8.74 73.40
C GLN D 855 74.70 9.68 73.61
N ARG D 856 73.66 9.57 72.80
CA ARG D 856 72.49 10.41 73.02
C ARG D 856 71.62 9.88 74.14
N ALA D 857 71.78 8.61 74.50
CA ALA D 857 70.97 8.04 75.56
C ALA D 857 71.53 8.38 76.94
N VAL D 858 72.86 8.39 77.06
CA VAL D 858 73.47 8.74 78.33
C VAL D 858 73.31 10.22 78.64
N ILE D 859 73.21 11.05 77.61
CA ILE D 859 72.97 12.47 77.83
C ILE D 859 71.53 12.74 78.20
N THR D 860 70.61 11.99 77.56
CA THR D 860 69.18 12.13 77.86
C THR D 860 68.88 11.78 79.31
N ARG D 861 69.49 10.71 79.82
CA ARG D 861 69.27 10.31 81.21
C ARG D 861 69.83 11.32 82.19
N GLU D 862 71.02 11.85 81.92
CA GLU D 862 71.56 12.92 82.76
C GLU D 862 70.72 14.18 82.63
N ALA D 863 70.17 14.44 81.44
CA ALA D 863 69.22 15.53 81.27
C ALA D 863 67.84 15.16 81.78
N PHE D 864 67.56 13.89 82.02
CA PHE D 864 66.27 13.52 82.61
C PHE D 864 66.28 13.77 84.11
N VAL D 865 67.32 13.29 84.80
CA VAL D 865 67.35 13.34 86.25
C VAL D 865 67.51 14.78 86.74
N CYS D 866 68.30 15.59 86.01
CA CYS D 866 68.43 17.00 86.36
C CYS D 866 67.15 17.77 86.09
N ALA D 867 66.33 17.32 85.14
CA ALA D 867 65.09 18.00 84.84
C ALA D 867 63.91 17.45 85.62
N ARG D 868 63.96 16.16 86.01
CA ARG D 868 62.91 15.61 86.86
C ARG D 868 62.94 16.24 88.24
N SER D 869 64.13 16.52 88.74
CA SER D 869 64.25 17.13 90.06
C SER D 869 64.13 18.65 90.02
N ALA D 870 64.36 19.28 88.87
CA ALA D 870 64.21 20.72 88.78
C ALA D 870 62.75 21.13 88.87
N VAL D 871 61.84 20.26 88.44
CA VAL D 871 60.42 20.53 88.61
C VAL D 871 59.87 19.96 89.91
N ALA D 872 60.61 19.05 90.56
CA ALA D 872 60.16 18.51 91.83
C ALA D 872 60.65 19.34 93.02
N GLN D 873 61.79 20.00 92.89
CA GLN D 873 62.25 20.87 93.97
C GLN D 873 61.46 22.18 94.03
N CYS D 874 60.97 22.65 92.88
CA CYS D 874 60.21 23.89 92.87
C CYS D 874 58.80 23.71 93.41
N GLN D 875 58.25 22.51 93.35
CA GLN D 875 56.93 22.25 93.91
C GLN D 875 57.06 21.76 95.35
N ASP D 876 55.97 21.27 95.91
CA ASP D 876 55.91 20.88 97.31
C ASP D 876 56.08 19.38 97.52
N ALA D 877 55.55 18.56 96.62
CA ALA D 877 55.54 17.11 96.79
C ALA D 877 55.86 16.46 95.45
N GLY D 878 55.59 15.17 95.34
CA GLY D 878 55.83 14.46 94.09
C GLY D 878 56.96 13.46 94.21
N PHE D 879 57.97 13.61 93.36
CA PHE D 879 59.12 12.71 93.39
C PHE D 879 60.03 13.11 94.55
N LEU D 880 60.53 12.10 95.27
CA LEU D 880 61.31 12.32 96.48
C LEU D 880 62.71 12.81 96.11
N VAL D 881 62.97 14.09 96.32
CA VAL D 881 64.26 14.70 96.05
C VAL D 881 64.80 15.32 97.33
N PRO D 882 66.12 15.47 97.46
CA PRO D 882 66.65 16.33 98.52
C PRO D 882 66.36 17.79 98.19
N ARG D 883 66.06 18.57 99.22
CA ARG D 883 65.70 19.97 99.07
C ARG D 883 66.66 20.84 99.88
N PRO D 884 67.84 21.16 99.34
CA PRO D 884 68.72 22.11 100.03
C PRO D 884 68.21 23.53 99.84
N LEU D 885 67.67 23.80 98.65
CA LEU D 885 67.23 25.14 98.28
C LEU D 885 65.85 25.47 98.83
N ASP D 886 65.29 24.65 99.71
CA ASP D 886 63.92 24.84 100.20
C ASP D 886 63.75 26.11 101.01
N ALA D 887 64.84 26.65 101.58
CA ALA D 887 64.75 27.91 102.29
C ALA D 887 64.59 29.10 101.36
N LEU D 888 64.86 28.94 100.07
CA LEU D 888 64.63 30.02 99.13
C LEU D 888 63.14 30.24 98.90
N ARG D 889 62.80 31.44 98.46
CA ARG D 889 61.41 31.80 98.25
C ARG D 889 60.95 31.28 96.89
N GLN D 890 59.81 30.59 96.87
CA GLN D 890 59.27 30.04 95.63
C GLN D 890 57.77 29.84 95.80
N PHE D 891 57.00 30.33 94.84
CA PHE D 891 55.57 30.17 94.88
C PHE D 891 55.18 28.77 94.40
N ASP D 892 53.88 28.48 94.42
CA ASP D 892 53.37 27.18 94.01
C ASP D 892 53.50 27.06 92.50
N VAL D 893 54.53 26.34 92.06
CA VAL D 893 54.80 26.21 90.63
C VAL D 893 53.79 25.24 90.03
N THR D 894 52.91 25.76 89.20
CA THR D 894 51.87 24.97 88.58
C THR D 894 52.41 24.31 87.32
N SER D 895 51.53 23.63 86.57
CA SER D 895 51.97 22.89 85.41
C SER D 895 52.30 23.81 84.24
N ALA D 896 51.63 24.96 84.15
CA ALA D 896 51.94 25.91 83.08
C ALA D 896 53.23 26.67 83.36
N ALA D 897 53.60 26.82 84.63
CA ALA D 897 54.84 27.49 84.99
C ALA D 897 56.03 26.55 84.99
N ALA D 898 55.82 25.28 85.33
CA ALA D 898 56.92 24.32 85.34
C ALA D 898 57.36 23.94 83.94
N ALA D 899 56.53 24.17 82.92
CA ALA D 899 56.95 23.94 81.56
C ALA D 899 58.02 24.93 81.13
N GLU D 900 57.97 26.15 81.67
CA GLU D 900 59.01 27.12 81.37
C GLU D 900 60.29 26.85 82.13
N ILE D 901 60.24 26.08 83.21
CA ILE D 901 61.46 25.49 83.76
C ILE D 901 62.03 24.48 82.78
N MET D 902 61.17 23.62 82.25
CA MET D 902 61.59 22.57 81.33
C MET D 902 61.99 23.13 79.96
N HIS D 903 61.52 24.33 79.60
CA HIS D 903 62.02 24.99 78.39
C HIS D 903 63.48 25.35 78.50
N ALA D 904 63.94 25.67 79.70
CA ALA D 904 65.29 26.19 79.89
C ALA D 904 66.26 25.19 80.46
N VAL D 905 65.78 24.18 81.20
CA VAL D 905 66.67 23.08 81.60
C VAL D 905 67.07 22.26 80.39
N ASN D 906 66.12 22.03 79.49
CA ASN D 906 66.40 21.34 78.23
C ASN D 906 67.34 22.17 77.36
N ASP D 907 67.13 23.49 77.33
CA ASP D 907 67.98 24.36 76.53
C ASP D 907 69.38 24.42 77.09
N ALA D 908 69.56 24.16 78.38
CA ALA D 908 70.90 24.11 78.96
C ALA D 908 71.67 22.91 78.44
N PHE D 909 71.05 21.74 78.40
CA PHE D 909 71.72 20.56 77.87
C PHE D 909 71.89 20.62 76.36
N LYS D 910 70.99 21.31 75.66
CA LYS D 910 71.19 21.49 74.22
C LYS D 910 72.31 22.48 73.95
N THR D 911 72.48 23.49 74.79
CA THR D 911 73.56 24.44 74.58
C THR D 911 74.90 23.82 74.97
N ALA D 912 74.90 22.99 76.02
CA ALA D 912 76.14 22.40 76.50
C ALA D 912 76.66 21.35 75.54
N PHE D 913 75.86 20.32 75.29
CA PHE D 913 76.31 19.16 74.53
C PHE D 913 75.91 19.23 73.07
N ASP D 914 75.61 20.42 72.56
CA ASP D 914 75.27 20.83 71.19
C ASP D 914 74.49 19.81 70.35
N LEU D 915 73.44 19.24 70.94
CA LEU D 915 72.67 18.22 70.24
C LEU D 915 71.86 18.82 69.11
N ASP D 916 71.90 18.18 67.96
CA ASP D 916 70.92 18.42 66.91
C ASP D 916 69.63 17.72 67.28
N GLY D 917 68.52 18.23 66.78
CA GLY D 917 67.24 17.62 67.09
C GLY D 917 66.80 17.94 68.50
N ALA D 918 65.85 17.13 68.97
CA ALA D 918 65.18 17.35 70.24
C ALA D 918 65.35 16.13 71.12
N LEU D 919 65.74 16.34 72.38
CA LEU D 919 65.90 15.22 73.30
C LEU D 919 64.95 15.25 74.49
N LEU D 920 64.37 16.39 74.84
CA LEU D 920 63.52 16.41 76.02
C LEU D 920 62.31 17.31 75.90
N ASP D 921 62.08 17.95 74.75
CA ASP D 921 61.10 19.03 74.68
C ASP D 921 59.65 18.56 74.75
N GLY D 922 59.40 17.27 74.55
CA GLY D 922 58.04 16.74 74.69
C GLY D 922 57.52 16.76 76.11
N LEU D 923 58.40 16.92 77.09
CA LEU D 923 57.97 17.06 78.47
C LEU D 923 57.38 18.42 78.78
N ALA D 924 57.64 19.42 77.94
CA ALA D 924 57.13 20.76 78.15
C ALA D 924 56.13 21.21 77.10
N LEU D 925 56.12 20.59 75.92
CA LEU D 925 55.18 21.02 74.89
C LEU D 925 53.76 20.55 75.19
N TYR D 926 53.62 19.46 75.93
CA TYR D 926 52.30 18.96 76.28
C TYR D 926 52.40 18.19 77.60
N GLY D 927 51.25 17.98 78.23
CA GLY D 927 51.20 17.23 79.46
C GLY D 927 51.72 18.02 80.65
N ASP D 928 51.72 17.35 81.81
CA ASP D 928 52.25 17.95 83.02
C ASP D 928 53.73 17.67 83.14
N PRO D 929 54.59 18.69 83.15
CA PRO D 929 56.03 18.45 83.27
C PRO D 929 56.46 17.99 84.65
N ARG D 930 55.59 18.07 85.65
CA ARG D 930 55.91 17.72 87.03
C ARG D 930 55.85 16.19 87.14
N ILE D 931 56.93 15.55 86.70
CA ILE D 931 56.98 14.12 86.53
C ILE D 931 57.67 13.47 87.73
N ALA D 932 57.40 12.19 87.94
CA ALA D 932 58.05 11.43 88.99
C ALA D 932 58.79 10.21 88.47
N ASP D 933 58.14 9.39 87.64
CA ASP D 933 58.74 8.13 87.21
C ASP D 933 58.11 7.71 85.89
N LEU D 934 58.87 7.80 84.81
CA LEU D 934 58.35 7.41 83.50
C LEU D 934 58.21 5.90 83.40
N SER D 935 57.12 5.47 82.77
CA SER D 935 56.81 4.06 82.62
C SER D 935 55.88 3.91 81.43
N ALA D 936 56.38 3.37 80.33
CA ALA D 936 55.51 3.06 79.20
C ALA D 936 54.70 1.81 79.52
N ALA D 937 53.42 1.85 79.18
CA ALA D 937 52.51 0.76 79.48
C ALA D 937 51.53 0.58 78.34
N TYR D 938 51.18 -0.66 78.05
CA TYR D 938 50.14 -0.94 77.07
C TYR D 938 49.04 -1.75 77.70
N LEU D 939 47.80 -1.41 77.36
CA LEU D 939 46.62 -2.04 77.93
C LEU D 939 46.09 -3.08 76.96
N GLN D 940 45.72 -4.24 77.49
CA GLN D 940 45.13 -5.29 76.70
C GLN D 940 43.63 -5.35 76.92
N TYR D 941 42.95 -6.09 76.05
CA TYR D 941 41.49 -6.15 76.09
C TYR D 941 40.96 -6.88 77.31
N GLY D 942 41.71 -7.86 77.81
CA GLY D 942 41.26 -8.61 78.97
C GLY D 942 41.64 -7.98 80.29
N GLY D 943 41.84 -6.67 80.31
CA GLY D 943 42.21 -5.97 81.52
C GLY D 943 43.62 -6.22 82.00
N ASN D 944 44.45 -6.90 81.21
CA ASN D 944 45.80 -7.26 81.64
C ASN D 944 46.76 -6.16 81.21
N VAL D 945 46.64 -5.01 81.87
CA VAL D 945 47.57 -3.91 81.65
C VAL D 945 48.92 -4.28 82.26
N VAL D 946 49.98 -4.11 81.48
CA VAL D 946 51.33 -4.41 81.92
C VAL D 946 52.19 -3.17 81.74
N ARG D 947 52.90 -2.79 82.80
CA ARG D 947 53.55 -1.49 82.88
C ARG D 947 55.05 -1.73 83.03
N GLU D 948 55.78 -1.57 81.93
CA GLU D 948 57.24 -1.63 81.99
C GLU D 948 57.74 -0.31 82.53
N HIS D 949 58.11 -0.31 83.81
CA HIS D 949 58.72 0.87 84.40
C HIS D 949 60.11 1.09 83.84
N VAL D 950 60.57 2.33 83.93
CA VAL D 950 61.96 2.61 83.64
C VAL D 950 62.50 3.67 84.61
N PRO D 951 63.19 3.25 85.65
CA PRO D 951 63.95 4.19 86.45
C PRO D 951 65.27 4.50 85.74
N PRO D 952 65.80 5.70 85.92
CA PRO D 952 67.14 5.99 85.40
C PRO D 952 68.19 5.29 86.22
N GLY D 953 69.38 5.16 85.63
CA GLY D 953 70.48 4.54 86.30
C GLY D 953 71.18 5.49 87.25
N PRO D 954 72.44 5.22 87.57
CA PRO D 954 73.19 6.13 88.44
C PRO D 954 73.51 7.43 87.72
N SER D 955 72.81 8.50 88.08
CA SER D 955 73.02 9.78 87.41
C SER D 955 74.24 10.48 88.02
N HIS D 956 75.01 11.12 87.16
CA HIS D 956 76.26 11.73 87.56
C HIS D 956 76.19 13.25 87.61
N ILE D 957 75.67 13.89 86.55
CA ILE D 957 75.59 15.35 86.50
C ILE D 957 74.65 15.86 87.60
N HIS D 958 73.60 15.11 87.91
CA HIS D 958 72.73 15.49 89.00
C HIS D 958 73.37 15.30 90.35
N ARG D 959 74.28 14.32 90.48
CA ARG D 959 74.97 14.12 91.75
C ARG D 959 75.93 15.26 92.02
N ALA D 960 76.54 15.83 90.98
CA ALA D 960 77.33 17.03 91.16
C ALA D 960 76.46 18.25 91.38
N LEU D 961 75.27 18.27 90.78
CA LEU D 961 74.36 19.39 90.96
C LEU D 961 73.82 19.46 92.38
N GLN D 962 73.60 18.30 93.02
CA GLN D 962 73.20 18.30 94.42
C GLN D 962 74.31 18.79 95.33
N GLN D 963 75.57 18.64 94.91
CA GLN D 963 76.66 19.17 95.70
C GLN D 963 76.69 20.69 95.64
N VAL D 964 76.35 21.26 94.48
CA VAL D 964 76.37 22.71 94.32
C VAL D 964 75.24 23.35 95.11
N GLU D 965 74.08 22.69 95.18
CA GLU D 965 72.95 23.21 95.93
C GLU D 965 73.26 23.29 97.42
N SER D 966 73.87 22.25 97.97
CA SER D 966 74.28 22.30 99.36
C SER D 966 75.48 23.20 99.57
N THR D 967 76.27 23.44 98.53
CA THR D 967 77.36 24.41 98.63
C THR D 967 76.83 25.82 98.51
N PHE D 968 75.74 26.01 97.75
CA PHE D 968 75.15 27.34 97.60
C PHE D 968 74.62 27.86 98.92
N MET D 969 73.95 27.01 99.70
CA MET D 969 73.28 27.47 100.90
C MET D 969 74.24 27.84 102.02
N ALA D 970 75.52 27.51 101.89
CA ALA D 970 76.53 27.96 102.83
C ALA D 970 77.47 28.99 102.26
N GLU D 971 77.44 29.22 100.94
CA GLU D 971 78.38 30.11 100.28
C GLU D 971 77.65 31.05 99.31
N MET D 972 76.42 31.44 99.65
CA MET D 972 75.60 32.21 98.73
C MET D 972 76.05 33.65 98.58
N ASN D 973 76.81 34.17 99.54
CA ASN D 973 77.32 35.53 99.44
C ASN D 973 78.36 35.67 98.34
N LEU D 974 79.00 34.56 97.96
CA LEU D 974 79.88 34.54 96.80
C LEU D 974 79.09 34.69 95.50
N PHE D 975 77.85 34.23 95.48
CA PHE D 975 77.00 34.34 94.29
C PHE D 975 76.08 35.54 94.38
N ASN D 976 76.47 36.56 95.14
CA ASN D 976 75.82 37.86 95.27
C ASN D 976 74.42 37.77 95.87
N VAL D 977 74.08 36.70 96.58
CA VAL D 977 72.80 36.57 97.26
C VAL D 977 73.04 36.64 98.75
N ALA D 978 72.33 37.51 99.43
CA ALA D 978 72.48 37.68 100.87
C ALA D 978 71.32 37.00 101.60
N ARG D 979 71.64 36.25 102.64
CA ARG D 979 70.62 35.64 103.46
C ARG D 979 70.23 36.59 104.59
N GLY D 980 69.09 36.29 105.21
CA GLY D 980 68.66 37.06 106.37
C GLY D 980 67.75 38.21 106.01
N ASN D 981 67.27 38.85 107.06
CA ASN D 981 66.33 39.96 106.94
C ASN D 981 67.10 41.27 106.76
N LEU D 982 66.43 42.40 106.87
CA LEU D 982 67.06 43.67 106.49
C LEU D 982 66.51 44.78 107.36
N TYR D 983 67.37 45.37 108.19
CA TYR D 983 66.98 46.46 109.07
C TYR D 983 67.25 47.80 108.40
N LEU D 984 66.38 48.76 108.67
CA LEU D 984 66.43 50.09 108.07
C LEU D 984 66.36 51.18 109.13
N VAL D 985 67.17 51.07 110.17
CA VAL D 985 67.25 52.16 111.13
C VAL D 985 68.20 53.18 110.52
N GLN D 986 68.25 54.39 111.02
CA GLN D 986 69.34 55.27 110.66
C GLN D 986 70.33 55.34 111.80
N THR D 987 71.60 55.42 111.45
CA THR D 987 72.64 55.87 112.36
C THR D 987 73.18 57.17 111.79
N ALA D 988 73.81 57.95 112.64
CA ALA D 988 74.48 59.17 112.20
C ALA D 988 75.94 59.10 112.60
N THR D 989 76.53 57.92 112.46
CA THR D 989 77.82 57.66 113.04
C THR D 989 78.94 58.25 112.19
N ASN D 990 80.10 58.39 112.83
CA ASN D 990 81.33 58.74 112.16
C ASN D 990 82.30 57.56 112.14
N GLY D 991 82.10 56.58 113.02
CA GLY D 991 83.02 55.48 113.20
C GLY D 991 82.87 54.38 112.17
N ASN D 992 83.23 53.17 112.58
CA ASN D 992 83.30 52.05 111.68
C ASN D 992 81.91 51.52 111.38
N TRP D 993 81.68 51.18 110.11
CA TRP D 993 80.37 50.70 109.68
C TRP D 993 80.57 49.51 108.75
N SER D 994 79.69 48.53 108.86
CA SER D 994 79.75 47.33 108.02
C SER D 994 78.36 46.75 107.94
N PRO D 995 77.65 46.97 106.83
CA PRO D 995 76.32 46.36 106.67
C PRO D 995 76.37 44.87 106.45
N MET D 996 77.52 44.32 106.04
CA MET D 996 77.62 42.89 105.81
C MET D 996 77.50 42.12 107.11
N ALA D 997 78.40 42.38 108.05
CA ALA D 997 78.38 41.74 109.37
C ALA D 997 78.19 42.82 110.42
N PRO D 998 76.95 43.16 110.78
CA PRO D 998 76.73 44.13 111.87
C PRO D 998 77.10 43.52 113.21
N VAL D 999 78.08 44.15 113.87
CA VAL D 999 78.60 43.61 115.12
C VAL D 999 77.60 43.81 116.25
N ALA D 1000 76.94 44.96 116.27
CA ALA D 1000 75.96 45.25 117.30
C ALA D 1000 74.72 44.36 117.16
N ALA D 1001 73.95 44.29 118.23
CA ALA D 1001 72.73 43.51 118.23
C ALA D 1001 71.71 44.18 117.31
N PRO D 1002 70.86 43.39 116.65
CA PRO D 1002 69.76 43.98 115.90
C PRO D 1002 68.79 44.66 116.84
N PRO D 1003 68.16 45.77 116.42
CA PRO D 1003 67.38 46.56 117.37
C PRO D 1003 66.11 45.90 117.85
N PHE D 1004 65.56 44.98 117.05
CA PHE D 1004 64.35 44.26 117.44
C PHE D 1004 64.22 43.01 116.59
N VAL D 1005 63.33 42.13 117.03
CA VAL D 1005 63.01 40.90 116.32
C VAL D 1005 61.53 41.02 115.96
N ARG D 1006 60.96 40.02 115.29
CA ARG D 1006 59.56 40.07 114.88
C ARG D 1006 58.62 40.07 116.09
N GLY D 1007 58.91 39.26 117.10
CA GLY D 1007 58.06 39.21 118.27
C GLY D 1007 58.61 40.01 119.44
N GLY D 1008 59.33 41.09 119.14
CA GLY D 1008 59.98 41.86 120.18
C GLY D 1008 59.01 42.76 120.91
N PRO D 1009 59.53 43.47 121.91
CA PRO D 1009 58.67 44.38 122.69
C PRO D 1009 58.33 45.62 121.90
N ASN D 1010 57.04 45.97 121.90
CA ASN D 1010 56.45 47.16 121.28
C ASN D 1010 56.64 47.24 119.77
N VAL D 1011 57.08 46.16 119.14
CA VAL D 1011 57.21 46.12 117.70
C VAL D 1011 55.94 45.47 117.16
N ARG D 1012 55.66 45.71 115.89
CA ARG D 1012 54.43 45.23 115.31
C ARG D 1012 54.61 44.99 113.83
N VAL D 1013 53.88 44.03 113.32
CA VAL D 1013 53.97 43.60 111.94
C VAL D 1013 52.90 44.33 111.15
N VAL D 1014 53.25 44.82 109.97
CA VAL D 1014 52.27 45.45 109.11
C VAL D 1014 51.28 44.40 108.60
N GLY D 1015 50.07 44.84 108.28
CA GLY D 1015 49.08 43.94 107.73
C GLY D 1015 49.25 43.75 106.24
N ARG D 1016 48.20 43.21 105.63
CA ARG D 1016 48.14 43.16 104.18
C ARG D 1016 48.05 44.57 103.62
N PHE D 1017 48.69 44.76 102.47
CA PHE D 1017 48.63 45.93 101.59
C PHE D 1017 49.33 47.17 102.13
N GLY D 1018 49.76 47.15 103.40
CA GLY D 1018 50.48 48.25 104.01
C GLY D 1018 49.73 49.57 104.03
N THR D 1019 48.49 49.55 104.50
CA THR D 1019 47.56 50.64 104.26
C THR D 1019 47.75 51.75 105.31
N ILE D 1020 48.01 52.96 104.83
CA ILE D 1020 48.02 54.16 105.66
C ILE D 1020 46.61 54.69 105.80
N VAL D 1021 46.16 54.96 107.02
CA VAL D 1021 44.90 55.68 107.16
C VAL D 1021 45.27 57.15 107.33
N PRO D 1022 44.60 58.06 106.64
CA PRO D 1022 44.73 59.48 106.99
C PRO D 1022 43.62 59.89 107.95
N ARG D 1023 43.97 60.75 108.90
CA ARG D 1023 42.99 61.22 109.87
C ARG D 1023 42.75 62.71 109.70
N PRO D 1024 41.48 63.15 109.54
CA PRO D 1024 41.19 64.50 109.03
C PRO D 1024 41.29 65.62 110.06
N ASN D 1025 42.40 65.65 110.77
CA ASN D 1025 42.60 66.62 111.82
C ASN D 1025 44.10 66.80 111.99
N GLY D 1026 44.54 67.37 113.11
CA GLY D 1026 45.95 67.36 113.43
C GLY D 1026 46.51 66.03 113.85
N LEU D 1027 45.68 64.99 113.91
CA LEU D 1027 46.15 63.65 114.23
C LEU D 1027 46.97 63.12 113.07
N GLU D 1028 48.08 62.46 113.40
CA GLU D 1028 49.01 62.02 112.38
C GLU D 1028 48.45 60.81 111.64
N PRO D 1029 48.87 60.59 110.39
CA PRO D 1029 48.48 59.37 109.69
C PRO D 1029 49.10 58.15 110.34
N GLN D 1030 48.32 57.08 110.42
CA GLN D 1030 48.75 55.88 111.12
C GLN D 1030 48.48 54.64 110.27
N LEU D 1031 49.33 53.64 110.44
CA LEU D 1031 49.46 52.51 109.53
C LEU D 1031 48.70 51.30 110.05
N ILE D 1032 48.14 50.53 109.11
CA ILE D 1032 47.37 49.36 109.50
C ILE D 1032 48.32 48.25 109.97
N ASP D 1033 47.78 47.35 110.79
CA ASP D 1033 48.55 46.33 111.47
C ASP D 1033 48.07 44.96 110.99
N ASP D 1034 48.84 43.92 111.35
CA ASP D 1034 48.42 42.55 111.07
C ASP D 1034 47.15 42.18 111.84
N GLY D 1035 46.88 42.84 112.95
CA GLY D 1035 45.62 42.66 113.67
C GLY D 1035 44.53 43.58 113.18
N ASN D 1036 44.74 44.17 112.00
CA ASN D 1036 43.77 44.99 111.27
C ASN D 1036 43.33 46.19 112.11
N VAL D 1037 44.31 46.87 112.69
CA VAL D 1037 44.07 48.04 113.52
C VAL D 1037 45.04 49.13 113.07
N PRO D 1038 44.62 50.39 112.92
CA PRO D 1038 45.57 51.44 112.56
C PRO D 1038 46.48 51.76 113.73
N ARG D 1039 47.79 51.76 113.45
CA ARG D 1039 48.82 51.98 114.45
C ARG D 1039 49.74 53.08 113.98
N ASP D 1040 50.22 53.87 114.94
CA ASP D 1040 51.05 55.03 114.62
C ASP D 1040 52.42 54.62 114.08
N ILE D 1041 52.92 55.44 113.15
CA ILE D 1041 54.09 55.06 112.37
C ILE D 1041 55.35 55.13 113.21
N ALA D 1042 55.47 56.16 114.04
CA ALA D 1042 56.67 56.40 114.84
C ALA D 1042 56.84 55.29 115.87
N GLY D 1043 57.89 54.49 115.69
CA GLY D 1043 58.13 53.34 116.53
C GLY D 1043 59.04 52.37 115.84
N ASP D 1044 58.66 51.10 115.79
CA ASP D 1044 59.40 50.10 115.04
C ASP D 1044 58.43 49.14 114.37
N TRP D 1045 58.84 48.61 113.22
CA TRP D 1045 57.93 47.95 112.31
C TRP D 1045 58.61 46.78 111.63
N VAL D 1046 57.79 45.81 111.24
CA VAL D 1046 58.26 44.59 110.59
C VAL D 1046 57.51 44.49 109.28
N TYR D 1047 58.17 44.85 108.18
CA TYR D 1047 57.43 44.48 106.98
C TYR D 1047 57.85 43.10 106.49
N PRO D 1048 56.92 42.26 106.10
CA PRO D 1048 57.26 41.17 105.18
C PRO D 1048 57.45 41.73 103.79
N SER D 1049 58.19 40.98 102.97
CA SER D 1049 58.61 41.51 101.67
C SER D 1049 57.44 41.57 100.68
N ASP D 1050 56.42 40.73 100.87
CA ASP D 1050 55.28 40.75 99.96
C ASP D 1050 54.42 41.99 100.13
N VAL D 1051 54.47 42.63 101.30
CA VAL D 1051 53.67 43.82 101.53
C VAL D 1051 54.41 45.07 101.06
N LEU D 1052 55.75 45.07 101.13
CA LEU D 1052 56.51 46.23 100.67
C LEU D 1052 56.39 46.40 99.17
N GLN D 1053 56.32 45.30 98.43
CA GLN D 1053 56.22 45.40 96.97
C GLN D 1053 54.86 45.91 96.51
N VAL D 1054 53.81 45.74 97.32
CA VAL D 1054 52.50 46.27 96.98
C VAL D 1054 52.17 47.56 97.71
N SER D 1055 53.11 48.08 98.50
CA SER D 1055 52.97 49.36 99.17
C SER D 1055 54.23 50.17 99.01
N VAL D 1056 54.70 50.29 97.77
CA VAL D 1056 55.98 50.95 97.49
C VAL D 1056 55.86 52.45 97.70
N ALA D 1057 54.95 53.09 96.97
CA ALA D 1057 54.77 54.53 97.09
C ALA D 1057 54.15 54.90 98.43
N VAL D 1058 53.46 53.97 99.07
CA VAL D 1058 52.97 54.20 100.42
C VAL D 1058 54.13 54.20 101.41
N PHE D 1059 55.12 53.36 101.15
CA PHE D 1059 56.33 53.36 101.97
C PHE D 1059 57.10 54.66 101.80
N ARG D 1060 57.32 55.06 100.55
CA ARG D 1060 58.19 56.19 100.23
C ARG D 1060 57.58 57.52 100.67
N ASP D 1061 56.26 57.60 100.78
CA ASP D 1061 55.65 58.90 101.08
C ASP D 1061 55.37 59.11 102.55
N TYR D 1062 55.14 58.06 103.33
CA TYR D 1062 54.69 58.25 104.70
C TYR D 1062 55.65 57.70 105.74
N VAL D 1063 56.05 56.43 105.63
CA VAL D 1063 56.85 55.84 106.69
C VAL D 1063 58.35 56.02 106.46
N TRP D 1064 58.82 55.96 105.22
CA TRP D 1064 60.23 56.26 104.94
C TRP D 1064 60.68 57.68 105.29
N PRO D 1065 59.89 58.76 105.09
CA PRO D 1065 60.31 60.04 105.69
C PRO D 1065 60.28 60.03 107.21
N MET D 1066 59.52 59.14 107.84
CA MET D 1066 59.56 58.99 109.28
C MET D 1066 60.70 58.08 109.71
N VAL D 1067 61.41 57.49 108.75
CA VAL D 1067 62.64 56.75 109.03
C VAL D 1067 63.86 57.66 108.92
N LYS D 1068 63.83 58.58 107.95
CA LYS D 1068 64.94 59.53 107.76
C LYS D 1068 65.11 60.48 108.93
N ALA D 1069 64.06 60.73 109.69
CA ALA D 1069 64.19 61.22 111.05
C ALA D 1069 64.13 60.03 111.99
N GLY D 1070 64.85 60.13 113.12
CA GLY D 1070 65.02 59.00 114.00
C GLY D 1070 63.78 58.59 114.78
N ARG D 1071 62.72 58.23 114.06
CA ARG D 1071 61.43 57.87 114.64
C ARG D 1071 61.06 56.44 114.38
N THR D 1072 61.12 55.99 113.12
CA THR D 1072 60.63 54.68 112.71
C THR D 1072 61.80 53.80 112.32
N ARG D 1073 61.80 52.57 112.82
CA ARG D 1073 62.82 51.57 112.52
C ARG D 1073 62.14 50.42 111.80
N VAL D 1074 62.56 50.14 110.57
CA VAL D 1074 61.84 49.22 109.70
C VAL D 1074 62.67 47.98 109.48
N LEU D 1075 62.05 46.82 109.73
CA LEU D 1075 62.61 45.53 109.34
C LEU D 1075 61.81 45.02 108.14
N VAL D 1076 62.50 44.84 107.02
CA VAL D 1076 61.87 44.31 105.82
C VAL D 1076 62.28 42.86 105.70
N GLU D 1077 61.36 41.96 106.01
CA GLU D 1077 61.67 40.53 106.03
C GLU D 1077 61.76 39.99 104.61
N LEU D 1078 62.96 40.01 104.06
CA LEU D 1078 63.24 39.26 102.84
C LEU D 1078 63.90 37.96 103.24
N GLY D 1079 63.58 36.88 102.53
CA GLY D 1079 64.22 35.63 102.81
C GLY D 1079 65.64 35.62 102.28
N HIS D 1080 65.77 35.72 100.97
CA HIS D 1080 67.06 35.82 100.32
C HIS D 1080 66.93 36.87 99.22
N TYR D 1081 68.04 37.56 98.94
CA TYR D 1081 67.97 38.69 98.03
C TYR D 1081 69.34 38.96 97.45
N VAL D 1082 69.36 39.37 96.19
CA VAL D 1082 70.58 39.83 95.57
C VAL D 1082 70.96 41.18 96.16
N TYR D 1083 72.23 41.35 96.51
CA TYR D 1083 72.69 42.58 97.11
C TYR D 1083 73.72 43.25 96.22
N THR D 1084 73.79 44.57 96.32
CA THR D 1084 74.86 45.34 95.70
C THR D 1084 75.42 46.29 96.75
N LEU D 1085 76.71 46.56 96.68
CA LEU D 1085 77.33 47.38 97.70
C LEU D 1085 78.14 48.51 97.09
N HIS D 1086 78.13 49.65 97.77
CA HIS D 1086 78.70 50.88 97.28
C HIS D 1086 79.83 51.31 98.20
N TYR D 1087 81.03 51.40 97.66
CA TYR D 1087 82.20 51.79 98.42
C TYR D 1087 82.39 53.30 98.33
N TYR D 1088 82.54 53.94 99.48
CA TYR D 1088 82.76 55.37 99.56
C TYR D 1088 84.09 55.66 100.21
N ASP D 1089 84.69 56.76 99.80
CA ASP D 1089 85.82 57.29 100.55
C ASP D 1089 85.29 57.81 101.88
N PRO D 1090 85.78 57.31 103.02
CA PRO D 1090 85.17 57.66 104.30
C PRO D 1090 85.46 59.07 104.78
N GLN D 1091 86.17 59.88 104.01
CA GLN D 1091 86.43 61.28 104.34
C GLN D 1091 85.37 62.21 103.77
N ILE D 1092 84.22 61.68 103.36
CA ILE D 1092 83.20 62.44 102.64
C ILE D 1092 81.85 62.23 103.32
N SER D 1093 81.24 63.32 103.78
CA SER D 1093 79.90 63.25 104.33
C SER D 1093 78.88 63.07 103.21
N LEU D 1094 77.88 62.21 103.45
CA LEU D 1094 76.82 61.98 102.49
C LEU D 1094 75.63 61.35 103.19
N ASP D 1095 74.44 61.92 102.95
CA ASP D 1095 73.19 61.27 103.32
C ASP D 1095 72.93 60.14 102.32
N GLU D 1096 72.65 58.94 102.83
CA GLU D 1096 72.44 57.78 101.99
C GLU D 1096 71.00 57.62 101.53
N ALA D 1097 70.19 58.69 101.62
CA ALA D 1097 68.81 58.58 101.16
C ALA D 1097 68.67 58.38 99.65
N PRO D 1098 69.35 59.14 98.76
CA PRO D 1098 69.16 58.87 97.32
C PRO D 1098 69.77 57.56 96.85
N ILE D 1099 70.68 56.97 97.62
CA ILE D 1099 71.17 55.64 97.30
C ILE D 1099 70.07 54.61 97.51
N LEU D 1100 69.24 54.82 98.53
CA LEU D 1100 68.18 53.88 98.85
C LEU D 1100 66.81 54.31 98.33
N GLU D 1101 66.60 55.60 98.05
CA GLU D 1101 65.35 55.98 97.41
C GLU D 1101 65.34 55.61 95.93
N GLU D 1102 66.51 55.52 95.32
CA GLU D 1102 66.60 54.93 93.97
C GLU D 1102 66.24 53.45 94.01
N TRP D 1103 66.57 52.77 95.10
CA TRP D 1103 66.12 51.39 95.30
C TRP D 1103 64.62 51.34 95.47
N LEU D 1104 64.07 52.24 96.28
CA LEU D 1104 62.62 52.30 96.47
C LEU D 1104 61.90 52.82 95.23
N SER D 1105 62.61 53.48 94.32
CA SER D 1105 61.98 53.93 93.09
C SER D 1105 61.66 52.77 92.16
N LYS D 1106 62.40 51.67 92.25
CA LYS D 1106 62.26 50.57 91.30
C LYS D 1106 61.62 49.33 91.89
N ILE D 1107 61.20 49.35 93.16
CA ILE D 1107 60.44 48.24 93.70
C ILE D 1107 59.02 48.34 93.16
N ASN D 1108 58.52 47.22 92.65
CA ASN D 1108 57.17 47.12 92.14
C ASN D 1108 56.60 45.80 92.65
N PRO D 1109 55.32 45.45 92.41
CA PRO D 1109 54.90 44.08 92.71
C PRO D 1109 55.56 43.01 91.86
N ALA D 1110 56.24 43.37 90.77
CA ALA D 1110 56.96 42.39 89.99
C ALA D 1110 58.22 41.93 90.71
N GLY D 1111 59.07 42.88 91.12
CA GLY D 1111 60.34 42.48 91.70
C GLY D 1111 60.96 43.55 92.56
N ILE D 1112 62.20 43.28 92.99
CA ILE D 1112 62.94 44.14 93.89
C ILE D 1112 64.35 44.30 93.34
N PRO D 1113 64.83 45.53 93.11
CA PRO D 1113 66.23 45.72 92.69
C PRO D 1113 67.18 45.38 93.82
N PRO D 1114 68.45 45.08 93.53
CA PRO D 1114 69.38 44.68 94.59
C PRO D 1114 69.61 45.76 95.61
N VAL D 1115 69.77 45.34 96.86
CA VAL D 1115 69.69 46.25 97.99
C VAL D 1115 71.00 47.02 98.16
N PRO D 1116 70.97 48.35 98.07
CA PRO D 1116 72.18 49.16 98.13
C PRO D 1116 72.75 49.34 99.53
N PHE D 1117 73.52 48.36 99.95
CA PHE D 1117 74.35 48.49 101.13
C PHE D 1117 75.53 49.40 100.82
N CYS D 1118 76.11 49.99 101.86
CA CYS D 1118 77.17 50.98 101.67
C CYS D 1118 78.27 50.75 102.70
N ILE D 1119 79.45 50.41 102.22
CA ILE D 1119 80.58 50.00 103.07
C ILE D 1119 81.72 50.99 102.84
N PRO D 1120 82.42 51.44 103.87
CA PRO D 1120 83.58 52.32 103.63
C PRO D 1120 84.76 51.55 103.08
N ILE D 1121 85.58 52.26 102.31
CA ILE D 1121 86.83 51.70 101.81
C ILE D 1121 87.82 51.59 102.97
N PRO D 1122 88.45 50.44 103.19
CA PRO D 1122 89.39 50.29 104.31
C PRO D 1122 90.65 51.11 104.10
N GLN D 1123 90.88 52.04 105.02
CA GLN D 1123 92.01 52.95 104.93
C GLN D 1123 93.27 52.32 105.50
N VAL D 1124 94.41 52.61 104.87
CA VAL D 1124 95.69 52.13 105.36
C VAL D 1124 96.22 53.06 106.43
N TYR D 1125 95.99 54.35 106.28
CA TYR D 1125 96.50 55.37 107.17
C TYR D 1125 95.40 55.90 108.07
N PRO D 1126 95.69 56.18 109.33
CA PRO D 1126 94.66 56.70 110.23
C PRO D 1126 94.25 58.11 109.85
N CYS D 1127 93.03 58.26 109.34
CA CYS D 1127 92.56 59.54 108.85
C CYS D 1127 91.24 59.89 109.52
N ILE D 1128 91.00 61.20 109.66
CA ILE D 1128 89.75 61.67 110.22
C ILE D 1128 88.63 61.44 109.21
N THR D 1129 87.63 60.68 109.62
CA THR D 1129 86.49 60.37 108.78
C THR D 1129 85.42 61.43 108.93
N ALA D 1130 84.54 61.51 107.94
CA ALA D 1130 83.47 62.48 107.93
C ALA D 1130 82.17 61.82 108.39
N ARG D 1131 81.39 62.57 109.16
CA ARG D 1131 80.12 62.07 109.66
C ARG D 1131 79.13 61.86 108.51
N ARG D 1132 78.66 60.64 108.35
CA ARG D 1132 77.65 60.36 107.33
C ARG D 1132 76.71 59.30 107.85
N VAL D 1133 75.45 59.44 107.46
CA VAL D 1133 74.43 58.52 107.94
C VAL D 1133 74.48 57.24 107.14
N HIS D 1134 73.81 56.21 107.65
CA HIS D 1134 73.63 54.95 106.94
C HIS D 1134 72.27 54.38 107.31
N TYR D 1135 71.66 53.67 106.38
CA TYR D 1135 70.30 53.18 106.56
C TYR D 1135 70.19 51.67 106.53
N ALA D 1136 70.70 51.01 105.51
CA ALA D 1136 70.42 49.61 105.28
C ALA D 1136 71.56 48.74 105.80
N PHE D 1137 71.21 47.67 106.53
CA PHE D 1137 72.14 46.63 106.92
C PHE D 1137 71.36 45.35 107.14
N THR D 1138 72.07 44.27 107.45
CA THR D 1138 71.51 42.93 107.48
C THR D 1138 71.23 42.47 108.90
N SER D 1139 70.61 41.30 109.00
CA SER D 1139 70.42 40.61 110.27
C SER D 1139 71.48 39.54 110.50
N GLU D 1140 71.72 38.70 109.50
CA GLU D 1140 72.81 37.74 109.54
C GLU D 1140 74.09 38.42 109.06
N ASN D 1141 75.19 37.67 109.01
CA ASN D 1141 76.40 38.18 108.41
C ASN D 1141 76.46 37.79 106.94
N ASN D 1142 76.96 38.71 106.11
CA ASN D 1142 77.03 38.46 104.68
C ASN D 1142 78.36 38.89 104.10
N ASN D 1143 79.42 38.96 104.90
CA ASN D 1143 80.77 39.22 104.39
C ASN D 1143 81.52 37.96 104.06
N ASP D 1144 80.81 36.89 103.70
CA ASP D 1144 81.46 35.63 103.35
C ASP D 1144 82.19 35.72 102.02
N SER D 1145 81.80 36.65 101.17
CA SER D 1145 82.51 36.90 99.92
C SER D 1145 83.77 37.72 100.10
N LEU D 1146 83.95 38.35 101.27
CA LEU D 1146 85.08 39.25 101.49
C LEU D 1146 86.36 38.44 101.64
N PHE D 1147 87.24 38.55 100.66
CA PHE D 1147 88.49 37.79 100.70
C PHE D 1147 89.50 38.46 101.62
N SER D 1148 89.87 39.70 101.33
CA SER D 1148 90.87 40.40 102.11
C SER D 1148 90.67 41.90 101.94
N THR D 1149 91.19 42.66 102.89
CA THR D 1149 91.21 44.11 102.80
C THR D 1149 92.63 44.60 103.01
N ASN D 1150 93.08 45.49 102.12
CA ASN D 1150 94.41 46.11 102.13
C ASN D 1150 95.51 45.07 102.11
N ALA D 1151 95.54 44.30 101.02
CA ALA D 1151 96.50 43.21 100.91
C ALA D 1151 97.91 43.69 100.67
N ALA D 1152 98.09 44.93 100.21
CA ALA D 1152 99.42 45.49 100.00
C ALA D 1152 99.90 46.31 101.19
N SER D 1153 99.41 46.02 102.39
CA SER D 1153 99.74 46.80 103.56
C SER D 1153 100.02 45.88 104.74
N ILE D 1154 100.71 46.43 105.74
CA ILE D 1154 101.03 45.64 106.93
C ILE D 1154 99.78 45.42 107.78
N ASP D 1155 98.88 46.40 107.83
CA ASP D 1155 97.63 46.29 108.57
C ASP D 1155 96.66 47.33 108.03
N THR D 1156 95.43 47.30 108.54
CA THR D 1156 94.45 48.32 108.22
C THR D 1156 94.52 49.45 109.25
N ALA D 1157 93.79 50.52 108.97
CA ALA D 1157 93.63 51.58 109.96
C ALA D 1157 92.19 51.79 110.37
N PHE D 1158 91.28 51.97 109.42
CA PHE D 1158 89.90 52.31 109.74
C PHE D 1158 88.89 51.24 109.36
N GLY D 1159 89.03 50.61 108.20
CA GLY D 1159 88.03 49.69 107.71
C GLY D 1159 88.04 48.36 108.44
N GLU D 1160 87.28 47.43 107.89
CA GLU D 1160 87.22 46.09 108.46
C GLU D 1160 88.48 45.31 108.11
N ASN D 1161 89.12 44.77 109.15
CA ASN D 1161 90.41 44.10 109.02
C ASN D 1161 90.15 42.68 108.53
N ALA D 1162 90.34 42.46 107.24
CA ALA D 1162 90.14 41.15 106.64
C ALA D 1162 91.50 40.65 106.16
N ALA D 1163 92.08 39.73 106.92
CA ALA D 1163 93.28 39.06 106.45
C ALA D 1163 92.89 37.94 105.50
N VAL D 1164 93.88 37.39 104.81
CA VAL D 1164 93.64 36.22 103.98
C VAL D 1164 93.45 35.04 104.92
N SER D 1165 92.27 34.47 104.93
CA SER D 1165 91.96 33.44 105.91
C SER D 1165 92.60 32.12 105.51
N PRO D 1166 93.21 31.41 106.46
CA PRO D 1166 93.73 30.07 106.15
C PRO D 1166 92.64 29.05 105.93
N LEU D 1167 91.41 29.36 106.34
CA LEU D 1167 90.33 28.39 106.30
C LEU D 1167 89.84 28.16 104.89
N ARG D 1168 90.07 29.11 103.98
CA ARG D 1168 89.84 28.88 102.56
C ARG D 1168 90.97 28.11 101.90
N TRP D 1169 92.16 28.12 102.48
CA TRP D 1169 93.35 27.52 101.88
C TRP D 1169 94.03 26.50 102.80
N PRO D 1170 93.37 25.40 103.18
CA PRO D 1170 94.08 24.42 104.02
C PRO D 1170 95.04 23.56 103.25
N GLY D 1171 94.83 23.38 101.94
CA GLY D 1171 95.73 22.57 101.15
C GLY D 1171 97.08 23.19 100.88
N LEU D 1172 97.23 24.49 101.18
CA LEU D 1172 98.49 25.17 101.01
C LEU D 1172 99.15 25.53 102.33
N VAL D 1173 98.38 25.69 103.39
CA VAL D 1173 98.87 26.18 104.67
C VAL D 1173 98.90 25.08 105.72
N ASP D 1174 97.81 24.33 105.86
CA ASP D 1174 97.68 23.38 106.96
C ASP D 1174 98.53 22.14 106.70
N PRO D 1175 99.38 21.75 107.64
CA PRO D 1175 100.20 20.55 107.43
C PRO D 1175 99.43 19.26 107.58
N ASN D 1176 98.28 19.27 108.24
CA ASN D 1176 97.50 18.06 108.46
C ASN D 1176 96.50 17.79 107.34
N TYR D 1177 96.66 18.46 106.19
CA TYR D 1177 95.75 18.30 105.07
C TYR D 1177 95.97 16.96 104.40
N ARG D 1178 94.96 16.10 104.47
CA ARG D 1178 94.97 14.87 103.69
C ARG D 1178 94.69 15.20 102.24
N VAL D 1179 95.38 14.51 101.33
CA VAL D 1179 95.29 14.82 99.91
C VAL D 1179 93.94 14.38 99.37
N GLY D 1180 93.18 15.34 98.88
CA GLY D 1180 91.86 15.07 98.34
C GLY D 1180 90.70 15.40 99.26
N THR D 1181 90.90 16.25 100.27
CA THR D 1181 89.88 16.55 101.25
C THR D 1181 89.21 17.88 100.91
N ASN D 1182 87.88 17.87 100.86
CA ASN D 1182 87.09 19.07 100.62
C ASN D 1182 86.29 19.41 101.88
N ASP D 1183 85.56 20.51 101.80
CA ASP D 1183 84.61 20.88 102.85
C ASP D 1183 83.34 21.44 102.20
N LEU D 1184 82.92 20.83 101.09
CA LEU D 1184 81.91 21.36 100.18
C LEU D 1184 80.50 21.58 100.71
N PRO D 1185 79.94 20.78 101.63
CA PRO D 1185 78.69 21.22 102.27
C PRO D 1185 78.84 22.39 103.22
N ASN D 1186 80.06 22.85 103.49
CA ASN D 1186 80.29 23.96 104.41
C ASN D 1186 81.09 25.09 103.81
N ARG D 1187 82.10 24.81 102.98
CA ARG D 1187 83.06 25.83 102.62
C ARG D 1187 83.77 25.47 101.33
N ILE D 1188 83.97 26.46 100.48
CA ILE D 1188 84.70 26.27 99.24
C ILE D 1188 86.18 26.44 99.50
N THR D 1189 86.94 25.37 99.31
CA THR D 1189 88.38 25.40 99.47
C THR D 1189 89.02 25.78 98.15
N LEU D 1190 89.82 26.85 98.16
CA LEU D 1190 90.36 27.45 96.95
C LEU D 1190 91.70 26.90 96.54
N TYR D 1191 92.15 25.79 97.13
CA TYR D 1191 93.43 25.20 96.79
C TYR D 1191 93.34 23.72 97.10
N ASN D 1192 93.38 22.88 96.09
CA ASN D 1192 93.11 21.47 96.29
C ASN D 1192 94.00 20.64 95.38
N SER D 1193 93.80 19.33 95.46
CA SER D 1193 94.54 18.34 94.70
C SER D 1193 93.64 17.87 93.57
N LEU D 1194 93.85 18.42 92.38
CA LEU D 1194 93.16 17.93 91.21
C LEU D 1194 93.93 16.72 90.68
N TYR D 1195 93.56 16.28 89.48
CA TYR D 1195 94.15 15.06 88.93
C TYR D 1195 94.06 15.21 87.42
N ARG D 1196 95.16 15.59 86.79
CA ARG D 1196 95.16 15.85 85.36
C ARG D 1196 95.16 14.54 84.59
N TYR D 1197 94.52 14.56 83.42
CA TYR D 1197 94.35 13.37 82.61
C TYR D 1197 94.95 13.56 81.23
N ASN D 1198 95.31 12.45 80.62
CA ASN D 1198 95.92 12.42 79.30
C ASN D 1198 95.26 11.32 78.48
N PHE D 1199 93.93 11.35 78.41
CA PHE D 1199 93.16 10.34 77.69
C PHE D 1199 93.54 10.26 76.22
N THR D 1200 93.72 9.04 75.73
CA THR D 1200 93.93 8.77 74.31
C THR D 1200 92.61 8.32 73.70
N TYR D 1201 92.41 8.68 72.43
CA TYR D 1201 91.12 8.55 71.77
C TYR D 1201 91.31 7.65 70.55
N PRO D 1202 91.17 6.34 70.70
CA PRO D 1202 91.54 5.43 69.60
C PRO D 1202 90.50 5.43 68.49
N THR D 1203 90.97 5.67 67.28
CA THR D 1203 90.14 5.43 66.11
C THR D 1203 90.27 3.97 65.70
N LEU D 1204 89.26 3.49 64.98
CA LEU D 1204 89.17 2.08 64.63
C LEU D 1204 89.17 1.96 63.11
N ASP D 1205 90.27 1.47 62.56
CA ASP D 1205 90.44 1.33 61.12
C ASP D 1205 90.77 -0.10 60.76
N GLY D 1206 89.99 -1.03 61.30
CA GLY D 1206 90.23 -2.43 61.11
C GLY D 1206 89.86 -2.93 59.72
N ILE D 1207 90.11 -4.21 59.52
CA ILE D 1207 89.91 -4.90 58.25
C ILE D 1207 88.71 -5.82 58.40
N MET D 1208 87.76 -5.73 57.47
CA MET D 1208 86.45 -6.34 57.62
C MET D 1208 86.26 -7.45 56.59
N TYR D 1209 85.75 -8.58 57.05
CA TYR D 1209 85.76 -9.86 56.36
C TYR D 1209 84.34 -10.30 56.06
N VAL D 1210 84.20 -11.24 55.13
CA VAL D 1210 82.89 -11.78 54.77
C VAL D 1210 82.96 -13.30 54.86
N ARG D 1211 81.86 -13.91 55.31
CA ARG D 1211 81.78 -15.35 55.41
C ARG D 1211 81.78 -16.00 54.03
N SER D 1212 82.45 -17.14 53.94
CA SER D 1212 82.52 -17.86 52.68
C SER D 1212 81.18 -18.54 52.37
N ALA D 1213 81.00 -18.89 51.10
CA ALA D 1213 79.77 -19.55 50.67
C ALA D 1213 79.66 -20.95 51.26
N THR D 1214 80.79 -21.67 51.31
CA THR D 1214 80.97 -23.08 51.75
C THR D 1214 79.90 -24.11 51.36
N LEU E 148 -14.30 29.79 5.65
CA LEU E 148 -12.94 30.31 5.74
C LEU E 148 -12.15 29.57 6.82
N ALA E 149 -10.90 29.22 6.50
CA ALA E 149 -10.05 28.49 7.44
C ALA E 149 -9.51 29.37 8.56
N THR E 150 -9.56 30.69 8.40
CA THR E 150 -8.98 31.63 9.35
C THR E 150 -9.77 31.71 10.67
N PRO E 151 -11.10 31.57 10.71
CA PRO E 151 -11.72 31.27 12.02
C PRO E 151 -11.48 29.85 12.48
N MET E 152 -11.36 28.89 11.56
CA MET E 152 -11.14 27.51 11.97
C MET E 152 -9.74 27.31 12.53
N ILE E 153 -8.77 28.07 12.05
CA ILE E 153 -7.43 28.04 12.63
C ILE E 153 -7.42 28.81 13.95
N ASN E 154 -8.42 29.67 14.16
CA ASN E 154 -8.60 30.42 15.38
C ASN E 154 -9.58 29.72 16.32
N ASN E 155 -10.12 28.59 15.89
CA ASN E 155 -10.92 27.74 16.77
C ASN E 155 -10.08 26.67 17.44
N ALA E 156 -9.03 26.23 16.75
CA ALA E 156 -8.16 25.19 17.31
C ALA E 156 -7.27 25.74 18.41
N ILE E 157 -7.00 27.04 18.39
CA ILE E 157 -6.24 27.67 19.47
C ILE E 157 -7.04 27.64 20.76
N ARG E 158 -8.37 27.62 20.67
CA ARG E 158 -9.19 27.39 21.86
C ARG E 158 -9.03 25.96 22.37
N SER E 159 -9.02 24.99 21.45
CA SER E 159 -8.83 23.61 21.85
C SER E 159 -7.39 23.33 22.25
N PHE E 160 -6.44 24.16 21.80
CA PHE E 160 -5.07 24.05 22.28
C PHE E 160 -4.95 24.54 23.71
N LEU E 161 -5.59 25.67 24.03
CA LEU E 161 -5.45 26.24 25.36
C LEU E 161 -6.26 25.46 26.39
N THR E 162 -7.45 24.98 26.02
CA THR E 162 -8.22 24.22 26.99
C THR E 162 -7.67 22.82 27.21
N ALA E 163 -6.80 22.33 26.34
CA ALA E 163 -6.00 21.16 26.65
C ALA E 163 -4.84 21.52 27.56
N TRP E 164 -4.30 22.72 27.39
CA TRP E 164 -3.25 23.19 28.28
C TRP E 164 -3.81 23.74 29.57
N ASP E 165 -5.06 24.24 29.57
CA ASP E 165 -5.72 24.50 30.83
C ASP E 165 -6.13 23.20 31.52
N ASP E 166 -6.30 22.13 30.74
CA ASP E 166 -6.56 20.83 31.34
C ASP E 166 -5.31 20.30 32.05
N ILE E 167 -4.13 20.47 31.43
CA ILE E 167 -2.91 20.03 32.09
C ILE E 167 -2.48 20.97 33.20
N ARG E 168 -3.04 22.20 33.25
CA ARG E 168 -2.82 23.05 34.41
C ARG E 168 -3.49 22.48 35.65
N ILE E 169 -4.71 21.96 35.52
CA ILE E 169 -5.42 21.50 36.71
C ILE E 169 -4.91 20.14 37.16
N LEU E 170 -4.25 19.38 36.27
CA LEU E 170 -3.73 18.08 36.66
C LEU E 170 -2.45 18.22 37.46
N SER E 171 -1.45 18.90 36.89
CA SER E 171 -0.17 19.15 37.56
C SER E 171 -0.02 20.66 37.69
N PRO E 172 -0.56 21.25 38.75
CA PRO E 172 -0.48 22.72 38.88
C PRO E 172 0.92 23.17 39.24
N ASP E 173 1.36 24.23 38.56
CA ASP E 173 2.70 24.75 38.78
C ASP E 173 2.79 25.41 40.15
N VAL E 174 3.96 25.32 40.75
CA VAL E 174 4.23 25.91 42.05
C VAL E 174 5.63 26.51 42.01
N SER E 175 5.81 27.60 42.75
CA SER E 175 7.01 28.41 42.66
C SER E 175 8.22 27.67 43.21
N SER E 176 9.37 27.92 42.58
CA SER E 176 10.62 27.31 43.01
C SER E 176 11.20 27.97 44.25
N LYS E 177 10.65 29.11 44.68
CA LYS E 177 11.02 29.67 45.97
C LYS E 177 10.57 28.76 47.10
N SER E 178 9.45 28.08 46.92
CA SER E 178 9.03 27.05 47.87
C SER E 178 9.85 25.79 47.71
N LEU E 179 10.16 25.38 46.46
CA LEU E 179 10.93 24.17 46.24
C LEU E 179 12.36 24.30 46.74
N SER E 180 12.94 25.50 46.62
CA SER E 180 14.24 25.73 47.23
C SER E 180 14.12 25.77 48.75
N ALA E 181 12.96 26.15 49.27
CA ALA E 181 12.78 26.19 50.71
C ALA E 181 12.60 24.80 51.30
N TYR E 182 11.82 23.94 50.66
CA TYR E 182 11.58 22.61 51.20
C TYR E 182 12.70 21.63 50.90
N LEU E 183 13.69 22.00 50.11
CA LEU E 183 14.82 21.11 49.85
C LEU E 183 16.15 21.71 50.27
N ASP E 184 16.44 22.93 49.84
CA ASP E 184 17.77 23.50 50.00
C ASP E 184 17.91 24.45 51.17
N SER E 185 16.79 24.90 51.76
CA SER E 185 16.89 25.70 52.98
C SER E 185 17.12 24.83 54.20
N ALA E 186 16.92 23.52 54.09
CA ALA E 186 17.23 22.62 55.20
C ALA E 186 18.73 22.51 55.41
N VAL E 187 19.51 22.42 54.32
CA VAL E 187 20.97 22.38 54.45
C VAL E 187 21.55 23.76 54.70
N ALA E 188 20.75 24.82 54.56
CA ALA E 188 21.28 26.19 54.58
C ALA E 188 21.28 26.80 55.98
N ASN E 189 20.11 26.92 56.60
CA ASN E 189 19.97 27.75 57.78
C ASN E 189 19.35 26.97 58.93
N GLY E 190 19.78 27.31 60.14
CA GLY E 190 19.20 26.81 61.36
C GLY E 190 19.49 27.80 62.48
N PRO E 191 19.08 27.47 63.70
CA PRO E 191 19.36 28.36 64.83
C PRO E 191 20.80 28.23 65.28
N GLU E 192 21.30 29.30 65.89
CA GLU E 192 22.62 29.27 66.52
C GLU E 192 22.45 28.93 68.00
N LEU E 193 22.80 27.69 68.34
CA LEU E 193 22.70 27.21 69.71
C LEU E 193 23.98 27.50 70.50
N ILE E 194 25.12 27.18 69.93
CA ILE E 194 26.39 27.34 70.64
C ILE E 194 26.87 28.77 70.45
N ILE E 195 27.21 29.41 71.57
CA ILE E 195 27.78 30.75 71.58
C ILE E 195 28.59 30.91 72.86
N GLU E 196 29.80 31.44 72.75
CA GLU E 196 30.77 31.32 73.83
C GLU E 196 31.24 32.68 74.31
N ASP E 197 31.41 32.79 75.63
CA ASP E 197 31.96 33.98 76.27
C ASP E 197 33.38 33.68 76.73
N THR E 198 34.35 34.33 76.09
CA THR E 198 35.68 34.40 76.67
C THR E 198 35.67 35.30 77.90
N GLY E 199 34.86 36.36 77.88
CA GLY E 199 34.75 37.24 79.02
C GLY E 199 33.89 36.68 80.13
N LEU E 200 33.94 37.37 81.26
CA LEU E 200 33.23 36.92 82.45
C LEU E 200 31.73 37.20 82.34
N CYS E 201 30.94 36.37 83.01
CA CYS E 201 29.48 36.39 82.86
C CYS E 201 28.86 37.19 83.99
N THR E 202 28.53 38.44 83.71
CA THR E 202 27.69 39.21 84.61
C THR E 202 26.88 40.20 83.81
N SER E 203 25.81 40.68 84.44
CA SER E 203 24.88 41.60 83.80
C SER E 203 24.63 42.86 84.60
N PHE E 204 25.29 43.02 85.75
CA PHE E 204 25.08 44.15 86.64
C PHE E 204 26.42 44.88 86.75
N MET E 205 26.63 45.88 85.91
CA MET E 205 27.84 46.65 86.06
C MET E 205 27.71 47.65 87.19
N LEU E 206 28.84 48.02 87.75
CA LEU E 206 28.89 48.87 88.94
C LEU E 206 29.26 50.26 88.46
N LEU E 207 28.27 51.14 88.37
CA LEU E 207 28.40 52.37 87.61
C LEU E 207 28.71 53.55 88.52
N ASP E 208 29.71 54.33 88.13
CA ASP E 208 30.03 55.60 88.77
C ASP E 208 29.06 56.65 88.23
N ASN E 209 28.02 56.95 89.00
CA ASN E 209 27.07 57.96 88.53
C ASN E 209 27.62 59.37 88.71
N ILE E 210 28.08 59.68 89.91
CA ILE E 210 28.64 60.98 90.23
C ILE E 210 30.06 60.76 90.73
N PRO E 211 31.08 61.35 90.10
CA PRO E 211 32.42 61.28 90.68
C PRO E 211 32.51 62.11 91.95
N SER E 212 33.48 61.75 92.79
CA SER E 212 33.74 62.59 93.96
C SER E 212 34.54 63.82 93.59
N ALA E 213 35.29 63.78 92.48
CA ALA E 213 35.95 64.97 91.97
C ALA E 213 34.98 65.95 91.33
N HIS E 214 33.75 65.51 91.06
CA HIS E 214 32.68 66.37 90.55
C HIS E 214 32.23 67.40 91.58
N LEU E 215 32.56 67.20 92.86
CA LEU E 215 32.20 68.12 93.92
C LEU E 215 32.94 69.45 93.78
N THR E 216 32.27 70.53 94.20
CA THR E 216 32.85 71.86 94.11
C THR E 216 34.00 72.04 95.10
N LYS E 217 33.93 71.37 96.25
CA LYS E 217 34.98 71.46 97.26
C LYS E 217 35.98 70.35 97.03
N GLU E 218 37.25 70.72 96.85
CA GLU E 218 38.34 69.74 96.69
C GLU E 218 39.50 70.15 97.56
N LEU E 219 39.77 69.34 98.58
CA LEU E 219 40.91 69.53 99.46
C LEU E 219 41.77 68.28 99.46
N ILE E 220 43.05 68.47 99.71
CA ILE E 220 44.05 67.42 99.52
C ILE E 220 43.95 66.41 100.65
N GLY E 221 43.85 65.13 100.30
CA GLY E 221 43.97 64.04 101.24
C GLY E 221 42.69 63.29 101.53
N PHE E 222 41.53 63.90 101.28
CA PHE E 222 40.27 63.25 101.64
C PHE E 222 39.95 62.12 100.67
N THR E 223 40.01 62.40 99.37
CA THR E 223 39.69 61.41 98.35
C THR E 223 40.99 60.95 97.70
N TRP E 224 41.08 59.64 97.44
CA TRP E 224 42.28 59.03 96.89
C TRP E 224 41.86 58.14 95.73
N PHE E 225 42.10 58.61 94.51
CA PHE E 225 41.79 57.82 93.34
C PHE E 225 42.93 56.86 93.05
N MET E 226 42.58 55.74 92.42
CA MET E 226 43.62 54.81 91.99
C MET E 226 44.31 55.25 90.72
N GLN E 227 43.80 56.29 90.05
CA GLN E 227 44.40 56.76 88.80
C GLN E 227 45.77 57.37 89.03
N MET E 228 46.01 57.95 90.21
CA MET E 228 47.32 58.50 90.53
C MET E 228 48.36 57.43 90.80
N TYR E 229 47.96 56.18 90.97
CA TYR E 229 48.88 55.07 91.10
C TYR E 229 48.96 54.24 89.82
N GLN E 230 48.44 54.77 88.70
CA GLN E 230 48.40 54.11 87.40
C GLN E 230 47.73 52.74 87.46
N MET E 231 46.49 52.74 87.94
CA MET E 231 45.74 51.49 88.09
C MET E 231 44.25 51.80 88.05
N THR E 232 43.51 50.99 87.30
CA THR E 232 42.07 51.16 87.28
C THR E 232 41.45 50.42 88.46
N PRO E 233 40.49 51.03 89.15
CA PRO E 233 39.98 50.43 90.38
C PRO E 233 39.01 49.31 90.08
N PRO E 234 38.96 48.28 90.93
CA PRO E 234 37.99 47.20 90.71
C PRO E 234 36.58 47.62 91.05
N LEU E 235 36.41 48.54 91.96
CA LEU E 235 35.14 49.10 92.37
C LEU E 235 35.05 50.54 91.90
N PRO E 236 33.86 51.01 91.51
CA PRO E 236 33.75 52.35 90.96
C PRO E 236 33.93 53.41 92.03
N GLU E 237 34.72 54.42 91.70
CA GLU E 237 35.14 55.44 92.66
C GLU E 237 34.41 56.74 92.35
N GLY E 238 33.42 57.06 93.17
CA GLY E 238 32.70 58.30 92.97
C GLY E 238 31.69 58.54 94.07
N ALA E 239 31.04 59.69 93.98
CA ALA E 239 30.17 60.16 95.05
C ALA E 239 28.79 59.51 95.04
N VAL E 240 28.41 58.83 93.97
CA VAL E 240 27.26 57.93 93.92
C VAL E 240 27.65 56.75 93.05
N ASN E 241 27.58 55.54 93.61
CA ASN E 241 27.89 54.32 92.88
C ASN E 241 26.71 53.39 92.99
N ARG E 242 26.13 53.03 91.85
CA ARG E 242 24.93 52.21 91.84
C ARG E 242 25.09 50.98 90.95
N ILE E 243 24.29 49.97 91.26
CA ILE E 243 24.35 48.68 90.58
C ILE E 243 23.31 48.76 89.46
N VAL E 244 23.72 49.25 88.32
CA VAL E 244 22.83 49.35 87.18
C VAL E 244 22.97 48.07 86.36
N CYS E 245 21.96 47.74 85.58
CA CYS E 245 21.95 46.51 84.79
C CYS E 245 22.16 46.85 83.33
N MET E 246 23.37 46.58 82.84
CA MET E 246 23.68 46.67 81.42
C MET E 246 24.27 45.31 81.04
N THR E 247 23.46 44.46 80.42
CA THR E 247 23.84 43.07 80.21
C THR E 247 24.95 42.94 79.19
N ASN E 248 25.81 41.94 79.42
CA ASN E 248 26.96 41.60 78.58
C ASN E 248 27.91 42.78 78.41
N TRP E 249 28.08 43.55 79.48
CA TRP E 249 29.03 44.65 79.44
C TRP E 249 30.46 44.14 79.52
N ALA E 250 30.66 42.98 80.14
CA ALA E 250 31.97 42.39 80.27
C ALA E 250 32.15 41.17 79.39
N SER E 251 31.20 40.91 78.50
CA SER E 251 31.28 39.76 77.60
C SER E 251 32.08 40.16 76.37
N LEU E 252 33.32 39.68 76.30
CA LEU E 252 34.18 39.98 75.17
C LEU E 252 34.20 38.87 74.13
N GLY E 253 33.41 37.82 74.33
CA GLY E 253 33.21 36.85 73.27
C GLY E 253 32.42 37.47 72.14
N ASP E 254 32.80 37.13 70.91
CA ASP E 254 32.32 37.84 69.74
C ASP E 254 30.87 37.46 69.41
N GLU E 255 30.19 38.41 68.75
CA GLU E 255 28.91 38.21 68.06
C GLU E 255 27.81 37.73 69.01
N GLY E 256 27.42 38.63 69.92
CA GLY E 256 26.34 38.37 70.86
C GLY E 256 24.98 38.06 70.27
N ARG E 257 23.96 37.85 71.13
CA ARG E 257 22.67 37.35 70.68
C ARG E 257 21.86 38.38 69.91
N GLY E 258 22.34 39.61 69.74
CA GLY E 258 21.52 40.64 69.14
C GLY E 258 21.01 41.61 70.18
N LEU E 259 19.76 41.43 70.58
CA LEU E 259 19.18 42.26 71.63
C LEU E 259 19.88 42.03 72.95
N GLU E 260 20.22 43.12 73.64
CA GLU E 260 20.78 43.09 74.98
C GLU E 260 20.23 44.29 75.73
N VAL E 261 19.59 44.05 76.87
CA VAL E 261 19.00 45.14 77.63
C VAL E 261 20.09 45.85 78.43
N ARG E 262 20.16 47.17 78.27
CA ARG E 262 21.10 48.01 79.01
C ARG E 262 20.35 49.18 79.59
N LEU E 263 20.19 49.18 80.88
CA LEU E 263 19.45 50.24 81.53
C LEU E 263 20.36 51.43 81.79
N PRO E 264 19.87 52.65 81.58
CA PRO E 264 20.64 53.83 81.93
C PRO E 264 20.65 54.01 83.44
N PRO E 265 21.57 54.80 83.99
CA PRO E 265 21.58 55.05 85.43
C PRO E 265 20.34 55.79 85.90
N PRO E 266 20.03 55.76 87.19
CA PRO E 266 18.80 56.42 87.69
C PRO E 266 18.79 57.94 87.55
N THR E 267 19.91 58.56 87.21
CA THR E 267 19.90 59.96 86.83
C THR E 267 19.13 60.17 85.54
N ASP E 268 19.25 59.24 84.60
CA ASP E 268 18.54 59.34 83.34
C ASP E 268 17.09 58.90 83.49
N SER E 269 16.36 58.90 82.37
CA SER E 269 14.92 58.70 82.41
C SER E 269 14.55 57.24 82.63
N SER E 270 15.16 56.34 81.85
CA SER E 270 15.02 54.88 81.97
C SER E 270 13.59 54.41 81.75
N VAL E 271 12.98 54.90 80.68
CA VAL E 271 11.67 54.40 80.25
C VAL E 271 11.70 53.83 78.84
N HIS E 272 12.78 54.04 78.08
CA HIS E 272 12.84 53.51 76.72
C HIS E 272 13.03 52.01 76.69
N ALA E 273 13.48 51.41 77.79
CA ALA E 273 13.48 49.96 77.95
C ALA E 273 12.17 49.45 78.50
N TYR E 274 11.19 50.34 78.66
CA TYR E 274 9.87 50.00 79.18
C TYR E 274 8.76 50.40 78.23
N LYS E 275 9.06 51.17 77.19
CA LYS E 275 8.06 51.48 76.16
C LYS E 275 8.16 50.49 75.01
N THR E 276 7.94 49.22 75.32
CA THR E 276 8.11 48.19 74.30
C THR E 276 6.83 47.51 73.86
N VAL E 277 5.81 47.41 74.72
CA VAL E 277 4.54 46.77 74.40
C VAL E 277 3.44 47.68 74.91
N LEU E 278 2.44 47.97 74.06
CA LEU E 278 1.28 48.81 74.40
C LEU E 278 1.67 50.22 74.80
N SER E 279 2.83 50.70 74.34
CA SER E 279 3.30 52.01 74.77
C SER E 279 3.87 52.87 73.66
N ARG E 280 4.15 52.32 72.48
CA ARG E 280 4.76 53.12 71.42
C ARG E 280 3.75 54.10 70.82
N GLY E 281 2.48 53.72 70.77
CA GLY E 281 1.48 54.54 70.13
C GLY E 281 1.06 55.79 70.87
N TYR E 282 0.60 55.66 72.11
CA TYR E 282 -0.24 56.70 72.71
C TYR E 282 0.35 57.35 73.95
N ILE E 283 1.58 57.03 74.34
CA ILE E 283 2.28 57.81 75.35
C ILE E 283 3.63 58.22 74.80
N ASP E 284 4.04 59.45 75.13
CA ASP E 284 5.24 60.05 74.58
C ASP E 284 6.49 59.48 75.24
N ASN E 285 7.65 60.02 74.84
CA ASN E 285 8.93 59.45 75.24
C ASN E 285 9.28 59.71 76.69
N ALA E 286 8.70 60.74 77.31
CA ALA E 286 9.04 61.09 78.68
C ALA E 286 8.19 60.33 79.69
N GLN E 287 7.31 59.46 79.25
CA GLN E 287 6.39 58.75 80.12
C GLN E 287 6.53 57.25 79.94
N PHE E 288 6.21 56.51 80.99
CA PHE E 288 5.97 55.08 80.88
C PHE E 288 4.49 54.82 81.08
N ASN E 289 4.06 53.62 80.76
CA ASN E 289 2.65 53.27 80.86
C ASN E 289 2.47 52.40 82.08
N PRO E 290 1.95 52.92 83.20
CA PRO E 290 1.86 52.11 84.41
C PRO E 290 0.76 51.07 84.37
N LEU E 291 -0.22 51.23 83.50
CA LEU E 291 -1.25 50.22 83.35
C LEU E 291 -0.78 49.06 82.48
N ALA E 292 0.31 49.22 81.76
CA ALA E 292 0.95 48.12 81.04
C ALA E 292 2.33 47.82 81.62
N LEU E 293 2.49 47.97 82.94
CA LEU E 293 3.80 47.82 83.55
C LEU E 293 4.21 46.37 83.62
N ARG E 294 3.26 45.48 83.92
CA ARG E 294 3.59 44.05 84.01
C ARG E 294 3.89 43.47 82.65
N SER E 295 3.25 43.98 81.60
CA SER E 295 3.55 43.51 80.26
C SER E 295 4.92 43.97 79.79
N ASN E 296 5.38 45.12 80.27
CA ASN E 296 6.63 45.69 79.78
C ASN E 296 7.84 45.29 80.61
N VAL E 297 7.65 45.03 81.89
CA VAL E 297 8.72 44.43 82.69
C VAL E 297 9.01 43.01 82.22
N LEU E 298 7.94 42.26 81.92
CA LEU E 298 8.09 40.86 81.56
C LEU E 298 8.80 40.69 80.22
N LEU E 299 8.60 41.63 79.30
CA LEU E 299 9.30 41.53 78.04
C LEU E 299 10.75 41.96 78.21
N MET E 300 11.03 42.85 79.16
CA MET E 300 12.42 43.18 79.49
C MET E 300 13.13 41.98 80.09
N LEU E 301 12.47 41.28 81.02
CA LEU E 301 13.09 40.11 81.63
C LEU E 301 13.22 38.97 80.64
N LEU E 302 12.35 38.93 79.63
CA LEU E 302 12.55 38.00 78.53
C LEU E 302 13.75 38.41 77.70
N GLN E 303 13.89 39.71 77.43
CA GLN E 303 15.09 40.20 76.76
C GLN E 303 16.31 40.17 77.67
N PHE E 304 16.12 40.15 78.98
CA PHE E 304 17.24 39.92 79.89
C PHE E 304 17.76 38.50 79.74
N THR E 305 16.85 37.53 79.72
CA THR E 305 17.26 36.13 79.73
C THR E 305 17.82 35.71 78.39
N LEU E 306 17.12 36.06 77.31
CA LEU E 306 17.52 35.63 75.97
C LEU E 306 18.80 36.30 75.49
N SER E 307 19.12 37.47 76.02
CA SER E 307 20.44 38.06 75.77
C SER E 307 21.54 37.33 76.51
N ASN E 308 21.18 36.48 77.45
CA ASN E 308 22.12 35.93 78.41
C ASN E 308 22.24 34.42 78.29
N LEU E 309 21.78 33.87 77.16
CA LEU E 309 21.83 32.43 76.90
C LEU E 309 23.10 32.09 76.12
N LYS E 310 24.21 32.13 76.82
CA LYS E 310 25.52 31.88 76.25
C LYS E 310 26.19 30.73 76.99
N ILE E 311 27.40 30.39 76.56
CA ILE E 311 28.19 29.34 77.18
C ILE E 311 29.46 29.97 77.71
N ASN E 312 29.80 29.66 78.96
CA ASN E 312 30.99 30.21 79.59
C ASN E 312 32.21 29.45 79.07
N LYS E 313 32.86 30.01 78.06
CA LYS E 313 34.04 29.37 77.50
C LYS E 313 35.22 29.53 78.44
N SER E 314 35.99 28.44 78.61
CA SER E 314 37.19 28.49 79.43
C SER E 314 38.29 29.25 78.69
N SER E 315 38.82 30.29 79.33
CA SER E 315 39.89 31.07 78.76
C SER E 315 41.23 30.50 79.20
N THR E 316 42.30 31.25 78.98
CA THR E 316 43.61 30.80 79.42
C THR E 316 43.84 31.17 80.89
N PHE E 317 44.49 30.26 81.60
CA PHE E 317 44.79 30.41 83.02
C PHE E 317 46.30 30.60 83.17
N THR E 318 46.71 31.79 83.58
CA THR E 318 48.11 32.08 83.82
C THR E 318 48.37 32.10 85.32
N SER E 319 49.51 31.54 85.72
CA SER E 319 49.93 31.62 87.11
C SER E 319 50.27 33.05 87.45
N ASP E 320 49.84 33.50 88.62
CA ASP E 320 50.05 34.89 89.01
C ASP E 320 51.46 35.02 89.55
N VAL E 321 52.39 35.46 88.70
CA VAL E 321 53.80 35.43 89.06
C VAL E 321 54.13 36.55 90.04
N THR E 322 53.37 37.65 90.00
CA THR E 322 53.62 38.78 90.88
C THR E 322 53.19 38.45 92.30
N THR E 323 53.46 39.38 93.21
CA THR E 323 53.28 39.15 94.64
C THR E 323 51.90 39.55 95.13
N ILE E 324 50.98 39.90 94.24
CA ILE E 324 49.67 40.39 94.67
C ILE E 324 48.85 39.24 95.24
N THR E 325 48.82 38.11 94.54
CA THR E 325 48.29 36.87 95.10
C THR E 325 49.36 35.80 95.28
N SER E 326 50.59 36.08 94.82
CA SER E 326 51.79 35.27 95.09
C SER E 326 51.64 33.82 94.61
N GLY E 327 51.06 33.66 93.42
CA GLY E 327 50.88 32.34 92.86
C GLY E 327 49.46 31.84 93.03
N ARG E 328 48.66 32.01 91.98
CA ARG E 328 47.26 31.62 91.97
C ARG E 328 46.80 31.62 90.52
N MET E 329 46.12 30.56 90.09
CA MET E 329 45.78 30.38 88.68
C MET E 329 44.60 31.28 88.33
N ILE E 330 44.90 32.57 88.16
CA ILE E 330 43.89 33.56 87.79
C ILE E 330 43.67 33.51 86.29
N ARG E 331 42.64 34.19 85.83
CA ARG E 331 42.27 34.22 84.41
C ARG E 331 42.58 35.62 83.88
N ALA E 332 43.79 35.79 83.37
CA ALA E 332 44.11 36.99 82.60
C ALA E 332 43.38 36.92 81.27
N PHE E 333 42.76 38.03 80.87
CA PHE E 333 41.87 37.99 79.71
C PHE E 333 42.66 38.37 78.45
N GLU E 334 43.08 39.62 78.39
CA GLU E 334 43.84 40.25 77.30
C GLU E 334 44.15 41.67 77.73
N GLY E 335 45.24 42.25 77.22
CA GLY E 335 45.60 43.60 77.58
C GLY E 335 44.68 44.67 77.00
N ARG E 336 43.89 44.32 75.99
CA ARG E 336 43.00 45.28 75.34
C ARG E 336 41.71 45.60 76.12
N PRO E 337 40.93 44.63 76.67
CA PRO E 337 39.75 45.07 77.44
C PRO E 337 40.09 45.66 78.79
N GLU E 338 41.22 45.26 79.39
CA GLU E 338 41.66 45.67 80.73
C GLU E 338 40.56 45.38 81.75
N LEU E 339 40.03 44.16 81.67
CA LEU E 339 38.94 43.71 82.50
C LEU E 339 39.43 42.82 83.63
N LEU E 340 40.74 42.52 83.65
CA LEU E 340 41.33 41.73 84.73
C LEU E 340 41.27 42.46 86.07
N ALA E 341 41.35 43.79 86.04
CA ALA E 341 41.23 44.56 87.28
C ALA E 341 39.81 44.49 87.83
N LEU E 342 38.81 44.57 86.96
CA LEU E 342 37.42 44.46 87.37
C LEU E 342 37.00 43.02 87.58
N ALA E 343 37.78 42.05 87.14
CA ALA E 343 37.42 40.65 87.31
C ALA E 343 37.58 40.21 88.76
N TYR E 344 38.67 40.61 89.40
CA TYR E 344 39.06 40.08 90.69
C TYR E 344 39.22 41.23 91.69
N PRO E 345 38.16 41.62 92.38
CA PRO E 345 38.33 42.43 93.59
C PRO E 345 39.05 41.60 94.63
N GLY E 346 40.21 42.09 95.06
CA GLY E 346 41.07 41.28 95.91
C GLY E 346 42.49 41.34 95.42
N ARG E 347 42.66 41.56 94.11
CA ARG E 347 43.96 41.88 93.57
C ARG E 347 44.25 43.36 93.56
N ALA E 348 43.40 44.17 94.20
CA ALA E 348 43.62 45.60 94.19
C ALA E 348 44.75 45.97 95.12
N VAL E 349 45.52 46.97 94.73
CA VAL E 349 46.43 47.63 95.64
C VAL E 349 45.61 48.59 96.50
N LEU E 350 45.87 48.59 97.80
CA LEU E 350 45.11 49.38 98.77
C LEU E 350 46.05 50.36 99.45
N PRO E 351 46.37 51.49 98.79
CA PRO E 351 47.34 52.43 99.36
C PRO E 351 46.84 53.14 100.62
N THR E 352 45.71 53.80 100.49
CA THR E 352 45.11 54.53 101.61
C THR E 352 43.89 53.79 102.10
N GLN E 353 43.40 54.19 103.27
CA GLN E 353 42.19 53.60 103.83
C GLN E 353 40.98 54.19 103.11
N THR E 354 40.80 53.73 101.89
CA THR E 354 39.71 54.10 101.03
C THR E 354 38.44 53.45 101.57
N LYS E 355 37.28 54.00 101.20
CA LYS E 355 36.05 53.31 101.57
C LYS E 355 35.90 52.02 100.78
N ASN E 356 36.51 51.96 99.59
CA ASN E 356 36.69 50.67 98.93
C ASN E 356 37.64 49.78 99.72
N ALA E 357 38.70 50.37 100.28
CA ALA E 357 39.66 49.61 101.08
C ALA E 357 39.08 49.22 102.44
N GLN E 358 38.01 49.87 102.87
CA GLN E 358 37.24 49.35 104.00
C GLN E 358 36.68 47.98 103.68
N PHE E 359 36.29 47.77 102.43
CA PHE E 359 35.68 46.53 101.97
C PHE E 359 36.67 45.56 101.35
N LEU E 360 37.61 46.05 100.54
CA LEU E 360 38.50 45.15 99.83
C LEU E 360 39.56 44.54 100.75
N SER E 361 39.85 45.17 101.89
CA SER E 361 40.73 44.55 102.87
C SER E 361 40.06 43.41 103.62
N THR E 362 38.72 43.32 103.56
CA THR E 362 38.00 42.24 104.21
C THR E 362 38.09 40.94 103.41
N ALA E 363 38.48 41.05 102.13
CA ALA E 363 38.43 39.93 101.20
C ALA E 363 39.38 38.81 101.58
N ILE E 364 39.03 37.61 101.16
CA ILE E 364 39.81 36.41 101.43
C ILE E 364 40.80 36.23 100.30
N ALA E 365 42.04 35.89 100.66
CA ALA E 365 43.14 35.93 99.70
C ALA E 365 43.09 34.80 98.69
N ASP E 366 42.39 33.71 98.98
CA ASP E 366 42.35 32.57 98.06
C ASP E 366 40.94 32.21 97.60
N ARG E 367 40.01 33.16 97.62
CA ARG E 367 38.73 32.99 96.95
C ARG E 367 38.81 33.66 95.58
N ILE E 368 39.64 33.06 94.73
CA ILE E 368 40.11 33.72 93.51
C ILE E 368 40.68 32.65 92.59
N GLY E 369 40.50 32.86 91.28
CA GLY E 369 41.06 31.95 90.29
C GLY E 369 40.31 30.62 90.25
N ARG E 370 40.90 29.67 89.53
CA ARG E 370 40.30 28.35 89.51
C ARG E 370 40.61 27.61 90.80
N LEU E 371 39.78 26.62 91.09
CA LEU E 371 39.97 25.77 92.25
C LEU E 371 40.10 24.31 91.88
N ASP E 372 39.30 23.85 90.91
CA ASP E 372 39.36 22.47 90.44
C ASP E 372 39.48 22.47 88.93
N ARG E 373 40.59 21.94 88.44
CA ARG E 373 40.77 21.69 87.01
C ARG E 373 40.36 20.25 86.71
N ALA E 374 39.65 20.06 85.61
CA ALA E 374 39.15 18.74 85.25
C ALA E 374 39.75 18.26 83.94
N ASN E 375 41.06 18.41 83.80
CA ASN E 375 41.78 17.92 82.63
C ASN E 375 41.75 16.38 82.59
N LEU E 376 41.02 15.84 81.61
CA LEU E 376 40.96 14.40 81.46
C LEU E 376 42.25 13.85 80.84
N ILE E 377 42.69 14.46 79.74
CA ILE E 377 43.75 13.91 78.92
C ILE E 377 44.94 14.87 78.94
N GLY E 378 46.13 14.32 79.20
CA GLY E 378 47.32 15.15 79.17
C GLY E 378 47.67 15.57 77.76
N GLY E 379 48.02 16.83 77.61
CA GLY E 379 48.26 17.42 76.30
C GLY E 379 47.02 18.05 75.73
N GLU E 380 45.92 17.32 75.73
CA GLU E 380 44.61 17.86 75.38
C GLU E 380 44.20 18.90 76.41
N VAL E 381 43.50 19.94 75.93
CA VAL E 381 43.05 21.01 76.81
C VAL E 381 41.96 20.48 77.74
N SER E 382 41.81 21.15 78.89
CA SER E 382 40.92 20.68 79.94
C SER E 382 39.46 20.80 79.52
N ALA E 383 38.58 20.16 80.29
CA ALA E 383 37.18 20.03 79.92
C ALA E 383 36.27 21.02 80.63
N MET E 384 36.38 21.10 81.95
CA MET E 384 35.40 21.85 82.75
C MET E 384 36.15 22.45 83.94
N VAL E 385 36.57 23.69 83.82
CA VAL E 385 37.25 24.36 84.91
C VAL E 385 36.21 25.04 85.79
N GLU E 386 36.59 25.27 87.05
CA GLU E 386 35.71 25.87 88.04
C GLU E 386 36.46 27.00 88.72
N CYS E 387 36.04 28.23 88.46
CA CYS E 387 36.75 29.40 88.95
C CYS E 387 35.82 30.28 89.78
N MET E 388 36.43 31.09 90.64
CA MET E 388 35.73 32.14 91.38
C MET E 388 36.14 33.48 90.78
N GLU E 389 35.16 34.21 90.27
CA GLU E 389 35.39 35.52 89.71
C GLU E 389 34.12 36.33 89.88
N LEU E 390 34.14 37.56 89.39
CA LEU E 390 32.98 38.44 89.50
C LEU E 390 31.87 37.92 88.61
N CYS E 391 30.85 37.34 89.22
CA CYS E 391 29.68 36.89 88.47
C CYS E 391 28.46 37.00 89.36
N ASP E 392 27.41 37.61 88.82
CA ASP E 392 26.12 37.61 89.49
C ASP E 392 25.54 36.21 89.51
N ALA E 393 24.81 35.91 90.58
CA ALA E 393 24.20 34.59 90.70
C ALA E 393 23.01 34.41 89.77
N LEU E 394 22.47 35.51 89.24
CA LEU E 394 21.31 35.40 88.36
C LEU E 394 21.71 34.95 86.96
N THR E 395 22.75 35.55 86.39
CA THR E 395 23.31 35.07 85.13
C THR E 395 23.85 33.65 85.29
N LEU E 396 24.45 33.37 86.45
CA LEU E 396 24.93 32.03 86.77
C LEU E 396 23.82 30.99 86.74
N HIS E 397 22.60 31.39 87.11
CA HIS E 397 21.47 30.48 86.91
C HIS E 397 21.09 30.37 85.44
N ILE E 398 21.25 31.46 84.69
CA ILE E 398 20.80 31.46 83.30
C ILE E 398 21.77 30.71 82.41
N ARG E 399 23.08 30.86 82.64
CA ARG E 399 24.06 30.15 81.83
C ARG E 399 24.00 28.66 82.09
N GLU E 400 24.05 28.25 83.34
CA GLU E 400 24.04 26.84 83.70
C GLU E 400 22.66 26.19 83.64
N THR E 401 21.63 26.89 83.16
CA THR E 401 20.43 26.21 82.70
C THR E 401 20.34 26.16 81.20
N TYR E 402 21.23 26.88 80.51
CA TYR E 402 21.28 26.84 79.05
C TYR E 402 22.20 25.74 78.56
N ILE E 403 23.24 25.41 79.31
CA ILE E 403 23.98 24.19 79.03
C ILE E 403 23.16 22.97 79.39
N MET E 404 22.37 23.07 80.46
CA MET E 404 21.44 21.99 80.80
C MET E 404 20.35 21.84 79.75
N LEU E 405 20.03 22.92 79.03
CA LEU E 405 19.23 22.78 77.82
C LEU E 405 20.01 22.05 76.74
N LEU E 406 21.25 22.46 76.50
CA LEU E 406 22.05 21.88 75.43
C LEU E 406 22.52 20.47 75.75
N ARG E 407 22.47 20.06 77.02
CA ARG E 407 22.66 18.65 77.33
C ARG E 407 21.44 17.80 76.98
N SER E 408 20.25 18.40 76.95
CA SER E 408 19.06 17.66 76.56
C SER E 408 19.02 17.36 75.07
N MET E 409 19.88 18.02 74.29
CA MET E 409 19.99 17.76 72.86
C MET E 409 21.24 16.99 72.48
N HIS E 410 22.14 16.77 73.42
CA HIS E 410 23.39 16.05 73.14
C HIS E 410 23.25 14.58 73.49
N GLN E 411 23.71 13.73 72.58
CA GLN E 411 23.88 12.31 72.85
C GLN E 411 25.33 11.93 72.55
N ASP E 412 25.78 10.86 73.21
CA ASP E 412 27.12 10.35 72.96
C ASP E 412 27.23 9.78 71.55
N PRO E 413 28.43 9.79 70.96
CA PRO E 413 28.57 9.32 69.57
C PRO E 413 28.30 7.84 69.37
N THR E 414 28.27 7.03 70.43
CA THR E 414 27.88 5.63 70.26
C THR E 414 26.41 5.49 69.95
N GLN E 415 25.59 6.47 70.33
CA GLN E 415 24.16 6.41 70.05
C GLN E 415 23.76 7.21 68.84
N ILE E 416 24.49 8.28 68.48
CA ILE E 416 24.10 9.04 67.31
C ILE E 416 24.57 8.38 66.02
N VAL E 417 25.46 7.39 66.11
CA VAL E 417 25.73 6.56 64.95
C VAL E 417 24.63 5.52 64.80
N GLN E 418 23.96 5.16 65.89
CA GLN E 418 22.85 4.22 65.81
C GLN E 418 21.63 4.86 65.19
N ILE E 419 21.44 6.16 65.45
CA ILE E 419 20.28 6.86 64.92
C ILE E 419 20.43 7.13 63.43
N VAL E 420 21.62 7.54 62.99
CA VAL E 420 21.85 7.84 61.58
C VAL E 420 21.81 6.56 60.74
N ASN E 421 22.26 5.44 61.29
CA ASN E 421 22.19 4.18 60.56
C ASN E 421 20.76 3.71 60.38
N GLU E 422 19.92 3.80 61.42
CA GLU E 422 18.57 3.30 61.27
C GLU E 422 17.59 4.36 60.78
N CYS E 423 18.01 5.62 60.66
CA CYS E 423 17.25 6.55 59.85
C CYS E 423 17.55 6.40 58.37
N ALA E 424 18.58 5.64 58.03
CA ALA E 424 18.79 5.14 56.69
C ALA E 424 18.34 3.70 56.54
N ASN E 425 17.71 3.13 57.59
CA ASN E 425 17.28 1.73 57.67
C ASN E 425 18.44 0.77 57.42
N ASN E 426 19.51 0.95 58.18
CA ASN E 426 20.66 0.05 58.31
C ASN E 426 21.47 -0.14 57.02
N LEU E 427 21.12 0.54 55.95
CA LEU E 427 22.06 0.78 54.88
C LEU E 427 22.70 2.14 55.17
N LEU E 428 23.53 2.64 54.24
CA LEU E 428 24.36 3.83 54.43
C LEU E 428 25.25 3.65 55.67
N ASN E 429 26.21 2.76 55.48
CA ASN E 429 27.04 2.20 56.52
C ASN E 429 28.04 3.18 57.12
N SER E 430 27.61 3.92 58.13
CA SER E 430 28.48 4.86 58.81
C SER E 430 29.42 4.14 59.78
N THR E 431 30.46 4.85 60.21
CA THR E 431 31.59 4.22 60.91
C THR E 431 32.16 5.17 61.94
N ILE E 432 32.08 4.79 63.22
CA ILE E 432 32.66 5.59 64.31
C ILE E 432 33.94 4.96 64.84
N PRO E 433 34.95 5.76 65.18
CA PRO E 433 36.10 5.22 65.90
C PRO E 433 35.74 4.95 67.35
N ILE E 434 36.28 3.86 67.89
CA ILE E 434 36.01 3.46 69.27
C ILE E 434 37.26 3.83 70.07
N SER E 435 37.22 5.02 70.64
CA SER E 435 38.28 5.53 71.49
C SER E 435 37.69 6.63 72.35
N LEU E 436 38.45 7.08 73.34
CA LEU E 436 37.97 8.16 74.18
C LEU E 436 38.05 9.48 73.43
N ARG E 437 37.08 10.34 73.69
CA ARG E 437 37.02 11.69 73.17
C ARG E 437 36.84 12.66 74.31
N PRO E 438 37.31 13.89 74.18
CA PRO E 438 37.03 14.90 75.20
C PRO E 438 35.57 15.32 75.24
N THR E 439 35.23 16.28 76.10
CA THR E 439 33.84 16.66 76.29
C THR E 439 33.36 17.46 75.08
N ILE E 440 32.96 16.71 74.05
CA ILE E 440 32.21 17.33 72.97
C ILE E 440 30.82 17.67 73.47
N LEU E 441 30.19 18.61 72.77
CA LEU E 441 28.77 18.88 72.97
C LEU E 441 28.22 19.31 71.62
N CYS E 442 27.50 18.40 70.97
CA CYS E 442 26.91 18.61 69.66
C CYS E 442 25.39 18.50 69.78
N PRO E 443 24.72 19.58 70.18
CA PRO E 443 23.30 19.52 70.52
C PRO E 443 22.43 19.46 69.26
N TRP E 444 21.83 18.32 69.03
CA TRP E 444 20.94 18.31 67.87
C TRP E 444 19.54 17.77 68.19
N PHE E 445 19.43 16.80 69.08
CA PHE E 445 18.24 15.97 69.15
C PHE E 445 17.13 16.58 69.98
N ALA E 446 15.91 16.48 69.48
CA ALA E 446 14.73 16.77 70.26
C ALA E 446 14.02 15.46 70.61
N SER E 447 13.18 15.52 71.62
CA SER E 447 12.34 14.37 71.91
C SER E 447 11.22 14.29 70.88
N SER E 448 10.49 13.17 70.89
CA SER E 448 9.40 12.99 69.96
C SER E 448 8.24 13.93 70.28
N GLU E 449 8.11 14.32 71.54
CA GLU E 449 7.10 15.31 71.92
C GLU E 449 7.44 16.69 71.37
N ASP E 450 8.73 16.99 71.24
CA ASP E 450 9.13 18.29 70.71
C ASP E 450 9.01 18.34 69.19
N LEU E 451 9.27 17.21 68.52
CA LEU E 451 9.16 17.18 67.06
C LEU E 451 7.71 17.23 66.63
N ARG E 452 6.81 16.59 67.37
CA ARG E 452 5.41 16.63 67.00
C ARG E 452 4.78 17.98 67.34
N LEU E 453 5.35 18.72 68.29
CA LEU E 453 4.86 20.06 68.56
C LEU E 453 5.23 21.02 67.43
N GLN E 454 6.39 20.83 66.82
CA GLN E 454 6.83 21.71 65.74
C GLN E 454 5.97 21.54 64.50
N GLN E 455 5.60 20.30 64.18
CA GLN E 455 4.91 20.05 62.93
C GLN E 455 3.47 20.54 62.98
N VAL E 456 2.83 20.53 64.16
CA VAL E 456 1.49 21.11 64.26
C VAL E 456 1.54 22.60 64.02
N MET E 457 2.55 23.28 64.57
CA MET E 457 2.74 24.68 64.29
C MET E 457 3.22 24.89 62.86
N HIS E 458 3.88 23.89 62.27
CA HIS E 458 4.18 23.96 60.84
C HIS E 458 2.91 23.81 60.01
N LEU E 459 1.96 23.03 60.49
CA LEU E 459 0.65 22.95 59.85
C LEU E 459 -0.25 24.12 60.21
N VAL E 460 0.05 24.81 61.29
CA VAL E 460 -0.65 26.06 61.60
C VAL E 460 -0.14 27.19 60.72
N ASN E 461 1.18 27.29 60.56
CA ASN E 461 1.77 28.36 59.75
C ASN E 461 1.48 28.19 58.27
N ILE E 462 1.15 26.98 57.83
CA ILE E 462 0.89 26.72 56.42
C ILE E 462 -0.56 27.10 56.13
N SER E 463 -0.87 27.36 54.86
CA SER E 463 -2.24 27.50 54.45
C SER E 463 -2.88 26.13 54.29
N SER E 464 -4.18 26.07 54.48
CA SER E 464 -4.90 24.81 54.47
C SER E 464 -5.43 24.44 53.09
N ASN E 465 -5.14 25.22 52.06
CA ASN E 465 -5.62 24.94 50.72
C ASN E 465 -4.73 23.92 50.02
N THR E 466 -5.08 23.61 48.77
CA THR E 466 -4.30 22.66 47.99
C THR E 466 -3.04 23.29 47.40
N ALA E 467 -2.94 24.61 47.38
CA ALA E 467 -1.78 25.28 46.81
C ALA E 467 -0.64 25.42 47.81
N ALA E 468 -0.84 25.07 49.07
CA ALA E 468 0.21 25.13 50.06
C ALA E 468 0.74 23.76 50.47
N ALA E 469 -0.04 22.71 50.30
CA ALA E 469 0.44 21.36 50.51
C ALA E 469 0.98 20.73 49.23
N LEU E 470 0.73 21.35 48.09
CA LEU E 470 1.42 20.98 46.85
C LEU E 470 2.95 21.12 46.90
N PRO E 471 3.57 22.13 47.54
CA PRO E 471 5.04 22.10 47.66
C PRO E 471 5.58 20.95 48.49
N LEU E 472 4.79 20.40 49.42
CA LEU E 472 5.30 19.29 50.22
C LEU E 472 5.29 17.99 49.44
N VAL E 473 4.20 17.72 48.70
CA VAL E 473 4.09 16.47 47.97
C VAL E 473 5.05 16.41 46.80
N GLU E 474 5.51 17.57 46.30
CA GLU E 474 6.50 17.56 45.22
C GLU E 474 7.92 17.65 45.75
N ALA E 475 8.11 18.15 46.98
CA ALA E 475 9.41 18.10 47.62
C ALA E 475 9.86 16.67 47.81
N LEU E 476 8.94 15.80 48.20
CA LEU E 476 9.27 14.39 48.32
C LEU E 476 9.26 13.70 46.97
N SER E 477 8.41 14.16 46.04
CA SER E 477 8.37 13.57 44.71
C SER E 477 9.65 13.82 43.94
N THR E 478 10.31 14.95 44.19
CA THR E 478 11.61 15.19 43.58
C THR E 478 12.65 14.23 44.11
N LEU E 479 12.63 13.98 45.43
CA LEU E 479 13.55 13.01 46.01
C LEU E 479 13.18 11.58 45.66
N LEU E 480 11.91 11.30 45.36
CA LEU E 480 11.55 9.98 44.88
C LEU E 480 12.06 9.72 43.48
N ARG E 481 12.01 10.72 42.59
CA ARG E 481 12.59 10.53 41.27
C ARG E 481 14.10 10.50 41.34
N SER E 482 14.68 11.19 42.32
CA SER E 482 16.13 11.35 42.38
C SER E 482 16.80 10.04 42.72
N VAL E 483 16.36 9.39 43.79
CA VAL E 483 17.01 8.15 44.20
C VAL E 483 16.02 6.99 44.04
N THR E 484 16.01 6.41 42.85
CA THR E 484 15.07 5.34 42.57
C THR E 484 15.70 4.30 41.67
N PRO E 485 15.31 3.04 41.83
CA PRO E 485 15.74 2.01 40.90
C PRO E 485 14.90 2.02 39.65
N LEU E 486 13.62 2.36 39.82
CA LEU E 486 12.63 2.16 38.79
C LEU E 486 12.79 3.18 37.67
N VAL E 487 12.77 2.70 36.44
CA VAL E 487 12.82 3.55 35.26
C VAL E 487 11.64 3.20 34.37
N LEU E 488 10.83 4.21 34.04
CA LEU E 488 9.60 4.00 33.30
C LEU E 488 9.88 4.11 31.81
N ASP E 489 9.54 3.05 31.07
CA ASP E 489 9.83 2.98 29.64
C ASP E 489 8.55 2.63 28.87
N PRO E 490 7.89 3.61 28.25
CA PRO E 490 6.65 3.33 27.50
C PRO E 490 6.83 2.44 26.28
N THR E 491 8.07 2.11 25.88
CA THR E 491 8.30 1.11 24.85
C THR E 491 7.82 -0.28 25.27
N VAL E 492 7.75 -0.54 26.57
CA VAL E 492 7.40 -1.88 27.06
C VAL E 492 5.92 -2.16 26.85
N LEU E 493 5.07 -1.26 27.35
CA LEU E 493 3.63 -1.52 27.34
C LEU E 493 3.03 -1.29 25.97
N THR E 494 3.63 -0.42 25.16
CA THR E 494 3.11 -0.17 23.82
C THR E 494 3.41 -1.35 22.90
N ASN E 495 4.59 -1.96 23.06
CA ASN E 495 4.98 -3.07 22.19
C ASN E 495 4.13 -4.31 22.46
N ALA E 496 3.73 -4.53 23.71
CA ALA E 496 2.89 -5.69 24.00
C ALA E 496 1.49 -5.51 23.46
N ILE E 497 1.02 -4.27 23.34
CA ILE E 497 -0.29 -4.02 22.76
C ILE E 497 -0.24 -4.16 21.24
N THR E 498 0.73 -3.51 20.61
CA THR E 498 0.76 -3.48 19.14
C THR E 498 1.17 -4.82 18.53
N THR E 499 1.68 -5.76 19.31
CA THR E 499 1.93 -7.11 18.81
C THR E 499 0.81 -8.05 19.20
N ILE E 500 -0.38 -7.75 18.68
CA ILE E 500 -1.51 -8.68 18.71
C ILE E 500 -2.23 -8.51 17.38
N SER E 501 -2.79 -9.62 16.89
CA SER E 501 -3.23 -9.69 15.51
C SER E 501 -4.68 -9.26 15.39
N GLU E 502 -4.93 -8.20 14.63
CA GLU E 502 -6.27 -7.81 14.23
C GLU E 502 -6.31 -7.64 12.73
N SER E 503 -7.39 -8.10 12.10
CA SER E 503 -7.58 -7.89 10.68
C SER E 503 -7.76 -6.42 10.37
N THR E 504 -7.21 -5.99 9.23
CA THR E 504 -7.38 -4.62 8.76
C THR E 504 -8.58 -4.49 7.83
N THR E 505 -9.70 -5.05 8.27
CA THR E 505 -10.97 -4.93 7.58
C THR E 505 -12.04 -4.36 8.50
N GLN E 506 -11.69 -4.09 9.75
CA GLN E 506 -12.66 -3.77 10.78
C GLN E 506 -12.85 -2.26 10.82
N THR E 507 -14.03 -1.84 11.26
CA THR E 507 -14.34 -0.41 11.28
C THR E 507 -13.61 0.28 12.43
N ILE E 508 -13.63 -0.32 13.60
CA ILE E 508 -12.95 0.22 14.78
C ILE E 508 -11.92 -0.79 15.23
N SER E 509 -10.65 -0.38 15.19
CA SER E 509 -9.57 -1.23 15.67
C SER E 509 -9.25 -0.84 17.11
N PRO E 510 -9.53 -1.70 18.10
CA PRO E 510 -9.23 -1.34 19.49
C PRO E 510 -7.75 -1.32 19.82
N ILE E 511 -6.89 -1.83 18.95
CA ILE E 511 -5.45 -1.63 19.11
C ILE E 511 -5.11 -0.16 18.97
N SER E 512 -5.40 0.41 17.80
CA SER E 512 -5.08 1.80 17.47
C SER E 512 -5.97 2.80 18.20
N GLU E 513 -6.94 2.33 18.97
CA GLU E 513 -7.90 3.17 19.68
C GLU E 513 -7.45 3.50 21.08
N ILE E 514 -6.96 2.50 21.82
CA ILE E 514 -6.59 2.72 23.21
C ILE E 514 -5.27 3.44 23.35
N LEU E 515 -4.47 3.53 22.28
CA LEU E 515 -3.30 4.40 22.31
C LEU E 515 -3.69 5.87 22.38
N ARG E 516 -4.90 6.22 21.95
CA ARG E 516 -5.45 7.54 22.21
C ARG E 516 -5.91 7.69 23.65
N LEU E 517 -5.99 6.61 24.40
CA LEU E 517 -6.24 6.66 25.82
C LEU E 517 -4.98 6.39 26.62
N LEU E 518 -3.87 6.07 25.94
CA LEU E 518 -2.66 5.64 26.61
C LEU E 518 -1.59 6.73 26.60
N GLN E 519 -1.24 7.23 25.41
CA GLN E 519 -0.21 8.26 25.32
C GLN E 519 -0.68 9.69 25.63
N PRO E 520 -1.75 10.25 25.06
CA PRO E 520 -2.04 11.65 25.36
C PRO E 520 -2.69 11.80 26.71
N MET E 521 -2.31 12.90 27.41
CA MET E 521 -2.69 13.33 28.76
C MET E 521 -2.03 12.44 29.82
N GLY E 522 -1.37 11.37 29.39
CA GLY E 522 -0.60 10.52 30.27
C GLY E 522 0.87 10.64 29.96
N ASN E 523 1.25 11.70 29.24
CA ASN E 523 2.63 11.92 28.88
C ASN E 523 3.49 12.30 30.08
N ASP E 524 2.88 12.84 31.14
CA ASP E 524 3.59 13.11 32.37
C ASP E 524 3.49 11.88 33.28
N TYR E 525 4.55 11.07 33.27
CA TYR E 525 4.57 9.83 34.03
C TYR E 525 5.08 10.05 35.45
N ALA E 526 5.54 11.26 35.76
CA ALA E 526 5.95 11.60 37.11
C ALA E 526 4.76 11.77 38.04
N ALA E 527 3.55 11.87 37.50
CA ALA E 527 2.33 11.86 38.30
C ALA E 527 2.21 10.57 39.10
N PHE E 528 2.80 9.48 38.60
CA PHE E 528 2.99 8.28 39.41
C PHE E 528 3.79 8.59 40.67
N TRP E 529 4.86 9.36 40.55
CA TRP E 529 5.72 9.65 41.69
C TRP E 529 5.10 10.67 42.63
N LYS E 530 4.12 11.45 42.16
CA LYS E 530 3.39 12.33 43.05
C LYS E 530 2.34 11.59 43.86
N CYS E 531 1.98 10.38 43.43
CA CYS E 531 1.08 9.54 44.23
C CYS E 531 1.83 8.80 45.32
N ILE E 532 3.06 8.34 45.02
CA ILE E 532 3.84 7.60 46.02
C ILE E 532 4.23 8.54 47.16
N ALA E 533 4.58 9.78 46.84
CA ALA E 533 4.89 10.76 47.88
C ALA E 533 3.64 11.24 48.61
N SER E 534 2.47 11.11 48.01
CA SER E 534 1.26 11.60 48.65
C SER E 534 0.77 10.69 49.76
N TRP E 535 1.21 9.44 49.80
CA TRP E 535 0.82 8.63 50.96
C TRP E 535 1.68 8.88 52.17
N ALA E 536 2.76 9.65 52.03
CA ALA E 536 3.39 10.19 53.21
C ALA E 536 2.61 11.36 53.79
N TYR E 537 1.70 11.93 53.00
CA TYR E 537 0.94 13.09 53.45
C TYR E 537 -0.55 12.90 53.25
N ASN E 538 -1.05 11.67 53.40
CA ASN E 538 -2.48 11.49 53.50
C ASN E 538 -2.96 12.05 54.82
N GLY E 539 -4.02 12.84 54.77
CA GLY E 539 -4.41 13.70 55.87
C GLY E 539 -4.04 15.14 55.64
N LEU E 540 -2.98 15.38 54.87
CA LEU E 540 -2.68 16.71 54.36
C LEU E 540 -3.14 16.88 52.93
N VAL E 541 -2.87 15.91 52.07
CA VAL E 541 -3.44 15.84 50.73
C VAL E 541 -4.16 14.51 50.59
N THR E 542 -5.13 14.49 49.69
CA THR E 542 -5.78 13.26 49.24
C THR E 542 -5.85 13.32 47.72
N THR E 543 -5.15 12.41 47.06
CA THR E 543 -5.19 12.39 45.61
C THR E 543 -6.53 11.87 45.12
N VAL E 544 -7.12 12.60 44.18
CA VAL E 544 -8.43 12.27 43.62
C VAL E 544 -8.20 11.75 42.22
N LEU E 545 -9.11 10.91 41.72
CA LEU E 545 -9.10 10.60 40.31
C LEU E 545 -9.48 11.83 39.51
N SER E 546 -9.01 11.90 38.27
CA SER E 546 -9.30 13.04 37.42
C SER E 546 -10.77 13.09 37.07
N GLU E 547 -11.26 14.30 36.80
CA GLU E 547 -12.68 14.49 36.52
C GLU E 547 -13.07 13.86 35.19
N ASP E 548 -12.32 14.18 34.13
CA ASP E 548 -12.63 13.69 32.79
C ASP E 548 -12.05 12.32 32.50
N ALA E 549 -11.31 11.73 33.43
CA ALA E 549 -10.83 10.37 33.21
C ALA E 549 -11.93 9.33 33.35
N PHE E 550 -13.01 9.68 34.05
CA PHE E 550 -14.20 8.84 34.07
C PHE E 550 -14.83 8.82 32.68
N PRO E 551 -15.45 7.70 32.30
CA PRO E 551 -16.22 7.69 31.07
C PRO E 551 -17.47 8.54 31.22
N ASP E 552 -17.91 9.12 30.11
CA ASP E 552 -19.06 10.01 30.16
C ASP E 552 -20.34 9.22 30.40
N SER E 553 -21.31 9.88 31.03
CA SER E 553 -22.60 9.26 31.28
C SER E 553 -23.47 9.20 30.04
N SER E 554 -23.05 9.81 28.94
CA SER E 554 -23.82 9.72 27.71
C SER E 554 -23.67 8.37 27.02
N GLN E 555 -22.65 7.60 27.38
CA GLN E 555 -22.30 6.41 26.61
C GLN E 555 -22.39 5.15 27.46
N SER E 556 -22.54 4.03 26.76
CA SER E 556 -22.80 2.73 27.36
C SER E 556 -21.56 1.85 27.30
N ILE E 557 -21.74 0.58 27.65
CA ILE E 557 -20.63 -0.36 27.68
C ILE E 557 -20.17 -0.72 26.28
N THR E 558 -21.07 -0.65 25.30
CA THR E 558 -20.71 -0.94 23.93
C THR E 558 -19.90 0.17 23.29
N HIS E 559 -20.04 1.40 23.77
CA HIS E 559 -19.17 2.49 23.35
C HIS E 559 -17.76 2.20 23.83
N LEU E 560 -16.89 1.91 22.90
CA LEU E 560 -15.62 1.26 23.17
C LEU E 560 -14.55 2.10 23.88
N PRO E 561 -14.36 3.41 23.62
CA PRO E 561 -13.39 4.15 24.47
C PRO E 561 -13.84 4.29 25.91
N SER E 562 -15.14 4.16 26.19
CA SER E 562 -15.60 4.27 27.57
C SER E 562 -15.21 3.05 28.39
N MET E 563 -15.11 1.88 27.76
CA MET E 563 -14.75 0.69 28.52
C MET E 563 -13.26 0.69 28.87
N TRP E 564 -12.42 1.12 27.95
CA TRP E 564 -10.99 1.17 28.22
C TRP E 564 -10.63 2.29 29.19
N LYS E 565 -11.45 3.33 29.27
CA LYS E 565 -11.32 4.25 30.40
C LYS E 565 -11.69 3.57 31.70
N CYS E 566 -12.75 2.77 31.68
CA CYS E 566 -13.18 2.04 32.87
C CYS E 566 -12.18 0.95 33.25
N LEU E 567 -11.43 0.44 32.26
CA LEU E 567 -10.24 -0.33 32.57
C LEU E 567 -9.24 0.50 33.34
N PHE E 568 -8.93 1.70 32.83
CA PHE E 568 -7.81 2.48 33.36
C PHE E 568 -8.12 3.05 34.72
N LEU E 569 -9.39 3.33 35.02
CA LEU E 569 -9.76 3.79 36.35
C LEU E 569 -9.61 2.66 37.36
N THR E 570 -10.15 1.49 37.02
CA THR E 570 -10.17 0.38 37.95
C THR E 570 -8.77 -0.18 38.15
N LEU E 571 -7.98 -0.28 37.08
CA LEU E 571 -6.65 -0.84 37.19
C LEU E 571 -5.74 0.11 37.96
N ALA E 572 -5.84 1.41 37.70
CA ALA E 572 -5.19 2.41 38.55
C ALA E 572 -6.11 2.83 39.69
N GLY E 573 -6.65 1.84 40.39
CA GLY E 573 -7.61 2.07 41.44
C GLY E 573 -7.01 2.46 42.77
N PRO E 574 -6.18 1.58 43.37
CA PRO E 574 -5.63 1.92 44.69
C PRO E 574 -4.47 2.89 44.66
N MET E 575 -3.99 3.27 43.48
CA MET E 575 -2.90 4.24 43.37
C MET E 575 -3.31 5.66 43.75
N THR E 576 -4.59 5.94 43.93
CA THR E 576 -5.03 7.22 44.44
C THR E 576 -5.42 7.07 45.92
N SER E 577 -5.39 8.21 46.62
CA SER E 577 -5.47 8.21 48.07
C SER E 577 -6.82 8.63 48.61
N ASP E 578 -7.85 8.74 47.77
CA ASP E 578 -9.18 8.97 48.29
C ASP E 578 -9.68 7.74 49.04
N PRO E 579 -10.47 7.95 50.10
CA PRO E 579 -11.25 6.83 50.63
C PRO E 579 -12.37 6.44 49.70
N HIS E 580 -12.81 7.37 48.87
CA HIS E 580 -13.84 7.12 47.87
C HIS E 580 -13.25 6.64 46.55
N SER E 581 -12.00 6.17 46.58
CA SER E 581 -11.39 5.57 45.39
C SER E 581 -12.15 4.34 44.87
N PRO E 582 -12.60 3.38 45.69
CA PRO E 582 -13.32 2.25 45.08
C PRO E 582 -14.72 2.58 44.63
N VAL E 583 -15.39 3.53 45.29
CA VAL E 583 -16.76 3.85 44.92
C VAL E 583 -16.79 4.62 43.61
N LYS E 584 -15.81 5.49 43.40
CA LYS E 584 -15.64 6.11 42.09
C LYS E 584 -15.28 5.06 41.04
N VAL E 585 -14.56 4.02 41.42
CA VAL E 585 -14.31 2.90 40.52
C VAL E 585 -15.59 2.09 40.30
N PHE E 586 -16.30 1.76 41.39
CA PHE E 586 -17.45 0.87 41.28
C PHE E 586 -18.61 1.53 40.54
N MET E 587 -18.86 2.81 40.81
CA MET E 587 -19.90 3.52 40.09
C MET E 587 -19.42 4.08 38.77
N ALA E 588 -18.26 3.66 38.27
CA ALA E 588 -17.86 3.98 36.92
C ALA E 588 -18.31 2.90 35.95
N LEU E 589 -18.12 1.62 36.31
CA LEU E 589 -18.70 0.56 35.52
C LEU E 589 -20.21 0.52 35.69
N ALA E 590 -20.69 0.73 36.93
CA ALA E 590 -22.12 0.76 37.17
C ALA E 590 -22.80 1.95 36.51
N ASN E 591 -22.03 3.01 36.20
CA ASN E 591 -22.55 4.08 35.38
C ASN E 591 -22.86 3.59 33.97
N LEU E 592 -21.85 3.06 33.29
CA LEU E 592 -21.97 2.73 31.87
C LEU E 592 -22.81 1.49 31.60
N LEU E 593 -23.17 0.71 32.61
CA LEU E 593 -24.21 -0.31 32.46
C LEU E 593 -25.36 0.03 33.40
N ALA E 594 -26.41 0.59 32.82
CA ALA E 594 -27.62 0.98 33.53
C ALA E 594 -28.86 0.29 33.00
N GLN E 595 -29.01 0.23 31.68
CA GLN E 595 -30.03 -0.63 31.09
C GLN E 595 -29.83 -2.11 31.41
N PRO E 596 -28.62 -2.74 31.26
CA PRO E 596 -28.57 -4.17 31.56
C PRO E 596 -28.60 -4.49 33.04
N GLU E 597 -27.83 -3.77 33.86
CA GLU E 597 -27.69 -4.10 35.27
C GLU E 597 -28.03 -2.91 36.16
N PRO E 598 -29.24 -2.84 36.70
CA PRO E 598 -29.54 -1.81 37.70
C PRO E 598 -29.28 -2.29 39.11
N ILE E 599 -28.80 -1.38 39.95
CA ILE E 599 -28.62 -1.63 41.38
C ILE E 599 -29.18 -0.46 42.16
N ALA E 600 -29.42 -0.70 43.43
CA ALA E 600 -30.07 0.30 44.27
C ALA E 600 -29.09 1.39 44.69
N ILE E 601 -29.55 2.63 44.60
CA ILE E 601 -28.84 3.78 45.15
C ILE E 601 -29.72 4.37 46.25
N GLY E 602 -29.17 4.48 47.45
CA GLY E 602 -29.99 4.79 48.61
C GLY E 602 -30.51 6.22 48.64
N VAL E 603 -29.68 7.17 48.23
CA VAL E 603 -30.02 8.58 48.35
C VAL E 603 -30.95 8.97 47.21
N PRO E 604 -31.86 9.93 47.41
CA PRO E 604 -32.80 10.27 46.32
C PRO E 604 -32.20 11.15 45.25
N GLY E 605 -31.14 11.90 45.55
CA GLY E 605 -30.59 12.80 44.55
C GLY E 605 -29.82 12.10 43.45
N MET E 606 -29.23 10.94 43.75
CA MET E 606 -28.39 10.24 42.81
C MET E 606 -29.10 9.03 42.22
N HIS E 607 -28.69 8.66 41.01
CA HIS E 607 -29.27 7.50 40.33
C HIS E 607 -28.17 6.60 39.78
N GLN E 608 -28.56 5.62 38.98
CA GLN E 608 -27.61 4.70 38.37
C GLN E 608 -26.72 5.42 37.37
N THR E 609 -27.27 6.37 36.63
CA THR E 609 -26.55 7.11 35.61
C THR E 609 -25.91 8.38 36.14
N THR E 610 -25.85 8.54 37.45
CA THR E 610 -25.13 9.67 38.02
C THR E 610 -23.63 9.48 37.78
N PRO E 611 -22.91 10.53 37.37
CA PRO E 611 -21.47 10.40 37.14
C PRO E 611 -20.72 10.07 38.41
N ALA E 612 -19.71 9.20 38.27
CA ALA E 612 -18.96 8.69 39.41
C ALA E 612 -18.06 9.73 40.06
N SER E 613 -17.86 10.89 39.43
CA SER E 613 -17.16 11.97 40.09
C SER E 613 -17.95 12.52 41.26
N GLN E 614 -19.27 12.38 41.23
CA GLN E 614 -20.12 12.93 42.27
C GLN E 614 -20.20 12.02 43.50
N PHE E 615 -19.92 10.73 43.34
CA PHE E 615 -19.97 9.79 44.46
C PHE E 615 -18.73 10.00 45.33
N SER E 616 -18.77 11.06 46.13
CA SER E 616 -17.62 11.45 46.93
C SER E 616 -17.96 11.62 48.39
N HIS E 617 -19.11 11.14 48.84
CA HIS E 617 -19.50 11.19 50.23
C HIS E 617 -19.63 9.76 50.75
N PRO E 618 -19.33 9.53 52.03
CA PRO E 618 -19.44 8.15 52.53
C PRO E 618 -20.86 7.65 52.62
N GLY E 619 -21.83 8.54 52.83
CA GLY E 619 -23.21 8.13 52.93
C GLY E 619 -23.88 7.83 51.61
N VAL E 620 -23.31 8.22 50.49
CA VAL E 620 -23.90 7.94 49.19
C VAL E 620 -23.28 6.70 48.56
N TRP E 621 -22.63 5.87 49.35
CA TRP E 621 -22.15 4.60 48.83
C TRP E 621 -23.33 3.68 48.56
N PRO E 622 -23.36 3.01 47.42
CA PRO E 622 -24.47 2.11 47.10
C PRO E 622 -24.51 0.94 48.07
N PRO E 623 -25.70 0.54 48.52
CA PRO E 623 -25.78 -0.58 49.48
C PRO E 623 -25.35 -1.90 48.89
N GLY E 624 -25.45 -2.05 47.57
CA GLY E 624 -24.87 -3.21 46.92
C GLY E 624 -23.36 -3.21 46.91
N PHE E 625 -22.74 -2.04 47.09
CA PHE E 625 -21.29 -2.02 47.16
C PHE E 625 -20.78 -2.38 48.55
N LEU E 626 -21.51 -1.99 49.59
CA LEU E 626 -21.18 -2.45 50.93
C LEU E 626 -21.41 -3.94 51.07
N ASN E 627 -22.60 -4.39 50.70
CA ASN E 627 -22.97 -5.80 50.76
C ASN E 627 -23.28 -6.28 49.36
N PRO E 628 -22.37 -7.01 48.71
CA PRO E 628 -22.66 -7.54 47.36
C PRO E 628 -23.69 -8.64 47.36
N GLN E 629 -24.04 -9.20 48.52
CA GLN E 629 -25.12 -10.17 48.62
C GLN E 629 -26.47 -9.52 48.34
N LEU E 630 -26.60 -8.21 48.56
CA LEU E 630 -27.86 -7.52 48.28
C LEU E 630 -28.18 -7.49 46.78
N ILE E 631 -27.17 -7.48 45.94
CA ILE E 631 -27.40 -7.46 44.49
C ILE E 631 -27.81 -8.85 44.04
N ASN E 632 -28.91 -8.91 43.30
CA ASN E 632 -29.37 -10.18 42.74
C ASN E 632 -28.44 -10.62 41.63
N PRO E 633 -27.92 -11.84 41.66
CA PRO E 633 -27.10 -12.33 40.53
C PRO E 633 -27.87 -12.44 39.23
N GLN E 634 -29.16 -12.73 39.28
CA GLN E 634 -29.94 -12.81 38.04
C GLN E 634 -30.22 -11.42 37.48
N GLN E 635 -30.35 -10.42 38.34
CA GLN E 635 -30.58 -9.06 37.85
C GLN E 635 -29.27 -8.42 37.37
N ALA E 636 -28.20 -8.57 38.14
CA ALA E 636 -26.90 -7.98 37.80
C ALA E 636 -25.81 -9.02 38.01
N PRO E 637 -25.51 -9.82 36.99
CA PRO E 637 -24.45 -10.83 37.16
C PRO E 637 -23.06 -10.23 37.19
N LEU E 638 -22.76 -9.28 36.30
CA LEU E 638 -21.42 -8.71 36.26
C LEU E 638 -21.20 -7.75 37.41
N LEU E 639 -22.24 -7.03 37.80
CA LEU E 639 -22.04 -5.86 38.64
C LEU E 639 -21.80 -6.23 40.09
N ARG E 640 -22.38 -7.33 40.58
CA ARG E 640 -22.00 -7.77 41.91
C ARG E 640 -20.68 -8.51 41.90
N ALA E 641 -20.29 -9.09 40.77
CA ALA E 641 -18.96 -9.67 40.66
C ALA E 641 -17.89 -8.59 40.70
N PHE E 642 -18.22 -7.39 40.21
CA PHE E 642 -17.29 -6.28 40.33
C PHE E 642 -17.22 -5.77 41.75
N ALA E 643 -18.34 -5.81 42.47
CA ALA E 643 -18.29 -5.56 43.91
C ALA E 643 -17.58 -6.68 44.65
N GLU E 644 -17.72 -7.92 44.18
CA GLU E 644 -16.93 -9.01 44.74
C GLU E 644 -15.46 -8.86 44.38
N HIS E 645 -15.16 -8.31 43.21
CA HIS E 645 -13.78 -8.10 42.82
C HIS E 645 -13.12 -7.02 43.65
N ILE E 646 -13.79 -5.89 43.83
CA ILE E 646 -13.20 -4.78 44.57
C ILE E 646 -13.02 -5.15 46.04
N ARG E 647 -14.04 -5.74 46.66
CA ARG E 647 -13.95 -5.98 48.10
C ARG E 647 -13.03 -7.14 48.46
N ALA E 648 -12.66 -8.00 47.52
CA ALA E 648 -11.81 -9.12 47.83
C ALA E 648 -10.42 -9.01 47.23
N ASN E 649 -10.14 -7.97 46.47
CA ASN E 649 -8.82 -7.79 45.89
C ASN E 649 -8.20 -6.43 46.18
N TRP E 650 -8.92 -5.56 46.87
CA TRP E 650 -8.35 -4.28 47.25
C TRP E 650 -7.27 -4.50 48.31
N PRO E 651 -6.18 -3.73 48.28
CA PRO E 651 -5.03 -4.04 49.14
C PRO E 651 -5.29 -3.71 50.60
N GLN E 652 -5.00 -4.67 51.47
CA GLN E 652 -4.93 -4.37 52.89
C GLN E 652 -3.72 -3.49 53.15
N PRO E 653 -3.85 -2.45 53.97
CA PRO E 653 -2.70 -1.57 54.23
C PRO E 653 -1.65 -2.24 55.11
N SER E 654 -0.56 -1.51 55.31
CA SER E 654 0.57 -1.98 56.11
C SER E 654 1.35 -0.77 56.60
N GLU E 655 2.42 -1.03 57.35
CA GLU E 655 3.28 0.01 57.89
C GLU E 655 4.73 -0.43 57.80
N PHE E 656 5.64 0.51 58.01
CA PHE E 656 7.07 0.21 57.91
C PHE E 656 7.86 1.14 58.83
N GLY E 657 9.17 1.21 58.58
CA GLY E 657 10.16 1.67 59.54
C GLY E 657 10.11 3.11 60.02
N TYR E 658 10.41 4.06 59.13
CA TYR E 658 10.39 5.51 59.40
C TYR E 658 11.34 5.87 60.57
N GLY E 659 12.62 5.75 60.27
CA GLY E 659 13.62 6.41 61.08
C GLY E 659 13.92 5.72 62.41
N SER E 660 14.46 6.51 63.32
CA SER E 660 14.95 5.99 64.60
C SER E 660 13.90 6.10 65.69
N THR E 661 14.07 5.26 66.71
CA THR E 661 13.27 5.35 67.92
C THR E 661 14.05 5.91 69.09
N LEU E 662 15.38 5.92 69.02
CA LEU E 662 16.18 6.58 70.04
C LEU E 662 16.07 8.09 69.91
N GLN E 663 15.83 8.58 68.70
CA GLN E 663 15.65 10.00 68.46
C GLN E 663 14.23 10.45 68.77
N GLY E 664 13.26 9.68 68.31
CA GLY E 664 11.87 10.10 68.33
C GLY E 664 11.39 10.48 66.93
N SER E 665 10.08 10.65 66.83
CA SER E 665 9.46 10.92 65.54
C SER E 665 8.32 11.90 65.73
N ALA E 666 7.98 12.60 64.65
CA ALA E 666 6.94 13.62 64.68
C ALA E 666 5.60 13.10 64.21
N ASN E 667 5.31 11.81 64.42
CA ASN E 667 4.03 11.26 64.04
C ASN E 667 2.94 11.78 64.99
N LEU E 668 1.84 12.25 64.40
CA LEU E 668 0.75 12.79 65.20
C LEU E 668 -0.29 11.73 65.55
N PHE E 669 -0.76 10.99 64.56
CA PHE E 669 -1.85 10.04 64.77
C PHE E 669 -1.38 8.61 64.77
N ILE E 670 -0.49 8.26 63.86
CA ILE E 670 0.18 6.94 63.92
C ILE E 670 1.14 6.93 65.09
N PRO E 671 1.29 5.79 65.79
CA PRO E 671 2.27 5.69 66.89
C PRO E 671 3.67 6.11 66.46
N SER E 672 4.36 6.81 67.37
CA SER E 672 5.39 7.76 66.97
C SER E 672 6.73 7.13 66.64
N ASN E 673 6.71 6.09 65.81
CA ASN E 673 7.87 5.67 65.03
C ASN E 673 7.53 5.24 63.62
N ARG E 674 6.27 4.97 63.32
CA ARG E 674 5.87 4.23 62.15
C ARG E 674 5.21 5.18 61.14
N MET E 675 4.84 4.62 60.00
CA MET E 675 4.00 5.32 59.03
C MET E 675 3.29 4.29 58.18
N VAL E 676 2.01 4.52 57.90
CA VAL E 676 1.19 3.53 57.22
C VAL E 676 1.46 3.59 55.73
N TYR E 677 0.93 2.62 55.01
CA TYR E 677 1.20 2.45 53.60
C TYR E 677 0.04 1.64 53.04
N PRO E 678 -0.60 2.10 51.95
CA PRO E 678 -1.85 1.47 51.51
C PRO E 678 -1.65 0.09 50.91
N TRP E 679 -0.49 -0.18 50.35
CA TRP E 679 -0.16 -1.49 49.83
C TRP E 679 0.44 -2.33 50.95
N PRO E 680 0.51 -3.66 50.81
CA PRO E 680 1.22 -4.45 51.82
C PRO E 680 2.72 -4.23 51.73
N ASN E 681 3.42 -4.76 52.73
CA ASN E 681 4.82 -4.44 52.93
C ASN E 681 5.63 -5.72 52.93
N GLN E 682 6.84 -5.62 52.38
CA GLN E 682 7.84 -6.67 52.42
C GLN E 682 9.17 -6.01 52.80
N PRO E 683 10.08 -6.73 53.44
CA PRO E 683 11.40 -6.18 53.69
C PRO E 683 12.19 -6.03 52.39
N LEU E 684 13.20 -5.18 52.44
CA LEU E 684 14.01 -4.91 51.26
C LEU E 684 14.75 -6.17 50.84
N PRO E 685 14.65 -6.57 49.57
CA PRO E 685 15.22 -7.86 49.15
C PRO E 685 16.73 -7.80 49.11
N ARG E 686 17.34 -8.92 49.49
CA ARG E 686 18.79 -9.02 49.56
C ARG E 686 19.41 -9.59 48.30
N LEU E 687 18.63 -10.07 47.34
CA LEU E 687 19.21 -10.68 46.14
C LEU E 687 18.87 -9.85 44.91
N THR E 688 19.40 -10.31 43.77
CA THR E 688 19.12 -9.68 42.48
C THR E 688 17.64 -9.75 42.17
N VAL E 689 17.08 -8.64 41.71
CA VAL E 689 15.64 -8.45 41.61
C VAL E 689 15.17 -8.68 40.18
N ALA E 690 13.98 -9.24 40.05
CA ALA E 690 13.40 -9.62 38.78
C ALA E 690 11.93 -9.24 38.79
N PRO E 691 11.33 -8.98 37.62
CA PRO E 691 9.88 -8.74 37.59
C PRO E 691 9.14 -10.03 37.89
N THR E 692 8.20 -9.97 38.83
CA THR E 692 7.53 -11.15 39.32
C THR E 692 6.07 -10.83 39.61
N TYR E 693 5.24 -11.86 39.59
CA TYR E 693 3.79 -11.75 39.64
C TYR E 693 3.20 -12.11 41.00
N ASP E 694 4.02 -12.39 42.01
CA ASP E 694 3.50 -12.77 43.31
C ASP E 694 2.83 -11.60 44.03
N SER E 695 3.24 -10.37 43.71
CA SER E 695 2.91 -9.18 44.46
C SER E 695 1.41 -8.90 44.45
N ALA E 696 0.93 -8.24 45.51
CA ALA E 696 -0.47 -7.88 45.61
C ALA E 696 -0.87 -6.85 44.58
N MET E 697 0.09 -6.03 44.15
CA MET E 697 -0.12 -5.18 42.98
C MET E 697 -0.43 -6.02 41.75
N SER E 698 0.37 -7.06 41.52
CA SER E 698 0.12 -7.94 40.39
C SER E 698 -1.16 -8.73 40.60
N ASN E 699 -1.49 -9.04 41.85
CA ASN E 699 -2.78 -9.64 42.17
C ASN E 699 -3.91 -8.68 41.87
N TRP E 700 -3.69 -7.39 42.07
CA TRP E 700 -4.70 -6.42 41.65
C TRP E 700 -4.80 -6.35 40.14
N ILE E 701 -3.67 -6.43 39.45
CA ILE E 701 -3.67 -6.31 37.99
C ILE E 701 -4.27 -7.56 37.36
N SER E 702 -3.78 -8.74 37.74
CA SER E 702 -4.19 -9.98 37.08
C SER E 702 -5.61 -10.40 37.41
N THR E 703 -6.25 -9.77 38.38
CA THR E 703 -7.66 -10.03 38.64
C THR E 703 -8.59 -8.97 38.07
N THR E 704 -8.13 -7.72 37.91
CA THR E 704 -8.97 -6.76 37.22
C THR E 704 -8.90 -6.91 35.70
N ILE E 705 -7.86 -7.57 35.20
CA ILE E 705 -7.90 -8.02 33.81
C ILE E 705 -8.84 -9.21 33.69
N ALA E 706 -8.85 -10.08 34.69
CA ALA E 706 -9.70 -11.26 34.67
C ALA E 706 -11.18 -10.91 34.73
N PHE E 707 -11.51 -9.78 35.36
CA PHE E 707 -12.91 -9.38 35.36
C PHE E 707 -13.32 -8.78 34.03
N PHE E 708 -12.49 -7.90 33.47
CA PHE E 708 -12.85 -7.19 32.26
C PHE E 708 -12.78 -8.07 31.02
N ILE E 709 -12.14 -9.24 31.09
CA ILE E 709 -12.34 -10.22 30.03
C ILE E 709 -13.73 -10.80 30.12
N ARG E 710 -14.23 -11.06 31.34
CA ARG E 710 -15.60 -11.52 31.50
C ARG E 710 -16.60 -10.42 31.16
N VAL E 711 -16.20 -9.15 31.25
CA VAL E 711 -17.00 -8.07 30.68
C VAL E 711 -17.09 -8.21 29.17
N VAL E 712 -15.94 -8.43 28.52
CA VAL E 712 -15.92 -8.61 27.07
C VAL E 712 -16.63 -9.89 26.68
N ASN E 713 -16.38 -10.98 27.41
CA ASN E 713 -17.06 -12.25 27.14
C ASN E 713 -18.29 -12.40 28.02
N SER E 714 -19.18 -11.42 27.91
CA SER E 714 -20.47 -11.45 28.57
C SER E 714 -21.58 -11.48 27.55
N VAL E 715 -22.75 -11.94 27.98
CA VAL E 715 -23.92 -11.99 27.10
C VAL E 715 -24.37 -10.58 26.75
N ASN E 716 -24.15 -9.63 27.65
CA ASN E 716 -24.45 -8.22 27.40
C ASN E 716 -23.46 -7.56 26.46
N MET E 717 -22.43 -8.26 25.99
CA MET E 717 -21.49 -7.69 25.03
C MET E 717 -21.17 -8.64 23.89
N THR E 718 -21.56 -9.91 24.00
CA THR E 718 -21.38 -10.86 22.90
C THR E 718 -22.24 -10.50 21.70
N ALA E 719 -23.53 -10.23 21.94
CA ALA E 719 -24.46 -9.95 20.85
C ALA E 719 -24.22 -8.61 20.18
N THR E 720 -23.49 -7.70 20.84
CA THR E 720 -23.26 -6.39 20.26
C THR E 720 -21.93 -6.33 19.50
N VAL E 721 -20.87 -6.80 20.10
CA VAL E 721 -19.52 -6.65 19.56
C VAL E 721 -19.17 -7.91 18.78
N ASN E 722 -18.53 -7.73 17.62
CA ASN E 722 -18.18 -8.83 16.74
C ASN E 722 -17.19 -9.78 17.40
N ASP E 723 -17.30 -11.06 17.05
CA ASP E 723 -16.42 -12.08 17.61
C ASP E 723 -14.98 -11.91 17.14
N LEU E 724 -14.79 -11.33 15.95
CA LEU E 724 -13.45 -11.07 15.45
C LEU E 724 -12.77 -9.96 16.24
N THR E 725 -13.53 -9.03 16.81
CA THR E 725 -12.95 -7.93 17.56
C THR E 725 -13.22 -8.01 19.05
N ARG E 726 -13.92 -9.05 19.54
CA ARG E 726 -13.91 -9.30 20.98
C ARG E 726 -12.58 -9.87 21.42
N ARG E 727 -12.09 -10.87 20.70
CA ARG E 727 -10.82 -11.48 21.06
C ARG E 727 -9.65 -10.60 20.71
N THR E 728 -9.84 -9.58 19.89
CA THR E 728 -8.84 -8.54 19.76
C THR E 728 -8.73 -7.75 21.06
N MET E 729 -9.86 -7.42 21.67
CA MET E 729 -9.84 -6.80 22.99
C MET E 729 -9.30 -7.74 24.04
N THR E 730 -9.69 -9.02 23.98
CA THR E 730 -9.14 -10.02 24.87
C THR E 730 -7.64 -10.23 24.60
N GLY E 731 -7.24 -10.10 23.34
CA GLY E 731 -5.83 -10.22 23.01
C GLY E 731 -4.99 -9.08 23.54
N VAL E 732 -5.54 -7.86 23.51
CA VAL E 732 -4.83 -6.72 24.09
C VAL E 732 -4.81 -6.83 25.61
N MET E 733 -5.95 -7.20 26.20
CA MET E 733 -6.10 -7.13 27.64
C MET E 733 -5.30 -8.20 28.34
N THR E 734 -5.23 -9.41 27.76
CA THR E 734 -4.45 -10.48 28.35
C THR E 734 -2.96 -10.22 28.18
N ALA E 735 -2.59 -9.52 27.10
CA ALA E 735 -1.20 -9.13 26.92
C ALA E 735 -0.74 -8.15 28.00
N MET E 736 -1.64 -7.28 28.46
CA MET E 736 -1.27 -6.32 29.50
C MET E 736 -1.10 -6.98 30.85
N ARG E 737 -1.80 -8.10 31.10
CA ARG E 737 -1.50 -8.90 32.28
C ARG E 737 -0.10 -9.48 32.21
N GLN E 738 0.30 -9.93 31.03
CA GLN E 738 1.49 -10.73 30.85
C GLN E 738 2.73 -9.87 30.61
N VAL E 739 2.61 -8.55 30.78
CA VAL E 739 3.76 -7.66 30.70
C VAL E 739 4.63 -7.87 31.94
N LYS E 740 5.92 -8.10 31.72
CA LYS E 740 6.88 -8.21 32.81
C LYS E 740 7.28 -6.81 33.24
N THR E 741 6.77 -6.37 34.39
CA THR E 741 7.02 -5.02 34.88
C THR E 741 7.47 -5.07 36.34
N MET E 742 8.42 -4.20 36.67
CA MET E 742 9.04 -4.17 37.99
C MET E 742 8.21 -3.38 38.99
N THR E 743 7.26 -2.58 38.52
CA THR E 743 6.48 -1.72 39.41
C THR E 743 5.61 -2.48 40.42
N PRO E 744 5.03 -3.66 40.14
CA PRO E 744 4.50 -4.47 41.25
C PRO E 744 5.53 -4.90 42.26
N PHE E 745 6.71 -5.30 41.80
CA PHE E 745 7.79 -5.60 42.73
C PHE E 745 8.29 -4.35 43.43
N TYR E 746 8.21 -3.21 42.76
CA TYR E 746 8.71 -1.97 43.34
C TYR E 746 7.84 -1.48 44.47
N ILE E 747 6.54 -1.83 44.45
CA ILE E 747 5.61 -1.12 45.31
C ILE E 747 5.60 -1.66 46.73
N GLN E 748 6.10 -2.88 46.96
CA GLN E 748 6.11 -3.45 48.29
C GLN E 748 7.49 -3.86 48.76
N HIS E 749 8.48 -3.85 47.88
CA HIS E 749 9.83 -4.21 48.26
C HIS E 749 10.77 -3.00 48.33
N MET E 750 10.83 -2.21 47.27
CA MET E 750 11.84 -1.17 47.21
C MET E 750 11.34 0.16 47.77
N CYS E 751 10.20 0.66 47.29
CA CYS E 751 9.76 1.97 47.75
C CYS E 751 9.30 2.08 49.21
N PRO E 752 8.81 1.06 49.92
CA PRO E 752 8.66 1.26 51.37
C PRO E 752 9.97 1.40 52.11
N THR E 753 11.06 0.82 51.58
CA THR E 753 12.38 1.14 52.11
C THR E 753 12.79 2.55 51.70
N GLU E 754 12.50 2.92 50.46
CA GLU E 754 12.87 4.22 49.93
C GLU E 754 12.09 5.35 50.60
N LEU E 755 10.79 5.17 50.78
CA LEU E 755 9.97 6.22 51.40
C LEU E 755 10.26 6.34 52.89
N SER E 756 10.75 5.28 53.53
CA SER E 756 11.14 5.35 54.92
C SER E 756 12.37 6.23 55.11
N VAL E 757 13.39 6.01 54.27
CA VAL E 757 14.64 6.73 54.40
C VAL E 757 14.45 8.20 54.04
N LEU E 758 13.69 8.48 53.00
CA LEU E 758 13.49 9.86 52.56
C LEU E 758 12.57 10.64 53.49
N ALA E 759 11.79 9.96 54.33
CA ALA E 759 11.00 10.68 55.31
C ALA E 759 11.84 11.20 56.47
N SER E 760 13.04 10.64 56.66
CA SER E 760 13.96 11.15 57.66
C SER E 760 14.80 12.31 57.16
N VAL E 761 14.74 12.63 55.87
CA VAL E 761 15.63 13.63 55.31
C VAL E 761 14.88 14.84 54.76
N THR E 762 13.58 14.76 54.50
CA THR E 762 12.85 15.95 54.10
C THR E 762 12.66 16.89 55.28
N VAL E 763 12.44 18.17 54.96
CA VAL E 763 12.38 19.18 56.01
C VAL E 763 11.05 19.11 56.75
N THR E 764 10.03 18.49 56.17
CA THR E 764 8.79 18.28 56.90
C THR E 764 8.57 16.79 57.09
N PRO E 765 8.32 16.34 58.30
CA PRO E 765 8.03 14.93 58.53
C PRO E 765 6.72 14.52 57.88
N PRO E 766 6.54 13.23 57.57
CA PRO E 766 5.30 12.79 56.93
C PRO E 766 4.12 12.88 57.89
N PHE E 767 3.15 13.73 57.52
CA PHE E 767 1.91 13.88 58.27
C PHE E 767 0.93 12.81 57.79
N GLN E 768 0.72 11.80 58.62
CA GLN E 768 0.16 10.53 58.17
C GLN E 768 -1.19 10.31 58.85
N VAL E 769 -2.10 9.64 58.13
CA VAL E 769 -3.44 9.31 58.60
C VAL E 769 -3.71 7.87 58.17
N PRO E 770 -4.28 7.01 59.03
CA PRO E 770 -4.42 5.58 58.69
C PRO E 770 -5.35 5.35 57.50
N PHE E 771 -4.80 4.68 56.49
CA PHE E 771 -5.55 4.35 55.29
C PHE E 771 -6.52 3.21 55.59
N THR E 772 -7.64 3.19 54.88
CA THR E 772 -8.75 2.29 55.18
C THR E 772 -9.09 1.46 53.96
N ARG E 773 -9.23 0.14 54.15
CA ARG E 773 -9.70 -0.75 53.10
C ARG E 773 -11.18 -1.00 53.31
N LEU E 774 -12.00 -0.14 52.70
CA LEU E 774 -13.40 -0.44 52.37
C LEU E 774 -14.29 -0.65 53.60
N VAL E 775 -14.10 0.17 54.63
CA VAL E 775 -14.94 0.11 55.82
C VAL E 775 -15.69 1.43 55.92
N GLN E 776 -17.01 1.34 56.15
CA GLN E 776 -17.90 2.49 56.01
C GLN E 776 -17.65 3.55 57.06
N ASN E 777 -17.62 3.16 58.33
CA ASN E 777 -17.71 4.12 59.42
C ASN E 777 -16.44 4.89 59.66
N ASP E 778 -15.28 4.35 59.29
CA ASP E 778 -14.01 4.99 59.60
C ASP E 778 -13.40 5.72 58.41
N VAL E 779 -14.23 6.13 57.46
CA VAL E 779 -13.76 6.97 56.37
C VAL E 779 -13.32 8.31 56.91
N ILE E 780 -12.09 8.70 56.59
CA ILE E 780 -11.53 9.93 57.13
C ILE E 780 -12.13 11.09 56.35
N THR E 781 -13.21 11.66 56.85
CA THR E 781 -13.87 12.75 56.14
C THR E 781 -13.10 14.05 56.27
N ASN E 782 -12.60 14.34 57.47
CA ASN E 782 -11.90 15.58 57.73
C ASN E 782 -10.68 15.30 58.58
N VAL E 783 -9.63 16.08 58.36
CA VAL E 783 -8.46 16.09 59.22
C VAL E 783 -8.34 17.49 59.81
N LEU E 784 -8.29 17.55 61.14
CA LEU E 784 -8.73 18.72 61.88
C LEU E 784 -7.63 19.18 62.83
N VAL E 785 -7.22 20.44 62.69
CA VAL E 785 -6.15 21.05 63.49
C VAL E 785 -6.58 22.46 63.86
N ALA E 786 -6.54 22.80 65.15
CA ALA E 786 -6.86 24.14 65.60
C ALA E 786 -5.71 24.80 66.35
N ARG E 787 -5.73 26.12 66.32
CA ARG E 787 -4.83 26.96 67.10
C ARG E 787 -5.33 27.13 68.53
N VAL E 788 -6.62 27.35 68.68
CA VAL E 788 -7.25 27.61 69.96
C VAL E 788 -7.90 26.32 70.45
N ASP E 789 -7.66 25.98 71.71
CA ASP E 789 -8.35 24.78 72.17
C ASP E 789 -9.79 25.11 72.53
N PRO E 790 -10.72 24.17 72.32
CA PRO E 790 -12.12 24.44 72.68
C PRO E 790 -12.43 24.18 74.14
N ALA E 791 -11.60 24.69 75.05
CA ALA E 791 -11.82 24.49 76.48
C ALA E 791 -12.10 25.79 77.21
N GLN E 792 -11.23 26.78 77.07
CA GLN E 792 -11.48 28.08 77.68
C GLN E 792 -12.60 28.80 76.97
N ARG E 793 -12.62 28.72 75.64
CA ARG E 793 -13.81 29.04 74.89
C ARG E 793 -14.89 28.01 75.19
N GLY E 794 -16.14 28.48 75.30
CA GLY E 794 -17.23 27.59 75.66
C GLY E 794 -17.62 26.67 74.52
N ASP E 795 -16.74 25.71 74.23
CA ASP E 795 -16.70 25.13 72.90
C ASP E 795 -16.42 23.63 72.93
N ALA E 796 -16.51 22.99 74.10
CA ALA E 796 -16.06 21.61 74.22
C ALA E 796 -17.11 20.61 73.74
N ALA E 797 -18.39 20.88 73.98
CA ALA E 797 -19.42 19.92 73.68
C ALA E 797 -19.78 19.88 72.20
N VAL E 798 -19.54 20.96 71.46
CA VAL E 798 -19.96 21.06 70.07
C VAL E 798 -19.03 20.24 69.18
N ASP E 799 -19.43 20.05 67.93
CA ASP E 799 -18.78 19.08 67.05
C ASP E 799 -17.39 19.53 66.62
N ILE E 800 -16.56 18.53 66.33
CA ILE E 800 -15.13 18.74 66.16
C ILE E 800 -14.81 19.32 64.78
N ARG E 801 -15.74 19.23 63.84
CA ARG E 801 -15.61 19.96 62.59
C ARG E 801 -15.61 21.47 62.82
N ALA E 802 -16.31 21.94 63.86
CA ALA E 802 -16.36 23.36 64.16
C ALA E 802 -15.25 23.80 65.10
N THR E 803 -14.74 22.91 65.95
CA THR E 803 -13.72 23.29 66.92
C THR E 803 -12.31 23.21 66.37
N HIS E 804 -12.14 22.91 65.08
CA HIS E 804 -10.83 22.80 64.47
C HIS E 804 -10.92 23.31 63.04
N ALA E 805 -9.78 23.30 62.34
CA ALA E 805 -9.71 23.72 60.95
C ALA E 805 -9.24 22.56 60.08
N THR E 806 -9.74 22.52 58.86
CA THR E 806 -9.69 21.32 58.03
C THR E 806 -8.66 21.48 56.91
N PHE E 807 -7.92 20.41 56.62
CA PHE E 807 -6.91 20.42 55.57
C PHE E 807 -7.57 20.02 54.26
N ALA E 808 -7.96 21.02 53.48
CA ALA E 808 -8.64 20.80 52.21
C ALA E 808 -7.61 20.84 51.08
N ALA E 809 -7.24 19.67 50.59
CA ALA E 809 -6.32 19.59 49.47
C ALA E 809 -6.67 18.39 48.61
N ALA E 810 -6.35 18.49 47.33
CA ALA E 810 -6.65 17.43 46.38
C ALA E 810 -5.62 17.44 45.27
N LEU E 811 -5.36 16.26 44.72
CA LEU E 811 -4.45 16.12 43.59
C LEU E 811 -5.11 15.24 42.53
N PRO E 812 -5.66 15.83 41.48
CA PRO E 812 -6.35 15.04 40.47
C PRO E 812 -5.39 14.34 39.52
N VAL E 813 -4.94 13.15 39.89
CA VAL E 813 -3.97 12.41 39.08
C VAL E 813 -4.72 11.56 38.08
N ASP E 814 -4.23 11.54 36.83
CA ASP E 814 -4.85 10.73 35.78
C ASP E 814 -4.63 9.24 36.02
N PRO E 815 -5.68 8.42 35.99
CA PRO E 815 -5.47 6.97 35.92
C PRO E 815 -4.90 6.52 34.60
N ALA E 816 -5.11 7.29 33.52
CA ALA E 816 -4.51 6.94 32.24
C ALA E 816 -2.99 7.08 32.27
N ALA E 817 -2.47 7.99 33.09
CA ALA E 817 -1.03 8.11 33.25
C ALA E 817 -0.48 7.03 34.16
N ILE E 818 -1.29 6.48 35.06
CA ILE E 818 -0.78 5.54 36.04
C ILE E 818 -0.71 4.13 35.47
N VAL E 819 -1.69 3.74 34.63
CA VAL E 819 -1.74 2.38 34.09
C VAL E 819 -0.54 2.12 33.18
N VAL E 820 -0.09 3.14 32.48
CA VAL E 820 1.08 3.02 31.61
C VAL E 820 2.29 3.51 32.41
N ALA E 821 2.15 3.50 33.73
CA ALA E 821 3.27 3.63 34.67
C ALA E 821 3.35 2.45 35.62
N MET E 822 2.22 2.01 36.18
CA MET E 822 2.21 0.91 37.13
C MET E 822 2.40 -0.44 36.47
N LEU E 823 2.24 -0.51 35.15
CA LEU E 823 2.37 -1.76 34.42
C LEU E 823 3.54 -1.67 33.45
N CYS E 824 4.40 -0.68 33.61
CA CYS E 824 5.30 -0.28 32.54
C CYS E 824 6.73 -0.04 32.96
N GLY E 825 7.02 0.23 34.23
CA GLY E 825 8.36 0.51 34.65
C GLY E 825 9.24 -0.73 34.74
N GLN E 826 10.55 -0.50 34.74
CA GLN E 826 11.52 -1.59 34.71
C GLN E 826 12.85 -1.10 35.26
N THR E 827 13.65 -2.04 35.73
CA THR E 827 15.02 -1.77 36.16
C THR E 827 15.98 -2.61 35.34
N GLU E 828 17.28 -2.38 35.54
CA GLU E 828 18.27 -3.17 34.85
C GLU E 828 18.40 -4.55 35.49
N THR E 829 19.14 -5.43 34.80
CA THR E 829 19.18 -6.84 35.20
C THR E 829 20.00 -7.04 36.47
N ASN E 830 21.20 -6.49 36.52
CA ASN E 830 22.13 -6.72 37.60
C ASN E 830 21.92 -5.80 38.79
N LEU E 831 20.74 -5.20 38.93
CA LEU E 831 20.51 -4.23 39.98
C LEU E 831 20.16 -4.92 41.29
N ILE E 832 20.83 -4.52 42.37
CA ILE E 832 20.55 -4.98 43.71
C ILE E 832 20.25 -3.74 44.56
N PRO E 833 19.09 -3.65 45.20
CA PRO E 833 18.67 -2.39 45.81
C PRO E 833 19.43 -2.03 47.07
N SER E 834 20.10 -3.00 47.70
CA SER E 834 20.93 -2.67 48.84
C SER E 834 22.14 -1.85 48.43
N HIS E 835 22.78 -2.23 47.32
CA HIS E 835 23.88 -1.43 46.82
C HIS E 835 23.41 -0.14 46.18
N HIS E 836 22.26 -0.18 45.50
CA HIS E 836 21.77 1.01 44.81
C HIS E 836 21.46 2.12 45.78
N TYR E 837 20.71 1.80 46.83
CA TYR E 837 20.31 2.80 47.82
C TYR E 837 21.48 3.30 48.66
N GLY E 838 22.46 2.44 48.94
CA GLY E 838 23.63 2.88 49.68
C GLY E 838 24.46 3.89 48.91
N LYS E 839 24.53 3.72 47.59
CA LYS E 839 25.13 4.74 46.75
C LYS E 839 24.20 5.93 46.59
N ALA E 840 22.89 5.69 46.58
CA ALA E 840 21.94 6.75 46.25
C ALA E 840 21.73 7.71 47.41
N PHE E 841 21.53 7.19 48.62
CA PHE E 841 21.28 8.08 49.75
C PHE E 841 22.54 8.68 50.35
N ALA E 842 23.71 8.28 49.86
CA ALA E 842 24.97 8.78 50.44
C ALA E 842 25.19 10.29 50.32
N PRO E 843 24.91 11.00 49.21
CA PRO E 843 25.12 12.45 49.24
C PRO E 843 24.08 13.24 50.01
N LEU E 844 23.01 12.61 50.47
CA LEU E 844 21.98 13.31 51.23
C LEU E 844 21.96 12.96 52.71
N PHE E 845 22.88 12.13 53.18
CA PHE E 845 23.11 11.99 54.62
C PHE E 845 24.47 12.49 55.08
N ALA E 846 25.34 12.87 54.15
CA ALA E 846 26.58 13.53 54.56
C ALA E 846 26.33 14.96 55.03
N SER E 847 25.19 15.54 54.64
CA SER E 847 24.84 16.88 55.06
C SER E 847 24.33 16.89 56.51
N ASN E 848 24.15 18.09 57.04
CA ASN E 848 23.76 18.28 58.43
C ASN E 848 22.26 18.60 58.54
N ALA E 849 21.53 18.52 57.43
CA ALA E 849 20.12 18.91 57.40
C ALA E 849 19.21 17.92 58.11
N MET E 850 19.68 16.71 58.37
CA MET E 850 18.90 15.75 59.13
C MET E 850 18.74 16.20 60.58
N PHE E 851 19.68 17.00 61.08
CA PHE E 851 19.67 17.46 62.46
C PHE E 851 19.13 18.87 62.61
N THR E 852 18.86 19.57 61.51
CA THR E 852 18.47 20.97 61.59
C THR E 852 17.07 21.13 62.15
N ARG E 853 16.11 20.36 61.61
CA ARG E 853 14.74 20.43 62.09
C ARG E 853 14.59 19.86 63.49
N ASN E 854 15.53 19.04 63.93
CA ASN E 854 15.49 18.52 65.28
C ASN E 854 15.85 19.60 66.28
N GLN E 855 16.81 20.44 65.93
CA GLN E 855 17.19 21.54 66.80
C GLN E 855 16.43 22.83 66.50
N ARG E 856 15.47 22.78 65.59
CA ARG E 856 14.46 23.85 65.52
C ARG E 856 13.24 23.53 66.35
N ALA E 857 12.99 22.24 66.61
CA ALA E 857 11.84 21.86 67.41
C ALA E 857 12.02 22.25 68.88
N VAL E 858 13.26 22.25 69.36
CA VAL E 858 13.53 22.74 70.70
C VAL E 858 13.32 24.25 70.75
N ILE E 859 13.71 24.94 69.67
CA ILE E 859 13.55 26.38 69.61
C ILE E 859 12.09 26.76 69.42
N THR E 860 11.37 25.98 68.61
CA THR E 860 9.95 26.24 68.38
C THR E 860 9.13 26.02 69.64
N ARG E 861 9.45 24.95 70.38
CA ARG E 861 8.80 24.68 71.66
C ARG E 861 9.11 25.77 72.68
N GLU E 862 10.37 26.14 72.80
CA GLU E 862 10.74 27.11 73.82
C GLU E 862 10.29 28.52 73.43
N ALA E 863 10.10 28.78 72.14
CA ALA E 863 9.37 29.98 71.76
C ALA E 863 7.90 29.88 72.13
N PHE E 864 7.34 28.68 72.08
CA PHE E 864 5.91 28.54 72.30
C PHE E 864 5.54 28.59 73.77
N VAL E 865 6.36 28.00 74.65
CA VAL E 865 6.08 28.04 76.07
C VAL E 865 6.29 29.45 76.61
N CYS E 866 7.39 30.09 76.22
CA CYS E 866 7.73 31.40 76.74
C CYS E 866 6.83 32.50 76.19
N ALA E 867 6.09 32.23 75.12
CA ALA E 867 5.05 33.14 74.64
C ALA E 867 3.67 32.76 75.14
N ARG E 868 3.43 31.47 75.41
CA ARG E 868 2.28 31.11 76.23
C ARG E 868 2.37 31.73 77.61
N SER E 869 3.54 31.68 78.23
CA SER E 869 3.69 32.20 79.58
C SER E 869 3.69 33.72 79.62
N ALA E 870 4.12 34.37 78.53
CA ALA E 870 4.08 35.83 78.49
C ALA E 870 2.66 36.34 78.44
N VAL E 871 1.81 35.65 77.70
CA VAL E 871 0.40 36.04 77.64
C VAL E 871 -0.31 35.66 78.92
N ALA E 872 -0.09 34.44 79.40
CA ALA E 872 -0.86 33.96 80.53
C ALA E 872 -0.44 34.55 81.86
N GLN E 873 0.68 35.28 81.92
CA GLN E 873 1.00 36.01 83.14
C GLN E 873 0.46 37.43 83.14
N CYS E 874 0.32 38.07 81.98
CA CYS E 874 -0.33 39.37 81.98
C CYS E 874 -1.84 39.22 82.14
N GLN E 875 -2.41 38.13 81.61
CA GLN E 875 -3.79 37.79 81.94
C GLN E 875 -3.90 37.42 83.40
N ASP E 876 -5.10 37.59 83.95
CA ASP E 876 -5.37 37.19 85.32
C ASP E 876 -6.01 35.81 85.35
N ALA E 877 -5.26 34.84 85.90
CA ALA E 877 -5.64 33.44 86.00
C ALA E 877 -6.00 32.85 84.63
N GLY E 878 -4.99 32.77 83.78
CA GLY E 878 -5.16 32.17 82.47
C GLY E 878 -4.86 30.68 82.51
N PHE E 879 -3.80 30.27 81.85
CA PHE E 879 -3.37 28.88 81.94
C PHE E 879 -2.69 28.64 83.28
N LEU E 880 -2.47 27.37 83.61
CA LEU E 880 -1.83 26.99 84.87
C LEU E 880 -0.35 27.34 84.80
N VAL E 881 -0.05 28.61 84.94
CA VAL E 881 1.33 29.08 85.00
C VAL E 881 1.52 29.79 86.32
N PRO E 882 2.71 29.70 86.93
CA PRO E 882 2.96 30.52 88.12
C PRO E 882 3.07 31.97 87.73
N ARG E 883 2.58 32.85 88.60
CA ARG E 883 2.47 34.28 88.31
C ARG E 883 3.23 35.05 89.37
N PRO E 884 4.55 35.14 89.26
CA PRO E 884 5.32 35.87 90.27
C PRO E 884 5.27 37.37 90.11
N LEU E 885 4.93 37.88 88.94
CA LEU E 885 4.82 39.31 88.73
C LEU E 885 3.43 39.85 88.98
N ASP E 886 2.57 39.07 89.65
CA ASP E 886 1.16 39.39 89.80
C ASP E 886 0.93 40.64 90.66
N ALA E 887 1.92 41.03 91.45
CA ALA E 887 1.81 42.27 92.21
C ALA E 887 1.87 43.50 91.30
N LEU E 888 2.45 43.37 90.12
CA LEU E 888 2.53 44.50 89.21
C LEU E 888 1.19 44.80 88.57
N ARG E 889 0.98 46.08 88.27
CA ARG E 889 -0.26 46.54 87.68
C ARG E 889 -0.34 46.19 86.21
N GLN E 890 -1.50 45.67 85.79
CA GLN E 890 -1.74 45.36 84.39
C GLN E 890 -3.23 45.46 84.14
N PHE E 891 -3.62 46.27 83.15
CA PHE E 891 -5.03 46.55 82.90
C PHE E 891 -5.48 46.02 81.55
N ASP E 892 -4.82 46.41 80.46
CA ASP E 892 -5.31 46.10 79.12
C ASP E 892 -4.93 44.66 78.79
N VAL E 893 -5.92 43.77 78.89
CA VAL E 893 -5.70 42.34 78.75
C VAL E 893 -6.45 41.82 77.53
N THR E 894 -6.58 42.66 76.51
CA THR E 894 -7.44 42.35 75.37
C THR E 894 -6.73 41.40 74.40
N SER E 895 -7.35 41.15 73.25
CA SER E 895 -6.78 40.24 72.27
C SER E 895 -5.65 40.90 71.50
N ALA E 896 -5.80 42.19 71.16
CA ALA E 896 -4.70 42.91 70.55
C ALA E 896 -3.59 43.21 71.55
N ALA E 897 -3.89 43.16 72.84
CA ALA E 897 -2.84 43.31 73.85
C ALA E 897 -1.91 42.12 73.83
N ALA E 898 -2.47 40.91 73.87
CA ALA E 898 -1.66 39.70 73.80
C ALA E 898 -1.04 39.52 72.42
N ALA E 899 -1.68 40.05 71.39
CA ALA E 899 -1.07 40.05 70.06
C ALA E 899 0.16 40.94 70.02
N GLU E 900 0.15 42.05 70.74
CA GLU E 900 1.34 42.89 70.83
C GLU E 900 2.33 42.40 71.87
N ILE E 901 2.02 41.32 72.57
CA ILE E 901 2.98 40.63 73.41
C ILE E 901 3.63 39.48 72.67
N MET E 902 2.81 38.60 72.07
CA MET E 902 3.35 37.39 71.49
C MET E 902 4.14 37.68 70.22
N HIS E 903 3.71 38.66 69.44
CA HIS E 903 4.56 39.14 68.34
C HIS E 903 5.80 39.83 68.87
N ALA E 904 5.71 40.49 70.03
CA ALA E 904 6.90 41.07 70.63
C ALA E 904 7.78 40.02 71.28
N VAL E 905 7.21 38.88 71.69
CA VAL E 905 8.05 37.75 72.07
C VAL E 905 8.69 37.14 70.83
N ASN E 906 7.90 36.92 69.79
CA ASN E 906 8.37 36.26 68.58
C ASN E 906 9.43 37.08 67.86
N ASP E 907 9.24 38.40 67.79
CA ASP E 907 10.27 39.25 67.19
C ASP E 907 11.51 39.32 68.07
N ALA E 908 11.36 39.19 69.38
CA ALA E 908 12.51 39.15 70.27
C ALA E 908 13.01 37.74 70.53
N PHE E 909 12.45 36.75 69.84
CA PHE E 909 12.95 35.39 69.91
C PHE E 909 13.68 35.01 68.64
N LYS E 910 13.16 35.45 67.50
CA LYS E 910 13.82 35.22 66.22
C LYS E 910 15.11 36.00 66.12
N THR E 911 15.13 37.22 66.66
CA THR E 911 16.35 38.03 66.67
C THR E 911 17.39 37.42 67.59
N ALA E 912 16.96 36.86 68.71
CA ALA E 912 17.88 36.34 69.71
C ALA E 912 18.54 35.05 69.25
N PHE E 913 17.80 34.17 68.59
CA PHE E 913 18.33 32.89 68.16
C PHE E 913 18.68 32.87 66.68
N ASP E 914 18.54 34.02 66.01
CA ASP E 914 19.01 34.26 64.64
C ASP E 914 18.39 33.28 63.65
N LEU E 915 17.08 33.40 63.50
CA LEU E 915 16.35 32.61 62.52
C LEU E 915 15.30 33.49 61.86
N ASP E 916 15.06 33.25 60.57
CA ASP E 916 14.14 34.05 59.79
C ASP E 916 12.90 33.29 59.36
N GLY E 917 12.66 32.11 59.94
CA GLY E 917 11.54 31.30 59.54
C GLY E 917 10.21 31.83 60.06
N ALA E 918 9.16 31.06 59.77
CA ALA E 918 7.81 31.41 60.17
C ALA E 918 7.49 30.83 61.56
N LEU E 919 8.29 31.25 62.53
CA LEU E 919 8.11 30.85 63.91
C LEU E 919 6.95 31.63 64.51
N LEU E 920 5.95 30.91 65.06
CA LEU E 920 4.82 31.43 65.83
C LEU E 920 3.93 32.41 65.06
N ASP E 921 4.09 32.55 63.76
CA ASP E 921 3.43 33.63 63.04
C ASP E 921 1.99 33.29 62.69
N GLY E 922 1.75 32.07 62.22
CA GLY E 922 0.39 31.65 61.91
C GLY E 922 -0.46 31.31 63.11
N LEU E 923 0.16 31.27 64.30
CA LEU E 923 -0.59 31.00 65.51
C LEU E 923 -1.48 32.17 65.90
N ALA E 924 -1.11 33.38 65.50
CA ALA E 924 -1.91 34.57 65.73
C ALA E 924 -2.87 34.88 64.58
N LEU E 925 -3.22 33.87 63.77
CA LEU E 925 -4.06 34.13 62.60
C LEU E 925 -5.48 34.46 62.99
N TYR E 926 -6.02 33.76 63.99
CA TYR E 926 -7.37 34.00 64.45
C TYR E 926 -7.51 35.32 65.19
N GLY E 927 -6.41 35.88 65.67
CA GLY E 927 -6.44 37.12 66.40
C GLY E 927 -6.58 36.96 67.90
N ASP E 928 -6.32 35.78 68.43
CA ASP E 928 -6.50 35.51 69.86
C ASP E 928 -5.37 34.62 70.37
N PRO E 929 -4.24 35.22 70.75
CA PRO E 929 -3.17 34.44 71.40
C PRO E 929 -3.48 34.10 72.85
N ARG E 930 -4.54 34.66 73.42
CA ARG E 930 -4.87 34.45 74.82
C ARG E 930 -5.24 33.00 75.09
N ILE E 931 -5.94 32.38 74.16
CA ILE E 931 -6.33 30.99 74.26
C ILE E 931 -5.69 30.29 73.08
N ALA E 932 -4.54 29.66 73.30
CA ALA E 932 -3.78 29.07 72.20
C ALA E 932 -3.15 27.78 72.68
N ASP E 933 -3.80 26.66 72.39
CA ASP E 933 -3.26 25.34 72.66
C ASP E 933 -3.39 24.52 71.40
N LEU E 934 -2.27 23.98 70.92
CA LEU E 934 -2.24 23.31 69.62
C LEU E 934 -2.81 21.92 69.74
N SER E 935 -3.77 21.60 68.87
CA SER E 935 -4.49 20.34 68.92
C SER E 935 -4.63 19.79 67.52
N ALA E 936 -4.87 18.49 67.44
CA ALA E 936 -5.03 17.81 66.16
C ALA E 936 -6.00 16.65 66.31
N ALA E 937 -6.76 16.39 65.24
CA ALA E 937 -7.82 15.41 65.27
C ALA E 937 -8.17 15.00 63.84
N TYR E 938 -8.92 13.91 63.73
CA TYR E 938 -9.62 13.62 62.48
C TYR E 938 -10.95 12.96 62.80
N LEU E 939 -11.97 13.36 62.06
CA LEU E 939 -13.33 12.87 62.26
C LEU E 939 -13.57 11.75 61.26
N GLN E 940 -13.77 10.54 61.76
CA GLN E 940 -14.21 9.45 60.93
C GLN E 940 -15.71 9.54 60.71
N TYR E 941 -16.20 8.85 59.67
CA TYR E 941 -17.58 9.04 59.25
C TYR E 941 -18.58 8.48 60.25
N GLY E 942 -18.21 7.46 60.99
CA GLY E 942 -19.12 6.89 61.97
C GLY E 942 -19.07 7.57 63.32
N GLY E 943 -18.79 8.88 63.33
CA GLY E 943 -18.77 9.65 64.54
C GLY E 943 -17.50 9.53 65.36
N ASN E 944 -16.60 8.63 65.01
CA ASN E 944 -15.39 8.44 65.77
C ASN E 944 -14.45 9.64 65.58
N VAL E 945 -13.62 9.87 66.60
CA VAL E 945 -12.62 10.92 66.55
C VAL E 945 -11.45 10.45 67.41
N VAL E 946 -10.29 11.06 67.22
CA VAL E 946 -9.10 10.75 67.98
C VAL E 946 -8.76 11.86 68.98
N ARG E 947 -8.71 13.11 68.49
CA ARG E 947 -8.46 14.31 69.30
C ARG E 947 -7.12 14.25 70.04
N GLU E 948 -6.12 13.65 69.42
CA GLU E 948 -4.81 13.53 70.06
C GLU E 948 -4.13 14.88 69.98
N HIS E 949 -4.31 15.68 71.02
CA HIS E 949 -3.73 17.02 71.06
C HIS E 949 -2.35 17.00 71.68
N VAL E 950 -1.53 17.94 71.24
CA VAL E 950 -0.11 17.99 71.60
C VAL E 950 0.09 19.02 72.71
N PRO E 951 0.58 18.63 73.88
CA PRO E 951 0.99 19.60 74.87
C PRO E 951 2.43 20.01 74.63
N PRO E 952 2.88 21.13 75.20
CA PRO E 952 4.30 21.45 75.14
C PRO E 952 5.12 20.52 76.02
N GLY E 953 6.40 20.41 75.69
CA GLY E 953 7.31 19.59 76.44
C GLY E 953 7.88 20.35 77.63
N PRO E 954 8.74 19.68 78.40
CA PRO E 954 9.38 20.35 79.54
C PRO E 954 10.38 21.39 79.07
N SER E 955 10.23 22.61 79.56
CA SER E 955 11.03 23.74 79.14
C SER E 955 12.22 23.95 80.05
N HIS E 956 13.21 24.67 79.53
CA HIS E 956 14.39 25.07 80.30
C HIS E 956 14.57 26.56 80.39
N ILE E 957 14.35 27.30 79.30
CA ILE E 957 14.52 28.75 79.34
C ILE E 957 13.32 29.41 80.01
N HIS E 958 12.13 28.83 79.84
CA HIS E 958 10.95 29.31 80.56
C HIS E 958 11.10 29.18 82.07
N ARG E 959 11.72 28.11 82.54
CA ARG E 959 11.97 28.01 83.98
C ARG E 959 13.11 28.90 84.43
N ALA E 960 13.97 29.34 83.51
CA ALA E 960 14.93 30.37 83.86
C ALA E 960 14.24 31.71 84.02
N LEU E 961 13.31 32.04 83.11
CA LEU E 961 12.56 33.28 83.18
C LEU E 961 11.71 33.35 84.42
N GLN E 962 11.13 32.22 84.82
CA GLN E 962 10.40 32.11 86.07
C GLN E 962 11.30 32.40 87.27
N GLN E 963 12.57 32.02 87.20
CA GLN E 963 13.50 32.32 88.26
C GLN E 963 13.95 33.78 88.21
N VAL E 964 14.07 34.36 87.02
CA VAL E 964 14.43 35.76 86.89
C VAL E 964 13.29 36.64 87.40
N GLU E 965 12.06 36.26 87.13
CA GLU E 965 10.91 37.00 87.63
C GLU E 965 10.76 36.87 89.14
N SER E 966 11.22 35.76 89.71
CA SER E 966 11.12 35.59 91.15
C SER E 966 12.13 36.47 91.88
N THR E 967 13.35 36.55 91.36
CA THR E 967 14.34 37.43 91.98
C THR E 967 14.19 38.88 91.56
N PHE E 968 13.32 39.16 90.58
CA PHE E 968 13.02 40.55 90.24
C PHE E 968 12.28 41.24 91.37
N MET E 969 11.23 40.60 91.88
CA MET E 969 10.33 41.21 92.85
C MET E 969 11.04 41.57 94.15
N ALA E 970 12.05 40.80 94.52
CA ALA E 970 12.83 41.12 95.70
C ALA E 970 13.91 42.16 95.42
N GLU E 971 14.28 42.37 94.17
CA GLU E 971 15.43 43.22 93.85
C GLU E 971 15.09 44.12 92.66
N MET E 972 13.95 44.82 92.78
CA MET E 972 13.44 45.67 91.71
C MET E 972 14.33 46.86 91.44
N ASN E 973 14.98 47.39 92.47
CA ASN E 973 15.61 48.70 92.39
C ASN E 973 16.83 48.72 91.47
N LEU E 974 17.42 47.56 91.20
CA LEU E 974 18.49 47.46 90.21
C LEU E 974 17.99 47.64 88.78
N PHE E 975 16.66 47.65 88.57
CA PHE E 975 16.09 47.82 87.24
C PHE E 975 15.35 49.13 87.10
N ASN E 976 15.72 50.13 87.91
CA ASN E 976 15.17 51.49 87.88
C ASN E 976 13.66 51.53 88.14
N VAL E 977 13.13 50.55 88.86
CA VAL E 977 11.74 50.58 89.30
C VAL E 977 11.73 50.46 90.82
N ALA E 978 10.62 50.90 91.40
CA ALA E 978 10.51 50.96 92.85
C ALA E 978 9.15 50.47 93.30
N ARG E 979 9.13 49.68 94.36
CA ARG E 979 7.89 49.23 94.97
C ARG E 979 7.45 50.21 96.04
N GLY E 980 6.16 50.22 96.30
CA GLY E 980 5.59 51.09 97.31
C GLY E 980 4.85 52.26 96.71
N ASN E 981 4.44 53.16 97.59
CA ASN E 981 3.69 54.35 97.22
C ASN E 981 4.61 55.55 97.19
N LEU E 982 4.02 56.73 97.00
CA LEU E 982 4.76 57.98 96.91
C LEU E 982 4.13 58.98 97.86
N TYR E 983 4.93 59.49 98.80
CA TYR E 983 4.50 60.55 99.70
C TYR E 983 4.92 61.89 99.16
N LEU E 984 4.11 62.91 99.43
CA LEU E 984 4.36 64.27 98.97
C LEU E 984 4.13 65.25 100.12
N VAL E 985 4.76 65.01 101.26
CA VAL E 985 4.61 65.93 102.37
C VAL E 985 5.67 67.02 102.23
N GLN E 986 5.41 68.17 102.85
CA GLN E 986 6.43 69.22 102.93
C GLN E 986 7.33 68.93 104.11
N THR E 987 8.62 68.77 103.85
CA THR E 987 9.62 68.62 104.89
C THR E 987 10.74 69.61 104.61
N ALA E 988 11.05 70.43 105.60
CA ALA E 988 12.10 71.44 105.49
C ALA E 988 13.30 70.95 106.30
N THR E 989 14.27 70.35 105.63
CA THR E 989 15.43 69.76 106.29
C THR E 989 16.61 70.71 106.24
N ASN E 990 17.21 70.94 107.41
CA ASN E 990 18.51 71.60 107.47
C ASN E 990 19.60 70.66 106.96
N GLY E 991 19.48 69.36 107.27
CA GLY E 991 20.55 68.43 107.00
C GLY E 991 20.26 67.34 105.99
N ASN E 992 20.27 66.09 106.42
CA ASN E 992 20.22 64.96 105.51
C ASN E 992 18.79 64.69 105.06
N TRP E 993 18.66 64.14 103.85
CA TRP E 993 17.36 63.82 103.27
C TRP E 993 17.50 62.54 102.46
N SER E 994 16.80 61.49 102.87
CA SER E 994 16.84 60.20 102.19
C SER E 994 15.47 59.87 101.62
N PRO E 995 15.27 60.07 100.32
CA PRO E 995 13.98 59.71 99.72
C PRO E 995 13.81 58.21 99.55
N MET E 996 14.89 57.55 99.11
CA MET E 996 14.81 56.13 98.79
C MET E 996 14.67 55.27 100.03
N ALA E 997 15.40 55.62 101.11
CA ALA E 997 15.41 54.84 102.34
C ALA E 997 14.86 55.70 103.46
N PRO E 998 13.55 55.70 103.67
CA PRO E 998 12.98 56.52 104.76
C PRO E 998 13.28 55.90 106.11
N VAL E 999 13.93 56.66 106.97
CA VAL E 999 14.29 56.14 108.29
C VAL E 999 13.06 56.13 109.20
N ALA E 1000 12.08 56.99 108.94
CA ALA E 1000 10.90 57.05 109.78
C ALA E 1000 9.87 56.04 109.33
N ALA E 1001 8.88 55.82 110.19
CA ALA E 1001 7.72 55.03 109.79
C ALA E 1001 6.89 55.83 108.80
N PRO E 1002 6.28 55.18 107.82
CA PRO E 1002 5.43 55.91 106.85
C PRO E 1002 4.16 56.38 107.51
N PRO E 1003 3.87 57.68 107.46
CA PRO E 1003 2.65 58.20 108.07
C PRO E 1003 1.46 58.06 107.12
N PHE E 1004 0.28 58.27 107.69
CA PHE E 1004 -1.05 58.28 107.06
C PHE E 1004 -1.23 57.15 106.04
N VAL E 1005 -1.15 55.92 106.53
CA VAL E 1005 -1.34 54.75 105.68
C VAL E 1005 -2.79 54.65 105.23
N ARG E 1006 -3.03 53.79 104.24
CA ARG E 1006 -4.36 53.62 103.66
C ARG E 1006 -5.35 53.09 104.70
N GLY E 1007 -6.35 53.89 105.03
CA GLY E 1007 -7.29 53.52 106.06
C GLY E 1007 -6.82 53.82 107.47
N GLY E 1008 -6.01 54.86 107.65
CA GLY E 1008 -5.55 55.24 108.96
C GLY E 1008 -6.54 56.15 109.65
N PRO E 1009 -6.16 56.70 110.80
CA PRO E 1009 -7.03 57.66 111.50
C PRO E 1009 -7.14 58.94 110.71
N ASN E 1010 -8.39 59.38 110.48
CA ASN E 1010 -8.88 60.49 109.65
C ASN E 1010 -8.07 60.70 108.37
N VAL E 1011 -7.79 59.60 107.67
CA VAL E 1011 -7.16 59.61 106.37
C VAL E 1011 -8.21 59.19 105.36
N ARG E 1012 -8.37 59.97 104.31
CA ARG E 1012 -9.50 59.80 103.41
C ARG E 1012 -9.01 59.73 101.97
N VAL E 1013 -9.72 58.94 101.17
CA VAL E 1013 -9.27 58.49 99.86
C VAL E 1013 -10.14 59.15 98.80
N VAL E 1014 -9.52 59.67 97.76
CA VAL E 1014 -10.23 60.39 96.71
C VAL E 1014 -10.98 59.41 95.82
N GLY E 1015 -12.19 59.78 95.42
CA GLY E 1015 -13.03 58.95 94.59
C GLY E 1015 -12.52 58.80 93.16
N ARG E 1016 -13.37 58.20 92.33
CA ARG E 1016 -12.99 57.85 90.97
C ARG E 1016 -12.83 59.06 90.06
N PHE E 1017 -13.46 60.18 90.38
CA PHE E 1017 -13.40 61.33 89.50
C PHE E 1017 -12.29 62.30 89.86
N GLY E 1018 -11.90 62.38 91.13
CA GLY E 1018 -10.91 63.37 91.52
C GLY E 1018 -11.46 64.78 91.46
N THR E 1019 -12.73 64.95 91.79
CA THR E 1019 -13.45 66.20 91.58
C THR E 1019 -13.47 67.06 92.83
N ILE E 1020 -13.43 68.37 92.61
CA ILE E 1020 -13.36 69.36 93.68
C ILE E 1020 -14.52 70.33 93.51
N VAL E 1021 -15.39 70.38 94.52
CA VAL E 1021 -16.51 71.31 94.51
C VAL E 1021 -16.09 72.62 95.18
N PRO E 1022 -16.33 73.77 94.55
CA PRO E 1022 -16.01 75.04 95.17
C PRO E 1022 -17.11 75.45 96.15
N ARG E 1023 -16.72 76.30 97.10
CA ARG E 1023 -17.64 76.79 98.09
C ARG E 1023 -17.58 78.31 98.10
N PRO E 1024 -18.72 78.99 98.25
CA PRO E 1024 -18.72 80.45 98.10
C PRO E 1024 -18.34 81.17 99.38
N ASN E 1025 -17.90 82.43 99.18
CA ASN E 1025 -17.80 83.45 100.22
C ASN E 1025 -16.81 83.07 101.32
N GLY E 1026 -15.57 82.82 100.90
CA GLY E 1026 -14.50 82.63 101.86
C GLY E 1026 -14.39 81.24 102.44
N LEU E 1027 -15.14 80.28 101.93
CA LEU E 1027 -15.03 78.90 102.35
C LEU E 1027 -14.11 78.16 101.40
N GLU E 1028 -13.25 77.31 101.95
CA GLU E 1028 -12.28 76.60 101.15
C GLU E 1028 -12.97 75.50 100.34
N PRO E 1029 -12.44 75.16 99.16
CA PRO E 1029 -13.02 74.07 98.38
C PRO E 1029 -12.81 72.73 99.06
N GLN E 1030 -13.64 71.78 98.68
CA GLN E 1030 -13.60 70.44 99.24
C GLN E 1030 -13.48 69.41 98.13
N LEU E 1031 -12.88 68.28 98.46
CA LEU E 1031 -12.58 67.23 97.51
C LEU E 1031 -13.48 66.04 97.79
N ILE E 1032 -14.18 65.58 96.75
CA ILE E 1032 -15.09 64.45 96.87
C ILE E 1032 -14.27 63.19 97.13
N ASP E 1033 -14.56 62.50 98.23
CA ASP E 1033 -13.74 61.37 98.61
C ASP E 1033 -14.23 60.09 97.94
N ASP E 1034 -13.75 58.94 98.42
CA ASP E 1034 -14.20 57.66 97.87
C ASP E 1034 -15.63 57.35 98.26
N GLY E 1035 -16.08 57.86 99.40
CA GLY E 1035 -17.46 57.71 99.81
C GLY E 1035 -18.43 58.68 99.19
N ASN E 1036 -17.97 59.43 98.18
CA ASN E 1036 -18.75 60.44 97.45
C ASN E 1036 -19.30 61.50 98.42
N VAL E 1037 -18.46 61.94 99.35
CA VAL E 1037 -18.81 62.97 100.30
C VAL E 1037 -17.76 64.06 100.23
N PRO E 1038 -18.13 65.33 100.05
CA PRO E 1038 -17.14 66.40 100.00
C PRO E 1038 -16.50 66.64 101.35
N ARG E 1039 -15.18 66.46 101.41
CA ARG E 1039 -14.41 66.70 102.61
C ARG E 1039 -13.25 67.63 102.30
N ASP E 1040 -12.83 68.37 103.33
CA ASP E 1040 -11.92 69.49 103.16
C ASP E 1040 -10.52 69.03 102.78
N ILE E 1041 -9.80 69.92 102.09
CA ILE E 1041 -8.52 69.57 101.48
C ILE E 1041 -7.46 69.35 102.56
N ALA E 1042 -7.39 70.25 103.55
CA ALA E 1042 -6.29 70.24 104.51
C ALA E 1042 -6.38 69.05 105.45
N GLY E 1043 -5.70 67.97 105.10
CA GLY E 1043 -5.70 66.76 105.87
C GLY E 1043 -4.75 65.74 105.29
N ASP E 1044 -5.03 64.46 105.48
CA ASP E 1044 -4.20 63.39 104.96
C ASP E 1044 -4.99 62.62 103.91
N TRP E 1045 -4.50 62.63 102.68
CA TRP E 1045 -5.21 62.10 101.54
C TRP E 1045 -4.47 60.92 100.94
N VAL E 1046 -5.22 59.90 100.55
CA VAL E 1046 -4.71 58.84 99.71
C VAL E 1046 -5.21 59.11 98.31
N TYR E 1047 -4.31 59.51 97.43
CA TYR E 1047 -4.68 60.01 96.11
C TYR E 1047 -4.21 58.97 95.10
N PRO E 1048 -5.10 58.13 94.55
CA PRO E 1048 -4.64 57.03 93.71
C PRO E 1048 -4.09 57.51 92.37
N SER E 1049 -3.20 56.69 91.81
CA SER E 1049 -2.50 57.07 90.60
C SER E 1049 -3.40 57.08 89.39
N ASP E 1050 -4.39 56.19 89.35
CA ASP E 1050 -5.34 56.20 88.24
C ASP E 1050 -6.23 57.43 88.31
N VAL E 1051 -6.58 57.84 89.53
CA VAL E 1051 -7.30 59.09 89.74
C VAL E 1051 -6.41 60.27 89.39
N LEU E 1052 -5.10 60.15 89.64
CA LEU E 1052 -4.17 61.22 89.36
C LEU E 1052 -3.99 61.48 87.87
N GLN E 1053 -4.23 60.48 87.03
CA GLN E 1053 -4.09 60.70 85.59
C GLN E 1053 -5.26 61.48 85.01
N VAL E 1054 -6.47 61.32 85.57
CA VAL E 1054 -7.62 62.06 85.04
C VAL E 1054 -7.80 63.41 85.69
N SER E 1055 -7.03 63.73 86.71
CA SER E 1055 -7.36 64.85 87.57
C SER E 1055 -6.16 65.69 87.96
N VAL E 1056 -5.05 65.60 87.23
CA VAL E 1056 -3.85 66.33 87.61
C VAL E 1056 -3.99 67.82 87.29
N ALA E 1057 -4.91 68.20 86.40
CA ALA E 1057 -5.12 69.60 86.12
C ALA E 1057 -5.80 70.32 87.27
N VAL E 1058 -6.53 69.59 88.12
CA VAL E 1058 -7.17 70.19 89.29
C VAL E 1058 -6.55 69.70 90.59
N PHE E 1059 -5.76 68.63 90.56
CA PHE E 1059 -4.81 68.36 91.64
C PHE E 1059 -3.85 69.53 91.81
N ARG E 1060 -3.27 70.00 90.70
CA ARG E 1060 -2.21 70.98 90.74
C ARG E 1060 -2.74 72.37 91.06
N ASP E 1061 -3.99 72.67 90.69
CA ASP E 1061 -4.49 74.03 90.91
C ASP E 1061 -5.05 74.22 92.31
N TYR E 1062 -5.56 73.18 92.95
CA TYR E 1062 -6.27 73.35 94.21
C TYR E 1062 -5.56 72.70 95.38
N VAL E 1063 -5.25 71.40 95.32
CA VAL E 1063 -4.77 70.70 96.52
C VAL E 1063 -3.25 70.60 96.56
N TRP E 1064 -2.56 70.85 95.45
CA TRP E 1064 -1.11 70.95 95.46
C TRP E 1064 -0.55 72.23 96.09
N PRO E 1065 -1.15 73.42 95.95
CA PRO E 1065 -0.69 74.53 96.80
C PRO E 1065 -0.94 74.31 98.27
N MET E 1066 -1.96 73.54 98.62
CA MET E 1066 -2.21 73.23 100.02
C MET E 1066 -1.16 72.27 100.55
N VAL E 1067 -0.57 71.46 99.66
CA VAL E 1067 0.61 70.67 100.02
C VAL E 1067 1.80 71.57 100.27
N LYS E 1068 2.03 72.52 99.36
CA LYS E 1068 3.18 73.41 99.43
C LYS E 1068 3.15 74.34 100.63
N ALA E 1069 1.97 74.57 101.21
CA ALA E 1069 1.89 75.28 102.47
C ALA E 1069 2.17 74.38 103.66
N GLY E 1070 2.26 73.07 103.45
CA GLY E 1070 2.47 72.14 104.54
C GLY E 1070 1.23 71.83 105.33
N ARG E 1071 0.07 72.20 104.82
CA ARG E 1071 -1.17 71.98 105.56
C ARG E 1071 -1.97 70.80 105.04
N THR E 1072 -1.49 70.09 104.04
CA THR E 1072 -2.03 68.78 103.72
C THR E 1072 -0.92 67.90 103.15
N ARG E 1073 -1.14 66.59 103.22
CA ARG E 1073 -0.14 65.60 102.87
C ARG E 1073 -0.84 64.51 102.05
N VAL E 1074 -0.40 64.28 100.83
CA VAL E 1074 -1.07 63.32 99.96
C VAL E 1074 -0.25 62.06 99.83
N LEU E 1075 -0.94 60.95 99.62
CA LEU E 1075 -0.35 59.64 99.34
C LEU E 1075 -0.67 59.31 97.90
N VAL E 1076 0.36 59.11 97.08
CA VAL E 1076 0.15 58.76 95.68
C VAL E 1076 0.18 57.24 95.62
N GLU E 1077 -1.01 56.64 95.73
CA GLU E 1077 -1.12 55.19 95.77
C GLU E 1077 -0.93 54.61 94.38
N LEU E 1078 0.05 53.75 94.24
CA LEU E 1078 0.30 53.03 93.00
C LEU E 1078 1.04 51.76 93.34
N GLY E 1079 1.03 50.81 92.41
CA GLY E 1079 1.72 49.56 92.64
C GLY E 1079 3.21 49.71 92.60
N HIS E 1080 3.75 49.98 91.41
CA HIS E 1080 5.18 50.10 91.21
C HIS E 1080 5.43 51.24 90.22
N TYR E 1081 6.61 51.82 90.27
CA TYR E 1081 6.90 52.96 89.42
C TYR E 1081 8.35 53.00 89.03
N VAL E 1082 8.59 53.43 87.79
CA VAL E 1082 9.94 53.81 87.37
C VAL E 1082 10.30 55.11 88.07
N TYR E 1083 11.52 55.18 88.59
CA TYR E 1083 11.95 56.38 89.28
C TYR E 1083 13.14 57.01 88.59
N THR E 1084 13.35 58.28 88.87
CA THR E 1084 14.47 59.06 88.35
C THR E 1084 15.07 59.82 89.53
N LEU E 1085 16.38 59.82 89.65
CA LEU E 1085 17.05 60.44 90.78
C LEU E 1085 17.73 61.72 90.32
N HIS E 1086 17.27 62.84 90.86
CA HIS E 1086 17.99 64.10 90.71
C HIS E 1086 18.97 64.24 91.88
N TYR E 1087 20.20 64.57 91.58
CA TYR E 1087 21.20 64.86 92.59
C TYR E 1087 21.61 66.32 92.51
N TYR E 1088 21.90 66.90 93.66
CA TYR E 1088 22.25 68.30 93.75
C TYR E 1088 23.43 68.46 94.71
N ASP E 1089 24.15 69.55 94.54
CA ASP E 1089 25.18 69.90 95.49
C ASP E 1089 24.53 70.65 96.65
N PRO E 1090 24.57 70.13 97.88
CA PRO E 1090 23.79 70.72 98.97
C PRO E 1090 24.35 72.02 99.54
N GLN E 1091 25.42 72.55 98.94
CA GLN E 1091 25.86 73.90 99.28
C GLN E 1091 24.87 74.95 98.78
N ILE E 1092 24.13 74.64 97.73
CA ILE E 1092 23.26 75.60 97.05
C ILE E 1092 21.84 75.43 97.56
N SER E 1093 21.17 76.55 97.80
CA SER E 1093 19.75 76.54 98.15
C SER E 1093 18.92 75.97 97.01
N LEU E 1094 17.86 75.26 97.38
CA LEU E 1094 17.08 74.53 96.38
C LEU E 1094 15.67 74.31 96.91
N ASP E 1095 14.72 74.19 95.98
CA ASP E 1095 13.36 73.80 96.26
C ASP E 1095 12.93 72.76 95.23
N GLU E 1096 12.23 71.72 95.68
CA GLU E 1096 11.94 70.58 94.84
C GLU E 1096 10.68 70.78 93.97
N ALA E 1097 9.95 71.87 94.18
CA ALA E 1097 8.77 72.11 93.36
C ALA E 1097 9.02 72.39 91.87
N PRO E 1098 10.07 73.11 91.44
CA PRO E 1098 10.37 73.12 90.00
C PRO E 1098 10.76 71.77 89.42
N ILE E 1099 11.21 70.83 90.26
CA ILE E 1099 11.46 69.47 89.81
C ILE E 1099 10.15 68.71 89.68
N LEU E 1100 9.22 68.96 90.60
CA LEU E 1100 8.06 68.09 90.77
C LEU E 1100 6.79 68.66 90.15
N GLU E 1101 6.66 69.98 90.04
CA GLU E 1101 5.57 70.53 89.25
C GLU E 1101 5.79 70.29 87.77
N GLU E 1102 7.05 70.14 87.36
CA GLU E 1102 7.37 69.66 86.02
C GLU E 1102 6.85 68.24 85.84
N TRP E 1103 6.95 67.42 86.88
CA TRP E 1103 6.41 66.07 86.82
C TRP E 1103 4.90 66.07 86.75
N LEU E 1104 4.25 66.98 87.48
CA LEU E 1104 2.80 67.07 87.42
C LEU E 1104 2.30 67.67 86.13
N SER E 1105 3.15 68.41 85.41
CA SER E 1105 2.74 68.98 84.14
C SER E 1105 2.67 67.95 83.03
N LYS E 1106 3.40 66.84 83.17
CA LYS E 1106 3.55 65.87 82.09
C LYS E 1106 2.78 64.60 82.34
N ILE E 1107 1.66 64.67 83.07
CA ILE E 1107 0.85 63.51 83.37
C ILE E 1107 -0.40 63.56 82.51
N ASN E 1108 -0.46 62.68 81.53
CA ASN E 1108 -1.65 62.52 80.69
C ASN E 1108 -2.65 61.66 81.43
N PRO E 1109 -3.86 61.49 80.89
CA PRO E 1109 -4.68 60.34 81.32
C PRO E 1109 -4.35 59.09 80.53
N ALA E 1110 -3.06 58.88 80.29
CA ALA E 1110 -2.57 57.79 79.48
C ALA E 1110 -1.31 57.14 80.03
N GLY E 1111 -0.54 57.85 80.85
CA GLY E 1111 0.70 57.36 81.39
C GLY E 1111 1.42 58.47 82.12
N ILE E 1112 2.26 58.12 83.09
CA ILE E 1112 2.90 59.12 83.93
C ILE E 1112 4.40 59.12 83.64
N PRO E 1113 5.13 60.19 83.91
CA PRO E 1113 6.58 60.16 83.78
C PRO E 1113 7.20 59.37 84.92
N PRO E 1114 8.46 58.99 84.81
CA PRO E 1114 9.14 58.40 85.96
C PRO E 1114 9.30 59.42 87.08
N VAL E 1115 9.08 58.96 88.30
CA VAL E 1115 8.93 59.84 89.46
C VAL E 1115 10.28 60.43 89.87
N PRO E 1116 10.42 61.75 89.90
CA PRO E 1116 11.69 62.35 90.30
C PRO E 1116 11.89 62.29 91.81
N PHE E 1117 13.14 62.10 92.21
CA PHE E 1117 13.54 62.14 93.60
C PHE E 1117 14.79 63.00 93.72
N CYS E 1118 14.83 63.81 94.76
CA CYS E 1118 15.84 64.84 94.90
C CYS E 1118 16.74 64.45 96.06
N ILE E 1119 17.88 63.86 95.75
CA ILE E 1119 18.80 63.30 96.73
C ILE E 1119 20.02 64.21 96.80
N PRO E 1120 20.50 64.58 97.98
CA PRO E 1120 21.77 65.30 98.05
C PRO E 1120 22.93 64.39 97.73
N ILE E 1121 23.93 64.95 97.08
CA ILE E 1121 25.19 64.24 96.91
C ILE E 1121 25.89 64.16 98.27
N PRO E 1122 26.32 62.98 98.72
CA PRO E 1122 26.96 62.87 100.04
C PRO E 1122 28.32 63.55 100.06
N GLN E 1123 28.49 64.44 101.03
CA GLN E 1123 29.68 65.27 101.13
C GLN E 1123 30.69 64.61 102.05
N VAL E 1124 31.97 64.68 101.68
CA VAL E 1124 33.02 64.14 102.52
C VAL E 1124 33.56 65.18 103.49
N TYR E 1125 33.21 66.41 103.33
CA TYR E 1125 33.56 67.52 104.19
C TYR E 1125 32.42 67.79 105.16
N PRO E 1126 32.72 68.24 106.38
CA PRO E 1126 31.64 68.72 107.25
C PRO E 1126 31.23 70.14 106.89
N CYS E 1127 30.65 70.29 105.70
CA CYS E 1127 30.30 71.58 105.14
C CYS E 1127 28.89 71.98 105.52
N ILE E 1128 28.66 73.29 105.55
CA ILE E 1128 27.36 73.82 105.96
C ILE E 1128 26.35 73.67 104.82
N THR E 1129 25.16 73.23 105.17
CA THR E 1129 24.17 72.77 104.21
C THR E 1129 23.00 73.74 104.17
N ALA E 1130 22.57 74.11 102.97
CA ALA E 1130 21.46 75.04 102.83
C ALA E 1130 20.15 74.39 103.26
N ARG E 1131 19.33 75.17 103.94
CA ARG E 1131 17.98 74.74 104.28
C ARG E 1131 17.16 74.61 103.00
N ARG E 1132 16.54 73.46 102.81
CA ARG E 1132 15.77 73.18 101.60
C ARG E 1132 14.41 72.63 101.99
N VAL E 1133 13.49 72.69 101.03
CA VAL E 1133 12.15 72.18 101.20
C VAL E 1133 11.96 71.08 100.18
N HIS E 1134 11.97 69.84 100.65
CA HIS E 1134 11.76 68.69 99.79
C HIS E 1134 10.35 68.15 99.94
N TYR E 1135 9.85 67.53 98.88
CA TYR E 1135 8.47 67.07 98.80
C TYR E 1135 8.32 65.58 98.66
N ALA E 1136 8.97 64.98 97.66
CA ALA E 1136 8.68 63.62 97.26
C ALA E 1136 9.62 62.63 97.96
N PHE E 1137 9.03 61.63 98.60
CA PHE E 1137 9.77 60.47 99.07
C PHE E 1137 8.82 59.28 99.08
N THR E 1138 9.38 58.10 99.26
CA THR E 1138 8.61 56.87 99.09
C THR E 1138 8.36 56.19 100.42
N SER E 1139 7.55 55.14 100.37
CA SER E 1139 7.10 54.43 101.57
C SER E 1139 8.00 53.24 101.88
N GLU E 1140 8.09 52.29 100.95
CA GLU E 1140 8.94 51.13 101.12
C GLU E 1140 10.39 51.52 100.82
N ASN E 1141 11.33 50.86 101.49
CA ASN E 1141 12.75 51.06 101.27
C ASN E 1141 13.12 50.65 99.85
N ASN E 1142 13.50 51.62 99.02
CA ASN E 1142 13.82 51.39 97.62
C ASN E 1142 15.28 51.71 97.30
N ASN E 1143 16.14 51.65 98.31
CA ASN E 1143 17.53 52.07 98.17
C ASN E 1143 18.46 50.90 97.87
N ASP E 1144 17.95 49.86 97.20
CA ASP E 1144 18.72 48.65 97.00
C ASP E 1144 19.76 48.80 95.89
N SER E 1145 19.53 49.70 94.94
CA SER E 1145 20.46 49.86 93.83
C SER E 1145 21.75 50.55 94.25
N LEU E 1146 21.73 51.27 95.37
CA LEU E 1146 22.91 52.00 95.82
C LEU E 1146 23.97 51.03 96.30
N PHE E 1147 25.18 51.17 95.76
CA PHE E 1147 26.27 50.26 96.08
C PHE E 1147 27.19 50.84 97.15
N SER E 1148 27.74 52.02 96.92
CA SER E 1148 28.69 52.62 97.85
C SER E 1148 28.58 54.13 97.77
N THR E 1149 28.67 54.78 98.93
CA THR E 1149 28.41 56.21 98.96
C THR E 1149 29.58 57.08 98.47
N ASN E 1150 30.72 57.10 99.14
CA ASN E 1150 31.87 57.90 98.71
C ASN E 1150 33.02 56.92 98.69
N ALA E 1151 33.21 56.28 97.54
CA ALA E 1151 34.14 55.16 97.46
C ALA E 1151 35.58 55.64 97.61
N ALA E 1152 36.03 56.55 96.76
CA ALA E 1152 37.42 56.97 96.72
C ALA E 1152 37.85 57.79 97.92
N SER E 1153 36.93 58.19 98.78
CA SER E 1153 37.26 58.98 99.95
C SER E 1153 37.59 58.08 101.13
N ILE E 1154 37.73 58.68 102.30
CA ILE E 1154 38.02 57.92 103.51
C ILE E 1154 36.84 57.91 104.49
N ASP E 1155 35.90 58.84 104.36
CA ASP E 1155 34.73 58.91 105.23
C ASP E 1155 33.70 59.79 104.57
N THR E 1156 32.43 59.44 104.76
CA THR E 1156 31.31 60.28 104.35
C THR E 1156 30.91 61.11 105.56
N ALA E 1157 31.11 62.43 105.47
CA ALA E 1157 30.85 63.29 106.62
C ALA E 1157 29.39 63.72 106.69
N PHE E 1158 28.80 64.15 105.58
CA PHE E 1158 27.46 64.70 105.61
C PHE E 1158 26.38 63.69 105.21
N GLY E 1159 26.53 63.07 104.05
CA GLY E 1159 25.49 62.18 103.55
C GLY E 1159 25.44 60.86 104.31
N GLU E 1160 24.66 59.95 103.75
CA GLU E 1160 24.57 58.63 104.34
C GLU E 1160 25.86 57.85 104.08
N ASN E 1161 26.37 57.20 105.13
CA ASN E 1161 27.61 56.43 105.03
C ASN E 1161 27.31 54.97 104.68
N ALA E 1162 26.54 54.79 103.62
CA ALA E 1162 26.15 53.47 103.15
C ALA E 1162 27.30 52.90 102.35
N ALA E 1163 28.17 52.13 103.00
CA ALA E 1163 29.35 51.57 102.37
C ALA E 1163 28.97 50.36 101.53
N VAL E 1164 29.97 49.60 101.08
CA VAL E 1164 29.73 48.41 100.29
C VAL E 1164 29.11 47.35 101.19
N SER E 1165 27.90 46.93 100.86
CA SER E 1165 27.21 45.94 101.67
C SER E 1165 27.84 44.58 101.44
N PRO E 1166 28.39 43.94 102.47
CA PRO E 1166 29.02 42.62 102.27
C PRO E 1166 28.03 41.49 102.04
N LEU E 1167 26.72 41.72 102.25
CA LEU E 1167 25.74 40.69 101.97
C LEU E 1167 25.56 40.44 100.49
N ARG E 1168 25.91 41.40 99.64
CA ARG E 1168 25.97 41.15 98.21
C ARG E 1168 27.25 40.47 97.79
N TRP E 1169 28.21 40.31 98.69
CA TRP E 1169 29.49 39.66 98.39
C TRP E 1169 29.84 38.58 99.40
N PRO E 1170 29.05 37.49 99.52
CA PRO E 1170 29.49 36.42 100.43
C PRO E 1170 30.66 35.63 99.88
N GLY E 1171 30.76 35.49 98.56
CA GLY E 1171 31.85 34.76 97.98
C GLY E 1171 33.19 35.45 98.02
N LEU E 1172 33.27 36.66 98.53
CA LEU E 1172 34.52 37.40 98.61
C LEU E 1172 34.97 37.65 100.04
N VAL E 1173 34.06 38.00 100.94
CA VAL E 1173 34.43 38.47 102.26
C VAL E 1173 33.92 37.59 103.39
N ASP E 1174 33.02 36.65 103.13
CA ASP E 1174 32.47 35.82 104.19
C ASP E 1174 33.34 34.59 104.38
N PRO E 1175 33.86 34.34 105.58
CA PRO E 1175 34.59 33.08 105.82
C PRO E 1175 33.69 31.86 105.85
N ASN E 1176 32.39 32.04 106.06
CA ASN E 1176 31.45 30.93 106.09
C ASN E 1176 30.85 30.64 104.73
N TYR E 1177 31.45 31.15 103.66
CA TYR E 1177 30.97 30.89 102.31
C TYR E 1177 31.45 29.52 101.88
N ARG E 1178 30.56 28.53 102.01
CA ARG E 1178 30.81 27.26 101.37
C ARG E 1178 30.60 27.41 99.87
N VAL E 1179 31.52 26.85 99.08
CA VAL E 1179 31.51 27.05 97.64
C VAL E 1179 30.33 26.29 97.03
N GLY E 1180 29.64 26.93 96.09
CA GLY E 1180 28.47 26.37 95.47
C GLY E 1180 27.15 26.79 96.08
N THR E 1181 27.14 27.84 96.90
CA THR E 1181 25.93 28.30 97.56
C THR E 1181 25.57 29.69 97.07
N ASN E 1182 24.26 29.95 97.01
CA ASN E 1182 23.76 31.29 96.71
C ASN E 1182 22.49 31.54 97.51
N ASP E 1183 22.00 32.76 97.44
CA ASP E 1183 20.75 33.19 98.06
C ASP E 1183 19.87 33.86 97.02
N LEU E 1184 19.72 33.15 95.90
CA LEU E 1184 19.31 33.75 94.64
C LEU E 1184 17.91 34.37 94.58
N PRO E 1185 16.82 33.76 95.10
CA PRO E 1185 15.53 34.46 94.99
C PRO E 1185 15.38 35.67 95.89
N ASN E 1186 16.32 35.90 96.82
CA ASN E 1186 16.24 37.05 97.72
C ASN E 1186 17.15 38.19 97.28
N ARG E 1187 18.44 37.93 97.13
CA ARG E 1187 19.34 38.96 96.62
C ARG E 1187 20.33 38.31 95.67
N ILE E 1188 20.87 39.14 94.78
CA ILE E 1188 21.83 38.69 93.78
C ILE E 1188 23.22 38.89 94.34
N THR E 1189 23.91 37.79 94.57
CA THR E 1189 25.33 37.81 94.92
C THR E 1189 26.17 38.14 93.70
N LEU E 1190 26.99 39.17 93.80
CA LEU E 1190 27.77 39.64 92.66
C LEU E 1190 29.10 38.94 92.49
N TYR E 1191 29.46 38.01 93.37
CA TYR E 1191 30.74 37.32 93.29
C TYR E 1191 30.53 35.87 93.70
N ASN E 1192 30.51 34.97 92.71
CA ASN E 1192 30.29 33.56 93.00
C ASN E 1192 31.37 32.70 92.38
N SER E 1193 31.18 31.39 92.45
CA SER E 1193 31.97 30.40 91.74
C SER E 1193 31.16 29.89 90.57
N LEU E 1194 31.83 29.58 89.46
CA LEU E 1194 31.12 29.15 88.27
C LEU E 1194 31.87 28.01 87.61
N TYR E 1195 31.11 27.05 87.11
CA TYR E 1195 31.66 26.08 86.17
C TYR E 1195 31.88 26.78 84.83
N ARG E 1196 33.04 26.58 84.23
CA ARG E 1196 33.37 27.23 82.98
C ARG E 1196 33.78 26.17 81.97
N TYR E 1197 33.09 26.11 80.86
CA TYR E 1197 33.01 24.93 80.01
C TYR E 1197 33.91 25.09 78.80
N ASN E 1198 34.84 24.17 78.63
CA ASN E 1198 35.69 24.14 77.45
C ASN E 1198 35.19 23.03 76.53
N PHE E 1199 34.17 23.37 75.75
CA PHE E 1199 33.58 22.43 74.82
C PHE E 1199 34.29 22.44 73.47
N THR E 1200 34.25 21.29 72.80
CA THR E 1200 34.63 21.18 71.40
C THR E 1200 33.37 20.87 70.60
N TYR E 1201 33.31 21.41 69.38
CA TYR E 1201 32.09 21.41 68.57
C TYR E 1201 32.35 20.66 67.27
N PRO E 1202 32.17 19.34 67.26
CA PRO E 1202 32.37 18.60 66.01
C PRO E 1202 31.14 18.69 65.14
N THR E 1203 31.38 18.53 63.84
CA THR E 1203 30.30 18.24 62.90
C THR E 1203 30.11 16.72 62.88
N LEU E 1204 29.36 16.22 61.90
CA LEU E 1204 29.24 14.78 61.75
C LEU E 1204 30.53 14.15 61.25
N ASP E 1205 31.39 14.92 60.58
CA ASP E 1205 32.67 14.39 60.10
C ASP E 1205 33.61 14.09 61.26
N GLY E 1206 33.53 14.86 62.34
CA GLY E 1206 34.32 14.57 63.52
C GLY E 1206 33.78 13.47 64.40
N ILE E 1207 32.63 12.92 64.05
CA ILE E 1207 32.00 11.84 64.80
C ILE E 1207 32.14 10.52 64.07
N MET E 1208 31.59 10.42 62.87
CA MET E 1208 31.54 9.18 62.12
C MET E 1208 32.18 9.35 60.75
N TYR E 1209 32.60 8.24 60.18
CA TYR E 1209 33.15 8.20 58.84
C TYR E 1209 32.07 7.65 57.91
N VAL E 1210 31.60 8.49 56.98
CA VAL E 1210 30.50 8.14 56.11
C VAL E 1210 31.05 7.80 54.73
N ARG E 1211 30.97 6.53 54.36
CA ARG E 1211 31.23 6.06 53.01
C ARG E 1211 30.53 4.73 52.77
N SER F 15 8.49 157.86 108.44
CA SER F 15 9.66 157.32 107.75
C SER F 15 9.60 155.81 107.66
N PRO F 16 9.42 155.29 106.44
CA PRO F 16 9.35 153.84 106.27
C PRO F 16 10.72 153.21 106.41
N ALA F 17 10.72 151.96 106.89
CA ALA F 17 11.92 151.15 107.16
C ALA F 17 12.88 151.83 108.13
N ASP F 18 12.36 152.65 109.01
CA ASP F 18 13.11 153.26 110.08
C ASP F 18 12.42 153.10 111.42
N THR F 19 11.08 153.15 111.43
CA THR F 19 10.34 152.96 112.66
C THR F 19 10.40 151.51 113.12
N ASN F 20 10.37 150.58 112.18
CA ASN F 20 10.17 149.18 112.50
C ASN F 20 11.34 148.30 112.07
N VAL F 21 12.56 148.72 112.41
CA VAL F 21 13.72 147.87 112.24
C VAL F 21 13.67 146.71 113.22
N VAL F 22 13.77 145.50 112.68
CA VAL F 22 13.79 144.27 113.50
C VAL F 22 15.08 143.53 113.15
N PRO F 23 15.51 142.59 113.99
CA PRO F 23 16.63 141.73 113.59
C PRO F 23 16.28 140.85 112.40
N ALA F 24 17.24 140.72 111.49
CA ALA F 24 17.03 140.01 110.24
C ALA F 24 17.07 138.49 110.47
N LYS F 25 16.90 137.74 109.38
CA LYS F 25 16.87 136.29 109.47
C LYS F 25 18.27 135.76 109.73
N ASP F 26 18.38 134.85 110.72
CA ASP F 26 19.65 134.29 111.20
C ASP F 26 20.61 135.39 111.63
N ALA F 27 20.11 136.29 112.46
CA ALA F 27 20.89 137.45 112.89
C ALA F 27 22.13 137.15 113.74
N PRO F 28 22.17 136.16 114.65
CA PRO F 28 23.46 135.91 115.33
C PRO F 28 24.53 135.33 114.43
N THR F 29 24.18 134.37 113.59
CA THR F 29 25.15 133.68 112.75
C THR F 29 25.14 134.18 111.32
N THR F 30 24.92 135.48 111.11
CA THR F 30 24.92 136.01 109.76
C THR F 30 26.34 136.18 109.23
N ASN F 31 27.19 136.85 109.99
CA ASN F 31 28.52 137.25 109.55
C ASN F 31 29.60 136.25 109.95
N SER F 32 29.25 134.98 110.04
CA SER F 32 30.22 133.98 110.44
C SER F 32 31.12 133.62 109.27
N PRO F 33 32.44 133.72 109.41
CA PRO F 33 33.33 133.29 108.33
C PRO F 33 33.40 131.78 108.28
N PRO F 34 33.55 131.22 107.08
CA PRO F 34 33.69 129.76 106.97
C PRO F 34 35.06 129.27 107.41
N SER F 35 35.26 129.15 108.72
CA SER F 35 36.56 128.76 109.24
C SER F 35 36.36 127.92 110.51
N THR F 36 37.39 127.13 110.82
CA THR F 36 37.39 126.29 112.00
C THR F 36 38.49 126.67 112.97
N THR F 37 39.13 127.82 112.78
CA THR F 37 40.28 128.19 113.59
C THR F 37 39.86 128.57 115.01
N SER F 38 39.06 129.63 115.13
CA SER F 38 38.45 129.99 116.40
C SER F 38 37.16 130.71 116.06
N PRO F 39 36.06 129.96 115.94
CA PRO F 39 34.89 130.49 115.23
C PRO F 39 34.14 131.56 116.00
N ASN F 40 34.04 131.42 117.32
CA ASN F 40 33.41 132.45 118.12
C ASN F 40 34.25 133.72 118.14
N GLN F 41 35.57 133.57 118.12
CA GLN F 41 36.44 134.74 118.05
C GLN F 41 36.39 135.38 116.67
N ALA F 42 36.32 134.55 115.62
CA ALA F 42 36.34 135.07 114.26
C ALA F 42 35.00 135.66 113.83
N ALA F 43 33.90 135.17 114.40
CA ALA F 43 32.60 135.75 114.07
C ALA F 43 32.42 137.11 114.74
N ALA F 44 33.05 137.32 115.89
CA ALA F 44 32.92 138.60 116.57
C ALA F 44 33.71 139.67 115.85
N ASP F 45 34.87 139.32 115.31
CA ASP F 45 35.66 140.29 114.55
C ASP F 45 35.04 140.59 113.21
N ALA F 46 34.34 139.62 112.62
CA ALA F 46 33.62 139.88 111.38
C ALA F 46 32.32 140.62 111.64
N ASN F 47 31.71 140.42 112.81
CA ASN F 47 30.62 141.30 113.22
C ASN F 47 31.13 142.69 113.56
N GLN F 48 32.39 142.80 113.98
CA GLN F 48 32.94 144.10 114.36
C GLN F 48 33.14 144.99 113.15
N GLN F 49 33.49 144.41 112.00
CA GLN F 49 33.71 145.21 110.81
C GLN F 49 32.47 145.31 109.93
N GLN F 50 31.45 144.49 110.17
CA GLN F 50 30.18 144.69 109.48
C GLN F 50 29.50 145.95 109.98
N ALA F 51 29.60 146.21 111.28
CA ALA F 51 29.16 147.49 111.83
C ALA F 51 30.12 148.62 111.52
N GLY F 52 31.30 148.32 110.99
CA GLY F 52 32.24 149.36 110.61
C GLY F 52 33.02 149.96 111.75
N ILE F 53 33.00 149.35 112.92
CA ILE F 53 33.75 149.87 114.06
C ILE F 53 35.20 149.43 113.92
N VAL F 54 36.09 150.41 113.77
CA VAL F 54 37.51 150.12 113.58
C VAL F 54 38.11 149.64 114.89
N SER F 55 38.96 148.62 114.80
CA SER F 55 39.58 148.03 115.99
C SER F 55 40.58 148.95 116.68
N SER F 56 40.95 150.08 116.06
CA SER F 56 41.74 151.08 116.78
C SER F 56 40.87 151.91 117.70
N GLN F 57 39.59 152.06 117.36
CA GLN F 57 38.66 152.81 118.20
C GLN F 57 38.28 152.00 119.44
N SER F 58 37.73 150.80 119.23
CA SER F 58 37.43 149.91 120.33
C SER F 58 38.73 149.37 120.91
N GLY F 59 38.94 149.56 122.20
CA GLY F 59 40.20 149.24 122.81
C GLY F 59 40.19 147.81 123.30
N PRO F 60 40.20 147.62 124.62
CA PRO F 60 40.05 146.27 125.18
C PRO F 60 38.68 145.66 124.96
N ASN F 61 37.69 146.43 124.47
CA ASN F 61 36.34 145.93 124.28
C ASN F 61 36.23 144.94 123.13
N ALA F 62 37.20 144.91 122.23
CA ALA F 62 37.18 144.02 121.08
C ALA F 62 38.30 142.98 121.11
N VAL F 63 39.05 142.91 122.21
CA VAL F 63 40.15 141.96 122.29
C VAL F 63 39.61 140.55 122.51
N GLY F 64 38.95 140.33 123.65
CA GLY F 64 38.34 139.05 123.90
C GLY F 64 36.85 139.14 123.75
N ASP F 65 36.33 138.63 122.64
CA ASP F 65 34.91 138.70 122.37
C ASP F 65 34.49 137.46 121.59
N SER F 66 33.25 137.05 121.80
CA SER F 66 32.75 135.86 121.14
C SER F 66 31.33 136.10 120.66
N ALA F 67 31.05 135.67 119.43
CA ALA F 67 29.76 135.77 118.81
C ALA F 67 29.34 134.41 118.32
N PRO F 68 28.03 134.13 118.23
CA PRO F 68 27.59 132.83 117.71
C PRO F 68 27.95 132.68 116.23
N SER F 69 28.73 131.65 115.93
CA SER F 69 29.14 131.37 114.56
C SER F 69 28.35 130.21 114.01
N SER F 70 28.20 130.17 112.68
CA SER F 70 27.47 129.09 112.04
C SER F 70 28.27 127.81 111.98
N SER F 71 29.57 127.87 112.19
CA SER F 71 30.41 126.69 112.19
C SER F 71 30.53 126.04 113.55
N VAL F 72 29.79 126.50 114.54
CA VAL F 72 29.63 125.83 115.82
C VAL F 72 28.15 125.50 115.99
N ASN F 73 27.85 124.23 116.27
CA ASN F 73 26.46 123.80 116.37
C ASN F 73 25.87 124.16 117.73
N ASN F 74 24.72 123.58 118.05
CA ASN F 74 24.10 123.83 119.35
C ASN F 74 24.89 123.20 120.48
N ASP F 75 25.68 122.17 120.20
CA ASP F 75 26.63 121.63 121.15
C ASP F 75 27.93 122.42 121.02
N GLY F 76 28.98 121.95 121.67
CA GLY F 76 30.24 122.68 121.60
C GLY F 76 31.07 122.40 120.37
N ASP F 77 30.60 121.60 119.45
CA ASP F 77 31.44 121.07 118.39
C ASP F 77 31.62 122.09 117.26
N ILE F 78 32.86 122.35 116.89
CA ILE F 78 33.16 123.10 115.67
C ILE F 78 32.81 122.22 114.49
N ILE F 79 31.88 122.70 113.66
CA ILE F 79 31.28 121.86 112.64
C ILE F 79 31.55 122.50 111.28
N THR F 80 31.59 121.67 110.24
CA THR F 80 31.92 122.12 108.89
C THR F 80 30.67 122.27 108.02
N ARG F 81 29.94 121.24 107.89
CA ARG F 81 28.67 121.05 107.22
C ARG F 81 27.54 121.20 108.23
N PRO F 82 26.31 121.50 107.81
CA PRO F 82 25.19 121.58 108.76
C PRO F 82 24.89 120.25 109.43
N THR F 83 24.05 120.32 110.45
CA THR F 83 23.77 119.14 111.27
C THR F 83 22.91 118.14 110.51
N SER F 84 22.11 118.63 109.56
CA SER F 84 21.22 117.76 108.80
C SER F 84 21.98 116.79 107.92
N ASP F 85 22.94 117.29 107.15
CA ASP F 85 23.77 116.42 106.32
C ASP F 85 25.05 115.98 107.02
N SER F 86 25.11 116.13 108.33
CA SER F 86 26.13 115.45 109.14
C SER F 86 25.57 114.25 109.86
N ILE F 87 24.31 114.29 110.27
CA ILE F 87 23.60 113.08 110.69
C ILE F 87 23.44 112.15 109.50
N ALA F 88 23.20 112.72 108.32
CA ALA F 88 23.08 111.93 107.10
C ALA F 88 24.40 111.32 106.68
N ALA F 89 25.53 111.88 107.13
CA ALA F 89 26.81 111.24 106.86
C ALA F 89 26.97 109.98 107.69
N VAL F 90 26.46 109.99 108.92
CA VAL F 90 26.55 108.82 109.79
C VAL F 90 25.58 107.75 109.34
N ALA F 91 24.35 108.16 108.98
CA ALA F 91 23.33 107.19 108.59
C ALA F 91 23.64 106.54 107.26
N ASN F 92 24.26 107.26 106.34
CA ASN F 92 24.67 106.65 105.07
C ASN F 92 25.87 105.74 105.26
N ALA F 93 26.70 106.00 106.28
CA ALA F 93 27.89 105.21 106.49
C ALA F 93 27.58 103.82 107.03
N THR F 94 26.42 103.63 107.65
CA THR F 94 26.00 102.32 108.14
C THR F 94 24.71 101.97 107.41
N LYS F 95 24.85 101.37 106.23
CA LYS F 95 23.71 100.82 105.49
C LYS F 95 24.11 99.46 104.93
N PRO F 96 23.78 98.39 105.64
CA PRO F 96 23.99 97.06 105.08
C PRO F 96 23.04 96.81 103.93
N ALA F 97 23.43 95.87 103.07
CA ALA F 97 22.60 95.52 101.94
C ALA F 97 21.37 94.75 102.40
N ALA F 98 20.19 95.20 101.95
CA ALA F 98 18.96 94.54 102.34
C ALA F 98 18.82 93.19 101.67
N VAL F 99 19.32 93.06 100.44
CA VAL F 99 19.27 91.82 99.69
C VAL F 99 20.70 91.39 99.43
N VAL F 100 21.11 90.28 100.04
CA VAL F 100 22.44 89.71 99.85
C VAL F 100 22.24 88.34 99.24
N SER F 101 22.63 88.18 97.98
CA SER F 101 22.47 86.92 97.28
C SER F 101 23.54 85.95 97.76
N ASP F 102 23.16 85.10 98.70
CA ASP F 102 24.03 84.05 99.21
C ASP F 102 23.54 82.68 98.72
N PRO F 103 24.44 81.72 98.52
CA PRO F 103 24.01 80.42 97.98
C PRO F 103 23.21 79.58 98.94
N GLN F 104 23.32 79.81 100.25
CA GLN F 104 22.48 79.15 101.24
C GLN F 104 21.40 80.13 101.65
N SER F 105 20.15 79.82 101.30
CA SER F 105 19.05 80.72 101.60
C SER F 105 17.76 79.95 101.68
N MET F 106 16.75 80.58 102.29
CA MET F 106 15.40 80.05 102.31
C MET F 106 14.80 80.23 100.93
N LYS F 107 15.00 79.24 100.05
CA LYS F 107 14.52 79.31 98.67
C LYS F 107 13.22 78.51 98.59
N VAL F 108 12.09 79.24 98.56
CA VAL F 108 10.77 78.65 98.61
C VAL F 108 9.99 79.10 97.38
N THR F 109 9.45 78.13 96.64
CA THR F 109 8.58 78.41 95.51
C THR F 109 7.28 79.04 96.01
N PRO F 110 6.71 80.01 95.28
CA PRO F 110 5.40 80.57 95.67
C PRO F 110 4.31 79.51 95.71
N ILE F 111 3.39 79.69 96.66
CA ILE F 111 2.41 78.65 97.00
C ILE F 111 1.39 78.49 95.88
N VAL F 112 0.65 79.56 95.58
CA VAL F 112 -0.25 79.52 94.44
C VAL F 112 0.54 79.59 93.14
N ASN F 113 -0.12 79.25 92.05
CA ASN F 113 0.54 79.16 90.76
C ASN F 113 0.77 80.56 90.19
N PRO F 114 2.01 80.95 89.92
CA PRO F 114 2.24 82.26 89.30
C PRO F 114 1.98 82.22 87.80
N SER F 115 2.09 81.04 87.20
CA SER F 115 1.88 80.91 85.77
C SER F 115 0.40 80.85 85.41
N SER F 116 -0.43 80.29 86.28
CA SER F 116 -1.87 80.18 86.03
C SER F 116 -2.61 80.51 87.32
N TYR F 117 -2.93 81.79 87.51
CA TYR F 117 -3.81 82.20 88.58
C TYR F 117 -5.24 81.86 88.17
N VAL F 118 -5.86 80.92 88.88
CA VAL F 118 -7.17 80.43 88.49
C VAL F 118 -8.24 81.46 88.84
N CYS F 119 -9.37 81.35 88.15
CA CYS F 119 -10.50 82.26 88.27
C CYS F 119 -11.22 82.09 89.62
N ASN F 120 -11.90 83.17 90.02
CA ASN F 120 -12.57 83.20 91.32
C ASN F 120 -13.79 82.26 91.33
N VAL F 121 -14.57 82.29 90.25
CA VAL F 121 -15.72 81.40 90.13
C VAL F 121 -15.40 80.19 89.26
N CYS F 122 -14.42 80.31 88.36
CA CYS F 122 -14.17 79.32 87.33
C CYS F 122 -12.71 78.87 87.41
N ASN F 123 -12.21 78.20 86.37
CA ASN F 123 -10.78 77.99 86.17
C ASN F 123 -10.31 78.56 84.84
N ALA F 124 -10.74 79.77 84.51
CA ALA F 124 -10.27 80.46 83.30
C ALA F 124 -8.90 81.04 83.61
N ARG F 125 -7.85 80.33 83.22
CA ARG F 125 -6.49 80.77 83.49
C ARG F 125 -6.08 81.88 82.52
N PHE F 126 -5.14 82.71 82.96
CA PHE F 126 -4.59 83.78 82.16
C PHE F 126 -3.12 83.96 82.51
N SER F 127 -2.43 84.78 81.72
CA SER F 127 -1.07 85.20 82.04
C SER F 127 -1.04 86.46 82.89
N THR F 128 -2.15 87.17 83.02
CA THR F 128 -2.23 88.42 83.77
C THR F 128 -3.57 88.45 84.49
N MET F 129 -3.56 88.85 85.77
CA MET F 129 -4.78 88.89 86.56
C MET F 129 -5.67 90.07 86.15
N SER F 130 -5.12 91.04 85.41
CA SER F 130 -5.94 92.13 84.86
C SER F 130 -6.94 91.62 83.83
N ALA F 131 -6.57 90.57 83.09
CA ALA F 131 -7.52 89.91 82.21
C ALA F 131 -8.46 88.97 82.97
N LEU F 132 -8.10 88.61 84.21
CA LEU F 132 -8.94 87.75 85.03
C LEU F 132 -9.98 88.54 85.83
N SER F 133 -9.63 89.76 86.25
CA SER F 133 -10.62 90.61 86.92
C SER F 133 -11.70 91.09 85.96
N GLU F 134 -11.38 91.15 84.66
CA GLU F 134 -12.36 91.48 83.64
C GLU F 134 -13.23 90.30 83.24
N HIS F 135 -12.86 89.08 83.65
CA HIS F 135 -13.67 87.91 83.31
C HIS F 135 -14.96 87.87 84.13
N LEU F 136 -14.87 88.22 85.42
CA LEU F 136 -16.07 88.31 86.23
C LEU F 136 -16.90 89.52 85.84
N ARG F 137 -16.26 90.57 85.31
CA ARG F 137 -16.98 91.68 84.72
C ARG F 137 -17.63 91.29 83.39
N SER F 138 -17.10 90.28 82.71
CA SER F 138 -17.69 89.80 81.47
C SER F 138 -18.69 88.66 81.71
N ASP F 139 -18.32 87.66 82.49
CA ASP F 139 -19.07 86.40 82.53
C ASP F 139 -19.95 86.27 83.77
N HIS F 140 -19.40 86.43 84.97
CA HIS F 140 -20.15 86.17 86.20
C HIS F 140 -20.59 87.51 86.79
N ARG F 141 -21.72 88.02 86.29
CA ARG F 141 -22.28 89.27 86.80
C ARG F 141 -23.42 89.02 87.78
N ASN F 155 -28.44 79.83 74.03
CA ASN F 155 -28.00 78.55 74.58
C ASN F 155 -28.40 78.40 76.05
N ALA F 156 -28.46 77.15 76.49
CA ALA F 156 -28.61 76.83 77.91
C ALA F 156 -27.27 76.43 78.53
N ILE F 157 -26.62 75.42 77.97
CA ILE F 157 -25.23 75.10 78.27
C ILE F 157 -24.37 75.89 77.31
N ARG F 158 -23.38 76.62 77.82
CA ARG F 158 -22.52 77.37 76.92
C ARG F 158 -21.19 76.70 76.66
N SER F 159 -20.61 76.01 77.65
CA SER F 159 -19.27 75.45 77.55
C SER F 159 -19.05 74.51 78.72
N PHE F 160 -17.89 73.87 78.72
CA PHE F 160 -17.37 73.17 79.89
C PHE F 160 -15.87 73.39 79.94
N LEU F 161 -15.21 72.65 80.83
CA LEU F 161 -13.76 72.72 80.93
C LEU F 161 -13.31 71.37 81.46
N THR F 162 -12.63 70.59 80.62
CA THR F 162 -12.23 69.25 81.00
C THR F 162 -11.09 69.29 82.00
N ALA F 163 -11.18 68.49 83.04
CA ALA F 163 -10.14 68.43 84.05
C ALA F 163 -9.04 67.44 83.72
N TRP F 164 -9.12 66.77 82.57
CA TRP F 164 -8.09 65.84 82.17
C TRP F 164 -7.20 66.35 81.06
N ASP F 165 -7.71 67.27 80.23
CA ASP F 165 -6.96 67.78 79.09
C ASP F 165 -6.87 69.29 79.09
N ASP F 166 -7.69 69.97 79.90
CA ASP F 166 -7.71 71.44 80.06
C ASP F 166 -8.00 72.13 78.73
N ILE F 167 -9.10 71.74 78.11
CA ILE F 167 -9.62 72.38 76.91
C ILE F 167 -11.10 72.69 77.12
N ARG F 168 -11.56 73.75 76.47
CA ARG F 168 -12.97 74.14 76.55
C ARG F 168 -13.75 73.45 75.44
N ILE F 169 -14.95 72.98 75.78
CA ILE F 169 -15.84 72.33 74.84
C ILE F 169 -17.03 73.26 74.65
N LEU F 170 -17.02 74.04 73.57
CA LEU F 170 -18.09 74.97 73.32
C LEU F 170 -19.34 74.25 72.81
N SER F 171 -20.49 74.80 73.16
CA SER F 171 -21.75 74.33 72.63
C SER F 171 -21.86 74.69 71.15
N PRO F 172 -22.64 73.95 70.37
CA PRO F 172 -22.90 74.38 68.99
C PRO F 172 -23.75 75.64 68.95
N ASP F 173 -23.73 76.28 67.78
CA ASP F 173 -24.35 77.59 67.63
C ASP F 173 -25.87 77.52 67.66
N VAL F 174 -26.49 78.64 68.01
CA VAL F 174 -27.95 78.71 68.09
C VAL F 174 -28.56 78.67 66.70
N SER F 175 -28.01 79.46 65.77
CA SER F 175 -28.51 79.52 64.40
C SER F 175 -28.08 78.26 63.67
N SER F 176 -28.83 77.18 63.90
CA SER F 176 -28.59 75.91 63.25
C SER F 176 -29.32 75.80 61.91
N LYS F 177 -30.00 76.85 61.49
CA LYS F 177 -30.63 76.86 60.17
C LYS F 177 -29.59 76.95 59.06
N SER F 178 -28.41 77.51 59.35
CA SER F 178 -27.31 77.48 58.40
C SER F 178 -26.76 76.07 58.23
N LEU F 179 -26.89 75.23 59.26
CA LEU F 179 -26.44 73.85 59.16
C LEU F 179 -27.37 73.05 58.26
N SER F 180 -26.86 71.91 57.79
CA SER F 180 -27.59 71.08 56.83
C SER F 180 -28.70 70.31 57.54
N ALA F 181 -29.81 70.12 56.81
CA ALA F 181 -30.93 69.31 57.25
C ALA F 181 -30.98 68.05 56.38
N TYR F 182 -31.18 66.90 57.00
CA TYR F 182 -31.00 65.62 56.32
C TYR F 182 -32.35 64.94 56.08
N LEU F 183 -32.75 64.89 54.81
CA LEU F 183 -33.73 63.95 54.27
C LEU F 183 -35.11 64.13 54.91
N ASP F 184 -35.70 65.30 54.66
CA ASP F 184 -37.04 65.69 55.11
C ASP F 184 -37.15 65.69 56.63
N SER F 185 -36.06 66.03 57.31
CA SER F 185 -36.04 66.20 58.76
C SER F 185 -35.41 67.54 59.09
N ALA F 186 -36.02 68.26 60.02
CA ALA F 186 -35.59 69.60 60.37
C ALA F 186 -34.82 69.59 61.68
N VAL F 187 -33.78 70.41 61.75
CA VAL F 187 -33.03 70.58 63.00
C VAL F 187 -33.90 71.35 63.98
N ALA F 188 -34.14 70.76 65.15
CA ALA F 188 -35.00 71.37 66.13
C ALA F 188 -34.30 72.50 66.86
N ASN F 189 -35.04 73.55 67.15
CA ASN F 189 -34.52 74.70 67.87
C ASN F 189 -35.34 74.94 69.13
N GLY F 190 -34.75 75.67 70.07
CA GLY F 190 -35.46 76.07 71.25
C GLY F 190 -36.48 77.14 70.94
N PRO F 191 -37.67 77.02 71.51
CA PRO F 191 -38.69 78.05 71.32
C PRO F 191 -38.31 79.33 72.03
N GLU F 192 -38.83 80.45 71.52
CA GLU F 192 -38.53 81.77 72.07
C GLU F 192 -39.45 81.97 73.28
N LEU F 193 -39.02 81.40 74.40
CA LEU F 193 -39.81 81.51 75.62
C LEU F 193 -39.69 82.90 76.23
N ILE F 194 -38.46 83.37 76.41
CA ILE F 194 -38.21 84.60 77.15
C ILE F 194 -38.38 85.77 76.20
N ILE F 195 -39.51 86.46 76.31
CA ILE F 195 -39.72 87.76 75.70
C ILE F 195 -40.24 88.67 76.79
N GLU F 196 -39.61 89.82 76.96
CA GLU F 196 -39.86 90.64 78.13
C GLU F 196 -39.86 92.11 77.75
N ASP F 197 -40.79 92.87 78.31
CA ASP F 197 -40.89 94.29 78.05
C ASP F 197 -40.93 95.07 79.36
N THR F 198 -40.57 96.35 79.26
CA THR F 198 -40.61 97.24 80.40
C THR F 198 -41.76 98.23 80.34
N GLY F 199 -42.51 98.26 79.25
CA GLY F 199 -43.60 99.20 79.11
C GLY F 199 -44.85 98.78 79.85
N LEU F 200 -45.98 99.29 79.39
CA LEU F 200 -47.23 99.06 80.08
C LEU F 200 -47.81 97.70 79.72
N CYS F 201 -48.42 97.07 80.72
CA CYS F 201 -49.09 95.78 80.58
C CYS F 201 -50.51 96.00 80.03
N THR F 202 -50.60 96.53 78.81
CA THR F 202 -51.90 96.84 78.24
C THR F 202 -52.00 96.41 76.78
N SER F 203 -53.25 96.21 76.38
CA SER F 203 -53.61 96.00 74.99
C SER F 203 -54.76 96.91 74.58
N PHE F 204 -55.15 97.84 75.45
CA PHE F 204 -56.33 98.69 75.29
C PHE F 204 -55.89 100.14 75.41
N MET F 205 -55.50 100.76 74.31
CA MET F 205 -55.30 102.20 74.37
C MET F 205 -56.66 102.90 74.43
N LEU F 206 -56.66 104.08 75.01
CA LEU F 206 -57.85 104.90 75.13
C LEU F 206 -57.76 105.96 74.05
N LEU F 207 -58.41 105.70 72.92
CA LEU F 207 -58.28 106.53 71.74
C LEU F 207 -59.43 107.53 71.68
N ASP F 208 -59.14 108.71 71.14
CA ASP F 208 -60.15 109.72 70.88
C ASP F 208 -60.49 109.73 69.39
N ASN F 209 -61.72 109.37 69.06
CA ASN F 209 -62.13 109.42 67.66
C ASN F 209 -62.25 110.84 67.19
N ILE F 210 -63.07 111.64 67.86
CA ILE F 210 -63.35 113.00 67.47
C ILE F 210 -62.56 113.92 68.39
N PRO F 211 -61.61 114.68 67.88
CA PRO F 211 -60.95 115.69 68.70
C PRO F 211 -61.91 116.81 69.07
N SER F 212 -61.59 117.46 70.18
CA SER F 212 -62.47 118.50 70.71
C SER F 212 -62.43 119.74 69.82
N ALA F 213 -63.45 120.57 69.98
CA ALA F 213 -63.66 121.69 69.05
C ALA F 213 -62.91 122.95 69.48
N HIS F 214 -61.61 122.79 69.77
CA HIS F 214 -60.66 123.88 70.00
C HIS F 214 -61.10 124.80 71.13
N LEU F 215 -61.36 124.21 72.29
CA LEU F 215 -61.89 124.95 73.42
C LEU F 215 -60.81 125.81 74.05
N THR F 216 -61.21 126.98 74.53
CA THR F 216 -60.31 127.77 75.37
C THR F 216 -60.10 127.07 76.70
N LYS F 217 -58.94 127.30 77.29
CA LYS F 217 -58.52 126.45 78.40
C LYS F 217 -59.17 126.87 79.73
N GLU F 218 -59.03 128.16 80.09
CA GLU F 218 -59.44 128.84 81.33
C GLU F 218 -58.53 128.43 82.51
N LEU F 219 -57.68 127.43 82.30
CA LEU F 219 -56.68 127.01 83.26
C LEU F 219 -55.60 126.28 82.51
N ILE F 220 -54.36 126.70 82.69
CA ILE F 220 -53.21 126.12 82.04
C ILE F 220 -52.50 125.42 83.19
N GLY F 221 -51.36 124.79 82.93
CA GLY F 221 -50.69 123.95 83.91
C GLY F 221 -50.21 124.59 85.21
N PHE F 222 -49.47 123.81 85.98
CA PHE F 222 -49.06 124.21 87.32
C PHE F 222 -48.05 125.34 87.27
N THR F 223 -48.09 126.19 88.28
CA THR F 223 -47.20 127.34 88.35
C THR F 223 -46.16 127.10 89.43
N TRP F 224 -44.91 127.15 89.04
CA TRP F 224 -43.74 127.07 89.92
C TRP F 224 -43.44 128.49 90.41
N PHE F 225 -42.22 128.74 90.89
CA PHE F 225 -41.81 130.11 91.23
C PHE F 225 -42.04 131.07 90.07
N MET F 226 -41.50 130.77 88.90
CA MET F 226 -41.82 131.52 87.71
C MET F 226 -42.07 130.63 86.50
N GLN F 227 -42.06 129.31 86.66
CA GLN F 227 -42.21 128.39 85.54
C GLN F 227 -43.62 127.84 85.49
N MET F 228 -44.05 127.48 84.29
CA MET F 228 -45.34 126.84 84.08
C MET F 228 -45.12 125.44 83.55
N TYR F 229 -45.68 124.46 84.24
CA TYR F 229 -45.54 123.05 83.87
C TYR F 229 -46.85 122.58 83.26
N GLN F 230 -46.87 122.43 81.94
CA GLN F 230 -47.95 121.74 81.27
C GLN F 230 -47.65 120.25 81.27
N MET F 231 -48.63 119.44 81.63
CA MET F 231 -48.47 118.00 81.66
C MET F 231 -49.52 117.36 80.76
N THR F 232 -49.10 116.35 80.01
CA THR F 232 -50.01 115.63 79.14
C THR F 232 -51.05 114.89 79.97
N PRO F 233 -52.34 115.05 79.68
CA PRO F 233 -53.37 114.34 80.45
C PRO F 233 -53.31 112.86 80.18
N PRO F 234 -53.54 112.04 81.20
CA PRO F 234 -53.45 110.58 81.02
C PRO F 234 -54.56 110.03 80.16
N LEU F 235 -55.71 110.42 80.44
CA LEU F 235 -56.88 110.03 79.68
C LEU F 235 -57.06 110.97 78.50
N PRO F 236 -57.62 110.49 77.38
CA PRO F 236 -57.72 111.36 76.20
C PRO F 236 -58.77 112.44 76.39
N GLU F 237 -58.49 113.60 75.81
CA GLU F 237 -59.38 114.75 75.85
C GLU F 237 -59.92 114.95 74.43
N GLY F 238 -60.99 114.23 74.11
CA GLY F 238 -61.62 114.34 72.81
C GLY F 238 -63.13 114.45 72.98
N ALA F 239 -63.82 114.57 71.85
CA ALA F 239 -65.27 114.62 71.89
C ALA F 239 -65.87 113.25 72.08
N VAL F 240 -65.25 112.20 71.54
CA VAL F 240 -65.66 110.82 71.74
C VAL F 240 -64.41 110.02 72.07
N ASN F 241 -64.44 109.31 73.20
CA ASN F 241 -63.33 108.47 73.62
C ASN F 241 -63.77 107.02 73.63
N ARG F 242 -62.93 106.15 73.08
CA ARG F 242 -63.23 104.72 73.00
C ARG F 242 -62.11 103.90 73.60
N ILE F 243 -62.46 102.68 73.98
CA ILE F 243 -61.50 101.73 74.54
C ILE F 243 -61.21 100.75 73.40
N VAL F 244 -60.17 101.03 72.63
CA VAL F 244 -59.88 100.32 71.40
C VAL F 244 -58.77 99.30 71.66
N CYS F 245 -59.02 98.06 71.27
CA CYS F 245 -58.03 97.00 71.41
C CYS F 245 -56.93 97.16 70.38
N MET F 246 -55.75 97.57 70.84
CA MET F 246 -54.53 97.50 70.04
C MET F 246 -53.47 96.87 70.92
N THR F 247 -53.15 95.61 70.67
CA THR F 247 -52.23 94.88 71.51
C THR F 247 -50.81 95.40 71.35
N ASN F 248 -50.09 95.44 72.48
CA ASN F 248 -48.70 95.89 72.56
C ASN F 248 -48.52 97.30 72.02
N TRP F 249 -49.48 98.17 72.34
CA TRP F 249 -49.37 99.57 71.94
C TRP F 249 -48.38 100.33 72.80
N ALA F 250 -48.07 99.82 73.99
CA ALA F 250 -47.10 100.43 74.87
C ALA F 250 -46.01 99.44 75.28
N SER F 251 -45.81 98.38 74.51
CA SER F 251 -44.80 97.37 74.84
C SER F 251 -43.42 97.95 74.57
N LEU F 252 -42.75 98.36 75.64
CA LEU F 252 -41.40 98.90 75.55
C LEU F 252 -40.44 97.78 75.92
N GLY F 253 -40.02 97.03 74.90
CA GLY F 253 -39.08 95.94 75.08
C GLY F 253 -38.05 95.96 73.97
N ASP F 254 -37.14 95.00 74.02
CA ASP F 254 -36.10 94.93 73.00
C ASP F 254 -36.67 94.43 71.67
N GLU F 255 -37.43 93.34 71.71
CA GLU F 255 -38.11 92.82 70.53
C GLU F 255 -39.53 92.45 70.95
N GLY F 256 -40.24 91.76 70.07
CA GLY F 256 -41.57 91.30 70.39
C GLY F 256 -41.93 90.07 69.57
N ARG F 257 -43.23 89.85 69.37
CA ARG F 257 -43.72 88.79 68.53
C ARG F 257 -44.34 89.36 67.26
N GLY F 258 -44.34 88.57 66.20
CA GLY F 258 -44.90 89.02 64.94
C GLY F 258 -46.34 88.61 64.79
N LEU F 259 -47.04 88.49 65.91
CA LEU F 259 -48.43 88.02 65.96
C LEU F 259 -49.16 88.95 66.92
N GLU F 260 -49.74 90.03 66.39
CA GLU F 260 -50.41 91.01 67.22
C GLU F 260 -51.79 91.33 66.66
N VAL F 261 -52.65 91.83 67.52
CA VAL F 261 -54.03 92.17 67.18
C VAL F 261 -54.19 93.67 67.31
N ARG F 262 -54.35 94.35 66.18
CA ARG F 262 -54.52 95.80 66.16
C ARG F 262 -55.88 96.08 65.54
N LEU F 263 -56.91 96.09 66.36
CA LEU F 263 -58.21 96.47 65.85
C LEU F 263 -58.29 97.99 65.68
N PRO F 264 -58.89 98.46 64.59
CA PRO F 264 -59.02 99.89 64.37
C PRO F 264 -60.11 100.46 65.27
N PRO F 265 -60.18 101.77 65.43
CA PRO F 265 -61.32 102.37 66.13
C PRO F 265 -62.62 102.14 65.37
N PRO F 266 -63.78 102.21 66.03
CA PRO F 266 -65.04 101.81 65.38
C PRO F 266 -65.50 102.73 64.27
N THR F 267 -64.81 103.84 64.01
CA THR F 267 -65.09 104.68 62.86
C THR F 267 -64.58 104.08 61.55
N ASP F 268 -63.77 103.03 61.61
CA ASP F 268 -63.25 102.38 60.43
C ASP F 268 -63.76 100.95 60.37
N SER F 269 -63.62 100.34 59.19
CA SER F 269 -64.06 98.96 58.99
C SER F 269 -63.11 98.03 59.74
N SER F 270 -63.60 97.40 60.80
CA SER F 270 -62.81 96.51 61.64
C SER F 270 -62.88 95.07 61.18
N VAL F 271 -63.05 94.85 59.87
CA VAL F 271 -63.40 93.55 59.34
C VAL F 271 -62.19 92.67 59.07
N HIS F 272 -60.97 93.26 59.06
CA HIS F 272 -59.80 92.52 58.59
C HIS F 272 -59.31 91.49 59.59
N ALA F 273 -59.61 91.65 60.88
CA ALA F 273 -59.16 90.70 61.87
C ALA F 273 -60.09 89.50 62.00
N TYR F 274 -61.29 89.59 61.44
CA TYR F 274 -62.26 88.49 61.51
C TYR F 274 -62.30 87.70 60.21
N LYS F 275 -61.27 87.82 59.38
CA LYS F 275 -61.11 87.02 58.17
C LYS F 275 -59.79 86.28 58.35
N THR F 276 -59.83 85.17 59.06
CA THR F 276 -58.61 84.44 59.40
C THR F 276 -58.64 83.01 58.90
N VAL F 277 -59.70 82.27 59.17
CA VAL F 277 -59.68 80.82 59.01
C VAL F 277 -60.37 80.43 57.71
N LEU F 278 -61.66 80.73 57.61
CA LEU F 278 -62.51 80.21 56.54
C LEU F 278 -62.97 81.32 55.60
N SER F 279 -62.16 82.36 55.43
CA SER F 279 -62.55 83.50 54.64
C SER F 279 -61.61 83.80 53.49
N ARG F 280 -60.43 83.19 53.45
CA ARG F 280 -59.46 83.51 52.40
C ARG F 280 -59.95 83.02 51.05
N GLY F 281 -59.69 83.83 50.01
CA GLY F 281 -60.19 83.48 48.70
C GLY F 281 -61.45 84.21 48.32
N TYR F 282 -62.60 83.55 48.55
CA TYR F 282 -63.87 83.95 47.98
C TYR F 282 -64.36 85.30 48.47
N ILE F 283 -64.06 85.66 49.71
CA ILE F 283 -64.71 86.83 50.30
C ILE F 283 -64.00 88.10 49.82
N ASP F 284 -64.72 89.21 49.88
CA ASP F 284 -64.12 90.48 49.50
C ASP F 284 -63.46 91.12 50.71
N ASN F 285 -62.68 92.16 50.46
CA ASN F 285 -61.93 92.81 51.52
C ASN F 285 -62.78 93.72 52.40
N ALA F 286 -64.07 93.84 52.12
CA ALA F 286 -64.93 94.71 52.92
C ALA F 286 -65.86 93.96 53.86
N GLN F 287 -66.15 92.68 53.59
CA GLN F 287 -67.12 91.96 54.41
C GLN F 287 -66.50 90.77 55.09
N PHE F 288 -67.15 90.34 56.18
CA PHE F 288 -66.83 89.14 56.92
C PHE F 288 -67.93 88.11 56.68
N ASN F 289 -67.61 86.86 56.94
CA ASN F 289 -68.61 85.81 56.86
C ASN F 289 -69.23 85.61 58.23
N PRO F 290 -70.54 85.82 58.39
CA PRO F 290 -71.17 85.58 59.69
C PRO F 290 -71.28 84.11 60.04
N LEU F 291 -71.16 83.20 59.08
CA LEU F 291 -71.15 81.78 59.40
C LEU F 291 -69.80 81.31 59.88
N ALA F 292 -68.72 81.92 59.39
CA ALA F 292 -67.39 81.63 59.89
C ALA F 292 -66.97 82.56 61.00
N LEU F 293 -67.94 83.10 61.74
CA LEU F 293 -67.65 84.15 62.72
C LEU F 293 -66.96 83.58 63.94
N ARG F 294 -67.49 82.48 64.49
CA ARG F 294 -67.00 81.97 65.77
C ARG F 294 -65.60 81.40 65.65
N SER F 295 -65.25 80.83 64.50
CA SER F 295 -63.89 80.35 64.30
C SER F 295 -62.91 81.50 64.18
N ASN F 296 -63.31 82.56 63.48
CA ASN F 296 -62.41 83.69 63.30
C ASN F 296 -62.29 84.54 64.56
N VAL F 297 -63.36 84.61 65.35
CA VAL F 297 -63.28 85.26 66.65
C VAL F 297 -62.35 84.49 67.58
N LEU F 298 -62.47 83.16 67.59
CA LEU F 298 -61.64 82.33 68.45
C LEU F 298 -60.17 82.43 68.08
N LEU F 299 -59.86 82.49 66.80
CA LEU F 299 -58.48 82.66 66.40
C LEU F 299 -58.07 84.12 66.31
N MET F 300 -58.96 85.04 66.64
CA MET F 300 -58.50 86.38 66.98
C MET F 300 -58.13 86.47 68.45
N LEU F 301 -58.96 85.89 69.32
CA LEU F 301 -58.67 85.86 70.74
C LEU F 301 -57.44 84.99 71.04
N LEU F 302 -57.19 84.00 70.19
CA LEU F 302 -55.95 83.22 70.32
C LEU F 302 -54.74 84.06 69.97
N GLN F 303 -54.84 84.87 68.92
CA GLN F 303 -53.76 85.81 68.62
C GLN F 303 -53.71 86.93 69.63
N PHE F 304 -54.84 87.24 70.28
CA PHE F 304 -54.81 88.19 71.38
C PHE F 304 -54.01 87.65 72.55
N THR F 305 -54.15 86.36 72.84
CA THR F 305 -53.43 85.76 73.95
C THR F 305 -51.94 85.63 73.64
N LEU F 306 -51.62 85.16 72.43
CA LEU F 306 -50.23 84.94 72.05
C LEU F 306 -49.49 86.24 71.79
N SER F 307 -50.20 87.35 71.54
CA SER F 307 -49.54 88.63 71.48
C SER F 307 -49.02 89.09 72.84
N ASN F 308 -49.63 88.61 73.91
CA ASN F 308 -49.35 89.08 75.26
C ASN F 308 -48.73 87.99 76.12
N LEU F 309 -47.86 87.18 75.53
CA LEU F 309 -47.11 86.19 76.30
C LEU F 309 -45.72 86.74 76.60
N LYS F 310 -45.71 87.81 77.39
CA LYS F 310 -44.48 88.53 77.67
C LYS F 310 -44.28 88.61 79.18
N ILE F 311 -43.08 89.04 79.57
CA ILE F 311 -42.67 89.06 80.97
C ILE F 311 -42.59 90.51 81.42
N ASN F 312 -43.23 90.82 82.54
CA ASN F 312 -43.21 92.16 83.09
C ASN F 312 -41.87 92.41 83.78
N LYS F 313 -41.16 93.45 83.34
CA LYS F 313 -39.81 93.73 83.82
C LYS F 313 -39.78 94.89 84.81
N SER F 314 -39.12 94.68 85.92
CA SER F 314 -38.88 95.75 86.89
C SER F 314 -37.84 96.68 86.30
N SER F 315 -38.30 97.77 85.70
CA SER F 315 -37.40 98.77 85.15
C SER F 315 -36.95 99.71 86.26
N THR F 316 -36.28 100.79 85.90
CA THR F 316 -35.79 101.72 86.89
C THR F 316 -36.92 102.60 87.40
N PHE F 317 -36.78 103.07 88.62
CA PHE F 317 -37.80 103.86 89.28
C PHE F 317 -37.28 105.26 89.57
N THR F 318 -38.21 106.18 89.78
CA THR F 318 -37.91 107.51 90.28
C THR F 318 -38.87 107.84 91.41
N SER F 319 -38.43 108.70 92.32
CA SER F 319 -39.29 109.15 93.41
C SER F 319 -40.06 110.38 92.98
N ASP F 320 -41.36 110.40 93.28
CA ASP F 320 -42.20 111.50 92.85
C ASP F 320 -42.11 112.65 93.85
N VAL F 321 -41.83 113.84 93.33
CA VAL F 321 -41.94 115.05 94.14
C VAL F 321 -43.07 115.87 93.53
N THR F 322 -44.28 115.66 94.03
CA THR F 322 -45.47 116.33 93.53
C THR F 322 -46.43 116.41 94.71
N THR F 323 -47.11 117.55 94.84
CA THR F 323 -47.81 117.92 96.07
C THR F 323 -48.93 116.95 96.47
N ILE F 324 -49.43 116.13 95.55
CA ILE F 324 -50.46 115.18 95.91
C ILE F 324 -49.85 113.80 96.12
N THR F 325 -48.78 113.49 95.40
CA THR F 325 -48.18 112.15 95.43
C THR F 325 -46.69 112.24 95.73
N SER F 326 -46.32 113.01 96.74
CA SER F 326 -44.92 113.09 97.12
C SER F 326 -44.50 111.85 97.89
N GLY F 327 -43.20 111.56 97.85
CA GLY F 327 -42.65 110.42 98.56
C GLY F 327 -43.12 109.09 98.03
N ARG F 328 -43.21 108.96 96.71
CA ARG F 328 -43.82 107.78 96.11
C ARG F 328 -43.02 107.37 94.88
N MET F 329 -42.69 106.09 94.78
CA MET F 329 -41.79 105.59 93.75
C MET F 329 -42.60 105.22 92.51
N ILE F 330 -42.42 105.98 91.43
CA ILE F 330 -43.04 105.70 90.16
C ILE F 330 -41.98 105.16 89.21
N ARG F 331 -42.41 104.70 88.05
CA ARG F 331 -41.48 104.15 87.07
C ARG F 331 -40.97 105.23 86.13
N ALA F 332 -40.01 104.87 85.28
CA ALA F 332 -39.19 105.84 84.59
C ALA F 332 -39.42 105.91 83.09
N PHE F 333 -39.44 104.76 82.41
CA PHE F 333 -39.68 104.62 80.96
C PHE F 333 -38.63 105.41 80.14
N GLU F 334 -37.39 104.92 80.22
CA GLU F 334 -36.31 105.56 79.48
C GLU F 334 -36.43 105.38 77.97
N GLY F 335 -37.16 104.37 77.51
CA GLY F 335 -37.31 104.17 76.07
C GLY F 335 -38.12 105.28 75.42
N ARG F 336 -39.22 105.68 76.06
CA ARG F 336 -39.94 106.86 75.67
C ARG F 336 -40.64 107.44 76.89
N PRO F 337 -40.50 108.75 77.14
CA PRO F 337 -41.11 109.34 78.33
C PRO F 337 -42.60 109.65 78.18
N GLU F 338 -43.15 109.42 76.99
CA GLU F 338 -44.57 109.70 76.76
C GLU F 338 -45.47 108.74 77.52
N LEU F 339 -44.99 107.54 77.85
CA LEU F 339 -45.78 106.60 78.61
C LEU F 339 -45.91 107.00 80.08
N LEU F 340 -45.00 107.85 80.57
CA LEU F 340 -45.03 108.25 81.98
C LEU F 340 -46.27 109.05 82.31
N ALA F 341 -46.67 109.96 81.42
CA ALA F 341 -47.93 110.66 81.59
C ALA F 341 -49.13 109.75 81.38
N LEU F 342 -48.95 108.65 80.65
CA LEU F 342 -50.01 107.69 80.43
C LEU F 342 -50.12 106.66 81.53
N ALA F 343 -49.00 106.30 82.16
CA ALA F 343 -48.97 105.15 83.06
C ALA F 343 -49.71 105.40 84.37
N TYR F 344 -49.69 106.63 84.87
CA TYR F 344 -50.20 106.93 86.19
C TYR F 344 -51.29 107.99 86.10
N PRO F 345 -52.54 107.60 85.88
CA PRO F 345 -53.63 108.57 85.99
C PRO F 345 -53.82 108.98 87.44
N GLY F 346 -53.88 110.28 87.68
CA GLY F 346 -54.00 110.82 89.01
C GLY F 346 -52.76 111.53 89.49
N ARG F 347 -51.62 111.31 88.85
CA ARG F 347 -50.40 112.00 89.22
C ARG F 347 -50.41 113.40 88.63
N ALA F 348 -50.36 114.41 89.51
CA ALA F 348 -50.37 115.83 89.17
C ALA F 348 -51.60 116.20 88.34
N VAL F 349 -52.76 116.04 88.96
CA VAL F 349 -54.01 116.41 88.31
C VAL F 349 -54.13 117.92 88.26
N LEU F 350 -54.26 118.46 87.06
CA LEU F 350 -54.54 119.88 86.92
C LEU F 350 -55.96 120.14 87.43
N PRO F 351 -56.17 121.08 88.35
CA PRO F 351 -57.46 121.19 89.05
C PRO F 351 -58.60 121.80 88.24
N THR F 352 -58.46 121.85 86.92
CA THR F 352 -59.52 122.32 86.05
C THR F 352 -60.76 121.44 86.17
N GLN F 353 -61.92 122.03 85.87
CA GLN F 353 -63.19 121.36 86.08
C GLN F 353 -63.65 120.80 84.73
N THR F 354 -63.02 119.70 84.33
CA THR F 354 -63.39 118.96 83.15
C THR F 354 -63.80 117.56 83.56
N LYS F 355 -64.47 116.84 82.64
CA LYS F 355 -64.89 115.46 82.93
C LYS F 355 -63.70 114.54 83.15
N ASN F 356 -62.57 114.85 82.51
CA ASN F 356 -61.36 114.09 82.74
C ASN F 356 -60.83 114.32 84.15
N ALA F 357 -60.84 115.56 84.62
CA ALA F 357 -60.23 115.89 85.89
C ALA F 357 -61.18 115.82 87.07
N GLN F 358 -62.49 115.76 86.83
CA GLN F 358 -63.43 115.41 87.88
C GLN F 358 -63.23 113.97 88.32
N PHE F 359 -62.93 113.09 87.36
CA PHE F 359 -62.68 111.69 87.67
C PHE F 359 -61.32 111.52 88.35
N LEU F 360 -60.28 112.12 87.79
CA LEU F 360 -58.93 111.91 88.31
C LEU F 360 -58.68 112.62 89.63
N SER F 361 -59.56 113.53 90.04
CA SER F 361 -59.44 114.11 91.36
C SER F 361 -59.74 113.10 92.45
N THR F 362 -60.51 112.06 92.14
CA THR F 362 -60.82 111.00 93.08
C THR F 362 -59.82 109.86 93.03
N ALA F 363 -58.68 110.05 92.38
CA ALA F 363 -57.65 109.03 92.37
C ALA F 363 -56.97 108.98 93.74
N ILE F 364 -56.87 107.78 94.31
CA ILE F 364 -56.26 107.62 95.61
C ILE F 364 -54.74 107.73 95.47
N ALA F 365 -54.13 108.58 96.29
CA ALA F 365 -52.71 108.88 96.14
C ALA F 365 -51.81 107.72 96.54
N ASP F 366 -52.31 106.78 97.33
CA ASP F 366 -51.51 105.62 97.69
C ASP F 366 -51.38 104.63 96.55
N ARG F 367 -52.26 104.71 95.55
CA ARG F 367 -52.31 103.70 94.50
C ARG F 367 -51.32 103.95 93.38
N ILE F 368 -50.77 105.14 93.27
CA ILE F 368 -49.80 105.39 92.20
C ILE F 368 -48.48 104.76 92.60
N GLY F 369 -47.87 104.03 91.67
CA GLY F 369 -46.53 103.53 91.88
C GLY F 369 -46.45 102.13 92.47
N ARG F 370 -45.30 101.83 93.06
CA ARG F 370 -45.04 100.51 93.62
C ARG F 370 -45.65 100.40 95.02
N LEU F 371 -45.65 99.18 95.55
CA LEU F 371 -46.25 98.89 96.84
C LEU F 371 -45.40 98.00 97.76
N ASP F 372 -44.41 97.28 97.23
CA ASP F 372 -43.78 96.20 97.99
C ASP F 372 -42.84 96.69 99.09
N ARG F 373 -42.39 97.95 99.01
CA ARG F 373 -41.39 98.56 99.90
C ARG F 373 -40.07 97.78 99.85
N ALA F 374 -39.63 97.49 98.63
CA ALA F 374 -38.28 96.99 98.30
C ALA F 374 -37.95 95.68 99.03
N ASN F 375 -38.72 94.65 98.71
CA ASN F 375 -38.72 93.44 99.52
C ASN F 375 -37.47 92.59 99.30
N LEU F 376 -37.24 92.13 98.08
CA LEU F 376 -36.09 91.28 97.77
C LEU F 376 -35.17 92.05 96.84
N ILE F 377 -33.94 92.28 97.29
CA ILE F 377 -33.01 93.17 96.61
C ILE F 377 -31.72 92.40 96.33
N GLY F 378 -31.22 92.53 95.11
CA GLY F 378 -29.93 92.00 94.75
C GLY F 378 -28.83 92.95 95.17
N GLY F 379 -27.98 93.36 94.25
CA GLY F 379 -26.99 94.39 94.53
C GLY F 379 -27.65 95.71 94.87
N GLU F 380 -28.33 96.29 93.92
CA GLU F 380 -29.14 97.47 94.19
C GLU F 380 -30.56 97.34 93.63
N VAL F 381 -30.71 96.69 92.48
CA VAL F 381 -32.01 96.54 91.84
C VAL F 381 -32.76 95.42 92.54
N SER F 382 -34.07 95.59 92.70
CA SER F 382 -34.89 94.63 93.42
C SER F 382 -35.33 93.50 92.50
N ALA F 383 -35.54 92.33 93.09
CA ALA F 383 -35.82 91.13 92.30
C ALA F 383 -37.27 91.07 91.86
N MET F 384 -38.19 91.53 92.69
CA MET F 384 -39.61 91.50 92.36
C MET F 384 -40.29 92.66 93.06
N VAL F 385 -41.41 93.10 92.50
CA VAL F 385 -42.05 94.32 92.98
C VAL F 385 -43.54 94.35 92.67
N GLU F 386 -44.36 94.67 93.69
CA GLU F 386 -45.81 94.86 93.53
C GLU F 386 -46.05 96.27 93.03
N CYS F 387 -46.16 96.42 91.72
CA CYS F 387 -46.45 97.70 91.13
C CYS F 387 -47.96 97.85 90.93
N MET F 388 -48.41 99.10 90.89
CA MET F 388 -49.81 99.48 90.71
C MET F 388 -49.90 100.58 89.65
N GLU F 389 -49.32 100.34 88.50
CA GLU F 389 -49.53 101.21 87.34
C GLU F 389 -50.79 100.76 86.60
N LEU F 390 -51.07 101.32 85.43
CA LEU F 390 -52.27 100.89 84.73
C LEU F 390 -52.01 99.65 83.90
N CYS F 391 -52.91 98.69 84.01
CA CYS F 391 -52.87 97.47 83.23
C CYS F 391 -54.29 96.92 83.17
N ASP F 392 -54.74 96.62 81.97
CA ASP F 392 -56.02 95.94 81.83
C ASP F 392 -55.93 94.54 82.43
N ALA F 393 -56.99 94.14 83.12
CA ALA F 393 -56.99 92.87 83.83
C ALA F 393 -56.95 91.67 82.90
N LEU F 394 -57.38 91.83 81.65
CA LEU F 394 -57.37 90.71 80.73
C LEU F 394 -55.98 90.41 80.20
N THR F 395 -55.22 91.45 79.86
CA THR F 395 -53.83 91.25 79.45
C THR F 395 -52.99 90.81 80.64
N LEU F 396 -53.29 91.34 81.83
CA LEU F 396 -52.57 90.93 83.04
C LEU F 396 -52.84 89.48 83.38
N HIS F 397 -54.07 89.00 83.15
CA HIS F 397 -54.37 87.59 83.37
C HIS F 397 -53.68 86.68 82.37
N ILE F 398 -53.31 87.20 81.21
CA ILE F 398 -52.52 86.40 80.28
C ILE F 398 -51.07 86.34 80.72
N ARG F 399 -50.51 87.49 81.12
CA ARG F 399 -49.11 87.54 81.51
C ARG F 399 -48.88 86.92 82.89
N GLU F 400 -49.88 86.96 83.77
CA GLU F 400 -49.76 86.22 85.02
C GLU F 400 -49.79 84.72 84.77
N THR F 401 -50.52 84.28 83.76
CA THR F 401 -50.64 82.86 83.48
C THR F 401 -49.48 82.37 82.61
N TYR F 402 -48.94 83.22 81.76
CA TYR F 402 -47.75 82.86 80.99
C TYR F 402 -46.53 82.72 81.88
N ILE F 403 -46.43 83.52 82.93
CA ILE F 403 -45.28 83.38 83.81
C ILE F 403 -45.50 82.28 84.82
N MET F 404 -46.74 81.79 84.95
CA MET F 404 -46.96 80.52 85.61
C MET F 404 -46.48 79.36 84.75
N LEU F 405 -46.55 79.52 83.42
CA LEU F 405 -46.06 78.49 82.52
C LEU F 405 -44.55 78.38 82.57
N LEU F 406 -43.86 79.52 82.69
CA LEU F 406 -42.40 79.51 82.76
C LEU F 406 -41.91 78.93 84.08
N ARG F 407 -42.56 79.28 85.18
CA ARG F 407 -42.17 78.70 86.45
C ARG F 407 -42.64 77.26 86.60
N SER F 408 -43.57 76.81 85.75
CA SER F 408 -43.92 75.40 85.76
C SER F 408 -42.81 74.56 85.14
N MET F 409 -42.17 75.07 84.10
CA MET F 409 -41.10 74.36 83.43
C MET F 409 -39.72 74.69 84.01
N HIS F 410 -39.68 75.24 85.22
CA HIS F 410 -38.40 75.56 85.85
C HIS F 410 -37.75 74.30 86.42
N GLN F 411 -36.51 74.05 86.02
CA GLN F 411 -35.68 73.03 86.64
C GLN F 411 -34.71 73.70 87.60
N ASP F 412 -34.60 73.15 88.80
CA ASP F 412 -33.67 73.64 89.80
C ASP F 412 -32.25 73.47 89.29
N PRO F 413 -31.49 74.55 89.10
CA PRO F 413 -30.19 74.43 88.42
C PRO F 413 -29.13 73.73 89.25
N THR F 414 -29.34 73.58 90.55
CA THR F 414 -28.38 72.85 91.37
C THR F 414 -28.45 71.35 91.16
N GLN F 415 -29.49 70.86 90.48
CA GLN F 415 -29.68 69.44 90.26
C GLN F 415 -29.22 68.99 88.89
N ILE F 416 -28.58 69.87 88.12
CA ILE F 416 -28.07 69.52 86.80
C ILE F 416 -26.95 68.48 86.91
N VAL F 417 -26.21 68.50 88.01
CA VAL F 417 -25.13 67.53 88.23
C VAL F 417 -25.67 66.12 88.34
N GLN F 418 -26.79 65.94 89.03
CA GLN F 418 -27.39 64.61 89.09
C GLN F 418 -28.06 64.23 87.78
N ILE F 419 -28.49 65.23 86.99
CA ILE F 419 -28.99 64.92 85.65
C ILE F 419 -27.86 64.40 84.78
N VAL F 420 -26.68 65.00 84.88
CA VAL F 420 -25.57 64.60 84.03
C VAL F 420 -24.97 63.27 84.48
N ASN F 421 -24.88 63.04 85.79
CA ASN F 421 -24.31 61.77 86.29
C ASN F 421 -25.20 60.59 85.94
N GLU F 422 -26.51 60.78 85.96
CA GLU F 422 -27.42 59.67 85.67
C GLU F 422 -27.65 59.49 84.18
N CYS F 423 -27.57 60.55 83.39
CA CYS F 423 -27.69 60.42 81.95
C CYS F 423 -26.36 60.08 81.28
N ALA F 424 -25.28 59.95 82.05
CA ALA F 424 -24.02 59.44 81.52
C ALA F 424 -23.64 58.11 82.14
N ASN F 425 -24.47 57.58 83.05
CA ASN F 425 -24.24 56.32 83.78
C ASN F 425 -22.91 56.33 84.53
N ASN F 426 -22.63 57.47 85.18
CA ASN F 426 -21.41 57.72 85.95
C ASN F 426 -20.15 57.53 85.13
N LEU F 427 -20.20 57.84 83.84
CA LEU F 427 -19.02 57.92 83.02
C LEU F 427 -18.45 59.32 82.92
N LEU F 428 -19.17 60.30 83.47
CA LEU F 428 -18.79 61.70 83.29
C LEU F 428 -19.46 62.50 84.40
N ASN F 429 -18.67 63.11 85.27
CA ASN F 429 -19.21 63.97 86.32
C ASN F 429 -18.85 65.41 86.03
N SER F 430 -19.72 66.30 86.46
CA SER F 430 -19.53 67.73 86.29
C SER F 430 -19.74 68.43 87.61
N THR F 431 -19.09 69.58 87.77
CA THR F 431 -19.36 70.49 88.87
C THR F 431 -19.67 71.84 88.27
N ILE F 432 -20.93 72.22 88.27
CA ILE F 432 -21.36 73.49 87.69
C ILE F 432 -21.76 74.41 88.83
N PRO F 433 -20.94 75.40 89.18
CA PRO F 433 -21.33 76.33 90.25
C PRO F 433 -22.38 77.32 89.75
N ILE F 434 -23.40 77.53 90.56
CA ILE F 434 -24.45 78.50 90.25
C ILE F 434 -24.58 79.46 91.43
N SER F 435 -25.11 80.64 91.13
CA SER F 435 -25.42 81.64 92.13
C SER F 435 -26.91 81.63 92.36
N LEU F 436 -27.34 81.14 93.53
CA LEU F 436 -28.75 81.04 93.85
C LEU F 436 -29.32 82.43 94.11
N ARG F 437 -29.93 82.97 93.14
CA ARG F 437 -30.67 84.23 93.10
C ARG F 437 -32.13 83.96 93.44
N PRO F 438 -32.85 84.96 94.00
CA PRO F 438 -34.27 84.77 94.27
C PRO F 438 -35.11 84.58 93.02
N THR F 439 -34.97 85.51 92.07
CA THR F 439 -35.61 85.38 90.78
C THR F 439 -34.65 84.69 89.82
N ILE F 440 -34.64 83.37 89.90
CA ILE F 440 -33.83 82.52 89.04
C ILE F 440 -34.77 81.77 88.10
N LEU F 441 -34.40 81.69 86.83
CA LEU F 441 -35.25 81.05 85.84
C LEU F 441 -34.42 80.19 84.92
N CYS F 442 -34.76 78.91 84.86
CA CYS F 442 -34.13 77.97 83.92
C CYS F 442 -35.23 77.07 83.37
N PRO F 443 -35.88 77.49 82.28
CA PRO F 443 -37.07 76.80 81.76
C PRO F 443 -36.72 75.53 80.98
N TRP F 444 -36.00 74.62 81.63
CA TRP F 444 -35.29 73.53 80.98
C TRP F 444 -35.85 72.19 81.41
N PHE F 445 -37.16 72.12 81.59
CA PHE F 445 -37.81 71.00 82.26
C PHE F 445 -39.17 70.69 81.67
N ALA F 446 -39.43 69.40 81.49
CA ALA F 446 -40.76 68.92 81.14
C ALA F 446 -41.09 67.75 82.06
N SER F 447 -42.37 67.56 82.31
CA SER F 447 -42.78 66.51 83.23
C SER F 447 -42.80 65.16 82.50
N SER F 448 -43.09 64.11 83.27
CA SER F 448 -43.22 62.78 82.70
C SER F 448 -44.43 62.68 81.79
N GLU F 449 -45.53 63.31 82.18
CA GLU F 449 -46.75 63.28 81.40
C GLU F 449 -46.64 64.13 80.15
N ASP F 450 -45.72 65.09 80.14
CA ASP F 450 -45.59 66.03 79.04
C ASP F 450 -44.63 65.53 77.96
N LEU F 451 -43.59 64.79 78.34
CA LEU F 451 -42.72 64.19 77.35
C LEU F 451 -43.41 63.07 76.59
N ARG F 452 -44.42 62.45 77.19
CA ARG F 452 -45.16 61.39 76.51
C ARG F 452 -46.03 61.93 75.40
N LEU F 453 -46.57 63.14 75.56
CA LEU F 453 -47.41 63.69 74.52
C LEU F 453 -46.59 64.18 73.34
N GLN F 454 -45.38 64.67 73.60
CA GLN F 454 -44.45 64.97 72.52
C GLN F 454 -44.10 63.71 71.74
N GLN F 455 -44.00 62.58 72.44
CA GLN F 455 -43.67 61.31 71.79
C GLN F 455 -44.74 60.87 70.82
N VAL F 456 -46.01 61.03 71.19
CA VAL F 456 -47.09 60.73 70.25
C VAL F 456 -47.13 61.79 69.16
N MET F 457 -46.86 63.03 69.51
CA MET F 457 -46.93 64.11 68.53
C MET F 457 -45.77 64.04 67.55
N HIS F 458 -44.64 63.47 67.96
CA HIS F 458 -43.67 63.02 66.97
C HIS F 458 -44.29 61.95 66.09
N LEU F 459 -44.91 60.95 66.70
CA LEU F 459 -45.38 59.76 65.98
C LEU F 459 -46.51 60.08 65.01
N VAL F 460 -47.19 61.22 65.19
CA VAL F 460 -48.13 61.72 64.19
C VAL F 460 -47.39 62.42 63.06
N ASN F 461 -46.45 63.30 63.41
CA ASN F 461 -45.72 64.08 62.41
C ASN F 461 -44.72 63.23 61.63
N ILE F 462 -44.33 62.09 62.18
CA ILE F 462 -43.28 61.22 61.65
C ILE F 462 -44.00 59.96 61.22
N SER F 463 -45.14 60.16 60.53
CA SER F 463 -46.07 59.09 60.18
C SER F 463 -45.54 58.19 59.07
N SER F 464 -46.43 57.46 58.41
CA SER F 464 -46.10 56.38 57.46
C SER F 464 -45.22 56.81 56.29
N ASN F 465 -44.97 58.10 56.10
CA ASN F 465 -43.85 58.53 55.26
C ASN F 465 -42.58 58.05 55.92
N THR F 466 -41.96 57.02 55.34
CA THR F 466 -40.78 56.40 55.94
C THR F 466 -39.55 57.27 55.84
N ALA F 467 -39.56 58.31 55.01
CA ALA F 467 -38.45 59.24 54.91
C ALA F 467 -38.40 60.24 56.05
N ALA F 468 -39.34 60.19 56.99
CA ALA F 468 -39.24 60.98 58.20
C ALA F 468 -38.73 60.17 59.39
N ALA F 469 -39.07 58.88 59.45
CA ALA F 469 -38.55 58.02 60.50
C ALA F 469 -37.11 57.61 60.23
N LEU F 470 -36.71 57.61 58.96
CA LEU F 470 -35.35 57.23 58.61
C LEU F 470 -34.25 58.16 59.14
N PRO F 471 -34.36 59.51 59.14
CA PRO F 471 -33.26 60.30 59.71
C PRO F 471 -33.09 60.18 61.22
N LEU F 472 -34.04 59.59 61.94
CA LEU F 472 -33.82 59.38 63.36
C LEU F 472 -32.78 58.30 63.60
N VAL F 473 -32.83 57.21 62.84
CA VAL F 473 -31.79 56.20 62.99
C VAL F 473 -30.54 56.58 62.23
N GLU F 474 -30.63 57.50 61.26
CA GLU F 474 -29.42 58.03 60.66
C GLU F 474 -28.68 58.93 61.63
N ALA F 475 -29.42 59.70 62.43
CA ALA F 475 -28.80 60.56 63.41
C ALA F 475 -28.19 59.75 64.55
N LEU F 476 -28.84 58.66 64.94
CA LEU F 476 -28.31 57.85 66.02
C LEU F 476 -27.10 57.04 65.56
N SER F 477 -27.14 56.53 64.32
CA SER F 477 -26.01 55.81 63.77
C SER F 477 -24.78 56.69 63.60
N THR F 478 -24.98 57.97 63.29
CA THR F 478 -23.88 58.91 63.25
C THR F 478 -23.29 59.12 64.64
N LEU F 479 -24.16 59.27 65.64
CA LEU F 479 -23.68 59.42 67.00
C LEU F 479 -23.19 58.12 67.63
N LEU F 480 -23.56 56.97 67.08
CA LEU F 480 -23.00 55.73 67.60
C LEU F 480 -21.57 55.51 67.13
N ARG F 481 -21.28 55.78 65.86
CA ARG F 481 -19.96 55.50 65.33
C ARG F 481 -18.92 56.53 65.74
N SER F 482 -19.34 57.67 66.29
CA SER F 482 -18.40 58.63 66.85
C SER F 482 -18.12 58.40 68.33
N VAL F 483 -19.00 57.67 69.00
CA VAL F 483 -18.86 57.38 70.42
C VAL F 483 -18.10 56.08 70.66
N THR F 484 -18.34 55.09 69.79
CA THR F 484 -17.94 53.72 70.04
C THR F 484 -16.42 53.54 70.09
N PRO F 485 -15.93 52.65 70.95
CA PRO F 485 -14.51 52.31 70.94
C PRO F 485 -14.17 51.24 69.94
N LEU F 486 -15.18 50.58 69.38
CA LEU F 486 -15.00 49.42 68.53
C LEU F 486 -14.81 49.87 67.10
N VAL F 487 -13.57 49.85 66.65
CA VAL F 487 -13.29 50.01 65.23
C VAL F 487 -13.61 48.70 64.52
N LEU F 488 -13.79 48.77 63.21
CA LEU F 488 -14.24 47.62 62.44
C LEU F 488 -13.25 47.39 61.31
N ASP F 489 -12.44 46.35 61.45
CA ASP F 489 -11.37 46.07 60.49
C ASP F 489 -11.51 44.65 59.98
N PRO F 490 -11.82 44.46 58.69
CA PRO F 490 -11.99 43.10 58.16
C PRO F 490 -10.69 42.41 57.79
N THR F 491 -9.53 42.96 58.13
CA THR F 491 -8.27 42.34 57.74
C THR F 491 -7.92 41.10 58.54
N VAL F 492 -8.53 40.92 59.71
CA VAL F 492 -8.28 39.73 60.50
C VAL F 492 -8.91 38.52 59.84
N LEU F 493 -10.18 38.63 59.47
CA LEU F 493 -10.87 37.53 58.81
C LEU F 493 -10.42 37.36 57.37
N THR F 494 -9.90 38.42 56.74
CA THR F 494 -9.33 38.28 55.41
C THR F 494 -8.08 37.41 55.43
N ASN F 495 -7.23 37.59 56.46
CA ASN F 495 -6.07 36.74 56.61
C ASN F 495 -6.45 35.30 56.95
N ALA F 496 -7.58 35.13 57.65
CA ALA F 496 -8.04 33.79 57.99
C ALA F 496 -8.68 33.09 56.79
N ILE F 497 -9.33 33.85 55.90
CA ILE F 497 -9.95 33.25 54.72
C ILE F 497 -8.96 33.12 53.57
N THR F 498 -7.77 33.74 53.68
CA THR F 498 -6.79 33.64 52.62
C THR F 498 -6.13 32.26 52.58
N THR F 499 -6.04 31.59 53.73
CA THR F 499 -5.40 30.28 53.79
C THR F 499 -6.21 29.20 53.07
N ILE F 500 -7.47 29.46 52.79
CA ILE F 500 -8.32 28.56 52.03
C ILE F 500 -8.98 29.32 50.89
N SER F 501 -8.29 30.34 50.36
CA SER F 501 -8.89 31.24 49.40
C SER F 501 -9.04 30.59 48.04
N GLU F 502 -7.91 30.22 47.42
CA GLU F 502 -7.82 29.60 46.08
C GLU F 502 -8.46 30.51 45.02
N SER F 503 -7.80 31.64 44.80
CA SER F 503 -8.25 32.71 43.91
C SER F 503 -8.21 32.35 42.42
N THR F 504 -7.76 31.16 42.07
CA THR F 504 -7.77 30.61 40.70
C THR F 504 -9.15 30.08 40.35
N THR F 505 -9.20 29.17 39.38
CA THR F 505 -10.45 28.61 38.84
C THR F 505 -11.16 27.74 39.89
N GLN F 506 -12.21 27.05 39.44
CA GLN F 506 -13.36 26.58 40.24
C GLN F 506 -13.81 27.68 41.21
N THR F 507 -14.08 28.84 40.61
CA THR F 507 -14.37 30.09 41.29
C THR F 507 -15.85 30.29 41.60
N ILE F 508 -16.63 29.21 41.65
CA ILE F 508 -18.06 29.33 41.83
C ILE F 508 -18.41 29.69 43.27
N SER F 509 -18.09 28.81 44.20
CA SER F 509 -18.46 29.04 45.60
C SER F 509 -17.57 30.03 46.36
N PRO F 510 -16.25 29.83 46.52
CA PRO F 510 -15.54 30.61 47.55
C PRO F 510 -15.26 32.05 47.20
N ILE F 511 -15.23 32.39 45.91
CA ILE F 511 -14.99 33.78 45.52
C ILE F 511 -16.29 34.58 45.60
N SER F 512 -17.43 33.94 45.30
CA SER F 512 -18.74 34.58 45.45
C SER F 512 -19.03 34.95 46.90
N GLU F 513 -18.43 34.25 47.86
CA GLU F 513 -18.43 34.71 49.25
C GLU F 513 -17.73 36.05 49.38
N ILE F 514 -16.43 36.07 49.08
CA ILE F 514 -15.59 37.23 49.35
C ILE F 514 -15.85 38.37 48.37
N LEU F 515 -16.58 38.10 47.27
CA LEU F 515 -17.05 39.19 46.42
C LEU F 515 -18.08 40.05 47.15
N ARG F 516 -18.86 39.45 48.05
CA ARG F 516 -19.76 40.19 48.92
C ARG F 516 -19.32 40.16 50.38
N LEU F 517 -18.03 39.94 50.63
CA LEU F 517 -17.51 39.89 52.00
C LEU F 517 -16.23 40.68 52.22
N LEU F 518 -15.45 41.01 51.19
CA LEU F 518 -14.18 41.68 51.43
C LEU F 518 -14.36 43.18 51.63
N GLN F 519 -14.79 43.88 50.57
CA GLN F 519 -14.98 45.34 50.47
C GLN F 519 -13.85 46.17 51.05
N PRO F 520 -12.70 46.28 50.39
CA PRO F 520 -11.66 47.22 50.86
C PRO F 520 -12.10 48.66 50.61
N MET F 521 -12.60 48.91 49.41
CA MET F 521 -13.21 50.18 49.04
C MET F 521 -14.66 49.98 48.60
N GLY F 522 -15.26 48.86 48.97
CA GLY F 522 -16.61 48.55 48.49
C GLY F 522 -17.67 49.38 49.18
N ASN F 523 -17.68 49.39 50.51
CA ASN F 523 -18.69 50.11 51.25
C ASN F 523 -18.16 50.52 52.62
N ASP F 524 -18.86 51.48 53.22
CA ASP F 524 -18.71 51.74 54.64
C ASP F 524 -19.58 50.77 55.44
N TYR F 525 -19.28 50.64 56.73
CA TYR F 525 -20.05 49.74 57.59
C TYR F 525 -21.19 50.53 58.24
N ALA F 526 -22.09 50.99 57.38
CA ALA F 526 -23.22 51.80 57.82
C ALA F 526 -24.40 50.94 58.21
N ALA F 527 -24.67 49.87 57.46
CA ALA F 527 -25.83 49.02 57.68
C ALA F 527 -25.76 48.27 59.01
N PHE F 528 -24.58 48.10 59.58
CA PHE F 528 -24.45 47.55 60.92
C PHE F 528 -24.91 48.56 61.96
N TRP F 529 -24.36 49.77 61.92
CA TRP F 529 -24.71 50.79 62.91
C TRP F 529 -26.11 51.32 62.70
N LYS F 530 -26.62 51.25 61.46
CA LYS F 530 -28.02 51.57 61.20
C LYS F 530 -28.93 50.54 61.83
N CYS F 531 -28.45 49.31 61.96
CA CYS F 531 -29.26 48.23 62.52
C CYS F 531 -29.28 48.29 64.05
N ILE F 532 -28.21 48.78 64.67
CA ILE F 532 -28.21 49.02 66.11
C ILE F 532 -29.13 50.19 66.45
N ALA F 533 -29.07 51.25 65.64
CA ALA F 533 -29.84 52.46 65.91
C ALA F 533 -31.33 52.25 65.78
N SER F 534 -31.76 51.22 65.05
CA SER F 534 -33.18 50.92 64.94
C SER F 534 -33.73 50.23 66.18
N TRP F 535 -32.87 49.72 67.06
CA TRP F 535 -33.36 49.09 68.29
C TRP F 535 -33.91 50.14 69.24
N ALA F 536 -33.27 51.30 69.30
CA ALA F 536 -33.79 52.39 70.10
C ALA F 536 -35.09 52.93 69.52
N TYR F 537 -35.23 52.86 68.20
CA TYR F 537 -36.43 53.35 67.52
C TYR F 537 -37.25 52.20 66.95
N ASN F 538 -37.33 51.12 67.71
CA ASN F 538 -38.24 50.02 67.37
C ASN F 538 -39.67 50.49 67.51
N GLY F 539 -40.53 49.98 66.63
CA GLY F 539 -41.91 50.41 66.60
C GLY F 539 -42.13 51.66 65.77
N LEU F 540 -41.15 52.56 65.71
CA LEU F 540 -41.18 53.62 64.72
C LEU F 540 -40.60 53.14 63.40
N VAL F 541 -39.56 52.33 63.46
CA VAL F 541 -38.90 51.79 62.27
C VAL F 541 -38.31 50.43 62.60
N THR F 542 -38.64 49.43 61.80
CA THR F 542 -38.09 48.09 61.94
C THR F 542 -37.10 47.82 60.83
N THR F 543 -35.98 47.21 61.17
CA THR F 543 -34.91 46.94 60.21
C THR F 543 -35.05 45.52 59.68
N VAL F 544 -35.94 45.37 58.71
CA VAL F 544 -36.19 44.05 58.14
C VAL F 544 -35.05 43.66 57.21
N LEU F 545 -34.89 42.36 57.02
CA LEU F 545 -33.91 41.85 56.08
C LEU F 545 -34.39 42.09 54.66
N SER F 546 -33.45 42.34 53.76
CA SER F 546 -33.80 42.86 52.44
C SER F 546 -34.38 41.76 51.55
N GLU F 547 -35.07 42.19 50.49
CA GLU F 547 -35.70 41.27 49.57
C GLU F 547 -34.67 40.50 48.76
N ASP F 548 -33.56 41.16 48.42
CA ASP F 548 -32.48 40.55 47.65
C ASP F 548 -31.55 39.71 48.51
N ALA F 549 -31.88 39.52 49.79
CA ALA F 549 -31.08 38.71 50.69
C ALA F 549 -31.53 37.27 50.77
N PHE F 550 -32.78 37.02 50.51
CA PHE F 550 -33.29 35.67 50.69
C PHE F 550 -32.96 34.84 49.46
N PRO F 551 -32.59 33.57 49.64
CA PRO F 551 -32.59 32.66 48.50
C PRO F 551 -34.01 32.40 48.05
N ASP F 552 -34.21 32.39 46.73
CA ASP F 552 -35.54 32.22 46.18
C ASP F 552 -36.07 30.81 46.42
N SER F 553 -37.40 30.69 46.48
CA SER F 553 -38.01 29.41 46.83
C SER F 553 -38.27 28.55 45.60
N SER F 554 -37.23 28.42 44.78
CA SER F 554 -37.14 27.41 43.74
C SER F 554 -35.76 26.80 43.65
N GLN F 555 -34.73 27.51 44.11
CA GLN F 555 -33.38 26.98 44.12
C GLN F 555 -33.24 25.92 45.20
N SER F 556 -32.52 24.86 44.86
CA SER F 556 -32.24 23.82 45.85
C SER F 556 -31.10 24.24 46.77
N ILE F 557 -30.92 23.44 47.82
CA ILE F 557 -29.85 23.69 48.79
C ILE F 557 -28.48 23.35 48.22
N THR F 558 -28.44 22.44 47.24
CA THR F 558 -27.18 21.98 46.68
C THR F 558 -26.46 23.05 45.87
N HIS F 559 -27.17 24.11 45.47
CA HIS F 559 -26.54 25.27 44.87
C HIS F 559 -25.70 25.98 45.92
N LEU F 560 -24.39 26.00 45.71
CA LEU F 560 -23.48 26.53 46.73
C LEU F 560 -23.62 28.03 47.01
N PRO F 561 -23.79 28.95 46.03
CA PRO F 561 -24.04 30.35 46.43
C PRO F 561 -25.38 30.60 47.10
N SER F 562 -26.27 29.61 47.12
CA SER F 562 -27.56 29.82 47.75
C SER F 562 -27.49 29.60 49.26
N MET F 563 -26.74 28.59 49.71
CA MET F 563 -26.68 28.35 51.15
C MET F 563 -25.74 29.32 51.86
N TRP F 564 -24.75 29.88 51.17
CA TRP F 564 -23.99 30.98 51.76
C TRP F 564 -24.84 32.24 51.85
N LYS F 565 -25.76 32.41 50.91
CA LYS F 565 -26.74 33.49 50.99
C LYS F 565 -27.71 33.25 52.13
N CYS F 566 -27.96 31.98 52.47
CA CYS F 566 -28.75 31.65 53.65
C CYS F 566 -27.92 31.68 54.92
N LEU F 567 -26.61 31.45 54.82
CA LEU F 567 -25.74 31.45 55.99
C LEU F 567 -25.60 32.84 56.56
N PHE F 568 -25.33 33.82 55.70
CA PHE F 568 -25.19 35.21 56.13
C PHE F 568 -26.51 35.76 56.64
N LEU F 569 -27.62 35.19 56.18
CA LEU F 569 -28.93 35.60 56.65
C LEU F 569 -29.16 35.17 58.10
N THR F 570 -28.80 33.93 58.42
CA THR F 570 -29.07 33.41 59.75
C THR F 570 -28.17 34.07 60.79
N LEU F 571 -26.92 34.36 60.43
CA LEU F 571 -26.04 35.08 61.34
C LEU F 571 -26.50 36.50 61.55
N ALA F 572 -27.08 37.13 60.53
CA ALA F 572 -27.65 38.45 60.67
C ALA F 572 -29.12 38.42 61.06
N GLY F 573 -29.62 37.26 61.47
CA GLY F 573 -30.97 37.09 61.94
C GLY F 573 -31.31 37.88 63.18
N PRO F 574 -30.68 37.54 64.32
CA PRO F 574 -31.01 38.23 65.58
C PRO F 574 -30.53 39.66 65.65
N MET F 575 -29.74 40.11 64.69
CA MET F 575 -29.31 41.49 64.66
C MET F 575 -30.47 42.42 64.36
N THR F 576 -31.46 41.95 63.62
CA THR F 576 -32.57 42.76 63.17
C THR F 576 -33.67 42.86 64.21
N SER F 577 -34.37 43.99 64.21
CA SER F 577 -35.49 44.22 65.11
C SER F 577 -36.83 43.81 64.51
N ASP F 578 -36.80 43.15 63.36
CA ASP F 578 -37.98 42.53 62.78
C ASP F 578 -38.46 41.44 63.73
N PRO F 579 -39.71 41.47 64.19
CA PRO F 579 -40.20 40.38 65.04
C PRO F 579 -40.43 39.09 64.29
N HIS F 580 -40.61 39.15 62.99
CA HIS F 580 -40.81 37.97 62.16
C HIS F 580 -39.50 37.46 61.58
N SER F 581 -38.39 38.08 61.97
CA SER F 581 -37.07 37.60 61.55
C SER F 581 -36.70 36.16 61.93
N PRO F 582 -37.13 35.57 63.06
CA PRO F 582 -36.83 34.14 63.25
C PRO F 582 -37.50 33.24 62.22
N VAL F 583 -38.73 33.56 61.82
CA VAL F 583 -39.44 32.71 60.89
C VAL F 583 -38.90 32.90 59.49
N LYS F 584 -38.45 34.11 59.16
CA LYS F 584 -37.77 34.34 57.89
C LYS F 584 -36.46 33.59 57.83
N VAL F 585 -35.80 33.40 58.97
CA VAL F 585 -34.58 32.61 59.00
C VAL F 585 -34.89 31.13 58.83
N PHE F 586 -35.92 30.64 59.53
CA PHE F 586 -36.27 29.22 59.45
C PHE F 586 -36.80 28.85 58.08
N MET F 587 -37.60 29.71 57.47
CA MET F 587 -38.18 29.38 56.18
C MET F 587 -37.19 29.52 55.04
N ALA F 588 -36.14 30.33 55.23
CA ALA F 588 -35.12 30.47 54.20
C ALA F 588 -34.35 29.18 53.99
N LEU F 589 -34.06 28.46 55.08
CA LEU F 589 -33.52 27.13 54.93
C LEU F 589 -34.57 26.17 54.42
N ALA F 590 -35.81 26.30 54.90
CA ALA F 590 -36.89 25.39 54.52
C ALA F 590 -37.27 25.52 53.05
N ASN F 591 -36.99 26.66 52.42
CA ASN F 591 -37.20 26.77 50.98
C ASN F 591 -36.19 25.93 50.22
N LEU F 592 -34.95 25.87 50.71
CA LEU F 592 -33.86 25.28 49.95
C LEU F 592 -33.93 23.76 49.92
N LEU F 593 -34.68 23.16 50.82
CA LEU F 593 -34.78 21.70 50.92
C LEU F 593 -36.25 21.27 50.89
N ALA F 594 -36.96 21.75 49.86
CA ALA F 594 -38.36 21.40 49.67
C ALA F 594 -38.55 19.91 49.36
N GLN F 595 -37.93 19.43 48.28
CA GLN F 595 -38.02 17.98 48.04
C GLN F 595 -37.10 17.14 48.94
N PRO F 596 -35.81 17.47 49.19
CA PRO F 596 -35.02 16.59 50.06
C PRO F 596 -35.47 16.55 51.51
N GLU F 597 -36.19 17.56 52.00
CA GLU F 597 -36.83 17.48 53.31
C GLU F 597 -38.31 17.79 53.14
N PRO F 598 -39.10 16.83 52.68
CA PRO F 598 -40.49 17.12 52.31
C PRO F 598 -41.44 17.19 53.50
N ILE F 599 -41.48 18.34 54.15
CA ILE F 599 -42.34 18.51 55.31
C ILE F 599 -43.48 19.47 54.95
N ALA F 600 -44.63 19.26 55.60
CA ALA F 600 -45.79 20.09 55.38
C ALA F 600 -45.79 21.26 56.36
N ILE F 601 -46.47 22.33 55.96
CA ILE F 601 -46.60 23.53 56.77
C ILE F 601 -48.08 23.79 57.02
N GLY F 602 -48.44 23.93 58.29
CA GLY F 602 -49.84 23.96 58.69
C GLY F 602 -50.61 25.22 58.37
N VAL F 603 -49.99 26.23 57.78
CA VAL F 603 -50.77 27.40 57.37
C VAL F 603 -51.59 27.04 56.13
N PRO F 604 -52.86 27.41 56.08
CA PRO F 604 -53.69 27.00 54.93
C PRO F 604 -53.36 27.77 53.67
N GLY F 605 -53.50 27.08 52.55
CA GLY F 605 -53.30 27.66 51.23
C GLY F 605 -51.86 27.92 50.85
N MET F 606 -50.89 27.60 51.69
CA MET F 606 -49.52 28.01 51.51
C MET F 606 -48.60 26.80 51.68
N HIS F 607 -47.43 26.87 51.07
CA HIS F 607 -46.58 25.68 50.96
C HIS F 607 -45.15 25.94 51.38
N GLN F 608 -44.30 24.94 51.18
CA GLN F 608 -42.88 25.05 51.50
C GLN F 608 -42.11 25.78 50.41
N THR F 609 -42.72 26.02 49.25
CA THR F 609 -42.14 26.85 48.21
C THR F 609 -42.56 28.30 48.35
N THR F 610 -43.02 28.71 49.51
CA THR F 610 -43.38 30.09 49.79
C THR F 610 -42.20 30.77 50.46
N PRO F 611 -41.73 31.92 49.95
CA PRO F 611 -40.47 32.51 50.46
C PRO F 611 -40.52 33.02 51.88
N ALA F 612 -39.37 33.50 52.34
CA ALA F 612 -39.30 34.13 53.65
C ALA F 612 -39.81 35.56 53.63
N SER F 613 -39.93 36.17 52.45
CA SER F 613 -40.50 37.52 52.38
C SER F 613 -41.98 37.52 52.70
N GLN F 614 -42.67 36.41 52.44
CA GLN F 614 -44.10 36.33 52.71
C GLN F 614 -44.38 36.24 54.20
N PHE F 615 -43.55 35.53 54.95
CA PHE F 615 -43.83 35.28 56.36
C PHE F 615 -43.54 36.54 57.15
N SER F 616 -44.54 37.41 57.24
CA SER F 616 -44.41 38.64 57.99
C SER F 616 -45.62 38.90 58.87
N HIS F 617 -46.43 37.89 59.14
CA HIS F 617 -47.61 38.01 59.96
C HIS F 617 -47.64 36.82 60.92
N PRO F 618 -48.05 37.03 62.18
CA PRO F 618 -47.91 35.97 63.18
C PRO F 618 -48.80 34.78 62.98
N GLY F 619 -49.90 34.90 62.23
CA GLY F 619 -50.73 33.76 61.96
C GLY F 619 -50.21 32.84 60.89
N VAL F 620 -49.06 33.17 60.31
CA VAL F 620 -48.48 32.45 59.20
C VAL F 620 -47.23 31.71 59.64
N TRP F 621 -46.84 31.83 60.90
CA TRP F 621 -45.69 31.09 61.43
C TRP F 621 -46.04 29.61 61.45
N PRO F 622 -45.15 28.73 60.99
CA PRO F 622 -45.51 27.32 60.83
C PRO F 622 -45.62 26.65 62.18
N PRO F 623 -46.58 25.73 62.34
CA PRO F 623 -46.73 25.04 63.63
C PRO F 623 -45.59 24.10 63.94
N GLY F 624 -44.89 23.59 62.92
CA GLY F 624 -43.66 22.86 63.17
C GLY F 624 -42.56 23.77 63.67
N PHE F 625 -42.58 25.05 63.28
CA PHE F 625 -41.66 26.01 63.87
C PHE F 625 -42.06 26.35 65.29
N LEU F 626 -43.36 26.38 65.57
CA LEU F 626 -43.84 26.65 66.92
C LEU F 626 -43.50 25.49 67.85
N ASN F 627 -43.74 24.27 67.38
CA ASN F 627 -43.43 23.06 68.12
C ASN F 627 -42.54 22.20 67.24
N PRO F 628 -41.22 22.13 67.51
CA PRO F 628 -40.35 21.27 66.70
C PRO F 628 -40.58 19.78 66.90
N GLN F 629 -41.42 19.39 67.87
CA GLN F 629 -41.80 17.99 67.99
C GLN F 629 -42.69 17.53 66.86
N LEU F 630 -43.34 18.46 66.15
CA LEU F 630 -44.10 18.09 64.96
C LEU F 630 -43.18 17.73 63.80
N ILE F 631 -41.97 18.28 63.78
CA ILE F 631 -40.98 17.92 62.77
C ILE F 631 -40.34 16.60 63.17
N ASN F 632 -40.38 15.62 62.27
CA ASN F 632 -39.81 14.34 62.63
C ASN F 632 -38.29 14.37 62.51
N PRO F 633 -37.57 13.80 63.47
CA PRO F 633 -36.10 13.86 63.43
C PRO F 633 -35.49 12.98 62.35
N GLN F 634 -36.12 11.86 62.01
CA GLN F 634 -35.59 11.02 60.95
C GLN F 634 -36.12 11.38 59.57
N GLN F 635 -37.28 12.03 59.48
CA GLN F 635 -37.74 12.52 58.19
C GLN F 635 -36.94 13.74 57.75
N ALA F 636 -36.96 14.79 58.56
CA ALA F 636 -36.23 16.03 58.30
C ALA F 636 -35.19 16.20 59.39
N PRO F 637 -33.97 15.68 59.20
CA PRO F 637 -32.96 15.84 60.25
C PRO F 637 -32.42 17.25 60.36
N LEU F 638 -32.43 18.02 59.28
CA LEU F 638 -31.93 19.39 59.36
C LEU F 638 -32.98 20.32 59.96
N LEU F 639 -34.23 20.22 59.53
CA LEU F 639 -35.26 21.08 60.05
C LEU F 639 -35.66 20.72 61.47
N ARG F 640 -35.39 19.50 61.91
CA ARG F 640 -35.51 19.17 63.33
C ARG F 640 -34.57 20.01 64.15
N ALA F 641 -33.29 20.02 63.78
CA ALA F 641 -32.28 20.69 64.59
C ALA F 641 -32.29 22.20 64.38
N PHE F 642 -32.63 22.66 63.18
CA PHE F 642 -32.59 24.09 62.91
C PHE F 642 -33.77 24.83 63.54
N ALA F 643 -34.93 24.19 63.60
CA ALA F 643 -36.00 24.75 64.41
C ALA F 643 -35.65 24.70 65.89
N GLU F 644 -34.94 23.65 66.30
CA GLU F 644 -34.43 23.58 67.67
C GLU F 644 -33.30 24.58 67.88
N HIS F 645 -32.57 24.91 66.83
CA HIS F 645 -31.50 25.90 66.92
C HIS F 645 -32.05 27.29 67.19
N ILE F 646 -33.06 27.71 66.43
CA ILE F 646 -33.65 29.02 66.62
C ILE F 646 -34.45 29.06 67.91
N ARG F 647 -34.97 27.92 68.35
CA ARG F 647 -35.72 27.86 69.60
C ARG F 647 -34.81 28.09 70.80
N ALA F 648 -33.58 27.60 70.74
CA ALA F 648 -32.72 27.57 71.91
C ALA F 648 -31.54 28.53 71.84
N ASN F 649 -31.24 29.10 70.69
CA ASN F 649 -30.10 30.00 70.59
C ASN F 649 -30.46 31.43 70.21
N TRP F 650 -31.71 31.70 69.85
CA TRP F 650 -32.13 33.07 69.65
C TRP F 650 -32.06 33.80 70.99
N PRO F 651 -31.56 35.03 71.02
CA PRO F 651 -31.25 35.65 72.31
C PRO F 651 -32.48 36.09 73.07
N GLN F 652 -32.45 35.87 74.37
CA GLN F 652 -33.51 36.33 75.24
C GLN F 652 -33.42 37.84 75.38
N PRO F 653 -34.45 38.58 75.00
CA PRO F 653 -34.37 40.05 75.09
C PRO F 653 -34.41 40.52 76.52
N SER F 654 -33.75 41.65 76.76
CA SER F 654 -33.60 42.17 78.11
C SER F 654 -33.89 43.66 78.14
N GLU F 655 -33.58 44.31 79.26
CA GLU F 655 -33.86 45.72 79.39
C GLU F 655 -32.76 46.38 80.21
N PHE F 656 -32.68 47.70 80.07
CA PHE F 656 -31.72 48.49 80.83
C PHE F 656 -32.27 49.90 80.96
N GLY F 657 -31.98 50.53 82.09
CA GLY F 657 -32.49 51.87 82.35
C GLY F 657 -31.60 52.94 81.74
N TYR F 658 -32.25 53.97 81.20
CA TYR F 658 -31.55 55.12 80.65
C TYR F 658 -31.98 56.37 81.38
N GLY F 659 -31.34 57.49 81.04
CA GLY F 659 -31.76 58.80 81.51
C GLY F 659 -31.58 59.00 83.01
N SER F 660 -32.19 60.08 83.48
CA SER F 660 -32.21 60.41 84.89
C SER F 660 -33.57 60.07 85.50
N THR F 661 -33.57 59.83 86.80
CA THR F 661 -34.82 59.63 87.51
C THR F 661 -35.55 60.95 87.73
N LEU F 662 -34.81 62.05 87.77
CA LEU F 662 -35.38 63.38 87.97
C LEU F 662 -35.87 63.99 86.67
N GLN F 663 -35.70 63.32 85.53
CA GLN F 663 -35.89 63.95 84.24
C GLN F 663 -37.31 63.75 83.70
N GLY F 664 -37.70 62.50 83.49
CA GLY F 664 -38.98 62.21 82.88
C GLY F 664 -38.95 60.89 82.15
N SER F 665 -40.14 60.39 81.84
CA SER F 665 -40.27 59.07 81.23
C SER F 665 -39.90 59.09 79.75
N ALA F 666 -40.65 59.87 78.96
CA ALA F 666 -40.50 60.06 77.52
C ALA F 666 -40.62 58.77 76.72
N ASN F 667 -41.29 57.76 77.27
CA ASN F 667 -41.51 56.50 76.58
C ASN F 667 -42.90 55.98 76.88
N LEU F 668 -43.54 55.42 75.87
CA LEU F 668 -44.97 55.13 75.94
C LEU F 668 -45.23 53.71 76.42
N PHE F 669 -44.77 52.72 75.66
CA PHE F 669 -45.18 51.34 75.81
C PHE F 669 -44.31 50.60 76.82
N ILE F 670 -42.99 50.80 76.74
CA ILE F 670 -42.04 50.27 77.70
C ILE F 670 -42.17 51.07 78.98
N PRO F 671 -41.74 50.57 80.14
CA PRO F 671 -41.81 51.36 81.37
C PRO F 671 -40.91 52.58 81.34
N SER F 672 -41.05 53.39 82.39
CA SER F 672 -40.38 54.69 82.47
C SER F 672 -38.87 54.53 82.51
N ASN F 673 -38.19 55.44 81.81
CA ASN F 673 -36.75 55.63 81.60
C ASN F 673 -35.95 54.33 81.58
N ARG F 674 -36.39 53.39 80.74
CA ARG F 674 -35.79 52.06 80.68
C ARG F 674 -36.00 51.47 79.30
N MET F 675 -34.94 51.41 78.52
CA MET F 675 -35.01 50.82 77.18
C MET F 675 -35.09 49.30 77.27
N VAL F 676 -35.51 48.70 76.16
CA VAL F 676 -35.60 47.25 76.01
C VAL F 676 -34.68 46.84 74.89
N TYR F 677 -33.87 45.82 75.14
CA TYR F 677 -32.76 45.48 74.27
C TYR F 677 -32.92 44.06 73.76
N PRO F 678 -32.55 43.78 72.51
CA PRO F 678 -32.73 42.42 71.99
C PRO F 678 -31.81 41.39 72.61
N TRP F 679 -30.70 41.80 73.17
CA TRP F 679 -29.70 40.85 73.63
C TRP F 679 -29.62 40.86 75.16
N PRO F 680 -29.38 39.72 75.79
CA PRO F 680 -29.50 39.65 77.26
C PRO F 680 -28.33 40.30 78.00
N ASN F 681 -28.34 41.63 78.01
CA ASN F 681 -27.18 42.44 78.35
C ASN F 681 -26.76 42.31 79.82
N GLN F 682 -25.51 42.66 80.06
CA GLN F 682 -24.86 42.57 81.35
C GLN F 682 -24.00 43.82 81.51
N PRO F 683 -23.60 44.16 82.73
CA PRO F 683 -22.63 45.25 82.90
C PRO F 683 -21.25 44.87 82.36
N LEU F 684 -20.39 45.87 82.28
CA LEU F 684 -19.10 45.71 81.64
C LEU F 684 -18.08 45.14 82.61
N PRO F 685 -17.47 43.99 82.32
CA PRO F 685 -16.45 43.45 83.22
C PRO F 685 -15.08 43.96 82.83
N ARG F 686 -14.06 43.60 83.60
CA ARG F 686 -12.69 43.70 83.10
C ARG F 686 -12.52 42.68 81.99
N LEU F 687 -11.94 43.10 80.86
CA LEU F 687 -12.04 42.33 79.63
C LEU F 687 -11.16 41.10 79.63
N THR F 688 -11.48 40.13 80.49
CA THR F 688 -10.63 38.97 80.69
C THR F 688 -11.06 37.87 79.70
N VAL F 689 -10.59 36.64 79.94
CA VAL F 689 -10.67 35.59 78.93
C VAL F 689 -12.11 35.11 78.73
N ALA F 690 -12.78 34.77 79.80
CA ALA F 690 -14.13 34.22 79.68
C ALA F 690 -15.19 35.24 79.28
N PRO F 691 -15.19 36.57 79.78
CA PRO F 691 -16.12 37.55 79.22
C PRO F 691 -15.75 38.12 77.85
N THR F 692 -15.46 37.24 76.89
CA THR F 692 -15.49 37.61 75.49
C THR F 692 -16.12 36.55 74.63
N TYR F 693 -16.36 35.35 75.17
CA TYR F 693 -17.01 34.26 74.47
C TYR F 693 -18.30 33.84 75.15
N ASP F 694 -18.62 34.46 76.29
CA ASP F 694 -19.86 34.17 77.01
C ASP F 694 -21.07 34.90 76.43
N SER F 695 -20.87 35.73 75.42
CA SER F 695 -21.93 36.57 74.88
C SER F 695 -22.97 35.72 74.16
N ALA F 696 -24.18 36.25 74.09
CA ALA F 696 -25.25 35.56 73.37
C ALA F 696 -25.04 35.58 71.87
N MET F 697 -24.29 36.56 71.36
CA MET F 697 -24.02 36.53 69.93
C MET F 697 -22.85 35.60 69.64
N SER F 698 -21.93 35.44 70.58
CA SER F 698 -20.99 34.32 70.50
C SER F 698 -21.71 32.99 70.63
N ASN F 699 -22.77 32.93 71.43
CA ASN F 699 -23.61 31.74 71.45
C ASN F 699 -24.33 31.57 70.12
N TRP F 700 -24.69 32.66 69.47
CA TRP F 700 -25.40 32.55 68.21
C TRP F 700 -24.48 32.18 67.05
N ILE F 701 -23.30 32.78 66.98
CA ILE F 701 -22.41 32.54 65.86
C ILE F 701 -21.81 31.14 65.93
N SER F 702 -21.26 30.78 67.09
CA SER F 702 -20.58 29.50 67.29
C SER F 702 -21.49 28.29 67.25
N THR F 703 -22.80 28.46 67.16
CA THR F 703 -23.73 27.36 67.00
C THR F 703 -24.46 27.36 65.68
N THR F 704 -24.64 28.52 65.05
CA THR F 704 -25.16 28.57 63.68
C THR F 704 -24.15 27.99 62.71
N ILE F 705 -22.91 28.46 62.80
CA ILE F 705 -21.83 27.92 61.97
C ILE F 705 -21.62 26.44 62.26
N ALA F 706 -21.72 26.06 63.53
CA ALA F 706 -21.65 24.64 63.89
C ALA F 706 -22.83 23.87 63.34
N PHE F 707 -23.96 24.52 63.10
CA PHE F 707 -25.04 23.87 62.39
C PHE F 707 -24.81 23.90 60.88
N PHE F 708 -24.33 25.01 60.34
CA PHE F 708 -24.16 25.08 58.90
C PHE F 708 -22.94 24.32 58.40
N ILE F 709 -22.10 23.81 59.28
CA ILE F 709 -21.07 22.88 58.83
C ILE F 709 -21.66 21.52 58.53
N ARG F 710 -22.53 21.00 59.41
CA ARG F 710 -23.14 19.72 59.12
C ARG F 710 -24.24 19.80 58.07
N VAL F 711 -24.61 21.01 57.63
CA VAL F 711 -25.47 21.13 56.46
C VAL F 711 -24.69 20.80 55.20
N VAL F 712 -23.52 21.42 55.02
CA VAL F 712 -22.74 21.16 53.81
C VAL F 712 -22.07 19.80 53.88
N ASN F 713 -21.87 19.25 55.09
CA ASN F 713 -21.33 17.92 55.25
C ASN F 713 -22.40 16.87 55.35
N SER F 714 -23.62 17.18 54.89
CA SER F 714 -24.69 16.20 54.91
C SER F 714 -24.59 15.31 53.69
N VAL F 715 -25.59 14.44 53.54
CA VAL F 715 -25.56 13.43 52.51
C VAL F 715 -26.17 13.94 51.21
N ASN F 716 -27.08 14.91 51.29
CA ASN F 716 -27.84 15.37 50.13
C ASN F 716 -27.12 16.41 49.30
N MET F 717 -26.03 16.99 49.81
CA MET F 717 -25.42 18.11 49.09
C MET F 717 -24.57 17.64 47.91
N THR F 718 -24.04 16.44 47.97
CA THR F 718 -23.00 15.97 47.05
C THR F 718 -23.48 15.75 45.63
N ALA F 719 -24.70 16.09 45.24
CA ALA F 719 -25.07 16.07 43.83
C ALA F 719 -24.38 17.19 43.06
N THR F 720 -24.03 18.29 43.74
CA THR F 720 -23.34 19.40 43.10
C THR F 720 -21.99 19.72 43.74
N VAL F 721 -21.82 19.45 45.01
CA VAL F 721 -20.60 19.82 45.72
C VAL F 721 -19.67 18.61 45.73
N ASN F 722 -18.37 18.89 45.67
CA ASN F 722 -17.34 17.86 45.61
C ASN F 722 -16.83 17.59 47.02
N ASP F 723 -16.04 16.52 47.17
CA ASP F 723 -15.45 16.21 48.46
C ASP F 723 -14.40 17.23 48.86
N LEU F 724 -13.64 17.74 47.89
CA LEU F 724 -12.70 18.82 48.16
C LEU F 724 -13.44 20.08 48.59
N THR F 725 -14.50 20.44 47.85
CA THR F 725 -15.24 21.64 48.18
C THR F 725 -16.11 21.48 49.42
N ARG F 726 -16.52 20.26 49.76
CA ARG F 726 -17.08 20.05 51.09
C ARG F 726 -16.04 20.27 52.16
N ARG F 727 -14.81 19.86 51.89
CA ARG F 727 -13.72 20.05 52.84
C ARG F 727 -13.21 21.49 52.81
N THR F 728 -13.51 22.23 51.76
CA THR F 728 -13.11 23.63 51.64
C THR F 728 -14.14 24.57 52.27
N MET F 729 -15.42 24.41 51.92
CA MET F 729 -16.47 25.27 52.48
C MET F 729 -16.59 25.09 53.98
N THR F 730 -16.34 23.88 54.49
CA THR F 730 -16.22 23.67 55.93
C THR F 730 -15.08 24.49 56.51
N GLY F 731 -13.95 24.54 55.80
CA GLY F 731 -12.83 25.33 56.26
C GLY F 731 -13.07 26.82 56.27
N VAL F 732 -13.95 27.31 55.38
CA VAL F 732 -14.29 28.73 55.40
C VAL F 732 -15.12 29.04 56.63
N MET F 733 -16.09 28.19 56.95
CA MET F 733 -16.96 28.43 58.09
C MET F 733 -16.23 28.28 59.41
N THR F 734 -15.40 27.26 59.53
CA THR F 734 -14.69 27.07 60.80
C THR F 734 -13.57 28.09 60.99
N ALA F 735 -13.20 28.82 59.94
CA ALA F 735 -12.38 30.01 60.11
C ALA F 735 -13.23 31.19 60.56
N MET F 736 -14.40 31.37 59.93
CA MET F 736 -15.35 32.41 60.31
C MET F 736 -15.84 32.24 61.74
N ARG F 737 -15.97 30.99 62.19
CA ARG F 737 -16.40 30.73 63.56
C ARG F 737 -15.32 31.10 64.56
N GLN F 738 -14.06 31.02 64.16
CA GLN F 738 -12.95 31.14 65.08
C GLN F 738 -12.14 32.41 64.90
N VAL F 739 -12.56 33.31 64.01
CA VAL F 739 -11.99 34.66 64.00
C VAL F 739 -12.39 35.37 65.28
N LYS F 740 -11.39 35.83 66.02
CA LYS F 740 -11.65 36.60 67.23
C LYS F 740 -12.26 37.94 66.86
N THR F 741 -13.49 38.16 67.29
CA THR F 741 -14.18 39.43 67.08
C THR F 741 -14.74 39.90 68.41
N MET F 742 -14.74 41.22 68.58
CA MET F 742 -15.14 41.81 69.84
C MET F 742 -16.55 42.41 69.77
N THR F 743 -17.17 42.37 68.60
CA THR F 743 -18.57 42.78 68.49
C THR F 743 -19.56 41.93 69.29
N PRO F 744 -19.33 40.65 69.62
CA PRO F 744 -20.16 40.07 70.69
C PRO F 744 -19.92 40.70 72.04
N PHE F 745 -18.69 41.11 72.36
CA PHE F 745 -18.49 41.79 73.64
C PHE F 745 -19.12 43.17 73.64
N TYR F 746 -19.10 43.85 72.50
CA TYR F 746 -19.70 45.18 72.40
C TYR F 746 -21.21 45.11 72.57
N ILE F 747 -21.84 44.16 71.89
CA ILE F 747 -23.29 44.07 71.88
C ILE F 747 -23.84 43.53 73.19
N GLN F 748 -23.00 42.90 74.01
CA GLN F 748 -23.35 42.31 75.29
C GLN F 748 -23.09 43.24 76.47
N HIS F 749 -21.99 43.98 76.44
CA HIS F 749 -21.56 44.75 77.59
C HIS F 749 -21.40 46.23 77.33
N MET F 750 -21.06 46.65 76.11
CA MET F 750 -20.75 48.05 75.84
C MET F 750 -21.89 48.81 75.18
N CYS F 751 -22.61 48.19 74.27
CA CYS F 751 -23.65 48.89 73.51
C CYS F 751 -24.86 49.36 74.33
N PRO F 752 -25.36 48.63 75.34
CA PRO F 752 -26.44 49.24 76.15
C PRO F 752 -26.01 50.44 76.97
N THR F 753 -24.81 50.44 77.53
CA THR F 753 -24.38 51.62 78.27
C THR F 753 -23.91 52.75 77.37
N GLU F 754 -24.00 52.58 76.04
CA GLU F 754 -23.94 53.69 75.09
C GLU F 754 -25.31 54.13 74.64
N LEU F 755 -26.20 53.17 74.35
CA LEU F 755 -27.58 53.53 73.99
C LEU F 755 -28.32 54.17 75.15
N SER F 756 -27.96 53.83 76.39
CA SER F 756 -28.59 54.49 77.52
C SER F 756 -28.13 55.92 77.67
N VAL F 757 -26.92 56.23 77.20
CA VAL F 757 -26.45 57.60 77.26
C VAL F 757 -26.88 58.39 76.03
N LEU F 758 -26.78 57.78 74.86
CA LEU F 758 -27.20 58.44 73.62
C LEU F 758 -28.70 58.63 73.52
N ALA F 759 -29.49 57.95 74.35
CA ALA F 759 -30.92 58.25 74.38
C ALA F 759 -31.18 59.62 74.99
N SER F 760 -30.37 60.03 75.94
CA SER F 760 -30.60 61.28 76.66
C SER F 760 -29.86 62.46 76.03
N VAL F 761 -29.31 62.29 74.84
CA VAL F 761 -28.71 63.40 74.11
C VAL F 761 -29.43 63.69 72.80
N THR F 762 -30.33 62.84 72.36
CA THR F 762 -31.11 63.14 71.17
C THR F 762 -32.24 64.08 71.50
N VAL F 763 -32.64 64.88 70.52
CA VAL F 763 -33.80 65.76 70.70
C VAL F 763 -35.06 64.91 70.76
N THR F 764 -35.21 63.97 69.84
CA THR F 764 -36.31 63.02 69.88
C THR F 764 -35.94 61.83 70.75
N PRO F 765 -36.64 61.59 71.85
CA PRO F 765 -36.33 60.46 72.71
C PRO F 765 -36.74 59.15 72.04
N PRO F 766 -36.12 58.03 72.41
CA PRO F 766 -36.34 56.78 71.67
C PRO F 766 -37.75 56.21 71.87
N PHE F 767 -38.50 56.13 70.78
CA PHE F 767 -39.76 55.41 70.76
C PHE F 767 -39.48 53.92 70.65
N GLN F 768 -40.05 53.12 71.53
CA GLN F 768 -39.59 51.74 71.58
C GLN F 768 -40.73 50.83 72.00
N VAL F 769 -40.81 49.67 71.34
CA VAL F 769 -41.82 48.67 71.65
C VAL F 769 -41.09 47.44 72.18
N PRO F 770 -41.71 46.58 72.98
CA PRO F 770 -40.99 45.41 73.50
C PRO F 770 -40.74 44.36 72.44
N PHE F 771 -39.76 43.51 72.73
CA PHE F 771 -39.35 42.46 71.83
C PHE F 771 -40.04 41.15 72.19
N THR F 772 -39.87 40.15 71.32
CA THR F 772 -40.55 38.88 71.48
C THR F 772 -39.66 37.77 70.96
N ARG F 773 -39.25 36.86 71.83
CA ARG F 773 -38.48 35.69 71.43
C ARG F 773 -39.45 34.52 71.28
N LEU F 774 -40.13 34.50 70.13
CA LEU F 774 -40.83 33.32 69.60
C LEU F 774 -42.00 32.89 70.50
N VAL F 775 -42.88 33.84 70.83
CA VAL F 775 -43.98 33.57 71.73
C VAL F 775 -45.33 33.58 71.00
N GLN F 776 -45.47 34.37 69.93
CA GLN F 776 -46.50 34.36 68.90
C GLN F 776 -47.85 34.91 69.34
N ASN F 777 -48.07 35.08 70.64
CA ASN F 777 -49.34 35.62 71.09
C ASN F 777 -49.20 37.05 71.59
N ASP F 778 -47.98 37.57 71.63
CA ASP F 778 -47.73 38.95 72.01
C ASP F 778 -46.84 39.67 71.01
N VAL F 779 -46.50 39.02 69.90
CA VAL F 779 -45.79 39.70 68.82
C VAL F 779 -46.72 40.72 68.17
N ILE F 780 -46.18 41.90 67.87
CA ILE F 780 -46.98 43.06 67.53
C ILE F 780 -47.40 42.97 66.07
N THR F 781 -48.70 43.05 65.81
CA THR F 781 -49.23 43.06 64.46
C THR F 781 -49.25 44.46 63.87
N ASN F 782 -49.73 45.44 64.62
CA ASN F 782 -49.81 46.81 64.16
C ASN F 782 -49.51 47.76 65.31
N VAL F 783 -48.97 48.93 64.97
CA VAL F 783 -48.86 50.04 65.90
C VAL F 783 -49.71 51.17 65.35
N LEU F 784 -50.74 51.55 66.09
CA LEU F 784 -51.65 52.60 65.68
C LEU F 784 -51.43 53.86 66.50
N VAL F 785 -51.96 54.96 65.99
CA VAL F 785 -52.06 56.21 66.71
C VAL F 785 -53.52 56.60 66.73
N ALA F 786 -54.15 56.47 67.88
CA ALA F 786 -55.56 56.82 68.01
C ALA F 786 -55.68 58.30 68.32
N ARG F 787 -56.28 59.05 67.40
CA ARG F 787 -56.62 60.44 67.70
C ARG F 787 -57.77 60.52 68.69
N VAL F 788 -58.64 59.50 68.67
CA VAL F 788 -59.76 59.38 69.59
C VAL F 788 -60.02 57.88 69.73
N ASP F 789 -60.52 57.48 70.90
CA ASP F 789 -60.80 56.08 71.18
C ASP F 789 -61.86 55.54 70.22
N PRO F 790 -61.79 54.26 69.86
CA PRO F 790 -62.78 53.70 68.93
C PRO F 790 -64.19 53.66 69.48
N ALA F 791 -64.36 53.69 70.80
CA ALA F 791 -65.69 53.80 71.38
C ALA F 791 -66.30 55.19 71.20
N GLN F 792 -65.48 56.19 70.90
CA GLN F 792 -65.96 57.56 70.75
C GLN F 792 -65.53 58.14 69.40
N ARG F 793 -65.43 57.29 68.38
CA ARG F 793 -64.96 57.70 67.07
C ARG F 793 -66.08 57.55 66.06
N GLY F 794 -66.83 58.63 65.86
CA GLY F 794 -67.71 58.70 64.70
C GLY F 794 -66.86 58.85 63.45
N ASP F 795 -67.32 58.21 62.36
CA ASP F 795 -66.58 58.09 61.10
C ASP F 795 -65.21 57.45 61.34
N ALA F 796 -65.28 56.16 61.70
CA ALA F 796 -64.13 55.40 62.18
C ALA F 796 -63.00 55.35 61.17
N ALA F 797 -61.80 55.71 61.63
CA ALA F 797 -60.64 55.88 60.75
C ALA F 797 -59.44 55.24 61.44
N VAL F 798 -59.07 54.06 60.95
CA VAL F 798 -57.87 53.39 61.43
C VAL F 798 -56.65 54.16 60.91
N ASP F 799 -55.53 54.07 61.63
CA ASP F 799 -54.32 54.79 61.27
C ASP F 799 -53.76 54.30 59.94
N ILE F 800 -53.03 55.20 59.28
CA ILE F 800 -52.44 54.93 57.98
C ILE F 800 -51.31 53.91 58.07
N ARG F 801 -50.76 53.68 59.27
CA ARG F 801 -49.70 52.70 59.46
C ARG F 801 -50.18 51.28 59.25
N ALA F 802 -51.48 51.02 59.34
CA ALA F 802 -52.02 49.68 59.12
C ALA F 802 -52.04 49.29 57.65
N THR F 803 -51.81 50.24 56.74
CA THR F 803 -51.75 49.93 55.33
C THR F 803 -50.51 49.10 54.99
N HIS F 804 -49.40 49.37 55.66
CA HIS F 804 -48.15 48.70 55.36
C HIS F 804 -48.17 47.26 55.88
N ALA F 805 -47.27 46.45 55.31
CA ALA F 805 -47.15 45.06 55.76
C ALA F 805 -46.51 44.98 57.14
N THR F 806 -45.29 45.48 57.27
CA THR F 806 -44.66 45.61 58.57
C THR F 806 -45.37 46.68 59.39
N PHE F 807 -45.35 46.51 60.71
CA PHE F 807 -46.09 47.44 61.56
C PHE F 807 -45.41 48.79 61.68
N ALA F 808 -44.12 48.86 61.44
CA ALA F 808 -43.38 50.12 61.46
C ALA F 808 -42.80 50.37 60.06
N ALA F 809 -41.94 51.38 59.97
CA ALA F 809 -41.24 51.65 58.74
C ALA F 809 -40.26 50.53 58.44
N ALA F 810 -40.45 49.85 57.32
CA ALA F 810 -39.58 48.75 56.95
C ALA F 810 -38.26 49.31 56.43
N LEU F 811 -37.17 48.97 57.10
CA LEU F 811 -35.85 49.40 56.69
C LEU F 811 -35.07 48.21 56.17
N PRO F 812 -34.91 48.06 54.85
CA PRO F 812 -34.15 46.91 54.33
C PRO F 812 -32.67 47.05 54.63
N VAL F 813 -32.12 46.03 55.27
CA VAL F 813 -30.72 46.01 55.62
C VAL F 813 -30.07 44.81 54.93
N ASP F 814 -28.79 44.94 54.60
CA ASP F 814 -28.08 43.88 53.90
C ASP F 814 -27.39 42.98 54.91
N PRO F 815 -27.63 41.67 54.89
CA PRO F 815 -27.02 40.79 55.89
C PRO F 815 -25.54 40.59 55.68
N ALA F 816 -25.06 40.70 54.44
CA ALA F 816 -23.64 40.52 54.19
C ALA F 816 -22.82 41.67 54.74
N ALA F 817 -23.40 42.87 54.82
CA ALA F 817 -22.71 43.97 55.49
C ALA F 817 -22.74 43.79 57.00
N ILE F 818 -23.74 43.10 57.52
CA ILE F 818 -23.84 42.87 58.96
C ILE F 818 -22.88 41.78 59.39
N VAL F 819 -22.85 40.66 58.67
CA VAL F 819 -22.12 39.49 59.11
C VAL F 819 -20.61 39.72 59.01
N VAL F 820 -20.16 40.59 58.11
CA VAL F 820 -18.76 41.01 58.12
C VAL F 820 -18.49 41.85 59.34
N ALA F 821 -19.39 42.79 59.65
CA ALA F 821 -19.23 43.65 60.80
C ALA F 821 -19.38 42.89 62.11
N MET F 822 -20.17 41.81 62.12
CA MET F 822 -20.24 40.96 63.30
C MET F 822 -18.94 40.19 63.50
N LEU F 823 -18.44 39.58 62.44
CA LEU F 823 -17.31 38.68 62.54
C LEU F 823 -15.97 39.39 62.44
N CYS F 824 -15.95 40.71 62.32
CA CYS F 824 -14.71 41.45 62.50
C CYS F 824 -14.96 42.48 63.56
N GLY F 825 -14.08 43.46 63.70
CA GLY F 825 -14.37 44.51 64.64
C GLY F 825 -13.77 44.31 66.00
N GLN F 826 -12.46 44.15 66.07
CA GLN F 826 -11.76 44.25 67.33
C GLN F 826 -11.69 45.71 67.74
N THR F 827 -11.60 45.95 69.05
CA THR F 827 -11.61 47.31 69.58
C THR F 827 -10.22 47.93 69.50
N GLU F 828 -10.05 49.07 70.16
CA GLU F 828 -8.76 49.75 70.19
C GLU F 828 -7.75 48.95 71.00
N THR F 829 -6.51 48.91 70.52
CA THR F 829 -5.47 48.14 71.18
C THR F 829 -5.01 48.77 72.49
N ASN F 830 -5.34 50.03 72.75
CA ASN F 830 -5.04 50.69 74.02
C ASN F 830 -6.34 51.32 74.49
N LEU F 831 -7.18 50.51 75.13
CA LEU F 831 -8.56 50.91 75.40
C LEU F 831 -8.87 50.81 76.87
N ILE F 832 -9.37 51.90 77.44
CA ILE F 832 -9.96 51.91 78.77
C ILE F 832 -11.37 52.46 78.59
N PRO F 833 -12.41 51.70 78.92
CA PRO F 833 -13.79 52.20 78.69
C PRO F 833 -14.15 53.36 79.58
N SER F 834 -13.50 53.49 80.74
CA SER F 834 -13.74 54.64 81.60
C SER F 834 -13.21 55.92 80.98
N HIS F 835 -11.99 55.87 80.43
CA HIS F 835 -11.42 57.02 79.75
C HIS F 835 -12.16 57.33 78.46
N HIS F 836 -12.47 56.30 77.67
CA HIS F 836 -12.95 56.54 76.32
C HIS F 836 -14.37 57.05 76.30
N TYR F 837 -15.22 56.61 77.24
CA TYR F 837 -16.61 57.01 77.21
C TYR F 837 -16.80 58.43 77.72
N GLY F 838 -16.07 58.80 78.78
CA GLY F 838 -16.15 60.16 79.26
C GLY F 838 -15.57 61.18 78.31
N LYS F 839 -14.62 60.77 77.48
CA LYS F 839 -14.11 61.66 76.44
C LYS F 839 -15.05 61.72 75.25
N ALA F 840 -15.78 60.63 74.98
CA ALA F 840 -16.72 60.63 73.87
C ALA F 840 -18.02 61.35 74.24
N PHE F 841 -18.45 61.23 75.49
CA PHE F 841 -19.68 61.86 75.95
C PHE F 841 -19.49 63.32 76.33
N ALA F 842 -18.23 63.77 76.41
CA ALA F 842 -17.95 65.15 76.77
C ALA F 842 -18.44 66.18 75.76
N PRO F 843 -18.33 66.02 74.43
CA PRO F 843 -18.98 66.99 73.55
C PRO F 843 -20.49 66.88 73.54
N LEU F 844 -21.05 65.72 73.92
CA LEU F 844 -22.48 65.52 73.81
C LEU F 844 -23.27 66.24 74.87
N PHE F 845 -22.62 66.71 75.94
CA PHE F 845 -23.32 67.42 77.00
C PHE F 845 -23.11 68.92 76.95
N ALA F 846 -22.18 69.41 76.12
CA ALA F 846 -22.12 70.83 75.87
C ALA F 846 -23.33 71.29 75.06
N SER F 847 -23.84 70.44 74.19
CA SER F 847 -25.03 70.76 73.43
C SER F 847 -26.25 70.71 74.34
N ASN F 848 -27.19 71.62 74.10
CA ASN F 848 -28.43 71.68 74.86
C ASN F 848 -29.57 70.93 74.20
N ALA F 849 -29.27 69.83 73.49
CA ALA F 849 -30.30 69.00 72.90
C ALA F 849 -31.11 68.28 73.97
N MET F 850 -30.52 68.06 75.14
CA MET F 850 -31.29 67.57 76.28
C MET F 850 -32.32 68.59 76.72
N PHE F 851 -31.93 69.86 76.75
CA PHE F 851 -32.82 70.91 77.23
C PHE F 851 -33.76 71.43 76.16
N THR F 852 -33.43 71.21 74.88
CA THR F 852 -34.32 71.60 73.80
C THR F 852 -35.52 70.67 73.70
N ARG F 853 -35.35 69.41 74.12
CA ARG F 853 -36.47 68.48 74.17
C ARG F 853 -37.51 68.93 75.18
N ASN F 854 -37.08 69.31 76.38
CA ASN F 854 -38.01 69.68 77.43
C ASN F 854 -38.61 71.06 77.20
N GLN F 855 -38.01 71.87 76.32
CA GLN F 855 -38.64 73.12 75.91
C GLN F 855 -39.61 72.94 74.75
N ARG F 856 -39.35 72.00 73.85
CA ARG F 856 -40.30 71.76 72.78
C ARG F 856 -41.44 70.87 73.20
N ALA F 857 -41.31 70.18 74.34
CA ALA F 857 -42.41 69.35 74.82
C ALA F 857 -43.49 70.19 75.48
N VAL F 858 -43.09 71.23 76.22
CA VAL F 858 -44.07 72.06 76.90
C VAL F 858 -44.79 72.97 75.91
N ILE F 859 -44.14 73.37 74.82
CA ILE F 859 -44.79 74.20 73.82
C ILE F 859 -45.73 73.37 72.96
N THR F 860 -45.38 72.10 72.75
CA THR F 860 -46.27 71.18 72.03
C THR F 860 -47.58 70.98 72.77
N ARG F 861 -47.51 70.76 74.08
CA ARG F 861 -48.71 70.52 74.87
C ARG F 861 -49.58 71.76 74.98
N GLU F 862 -48.98 72.93 75.15
CA GLU F 862 -49.76 74.15 75.22
C GLU F 862 -50.39 74.48 73.88
N ALA F 863 -49.73 74.10 72.78
CA ALA F 863 -50.37 74.20 71.48
C ALA F 863 -51.35 73.06 71.23
N PHE F 864 -51.22 71.96 71.96
CA PHE F 864 -52.13 70.84 71.79
C PHE F 864 -53.49 71.15 72.38
N VAL F 865 -53.52 71.71 73.59
CA VAL F 865 -54.78 71.92 74.29
C VAL F 865 -55.55 73.07 73.67
N CYS F 866 -54.84 74.11 73.21
CA CYS F 866 -55.51 75.22 72.54
C CYS F 866 -56.07 74.81 71.18
N ALA F 867 -55.45 73.84 70.53
CA ALA F 867 -55.94 73.38 69.23
C ALA F 867 -56.95 72.26 69.34
N ARG F 868 -56.88 71.46 70.41
CA ARG F 868 -57.93 70.47 70.66
C ARG F 868 -59.25 71.15 70.94
N SER F 869 -59.22 72.25 71.68
CA SER F 869 -60.44 73.00 71.95
C SER F 869 -60.85 73.87 70.79
N ALA F 870 -59.92 74.24 69.90
CA ALA F 870 -60.27 75.11 68.79
C ALA F 870 -61.13 74.40 67.75
N VAL F 871 -60.89 73.10 67.56
CA VAL F 871 -61.74 72.30 66.68
C VAL F 871 -62.83 71.58 67.45
N ALA F 872 -63.01 71.91 68.73
CA ALA F 872 -64.13 71.42 69.51
C ALA F 872 -65.13 72.49 69.86
N GLN F 873 -64.68 73.73 70.10
CA GLN F 873 -65.62 74.83 70.31
C GLN F 873 -66.33 75.21 69.03
N CYS F 874 -65.70 75.02 67.89
CA CYS F 874 -66.32 75.35 66.61
C CYS F 874 -67.34 74.32 66.17
N GLN F 875 -67.32 73.12 66.74
CA GLN F 875 -68.34 72.13 66.47
C GLN F 875 -69.31 72.04 67.64
N ASP F 876 -70.31 71.17 67.51
CA ASP F 876 -71.40 71.09 68.47
C ASP F 876 -71.19 70.02 69.53
N ALA F 877 -70.32 69.04 69.27
CA ALA F 877 -70.14 67.92 70.18
C ALA F 877 -68.68 67.49 70.11
N GLY F 878 -68.39 66.27 70.57
CA GLY F 878 -67.04 65.76 70.48
C GLY F 878 -66.34 65.75 71.83
N PHE F 879 -65.25 66.51 71.94
CA PHE F 879 -64.55 66.62 73.20
C PHE F 879 -65.19 67.70 74.05
N LEU F 880 -65.32 67.42 75.34
CA LEU F 880 -66.10 68.26 76.24
C LEU F 880 -65.21 69.40 76.74
N VAL F 881 -65.44 70.59 76.21
CA VAL F 881 -64.77 71.80 76.65
C VAL F 881 -65.82 72.75 77.19
N PRO F 882 -65.44 73.70 78.04
CA PRO F 882 -66.34 74.81 78.34
C PRO F 882 -66.53 75.67 77.10
N ARG F 883 -67.77 76.11 76.88
CA ARG F 883 -68.16 76.79 75.65
C ARG F 883 -68.73 78.17 75.98
N PRO F 884 -67.87 79.18 76.13
CA PRO F 884 -68.39 80.53 76.33
C PRO F 884 -68.87 81.13 75.03
N LEU F 885 -68.22 80.73 73.94
CA LEU F 885 -68.49 81.30 72.62
C LEU F 885 -69.68 80.67 71.92
N ASP F 886 -70.41 79.77 72.60
CA ASP F 886 -71.44 78.95 71.94
C ASP F 886 -72.61 79.78 71.42
N ALA F 887 -72.78 81.01 71.89
CA ALA F 887 -73.80 81.89 71.33
C ALA F 887 -73.44 82.42 69.95
N LEU F 888 -72.17 82.38 69.56
CA LEU F 888 -71.78 82.89 68.25
C LEU F 888 -72.20 81.95 67.14
N ARG F 889 -72.49 82.54 65.99
CA ARG F 889 -72.96 81.77 64.84
C ARG F 889 -71.79 81.02 64.21
N GLN F 890 -72.01 79.73 63.92
CA GLN F 890 -70.98 78.90 63.31
C GLN F 890 -71.65 77.70 62.64
N PHE F 891 -71.28 77.45 61.39
CA PHE F 891 -71.85 76.30 60.70
C PHE F 891 -71.17 75.01 61.18
N ASP F 892 -71.71 73.88 60.73
CA ASP F 892 -71.24 72.58 61.17
C ASP F 892 -69.86 72.31 60.58
N VAL F 893 -68.84 72.30 61.45
CA VAL F 893 -67.47 72.17 61.02
C VAL F 893 -67.19 70.70 60.72
N THR F 894 -66.89 70.42 59.46
CA THR F 894 -66.59 69.06 59.02
C THR F 894 -65.09 68.81 59.13
N SER F 895 -64.63 67.72 58.50
CA SER F 895 -63.23 67.32 58.63
C SER F 895 -62.30 68.28 57.89
N ALA F 896 -62.70 68.75 56.72
CA ALA F 896 -61.85 69.66 55.96
C ALA F 896 -61.88 71.07 56.51
N ALA F 897 -63.02 71.49 57.07
CA ALA F 897 -63.09 72.81 57.67
C ALA F 897 -62.35 72.88 58.99
N ALA F 898 -62.28 71.76 59.71
CA ALA F 898 -61.52 71.72 60.95
C ALA F 898 -60.03 71.73 60.71
N ALA F 899 -59.59 71.33 59.50
CA ALA F 899 -58.17 71.33 59.19
C ALA F 899 -57.64 72.75 59.09
N GLU F 900 -58.43 73.67 58.54
CA GLU F 900 -57.96 75.04 58.40
C GLU F 900 -57.96 75.80 59.71
N ILE F 901 -58.73 75.36 60.71
CA ILE F 901 -58.51 75.83 62.06
C ILE F 901 -57.17 75.31 62.57
N MET F 902 -56.92 74.02 62.37
CA MET F 902 -55.67 73.40 62.77
C MET F 902 -54.49 73.88 61.94
N HIS F 903 -54.74 74.33 60.70
CA HIS F 903 -53.72 75.01 59.91
C HIS F 903 -53.25 76.27 60.62
N ALA F 904 -54.18 77.02 61.19
CA ALA F 904 -53.89 78.39 61.63
C ALA F 904 -53.72 78.54 63.13
N VAL F 905 -54.19 77.59 63.93
CA VAL F 905 -53.77 77.54 65.32
C VAL F 905 -52.30 77.17 65.38
N ASN F 906 -51.90 76.18 64.59
CA ASN F 906 -50.51 75.76 64.53
C ASN F 906 -49.63 76.84 63.93
N ASP F 907 -50.16 77.59 62.96
CA ASP F 907 -49.40 78.68 62.35
C ASP F 907 -49.18 79.80 63.35
N ALA F 908 -50.08 79.94 64.32
CA ALA F 908 -49.89 80.94 65.36
C ALA F 908 -48.79 80.53 66.34
N PHE F 909 -48.84 79.28 66.81
CA PHE F 909 -47.84 78.81 67.76
C PHE F 909 -46.46 78.65 67.11
N LYS F 910 -46.41 78.36 65.81
CA LYS F 910 -45.14 78.37 65.11
C LYS F 910 -44.62 79.76 64.83
N THR F 911 -45.39 80.80 65.11
CA THR F 911 -44.99 82.18 64.91
C THR F 911 -44.65 82.88 66.21
N ALA F 912 -45.42 82.63 67.26
CA ALA F 912 -45.16 83.25 68.56
C ALA F 912 -43.89 82.70 69.18
N PHE F 913 -43.78 81.38 69.27
CA PHE F 913 -42.61 80.75 69.85
C PHE F 913 -41.60 80.35 68.81
N ASP F 914 -41.78 80.80 67.56
CA ASP F 914 -40.96 80.68 66.34
C ASP F 914 -40.18 79.37 66.20
N LEU F 915 -40.89 78.25 66.34
CA LEU F 915 -40.27 76.95 66.16
C LEU F 915 -39.93 76.70 64.70
N ASP F 916 -38.90 75.89 64.49
CA ASP F 916 -38.46 75.53 63.14
C ASP F 916 -39.13 74.25 62.65
N GLY F 917 -39.17 73.22 63.50
CA GLY F 917 -39.65 71.92 63.10
C GLY F 917 -41.16 71.85 62.98
N ALA F 918 -41.65 70.64 62.74
CA ALA F 918 -43.07 70.37 62.64
C ALA F 918 -43.66 70.29 64.04
N LEU F 919 -44.51 71.24 64.40
CA LEU F 919 -45.09 71.27 65.73
C LEU F 919 -46.32 70.39 65.84
N LEU F 920 -47.33 70.67 65.02
CA LEU F 920 -48.62 70.05 65.22
C LEU F 920 -49.28 69.70 63.90
N ASP F 921 -48.57 69.85 62.79
CA ASP F 921 -49.17 69.81 61.46
C ASP F 921 -49.56 68.42 60.99
N GLY F 922 -49.17 67.37 61.71
CA GLY F 922 -49.69 66.05 61.40
C GLY F 922 -51.17 65.92 61.68
N LEU F 923 -51.67 66.71 62.62
CA LEU F 923 -53.10 66.76 62.87
C LEU F 923 -53.84 67.56 61.81
N ALA F 924 -53.15 68.44 61.09
CA ALA F 924 -53.78 69.30 60.11
C ALA F 924 -53.83 68.67 58.72
N LEU F 925 -52.76 67.98 58.33
CA LEU F 925 -52.64 67.54 56.95
C LEU F 925 -53.50 66.32 56.65
N TYR F 926 -53.57 65.36 57.56
CA TYR F 926 -54.30 64.14 57.30
C TYR F 926 -55.16 63.78 58.51
N GLY F 927 -56.19 62.97 58.25
CA GLY F 927 -57.07 62.50 59.30
C GLY F 927 -58.03 63.56 59.76
N ASP F 928 -58.87 63.17 60.72
CA ASP F 928 -59.80 64.10 61.33
C ASP F 928 -59.09 64.92 62.40
N PRO F 929 -59.06 66.25 62.28
CA PRO F 929 -58.46 67.07 63.34
C PRO F 929 -59.29 67.13 64.60
N ARG F 930 -60.57 66.75 64.52
CA ARG F 930 -61.51 66.85 65.63
C ARG F 930 -61.21 65.74 66.63
N ILE F 931 -60.22 66.00 67.47
CA ILE F 931 -59.67 65.01 68.37
C ILE F 931 -60.28 65.17 69.75
N ALA F 932 -60.20 64.10 70.54
CA ALA F 932 -60.59 64.18 71.95
C ALA F 932 -59.46 63.79 72.89
N ASP F 933 -58.79 62.66 72.64
CA ASP F 933 -57.75 62.20 73.54
C ASP F 933 -56.81 61.29 72.76
N LEU F 934 -55.59 61.76 72.53
CA LEU F 934 -54.62 60.95 71.79
C LEU F 934 -54.11 59.79 72.63
N SER F 935 -53.92 58.66 71.97
CA SER F 935 -53.37 57.47 72.60
C SER F 935 -52.67 56.64 71.54
N ALA F 936 -51.43 56.25 71.82
CA ALA F 936 -50.73 55.30 70.98
C ALA F 936 -51.00 53.89 71.50
N ALA F 937 -51.19 52.96 70.58
CA ALA F 937 -51.54 51.60 70.95
C ALA F 937 -50.92 50.64 69.96
N TYR F 938 -50.51 49.48 70.45
CA TYR F 938 -50.06 48.41 69.58
C TYR F 938 -50.91 47.18 69.79
N LEU F 939 -51.17 46.47 68.70
CA LEU F 939 -52.01 45.28 68.69
C LEU F 939 -51.15 44.04 68.59
N GLN F 940 -51.50 43.03 69.38
CA GLN F 940 -50.79 41.76 69.41
C GLN F 940 -51.63 40.70 68.73
N TYR F 941 -50.98 39.58 68.40
CA TYR F 941 -51.68 38.51 67.70
C TYR F 941 -52.67 37.80 68.60
N GLY F 942 -52.41 37.76 69.90
CA GLY F 942 -53.33 37.11 70.81
C GLY F 942 -54.53 37.91 71.22
N GLY F 943 -54.80 39.03 70.55
CA GLY F 943 -55.92 39.87 70.87
C GLY F 943 -55.66 40.90 71.94
N ASN F 944 -54.58 40.74 72.70
CA ASN F 944 -54.25 41.65 73.79
C ASN F 944 -53.68 42.94 73.18
N VAL F 945 -54.59 43.81 72.77
CA VAL F 945 -54.21 45.18 72.42
C VAL F 945 -54.11 45.98 73.71
N VAL F 946 -52.98 46.67 73.88
CA VAL F 946 -52.81 47.59 75.00
C VAL F 946 -52.69 48.99 74.45
N ARG F 947 -53.07 49.96 75.26
CA ARG F 947 -53.23 51.33 74.81
C ARG F 947 -52.69 52.26 75.88
N GLU F 948 -51.67 53.04 75.53
CA GLU F 948 -51.08 54.00 76.46
C GLU F 948 -51.66 55.36 76.13
N HIS F 949 -52.64 55.79 76.93
CA HIS F 949 -53.21 57.11 76.79
C HIS F 949 -52.22 58.16 77.24
N VAL F 950 -52.38 59.36 76.71
CA VAL F 950 -51.63 60.49 77.23
C VAL F 950 -52.53 61.73 77.28
N PRO F 951 -53.19 61.96 78.41
CA PRO F 951 -53.85 63.23 78.61
C PRO F 951 -52.83 64.32 78.86
N PRO F 952 -53.03 65.51 78.30
CA PRO F 952 -52.11 66.61 78.60
C PRO F 952 -52.30 67.10 80.02
N GLY F 953 -51.25 67.70 80.56
CA GLY F 953 -51.24 68.09 81.95
C GLY F 953 -52.00 69.37 82.21
N PRO F 954 -51.58 70.12 83.22
CA PRO F 954 -52.19 71.43 83.44
C PRO F 954 -51.79 72.41 82.36
N SER F 955 -52.70 72.70 81.44
CA SER F 955 -52.40 73.64 80.36
C SER F 955 -52.55 75.07 80.87
N HIS F 956 -51.52 75.87 80.64
CA HIS F 956 -51.52 77.23 81.14
C HIS F 956 -51.99 78.26 80.13
N ILE F 957 -51.57 78.13 78.87
CA ILE F 957 -52.00 79.09 77.85
C ILE F 957 -53.50 78.97 77.58
N HIS F 958 -54.01 77.74 77.57
CA HIS F 958 -55.43 77.55 77.33
C HIS F 958 -56.28 78.00 78.52
N ARG F 959 -55.75 77.89 79.73
CA ARG F 959 -56.49 78.38 80.90
C ARG F 959 -56.56 79.91 80.90
N ALA F 960 -55.57 80.57 80.30
CA ALA F 960 -55.69 81.99 80.07
C ALA F 960 -56.63 82.31 78.93
N LEU F 961 -56.69 81.43 77.92
CA LEU F 961 -57.55 81.66 76.78
C LEU F 961 -59.03 81.51 77.14
N GLN F 962 -59.33 80.63 78.09
CA GLN F 962 -60.71 80.50 78.56
C GLN F 962 -61.19 81.75 79.27
N GLN F 963 -60.28 82.52 79.85
CA GLN F 963 -60.67 83.78 80.46
C GLN F 963 -60.95 84.84 79.41
N VAL F 964 -60.23 84.81 78.29
CA VAL F 964 -60.44 85.78 77.22
C VAL F 964 -61.77 85.53 76.53
N GLU F 965 -62.13 84.26 76.37
CA GLU F 965 -63.42 83.91 75.77
C GLU F 965 -64.58 84.36 76.64
N SER F 966 -64.45 84.19 77.96
CA SER F 966 -65.50 84.65 78.87
C SER F 966 -65.54 86.16 78.93
N THR F 967 -64.39 86.82 78.81
CA THR F 967 -64.36 88.27 78.79
C THR F 967 -64.88 88.81 77.47
N PHE F 968 -64.70 88.06 76.38
CA PHE F 968 -65.24 88.47 75.08
C PHE F 968 -66.76 88.55 75.09
N MET F 969 -67.42 87.60 75.73
CA MET F 969 -68.87 87.57 75.67
C MET F 969 -69.54 88.61 76.55
N ALA F 970 -68.79 89.40 77.30
CA ALA F 970 -69.33 90.54 78.01
C ALA F 970 -68.65 91.85 77.65
N GLU F 971 -67.61 91.82 76.82
CA GLU F 971 -66.87 93.02 76.41
C GLU F 971 -66.59 92.98 74.92
N MET F 972 -67.53 92.45 74.14
CA MET F 972 -67.33 92.32 72.70
C MET F 972 -67.42 93.66 71.98
N ASN F 973 -68.03 94.66 72.60
CA ASN F 973 -68.14 95.97 71.97
C ASN F 973 -66.78 96.65 71.87
N LEU F 974 -65.86 96.31 72.77
CA LEU F 974 -64.48 96.75 72.62
C LEU F 974 -63.81 96.14 71.41
N PHE F 975 -64.20 94.92 71.05
CA PHE F 975 -63.62 94.23 69.91
C PHE F 975 -64.45 94.42 68.65
N ASN F 976 -65.21 95.53 68.58
CA ASN F 976 -65.99 95.96 67.43
C ASN F 976 -67.07 94.96 67.04
N VAL F 977 -67.56 94.18 68.01
CA VAL F 977 -68.62 93.20 67.78
C VAL F 977 -69.83 93.61 68.62
N ALA F 978 -71.00 93.67 68.00
CA ALA F 978 -72.22 94.05 68.68
C ALA F 978 -73.16 92.85 68.75
N ARG F 979 -73.66 92.56 69.96
CA ARG F 979 -74.65 91.50 70.11
C ARG F 979 -76.04 92.06 69.84
N GLY F 980 -77.00 91.15 69.75
CA GLY F 980 -78.38 91.53 69.53
C GLY F 980 -78.70 91.73 68.06
N ASN F 981 -79.99 91.86 67.79
CA ASN F 981 -80.49 91.94 66.42
C ASN F 981 -80.38 93.38 65.93
N LEU F 982 -81.01 93.68 64.80
CA LEU F 982 -80.82 94.96 64.13
C LEU F 982 -82.14 95.45 63.58
N TYR F 983 -82.57 96.62 64.02
CA TYR F 983 -83.79 97.23 63.51
C TYR F 983 -83.50 98.19 62.37
N LEU F 984 -84.46 98.32 61.48
CA LEU F 984 -84.37 99.22 60.33
C LEU F 984 -85.64 100.01 60.13
N VAL F 985 -86.14 100.66 61.18
CA VAL F 985 -87.23 101.61 60.97
C VAL F 985 -86.63 102.90 60.44
N GLN F 986 -87.47 103.76 59.87
CA GLN F 986 -86.99 105.11 59.66
C GLN F 986 -87.49 105.98 60.80
N THR F 987 -86.80 107.10 61.00
CA THR F 987 -87.23 108.08 61.98
C THR F 987 -86.82 109.46 61.50
N ALA F 988 -87.73 110.42 61.61
CA ALA F 988 -87.46 111.80 61.22
C ALA F 988 -87.03 112.65 62.40
N THR F 989 -86.29 112.06 63.34
CA THR F 989 -85.96 112.72 64.58
C THR F 989 -84.96 113.84 64.35
N ASN F 990 -84.86 114.72 65.35
CA ASN F 990 -84.01 115.88 65.27
C ASN F 990 -83.14 115.91 66.52
N GLY F 991 -83.66 115.35 67.61
CA GLY F 991 -82.99 115.39 68.89
C GLY F 991 -81.87 114.38 69.02
N ASN F 992 -81.67 113.91 70.24
CA ASN F 992 -80.62 112.96 70.54
C ASN F 992 -80.92 111.61 69.89
N TRP F 993 -79.87 110.88 69.57
CA TRP F 993 -80.00 109.62 68.84
C TRP F 993 -78.80 108.76 69.16
N SER F 994 -79.05 107.61 69.78
CA SER F 994 -77.98 106.66 70.11
C SER F 994 -78.34 105.31 69.51
N PRO F 995 -77.75 104.95 68.38
CA PRO F 995 -77.98 103.61 67.82
C PRO F 995 -77.42 102.50 68.67
N MET F 996 -76.38 102.80 69.47
CA MET F 996 -75.82 101.83 70.40
C MET F 996 -76.86 101.40 71.43
N ALA F 997 -77.30 102.35 72.26
CA ALA F 997 -78.26 102.07 73.33
C ALA F 997 -79.51 102.90 73.08
N PRO F 998 -80.49 102.38 72.35
CA PRO F 998 -81.78 103.05 72.23
C PRO F 998 -82.49 103.07 73.57
N VAL F 999 -82.74 104.28 74.09
CA VAL F 999 -83.46 104.43 75.33
C VAL F 999 -84.92 104.03 75.14
N ALA F 1000 -85.49 104.36 73.99
CA ALA F 1000 -86.85 104.00 73.67
C ALA F 1000 -86.99 102.50 73.49
N ALA F 1001 -88.23 102.04 73.58
CA ALA F 1001 -88.53 100.61 73.44
C ALA F 1001 -88.29 100.16 72.01
N PRO F 1002 -87.92 98.90 71.80
CA PRO F 1002 -87.86 98.37 70.44
C PRO F 1002 -89.25 98.33 69.84
N PRO F 1003 -89.37 98.60 68.54
CA PRO F 1003 -90.70 98.81 67.96
C PRO F 1003 -91.53 97.55 67.88
N PHE F 1004 -90.90 96.38 67.77
CA PHE F 1004 -91.61 95.11 67.76
C PHE F 1004 -90.62 94.00 68.09
N VAL F 1005 -91.19 92.88 68.52
CA VAL F 1005 -90.41 91.68 68.81
C VAL F 1005 -90.82 90.64 67.76
N ARG F 1006 -90.13 89.49 67.78
CA ARG F 1006 -90.35 88.47 66.76
C ARG F 1006 -91.75 87.86 66.87
N GLY F 1007 -92.20 87.57 68.09
CA GLY F 1007 -93.49 86.94 68.25
C GLY F 1007 -94.60 87.91 68.60
N GLY F 1008 -94.45 89.17 68.21
CA GLY F 1008 -95.39 90.19 68.58
C GLY F 1008 -96.65 90.15 67.73
N PRO F 1009 -97.55 91.10 68.00
CA PRO F 1009 -98.75 91.22 67.18
C PRO F 1009 -98.45 91.89 65.85
N ASN F 1010 -99.10 91.38 64.80
CA ASN F 1010 -99.07 91.87 63.42
C ASN F 1010 -97.69 91.82 62.78
N VAL F 1011 -96.72 91.14 63.39
CA VAL F 1011 -95.40 91.02 62.83
C VAL F 1011 -95.28 89.64 62.21
N ARG F 1012 -94.49 89.55 61.14
CA ARG F 1012 -94.40 88.33 60.36
C ARG F 1012 -92.96 88.10 59.92
N VAL F 1013 -92.62 86.84 59.69
CA VAL F 1013 -91.25 86.40 59.46
C VAL F 1013 -91.16 85.92 58.02
N VAL F 1014 -90.11 86.34 57.31
CA VAL F 1014 -89.93 85.96 55.93
C VAL F 1014 -89.58 84.48 55.85
N GLY F 1015 -89.93 83.85 54.74
CA GLY F 1015 -89.58 82.47 54.49
C GLY F 1015 -88.16 82.33 53.97
N ARG F 1016 -87.88 81.16 53.41
CA ARG F 1016 -86.60 80.95 52.74
C ARG F 1016 -86.55 81.78 51.47
N PHE F 1017 -85.36 82.33 51.19
CA PHE F 1017 -84.94 82.99 49.96
C PHE F 1017 -85.57 84.37 49.75
N GLY F 1018 -86.52 84.75 50.59
CA GLY F 1018 -87.17 86.06 50.54
C GLY F 1018 -87.83 86.36 49.21
N THR F 1019 -88.81 85.57 48.81
CA THR F 1019 -89.35 85.65 47.47
C THR F 1019 -90.45 86.70 47.39
N ILE F 1020 -90.25 87.71 46.54
CA ILE F 1020 -91.32 88.61 46.15
C ILE F 1020 -92.18 87.93 45.10
N VAL F 1021 -93.49 87.97 45.27
CA VAL F 1021 -94.42 87.58 44.21
C VAL F 1021 -94.96 88.85 43.56
N PRO F 1022 -94.90 88.97 42.25
CA PRO F 1022 -95.58 90.09 41.58
C PRO F 1022 -96.98 89.70 41.16
N ARG F 1023 -97.89 90.66 41.23
CA ARG F 1023 -99.27 90.38 40.88
C ARG F 1023 -99.67 91.17 39.64
N PRO F 1024 -100.27 90.51 38.63
CA PRO F 1024 -100.33 91.06 37.26
C PRO F 1024 -101.45 92.06 37.02
N ASN F 1025 -101.55 93.05 37.90
CA ASN F 1025 -102.58 94.06 37.79
C ASN F 1025 -102.06 95.29 38.52
N GLY F 1026 -102.94 96.22 38.84
CA GLY F 1026 -102.56 97.33 39.70
C GLY F 1026 -102.35 96.97 41.16
N LEU F 1027 -102.46 95.70 41.52
CA LEU F 1027 -102.18 95.24 42.88
C LEU F 1027 -100.70 95.34 43.17
N GLU F 1028 -100.38 95.62 44.42
CA GLU F 1028 -99.00 95.85 44.82
C GLU F 1028 -98.27 94.51 44.98
N PRO F 1029 -96.94 94.50 44.79
CA PRO F 1029 -96.18 93.28 45.02
C PRO F 1029 -96.14 92.94 46.50
N GLN F 1030 -96.34 91.66 46.78
CA GLN F 1030 -96.39 91.18 48.15
C GLN F 1030 -95.34 90.08 48.32
N LEU F 1031 -94.91 89.90 49.57
CA LEU F 1031 -93.75 89.10 49.90
C LEU F 1031 -94.17 87.77 50.51
N ILE F 1032 -93.36 86.73 50.25
CA ILE F 1032 -93.62 85.42 50.82
C ILE F 1032 -93.32 85.46 52.32
N ASP F 1033 -93.87 84.49 53.04
CA ASP F 1033 -93.78 84.44 54.49
C ASP F 1033 -93.17 83.10 54.90
N ASP F 1034 -92.90 82.94 56.19
CA ASP F 1034 -92.45 81.67 56.72
C ASP F 1034 -93.52 80.60 56.64
N GLY F 1035 -94.80 81.01 56.64
CA GLY F 1035 -95.90 80.11 56.41
C GLY F 1035 -96.22 79.86 54.96
N ASN F 1036 -95.33 80.26 54.04
CA ASN F 1036 -95.45 80.10 52.59
C ASN F 1036 -96.73 80.74 52.07
N VAL F 1037 -97.06 81.91 52.61
CA VAL F 1037 -98.23 82.68 52.22
C VAL F 1037 -97.75 84.04 51.74
N PRO F 1038 -98.22 84.55 50.61
CA PRO F 1038 -97.80 85.88 50.18
C PRO F 1038 -98.45 86.96 51.03
N ARG F 1039 -97.62 87.76 51.69
CA ARG F 1039 -98.08 88.84 52.54
C ARG F 1039 -97.57 90.17 52.00
N ASP F 1040 -98.35 91.23 52.21
CA ASP F 1040 -97.97 92.54 51.69
C ASP F 1040 -96.77 93.10 52.44
N ILE F 1041 -96.01 93.93 51.72
CA ILE F 1041 -94.71 94.40 52.20
C ILE F 1041 -94.89 95.40 53.34
N ALA F 1042 -95.87 96.28 53.23
CA ALA F 1042 -96.09 97.30 54.25
C ALA F 1042 -96.58 96.67 55.54
N GLY F 1043 -96.00 97.13 56.65
CA GLY F 1043 -96.25 96.53 57.95
C GLY F 1043 -94.95 96.47 58.72
N ASP F 1044 -94.65 95.33 59.33
CA ASP F 1044 -93.35 95.14 59.94
C ASP F 1044 -92.92 93.69 59.79
N TRP F 1045 -91.61 93.50 59.68
CA TRP F 1045 -91.04 92.25 59.20
C TRP F 1045 -89.83 91.87 60.03
N VAL F 1046 -89.55 90.58 60.05
CA VAL F 1046 -88.38 90.03 60.73
C VAL F 1046 -87.58 89.22 59.72
N TYR F 1047 -86.35 89.66 59.45
CA TYR F 1047 -85.50 88.87 58.59
C TYR F 1047 -84.44 88.17 59.40
N PRO F 1048 -84.30 86.86 59.29
CA PRO F 1048 -83.06 86.22 59.71
C PRO F 1048 -81.95 86.58 58.75
N SER F 1049 -80.71 86.51 59.26
CA SER F 1049 -79.55 86.93 58.46
C SER F 1049 -79.27 85.97 57.30
N ASP F 1050 -79.77 84.74 57.36
CA ASP F 1050 -79.55 83.79 56.29
C ASP F 1050 -80.35 84.15 55.04
N VAL F 1051 -81.47 84.84 55.20
CA VAL F 1051 -82.31 85.18 54.07
C VAL F 1051 -81.87 86.48 53.41
N LEU F 1052 -81.38 87.44 54.19
CA LEU F 1052 -80.99 88.73 53.64
C LEU F 1052 -79.78 88.62 52.74
N GLN F 1053 -78.87 87.69 53.02
CA GLN F 1053 -77.69 87.52 52.17
C GLN F 1053 -78.05 86.91 50.82
N VAL F 1054 -79.16 86.19 50.72
CA VAL F 1054 -79.58 85.58 49.47
C VAL F 1054 -80.77 86.29 48.86
N SER F 1055 -81.17 87.42 49.42
CA SER F 1055 -82.26 88.22 48.87
C SER F 1055 -81.87 89.68 48.88
N VAL F 1056 -80.67 89.97 48.39
CA VAL F 1056 -80.12 91.32 48.48
C VAL F 1056 -80.84 92.25 47.51
N ALA F 1057 -80.79 91.91 46.22
CA ALA F 1057 -81.44 92.72 45.20
C ALA F 1057 -82.95 92.70 45.32
N VAL F 1058 -83.50 91.67 45.95
CA VAL F 1058 -84.91 91.69 46.35
C VAL F 1058 -85.14 92.70 47.44
N PHE F 1059 -84.25 92.75 48.43
CA PHE F 1059 -84.41 93.69 49.55
C PHE F 1059 -84.28 95.13 49.07
N ARG F 1060 -83.22 95.42 48.31
CA ARG F 1060 -82.91 96.78 47.91
C ARG F 1060 -83.94 97.36 46.94
N ASP F 1061 -84.68 96.52 46.22
CA ASP F 1061 -85.60 97.01 45.21
C ASP F 1061 -87.05 97.06 45.65
N TYR F 1062 -87.49 96.16 46.53
CA TYR F 1062 -88.91 96.03 46.77
C TYR F 1062 -89.37 96.38 48.18
N VAL F 1063 -88.57 96.10 49.20
CA VAL F 1063 -88.99 96.29 50.58
C VAL F 1063 -88.20 97.40 51.27
N TRP F 1064 -86.90 97.52 50.99
CA TRP F 1064 -86.15 98.69 51.47
C TRP F 1064 -86.64 100.04 50.95
N PRO F 1065 -87.13 100.21 49.71
CA PRO F 1065 -87.82 101.47 49.41
C PRO F 1065 -89.13 101.64 50.17
N MET F 1066 -89.77 100.55 50.56
CA MET F 1066 -90.94 100.66 51.42
C MET F 1066 -90.54 100.87 52.87
N VAL F 1067 -89.26 100.79 53.18
CA VAL F 1067 -88.71 101.18 54.48
C VAL F 1067 -88.33 102.65 54.50
N LYS F 1068 -87.74 103.14 53.41
CA LYS F 1068 -87.37 104.55 53.30
C LYS F 1068 -88.58 105.47 53.29
N ALA F 1069 -89.74 104.97 52.90
CA ALA F 1069 -91.00 105.60 53.24
C ALA F 1069 -91.53 104.96 54.51
N GLY F 1070 -92.25 105.74 55.30
CA GLY F 1070 -92.67 105.27 56.62
C GLY F 1070 -93.73 104.18 56.62
N ARG F 1071 -93.44 103.04 55.98
CA ARG F 1071 -94.39 101.97 55.78
C ARG F 1071 -93.94 100.65 56.39
N THR F 1072 -92.69 100.27 56.22
CA THR F 1072 -92.18 98.97 56.62
C THR F 1072 -91.07 99.15 57.63
N ARG F 1073 -91.13 98.39 58.71
CA ARG F 1073 -90.11 98.39 59.75
C ARG F 1073 -89.51 97.00 59.78
N VAL F 1074 -88.19 96.91 59.57
CA VAL F 1074 -87.55 95.62 59.37
C VAL F 1074 -86.60 95.35 60.53
N LEU F 1075 -86.84 94.25 61.24
CA LEU F 1075 -85.87 93.69 62.18
C LEU F 1075 -85.01 92.68 61.44
N VAL F 1076 -83.70 92.87 61.50
CA VAL F 1076 -82.77 91.98 60.81
C VAL F 1076 -82.03 91.19 61.88
N GLU F 1077 -82.28 89.88 61.92
CA GLU F 1077 -81.76 89.05 62.99
C GLU F 1077 -80.35 88.58 62.65
N LEU F 1078 -79.36 89.37 63.04
CA LEU F 1078 -78.02 88.86 63.20
C LEU F 1078 -77.81 88.63 64.69
N GLY F 1079 -77.24 87.47 65.04
CA GLY F 1079 -76.92 87.23 66.44
C GLY F 1079 -75.79 88.12 66.92
N HIS F 1080 -74.70 88.13 66.17
CA HIS F 1080 -73.55 88.98 66.45
C HIS F 1080 -72.97 89.45 65.13
N TYR F 1081 -72.43 90.66 65.14
CA TYR F 1081 -71.94 91.24 63.90
C TYR F 1081 -70.87 92.26 64.21
N VAL F 1082 -70.00 92.48 63.24
CA VAL F 1082 -69.04 93.57 63.31
C VAL F 1082 -69.77 94.86 62.96
N TYR F 1083 -69.68 95.85 63.84
CA TYR F 1083 -70.33 97.13 63.61
C TYR F 1083 -69.28 98.20 63.33
N THR F 1084 -69.71 99.22 62.60
CA THR F 1084 -68.93 100.43 62.44
C THR F 1084 -69.85 101.60 62.73
N LEU F 1085 -69.27 102.77 62.95
CA LEU F 1085 -70.08 103.93 63.26
C LEU F 1085 -69.51 105.20 62.67
N HIS F 1086 -70.38 105.99 62.07
CA HIS F 1086 -70.03 107.28 61.49
C HIS F 1086 -70.42 108.38 62.45
N TYR F 1087 -69.61 109.41 62.51
CA TYR F 1087 -69.82 110.55 63.41
C TYR F 1087 -70.15 111.78 62.58
N TYR F 1088 -71.39 112.23 62.67
CA TYR F 1088 -71.84 113.41 61.95
C TYR F 1088 -71.93 114.60 62.89
N ASP F 1089 -71.81 115.78 62.32
CA ASP F 1089 -72.17 116.97 63.07
C ASP F 1089 -73.70 117.09 63.11
N PRO F 1090 -74.27 117.41 64.27
CA PRO F 1090 -75.73 117.58 64.35
C PRO F 1090 -76.25 118.82 63.65
N GLN F 1091 -75.39 119.73 63.19
CA GLN F 1091 -75.81 120.90 62.46
C GLN F 1091 -76.01 120.65 60.97
N ILE F 1092 -75.87 119.40 60.51
CA ILE F 1092 -75.89 119.08 59.09
C ILE F 1092 -77.02 118.10 58.82
N SER F 1093 -77.97 118.51 57.97
CA SER F 1093 -79.00 117.59 57.52
C SER F 1093 -78.44 116.58 56.54
N LEU F 1094 -78.83 115.33 56.69
CA LEU F 1094 -78.41 114.28 55.78
C LEU F 1094 -79.36 113.10 55.87
N ASP F 1095 -79.89 112.68 54.73
CA ASP F 1095 -80.58 111.41 54.64
C ASP F 1095 -79.54 110.30 54.75
N GLU F 1096 -79.70 109.42 55.74
CA GLU F 1096 -78.77 108.33 55.94
C GLU F 1096 -79.11 107.10 55.12
N ALA F 1097 -79.91 107.25 54.06
CA ALA F 1097 -80.16 106.12 53.17
C ALA F 1097 -78.95 105.72 52.32
N PRO F 1098 -78.20 106.63 51.66
CA PRO F 1098 -77.07 106.14 50.83
C PRO F 1098 -75.93 105.54 51.63
N ILE F 1099 -75.78 105.88 52.92
CA ILE F 1099 -74.78 105.22 53.74
C ILE F 1099 -75.17 103.76 53.98
N LEU F 1100 -76.47 103.50 54.13
CA LEU F 1100 -76.92 102.13 54.35
C LEU F 1100 -77.19 101.41 53.03
N GLU F 1101 -77.50 102.14 51.96
CA GLU F 1101 -77.55 101.51 50.66
C GLU F 1101 -76.16 101.12 50.15
N GLU F 1102 -75.12 101.80 50.63
CA GLU F 1102 -73.76 101.33 50.38
C GLU F 1102 -73.50 100.02 51.09
N TRP F 1103 -74.08 99.84 52.28
CA TRP F 1103 -73.98 98.58 53.01
C TRP F 1103 -74.69 97.45 52.28
N LEU F 1104 -75.88 97.73 51.74
CA LEU F 1104 -76.64 96.72 51.03
C LEU F 1104 -76.00 96.36 49.70
N SER F 1105 -75.23 97.29 49.11
CA SER F 1105 -74.60 97.02 47.83
C SER F 1105 -73.46 96.02 47.94
N LYS F 1106 -72.93 95.81 49.15
CA LYS F 1106 -71.79 94.92 49.34
C LYS F 1106 -72.17 93.63 50.07
N ILE F 1107 -73.45 93.28 50.08
CA ILE F 1107 -73.90 92.01 50.67
C ILE F 1107 -74.02 90.99 49.56
N ASN F 1108 -73.31 89.88 49.71
CA ASN F 1108 -73.43 88.71 48.85
C ASN F 1108 -73.92 87.57 49.73
N PRO F 1109 -74.24 86.39 49.19
CA PRO F 1109 -74.53 85.24 50.08
C PRO F 1109 -73.33 84.76 50.89
N ALA F 1110 -72.12 85.22 50.60
CA ALA F 1110 -70.95 84.82 51.36
C ALA F 1110 -70.68 85.72 52.55
N GLY F 1111 -71.12 86.97 52.53
CA GLY F 1111 -70.71 87.85 53.61
C GLY F 1111 -71.53 89.12 53.74
N ILE F 1112 -71.35 89.77 54.89
CA ILE F 1112 -72.04 90.99 55.24
C ILE F 1112 -71.01 92.03 55.66
N PRO F 1113 -70.95 93.20 55.03
CA PRO F 1113 -70.02 94.24 55.47
C PRO F 1113 -70.47 94.85 56.79
N PRO F 1114 -69.59 95.55 57.52
CA PRO F 1114 -69.98 96.08 58.83
C PRO F 1114 -71.07 97.13 58.74
N VAL F 1115 -71.97 97.09 59.73
CA VAL F 1115 -73.21 97.85 59.71
C VAL F 1115 -72.95 99.33 59.99
N PRO F 1116 -73.33 100.23 59.10
CA PRO F 1116 -73.03 101.66 59.28
C PRO F 1116 -74.00 102.41 60.19
N PHE F 1117 -73.76 102.32 61.49
CA PHE F 1117 -74.47 103.15 62.45
C PHE F 1117 -73.97 104.59 62.36
N CYS F 1118 -74.80 105.53 62.80
CA CYS F 1118 -74.46 106.93 62.70
C CYS F 1118 -74.87 107.65 63.97
N ILE F 1119 -73.88 108.23 64.65
CA ILE F 1119 -74.04 108.83 65.97
C ILE F 1119 -73.64 110.29 65.86
N PRO F 1120 -74.37 111.22 66.47
CA PRO F 1120 -73.93 112.62 66.45
C PRO F 1120 -72.74 112.84 67.35
N ILE F 1121 -71.92 113.81 66.99
CA ILE F 1121 -70.81 114.21 67.85
C ILE F 1121 -71.35 114.99 69.03
N PRO F 1122 -70.97 114.66 70.26
CA PRO F 1122 -71.47 115.39 71.42
C PRO F 1122 -70.96 116.82 71.47
N GLN F 1123 -71.88 117.76 71.61
CA GLN F 1123 -71.58 119.18 71.52
C GLN F 1123 -71.45 119.79 72.90
N VAL F 1124 -70.40 120.59 73.08
CA VAL F 1124 -70.18 121.26 74.36
C VAL F 1124 -71.14 122.40 74.54
N TYR F 1125 -71.47 123.10 73.46
CA TYR F 1125 -72.38 124.23 73.37
C TYR F 1125 -73.71 123.81 72.79
N PRO F 1126 -74.82 124.31 73.30
CA PRO F 1126 -76.13 123.98 72.72
C PRO F 1126 -76.30 124.69 71.38
N CYS F 1127 -76.62 123.92 70.36
CA CYS F 1127 -76.81 124.48 69.03
C CYS F 1127 -78.12 123.96 68.45
N ILE F 1128 -78.67 124.71 67.50
CA ILE F 1128 -79.85 124.30 66.76
C ILE F 1128 -79.45 123.15 65.85
N THR F 1129 -79.93 121.96 66.15
CA THR F 1129 -79.57 120.77 65.41
C THR F 1129 -80.43 120.61 64.18
N ALA F 1130 -79.86 120.03 63.13
CA ALA F 1130 -80.54 119.90 61.85
C ALA F 1130 -81.33 118.62 61.79
N ARG F 1131 -82.49 118.67 61.15
CA ARG F 1131 -83.33 117.49 60.98
C ARG F 1131 -82.67 116.53 60.01
N ARG F 1132 -82.56 115.26 60.42
CA ARG F 1132 -81.96 114.25 59.58
C ARG F 1132 -82.49 112.90 60.00
N VAL F 1133 -82.59 112.00 59.04
CA VAL F 1133 -83.29 110.75 59.23
C VAL F 1133 -82.29 109.62 59.42
N HIS F 1134 -82.64 108.67 60.30
CA HIS F 1134 -81.78 107.54 60.61
C HIS F 1134 -82.53 106.26 60.30
N TYR F 1135 -81.78 105.20 60.01
CA TYR F 1135 -82.39 103.95 59.65
C TYR F 1135 -82.00 102.80 60.56
N ALA F 1136 -80.71 102.62 60.83
CA ALA F 1136 -80.26 101.45 61.57
C ALA F 1136 -80.03 101.78 63.04
N PHE F 1137 -80.48 100.86 63.91
CA PHE F 1137 -80.12 100.88 65.31
C PHE F 1137 -80.26 99.46 65.84
N THR F 1138 -79.85 99.28 67.10
CA THR F 1138 -79.73 97.96 67.69
C THR F 1138 -80.95 97.59 68.52
N SER F 1139 -80.84 96.49 69.24
CA SER F 1139 -81.82 96.09 70.23
C SER F 1139 -81.24 95.98 71.64
N GLU F 1140 -79.99 95.59 71.78
CA GLU F 1140 -79.30 95.58 73.06
C GLU F 1140 -78.50 96.88 73.20
N ASN F 1141 -77.82 97.03 74.33
CA ASN F 1141 -76.90 98.14 74.52
C ASN F 1141 -75.52 97.75 74.00
N ASN F 1142 -74.89 98.65 73.24
CA ASN F 1142 -73.63 98.34 72.62
C ASN F 1142 -72.61 99.46 72.71
N ASN F 1143 -72.86 100.48 73.53
CA ASN F 1143 -71.86 101.50 73.82
C ASN F 1143 -71.00 101.14 75.02
N ASP F 1144 -70.79 99.85 75.28
CA ASP F 1144 -69.88 99.41 76.32
C ASP F 1144 -68.43 99.75 76.00
N SER F 1145 -68.11 99.98 74.73
CA SER F 1145 -66.79 100.47 74.34
C SER F 1145 -66.61 101.96 74.54
N LEU F 1146 -67.66 102.71 74.84
CA LEU F 1146 -67.57 104.15 74.94
C LEU F 1146 -66.91 104.55 76.26
N PHE F 1147 -65.72 105.15 76.17
CA PHE F 1147 -65.02 105.57 77.37
C PHE F 1147 -65.66 106.81 77.98
N SER F 1148 -65.66 107.92 77.25
CA SER F 1148 -66.23 109.16 77.71
C SER F 1148 -66.52 110.05 76.51
N THR F 1149 -67.37 111.05 76.72
CA THR F 1149 -67.66 112.07 75.73
C THR F 1149 -67.37 113.44 76.32
N ASN F 1150 -66.66 114.27 75.54
CA ASN F 1150 -66.25 115.63 75.92
C ASN F 1150 -65.48 115.64 77.24
N ALA F 1151 -64.32 114.98 77.21
CA ALA F 1151 -63.53 114.85 78.43
C ALA F 1151 -62.88 116.17 78.83
N ALA F 1152 -62.69 117.10 77.89
CA ALA F 1152 -62.11 118.40 78.20
C ALA F 1152 -63.16 119.48 78.44
N SER F 1153 -64.32 119.10 78.97
CA SER F 1153 -65.41 120.03 79.19
C SER F 1153 -66.04 119.77 80.54
N ILE F 1154 -66.67 120.81 81.08
CA ILE F 1154 -67.37 120.69 82.36
C ILE F 1154 -68.58 119.77 82.21
N ASP F 1155 -69.27 119.82 81.07
CA ASP F 1155 -70.38 118.94 80.77
C ASP F 1155 -70.57 118.91 79.27
N THR F 1156 -71.58 118.16 78.83
CA THR F 1156 -72.02 118.17 77.44
C THR F 1156 -73.36 118.87 77.35
N ALA F 1157 -73.72 119.26 76.14
CA ALA F 1157 -74.95 120.00 75.94
C ALA F 1157 -75.98 119.24 75.11
N PHE F 1158 -75.55 118.51 74.08
CA PHE F 1158 -76.51 117.84 73.23
C PHE F 1158 -76.29 116.34 73.11
N GLY F 1159 -75.05 115.89 73.00
CA GLY F 1159 -74.81 114.48 72.73
C GLY F 1159 -75.02 113.55 73.91
N GLU F 1160 -74.50 112.34 73.80
CA GLU F 1160 -74.61 111.39 74.91
C GLU F 1160 -73.64 111.76 76.03
N ASN F 1161 -74.14 111.70 77.26
CA ASN F 1161 -73.41 112.23 78.42
C ASN F 1161 -72.67 111.08 79.07
N ALA F 1162 -71.54 110.74 78.48
CA ALA F 1162 -70.69 109.66 78.97
C ALA F 1162 -69.61 110.26 79.85
N ALA F 1163 -69.80 110.17 81.16
CA ALA F 1163 -68.73 110.48 82.07
C ALA F 1163 -67.76 109.31 82.14
N VAL F 1164 -66.58 109.57 82.68
CA VAL F 1164 -65.61 108.51 82.87
C VAL F 1164 -66.10 107.61 84.00
N SER F 1165 -66.37 106.36 83.67
CA SER F 1165 -66.97 105.46 84.64
C SER F 1165 -65.95 105.03 85.69
N PRO F 1166 -66.23 105.20 86.97
CA PRO F 1166 -65.34 104.64 88.01
C PRO F 1166 -65.37 103.13 88.09
N LEU F 1167 -66.34 102.50 87.45
CA LEU F 1167 -66.45 101.05 87.47
C LEU F 1167 -65.37 100.37 86.66
N ARG F 1168 -64.77 101.09 85.70
CA ARG F 1168 -63.60 100.59 85.01
C ARG F 1168 -62.33 100.71 85.83
N TRP F 1169 -62.31 101.59 86.83
CA TRP F 1169 -61.08 101.93 87.56
C TRP F 1169 -61.24 101.76 89.07
N PRO F 1170 -61.50 100.53 89.58
CA PRO F 1170 -61.61 100.41 91.04
C PRO F 1170 -60.27 100.44 91.74
N GLY F 1171 -59.22 100.02 91.04
CA GLY F 1171 -57.88 100.02 91.62
C GLY F 1171 -57.30 101.39 91.82
N LEU F 1172 -57.85 102.40 91.15
CA LEU F 1172 -57.39 103.77 91.29
C LEU F 1172 -58.32 104.61 92.16
N VAL F 1173 -59.62 104.35 92.13
CA VAL F 1173 -60.61 105.24 92.70
C VAL F 1173 -61.23 104.66 93.97
N ASP F 1174 -61.55 103.38 93.97
CA ASP F 1174 -62.36 102.81 95.04
C ASP F 1174 -61.52 102.61 96.30
N PRO F 1175 -62.00 103.05 97.46
CA PRO F 1175 -61.21 102.87 98.69
C PRO F 1175 -61.21 101.44 99.21
N ASN F 1176 -62.24 100.67 98.92
CA ASN F 1176 -62.34 99.30 99.39
C ASN F 1176 -61.79 98.30 98.38
N TYR F 1177 -60.88 98.74 97.51
CA TYR F 1177 -60.25 97.82 96.57
C TYR F 1177 -59.25 96.92 97.28
N ARG F 1178 -59.27 95.65 96.91
CA ARG F 1178 -58.31 94.67 97.41
C ARG F 1178 -57.31 94.37 96.31
N VAL F 1179 -56.04 94.23 96.70
CA VAL F 1179 -54.94 94.11 95.75
C VAL F 1179 -55.04 92.78 95.01
N GLY F 1180 -55.18 92.86 93.69
CA GLY F 1180 -55.27 91.67 92.86
C GLY F 1180 -56.68 91.19 92.59
N THR F 1181 -57.67 92.07 92.66
CA THR F 1181 -59.07 91.72 92.47
C THR F 1181 -59.55 92.22 91.12
N ASN F 1182 -60.20 91.35 90.36
CA ASN F 1182 -60.67 91.68 89.02
C ASN F 1182 -62.15 91.35 88.90
N ASP F 1183 -62.72 91.65 87.74
CA ASP F 1183 -64.07 91.25 87.38
C ASP F 1183 -64.07 90.67 85.97
N LEU F 1184 -63.12 89.76 85.74
CA LEU F 1184 -62.78 89.33 84.39
C LEU F 1184 -63.87 88.58 83.60
N PRO F 1185 -64.76 87.77 84.18
CA PRO F 1185 -65.88 87.28 83.36
C PRO F 1185 -66.94 88.34 83.06
N ASN F 1186 -66.81 89.55 83.57
CA ASN F 1186 -67.84 90.56 83.36
C ASN F 1186 -67.32 91.86 82.79
N ARG F 1187 -66.12 92.29 83.17
CA ARG F 1187 -65.73 93.67 82.90
C ARG F 1187 -64.22 93.80 82.95
N ILE F 1188 -63.69 94.67 82.11
CA ILE F 1188 -62.25 94.88 81.99
C ILE F 1188 -61.84 96.05 82.87
N THR F 1189 -60.99 95.77 83.85
CA THR F 1189 -60.48 96.78 84.77
C THR F 1189 -59.13 97.26 84.25
N LEU F 1190 -59.00 98.55 84.02
CA LEU F 1190 -57.85 99.10 83.32
C LEU F 1190 -56.70 99.48 84.23
N TYR F 1191 -56.90 99.52 85.55
CA TYR F 1191 -55.87 99.91 86.49
C TYR F 1191 -55.82 98.86 87.58
N ASN F 1192 -54.75 98.09 87.62
CA ASN F 1192 -54.66 96.94 88.52
C ASN F 1192 -53.28 96.90 89.16
N SER F 1193 -53.09 95.87 89.98
CA SER F 1193 -51.84 95.62 90.65
C SER F 1193 -51.13 94.51 89.89
N LEU F 1194 -50.21 94.89 89.02
CA LEU F 1194 -49.36 93.92 88.37
C LEU F 1194 -48.20 93.58 89.29
N TYR F 1195 -47.23 92.84 88.77
CA TYR F 1195 -46.14 92.33 89.59
C TYR F 1195 -44.96 92.17 88.63
N ARG F 1196 -44.06 93.14 88.63
CA ARG F 1196 -42.91 93.10 87.74
C ARG F 1196 -41.89 92.08 88.22
N TYR F 1197 -40.91 91.80 87.37
CA TYR F 1197 -39.92 90.80 87.70
C TYR F 1197 -38.54 91.25 87.24
N ASN F 1198 -37.54 90.60 87.80
CA ASN F 1198 -36.14 90.83 87.48
C ASN F 1198 -35.43 89.49 87.34
N PHE F 1199 -36.00 88.61 86.50
CA PHE F 1199 -35.48 87.26 86.32
C PHE F 1199 -34.03 87.26 85.81
N THR F 1200 -33.17 86.54 86.53
CA THR F 1200 -31.81 86.28 86.10
C THR F 1200 -31.76 84.92 85.41
N TYR F 1201 -30.89 84.81 84.41
CA TYR F 1201 -30.87 83.69 83.48
C TYR F 1201 -29.49 83.04 83.60
N PRO F 1202 -29.36 82.01 84.43
CA PRO F 1202 -28.05 81.42 84.69
C PRO F 1202 -27.55 80.62 83.50
N THR F 1203 -26.24 80.68 83.31
CA THR F 1203 -25.58 79.81 82.35
C THR F 1203 -24.80 78.75 83.10
N LEU F 1204 -24.52 77.65 82.42
CA LEU F 1204 -23.91 76.49 83.04
C LEU F 1204 -22.62 76.16 82.30
N ASP F 1205 -21.48 76.54 82.87
CA ASP F 1205 -20.19 76.38 82.23
C ASP F 1205 -19.17 75.78 83.21
N GLY F 1206 -19.57 74.72 83.90
CA GLY F 1206 -18.74 74.17 84.95
C GLY F 1206 -17.59 73.32 84.45
N ILE F 1207 -16.87 72.76 85.40
CA ILE F 1207 -15.75 71.86 85.15
C ILE F 1207 -16.33 70.47 84.98
N MET F 1208 -15.64 69.60 84.26
CA MET F 1208 -16.19 68.28 83.97
C MET F 1208 -15.10 67.22 84.15
N TYR F 1209 -15.50 66.09 84.72
CA TYR F 1209 -14.58 65.09 85.25
C TYR F 1209 -14.93 63.73 84.67
N VAL F 1210 -13.94 62.84 84.66
CA VAL F 1210 -14.11 61.48 84.14
C VAL F 1210 -13.57 60.51 85.18
N ARG F 1211 -14.18 59.31 85.25
CA ARG F 1211 -13.69 58.31 86.19
C ARG F 1211 -12.32 57.81 85.81
N SER F 1212 -11.60 57.35 86.82
CA SER F 1212 -10.35 56.64 86.59
C SER F 1212 -10.63 55.23 86.09
N ALA F 1213 -9.56 54.54 85.70
CA ALA F 1213 -9.67 53.11 85.42
C ALA F 1213 -9.97 52.36 86.71
N THR F 1214 -9.07 52.44 87.69
CA THR F 1214 -9.34 52.02 89.05
C THR F 1214 -8.86 53.09 90.03
N PRO G 151 5.43 34.91 30.14
CA PRO G 151 5.38 36.06 31.04
C PRO G 151 4.72 37.27 30.41
N MET G 152 5.46 37.97 29.54
CA MET G 152 4.88 39.13 28.86
C MET G 152 3.85 38.72 27.83
N ILE G 153 4.10 37.62 27.10
CA ILE G 153 3.11 37.11 26.18
C ILE G 153 2.05 36.29 26.92
N ASN G 154 2.35 35.86 28.15
CA ASN G 154 1.32 35.25 28.98
C ASN G 154 0.29 36.28 29.45
N ASN G 155 0.65 37.56 29.42
CA ASN G 155 -0.32 38.62 29.72
C ASN G 155 -1.32 38.80 28.58
N ALA G 156 -0.81 38.91 27.35
CA ALA G 156 -1.66 39.21 26.20
C ALA G 156 -2.49 38.02 25.73
N ILE G 157 -2.14 36.80 26.14
CA ILE G 157 -2.91 35.64 25.70
C ILE G 157 -4.23 35.54 26.48
N ARG G 158 -4.27 36.03 27.71
CA ARG G 158 -5.52 36.06 28.48
C ARG G 158 -6.46 37.15 28.01
N SER G 159 -5.96 38.12 27.23
CA SER G 159 -6.80 39.19 26.71
C SER G 159 -7.72 38.71 25.60
N PHE G 160 -7.46 37.54 25.02
CA PHE G 160 -8.34 36.98 24.01
C PHE G 160 -9.46 36.15 24.61
N LEU G 161 -9.22 35.51 25.76
CA LEU G 161 -10.27 34.73 26.41
C LEU G 161 -11.37 35.62 26.95
N THR G 162 -11.03 36.85 27.36
CA THR G 162 -12.05 37.82 27.71
C THR G 162 -12.56 38.57 26.49
N ALA G 163 -11.84 38.51 25.36
CA ALA G 163 -12.36 39.08 24.13
C ALA G 163 -13.48 38.22 23.56
N TRP G 164 -13.41 36.90 23.75
CA TRP G 164 -14.53 36.05 23.40
C TRP G 164 -15.70 36.26 24.37
N ASP G 165 -15.41 36.66 25.61
CA ASP G 165 -16.46 36.98 26.56
C ASP G 165 -17.22 38.25 26.18
N ASP G 166 -16.62 39.11 25.35
CA ASP G 166 -17.31 40.29 24.84
C ASP G 166 -18.39 39.91 23.84
N ILE G 167 -18.19 38.79 23.12
CA ILE G 167 -19.17 38.36 22.12
C ILE G 167 -20.11 37.28 22.67
N ARG G 168 -19.84 36.74 23.86
CA ARG G 168 -20.75 35.80 24.50
C ARG G 168 -21.98 36.48 25.09
N ILE G 169 -22.06 37.81 25.07
CA ILE G 169 -23.30 38.49 25.44
C ILE G 169 -24.31 38.38 24.30
N LEU G 170 -23.85 38.14 23.07
CA LEU G 170 -24.72 37.97 21.92
C LEU G 170 -25.00 36.52 21.57
N SER G 171 -24.17 35.58 22.05
CA SER G 171 -24.27 34.17 21.70
C SER G 171 -25.49 33.38 22.21
N PRO G 172 -26.15 33.69 23.34
CA PRO G 172 -27.42 33.01 23.62
C PRO G 172 -28.52 33.45 22.66
N ASP G 173 -29.53 32.60 22.56
CA ASP G 173 -30.63 32.81 21.63
C ASP G 173 -31.55 33.93 22.12
N VAL G 174 -32.33 34.46 21.19
CA VAL G 174 -33.32 35.48 21.50
C VAL G 174 -34.69 34.87 21.78
N SER G 175 -34.74 33.56 22.05
CA SER G 175 -36.00 32.91 22.37
C SER G 175 -36.47 33.25 23.78
N SER G 176 -35.55 33.56 24.68
CA SER G 176 -35.94 33.96 26.04
C SER G 176 -36.60 35.33 26.06
N LYS G 177 -36.19 36.23 25.16
CA LYS G 177 -36.86 37.52 25.03
C LYS G 177 -38.20 37.39 24.33
N SER G 178 -38.39 36.32 23.53
CA SER G 178 -39.64 36.10 22.81
C SER G 178 -40.80 35.76 23.73
N LEU G 179 -40.54 35.42 24.99
CA LEU G 179 -41.61 35.24 25.97
C LEU G 179 -42.32 36.55 26.23
N SER G 180 -41.56 37.61 26.53
CA SER G 180 -42.15 38.93 26.70
C SER G 180 -42.63 39.52 25.38
N ALA G 181 -42.08 39.07 24.26
CA ALA G 181 -42.60 39.50 22.96
C ALA G 181 -43.94 38.85 22.67
N TYR G 182 -44.07 37.55 22.99
CA TYR G 182 -45.37 36.90 22.90
C TYR G 182 -46.33 37.43 23.96
N LEU G 183 -45.80 37.89 25.09
CA LEU G 183 -46.62 38.47 26.13
C LEU G 183 -47.13 39.85 25.72
N ASP G 184 -46.41 40.53 24.82
CA ASP G 184 -46.85 41.80 24.27
C ASP G 184 -48.08 41.64 23.39
N SER G 185 -48.19 40.50 22.69
CA SER G 185 -49.31 40.28 21.79
C SER G 185 -50.62 40.03 22.52
N ALA G 186 -50.57 39.72 23.82
CA ALA G 186 -51.77 39.47 24.62
C ALA G 186 -52.12 40.64 25.52
N VAL G 187 -51.80 41.87 25.10
CA VAL G 187 -52.08 43.06 25.89
C VAL G 187 -53.05 44.00 25.16
N ALA G 188 -52.76 44.31 23.89
CA ALA G 188 -53.53 45.28 23.14
C ALA G 188 -54.93 44.79 22.80
N ASN G 189 -55.18 43.49 22.86
CA ASN G 189 -56.51 42.94 22.69
C ASN G 189 -57.25 42.82 24.02
N GLY G 190 -57.24 43.91 24.78
CA GLY G 190 -57.86 43.94 26.08
C GLY G 190 -58.86 45.06 26.17
N PRO G 191 -60.09 44.73 26.57
CA PRO G 191 -61.14 45.74 26.64
C PRO G 191 -60.92 46.69 27.81
N GLU G 192 -61.35 47.94 27.62
CA GLU G 192 -61.35 48.88 28.72
C GLU G 192 -62.60 48.65 29.57
N LEU G 193 -62.40 48.62 30.89
CA LEU G 193 -63.53 48.40 31.78
C LEU G 193 -63.59 49.50 32.80
N ILE G 194 -62.42 50.02 33.16
CA ILE G 194 -62.31 51.01 34.22
C ILE G 194 -62.43 52.38 33.57
N ILE G 195 -63.67 52.78 33.31
CA ILE G 195 -63.99 54.14 32.88
C ILE G 195 -64.72 54.82 34.02
N GLU G 196 -64.13 55.88 34.55
CA GLU G 196 -64.65 56.58 35.71
C GLU G 196 -65.38 57.84 35.28
N ASP G 197 -66.56 58.06 35.83
CA ASP G 197 -67.33 59.27 35.59
C ASP G 197 -67.09 60.21 36.77
N THR G 198 -66.31 61.26 36.53
CA THR G 198 -66.09 62.24 37.58
C THR G 198 -67.32 63.13 37.75
N GLY G 199 -67.97 63.49 36.65
CA GLY G 199 -69.16 64.31 36.69
C GLY G 199 -70.37 63.56 37.15
N LEU G 200 -71.49 64.27 37.21
CA LEU G 200 -72.73 63.68 37.70
C LEU G 200 -73.34 62.79 36.63
N CYS G 201 -73.95 61.70 37.06
CA CYS G 201 -74.40 60.66 36.14
C CYS G 201 -75.89 60.81 35.86
N THR G 202 -76.20 61.46 34.75
CA THR G 202 -77.56 61.43 34.25
C THR G 202 -77.52 61.45 32.73
N SER G 203 -78.62 61.06 32.14
CA SER G 203 -78.72 60.97 30.69
C SER G 203 -79.81 61.84 30.11
N PHE G 204 -80.50 62.62 30.94
CA PHE G 204 -81.68 63.39 30.54
C PHE G 204 -81.39 64.86 30.85
N MET G 205 -80.92 65.60 29.87
CA MET G 205 -80.73 67.03 30.09
C MET G 205 -82.06 67.75 29.91
N LEU G 206 -82.29 68.73 30.77
CA LEU G 206 -83.55 69.46 30.81
C LEU G 206 -83.43 70.60 29.81
N LEU G 207 -83.81 70.31 28.57
CA LEU G 207 -83.48 71.18 27.45
C LEU G 207 -84.52 72.30 27.32
N ASP G 208 -84.03 73.53 27.29
CA ASP G 208 -84.85 74.70 26.97
C ASP G 208 -85.14 74.67 25.47
N ASN G 209 -86.31 74.16 25.10
CA ASN G 209 -86.60 73.94 23.69
C ASN G 209 -86.96 75.25 22.99
N ILE G 210 -87.88 76.02 23.56
CA ILE G 210 -88.32 77.28 22.98
C ILE G 210 -88.11 78.37 24.01
N PRO G 211 -87.45 79.49 23.66
CA PRO G 211 -87.26 80.58 24.61
C PRO G 211 -88.53 81.37 24.85
N SER G 212 -88.42 82.47 25.61
CA SER G 212 -89.56 83.32 25.87
C SER G 212 -90.02 84.01 24.59
N ALA G 213 -91.33 83.93 24.30
CA ALA G 213 -91.84 84.44 23.05
C ALA G 213 -91.90 85.96 23.05
N HIS G 214 -92.29 86.56 24.17
CA HIS G 214 -92.43 88.01 24.27
C HIS G 214 -91.57 88.53 25.41
N LEU G 215 -90.57 89.33 25.06
CA LEU G 215 -89.75 90.09 25.99
C LEU G 215 -89.95 91.57 25.75
N THR G 216 -91.20 91.97 25.53
CA THR G 216 -91.53 93.30 25.04
C THR G 216 -91.26 94.38 26.08
N LYS G 217 -91.00 95.59 25.58
CA LYS G 217 -90.62 96.70 26.45
C LYS G 217 -91.82 97.37 27.11
N GLU G 218 -93.04 97.15 26.61
CA GLU G 218 -94.20 97.78 27.21
C GLU G 218 -94.60 97.11 28.51
N LEU G 219 -94.76 95.79 28.50
CA LEU G 219 -95.22 95.04 29.66
C LEU G 219 -94.08 94.15 30.16
N ILE G 220 -93.45 94.58 31.25
CA ILE G 220 -92.31 93.90 31.83
C ILE G 220 -92.65 93.49 33.25
N GLY G 221 -91.77 92.70 33.84
CA GLY G 221 -91.98 92.17 35.17
C GLY G 221 -92.63 90.81 35.21
N PHE G 222 -93.16 90.33 34.09
CA PHE G 222 -93.77 89.01 34.08
C PHE G 222 -92.72 87.92 34.12
N THR G 223 -91.65 88.07 33.35
CA THR G 223 -90.61 87.07 33.25
C THR G 223 -89.36 87.54 33.99
N TRP G 224 -88.70 86.60 34.65
CA TRP G 224 -87.54 86.89 35.47
C TRP G 224 -86.50 85.82 35.23
N PHE G 225 -85.31 86.21 34.79
CA PHE G 225 -84.26 85.28 34.44
C PHE G 225 -83.14 85.35 35.48
N MET G 226 -82.39 84.26 35.60
CA MET G 226 -81.25 84.26 36.49
C MET G 226 -80.06 85.00 35.89
N GLN G 227 -80.08 85.24 34.58
CA GLN G 227 -78.96 85.90 33.92
C GLN G 227 -78.86 87.37 34.31
N MET G 228 -79.99 88.00 34.65
CA MET G 228 -79.94 89.39 35.10
C MET G 228 -79.42 89.53 36.51
N TYR G 229 -79.21 88.43 37.22
CA TYR G 229 -78.60 88.44 38.54
C TYR G 229 -77.22 87.77 38.54
N GLN G 230 -76.62 87.60 37.36
CA GLN G 230 -75.32 86.96 37.15
C GLN G 230 -75.27 85.57 37.77
N MET G 231 -76.16 84.71 37.27
CA MET G 231 -76.35 83.40 37.87
C MET G 231 -76.90 82.46 36.81
N THR G 232 -76.47 81.20 36.87
CA THR G 232 -77.09 80.30 35.90
C THR G 232 -78.21 79.50 36.55
N PRO G 233 -79.33 79.30 35.86
CA PRO G 233 -80.46 78.62 36.48
C PRO G 233 -80.20 77.12 36.58
N PRO G 234 -80.72 76.47 37.62
CA PRO G 234 -80.59 75.01 37.68
C PRO G 234 -81.53 74.29 36.73
N LEU G 235 -82.74 74.81 36.57
CA LEU G 235 -83.87 74.39 35.77
C LEU G 235 -83.96 75.26 34.52
N PRO G 236 -84.38 74.72 33.37
CA PRO G 236 -84.38 75.53 32.15
C PRO G 236 -85.50 76.55 32.19
N GLU G 237 -85.22 77.70 31.57
CA GLU G 237 -86.13 78.85 31.64
C GLU G 237 -86.54 79.22 30.21
N GLY G 238 -87.70 78.75 29.81
CA GLY G 238 -88.22 79.12 28.51
C GLY G 238 -89.72 78.89 28.45
N ALA G 239 -90.24 78.96 27.23
CA ALA G 239 -91.66 78.74 27.03
C ALA G 239 -91.98 77.30 26.65
N VAL G 240 -90.99 76.51 26.27
CA VAL G 240 -91.14 75.06 26.16
C VAL G 240 -89.90 74.44 26.76
N ASN G 241 -90.09 73.58 27.75
CA ASN G 241 -88.99 72.86 28.39
C ASN G 241 -89.22 71.38 28.18
N ARG G 242 -88.36 70.75 27.38
CA ARG G 242 -88.49 69.34 27.07
C ARG G 242 -87.40 68.54 27.77
N ILE G 243 -87.76 67.36 28.25
CA ILE G 243 -86.81 66.40 28.78
C ILE G 243 -86.46 65.44 27.65
N VAL G 244 -85.27 65.59 27.11
CA VAL G 244 -84.83 64.75 26.00
C VAL G 244 -83.50 64.14 26.38
N CYS G 245 -83.26 62.91 25.92
CA CYS G 245 -82.02 62.24 26.30
C CYS G 245 -80.88 62.75 25.43
N MET G 246 -79.83 63.20 26.09
CA MET G 246 -78.52 63.40 25.46
C MET G 246 -77.56 62.77 26.45
N THR G 247 -77.18 61.54 26.17
CA THR G 247 -76.46 60.71 27.14
C THR G 247 -75.06 61.26 27.37
N ASN G 248 -74.66 61.30 28.65
CA ASN G 248 -73.37 61.82 29.10
C ASN G 248 -73.19 63.29 28.73
N TRP G 249 -74.27 64.06 28.85
CA TRP G 249 -74.17 65.50 28.66
C TRP G 249 -73.46 66.15 29.83
N ALA G 250 -73.55 65.54 31.01
CA ALA G 250 -73.03 66.11 32.24
C ALA G 250 -71.88 65.29 32.81
N SER G 251 -71.18 64.55 31.97
CA SER G 251 -70.07 63.71 32.40
C SER G 251 -68.77 64.43 32.06
N LEU G 252 -68.07 64.91 33.09
CA LEU G 252 -66.85 65.67 32.88
C LEU G 252 -65.60 64.80 32.96
N GLY G 253 -65.74 63.53 33.31
CA GLY G 253 -64.57 62.66 33.36
C GLY G 253 -64.05 62.35 31.97
N ASP G 254 -62.74 62.18 31.89
CA ASP G 254 -62.10 61.92 30.61
C ASP G 254 -62.35 60.47 30.16
N GLU G 255 -61.87 60.16 28.95
CA GLU G 255 -62.06 58.86 28.29
C GLU G 255 -63.56 58.55 28.15
N GLY G 256 -64.18 59.32 27.25
CA GLY G 256 -65.53 59.05 26.85
C GLY G 256 -65.69 57.65 26.26
N ARG G 257 -66.91 57.14 26.35
CA ARG G 257 -67.20 55.75 26.06
C ARG G 257 -67.11 55.43 24.56
N GLY G 258 -67.19 56.43 23.70
CA GLY G 258 -67.33 56.16 22.29
C GLY G 258 -68.72 56.51 21.82
N LEU G 259 -69.56 55.49 21.65
CA LEU G 259 -70.95 55.72 21.26
C LEU G 259 -71.70 56.38 22.40
N GLU G 260 -72.43 57.46 22.07
CA GLU G 260 -73.30 58.15 23.01
C GLU G 260 -74.50 58.65 22.24
N VAL G 261 -75.69 58.16 22.59
CA VAL G 261 -76.91 58.57 21.90
C VAL G 261 -77.36 59.94 22.43
N ARG G 262 -77.57 60.87 21.51
CA ARG G 262 -78.02 62.22 21.86
C ARG G 262 -79.20 62.57 20.95
N LEU G 263 -80.40 62.59 21.51
CA LEU G 263 -81.50 62.90 20.62
C LEU G 263 -81.76 64.40 20.58
N PRO G 264 -82.11 64.93 19.43
CA PRO G 264 -82.47 66.35 19.33
C PRO G 264 -83.83 66.58 19.97
N PRO G 265 -84.19 67.83 20.27
CA PRO G 265 -85.53 68.11 20.80
C PRO G 265 -86.61 67.82 19.79
N PRO G 266 -87.87 67.67 20.20
CA PRO G 266 -88.94 67.34 19.25
C PRO G 266 -89.27 68.43 18.26
N THR G 267 -88.69 69.63 18.40
CA THR G 267 -88.72 70.61 17.34
C THR G 267 -88.01 70.10 16.10
N ASP G 268 -86.93 69.34 16.29
CA ASP G 268 -86.13 68.81 15.18
C ASP G 268 -86.70 67.47 14.74
N SER G 269 -86.00 66.80 13.81
CA SER G 269 -86.56 65.65 13.12
C SER G 269 -86.49 64.39 13.98
N SER G 270 -85.33 64.12 14.58
CA SER G 270 -85.11 63.04 15.55
C SER G 270 -85.33 61.65 14.98
N VAL G 271 -85.05 61.46 13.69
CA VAL G 271 -85.11 60.13 13.07
C VAL G 271 -83.75 59.66 12.62
N HIS G 272 -82.69 60.43 12.84
CA HIS G 272 -81.36 60.00 12.45
C HIS G 272 -80.80 58.95 13.39
N ALA G 273 -81.38 58.78 14.59
CA ALA G 273 -81.03 57.69 15.47
C ALA G 273 -81.92 56.48 15.27
N TYR G 274 -82.88 56.56 14.35
CA TYR G 274 -83.79 55.47 14.04
C TYR G 274 -83.59 54.94 12.64
N LYS G 275 -82.50 55.32 11.99
CA LYS G 275 -82.11 54.77 10.71
C LYS G 275 -80.79 54.01 10.85
N THR G 276 -80.65 53.28 11.94
CA THR G 276 -79.42 52.58 12.26
C THR G 276 -79.36 51.16 11.72
N VAL G 277 -80.51 50.55 11.40
CA VAL G 277 -80.53 49.20 10.87
C VAL G 277 -81.82 49.05 10.06
N LEU G 278 -81.73 48.26 8.98
CA LEU G 278 -82.83 48.04 8.02
C LEU G 278 -83.33 49.35 7.43
N SER G 279 -82.42 50.30 7.23
CA SER G 279 -82.71 51.62 6.68
C SER G 279 -81.47 52.05 5.92
N ARG G 280 -81.34 53.36 5.68
CA ARG G 280 -80.17 54.10 5.18
C ARG G 280 -79.64 53.65 3.83
N GLY G 281 -80.31 52.71 3.17
CA GLY G 281 -80.08 52.43 1.77
C GLY G 281 -81.42 52.24 1.08
N TYR G 282 -82.46 52.14 1.90
CA TYR G 282 -83.81 51.83 1.45
C TYR G 282 -84.78 52.99 1.65
N ILE G 283 -84.47 53.89 2.57
CA ILE G 283 -85.40 54.95 2.96
C ILE G 283 -84.67 56.28 2.80
N ASP G 284 -85.45 57.35 2.65
CA ASP G 284 -84.85 58.66 2.55
C ASP G 284 -84.63 59.21 3.96
N ASN G 285 -83.80 60.24 4.06
CA ASN G 285 -83.40 60.78 5.35
C ASN G 285 -84.54 61.45 6.10
N ALA G 286 -85.61 61.83 5.41
CA ALA G 286 -86.74 62.45 6.09
C ALA G 286 -87.57 61.44 6.87
N GLN G 287 -87.70 60.22 6.35
CA GLN G 287 -88.57 59.24 6.99
C GLN G 287 -87.80 58.40 8.00
N PHE G 288 -88.55 57.81 8.92
CA PHE G 288 -88.11 56.66 9.70
C PHE G 288 -88.81 55.43 9.16
N ASN G 289 -88.31 54.25 9.52
CA ASN G 289 -88.87 53.02 8.99
C ASN G 289 -89.82 52.42 10.02
N PRO G 290 -91.14 52.50 9.83
CA PRO G 290 -92.04 52.02 10.87
C PRO G 290 -92.20 50.51 10.90
N LEU G 291 -91.82 49.81 9.84
CA LEU G 291 -91.89 48.36 9.85
C LEU G 291 -90.62 47.72 10.40
N ALA G 292 -89.59 48.51 10.66
CA ALA G 292 -88.40 48.05 11.35
C ALA G 292 -88.18 48.86 12.61
N LEU G 293 -89.27 49.37 13.18
CA LEU G 293 -89.16 50.31 14.29
C LEU G 293 -88.73 49.62 15.57
N ARG G 294 -89.16 48.37 15.78
CA ARG G 294 -88.75 47.64 16.98
C ARG G 294 -87.26 47.35 16.96
N SER G 295 -86.68 47.12 15.77
CA SER G 295 -85.25 46.89 15.72
C SER G 295 -84.48 48.17 15.92
N ASN G 296 -84.97 49.29 15.39
CA ASN G 296 -84.26 50.56 15.51
C ASN G 296 -84.36 51.12 16.92
N VAL G 297 -85.50 50.94 17.57
CA VAL G 297 -85.66 51.45 18.93
C VAL G 297 -84.87 50.61 19.92
N LEU G 298 -84.90 49.29 19.75
CA LEU G 298 -84.12 48.41 20.62
C LEU G 298 -82.63 48.63 20.44
N LEU G 299 -82.20 49.06 19.26
CA LEU G 299 -80.78 49.19 19.03
C LEU G 299 -80.21 50.44 19.66
N MET G 300 -80.99 51.54 19.71
CA MET G 300 -80.51 52.70 20.45
C MET G 300 -80.59 52.50 21.95
N LEU G 301 -81.42 51.57 22.43
CA LEU G 301 -81.44 51.27 23.85
C LEU G 301 -80.17 50.55 24.25
N LEU G 302 -79.60 49.77 23.34
CA LEU G 302 -78.28 49.20 23.57
C LEU G 302 -77.20 50.23 23.38
N GLN G 303 -77.43 51.25 22.54
CA GLN G 303 -76.56 52.41 22.51
C GLN G 303 -76.66 53.18 23.81
N PHE G 304 -77.87 53.23 24.38
CA PHE G 304 -78.09 53.97 25.62
C PHE G 304 -77.45 53.27 26.80
N THR G 305 -77.48 51.94 26.81
CA THR G 305 -76.97 51.19 27.95
C THR G 305 -75.45 51.12 27.93
N LEU G 306 -74.88 50.78 26.77
CA LEU G 306 -73.44 50.63 26.65
C LEU G 306 -72.69 51.95 26.79
N SER G 307 -73.35 53.07 26.51
CA SER G 307 -72.73 54.36 26.76
C SER G 307 -72.61 54.63 28.25
N ASN G 308 -73.56 54.15 29.04
CA ASN G 308 -73.61 54.43 30.47
C ASN G 308 -72.92 53.38 31.31
N LEU G 309 -72.13 52.49 30.70
CA LEU G 309 -71.37 51.50 31.45
C LEU G 309 -70.08 52.14 31.94
N LYS G 310 -70.23 53.01 32.93
CA LYS G 310 -69.11 53.72 33.55
C LYS G 310 -69.17 53.51 35.05
N ILE G 311 -68.13 53.98 35.73
CA ILE G 311 -68.04 53.93 37.18
C ILE G 311 -68.23 55.35 37.70
N ASN G 312 -69.11 55.50 38.69
CA ASN G 312 -69.30 56.80 39.31
C ASN G 312 -68.12 57.12 40.22
N LYS G 313 -67.13 57.84 39.69
CA LYS G 313 -66.00 58.24 40.50
C LYS G 313 -66.43 59.31 41.48
N SER G 314 -66.01 59.17 42.73
CA SER G 314 -66.25 60.22 43.70
C SER G 314 -65.29 61.38 43.46
N SER G 315 -65.75 62.58 43.82
CA SER G 315 -64.95 63.77 43.66
C SER G 315 -64.74 64.39 45.04
N THR G 316 -64.12 65.57 45.05
CA THR G 316 -63.92 66.26 46.31
C THR G 316 -65.23 66.89 46.78
N PHE G 317 -65.39 66.93 48.09
CA PHE G 317 -66.56 67.52 48.74
C PHE G 317 -66.11 68.72 49.54
N THR G 318 -66.59 69.89 49.18
CA THR G 318 -66.32 71.10 49.93
C THR G 318 -67.49 71.42 50.85
N SER G 319 -67.19 72.07 51.96
CA SER G 319 -68.27 72.57 52.81
C SER G 319 -68.91 73.78 52.16
N ASP G 320 -70.23 73.88 52.28
CA ASP G 320 -70.94 75.03 51.75
C ASP G 320 -70.83 76.16 52.77
N VAL G 321 -69.78 76.96 52.61
CA VAL G 321 -69.47 77.99 53.59
C VAL G 321 -70.46 79.16 53.47
N THR G 322 -71.06 79.34 52.30
CA THR G 322 -72.07 80.36 52.10
C THR G 322 -73.37 79.97 52.80
N THR G 323 -74.30 80.90 52.85
CA THR G 323 -75.53 80.72 53.62
C THR G 323 -76.65 80.05 52.84
N ILE G 324 -76.36 79.54 51.65
CA ILE G 324 -77.39 78.95 50.81
C ILE G 324 -77.88 77.64 51.43
N THR G 325 -76.97 76.73 51.76
CA THR G 325 -77.31 75.58 52.58
C THR G 325 -76.59 75.55 53.92
N SER G 326 -75.63 76.45 54.15
CA SER G 326 -75.03 76.76 55.45
C SER G 326 -74.34 75.54 56.08
N GLY G 327 -73.31 75.06 55.40
CA GLY G 327 -72.44 74.05 55.96
C GLY G 327 -72.68 72.63 55.48
N ARG G 328 -73.56 72.43 54.51
CA ARG G 328 -73.70 71.11 53.93
C ARG G 328 -72.49 70.77 53.07
N MET G 329 -72.26 69.49 52.87
CA MET G 329 -71.08 69.02 52.15
C MET G 329 -71.46 68.78 50.69
N ILE G 330 -71.60 69.89 49.97
CA ILE G 330 -71.93 69.86 48.55
C ILE G 330 -70.68 69.49 47.76
N ARG G 331 -70.84 69.19 46.49
CA ARG G 331 -69.73 68.75 45.65
C ARG G 331 -69.38 69.85 44.65
N ALA G 332 -68.26 70.53 44.88
CA ALA G 332 -67.68 71.34 43.83
C ALA G 332 -67.07 70.44 42.77
N PHE G 333 -66.95 70.97 41.55
CA PHE G 333 -66.62 70.13 40.41
C PHE G 333 -65.23 70.38 39.84
N GLU G 334 -64.89 71.65 39.56
CA GLU G 334 -63.56 72.14 39.19
C GLU G 334 -63.13 71.70 37.78
N GLY G 335 -63.89 70.81 37.15
CA GLY G 335 -63.68 70.48 35.76
C GLY G 335 -64.60 71.34 34.91
N ARG G 336 -65.76 71.65 35.48
CA ARG G 336 -66.70 72.62 34.94
C ARG G 336 -67.50 73.25 36.07
N PRO G 337 -67.38 74.57 36.26
CA PRO G 337 -68.14 75.22 37.33
C PRO G 337 -69.60 75.44 37.00
N GLU G 338 -69.98 75.32 35.72
CA GLU G 338 -71.37 75.46 35.32
C GLU G 338 -72.21 74.31 35.86
N LEU G 339 -71.59 73.15 36.05
CA LEU G 339 -72.31 71.96 36.45
C LEU G 339 -72.72 72.00 37.92
N LEU G 340 -72.10 72.88 38.71
CA LEU G 340 -72.44 73.01 40.12
C LEU G 340 -73.87 73.51 40.32
N ALA G 341 -74.31 74.43 39.45
CA ALA G 341 -75.67 74.94 39.56
C ALA G 341 -76.69 73.90 39.12
N LEU G 342 -76.36 73.13 38.09
CA LEU G 342 -77.28 72.15 37.57
C LEU G 342 -77.28 70.87 38.40
N ALA G 343 -76.25 70.64 39.20
CA ALA G 343 -76.23 69.48 40.08
C ALA G 343 -77.26 69.62 41.18
N TYR G 344 -77.43 70.84 41.67
CA TYR G 344 -78.05 71.10 42.97
C TYR G 344 -79.16 72.11 42.77
N PRO G 345 -80.38 71.64 42.49
CA PRO G 345 -81.53 72.56 42.41
C PRO G 345 -81.91 73.13 43.76
N GLY G 346 -81.55 72.46 44.85
CA GLY G 346 -81.81 73.00 46.17
C GLY G 346 -80.96 74.20 46.53
N ARG G 347 -79.81 74.35 45.89
CA ARG G 347 -78.94 75.50 46.12
C ARG G 347 -79.29 76.70 45.25
N ALA G 348 -80.48 76.73 44.68
CA ALA G 348 -80.87 77.85 43.84
C ALA G 348 -81.27 79.03 44.70
N VAL G 349 -80.95 80.22 44.22
CA VAL G 349 -81.49 81.46 44.77
C VAL G 349 -82.81 81.72 44.08
N LEU G 350 -83.83 82.07 44.85
CA LEU G 350 -85.20 82.20 44.37
C LEU G 350 -85.69 83.62 44.61
N PRO G 351 -85.28 84.58 43.77
CA PRO G 351 -85.57 85.99 44.05
C PRO G 351 -87.02 86.37 43.92
N THR G 352 -87.60 86.11 42.75
CA THR G 352 -89.01 86.40 42.49
C THR G 352 -89.77 85.09 42.37
N GLN G 353 -91.08 85.20 42.18
CA GLN G 353 -91.93 84.02 42.07
C GLN G 353 -91.89 83.51 40.63
N THR G 354 -90.72 83.02 40.27
CA THR G 354 -90.52 82.25 39.05
C THR G 354 -91.34 80.96 39.17
N LYS G 355 -91.80 80.44 38.03
CA LYS G 355 -92.52 79.17 38.09
C LYS G 355 -91.59 78.03 38.47
N ASN G 356 -90.30 78.15 38.17
CA ASN G 356 -89.31 77.28 38.79
C ASN G 356 -89.23 77.53 40.29
N ALA G 357 -89.30 78.80 40.70
CA ALA G 357 -89.28 79.12 42.11
C ALA G 357 -90.57 78.73 42.82
N GLN G 358 -91.66 78.56 42.06
CA GLN G 358 -92.85 77.95 42.63
C GLN G 358 -92.59 76.50 43.01
N PHE G 359 -91.72 75.83 42.24
CA PHE G 359 -91.34 74.45 42.49
C PHE G 359 -90.18 74.33 43.46
N LEU G 360 -89.15 75.16 43.31
CA LEU G 360 -87.96 75.05 44.14
C LEU G 360 -88.17 75.56 45.56
N SER G 361 -89.27 76.27 45.82
CA SER G 361 -89.62 76.61 47.19
C SER G 361 -90.02 75.40 48.01
N THR G 362 -90.46 74.33 47.34
CA THR G 362 -90.89 73.10 47.99
C THR G 362 -89.71 72.19 48.33
N ALA G 363 -88.51 72.54 47.85
CA ALA G 363 -87.35 71.68 48.02
C ALA G 363 -86.90 71.64 49.47
N ILE G 364 -86.43 70.47 49.88
CA ILE G 364 -86.03 70.23 51.27
C ILE G 364 -84.53 70.46 51.37
N ALA G 365 -84.10 71.06 52.49
CA ALA G 365 -82.74 71.60 52.57
C ALA G 365 -81.69 70.50 52.72
N ASP G 366 -81.94 69.49 53.55
CA ASP G 366 -80.94 68.48 53.83
C ASP G 366 -81.01 67.29 52.89
N ARG G 367 -81.56 67.47 51.69
CA ARG G 367 -81.59 66.43 50.66
C ARG G 367 -80.45 66.59 49.66
N ILE G 368 -79.30 67.07 50.11
CA ILE G 368 -78.28 67.55 49.20
C ILE G 368 -76.92 67.20 49.76
N GLY G 369 -75.94 67.07 48.88
CA GLY G 369 -74.59 66.73 49.29
C GLY G 369 -74.48 65.29 49.75
N ARG G 370 -73.36 64.99 50.39
CA ARG G 370 -73.19 63.64 50.89
C ARG G 370 -74.03 63.41 52.13
N LEU G 371 -74.27 62.15 52.42
CA LEU G 371 -75.03 61.75 53.61
C LEU G 371 -74.19 60.92 54.56
N ASP G 372 -73.60 59.83 54.07
CA ASP G 372 -72.77 58.95 54.89
C ASP G 372 -71.51 58.62 54.10
N ARG G 373 -70.40 59.26 54.46
CA ARG G 373 -69.11 58.93 53.89
C ARG G 373 -68.57 57.68 54.57
N ALA G 374 -68.31 56.64 53.79
CA ALA G 374 -67.82 55.38 54.34
C ALA G 374 -66.30 55.31 54.21
N ASN G 375 -65.64 56.11 55.05
CA ASN G 375 -64.18 56.10 55.13
C ASN G 375 -63.69 55.01 56.07
N LEU G 376 -62.49 54.52 55.80
CA LEU G 376 -61.89 53.47 56.60
C LEU G 376 -60.58 53.89 57.24
N ILE G 377 -59.73 54.60 56.52
CA ILE G 377 -58.39 54.94 56.97
C ILE G 377 -58.27 56.46 57.05
N GLY G 378 -57.78 56.96 58.17
CA GLY G 378 -57.54 58.39 58.30
C GLY G 378 -56.37 58.80 57.43
N GLY G 379 -56.58 59.83 56.62
CA GLY G 379 -55.57 60.30 55.70
C GLY G 379 -55.62 59.67 54.33
N GLU G 380 -56.28 58.53 54.19
CA GLU G 380 -56.48 57.89 52.90
C GLU G 380 -57.86 58.27 52.38
N VAL G 381 -58.00 58.27 51.05
CA VAL G 381 -59.26 58.63 50.41
C VAL G 381 -60.35 57.63 50.80
N SER G 382 -61.57 58.13 50.96
CA SER G 382 -62.69 57.33 51.45
C SER G 382 -63.08 56.28 50.43
N ALA G 383 -63.75 55.24 50.91
CA ALA G 383 -64.07 54.11 50.05
C ALA G 383 -65.29 54.39 49.18
N MET G 384 -66.38 54.87 49.78
CA MET G 384 -67.66 54.89 49.09
C MET G 384 -68.55 55.97 49.72
N VAL G 385 -68.67 57.10 49.05
CA VAL G 385 -69.54 58.16 49.54
C VAL G 385 -70.95 57.90 49.03
N GLU G 386 -71.92 58.57 49.65
CA GLU G 386 -73.34 58.33 49.36
C GLU G 386 -74.01 59.71 49.36
N CYS G 387 -74.19 60.29 48.17
CA CYS G 387 -74.69 61.64 48.05
C CYS G 387 -75.98 61.67 47.25
N MET G 388 -76.84 62.63 47.58
CA MET G 388 -78.01 62.93 46.78
C MET G 388 -77.67 64.08 45.85
N GLU G 389 -77.79 63.85 44.55
CA GLU G 389 -77.57 64.89 43.57
C GLU G 389 -78.46 64.60 42.37
N LEU G 390 -78.37 65.45 41.36
CA LEU G 390 -79.19 65.28 40.16
C LEU G 390 -78.68 64.08 39.39
N CYS G 391 -79.52 63.05 39.31
CA CYS G 391 -79.19 61.79 38.66
C CYS G 391 -80.49 61.02 38.46
N ASP G 392 -80.64 60.40 37.30
CA ASP G 392 -81.85 59.65 37.05
C ASP G 392 -81.66 58.18 37.38
N ALA G 393 -82.75 57.55 37.83
CA ALA G 393 -82.68 56.19 38.34
C ALA G 393 -82.43 55.18 37.24
N LEU G 394 -82.70 55.51 35.98
CA LEU G 394 -82.41 54.57 34.90
C LEU G 394 -80.92 54.49 34.64
N THR G 395 -80.25 55.63 34.55
CA THR G 395 -78.81 55.64 34.32
C THR G 395 -78.05 55.12 35.55
N LEU G 396 -78.60 55.36 36.75
CA LEU G 396 -78.00 54.80 37.95
C LEU G 396 -78.14 53.28 37.99
N HIS G 397 -79.25 52.75 37.48
CA HIS G 397 -79.44 51.31 37.41
C HIS G 397 -78.46 50.65 36.44
N ILE G 398 -78.09 51.35 35.37
CA ILE G 398 -77.12 50.80 34.43
C ILE G 398 -75.74 50.80 35.07
N ARG G 399 -75.44 51.78 35.91
CA ARG G 399 -74.10 51.87 36.49
C ARG G 399 -73.94 50.94 37.68
N GLU G 400 -74.96 50.80 38.52
CA GLU G 400 -74.85 49.93 39.68
C GLU G 400 -74.80 48.45 39.32
N THR G 401 -75.35 48.08 38.16
CA THR G 401 -75.13 46.73 37.68
C THR G 401 -73.86 46.60 36.86
N TYR G 402 -73.17 47.71 36.61
CA TYR G 402 -71.87 47.64 35.96
C TYR G 402 -70.75 47.47 36.96
N ILE G 403 -70.87 48.12 38.12
CA ILE G 403 -69.97 47.79 39.22
C ILE G 403 -70.24 46.38 39.72
N MET G 404 -71.51 45.96 39.69
CA MET G 404 -71.84 44.57 39.99
C MET G 404 -71.28 43.62 38.92
N LEU G 405 -71.13 44.10 37.69
CA LEU G 405 -70.41 43.31 36.69
C LEU G 405 -68.93 43.21 37.02
N LEU G 406 -68.33 44.30 37.48
CA LEU G 406 -66.92 44.29 37.83
C LEU G 406 -66.66 43.60 39.16
N ARG G 407 -67.61 43.66 40.10
CA ARG G 407 -67.49 42.87 41.31
C ARG G 407 -67.65 41.37 41.05
N SER G 408 -68.34 41.00 39.97
CA SER G 408 -68.48 39.59 39.65
C SER G 408 -67.17 38.99 39.18
N MET G 409 -66.30 39.80 38.59
CA MET G 409 -64.99 39.33 38.15
C MET G 409 -63.87 39.80 39.06
N HIS G 410 -64.20 40.16 40.29
CA HIS G 410 -63.21 40.57 41.28
C HIS G 410 -62.94 39.44 42.26
N GLN G 411 -61.67 39.29 42.64
CA GLN G 411 -61.27 38.36 43.68
C GLN G 411 -60.30 39.06 44.61
N ASP G 412 -60.43 38.78 45.90
CA ASP G 412 -59.53 39.34 46.90
C ASP G 412 -58.11 38.77 46.74
N PRO G 413 -57.08 39.51 47.18
CA PRO G 413 -55.69 39.10 46.88
C PRO G 413 -55.25 37.80 47.53
N THR G 414 -55.88 37.40 48.64
CA THR G 414 -55.53 36.12 49.25
C THR G 414 -56.00 34.94 48.41
N GLN G 415 -56.94 35.16 47.51
CA GLN G 415 -57.40 34.10 46.61
C GLN G 415 -56.83 34.22 45.21
N ILE G 416 -56.16 35.32 44.86
CA ILE G 416 -55.46 35.38 43.58
C ILE G 416 -53.99 35.08 43.71
N VAL G 417 -53.46 35.02 44.94
CA VAL G 417 -52.11 34.52 45.09
C VAL G 417 -52.08 33.02 44.91
N GLN G 418 -53.20 32.33 45.13
CA GLN G 418 -53.27 30.91 44.80
C GLN G 418 -53.38 30.70 43.31
N ILE G 419 -54.16 31.56 42.63
CA ILE G 419 -54.41 31.39 41.20
C ILE G 419 -53.14 31.61 40.40
N VAL G 420 -52.35 32.62 40.77
CA VAL G 420 -51.07 32.84 40.13
C VAL G 420 -50.10 31.70 40.47
N ASN G 421 -50.20 31.15 41.67
CA ASN G 421 -49.36 30.01 42.00
C ASN G 421 -49.84 28.72 41.33
N GLU G 422 -51.16 28.52 41.25
CA GLU G 422 -51.66 27.30 40.63
C GLU G 422 -51.59 27.36 39.11
N CYS G 423 -51.59 28.55 38.51
CA CYS G 423 -51.26 28.64 37.10
C CYS G 423 -49.78 28.41 36.84
N ALA G 424 -48.93 28.62 37.85
CA ALA G 424 -47.51 28.38 37.74
C ALA G 424 -47.08 27.08 38.40
N ASN G 425 -48.04 26.24 38.81
CA ASN G 425 -47.81 24.94 39.46
C ASN G 425 -46.98 25.07 40.74
N ASN G 426 -47.29 26.09 41.52
CA ASN G 426 -46.78 26.38 42.87
C ASN G 426 -45.30 26.76 42.91
N LEU G 427 -44.60 26.73 41.80
CA LEU G 427 -43.29 27.34 41.71
C LEU G 427 -43.49 28.78 41.25
N LEU G 428 -42.39 29.49 40.97
CA LEU G 428 -42.37 30.92 40.65
C LEU G 428 -43.00 31.71 41.78
N ASN G 429 -42.23 31.84 42.86
CA ASN G 429 -42.57 32.51 44.11
C ASN G 429 -43.39 33.79 43.97
N SER G 430 -44.40 33.91 44.83
CA SER G 430 -45.28 35.06 44.89
C SER G 430 -45.47 35.47 46.34
N THR G 431 -45.39 36.77 46.60
CA THR G 431 -45.31 37.30 47.96
C THR G 431 -46.35 38.41 48.13
N ILE G 432 -47.39 38.14 48.91
CA ILE G 432 -48.39 39.17 49.19
C ILE G 432 -48.17 39.78 50.57
N PRO G 433 -48.30 41.09 50.71
CA PRO G 433 -48.37 41.68 52.05
C PRO G 433 -49.68 41.32 52.72
N ILE G 434 -49.62 41.14 54.03
CA ILE G 434 -50.77 40.82 54.85
C ILE G 434 -51.11 42.06 55.65
N SER G 435 -52.04 42.84 55.12
CA SER G 435 -52.39 44.15 55.67
C SER G 435 -53.80 44.47 55.17
N LEU G 436 -54.19 45.74 55.26
CA LEU G 436 -55.46 46.18 54.73
C LEU G 436 -55.27 46.88 53.40
N ARG G 437 -56.22 46.66 52.49
CA ARG G 437 -56.25 47.30 51.18
C ARG G 437 -57.69 47.75 50.96
N PRO G 438 -58.00 49.02 51.23
CA PRO G 438 -59.40 49.45 51.31
C PRO G 438 -60.14 49.45 50.00
N THR G 439 -59.54 50.06 48.99
CA THR G 439 -60.28 50.43 47.79
C THR G 439 -59.72 49.78 46.54
N ILE G 440 -59.46 48.50 46.58
CA ILE G 440 -58.93 47.83 45.41
C ILE G 440 -60.08 47.22 44.63
N LEU G 441 -59.85 47.04 43.34
CA LEU G 441 -60.75 46.27 42.47
C LEU G 441 -59.95 45.83 41.27
N CYS G 442 -59.79 44.51 41.12
CA CYS G 442 -58.97 43.93 40.06
C CYS G 442 -59.87 43.07 39.16
N PRO G 443 -60.52 43.68 38.17
CA PRO G 443 -61.52 42.98 37.35
C PRO G 443 -60.88 42.03 36.35
N TRP G 444 -60.52 40.84 36.81
CA TRP G 444 -59.61 39.99 36.07
C TRP G 444 -60.10 38.56 35.86
N PHE G 445 -61.27 38.17 36.35
CA PHE G 445 -61.60 36.76 36.52
C PHE G 445 -62.99 36.43 36.00
N ALA G 446 -63.09 35.91 34.78
CA ALA G 446 -64.34 35.31 34.39
C ALA G 446 -64.46 33.93 35.02
N SER G 447 -65.67 33.39 34.98
CA SER G 447 -65.91 32.05 35.48
C SER G 447 -65.40 31.01 34.49
N SER G 448 -65.51 29.74 34.88
CA SER G 448 -65.21 28.65 33.96
C SER G 448 -66.22 28.56 32.83
N GLU G 449 -67.44 29.05 33.05
CA GLU G 449 -68.45 28.99 32.00
C GLU G 449 -68.18 30.01 30.90
N ASP G 450 -67.65 31.18 31.27
CA ASP G 450 -67.39 32.22 30.28
C ASP G 450 -66.16 31.89 29.45
N LEU G 451 -65.18 31.21 30.04
CA LEU G 451 -64.01 30.78 29.29
C LEU G 451 -64.35 29.73 28.27
N ARG G 452 -65.33 28.87 28.57
CA ARG G 452 -65.78 27.89 27.60
C ARG G 452 -66.57 28.54 26.47
N LEU G 453 -67.16 29.71 26.72
CA LEU G 453 -67.95 30.35 25.67
C LEU G 453 -67.06 30.98 24.61
N GLN G 454 -66.03 31.72 25.03
CA GLN G 454 -65.16 32.34 24.03
C GLN G 454 -64.19 31.34 23.43
N GLN G 455 -64.02 30.18 24.04
CA GLN G 455 -63.24 29.12 23.40
C GLN G 455 -63.94 28.63 22.15
N VAL G 456 -65.23 28.30 22.27
CA VAL G 456 -66.02 27.85 21.14
C VAL G 456 -66.17 28.96 20.11
N MET G 457 -66.31 30.19 20.59
CA MET G 457 -66.35 31.35 19.69
C MET G 457 -65.04 31.49 18.92
N HIS G 458 -63.91 31.25 19.58
CA HIS G 458 -62.64 31.25 18.87
C HIS G 458 -62.49 30.01 17.99
N LEU G 459 -63.14 28.91 18.36
CA LEU G 459 -63.18 27.75 17.48
C LEU G 459 -64.13 27.99 16.32
N VAL G 460 -65.12 28.86 16.49
CA VAL G 460 -65.96 29.30 15.39
C VAL G 460 -65.23 30.33 14.54
N ASN G 461 -64.54 31.28 15.17
CA ASN G 461 -63.80 32.32 14.45
C ASN G 461 -62.69 31.74 13.59
N ILE G 462 -62.09 30.65 14.01
CA ILE G 462 -60.96 30.09 13.28
C ILE G 462 -61.48 29.33 12.07
N SER G 463 -60.70 29.35 11.00
CA SER G 463 -60.98 28.50 9.85
C SER G 463 -60.72 27.05 10.23
N SER G 464 -61.60 26.16 9.79
CA SER G 464 -61.50 24.76 10.16
C SER G 464 -60.59 23.96 9.22
N ASN G 465 -59.76 24.63 8.43
CA ASN G 465 -58.77 23.95 7.61
C ASN G 465 -57.51 23.68 8.42
N THR G 466 -56.55 23.00 7.79
CA THR G 466 -55.29 22.69 8.43
C THR G 466 -54.33 23.87 8.47
N ALA G 467 -54.59 24.92 7.70
CA ALA G 467 -53.71 26.08 7.63
C ALA G 467 -53.98 27.09 8.73
N ALA G 468 -55.01 26.87 9.55
CA ALA G 468 -55.32 27.81 10.63
C ALA G 468 -55.04 27.25 12.02
N ALA G 469 -54.99 25.94 12.19
CA ALA G 469 -54.55 25.35 13.44
C ALA G 469 -53.04 25.25 13.53
N LEU G 470 -52.35 25.27 12.39
CA LEU G 470 -50.89 25.31 12.40
C LEU G 470 -50.29 26.57 13.03
N PRO G 471 -50.80 27.81 12.84
CA PRO G 471 -50.25 28.93 13.62
C PRO G 471 -50.57 28.88 15.10
N LEU G 472 -51.47 28.01 15.53
CA LEU G 472 -51.78 27.89 16.94
C LEU G 472 -50.86 26.89 17.64
N VAL G 473 -50.44 25.86 16.92
CA VAL G 473 -49.50 24.88 17.47
C VAL G 473 -48.08 25.39 17.41
N GLU G 474 -47.70 25.99 16.29
CA GLU G 474 -46.36 26.55 16.13
C GLU G 474 -46.13 27.75 17.04
N ALA G 475 -47.20 28.41 17.48
CA ALA G 475 -47.06 29.42 18.52
C ALA G 475 -46.67 28.79 19.84
N LEU G 476 -47.24 27.63 20.16
CA LEU G 476 -46.93 27.00 21.44
C LEU G 476 -45.56 26.33 21.41
N SER G 477 -45.16 25.80 20.24
CA SER G 477 -43.83 25.22 20.12
C SER G 477 -42.74 26.27 20.23
N THR G 478 -43.02 27.49 19.79
CA THR G 478 -42.06 28.58 19.95
C THR G 478 -41.86 28.90 21.42
N LEU G 479 -42.92 28.83 22.21
CA LEU G 479 -42.81 29.01 23.65
C LEU G 479 -42.19 27.78 24.31
N LEU G 480 -42.55 26.59 23.83
CA LEU G 480 -42.15 25.38 24.52
C LEU G 480 -40.67 25.07 24.34
N ARG G 481 -40.07 25.54 23.24
CA ARG G 481 -38.64 25.35 23.05
C ARG G 481 -37.81 26.30 23.89
N SER G 482 -38.34 27.49 24.19
CA SER G 482 -37.55 28.44 24.95
C SER G 482 -37.52 28.14 26.44
N VAL G 483 -38.53 27.45 26.96
CA VAL G 483 -38.59 27.15 28.38
C VAL G 483 -38.08 25.76 28.69
N THR G 484 -37.53 25.04 27.69
CA THR G 484 -37.21 23.68 28.07
C THR G 484 -35.77 23.57 28.56
N PRO G 485 -35.51 22.68 29.52
CA PRO G 485 -34.13 22.35 29.87
C PRO G 485 -33.53 21.30 28.96
N LEU G 486 -34.34 20.67 28.12
CA LEU G 486 -33.90 19.55 27.29
C LEU G 486 -33.15 20.09 26.09
N VAL G 487 -31.82 20.04 26.15
CA VAL G 487 -30.97 20.50 25.06
C VAL G 487 -30.63 19.29 24.20
N LEU G 488 -30.96 19.37 22.92
CA LEU G 488 -30.67 18.28 21.99
C LEU G 488 -29.24 18.39 21.49
N ASP G 489 -28.49 17.29 21.57
CA ASP G 489 -27.13 17.21 21.08
C ASP G 489 -27.03 15.93 20.27
N PRO G 490 -27.27 16.00 18.95
CA PRO G 490 -27.46 14.79 18.15
C PRO G 490 -26.22 13.93 17.95
N THR G 491 -25.06 14.38 18.42
CA THR G 491 -23.84 13.59 18.26
C THR G 491 -23.80 12.37 19.18
N VAL G 492 -24.61 12.36 20.24
CA VAL G 492 -24.54 11.28 21.21
C VAL G 492 -25.10 9.99 20.62
N LEU G 493 -26.17 10.09 19.83
CA LEU G 493 -26.65 8.93 19.08
C LEU G 493 -25.65 8.54 18.00
N THR G 494 -25.01 9.53 17.37
CA THR G 494 -23.98 9.25 16.39
C THR G 494 -22.77 8.56 17.04
N ASN G 495 -22.36 9.04 18.21
CA ASN G 495 -21.20 8.48 18.90
C ASN G 495 -21.47 7.08 19.41
N ALA G 496 -22.72 6.76 19.73
CA ALA G 496 -23.06 5.41 20.14
C ALA G 496 -23.10 4.46 18.95
N ILE G 497 -23.42 4.98 17.76
CA ILE G 497 -23.48 4.13 16.58
C ILE G 497 -22.10 3.97 15.95
N THR G 498 -21.34 5.05 15.85
CA THR G 498 -20.08 5.05 15.11
C THR G 498 -18.98 4.24 15.79
N THR G 499 -19.20 3.76 17.02
CA THR G 499 -18.25 2.91 17.71
C THR G 499 -18.66 1.44 17.66
N ILE G 500 -19.78 1.11 17.03
CA ILE G 500 -20.14 -0.28 16.83
C ILE G 500 -19.27 -0.85 15.72
N SER G 501 -18.62 -1.98 16.00
CA SER G 501 -17.68 -2.54 15.05
C SER G 501 -18.40 -3.18 13.88
N GLU G 502 -17.70 -3.23 12.74
CA GLU G 502 -18.20 -3.89 11.55
C GLU G 502 -17.02 -4.18 10.63
N SER G 503 -17.03 -5.34 9.99
CA SER G 503 -16.08 -5.59 8.92
C SER G 503 -16.47 -4.76 7.71
N THR G 504 -15.48 -4.09 7.09
CA THR G 504 -15.76 -3.25 5.93
C THR G 504 -15.86 -4.03 4.64
N THR G 505 -15.62 -5.35 4.65
CA THR G 505 -15.62 -6.13 3.43
C THR G 505 -17.02 -6.40 2.90
N GLN G 506 -18.07 -6.11 3.66
CA GLN G 506 -19.41 -6.35 3.17
C GLN G 506 -19.84 -5.23 2.23
N THR G 507 -20.78 -5.56 1.34
CA THR G 507 -21.34 -4.56 0.45
C THR G 507 -22.22 -3.58 1.22
N ILE G 508 -23.08 -4.09 2.08
CA ILE G 508 -23.96 -3.25 2.88
C ILE G 508 -23.29 -2.92 4.19
N SER G 509 -23.24 -1.64 4.52
CA SER G 509 -22.92 -1.23 5.88
C SER G 509 -24.19 -0.74 6.54
N PRO G 510 -24.76 -1.49 7.50
CA PRO G 510 -25.93 -0.99 8.24
C PRO G 510 -25.65 0.25 9.07
N ILE G 511 -24.39 0.51 9.42
CA ILE G 511 -24.03 1.78 10.04
C ILE G 511 -24.20 2.92 9.04
N SER G 512 -23.84 2.67 7.78
CA SER G 512 -23.96 3.70 6.75
C SER G 512 -25.41 4.04 6.45
N GLU G 513 -26.29 3.04 6.45
CA GLU G 513 -27.65 3.27 5.99
C GLU G 513 -28.49 4.01 7.03
N ILE G 514 -28.21 3.81 8.31
CA ILE G 514 -28.98 4.53 9.31
C ILE G 514 -28.51 5.97 9.44
N LEU G 515 -27.23 6.24 9.17
CA LEU G 515 -26.79 7.62 9.09
C LEU G 515 -27.31 8.27 7.83
N ARG G 516 -27.43 7.48 6.75
CA ARG G 516 -28.03 7.98 5.50
C ARG G 516 -29.48 8.38 5.72
N LEU G 517 -30.19 7.67 6.59
CA LEU G 517 -31.53 8.08 6.97
C LEU G 517 -31.54 9.31 7.87
N LEU G 518 -30.39 9.73 8.40
CA LEU G 518 -30.33 10.83 9.34
C LEU G 518 -29.31 11.89 8.93
N GLN G 519 -28.96 11.98 7.64
CA GLN G 519 -28.01 13.02 7.21
C GLN G 519 -28.58 14.43 7.29
N PRO G 520 -29.77 14.77 6.75
CA PRO G 520 -30.26 16.14 6.97
C PRO G 520 -30.80 16.35 8.37
N MET G 521 -31.01 15.28 9.15
CA MET G 521 -31.54 15.30 10.52
C MET G 521 -32.91 15.95 10.58
N GLY G 522 -33.69 15.82 9.50
CA GLY G 522 -34.95 16.50 9.36
C GLY G 522 -34.86 17.99 9.10
N ASN G 523 -33.65 18.54 9.01
CA ASN G 523 -33.27 19.95 8.81
C ASN G 523 -33.63 20.86 9.98
N ASP G 524 -34.32 20.36 10.99
CA ASP G 524 -34.83 21.13 12.12
C ASP G 524 -35.06 20.17 13.28
N TYR G 525 -35.43 20.72 14.44
CA TYR G 525 -35.89 19.89 15.53
C TYR G 525 -37.13 20.46 16.20
N ALA G 526 -37.85 21.35 15.51
CA ALA G 526 -39.14 21.79 16.01
C ALA G 526 -40.22 20.73 15.80
N ALA G 527 -39.96 19.73 14.95
CA ALA G 527 -40.94 18.69 14.68
C ALA G 527 -41.17 17.81 15.90
N PHE G 528 -40.19 17.73 16.80
CA PHE G 528 -40.41 17.08 18.07
C PHE G 528 -41.34 17.89 18.95
N TRP G 529 -41.13 19.20 18.99
CA TRP G 529 -41.93 20.06 19.84
C TRP G 529 -43.30 20.34 19.25
N LYS G 530 -43.44 20.21 17.93
CA LYS G 530 -44.76 20.30 17.32
C LYS G 530 -45.59 19.06 17.62
N CYS G 531 -44.94 17.92 17.86
CA CYS G 531 -45.67 16.74 18.33
C CYS G 531 -46.20 16.97 19.74
N ILE G 532 -45.43 17.66 20.57
CA ILE G 532 -45.84 17.87 21.95
C ILE G 532 -46.90 18.96 22.03
N ALA G 533 -46.73 20.04 21.27
CA ALA G 533 -47.70 21.12 21.27
C ALA G 533 -49.02 20.72 20.63
N SER G 534 -49.02 19.67 19.81
CA SER G 534 -50.27 19.14 19.29
C SER G 534 -51.04 18.35 20.33
N TRP G 535 -50.38 17.90 21.41
CA TRP G 535 -51.09 17.18 22.46
C TRP G 535 -52.03 18.09 23.23
N ALA G 536 -51.67 19.37 23.34
CA ALA G 536 -52.60 20.32 23.93
C ALA G 536 -53.72 20.69 22.98
N TYR G 537 -53.53 20.48 21.68
CA TYR G 537 -54.43 20.93 20.65
C TYR G 537 -54.90 19.78 19.77
N ASN G 538 -55.08 18.59 20.36
CA ASN G 538 -55.48 17.44 19.56
C ASN G 538 -56.95 17.46 19.16
N GLY G 539 -57.74 18.35 19.73
CA GLY G 539 -59.08 18.54 19.23
C GLY G 539 -59.08 19.25 17.88
N LEU G 540 -58.10 20.09 17.63
CA LEU G 540 -57.99 20.79 16.36
C LEU G 540 -57.23 19.98 15.32
N VAL G 541 -56.03 19.53 15.67
CA VAL G 541 -55.11 18.93 14.73
C VAL G 541 -54.55 17.64 15.31
N THR G 542 -54.49 16.59 14.49
CA THR G 542 -53.89 15.33 14.87
C THR G 542 -52.69 15.09 13.97
N THR G 543 -51.51 14.99 14.58
CA THR G 543 -50.29 14.77 13.81
C THR G 543 -50.26 13.36 13.24
N VAL G 544 -49.94 13.26 11.96
CA VAL G 544 -49.90 12.00 11.24
C VAL G 544 -48.46 11.69 10.92
N LEU G 545 -48.10 10.39 10.92
CA LEU G 545 -46.79 9.97 10.45
C LEU G 545 -46.62 10.34 8.99
N SER G 546 -45.36 10.63 8.62
CA SER G 546 -45.07 11.10 7.27
C SER G 546 -45.28 9.98 6.25
N GLU G 547 -46.01 10.31 5.19
CA GLU G 547 -46.36 9.28 4.20
C GLU G 547 -45.16 8.88 3.36
N ASP G 548 -44.28 9.83 3.06
CA ASP G 548 -43.07 9.50 2.32
C ASP G 548 -41.97 8.92 3.19
N ALA G 549 -42.22 8.73 4.49
CA ALA G 549 -41.26 8.11 5.39
C ALA G 549 -41.71 6.73 5.83
N PHE G 550 -42.62 6.11 5.11
CA PHE G 550 -42.91 4.70 5.26
C PHE G 550 -42.00 3.90 4.34
N PRO G 551 -41.74 2.63 4.67
CA PRO G 551 -41.16 1.74 3.65
C PRO G 551 -42.14 1.50 2.53
N ASP G 552 -41.62 1.50 1.32
CA ASP G 552 -42.46 1.37 0.13
C ASP G 552 -43.03 -0.03 0.00
N SER G 553 -44.07 -0.14 -0.80
CA SER G 553 -44.65 -1.43 -1.15
C SER G 553 -43.89 -2.13 -2.27
N SER G 554 -42.78 -1.56 -2.73
CA SER G 554 -41.97 -2.22 -3.73
C SER G 554 -40.96 -3.18 -3.12
N GLN G 555 -40.68 -3.03 -1.83
CA GLN G 555 -39.60 -3.76 -1.19
C GLN G 555 -40.11 -4.59 -0.03
N SER G 556 -39.34 -5.62 0.29
CA SER G 556 -39.65 -6.60 1.32
C SER G 556 -38.68 -6.43 2.49
N ILE G 557 -38.72 -7.41 3.41
CA ILE G 557 -37.91 -7.35 4.62
C ILE G 557 -36.41 -7.49 4.32
N THR G 558 -36.05 -8.11 3.19
CA THR G 558 -34.65 -8.26 2.84
C THR G 558 -34.02 -6.93 2.46
N HIS G 559 -34.83 -5.99 1.97
CA HIS G 559 -34.36 -4.63 1.75
C HIS G 559 -34.11 -3.96 3.08
N LEU G 560 -32.87 -3.61 3.33
CA LEU G 560 -32.48 -3.13 4.65
C LEU G 560 -32.87 -1.68 4.98
N PRO G 561 -32.79 -0.69 4.07
CA PRO G 561 -33.30 0.65 4.45
C PRO G 561 -34.80 0.71 4.69
N SER G 562 -35.57 -0.28 4.24
CA SER G 562 -36.97 -0.33 4.64
C SER G 562 -37.11 -0.74 6.10
N MET G 563 -36.24 -1.61 6.59
CA MET G 563 -36.40 -2.11 7.95
C MET G 563 -35.99 -1.07 8.99
N TRP G 564 -34.88 -0.37 8.74
CA TRP G 564 -34.48 0.71 9.65
C TRP G 564 -35.47 1.86 9.60
N LYS G 565 -36.10 2.07 8.46
CA LYS G 565 -37.21 3.01 8.42
C LYS G 565 -38.43 2.47 9.13
N CYS G 566 -38.63 1.14 9.09
CA CYS G 566 -39.70 0.52 9.86
C CYS G 566 -39.42 0.57 11.36
N LEU G 567 -38.15 0.68 11.76
CA LEU G 567 -37.82 0.91 13.16
C LEU G 567 -38.27 2.30 13.61
N PHE G 568 -38.09 3.30 12.75
CA PHE G 568 -38.35 4.67 13.15
C PHE G 568 -39.84 4.95 13.21
N LEU G 569 -40.67 4.10 12.62
CA LEU G 569 -42.10 4.23 12.76
C LEU G 569 -42.56 3.77 14.13
N THR G 570 -42.02 2.65 14.58
CA THR G 570 -42.48 2.10 15.85
C THR G 570 -41.96 2.93 17.02
N LEU G 571 -40.76 3.49 16.90
CA LEU G 571 -40.24 4.37 17.93
C LEU G 571 -41.06 5.65 18.02
N ALA G 572 -41.23 6.34 16.89
CA ALA G 572 -42.00 7.58 16.85
C ALA G 572 -43.50 7.35 16.76
N GLY G 573 -43.96 6.12 16.95
CA GLY G 573 -45.36 5.80 17.00
C GLY G 573 -46.15 6.48 18.10
N PRO G 574 -45.80 6.24 19.37
CA PRO G 574 -46.55 6.88 20.46
C PRO G 574 -46.33 8.38 20.59
N MET G 575 -45.38 8.97 19.87
CA MET G 575 -45.16 10.39 19.97
C MET G 575 -46.12 11.22 19.14
N THR G 576 -47.06 10.59 18.45
CA THR G 576 -48.06 11.31 17.69
C THR G 576 -49.46 10.93 18.14
N SER G 577 -50.39 11.84 17.91
CA SER G 577 -51.72 11.78 18.52
C SER G 577 -52.79 11.29 17.57
N ASP G 578 -52.42 10.80 16.41
CA ASP G 578 -53.41 10.21 15.52
C ASP G 578 -53.82 8.84 16.05
N PRO G 579 -55.11 8.52 16.10
CA PRO G 579 -55.52 7.24 16.67
C PRO G 579 -55.18 6.05 15.80
N HIS G 580 -54.98 6.26 14.50
CA HIS G 580 -54.64 5.18 13.59
C HIS G 580 -53.14 4.95 13.49
N SER G 581 -52.36 5.68 14.30
CA SER G 581 -50.90 5.52 14.29
C SER G 581 -50.38 4.14 14.64
N PRO G 582 -50.86 3.41 15.67
CA PRO G 582 -50.32 2.07 15.89
C PRO G 582 -50.69 1.08 14.81
N VAL G 583 -51.79 1.29 14.11
CA VAL G 583 -52.14 0.44 12.98
C VAL G 583 -51.22 0.74 11.80
N LYS G 584 -50.90 2.01 11.60
CA LYS G 584 -49.92 2.36 10.58
C LYS G 584 -48.53 1.88 10.95
N VAL G 585 -48.23 1.78 12.25
CA VAL G 585 -47.03 1.10 12.69
C VAL G 585 -47.15 -0.40 12.43
N PHE G 586 -48.31 -0.98 12.73
CA PHE G 586 -48.50 -2.43 12.56
C PHE G 586 -48.50 -2.83 11.10
N MET G 587 -49.29 -2.13 10.28
CA MET G 587 -49.36 -2.51 8.88
C MET G 587 -48.16 -2.08 8.07
N ALA G 588 -47.22 -1.33 8.66
CA ALA G 588 -45.97 -1.06 7.94
C ALA G 588 -45.11 -2.31 7.90
N LEU G 589 -44.92 -2.95 9.04
CA LEU G 589 -44.16 -4.19 9.06
C LEU G 589 -44.97 -5.32 8.43
N ALA G 590 -46.29 -5.31 8.63
CA ALA G 590 -47.14 -6.34 8.03
C ALA G 590 -47.15 -6.24 6.51
N ASN G 591 -47.01 -5.03 5.96
CA ASN G 591 -46.74 -4.89 4.53
C ASN G 591 -45.38 -5.47 4.20
N LEU G 592 -44.38 -5.16 5.01
CA LEU G 592 -42.98 -5.38 4.68
C LEU G 592 -42.58 -6.86 4.68
N LEU G 593 -43.36 -7.72 5.33
CA LEU G 593 -43.15 -9.16 5.31
C LEU G 593 -44.44 -9.89 4.95
N ALA G 594 -45.05 -9.46 3.85
CA ALA G 594 -46.29 -10.08 3.39
C ALA G 594 -46.08 -11.46 2.80
N GLN G 595 -44.89 -11.73 2.27
CA GLN G 595 -44.62 -13.08 1.76
C GLN G 595 -44.43 -14.12 2.86
N PRO G 596 -43.57 -13.92 3.90
CA PRO G 596 -43.43 -15.02 4.87
C PRO G 596 -44.57 -15.08 5.86
N GLU G 597 -45.20 -13.94 6.12
CA GLU G 597 -46.14 -13.78 7.23
C GLU G 597 -47.46 -13.26 6.67
N PRO G 598 -48.34 -14.15 6.18
CA PRO G 598 -49.63 -13.66 5.69
C PRO G 598 -50.69 -13.59 6.78
N ILE G 599 -51.41 -12.46 6.86
CA ILE G 599 -52.52 -12.31 7.78
C ILE G 599 -53.75 -11.85 7.02
N ALA G 600 -54.91 -12.09 7.62
CA ALA G 600 -56.19 -11.75 7.00
C ALA G 600 -56.49 -10.28 7.22
N ILE G 601 -56.61 -9.54 6.14
CA ILE G 601 -57.12 -8.18 6.18
C ILE G 601 -58.63 -8.28 5.96
N GLY G 602 -59.36 -7.24 6.32
CA GLY G 602 -60.80 -7.35 6.44
C GLY G 602 -61.54 -7.01 5.16
N VAL G 603 -62.09 -5.81 5.10
CA VAL G 603 -62.93 -5.32 4.00
C VAL G 603 -62.21 -5.39 2.65
N PRO G 604 -62.91 -5.61 1.54
CA PRO G 604 -62.24 -5.77 0.25
C PRO G 604 -61.67 -4.46 -0.26
N GLY G 605 -60.73 -4.59 -1.19
CA GLY G 605 -59.95 -3.45 -1.66
C GLY G 605 -58.74 -3.13 -0.82
N MET G 606 -58.64 -3.69 0.38
CA MET G 606 -57.53 -3.48 1.28
C MET G 606 -56.80 -4.81 1.43
N HIS G 607 -55.62 -4.91 0.84
CA HIS G 607 -54.82 -6.12 0.96
C HIS G 607 -53.69 -5.89 1.96
N GLN G 608 -52.83 -6.88 2.10
CA GLN G 608 -51.71 -6.74 3.02
C GLN G 608 -50.57 -5.95 2.37
N THR G 609 -50.45 -6.02 1.05
CA THR G 609 -49.48 -5.23 0.30
C THR G 609 -50.00 -3.84 -0.04
N THR G 610 -51.18 -3.47 0.45
CA THR G 610 -51.61 -2.09 0.45
C THR G 610 -50.64 -1.28 1.32
N PRO G 611 -50.27 -0.06 0.90
CA PRO G 611 -49.37 0.75 1.74
C PRO G 611 -49.99 1.12 3.08
N ALA G 612 -49.11 1.38 4.05
CA ALA G 612 -49.52 1.49 5.44
C ALA G 612 -50.30 2.77 5.72
N SER G 613 -50.08 3.81 4.93
CA SER G 613 -50.76 5.08 5.15
C SER G 613 -52.22 5.05 4.73
N GLN G 614 -52.67 4.01 4.04
CA GLN G 614 -54.04 3.91 3.59
C GLN G 614 -54.95 3.28 4.62
N PHE G 615 -54.45 3.00 5.82
CA PHE G 615 -55.21 2.35 6.90
C PHE G 615 -55.72 3.36 7.89
N SER G 616 -56.13 4.52 7.39
CA SER G 616 -56.52 5.66 8.21
C SER G 616 -57.95 5.58 8.72
N HIS G 617 -58.66 4.50 8.49
CA HIS G 617 -60.04 4.38 8.93
C HIS G 617 -60.10 3.39 10.12
N PRO G 618 -61.07 3.53 11.03
CA PRO G 618 -61.14 2.55 12.12
C PRO G 618 -61.62 1.19 11.66
N GLY G 619 -62.47 1.13 10.65
CA GLY G 619 -63.00 -0.15 10.18
C GLY G 619 -62.03 -0.99 9.38
N VAL G 620 -60.88 -0.45 9.00
CA VAL G 620 -59.92 -1.19 8.21
C VAL G 620 -58.76 -1.71 9.07
N TRP G 621 -58.93 -1.72 10.38
CA TRP G 621 -57.93 -2.35 11.22
C TRP G 621 -58.02 -3.87 11.04
N PRO G 622 -56.89 -4.57 11.04
CA PRO G 622 -56.93 -6.01 10.81
C PRO G 622 -57.56 -6.72 12.00
N PRO G 623 -58.24 -7.84 11.78
CA PRO G 623 -58.77 -8.61 12.91
C PRO G 623 -57.67 -9.23 13.74
N GLY G 624 -56.51 -9.49 13.16
CA GLY G 624 -55.37 -9.91 13.93
C GLY G 624 -54.82 -8.82 14.83
N PHE G 625 -55.01 -7.55 14.44
CA PHE G 625 -54.54 -6.47 15.29
C PHE G 625 -55.45 -6.28 16.49
N LEU G 626 -56.76 -6.45 16.30
CA LEU G 626 -57.68 -6.38 17.44
C LEU G 626 -57.55 -7.61 18.32
N ASN G 627 -57.34 -8.77 17.71
CA ASN G 627 -57.23 -10.04 18.44
C ASN G 627 -56.01 -10.78 17.91
N PRO G 628 -54.86 -10.70 18.60
CA PRO G 628 -53.70 -11.48 18.17
C PRO G 628 -53.82 -12.98 18.40
N GLN G 629 -54.89 -13.44 19.05
CA GLN G 629 -55.18 -14.88 19.05
C GLN G 629 -55.56 -15.37 17.66
N LEU G 630 -56.11 -14.49 16.82
CA LEU G 630 -56.50 -14.88 15.48
C LEU G 630 -55.29 -15.16 14.59
N ILE G 631 -54.16 -14.54 14.88
CA ILE G 631 -52.93 -14.79 14.13
C ILE G 631 -52.34 -16.11 14.62
N ASN G 632 -52.12 -17.03 13.70
CA ASN G 632 -51.57 -18.32 14.06
C ASN G 632 -50.04 -18.25 14.08
N PRO G 633 -49.39 -18.61 15.19
CA PRO G 633 -47.91 -18.66 15.18
C PRO G 633 -47.35 -19.73 14.28
N GLN G 634 -48.10 -20.79 13.99
CA GLN G 634 -47.62 -21.78 13.03
C GLN G 634 -47.70 -21.25 11.60
N GLN G 635 -48.51 -20.23 11.35
CA GLN G 635 -48.58 -19.57 10.05
C GLN G 635 -47.78 -18.28 10.04
N ALA G 636 -48.08 -17.37 10.95
CA ALA G 636 -47.44 -16.05 11.01
C ALA G 636 -46.91 -15.82 12.42
N PRO G 637 -45.71 -16.34 12.73
CA PRO G 637 -45.22 -16.22 14.10
C PRO G 637 -44.75 -14.82 14.45
N LEU G 638 -44.04 -14.15 13.54
CA LEU G 638 -43.36 -12.91 13.87
C LEU G 638 -44.34 -11.75 13.95
N LEU G 639 -45.38 -11.78 13.14
CA LEU G 639 -46.34 -10.68 13.11
C LEU G 639 -47.37 -10.79 14.23
N ARG G 640 -47.48 -11.95 14.88
CA ARG G 640 -48.34 -12.05 16.05
C ARG G 640 -47.73 -11.30 17.23
N ALA G 641 -46.44 -11.51 17.47
CA ALA G 641 -45.78 -10.89 18.61
C ALA G 641 -45.60 -9.39 18.44
N PHE G 642 -45.73 -8.88 17.21
CA PHE G 642 -45.72 -7.43 17.01
C PHE G 642 -47.07 -6.84 17.36
N ALA G 643 -48.16 -7.54 17.03
CA ALA G 643 -49.47 -7.15 17.55
C ALA G 643 -49.53 -7.35 19.06
N GLU G 644 -48.83 -8.37 19.58
CA GLU G 644 -48.67 -8.49 21.02
C GLU G 644 -47.82 -7.37 21.58
N HIS G 645 -46.86 -6.86 20.81
CA HIS G 645 -46.02 -5.77 21.29
C HIS G 645 -46.80 -4.47 21.38
N ILE G 646 -47.61 -4.17 20.36
CA ILE G 646 -48.33 -2.90 20.33
C ILE G 646 -49.42 -2.90 21.38
N ARG G 647 -50.11 -4.03 21.57
CA ARG G 647 -51.20 -4.05 22.53
C ARG G 647 -50.73 -4.17 23.98
N ALA G 648 -49.43 -4.28 24.22
CA ALA G 648 -48.93 -4.38 25.58
C ALA G 648 -48.06 -3.20 26.00
N ASN G 649 -47.30 -2.62 25.09
CA ASN G 649 -46.34 -1.59 25.47
C ASN G 649 -46.75 -0.19 25.04
N TRP G 650 -47.84 -0.04 24.30
CA TRP G 650 -48.32 1.28 23.92
C TRP G 650 -48.75 2.03 25.18
N PRO G 651 -48.42 3.31 25.30
CA PRO G 651 -48.50 3.99 26.60
C PRO G 651 -49.92 4.22 27.07
N GLN G 652 -50.14 3.98 28.35
CA GLN G 652 -51.40 4.29 28.99
C GLN G 652 -51.54 5.79 29.05
N PRO G 653 -52.61 6.38 28.52
CA PRO G 653 -52.78 7.83 28.65
C PRO G 653 -53.10 8.20 30.09
N SER G 654 -52.65 9.38 30.47
CA SER G 654 -52.94 9.87 31.81
C SER G 654 -53.45 11.30 31.73
N GLU G 655 -53.57 11.96 32.88
CA GLU G 655 -54.03 13.34 32.87
C GLU G 655 -53.33 14.10 33.98
N PHE G 656 -53.42 15.42 33.90
CA PHE G 656 -52.87 16.31 34.90
C PHE G 656 -53.67 17.61 34.86
N GLY G 657 -53.36 18.50 35.79
CA GLY G 657 -54.12 19.72 35.98
C GLY G 657 -53.36 20.95 35.51
N TYR G 658 -54.09 21.97 35.10
CA TYR G 658 -53.51 23.26 34.79
C TYR G 658 -54.42 24.34 35.33
N GLY G 659 -53.86 25.54 35.48
CA GLY G 659 -54.66 26.66 35.91
C GLY G 659 -55.06 26.54 37.37
N SER G 660 -56.13 27.24 37.71
CA SER G 660 -56.68 27.24 39.05
C SER G 660 -58.12 26.79 39.03
N THR G 661 -58.53 26.07 40.08
CA THR G 661 -59.93 25.73 40.26
C THR G 661 -60.76 26.98 40.53
N LEU G 662 -60.16 27.96 41.20
CA LEU G 662 -60.84 29.23 41.47
C LEU G 662 -61.06 30.03 40.19
N GLN G 663 -60.08 30.01 39.29
CA GLN G 663 -60.20 30.77 38.05
C GLN G 663 -61.14 30.10 37.06
N GLY G 664 -60.98 28.81 36.87
CA GLY G 664 -61.71 28.09 35.84
C GLY G 664 -60.90 27.93 34.58
N SER G 665 -61.43 27.13 33.66
CA SER G 665 -60.72 26.80 32.45
C SER G 665 -61.68 26.80 31.28
N ALA G 666 -61.15 26.52 30.11
CA ALA G 666 -61.94 26.45 28.88
C ALA G 666 -62.01 25.03 28.34
N ASN G 667 -61.93 24.05 29.22
CA ASN G 667 -62.05 22.66 28.79
C ASN G 667 -63.50 22.36 28.44
N LEU G 668 -63.71 21.87 27.21
CA LEU G 668 -65.03 21.59 26.70
C LEU G 668 -65.44 20.13 26.87
N PHE G 669 -64.52 19.20 26.64
CA PHE G 669 -64.81 17.79 26.81
C PHE G 669 -64.04 17.16 27.95
N ILE G 670 -62.83 17.64 28.23
CA ILE G 670 -62.05 17.23 29.38
C ILE G 670 -62.75 17.88 30.58
N PRO G 671 -62.73 17.28 31.77
CA PRO G 671 -63.15 18.02 32.97
C PRO G 671 -62.29 19.26 33.17
N SER G 672 -62.88 20.25 33.84
CA SER G 672 -62.31 21.59 33.88
C SER G 672 -60.99 21.61 34.65
N ASN G 673 -60.07 22.46 34.18
CA ASN G 673 -58.71 22.62 34.70
C ASN G 673 -57.92 21.32 34.65
N ARG G 674 -58.21 20.46 33.68
CA ARG G 674 -57.47 19.21 33.51
C ARG G 674 -56.99 19.11 32.07
N MET G 675 -55.82 18.50 31.89
CA MET G 675 -55.30 18.16 30.58
C MET G 675 -54.94 16.68 30.54
N VAL G 676 -55.48 15.95 29.57
CA VAL G 676 -55.07 14.58 29.34
C VAL G 676 -53.71 14.57 28.67
N TYR G 677 -53.08 13.41 28.62
CA TYR G 677 -51.69 13.31 28.21
C TYR G 677 -51.44 11.89 27.75
N PRO G 678 -50.78 11.68 26.61
CA PRO G 678 -50.66 10.33 26.03
C PRO G 678 -49.65 9.43 26.71
N TRP G 679 -49.09 9.84 27.85
CA TRP G 679 -48.08 9.10 28.58
C TRP G 679 -48.47 9.08 30.05
N PRO G 680 -48.02 8.08 30.80
CA PRO G 680 -48.22 8.14 32.25
C PRO G 680 -47.41 9.25 32.85
N ASN G 681 -47.96 9.86 33.89
CA ASN G 681 -47.45 11.11 34.40
C ASN G 681 -47.05 10.96 35.86
N GLN G 682 -45.97 11.61 36.22
CA GLN G 682 -45.47 11.72 37.59
C GLN G 682 -45.22 13.19 37.88
N PRO G 683 -45.31 13.61 39.14
CA PRO G 683 -45.10 15.02 39.46
C PRO G 683 -43.64 15.43 39.29
N LEU G 684 -43.44 16.75 39.26
CA LEU G 684 -42.14 17.31 38.95
C LEU G 684 -41.17 17.10 40.11
N PRO G 685 -40.00 16.51 39.87
CA PRO G 685 -39.00 16.41 40.94
C PRO G 685 -38.19 17.69 41.06
N ARG G 686 -37.87 18.05 42.31
CA ARG G 686 -37.09 19.23 42.62
C ARG G 686 -35.65 18.89 42.99
N LEU G 687 -35.22 17.65 42.77
CA LEU G 687 -33.87 17.22 43.05
C LEU G 687 -33.05 17.17 41.77
N THR G 688 -31.80 16.73 41.91
CA THR G 688 -30.95 16.56 40.74
C THR G 688 -31.38 15.32 39.97
N VAL G 689 -31.61 15.49 38.68
CA VAL G 689 -32.24 14.48 37.85
C VAL G 689 -31.20 13.82 36.96
N ALA G 690 -31.48 12.58 36.58
CA ALA G 690 -30.60 11.71 35.82
C ALA G 690 -31.45 10.88 34.88
N PRO G 691 -30.94 10.50 33.71
CA PRO G 691 -31.75 9.72 32.77
C PRO G 691 -31.99 8.30 33.28
N THR G 692 -33.26 7.95 33.44
CA THR G 692 -33.64 6.66 33.98
C THR G 692 -34.40 5.84 32.94
N TYR G 693 -34.52 4.54 33.22
CA TYR G 693 -35.12 3.59 32.29
C TYR G 693 -36.47 3.08 32.76
N ASP G 694 -37.04 3.64 33.82
CA ASP G 694 -38.32 3.19 34.34
C ASP G 694 -39.50 3.87 33.67
N SER G 695 -39.26 4.82 32.78
CA SER G 695 -40.34 5.53 32.11
C SER G 695 -41.00 4.63 31.06
N ALA G 696 -42.21 5.02 30.67
CA ALA G 696 -42.89 4.31 29.59
C ALA G 696 -42.29 4.61 28.24
N MET G 697 -41.60 5.75 28.08
CA MET G 697 -40.81 5.97 26.88
C MET G 697 -39.71 4.94 26.77
N SER G 698 -38.98 4.72 27.87
CA SER G 698 -37.93 3.73 27.87
C SER G 698 -38.49 2.32 27.85
N ASN G 699 -39.69 2.13 28.37
CA ASN G 699 -40.36 0.85 28.21
C ASN G 699 -40.77 0.62 26.77
N TRP G 700 -41.12 1.69 26.05
CA TRP G 700 -41.46 1.53 24.65
C TRP G 700 -40.24 1.26 23.80
N ILE G 701 -39.15 2.01 24.04
CA ILE G 701 -37.95 1.89 23.23
C ILE G 701 -37.28 0.55 23.46
N SER G 702 -37.01 0.20 24.71
CA SER G 702 -36.26 -1.00 25.02
C SER G 702 -37.04 -2.29 24.86
N THR G 703 -38.31 -2.23 24.42
CA THR G 703 -39.05 -3.42 24.06
C THR G 703 -39.40 -3.50 22.59
N THR G 704 -39.31 -2.39 21.84
CA THR G 704 -39.38 -2.53 20.39
C THR G 704 -38.03 -2.75 19.76
N ILE G 705 -36.94 -2.34 20.42
CA ILE G 705 -35.62 -2.81 20.04
C ILE G 705 -35.50 -4.29 20.33
N ALA G 706 -36.04 -4.72 21.48
CA ALA G 706 -36.07 -6.13 21.82
C ALA G 706 -36.98 -6.93 20.90
N PHE G 707 -37.89 -6.28 20.18
CA PHE G 707 -38.61 -7.01 19.16
C PHE G 707 -37.87 -7.03 17.83
N PHE G 708 -37.17 -5.97 17.48
CA PHE G 708 -36.47 -5.99 16.21
C PHE G 708 -35.10 -6.66 16.30
N ILE G 709 -34.64 -6.94 17.53
CA ILE G 709 -33.51 -7.84 17.69
C ILE G 709 -33.97 -9.28 17.48
N ARG G 710 -35.28 -9.52 17.53
CA ARG G 710 -35.87 -10.82 17.23
C ARG G 710 -36.16 -10.99 15.75
N VAL G 711 -36.54 -9.91 15.06
CA VAL G 711 -36.79 -9.97 13.63
C VAL G 711 -35.48 -10.17 12.88
N VAL G 712 -34.42 -9.49 13.32
CA VAL G 712 -33.10 -9.66 12.73
C VAL G 712 -32.58 -11.08 12.99
N ASN G 713 -32.85 -11.62 14.17
CA ASN G 713 -32.44 -12.97 14.49
C ASN G 713 -33.49 -14.00 14.11
N SER G 714 -34.52 -13.61 13.36
CA SER G 714 -35.55 -14.56 12.97
C SER G 714 -35.07 -15.44 11.82
N VAL G 715 -35.89 -16.43 11.49
CA VAL G 715 -35.53 -17.39 10.46
C VAL G 715 -35.62 -16.76 9.08
N ASN G 716 -36.55 -15.82 8.90
CA ASN G 716 -36.71 -15.14 7.62
C ASN G 716 -35.52 -14.25 7.29
N MET G 717 -34.85 -13.72 8.32
CA MET G 717 -33.65 -12.93 8.12
C MET G 717 -32.40 -13.79 8.13
N THR G 718 -32.48 -15.01 8.66
CA THR G 718 -31.31 -15.86 8.86
C THR G 718 -30.73 -16.31 7.52
N ALA G 719 -31.58 -16.76 6.61
CA ALA G 719 -31.09 -17.28 5.33
C ALA G 719 -30.62 -16.18 4.39
N THR G 720 -31.12 -14.96 4.54
CA THR G 720 -30.84 -13.90 3.59
C THR G 720 -29.56 -13.14 3.92
N VAL G 721 -29.49 -12.58 5.10
CA VAL G 721 -28.43 -11.66 5.48
C VAL G 721 -27.25 -12.47 6.03
N ASN G 722 -26.04 -12.04 5.68
CA ASN G 722 -24.82 -12.63 6.21
C ASN G 722 -24.78 -12.48 7.73
N ASP G 723 -24.18 -13.48 8.38
CA ASP G 723 -24.27 -13.60 9.84
C ASP G 723 -23.48 -12.51 10.55
N LEU G 724 -22.31 -12.15 10.03
CA LEU G 724 -21.47 -11.18 10.72
C LEU G 724 -22.02 -9.76 10.58
N THR G 725 -22.74 -9.48 9.50
CA THR G 725 -23.45 -8.21 9.40
C THR G 725 -24.87 -8.32 9.93
N ARG G 726 -25.30 -9.51 10.32
CA ARG G 726 -26.55 -9.63 11.06
C ARG G 726 -26.37 -9.28 12.52
N ARG G 727 -25.19 -9.57 13.07
CA ARG G 727 -24.84 -9.14 14.42
C ARG G 727 -24.61 -7.64 14.47
N THR G 728 -24.20 -7.03 13.36
CA THR G 728 -23.94 -5.60 13.31
C THR G 728 -25.22 -4.79 13.51
N MET G 729 -26.31 -5.21 12.87
CA MET G 729 -27.60 -4.58 13.11
C MET G 729 -28.06 -4.81 14.54
N THR G 730 -27.82 -6.01 15.06
CA THR G 730 -28.11 -6.33 16.46
C THR G 730 -27.30 -5.44 17.40
N GLY G 731 -26.02 -5.21 17.07
CA GLY G 731 -25.21 -4.34 17.89
C GLY G 731 -25.57 -2.88 17.78
N VAL G 732 -26.11 -2.47 16.63
CA VAL G 732 -26.60 -1.11 16.48
C VAL G 732 -27.83 -0.88 17.34
N MET G 733 -28.79 -1.81 17.27
CA MET G 733 -30.04 -1.64 18.00
C MET G 733 -29.83 -1.70 19.51
N THR G 734 -28.98 -2.62 19.96
CA THR G 734 -28.71 -2.72 21.40
C THR G 734 -27.93 -1.51 21.89
N ALA G 735 -27.13 -0.89 21.02
CA ALA G 735 -26.55 0.41 21.34
C ALA G 735 -27.64 1.47 21.45
N MET G 736 -28.60 1.46 20.53
CA MET G 736 -29.74 2.37 20.62
C MET G 736 -30.60 2.10 21.84
N ARG G 737 -30.66 0.83 22.26
CA ARG G 737 -31.41 0.46 23.45
C ARG G 737 -30.78 0.99 24.73
N GLN G 738 -29.47 1.27 24.70
CA GLN G 738 -28.74 1.61 25.90
C GLN G 738 -28.20 3.04 25.91
N VAL G 739 -28.66 3.90 25.00
CA VAL G 739 -28.27 5.31 25.03
C VAL G 739 -28.94 5.97 26.21
N LYS G 740 -28.13 6.59 27.08
CA LYS G 740 -28.63 7.23 28.29
C LYS G 740 -29.13 8.62 27.93
N THR G 741 -30.37 8.69 27.50
CA THR G 741 -30.97 9.92 27.00
C THR G 741 -32.01 10.46 27.97
N MET G 742 -32.05 11.79 28.07
CA MET G 742 -32.83 12.45 29.08
C MET G 742 -34.30 12.59 28.69
N THR G 743 -34.60 12.46 27.40
CA THR G 743 -35.96 12.66 26.91
C THR G 743 -37.00 11.66 27.46
N PRO G 744 -36.71 10.36 27.69
CA PRO G 744 -37.68 9.53 28.42
C PRO G 744 -38.00 10.00 29.82
N PHE G 745 -37.01 10.54 30.54
CA PHE G 745 -37.31 11.15 31.83
C PHE G 745 -38.07 12.45 31.66
N TYR G 746 -37.84 13.13 30.53
CA TYR G 746 -38.45 14.44 30.31
C TYR G 746 -39.95 14.33 30.07
N ILE G 747 -40.36 13.38 29.22
CA ILE G 747 -41.77 13.28 28.82
C ILE G 747 -42.63 12.81 29.99
N GLN G 748 -42.09 11.96 30.85
CA GLN G 748 -42.88 11.47 31.98
C GLN G 748 -43.01 12.53 33.08
N HIS G 749 -41.94 13.28 33.33
CA HIS G 749 -41.85 14.11 34.52
C HIS G 749 -41.91 15.60 34.23
N MET G 750 -41.01 16.11 33.40
CA MET G 750 -40.87 17.56 33.26
C MET G 750 -41.77 18.15 32.19
N CYS G 751 -42.08 17.40 31.16
CA CYS G 751 -42.89 17.88 30.06
C CYS G 751 -44.34 18.22 30.40
N PRO G 752 -45.07 17.46 31.24
CA PRO G 752 -46.42 17.94 31.61
C PRO G 752 -46.42 19.18 32.47
N THR G 753 -45.31 19.51 33.13
CA THR G 753 -45.26 20.73 33.91
C THR G 753 -45.24 21.95 32.99
N GLU G 754 -44.54 21.84 31.86
CA GLU G 754 -44.49 22.94 30.91
C GLU G 754 -45.82 23.12 30.20
N LEU G 755 -46.50 22.03 29.85
CA LEU G 755 -47.79 22.13 29.21
C LEU G 755 -48.89 22.52 30.17
N SER G 756 -48.65 22.38 31.47
CA SER G 756 -49.60 22.88 32.45
C SER G 756 -49.41 24.36 32.73
N VAL G 757 -48.19 24.87 32.55
CA VAL G 757 -47.92 26.29 32.73
C VAL G 757 -48.23 27.07 31.47
N LEU G 758 -47.77 26.58 30.32
CA LEU G 758 -47.99 27.29 29.08
C LEU G 758 -49.44 27.22 28.60
N ALA G 759 -50.26 26.36 29.19
CA ALA G 759 -51.69 26.39 28.91
C ALA G 759 -52.35 27.65 29.45
N SER G 760 -51.74 28.29 30.45
CA SER G 760 -52.31 29.51 31.01
C SER G 760 -51.88 30.77 30.29
N VAL G 761 -50.82 30.72 29.49
CA VAL G 761 -50.26 31.92 28.88
C VAL G 761 -50.28 31.89 27.36
N THR G 762 -50.60 30.78 26.72
CA THR G 762 -50.86 30.82 25.30
C THR G 762 -52.19 31.52 25.02
N VAL G 763 -52.29 32.12 23.84
CA VAL G 763 -53.42 33.00 23.52
C VAL G 763 -54.71 32.21 23.39
N THR G 764 -54.65 30.91 23.11
CA THR G 764 -55.81 30.07 23.10
C THR G 764 -55.61 28.94 24.12
N PRO G 765 -56.56 28.72 25.02
CA PRO G 765 -56.46 27.62 25.98
C PRO G 765 -56.50 26.28 25.27
N PRO G 766 -55.93 25.22 25.88
CA PRO G 766 -55.88 23.93 25.20
C PRO G 766 -57.23 23.27 25.00
N PHE G 767 -57.61 23.15 23.73
CA PHE G 767 -58.79 22.39 23.35
C PHE G 767 -58.38 20.94 23.14
N GLN G 768 -58.83 20.06 24.03
CA GLN G 768 -58.43 18.67 23.99
C GLN G 768 -59.61 17.74 23.87
N VAL G 769 -59.29 16.54 23.41
CA VAL G 769 -60.18 15.40 23.25
C VAL G 769 -59.43 14.26 23.91
N PRO G 770 -60.09 13.34 24.64
CA PRO G 770 -59.35 12.28 25.33
C PRO G 770 -58.64 11.33 24.36
N PHE G 771 -57.39 11.02 24.70
CA PHE G 771 -56.62 10.07 23.93
C PHE G 771 -57.19 8.67 24.07
N THR G 772 -57.24 7.95 22.96
CA THR G 772 -57.79 6.60 22.92
C THR G 772 -56.67 5.61 22.62
N ARG G 773 -56.39 4.75 23.57
CA ARG G 773 -55.35 3.73 23.40
C ARG G 773 -55.99 2.49 22.82
N LEU G 774 -55.93 2.36 21.50
CA LEU G 774 -56.14 1.11 20.75
C LEU G 774 -57.55 0.55 20.89
N VAL G 775 -58.52 1.34 21.30
CA VAL G 775 -59.89 0.88 21.39
C VAL G 775 -60.54 1.09 20.03
N GLN G 776 -61.16 0.04 19.50
CA GLN G 776 -61.79 0.11 18.18
C GLN G 776 -62.98 1.06 18.17
N ASN G 777 -63.83 0.97 19.19
CA ASN G 777 -65.08 1.72 19.23
C ASN G 777 -64.93 3.08 19.88
N ASP G 778 -63.71 3.52 20.19
CA ASP G 778 -63.50 4.82 20.81
C ASP G 778 -62.52 5.67 20.03
N VAL G 779 -62.25 5.31 18.78
CA VAL G 779 -61.44 6.17 17.91
C VAL G 779 -62.24 7.42 17.58
N ILE G 780 -61.70 8.58 17.95
CA ILE G 780 -62.42 9.84 17.79
C ILE G 780 -62.34 10.20 16.32
N THR G 781 -63.36 9.85 15.56
CA THR G 781 -63.32 10.05 14.12
C THR G 781 -63.47 11.51 13.75
N ASN G 782 -64.25 12.26 14.52
CA ASN G 782 -64.50 13.66 14.22
C ASN G 782 -64.66 14.42 15.51
N VAL G 783 -64.18 15.66 15.51
CA VAL G 783 -64.36 16.61 16.60
C VAL G 783 -65.10 17.81 16.04
N LEU G 784 -66.22 18.16 16.65
CA LEU G 784 -67.23 18.92 15.93
C LEU G 784 -67.71 20.11 16.75
N VAL G 785 -68.03 21.21 16.03
CA VAL G 785 -68.50 22.46 16.61
C VAL G 785 -69.53 23.08 15.65
N ALA G 786 -70.70 23.45 16.16
CA ALA G 786 -71.69 24.14 15.34
C ALA G 786 -71.95 25.55 15.84
N ARG G 787 -72.22 26.43 14.88
CA ARG G 787 -72.68 27.80 15.14
C ARG G 787 -74.17 27.86 15.42
N VAL G 788 -74.89 26.78 15.16
CA VAL G 788 -76.35 26.77 15.11
C VAL G 788 -76.84 25.45 15.68
N ASP G 789 -77.86 25.49 16.55
CA ASP G 789 -78.18 24.20 17.13
C ASP G 789 -79.11 23.40 16.22
N PRO G 790 -79.06 22.07 16.29
CA PRO G 790 -79.99 21.26 15.49
C PRO G 790 -81.43 21.36 15.92
N ALA G 791 -81.71 21.81 17.15
CA ALA G 791 -83.07 21.77 17.68
C ALA G 791 -83.95 22.81 17.01
N GLN G 792 -83.43 24.02 16.79
CA GLN G 792 -84.19 25.07 16.13
C GLN G 792 -84.31 24.85 14.62
N ARG G 793 -83.49 23.95 14.06
CA ARG G 793 -83.71 23.48 12.71
C ARG G 793 -84.52 22.19 12.79
N GLY G 794 -84.72 21.55 11.65
CA GLY G 794 -85.33 20.23 11.64
C GLY G 794 -84.27 19.15 11.65
N ASP G 795 -83.37 19.21 12.63
CA ASP G 795 -82.18 18.38 12.62
C ASP G 795 -81.95 17.65 13.94
N ALA G 796 -83.00 17.45 14.73
CA ALA G 796 -82.84 16.87 16.06
C ALA G 796 -82.50 15.39 16.03
N ALA G 797 -82.85 14.67 14.97
CA ALA G 797 -82.66 13.24 14.92
C ALA G 797 -81.48 12.80 14.07
N VAL G 798 -81.07 13.62 13.10
CA VAL G 798 -79.99 13.25 12.19
C VAL G 798 -78.65 13.31 12.91
N ASP G 799 -77.62 12.74 12.32
CA ASP G 799 -76.38 12.49 13.02
C ASP G 799 -75.60 13.79 13.26
N ILE G 800 -74.57 13.67 14.11
CA ILE G 800 -73.80 14.83 14.52
C ILE G 800 -72.88 15.29 13.39
N ARG G 801 -72.46 14.37 12.52
CA ARG G 801 -71.50 14.69 11.46
C ARG G 801 -72.06 15.67 10.43
N ALA G 802 -73.38 15.77 10.31
CA ALA G 802 -73.99 16.70 9.38
C ALA G 802 -74.43 18.00 10.04
N THR G 803 -74.69 18.00 11.34
CA THR G 803 -75.23 19.18 12.01
C THR G 803 -74.17 19.99 12.73
N HIS G 804 -72.89 19.70 12.50
CA HIS G 804 -71.82 20.38 13.20
C HIS G 804 -70.63 20.47 12.26
N ALA G 805 -69.92 21.59 12.29
CA ALA G 805 -68.71 21.72 11.49
C ALA G 805 -67.55 21.02 12.18
N THR G 806 -66.67 20.44 11.38
CA THR G 806 -65.66 19.49 11.85
C THR G 806 -64.27 20.02 11.59
N PHE G 807 -63.40 19.97 12.60
CA PHE G 807 -62.02 20.43 12.49
C PHE G 807 -61.18 19.39 11.76
N ALA G 808 -60.82 19.69 10.51
CA ALA G 808 -60.00 18.79 9.71
C ALA G 808 -58.61 19.40 9.60
N ALA G 809 -57.65 18.84 10.33
CA ALA G 809 -56.29 19.35 10.33
C ALA G 809 -55.34 18.22 10.67
N ALA G 810 -54.17 18.23 10.02
CA ALA G 810 -53.14 17.23 10.29
C ALA G 810 -51.78 17.85 10.08
N LEU G 811 -50.76 17.15 10.57
CA LEU G 811 -49.36 17.59 10.44
C LEU G 811 -48.52 16.41 9.96
N PRO G 812 -47.81 16.54 8.85
CA PRO G 812 -46.95 15.45 8.39
C PRO G 812 -45.66 15.33 9.19
N VAL G 813 -45.73 14.63 10.32
CA VAL G 813 -44.57 14.45 11.19
C VAL G 813 -43.63 13.39 10.60
N ASP G 814 -42.39 13.79 10.35
CA ASP G 814 -41.36 12.85 9.91
C ASP G 814 -40.86 12.03 11.10
N PRO G 815 -40.98 10.70 11.06
CA PRO G 815 -40.64 9.90 12.25
C PRO G 815 -39.16 9.80 12.51
N ALA G 816 -38.32 9.90 11.48
CA ALA G 816 -36.88 9.77 11.68
C ALA G 816 -36.31 10.96 12.44
N ALA G 817 -36.88 12.16 12.22
CA ALA G 817 -36.43 13.32 12.98
C ALA G 817 -36.89 13.28 14.42
N ILE G 818 -37.96 12.55 14.72
CA ILE G 818 -38.43 12.41 16.09
C ILE G 818 -37.46 11.56 16.89
N VAL G 819 -36.98 10.45 16.30
CA VAL G 819 -36.15 9.47 16.99
C VAL G 819 -34.81 10.07 17.40
N VAL G 820 -34.29 10.99 16.59
CA VAL G 820 -33.08 11.73 16.97
C VAL G 820 -33.35 12.58 18.20
N ALA G 821 -34.53 13.19 18.26
CA ALA G 821 -34.89 13.96 19.46
C ALA G 821 -35.29 13.04 20.59
N MET G 822 -35.95 11.93 20.25
CA MET G 822 -36.40 10.95 21.23
C MET G 822 -35.23 10.29 21.93
N LEU G 823 -34.38 9.64 21.16
CA LEU G 823 -33.37 8.76 21.70
C LEU G 823 -32.08 9.50 21.97
N CYS G 824 -32.02 10.80 21.68
CA CYS G 824 -30.77 11.52 21.85
C CYS G 824 -31.10 12.96 22.25
N GLY G 825 -31.18 13.18 23.56
CA GLY G 825 -31.45 14.48 24.12
C GLY G 825 -30.95 14.49 25.56
N GLN G 826 -30.32 15.58 25.98
CA GLN G 826 -29.65 15.60 27.26
C GLN G 826 -29.96 16.90 27.99
N THR G 827 -29.42 17.02 29.20
CA THR G 827 -29.66 18.15 30.08
C THR G 827 -28.40 18.33 30.92
N GLU G 828 -28.10 19.59 31.25
CA GLU G 828 -27.00 19.92 32.16
C GLU G 828 -27.15 19.18 33.48
N THR G 829 -26.01 18.72 34.02
CA THR G 829 -26.01 17.74 35.10
C THR G 829 -26.55 18.32 36.40
N ASN G 830 -26.00 19.44 36.84
CA ASN G 830 -26.44 20.08 38.07
C ASN G 830 -27.58 21.07 37.84
N LEU G 831 -28.63 20.62 37.16
CA LEU G 831 -29.76 21.49 36.84
C LEU G 831 -31.00 20.99 37.58
N ILE G 832 -31.49 21.81 38.48
CA ILE G 832 -32.73 21.51 39.20
C ILE G 832 -33.91 21.88 38.29
N PRO G 833 -34.90 20.99 38.11
CA PRO G 833 -36.03 21.32 37.26
C PRO G 833 -36.91 22.41 37.81
N SER G 834 -37.06 22.51 39.13
CA SER G 834 -37.92 23.53 39.69
C SER G 834 -37.28 24.91 39.63
N HIS G 835 -35.96 24.98 39.83
CA HIS G 835 -35.29 26.28 39.71
C HIS G 835 -35.21 26.71 38.26
N HIS G 836 -35.04 25.76 37.34
CA HIS G 836 -34.97 26.12 35.93
C HIS G 836 -36.32 26.57 35.40
N TYR G 837 -37.41 26.04 35.95
CA TYR G 837 -38.72 26.54 35.61
C TYR G 837 -39.06 27.81 36.35
N GLY G 838 -38.35 28.12 37.44
CA GLY G 838 -38.54 29.40 38.08
C GLY G 838 -37.97 30.54 37.25
N LYS G 839 -36.76 30.36 36.72
CA LYS G 839 -36.15 31.41 35.91
C LYS G 839 -36.82 31.53 34.55
N ALA G 840 -37.30 30.42 34.00
CA ALA G 840 -37.88 30.46 32.66
C ALA G 840 -39.25 31.10 32.67
N PHE G 841 -40.11 30.70 33.59
CA PHE G 841 -41.48 31.20 33.66
C PHE G 841 -41.60 32.56 34.34
N ALA G 842 -40.47 33.13 34.78
CA ALA G 842 -40.51 34.37 35.54
C ALA G 842 -41.11 35.60 34.85
N PRO G 843 -40.84 35.93 33.57
CA PRO G 843 -41.42 37.19 33.07
C PRO G 843 -42.92 37.13 32.82
N LEU G 844 -43.44 35.98 32.39
CA LEU G 844 -44.80 35.95 31.88
C LEU G 844 -45.85 35.95 33.01
N PHE G 845 -45.54 35.41 34.18
CA PHE G 845 -46.49 35.58 35.29
C PHE G 845 -46.33 36.91 36.03
N ALA G 846 -45.23 37.63 35.79
CA ALA G 846 -45.02 38.91 36.46
C ALA G 846 -46.01 39.96 35.97
N SER G 847 -46.31 39.95 34.68
CA SER G 847 -47.21 40.94 34.10
C SER G 847 -48.67 40.57 34.36
N ASN G 848 -49.56 41.48 33.98
CA ASN G 848 -51.00 41.31 34.13
C ASN G 848 -51.64 40.68 32.91
N ALA G 849 -50.84 40.31 31.91
CA ALA G 849 -51.36 39.95 30.59
C ALA G 849 -51.98 38.56 30.55
N MET G 850 -51.83 37.75 31.61
CA MET G 850 -52.46 36.44 31.61
C MET G 850 -53.98 36.56 31.68
N PHE G 851 -54.48 37.57 32.36
CA PHE G 851 -55.91 37.72 32.57
C PHE G 851 -56.61 38.46 31.45
N THR G 852 -55.93 38.78 30.36
CA THR G 852 -56.57 39.48 29.26
C THR G 852 -57.58 38.58 28.53
N ARG G 853 -57.24 37.31 28.34
CA ARG G 853 -58.22 36.37 27.81
C ARG G 853 -59.30 36.06 28.82
N ASN G 854 -59.03 36.32 30.10
CA ASN G 854 -60.01 36.14 31.15
C ASN G 854 -60.97 37.32 31.21
N GLN G 855 -60.57 38.48 30.69
CA GLN G 855 -61.47 39.62 30.57
C GLN G 855 -62.24 39.62 29.27
N ARG G 856 -61.65 39.08 28.20
CA ARG G 856 -62.38 38.95 26.94
C ARG G 856 -63.55 37.99 27.06
N ALA G 857 -63.45 36.99 27.94
CA ALA G 857 -64.51 35.99 28.07
C ALA G 857 -65.80 36.58 28.62
N VAL G 858 -65.70 37.63 29.42
CA VAL G 858 -66.92 38.34 29.84
C VAL G 858 -67.47 39.15 28.68
N ILE G 859 -66.59 39.89 27.99
CA ILE G 859 -67.02 40.77 26.91
C ILE G 859 -67.49 39.96 25.72
N THR G 860 -66.95 38.74 25.55
CA THR G 860 -67.53 37.83 24.57
C THR G 860 -68.91 37.37 25.03
N ARG G 861 -69.07 37.10 26.33
CA ARG G 861 -70.37 36.68 26.84
C ARG G 861 -71.39 37.81 26.78
N GLU G 862 -71.03 38.99 27.29
CA GLU G 862 -71.97 40.11 27.37
C GLU G 862 -72.39 40.60 26.00
N ALA G 863 -71.55 40.37 24.99
CA ALA G 863 -71.96 40.64 23.63
C ALA G 863 -72.86 39.54 23.09
N PHE G 864 -72.53 38.29 23.39
CA PHE G 864 -73.25 37.16 22.79
C PHE G 864 -74.66 37.04 23.33
N VAL G 865 -74.86 37.32 24.63
CA VAL G 865 -76.20 37.21 25.18
C VAL G 865 -77.07 38.36 24.67
N CYS G 866 -76.50 39.57 24.58
CA CYS G 866 -77.25 40.70 24.06
C CYS G 866 -77.50 40.56 22.57
N ALA G 867 -76.54 40.01 21.82
CA ALA G 867 -76.78 39.80 20.40
C ALA G 867 -77.75 38.64 20.16
N ARG G 868 -77.81 37.69 21.08
CA ARG G 868 -78.92 36.74 21.05
C ARG G 868 -80.22 37.44 21.41
N SER G 869 -80.20 38.29 22.42
CA SER G 869 -81.43 38.93 22.88
C SER G 869 -81.90 40.04 21.94
N ALA G 870 -80.98 40.69 21.22
CA ALA G 870 -81.41 41.69 20.26
C ALA G 870 -82.06 41.05 19.05
N VAL G 871 -81.60 39.86 18.66
CA VAL G 871 -82.18 39.20 17.51
C VAL G 871 -83.51 38.56 17.88
N ALA G 872 -83.54 37.84 18.99
CA ALA G 872 -84.73 37.08 19.36
C ALA G 872 -85.88 37.95 19.85
N GLN G 873 -85.64 39.23 20.14
CA GLN G 873 -86.74 40.13 20.42
C GLN G 873 -87.27 40.82 19.18
N CYS G 874 -86.44 40.94 18.14
CA CYS G 874 -86.95 41.42 16.87
C CYS G 874 -87.62 40.30 16.09
N GLN G 875 -87.00 39.12 16.10
CA GLN G 875 -87.62 37.93 15.55
C GLN G 875 -88.81 37.55 16.40
N ASP G 876 -89.97 37.38 15.78
CA ASP G 876 -91.15 37.00 16.53
C ASP G 876 -91.11 35.52 16.85
N ALA G 877 -91.43 35.21 18.11
CA ALA G 877 -91.41 33.85 18.68
C ALA G 877 -90.04 33.20 18.53
N GLY G 878 -89.04 33.89 19.08
CA GLY G 878 -87.68 33.39 19.06
C GLY G 878 -87.39 32.48 20.24
N PHE G 879 -86.34 32.80 20.98
CA PHE G 879 -85.91 31.97 22.10
C PHE G 879 -86.74 32.31 23.34
N LEU G 880 -86.33 31.82 24.51
CA LEU G 880 -87.03 32.13 25.75
C LEU G 880 -86.52 33.41 26.38
N VAL G 881 -86.50 34.49 25.60
CA VAL G 881 -86.12 35.79 26.13
C VAL G 881 -87.39 36.57 26.41
N PRO G 882 -87.41 37.39 27.47
CA PRO G 882 -88.55 38.30 27.65
C PRO G 882 -88.53 39.40 26.61
N ARG G 883 -89.72 39.80 26.20
CA ARG G 883 -89.90 40.69 25.06
C ARG G 883 -90.77 41.88 25.43
N PRO G 884 -90.18 42.90 26.06
CA PRO G 884 -90.96 44.04 26.53
C PRO G 884 -91.28 45.08 25.47
N LEU G 885 -91.08 44.78 24.18
CA LEU G 885 -91.34 45.74 23.13
C LEU G 885 -92.26 45.16 22.06
N ASP G 886 -93.18 44.27 22.45
CA ASP G 886 -93.99 43.55 21.49
C ASP G 886 -94.95 44.44 20.72
N ALA G 887 -95.35 45.57 21.31
CA ALA G 887 -96.26 46.46 20.64
C ALA G 887 -95.58 47.29 19.56
N LEU G 888 -94.26 47.26 19.47
CA LEU G 888 -93.55 47.93 18.40
C LEU G 888 -93.47 47.04 17.18
N ARG G 889 -93.67 47.64 16.01
CA ARG G 889 -93.76 46.87 14.77
C ARG G 889 -92.39 46.40 14.32
N GLN G 890 -92.32 45.13 13.89
CA GLN G 890 -91.10 44.59 13.31
C GLN G 890 -91.53 43.55 12.27
N PHE G 891 -91.55 43.95 11.02
CA PHE G 891 -92.06 43.10 9.97
C PHE G 891 -90.97 42.25 9.32
N ASP G 892 -89.89 42.89 8.89
CA ASP G 892 -88.82 42.20 8.18
C ASP G 892 -87.96 41.46 9.19
N VAL G 893 -88.18 40.15 9.31
CA VAL G 893 -87.49 39.30 10.27
C VAL G 893 -86.67 38.26 9.53
N THR G 894 -86.16 38.63 8.35
CA THR G 894 -85.46 37.69 7.49
C THR G 894 -84.06 37.41 8.01
N SER G 895 -83.29 36.65 7.25
CA SER G 895 -81.93 36.30 7.66
C SER G 895 -80.99 37.48 7.49
N ALA G 896 -81.18 38.27 6.44
CA ALA G 896 -80.39 39.48 6.28
C ALA G 896 -80.83 40.57 7.25
N ALA G 897 -82.03 40.49 7.79
CA ALA G 897 -82.44 41.42 8.82
C ALA G 897 -81.67 41.18 10.12
N ALA G 898 -81.69 39.94 10.60
CA ALA G 898 -80.98 39.61 11.83
C ALA G 898 -79.48 39.63 11.66
N ALA G 899 -78.98 39.50 10.43
CA ALA G 899 -77.55 39.71 10.19
C ALA G 899 -77.16 41.16 10.41
N GLU G 900 -78.01 42.08 9.96
CA GLU G 900 -77.70 43.50 10.14
C GLU G 900 -77.92 43.94 11.59
N ILE G 901 -78.80 43.26 12.33
CA ILE G 901 -78.97 43.56 13.73
C ILE G 901 -77.76 43.12 14.53
N MET G 902 -77.30 41.89 14.31
CA MET G 902 -76.18 41.36 15.09
C MET G 902 -74.88 42.03 14.70
N HIS G 903 -74.73 42.42 13.44
CA HIS G 903 -73.54 43.16 13.03
C HIS G 903 -73.51 44.56 13.63
N ALA G 904 -74.66 45.12 13.94
CA ALA G 904 -74.71 46.41 14.60
C ALA G 904 -74.57 46.30 16.10
N VAL G 905 -75.03 45.20 16.69
CA VAL G 905 -74.78 44.94 18.10
C VAL G 905 -73.29 44.66 18.32
N ASN G 906 -72.68 43.93 17.39
CA ASN G 906 -71.27 43.58 17.53
C ASN G 906 -70.38 44.81 17.37
N ASP G 907 -70.74 45.73 16.49
CA ASP G 907 -69.99 46.96 16.38
C ASP G 907 -70.16 47.86 17.59
N ALA G 908 -71.22 47.69 18.36
CA ALA G 908 -71.42 48.50 19.54
C ALA G 908 -70.49 48.08 20.68
N PHE G 909 -70.33 46.77 20.88
CA PHE G 909 -69.41 46.33 21.92
C PHE G 909 -67.96 46.53 21.54
N LYS G 910 -67.66 46.58 20.23
CA LYS G 910 -66.33 46.98 19.79
C LYS G 910 -66.08 48.46 20.01
N THR G 911 -67.13 49.27 20.14
CA THR G 911 -67.02 50.70 20.29
C THR G 911 -67.15 51.15 21.74
N ALA G 912 -68.08 50.58 22.49
CA ALA G 912 -68.23 50.89 23.90
C ALA G 912 -67.01 50.44 24.69
N PHE G 913 -66.49 49.28 24.36
CA PHE G 913 -65.19 48.87 24.84
C PHE G 913 -64.17 49.26 23.77
N ASP G 914 -62.91 48.97 23.99
CA ASP G 914 -61.90 49.25 22.98
C ASP G 914 -61.18 47.95 22.65
N LEU G 915 -61.76 47.19 21.74
CA LEU G 915 -61.17 45.97 21.24
C LEU G 915 -61.35 45.93 19.74
N ASP G 916 -60.25 45.73 19.02
CA ASP G 916 -60.28 45.58 17.59
C ASP G 916 -60.21 44.11 17.15
N GLY G 917 -60.25 43.18 18.09
CA GLY G 917 -60.22 41.78 17.77
C GLY G 917 -61.50 41.30 17.10
N ALA G 918 -61.46 40.05 16.67
CA ALA G 918 -62.60 39.41 16.01
C ALA G 918 -63.55 38.83 17.06
N LEU G 919 -64.25 39.73 17.73
CA LEU G 919 -65.27 39.36 18.69
C LEU G 919 -66.60 39.22 17.96
N LEU G 920 -67.23 38.05 18.10
CA LEU G 920 -68.62 37.76 17.73
C LEU G 920 -68.87 37.80 16.22
N ASP G 921 -67.87 38.16 15.44
CA ASP G 921 -67.95 38.10 13.98
C ASP G 921 -67.91 36.64 13.54
N GLY G 922 -68.36 36.41 12.31
CA GLY G 922 -68.35 35.05 11.80
C GLY G 922 -69.36 34.13 12.42
N LEU G 923 -70.24 34.63 13.28
CA LEU G 923 -71.35 33.83 13.74
C LEU G 923 -72.47 33.85 12.71
N ALA G 924 -72.59 34.94 11.96
CA ALA G 924 -73.38 34.96 10.75
C ALA G 924 -72.53 34.64 9.52
N LEU G 925 -71.75 33.56 9.62
CA LEU G 925 -70.97 33.12 8.48
C LEU G 925 -71.85 32.35 7.50
N TYR G 926 -72.82 31.61 8.01
CA TYR G 926 -73.81 30.98 7.15
C TYR G 926 -74.93 31.94 6.75
N GLY G 927 -74.94 33.14 7.29
CA GLY G 927 -76.03 34.06 7.04
C GLY G 927 -77.24 33.85 7.91
N ASP G 928 -77.14 33.03 8.97
CA ASP G 928 -78.26 32.77 9.86
C ASP G 928 -77.85 33.02 11.31
N PRO G 929 -77.97 34.26 11.79
CA PRO G 929 -77.89 34.52 13.24
C PRO G 929 -79.25 34.56 13.93
N ARG G 930 -80.32 34.23 13.21
CA ARG G 930 -81.64 34.09 13.82
C ARG G 930 -81.63 32.95 14.82
N ILE G 931 -80.87 31.91 14.52
CA ILE G 931 -80.52 30.87 15.46
C ILE G 931 -79.05 31.09 15.80
N ALA G 932 -78.75 31.19 17.09
CA ALA G 932 -77.40 31.47 17.54
C ALA G 932 -77.18 30.64 18.81
N ASP G 933 -76.61 29.45 18.63
CA ASP G 933 -76.32 28.56 19.75
C ASP G 933 -74.99 27.89 19.48
N LEU G 934 -74.03 28.10 20.37
CA LEU G 934 -72.74 27.45 20.27
C LEU G 934 -72.80 26.06 20.89
N SER G 935 -72.10 25.12 20.28
CA SER G 935 -72.18 23.73 20.69
C SER G 935 -70.89 23.03 20.27
N ALA G 936 -70.59 21.93 20.95
CA ALA G 936 -69.39 21.17 20.65
C ALA G 936 -69.64 19.70 20.95
N ALA G 937 -69.11 18.84 20.09
CA ALA G 937 -69.29 17.40 20.22
C ALA G 937 -68.11 16.70 19.57
N TYR G 938 -67.95 15.42 19.90
CA TYR G 938 -67.05 14.58 19.13
C TYR G 938 -67.65 13.20 18.98
N LEU G 939 -67.65 12.70 17.75
CA LEU G 939 -68.18 11.38 17.44
C LEU G 939 -67.04 10.38 17.45
N GLN G 940 -67.29 9.22 18.01
CA GLN G 940 -66.32 8.13 17.96
C GLN G 940 -66.96 6.92 17.29
N TYR G 941 -66.10 5.96 16.91
CA TYR G 941 -66.47 4.92 15.96
C TYR G 941 -67.49 3.95 16.50
N GLY G 942 -67.63 3.85 17.82
CA GLY G 942 -68.72 3.07 18.40
C GLY G 942 -70.08 3.71 18.32
N GLY G 943 -70.21 4.87 17.68
CA GLY G 943 -71.47 5.55 17.58
C GLY G 943 -71.77 6.47 18.73
N ASN G 944 -70.93 6.48 19.76
CA ASN G 944 -71.16 7.33 20.91
C ASN G 944 -70.81 8.77 20.55
N VAL G 945 -71.74 9.68 20.80
CA VAL G 945 -71.50 11.11 20.66
C VAL G 945 -71.64 11.75 22.02
N VAL G 946 -70.82 12.76 22.28
CA VAL G 946 -70.83 13.39 23.60
C VAL G 946 -71.90 14.47 23.65
N ARG G 947 -71.89 15.39 22.68
CA ARG G 947 -72.85 16.48 22.52
C ARG G 947 -72.86 17.37 23.79
N GLU G 948 -71.73 18.04 23.97
CA GLU G 948 -71.53 18.90 25.12
C GLU G 948 -71.67 20.34 24.65
N HIS G 949 -72.91 20.83 24.61
CA HIS G 949 -73.18 22.17 24.13
C HIS G 949 -73.07 23.18 25.26
N VAL G 950 -72.47 24.33 24.94
CA VAL G 950 -72.14 25.35 25.93
C VAL G 950 -73.24 26.40 25.94
N PRO G 951 -73.90 26.64 27.06
CA PRO G 951 -74.86 27.72 27.14
C PRO G 951 -74.18 29.00 27.57
N PRO G 952 -74.81 30.15 27.37
CA PRO G 952 -74.27 31.39 27.92
C PRO G 952 -74.38 31.43 29.43
N GLY G 953 -73.61 32.33 30.03
CA GLY G 953 -73.62 32.50 31.45
C GLY G 953 -74.60 33.56 31.91
N PRO G 954 -74.77 33.69 33.22
CA PRO G 954 -75.71 34.69 33.74
C PRO G 954 -75.17 36.11 33.64
N SER G 955 -75.37 36.72 32.48
CA SER G 955 -74.82 38.04 32.20
C SER G 955 -75.54 39.13 33.00
N HIS G 956 -75.02 40.35 32.90
CA HIS G 956 -75.54 41.51 33.62
C HIS G 956 -76.08 42.60 32.72
N ILE G 957 -75.45 42.83 31.57
CA ILE G 957 -75.90 43.89 30.67
C ILE G 957 -77.21 43.50 30.00
N HIS G 958 -77.37 42.21 29.68
CA HIS G 958 -78.66 41.70 29.22
C HIS G 958 -79.74 41.83 30.29
N ARG G 959 -79.36 41.68 31.57
CA ARG G 959 -80.30 41.99 32.64
C ARG G 959 -80.50 43.49 32.77
N ALA G 960 -79.50 44.29 32.39
CA ALA G 960 -79.62 45.74 32.46
C ALA G 960 -80.47 46.28 31.33
N LEU G 961 -80.20 45.84 30.09
CA LEU G 961 -80.95 46.30 28.94
C LEU G 961 -82.40 45.86 29.00
N GLN G 962 -82.67 44.73 29.66
CA GLN G 962 -84.05 44.31 29.91
C GLN G 962 -84.80 45.33 30.75
N GLN G 963 -84.12 45.94 31.71
CA GLN G 963 -84.76 46.97 32.52
C GLN G 963 -84.91 48.28 31.75
N VAL G 964 -83.97 48.57 30.86
CA VAL G 964 -84.03 49.80 30.07
C VAL G 964 -85.18 49.72 29.07
N GLU G 965 -85.37 48.57 28.45
CA GLU G 965 -86.50 48.36 27.55
C GLU G 965 -87.82 48.36 28.32
N SER G 966 -87.81 47.88 29.57
CA SER G 966 -89.04 47.81 30.34
C SER G 966 -89.54 49.19 30.74
N THR G 967 -88.63 50.07 31.15
CA THR G 967 -89.01 51.43 31.49
C THR G 967 -89.03 52.34 30.29
N PHE G 968 -88.63 51.85 29.11
CA PHE G 968 -88.86 52.63 27.90
C PHE G 968 -90.35 52.69 27.59
N MET G 969 -91.06 51.56 27.74
CA MET G 969 -92.45 51.47 27.32
C MET G 969 -93.36 52.40 28.11
N ALA G 970 -93.02 52.67 29.37
CA ALA G 970 -93.79 53.62 30.15
C ALA G 970 -93.46 55.07 29.78
N GLU G 971 -92.23 55.33 29.33
CA GLU G 971 -91.76 56.69 29.06
C GLU G 971 -91.09 56.76 27.69
N MET G 972 -91.83 56.29 26.68
CA MET G 972 -91.40 56.39 25.29
C MET G 972 -91.19 57.84 24.86
N ASN G 973 -91.96 58.77 25.43
CA ASN G 973 -92.01 60.15 24.96
C ASN G 973 -90.70 60.90 25.20
N LEU G 974 -89.90 60.47 26.17
CA LEU G 974 -88.61 61.09 26.40
C LEU G 974 -87.61 60.77 25.29
N PHE G 975 -87.85 59.71 24.52
CA PHE G 975 -86.97 59.39 23.40
C PHE G 975 -87.61 59.76 22.08
N ASN G 976 -88.50 60.77 22.10
CA ASN G 976 -89.17 61.36 20.94
C ASN G 976 -90.08 60.36 20.22
N VAL G 977 -90.58 59.36 20.93
CA VAL G 977 -91.46 58.35 20.35
C VAL G 977 -92.80 58.42 21.05
N ALA G 978 -93.88 58.56 20.29
CA ALA G 978 -95.21 58.61 20.86
C ALA G 978 -95.94 57.30 20.62
N ARG G 979 -96.83 56.96 21.54
CA ARG G 979 -97.67 55.79 21.43
C ARG G 979 -99.08 56.19 21.02
N GLY G 980 -99.82 55.21 20.55
CA GLY G 980 -101.20 55.45 20.19
C GLY G 980 -101.39 55.75 18.71
N ASN G 981 -102.64 55.98 18.36
CA ASN G 981 -103.03 56.17 16.97
C ASN G 981 -102.99 57.66 16.65
N LEU G 982 -103.58 58.05 15.52
CA LEU G 982 -103.44 59.41 15.02
C LEU G 982 -104.78 59.88 14.49
N TYR G 983 -105.15 61.11 14.82
CA TYR G 983 -106.46 61.66 14.52
C TYR G 983 -106.32 62.87 13.61
N LEU G 984 -107.11 62.92 12.55
CA LEU G 984 -107.10 64.01 11.59
C LEU G 984 -108.54 64.47 11.42
N VAL G 985 -108.97 65.39 12.28
CA VAL G 985 -110.29 65.98 12.16
C VAL G 985 -110.10 67.49 12.05
N GLN G 986 -111.06 68.16 11.42
CA GLN G 986 -110.99 69.61 11.30
C GLN G 986 -111.40 70.22 12.62
N THR G 987 -110.45 70.80 13.35
CA THR G 987 -110.71 71.45 14.61
C THR G 987 -110.26 72.90 14.50
N ALA G 988 -111.20 73.83 14.65
CA ALA G 988 -110.93 75.26 14.54
C ALA G 988 -110.98 75.85 15.94
N THR G 989 -109.83 75.88 16.60
CA THR G 989 -109.75 76.42 17.95
C THR G 989 -109.49 77.91 17.92
N ASN G 990 -110.21 78.63 18.77
CA ASN G 990 -109.86 79.99 19.10
C ASN G 990 -108.92 80.02 20.29
N GLY G 991 -109.02 79.03 21.17
CA GLY G 991 -108.26 79.00 22.41
C GLY G 991 -107.12 77.99 22.43
N ASN G 992 -107.10 77.15 23.46
CA ASN G 992 -105.98 76.26 23.70
C ASN G 992 -106.04 75.06 22.77
N TRP G 993 -104.87 74.51 22.45
CA TRP G 993 -104.76 73.34 21.59
C TRP G 993 -103.57 72.52 22.08
N SER G 994 -103.82 71.25 22.39
CA SER G 994 -102.77 70.35 22.84
C SER G 994 -102.98 68.99 22.19
N PRO G 995 -102.21 68.67 21.15
CA PRO G 995 -102.33 67.35 20.54
C PRO G 995 -101.80 66.25 21.43
N MET G 996 -100.63 66.49 22.01
CA MET G 996 -99.92 65.50 22.81
C MET G 996 -100.70 65.11 24.06
N ALA G 997 -101.47 66.04 24.61
CA ALA G 997 -102.34 65.78 25.77
C ALA G 997 -103.77 66.03 25.33
N PRO G 998 -104.48 65.03 24.83
CA PRO G 998 -105.89 65.21 24.47
C PRO G 998 -106.73 65.38 25.73
N VAL G 999 -107.52 66.45 25.76
CA VAL G 999 -108.24 66.80 26.97
C VAL G 999 -109.44 65.89 27.19
N ALA G 1000 -110.01 65.35 26.12
CA ALA G 1000 -111.27 64.63 26.19
C ALA G 1000 -111.07 63.19 25.71
N ALA G 1001 -112.18 62.47 25.63
CA ALA G 1001 -112.20 61.14 25.06
C ALA G 1001 -111.87 61.20 23.57
N PRO G 1002 -111.29 60.13 23.01
CA PRO G 1002 -111.11 60.07 21.57
C PRO G 1002 -112.45 60.03 20.86
N PRO G 1003 -112.57 60.66 19.68
CA PRO G 1003 -113.88 60.80 19.06
C PRO G 1003 -114.43 59.50 18.51
N PHE G 1004 -113.58 58.62 17.99
CA PHE G 1004 -114.01 57.35 17.45
C PHE G 1004 -112.84 56.38 17.50
N VAL G 1005 -113.16 55.09 17.55
CA VAL G 1005 -112.17 54.03 17.64
C VAL G 1005 -112.44 53.02 16.54
N ARG G 1006 -111.51 52.09 16.38
CA ARG G 1006 -111.75 50.92 15.55
C ARG G 1006 -112.85 50.07 16.18
N GLY G 1007 -113.83 49.69 15.38
CA GLY G 1007 -114.98 48.96 15.88
C GLY G 1007 -116.06 49.82 16.47
N GLY G 1008 -115.92 51.13 16.40
CA GLY G 1008 -116.93 52.05 16.88
C GLY G 1008 -118.16 52.05 16.00
N PRO G 1009 -119.25 52.62 16.50
CA PRO G 1009 -120.46 52.76 15.67
C PRO G 1009 -120.22 53.72 14.51
N ASN G 1010 -120.65 53.29 13.33
CA ASN G 1010 -120.52 54.04 12.07
C ASN G 1010 -119.07 54.38 11.75
N VAL G 1011 -118.17 53.45 12.06
CA VAL G 1011 -116.76 53.60 11.78
C VAL G 1011 -116.36 52.49 10.80
N ARG G 1012 -115.74 52.88 9.69
CA ARG G 1012 -115.41 51.97 8.60
C ARG G 1012 -113.90 51.89 8.47
N VAL G 1013 -113.37 50.69 8.27
CA VAL G 1013 -111.94 50.47 8.18
C VAL G 1013 -111.59 50.13 6.74
N VAL G 1014 -110.65 50.88 6.15
CA VAL G 1014 -110.22 50.64 4.77
C VAL G 1014 -109.52 49.29 4.65
N GLY G 1015 -109.82 48.57 3.58
CA GLY G 1015 -109.16 47.33 3.24
C GLY G 1015 -107.70 47.52 2.86
N ARG G 1016 -107.15 46.45 2.29
CA ARG G 1016 -105.70 46.34 2.15
C ARG G 1016 -105.13 47.24 1.06
N PHE G 1017 -105.93 47.54 0.04
CA PHE G 1017 -105.40 48.28 -1.10
C PHE G 1017 -105.56 49.78 -0.96
N GLY G 1018 -106.56 50.24 -0.22
CA GLY G 1018 -106.87 51.65 -0.24
C GLY G 1018 -107.54 52.02 -1.55
N THR G 1019 -108.70 51.43 -1.81
CA THR G 1019 -109.33 51.48 -3.12
C THR G 1019 -110.49 52.47 -3.12
N ILE G 1020 -110.43 53.45 -4.01
CA ILE G 1020 -111.53 54.37 -4.26
C ILE G 1020 -112.02 54.17 -5.69
N VAL G 1021 -113.29 53.85 -5.83
CA VAL G 1021 -113.92 53.65 -7.13
C VAL G 1021 -114.68 54.92 -7.50
N PRO G 1022 -114.51 55.44 -8.71
CA PRO G 1022 -115.28 56.62 -9.10
C PRO G 1022 -116.70 56.24 -9.48
N ARG G 1023 -117.64 57.10 -9.11
CA ARG G 1023 -119.03 56.85 -9.42
C ARG G 1023 -119.55 57.94 -10.36
N PRO G 1024 -120.34 57.59 -11.35
CA PRO G 1024 -120.65 58.56 -12.42
C PRO G 1024 -121.81 59.47 -12.04
N ASN G 1025 -121.89 60.58 -12.79
CA ASN G 1025 -123.03 61.50 -12.81
C ASN G 1025 -123.30 62.12 -11.43
N GLY G 1026 -122.27 62.78 -10.91
CA GLY G 1026 -122.44 63.55 -9.69
C GLY G 1026 -122.44 62.77 -8.40
N LEU G 1027 -122.39 61.43 -8.47
CA LEU G 1027 -122.28 60.65 -7.25
C LEU G 1027 -120.87 60.77 -6.67
N GLU G 1028 -120.79 60.65 -5.37
CA GLU G 1028 -119.51 60.75 -4.71
C GLU G 1028 -118.71 59.47 -4.92
N PRO G 1029 -117.38 59.56 -4.97
CA PRO G 1029 -116.56 58.35 -5.07
C PRO G 1029 -116.63 57.56 -3.78
N GLN G 1030 -116.85 56.25 -3.92
CA GLN G 1030 -116.91 55.37 -2.77
C GLN G 1030 -115.51 54.99 -2.33
N LEU G 1031 -115.43 54.21 -1.26
CA LEU G 1031 -114.16 53.73 -0.74
C LEU G 1031 -114.33 52.30 -0.25
N ILE G 1032 -113.46 51.40 -0.71
CA ILE G 1032 -113.56 49.98 -0.37
C ILE G 1032 -113.09 49.78 1.06
N ASP G 1033 -113.94 49.20 1.89
CA ASP G 1033 -113.61 49.03 3.29
C ASP G 1033 -112.89 47.69 3.50
N ASP G 1034 -112.78 47.28 4.77
CA ASP G 1034 -112.18 46.00 5.10
C ASP G 1034 -113.03 44.83 4.64
N GLY G 1035 -114.34 45.01 4.50
CA GLY G 1035 -115.22 43.95 4.06
C GLY G 1035 -115.39 43.89 2.55
N ASN G 1036 -114.49 44.57 1.83
CA ASN G 1036 -114.45 44.65 0.38
C ASN G 1036 -115.76 45.22 -0.17
N VAL G 1037 -116.32 46.20 0.54
CA VAL G 1037 -117.58 46.84 0.19
C VAL G 1037 -117.30 48.31 -0.03
N PRO G 1038 -117.72 48.90 -1.14
CA PRO G 1038 -117.49 50.33 -1.35
C PRO G 1038 -118.38 51.18 -0.45
N ARG G 1039 -117.75 51.97 0.42
CA ARG G 1039 -118.45 52.81 1.38
C ARG G 1039 -118.17 54.27 1.08
N ASP G 1040 -119.15 55.12 1.40
CA ASP G 1040 -119.01 56.54 1.13
C ASP G 1040 -118.03 57.19 2.09
N ILE G 1041 -117.45 58.31 1.64
CA ILE G 1041 -116.30 58.90 2.31
C ILE G 1041 -116.71 59.59 3.60
N ALA G 1042 -117.79 60.36 3.56
CA ALA G 1042 -118.20 61.19 4.68
C ALA G 1042 -118.65 60.33 5.85
N GLY G 1043 -117.82 60.25 6.88
CA GLY G 1043 -118.08 59.43 8.04
C GLY G 1043 -116.86 59.34 8.92
N ASP G 1044 -116.57 58.16 9.46
CA ASP G 1044 -115.39 57.94 10.26
C ASP G 1044 -114.59 56.79 9.66
N TRP G 1045 -113.33 57.05 9.37
CA TRP G 1045 -112.47 56.07 8.72
C TRP G 1045 -111.24 55.77 9.56
N VAL G 1046 -110.78 54.52 9.47
CA VAL G 1046 -109.58 54.07 10.16
C VAL G 1046 -108.59 53.59 9.11
N TYR G 1047 -107.42 54.22 9.09
CA TYR G 1047 -106.48 53.52 8.23
C TYR G 1047 -105.53 52.68 9.05
N PRO G 1048 -105.20 51.47 8.61
CA PRO G 1048 -103.88 50.93 8.95
C PRO G 1048 -102.82 51.80 8.31
N SER G 1049 -101.69 51.94 9.00
CA SER G 1049 -100.63 52.81 8.50
C SER G 1049 -100.01 52.26 7.22
N ASP G 1050 -100.02 50.94 7.05
CA ASP G 1050 -99.43 50.34 5.87
C ASP G 1050 -100.29 50.57 4.63
N VAL G 1051 -101.59 50.75 4.83
CA VAL G 1051 -102.48 51.09 3.72
C VAL G 1051 -102.17 52.50 3.23
N LEU G 1052 -101.90 53.42 4.15
CA LEU G 1052 -101.60 54.80 3.78
C LEU G 1052 -100.26 54.92 3.10
N GLN G 1053 -99.35 53.95 3.28
CA GLN G 1053 -98.05 53.99 2.64
C GLN G 1053 -98.12 53.70 1.15
N VAL G 1054 -99.21 53.09 0.68
CA VAL G 1054 -99.38 52.81 -0.75
C VAL G 1054 -100.58 53.53 -1.34
N SER G 1055 -101.52 53.99 -0.53
CA SER G 1055 -102.67 54.76 -0.99
C SER G 1055 -102.45 56.24 -0.73
N VAL G 1056 -101.21 56.71 -0.94
CA VAL G 1056 -100.79 58.05 -0.56
C VAL G 1056 -101.57 59.10 -1.35
N ALA G 1057 -101.43 59.07 -2.68
CA ALA G 1057 -102.11 60.05 -3.52
C ALA G 1057 -103.60 59.84 -3.56
N VAL G 1058 -104.07 58.62 -3.32
CA VAL G 1058 -105.51 58.36 -3.29
C VAL G 1058 -106.13 58.94 -2.03
N PHE G 1059 -105.39 58.88 -0.91
CA PHE G 1059 -105.76 59.65 0.27
C PHE G 1059 -105.74 61.13 -0.01
N ARG G 1060 -104.64 61.61 -0.62
CA ARG G 1060 -104.38 63.04 -0.71
C ARG G 1060 -105.31 63.75 -1.70
N ASP G 1061 -105.80 63.02 -2.71
CA ASP G 1061 -106.64 63.63 -3.72
C ASP G 1061 -108.14 63.50 -3.46
N TYR G 1062 -108.57 62.52 -2.66
CA TYR G 1062 -109.98 62.26 -2.52
C TYR G 1062 -110.51 62.48 -1.11
N VAL G 1063 -109.93 61.83 -0.10
CA VAL G 1063 -110.56 61.83 1.22
C VAL G 1063 -109.92 62.88 2.12
N TRP G 1064 -108.68 63.25 1.85
CA TRP G 1064 -108.04 64.34 2.57
C TRP G 1064 -108.62 65.72 2.28
N PRO G 1065 -109.09 66.04 1.06
CA PRO G 1065 -109.94 67.23 0.95
C PRO G 1065 -111.24 67.13 1.73
N MET G 1066 -111.81 65.93 1.85
CA MET G 1066 -113.01 65.79 2.68
C MET G 1066 -112.70 65.90 4.17
N VAL G 1067 -111.45 65.73 4.58
CA VAL G 1067 -111.07 66.03 5.96
C VAL G 1067 -111.09 67.53 6.19
N LYS G 1068 -110.58 68.30 5.23
CA LYS G 1068 -110.56 69.75 5.36
C LYS G 1068 -111.95 70.33 5.29
N ALA G 1069 -112.88 69.65 4.63
CA ALA G 1069 -114.28 70.04 4.70
C ALA G 1069 -114.89 69.70 6.04
N GLY G 1070 -114.25 68.84 6.82
CA GLY G 1070 -114.79 68.43 8.10
C GLY G 1070 -115.94 67.48 8.02
N ARG G 1071 -116.25 66.95 6.84
CA ARG G 1071 -117.33 65.98 6.72
C ARG G 1071 -116.87 64.55 6.90
N THR G 1072 -115.57 64.29 6.95
CA THR G 1072 -115.07 62.98 7.34
C THR G 1072 -113.99 63.16 8.39
N ARG G 1073 -113.75 62.07 9.12
CA ARG G 1073 -112.76 62.06 10.19
C ARG G 1073 -111.98 60.77 10.02
N VAL G 1074 -110.72 60.87 9.65
CA VAL G 1074 -109.93 59.69 9.41
C VAL G 1074 -109.10 59.38 10.64
N LEU G 1075 -108.68 58.12 10.74
CA LEU G 1075 -107.82 57.64 11.81
C LEU G 1075 -106.63 56.96 11.18
N VAL G 1076 -105.44 57.22 11.70
CA VAL G 1076 -104.26 56.55 11.16
C VAL G 1076 -103.75 55.59 12.22
N GLU G 1077 -104.21 54.35 12.16
CA GLU G 1077 -103.86 53.38 13.19
C GLU G 1077 -102.48 52.80 12.93
N LEU G 1078 -101.63 52.86 13.95
CA LEU G 1078 -100.29 52.34 13.88
C LEU G 1078 -99.87 51.98 15.29
N GLY G 1079 -98.76 51.25 15.40
CA GLY G 1079 -98.27 50.87 16.71
C GLY G 1079 -97.71 52.06 17.45
N HIS G 1080 -96.56 52.56 16.99
CA HIS G 1080 -95.91 53.71 17.59
C HIS G 1080 -95.28 54.54 16.49
N TYR G 1081 -94.99 55.79 16.82
CA TYR G 1081 -94.47 56.68 15.81
C TYR G 1081 -93.50 57.67 16.46
N VAL G 1082 -92.67 58.25 15.62
CA VAL G 1082 -91.81 59.35 16.02
C VAL G 1082 -92.58 60.64 15.77
N TYR G 1083 -92.54 61.56 16.72
CA TYR G 1083 -93.24 62.82 16.56
C TYR G 1083 -92.23 63.96 16.46
N THR G 1084 -92.49 64.87 15.52
CA THR G 1084 -91.77 66.11 15.38
C THR G 1084 -92.74 67.25 15.57
N LEU G 1085 -92.44 68.16 16.48
CA LEU G 1085 -93.39 69.19 16.85
C LEU G 1085 -93.17 70.46 16.06
N HIS G 1086 -94.14 71.36 16.16
CA HIS G 1086 -94.05 72.69 15.58
C HIS G 1086 -94.66 73.66 16.58
N TYR G 1087 -93.91 74.69 16.93
CA TYR G 1087 -94.39 75.72 17.84
C TYR G 1087 -94.56 77.03 17.08
N TYR G 1088 -95.73 77.65 17.25
CA TYR G 1088 -96.08 78.85 16.53
C TYR G 1088 -96.56 79.92 17.50
N ASP G 1089 -96.53 81.16 17.04
CA ASP G 1089 -97.07 82.28 17.80
C ASP G 1089 -98.58 82.31 17.62
N PRO G 1090 -99.37 82.21 18.70
CA PRO G 1090 -100.83 82.29 18.54
C PRO G 1090 -101.37 83.68 18.23
N GLN G 1091 -100.51 84.70 18.12
CA GLN G 1091 -100.95 85.97 17.57
C GLN G 1091 -101.31 85.83 16.11
N ILE G 1092 -100.36 85.42 15.30
CA ILE G 1092 -100.55 85.28 13.85
C ILE G 1092 -101.31 84.00 13.58
N SER G 1093 -102.30 84.07 12.69
CA SER G 1093 -103.08 82.89 12.34
C SER G 1093 -102.24 81.90 11.54
N LEU G 1094 -102.50 80.62 11.75
CA LEU G 1094 -101.79 79.54 11.10
C LEU G 1094 -102.77 78.43 10.77
N ASP G 1095 -102.59 77.80 9.62
CA ASP G 1095 -103.32 76.61 9.23
C ASP G 1095 -102.35 75.44 9.16
N GLU G 1096 -102.68 74.35 9.86
CA GLU G 1096 -101.75 73.25 10.01
C GLU G 1096 -101.63 72.39 8.75
N ALA G 1097 -102.61 72.46 7.85
CA ALA G 1097 -102.64 71.57 6.69
C ALA G 1097 -101.46 71.72 5.71
N PRO G 1098 -100.97 72.92 5.35
CA PRO G 1098 -99.74 72.94 4.51
C PRO G 1098 -98.50 72.42 5.22
N ILE G 1099 -98.50 72.41 6.55
CA ILE G 1099 -97.44 71.75 7.30
C ILE G 1099 -97.70 70.24 7.36
N LEU G 1100 -98.95 69.83 7.24
CA LEU G 1100 -99.34 68.43 7.28
C LEU G 1100 -99.47 67.80 5.91
N GLU G 1101 -99.77 68.59 4.88
CA GLU G 1101 -99.69 68.08 3.51
C GLU G 1101 -98.25 67.77 3.11
N GLU G 1102 -97.28 68.46 3.71
CA GLU G 1102 -95.88 68.10 3.49
C GLU G 1102 -95.58 66.74 4.07
N TRP G 1103 -96.22 66.37 5.19
CA TRP G 1103 -96.09 65.02 5.71
C TRP G 1103 -96.74 64.01 4.79
N LEU G 1104 -97.88 64.36 4.21
CA LEU G 1104 -98.56 63.44 3.29
C LEU G 1104 -97.81 63.31 1.98
N SER G 1105 -97.11 64.35 1.54
CA SER G 1105 -96.39 64.28 0.28
C SER G 1105 -95.09 63.51 0.38
N LYS G 1106 -94.64 63.18 1.59
CA LYS G 1106 -93.38 62.48 1.77
C LYS G 1106 -93.55 61.05 2.26
N ILE G 1107 -94.77 60.52 2.25
CA ILE G 1107 -95.02 59.13 2.64
C ILE G 1107 -94.81 58.25 1.42
N ASN G 1108 -93.92 57.27 1.55
CA ASN G 1108 -93.60 56.29 0.53
C ASN G 1108 -94.10 54.92 0.99
N PRO G 1109 -94.04 53.91 0.11
CA PRO G 1109 -94.14 52.52 0.61
C PRO G 1109 -92.97 52.11 1.47
N ALA G 1110 -91.83 52.81 1.41
CA ALA G 1110 -90.71 52.50 2.29
C ALA G 1110 -91.01 52.88 3.73
N GLY G 1111 -91.26 54.17 3.97
CA GLY G 1111 -91.51 54.60 5.33
C GLY G 1111 -92.21 55.93 5.38
N ILE G 1112 -92.51 56.36 6.62
CA ILE G 1112 -93.26 57.59 6.85
C ILE G 1112 -92.39 58.59 7.60
N PRO G 1113 -92.59 59.89 7.39
CA PRO G 1113 -91.85 60.89 8.16
C PRO G 1113 -92.38 60.96 9.58
N PRO G 1114 -91.63 61.59 10.50
CA PRO G 1114 -92.19 61.85 11.82
C PRO G 1114 -93.36 62.82 11.75
N VAL G 1115 -94.36 62.58 12.58
CA VAL G 1115 -95.67 63.20 12.39
C VAL G 1115 -95.62 64.63 12.92
N PRO G 1116 -96.07 65.62 12.15
CA PRO G 1116 -96.08 67.00 12.64
C PRO G 1116 -97.25 67.29 13.55
N PHE G 1117 -97.00 68.10 14.57
CA PHE G 1117 -98.01 68.53 15.51
C PHE G 1117 -97.77 70.01 15.79
N CYS G 1118 -98.67 70.87 15.33
CA CYS G 1118 -98.54 72.29 15.62
C CYS G 1118 -99.13 72.57 16.99
N ILE G 1119 -98.28 73.01 17.91
CA ILE G 1119 -98.66 73.31 19.29
C ILE G 1119 -98.44 74.80 19.50
N PRO G 1120 -99.40 75.55 20.01
CA PRO G 1120 -99.17 76.97 20.26
C PRO G 1120 -98.23 77.18 21.44
N ILE G 1121 -97.36 78.16 21.30
CA ILE G 1121 -96.46 78.53 22.40
C ILE G 1121 -97.29 79.12 23.53
N PRO G 1122 -97.16 78.64 24.76
CA PRO G 1122 -97.94 79.21 25.87
C PRO G 1122 -97.50 80.62 26.18
N GLN G 1123 -98.48 81.51 26.31
CA GLN G 1123 -98.24 82.93 26.46
C GLN G 1123 -98.36 83.33 27.92
N VAL G 1124 -97.42 84.17 28.38
CA VAL G 1124 -97.46 84.63 29.76
C VAL G 1124 -98.46 85.76 29.96
N TYR G 1125 -98.98 86.33 28.88
CA TYR G 1125 -99.95 87.40 28.74
C TYR G 1125 -101.33 86.83 28.44
N PRO G 1126 -102.40 87.48 28.85
CA PRO G 1126 -103.75 87.10 28.39
C PRO G 1126 -104.09 87.74 27.05
N CYS G 1127 -103.24 87.51 26.06
CA CYS G 1127 -103.34 88.21 24.78
C CYS G 1127 -104.35 87.53 23.87
N ILE G 1128 -104.74 88.26 22.82
CA ILE G 1128 -105.73 87.75 21.88
C ILE G 1128 -105.13 86.68 20.98
N THR G 1129 -106.00 85.83 20.46
CA THR G 1129 -105.58 84.64 19.73
C THR G 1129 -106.44 84.49 18.49
N ALA G 1130 -105.80 84.20 17.36
CA ALA G 1130 -106.53 84.00 16.11
C ALA G 1130 -107.24 82.66 16.09
N ARG G 1131 -108.36 82.60 15.36
CA ARG G 1131 -108.97 81.32 15.04
C ARG G 1131 -108.07 80.59 14.07
N ARG G 1132 -107.69 79.38 14.42
CA ARG G 1132 -106.74 78.60 13.63
C ARG G 1132 -107.27 77.19 13.49
N VAL G 1133 -107.04 76.59 12.34
CA VAL G 1133 -107.63 75.31 11.99
C VAL G 1133 -106.54 74.25 12.11
N HIS G 1134 -106.65 73.40 13.13
CA HIS G 1134 -105.70 72.34 13.38
C HIS G 1134 -106.32 70.99 13.05
N TYR G 1135 -105.46 70.06 12.61
CA TYR G 1135 -105.91 68.74 12.21
C TYR G 1135 -105.29 67.61 13.04
N ALA G 1136 -103.97 67.56 13.14
CA ALA G 1136 -103.30 66.39 13.68
C ALA G 1136 -103.27 66.41 15.19
N PHE G 1137 -103.81 65.37 15.81
CA PHE G 1137 -103.66 65.15 17.23
C PHE G 1137 -103.74 63.65 17.47
N THR G 1138 -103.39 63.23 18.67
CA THR G 1138 -103.27 61.81 18.96
C THR G 1138 -104.36 61.35 19.91
N SER G 1139 -104.29 60.07 20.27
CA SER G 1139 -105.29 59.40 21.08
C SER G 1139 -104.88 59.25 22.54
N GLU G 1140 -103.69 58.72 22.78
CA GLU G 1140 -103.15 58.55 24.12
C GLU G 1140 -102.39 59.81 24.51
N ASN G 1141 -102.35 60.10 25.81
CA ASN G 1141 -101.60 61.23 26.33
C ASN G 1141 -100.10 60.99 26.11
N ASN G 1142 -99.52 61.72 25.16
CA ASN G 1142 -98.11 61.59 24.82
C ASN G 1142 -97.30 62.78 25.27
N ASN G 1143 -97.81 63.54 26.22
CA ASN G 1143 -97.17 64.80 26.62
C ASN G 1143 -96.32 64.58 27.88
N ASP G 1144 -95.40 63.63 27.79
CA ASP G 1144 -94.55 63.31 28.93
C ASP G 1144 -93.18 63.96 28.86
N SER G 1145 -92.71 64.31 27.66
CA SER G 1145 -91.43 64.98 27.55
C SER G 1145 -91.48 66.43 28.00
N LEU G 1146 -92.67 67.01 28.11
CA LEU G 1146 -92.81 68.39 28.55
C LEU G 1146 -92.47 68.51 30.03
N PHE G 1147 -91.66 69.51 30.37
CA PHE G 1147 -91.21 69.69 31.74
C PHE G 1147 -91.90 70.86 32.43
N SER G 1148 -91.86 72.04 31.83
CA SER G 1148 -92.52 73.20 32.40
C SER G 1148 -92.98 74.11 31.26
N THR G 1149 -94.03 74.88 31.51
CA THR G 1149 -94.72 75.57 30.43
C THR G 1149 -94.29 77.03 30.27
N ASN G 1150 -94.07 77.78 31.34
CA ASN G 1150 -93.50 79.13 31.28
C ASN G 1150 -92.67 79.21 32.54
N ALA G 1151 -91.41 78.83 32.43
CA ALA G 1151 -90.58 78.68 33.62
C ALA G 1151 -90.25 80.01 34.24
N ALA G 1152 -89.61 80.90 33.48
CA ALA G 1152 -89.17 82.19 34.01
C ALA G 1152 -90.32 83.15 34.28
N SER G 1153 -91.53 82.82 33.88
CA SER G 1153 -92.69 83.66 34.14
C SER G 1153 -93.12 83.56 35.60
N ILE G 1154 -94.15 84.33 35.94
CA ILE G 1154 -94.75 84.19 37.26
C ILE G 1154 -95.92 83.21 37.25
N ASP G 1155 -96.65 83.14 36.13
CA ASP G 1155 -97.75 82.21 35.94
C ASP G 1155 -98.10 82.19 34.46
N THR G 1156 -98.39 81.01 33.94
CA THR G 1156 -98.83 80.91 32.55
C THR G 1156 -100.26 81.41 32.40
N ALA G 1157 -100.55 82.01 31.24
CA ALA G 1157 -101.84 82.66 31.05
C ALA G 1157 -102.68 81.99 29.97
N PHE G 1158 -102.16 81.85 28.75
CA PHE G 1158 -102.99 81.35 27.67
C PHE G 1158 -102.89 79.84 27.49
N GLY G 1159 -101.67 79.31 27.39
CA GLY G 1159 -101.46 77.93 27.04
C GLY G 1159 -101.74 76.95 28.15
N GLU G 1160 -101.02 75.84 28.14
CA GLU G 1160 -101.24 74.82 29.15
C GLU G 1160 -100.66 75.26 30.49
N ASN G 1161 -101.28 74.78 31.57
CA ASN G 1161 -100.80 75.02 32.92
C ASN G 1161 -100.00 73.79 33.37
N ALA G 1162 -98.81 73.67 32.81
CA ALA G 1162 -97.93 72.53 33.05
C ALA G 1162 -96.74 73.02 33.85
N ALA G 1163 -96.89 73.07 35.16
CA ALA G 1163 -95.79 73.42 36.05
C ALA G 1163 -94.87 72.22 36.20
N VAL G 1164 -93.81 72.40 36.98
CA VAL G 1164 -92.86 71.31 37.20
C VAL G 1164 -93.49 70.26 38.10
N SER G 1165 -93.59 69.04 37.59
CA SER G 1165 -94.28 67.99 38.32
C SER G 1165 -93.41 67.46 39.45
N PRO G 1166 -93.92 67.39 40.67
CA PRO G 1166 -93.14 66.79 41.75
C PRO G 1166 -93.02 65.27 41.66
N LEU G 1167 -93.86 64.63 40.84
CA LEU G 1167 -93.75 63.19 40.63
C LEU G 1167 -92.48 62.84 39.87
N ARG G 1168 -91.98 63.78 39.05
CA ARG G 1168 -90.69 63.60 38.41
C ARG G 1168 -89.55 63.76 39.42
N TRP G 1169 -89.78 64.51 40.49
CA TRP G 1169 -88.74 64.83 41.48
C TRP G 1169 -89.11 64.44 42.92
N PRO G 1170 -89.31 63.15 43.23
CA PRO G 1170 -89.55 62.81 44.64
C PRO G 1170 -88.33 62.90 45.51
N GLY G 1171 -87.13 62.91 44.95
CA GLY G 1171 -85.95 62.99 45.79
C GLY G 1171 -85.74 64.36 46.42
N LEU G 1172 -86.32 65.39 45.83
CA LEU G 1172 -86.03 66.77 46.22
C LEU G 1172 -87.14 67.42 47.03
N VAL G 1173 -88.41 67.10 46.75
CA VAL G 1173 -89.52 67.85 47.34
C VAL G 1173 -90.43 66.98 48.19
N ASP G 1174 -90.25 65.67 48.24
CA ASP G 1174 -91.16 64.80 48.98
C ASP G 1174 -90.70 64.69 50.42
N PRO G 1175 -91.54 65.02 51.41
CA PRO G 1175 -91.16 64.78 52.80
C PRO G 1175 -91.12 63.30 53.16
N ASN G 1176 -91.92 62.48 52.51
CA ASN G 1176 -91.97 61.06 52.80
C ASN G 1176 -91.00 60.25 51.95
N TYR G 1177 -90.05 60.89 51.29
CA TYR G 1177 -89.08 60.18 50.46
C TYR G 1177 -88.06 59.47 51.34
N ARG G 1178 -88.13 58.15 51.36
CA ARG G 1178 -87.05 57.38 51.95
C ARG G 1178 -85.90 57.26 50.96
N VAL G 1179 -84.69 57.15 51.49
CA VAL G 1179 -83.52 57.06 50.64
C VAL G 1179 -83.46 55.68 49.98
N GLY G 1180 -82.91 55.62 48.77
CA GLY G 1180 -82.75 54.36 48.09
C GLY G 1180 -84.01 53.79 47.48
N THR G 1181 -85.06 54.59 47.35
CA THR G 1181 -86.30 54.17 46.72
C THR G 1181 -86.47 54.87 45.39
N ASN G 1182 -87.20 54.22 44.49
CA ASN G 1182 -87.53 54.80 43.20
C ASN G 1182 -88.82 54.17 42.68
N ASP G 1183 -89.24 54.65 41.51
CA ASP G 1183 -90.38 54.08 40.80
C ASP G 1183 -89.93 53.70 39.40
N LEU G 1184 -88.82 52.97 39.35
CA LEU G 1184 -88.07 52.76 38.11
C LEU G 1184 -88.80 51.99 36.99
N PRO G 1185 -89.63 50.96 37.23
CA PRO G 1185 -90.38 50.39 36.09
C PRO G 1185 -91.42 51.31 35.49
N ASN G 1186 -91.79 52.40 36.16
CA ASN G 1186 -92.83 53.30 35.66
C ASN G 1186 -92.29 54.67 35.32
N ARG G 1187 -91.64 55.34 36.26
CA ARG G 1187 -91.17 56.70 36.07
C ARG G 1187 -89.67 56.75 36.23
N ILE G 1188 -89.09 57.87 35.82
CA ILE G 1188 -87.65 58.07 35.92
C ILE G 1188 -87.45 59.33 36.76
N THR G 1189 -87.20 59.13 38.04
CA THR G 1189 -86.94 60.23 38.97
C THR G 1189 -85.60 60.88 38.66
N LEU G 1190 -85.60 62.19 38.44
CA LEU G 1190 -84.39 62.88 38.00
C LEU G 1190 -83.46 63.27 39.15
N TYR G 1191 -83.86 63.07 40.40
CA TYR G 1191 -83.03 63.47 41.54
C TYR G 1191 -83.04 62.32 42.54
N ASN G 1192 -81.92 61.62 42.67
CA ASN G 1192 -81.86 60.40 43.45
C ASN G 1192 -80.61 60.41 44.32
N SER G 1193 -80.46 59.35 45.09
CA SER G 1193 -79.27 59.09 45.88
C SER G 1193 -78.49 57.96 45.23
N LEU G 1194 -77.17 57.99 45.39
CA LEU G 1194 -76.31 57.04 44.72
C LEU G 1194 -75.12 56.71 45.60
N TYR G 1195 -74.22 55.89 45.06
CA TYR G 1195 -72.94 55.59 45.66
C TYR G 1195 -71.84 55.95 44.69
N ARG G 1196 -70.80 56.62 45.17
CA ARG G 1196 -69.65 56.92 44.32
C ARG G 1196 -68.39 56.28 44.89
N TYR G 1197 -67.48 55.98 43.98
CA TYR G 1197 -66.43 55.00 44.22
C TYR G 1197 -65.06 55.63 44.02
N ASN G 1198 -64.11 55.23 44.86
CA ASN G 1198 -62.73 55.66 44.76
C ASN G 1198 -61.82 54.46 44.66
N PHE G 1199 -62.16 53.55 43.76
CA PHE G 1199 -61.42 52.30 43.56
C PHE G 1199 -60.02 52.58 43.05
N THR G 1200 -59.02 52.11 43.79
CA THR G 1200 -57.67 52.02 43.24
C THR G 1200 -57.62 50.84 42.29
N TYR G 1201 -56.72 50.92 41.31
CA TYR G 1201 -56.64 49.96 40.22
C TYR G 1201 -55.23 49.36 40.17
N PRO G 1202 -54.92 48.46 41.11
CA PRO G 1202 -53.56 47.94 41.16
C PRO G 1202 -53.33 46.91 40.07
N THR G 1203 -52.08 46.80 39.67
CA THR G 1203 -51.66 45.74 38.76
C THR G 1203 -51.24 44.54 39.60
N LEU G 1204 -50.66 43.52 38.95
CA LEU G 1204 -50.14 42.38 39.70
C LEU G 1204 -48.92 42.76 40.52
N ASP G 1205 -48.20 43.81 40.12
CA ASP G 1205 -47.12 44.35 40.95
C ASP G 1205 -47.66 45.00 42.20
N GLY G 1206 -48.85 45.59 42.13
CA GLY G 1206 -49.47 46.22 43.28
C GLY G 1206 -50.21 45.28 44.20
N ILE G 1207 -50.30 44.01 43.85
CA ILE G 1207 -50.96 43.02 44.70
C ILE G 1207 -49.92 42.17 45.41
N MET G 1208 -49.08 41.50 44.63
CA MET G 1208 -48.06 40.62 45.17
C MET G 1208 -46.68 41.17 44.86
N TYR G 1209 -45.66 40.39 45.19
CA TYR G 1209 -44.29 40.73 44.86
C TYR G 1209 -43.69 39.59 44.04
N VAL G 1210 -43.00 39.94 42.96
CA VAL G 1210 -42.43 38.98 42.03
C VAL G 1210 -40.93 39.15 42.05
N ARG G 1211 -40.21 38.07 42.39
CA ARG G 1211 -38.76 38.10 42.39
C ARG G 1211 -38.21 37.57 41.06
N SER H 15 -140.87 132.09 -42.44
CA SER H 15 -139.57 132.66 -42.16
C SER H 15 -138.68 131.68 -41.40
N PRO H 16 -137.41 131.58 -41.78
CA PRO H 16 -136.48 130.72 -41.05
C PRO H 16 -136.10 131.32 -39.70
N ALA H 17 -136.13 130.46 -38.67
CA ALA H 17 -135.76 130.78 -37.29
C ALA H 17 -136.59 131.93 -36.72
N ASP H 18 -137.86 132.01 -37.09
CA ASP H 18 -138.75 133.04 -36.59
C ASP H 18 -140.11 132.51 -36.17
N THR H 19 -140.56 131.38 -36.70
CA THR H 19 -141.87 130.83 -36.41
C THR H 19 -141.86 129.86 -35.23
N ASN H 20 -140.82 129.03 -35.14
CA ASN H 20 -140.79 127.94 -34.16
C ASN H 20 -139.69 128.14 -33.11
N VAL H 21 -139.59 129.35 -32.57
CA VAL H 21 -138.62 129.64 -31.53
C VAL H 21 -139.08 129.02 -30.22
N VAL H 22 -138.27 128.13 -29.66
CA VAL H 22 -138.55 127.47 -28.39
C VAL H 22 -137.54 128.00 -27.37
N PRO H 23 -137.76 127.84 -26.07
CA PRO H 23 -136.70 128.15 -25.11
C PRO H 23 -135.52 127.20 -25.29
N ALA H 24 -134.33 127.71 -25.01
CA ALA H 24 -133.11 126.99 -25.34
C ALA H 24 -132.90 125.80 -24.39
N LYS H 25 -131.86 125.02 -24.67
CA LYS H 25 -131.46 123.98 -23.75
C LYS H 25 -130.87 124.61 -22.50
N ASP H 26 -131.37 124.15 -21.33
CA ASP H 26 -131.06 124.72 -20.01
C ASP H 26 -131.36 126.21 -19.98
N ALA H 27 -132.55 126.57 -20.44
CA ALA H 27 -132.93 127.98 -20.57
C ALA H 27 -133.01 128.78 -19.27
N PRO H 28 -133.55 128.28 -18.13
CA PRO H 28 -133.59 129.16 -16.95
C PRO H 28 -132.23 129.42 -16.32
N THR H 29 -131.29 128.48 -16.41
CA THR H 29 -129.97 128.64 -15.81
C THR H 29 -128.89 128.69 -16.88
N THR H 30 -129.15 129.40 -17.97
CA THR H 30 -128.13 129.51 -19.01
C THR H 30 -127.07 130.54 -18.64
N ASN H 31 -127.51 131.76 -18.35
CA ASN H 31 -126.60 132.89 -18.15
C ASN H 31 -126.37 133.19 -16.67
N SER H 32 -126.31 132.17 -15.84
CA SER H 32 -126.09 132.37 -14.42
C SER H 32 -124.60 132.43 -14.13
N PRO H 33 -124.12 133.43 -13.39
CA PRO H 33 -122.70 133.54 -13.09
C PRO H 33 -122.29 132.53 -12.03
N PRO H 34 -121.12 131.91 -12.18
CA PRO H 34 -120.68 130.90 -11.20
C PRO H 34 -120.10 131.50 -9.92
N SER H 35 -121.00 131.91 -9.01
CA SER H 35 -120.59 132.46 -7.73
C SER H 35 -121.45 131.88 -6.62
N THR H 36 -120.98 132.03 -5.39
CA THR H 36 -121.71 131.58 -4.22
C THR H 36 -122.18 132.73 -3.34
N THR H 37 -121.83 133.97 -3.71
CA THR H 37 -122.26 135.10 -2.90
C THR H 37 -123.72 135.40 -3.11
N SER H 38 -124.11 135.75 -4.33
CA SER H 38 -125.49 136.10 -4.66
C SER H 38 -125.91 135.26 -5.87
N PRO H 39 -126.34 134.01 -5.64
CA PRO H 39 -126.66 133.15 -6.79
C PRO H 39 -127.96 133.51 -7.47
N ASN H 40 -129.01 133.78 -6.69
CA ASN H 40 -130.31 134.17 -7.22
C ASN H 40 -130.46 135.68 -7.34
N GLN H 41 -129.39 136.43 -7.16
CA GLN H 41 -129.42 137.89 -7.33
C GLN H 41 -128.53 138.38 -8.45
N ALA H 42 -127.35 137.77 -8.64
CA ALA H 42 -126.50 138.11 -9.78
C ALA H 42 -126.89 137.37 -11.05
N ALA H 43 -127.83 136.42 -10.98
CA ALA H 43 -128.33 135.79 -12.18
C ALA H 43 -129.25 136.73 -12.95
N ALA H 44 -130.04 137.52 -12.24
CA ALA H 44 -130.90 138.52 -12.88
C ALA H 44 -130.11 139.76 -13.30
N ASP H 45 -128.92 139.97 -12.76
CA ASP H 45 -128.08 141.09 -13.18
C ASP H 45 -127.33 140.79 -14.46
N ALA H 46 -127.04 139.51 -14.73
CA ALA H 46 -126.44 139.12 -15.99
C ALA H 46 -127.48 139.02 -17.10
N ASN H 47 -128.76 138.85 -16.75
CA ASN H 47 -129.82 138.77 -17.75
C ASN H 47 -130.23 140.15 -18.28
N GLN H 48 -129.95 141.21 -17.53
CA GLN H 48 -130.32 142.55 -17.98
C GLN H 48 -129.40 143.02 -19.09
N GLN H 49 -128.10 142.75 -18.98
CA GLN H 49 -127.16 143.11 -20.04
C GLN H 49 -127.21 142.13 -21.21
N GLN H 50 -127.75 140.93 -21.00
CA GLN H 50 -127.90 139.97 -22.09
C GLN H 50 -129.14 140.26 -22.94
N ALA H 51 -130.19 140.81 -22.32
CA ALA H 51 -131.41 141.11 -23.06
C ALA H 51 -131.26 142.32 -23.97
N GLY H 52 -130.32 143.22 -23.68
CA GLY H 52 -130.05 144.37 -24.52
C GLY H 52 -130.49 145.70 -23.96
N ILE H 53 -131.19 145.70 -22.82
CA ILE H 53 -131.71 146.91 -22.21
C ILE H 53 -130.81 147.30 -21.04
N VAL H 54 -130.31 148.54 -21.06
CA VAL H 54 -129.45 149.04 -19.99
C VAL H 54 -130.28 149.19 -18.72
N SER H 55 -129.65 148.88 -17.56
CA SER H 55 -130.33 148.93 -16.28
C SER H 55 -130.73 150.34 -15.84
N SER H 56 -130.17 151.38 -16.48
CA SER H 56 -130.61 152.74 -16.20
C SER H 56 -132.00 153.01 -16.77
N GLN H 57 -132.41 152.28 -17.80
CA GLN H 57 -133.73 152.46 -18.38
C GLN H 57 -134.81 151.83 -17.51
N SER H 58 -134.52 150.69 -16.90
CA SER H 58 -135.46 150.05 -15.99
C SER H 58 -135.43 150.71 -14.63
N GLY H 59 -136.59 150.80 -14.00
CA GLY H 59 -136.72 151.51 -12.75
C GLY H 59 -136.92 150.61 -11.55
N PRO H 60 -138.07 150.75 -10.87
CA PRO H 60 -138.31 149.95 -9.66
C PRO H 60 -138.56 148.47 -9.91
N ASN H 61 -138.81 148.05 -11.15
CA ASN H 61 -139.05 146.64 -11.43
C ASN H 61 -137.76 145.83 -11.34
N ALA H 62 -136.61 146.46 -11.55
CA ALA H 62 -135.33 145.78 -11.54
C ALA H 62 -134.74 145.64 -10.15
N VAL H 63 -135.41 146.15 -9.11
CA VAL H 63 -134.87 146.06 -7.75
C VAL H 63 -135.14 144.67 -7.17
N GLY H 64 -136.41 144.29 -7.09
CA GLY H 64 -136.77 143.00 -6.55
C GLY H 64 -137.12 141.97 -7.61
N ASP H 65 -136.20 141.05 -7.87
CA ASP H 65 -136.42 139.98 -8.84
C ASP H 65 -135.56 138.78 -8.46
N SER H 66 -135.83 137.65 -9.11
CA SER H 66 -135.11 136.42 -8.83
C SER H 66 -135.02 135.57 -10.09
N ALA H 67 -133.84 135.02 -10.32
CA ALA H 67 -133.57 134.13 -11.44
C ALA H 67 -132.80 132.92 -10.94
N PRO H 68 -133.06 131.72 -11.46
CA PRO H 68 -132.38 130.53 -10.95
C PRO H 68 -130.92 130.50 -11.38
N SER H 69 -130.11 129.85 -10.56
CA SER H 69 -128.70 129.71 -10.83
C SER H 69 -128.33 128.24 -10.86
N SER H 70 -127.28 127.93 -11.62
CA SER H 70 -126.73 126.59 -11.60
C SER H 70 -125.97 126.28 -10.32
N SER H 71 -125.66 127.31 -9.53
CA SER H 71 -125.04 127.15 -8.22
C SER H 71 -126.07 126.92 -7.11
N VAL H 72 -127.36 126.89 -7.44
CA VAL H 72 -128.41 126.52 -6.50
C VAL H 72 -129.02 125.21 -6.98
N ASN H 73 -129.10 124.24 -6.09
CA ASN H 73 -129.64 122.93 -6.44
C ASN H 73 -131.17 122.98 -6.43
N ASN H 74 -131.80 121.80 -6.53
CA ASN H 74 -133.25 121.73 -6.47
C ASN H 74 -133.78 121.91 -5.05
N ASP H 75 -132.92 121.82 -4.05
CA ASP H 75 -133.27 122.25 -2.70
C ASP H 75 -132.94 123.73 -2.57
N GLY H 76 -132.96 124.25 -1.36
CA GLY H 76 -132.64 125.65 -1.18
C GLY H 76 -131.17 125.98 -1.07
N ASP H 77 -130.30 124.99 -1.23
CA ASP H 77 -128.89 125.15 -0.91
C ASP H 77 -128.12 125.81 -2.04
N ILE H 78 -127.10 126.56 -1.66
CA ILE H 78 -126.12 127.09 -2.61
C ILE H 78 -125.00 126.08 -2.74
N ILE H 79 -124.72 125.65 -3.96
CA ILE H 79 -123.79 124.56 -4.18
C ILE H 79 -122.70 125.03 -5.15
N THR H 80 -121.49 124.49 -4.99
CA THR H 80 -120.38 124.81 -5.87
C THR H 80 -120.24 123.79 -6.99
N ARG H 81 -120.05 122.53 -6.63
CA ARG H 81 -120.03 121.43 -7.58
C ARG H 81 -121.45 121.13 -8.04
N PRO H 82 -121.62 120.31 -9.07
CA PRO H 82 -122.96 119.77 -9.35
C PRO H 82 -123.39 118.78 -8.28
N THR H 83 -124.66 118.39 -8.37
CA THR H 83 -125.21 117.42 -7.44
C THR H 83 -124.66 116.02 -7.72
N SER H 84 -124.34 115.74 -8.99
CA SER H 84 -123.97 114.38 -9.39
C SER H 84 -122.63 113.96 -8.84
N ASP H 85 -121.71 114.91 -8.60
CA ASP H 85 -120.42 114.59 -8.02
C ASP H 85 -120.27 115.09 -6.59
N SER H 86 -121.27 115.78 -6.06
CA SER H 86 -121.28 116.02 -4.62
C SER H 86 -121.73 114.80 -3.85
N ILE H 87 -122.59 113.97 -4.47
CA ILE H 87 -122.91 112.68 -3.90
C ILE H 87 -121.68 111.78 -3.94
N ALA H 88 -120.92 111.84 -5.03
CA ALA H 88 -119.66 111.13 -5.12
C ALA H 88 -118.62 111.67 -4.15
N ALA H 89 -118.74 112.93 -3.73
CA ALA H 89 -117.86 113.46 -2.70
C ALA H 89 -118.19 112.86 -1.33
N VAL H 90 -119.46 112.53 -1.10
CA VAL H 90 -119.83 111.91 0.17
C VAL H 90 -119.49 110.44 0.16
N ALA H 91 -119.75 109.76 -0.96
CA ALA H 91 -119.54 108.32 -1.02
C ALA H 91 -118.06 107.94 -1.08
N ASN H 92 -117.23 108.77 -1.70
CA ASN H 92 -115.80 108.46 -1.73
C ASN H 92 -115.15 108.71 -0.38
N ALA H 93 -115.71 109.62 0.43
CA ALA H 93 -115.17 109.86 1.75
C ALA H 93 -115.49 108.73 2.71
N THR H 94 -116.51 107.94 2.42
CA THR H 94 -116.90 106.82 3.27
C THR H 94 -116.60 105.54 2.48
N LYS H 95 -115.37 105.06 2.59
CA LYS H 95 -114.95 103.82 1.95
C LYS H 95 -113.98 103.07 2.85
N PRO H 96 -114.48 102.13 3.64
CA PRO H 96 -113.58 101.21 4.34
C PRO H 96 -112.88 100.30 3.35
N ALA H 97 -111.68 99.87 3.72
CA ALA H 97 -110.92 98.96 2.88
C ALA H 97 -111.57 97.58 2.89
N ALA H 98 -111.74 97.00 1.70
CA ALA H 98 -112.41 95.71 1.59
C ALA H 98 -111.52 94.59 2.09
N VAL H 99 -110.22 94.66 1.80
CA VAL H 99 -109.26 93.65 2.21
C VAL H 99 -108.27 94.33 3.14
N VAL H 100 -108.38 94.02 4.43
CA VAL H 100 -107.52 94.60 5.46
C VAL H 100 -106.60 93.50 5.96
N SER H 101 -105.29 93.76 5.91
CA SER H 101 -104.30 92.76 6.29
C SER H 101 -104.08 92.82 7.79
N ASP H 102 -104.65 91.87 8.52
CA ASP H 102 -104.37 91.70 9.93
C ASP H 102 -104.08 90.23 10.22
N PRO H 103 -103.20 89.95 11.18
CA PRO H 103 -102.83 88.54 11.43
C PRO H 103 -103.94 87.74 12.07
N GLN H 104 -104.68 88.31 13.00
CA GLN H 104 -105.77 87.58 13.63
C GLN H 104 -106.94 87.47 12.66
N SER H 105 -106.99 86.39 11.89
CA SER H 105 -107.99 86.27 10.84
C SER H 105 -108.24 84.80 10.52
N MET H 106 -109.37 84.56 9.87
CA MET H 106 -109.73 83.23 9.39
C MET H 106 -108.85 82.87 8.20
N LYS H 107 -107.74 82.18 8.46
CA LYS H 107 -106.81 81.76 7.41
C LYS H 107 -107.02 80.28 7.15
N VAL H 108 -107.65 79.96 6.01
CA VAL H 108 -108.07 78.59 5.70
C VAL H 108 -107.42 78.18 4.38
N THR H 109 -106.73 77.04 4.41
CA THR H 109 -106.19 76.45 3.20
C THR H 109 -107.34 75.93 2.34
N PRO H 110 -107.26 76.09 1.01
CA PRO H 110 -108.35 75.62 0.14
C PRO H 110 -108.55 74.12 0.20
N ILE H 111 -109.79 73.71 -0.06
CA ILE H 111 -110.20 72.33 0.14
C ILE H 111 -109.63 71.44 -0.95
N VAL H 112 -110.01 71.69 -2.20
CA VAL H 112 -109.44 71.02 -3.35
C VAL H 112 -108.11 71.67 -3.67
N ASN H 113 -107.30 71.03 -4.50
CA ASN H 113 -105.96 71.54 -4.77
C ASN H 113 -105.95 72.28 -6.10
N PRO H 114 -105.71 73.59 -6.11
CA PRO H 114 -105.50 74.29 -7.38
C PRO H 114 -104.12 74.04 -7.98
N SER H 115 -103.16 73.60 -7.16
CA SER H 115 -101.86 73.22 -7.71
C SER H 115 -101.95 71.92 -8.50
N SER H 116 -102.89 71.04 -8.15
CA SER H 116 -103.13 69.80 -8.88
C SER H 116 -104.64 69.65 -9.06
N TYR H 117 -105.17 70.21 -10.13
CA TYR H 117 -106.54 69.91 -10.54
C TYR H 117 -106.56 68.50 -11.09
N VAL H 118 -107.06 67.55 -10.28
CA VAL H 118 -107.04 66.16 -10.69
C VAL H 118 -108.14 65.90 -11.72
N CYS H 119 -107.96 64.81 -12.46
CA CYS H 119 -108.86 64.41 -13.54
C CYS H 119 -110.25 64.05 -13.03
N ASN H 120 -111.26 64.41 -13.82
CA ASN H 120 -112.66 64.11 -13.45
C ASN H 120 -112.97 62.62 -13.56
N VAL H 121 -112.16 61.86 -14.31
CA VAL H 121 -112.31 60.43 -14.39
C VAL H 121 -111.14 59.69 -13.71
N CYS H 122 -110.01 60.36 -13.53
CA CYS H 122 -108.75 59.67 -13.23
C CYS H 122 -107.94 60.53 -12.27
N ASN H 123 -106.64 60.27 -12.16
CA ASN H 123 -105.72 61.11 -11.40
C ASN H 123 -104.72 61.82 -12.30
N ALA H 124 -105.14 62.20 -13.50
CA ALA H 124 -104.26 62.91 -14.42
C ALA H 124 -104.08 64.35 -13.98
N ARG H 125 -103.03 64.61 -13.20
CA ARG H 125 -102.75 65.95 -12.74
C ARG H 125 -102.10 66.78 -13.84
N PHE H 126 -102.38 68.09 -13.82
CA PHE H 126 -101.81 69.02 -14.78
C PHE H 126 -101.59 70.36 -14.09
N SER H 127 -101.07 71.32 -14.84
CA SER H 127 -100.90 72.67 -14.33
C SER H 127 -102.15 73.52 -14.50
N THR H 128 -103.00 73.18 -15.47
CA THR H 128 -104.21 73.93 -15.76
C THR H 128 -105.31 72.95 -16.15
N MET H 129 -106.53 73.19 -15.68
CA MET H 129 -107.66 72.34 -16.03
C MET H 129 -108.07 72.50 -17.48
N SER H 130 -107.64 73.59 -18.15
CA SER H 130 -107.87 73.72 -19.59
C SER H 130 -107.08 72.69 -20.37
N ALA H 131 -105.88 72.31 -19.90
CA ALA H 131 -105.19 71.17 -20.47
C ALA H 131 -105.89 69.86 -20.10
N LEU H 132 -106.56 69.82 -18.95
CA LEU H 132 -107.36 68.68 -18.54
C LEU H 132 -108.73 68.67 -19.19
N SER H 133 -109.22 69.83 -19.62
CA SER H 133 -110.46 69.88 -20.40
C SER H 133 -110.29 69.21 -21.76
N GLU H 134 -109.08 69.26 -22.32
CA GLU H 134 -108.77 68.50 -23.51
C GLU H 134 -108.63 67.01 -23.21
N HIS H 135 -108.32 66.65 -21.96
CA HIS H 135 -108.22 65.24 -21.61
C HIS H 135 -109.58 64.59 -21.53
N LEU H 136 -110.63 65.36 -21.26
CA LEU H 136 -112.00 64.92 -21.44
C LEU H 136 -112.51 65.14 -22.86
N ARG H 137 -111.66 65.69 -23.73
CA ARG H 137 -111.97 65.90 -25.14
C ARG H 137 -111.19 64.98 -26.06
N SER H 138 -109.99 64.56 -25.66
CA SER H 138 -109.16 63.68 -26.48
C SER H 138 -108.99 62.29 -25.91
N ASP H 139 -109.33 62.05 -24.65
CA ASP H 139 -109.20 60.72 -24.07
C ASP H 139 -110.52 60.14 -23.58
N HIS H 140 -111.30 60.90 -22.79
CA HIS H 140 -112.56 60.40 -22.25
C HIS H 140 -113.72 60.96 -23.07
N ARG H 141 -114.09 60.24 -24.12
CA ARG H 141 -115.22 60.63 -24.96
C ARG H 141 -116.29 59.55 -24.99
N ASN H 155 -104.18 48.00 -29.93
CA ASN H 155 -104.03 47.95 -28.49
C ASN H 155 -105.33 47.65 -27.76
N ALA H 156 -105.21 47.06 -26.58
CA ALA H 156 -106.36 46.81 -25.71
C ALA H 156 -106.22 47.52 -24.38
N ILE H 157 -105.07 47.42 -23.72
CA ILE H 157 -104.74 48.21 -22.53
C ILE H 157 -103.78 49.30 -22.97
N ARG H 158 -104.14 50.57 -22.74
CA ARG H 158 -103.22 51.61 -23.16
C ARG H 158 -102.23 52.00 -22.07
N SER H 159 -102.67 52.05 -20.81
CA SER H 159 -101.83 52.54 -19.72
C SER H 159 -102.50 52.20 -18.39
N PHE H 160 -101.78 52.49 -17.32
CA PHE H 160 -102.32 52.49 -15.97
C PHE H 160 -101.80 53.73 -15.26
N LEU H 161 -102.07 53.80 -13.96
CA LEU H 161 -101.57 54.88 -13.13
C LEU H 161 -101.47 54.32 -11.72
N THR H 162 -100.25 54.23 -11.22
CA THR H 162 -100.04 53.63 -9.91
C THR H 162 -100.47 54.59 -8.81
N ALA H 163 -100.77 54.02 -7.65
CA ALA H 163 -101.15 54.80 -6.49
C ALA H 163 -100.01 54.99 -5.51
N TRP H 164 -98.93 54.26 -5.66
CA TRP H 164 -97.81 54.33 -4.73
C TRP H 164 -96.65 55.17 -5.26
N ASP H 165 -96.52 55.31 -6.57
CA ASP H 165 -95.41 56.04 -7.15
C ASP H 165 -95.85 57.13 -8.11
N ASP H 166 -97.13 57.13 -8.53
CA ASP H 166 -97.73 58.13 -9.42
C ASP H 166 -96.99 58.22 -10.76
N ILE H 167 -96.84 57.09 -11.41
CA ILE H 167 -96.27 57.01 -12.75
C ILE H 167 -97.20 56.19 -13.63
N ARG H 168 -97.30 56.58 -14.90
CA ARG H 168 -98.05 55.79 -15.86
C ARG H 168 -97.19 54.62 -16.34
N ILE H 169 -97.84 53.49 -16.58
CA ILE H 169 -97.18 52.29 -17.10
C ILE H 169 -97.77 52.01 -18.47
N LEU H 170 -97.00 52.25 -19.52
CA LEU H 170 -97.50 52.16 -20.88
C LEU H 170 -97.28 50.77 -21.45
N SER H 171 -98.18 50.37 -22.34
CA SER H 171 -98.05 49.10 -23.01
C SER H 171 -96.93 49.15 -24.03
N PRO H 172 -96.31 48.01 -24.35
CA PRO H 172 -95.45 47.96 -25.53
C PRO H 172 -96.26 48.13 -26.80
N ASP H 173 -95.59 48.62 -27.84
CA ASP H 173 -96.26 49.10 -29.04
C ASP H 173 -96.83 47.97 -29.87
N VAL H 174 -97.72 48.35 -30.81
CA VAL H 174 -98.26 47.40 -31.77
C VAL H 174 -97.17 46.97 -32.75
N SER H 175 -96.40 47.92 -33.27
CA SER H 175 -95.34 47.64 -34.24
C SER H 175 -94.12 47.06 -33.54
N SER H 176 -94.27 45.82 -33.09
CA SER H 176 -93.18 45.05 -32.53
C SER H 176 -92.48 44.19 -33.57
N LYS H 177 -92.73 44.44 -34.85
CA LYS H 177 -92.03 43.73 -35.91
C LYS H 177 -90.58 44.19 -36.02
N SER H 178 -90.28 45.40 -35.53
CA SER H 178 -88.89 45.83 -35.41
C SER H 178 -88.16 45.06 -34.33
N LEU H 179 -88.89 44.59 -33.31
CA LEU H 179 -88.28 43.80 -32.25
C LEU H 179 -87.89 42.42 -32.78
N SER H 180 -86.71 41.96 -32.36
CA SER H 180 -86.18 40.71 -32.88
C SER H 180 -86.92 39.51 -32.28
N ALA H 181 -87.15 38.50 -33.12
CA ALA H 181 -87.78 37.26 -32.70
C ALA H 181 -86.68 36.23 -32.45
N TYR H 182 -86.70 35.60 -31.27
CA TYR H 182 -85.57 34.84 -30.79
C TYR H 182 -85.77 33.34 -31.02
N LEU H 183 -84.91 32.76 -31.85
CA LEU H 183 -84.68 31.32 -31.98
C LEU H 183 -85.94 30.60 -32.47
N ASP H 184 -86.34 30.96 -33.70
CA ASP H 184 -87.40 30.27 -34.47
C ASP H 184 -88.75 30.32 -33.75
N SER H 185 -89.00 31.44 -33.08
CA SER H 185 -90.28 31.68 -32.41
C SER H 185 -90.67 33.12 -32.67
N ALA H 186 -91.84 33.33 -33.26
CA ALA H 186 -92.27 34.65 -33.69
C ALA H 186 -93.09 35.33 -32.60
N VAL H 187 -92.89 36.62 -32.45
CA VAL H 187 -93.67 37.43 -31.51
C VAL H 187 -95.09 37.53 -32.02
N ALA H 188 -96.05 37.08 -31.21
CA ALA H 188 -97.44 37.05 -31.63
C ALA H 188 -98.07 38.42 -31.53
N ASN H 189 -98.96 38.72 -32.48
CA ASN H 189 -99.68 39.97 -32.51
C ASN H 189 -101.18 39.73 -32.56
N GLY H 190 -101.94 40.77 -32.24
CA GLY H 190 -103.38 40.71 -32.30
C GLY H 190 -103.88 40.67 -33.73
N PRO H 191 -104.81 39.76 -34.01
CA PRO H 191 -105.41 39.71 -35.34
C PRO H 191 -106.28 40.92 -35.61
N GLU H 192 -106.32 41.34 -36.89
CA GLU H 192 -107.03 42.55 -37.29
C GLU H 192 -108.51 42.21 -37.34
N LEU H 193 -109.13 42.26 -36.15
CA LEU H 193 -110.54 41.90 -36.04
C LEU H 193 -111.43 42.99 -36.61
N ILE H 194 -111.24 44.22 -36.15
CA ILE H 194 -112.14 45.31 -36.47
C ILE H 194 -111.70 45.91 -37.79
N ILE H 195 -112.45 45.58 -38.85
CA ILE H 195 -112.39 46.29 -40.12
C ILE H 195 -113.81 46.66 -40.46
N GLU H 196 -114.03 47.94 -40.76
CA GLU H 196 -115.38 48.45 -40.89
C GLU H 196 -115.48 49.39 -42.07
N ASP H 197 -116.60 49.35 -42.78
CA ASP H 197 -116.81 50.23 -43.92
C ASP H 197 -118.11 50.98 -43.80
N THR H 198 -118.16 52.13 -44.46
CA THR H 198 -119.38 52.93 -44.55
C THR H 198 -120.01 52.82 -45.93
N GLY H 199 -119.50 51.94 -46.78
CA GLY H 199 -120.01 51.80 -48.13
C GLY H 199 -121.23 50.92 -48.21
N LEU H 200 -121.38 50.25 -49.35
CA LEU H 200 -122.50 49.35 -49.54
C LEU H 200 -122.10 47.92 -49.18
N CYS H 201 -123.12 47.13 -48.86
CA CYS H 201 -122.93 45.73 -48.47
C CYS H 201 -123.13 44.82 -49.67
N THR H 202 -122.32 45.04 -50.71
CA THR H 202 -122.45 44.27 -51.94
C THR H 202 -121.11 43.72 -52.37
N SER H 203 -121.20 42.67 -53.18
CA SER H 203 -120.05 42.14 -53.90
C SER H 203 -120.42 41.85 -55.35
N PHE H 204 -121.55 42.37 -55.82
CA PHE H 204 -122.12 42.07 -57.13
C PHE H 204 -122.44 43.39 -57.82
N MET H 205 -121.48 43.97 -58.54
CA MET H 205 -121.84 45.13 -59.33
C MET H 205 -122.63 44.69 -60.56
N LEU H 206 -123.50 45.57 -61.02
CA LEU H 206 -124.35 45.28 -62.17
C LEU H 206 -123.69 45.95 -63.37
N LEU H 207 -122.89 45.18 -64.08
CA LEU H 207 -122.06 45.70 -65.16
C LEU H 207 -122.77 45.53 -66.50
N ASP H 208 -122.63 46.52 -67.36
CA ASP H 208 -123.13 46.43 -68.73
C ASP H 208 -122.00 46.02 -69.65
N ASN H 209 -122.15 44.84 -70.26
CA ASN H 209 -121.11 44.40 -71.20
C ASN H 209 -121.18 45.20 -72.49
N ILE H 210 -122.37 45.47 -72.99
CA ILE H 210 -122.55 46.16 -74.24
C ILE H 210 -123.29 47.46 -73.96
N PRO H 211 -122.69 48.62 -74.25
CA PRO H 211 -123.44 49.87 -74.11
C PRO H 211 -124.50 50.00 -75.20
N SER H 212 -125.52 50.79 -74.90
CA SER H 212 -126.59 51.01 -75.85
C SER H 212 -126.11 51.85 -77.02
N ALA H 213 -126.81 51.72 -78.15
CA ALA H 213 -126.33 52.29 -79.41
C ALA H 213 -126.80 53.72 -79.62
N HIS H 214 -126.56 54.58 -78.62
CA HIS H 214 -126.77 56.03 -78.66
C HIS H 214 -128.22 56.38 -79.00
N LEU H 215 -129.12 55.93 -78.13
CA LEU H 215 -130.53 56.15 -78.36
C LEU H 215 -130.91 57.60 -78.06
N THR H 216 -131.88 58.10 -78.82
CA THR H 216 -132.49 59.39 -78.51
C THR H 216 -133.24 59.29 -77.19
N LYS H 217 -133.22 60.38 -76.42
CA LYS H 217 -133.65 60.29 -75.03
C LYS H 217 -135.17 60.29 -74.89
N GLU H 218 -135.82 61.32 -75.45
CA GLU H 218 -137.28 61.60 -75.47
C GLU H 218 -137.79 62.05 -74.10
N LEU H 219 -136.96 61.92 -73.06
CA LEU H 219 -137.28 62.45 -71.75
C LEU H 219 -135.96 62.68 -71.02
N ILE H 220 -135.75 63.90 -70.54
CA ILE H 220 -134.53 64.25 -69.85
C ILE H 220 -135.00 64.44 -68.41
N GLY H 221 -134.09 64.76 -67.50
CA GLY H 221 -134.35 64.80 -66.07
C GLY H 221 -135.45 65.73 -65.57
N PHE H 222 -135.63 65.72 -64.26
CA PHE H 222 -136.74 66.41 -63.63
C PHE H 222 -136.57 67.91 -63.75
N THR H 223 -137.68 68.60 -63.99
CA THR H 223 -137.67 70.03 -64.21
C THR H 223 -138.09 70.75 -62.94
N TRP H 224 -137.23 71.66 -62.50
CA TRP H 224 -137.49 72.57 -61.39
C TRP H 224 -138.23 73.79 -61.96
N PHE H 225 -138.21 74.94 -61.27
CA PHE H 225 -138.78 76.15 -61.84
C PHE H 225 -138.13 76.48 -63.18
N MET H 226 -136.81 76.56 -63.21
CA MET H 226 -136.09 76.64 -64.47
C MET H 226 -134.96 75.62 -64.57
N GLN H 227 -134.47 75.09 -63.45
CA GLN H 227 -133.38 74.12 -63.48
C GLN H 227 -133.89 72.77 -63.94
N MET H 228 -132.96 71.93 -64.41
CA MET H 228 -133.24 70.57 -64.78
C MET H 228 -132.30 69.64 -64.03
N TYR H 229 -132.86 68.62 -63.40
CA TYR H 229 -132.11 67.71 -62.55
C TYR H 229 -132.01 66.35 -63.23
N GLN H 230 -130.93 66.15 -63.99
CA GLN H 230 -130.64 64.82 -64.50
C GLN H 230 -130.15 63.94 -63.36
N MET H 231 -130.27 62.63 -63.56
CA MET H 231 -129.84 61.70 -62.52
C MET H 231 -129.39 60.39 -63.14
N THR H 232 -128.29 59.87 -62.64
CA THR H 232 -127.78 58.57 -63.09
C THR H 232 -128.73 57.47 -62.61
N PRO H 233 -129.18 56.59 -63.51
CA PRO H 233 -130.09 55.52 -63.10
C PRO H 233 -129.34 54.47 -62.31
N PRO H 234 -130.00 53.82 -61.34
CA PRO H 234 -129.32 52.83 -60.50
C PRO H 234 -128.99 51.55 -61.25
N LEU H 235 -129.94 51.05 -61.99
CA LEU H 235 -129.68 49.84 -62.76
C LEU H 235 -128.91 50.21 -64.03
N PRO H 236 -128.04 49.32 -64.53
CA PRO H 236 -127.16 49.71 -65.63
C PRO H 236 -127.92 49.83 -66.95
N GLU H 237 -127.75 50.96 -67.60
CA GLU H 237 -128.25 51.13 -68.95
C GLU H 237 -127.24 50.50 -69.91
N GLY H 238 -127.70 49.57 -70.71
CA GLY H 238 -126.82 48.89 -71.65
C GLY H 238 -127.59 47.84 -72.41
N ALA H 239 -126.95 47.32 -73.45
CA ALA H 239 -127.61 46.33 -74.27
C ALA H 239 -127.66 44.96 -73.60
N VAL H 240 -126.63 44.60 -72.83
CA VAL H 240 -126.63 43.38 -72.01
C VAL H 240 -126.11 43.75 -70.64
N ASN H 241 -126.89 43.47 -69.61
CA ASN H 241 -126.51 43.77 -68.24
C ASN H 241 -126.32 42.46 -67.49
N ARG H 242 -125.22 42.36 -66.74
CA ARG H 242 -124.87 41.15 -66.03
C ARG H 242 -124.66 41.42 -64.55
N ILE H 243 -124.61 40.34 -63.79
CA ILE H 243 -124.34 40.42 -62.36
C ILE H 243 -122.97 39.84 -62.11
N VAL H 244 -121.96 40.69 -62.05
CA VAL H 244 -120.56 40.28 -62.00
C VAL H 244 -120.09 40.29 -60.55
N CYS H 245 -119.45 39.21 -60.13
CA CYS H 245 -118.93 39.10 -58.77
C CYS H 245 -117.65 39.91 -58.63
N MET H 246 -117.73 41.05 -57.99
CA MET H 246 -116.56 41.85 -57.65
C MET H 246 -116.67 42.26 -56.19
N THR H 247 -115.86 41.64 -55.33
CA THR H 247 -115.98 41.85 -53.90
C THR H 247 -115.53 43.25 -53.51
N ASN H 248 -116.33 43.88 -52.64
CA ASN H 248 -116.09 45.22 -52.09
C ASN H 248 -115.94 46.27 -53.20
N TRP H 249 -116.78 46.18 -54.22
CA TRP H 249 -116.75 47.14 -55.30
C TRP H 249 -117.34 48.48 -54.87
N ALA H 250 -118.19 48.49 -53.86
CA ALA H 250 -118.77 49.71 -53.32
C ALA H 250 -118.35 49.93 -51.89
N SER H 251 -117.15 49.50 -51.53
CA SER H 251 -116.65 49.69 -50.18
C SER H 251 -116.10 51.09 -50.01
N LEU H 252 -116.42 51.70 -48.87
CA LEU H 252 -115.99 53.05 -48.55
C LEU H 252 -115.43 53.09 -47.13
N GLY H 253 -114.55 52.14 -46.84
CA GLY H 253 -113.97 52.05 -45.52
C GLY H 253 -112.64 52.77 -45.43
N ASP H 254 -112.04 52.68 -44.24
CA ASP H 254 -110.70 53.24 -44.05
C ASP H 254 -109.65 52.43 -44.81
N GLU H 255 -109.66 51.11 -44.64
CA GLU H 255 -108.77 50.21 -45.35
C GLU H 255 -109.59 48.98 -45.72
N GLY H 256 -108.90 47.92 -46.12
CA GLY H 256 -109.58 46.66 -46.41
C GLY H 256 -108.57 45.54 -46.41
N ARG H 257 -109.09 44.33 -46.40
CA ARG H 257 -108.25 43.14 -46.45
C ARG H 257 -107.64 42.98 -47.83
N GLY H 258 -106.46 42.36 -47.87
CA GLY H 258 -105.76 42.17 -49.11
C GLY H 258 -106.17 40.90 -49.86
N LEU H 259 -107.30 40.35 -49.48
CA LEU H 259 -107.78 39.07 -50.00
C LEU H 259 -109.15 39.31 -50.61
N GLU H 260 -109.21 39.67 -51.88
CA GLU H 260 -110.46 39.99 -52.53
C GLU H 260 -110.62 39.21 -53.82
N VAL H 261 -111.86 39.13 -54.28
CA VAL H 261 -112.23 38.39 -55.49
C VAL H 261 -112.87 39.37 -56.45
N ARG H 262 -112.21 39.60 -57.59
CA ARG H 262 -112.73 40.49 -58.62
C ARG H 262 -112.81 39.69 -59.91
N LEU H 263 -113.93 39.01 -60.11
CA LEU H 263 -114.12 38.28 -61.34
C LEU H 263 -114.37 39.25 -62.49
N PRO H 264 -113.87 38.97 -63.68
CA PRO H 264 -114.16 39.82 -64.82
C PRO H 264 -115.58 39.56 -65.30
N PRO H 265 -116.13 40.45 -66.13
CA PRO H 265 -117.41 40.16 -66.78
C PRO H 265 -117.26 38.99 -67.75
N PRO H 266 -118.36 38.29 -68.08
CA PRO H 266 -118.23 37.04 -68.85
C PRO H 266 -117.73 37.21 -70.28
N THR H 267 -117.58 38.44 -70.77
CA THR H 267 -116.94 38.67 -72.05
C THR H 267 -115.43 38.47 -72.00
N ASP H 268 -114.84 38.41 -70.81
CA ASP H 268 -113.41 38.17 -70.65
C ASP H 268 -113.18 36.80 -70.02
N SER H 269 -111.92 36.39 -70.00
CA SER H 269 -111.54 35.11 -69.43
C SER H 269 -111.53 35.20 -67.92
N SER H 270 -112.39 34.42 -67.26
CA SER H 270 -112.47 34.37 -65.81
C SER H 270 -111.73 33.18 -65.26
N VAL H 271 -110.60 32.84 -65.89
CA VAL H 271 -109.91 31.61 -65.58
C VAL H 271 -108.86 31.81 -64.49
N HIS H 272 -108.47 33.05 -64.21
CA HIS H 272 -107.36 33.34 -63.31
C HIS H 272 -107.76 33.32 -61.85
N ALA H 273 -109.02 33.04 -61.54
CA ALA H 273 -109.45 32.91 -60.15
C ALA H 273 -109.69 31.47 -59.75
N TYR H 274 -109.71 30.54 -60.71
CA TYR H 274 -109.86 29.12 -60.45
C TYR H 274 -108.53 28.40 -60.55
N LYS H 275 -107.43 29.11 -60.40
CA LYS H 275 -106.09 28.53 -60.38
C LYS H 275 -105.46 29.04 -59.09
N THR H 276 -105.73 28.35 -58.01
CA THR H 276 -105.24 28.76 -56.70
C THR H 276 -104.47 27.66 -56.00
N VAL H 277 -104.93 26.42 -56.09
CA VAL H 277 -104.42 25.37 -55.22
C VAL H 277 -103.45 24.47 -55.98
N LEU H 278 -103.94 23.77 -56.98
CA LEU H 278 -103.21 22.70 -57.64
C LEU H 278 -102.91 23.03 -59.09
N SER H 279 -102.62 24.30 -59.37
CA SER H 279 -102.47 24.75 -60.74
C SER H 279 -101.25 25.62 -60.98
N ARG H 280 -100.47 25.93 -59.96
CA ARG H 280 -99.24 26.68 -60.18
C ARG H 280 -98.21 25.80 -60.88
N GLY H 281 -97.45 26.39 -61.78
CA GLY H 281 -96.48 25.60 -62.51
C GLY H 281 -96.92 25.18 -63.89
N TYR H 282 -97.48 23.98 -63.98
CA TYR H 282 -97.68 23.30 -65.27
C TYR H 282 -98.67 24.02 -66.18
N ILE H 283 -99.67 24.69 -65.61
CA ILE H 283 -100.78 25.14 -66.43
C ILE H 283 -100.42 26.47 -67.10
N ASP H 284 -101.12 26.79 -68.18
CA ASP H 284 -100.92 28.07 -68.85
C ASP H 284 -101.84 29.12 -68.25
N ASN H 285 -101.64 30.37 -68.68
CA ASN H 285 -102.41 31.50 -68.18
C ASN H 285 -103.72 31.69 -68.91
N ALA H 286 -104.24 30.65 -69.56
CA ALA H 286 -105.52 30.73 -70.24
C ALA H 286 -106.49 29.62 -69.87
N GLN H 287 -106.02 28.47 -69.39
CA GLN H 287 -106.89 27.35 -69.09
C GLN H 287 -106.86 27.02 -67.60
N PHE H 288 -107.92 26.34 -67.15
CA PHE H 288 -108.03 25.83 -65.80
C PHE H 288 -108.12 24.32 -65.84
N ASN H 289 -107.70 23.68 -64.77
CA ASN H 289 -107.83 22.23 -64.68
C ASN H 289 -109.25 21.89 -64.24
N PRO H 290 -110.00 21.09 -64.99
CA PRO H 290 -111.32 20.67 -64.52
C PRO H 290 -111.28 19.65 -63.42
N LEU H 291 -110.14 19.01 -63.18
CA LEU H 291 -110.04 18.02 -62.12
C LEU H 291 -109.72 18.62 -60.77
N ALA H 292 -109.14 19.81 -60.73
CA ALA H 292 -108.94 20.54 -59.49
C ALA H 292 -109.99 21.63 -59.30
N LEU H 293 -111.20 21.39 -59.79
CA LEU H 293 -112.20 22.44 -59.83
C LEU H 293 -112.84 22.65 -58.47
N ARG H 294 -113.18 21.55 -57.77
CA ARG H 294 -113.85 21.66 -56.48
C ARG H 294 -112.95 22.30 -55.42
N SER H 295 -111.65 22.05 -55.48
CA SER H 295 -110.74 22.71 -54.56
C SER H 295 -110.56 24.18 -54.93
N ASN H 296 -110.57 24.49 -56.23
CA ASN H 296 -110.33 25.86 -56.64
C ASN H 296 -111.58 26.72 -56.57
N VAL H 297 -112.77 26.10 -56.71
CA VAL H 297 -114.00 26.82 -56.43
C VAL H 297 -114.10 27.16 -54.95
N LEU H 298 -113.81 26.17 -54.09
CA LEU H 298 -113.97 26.34 -52.65
C LEU H 298 -113.01 27.38 -52.10
N LEU H 299 -111.79 27.43 -52.63
CA LEU H 299 -110.89 28.48 -52.16
C LEU H 299 -111.11 29.80 -52.86
N MET H 300 -111.91 29.84 -53.92
CA MET H 300 -112.45 31.12 -54.37
C MET H 300 -113.55 31.59 -53.43
N LEU H 301 -114.38 30.65 -52.99
CA LEU H 301 -115.46 31.00 -52.07
C LEU H 301 -114.93 31.35 -50.69
N LEU H 302 -113.75 30.83 -50.34
CA LEU H 302 -113.13 31.20 -49.09
C LEU H 302 -112.57 32.62 -49.15
N GLN H 303 -111.93 32.96 -50.27
CA GLN H 303 -111.49 34.33 -50.49
C GLN H 303 -112.67 35.27 -50.69
N PHE H 304 -113.80 34.73 -51.16
CA PHE H 304 -115.03 35.51 -51.23
C PHE H 304 -115.53 35.84 -49.83
N THR H 305 -115.54 34.84 -48.95
CA THR H 305 -116.06 35.04 -47.61
C THR H 305 -115.14 35.91 -46.77
N LEU H 306 -113.84 35.65 -46.83
CA LEU H 306 -112.87 36.42 -46.07
C LEU H 306 -112.66 37.83 -46.61
N SER H 307 -113.11 38.11 -47.83
CA SER H 307 -113.16 39.49 -48.28
C SER H 307 -114.28 40.27 -47.62
N ASN H 308 -115.29 39.59 -47.10
CA ASN H 308 -116.49 40.23 -46.59
C ASN H 308 -116.61 40.08 -45.08
N LEU H 309 -115.50 40.07 -44.37
CA LEU H 309 -115.51 40.02 -42.92
C LEU H 309 -115.37 41.42 -42.35
N LYS H 310 -116.35 42.25 -42.65
CA LYS H 310 -116.32 43.65 -42.28
C LYS H 310 -117.53 44.02 -41.44
N ILE H 311 -117.46 45.18 -40.81
CA ILE H 311 -118.51 45.68 -39.93
C ILE H 311 -119.24 46.80 -40.67
N ASN H 312 -120.56 46.74 -40.66
CA ASN H 312 -121.37 47.75 -41.33
C ASN H 312 -121.55 48.96 -40.40
N LYS H 313 -121.17 50.13 -40.89
CA LYS H 313 -121.13 51.34 -40.08
C LYS H 313 -122.29 52.27 -40.38
N SER H 314 -122.96 52.71 -39.32
CA SER H 314 -123.96 53.77 -39.44
C SER H 314 -123.23 55.07 -39.74
N SER H 315 -123.29 55.50 -40.99
CA SER H 315 -122.71 56.77 -41.39
C SER H 315 -123.71 57.90 -41.13
N THR H 316 -123.41 59.07 -41.65
CA THR H 316 -124.33 60.20 -41.53
C THR H 316 -125.51 60.02 -42.46
N PHE H 317 -126.65 60.57 -42.05
CA PHE H 317 -127.89 60.44 -42.80
C PHE H 317 -128.37 61.81 -43.27
N THR H 318 -129.12 61.82 -44.35
CA THR H 318 -129.84 63.00 -44.83
C THR H 318 -131.29 62.64 -45.07
N SER H 319 -132.17 63.60 -44.86
CA SER H 319 -133.59 63.40 -45.13
C SER H 319 -133.87 63.75 -46.58
N ASP H 320 -134.57 62.87 -47.27
CA ASP H 320 -134.85 63.05 -48.69
C ASP H 320 -136.09 63.91 -48.86
N VAL H 321 -135.98 64.94 -49.69
CA VAL H 321 -137.15 65.68 -50.14
C VAL H 321 -137.28 65.42 -51.64
N THR H 322 -138.02 64.39 -51.99
CA THR H 322 -138.20 63.97 -53.37
C THR H 322 -139.63 63.46 -53.47
N THR H 323 -140.27 63.74 -54.62
CA THR H 323 -141.73 63.66 -54.77
C THR H 323 -142.34 62.30 -54.45
N ILE H 324 -141.56 61.22 -54.53
CA ILE H 324 -142.06 59.92 -54.12
C ILE H 324 -141.45 59.46 -52.80
N THR H 325 -140.24 59.91 -52.46
CA THR H 325 -139.54 59.50 -51.25
C THR H 325 -139.34 60.68 -50.31
N SER H 326 -140.36 61.51 -50.14
CA SER H 326 -140.27 62.63 -49.22
C SER H 326 -140.42 62.15 -47.79
N GLY H 327 -139.79 62.88 -46.87
CA GLY H 327 -139.85 62.53 -45.45
C GLY H 327 -139.17 61.22 -45.13
N ARG H 328 -138.03 60.96 -45.73
CA ARG H 328 -137.36 59.67 -45.57
C ARG H 328 -135.87 59.90 -45.39
N MET H 329 -135.29 59.26 -44.39
CA MET H 329 -133.89 59.44 -44.08
C MET H 329 -133.04 58.42 -44.84
N ILE H 330 -132.19 58.90 -45.72
CA ILE H 330 -131.30 58.07 -46.51
C ILE H 330 -129.86 58.37 -46.12
N ARG H 331 -128.95 57.56 -46.64
CA ARG H 331 -127.55 57.68 -46.29
C ARG H 331 -126.86 58.72 -47.17
N ALA H 332 -125.64 59.10 -46.79
CA ALA H 332 -125.00 60.28 -47.33
C ALA H 332 -123.88 59.99 -48.31
N PHE H 333 -122.95 59.10 -47.95
CA PHE H 333 -121.77 58.72 -48.74
C PHE H 333 -120.88 59.93 -49.06
N GLU H 334 -120.29 60.49 -48.00
CA GLU H 334 -119.35 61.60 -48.20
C GLU H 334 -118.06 61.17 -48.86
N GLY H 335 -117.69 59.89 -48.75
CA GLY H 335 -116.43 59.43 -49.32
C GLY H 335 -116.43 59.46 -50.84
N ARG H 336 -117.49 58.93 -51.45
CA ARG H 336 -117.73 59.17 -52.85
C ARG H 336 -119.23 59.30 -53.06
N PRO H 337 -119.68 60.36 -53.74
CA PRO H 337 -121.12 60.62 -53.85
C PRO H 337 -121.79 59.84 -54.96
N GLU H 338 -121.02 59.16 -55.82
CA GLU H 338 -121.61 58.43 -56.92
C GLU H 338 -122.32 57.17 -56.48
N LEU H 339 -122.12 56.72 -55.24
CA LEU H 339 -122.80 55.55 -54.74
C LEU H 339 -124.25 55.79 -54.40
N LEU H 340 -124.68 57.06 -54.29
CA LEU H 340 -126.03 57.35 -53.79
C LEU H 340 -127.09 56.95 -54.81
N ALA H 341 -126.82 57.13 -56.10
CA ALA H 341 -127.69 56.58 -57.12
C ALA H 341 -127.63 55.06 -57.11
N LEU H 342 -126.44 54.50 -56.90
CA LEU H 342 -126.23 53.06 -56.85
C LEU H 342 -126.54 52.46 -55.49
N ALA H 343 -127.21 53.18 -54.59
CA ALA H 343 -127.60 52.63 -53.30
C ALA H 343 -129.10 52.47 -53.16
N TYR H 344 -129.88 53.44 -53.64
CA TYR H 344 -131.33 53.44 -53.46
C TYR H 344 -132.03 53.45 -54.81
N PRO H 345 -132.28 52.28 -55.39
CA PRO H 345 -133.15 52.23 -56.57
C PRO H 345 -134.57 52.55 -56.18
N GLY H 346 -135.31 53.11 -57.13
CA GLY H 346 -136.64 53.61 -56.87
C GLY H 346 -136.69 55.04 -56.40
N ARG H 347 -135.59 55.56 -55.89
CA ARG H 347 -135.53 56.96 -55.49
C ARG H 347 -135.39 57.84 -56.72
N ALA H 348 -136.37 58.72 -56.93
CA ALA H 348 -136.43 59.67 -58.05
C ALA H 348 -136.37 58.95 -59.40
N VAL H 349 -137.41 58.16 -59.65
CA VAL H 349 -137.51 57.44 -60.91
C VAL H 349 -137.98 58.41 -61.98
N LEU H 350 -137.20 58.51 -63.05
CA LEU H 350 -137.62 59.31 -64.19
C LEU H 350 -138.80 58.62 -64.87
N PRO H 351 -139.84 59.37 -65.27
CA PRO H 351 -141.06 58.74 -65.78
C PRO H 351 -140.98 58.21 -67.20
N THR H 352 -139.77 58.02 -67.72
CA THR H 352 -139.57 57.45 -69.04
C THR H 352 -140.08 56.02 -69.09
N GLN H 353 -140.35 55.54 -70.29
CA GLN H 353 -140.87 54.20 -70.49
C GLN H 353 -139.74 53.32 -71.01
N THR H 354 -138.92 52.82 -70.10
CA THR H 354 -137.84 51.90 -70.40
C THR H 354 -137.98 50.68 -69.51
N LYS H 355 -137.24 49.63 -69.85
CA LYS H 355 -137.23 48.42 -69.01
C LYS H 355 -136.64 48.70 -67.65
N ASN H 356 -135.69 49.63 -67.58
CA ASN H 356 -135.15 50.09 -66.31
C ASN H 356 -136.22 50.81 -65.50
N ALA H 357 -137.03 51.65 -66.15
CA ALA H 357 -137.98 52.47 -65.43
C ALA H 357 -139.32 51.80 -65.21
N GLN H 358 -139.67 50.80 -66.02
CA GLN H 358 -140.85 50.00 -65.73
C GLN H 358 -140.66 49.14 -64.49
N PHE H 359 -139.42 48.82 -64.16
CA PHE H 359 -139.15 48.09 -62.93
C PHE H 359 -139.17 49.01 -61.73
N LEU H 360 -138.44 50.11 -61.80
CA LEU H 360 -138.28 51.02 -60.67
C LEU H 360 -139.56 51.80 -60.36
N SER H 361 -140.54 51.79 -61.27
CA SER H 361 -141.85 52.33 -60.96
C SER H 361 -142.58 51.48 -59.93
N THR H 362 -142.24 50.20 -59.85
CA THR H 362 -142.88 49.28 -58.91
C THR H 362 -142.22 49.29 -57.54
N ALA H 363 -141.30 50.21 -57.29
CA ALA H 363 -140.63 50.30 -56.00
C ALA H 363 -141.57 50.88 -54.96
N ILE H 364 -141.49 50.36 -53.75
CA ILE H 364 -142.30 50.84 -52.65
C ILE H 364 -141.48 51.85 -51.85
N ALA H 365 -142.04 53.05 -51.67
CA ALA H 365 -141.29 54.16 -51.08
C ALA H 365 -141.03 53.97 -49.60
N ASP H 366 -141.77 53.07 -48.94
CA ASP H 366 -141.48 52.72 -47.56
C ASP H 366 -140.14 52.01 -47.44
N ARG H 367 -139.76 51.26 -48.48
CA ARG H 367 -138.58 50.43 -48.41
C ARG H 367 -137.30 51.23 -48.55
N ILE H 368 -137.30 52.31 -49.32
CA ILE H 368 -136.09 53.09 -49.53
C ILE H 368 -135.73 53.80 -48.24
N GLY H 369 -134.45 53.73 -47.86
CA GLY H 369 -133.96 54.44 -46.69
C GLY H 369 -133.84 53.58 -45.46
N ARG H 370 -133.92 54.24 -44.30
CA ARG H 370 -133.85 53.54 -43.03
C ARG H 370 -135.25 53.12 -42.60
N LEU H 371 -135.31 52.30 -41.56
CA LEU H 371 -136.58 51.74 -41.09
C LEU H 371 -136.95 52.23 -39.70
N ASP H 372 -136.08 52.04 -38.71
CA ASP H 372 -136.41 52.46 -37.36
C ASP H 372 -136.20 53.96 -37.18
N ARG H 373 -136.87 54.52 -36.18
CA ARG H 373 -136.86 55.96 -35.93
C ARG H 373 -135.84 56.31 -34.85
N ALA H 374 -134.58 55.95 -35.10
CA ALA H 374 -133.43 56.23 -34.22
C ALA H 374 -133.66 55.69 -32.82
N ASN H 375 -133.74 54.36 -32.75
CA ASN H 375 -134.21 53.68 -31.54
C ASN H 375 -133.22 53.83 -30.38
N LEU H 376 -131.96 53.55 -30.60
CA LEU H 376 -130.93 53.71 -29.59
C LEU H 376 -130.13 54.95 -29.93
N ILE H 377 -129.78 55.72 -28.92
CA ILE H 377 -129.27 57.06 -29.14
C ILE H 377 -127.99 57.28 -28.33
N GLY H 378 -127.01 57.92 -28.96
CA GLY H 378 -125.84 58.40 -28.25
C GLY H 378 -126.05 59.84 -27.86
N GLY H 379 -125.03 60.68 -28.04
CA GLY H 379 -125.25 62.12 -27.91
C GLY H 379 -126.14 62.66 -29.01
N GLU H 380 -125.76 62.40 -30.26
CA GLU H 380 -126.57 62.73 -31.41
C GLU H 380 -126.65 61.61 -32.43
N VAL H 381 -125.74 60.66 -32.41
CA VAL H 381 -125.62 59.62 -33.44
C VAL H 381 -126.18 58.33 -32.88
N SER H 382 -126.97 57.64 -33.69
CA SER H 382 -127.65 56.43 -33.23
C SER H 382 -126.67 55.27 -33.10
N ALA H 383 -127.02 54.33 -32.22
CA ALA H 383 -126.12 53.21 -31.92
C ALA H 383 -126.22 52.13 -32.99
N MET H 384 -127.41 51.93 -33.55
CA MET H 384 -127.64 50.93 -34.58
C MET H 384 -128.92 51.31 -35.31
N VAL H 385 -129.05 50.83 -36.55
CA VAL H 385 -130.15 51.27 -37.41
C VAL H 385 -130.50 50.18 -38.41
N GLU H 386 -131.79 49.84 -38.47
CA GLU H 386 -132.33 49.01 -39.55
C GLU H 386 -132.33 49.81 -40.84
N CYS H 387 -131.43 49.48 -41.74
CA CYS H 387 -131.38 50.13 -43.04
C CYS H 387 -131.78 49.14 -44.12
N MET H 388 -132.26 49.69 -45.24
CA MET H 388 -132.80 48.92 -46.35
C MET H 388 -132.25 49.50 -47.64
N GLU H 389 -130.93 49.61 -47.73
CA GLU H 389 -130.28 49.95 -48.98
C GLU H 389 -130.04 48.67 -49.77
N LEU H 390 -129.40 48.78 -50.93
CA LEU H 390 -129.14 47.58 -51.73
C LEU H 390 -127.98 46.81 -51.16
N CYS H 391 -128.17 45.50 -51.02
CA CYS H 391 -127.18 44.60 -50.48
C CYS H 391 -127.56 43.20 -50.89
N ASP H 392 -126.63 42.49 -51.53
CA ASP H 392 -126.87 41.11 -51.88
C ASP H 392 -126.95 40.26 -50.61
N ALA H 393 -127.83 39.25 -50.64
CA ALA H 393 -128.05 38.42 -49.48
C ALA H 393 -126.85 37.55 -49.14
N LEU H 394 -125.98 37.28 -50.12
CA LEU H 394 -124.85 36.40 -49.87
C LEU H 394 -123.77 37.12 -49.06
N THR H 395 -123.54 38.39 -49.35
CA THR H 395 -122.58 39.18 -48.57
C THR H 395 -123.15 39.57 -47.22
N LEU H 396 -124.46 39.90 -47.19
CA LEU H 396 -125.10 40.30 -45.95
C LEU H 396 -125.13 39.17 -44.94
N HIS H 397 -125.30 37.94 -45.42
CA HIS H 397 -125.27 36.79 -44.52
C HIS H 397 -123.89 36.58 -43.93
N ILE H 398 -122.83 36.95 -44.66
CA ILE H 398 -121.48 36.81 -44.12
C ILE H 398 -121.22 37.88 -43.07
N ARG H 399 -121.58 39.12 -43.37
CA ARG H 399 -121.33 40.22 -42.44
C ARG H 399 -122.25 40.16 -41.24
N GLU H 400 -123.43 39.55 -41.37
CA GLU H 400 -124.23 39.27 -40.20
C GLU H 400 -123.61 38.14 -39.37
N THR H 401 -122.90 37.23 -40.03
CA THR H 401 -122.29 36.12 -39.32
C THR H 401 -120.98 36.53 -38.66
N TYR H 402 -120.20 37.36 -39.35
CA TYR H 402 -118.95 37.85 -38.78
C TYR H 402 -119.19 38.73 -37.57
N ILE H 403 -120.33 39.42 -37.52
CA ILE H 403 -120.61 40.22 -36.34
C ILE H 403 -121.24 39.39 -35.24
N MET H 404 -121.68 38.18 -35.57
CA MET H 404 -121.99 37.20 -34.54
C MET H 404 -120.70 36.61 -33.97
N LEU H 405 -119.65 36.56 -34.78
CA LEU H 405 -118.35 36.10 -34.30
C LEU H 405 -117.73 37.08 -33.32
N LEU H 406 -117.89 38.38 -33.58
CA LEU H 406 -117.30 39.38 -32.70
C LEU H 406 -118.05 39.49 -31.39
N ARG H 407 -119.37 39.37 -31.41
CA ARG H 407 -120.12 39.34 -30.17
C ARG H 407 -119.92 38.01 -29.43
N SER H 408 -119.52 36.96 -30.14
CA SER H 408 -119.19 35.70 -29.48
C SER H 408 -117.92 35.84 -28.66
N MET H 409 -116.98 36.66 -29.10
CA MET H 409 -115.73 36.87 -28.39
C MET H 409 -115.74 38.14 -27.55
N HIS H 410 -116.91 38.74 -27.35
CA HIS H 410 -117.02 39.92 -26.50
C HIS H 410 -116.78 39.56 -25.04
N GLN H 411 -115.85 40.28 -24.41
CA GLN H 411 -115.67 40.23 -22.96
C GLN H 411 -116.28 41.47 -22.35
N ASP H 412 -117.12 41.27 -21.34
CA ASP H 412 -117.73 42.34 -20.56
C ASP H 412 -116.63 43.13 -19.86
N PRO H 413 -116.45 44.40 -20.21
CA PRO H 413 -115.27 45.14 -19.72
C PRO H 413 -115.38 45.55 -18.27
N THR H 414 -116.57 45.51 -17.69
CA THR H 414 -116.71 45.83 -16.28
C THR H 414 -116.21 44.72 -15.37
N GLN H 415 -115.93 43.54 -15.92
CA GLN H 415 -115.41 42.43 -15.14
C GLN H 415 -113.92 42.21 -15.36
N ILE H 416 -113.23 43.15 -16.02
CA ILE H 416 -111.78 43.08 -16.17
C ILE H 416 -111.09 43.23 -14.81
N VAL H 417 -111.73 43.95 -13.89
CA VAL H 417 -111.19 44.15 -12.54
C VAL H 417 -111.09 42.82 -11.79
N GLN H 418 -112.08 41.95 -11.95
CA GLN H 418 -111.99 40.63 -11.34
C GLN H 418 -110.98 39.74 -12.06
N ILE H 419 -110.77 39.98 -13.35
CA ILE H 419 -109.77 39.21 -14.08
C ILE H 419 -108.37 39.56 -13.60
N VAL H 420 -108.09 40.86 -13.42
CA VAL H 420 -106.78 41.28 -12.97
C VAL H 420 -106.56 40.90 -11.50
N ASN H 421 -107.62 40.92 -10.69
CA ASN H 421 -107.50 40.51 -9.29
C ASN H 421 -107.18 39.04 -9.14
N GLU H 422 -107.79 38.20 -9.96
CA GLU H 422 -107.59 36.77 -9.80
C GLU H 422 -106.36 36.27 -10.55
N CYS H 423 -106.01 36.90 -11.68
CA CYS H 423 -104.77 36.51 -12.35
C CYS H 423 -103.53 37.04 -11.64
N ALA H 424 -103.69 37.95 -10.69
CA ALA H 424 -102.58 38.40 -9.85
C ALA H 424 -102.61 37.79 -8.47
N ASN H 425 -103.57 36.90 -8.19
CA ASN H 425 -103.80 36.29 -6.87
C ASN H 425 -103.99 37.33 -5.78
N ASN H 426 -104.76 38.38 -6.13
CA ASN H 426 -105.13 39.48 -5.23
C ASN H 426 -103.90 40.20 -4.66
N LEU H 427 -102.87 40.33 -5.49
CA LEU H 427 -101.70 41.10 -5.17
C LEU H 427 -101.71 42.46 -5.85
N LEU H 428 -102.74 42.75 -6.65
CA LEU H 428 -102.77 43.94 -7.49
C LEU H 428 -104.22 44.17 -7.85
N ASN H 429 -104.74 45.36 -7.53
CA ASN H 429 -106.18 45.62 -7.66
C ASN H 429 -106.41 46.89 -8.48
N SER H 430 -106.42 46.75 -9.80
CA SER H 430 -106.70 47.89 -10.65
C SER H 430 -108.20 48.17 -10.68
N THR H 431 -108.56 49.44 -10.70
CA THR H 431 -109.95 49.87 -10.86
C THR H 431 -110.05 50.61 -12.18
N ILE H 432 -110.81 50.05 -13.10
CA ILE H 432 -110.89 50.55 -14.47
C ILE H 432 -112.29 51.11 -14.68
N PRO H 433 -112.45 52.43 -14.83
CA PRO H 433 -113.77 52.98 -15.14
C PRO H 433 -114.09 52.83 -16.62
N ILE H 434 -115.25 52.26 -16.92
CA ILE H 434 -115.73 52.20 -18.29
C ILE H 434 -117.08 52.92 -18.34
N SER H 435 -117.44 53.35 -19.54
CA SER H 435 -118.70 54.00 -19.79
C SER H 435 -119.60 53.01 -20.50
N LEU H 436 -120.72 52.64 -19.86
CA LEU H 436 -121.59 51.60 -20.39
C LEU H 436 -122.36 52.10 -21.60
N ARG H 437 -121.81 51.98 -22.70
CA ARG H 437 -122.41 52.33 -23.98
C ARG H 437 -123.20 51.13 -24.51
N PRO H 438 -124.25 51.36 -25.28
CA PRO H 438 -125.05 50.23 -25.77
C PRO H 438 -124.31 49.39 -26.80
N THR H 439 -123.61 50.03 -27.73
CA THR H 439 -122.76 49.33 -28.69
C THR H 439 -121.33 49.27 -28.19
N ILE H 440 -121.17 48.74 -27.00
CA ILE H 440 -119.85 48.48 -26.45
C ILE H 440 -119.32 47.20 -27.07
N LEU H 441 -118.04 47.18 -27.40
CA LEU H 441 -117.45 46.01 -28.03
C LEU H 441 -116.00 45.88 -27.59
N CYS H 442 -115.67 44.77 -26.95
CA CYS H 442 -114.30 44.46 -26.58
C CYS H 442 -114.06 42.99 -26.89
N PRO H 443 -113.54 42.68 -28.07
CA PRO H 443 -113.38 41.29 -28.52
C PRO H 443 -112.22 40.58 -27.83
N TRP H 444 -112.30 40.45 -26.50
CA TRP H 444 -111.16 40.08 -25.70
C TRP H 444 -111.39 38.75 -24.98
N PHE H 445 -112.41 38.00 -25.37
CA PHE H 445 -112.84 36.78 -24.69
C PHE H 445 -112.66 35.58 -25.60
N ALA H 446 -112.28 34.45 -25.00
CA ALA H 446 -112.32 33.16 -25.65
C ALA H 446 -112.70 32.11 -24.62
N SER H 447 -113.48 31.13 -25.06
CA SER H 447 -113.99 30.15 -24.11
C SER H 447 -112.90 29.15 -23.73
N SER H 448 -113.21 28.33 -22.74
CA SER H 448 -112.29 27.28 -22.32
C SER H 448 -112.15 26.20 -23.38
N GLU H 449 -113.24 25.89 -24.09
CA GLU H 449 -113.18 24.92 -25.16
C GLU H 449 -112.38 25.46 -26.34
N ASP H 450 -112.36 26.77 -26.50
CA ASP H 450 -111.66 27.39 -27.61
C ASP H 450 -110.17 27.52 -27.35
N LEU H 451 -109.78 27.75 -26.10
CA LEU H 451 -108.37 27.84 -25.77
C LEU H 451 -107.66 26.49 -25.77
N ARG H 452 -108.39 25.39 -25.55
CA ARG H 452 -107.78 24.07 -25.63
C ARG H 452 -107.40 23.71 -27.05
N LEU H 453 -108.19 24.14 -28.03
CA LEU H 453 -107.84 23.86 -29.42
C LEU H 453 -106.68 24.73 -29.87
N GLN H 454 -106.56 25.94 -29.33
CA GLN H 454 -105.36 26.73 -29.55
C GLN H 454 -104.14 26.04 -28.96
N GLN H 455 -104.31 25.42 -27.79
CA GLN H 455 -103.19 24.80 -27.09
C GLN H 455 -102.68 23.58 -27.84
N VAL H 456 -103.57 22.76 -28.40
CA VAL H 456 -103.15 21.66 -29.24
C VAL H 456 -102.52 22.18 -30.53
N MET H 457 -102.99 23.32 -31.02
CA MET H 457 -102.50 23.80 -32.30
C MET H 457 -101.10 24.41 -32.17
N HIS H 458 -100.76 24.94 -31.00
CA HIS H 458 -99.36 25.22 -30.73
C HIS H 458 -98.56 23.93 -30.69
N LEU H 459 -99.13 22.89 -30.09
CA LEU H 459 -98.43 21.64 -29.91
C LEU H 459 -98.25 20.90 -31.24
N VAL H 460 -99.11 21.18 -32.21
CA VAL H 460 -98.87 20.70 -33.57
C VAL H 460 -97.76 21.53 -34.22
N ASN H 461 -97.82 22.86 -34.07
CA ASN H 461 -96.88 23.73 -34.76
C ASN H 461 -95.48 23.68 -34.16
N ILE H 462 -95.37 23.34 -32.87
CA ILE H 462 -94.05 23.15 -32.27
C ILE H 462 -93.39 21.89 -32.82
N SER H 463 -94.17 20.83 -33.02
CA SER H 463 -93.88 19.75 -33.98
C SER H 463 -92.69 18.89 -33.58
N SER H 464 -92.52 18.66 -32.27
CA SER H 464 -91.40 17.90 -31.70
C SER H 464 -90.04 18.47 -32.09
N ASN H 465 -89.95 19.78 -32.23
CA ASN H 465 -88.70 20.46 -32.54
C ASN H 465 -88.17 21.04 -31.24
N THR H 466 -86.93 20.70 -30.92
CA THR H 466 -86.32 21.17 -29.67
C THR H 466 -86.08 22.67 -29.70
N ALA H 467 -85.77 23.22 -30.87
CA ALA H 467 -85.54 24.66 -30.99
C ALA H 467 -86.84 25.44 -31.04
N ALA H 468 -87.96 24.80 -31.36
CA ALA H 468 -89.22 25.53 -31.41
C ALA H 468 -89.85 25.70 -30.03
N ALA H 469 -89.72 24.69 -29.18
CA ALA H 469 -90.29 24.73 -27.83
C ALA H 469 -89.41 25.44 -26.83
N LEU H 470 -88.15 25.62 -27.14
CA LEU H 470 -87.19 26.24 -26.22
C LEU H 470 -87.43 27.71 -25.90
N PRO H 471 -87.84 28.60 -26.83
CA PRO H 471 -88.14 29.98 -26.39
C PRO H 471 -89.39 30.12 -25.57
N LEU H 472 -90.22 29.08 -25.47
CA LEU H 472 -91.39 29.19 -24.60
C LEU H 472 -91.00 29.13 -23.14
N VAL H 473 -89.93 28.41 -22.81
CA VAL H 473 -89.40 28.43 -21.45
C VAL H 473 -88.27 29.43 -21.28
N GLU H 474 -87.59 29.83 -22.34
CA GLU H 474 -86.57 30.87 -22.20
C GLU H 474 -87.19 32.24 -22.04
N ALA H 475 -88.41 32.44 -22.55
CA ALA H 475 -89.10 33.70 -22.27
C ALA H 475 -89.70 33.70 -20.88
N LEU H 476 -90.22 32.55 -20.44
CA LEU H 476 -90.74 32.43 -19.08
C LEU H 476 -89.62 32.56 -18.06
N SER H 477 -88.43 32.03 -18.38
CA SER H 477 -87.26 32.22 -17.54
C SER H 477 -86.82 33.66 -17.49
N THR H 478 -87.02 34.41 -18.57
CA THR H 478 -86.70 35.83 -18.54
C THR H 478 -87.73 36.59 -17.72
N LEU H 479 -89.01 36.22 -17.84
CA LEU H 479 -90.04 36.88 -17.04
C LEU H 479 -90.00 36.45 -15.58
N LEU H 480 -89.51 35.24 -15.27
CA LEU H 480 -89.38 34.84 -13.87
C LEU H 480 -88.28 35.61 -13.17
N ARG H 481 -87.13 35.78 -13.82
CA ARG H 481 -86.01 36.42 -13.15
C ARG H 481 -86.17 37.93 -13.06
N SER H 482 -87.12 38.52 -13.79
CA SER H 482 -87.41 39.94 -13.65
C SER H 482 -88.44 40.22 -12.58
N VAL H 483 -89.22 39.21 -12.20
CA VAL H 483 -90.26 39.37 -11.19
C VAL H 483 -89.75 39.02 -9.79
N THR H 484 -88.90 38.00 -9.70
CA THR H 484 -88.54 37.37 -8.44
C THR H 484 -87.80 38.33 -7.50
N PRO H 485 -88.03 38.20 -6.19
CA PRO H 485 -87.31 39.03 -5.22
C PRO H 485 -85.97 38.45 -4.79
N LEU H 486 -85.58 37.33 -5.37
CA LEU H 486 -84.46 36.54 -4.89
C LEU H 486 -83.24 36.83 -5.73
N VAL H 487 -82.29 37.56 -5.16
CA VAL H 487 -80.97 37.69 -5.75
C VAL H 487 -80.21 36.39 -5.48
N LEU H 488 -79.18 36.13 -6.28
CA LEU H 488 -78.43 34.89 -6.17
C LEU H 488 -76.95 35.25 -6.06
N ASP H 489 -76.43 35.30 -4.83
CA ASP H 489 -75.05 35.70 -4.61
C ASP H 489 -74.26 34.49 -4.13
N PRO H 490 -73.30 33.99 -4.90
CA PRO H 490 -72.53 32.82 -4.48
C PRO H 490 -71.46 33.12 -3.44
N THR H 491 -71.23 34.39 -3.10
CA THR H 491 -70.16 34.74 -2.18
C THR H 491 -70.45 34.35 -0.75
N VAL H 492 -71.71 34.04 -0.42
CA VAL H 492 -72.03 33.54 0.92
C VAL H 492 -71.44 32.15 1.11
N LEU H 493 -71.63 31.27 0.13
CA LEU H 493 -71.06 29.93 0.24
C LEU H 493 -69.57 29.93 -0.09
N THR H 494 -69.12 30.85 -0.94
CA THR H 494 -67.70 30.98 -1.23
C THR H 494 -66.91 31.35 0.03
N ASN H 495 -67.42 32.30 0.80
CA ASN H 495 -66.83 32.59 2.10
C ASN H 495 -67.06 31.47 3.10
N ALA H 496 -68.08 30.64 2.89
CA ALA H 496 -68.33 29.49 3.76
C ALA H 496 -67.52 28.28 3.37
N ILE H 497 -66.87 28.29 2.20
CA ILE H 497 -66.10 27.14 1.75
C ILE H 497 -64.60 27.42 1.74
N THR H 498 -64.18 28.68 1.55
CA THR H 498 -62.76 28.98 1.41
C THR H 498 -62.03 28.86 2.74
N THR H 499 -62.74 29.08 3.85
CA THR H 499 -62.16 28.85 5.17
C THR H 499 -61.90 27.36 5.40
N ILE H 500 -62.70 26.50 4.78
CA ILE H 500 -62.57 25.06 4.95
C ILE H 500 -62.11 24.37 3.67
N SER H 501 -61.56 25.13 2.71
CA SER H 501 -61.21 24.54 1.42
C SER H 501 -59.92 23.75 1.49
N GLU H 502 -58.86 24.37 2.03
CA GLU H 502 -57.46 23.95 1.88
C GLU H 502 -57.14 23.78 0.39
N SER H 503 -57.14 24.93 -0.28
CA SER H 503 -57.08 24.96 -1.74
C SER H 503 -55.71 24.57 -2.26
N THR H 504 -54.65 24.94 -1.55
CA THR H 504 -53.30 24.71 -2.05
C THR H 504 -52.94 23.22 -2.02
N THR H 505 -52.22 22.78 -3.06
CA THR H 505 -51.58 21.49 -3.28
C THR H 505 -52.55 20.32 -3.48
N GLN H 506 -53.87 20.54 -3.40
CA GLN H 506 -54.85 19.49 -3.61
C GLN H 506 -55.91 19.97 -4.60
N THR H 507 -55.68 19.73 -5.89
CA THR H 507 -56.65 20.10 -6.91
C THR H 507 -57.86 19.16 -6.94
N ILE H 508 -57.77 18.01 -6.26
CA ILE H 508 -58.92 17.12 -6.17
C ILE H 508 -59.88 17.59 -5.09
N SER H 509 -59.36 18.05 -3.95
CA SER H 509 -60.19 18.16 -2.76
C SER H 509 -61.17 19.35 -2.76
N PRO H 510 -60.78 20.68 -2.86
CA PRO H 510 -61.85 21.65 -3.10
C PRO H 510 -62.03 22.09 -4.55
N ILE H 511 -61.02 21.87 -5.40
CA ILE H 511 -61.01 22.51 -6.72
C ILE H 511 -61.95 21.78 -7.68
N SER H 512 -62.01 20.45 -7.58
CA SER H 512 -62.95 19.66 -8.39
C SER H 512 -64.39 20.03 -8.08
N GLU H 513 -64.67 20.44 -6.84
CA GLU H 513 -65.93 21.09 -6.53
C GLU H 513 -65.99 22.47 -7.18
N ILE H 514 -65.04 23.34 -6.80
CA ILE H 514 -65.22 24.77 -6.99
C ILE H 514 -64.90 25.22 -8.41
N LEU H 515 -64.31 24.36 -9.25
CA LEU H 515 -64.18 24.69 -10.66
C LEU H 515 -65.55 24.68 -11.34
N ARG H 516 -66.49 23.89 -10.83
CA ARG H 516 -67.86 23.91 -11.32
C ARG H 516 -68.82 24.47 -10.27
N LEU H 517 -68.31 25.16 -9.25
CA LEU H 517 -69.14 25.73 -8.20
C LEU H 517 -68.96 27.23 -8.00
N LEU H 518 -67.81 27.81 -8.36
CA LEU H 518 -67.55 29.19 -7.95
C LEU H 518 -68.32 30.19 -8.81
N GLN H 519 -67.93 30.30 -10.10
CA GLN H 519 -68.44 31.19 -11.15
C GLN H 519 -68.81 32.59 -10.68
N PRO H 520 -67.83 33.45 -10.32
CA PRO H 520 -68.17 34.79 -9.82
C PRO H 520 -68.80 35.67 -10.89
N MET H 521 -68.13 35.76 -12.03
CA MET H 521 -68.65 36.44 -13.21
C MET H 521 -68.66 35.54 -14.43
N GLY H 522 -68.57 34.23 -14.22
CA GLY H 522 -68.50 33.30 -15.34
C GLY H 522 -69.82 33.14 -16.05
N ASN H 523 -70.90 32.97 -15.30
CA ASN H 523 -72.22 32.83 -15.89
C ASN H 523 -73.29 33.32 -14.92
N ASP H 524 -74.47 33.56 -15.46
CA ASP H 524 -75.65 33.76 -14.63
C ASP H 524 -76.22 32.41 -14.20
N TYR H 525 -77.30 32.46 -13.43
CA TYR H 525 -77.99 31.23 -13.05
C TYR H 525 -79.16 30.97 -13.97
N ALA H 526 -78.86 30.93 -15.27
CA ALA H 526 -79.92 30.71 -16.26
C ALA H 526 -80.44 29.29 -16.23
N ALA H 527 -79.58 28.33 -15.91
CA ALA H 527 -80.02 26.94 -15.82
C ALA H 527 -80.95 26.70 -14.64
N PHE H 528 -80.90 27.56 -13.62
CA PHE H 528 -81.85 27.46 -12.53
C PHE H 528 -83.22 27.93 -12.94
N TRP H 529 -83.32 29.14 -13.49
CA TRP H 529 -84.62 29.71 -13.83
C TRP H 529 -85.24 29.05 -15.04
N LYS H 530 -84.43 28.44 -15.91
CA LYS H 530 -84.96 27.63 -16.99
C LYS H 530 -85.52 26.32 -16.47
N CYS H 531 -85.04 25.85 -15.32
CA CYS H 531 -85.51 24.61 -14.75
C CYS H 531 -86.86 24.80 -14.05
N ILE H 532 -87.12 25.98 -13.50
CA ILE H 532 -88.45 26.28 -12.97
C ILE H 532 -89.42 26.50 -14.13
N ALA H 533 -88.97 27.20 -15.17
CA ALA H 533 -89.84 27.51 -16.30
C ALA H 533 -90.25 26.28 -17.09
N SER H 534 -89.48 25.19 -17.01
CA SER H 534 -89.88 23.95 -17.63
C SER H 534 -90.98 23.22 -16.87
N TRP H 535 -91.26 23.62 -15.63
CA TRP H 535 -92.34 22.98 -14.89
C TRP H 535 -93.69 23.39 -15.45
N ALA H 536 -93.83 24.65 -15.84
CA ALA H 536 -95.08 25.09 -16.45
C ALA H 536 -95.27 24.48 -17.82
N TYR H 537 -94.19 24.18 -18.53
CA TYR H 537 -94.27 23.62 -19.86
C TYR H 537 -93.73 22.19 -19.90
N ASN H 538 -94.02 21.41 -18.87
CA ASN H 538 -93.73 19.99 -18.94
C ASN H 538 -94.71 19.31 -19.88
N GLY H 539 -94.26 18.25 -20.52
CA GLY H 539 -94.95 17.67 -21.65
C GLY H 539 -94.62 18.33 -22.96
N LEU H 540 -94.06 19.54 -22.92
CA LEU H 540 -93.52 20.23 -24.08
C LEU H 540 -92.00 20.22 -24.08
N VAL H 541 -91.38 20.33 -22.90
CA VAL H 541 -89.94 20.25 -22.76
C VAL H 541 -89.62 19.76 -21.34
N THR H 542 -88.73 18.79 -21.24
CA THR H 542 -88.26 18.28 -19.96
C THR H 542 -86.82 18.69 -19.76
N THR H 543 -86.51 19.20 -18.58
CA THR H 543 -85.17 19.69 -18.28
C THR H 543 -84.33 18.56 -17.67
N VAL H 544 -84.02 17.58 -18.52
CA VAL H 544 -83.30 16.39 -18.06
C VAL H 544 -81.87 16.74 -17.72
N LEU H 545 -81.26 15.89 -16.89
CA LEU H 545 -79.88 16.09 -16.47
C LEU H 545 -78.93 15.88 -17.63
N SER H 546 -77.81 16.60 -17.59
CA SER H 546 -76.87 16.56 -18.70
C SER H 546 -76.08 15.25 -18.71
N GLU H 547 -75.68 14.84 -19.91
CA GLU H 547 -74.93 13.60 -20.08
C GLU H 547 -73.55 13.72 -19.46
N ASP H 548 -72.93 14.89 -19.57
CA ASP H 548 -71.55 15.11 -19.15
C ASP H 548 -71.38 15.15 -17.65
N ALA H 549 -72.47 15.25 -16.88
CA ALA H 549 -72.39 15.35 -15.44
C ALA H 549 -72.73 14.07 -14.73
N PHE H 550 -73.12 13.03 -15.45
CA PHE H 550 -73.18 11.72 -14.84
C PHE H 550 -71.76 11.22 -14.63
N PRO H 551 -71.42 10.71 -13.45
CA PRO H 551 -70.14 10.01 -13.31
C PRO H 551 -70.19 8.73 -14.13
N ASP H 552 -69.14 8.50 -14.92
CA ASP H 552 -69.12 7.39 -15.86
C ASP H 552 -69.11 6.05 -15.13
N SER H 553 -69.76 5.07 -15.75
CA SER H 553 -70.02 3.81 -15.06
C SER H 553 -68.87 2.81 -15.23
N SER H 554 -67.66 3.32 -14.98
CA SER H 554 -66.48 2.50 -14.76
C SER H 554 -65.63 3.04 -13.63
N GLN H 555 -65.71 4.32 -13.32
CA GLN H 555 -65.04 4.90 -12.17
C GLN H 555 -65.66 4.37 -10.89
N SER H 556 -64.84 4.14 -9.87
CA SER H 556 -65.36 3.68 -8.60
C SER H 556 -65.75 4.88 -7.73
N ILE H 557 -66.49 4.58 -6.65
CA ILE H 557 -66.93 5.61 -5.72
C ILE H 557 -65.78 6.15 -4.89
N THR H 558 -64.70 5.38 -4.75
CA THR H 558 -63.52 5.80 -3.98
C THR H 558 -62.82 6.99 -4.63
N HIS H 559 -62.96 7.14 -5.93
CA HIS H 559 -62.49 8.34 -6.62
C HIS H 559 -63.33 9.53 -6.22
N LEU H 560 -62.70 10.49 -5.53
CA LEU H 560 -63.39 11.65 -4.95
C LEU H 560 -64.06 12.61 -5.95
N PRO H 561 -63.48 12.98 -7.10
CA PRO H 561 -64.24 13.85 -8.02
C PRO H 561 -65.41 13.16 -8.68
N SER H 562 -65.52 11.84 -8.57
CA SER H 562 -66.67 11.14 -9.12
C SER H 562 -67.88 11.22 -8.20
N MET H 563 -67.67 11.26 -6.89
CA MET H 563 -68.81 11.28 -5.97
C MET H 563 -69.34 12.69 -5.75
N TRP H 564 -68.50 13.72 -5.82
CA TRP H 564 -68.99 15.09 -5.83
C TRP H 564 -69.73 15.38 -7.12
N LYS H 565 -69.34 14.71 -8.19
CA LYS H 565 -70.12 14.72 -9.41
C LYS H 565 -71.46 14.01 -9.22
N CYS H 566 -71.49 13.02 -8.32
CA CYS H 566 -72.73 12.36 -7.95
C CYS H 566 -73.48 13.09 -6.84
N LEU H 567 -72.75 13.84 -6.01
CA LEU H 567 -73.40 14.62 -4.94
C LEU H 567 -74.20 15.76 -5.53
N PHE H 568 -73.62 16.50 -6.47
CA PHE H 568 -74.32 17.57 -7.15
C PHE H 568 -75.43 17.02 -8.04
N LEU H 569 -75.31 15.77 -8.45
CA LEU H 569 -76.34 15.15 -9.27
C LEU H 569 -77.57 14.85 -8.43
N THR H 570 -77.37 14.42 -7.19
CA THR H 570 -78.49 14.02 -6.34
C THR H 570 -79.21 15.23 -5.78
N LEU H 571 -78.48 16.29 -5.44
CA LEU H 571 -79.10 17.50 -4.91
C LEU H 571 -79.94 18.21 -5.96
N ALA H 572 -79.45 18.26 -7.21
CA ALA H 572 -80.22 18.87 -8.28
C ALA H 572 -81.17 17.89 -8.95
N GLY H 573 -81.33 16.70 -8.39
CA GLY H 573 -82.25 15.70 -8.88
C GLY H 573 -83.71 16.13 -8.91
N PRO H 574 -84.31 16.43 -7.75
CA PRO H 574 -85.72 16.82 -7.72
C PRO H 574 -85.99 18.19 -8.32
N MET H 575 -84.97 18.97 -8.62
CA MET H 575 -85.20 20.26 -9.26
C MET H 575 -85.71 20.07 -10.68
N THR H 576 -85.20 19.07 -11.38
CA THR H 576 -85.53 18.84 -12.77
C THR H 576 -86.97 18.32 -12.93
N SER H 577 -87.44 18.31 -14.17
CA SER H 577 -88.78 17.84 -14.50
C SER H 577 -88.77 16.49 -15.16
N ASP H 578 -87.63 15.82 -15.21
CA ASP H 578 -87.52 14.49 -15.74
C ASP H 578 -88.24 13.53 -14.80
N PRO H 579 -89.22 12.75 -15.28
CA PRO H 579 -89.85 11.77 -14.38
C PRO H 579 -88.97 10.56 -14.12
N HIS H 580 -87.97 10.31 -14.96
CA HIS H 580 -87.02 9.23 -14.72
C HIS H 580 -85.84 9.70 -13.90
N SER H 581 -85.82 10.97 -13.50
CA SER H 581 -84.76 11.49 -12.66
C SER H 581 -84.60 10.84 -11.28
N PRO H 582 -85.64 10.30 -10.59
CA PRO H 582 -85.33 9.50 -9.39
C PRO H 582 -84.49 8.26 -9.67
N VAL H 583 -84.63 7.68 -10.86
CA VAL H 583 -83.90 6.45 -11.15
C VAL H 583 -82.49 6.75 -11.66
N LYS H 584 -82.34 7.83 -12.43
CA LYS H 584 -81.01 8.27 -12.84
C LYS H 584 -80.17 8.70 -11.65
N VAL H 585 -80.82 9.28 -10.63
CA VAL H 585 -80.12 9.60 -9.39
C VAL H 585 -79.70 8.32 -8.67
N PHE H 586 -80.59 7.34 -8.59
CA PHE H 586 -80.27 6.11 -7.89
C PHE H 586 -79.22 5.30 -8.62
N MET H 587 -79.28 5.27 -9.94
CA MET H 587 -78.39 4.39 -10.68
C MET H 587 -76.97 4.93 -10.76
N ALA H 588 -76.82 6.25 -10.83
CA ALA H 588 -75.50 6.84 -10.97
C ALA H 588 -74.64 6.65 -9.72
N LEU H 589 -75.27 6.62 -8.55
CA LEU H 589 -74.53 6.19 -7.37
C LEU H 589 -74.28 4.69 -7.41
N ALA H 590 -75.25 3.92 -7.91
CA ALA H 590 -75.08 2.47 -7.99
C ALA H 590 -74.08 2.05 -9.05
N ASN H 591 -73.78 2.93 -10.01
CA ASN H 591 -72.67 2.67 -10.92
C ASN H 591 -71.34 2.74 -10.19
N LEU H 592 -71.22 3.64 -9.22
CA LEU H 592 -69.91 3.94 -8.63
C LEU H 592 -69.49 2.91 -7.60
N LEU H 593 -70.44 2.21 -7.00
CA LEU H 593 -70.17 1.20 -5.99
C LEU H 593 -70.51 -0.21 -6.46
N ALA H 594 -70.11 -0.53 -7.70
CA ALA H 594 -70.45 -1.81 -8.32
C ALA H 594 -69.84 -2.98 -7.57
N GLN H 595 -68.50 -3.04 -7.47
CA GLN H 595 -67.92 -4.16 -6.71
C GLN H 595 -68.12 -4.07 -5.19
N PRO H 596 -68.00 -2.91 -4.51
CA PRO H 596 -68.31 -2.92 -3.07
C PRO H 596 -69.76 -3.20 -2.74
N GLU H 597 -70.71 -2.87 -3.63
CA GLU H 597 -72.11 -3.20 -3.39
C GLU H 597 -72.68 -3.92 -4.61
N PRO H 598 -72.37 -5.21 -4.78
CA PRO H 598 -72.82 -5.92 -5.98
C PRO H 598 -74.24 -6.45 -5.92
N ILE H 599 -75.22 -5.61 -6.24
CA ILE H 599 -76.60 -6.07 -6.28
C ILE H 599 -76.98 -6.38 -7.72
N ALA H 600 -77.80 -7.42 -7.90
CA ALA H 600 -78.33 -7.75 -9.20
C ALA H 600 -79.58 -6.93 -9.46
N ILE H 601 -79.80 -6.57 -10.72
CA ILE H 601 -80.84 -5.64 -11.12
C ILE H 601 -81.82 -6.38 -12.01
N GLY H 602 -83.11 -6.27 -11.67
CA GLY H 602 -84.13 -7.13 -12.27
C GLY H 602 -84.51 -6.80 -13.70
N VAL H 603 -84.00 -5.72 -14.27
CA VAL H 603 -84.27 -5.44 -15.67
C VAL H 603 -83.44 -6.40 -16.53
N PRO H 604 -84.02 -7.03 -17.55
CA PRO H 604 -83.29 -8.05 -18.29
C PRO H 604 -82.22 -7.49 -19.20
N GLY H 605 -81.17 -8.27 -19.39
CA GLY H 605 -80.05 -7.96 -20.25
C GLY H 605 -79.18 -6.82 -19.81
N MET H 606 -79.41 -6.25 -18.62
CA MET H 606 -78.80 -5.00 -18.21
C MET H 606 -78.23 -5.16 -16.81
N HIS H 607 -77.12 -4.47 -16.54
CA HIS H 607 -76.38 -4.76 -15.33
C HIS H 607 -76.13 -3.51 -14.48
N GLN H 608 -75.33 -3.63 -13.44
CA GLN H 608 -75.07 -2.52 -12.55
C GLN H 608 -74.03 -1.57 -13.12
N THR H 609 -73.30 -1.98 -14.15
CA THR H 609 -72.44 -1.07 -14.89
C THR H 609 -73.19 -0.32 -15.99
N THR H 610 -74.49 -0.54 -16.13
CA THR H 610 -75.26 0.22 -17.10
C THR H 610 -75.52 1.61 -16.55
N PRO H 611 -75.19 2.67 -17.30
CA PRO H 611 -75.19 4.03 -16.72
C PRO H 611 -76.55 4.59 -16.36
N ALA H 612 -76.52 5.77 -15.75
CA ALA H 612 -77.74 6.52 -15.50
C ALA H 612 -78.27 7.15 -16.79
N SER H 613 -77.46 7.23 -17.84
CA SER H 613 -77.92 7.80 -19.10
C SER H 613 -78.97 6.93 -19.76
N GLN H 614 -78.95 5.63 -19.48
CA GLN H 614 -79.86 4.71 -20.15
C GLN H 614 -81.27 4.79 -19.60
N PHE H 615 -81.42 4.92 -18.28
CA PHE H 615 -82.69 4.65 -17.62
C PHE H 615 -83.65 5.82 -17.87
N SER H 616 -84.34 5.77 -19.01
CA SER H 616 -85.29 6.81 -19.37
C SER H 616 -86.65 6.21 -19.71
N HIS H 617 -86.93 5.01 -19.22
CA HIS H 617 -88.15 4.29 -19.55
C HIS H 617 -88.61 3.61 -18.28
N PRO H 618 -89.92 3.57 -18.03
CA PRO H 618 -90.41 3.07 -16.72
C PRO H 618 -90.19 1.60 -16.50
N GLY H 619 -90.20 0.78 -17.55
CA GLY H 619 -89.98 -0.64 -17.38
C GLY H 619 -88.55 -1.03 -17.10
N VAL H 620 -87.64 -0.07 -17.11
CA VAL H 620 -86.23 -0.32 -16.88
C VAL H 620 -85.83 0.08 -15.46
N TRP H 621 -86.79 0.56 -14.66
CA TRP H 621 -86.51 0.92 -13.28
C TRP H 621 -86.21 -0.34 -12.48
N PRO H 622 -85.17 -0.36 -11.66
CA PRO H 622 -84.81 -1.57 -10.93
C PRO H 622 -85.82 -1.88 -9.85
N PRO H 623 -86.18 -3.16 -9.66
CA PRO H 623 -87.12 -3.51 -8.60
C PRO H 623 -86.56 -3.31 -7.21
N GLY H 624 -85.24 -3.27 -7.05
CA GLY H 624 -84.67 -2.84 -5.80
C GLY H 624 -84.91 -1.36 -5.52
N PHE H 625 -84.94 -0.55 -6.58
CA PHE H 625 -85.37 0.83 -6.40
C PHE H 625 -86.87 0.93 -6.22
N LEU H 626 -87.61 0.04 -6.88
CA LEU H 626 -89.07 0.00 -6.70
C LEU H 626 -89.43 -0.54 -5.33
N ASN H 627 -88.65 -1.48 -4.82
CA ASN H 627 -88.88 -2.09 -3.52
C ASN H 627 -87.53 -2.15 -2.82
N PRO H 628 -87.26 -1.24 -1.87
CA PRO H 628 -85.98 -1.29 -1.14
C PRO H 628 -85.83 -2.49 -0.23
N GLN H 629 -86.91 -3.23 0.04
CA GLN H 629 -86.80 -4.46 0.81
C GLN H 629 -86.22 -5.62 0.00
N LEU H 630 -86.06 -5.46 -1.31
CA LEU H 630 -85.29 -6.41 -2.09
C LEU H 630 -83.79 -6.20 -1.96
N ILE H 631 -83.36 -5.08 -1.41
CA ILE H 631 -81.95 -4.79 -1.20
C ILE H 631 -81.57 -5.27 0.19
N ASN H 632 -80.50 -6.05 0.28
CA ASN H 632 -80.09 -6.55 1.59
C ASN H 632 -79.39 -5.44 2.36
N PRO H 633 -79.81 -5.15 3.59
CA PRO H 633 -79.21 -4.03 4.33
C PRO H 633 -77.82 -4.31 4.83
N GLN H 634 -77.47 -5.57 5.07
CA GLN H 634 -76.11 -5.90 5.49
C GLN H 634 -75.19 -6.15 4.31
N GLN H 635 -75.72 -6.55 3.15
CA GLN H 635 -74.89 -6.73 1.97
C GLN H 635 -74.62 -5.40 1.28
N ALA H 636 -75.69 -4.64 1.01
CA ALA H 636 -75.61 -3.34 0.36
C ALA H 636 -76.18 -2.28 1.31
N PRO H 637 -75.37 -1.78 2.25
CA PRO H 637 -75.92 -0.79 3.19
C PRO H 637 -76.16 0.57 2.57
N LEU H 638 -75.35 1.00 1.62
CA LEU H 638 -75.56 2.32 1.03
C LEU H 638 -76.75 2.32 0.10
N LEU H 639 -76.90 1.28 -0.72
CA LEU H 639 -78.06 1.17 -1.60
C LEU H 639 -79.34 0.91 -0.83
N ARG H 640 -79.23 0.32 0.37
CA ARG H 640 -80.37 0.24 1.26
C ARG H 640 -80.84 1.63 1.66
N ALA H 641 -79.91 2.47 2.10
CA ALA H 641 -80.24 3.77 2.64
C ALA H 641 -80.26 4.87 1.59
N PHE H 642 -80.22 4.52 0.31
CA PHE H 642 -80.36 5.50 -0.74
C PHE H 642 -81.58 5.26 -1.61
N ALA H 643 -81.92 3.99 -1.85
CA ALA H 643 -83.21 3.69 -2.46
C ALA H 643 -84.35 4.03 -1.50
N GLU H 644 -84.10 3.98 -0.20
CA GLU H 644 -85.08 4.40 0.80
C GLU H 644 -85.03 5.92 0.99
N HIS H 645 -83.86 6.53 0.79
CA HIS H 645 -83.74 7.97 0.85
C HIS H 645 -84.54 8.66 -0.25
N ILE H 646 -84.45 8.15 -1.47
CA ILE H 646 -85.27 8.67 -2.57
C ILE H 646 -86.72 8.30 -2.35
N ARG H 647 -86.99 7.17 -1.72
CA ARG H 647 -88.36 6.76 -1.43
C ARG H 647 -89.03 7.70 -0.43
N ALA H 648 -88.26 8.24 0.51
CA ALA H 648 -88.84 8.98 1.62
C ALA H 648 -88.55 10.47 1.62
N ASN H 649 -87.66 10.96 0.77
CA ASN H 649 -87.34 12.38 0.76
C ASN H 649 -87.58 13.06 -0.57
N TRP H 650 -87.90 12.32 -1.63
CA TRP H 650 -88.27 12.95 -2.88
C TRP H 650 -89.59 13.70 -2.70
N PRO H 651 -89.73 14.90 -3.26
CA PRO H 651 -90.92 15.71 -2.96
C PRO H 651 -92.18 15.15 -3.58
N GLN H 652 -93.23 15.11 -2.79
CA GLN H 652 -94.55 14.78 -3.28
C GLN H 652 -95.10 15.95 -4.07
N PRO H 653 -95.42 15.77 -5.35
CA PRO H 653 -95.88 16.90 -6.16
C PRO H 653 -97.29 17.31 -5.79
N SER H 654 -97.57 18.60 -5.98
CA SER H 654 -98.83 19.18 -5.55
C SER H 654 -99.35 20.05 -6.69
N GLU H 655 -100.36 20.85 -6.38
CA GLU H 655 -101.01 21.66 -7.40
C GLU H 655 -101.47 22.98 -6.80
N PHE H 656 -101.67 23.96 -7.67
CA PHE H 656 -102.17 25.26 -7.28
C PHE H 656 -102.90 25.88 -8.45
N GLY H 657 -103.90 26.69 -8.16
CA GLY H 657 -104.68 27.33 -9.20
C GLY H 657 -103.95 28.49 -9.83
N TYR H 658 -104.43 28.89 -11.00
CA TYR H 658 -103.91 30.05 -11.70
C TYR H 658 -105.02 30.65 -12.52
N GLY H 659 -104.83 31.88 -12.96
CA GLY H 659 -105.78 32.52 -13.84
C GLY H 659 -107.07 32.87 -13.12
N SER H 660 -108.04 33.28 -13.92
CA SER H 660 -109.34 33.64 -13.40
C SER H 660 -110.36 32.56 -13.70
N THR H 661 -111.34 32.43 -12.81
CA THR H 661 -112.46 31.52 -13.05
C THR H 661 -113.40 32.03 -14.11
N LEU H 662 -113.31 33.32 -14.46
CA LEU H 662 -114.16 33.93 -15.46
C LEU H 662 -113.54 33.97 -16.83
N GLN H 663 -112.31 33.47 -16.98
CA GLN H 663 -111.54 33.67 -18.21
C GLN H 663 -111.59 32.48 -19.15
N GLY H 664 -111.17 31.33 -18.69
CA GLY H 664 -110.99 30.16 -19.54
C GLY H 664 -109.82 29.36 -19.01
N SER H 665 -109.84 28.07 -19.29
CA SER H 665 -108.93 27.15 -18.62
C SER H 665 -107.62 26.96 -19.37
N ALA H 666 -107.71 26.69 -20.68
CA ALA H 666 -106.61 26.56 -21.65
C ALA H 666 -105.67 25.38 -21.39
N ASN H 667 -105.94 24.52 -20.41
CA ASN H 667 -105.08 23.39 -20.14
C ASN H 667 -105.80 22.08 -20.42
N LEU H 668 -105.03 21.11 -20.91
CA LEU H 668 -105.59 19.87 -21.45
C LEU H 668 -105.62 18.76 -20.41
N PHE H 669 -104.46 18.38 -19.90
CA PHE H 669 -104.28 17.18 -19.11
C PHE H 669 -104.58 17.43 -17.64
N ILE H 670 -103.97 18.46 -17.08
CA ILE H 670 -104.20 18.89 -15.70
C ILE H 670 -105.60 19.50 -15.65
N PRO H 671 -106.27 19.54 -14.47
CA PRO H 671 -107.64 20.04 -14.44
C PRO H 671 -107.79 21.52 -14.74
N SER H 672 -109.03 22.01 -14.66
CA SER H 672 -109.37 23.36 -15.09
C SER H 672 -108.68 24.40 -14.23
N ASN H 673 -108.00 25.34 -14.91
CA ASN H 673 -107.18 26.46 -14.45
C ASN H 673 -106.41 26.19 -13.16
N ARG H 674 -105.61 25.12 -13.17
CA ARG H 674 -104.88 24.72 -11.97
C ARG H 674 -103.58 24.02 -12.38
N MET H 675 -102.45 24.71 -12.21
CA MET H 675 -101.14 24.14 -12.52
C MET H 675 -100.76 23.07 -11.50
N VAL H 676 -99.77 22.26 -11.88
CA VAL H 676 -99.28 21.14 -11.08
C VAL H 676 -97.79 21.35 -10.85
N TYR H 677 -97.38 21.34 -9.60
CA TYR H 677 -96.08 21.78 -9.16
C TYR H 677 -95.29 20.62 -8.58
N PRO H 678 -93.96 20.56 -8.77
CA PRO H 678 -93.20 19.40 -8.30
C PRO H 678 -93.05 19.33 -6.79
N TRP H 679 -93.22 20.44 -6.09
CA TRP H 679 -92.90 20.53 -4.70
C TRP H 679 -94.16 20.75 -3.87
N PRO H 680 -94.26 20.16 -2.69
CA PRO H 680 -95.53 20.21 -1.95
C PRO H 680 -95.81 21.57 -1.34
N ASN H 681 -96.23 22.52 -2.17
CA ASN H 681 -96.23 23.93 -1.84
C ASN H 681 -97.24 24.29 -0.76
N GLN H 682 -97.03 25.47 -0.18
CA GLN H 682 -97.84 26.04 0.87
C GLN H 682 -97.97 27.53 0.59
N PRO H 683 -98.98 28.20 1.15
CA PRO H 683 -99.05 29.66 1.00
C PRO H 683 -97.92 30.36 1.72
N LEU H 684 -97.75 31.64 1.40
CA LEU H 684 -96.60 32.42 1.87
C LEU H 684 -96.82 32.85 3.32
N PRO H 685 -95.95 32.45 4.26
CA PRO H 685 -96.14 32.85 5.65
C PRO H 685 -95.45 34.15 5.96
N ARG H 686 -95.51 34.57 7.21
CA ARG H 686 -94.58 35.58 7.70
C ARG H 686 -93.23 34.90 7.91
N LEU H 687 -92.17 35.50 7.38
CA LEU H 687 -90.90 34.80 7.20
C LEU H 687 -90.15 34.58 8.51
N THR H 688 -90.69 33.77 9.40
CA THR H 688 -90.01 33.48 10.66
C THR H 688 -89.13 32.24 10.49
N VAL H 689 -88.61 31.72 11.60
CA VAL H 689 -87.49 30.79 11.54
C VAL H 689 -87.96 29.38 11.22
N ALA H 690 -89.11 28.98 11.72
CA ALA H 690 -89.59 27.65 11.41
C ALA H 690 -90.13 27.53 9.97
N PRO H 691 -90.87 28.52 9.39
CA PRO H 691 -91.18 28.39 7.96
C PRO H 691 -90.10 28.90 7.03
N THR H 692 -88.85 28.54 7.28
CA THR H 692 -87.81 28.63 6.26
C THR H 692 -86.95 27.38 6.26
N TYR H 693 -87.22 26.43 7.16
CA TYR H 693 -86.56 25.15 7.21
C TYR H 693 -87.51 23.99 7.03
N ASP H 694 -88.82 24.24 6.99
CA ASP H 694 -89.80 23.20 6.79
C ASP H 694 -90.00 22.83 5.33
N SER H 695 -89.21 23.40 4.43
CA SER H 695 -89.37 23.14 3.01
C SER H 695 -88.97 21.71 2.66
N ALA H 696 -89.56 21.20 1.59
CA ALA H 696 -89.16 19.90 1.08
C ALA H 696 -87.76 19.96 0.49
N MET H 697 -87.37 21.10 -0.07
CA MET H 697 -86.01 21.22 -0.56
C MET H 697 -85.04 21.47 0.58
N SER H 698 -85.51 22.06 1.68
CA SER H 698 -84.73 22.01 2.92
C SER H 698 -84.59 20.59 3.41
N ASN H 699 -85.66 19.80 3.30
CA ASN H 699 -85.59 18.39 3.69
C ASN H 699 -84.71 17.61 2.74
N TRP H 700 -84.75 17.95 1.45
CA TRP H 700 -83.97 17.19 0.48
C TRP H 700 -82.48 17.49 0.60
N ILE H 701 -82.12 18.76 0.76
CA ILE H 701 -80.71 19.13 0.88
C ILE H 701 -80.12 18.59 2.17
N SER H 702 -80.87 18.65 3.27
CA SER H 702 -80.39 18.17 4.56
C SER H 702 -80.16 16.67 4.54
N THR H 703 -81.13 15.90 4.07
CA THR H 703 -81.03 14.45 4.16
C THR H 703 -80.08 13.85 3.13
N THR H 704 -79.90 14.51 1.98
CA THR H 704 -78.96 14.01 0.99
C THR H 704 -77.53 14.20 1.46
N ILE H 705 -77.22 15.40 1.94
CA ILE H 705 -75.88 15.71 2.44
C ILE H 705 -75.55 14.86 3.66
N ALA H 706 -76.52 14.67 4.55
CA ALA H 706 -76.33 13.74 5.66
C ALA H 706 -76.23 12.30 5.20
N PHE H 707 -76.66 11.98 3.98
CA PHE H 707 -76.38 10.66 3.45
C PHE H 707 -74.99 10.58 2.83
N PHE H 708 -74.55 11.63 2.17
CA PHE H 708 -73.23 11.53 1.54
C PHE H 708 -72.09 11.77 2.51
N ILE H 709 -72.38 12.08 3.78
CA ILE H 709 -71.32 12.08 4.78
C ILE H 709 -71.04 10.66 5.25
N ARG H 710 -72.08 9.85 5.47
CA ARG H 710 -71.83 8.44 5.79
C ARG H 710 -71.39 7.65 4.56
N VAL H 711 -71.51 8.20 3.35
CA VAL H 711 -70.87 7.61 2.20
C VAL H 711 -69.37 7.82 2.25
N VAL H 712 -68.93 9.07 2.47
CA VAL H 712 -67.49 9.35 2.44
C VAL H 712 -66.81 8.86 3.70
N ASN H 713 -67.55 8.66 4.79
CA ASN H 713 -66.99 8.08 6.01
C ASN H 713 -67.24 6.59 6.09
N SER H 714 -67.69 5.98 5.01
CA SER H 714 -67.83 4.54 4.99
C SER H 714 -66.46 3.89 4.87
N VAL H 715 -66.42 2.58 5.10
CA VAL H 715 -65.18 1.86 5.24
C VAL H 715 -64.49 1.70 3.89
N ASN H 716 -65.27 1.66 2.81
CA ASN H 716 -64.75 1.39 1.48
C ASN H 716 -63.96 2.56 0.90
N MET H 717 -64.06 3.75 1.48
CA MET H 717 -63.49 4.93 0.83
C MET H 717 -61.98 5.00 0.96
N THR H 718 -61.43 4.38 2.00
CA THR H 718 -60.07 4.65 2.47
C THR H 718 -58.97 4.23 1.49
N ALA H 719 -59.29 3.61 0.36
CA ALA H 719 -58.25 3.25 -0.60
C ALA H 719 -57.65 4.47 -1.29
N THR H 720 -58.40 5.56 -1.37
CA THR H 720 -57.92 6.78 -2.00
C THR H 720 -57.91 7.97 -1.07
N VAL H 721 -58.95 8.15 -0.27
CA VAL H 721 -59.11 9.34 0.55
C VAL H 721 -58.55 9.07 1.94
N ASN H 722 -57.85 10.07 2.48
CA ASN H 722 -57.11 9.95 3.72
C ASN H 722 -57.97 10.48 4.88
N ASP H 723 -57.51 10.24 6.11
CA ASP H 723 -58.23 10.71 7.28
C ASP H 723 -58.21 12.22 7.39
N LEU H 724 -57.16 12.88 6.90
CA LEU H 724 -57.18 14.33 6.78
C LEU H 724 -58.24 14.77 5.78
N THR H 725 -58.40 14.00 4.70
CA THR H 725 -59.33 14.38 3.66
C THR H 725 -60.70 13.73 3.78
N ARG H 726 -60.85 12.60 4.49
CA ARG H 726 -62.20 12.17 4.86
C ARG H 726 -62.83 13.16 5.81
N ARG H 727 -62.03 13.74 6.69
CA ARG H 727 -62.51 14.74 7.61
C ARG H 727 -62.68 16.09 6.92
N THR H 728 -62.00 16.31 5.80
CA THR H 728 -62.16 17.55 5.06
C THR H 728 -63.38 17.49 4.14
N MET H 729 -63.62 16.34 3.49
CA MET H 729 -64.83 16.15 2.71
C MET H 729 -66.08 16.27 3.58
N THR H 730 -66.00 15.77 4.82
CA THR H 730 -67.10 15.93 5.76
C THR H 730 -67.33 17.39 6.09
N GLY H 731 -66.25 18.16 6.25
CA GLY H 731 -66.38 19.56 6.57
C GLY H 731 -66.94 20.41 5.46
N VAL H 732 -66.77 19.97 4.21
CA VAL H 732 -67.35 20.72 3.09
C VAL H 732 -68.86 20.48 3.03
N MET H 733 -69.29 19.23 3.20
CA MET H 733 -70.71 18.93 3.17
C MET H 733 -71.47 19.53 4.34
N THR H 734 -70.91 19.46 5.55
CA THR H 734 -71.60 20.04 6.69
C THR H 734 -71.57 21.57 6.67
N ALA H 735 -70.73 22.18 5.83
CA ALA H 735 -70.85 23.60 5.57
C ALA H 735 -71.94 23.89 4.56
N MET H 736 -71.99 23.12 3.46
CA MET H 736 -73.01 23.31 2.44
C MET H 736 -74.41 23.01 2.94
N ARG H 737 -74.53 22.10 3.90
CA ARG H 737 -75.83 21.79 4.48
C ARG H 737 -76.33 22.92 5.35
N GLN H 738 -75.42 23.66 5.99
CA GLN H 738 -75.79 24.69 6.95
C GLN H 738 -75.85 26.09 6.38
N VAL H 739 -75.60 26.28 5.10
CA VAL H 739 -75.69 27.62 4.51
C VAL H 739 -77.15 28.04 4.46
N LYS H 740 -77.45 29.20 5.05
CA LYS H 740 -78.81 29.71 5.04
C LYS H 740 -79.12 30.20 3.63
N THR H 741 -79.76 29.34 2.85
CA THR H 741 -80.25 29.68 1.54
C THR H 741 -81.76 29.81 1.59
N MET H 742 -82.28 30.84 0.91
CA MET H 742 -83.70 31.11 0.93
C MET H 742 -84.40 30.52 -0.29
N THR H 743 -83.65 29.91 -1.21
CA THR H 743 -84.28 29.20 -2.30
C THR H 743 -85.13 28.00 -1.91
N PRO H 744 -84.90 27.28 -0.80
CA PRO H 744 -85.97 26.38 -0.34
C PRO H 744 -87.21 27.11 0.12
N PHE H 745 -87.09 28.30 0.69
CA PHE H 745 -88.29 29.07 1.02
C PHE H 745 -88.98 29.56 -0.24
N TYR H 746 -88.21 29.90 -1.27
CA TYR H 746 -88.78 30.40 -2.52
C TYR H 746 -89.58 29.33 -3.23
N ILE H 747 -89.01 28.13 -3.33
CA ILE H 747 -89.62 27.05 -4.08
C ILE H 747 -90.82 26.47 -3.33
N GLN H 748 -90.93 26.74 -2.04
CA GLN H 748 -91.99 26.22 -1.18
C GLN H 748 -93.12 27.21 -0.99
N HIS H 749 -92.80 28.50 -0.92
CA HIS H 749 -93.81 29.48 -0.57
C HIS H 749 -93.92 30.62 -1.57
N MET H 750 -92.82 31.07 -2.14
CA MET H 750 -92.83 32.27 -2.98
C MET H 750 -92.98 31.99 -4.47
N CYS H 751 -92.53 30.84 -4.95
CA CYS H 751 -92.57 30.60 -6.39
C CYS H 751 -93.94 30.20 -6.96
N PRO H 752 -94.79 29.39 -6.31
CA PRO H 752 -96.12 29.13 -6.91
C PRO H 752 -97.03 30.34 -6.97
N THR H 753 -96.83 31.35 -6.14
CA THR H 753 -97.57 32.58 -6.31
C THR H 753 -96.89 33.53 -7.30
N GLU H 754 -95.90 33.05 -8.03
CA GLU H 754 -95.35 33.71 -9.20
C GLU H 754 -95.61 32.96 -10.49
N LEU H 755 -95.53 31.63 -10.46
CA LEU H 755 -95.87 30.85 -11.65
C LEU H 755 -97.35 30.92 -11.97
N SER H 756 -98.20 31.14 -10.97
CA SER H 756 -99.63 31.27 -11.24
C SER H 756 -99.93 32.58 -11.96
N VAL H 757 -99.24 33.66 -11.57
CA VAL H 757 -99.48 34.94 -12.21
C VAL H 757 -98.85 34.97 -13.60
N LEU H 758 -97.62 34.46 -13.70
CA LEU H 758 -96.94 34.43 -15.00
C LEU H 758 -97.54 33.43 -15.96
N ALA H 759 -98.40 32.53 -15.51
CA ALA H 759 -99.11 31.67 -16.44
C ALA H 759 -100.22 32.39 -17.18
N SER H 760 -100.66 33.55 -16.66
CA SER H 760 -101.75 34.30 -17.27
C SER H 760 -101.28 35.58 -17.93
N VAL H 761 -99.97 35.75 -18.12
CA VAL H 761 -99.43 36.90 -18.84
C VAL H 761 -98.73 36.52 -20.12
N THR H 762 -98.51 35.24 -20.38
CA THR H 762 -97.84 34.83 -21.59
C THR H 762 -98.86 34.61 -22.70
N VAL H 763 -98.40 34.74 -23.95
CA VAL H 763 -99.24 34.43 -25.09
C VAL H 763 -99.57 32.95 -25.12
N THR H 764 -98.58 32.11 -24.86
CA THR H 764 -98.80 30.68 -24.75
C THR H 764 -99.10 30.29 -23.32
N PRO H 765 -100.28 29.72 -23.04
CA PRO H 765 -100.58 29.28 -21.68
C PRO H 765 -99.80 28.01 -21.36
N PRO H 766 -99.63 27.67 -20.07
CA PRO H 766 -98.82 26.49 -19.74
C PRO H 766 -99.45 25.16 -20.12
N PHE H 767 -98.83 24.50 -21.08
CA PHE H 767 -99.12 23.10 -21.37
C PHE H 767 -98.42 22.23 -20.35
N GLN H 768 -99.17 21.41 -19.63
CA GLN H 768 -98.58 20.76 -18.48
C GLN H 768 -99.18 19.38 -18.28
N VAL H 769 -98.31 18.41 -18.04
CA VAL H 769 -98.69 17.02 -17.80
C VAL H 769 -98.64 16.79 -16.29
N PRO H 770 -99.31 15.78 -15.74
CA PRO H 770 -99.17 15.51 -14.31
C PRO H 770 -97.80 14.93 -13.99
N PHE H 771 -97.53 14.84 -12.69
CA PHE H 771 -96.26 14.36 -12.19
C PHE H 771 -96.41 12.98 -11.57
N THR H 772 -95.28 12.42 -11.17
CA THR H 772 -95.24 11.06 -10.64
C THR H 772 -94.09 10.97 -9.66
N ARG H 773 -94.38 10.57 -8.42
CA ARG H 773 -93.34 10.30 -7.46
C ARG H 773 -93.32 8.78 -7.25
N LEU H 774 -92.58 8.10 -8.13
CA LEU H 774 -92.12 6.72 -7.93
C LEU H 774 -93.26 5.71 -7.89
N VAL H 775 -94.19 5.85 -8.83
CA VAL H 775 -95.35 4.97 -8.88
C VAL H 775 -95.27 3.97 -10.03
N GLN H 776 -94.58 4.33 -11.12
CA GLN H 776 -94.10 3.50 -12.23
C GLN H 776 -95.21 3.05 -13.19
N ASN H 777 -96.47 3.18 -12.84
CA ASN H 777 -97.52 2.78 -13.76
C ASN H 777 -98.40 3.94 -14.20
N ASP H 778 -98.12 5.16 -13.74
CA ASP H 778 -98.72 6.36 -14.26
C ASP H 778 -97.69 7.34 -14.80
N VAL H 779 -96.41 6.96 -14.79
CA VAL H 779 -95.37 7.81 -15.35
C VAL H 779 -95.43 7.75 -16.87
N ILE H 780 -95.26 8.90 -17.50
CA ILE H 780 -95.66 9.12 -18.88
C ILE H 780 -94.53 8.70 -19.80
N THR H 781 -94.81 7.76 -20.70
CA THR H 781 -93.81 7.31 -21.66
C THR H 781 -93.79 8.19 -22.90
N ASN H 782 -94.96 8.52 -23.44
CA ASN H 782 -95.06 9.30 -24.67
C ASN H 782 -96.18 10.31 -24.54
N VAL H 783 -96.05 11.40 -25.29
CA VAL H 783 -97.10 12.39 -25.46
C VAL H 783 -97.35 12.55 -26.95
N LEU H 784 -98.57 12.26 -27.37
CA LEU H 784 -98.92 12.24 -28.78
C LEU H 784 -99.97 13.30 -29.08
N VAL H 785 -100.10 13.64 -30.35
CA VAL H 785 -101.15 14.52 -30.84
C VAL H 785 -101.86 13.77 -31.96
N ALA H 786 -103.10 13.36 -31.70
CA ALA H 786 -103.88 12.61 -32.68
C ALA H 786 -104.59 13.59 -33.59
N ARG H 787 -104.19 13.64 -34.86
CA ARG H 787 -104.94 14.39 -35.87
C ARG H 787 -106.28 13.74 -36.13
N VAL H 788 -106.34 12.41 -35.96
CA VAL H 788 -107.56 11.64 -36.12
C VAL H 788 -107.45 10.49 -35.14
N ASP H 789 -108.59 10.06 -34.60
CA ASP H 789 -108.62 8.97 -33.64
C ASP H 789 -108.12 7.68 -34.29
N PRO H 790 -107.40 6.84 -33.54
CA PRO H 790 -106.79 5.64 -34.15
C PRO H 790 -107.81 4.61 -34.62
N ALA H 791 -109.04 4.66 -34.13
CA ALA H 791 -110.09 3.82 -34.70
C ALA H 791 -110.46 4.28 -36.09
N GLN H 792 -110.39 5.58 -36.36
CA GLN H 792 -110.72 6.14 -37.66
C GLN H 792 -109.48 6.48 -38.48
N ARG H 793 -108.29 6.12 -37.99
CA ARG H 793 -107.05 6.49 -38.66
C ARG H 793 -106.68 5.42 -39.67
N GLY H 794 -107.09 5.62 -40.92
CA GLY H 794 -106.54 4.85 -42.00
C GLY H 794 -105.16 5.38 -42.36
N ASP H 795 -104.29 4.46 -42.78
CA ASP H 795 -102.86 4.70 -43.03
C ASP H 795 -102.20 5.30 -41.77
N ALA H 796 -102.14 4.44 -40.75
CA ALA H 796 -101.83 4.82 -39.38
C ALA H 796 -100.49 5.52 -39.25
N ALA H 797 -100.52 6.77 -38.80
CA ALA H 797 -99.33 7.61 -38.73
C ALA H 797 -99.20 8.13 -37.30
N VAL H 798 -98.34 7.48 -36.52
CA VAL H 798 -98.11 7.88 -35.14
C VAL H 798 -97.35 9.20 -35.13
N ASP H 799 -97.49 9.97 -34.06
CA ASP H 799 -96.86 11.27 -33.94
C ASP H 799 -95.34 11.15 -33.95
N ILE H 800 -94.69 12.21 -34.45
CA ILE H 800 -93.24 12.28 -34.55
C ILE H 800 -92.59 12.38 -33.18
N ARG H 801 -93.35 12.73 -32.14
CA ARG H 801 -92.83 12.86 -30.78
C ARG H 801 -92.41 11.52 -30.18
N ALA H 802 -92.90 10.40 -30.71
CA ALA H 802 -92.54 9.10 -30.19
C ALA H 802 -91.16 8.63 -30.63
N THR H 803 -90.52 9.35 -31.55
CA THR H 803 -89.18 8.98 -31.98
C THR H 803 -88.15 9.28 -30.89
N HIS H 804 -88.38 10.32 -30.11
CA HIS H 804 -87.45 10.67 -29.04
C HIS H 804 -87.62 9.73 -27.86
N ALA H 805 -86.55 9.62 -27.06
CA ALA H 805 -86.61 8.81 -25.86
C ALA H 805 -87.53 9.42 -24.82
N THR H 806 -87.36 10.71 -24.56
CA THR H 806 -88.24 11.42 -23.64
C THR H 806 -89.59 11.70 -24.33
N PHE H 807 -90.62 11.85 -23.51
CA PHE H 807 -91.94 12.18 -24.05
C PHE H 807 -92.01 13.63 -24.51
N ALA H 808 -91.10 14.48 -24.05
CA ALA H 808 -91.02 15.86 -24.50
C ALA H 808 -89.62 16.16 -25.00
N ALA H 809 -89.33 17.43 -25.25
CA ALA H 809 -88.01 17.80 -25.73
C ALA H 809 -86.99 17.72 -24.61
N ALA H 810 -85.93 16.96 -24.83
CA ALA H 810 -84.89 16.80 -23.83
C ALA H 810 -84.03 18.06 -23.77
N LEU H 811 -84.07 18.74 -22.63
CA LEU H 811 -83.29 19.95 -22.44
C LEU H 811 -82.17 19.69 -21.42
N PRO H 812 -80.93 19.59 -21.84
CA PRO H 812 -79.84 19.26 -20.91
C PRO H 812 -79.56 20.42 -19.98
N VAL H 813 -79.55 20.14 -18.68
CA VAL H 813 -79.32 21.16 -17.66
C VAL H 813 -78.13 20.73 -16.81
N ASP H 814 -77.34 21.70 -16.38
CA ASP H 814 -76.15 21.42 -15.59
C ASP H 814 -76.52 21.36 -14.12
N PRO H 815 -76.32 20.22 -13.45
CA PRO H 815 -76.72 20.12 -12.04
C PRO H 815 -75.81 20.88 -11.10
N ALA H 816 -74.54 21.09 -11.48
CA ALA H 816 -73.65 21.88 -10.65
C ALA H 816 -74.06 23.35 -10.67
N ALA H 817 -74.59 23.82 -11.80
CA ALA H 817 -75.10 25.18 -11.86
C ALA H 817 -76.41 25.34 -11.11
N ILE H 818 -77.13 24.25 -10.86
CA ILE H 818 -78.36 24.33 -10.10
C ILE H 818 -78.08 24.35 -8.61
N VAL H 819 -77.19 23.48 -8.13
CA VAL H 819 -76.96 23.32 -6.70
C VAL H 819 -76.27 24.53 -6.10
N VAL H 820 -75.52 25.30 -6.89
CA VAL H 820 -75.03 26.59 -6.44
C VAL H 820 -76.19 27.56 -6.26
N ALA H 821 -77.10 27.59 -7.23
CA ALA H 821 -78.29 28.42 -7.13
C ALA H 821 -79.21 27.96 -6.01
N MET H 822 -79.23 26.65 -5.72
CA MET H 822 -80.03 26.15 -4.61
C MET H 822 -79.43 26.56 -3.27
N LEU H 823 -78.10 26.50 -3.15
CA LEU H 823 -77.44 26.71 -1.88
C LEU H 823 -77.00 28.14 -1.67
N CYS H 824 -77.39 29.05 -2.56
CA CYS H 824 -77.27 30.48 -2.27
C CYS H 824 -78.65 31.06 -2.48
N GLY H 825 -78.76 32.38 -2.53
CA GLY H 825 -80.05 32.93 -2.89
C GLY H 825 -80.83 33.54 -1.75
N GLN H 826 -80.18 34.38 -0.96
CA GLN H 826 -80.90 35.18 0.00
C GLN H 826 -81.73 36.24 -0.72
N THR H 827 -82.72 36.78 -0.01
CA THR H 827 -83.62 37.76 -0.59
C THR H 827 -83.08 39.17 -0.34
N GLU H 828 -83.90 40.18 -0.65
CA GLU H 828 -83.54 41.55 -0.36
C GLU H 828 -83.58 41.81 1.14
N THR H 829 -82.66 42.65 1.62
CA THR H 829 -82.61 42.97 3.04
C THR H 829 -83.79 43.81 3.52
N ASN H 830 -84.51 44.44 2.60
CA ASN H 830 -85.70 45.22 2.93
C ASN H 830 -86.88 44.73 2.12
N LEU H 831 -86.96 43.42 1.94
CA LEU H 831 -88.02 42.83 1.13
C LEU H 831 -89.33 42.80 1.90
N ILE H 832 -90.37 43.33 1.27
CA ILE H 832 -91.74 43.14 1.72
C ILE H 832 -92.49 42.44 0.59
N PRO H 833 -93.08 41.27 0.84
CA PRO H 833 -93.68 40.50 -0.26
C PRO H 833 -94.92 41.15 -0.85
N SER H 834 -95.59 42.01 -0.10
CA SER H 834 -96.80 42.63 -0.59
C SER H 834 -96.49 43.75 -1.59
N HIS H 835 -95.53 44.61 -1.26
CA HIS H 835 -95.20 45.70 -2.17
C HIS H 835 -94.45 45.19 -3.40
N HIS H 836 -93.62 44.17 -3.22
CA HIS H 836 -92.71 43.77 -4.29
C HIS H 836 -93.43 43.07 -5.43
N TYR H 837 -94.41 42.21 -5.11
CA TYR H 837 -95.11 41.49 -6.15
C TYR H 837 -95.99 42.42 -6.96
N GLY H 838 -96.60 43.41 -6.32
CA GLY H 838 -97.41 44.38 -7.05
C GLY H 838 -96.59 45.28 -7.94
N LYS H 839 -95.35 45.58 -7.53
CA LYS H 839 -94.47 46.35 -8.41
C LYS H 839 -93.93 45.49 -9.54
N ALA H 840 -93.81 44.18 -9.32
CA ALA H 840 -93.30 43.30 -10.35
C ALA H 840 -94.38 42.94 -11.36
N PHE H 841 -95.60 42.70 -10.89
CA PHE H 841 -96.72 42.35 -11.75
C PHE H 841 -97.35 43.55 -12.43
N ALA H 842 -96.84 44.76 -12.14
CA ALA H 842 -97.43 45.96 -12.72
C ALA H 842 -97.18 46.10 -14.22
N PRO H 843 -95.97 45.88 -14.78
CA PRO H 843 -95.87 45.94 -16.24
C PRO H 843 -96.50 44.75 -16.94
N LEU H 844 -96.73 43.63 -16.24
CA LEU H 844 -97.21 42.43 -16.88
C LEU H 844 -98.70 42.47 -17.20
N PHE H 845 -99.41 43.51 -16.75
CA PHE H 845 -100.82 43.67 -17.05
C PHE H 845 -101.11 44.89 -17.90
N ALA H 846 -100.13 45.77 -18.12
CA ALA H 846 -100.30 46.83 -19.10
C ALA H 846 -100.24 46.28 -20.51
N SER H 847 -99.54 45.17 -20.71
CA SER H 847 -99.49 44.55 -22.02
C SER H 847 -100.82 43.87 -22.34
N ASN H 848 -101.10 43.74 -23.63
CA ASN H 848 -102.32 43.09 -24.09
C ASN H 848 -102.11 41.61 -24.37
N ALA H 849 -101.09 40.99 -23.76
CA ALA H 849 -100.79 39.58 -24.03
C ALA H 849 -101.83 38.66 -23.43
N MET H 850 -102.51 39.09 -22.36
CA MET H 850 -103.66 38.36 -21.86
C MET H 850 -104.79 38.37 -22.88
N PHE H 851 -104.91 39.44 -23.64
CA PHE H 851 -105.98 39.59 -24.62
C PHE H 851 -105.56 39.15 -26.01
N THR H 852 -104.26 39.17 -26.31
CA THR H 852 -103.77 38.63 -27.57
C THR H 852 -103.91 37.11 -27.60
N ARG H 853 -103.85 36.47 -26.44
CA ARG H 853 -104.03 35.02 -26.35
C ARG H 853 -105.44 34.61 -26.75
N ASN H 854 -106.44 35.33 -26.25
CA ASN H 854 -107.82 34.99 -26.57
C ASN H 854 -108.17 35.33 -28.02
N GLN H 855 -107.58 36.40 -28.56
CA GLN H 855 -107.90 36.79 -29.92
C GLN H 855 -107.27 35.86 -30.94
N ARG H 856 -106.13 35.25 -30.62
CA ARG H 856 -105.56 34.28 -31.56
C ARG H 856 -106.26 32.94 -31.50
N ALA H 857 -106.92 32.62 -30.37
CA ALA H 857 -107.62 31.35 -30.26
C ALA H 857 -108.92 31.36 -31.05
N VAL H 858 -109.65 32.48 -31.02
CA VAL H 858 -110.90 32.57 -31.76
C VAL H 858 -110.67 32.70 -33.25
N ILE H 859 -109.45 33.04 -33.68
CA ILE H 859 -109.13 33.02 -35.11
C ILE H 859 -108.60 31.65 -35.52
N THR H 860 -107.88 30.98 -34.61
CA THR H 860 -107.42 29.61 -34.89
C THR H 860 -108.58 28.66 -35.09
N ARG H 861 -109.60 28.75 -34.22
CA ARG H 861 -110.79 27.92 -34.33
C ARG H 861 -111.55 28.16 -35.61
N GLU H 862 -111.73 29.43 -35.98
CA GLU H 862 -112.43 29.74 -37.22
C GLU H 862 -111.59 29.39 -38.43
N ALA H 863 -110.27 29.40 -38.29
CA ALA H 863 -109.43 28.88 -39.36
C ALA H 863 -109.33 27.37 -39.34
N PHE H 864 -109.62 26.75 -38.20
CA PHE H 864 -109.52 25.30 -38.09
C PHE H 864 -110.65 24.60 -38.83
N VAL H 865 -111.89 25.07 -38.62
CA VAL H 865 -113.04 24.38 -39.17
C VAL H 865 -113.12 24.60 -40.68
N CYS H 866 -112.76 25.80 -41.14
CA CYS H 866 -112.75 26.08 -42.57
C CYS H 866 -111.66 25.31 -43.28
N ALA H 867 -110.58 24.97 -42.59
CA ALA H 867 -109.53 24.15 -43.17
C ALA H 867 -109.78 22.67 -42.98
N ARG H 868 -110.50 22.29 -41.92
CA ARG H 868 -110.89 20.90 -41.77
C ARG H 868 -111.87 20.48 -42.86
N SER H 869 -112.81 21.35 -43.19
CA SER H 869 -113.72 21.08 -44.29
C SER H 869 -113.09 21.29 -45.65
N ALA H 870 -111.96 22.00 -45.72
CA ALA H 870 -111.29 22.17 -47.00
C ALA H 870 -110.65 20.88 -47.47
N VAL H 871 -110.15 20.06 -46.54
CA VAL H 871 -109.55 18.78 -46.90
C VAL H 871 -110.52 17.63 -46.73
N ALA H 872 -111.70 17.85 -46.16
CA ALA H 872 -112.68 16.79 -46.04
C ALA H 872 -113.71 16.81 -47.17
N GLN H 873 -114.05 17.99 -47.68
CA GLN H 873 -114.95 18.05 -48.83
C GLN H 873 -114.24 17.60 -50.11
N CYS H 874 -112.94 17.85 -50.21
CA CYS H 874 -112.21 17.47 -51.40
C CYS H 874 -111.88 15.99 -51.45
N GLN H 875 -111.95 15.29 -50.32
CA GLN H 875 -111.82 13.84 -50.33
C GLN H 875 -113.20 13.21 -50.37
N ASP H 876 -113.27 11.89 -50.21
CA ASP H 876 -114.52 11.15 -50.34
C ASP H 876 -115.06 10.67 -49.01
N ALA H 877 -114.20 10.45 -48.02
CA ALA H 877 -114.62 9.84 -46.76
C ALA H 877 -113.92 10.59 -45.63
N GLY H 878 -113.91 9.99 -44.44
CA GLY H 878 -113.20 10.59 -43.31
C GLY H 878 -114.11 11.30 -42.34
N PHE H 879 -114.07 12.63 -42.36
CA PHE H 879 -114.88 13.43 -41.45
C PHE H 879 -116.18 13.85 -42.11
N LEU H 880 -117.27 13.76 -41.36
CA LEU H 880 -118.60 14.05 -41.90
C LEU H 880 -118.79 15.55 -42.01
N VAL H 881 -118.93 16.03 -43.24
CA VAL H 881 -119.22 17.44 -43.51
C VAL H 881 -120.44 17.50 -44.42
N PRO H 882 -121.17 18.61 -44.38
CA PRO H 882 -122.16 18.87 -45.44
C PRO H 882 -121.46 19.10 -46.76
N ARG H 883 -122.02 18.54 -47.83
CA ARG H 883 -121.36 18.51 -49.14
C ARG H 883 -122.26 19.16 -50.20
N PRO H 884 -122.24 20.49 -50.32
CA PRO H 884 -122.99 21.12 -51.40
C PRO H 884 -122.22 21.04 -52.71
N LEU H 885 -120.90 21.14 -52.61
CA LEU H 885 -120.02 21.21 -53.77
C LEU H 885 -119.68 19.84 -54.33
N ASP H 886 -120.34 18.78 -53.88
CA ASP H 886 -119.98 17.41 -54.23
C ASP H 886 -120.16 17.12 -55.72
N ALA H 887 -121.02 17.86 -56.40
CA ALA H 887 -121.21 17.67 -57.83
C ALA H 887 -120.02 18.14 -58.65
N LEU H 888 -119.16 18.98 -58.09
CA LEU H 888 -117.98 19.45 -58.81
C LEU H 888 -116.95 18.33 -58.94
N ARG H 889 -116.26 18.32 -60.07
CA ARG H 889 -115.29 17.27 -60.35
C ARG H 889 -114.02 17.50 -59.53
N GLN H 890 -113.54 16.43 -58.89
CA GLN H 890 -112.35 16.50 -58.06
C GLN H 890 -111.71 15.12 -57.99
N PHE H 891 -110.41 15.05 -58.24
CA PHE H 891 -109.72 13.77 -58.20
C PHE H 891 -109.48 13.34 -56.75
N ASP H 892 -108.87 12.18 -56.60
CA ASP H 892 -108.62 11.61 -55.27
C ASP H 892 -107.53 12.42 -54.60
N VAL H 893 -107.95 13.30 -53.69
CA VAL H 893 -107.02 14.18 -52.98
C VAL H 893 -106.28 13.33 -51.95
N THR H 894 -105.00 13.09 -52.19
CA THR H 894 -104.17 12.30 -51.30
C THR H 894 -103.64 13.18 -50.17
N SER H 895 -102.67 12.67 -49.43
CA SER H 895 -102.10 13.43 -48.32
C SER H 895 -101.27 14.60 -48.80
N ALA H 896 -100.59 14.46 -49.94
CA ALA H 896 -99.73 15.54 -50.42
C ALA H 896 -100.54 16.64 -51.09
N ALA H 897 -101.59 16.28 -51.81
CA ALA H 897 -102.42 17.29 -52.46
C ALA H 897 -103.29 18.03 -51.45
N ALA H 898 -103.63 17.39 -50.34
CA ALA H 898 -104.34 18.09 -49.29
C ALA H 898 -103.46 19.07 -48.54
N ALA H 899 -102.14 18.87 -48.57
CA ALA H 899 -101.23 19.82 -47.94
C ALA H 899 -101.20 21.14 -48.69
N GLU H 900 -101.34 21.09 -50.02
CA GLU H 900 -101.38 22.33 -50.78
C GLU H 900 -102.76 22.99 -50.74
N ILE H 901 -103.80 22.24 -50.37
CA ILE H 901 -105.04 22.88 -49.95
C ILE H 901 -104.83 23.61 -48.63
N MET H 902 -104.13 22.95 -47.70
CA MET H 902 -103.87 23.52 -46.38
C MET H 902 -102.88 24.67 -46.44
N HIS H 903 -102.00 24.69 -47.45
CA HIS H 903 -101.08 25.81 -47.63
C HIS H 903 -101.82 27.11 -47.91
N ALA H 904 -102.89 27.03 -48.69
CA ALA H 904 -103.54 28.25 -49.16
C ALA H 904 -104.77 28.63 -48.36
N VAL H 905 -105.36 27.69 -47.60
CA VAL H 905 -106.39 28.08 -46.65
C VAL H 905 -105.74 28.84 -45.49
N ASN H 906 -104.59 28.36 -45.03
CA ASN H 906 -103.80 29.11 -44.07
C ASN H 906 -103.36 30.45 -44.64
N ASP H 907 -103.00 30.48 -45.91
CA ASP H 907 -102.58 31.72 -46.55
C ASP H 907 -103.76 32.69 -46.72
N ALA H 908 -104.99 32.18 -46.70
CA ALA H 908 -106.15 33.07 -46.69
C ALA H 908 -106.33 33.71 -45.32
N PHE H 909 -106.26 32.92 -44.25
CA PHE H 909 -106.47 33.45 -42.92
C PHE H 909 -105.30 34.28 -42.43
N LYS H 910 -104.08 33.99 -42.87
CA LYS H 910 -102.96 34.87 -42.54
C LYS H 910 -103.05 36.20 -43.27
N THR H 911 -103.62 36.20 -44.48
CA THR H 911 -103.73 37.44 -45.22
C THR H 911 -104.87 38.30 -44.69
N ALA H 912 -105.98 37.66 -44.32
CA ALA H 912 -107.18 38.41 -43.97
C ALA H 912 -107.07 39.04 -42.59
N PHE H 913 -106.58 38.30 -41.62
CA PHE H 913 -106.53 38.81 -40.26
C PHE H 913 -105.16 39.32 -39.85
N ASP H 914 -104.13 39.11 -40.69
CA ASP H 914 -102.76 39.61 -40.50
C ASP H 914 -102.15 39.09 -39.20
N LEU H 915 -102.08 37.77 -39.08
CA LEU H 915 -101.38 37.17 -37.96
C LEU H 915 -99.89 37.08 -38.27
N ASP H 916 -99.06 37.68 -37.43
CA ASP H 916 -97.67 37.29 -37.38
C ASP H 916 -97.57 35.94 -36.69
N GLY H 917 -96.53 35.19 -37.02
CA GLY H 917 -96.42 33.84 -36.53
C GLY H 917 -97.17 32.88 -37.42
N ALA H 918 -97.30 31.66 -36.92
CA ALA H 918 -97.85 30.55 -37.69
C ALA H 918 -99.01 29.95 -36.91
N LEU H 919 -100.24 30.20 -37.37
CA LEU H 919 -101.37 29.66 -36.62
C LEU H 919 -101.68 28.22 -37.01
N LEU H 920 -101.77 27.92 -38.31
CA LEU H 920 -102.21 26.60 -38.74
C LEU H 920 -101.35 26.16 -39.92
N ASP H 921 -100.17 25.65 -39.64
CA ASP H 921 -99.36 25.07 -40.69
C ASP H 921 -98.59 23.83 -40.26
N GLY H 922 -98.70 23.41 -38.99
CA GLY H 922 -98.27 22.08 -38.64
C GLY H 922 -99.10 21.02 -39.33
N LEU H 923 -100.36 21.34 -39.62
CA LEU H 923 -101.17 20.48 -40.47
C LEU H 923 -100.69 20.50 -41.91
N ALA H 924 -100.02 21.57 -42.32
CA ALA H 924 -99.61 21.71 -43.71
C ALA H 924 -98.21 21.16 -43.96
N LEU H 925 -97.25 21.48 -43.08
CA LEU H 925 -95.85 21.23 -43.39
C LEU H 925 -95.44 19.78 -43.22
N TYR H 926 -96.21 18.98 -42.48
CA TYR H 926 -95.85 17.59 -42.27
C TYR H 926 -97.10 16.80 -41.93
N GLY H 927 -96.96 15.49 -41.95
CA GLY H 927 -98.05 14.63 -41.57
C GLY H 927 -99.14 14.57 -42.62
N ASP H 928 -100.23 13.90 -42.24
CA ASP H 928 -101.41 13.82 -43.10
C ASP H 928 -102.37 14.95 -42.73
N PRO H 929 -102.65 15.88 -43.64
CA PRO H 929 -103.52 17.02 -43.28
C PRO H 929 -104.99 16.65 -43.19
N ARG H 930 -105.38 15.46 -43.62
CA ARG H 930 -106.78 15.04 -43.64
C ARG H 930 -107.16 14.68 -42.21
N ILE H 931 -107.63 15.68 -41.48
CA ILE H 931 -107.93 15.55 -40.06
C ILE H 931 -109.41 15.26 -39.88
N ALA H 932 -109.75 14.75 -38.70
CA ALA H 932 -111.14 14.66 -38.28
C ALA H 932 -111.41 15.43 -36.99
N ASP H 933 -110.64 15.18 -35.94
CA ASP H 933 -110.86 15.81 -34.64
C ASP H 933 -109.56 15.72 -33.87
N LEU H 934 -108.92 16.85 -33.60
CA LEU H 934 -107.64 16.84 -32.90
C LEU H 934 -107.81 16.52 -31.43
N SER H 935 -106.85 15.77 -30.91
CA SER H 935 -106.88 15.33 -29.51
C SER H 935 -105.47 14.98 -29.09
N ALA H 936 -105.04 15.50 -27.96
CA ALA H 936 -103.73 15.20 -27.41
C ALA H 936 -103.87 14.18 -26.30
N ALA H 937 -102.93 13.24 -26.27
CA ALA H 937 -103.00 12.13 -25.32
C ALA H 937 -101.61 11.82 -24.80
N TYR H 938 -101.52 11.45 -23.54
CA TYR H 938 -100.27 10.97 -22.98
C TYR H 938 -100.44 9.52 -22.55
N LEU H 939 -99.45 8.71 -22.90
CA LEU H 939 -99.47 7.28 -22.61
C LEU H 939 -98.70 7.02 -21.33
N GLN H 940 -99.36 6.44 -20.35
CA GLN H 940 -98.70 6.01 -19.13
C GLN H 940 -98.14 4.59 -19.32
N TYR H 941 -97.32 4.16 -18.37
CA TYR H 941 -96.65 2.88 -18.52
C TYR H 941 -97.60 1.71 -18.29
N GLY H 942 -98.59 1.87 -17.44
CA GLY H 942 -99.48 0.77 -17.11
C GLY H 942 -100.62 0.57 -18.07
N GLY H 943 -100.46 1.01 -19.32
CA GLY H 943 -101.49 0.90 -20.33
C GLY H 943 -102.55 1.98 -20.26
N ASN H 944 -102.47 2.89 -19.30
CA ASN H 944 -103.51 3.88 -19.09
C ASN H 944 -103.22 5.06 -20.01
N VAL H 945 -103.68 4.97 -21.24
CA VAL H 945 -103.69 6.11 -22.15
C VAL H 945 -104.96 6.92 -21.91
N VAL H 946 -104.78 8.21 -21.66
CA VAL H 946 -105.89 9.13 -21.47
C VAL H 946 -105.79 10.24 -22.51
N ARG H 947 -106.90 10.52 -23.16
CA ARG H 947 -106.93 11.37 -24.35
C ARG H 947 -107.85 12.54 -24.09
N GLU H 948 -107.42 13.73 -24.46
CA GLU H 948 -108.22 14.94 -24.31
C GLU H 948 -108.72 15.35 -25.68
N HIS H 949 -109.94 14.93 -26.00
CA HIS H 949 -110.57 15.35 -27.23
C HIS H 949 -110.92 16.82 -27.16
N VAL H 950 -110.53 17.57 -28.18
CA VAL H 950 -110.94 18.96 -28.22
C VAL H 950 -111.64 19.25 -29.54
N PRO H 951 -112.97 19.13 -29.58
CA PRO H 951 -113.70 19.61 -30.74
C PRO H 951 -113.73 21.12 -30.75
N PRO H 952 -113.77 21.74 -31.92
CA PRO H 952 -113.97 23.19 -31.98
C PRO H 952 -115.39 23.54 -31.55
N GLY H 953 -115.55 24.78 -31.10
CA GLY H 953 -116.81 25.24 -30.59
C GLY H 953 -117.79 25.61 -31.68
N PRO H 954 -118.68 26.55 -31.41
CA PRO H 954 -119.58 27.02 -32.46
C PRO H 954 -118.84 27.84 -33.48
N SER H 955 -118.58 27.25 -34.64
CA SER H 955 -117.82 27.93 -35.67
C SER H 955 -118.73 28.88 -36.43
N HIS H 956 -118.25 30.10 -36.65
CA HIS H 956 -119.04 31.14 -37.28
C HIS H 956 -118.70 31.33 -38.75
N ILE H 957 -117.42 31.50 -39.09
CA ILE H 957 -117.01 31.74 -40.47
C ILE H 957 -117.32 30.53 -41.34
N HIS H 958 -117.19 29.32 -40.78
CA HIS H 958 -117.59 28.14 -41.52
C HIS H 958 -119.11 28.05 -41.68
N ARG H 959 -119.86 28.58 -40.72
CA ARG H 959 -121.31 28.58 -40.85
C ARG H 959 -121.76 29.51 -41.96
N ALA H 960 -121.03 30.61 -42.16
CA ALA H 960 -121.28 31.46 -43.31
C ALA H 960 -120.75 30.83 -44.60
N LEU H 961 -119.68 30.04 -44.51
CA LEU H 961 -119.11 29.42 -45.70
C LEU H 961 -120.03 28.33 -46.23
N GLN H 962 -120.69 27.59 -45.33
CA GLN H 962 -121.66 26.59 -45.76
C GLN H 962 -122.86 27.21 -46.44
N GLN H 963 -123.17 28.46 -46.13
CA GLN H 963 -124.17 29.17 -46.90
C GLN H 963 -123.66 29.50 -48.30
N VAL H 964 -122.39 29.88 -48.41
CA VAL H 964 -121.83 30.30 -49.69
C VAL H 964 -121.66 29.10 -50.61
N GLU H 965 -121.27 27.94 -50.06
CA GLU H 965 -121.15 26.72 -50.85
C GLU H 965 -122.50 26.30 -51.41
N SER H 966 -123.55 26.38 -50.60
CA SER H 966 -124.87 25.98 -51.06
C SER H 966 -125.50 27.02 -51.96
N THR H 967 -125.09 28.28 -51.84
CA THR H 967 -125.59 29.31 -52.73
C THR H 967 -124.87 29.26 -54.07
N PHE H 968 -123.64 28.74 -54.08
CA PHE H 968 -122.88 28.59 -55.32
C PHE H 968 -123.57 27.63 -56.28
N MET H 969 -124.15 26.55 -55.77
CA MET H 969 -124.67 25.51 -56.62
C MET H 969 -125.96 25.90 -57.33
N ALA H 970 -126.57 27.02 -56.97
CA ALA H 970 -127.69 27.55 -57.70
C ALA H 970 -127.40 28.88 -58.36
N GLU H 971 -126.26 29.50 -58.07
CA GLU H 971 -125.91 30.82 -58.58
C GLU H 971 -124.51 30.82 -59.17
N MET H 972 -124.07 29.70 -59.73
CA MET H 972 -122.73 29.61 -60.28
C MET H 972 -122.56 30.35 -61.60
N ASN H 973 -123.66 30.67 -62.28
CA ASN H 973 -123.57 31.43 -63.53
C ASN H 973 -123.11 32.85 -63.28
N LEU H 974 -123.37 33.37 -62.07
CA LEU H 974 -122.82 34.65 -61.66
C LEU H 974 -121.32 34.58 -61.49
N PHE H 975 -120.77 33.41 -61.17
CA PHE H 975 -119.34 33.26 -60.95
C PHE H 975 -118.65 32.68 -62.17
N ASN H 976 -119.23 32.91 -63.36
CA ASN H 976 -118.69 32.51 -64.67
C ASN H 976 -118.52 31.00 -64.80
N VAL H 977 -119.38 30.23 -64.14
CA VAL H 977 -119.33 28.77 -64.20
C VAL H 977 -120.68 28.27 -64.69
N ALA H 978 -120.66 27.38 -65.68
CA ALA H 978 -121.88 26.76 -66.19
C ALA H 978 -121.92 25.29 -65.82
N ARG H 979 -123.11 24.82 -65.48
CA ARG H 979 -123.31 23.40 -65.23
C ARG H 979 -123.82 22.73 -66.50
N GLY H 980 -124.02 21.42 -66.42
CA GLY H 980 -124.51 20.68 -67.56
C GLY H 980 -123.44 20.43 -68.60
N ASN H 981 -123.84 19.73 -69.66
CA ASN H 981 -122.91 19.27 -70.67
C ASN H 981 -122.80 20.30 -71.80
N LEU H 982 -122.22 19.90 -72.92
CA LEU H 982 -121.86 20.85 -73.97
C LEU H 982 -122.09 20.20 -75.33
N TYR H 983 -122.92 20.82 -76.15
CA TYR H 983 -123.24 20.29 -77.47
C TYR H 983 -122.41 20.99 -78.54
N LEU H 984 -122.09 20.25 -79.60
CA LEU H 984 -121.30 20.76 -80.71
C LEU H 984 -121.93 20.36 -82.04
N VAL H 985 -123.22 20.63 -82.21
CA VAL H 985 -123.84 20.49 -83.52
C VAL H 985 -123.52 21.77 -84.26
N GLN H 986 -123.73 21.80 -85.57
CA GLN H 986 -123.74 23.08 -86.24
C GLN H 986 -125.15 23.41 -86.67
N THR H 987 -125.45 24.70 -86.71
CA THR H 987 -126.69 25.17 -87.28
C THR H 987 -126.45 26.50 -87.97
N ALA H 988 -126.85 26.59 -89.23
CA ALA H 988 -126.65 27.78 -90.05
C ALA H 988 -127.82 28.73 -89.96
N THR H 989 -128.48 28.77 -88.80
CA THR H 989 -129.69 29.56 -88.62
C THR H 989 -129.41 31.05 -88.72
N ASN H 990 -130.44 31.78 -89.11
CA ASN H 990 -130.37 33.21 -89.30
C ASN H 990 -131.04 33.96 -88.17
N GLY H 991 -132.03 33.33 -87.53
CA GLY H 991 -132.84 34.00 -86.53
C GLY H 991 -132.19 34.06 -85.16
N ASN H 992 -133.03 34.03 -84.14
CA ASN H 992 -132.59 34.26 -82.78
C ASN H 992 -131.82 33.04 -82.27
N TRP H 993 -130.78 33.30 -81.49
CA TRP H 993 -129.88 32.27 -80.99
C TRP H 993 -129.46 32.60 -79.58
N SER H 994 -129.36 31.58 -78.73
CA SER H 994 -129.00 31.76 -77.33
C SER H 994 -128.37 30.49 -76.81
N PRO H 995 -127.04 30.45 -76.69
CA PRO H 995 -126.39 29.25 -76.16
C PRO H 995 -126.61 29.05 -74.68
N MET H 996 -126.99 30.09 -73.95
CA MET H 996 -127.23 29.99 -72.51
C MET H 996 -128.41 29.08 -72.22
N ALA H 997 -129.59 29.45 -72.70
CA ALA H 997 -130.81 28.69 -72.47
C ALA H 997 -131.35 28.24 -73.81
N PRO H 998 -131.04 27.02 -74.25
CA PRO H 998 -131.62 26.52 -75.48
C PRO H 998 -133.10 26.17 -75.33
N VAL H 999 -133.96 27.00 -75.93
CA VAL H 999 -135.38 26.72 -75.94
C VAL H 999 -135.68 25.49 -76.76
N ALA H 1000 -134.95 25.32 -77.87
CA ALA H 1000 -135.07 24.12 -78.67
C ALA H 1000 -134.56 22.91 -77.91
N ALA H 1001 -135.11 21.75 -78.26
CA ALA H 1001 -134.76 20.51 -77.58
C ALA H 1001 -133.31 20.14 -77.87
N PRO H 1002 -132.61 19.55 -76.90
CA PRO H 1002 -131.27 19.03 -77.15
C PRO H 1002 -131.33 17.88 -78.15
N PRO H 1003 -130.35 17.78 -79.05
CA PRO H 1003 -130.48 16.84 -80.18
C PRO H 1003 -130.45 15.38 -79.77
N PHE H 1004 -129.74 15.06 -78.69
CA PHE H 1004 -129.64 13.69 -78.22
C PHE H 1004 -129.17 13.68 -76.78
N VAL H 1005 -129.43 12.56 -76.11
CA VAL H 1005 -129.00 12.35 -74.74
C VAL H 1005 -127.99 11.22 -74.80
N ARG H 1006 -127.39 10.85 -73.67
CA ARG H 1006 -126.36 9.82 -73.64
C ARG H 1006 -126.92 8.45 -74.00
N GLY H 1007 -128.12 8.13 -73.51
CA GLY H 1007 -128.70 6.83 -73.79
C GLY H 1007 -129.70 6.84 -74.92
N GLY H 1008 -129.53 7.75 -75.87
CA GLY H 1008 -130.49 7.93 -76.93
C GLY H 1008 -130.36 6.89 -78.01
N PRO H 1009 -131.23 6.99 -79.02
CA PRO H 1009 -131.14 6.08 -80.16
C PRO H 1009 -130.00 6.45 -81.08
N ASN H 1010 -129.27 5.42 -81.53
CA ASN H 1010 -128.17 5.47 -82.48
C ASN H 1010 -126.99 6.32 -82.03
N VAL H 1011 -126.95 6.74 -80.78
CA VAL H 1011 -125.86 7.55 -80.25
C VAL H 1011 -124.87 6.60 -79.61
N ARG H 1012 -123.60 7.01 -79.56
CA ARG H 1012 -122.57 6.12 -79.09
C ARG H 1012 -121.49 6.91 -78.37
N VAL H 1013 -120.91 6.28 -77.37
CA VAL H 1013 -119.92 6.91 -76.51
C VAL H 1013 -118.54 6.49 -76.98
N VAL H 1014 -117.63 7.46 -77.05
CA VAL H 1014 -116.24 7.17 -77.38
C VAL H 1014 -115.62 6.33 -76.25
N GLY H 1015 -114.61 5.54 -76.61
CA GLY H 1015 -113.89 4.76 -75.63
C GLY H 1015 -112.82 5.57 -74.94
N ARG H 1016 -111.87 4.85 -74.36
CA ARG H 1016 -110.69 5.51 -73.80
C ARG H 1016 -109.82 6.06 -74.92
N PHE H 1017 -109.18 7.19 -74.62
CA PHE H 1017 -108.09 7.82 -75.37
C PHE H 1017 -108.51 8.45 -76.70
N GLY H 1018 -109.76 8.24 -77.13
CA GLY H 1018 -110.25 8.80 -78.38
C GLY H 1018 -109.49 8.36 -79.60
N THR H 1019 -109.60 7.09 -79.95
CA THR H 1019 -108.75 6.47 -80.97
C THR H 1019 -109.45 6.46 -82.32
N ILE H 1020 -108.81 7.08 -83.31
CA ILE H 1020 -109.22 6.96 -84.70
C ILE H 1020 -108.49 5.79 -85.34
N VAL H 1021 -109.22 4.89 -85.97
CA VAL H 1021 -108.54 3.86 -86.74
C VAL H 1021 -108.48 4.39 -88.17
N PRO H 1022 -107.34 4.28 -88.85
CA PRO H 1022 -107.33 4.51 -90.30
C PRO H 1022 -107.48 3.19 -91.03
N ARG H 1023 -108.26 3.22 -92.11
CA ARG H 1023 -108.48 2.00 -92.88
C ARG H 1023 -107.84 2.15 -94.26
N PRO H 1024 -106.93 1.22 -94.65
CA PRO H 1024 -105.98 1.47 -95.73
C PRO H 1024 -106.53 1.37 -97.15
N ASN H 1025 -107.63 2.08 -97.40
CA ASN H 1025 -108.31 1.99 -98.67
C ASN H 1025 -109.13 3.27 -98.82
N GLY H 1026 -110.10 3.28 -99.73
CA GLY H 1026 -111.05 4.36 -99.81
C GLY H 1026 -112.09 4.39 -98.70
N LEU H 1027 -111.99 3.48 -97.74
CA LEU H 1027 -112.87 3.51 -96.57
C LEU H 1027 -112.54 4.72 -95.71
N GLU H 1028 -113.55 5.25 -95.06
CA GLU H 1028 -113.32 6.43 -94.24
C GLU H 1028 -112.67 6.05 -92.91
N PRO H 1029 -111.91 6.96 -92.32
CA PRO H 1029 -111.39 6.70 -90.96
C PRO H 1029 -112.53 6.69 -89.96
N GLN H 1030 -112.52 5.71 -89.08
CA GLN H 1030 -113.60 5.56 -88.12
C GLN H 1030 -113.05 5.50 -86.70
N LEU H 1031 -113.94 5.80 -85.75
CA LEU H 1031 -113.59 6.12 -84.38
C LEU H 1031 -113.92 4.96 -83.45
N ILE H 1032 -113.17 4.84 -82.37
CA ILE H 1032 -113.36 3.73 -81.44
C ILE H 1032 -114.56 4.01 -80.57
N ASP H 1033 -115.17 2.96 -80.04
CA ASP H 1033 -116.39 3.03 -79.24
C ASP H 1033 -116.07 2.70 -77.80
N ASP H 1034 -117.03 2.97 -76.92
CA ASP H 1034 -116.88 2.61 -75.51
C ASP H 1034 -116.89 1.10 -75.31
N GLY H 1035 -117.51 0.35 -76.22
CA GLY H 1035 -117.39 -1.09 -76.24
C GLY H 1035 -116.19 -1.62 -76.99
N ASN H 1036 -115.23 -0.74 -77.31
CA ASN H 1036 -113.94 -1.06 -77.93
C ASN H 1036 -114.14 -1.72 -79.30
N VAL H 1037 -114.80 -0.97 -80.18
CA VAL H 1037 -115.04 -1.39 -81.56
C VAL H 1037 -114.96 -0.14 -82.43
N PRO H 1038 -114.34 -0.18 -83.60
CA PRO H 1038 -114.33 1.00 -84.46
C PRO H 1038 -115.71 1.29 -85.05
N ARG H 1039 -116.17 2.53 -84.90
CA ARG H 1039 -117.45 2.98 -85.41
C ARG H 1039 -117.24 4.24 -86.24
N ASP H 1040 -118.09 4.42 -87.25
CA ASP H 1040 -117.95 5.56 -88.15
C ASP H 1040 -118.27 6.88 -87.48
N ILE H 1041 -117.59 7.93 -87.93
CA ILE H 1041 -117.68 9.24 -87.29
C ILE H 1041 -119.02 9.90 -87.58
N ALA H 1042 -119.57 9.68 -88.78
CA ALA H 1042 -120.80 10.31 -89.22
C ALA H 1042 -121.97 9.83 -88.36
N GLY H 1043 -122.47 10.71 -87.50
CA GLY H 1043 -123.49 10.38 -86.55
C GLY H 1043 -123.27 11.11 -85.25
N ASP H 1044 -124.13 10.89 -84.26
CA ASP H 1044 -124.02 11.59 -82.99
C ASP H 1044 -123.09 10.85 -82.03
N TRP H 1045 -122.28 11.64 -81.31
CA TRP H 1045 -121.25 11.14 -80.44
C TRP H 1045 -121.33 11.83 -79.08
N VAL H 1046 -120.76 11.17 -78.07
CA VAL H 1046 -120.71 11.70 -76.72
C VAL H 1046 -119.26 11.66 -76.26
N TYR H 1047 -118.66 12.83 -76.05
CA TYR H 1047 -117.38 12.66 -75.38
C TYR H 1047 -117.49 13.02 -73.91
N PRO H 1048 -116.83 12.28 -73.03
CA PRO H 1048 -116.56 12.81 -71.70
C PRO H 1048 -115.36 13.74 -71.75
N SER H 1049 -115.21 14.54 -70.70
CA SER H 1049 -114.16 15.55 -70.67
C SER H 1049 -112.77 14.92 -70.57
N ASP H 1050 -112.66 13.72 -70.03
CA ASP H 1050 -111.36 13.09 -69.88
C ASP H 1050 -110.79 12.64 -71.21
N VAL H 1051 -111.67 12.18 -72.11
CA VAL H 1051 -111.20 11.66 -73.40
C VAL H 1051 -110.89 12.81 -74.35
N LEU H 1052 -111.60 13.93 -74.22
CA LEU H 1052 -111.35 15.07 -75.11
C LEU H 1052 -109.99 15.69 -74.85
N GLN H 1053 -109.56 15.75 -73.58
CA GLN H 1053 -108.28 16.36 -73.27
C GLN H 1053 -107.09 15.52 -73.70
N VAL H 1054 -107.27 14.20 -73.88
CA VAL H 1054 -106.17 13.35 -74.31
C VAL H 1054 -106.24 13.01 -75.79
N SER H 1055 -107.23 13.52 -76.51
CA SER H 1055 -107.35 13.29 -77.94
C SER H 1055 -107.66 14.58 -78.66
N VAL H 1056 -106.88 15.61 -78.36
CA VAL H 1056 -107.20 16.96 -78.84
C VAL H 1056 -106.92 17.08 -80.34
N ALA H 1057 -105.69 16.75 -80.74
CA ALA H 1057 -105.33 16.80 -82.16
C ALA H 1057 -106.05 15.72 -82.95
N VAL H 1058 -106.51 14.67 -82.29
CA VAL H 1058 -107.34 13.66 -82.93
C VAL H 1058 -108.75 14.17 -83.11
N PHE H 1059 -109.23 14.95 -82.16
CA PHE H 1059 -110.53 15.61 -82.30
C PHE H 1059 -110.49 16.60 -83.45
N ARG H 1060 -109.50 17.49 -83.43
CA ARG H 1060 -109.43 18.63 -84.34
C ARG H 1060 -109.20 18.22 -85.79
N ASP H 1061 -108.63 17.04 -86.04
CA ASP H 1061 -108.28 16.65 -87.39
C ASP H 1061 -109.24 15.65 -88.02
N TYR H 1062 -110.05 14.95 -87.23
CA TYR H 1062 -110.84 13.86 -87.79
C TYR H 1062 -112.34 14.01 -87.56
N VAL H 1063 -112.76 14.34 -86.35
CA VAL H 1063 -114.19 14.38 -86.06
C VAL H 1063 -114.70 15.82 -86.11
N TRP H 1064 -113.87 16.77 -85.70
CA TRP H 1064 -114.25 18.18 -85.78
C TRP H 1064 -114.43 18.73 -87.20
N PRO H 1065 -113.66 18.35 -88.23
CA PRO H 1065 -114.09 18.71 -89.58
C PRO H 1065 -115.34 17.99 -90.04
N MET H 1066 -115.66 16.84 -89.45
CA MET H 1066 -116.92 16.17 -89.71
C MET H 1066 -118.05 16.79 -88.89
N VAL H 1067 -117.71 17.73 -88.00
CA VAL H 1067 -118.69 18.59 -87.34
C VAL H 1067 -118.92 19.88 -88.12
N LYS H 1068 -117.85 20.43 -88.72
CA LYS H 1068 -118.00 21.64 -89.53
C LYS H 1068 -118.79 21.37 -90.80
N ALA H 1069 -118.78 20.16 -91.30
CA ALA H 1069 -119.82 19.68 -92.19
C ALA H 1069 -120.93 19.08 -91.36
N GLY H 1070 -122.17 19.22 -91.83
CA GLY H 1070 -123.30 18.77 -91.02
C GLY H 1070 -123.47 17.27 -90.96
N ARG H 1071 -122.48 16.58 -90.40
CA ARG H 1071 -122.45 15.12 -90.36
C ARG H 1071 -122.40 14.55 -88.96
N THR H 1072 -121.52 15.08 -88.11
CA THR H 1072 -121.32 14.57 -86.77
C THR H 1072 -121.76 15.63 -85.77
N ARG H 1073 -122.54 15.19 -84.77
CA ARG H 1073 -122.95 16.02 -83.67
C ARG H 1073 -122.28 15.49 -82.41
N VAL H 1074 -121.60 16.36 -81.67
CA VAL H 1074 -120.78 15.94 -80.55
C VAL H 1074 -121.33 16.53 -79.27
N LEU H 1075 -121.62 15.67 -78.30
CA LEU H 1075 -121.88 16.08 -76.93
C LEU H 1075 -120.60 15.94 -76.11
N VAL H 1076 -120.20 17.01 -75.45
CA VAL H 1076 -118.98 17.02 -74.66
C VAL H 1076 -119.38 17.11 -73.20
N GLU H 1077 -119.09 16.05 -72.45
CA GLU H 1077 -119.53 15.93 -71.06
C GLU H 1077 -118.51 16.56 -70.14
N LEU H 1078 -118.69 17.83 -69.83
CA LEU H 1078 -118.11 18.40 -68.62
C LEU H 1078 -119.23 18.53 -67.60
N GLY H 1079 -118.92 18.25 -66.34
CA GLY H 1079 -119.91 18.45 -65.30
C GLY H 1079 -120.13 19.93 -65.01
N HIS H 1080 -119.04 20.66 -64.86
CA HIS H 1080 -119.06 22.09 -64.60
C HIS H 1080 -117.88 22.71 -65.32
N TYR H 1081 -118.06 23.91 -65.87
CA TYR H 1081 -117.01 24.50 -66.67
C TYR H 1081 -117.13 26.01 -66.67
N VAL H 1082 -116.00 26.67 -66.77
CA VAL H 1082 -115.95 28.11 -66.91
C VAL H 1082 -116.26 28.47 -68.36
N TYR H 1083 -117.10 29.48 -68.55
CA TYR H 1083 -117.49 29.92 -69.88
C TYR H 1083 -117.11 31.38 -70.08
N THR H 1084 -116.67 31.71 -71.29
CA THR H 1084 -116.56 33.09 -71.72
C THR H 1084 -117.43 33.26 -72.96
N LEU H 1085 -118.07 34.41 -73.09
CA LEU H 1085 -119.05 34.60 -74.14
C LEU H 1085 -118.71 35.80 -75.00
N HIS H 1086 -118.96 35.67 -76.29
CA HIS H 1086 -118.62 36.68 -77.28
C HIS H 1086 -119.90 37.29 -77.84
N TYR H 1087 -120.10 38.58 -77.58
CA TYR H 1087 -121.23 39.29 -78.14
C TYR H 1087 -120.89 39.78 -79.54
N TYR H 1088 -121.70 39.37 -80.52
CA TYR H 1088 -121.53 39.81 -81.89
C TYR H 1088 -122.69 40.71 -82.29
N ASP H 1089 -122.50 41.45 -83.36
CA ASP H 1089 -123.61 42.12 -83.99
C ASP H 1089 -124.29 41.16 -84.96
N PRO H 1090 -125.62 41.05 -84.92
CA PRO H 1090 -126.31 40.09 -85.80
C PRO H 1090 -126.35 40.50 -87.26
N GLN H 1091 -125.86 41.68 -87.62
CA GLN H 1091 -125.74 42.10 -89.01
C GLN H 1091 -124.40 41.71 -89.63
N ILE H 1092 -123.72 40.70 -89.10
CA ILE H 1092 -122.41 40.28 -89.60
C ILE H 1092 -122.41 38.77 -89.73
N SER H 1093 -122.18 38.29 -90.95
CA SER H 1093 -122.03 36.86 -91.18
C SER H 1093 -120.65 36.40 -90.72
N LEU H 1094 -120.61 35.23 -90.07
CA LEU H 1094 -119.34 34.69 -89.60
C LEU H 1094 -119.47 33.19 -89.37
N ASP H 1095 -118.47 32.44 -89.83
CA ASP H 1095 -118.28 31.07 -89.40
C ASP H 1095 -117.64 31.08 -88.02
N GLU H 1096 -118.31 30.48 -87.04
CA GLU H 1096 -117.81 30.48 -85.67
C GLU H 1096 -116.80 29.37 -85.40
N ALA H 1097 -116.29 28.72 -86.44
CA ALA H 1097 -115.26 27.70 -86.23
C ALA H 1097 -113.93 28.26 -85.71
N PRO H 1098 -113.34 29.35 -86.23
CA PRO H 1098 -112.06 29.81 -85.66
C PRO H 1098 -112.16 30.39 -84.26
N ILE H 1099 -113.36 30.73 -83.79
CA ILE H 1099 -113.53 31.04 -82.38
C ILE H 1099 -113.40 29.78 -81.54
N LEU H 1100 -113.90 28.67 -82.05
CA LEU H 1100 -113.85 27.42 -81.28
C LEU H 1100 -112.64 26.57 -81.65
N GLU H 1101 -112.05 26.77 -82.82
CA GLU H 1101 -110.78 26.11 -83.12
C GLU H 1101 -109.65 26.70 -82.30
N GLU H 1102 -109.76 27.97 -81.91
CA GLU H 1102 -108.84 28.54 -80.93
C GLU H 1102 -109.05 27.91 -79.56
N TRP H 1103 -110.29 27.56 -79.23
CA TRP H 1103 -110.57 26.86 -77.98
C TRP H 1103 -109.97 25.47 -78.00
N LEU H 1104 -110.05 24.77 -79.12
CA LEU H 1104 -109.43 23.47 -79.23
C LEU H 1104 -107.91 23.55 -79.29
N SER H 1105 -107.35 24.70 -79.66
CA SER H 1105 -105.91 24.82 -79.79
C SER H 1105 -105.21 24.82 -78.44
N LYS H 1106 -105.90 25.15 -77.36
CA LYS H 1106 -105.27 25.28 -76.06
C LYS H 1106 -105.66 24.18 -75.09
N ILE H 1107 -106.50 23.23 -75.50
CA ILE H 1107 -106.82 22.09 -74.65
C ILE H 1107 -105.65 21.14 -74.68
N ASN H 1108 -105.12 20.83 -73.52
CA ASN H 1108 -104.09 19.83 -73.33
C ASN H 1108 -104.66 18.81 -72.36
N PRO H 1109 -103.97 17.72 -71.99
CA PRO H 1109 -104.47 16.89 -70.88
C PRO H 1109 -104.45 17.59 -69.53
N ALA H 1110 -103.79 18.73 -69.40
CA ALA H 1110 -103.82 19.47 -68.15
C ALA H 1110 -105.14 20.20 -67.96
N GLY H 1111 -105.47 21.13 -68.87
CA GLY H 1111 -106.58 22.04 -68.63
C GLY H 1111 -107.41 22.29 -69.87
N ILE H 1112 -108.45 23.11 -69.68
CA ILE H 1112 -109.39 23.47 -70.74
C ILE H 1112 -109.64 24.97 -70.66
N PRO H 1113 -109.39 25.73 -71.71
CA PRO H 1113 -109.73 27.16 -71.70
C PRO H 1113 -111.23 27.38 -71.68
N PRO H 1114 -111.72 28.53 -71.24
CA PRO H 1114 -113.16 28.71 -71.07
C PRO H 1114 -113.91 28.67 -72.39
N VAL H 1115 -115.11 28.10 -72.33
CA VAL H 1115 -115.84 27.68 -73.53
C VAL H 1115 -116.44 28.87 -74.25
N PRO H 1116 -116.07 29.13 -75.49
CA PRO H 1116 -116.49 30.35 -76.21
C PRO H 1116 -117.89 30.28 -76.83
N PHE H 1117 -118.89 30.57 -76.00
CA PHE H 1117 -120.25 30.75 -76.49
C PHE H 1117 -120.36 32.09 -77.19
N CYS H 1118 -121.35 32.19 -78.08
CA CYS H 1118 -121.51 33.41 -78.88
C CYS H 1118 -122.98 33.79 -78.93
N ILE H 1119 -123.29 34.97 -78.42
CA ILE H 1119 -124.66 35.44 -78.22
C ILE H 1119 -124.83 36.73 -79.03
N PRO H 1120 -125.93 36.92 -79.75
CA PRO H 1120 -126.14 38.20 -80.43
C PRO H 1120 -126.50 39.31 -79.46
N ILE H 1121 -126.06 40.52 -79.79
CA ILE H 1121 -126.46 41.70 -79.02
C ILE H 1121 -127.92 42.02 -79.32
N PRO H 1122 -128.76 42.22 -78.31
CA PRO H 1122 -130.19 42.48 -78.55
C PRO H 1122 -130.40 43.84 -79.23
N GLN H 1123 -131.01 43.81 -80.39
CA GLN H 1123 -131.30 45.04 -81.12
C GLN H 1123 -132.53 45.70 -80.53
N VAL H 1124 -132.61 47.01 -80.72
CA VAL H 1124 -133.75 47.77 -80.25
C VAL H 1124 -134.79 47.90 -81.35
N TYR H 1125 -134.34 48.15 -82.57
CA TYR H 1125 -135.01 48.32 -83.84
C TYR H 1125 -134.90 47.04 -84.66
N PRO H 1126 -135.99 46.61 -85.30
CA PRO H 1126 -135.90 45.40 -86.13
C PRO H 1126 -135.13 45.66 -87.41
N CYS H 1127 -134.11 44.84 -87.65
CA CYS H 1127 -133.34 44.94 -88.88
C CYS H 1127 -133.05 43.53 -89.39
N ILE H 1128 -132.57 43.47 -90.62
CA ILE H 1128 -132.28 42.20 -91.26
C ILE H 1128 -130.98 41.64 -90.68
N THR H 1129 -131.07 40.44 -90.11
CA THR H 1129 -129.91 39.80 -89.50
C THR H 1129 -129.20 38.92 -90.52
N ALA H 1130 -127.91 38.73 -90.30
CA ALA H 1130 -127.06 38.01 -91.23
C ALA H 1130 -126.99 36.54 -90.86
N ARG H 1131 -127.04 35.67 -91.88
CA ARG H 1131 -126.89 34.24 -91.67
C ARG H 1131 -125.49 33.93 -91.18
N ARG H 1132 -125.41 33.19 -90.07
CA ARG H 1132 -124.13 32.77 -89.53
C ARG H 1132 -124.32 31.49 -88.76
N VAL H 1133 -123.29 30.66 -88.75
CA VAL H 1133 -123.38 29.36 -88.13
C VAL H 1133 -122.97 29.48 -86.66
N HIS H 1134 -123.34 28.47 -85.87
CA HIS H 1134 -123.00 28.42 -84.46
C HIS H 1134 -122.71 26.98 -84.12
N TYR H 1135 -121.82 26.77 -83.15
CA TYR H 1135 -121.38 25.42 -82.85
C TYR H 1135 -121.68 25.01 -81.42
N ALA H 1136 -121.39 25.84 -80.43
CA ALA H 1136 -121.47 25.44 -79.05
C ALA H 1136 -122.72 26.00 -78.40
N PHE H 1137 -123.42 25.16 -77.65
CA PHE H 1137 -124.50 25.58 -76.77
C PHE H 1137 -124.62 24.57 -75.64
N THR H 1138 -125.32 24.98 -74.59
CA THR H 1138 -125.36 24.21 -73.35
C THR H 1138 -126.48 23.18 -73.39
N SER H 1139 -126.78 22.60 -72.24
CA SER H 1139 -127.97 21.78 -72.05
C SER H 1139 -128.89 22.34 -70.98
N GLU H 1140 -128.33 22.83 -69.89
CA GLU H 1140 -129.08 23.50 -68.85
C GLU H 1140 -129.18 24.99 -69.15
N ASN H 1141 -130.17 25.63 -68.56
CA ASN H 1141 -130.28 27.08 -68.68
C ASN H 1141 -129.18 27.76 -67.87
N ASN H 1142 -128.36 28.55 -68.54
CA ASN H 1142 -127.23 29.21 -67.90
C ASN H 1142 -127.26 30.72 -68.09
N ASN H 1143 -128.43 31.28 -68.42
CA ASN H 1143 -128.62 32.72 -68.46
C ASN H 1143 -129.04 33.29 -67.11
N ASP H 1144 -128.66 32.63 -66.01
CA ASP H 1144 -128.97 33.13 -64.67
C ASP H 1144 -128.16 34.39 -64.36
N SER H 1145 -127.00 34.55 -65.00
CA SER H 1145 -126.23 35.78 -64.84
C SER H 1145 -126.85 36.95 -65.57
N LEU H 1146 -127.72 36.70 -66.54
CA LEU H 1146 -128.30 37.75 -67.37
C LEU H 1146 -129.27 38.58 -66.55
N PHE H 1147 -128.89 39.82 -66.27
CA PHE H 1147 -129.74 40.70 -65.48
C PHE H 1147 -130.80 41.37 -66.35
N SER H 1148 -130.37 42.04 -67.42
CA SER H 1148 -131.31 42.76 -68.28
C SER H 1148 -130.70 42.94 -69.66
N THR H 1149 -131.58 43.06 -70.65
CA THR H 1149 -131.21 43.38 -72.02
C THR H 1149 -131.98 44.60 -72.46
N ASN H 1150 -131.25 45.60 -73.00
CA ASN H 1150 -131.80 46.87 -73.48
C ASN H 1150 -132.57 47.61 -72.38
N ALA H 1151 -131.84 47.99 -71.33
CA ALA H 1151 -132.45 48.66 -70.20
C ALA H 1151 -132.85 50.10 -70.54
N ALA H 1152 -132.23 50.70 -71.56
CA ALA H 1152 -132.60 52.05 -71.96
C ALA H 1152 -133.60 52.05 -73.11
N SER H 1153 -134.39 50.99 -73.25
CA SER H 1153 -135.36 50.88 -74.33
C SER H 1153 -136.71 50.46 -73.76
N ILE H 1154 -137.77 50.81 -74.48
CA ILE H 1154 -139.10 50.36 -74.11
C ILE H 1154 -139.23 48.84 -74.26
N ASP H 1155 -138.59 48.27 -75.27
CA ASP H 1155 -138.59 46.83 -75.48
C ASP H 1155 -137.39 46.48 -76.35
N THR H 1156 -137.25 45.20 -76.66
CA THR H 1156 -136.22 44.72 -77.57
C THR H 1156 -136.86 44.17 -78.83
N ALA H 1157 -136.08 44.10 -79.90
CA ALA H 1157 -136.57 43.68 -81.19
C ALA H 1157 -136.13 42.28 -81.58
N PHE H 1158 -134.84 41.96 -81.46
CA PHE H 1158 -134.33 40.71 -82.00
C PHE H 1158 -133.74 39.78 -80.96
N GLY H 1159 -132.91 40.29 -80.05
CA GLY H 1159 -132.20 39.42 -79.13
C GLY H 1159 -133.09 38.84 -78.04
N GLU H 1160 -132.43 38.25 -77.05
CA GLU H 1160 -133.17 37.64 -75.95
C GLU H 1160 -133.71 38.73 -75.04
N ASN H 1161 -135.00 38.64 -74.74
CA ASN H 1161 -135.66 39.64 -73.91
C ASN H 1161 -135.42 39.30 -72.46
N ALA H 1162 -134.84 40.24 -71.71
CA ALA H 1162 -134.58 40.06 -70.28
C ALA H 1162 -135.07 41.32 -69.58
N ALA H 1163 -136.30 41.29 -69.09
CA ALA H 1163 -136.76 42.35 -68.23
C ALA H 1163 -136.10 42.23 -66.87
N VAL H 1164 -136.14 43.32 -66.11
CA VAL H 1164 -135.55 43.29 -64.77
C VAL H 1164 -136.46 42.47 -63.88
N SER H 1165 -135.97 41.32 -63.44
CA SER H 1165 -136.80 40.39 -62.70
C SER H 1165 -137.04 40.89 -61.28
N PRO H 1166 -138.29 40.99 -60.83
CA PRO H 1166 -138.55 41.35 -59.43
C PRO H 1166 -138.20 40.24 -58.46
N LEU H 1167 -137.93 39.04 -58.97
CA LEU H 1167 -137.58 37.90 -58.13
C LEU H 1167 -136.22 38.11 -57.47
N ARG H 1168 -135.35 38.90 -58.09
CA ARG H 1168 -134.12 39.32 -57.45
C ARG H 1168 -134.32 40.45 -56.46
N TRP H 1169 -135.46 41.14 -56.50
CA TRP H 1169 -135.70 42.35 -55.71
C TRP H 1169 -137.01 42.29 -54.93
N PRO H 1170 -137.22 41.29 -54.02
CA PRO H 1170 -138.49 41.30 -53.29
C PRO H 1170 -138.50 42.32 -52.17
N GLY H 1171 -137.32 42.69 -51.68
CA GLY H 1171 -137.23 43.69 -50.63
C GLY H 1171 -137.57 45.08 -51.12
N LEU H 1172 -137.48 45.33 -52.42
CA LEU H 1172 -137.81 46.61 -53.02
C LEU H 1172 -139.21 46.62 -53.62
N VAL H 1173 -139.61 45.53 -54.26
CA VAL H 1173 -140.81 45.49 -55.09
C VAL H 1173 -141.96 44.80 -54.38
N ASP H 1174 -141.70 43.64 -53.78
CA ASP H 1174 -142.78 42.81 -53.26
C ASP H 1174 -143.37 43.40 -52.00
N PRO H 1175 -144.69 43.57 -51.94
CA PRO H 1175 -145.30 44.14 -50.72
C PRO H 1175 -145.41 43.16 -49.58
N ASN H 1176 -145.36 41.86 -49.85
CA ASN H 1176 -145.43 40.84 -48.81
C ASN H 1176 -144.07 40.50 -48.23
N TYR H 1177 -143.08 41.35 -48.45
CA TYR H 1177 -141.73 41.10 -47.98
C TYR H 1177 -141.64 41.27 -46.48
N ARG H 1178 -141.26 40.21 -45.78
CA ARG H 1178 -140.95 40.31 -44.38
C ARG H 1178 -139.52 40.79 -44.21
N VAL H 1179 -139.30 41.65 -43.21
CA VAL H 1179 -138.02 42.31 -43.03
C VAL H 1179 -136.97 41.31 -42.58
N GLY H 1180 -135.92 41.16 -43.38
CA GLY H 1180 -134.84 40.25 -43.06
C GLY H 1180 -134.96 38.87 -43.69
N THR H 1181 -135.68 38.74 -44.78
CA THR H 1181 -135.96 37.45 -45.40
C THR H 1181 -135.12 37.29 -46.66
N ASN H 1182 -134.48 36.13 -46.80
CA ASN H 1182 -133.66 35.84 -47.96
C ASN H 1182 -134.19 34.60 -48.67
N ASP H 1183 -133.52 34.23 -49.76
CA ASP H 1183 -133.76 32.97 -50.45
C ASP H 1183 -132.43 32.33 -50.79
N LEU H 1184 -131.48 32.40 -49.87
CA LEU H 1184 -130.08 32.03 -50.02
C LEU H 1184 -129.75 30.58 -50.39
N PRO H 1185 -130.53 29.55 -50.03
CA PRO H 1185 -130.30 28.25 -50.68
C PRO H 1185 -130.67 28.21 -52.15
N ASN H 1186 -131.31 29.23 -52.69
CA ASN H 1186 -131.76 29.17 -54.07
C ASN H 1186 -131.33 30.37 -54.91
N ARG H 1187 -131.30 31.56 -54.33
CA ARG H 1187 -131.24 32.76 -55.15
C ARG H 1187 -130.71 33.92 -54.33
N ILE H 1188 -130.02 34.84 -54.99
CA ILE H 1188 -129.37 35.96 -54.34
C ILE H 1188 -130.22 37.20 -54.53
N THR H 1189 -130.85 37.65 -53.45
CA THR H 1189 -131.62 38.88 -53.44
C THR H 1189 -130.69 40.07 -53.31
N LEU H 1190 -130.81 41.04 -54.23
CA LEU H 1190 -129.88 42.16 -54.33
C LEU H 1190 -130.24 43.34 -53.44
N TYR H 1191 -131.45 43.39 -52.88
CA TYR H 1191 -131.90 44.53 -52.09
C TYR H 1191 -132.52 44.00 -50.81
N ASN H 1192 -131.78 44.10 -49.71
CA ASN H 1192 -132.25 43.49 -48.48
C ASN H 1192 -132.28 44.47 -47.32
N SER H 1193 -132.52 43.96 -46.13
CA SER H 1193 -132.64 44.74 -44.91
C SER H 1193 -131.39 44.49 -44.07
N LEU H 1194 -130.40 45.34 -44.25
CA LEU H 1194 -129.19 45.22 -43.45
C LEU H 1194 -129.39 45.94 -42.12
N TYR H 1195 -128.31 46.11 -41.38
CA TYR H 1195 -128.38 46.60 -40.02
C TYR H 1195 -127.04 47.26 -39.74
N ARG H 1196 -126.99 48.59 -39.82
CA ARG H 1196 -125.74 49.28 -39.60
C ARG H 1196 -125.44 49.39 -38.11
N TYR H 1197 -124.19 49.70 -37.80
CA TYR H 1197 -123.74 49.68 -36.42
C TYR H 1197 -122.88 50.91 -36.12
N ASN H 1198 -122.78 51.21 -34.84
CA ASN H 1198 -121.94 52.30 -34.35
C ASN H 1198 -121.20 51.82 -33.11
N PHE H 1199 -120.52 50.69 -33.25
CA PHE H 1199 -119.73 50.09 -32.17
C PHE H 1199 -118.69 51.06 -31.63
N THR H 1200 -118.76 51.31 -30.32
CA THR H 1200 -117.71 52.03 -29.62
C THR H 1200 -116.66 51.04 -29.16
N TYR H 1201 -115.41 51.49 -29.13
CA TYR H 1201 -114.24 50.64 -28.91
C TYR H 1201 -113.52 51.16 -27.66
N PRO H 1202 -113.91 50.73 -26.48
CA PRO H 1202 -113.39 51.34 -25.26
C PRO H 1202 -111.96 50.90 -24.98
N THR H 1203 -111.18 51.84 -24.47
CA THR H 1203 -109.83 51.56 -23.99
C THR H 1203 -109.85 51.58 -22.46
N LEU H 1204 -108.86 50.92 -21.87
CA LEU H 1204 -108.82 50.75 -20.42
C LEU H 1204 -107.56 51.41 -19.88
N ASP H 1205 -107.73 52.40 -19.02
CA ASP H 1205 -106.62 53.17 -18.47
C ASP H 1205 -106.83 53.42 -16.98
N GLY H 1206 -107.23 52.38 -16.25
CA GLY H 1206 -107.60 52.54 -14.87
C GLY H 1206 -106.44 52.76 -13.93
N ILE H 1207 -106.79 53.09 -12.69
CA ILE H 1207 -105.82 53.32 -11.62
C ILE H 1207 -105.57 51.98 -10.93
N MET H 1208 -104.29 51.68 -10.66
CA MET H 1208 -103.89 50.38 -10.17
C MET H 1208 -103.32 50.47 -8.76
N TYR H 1209 -103.68 49.51 -7.92
CA TYR H 1209 -103.43 49.53 -6.49
C TYR H 1209 -102.58 48.34 -6.09
N VAL H 1210 -101.96 48.45 -4.91
CA VAL H 1210 -101.14 47.37 -4.39
C VAL H 1210 -101.50 47.16 -2.91
N ARG H 1211 -101.42 45.91 -2.47
CA ARG H 1211 -101.83 45.53 -1.13
C ARG H 1211 -100.85 46.07 -0.10
N SER H 1212 -101.37 46.42 1.07
CA SER H 1212 -100.53 46.86 2.18
C SER H 1212 -99.74 45.70 2.75
N ALA H 1213 -98.72 46.06 3.54
CA ALA H 1213 -97.83 45.05 4.11
C ALA H 1213 -98.49 44.30 5.26
N THR H 1214 -99.13 45.03 6.17
CA THR H 1214 -99.66 44.54 7.47
C THR H 1214 -98.64 43.75 8.28
N PRO I 151 -19.71 0.75 -5.49
CA PRO I 151 -18.36 0.32 -5.85
C PRO I 151 -18.30 -0.27 -7.26
N MET I 152 -17.63 -1.42 -7.38
CA MET I 152 -17.70 -2.18 -8.63
C MET I 152 -19.09 -2.75 -8.85
N ILE I 153 -19.80 -3.07 -7.76
CA ILE I 153 -21.16 -3.57 -7.86
C ILE I 153 -22.13 -2.47 -8.29
N ASN I 154 -21.79 -1.20 -8.04
CA ASN I 154 -22.63 -0.11 -8.50
C ASN I 154 -22.50 0.08 -10.00
N ASN I 155 -21.35 -0.30 -10.58
CA ASN I 155 -21.16 -0.19 -12.02
C ASN I 155 -22.03 -1.19 -12.76
N ALA I 156 -22.27 -2.37 -12.18
CA ALA I 156 -23.17 -3.33 -12.80
C ALA I 156 -24.63 -2.92 -12.66
N ILE I 157 -24.94 -2.05 -11.69
CA ILE I 157 -26.31 -1.53 -11.56
C ILE I 157 -26.62 -0.58 -12.70
N ARG I 158 -25.77 0.43 -12.91
CA ARG I 158 -26.04 1.43 -13.93
C ARG I 158 -25.83 0.89 -15.33
N SER I 159 -25.04 -0.18 -15.48
CA SER I 159 -24.92 -0.83 -16.77
C SER I 159 -26.03 -1.84 -17.02
N PHE I 160 -26.91 -2.04 -16.04
CA PHE I 160 -28.14 -2.81 -16.22
C PHE I 160 -29.34 -1.93 -16.50
N LEU I 161 -29.49 -0.82 -15.77
CA LEU I 161 -30.65 0.03 -15.94
C LEU I 161 -30.60 0.80 -17.24
N THR I 162 -29.40 1.24 -17.66
CA THR I 162 -29.27 1.90 -18.95
C THR I 162 -29.40 0.90 -20.09
N ALA I 163 -28.85 -0.30 -19.92
CA ALA I 163 -28.98 -1.32 -20.95
C ALA I 163 -30.37 -1.92 -21.00
N TRP I 164 -31.21 -1.67 -19.99
CA TRP I 164 -32.61 -2.03 -20.11
C TRP I 164 -33.44 -0.88 -20.68
N ASP I 165 -33.08 0.36 -20.34
CA ASP I 165 -33.83 1.50 -20.85
C ASP I 165 -33.53 1.76 -22.32
N ASP I 166 -32.30 1.46 -22.77
CA ASP I 166 -31.97 1.61 -24.18
C ASP I 166 -32.72 0.60 -25.05
N ILE I 167 -33.06 -0.56 -24.48
CA ILE I 167 -33.99 -1.45 -25.16
C ILE I 167 -35.41 -0.89 -25.10
N ARG I 168 -35.75 -0.21 -24.01
CA ARG I 168 -37.10 0.32 -23.85
C ARG I 168 -37.34 1.51 -24.77
N ILE I 169 -36.35 2.38 -24.93
CA ILE I 169 -36.54 3.56 -25.77
C ILE I 169 -36.44 3.22 -27.25
N LEU I 170 -35.92 2.05 -27.60
CA LEU I 170 -35.90 1.60 -29.00
C LEU I 170 -37.22 0.87 -29.23
N SER I 171 -38.28 1.67 -29.36
CA SER I 171 -39.65 1.17 -29.44
C SER I 171 -40.53 2.28 -29.94
N PRO I 172 -41.61 1.95 -30.66
CA PRO I 172 -42.60 2.98 -31.00
C PRO I 172 -43.32 3.48 -29.76
N ASP I 173 -43.68 4.76 -29.78
CA ASP I 173 -44.41 5.35 -28.66
C ASP I 173 -45.85 4.84 -28.67
N VAL I 174 -46.26 4.25 -27.55
CA VAL I 174 -47.62 3.75 -27.39
C VAL I 174 -48.49 4.87 -26.83
N SER I 175 -49.64 5.09 -27.45
CA SER I 175 -50.56 6.14 -27.06
C SER I 175 -51.94 5.78 -27.60
N SER I 176 -52.90 6.70 -27.43
CA SER I 176 -54.23 6.50 -27.99
C SER I 176 -54.24 6.67 -29.50
N LYS I 177 -53.21 7.29 -30.08
CA LYS I 177 -53.13 7.45 -31.53
C LYS I 177 -52.91 6.11 -32.21
N SER I 178 -52.20 5.18 -31.56
CA SER I 178 -51.98 3.87 -32.14
C SER I 178 -53.25 3.03 -32.19
N LEU I 179 -54.24 3.34 -31.35
CA LEU I 179 -55.52 2.65 -31.42
C LEU I 179 -56.30 3.09 -32.63
N SER I 180 -56.31 4.40 -32.90
CA SER I 180 -56.96 4.90 -34.12
C SER I 180 -56.16 4.54 -35.36
N ALA I 181 -54.85 4.41 -35.23
CA ALA I 181 -54.02 4.02 -36.37
C ALA I 181 -54.25 2.56 -36.73
N TYR I 182 -54.48 1.71 -35.73
CA TYR I 182 -54.76 0.32 -36.03
C TYR I 182 -56.20 0.12 -36.50
N LEU I 183 -57.13 0.92 -35.97
CA LEU I 183 -58.52 0.78 -36.37
C LEU I 183 -58.74 1.30 -37.78
N ASP I 184 -57.95 2.28 -38.22
CA ASP I 184 -58.04 2.80 -39.58
C ASP I 184 -57.60 1.78 -40.61
N SER I 185 -56.77 0.81 -40.22
CA SER I 185 -56.38 -0.26 -41.13
C SER I 185 -57.54 -1.16 -41.50
N ALA I 186 -58.53 -1.27 -40.61
CA ALA I 186 -59.72 -2.07 -40.85
C ALA I 186 -60.87 -1.26 -41.43
N VAL I 187 -60.59 -0.12 -42.06
CA VAL I 187 -61.61 0.74 -42.63
C VAL I 187 -61.64 0.66 -44.15
N ALA I 188 -60.48 0.77 -44.79
CA ALA I 188 -60.43 0.84 -46.25
C ALA I 188 -60.76 -0.50 -46.90
N ASN I 189 -60.55 -1.59 -46.19
CA ASN I 189 -60.88 -2.93 -46.70
C ASN I 189 -62.32 -3.32 -46.36
N GLY I 190 -63.26 -2.46 -46.68
CA GLY I 190 -64.65 -2.70 -46.40
C GLY I 190 -65.50 -2.69 -47.65
N PRO I 191 -66.29 -3.74 -47.83
CA PRO I 191 -67.13 -3.82 -49.03
C PRO I 191 -68.32 -2.89 -48.93
N GLU I 192 -68.71 -2.31 -50.06
CA GLU I 192 -69.96 -1.58 -50.09
C GLU I 192 -71.11 -2.57 -50.24
N LEU I 193 -72.05 -2.53 -49.32
CA LEU I 193 -73.24 -3.37 -49.40
C LEU I 193 -74.49 -2.57 -49.66
N ILE I 194 -74.46 -1.27 -49.44
CA ILE I 194 -75.64 -0.44 -49.54
C ILE I 194 -75.57 0.41 -50.80
N ILE I 195 -76.07 -0.11 -51.91
CA ILE I 195 -76.22 0.65 -53.14
C ILE I 195 -77.70 0.69 -53.47
N GLU I 196 -78.25 1.90 -53.48
CA GLU I 196 -79.67 2.11 -53.69
C GLU I 196 -79.93 2.50 -55.14
N ASP I 197 -81.09 2.08 -55.65
CA ASP I 197 -81.49 2.36 -57.02
C ASP I 197 -82.71 3.27 -56.99
N THR I 198 -82.54 4.49 -57.48
CA THR I 198 -83.65 5.42 -57.58
C THR I 198 -84.54 5.09 -58.77
N GLY I 199 -83.94 4.77 -59.91
CA GLY I 199 -84.70 4.44 -61.10
C GLY I 199 -85.33 3.08 -61.01
N LEU I 200 -86.10 2.77 -62.06
CA LEU I 200 -86.88 1.54 -62.07
C LEU I 200 -86.00 0.34 -62.34
N CYS I 201 -86.32 -0.77 -61.70
CA CYS I 201 -85.44 -1.94 -61.70
C CYS I 201 -85.85 -2.89 -62.81
N THR I 202 -85.23 -2.72 -63.97
CA THR I 202 -85.30 -3.75 -64.99
C THR I 202 -83.96 -3.81 -65.70
N SER I 203 -83.70 -4.96 -66.29
CA SER I 203 -82.47 -5.18 -67.03
C SER I 203 -82.72 -5.54 -68.48
N PHE I 204 -83.97 -5.58 -68.90
CA PHE I 204 -84.33 -5.98 -70.26
C PHE I 204 -84.91 -4.74 -70.93
N MET I 205 -84.09 -4.03 -71.69
CA MET I 205 -84.66 -2.87 -72.36
C MET I 205 -85.29 -3.29 -73.67
N LEU I 206 -86.21 -2.46 -74.14
CA LEU I 206 -87.04 -2.75 -75.30
C LEU I 206 -86.46 -1.96 -76.46
N LEU I 207 -85.42 -2.52 -77.07
CA LEU I 207 -84.59 -1.78 -78.00
C LEU I 207 -85.19 -1.82 -79.40
N ASP I 208 -85.34 -0.65 -80.00
CA ASP I 208 -85.75 -0.53 -81.40
C ASP I 208 -84.62 -0.98 -82.31
N ASN I 209 -84.77 -2.16 -82.91
CA ASN I 209 -83.69 -2.72 -83.70
C ASN I 209 -83.69 -2.17 -85.12
N ILE I 210 -84.81 -2.27 -85.81
CA ILE I 210 -84.96 -1.76 -87.17
C ILE I 210 -85.99 -0.65 -87.16
N PRO I 211 -85.66 0.56 -87.59
CA PRO I 211 -86.65 1.64 -87.63
C PRO I 211 -87.63 1.45 -88.78
N SER I 212 -88.79 2.10 -88.65
CA SER I 212 -89.79 2.06 -89.69
C SER I 212 -89.38 2.95 -90.86
N ALA I 213 -90.13 2.83 -91.96
CA ALA I 213 -89.85 3.59 -93.16
C ALA I 213 -90.44 4.99 -93.02
N HIS I 214 -89.58 5.98 -92.82
CA HIS I 214 -90.03 7.37 -92.87
C HIS I 214 -90.30 7.77 -94.31
N LEU I 215 -91.49 8.30 -94.54
CA LEU I 215 -91.93 8.59 -95.90
C LEU I 215 -93.02 9.66 -95.87
N THR I 216 -92.92 10.59 -96.82
CA THR I 216 -93.91 11.65 -96.98
C THR I 216 -94.50 11.72 -98.38
N LYS I 217 -94.02 10.90 -99.32
CA LYS I 217 -94.44 10.98 -100.71
C LYS I 217 -95.60 10.05 -101.02
N GLU I 218 -95.46 8.78 -100.67
CA GLU I 218 -96.43 7.76 -101.03
C GLU I 218 -96.78 6.96 -99.78
N LEU I 219 -98.02 6.46 -99.74
CA LEU I 219 -98.59 5.64 -98.67
C LEU I 219 -98.51 6.36 -97.31
N ILE I 220 -99.14 7.51 -97.28
CA ILE I 220 -99.17 8.35 -96.08
C ILE I 220 -100.28 7.87 -95.16
N GLY I 221 -99.96 7.74 -93.87
CA GLY I 221 -100.96 7.39 -92.88
C GLY I 221 -100.86 5.98 -92.37
N PHE I 222 -99.99 5.16 -92.94
CA PHE I 222 -99.82 3.80 -92.43
C PHE I 222 -99.11 3.79 -91.09
N THR I 223 -98.15 4.68 -90.89
CA THR I 223 -97.39 4.72 -89.65
C THR I 223 -97.71 6.00 -88.88
N TRP I 224 -97.61 5.91 -87.56
CA TRP I 224 -97.99 7.00 -86.67
C TRP I 224 -97.04 6.98 -85.48
N PHE I 225 -96.11 7.93 -85.44
CA PHE I 225 -95.18 7.99 -84.33
C PHE I 225 -95.78 8.84 -83.21
N MET I 226 -95.14 8.79 -82.05
CA MET I 226 -95.47 9.72 -80.98
C MET I 226 -94.60 10.96 -81.02
N GLN I 227 -93.52 10.94 -81.79
CA GLN I 227 -92.66 12.11 -81.92
C GLN I 227 -93.36 13.24 -82.66
N MET I 228 -94.31 12.91 -83.54
CA MET I 228 -95.08 13.94 -84.23
C MET I 228 -96.05 14.68 -83.31
N TYR I 229 -96.29 14.16 -82.10
CA TYR I 229 -97.13 14.82 -81.11
C TYR I 229 -96.33 15.30 -79.91
N GLN I 230 -95.00 15.43 -80.07
CA GLN I 230 -94.07 15.90 -79.04
C GLN I 230 -94.15 15.06 -77.78
N MET I 231 -94.07 13.74 -77.96
CA MET I 231 -94.23 12.82 -76.85
C MET I 231 -93.31 11.63 -77.05
N THR I 232 -92.63 11.22 -75.99
CA THR I 232 -91.85 10.01 -76.22
C THR I 232 -92.71 8.78 -75.97
N PRO I 233 -92.61 7.76 -76.82
CA PRO I 233 -93.46 6.58 -76.66
C PRO I 233 -92.98 5.71 -75.51
N PRO I 234 -93.89 5.00 -74.84
CA PRO I 234 -93.45 4.10 -73.77
C PRO I 234 -92.74 2.86 -74.30
N LEU I 235 -93.26 2.28 -75.30
CA LEU I 235 -92.88 1.13 -76.09
C LEU I 235 -92.08 1.57 -77.31
N PRO I 236 -91.18 0.73 -77.82
CA PRO I 236 -90.42 1.11 -79.01
C PRO I 236 -91.29 1.18 -80.25
N GLU I 237 -90.79 1.90 -81.24
CA GLU I 237 -91.52 2.15 -82.48
C GLU I 237 -90.60 1.85 -83.66
N GLY I 238 -90.88 0.74 -84.33
CA GLY I 238 -90.14 0.39 -85.53
C GLY I 238 -90.64 -0.94 -86.04
N ALA I 239 -89.90 -1.49 -87.01
CA ALA I 239 -90.24 -2.81 -87.50
C ALA I 239 -89.91 -3.88 -86.46
N VAL I 240 -88.64 -4.01 -86.11
CA VAL I 240 -88.20 -5.06 -85.23
C VAL I 240 -87.78 -4.42 -83.90
N ASN I 241 -88.29 -4.96 -82.80
CA ASN I 241 -88.01 -4.43 -81.46
C ASN I 241 -87.56 -5.58 -80.57
N ARG I 242 -86.29 -5.90 -80.62
CA ARG I 242 -85.76 -7.03 -79.86
C ARG I 242 -85.69 -6.70 -78.38
N ILE I 243 -86.13 -7.64 -77.54
CA ILE I 243 -86.01 -7.47 -76.09
C ILE I 243 -84.61 -7.92 -75.70
N VAL I 244 -83.66 -7.01 -75.75
CA VAL I 244 -82.28 -7.33 -75.47
C VAL I 244 -82.00 -6.96 -74.02
N CYS I 245 -81.09 -7.68 -73.38
CA CYS I 245 -80.69 -7.32 -72.02
C CYS I 245 -79.59 -6.28 -72.09
N MET I 246 -79.83 -5.16 -71.41
CA MET I 246 -78.80 -4.18 -71.12
C MET I 246 -79.01 -3.81 -69.66
N THR I 247 -78.11 -4.27 -68.80
CA THR I 247 -78.36 -4.25 -67.36
C THR I 247 -78.27 -2.82 -66.83
N ASN I 248 -79.27 -2.44 -66.03
CA ASN I 248 -79.36 -1.14 -65.36
C ASN I 248 -79.37 0.00 -66.38
N TRP I 249 -80.04 -0.23 -67.50
CA TRP I 249 -80.22 0.84 -68.48
C TRP I 249 -81.11 1.93 -67.94
N ALA I 250 -82.05 1.58 -67.07
CA ALA I 250 -83.04 2.50 -66.54
C ALA I 250 -82.75 2.92 -65.11
N SER I 251 -81.59 2.55 -64.58
CA SER I 251 -81.27 2.90 -63.20
C SER I 251 -80.91 4.37 -63.09
N LEU I 252 -81.53 5.05 -62.13
CA LEU I 252 -81.19 6.42 -61.79
C LEU I 252 -80.46 6.48 -60.45
N GLY I 253 -79.91 5.35 -60.02
CA GLY I 253 -79.08 5.35 -58.82
C GLY I 253 -77.79 6.10 -59.05
N ASP I 254 -77.30 6.73 -57.99
CA ASP I 254 -76.09 7.55 -58.09
C ASP I 254 -74.84 6.72 -58.31
N GLU I 255 -74.79 5.52 -57.75
CA GLU I 255 -73.63 4.66 -57.85
C GLU I 255 -74.03 3.35 -58.53
N GLY I 256 -73.12 2.82 -59.34
CA GLY I 256 -73.33 1.52 -59.94
C GLY I 256 -72.45 0.48 -59.28
N ARG I 257 -72.73 -0.80 -59.52
CA ARG I 257 -71.93 -1.87 -58.94
C ARG I 257 -70.52 -1.90 -59.52
N GLY I 258 -70.35 -1.41 -60.75
CA GLY I 258 -69.15 -1.67 -61.49
C GLY I 258 -69.49 -2.35 -62.78
N LEU I 259 -69.17 -3.64 -62.85
CA LEU I 259 -69.51 -4.46 -64.01
C LEU I 259 -71.01 -4.55 -64.21
N GLU I 260 -71.44 -4.40 -65.47
CA GLU I 260 -72.81 -4.64 -65.91
C GLU I 260 -72.77 -5.25 -67.29
N VAL I 261 -73.64 -6.22 -67.56
CA VAL I 261 -73.66 -6.92 -68.83
C VAL I 261 -74.69 -6.26 -69.75
N ARG I 262 -74.24 -5.82 -70.92
CA ARG I 262 -75.08 -5.15 -71.89
C ARG I 262 -74.89 -5.84 -73.24
N LEU I 263 -75.87 -6.55 -73.64
CA LEU I 263 -75.70 -7.15 -74.95
C LEU I 263 -76.19 -6.21 -76.05
N PRO I 264 -75.52 -6.21 -77.19
CA PRO I 264 -76.02 -5.48 -78.35
C PRO I 264 -77.21 -6.21 -78.95
N PRO I 265 -78.01 -5.55 -79.78
CA PRO I 265 -79.09 -6.25 -80.49
C PRO I 265 -78.54 -7.29 -81.46
N PRO I 266 -79.35 -8.28 -81.85
CA PRO I 266 -78.82 -9.35 -82.71
C PRO I 266 -78.44 -8.92 -84.12
N THR I 267 -78.65 -7.66 -84.49
CA THR I 267 -78.05 -7.12 -85.71
C THR I 267 -76.52 -7.14 -85.61
N ASP I 268 -75.98 -6.86 -84.43
CA ASP I 268 -74.55 -6.86 -84.23
C ASP I 268 -74.07 -8.28 -83.92
N SER I 269 -72.81 -8.41 -83.52
CA SER I 269 -72.21 -9.74 -83.38
C SER I 269 -72.59 -10.41 -82.07
N SER I 270 -72.48 -9.66 -80.96
CA SER I 270 -72.92 -10.08 -79.62
C SER I 270 -72.18 -11.31 -79.11
N VAL I 271 -70.87 -11.37 -79.33
CA VAL I 271 -70.03 -12.41 -78.77
C VAL I 271 -68.96 -11.88 -77.85
N HIS I 272 -68.91 -10.57 -77.62
CA HIS I 272 -67.89 -10.00 -76.74
C HIS I 272 -68.18 -10.26 -75.27
N ALA I 273 -69.42 -10.58 -74.92
CA ALA I 273 -69.76 -11.04 -73.59
C ALA I 273 -69.64 -12.55 -73.46
N TYR I 274 -69.24 -13.22 -74.53
CA TYR I 274 -69.07 -14.66 -74.58
C TYR I 274 -67.63 -15.04 -74.82
N LYS I 275 -66.74 -14.05 -74.98
CA LYS I 275 -65.31 -14.26 -74.99
C LYS I 275 -64.70 -13.96 -73.64
N THR I 276 -65.46 -14.10 -72.57
CA THR I 276 -65.04 -13.64 -71.26
C THR I 276 -64.02 -14.56 -70.61
N VAL I 277 -64.02 -15.85 -70.96
CA VAL I 277 -63.06 -16.79 -70.39
C VAL I 277 -62.81 -17.88 -71.42
N LEU I 278 -61.59 -18.44 -71.40
CA LEU I 278 -61.11 -19.48 -72.31
C LEU I 278 -61.14 -19.03 -73.77
N SER I 279 -61.08 -17.74 -74.05
CA SER I 279 -61.23 -17.23 -75.40
C SER I 279 -60.33 -16.07 -75.75
N ARG I 280 -59.54 -15.54 -74.80
CA ARG I 280 -58.74 -14.35 -75.10
C ARG I 280 -57.60 -14.67 -76.06
N GLY I 281 -56.81 -15.69 -75.77
CA GLY I 281 -55.68 -16.05 -76.59
C GLY I 281 -55.86 -17.28 -77.45
N TYR I 282 -57.09 -17.79 -77.57
CA TYR I 282 -57.36 -19.01 -78.30
C TYR I 282 -58.18 -18.79 -79.55
N ILE I 283 -59.02 -17.75 -79.59
CA ILE I 283 -59.98 -17.58 -80.65
C ILE I 283 -59.94 -16.14 -81.11
N ASP I 284 -60.39 -15.91 -82.34
CA ASP I 284 -60.38 -14.56 -82.89
C ASP I 284 -61.60 -13.79 -82.38
N ASN I 285 -61.61 -12.48 -82.65
CA ASN I 285 -62.67 -11.62 -82.14
C ASN I 285 -64.01 -11.90 -82.79
N ALA I 286 -64.01 -12.44 -84.01
CA ALA I 286 -65.28 -12.70 -84.70
C ALA I 286 -66.01 -13.88 -84.09
N GLN I 287 -65.30 -14.93 -83.73
CA GLN I 287 -65.96 -16.16 -83.29
C GLN I 287 -66.22 -16.14 -81.79
N PHE I 288 -67.03 -17.12 -81.37
CA PHE I 288 -67.17 -17.49 -79.97
C PHE I 288 -66.77 -18.95 -79.84
N ASN I 289 -66.41 -19.37 -78.63
CA ASN I 289 -65.91 -20.71 -78.39
C ASN I 289 -67.08 -21.61 -78.00
N PRO I 290 -67.53 -22.52 -78.87
CA PRO I 290 -68.72 -23.32 -78.51
C PRO I 290 -68.40 -24.46 -77.57
N LEU I 291 -67.14 -24.87 -77.46
CA LEU I 291 -66.75 -25.93 -76.55
C LEU I 291 -66.51 -25.42 -75.13
N ALA I 292 -66.65 -24.12 -74.92
CA ALA I 292 -66.63 -23.52 -73.59
C ALA I 292 -67.80 -22.58 -73.41
N LEU I 293 -68.93 -22.89 -74.04
CA LEU I 293 -70.10 -22.02 -73.97
C LEU I 293 -70.73 -22.06 -72.60
N ARG I 294 -70.68 -23.20 -71.91
CA ARG I 294 -71.28 -23.30 -70.58
C ARG I 294 -70.53 -22.47 -69.56
N SER I 295 -69.21 -22.32 -69.73
CA SER I 295 -68.45 -21.48 -68.81
C SER I 295 -68.70 -20.01 -69.06
N ASN I 296 -68.82 -19.62 -70.33
CA ASN I 296 -69.02 -18.21 -70.66
C ASN I 296 -70.42 -17.74 -70.30
N VAL I 297 -71.41 -18.61 -70.48
CA VAL I 297 -72.79 -18.24 -70.16
C VAL I 297 -72.98 -18.16 -68.66
N LEU I 298 -72.42 -19.12 -67.92
CA LEU I 298 -72.51 -19.09 -66.47
C LEU I 298 -71.80 -17.89 -65.89
N LEU I 299 -70.76 -17.41 -66.56
CA LEU I 299 -70.01 -16.29 -66.03
C LEU I 299 -70.73 -14.97 -66.26
N MET I 300 -71.45 -14.82 -67.38
CA MET I 300 -72.20 -13.59 -67.57
C MET I 300 -73.47 -13.57 -66.72
N LEU I 301 -73.98 -14.72 -66.31
CA LEU I 301 -75.11 -14.72 -65.40
C LEU I 301 -74.69 -14.29 -64.01
N LEU I 302 -73.42 -14.44 -63.67
CA LEU I 302 -72.88 -13.84 -62.46
C LEU I 302 -72.48 -12.39 -62.69
N GLN I 303 -72.18 -12.01 -63.92
CA GLN I 303 -72.11 -10.59 -64.26
C GLN I 303 -73.49 -9.96 -64.20
N PHE I 304 -74.53 -10.75 -64.48
CA PHE I 304 -75.91 -10.26 -64.47
C PHE I 304 -76.42 -10.11 -63.05
N THR I 305 -76.06 -11.04 -62.17
CA THR I 305 -76.60 -11.05 -60.83
C THR I 305 -75.93 -10.00 -59.95
N LEU I 306 -74.60 -9.95 -59.97
CA LEU I 306 -73.86 -9.01 -59.13
C LEU I 306 -74.05 -7.57 -59.56
N SER I 307 -74.39 -7.33 -60.83
CA SER I 307 -74.76 -5.99 -61.24
C SER I 307 -76.12 -5.59 -60.72
N ASN I 308 -76.98 -6.56 -60.42
CA ASN I 308 -78.32 -6.28 -59.94
C ASN I 308 -78.44 -6.30 -58.43
N LEU I 309 -77.34 -6.51 -57.71
CA LEU I 309 -77.38 -6.51 -56.24
C LEU I 309 -77.46 -5.08 -55.74
N LYS I 310 -78.66 -4.52 -55.83
CA LYS I 310 -78.95 -3.17 -55.40
C LYS I 310 -80.18 -3.19 -54.52
N ILE I 311 -80.52 -2.01 -53.99
CA ILE I 311 -81.69 -1.83 -53.15
C ILE I 311 -82.66 -0.93 -53.89
N ASN I 312 -83.91 -1.38 -54.01
CA ASN I 312 -84.91 -0.56 -54.68
C ASN I 312 -85.31 0.60 -53.79
N LYS I 313 -84.65 1.74 -53.95
CA LYS I 313 -84.96 2.90 -53.12
C LYS I 313 -86.27 3.51 -53.57
N SER I 314 -87.14 3.80 -52.61
CA SER I 314 -88.36 4.52 -52.91
C SER I 314 -88.03 5.97 -53.27
N SER I 315 -88.88 6.55 -54.10
CA SER I 315 -88.70 7.93 -54.51
C SER I 315 -89.95 8.73 -54.23
N THR I 316 -90.00 9.97 -54.70
CA THR I 316 -91.18 10.78 -54.51
C THR I 316 -92.32 10.32 -55.40
N PHE I 317 -93.54 10.36 -54.87
CA PHE I 317 -94.75 10.02 -55.60
C PHE I 317 -95.60 11.26 -55.70
N THR I 318 -95.82 11.74 -56.91
CA THR I 318 -96.69 12.87 -57.16
C THR I 318 -98.05 12.36 -57.62
N SER I 319 -99.10 13.04 -57.19
CA SER I 319 -100.43 12.70 -57.67
C SER I 319 -100.58 13.13 -59.12
N ASP I 320 -101.23 12.28 -59.91
CA ASP I 320 -101.45 12.57 -61.32
C ASP I 320 -102.58 13.58 -61.39
N VAL I 321 -102.21 14.86 -61.46
CA VAL I 321 -103.20 15.94 -61.45
C VAL I 321 -103.90 16.00 -62.80
N THR I 322 -103.23 15.58 -63.87
CA THR I 322 -103.82 15.57 -65.20
C THR I 322 -104.84 14.45 -65.33
N THR I 323 -105.44 14.37 -66.51
CA THR I 323 -106.59 13.51 -66.73
C THR I 323 -106.23 12.14 -67.27
N ILE I 324 -104.94 11.82 -67.34
CA ILE I 324 -104.53 10.59 -68.00
C ILE I 324 -104.83 9.40 -67.10
N THR I 325 -104.46 9.48 -65.83
CA THR I 325 -104.90 8.50 -64.84
C THR I 325 -105.69 9.11 -63.70
N SER I 326 -105.64 10.44 -63.53
CA SER I 326 -106.51 11.22 -62.64
C SER I 326 -106.37 10.79 -61.18
N GLY I 327 -105.19 11.03 -60.64
CA GLY I 327 -104.96 10.89 -59.22
C GLY I 327 -104.20 9.67 -58.77
N ARG I 328 -103.81 8.79 -59.70
CA ARG I 328 -102.96 7.68 -59.34
C ARG I 328 -101.57 8.19 -58.97
N MET I 329 -101.03 7.68 -57.87
CA MET I 329 -99.78 8.19 -57.31
C MET I 329 -98.60 7.68 -58.13
N ILE I 330 -98.41 8.30 -59.28
CA ILE I 330 -97.32 7.96 -60.18
C ILE I 330 -96.01 8.44 -59.59
N ARG I 331 -94.89 7.98 -60.13
CA ARG I 331 -93.58 8.34 -59.62
C ARG I 331 -92.90 9.31 -60.58
N ALA I 332 -92.90 10.58 -60.22
CA ALA I 332 -92.05 11.53 -60.91
C ALA I 332 -90.59 11.24 -60.56
N PHE I 333 -89.70 11.49 -61.50
CA PHE I 333 -88.30 11.14 -61.33
C PHE I 333 -87.41 12.34 -61.06
N GLU I 334 -87.47 13.36 -61.92
CA GLU I 334 -86.74 14.63 -61.83
C GLU I 334 -85.21 14.46 -61.84
N GLY I 335 -84.71 13.28 -62.19
CA GLY I 335 -83.30 13.08 -62.45
C GLY I 335 -83.18 12.53 -63.85
N ARG I 336 -84.26 11.92 -64.32
CA ARG I 336 -84.40 11.49 -65.70
C ARG I 336 -85.86 11.59 -66.05
N PRO I 337 -86.30 12.73 -66.59
CA PRO I 337 -87.71 12.90 -66.92
C PRO I 337 -88.18 12.08 -68.10
N GLU I 338 -87.25 11.61 -68.93
CA GLU I 338 -87.58 10.70 -70.02
C GLU I 338 -88.03 9.34 -69.50
N LEU I 339 -87.59 8.98 -68.29
CA LEU I 339 -87.86 7.67 -67.73
C LEU I 339 -89.32 7.51 -67.30
N LEU I 340 -90.03 8.61 -67.08
CA LEU I 340 -91.44 8.54 -66.66
C LEU I 340 -92.33 7.94 -67.75
N ALA I 341 -92.02 8.24 -69.02
CA ALA I 341 -92.83 7.73 -70.11
C ALA I 341 -92.64 6.22 -70.27
N LEU I 342 -91.40 5.75 -70.14
CA LEU I 342 -91.13 4.33 -70.26
C LEU I 342 -91.51 3.55 -69.01
N ALA I 343 -91.64 4.23 -67.86
CA ALA I 343 -92.03 3.55 -66.63
C ALA I 343 -93.47 3.08 -66.69
N TYR I 344 -94.34 3.89 -67.28
CA TYR I 344 -95.78 3.76 -67.10
C TYR I 344 -96.45 3.70 -68.45
N PRO I 345 -96.64 2.50 -69.00
CA PRO I 345 -97.39 2.37 -70.25
C PRO I 345 -98.87 2.66 -70.11
N GLY I 346 -99.39 2.69 -68.89
CA GLY I 346 -100.78 3.07 -68.69
C GLY I 346 -101.04 4.53 -68.99
N ARG I 347 -100.02 5.38 -68.82
CA ARG I 347 -100.15 6.80 -69.10
C ARG I 347 -99.90 7.15 -70.55
N ALA I 348 -99.87 6.17 -71.45
CA ALA I 348 -99.64 6.44 -72.86
C ALA I 348 -100.88 7.07 -73.47
N VAL I 349 -100.66 8.10 -74.28
CA VAL I 349 -101.71 8.65 -75.11
C VAL I 349 -101.82 7.77 -76.36
N LEU I 350 -103.05 7.42 -76.74
CA LEU I 350 -103.32 6.54 -77.88
C LEU I 350 -104.11 7.33 -78.93
N PRO I 351 -103.42 8.10 -79.78
CA PRO I 351 -104.12 8.91 -80.77
C PRO I 351 -104.78 8.10 -81.87
N THR I 352 -104.00 7.25 -82.51
CA THR I 352 -104.47 6.44 -83.62
C THR I 352 -104.46 4.97 -83.21
N GLN I 353 -105.03 4.13 -84.08
CA GLN I 353 -105.01 2.69 -83.83
C GLN I 353 -103.69 2.15 -84.33
N THR I 354 -102.67 2.40 -83.54
CA THR I 354 -101.34 1.89 -83.76
C THR I 354 -101.31 0.43 -83.35
N LYS I 355 -100.30 -0.31 -83.81
CA LYS I 355 -100.15 -1.68 -83.33
C LYS I 355 -99.73 -1.70 -81.87
N ASN I 356 -99.01 -0.66 -81.41
CA ASN I 356 -98.78 -0.51 -79.98
C ASN I 356 -100.06 -0.11 -79.26
N ALA I 357 -100.87 0.74 -79.90
CA ALA I 357 -102.15 1.12 -79.33
C ALA I 357 -103.14 -0.03 -79.30
N GLN I 358 -102.97 -1.02 -80.19
CA GLN I 358 -103.75 -2.25 -80.11
C GLN I 358 -103.45 -3.00 -78.82
N PHE I 359 -102.23 -2.88 -78.31
CA PHE I 359 -101.82 -3.48 -77.05
C PHE I 359 -102.16 -2.59 -75.86
N LEU I 360 -101.77 -1.32 -75.91
CA LEU I 360 -101.87 -0.42 -74.76
C LEU I 360 -103.30 -0.02 -74.44
N SER I 361 -104.25 -0.29 -75.33
CA SER I 361 -105.66 -0.05 -75.00
C SER I 361 -106.15 -1.03 -73.94
N THR I 362 -105.54 -2.20 -73.87
CA THR I 362 -105.98 -3.26 -72.97
C THR I 362 -105.41 -3.07 -71.55
N ALA I 363 -104.55 -2.07 -71.38
CA ALA I 363 -103.94 -1.82 -70.08
C ALA I 363 -104.98 -1.34 -69.08
N ILE I 364 -104.99 -1.95 -67.91
CA ILE I 364 -106.00 -1.64 -66.89
C ILE I 364 -105.54 -0.41 -66.14
N ALA I 365 -106.49 0.46 -65.77
CA ALA I 365 -106.15 1.79 -65.30
C ALA I 365 -105.57 1.80 -63.89
N ASP I 366 -106.01 0.89 -63.02
CA ASP I 366 -105.55 0.88 -61.63
C ASP I 366 -104.33 0.00 -61.41
N ARG I 367 -103.57 -0.29 -62.46
CA ARG I 367 -102.34 -1.07 -62.36
C ARG I 367 -101.10 -0.19 -62.39
N ILE I 368 -101.18 0.98 -61.79
CA ILE I 368 -100.15 1.99 -61.95
C ILE I 368 -99.96 2.73 -60.63
N GLY I 369 -98.75 3.20 -60.40
CA GLY I 369 -98.46 3.92 -59.18
C GLY I 369 -98.37 3.00 -57.98
N ARG I 370 -98.39 3.62 -56.81
CA ARG I 370 -98.36 2.82 -55.60
C ARG I 370 -99.74 2.27 -55.29
N LEU I 371 -99.76 1.25 -54.43
CA LEU I 371 -101.01 0.70 -53.92
C LEU I 371 -101.13 0.93 -52.41
N ASP I 372 -100.15 0.47 -51.64
CA ASP I 372 -100.19 0.56 -50.19
C ASP I 372 -98.87 1.12 -49.68
N ARG I 373 -98.87 2.40 -49.36
CA ARG I 373 -97.72 3.03 -48.71
C ARG I 373 -97.77 2.65 -47.23
N ALA I 374 -96.93 1.70 -46.83
CA ALA I 374 -96.90 1.24 -45.44
C ALA I 374 -96.12 2.26 -44.61
N ASN I 375 -96.81 3.33 -44.23
CA ASN I 375 -96.21 4.39 -43.44
C ASN I 375 -96.48 4.18 -41.95
N LEU I 376 -95.57 4.70 -41.13
CA LEU I 376 -95.63 4.51 -39.69
C LEU I 376 -95.73 5.82 -38.93
N ILE I 377 -94.91 6.80 -39.26
CA ILE I 377 -94.84 8.05 -38.52
C ILE I 377 -95.21 9.19 -39.48
N GLY I 378 -96.21 9.98 -39.07
CA GLY I 378 -96.53 11.18 -39.83
C GLY I 378 -95.42 12.20 -39.70
N GLY I 379 -94.98 12.72 -40.84
CA GLY I 379 -93.86 13.64 -40.87
C GLY I 379 -92.52 12.98 -41.13
N GLU I 380 -92.41 11.68 -40.88
CA GLU I 380 -91.22 10.92 -41.21
C GLU I 380 -91.49 10.10 -42.47
N VAL I 381 -90.42 9.77 -43.18
CA VAL I 381 -90.53 9.07 -44.46
C VAL I 381 -91.08 7.66 -44.24
N SER I 382 -91.91 7.20 -45.17
CA SER I 382 -92.47 5.86 -45.09
C SER I 382 -91.40 4.82 -45.34
N ALA I 383 -91.48 3.71 -44.62
CA ALA I 383 -90.43 2.71 -44.68
C ALA I 383 -90.49 1.85 -45.93
N MET I 384 -91.69 1.61 -46.46
CA MET I 384 -91.85 0.60 -47.50
C MET I 384 -93.11 0.93 -48.32
N VAL I 385 -92.91 1.49 -49.51
CA VAL I 385 -94.01 1.69 -50.43
C VAL I 385 -94.16 0.42 -51.27
N GLU I 386 -95.28 0.29 -51.97
CA GLU I 386 -95.57 -0.88 -52.79
C GLU I 386 -96.16 -0.37 -54.10
N CYS I 387 -95.34 -0.33 -55.15
CA CYS I 387 -95.74 0.29 -56.40
C CYS I 387 -95.70 -0.70 -57.54
N MET I 388 -96.48 -0.41 -58.57
CA MET I 388 -96.43 -1.13 -59.83
C MET I 388 -95.78 -0.23 -60.87
N GLU I 389 -94.77 -0.76 -61.54
CA GLU I 389 -94.08 -0.05 -62.59
C GLU I 389 -93.44 -1.08 -63.50
N LEU I 390 -92.77 -0.59 -64.55
CA LEU I 390 -92.11 -1.48 -65.49
C LEU I 390 -90.90 -2.11 -64.84
N CYS I 391 -90.89 -3.43 -64.76
CA CYS I 391 -89.87 -4.17 -64.03
C CYS I 391 -89.92 -5.62 -64.45
N ASP I 392 -88.77 -6.20 -64.73
CA ASP I 392 -88.72 -7.62 -65.03
C ASP I 392 -88.81 -8.45 -63.75
N ALA I 393 -89.30 -9.67 -63.90
CA ALA I 393 -89.46 -10.53 -62.73
C ALA I 393 -88.13 -11.09 -62.24
N LEU I 394 -87.11 -11.11 -63.08
CA LEU I 394 -85.85 -11.74 -62.69
C LEU I 394 -84.99 -10.78 -61.88
N THR I 395 -84.81 -9.55 -62.37
CA THR I 395 -83.99 -8.58 -61.65
C THR I 395 -84.62 -8.19 -60.32
N LEU I 396 -85.96 -8.17 -60.26
CA LEU I 396 -86.65 -8.00 -58.98
C LEU I 396 -86.34 -9.14 -58.02
N HIS I 397 -86.27 -10.37 -58.53
CA HIS I 397 -85.96 -11.51 -57.66
C HIS I 397 -84.51 -11.46 -57.17
N ILE I 398 -83.60 -10.92 -57.96
CA ILE I 398 -82.23 -10.73 -57.51
C ILE I 398 -82.19 -9.66 -56.42
N ARG I 399 -83.05 -8.67 -56.51
CA ARG I 399 -83.01 -7.58 -55.54
C ARG I 399 -83.72 -7.95 -54.25
N GLU I 400 -84.82 -8.70 -54.34
CA GLU I 400 -85.55 -9.08 -53.14
C GLU I 400 -84.76 -10.07 -52.28
N THR I 401 -83.92 -10.90 -52.91
CA THR I 401 -83.05 -11.74 -52.12
C THR I 401 -81.79 -11.02 -51.67
N TYR I 402 -81.55 -9.81 -52.17
CA TYR I 402 -80.43 -9.03 -51.68
C TYR I 402 -80.79 -8.26 -50.42
N ILE I 403 -82.03 -7.77 -50.34
CA ILE I 403 -82.51 -7.23 -49.07
C ILE I 403 -82.64 -8.34 -48.04
N MET I 404 -83.02 -9.54 -48.48
CA MET I 404 -83.05 -10.68 -47.59
C MET I 404 -81.64 -11.07 -47.15
N LEU I 405 -80.64 -10.81 -47.99
CA LEU I 405 -79.25 -10.94 -47.55
C LEU I 405 -78.89 -9.88 -46.53
N LEU I 406 -79.35 -8.65 -46.74
CA LEU I 406 -79.05 -7.57 -45.80
C LEU I 406 -79.88 -7.64 -44.53
N ARG I 407 -81.10 -8.20 -44.61
CA ARG I 407 -81.83 -8.50 -43.39
C ARG I 407 -81.23 -9.67 -42.63
N SER I 408 -80.49 -10.54 -43.31
CA SER I 408 -79.91 -11.70 -42.66
C SER I 408 -78.77 -11.35 -41.72
N MET I 409 -78.20 -10.15 -41.86
CA MET I 409 -77.11 -9.71 -41.02
C MET I 409 -77.47 -8.47 -40.21
N HIS I 410 -78.76 -8.22 -40.04
CA HIS I 410 -79.26 -7.07 -39.28
C HIS I 410 -79.80 -7.51 -37.93
N GLN I 411 -79.39 -6.81 -36.88
CA GLN I 411 -79.96 -7.00 -35.55
C GLN I 411 -80.44 -5.66 -35.04
N ASP I 412 -81.57 -5.66 -34.35
CA ASP I 412 -82.13 -4.45 -33.79
C ASP I 412 -81.26 -3.96 -32.63
N PRO I 413 -81.35 -2.68 -32.26
CA PRO I 413 -80.47 -2.14 -31.20
C PRO I 413 -80.67 -2.73 -29.81
N THR I 414 -81.68 -3.56 -29.56
CA THR I 414 -81.69 -4.30 -28.31
C THR I 414 -80.60 -5.36 -28.28
N GLN I 415 -80.29 -5.94 -29.44
CA GLN I 415 -79.29 -6.99 -29.50
C GLN I 415 -77.89 -6.43 -29.68
N ILE I 416 -77.74 -5.37 -30.46
CA ILE I 416 -76.39 -4.90 -30.77
C ILE I 416 -75.81 -4.09 -29.62
N VAL I 417 -76.63 -3.65 -28.67
CA VAL I 417 -76.09 -3.03 -27.47
C VAL I 417 -75.53 -4.09 -26.53
N GLN I 418 -75.98 -5.34 -26.65
CA GLN I 418 -75.35 -6.41 -25.90
C GLN I 418 -74.03 -6.80 -26.54
N ILE I 419 -73.99 -6.83 -27.87
CA ILE I 419 -72.81 -7.28 -28.59
C ILE I 419 -71.65 -6.31 -28.40
N VAL I 420 -71.94 -5.01 -28.40
CA VAL I 420 -70.90 -4.02 -28.11
C VAL I 420 -70.47 -4.10 -26.64
N ASN I 421 -71.42 -4.37 -25.74
CA ASN I 421 -71.05 -4.51 -24.33
C ASN I 421 -70.30 -5.82 -24.08
N GLU I 422 -70.70 -6.89 -24.75
CA GLU I 422 -69.98 -8.15 -24.55
C GLU I 422 -68.64 -8.17 -25.25
N CYS I 423 -68.49 -7.44 -26.36
CA CYS I 423 -67.16 -7.30 -26.94
C CYS I 423 -66.27 -6.38 -26.12
N ALA I 424 -66.85 -5.55 -25.26
CA ALA I 424 -66.08 -4.70 -24.37
C ALA I 424 -66.02 -5.24 -22.95
N ASN I 425 -66.57 -6.45 -22.73
CA ASN I 425 -66.69 -7.08 -21.40
C ASN I 425 -67.44 -6.20 -20.41
N ASN I 426 -68.62 -5.75 -20.82
CA ASN I 426 -69.66 -5.10 -20.01
C ASN I 426 -69.27 -3.73 -19.47
N LEU I 427 -68.06 -3.26 -19.71
CA LEU I 427 -67.67 -1.90 -19.37
C LEU I 427 -67.82 -1.04 -20.62
N LEU I 428 -67.27 0.19 -20.56
CA LEU I 428 -67.28 1.17 -21.65
C LEU I 428 -68.72 1.52 -22.05
N ASN I 429 -69.33 2.36 -21.21
CA ASN I 429 -70.72 2.82 -21.24
C ASN I 429 -71.40 3.00 -22.60
N SER I 430 -72.58 2.39 -22.74
CA SER I 430 -73.33 2.37 -23.99
C SER I 430 -74.80 2.61 -23.67
N THR I 431 -75.41 3.55 -24.38
CA THR I 431 -76.75 4.03 -24.05
C THR I 431 -77.62 4.01 -25.31
N ILE I 432 -78.58 3.09 -25.37
CA ILE I 432 -79.56 3.09 -26.46
C ILE I 432 -80.85 3.76 -25.99
N PRO I 433 -81.44 4.63 -26.79
CA PRO I 433 -82.73 5.21 -26.42
C PRO I 433 -83.85 4.24 -26.74
N ILE I 434 -84.77 4.09 -25.78
CA ILE I 434 -85.85 3.12 -25.90
C ILE I 434 -87.03 3.88 -26.52
N SER I 435 -87.08 3.85 -27.85
CA SER I 435 -88.11 4.52 -28.63
C SER I 435 -88.12 3.88 -30.01
N LEU I 436 -89.09 4.27 -30.81
CA LEU I 436 -89.25 3.66 -32.13
C LEU I 436 -88.24 4.20 -33.11
N ARG I 437 -87.77 3.32 -33.99
CA ARG I 437 -86.85 3.66 -35.07
C ARG I 437 -87.32 2.95 -36.33
N PRO I 438 -88.00 3.66 -37.22
CA PRO I 438 -88.70 2.98 -38.32
C PRO I 438 -87.81 2.37 -39.38
N THR I 439 -86.87 3.15 -39.89
CA THR I 439 -86.24 2.88 -41.17
C THR I 439 -84.76 2.56 -41.04
N ILE I 440 -84.39 1.82 -40.02
CA ILE I 440 -82.98 1.51 -39.83
C ILE I 440 -82.68 0.15 -40.42
N LEU I 441 -81.46 0.02 -40.93
CA LEU I 441 -80.92 -1.27 -41.36
C LEU I 441 -79.41 -1.14 -41.26
N CYS I 442 -78.82 -1.85 -40.30
CA CYS I 442 -77.38 -1.87 -40.09
C CYS I 442 -76.83 -3.25 -40.44
N PRO I 443 -76.40 -3.47 -41.68
CA PRO I 443 -75.93 -4.80 -42.08
C PRO I 443 -74.53 -5.10 -41.56
N TRP I 444 -74.44 -5.57 -40.32
CA TRP I 444 -73.17 -5.63 -39.62
C TRP I 444 -72.78 -7.00 -39.10
N PHE I 445 -73.68 -7.99 -39.08
CA PHE I 445 -73.51 -9.18 -38.24
C PHE I 445 -73.59 -10.47 -39.03
N ALA I 446 -72.46 -10.99 -39.48
CA ALA I 446 -72.45 -12.33 -40.02
C ALA I 446 -72.58 -13.35 -38.90
N SER I 447 -72.90 -14.57 -39.28
CA SER I 447 -73.11 -15.62 -38.29
C SER I 447 -71.77 -16.18 -37.81
N SER I 448 -71.83 -17.15 -36.89
CA SER I 448 -70.61 -17.77 -36.41
C SER I 448 -69.97 -18.64 -37.47
N GLU I 449 -70.78 -19.20 -38.36
CA GLU I 449 -70.24 -20.04 -39.42
C GLU I 449 -69.53 -19.21 -40.48
N ASP I 450 -70.02 -17.99 -40.73
CA ASP I 450 -69.44 -17.16 -41.77
C ASP I 450 -68.09 -16.60 -41.35
N LEU I 451 -67.93 -16.31 -40.07
CA LEU I 451 -66.64 -15.83 -39.56
C LEU I 451 -65.58 -16.90 -39.61
N ARG I 452 -65.98 -18.17 -39.43
CA ARG I 452 -65.02 -19.26 -39.48
C ARG I 452 -64.51 -19.49 -40.89
N LEU I 453 -65.33 -19.19 -41.90
CA LEU I 453 -64.93 -19.45 -43.28
C LEU I 453 -63.88 -18.47 -43.75
N GLN I 454 -63.99 -17.20 -43.34
CA GLN I 454 -62.94 -16.26 -43.70
C GLN I 454 -61.73 -16.40 -42.82
N GLN I 455 -61.84 -17.06 -41.67
CA GLN I 455 -60.68 -17.35 -40.84
C GLN I 455 -59.77 -18.36 -41.54
N VAL I 456 -60.36 -19.42 -42.07
CA VAL I 456 -59.59 -20.42 -42.78
C VAL I 456 -59.03 -19.86 -44.07
N MET I 457 -59.83 -19.04 -44.76
CA MET I 457 -59.38 -18.40 -45.99
C MET I 457 -58.23 -17.41 -45.72
N HIS I 458 -58.26 -16.74 -44.56
CA HIS I 458 -57.13 -15.91 -44.18
C HIS I 458 -55.91 -16.75 -43.85
N LEU I 459 -56.11 -17.95 -43.29
CA LEU I 459 -55.01 -18.86 -43.08
C LEU I 459 -54.53 -19.46 -44.39
N VAL I 460 -55.41 -19.57 -45.38
CA VAL I 460 -55.01 -19.97 -46.72
C VAL I 460 -54.19 -18.85 -47.38
N ASN I 461 -54.66 -17.61 -47.27
CA ASN I 461 -53.96 -16.49 -47.89
C ASN I 461 -52.64 -16.19 -47.20
N ILE I 462 -52.51 -16.50 -45.93
CA ILE I 462 -51.27 -16.20 -45.23
C ILE I 462 -50.24 -17.27 -45.58
N SER I 463 -48.97 -16.88 -45.57
CA SER I 463 -47.89 -17.83 -45.70
C SER I 463 -47.73 -18.59 -44.39
N SER I 464 -47.40 -19.87 -44.48
CA SER I 464 -47.33 -20.70 -43.29
C SER I 464 -46.00 -20.59 -42.55
N ASN I 465 -45.10 -19.70 -42.98
CA ASN I 465 -43.81 -19.55 -42.34
C ASN I 465 -43.91 -18.63 -41.12
N THR I 466 -42.79 -18.51 -40.40
CA THR I 466 -42.72 -17.60 -39.27
C THR I 466 -42.63 -16.14 -39.68
N ALA I 467 -42.30 -15.87 -40.94
CA ALA I 467 -42.19 -14.50 -41.42
C ALA I 467 -43.54 -13.86 -41.70
N ALA I 468 -44.61 -14.64 -41.75
CA ALA I 468 -45.94 -14.11 -41.94
C ALA I 468 -46.78 -14.06 -40.67
N ALA I 469 -46.45 -14.90 -39.68
CA ALA I 469 -47.11 -14.83 -38.39
C ALA I 469 -46.45 -13.84 -37.45
N LEU I 470 -45.19 -13.45 -37.72
CA LEU I 470 -44.57 -12.40 -36.94
C LEU I 470 -45.23 -11.02 -37.08
N PRO I 471 -45.68 -10.54 -38.25
CA PRO I 471 -46.46 -9.29 -38.23
C PRO I 471 -47.85 -9.40 -37.65
N LEU I 472 -48.28 -10.60 -37.24
CA LEU I 472 -49.58 -10.78 -36.61
C LEU I 472 -49.50 -10.76 -35.10
N VAL I 473 -48.41 -11.28 -34.53
CA VAL I 473 -48.22 -11.23 -33.09
C VAL I 473 -47.69 -9.87 -32.66
N GLU I 474 -46.75 -9.31 -33.43
CA GLU I 474 -46.20 -7.99 -33.15
C GLU I 474 -47.25 -6.89 -33.31
N ALA I 475 -48.28 -7.12 -34.14
CA ALA I 475 -49.37 -6.18 -34.24
C ALA I 475 -50.17 -6.11 -32.96
N LEU I 476 -50.47 -7.28 -32.37
CA LEU I 476 -51.25 -7.28 -31.13
C LEU I 476 -50.39 -6.80 -29.96
N SER I 477 -49.10 -7.12 -29.97
CA SER I 477 -48.21 -6.67 -28.89
C SER I 477 -48.06 -5.15 -28.88
N THR I 478 -48.14 -4.53 -30.05
CA THR I 478 -48.20 -3.07 -30.12
C THR I 478 -49.49 -2.56 -29.48
N LEU I 479 -50.61 -3.23 -29.75
CA LEU I 479 -51.87 -2.86 -29.11
C LEU I 479 -51.87 -3.20 -27.63
N LEU I 480 -51.33 -4.37 -27.27
CA LEU I 480 -51.42 -4.83 -25.89
C LEU I 480 -50.55 -4.01 -24.97
N ARG I 481 -49.40 -3.54 -25.45
CA ARG I 481 -48.63 -2.57 -24.68
C ARG I 481 -49.28 -1.19 -24.69
N SER I 482 -50.13 -0.91 -25.66
CA SER I 482 -50.72 0.42 -25.74
C SER I 482 -51.84 0.59 -24.73
N VAL I 483 -52.63 -0.45 -24.50
CA VAL I 483 -53.72 -0.41 -23.53
C VAL I 483 -53.42 -1.45 -22.45
N THR I 484 -52.68 -1.03 -21.43
CA THR I 484 -52.33 -1.89 -20.30
C THR I 484 -52.01 -1.00 -19.11
N PRO I 485 -52.28 -1.46 -17.89
CA PRO I 485 -51.86 -0.72 -16.70
C PRO I 485 -50.51 -1.13 -16.16
N LEU I 486 -49.88 -2.15 -16.73
CA LEU I 486 -48.66 -2.70 -16.18
C LEU I 486 -47.47 -1.85 -16.62
N VAL I 487 -46.68 -1.38 -15.67
CA VAL I 487 -45.48 -0.60 -15.95
C VAL I 487 -44.28 -1.40 -15.50
N LEU I 488 -43.36 -1.66 -16.42
CA LEU I 488 -42.07 -2.24 -16.08
C LEU I 488 -41.18 -1.16 -15.49
N ASP I 489 -40.74 -1.35 -14.24
CA ASP I 489 -39.92 -0.36 -13.54
C ASP I 489 -38.81 -1.10 -12.81
N PRO I 490 -37.74 -1.48 -13.53
CA PRO I 490 -36.76 -2.42 -12.98
C PRO I 490 -35.91 -1.90 -11.83
N THR I 491 -36.07 -0.64 -11.42
CA THR I 491 -35.46 -0.18 -10.19
C THR I 491 -36.05 -0.84 -8.96
N VAL I 492 -37.24 -1.42 -9.07
CA VAL I 492 -37.77 -2.25 -8.00
C VAL I 492 -36.95 -3.52 -7.85
N LEU I 493 -36.68 -4.20 -8.96
CA LEU I 493 -35.91 -5.44 -8.93
C LEU I 493 -34.44 -5.18 -8.66
N THR I 494 -33.91 -4.07 -9.15
CA THR I 494 -32.51 -3.75 -8.92
C THR I 494 -32.27 -3.44 -7.45
N ASN I 495 -33.14 -2.65 -6.84
CA ASN I 495 -33.01 -2.33 -5.43
C ASN I 495 -33.34 -3.54 -4.55
N ALA I 496 -34.05 -4.53 -5.07
CA ALA I 496 -34.28 -5.74 -4.31
C ALA I 496 -33.09 -6.68 -4.33
N ILE I 497 -32.36 -6.72 -5.46
CA ILE I 497 -31.21 -7.60 -5.55
C ILE I 497 -30.00 -7.00 -4.83
N THR I 498 -29.75 -5.70 -5.04
CA THR I 498 -28.51 -5.09 -4.58
C THR I 498 -28.45 -4.89 -3.07
N THR I 499 -29.56 -5.11 -2.36
CA THR I 499 -29.55 -5.02 -0.90
C THR I 499 -29.43 -6.38 -0.26
N ILE I 500 -28.65 -7.27 -0.86
CA ILE I 500 -28.17 -8.48 -0.21
C ILE I 500 -26.73 -8.26 0.20
N SER I 501 -26.44 -8.53 1.47
CA SER I 501 -25.12 -8.26 2.01
C SER I 501 -24.11 -9.23 1.41
N GLU I 502 -23.17 -8.69 0.65
CA GLU I 502 -22.20 -9.47 -0.09
C GLU I 502 -20.80 -9.07 0.32
N SER I 503 -19.95 -10.07 0.59
CA SER I 503 -18.56 -9.80 0.86
C SER I 503 -17.84 -9.39 -0.42
N THR I 504 -16.95 -8.42 -0.30
CA THR I 504 -16.19 -7.93 -1.44
C THR I 504 -14.84 -8.63 -1.58
N THR I 505 -14.60 -9.67 -0.79
CA THR I 505 -13.31 -10.36 -0.87
C THR I 505 -13.26 -11.36 -2.00
N GLN I 506 -14.41 -11.93 -2.37
CA GLN I 506 -14.46 -13.06 -3.28
C GLN I 506 -14.16 -12.63 -4.71
N THR I 507 -13.89 -13.63 -5.55
CA THR I 507 -13.75 -13.40 -6.98
C THR I 507 -15.11 -13.37 -7.66
N ILE I 508 -15.91 -14.40 -7.45
CA ILE I 508 -17.28 -14.42 -7.97
C ILE I 508 -18.11 -13.39 -7.23
N SER I 509 -18.76 -12.51 -7.97
CA SER I 509 -19.74 -11.61 -7.39
C SER I 509 -21.14 -12.03 -7.82
N PRO I 510 -21.88 -12.76 -6.99
CA PRO I 510 -23.18 -13.31 -7.43
C PRO I 510 -24.25 -12.27 -7.67
N ILE I 511 -24.11 -11.07 -7.12
CA ILE I 511 -25.02 -10.00 -7.53
C ILE I 511 -24.58 -9.40 -8.86
N SER I 512 -23.29 -9.10 -8.99
CA SER I 512 -22.80 -8.45 -10.19
C SER I 512 -22.72 -9.40 -11.37
N GLU I 513 -22.69 -10.71 -11.13
CA GLU I 513 -22.76 -11.65 -12.25
C GLU I 513 -24.14 -11.67 -12.87
N ILE I 514 -25.17 -11.88 -12.05
CA ILE I 514 -26.51 -12.08 -12.58
C ILE I 514 -27.12 -10.79 -13.10
N LEU I 515 -26.63 -9.66 -12.62
CA LEU I 515 -27.15 -8.38 -13.08
C LEU I 515 -26.66 -8.07 -14.49
N ARG I 516 -25.62 -8.78 -14.94
CA ARG I 516 -25.29 -8.87 -16.35
C ARG I 516 -26.22 -9.86 -17.08
N LEU I 517 -26.60 -10.95 -16.42
CA LEU I 517 -27.41 -11.97 -17.08
C LEU I 517 -28.86 -11.56 -17.26
N LEU I 518 -29.37 -10.60 -16.49
CA LEU I 518 -30.72 -10.11 -16.77
C LEU I 518 -30.75 -9.10 -17.91
N GLN I 519 -29.60 -8.68 -18.42
CA GLN I 519 -29.59 -7.83 -19.59
C GLN I 519 -30.03 -8.63 -20.81
N PRO I 520 -30.89 -8.08 -21.65
CA PRO I 520 -31.37 -8.83 -22.82
C PRO I 520 -30.30 -8.90 -23.90
N MET I 521 -30.22 -10.07 -24.53
CA MET I 521 -29.27 -10.27 -25.61
C MET I 521 -29.71 -9.62 -26.91
N GLY I 522 -30.99 -9.29 -27.05
CA GLY I 522 -31.51 -8.66 -28.24
C GLY I 522 -32.30 -7.41 -27.91
N ASN I 523 -32.80 -6.77 -28.97
CA ASN I 523 -33.60 -5.56 -28.82
C ASN I 523 -35.08 -5.93 -28.67
N ASP I 524 -35.39 -6.58 -27.54
CA ASP I 524 -36.77 -6.98 -27.26
C ASP I 524 -37.02 -6.97 -25.75
N TYR I 525 -37.51 -5.85 -25.26
CA TYR I 525 -38.07 -5.82 -23.92
C TYR I 525 -39.52 -6.26 -23.93
N ALA I 526 -40.17 -6.16 -25.09
CA ALA I 526 -41.52 -6.65 -25.32
C ALA I 526 -41.55 -8.13 -25.65
N ALA I 527 -40.48 -8.87 -25.35
CA ALA I 527 -40.53 -10.32 -25.46
C ALA I 527 -41.50 -10.93 -24.46
N PHE I 528 -41.74 -10.22 -23.35
CA PHE I 528 -42.83 -10.57 -22.45
C PHE I 528 -44.17 -10.42 -23.14
N TRP I 529 -44.34 -9.33 -23.89
CA TRP I 529 -45.62 -9.09 -24.55
C TRP I 529 -45.77 -9.88 -25.83
N LYS I 530 -44.67 -10.33 -26.42
CA LYS I 530 -44.79 -11.24 -27.56
C LYS I 530 -45.24 -12.62 -27.13
N CYS I 531 -44.91 -13.02 -25.90
CA CYS I 531 -45.39 -14.31 -25.40
C CYS I 531 -46.89 -14.27 -25.13
N ILE I 532 -47.40 -13.14 -24.65
CA ILE I 532 -48.81 -13.07 -24.30
C ILE I 532 -49.66 -12.99 -25.57
N ALA I 533 -49.21 -12.20 -26.55
CA ALA I 533 -49.93 -12.10 -27.81
C ALA I 533 -49.89 -13.39 -28.61
N SER I 534 -48.92 -14.27 -28.35
CA SER I 534 -48.86 -15.56 -29.00
C SER I 534 -49.78 -16.58 -28.37
N TRP I 535 -50.35 -16.29 -27.20
CA TRP I 535 -51.31 -17.20 -26.60
C TRP I 535 -52.62 -17.22 -27.38
N ALA I 536 -52.98 -16.10 -28.00
CA ALA I 536 -54.14 -16.06 -28.85
C ALA I 536 -53.88 -16.66 -30.22
N TYR I 537 -52.62 -16.88 -30.59
CA TYR I 537 -52.25 -17.32 -31.92
C TYR I 537 -51.41 -18.58 -31.87
N ASN I 538 -51.59 -19.42 -30.85
CA ASN I 538 -50.74 -20.59 -30.68
C ASN I 538 -51.00 -21.69 -31.71
N GLY I 539 -52.09 -21.59 -32.47
CA GLY I 539 -52.23 -22.45 -33.63
C GLY I 539 -51.23 -22.11 -34.71
N LEU I 540 -51.03 -20.82 -34.97
CA LEU I 540 -50.03 -20.41 -35.95
C LEU I 540 -48.63 -20.60 -35.42
N VAL I 541 -48.30 -19.92 -34.33
CA VAL I 541 -46.93 -19.74 -33.89
C VAL I 541 -46.81 -20.10 -32.42
N THR I 542 -45.77 -20.83 -32.08
CA THR I 542 -45.42 -21.12 -30.69
C THR I 542 -44.12 -20.41 -30.37
N THR I 543 -44.14 -19.58 -29.34
CA THR I 543 -42.91 -18.98 -28.84
C THR I 543 -42.01 -20.05 -28.26
N VAL I 544 -40.76 -20.05 -28.67
CA VAL I 544 -39.79 -21.06 -28.25
C VAL I 544 -38.77 -20.38 -27.35
N LEU I 545 -38.34 -21.08 -26.30
CA LEU I 545 -37.21 -20.61 -25.51
C LEU I 545 -35.98 -20.57 -26.40
N SER I 546 -35.21 -19.49 -26.29
CA SER I 546 -34.16 -19.26 -27.26
C SER I 546 -32.97 -20.18 -27.03
N GLU I 547 -32.37 -20.63 -28.14
CA GLU I 547 -31.28 -21.60 -28.07
C GLU I 547 -30.02 -20.98 -27.48
N ASP I 548 -29.75 -19.72 -27.80
CA ASP I 548 -28.56 -19.04 -27.32
C ASP I 548 -28.73 -18.42 -25.94
N ALA I 549 -29.75 -18.84 -25.19
CA ALA I 549 -29.90 -18.44 -23.79
C ALA I 549 -30.08 -19.66 -22.88
N PHE I 550 -29.67 -20.81 -23.34
CA PHE I 550 -29.58 -21.98 -22.49
C PHE I 550 -28.18 -22.06 -21.89
N PRO I 551 -28.02 -22.71 -20.74
CA PRO I 551 -26.67 -23.04 -20.29
C PRO I 551 -26.05 -24.07 -21.21
N ASP I 552 -24.76 -23.89 -21.47
CA ASP I 552 -24.07 -24.70 -22.48
C ASP I 552 -23.86 -26.13 -22.01
N SER I 553 -23.58 -27.01 -22.96
CA SER I 553 -23.20 -28.38 -22.68
C SER I 553 -21.70 -28.55 -22.56
N SER I 554 -20.99 -27.48 -22.19
CA SER I 554 -19.58 -27.56 -21.86
C SER I 554 -19.32 -27.27 -20.41
N GLN I 555 -20.33 -26.87 -19.65
CA GLN I 555 -20.17 -26.48 -18.25
C GLN I 555 -21.14 -27.26 -17.38
N SER I 556 -20.82 -27.33 -16.10
CA SER I 556 -21.60 -28.08 -15.12
C SER I 556 -22.14 -27.13 -14.06
N ILE I 557 -22.66 -27.72 -12.99
CA ILE I 557 -23.31 -26.94 -11.93
C ILE I 557 -22.31 -26.12 -11.14
N THR I 558 -21.04 -26.52 -11.10
CA THR I 558 -20.03 -25.72 -10.41
C THR I 558 -19.72 -24.44 -11.16
N HIS I 559 -19.91 -24.44 -12.48
CA HIS I 559 -19.93 -23.19 -13.22
C HIS I 559 -21.19 -22.42 -12.83
N LEU I 560 -21.00 -21.26 -12.23
CA LEU I 560 -22.12 -20.59 -11.60
C LEU I 560 -23.06 -19.83 -12.56
N PRO I 561 -22.60 -19.09 -13.59
CA PRO I 561 -23.58 -18.43 -14.47
C PRO I 561 -24.38 -19.38 -15.35
N SER I 562 -24.03 -20.66 -15.44
CA SER I 562 -24.94 -21.60 -16.07
C SER I 562 -26.14 -21.91 -15.18
N MET I 563 -25.95 -21.88 -13.86
CA MET I 563 -27.08 -22.13 -12.97
C MET I 563 -28.07 -20.98 -12.99
N TRP I 564 -27.57 -19.75 -12.95
CA TRP I 564 -28.46 -18.59 -12.98
C TRP I 564 -29.13 -18.45 -14.33
N LYS I 565 -28.48 -18.91 -15.39
CA LYS I 565 -29.14 -18.97 -16.68
C LYS I 565 -30.17 -20.08 -16.71
N CYS I 566 -29.98 -21.12 -15.89
CA CYS I 566 -30.96 -22.19 -15.77
C CYS I 566 -32.13 -21.79 -14.87
N LEU I 567 -31.94 -20.80 -13.99
CA LEU I 567 -33.06 -20.25 -13.22
C LEU I 567 -34.05 -19.53 -14.10
N PHE I 568 -33.56 -18.86 -15.14
CA PHE I 568 -34.41 -17.99 -15.91
C PHE I 568 -35.11 -18.72 -17.03
N LEU I 569 -34.78 -19.98 -17.24
CA LEU I 569 -35.58 -20.84 -18.10
C LEU I 569 -36.77 -21.38 -17.36
N THR I 570 -36.58 -21.72 -16.08
CA THR I 570 -37.67 -22.27 -15.29
C THR I 570 -38.71 -21.20 -15.01
N LEU I 571 -38.28 -19.95 -14.85
CA LEU I 571 -39.24 -18.86 -14.75
C LEU I 571 -39.98 -18.66 -16.07
N ALA I 572 -39.24 -18.50 -17.17
CA ALA I 572 -39.83 -18.28 -18.48
C ALA I 572 -40.46 -19.53 -19.10
N GLY I 573 -40.46 -20.65 -18.40
CA GLY I 573 -41.06 -21.87 -18.88
C GLY I 573 -42.55 -21.81 -19.16
N PRO I 574 -43.37 -21.49 -18.15
CA PRO I 574 -44.81 -21.41 -18.39
C PRO I 574 -45.25 -20.22 -19.23
N MET I 575 -44.44 -19.18 -19.34
CA MET I 575 -44.86 -17.99 -20.07
C MET I 575 -44.83 -18.16 -21.58
N THR I 576 -44.23 -19.23 -22.09
CA THR I 576 -44.15 -19.46 -23.52
C THR I 576 -45.08 -20.60 -23.92
N SER I 577 -45.59 -20.49 -25.15
CA SER I 577 -46.63 -21.39 -25.65
C SER I 577 -46.08 -22.62 -26.35
N ASP I 578 -44.80 -22.90 -26.20
CA ASP I 578 -44.25 -24.12 -26.79
C ASP I 578 -44.70 -25.32 -25.99
N PRO I 579 -45.18 -26.38 -26.63
CA PRO I 579 -45.63 -27.56 -25.87
C PRO I 579 -44.49 -28.31 -25.21
N HIS I 580 -43.28 -28.20 -25.76
CA HIS I 580 -42.09 -28.82 -25.18
C HIS I 580 -41.35 -27.89 -24.25
N SER I 581 -42.05 -26.93 -23.65
CA SER I 581 -41.40 -25.98 -22.74
C SER I 581 -40.85 -26.63 -21.47
N PRO I 582 -41.59 -27.44 -20.69
CA PRO I 582 -40.99 -27.94 -19.44
C PRO I 582 -39.92 -29.00 -19.66
N VAL I 583 -39.91 -29.69 -20.79
CA VAL I 583 -38.84 -30.64 -21.07
C VAL I 583 -37.54 -29.91 -21.34
N LYS I 584 -37.61 -28.81 -22.09
CA LYS I 584 -36.45 -27.95 -22.26
C LYS I 584 -36.08 -27.25 -20.97
N VAL I 585 -37.03 -27.06 -20.05
CA VAL I 585 -36.68 -26.61 -18.71
C VAL I 585 -36.01 -27.73 -17.94
N PHE I 586 -36.56 -28.95 -18.04
CA PHE I 586 -36.03 -30.09 -17.29
C PHE I 586 -34.65 -30.49 -17.77
N MET I 587 -34.49 -30.66 -19.08
CA MET I 587 -33.20 -31.10 -19.59
C MET I 587 -32.17 -29.98 -19.62
N ALA I 588 -32.52 -28.74 -19.30
CA ALA I 588 -31.50 -27.72 -19.13
C ALA I 588 -30.83 -27.81 -17.79
N LEU I 589 -31.38 -28.59 -16.86
CA LEU I 589 -30.72 -28.88 -15.60
C LEU I 589 -30.18 -30.30 -15.53
N ALA I 590 -30.86 -31.28 -16.14
CA ALA I 590 -30.32 -32.63 -16.20
C ALA I 590 -29.06 -32.69 -17.04
N ASN I 591 -28.92 -31.78 -18.01
CA ASN I 591 -27.63 -31.57 -18.66
C ASN I 591 -26.62 -31.02 -17.67
N LEU I 592 -27.03 -29.98 -16.92
CA LEU I 592 -26.11 -29.18 -16.13
C LEU I 592 -25.56 -29.90 -14.90
N LEU I 593 -26.18 -30.98 -14.47
CA LEU I 593 -25.66 -31.84 -13.40
C LEU I 593 -25.67 -33.30 -13.81
N ALA I 594 -25.11 -33.57 -15.00
CA ALA I 594 -25.08 -34.93 -15.51
C ALA I 594 -24.10 -35.82 -14.75
N GLN I 595 -23.04 -35.21 -14.19
CA GLN I 595 -22.09 -35.99 -13.40
C GLN I 595 -22.66 -36.52 -12.09
N PRO I 596 -23.30 -35.68 -11.19
CA PRO I 596 -23.76 -36.27 -9.94
C PRO I 596 -25.05 -37.04 -10.09
N GLU I 597 -25.86 -36.67 -11.10
CA GLU I 597 -27.27 -37.03 -11.17
C GLU I 597 -27.56 -37.66 -12.52
N PRO I 598 -27.28 -38.96 -12.69
CA PRO I 598 -27.58 -39.59 -13.97
C PRO I 598 -29.03 -40.03 -14.06
N ILE I 599 -29.60 -39.89 -15.26
CA ILE I 599 -30.92 -40.40 -15.59
C ILE I 599 -30.84 -41.12 -16.91
N ALA I 600 -31.98 -41.69 -17.32
CA ALA I 600 -32.07 -42.49 -18.53
C ALA I 600 -32.83 -41.72 -19.59
N ILE I 601 -32.23 -41.58 -20.76
CA ILE I 601 -32.92 -41.03 -21.93
C ILE I 601 -33.22 -42.21 -22.86
N GLY I 602 -34.50 -42.40 -23.17
CA GLY I 602 -34.96 -43.65 -23.76
C GLY I 602 -34.58 -43.86 -25.21
N VAL I 603 -33.99 -42.87 -25.87
CA VAL I 603 -33.74 -42.99 -27.30
C VAL I 603 -32.24 -42.94 -27.58
N PRO I 604 -31.74 -43.65 -28.59
CA PRO I 604 -30.33 -43.54 -28.95
C PRO I 604 -30.04 -42.23 -29.67
N GLY I 605 -28.80 -41.79 -29.57
CA GLY I 605 -28.38 -40.51 -30.10
C GLY I 605 -28.65 -39.33 -29.20
N MET I 606 -29.51 -39.49 -28.20
CA MET I 606 -29.85 -38.43 -27.26
C MET I 606 -29.30 -38.85 -25.91
N HIS I 607 -28.17 -38.29 -25.52
CA HIS I 607 -27.59 -38.59 -24.23
C HIS I 607 -28.07 -37.55 -23.20
N GLN I 608 -27.55 -37.64 -22.00
CA GLN I 608 -27.95 -36.70 -20.96
C GLN I 608 -27.25 -35.35 -21.14
N THR I 609 -26.03 -35.37 -21.69
CA THR I 609 -25.30 -34.15 -21.98
C THR I 609 -25.63 -33.57 -23.34
N THR I 610 -26.69 -34.06 -23.98
CA THR I 610 -27.22 -33.41 -25.16
C THR I 610 -27.75 -32.04 -24.77
N PRO I 611 -27.51 -31.00 -25.59
CA PRO I 611 -28.07 -29.67 -25.30
C PRO I 611 -29.60 -29.70 -25.27
N ALA I 612 -30.17 -28.92 -24.35
CA ALA I 612 -31.59 -29.00 -24.07
C ALA I 612 -32.47 -28.46 -25.18
N SER I 613 -31.89 -27.72 -26.12
CA SER I 613 -32.66 -27.23 -27.27
C SER I 613 -32.96 -28.31 -28.29
N GLN I 614 -32.45 -29.53 -28.11
CA GLN I 614 -32.72 -30.63 -29.02
C GLN I 614 -33.80 -31.58 -28.49
N PHE I 615 -34.55 -31.16 -27.48
CA PHE I 615 -35.64 -31.97 -26.94
C PHE I 615 -36.99 -31.49 -27.42
N SER I 616 -37.03 -31.13 -28.70
CA SER I 616 -38.20 -30.54 -29.33
C SER I 616 -39.24 -31.55 -29.77
N HIS I 617 -39.06 -32.83 -29.49
CA HIS I 617 -39.98 -33.87 -29.94
C HIS I 617 -40.65 -34.50 -28.72
N PRO I 618 -41.89 -34.99 -28.84
CA PRO I 618 -42.52 -35.61 -27.67
C PRO I 618 -41.91 -36.95 -27.31
N GLY I 619 -41.38 -37.69 -28.29
CA GLY I 619 -40.82 -39.00 -28.03
C GLY I 619 -39.49 -38.99 -27.32
N VAL I 620 -38.80 -37.86 -27.28
CA VAL I 620 -37.52 -37.78 -26.61
C VAL I 620 -37.65 -37.21 -25.20
N TRP I 621 -38.82 -37.29 -24.62
CA TRP I 621 -38.91 -36.88 -23.23
C TRP I 621 -38.33 -37.99 -22.36
N PRO I 622 -37.66 -37.65 -21.26
CA PRO I 622 -37.12 -38.67 -20.38
C PRO I 622 -38.23 -39.45 -19.70
N PRO I 623 -38.07 -40.77 -19.57
CA PRO I 623 -39.06 -41.54 -18.80
C PRO I 623 -39.11 -41.15 -17.34
N GLY I 624 -38.00 -40.64 -16.80
CA GLY I 624 -38.05 -40.05 -15.47
C GLY I 624 -38.84 -38.77 -15.43
N PHE I 625 -38.93 -38.04 -16.54
CA PHE I 625 -39.72 -36.83 -16.55
C PHE I 625 -41.22 -37.14 -16.60
N LEU I 626 -41.60 -38.19 -17.32
CA LEU I 626 -42.99 -38.63 -17.30
C LEU I 626 -43.34 -39.21 -15.94
N ASN I 627 -42.59 -40.22 -15.52
CA ASN I 627 -42.81 -40.85 -14.23
C ASN I 627 -41.65 -40.51 -13.32
N PRO I 628 -41.83 -39.62 -12.34
CA PRO I 628 -40.73 -39.28 -11.43
C PRO I 628 -40.37 -40.39 -10.45
N GLN I 629 -41.18 -41.46 -10.38
CA GLN I 629 -40.82 -42.60 -9.56
C GLN I 629 -39.62 -43.35 -10.15
N LEU I 630 -39.41 -43.24 -11.47
CA LEU I 630 -38.30 -43.94 -12.11
C LEU I 630 -36.94 -43.36 -11.76
N ILE I 631 -36.88 -42.13 -11.26
CA ILE I 631 -35.62 -41.56 -10.80
C ILE I 631 -35.41 -41.96 -9.34
N ASN I 632 -34.30 -42.58 -9.05
CA ASN I 632 -34.00 -43.04 -7.71
C ASN I 632 -33.49 -41.87 -6.86
N PRO I 633 -34.11 -41.59 -5.71
CA PRO I 633 -33.55 -40.56 -4.83
C PRO I 633 -32.21 -40.95 -4.22
N GLN I 634 -31.96 -42.25 -4.06
CA GLN I 634 -30.65 -42.69 -3.59
C GLN I 634 -29.58 -42.45 -4.64
N GLN I 635 -29.95 -42.53 -5.92
CA GLN I 635 -29.02 -42.26 -7.01
C GLN I 635 -28.98 -40.79 -7.37
N ALA I 636 -30.14 -40.18 -7.63
CA ALA I 636 -30.22 -38.81 -8.12
C ALA I 636 -31.33 -38.07 -7.39
N PRO I 637 -31.06 -37.53 -6.21
CA PRO I 637 -32.12 -36.91 -5.42
C PRO I 637 -32.54 -35.54 -5.93
N LEU I 638 -31.58 -34.77 -6.42
CA LEU I 638 -31.81 -33.38 -6.76
C LEU I 638 -32.58 -33.23 -8.06
N LEU I 639 -32.59 -34.27 -8.89
CA LEU I 639 -33.23 -34.21 -10.18
C LEU I 639 -34.58 -34.90 -10.22
N ARG I 640 -34.86 -35.81 -9.26
CA ARG I 640 -36.22 -36.27 -9.09
C ARG I 640 -37.13 -35.15 -8.61
N ALA I 641 -36.65 -34.37 -7.64
CA ALA I 641 -37.44 -33.29 -7.07
C ALA I 641 -37.71 -32.17 -8.05
N PHE I 642 -36.93 -32.05 -9.12
CA PHE I 642 -37.24 -31.08 -10.15
C PHE I 642 -38.37 -31.58 -11.03
N ALA I 643 -38.40 -32.88 -11.31
CA ALA I 643 -39.55 -33.47 -11.97
C ALA I 643 -40.75 -33.49 -11.04
N GLU I 644 -40.53 -33.62 -9.73
CA GLU I 644 -41.60 -33.43 -8.77
C GLU I 644 -42.07 -31.99 -8.74
N HIS I 645 -41.15 -31.05 -8.97
CA HIS I 645 -41.50 -29.63 -8.98
C HIS I 645 -42.34 -29.27 -10.18
N ILE I 646 -41.92 -29.69 -11.37
CA ILE I 646 -42.59 -29.30 -12.59
C ILE I 646 -43.98 -29.92 -12.67
N ARG I 647 -44.09 -31.21 -12.37
CA ARG I 647 -45.37 -31.88 -12.52
C ARG I 647 -46.36 -31.55 -11.41
N ALA I 648 -45.98 -30.76 -10.41
CA ALA I 648 -46.91 -30.34 -9.38
C ALA I 648 -47.20 -28.84 -9.39
N ASN I 649 -46.31 -28.02 -9.92
CA ASN I 649 -46.45 -26.58 -9.84
C ASN I 649 -46.69 -25.92 -11.18
N TRP I 650 -46.68 -26.68 -12.27
CA TRP I 650 -46.93 -26.13 -13.59
C TRP I 650 -48.37 -25.64 -13.68
N PRO I 651 -48.61 -24.56 -14.42
CA PRO I 651 -49.96 -23.98 -14.48
C PRO I 651 -50.98 -24.90 -15.14
N GLN I 652 -52.10 -25.07 -14.46
CA GLN I 652 -53.29 -25.60 -15.10
C GLN I 652 -53.74 -24.61 -16.17
N PRO I 653 -54.10 -25.06 -17.37
CA PRO I 653 -54.73 -24.16 -18.32
C PRO I 653 -56.15 -23.81 -17.90
N SER I 654 -56.68 -22.77 -18.52
CA SER I 654 -58.06 -22.36 -18.29
C SER I 654 -58.57 -21.65 -19.54
N GLU I 655 -59.79 -21.15 -19.47
CA GLU I 655 -60.35 -20.45 -20.61
C GLU I 655 -61.28 -19.33 -20.12
N PHE I 656 -61.50 -18.37 -21.00
CA PHE I 656 -62.37 -17.24 -20.75
C PHE I 656 -63.16 -16.94 -22.01
N GLY I 657 -64.10 -16.00 -21.89
CA GLY I 657 -64.99 -15.65 -22.98
C GLY I 657 -64.58 -14.34 -23.63
N TYR I 658 -64.74 -14.29 -24.95
CA TYR I 658 -64.52 -13.06 -25.69
C TYR I 658 -65.68 -12.87 -26.65
N GLY I 659 -65.79 -11.64 -27.16
CA GLY I 659 -66.79 -11.33 -28.16
C GLY I 659 -68.20 -11.43 -27.62
N SER I 660 -69.11 -11.88 -28.48
CA SER I 660 -70.51 -12.00 -28.13
C SER I 660 -71.07 -13.33 -28.62
N THR I 661 -71.96 -13.91 -27.82
CA THR I 661 -72.63 -15.13 -28.23
C THR I 661 -73.59 -14.87 -29.39
N LEU I 662 -74.14 -13.66 -29.45
CA LEU I 662 -75.07 -13.31 -30.50
C LEU I 662 -74.37 -13.13 -31.83
N GLN I 663 -73.19 -12.49 -31.81
CA GLN I 663 -72.43 -12.27 -33.04
C GLN I 663 -71.80 -13.56 -33.53
N GLY I 664 -71.33 -14.39 -32.62
CA GLY I 664 -70.57 -15.55 -32.99
C GLY I 664 -69.08 -15.25 -32.93
N SER I 665 -68.30 -16.19 -33.46
CA SER I 665 -66.86 -16.06 -33.43
C SER I 665 -66.27 -16.87 -34.57
N ALA I 666 -64.94 -16.88 -34.65
CA ALA I 666 -64.22 -17.63 -35.65
C ALA I 666 -63.30 -18.66 -35.01
N ASN I 667 -63.75 -19.26 -33.91
CA ASN I 667 -62.98 -20.31 -33.27
C ASN I 667 -63.12 -21.60 -34.07
N LEU I 668 -61.98 -22.23 -34.36
CA LEU I 668 -61.98 -23.40 -35.23
C LEU I 668 -61.82 -24.71 -34.48
N PHE I 669 -61.19 -24.69 -33.30
CA PHE I 669 -61.08 -25.93 -32.54
C PHE I 669 -61.62 -25.72 -31.14
N ILE I 670 -61.43 -24.51 -30.63
CA ILE I 670 -61.99 -24.08 -29.36
C ILE I 670 -63.49 -23.93 -29.59
N PRO I 671 -64.35 -24.19 -28.60
CA PRO I 671 -65.75 -23.76 -28.72
C PRO I 671 -65.87 -22.26 -28.89
N SER I 672 -67.00 -21.85 -29.48
CA SER I 672 -67.17 -20.48 -29.95
C SER I 672 -67.20 -19.49 -28.80
N ASN I 673 -66.63 -18.31 -29.05
CA ASN I 673 -66.50 -17.20 -28.10
C ASN I 673 -65.75 -17.61 -26.83
N ARG I 674 -64.76 -18.51 -26.97
CA ARG I 674 -63.92 -18.91 -25.86
C ARG I 674 -62.47 -18.83 -26.29
N MET I 675 -61.60 -18.43 -25.37
CA MET I 675 -60.16 -18.40 -25.58
C MET I 675 -59.49 -19.19 -24.47
N VAL I 676 -58.77 -20.25 -24.84
CA VAL I 676 -57.99 -20.96 -23.84
C VAL I 676 -56.79 -20.12 -23.43
N TYR I 677 -56.26 -20.44 -22.26
CA TYR I 677 -55.32 -19.56 -21.58
C TYR I 677 -54.47 -20.44 -20.67
N PRO I 678 -53.14 -20.31 -20.72
CA PRO I 678 -52.29 -21.29 -20.02
C PRO I 678 -52.29 -21.15 -18.52
N TRP I 679 -52.80 -20.08 -17.99
CA TRP I 679 -52.86 -19.79 -16.58
C TRP I 679 -54.29 -19.93 -16.08
N PRO I 680 -54.49 -20.24 -14.81
CA PRO I 680 -55.85 -20.20 -14.26
C PRO I 680 -56.34 -18.77 -14.17
N ASN I 681 -57.63 -18.60 -14.42
CA ASN I 681 -58.21 -17.29 -14.63
C ASN I 681 -59.19 -16.97 -13.51
N GLN I 682 -59.26 -15.69 -13.18
CA GLN I 682 -60.19 -15.11 -12.24
C GLN I 682 -60.76 -13.84 -12.85
N PRO I 683 -62.00 -13.47 -12.55
CA PRO I 683 -62.60 -12.30 -13.19
C PRO I 683 -61.99 -10.99 -12.72
N LEU I 684 -62.25 -9.95 -13.48
CA LEU I 684 -61.59 -8.67 -13.27
C LEU I 684 -62.21 -7.95 -12.07
N PRO I 685 -61.41 -7.53 -11.10
CA PRO I 685 -61.96 -6.76 -9.98
C PRO I 685 -62.13 -5.29 -10.33
N ARG I 686 -63.16 -4.69 -9.72
CA ARG I 686 -63.50 -3.29 -9.93
C ARG I 686 -63.11 -2.43 -8.72
N LEU I 687 -62.23 -2.92 -7.87
CA LEU I 687 -61.77 -2.23 -6.67
C LEU I 687 -60.28 -1.93 -6.78
N THR I 688 -59.74 -1.34 -5.72
CA THR I 688 -58.31 -1.05 -5.67
C THR I 688 -57.53 -2.35 -5.49
N VAL I 689 -56.55 -2.55 -6.35
CA VAL I 689 -55.83 -3.81 -6.42
C VAL I 689 -54.41 -3.63 -5.89
N ALA I 690 -53.76 -4.75 -5.61
CA ALA I 690 -52.51 -4.76 -4.86
C ALA I 690 -51.74 -6.01 -5.24
N PRO I 691 -50.41 -5.98 -5.22
CA PRO I 691 -49.63 -7.15 -5.65
C PRO I 691 -49.70 -8.31 -4.66
N THR I 692 -50.79 -9.07 -4.76
CA THR I 692 -51.00 -10.24 -3.91
C THR I 692 -50.09 -11.38 -4.33
N TYR I 693 -50.07 -12.43 -3.50
CA TYR I 693 -49.27 -13.62 -3.78
C TYR I 693 -50.09 -14.85 -4.10
N ASP I 694 -51.38 -14.87 -3.80
CA ASP I 694 -52.20 -16.05 -4.04
C ASP I 694 -52.56 -16.12 -5.52
N SER I 695 -51.63 -16.67 -6.30
CA SER I 695 -51.77 -16.78 -7.74
C SER I 695 -50.81 -17.86 -8.21
N ALA I 696 -51.17 -18.54 -9.29
CA ALA I 696 -50.32 -19.59 -9.82
C ALA I 696 -49.05 -19.04 -10.46
N MET I 697 -49.06 -17.77 -10.84
CA MET I 697 -47.82 -17.10 -11.26
C MET I 697 -46.86 -17.01 -10.09
N SER I 698 -47.31 -16.41 -8.98
CA SER I 698 -46.48 -16.30 -7.80
C SER I 698 -46.24 -17.64 -7.13
N ASN I 699 -47.15 -18.60 -7.32
CA ASN I 699 -46.86 -19.97 -6.89
C ASN I 699 -45.71 -20.55 -7.69
N TRP I 700 -45.70 -20.29 -9.00
CA TRP I 700 -44.61 -20.81 -9.83
C TRP I 700 -43.29 -20.12 -9.52
N ILE I 701 -43.33 -18.82 -9.26
CA ILE I 701 -42.11 -18.09 -8.95
C ILE I 701 -41.56 -18.53 -7.60
N SER I 702 -42.42 -18.70 -6.61
CA SER I 702 -41.94 -19.01 -5.26
C SER I 702 -41.42 -20.43 -5.15
N THR I 703 -42.05 -21.39 -5.82
CA THR I 703 -41.63 -22.77 -5.69
C THR I 703 -40.34 -23.05 -6.46
N THR I 704 -40.09 -22.35 -7.56
CA THR I 704 -38.81 -22.56 -8.24
C THR I 704 -37.67 -21.80 -7.57
N ILE I 705 -37.98 -20.77 -6.78
CA ILE I 705 -36.94 -20.22 -5.92
C ILE I 705 -36.70 -21.16 -4.75
N ALA I 706 -37.78 -21.70 -4.18
CA ALA I 706 -37.68 -22.70 -3.13
C ALA I 706 -37.04 -23.99 -3.62
N PHE I 707 -37.06 -24.24 -4.93
CA PHE I 707 -36.30 -25.39 -5.42
C PHE I 707 -34.83 -25.05 -5.59
N PHE I 708 -34.51 -23.86 -6.06
CA PHE I 708 -33.12 -23.52 -6.28
C PHE I 708 -32.42 -22.98 -5.04
N ILE I 709 -33.17 -22.68 -3.98
CA ILE I 709 -32.53 -22.49 -2.69
C ILE I 709 -32.12 -23.84 -2.12
N ARG I 710 -32.71 -24.93 -2.63
CA ARG I 710 -32.33 -26.28 -2.25
C ARG I 710 -31.14 -26.78 -3.07
N VAL I 711 -31.05 -26.38 -4.34
CA VAL I 711 -29.91 -26.77 -5.16
C VAL I 711 -28.64 -26.08 -4.70
N VAL I 712 -28.77 -24.81 -4.32
CA VAL I 712 -27.65 -24.06 -3.74
C VAL I 712 -27.23 -24.65 -2.41
N ASN I 713 -28.20 -25.09 -1.60
CA ASN I 713 -27.88 -25.69 -0.32
C ASN I 713 -27.71 -27.21 -0.41
N SER I 714 -27.63 -27.77 -1.61
CA SER I 714 -27.44 -29.20 -1.75
C SER I 714 -25.98 -29.56 -1.48
N VAL I 715 -25.72 -30.87 -1.40
CA VAL I 715 -24.39 -31.35 -1.07
C VAL I 715 -23.44 -31.13 -2.25
N ASN I 716 -23.96 -31.18 -3.48
CA ASN I 716 -23.14 -30.98 -4.66
C ASN I 716 -22.63 -29.55 -4.76
N MET I 717 -23.41 -28.58 -4.30
CA MET I 717 -22.98 -27.19 -4.26
C MET I 717 -22.21 -26.87 -2.99
N THR I 718 -22.43 -27.65 -1.92
CA THR I 718 -21.81 -27.39 -0.62
C THR I 718 -20.29 -27.55 -0.68
N ALA I 719 -19.81 -28.60 -1.34
CA ALA I 719 -18.39 -28.93 -1.33
C ALA I 719 -17.54 -27.94 -2.12
N THR I 720 -18.14 -27.26 -3.11
CA THR I 720 -17.36 -26.47 -4.06
C THR I 720 -17.38 -24.98 -3.72
N VAL I 721 -18.56 -24.39 -3.64
CA VAL I 721 -18.69 -22.95 -3.48
C VAL I 721 -18.55 -22.60 -2.00
N ASN I 722 -17.86 -21.49 -1.73
CA ASN I 722 -17.62 -21.02 -0.37
C ASN I 722 -18.95 -20.66 0.31
N ASP I 723 -18.94 -20.73 1.65
CA ASP I 723 -20.18 -20.63 2.41
C ASP I 723 -20.77 -19.22 2.39
N LEU I 724 -19.92 -18.19 2.51
CA LEU I 724 -20.43 -16.83 2.58
C LEU I 724 -20.92 -16.30 1.24
N THR I 725 -20.36 -16.78 0.13
CA THR I 725 -20.91 -16.48 -1.18
C THR I 725 -22.00 -17.46 -1.58
N ARG I 726 -22.30 -18.44 -0.74
CA ARG I 726 -23.45 -19.31 -0.93
C ARG I 726 -24.69 -18.75 -0.27
N ARG I 727 -24.52 -18.04 0.85
CA ARG I 727 -25.65 -17.37 1.49
C ARG I 727 -26.13 -16.18 0.67
N THR I 728 -25.23 -15.58 -0.12
CA THR I 728 -25.62 -14.46 -0.97
C THR I 728 -26.58 -14.91 -2.06
N MET I 729 -26.26 -16.03 -2.73
CA MET I 729 -27.18 -16.60 -3.70
C MET I 729 -28.46 -17.10 -3.05
N THR I 730 -28.34 -17.61 -1.82
CA THR I 730 -29.51 -17.90 -1.01
C THR I 730 -30.27 -16.62 -0.70
N GLY I 731 -29.56 -15.54 -0.43
CA GLY I 731 -30.19 -14.28 -0.13
C GLY I 731 -30.79 -13.57 -1.32
N VAL I 732 -30.13 -13.65 -2.47
CA VAL I 732 -30.60 -12.95 -3.67
C VAL I 732 -31.92 -13.55 -4.16
N MET I 733 -31.98 -14.88 -4.27
CA MET I 733 -33.19 -15.53 -4.72
C MET I 733 -34.33 -15.36 -3.72
N THR I 734 -34.01 -15.36 -2.43
CA THR I 734 -35.04 -15.10 -1.42
C THR I 734 -35.54 -13.67 -1.51
N ALA I 735 -34.67 -12.73 -1.88
CA ALA I 735 -35.12 -11.39 -2.20
C ALA I 735 -35.94 -11.38 -3.49
N MET I 736 -35.48 -12.13 -4.49
CA MET I 736 -36.25 -12.31 -5.72
C MET I 736 -37.57 -13.00 -5.47
N ARG I 737 -37.64 -13.86 -4.47
CA ARG I 737 -38.88 -14.54 -4.12
C ARG I 737 -39.89 -13.56 -3.54
N GLN I 738 -39.43 -12.47 -2.92
CA GLN I 738 -40.30 -11.59 -2.15
C GLN I 738 -40.49 -10.23 -2.80
N VAL I 739 -40.23 -10.11 -4.09
CA VAL I 739 -40.49 -8.84 -4.79
C VAL I 739 -41.98 -8.70 -5.00
N LYS I 740 -42.54 -7.57 -4.58
CA LYS I 740 -43.97 -7.31 -4.75
C LYS I 740 -44.20 -6.77 -6.15
N THR I 741 -44.20 -7.68 -7.11
CA THR I 741 -44.49 -7.35 -8.49
C THR I 741 -45.95 -7.58 -8.80
N MET I 742 -46.44 -6.86 -9.80
CA MET I 742 -47.86 -6.84 -10.13
C MET I 742 -48.21 -7.79 -11.26
N THR I 743 -47.19 -8.33 -11.95
CA THR I 743 -47.44 -9.32 -13.00
C THR I 743 -48.17 -10.59 -12.54
N PRO I 744 -47.91 -11.18 -11.35
CA PRO I 744 -48.81 -12.26 -10.90
C PRO I 744 -50.24 -11.87 -10.67
N PHE I 745 -50.51 -10.63 -10.26
CA PHE I 745 -51.90 -10.19 -10.26
C PHE I 745 -52.36 -9.90 -11.67
N TYR I 746 -51.46 -9.45 -12.54
CA TYR I 746 -51.85 -9.03 -13.88
C TYR I 746 -52.25 -10.22 -14.74
N ILE I 747 -51.46 -11.29 -14.70
CA ILE I 747 -51.70 -12.45 -15.57
C ILE I 747 -53.00 -13.16 -15.19
N GLN I 748 -53.27 -13.27 -13.89
CA GLN I 748 -54.44 -14.03 -13.46
C GLN I 748 -55.72 -13.22 -13.61
N HIS I 749 -55.65 -11.91 -13.39
CA HIS I 749 -56.84 -11.08 -13.25
C HIS I 749 -57.02 -10.09 -14.37
N MET I 750 -56.02 -9.25 -14.66
CA MET I 750 -56.22 -8.15 -15.58
C MET I 750 -55.91 -8.48 -17.03
N CYS I 751 -54.95 -9.36 -17.28
CA CYS I 751 -54.59 -9.73 -18.64
C CYS I 751 -55.66 -10.45 -19.45
N PRO I 752 -56.42 -11.44 -18.94
CA PRO I 752 -57.45 -12.07 -19.80
C PRO I 752 -58.61 -11.16 -20.16
N THR I 753 -58.79 -10.04 -19.47
CA THR I 753 -59.76 -9.05 -19.93
C THR I 753 -59.25 -8.36 -21.19
N GLU I 754 -57.94 -8.12 -21.27
CA GLU I 754 -57.36 -7.44 -22.40
C GLU I 754 -57.38 -8.30 -23.66
N LEU I 755 -57.04 -9.58 -23.52
CA LEU I 755 -57.12 -10.48 -24.67
C LEU I 755 -58.56 -10.76 -25.07
N SER I 756 -59.50 -10.65 -24.14
CA SER I 756 -60.90 -10.84 -24.48
C SER I 756 -61.45 -9.65 -25.26
N VAL I 757 -60.93 -8.45 -25.00
CA VAL I 757 -61.40 -7.28 -25.74
C VAL I 757 -60.65 -7.14 -27.05
N LEU I 758 -59.33 -7.31 -27.03
CA LEU I 758 -58.53 -7.13 -28.23
C LEU I 758 -58.68 -8.27 -29.23
N ALA I 759 -59.34 -9.37 -28.85
CA ALA I 759 -59.63 -10.40 -29.84
C ALA I 759 -60.67 -9.94 -30.85
N SER I 760 -61.53 -9.01 -30.46
CA SER I 760 -62.58 -8.53 -31.35
C SER I 760 -62.16 -7.34 -32.19
N VAL I 761 -61.01 -6.73 -31.92
CA VAL I 761 -60.58 -5.56 -32.67
C VAL I 761 -59.29 -5.78 -33.46
N THR I 762 -58.62 -6.92 -33.31
CA THR I 762 -57.53 -7.20 -34.21
C THR I 762 -58.08 -7.58 -35.59
N VAL I 763 -57.22 -7.43 -36.60
CA VAL I 763 -57.64 -7.71 -37.97
C VAL I 763 -57.81 -9.21 -38.20
N THR I 764 -57.17 -10.03 -37.39
CA THR I 764 -57.38 -11.47 -37.43
C THR I 764 -57.91 -11.93 -36.08
N PRO I 765 -59.01 -12.68 -36.05
CA PRO I 765 -59.48 -13.27 -34.79
C PRO I 765 -58.50 -14.30 -34.26
N PRO I 766 -58.54 -14.60 -32.96
CA PRO I 766 -57.56 -15.55 -32.39
C PRO I 766 -57.80 -16.97 -32.89
N PHE I 767 -56.78 -17.53 -33.51
CA PHE I 767 -56.77 -18.92 -33.91
C PHE I 767 -56.02 -19.71 -32.84
N GLN I 768 -56.75 -20.51 -32.08
CA GLN I 768 -56.18 -21.21 -30.95
C GLN I 768 -56.37 -22.72 -31.06
N VAL I 769 -55.44 -23.43 -30.46
CA VAL I 769 -55.42 -24.87 -30.28
C VAL I 769 -55.25 -25.04 -28.77
N PRO I 770 -55.91 -26.01 -28.12
CA PRO I 770 -55.89 -26.07 -26.65
C PRO I 770 -54.51 -26.31 -26.05
N PHE I 771 -54.28 -25.72 -24.88
CA PHE I 771 -53.03 -25.89 -24.17
C PHE I 771 -52.96 -27.26 -23.52
N THR I 772 -51.82 -27.91 -23.65
CA THR I 772 -51.60 -29.24 -23.11
C THR I 772 -50.60 -29.16 -21.97
N ARG I 773 -51.03 -29.54 -20.77
CA ARG I 773 -50.17 -29.51 -19.59
C ARG I 773 -49.47 -30.85 -19.46
N LEU I 774 -48.30 -30.96 -20.10
CA LEU I 774 -47.31 -32.01 -19.91
C LEU I 774 -47.79 -33.40 -20.32
N VAL I 775 -48.91 -33.51 -21.01
CA VAL I 775 -49.42 -34.82 -21.39
C VAL I 775 -48.62 -35.32 -22.58
N GLN I 776 -48.09 -36.54 -22.47
CA GLN I 776 -47.25 -37.12 -23.51
C GLN I 776 -48.04 -37.34 -24.80
N ASN I 777 -49.28 -37.78 -24.69
CA ASN I 777 -50.06 -38.15 -25.86
C ASN I 777 -50.93 -37.02 -26.38
N ASP I 778 -50.90 -35.84 -25.76
CA ASP I 778 -51.73 -34.73 -26.19
C ASP I 778 -50.93 -33.51 -26.59
N VAL I 779 -49.61 -33.64 -26.76
CA VAL I 779 -48.81 -32.57 -27.31
C VAL I 779 -49.18 -32.38 -28.77
N ILE I 780 -49.59 -31.16 -29.13
CA ILE I 780 -50.07 -30.86 -30.47
C ILE I 780 -48.82 -30.77 -31.36
N THR I 781 -48.54 -31.84 -32.09
CA THR I 781 -47.34 -31.86 -32.92
C THR I 781 -47.48 -30.93 -34.11
N ASN I 782 -48.67 -30.85 -34.68
CA ASN I 782 -48.88 -30.08 -35.89
C ASN I 782 -50.27 -29.47 -35.86
N VAL I 783 -50.39 -28.27 -36.42
CA VAL I 783 -51.67 -27.60 -36.64
C VAL I 783 -51.81 -27.40 -38.13
N LEU I 784 -52.97 -27.77 -38.68
CA LEU I 784 -53.02 -28.07 -40.10
C LEU I 784 -54.26 -27.45 -40.75
N VAL I 785 -54.10 -26.94 -41.97
CA VAL I 785 -55.19 -26.34 -42.76
C VAL I 785 -54.99 -26.71 -44.21
N ALA I 786 -56.03 -27.24 -44.85
CA ALA I 786 -55.96 -27.61 -46.27
C ALA I 786 -56.86 -26.75 -47.14
N ARG I 787 -56.58 -26.81 -48.44
CA ARG I 787 -57.38 -26.16 -49.47
C ARG I 787 -58.20 -27.15 -50.27
N VAL I 788 -58.05 -28.43 -50.01
CA VAL I 788 -58.58 -29.50 -50.85
C VAL I 788 -58.89 -30.69 -49.96
N ASP I 789 -60.08 -31.28 -50.13
CA ASP I 789 -60.37 -32.34 -49.18
C ASP I 789 -59.69 -33.64 -49.60
N PRO I 790 -59.40 -34.54 -48.66
CA PRO I 790 -58.83 -35.83 -49.03
C PRO I 790 -59.80 -36.74 -49.78
N ALA I 791 -61.11 -36.45 -49.73
CA ALA I 791 -62.11 -37.38 -50.25
C ALA I 791 -62.15 -37.38 -51.77
N GLN I 792 -62.01 -36.21 -52.40
CA GLN I 792 -62.03 -36.17 -53.86
C GLN I 792 -60.76 -36.73 -54.46
N ARG I 793 -59.67 -36.71 -53.72
CA ARG I 793 -58.47 -37.42 -54.11
C ARG I 793 -58.55 -38.84 -53.56
N GLY I 794 -57.47 -39.58 -53.63
CA GLY I 794 -57.43 -40.87 -52.99
C GLY I 794 -56.77 -40.79 -51.62
N ASP I 795 -56.97 -39.68 -50.94
CA ASP I 795 -56.25 -39.36 -49.72
C ASP I 795 -57.07 -39.57 -48.46
N ALA I 796 -58.23 -40.23 -48.57
CA ALA I 796 -59.11 -40.39 -47.42
C ALA I 796 -58.53 -41.33 -46.36
N ALA I 797 -57.59 -42.20 -46.73
CA ALA I 797 -57.03 -43.16 -45.80
C ALA I 797 -55.74 -42.67 -45.15
N VAL I 798 -54.92 -41.90 -45.87
CA VAL I 798 -53.60 -41.52 -45.40
C VAL I 798 -53.71 -40.47 -44.32
N ASP I 799 -52.60 -40.19 -43.64
CA ASP I 799 -52.61 -39.36 -42.44
C ASP I 799 -52.87 -37.90 -42.78
N ILE I 800 -53.13 -37.13 -41.72
CA ILE I 800 -53.50 -35.73 -41.88
C ILE I 800 -52.29 -34.90 -42.28
N ARG I 801 -51.09 -35.32 -41.86
CA ARG I 801 -49.87 -34.56 -42.10
C ARG I 801 -49.52 -34.43 -43.58
N ALA I 802 -50.04 -35.32 -44.44
CA ALA I 802 -49.81 -35.22 -45.87
C ALA I 802 -51.01 -34.71 -46.63
N THR I 803 -52.15 -34.52 -45.99
CA THR I 803 -53.35 -34.03 -46.65
C THR I 803 -53.70 -32.60 -46.28
N HIS I 804 -52.90 -31.96 -45.46
CA HIS I 804 -53.18 -30.60 -44.99
C HIS I 804 -51.85 -29.86 -44.87
N ALA I 805 -51.90 -28.55 -45.03
CA ALA I 805 -50.70 -27.73 -44.89
C ALA I 805 -50.54 -27.27 -43.44
N THR I 806 -49.30 -27.29 -42.97
CA THR I 806 -48.98 -27.13 -41.55
C THR I 806 -48.33 -25.78 -41.31
N PHE I 807 -48.69 -25.13 -40.20
CA PHE I 807 -48.16 -23.82 -39.84
C PHE I 807 -46.86 -23.98 -39.09
N ALA I 808 -45.74 -23.79 -39.76
CA ALA I 808 -44.42 -23.85 -39.13
C ALA I 808 -44.00 -22.43 -38.79
N ALA I 809 -44.09 -22.08 -37.51
CA ALA I 809 -43.77 -20.72 -37.09
C ALA I 809 -43.31 -20.74 -35.64
N ALA I 810 -42.20 -20.05 -35.37
CA ALA I 810 -41.63 -20.01 -34.03
C ALA I 810 -41.16 -18.60 -33.73
N LEU I 811 -41.04 -18.32 -32.44
CA LEU I 811 -40.53 -17.04 -31.94
C LEU I 811 -39.45 -17.28 -30.91
N PRO I 812 -38.18 -17.02 -31.24
CA PRO I 812 -37.11 -17.25 -30.26
C PRO I 812 -37.07 -16.19 -29.17
N VAL I 813 -37.87 -16.39 -28.13
CA VAL I 813 -38.04 -15.39 -27.09
C VAL I 813 -36.91 -15.50 -26.07
N ASP I 814 -36.28 -14.36 -25.76
CA ASP I 814 -35.26 -14.31 -24.73
C ASP I 814 -35.87 -14.48 -23.34
N PRO I 815 -35.38 -15.42 -22.52
CA PRO I 815 -35.94 -15.63 -21.19
C PRO I 815 -35.53 -14.59 -20.17
N ALA I 816 -34.41 -13.90 -20.38
CA ALA I 816 -34.02 -12.85 -19.43
C ALA I 816 -34.96 -11.66 -19.51
N ALA I 817 -35.44 -11.34 -20.71
CA ALA I 817 -36.44 -10.28 -20.85
C ALA I 817 -37.81 -10.72 -20.38
N ILE I 818 -38.04 -12.02 -20.23
CA ILE I 818 -39.27 -12.48 -19.59
C ILE I 818 -39.25 -12.16 -18.11
N VAL I 819 -38.13 -12.47 -17.44
CA VAL I 819 -38.05 -12.44 -15.98
C VAL I 819 -38.12 -11.02 -15.46
N VAL I 820 -37.48 -10.08 -16.15
CA VAL I 820 -37.45 -8.68 -15.71
C VAL I 820 -38.85 -8.08 -15.72
N ALA I 821 -39.67 -8.47 -16.71
CA ALA I 821 -41.07 -8.09 -16.67
C ALA I 821 -41.87 -8.96 -15.72
N MET I 822 -41.51 -10.23 -15.61
CA MET I 822 -42.19 -11.14 -14.69
C MET I 822 -41.96 -10.74 -13.25
N LEU I 823 -40.70 -10.73 -12.84
CA LEU I 823 -40.36 -10.55 -11.45
C LEU I 823 -40.44 -9.09 -11.04
N CYS I 824 -40.63 -8.18 -11.99
CA CYS I 824 -40.74 -6.77 -11.69
C CYS I 824 -41.78 -6.13 -12.59
N GLY I 825 -42.84 -5.63 -12.00
CA GLY I 825 -43.87 -4.92 -12.73
C GLY I 825 -44.76 -4.25 -11.72
N GLN I 826 -45.12 -2.99 -11.95
CA GLN I 826 -45.90 -2.26 -10.97
C GLN I 826 -47.03 -1.51 -11.66
N THR I 827 -47.97 -1.07 -10.83
CA THR I 827 -49.15 -0.36 -11.28
C THR I 827 -49.39 0.76 -10.27
N GLU I 828 -49.93 1.88 -10.76
CA GLU I 828 -50.32 2.99 -9.90
C GLU I 828 -51.33 2.51 -8.85
N THR I 829 -51.16 3.00 -7.62
CA THR I 829 -51.84 2.42 -6.47
C THR I 829 -53.34 2.68 -6.51
N ASN I 830 -53.73 3.92 -6.74
CA ASN I 830 -55.14 4.28 -6.79
C ASN I 830 -55.69 4.17 -8.22
N LEU I 831 -55.53 2.98 -8.79
CA LEU I 831 -56.01 2.68 -10.13
C LEU I 831 -57.02 1.55 -10.07
N ILE I 832 -58.22 1.83 -10.56
CA ILE I 832 -59.27 0.82 -10.70
C ILE I 832 -59.07 0.16 -12.05
N PRO I 833 -59.05 -1.18 -12.12
CA PRO I 833 -58.86 -1.83 -13.43
C PRO I 833 -60.04 -1.66 -14.36
N SER I 834 -61.25 -1.54 -13.82
CA SER I 834 -62.41 -1.35 -14.68
C SER I 834 -62.46 0.07 -15.23
N HIS I 835 -62.05 1.06 -14.43
CA HIS I 835 -62.02 2.43 -14.95
C HIS I 835 -60.87 2.62 -15.93
N HIS I 836 -59.74 1.96 -15.70
CA HIS I 836 -58.60 2.11 -16.59
C HIS I 836 -58.90 1.52 -17.96
N TYR I 837 -59.53 0.35 -17.99
CA TYR I 837 -59.87 -0.29 -19.25
C TYR I 837 -61.01 0.41 -19.98
N GLY I 838 -61.82 1.18 -19.26
CA GLY I 838 -62.82 2.00 -19.93
C GLY I 838 -62.18 3.14 -20.71
N LYS I 839 -61.21 3.82 -20.11
CA LYS I 839 -60.47 4.85 -20.83
C LYS I 839 -59.55 4.23 -21.87
N ALA I 840 -59.11 3.00 -21.64
CA ALA I 840 -58.17 2.37 -22.56
C ALA I 840 -58.87 1.95 -23.85
N PHE I 841 -59.98 1.23 -23.73
CA PHE I 841 -60.66 0.63 -24.86
C PHE I 841 -61.66 1.57 -25.53
N ALA I 842 -61.63 2.86 -25.18
CA ALA I 842 -62.68 3.77 -25.63
C ALA I 842 -62.71 4.04 -27.13
N PRO I 843 -61.63 4.44 -27.81
CA PRO I 843 -61.81 4.85 -29.22
C PRO I 843 -62.03 3.70 -30.19
N LEU I 844 -61.73 2.47 -29.80
CA LEU I 844 -61.93 1.35 -30.70
C LEU I 844 -63.29 0.68 -30.53
N PHE I 845 -64.19 1.27 -29.75
CA PHE I 845 -65.60 0.92 -29.81
C PHE I 845 -66.48 2.11 -30.17
N ALA I 846 -65.90 3.27 -30.46
CA ALA I 846 -66.71 4.41 -30.86
C ALA I 846 -67.26 4.24 -32.26
N SER I 847 -66.46 3.69 -33.16
CA SER I 847 -66.85 3.51 -34.55
C SER I 847 -67.30 2.08 -34.79
N ASN I 848 -68.02 1.89 -35.90
CA ASN I 848 -68.45 0.58 -36.35
C ASN I 848 -67.42 -0.12 -37.21
N ALA I 849 -66.15 0.27 -37.12
CA ALA I 849 -65.10 -0.38 -37.88
C ALA I 849 -64.75 -1.75 -37.34
N MET I 850 -65.17 -2.07 -36.12
CA MET I 850 -65.07 -3.44 -35.63
C MET I 850 -65.94 -4.38 -36.46
N PHE I 851 -67.09 -3.89 -36.91
CA PHE I 851 -68.03 -4.68 -37.68
C PHE I 851 -67.64 -4.79 -39.16
N THR I 852 -66.52 -4.20 -39.56
CA THR I 852 -66.11 -4.26 -40.95
C THR I 852 -65.60 -5.65 -41.32
N ARG I 853 -64.81 -6.26 -40.44
CA ARG I 853 -64.37 -7.64 -40.65
C ARG I 853 -65.53 -8.62 -40.51
N ASN I 854 -66.60 -8.21 -39.84
CA ASN I 854 -67.79 -9.04 -39.76
C ASN I 854 -68.57 -8.98 -41.07
N GLN I 855 -68.44 -7.87 -41.80
CA GLN I 855 -69.03 -7.76 -43.12
C GLN I 855 -68.21 -8.47 -44.18
N ARG I 856 -66.90 -8.61 -43.96
CA ARG I 856 -66.05 -9.33 -44.89
C ARG I 856 -66.37 -10.81 -44.92
N ALA I 857 -66.93 -11.36 -43.84
CA ALA I 857 -67.16 -12.78 -43.75
C ALA I 857 -68.32 -13.22 -44.65
N VAL I 858 -69.25 -12.33 -44.93
CA VAL I 858 -70.34 -12.67 -45.83
C VAL I 858 -69.84 -12.69 -47.27
N ILE I 859 -69.16 -11.62 -47.69
CA ILE I 859 -68.75 -11.46 -49.07
C ILE I 859 -67.69 -12.50 -49.43
N THR I 860 -66.89 -12.91 -48.46
CA THR I 860 -66.01 -14.06 -48.66
C THR I 860 -66.81 -15.33 -48.82
N ARG I 861 -67.87 -15.51 -48.03
CA ARG I 861 -68.71 -16.69 -48.15
C ARG I 861 -69.46 -16.70 -49.47
N GLU I 862 -70.08 -15.57 -49.82
CA GLU I 862 -70.91 -15.50 -51.04
C GLU I 862 -70.07 -15.71 -52.29
N ALA I 863 -68.80 -15.31 -52.26
CA ALA I 863 -67.91 -15.63 -53.35
C ALA I 863 -67.50 -17.09 -53.32
N PHE I 864 -67.26 -17.63 -52.13
CA PHE I 864 -66.75 -18.99 -52.02
C PHE I 864 -67.79 -20.04 -52.40
N VAL I 865 -69.07 -19.78 -52.11
CA VAL I 865 -70.10 -20.72 -52.54
C VAL I 865 -70.27 -20.64 -54.05
N CYS I 866 -70.20 -19.43 -54.60
CA CYS I 866 -70.38 -19.28 -56.04
C CYS I 866 -69.18 -19.79 -56.82
N ALA I 867 -67.96 -19.56 -56.31
CA ALA I 867 -66.77 -20.05 -57.00
C ALA I 867 -66.67 -21.57 -56.92
N ARG I 868 -67.17 -22.16 -55.84
CA ARG I 868 -67.36 -23.60 -55.84
C ARG I 868 -68.41 -24.02 -56.86
N SER I 869 -69.52 -23.28 -56.92
CA SER I 869 -70.60 -23.65 -57.81
C SER I 869 -70.32 -23.29 -59.26
N ALA I 870 -69.50 -22.27 -59.52
CA ALA I 870 -69.15 -21.94 -60.89
C ALA I 870 -68.27 -23.03 -61.50
N VAL I 871 -67.35 -23.57 -60.70
CA VAL I 871 -66.50 -24.64 -61.19
C VAL I 871 -67.29 -25.93 -61.35
N ALA I 872 -68.03 -26.33 -60.30
CA ALA I 872 -68.66 -27.63 -60.27
C ALA I 872 -69.83 -27.75 -61.23
N GLN I 873 -70.41 -26.63 -61.67
CA GLN I 873 -71.39 -26.71 -62.76
C GLN I 873 -70.71 -26.78 -64.11
N CYS I 874 -69.56 -26.11 -64.28
CA CYS I 874 -68.79 -26.31 -65.49
C CYS I 874 -68.15 -27.69 -65.51
N GLN I 875 -67.83 -28.23 -64.34
CA GLN I 875 -67.32 -29.58 -64.25
C GLN I 875 -68.45 -30.57 -64.49
N ASP I 876 -68.16 -31.63 -65.23
CA ASP I 876 -69.14 -32.70 -65.40
C ASP I 876 -69.17 -33.52 -64.12
N ALA I 877 -70.31 -33.47 -63.42
CA ALA I 877 -70.59 -34.19 -62.18
C ALA I 877 -69.57 -33.83 -61.09
N GLY I 878 -69.62 -32.56 -60.69
CA GLY I 878 -68.75 -32.06 -59.64
C GLY I 878 -69.29 -32.34 -58.25
N PHE I 879 -69.32 -31.32 -57.40
CA PHE I 879 -69.87 -31.47 -56.06
C PHE I 879 -71.39 -31.58 -56.12
N LEU I 880 -72.02 -31.79 -54.97
CA LEU I 880 -73.48 -31.91 -54.90
C LEU I 880 -74.09 -30.53 -55.04
N VAL I 881 -74.10 -30.03 -56.26
CA VAL I 881 -74.72 -28.75 -56.63
C VAL I 881 -75.68 -29.05 -57.76
N PRO I 882 -76.74 -28.27 -57.93
CA PRO I 882 -77.60 -28.46 -59.10
C PRO I 882 -76.93 -27.97 -60.36
N ARG I 883 -77.25 -28.63 -61.47
CA ARG I 883 -76.54 -28.46 -62.73
C ARG I 883 -77.53 -28.10 -63.85
N PRO I 884 -78.08 -26.89 -63.83
CA PRO I 884 -79.17 -26.56 -64.74
C PRO I 884 -78.75 -26.17 -66.15
N LEU I 885 -77.47 -26.31 -66.50
CA LEU I 885 -76.97 -25.89 -67.80
C LEU I 885 -76.28 -27.03 -68.54
N ASP I 886 -76.68 -28.28 -68.25
CA ASP I 886 -76.00 -29.44 -68.81
C ASP I 886 -76.12 -29.56 -70.32
N ALA I 887 -77.17 -28.97 -70.90
CA ALA I 887 -77.32 -28.99 -72.35
C ALA I 887 -76.31 -28.10 -73.07
N LEU I 888 -75.63 -27.23 -72.35
CA LEU I 888 -74.59 -26.40 -72.93
C LEU I 888 -73.26 -27.14 -72.92
N ARG I 889 -72.55 -27.07 -74.04
CA ARG I 889 -71.31 -27.82 -74.21
C ARG I 889 -70.19 -27.18 -73.42
N GLN I 890 -69.43 -28.00 -72.70
CA GLN I 890 -68.27 -27.53 -71.95
C GLN I 890 -67.22 -28.62 -72.02
N PHE I 891 -66.29 -28.50 -72.96
CA PHE I 891 -65.32 -29.56 -73.18
C PHE I 891 -64.14 -29.43 -72.23
N ASP I 892 -63.52 -28.25 -72.18
CA ASP I 892 -62.26 -28.06 -71.48
C ASP I 892 -62.55 -27.89 -70.00
N VAL I 893 -62.32 -28.95 -69.23
CA VAL I 893 -62.65 -28.96 -67.81
C VAL I 893 -61.40 -29.21 -66.98
N THR I 894 -60.26 -28.73 -67.48
CA THR I 894 -59.00 -28.95 -66.80
C THR I 894 -58.88 -28.06 -65.57
N SER I 895 -57.80 -28.25 -64.82
CA SER I 895 -57.51 -27.37 -63.69
C SER I 895 -57.13 -25.98 -64.18
N ALA I 896 -56.53 -25.88 -65.37
CA ALA I 896 -56.24 -24.58 -65.93
C ALA I 896 -57.52 -23.87 -66.36
N ALA I 897 -58.54 -24.62 -66.75
CA ALA I 897 -59.82 -24.01 -67.10
C ALA I 897 -60.52 -23.46 -65.86
N ALA I 898 -60.62 -24.28 -64.81
CA ALA I 898 -61.32 -23.85 -63.61
C ALA I 898 -60.54 -22.81 -62.83
N ALA I 899 -59.22 -22.72 -63.02
CA ALA I 899 -58.48 -21.61 -62.46
C ALA I 899 -58.84 -20.31 -63.17
N GLU I 900 -59.18 -20.38 -64.45
CA GLU I 900 -59.66 -19.21 -65.15
C GLU I 900 -61.11 -18.90 -64.84
N ILE I 901 -61.89 -19.89 -64.43
CA ILE I 901 -63.27 -19.63 -64.02
C ILE I 901 -63.31 -18.97 -62.65
N MET I 902 -62.55 -19.52 -61.69
CA MET I 902 -62.59 -19.02 -60.33
C MET I 902 -61.98 -17.64 -60.23
N HIS I 903 -60.89 -17.38 -60.96
CA HIS I 903 -60.28 -16.06 -60.96
C HIS I 903 -61.16 -15.03 -61.62
N ALA I 904 -62.01 -15.45 -62.55
CA ALA I 904 -62.97 -14.52 -63.13
C ALA I 904 -64.15 -14.29 -62.21
N VAL I 905 -64.56 -15.31 -61.46
CA VAL I 905 -65.56 -15.11 -60.41
C VAL I 905 -64.99 -14.24 -59.30
N ASN I 906 -63.70 -14.44 -58.98
CA ASN I 906 -63.08 -13.66 -57.93
C ASN I 906 -62.90 -12.20 -58.35
N ASP I 907 -62.65 -11.95 -59.64
CA ASP I 907 -62.59 -10.58 -60.11
C ASP I 907 -63.96 -9.91 -60.08
N ALA I 908 -65.02 -10.69 -60.18
CA ALA I 908 -66.35 -10.10 -60.19
C ALA I 908 -66.79 -9.68 -58.78
N PHE I 909 -66.47 -10.50 -57.78
CA PHE I 909 -66.82 -10.11 -56.41
C PHE I 909 -65.90 -9.01 -55.89
N LYS I 910 -64.68 -8.91 -56.43
CA LYS I 910 -63.82 -7.80 -56.06
C LYS I 910 -64.22 -6.50 -56.76
N THR I 911 -64.97 -6.58 -57.84
CA THR I 911 -65.39 -5.39 -58.57
C THR I 911 -66.76 -4.90 -58.14
N ALA I 912 -67.71 -5.83 -57.96
CA ALA I 912 -69.04 -5.45 -57.54
C ALA I 912 -69.06 -4.95 -56.11
N PHE I 913 -68.19 -5.48 -55.25
CA PHE I 913 -68.09 -5.05 -53.87
C PHE I 913 -66.85 -4.21 -53.63
N ASP I 914 -66.26 -3.68 -54.71
CA ASP I 914 -65.13 -2.73 -54.85
C ASP I 914 -64.06 -2.87 -53.78
N LEU I 915 -63.65 -4.09 -53.51
CA LEU I 915 -62.64 -4.36 -52.49
C LEU I 915 -61.39 -4.88 -53.17
N ASP I 916 -60.23 -4.37 -52.75
CA ASP I 916 -58.95 -4.74 -53.33
C ASP I 916 -58.17 -5.68 -52.43
N GLY I 917 -58.81 -6.26 -51.42
CA GLY I 917 -58.17 -7.25 -50.59
C GLY I 917 -58.01 -8.57 -51.32
N ALA I 918 -57.42 -9.53 -50.60
CA ALA I 918 -57.17 -10.86 -51.17
C ALA I 918 -58.32 -11.81 -50.83
N LEU I 919 -59.52 -11.37 -51.22
CA LEU I 919 -60.70 -12.23 -51.14
C LEU I 919 -60.56 -13.38 -52.12
N LEU I 920 -60.81 -14.61 -51.64
CA LEU I 920 -60.97 -15.84 -52.41
C LEU I 920 -59.67 -16.29 -53.11
N ASP I 921 -58.59 -15.53 -52.99
CA ASP I 921 -57.31 -15.90 -53.56
C ASP I 921 -56.69 -17.04 -52.75
N GLY I 922 -55.57 -17.55 -53.25
CA GLY I 922 -54.87 -18.62 -52.56
C GLY I 922 -55.48 -19.99 -52.70
N LEU I 923 -56.72 -20.12 -53.17
CA LEU I 923 -57.25 -21.44 -53.48
C LEU I 923 -56.61 -22.01 -54.73
N ALA I 924 -56.16 -21.14 -55.63
CA ALA I 924 -55.41 -21.53 -56.80
C ALA I 924 -53.91 -21.56 -56.55
N LEU I 925 -53.48 -21.71 -55.29
CA LEU I 925 -52.06 -21.83 -55.02
C LEU I 925 -51.52 -23.18 -55.48
N TYR I 926 -52.26 -24.25 -55.20
CA TYR I 926 -51.88 -25.55 -55.73
C TYR I 926 -52.29 -25.73 -57.19
N GLY I 927 -53.04 -24.79 -57.75
CA GLY I 927 -53.44 -24.87 -59.13
C GLY I 927 -54.66 -25.71 -59.38
N ASP I 928 -55.35 -26.17 -58.34
CA ASP I 928 -56.52 -27.03 -58.49
C ASP I 928 -57.68 -26.43 -57.71
N PRO I 929 -58.43 -25.50 -58.31
CA PRO I 929 -59.63 -24.97 -57.67
C PRO I 929 -60.87 -25.82 -57.90
N ARG I 930 -60.72 -26.93 -58.60
CA ARG I 930 -61.83 -27.84 -58.84
C ARG I 930 -62.28 -28.49 -57.55
N ILE I 931 -61.37 -28.63 -56.61
CA ILE I 931 -61.65 -29.23 -55.31
C ILE I 931 -61.34 -28.15 -54.28
N ALA I 932 -62.35 -27.36 -53.93
CA ALA I 932 -62.17 -26.24 -53.01
C ALA I 932 -62.99 -26.55 -51.76
N ASP I 933 -62.38 -27.30 -50.85
CA ASP I 933 -63.01 -27.64 -49.57
C ASP I 933 -62.05 -27.23 -48.47
N LEU I 934 -62.37 -26.13 -47.80
CA LEU I 934 -61.54 -25.68 -46.69
C LEU I 934 -61.75 -26.58 -45.49
N SER I 935 -60.66 -26.83 -44.76
CA SER I 935 -60.70 -27.69 -43.59
C SER I 935 -59.55 -27.32 -42.68
N ALA I 936 -59.72 -27.60 -41.40
CA ALA I 936 -58.69 -27.33 -40.41
C ALA I 936 -58.61 -28.50 -39.45
N ALA I 937 -57.39 -28.87 -39.08
CA ALA I 937 -57.19 -30.02 -38.19
C ALA I 937 -55.92 -29.81 -37.39
N TYR I 938 -55.79 -30.57 -36.32
CA TYR I 938 -54.52 -30.64 -35.62
C TYR I 938 -54.29 -32.06 -35.16
N LEU I 939 -53.06 -32.52 -35.34
CA LEU I 939 -52.67 -33.86 -34.93
C LEU I 939 -51.86 -33.75 -33.66
N GLN I 940 -52.22 -34.56 -32.67
CA GLN I 940 -51.46 -34.65 -31.44
C GLN I 940 -50.80 -36.02 -31.33
N TYR I 941 -49.83 -36.10 -30.42
CA TYR I 941 -48.81 -37.16 -30.46
C TYR I 941 -49.39 -38.54 -30.18
N GLY I 942 -50.50 -38.63 -29.46
CA GLY I 942 -51.09 -39.92 -29.18
C GLY I 942 -51.80 -40.57 -30.34
N GLY I 943 -51.77 -40.00 -31.53
CA GLY I 943 -52.47 -40.50 -32.68
C GLY I 943 -53.82 -39.86 -32.89
N ASN I 944 -54.36 -39.20 -31.88
CA ASN I 944 -55.65 -38.54 -32.00
C ASN I 944 -55.53 -37.33 -32.91
N VAL I 945 -56.60 -37.07 -33.66
CA VAL I 945 -56.66 -35.90 -34.54
C VAL I 945 -58.07 -35.37 -34.54
N VAL I 946 -58.22 -34.05 -34.42
CA VAL I 946 -59.50 -33.39 -34.46
C VAL I 946 -59.68 -32.80 -35.85
N ARG I 947 -60.49 -33.46 -36.67
CA ARG I 947 -60.72 -33.03 -38.05
C ARG I 947 -61.96 -32.17 -38.05
N GLU I 948 -61.76 -30.86 -37.88
CA GLU I 948 -62.88 -29.91 -37.87
C GLU I 948 -62.90 -29.19 -39.22
N HIS I 949 -63.55 -29.82 -40.19
CA HIS I 949 -63.69 -29.22 -41.51
C HIS I 949 -64.86 -28.24 -41.51
N VAL I 950 -64.67 -27.14 -42.21
CA VAL I 950 -65.61 -26.02 -42.21
C VAL I 950 -66.39 -26.03 -43.53
N PRO I 951 -67.71 -26.14 -43.48
CA PRO I 951 -68.51 -26.08 -44.70
C PRO I 951 -68.96 -24.65 -44.96
N PRO I 952 -69.39 -24.35 -46.18
CA PRO I 952 -70.00 -23.04 -46.44
C PRO I 952 -71.36 -22.91 -45.76
N GLY I 953 -71.86 -21.69 -45.73
CA GLY I 953 -73.12 -21.41 -45.09
C GLY I 953 -74.26 -21.28 -46.08
N PRO I 954 -75.48 -21.10 -45.55
CA PRO I 954 -76.63 -20.93 -46.43
C PRO I 954 -76.67 -19.56 -47.09
N SER I 955 -75.96 -19.43 -48.21
CA SER I 955 -75.81 -18.16 -48.90
C SER I 955 -77.10 -17.78 -49.62
N HIS I 956 -77.14 -16.53 -50.10
CA HIS I 956 -78.30 -16.00 -50.82
C HIS I 956 -78.04 -15.75 -52.29
N ILE I 957 -76.82 -15.38 -52.68
CA ILE I 957 -76.53 -15.10 -54.08
C ILE I 957 -76.47 -16.40 -54.88
N HIS I 958 -75.96 -17.47 -54.27
CA HIS I 958 -75.99 -18.79 -54.90
C HIS I 958 -77.42 -19.29 -55.06
N ARG I 959 -78.33 -18.90 -54.16
CA ARG I 959 -79.73 -19.16 -54.41
C ARG I 959 -80.29 -18.27 -55.50
N ALA I 960 -79.75 -17.06 -55.64
CA ALA I 960 -80.22 -16.15 -56.66
C ALA I 960 -79.72 -16.57 -58.04
N LEU I 961 -78.43 -16.86 -58.15
CA LEU I 961 -77.83 -17.24 -59.43
C LEU I 961 -78.39 -18.55 -59.94
N GLN I 962 -78.77 -19.45 -59.04
CA GLN I 962 -79.43 -20.69 -59.43
C GLN I 962 -80.80 -20.42 -60.05
N GLN I 963 -81.49 -19.39 -59.58
CA GLN I 963 -82.76 -19.02 -60.17
C GLN I 963 -82.55 -18.29 -61.49
N VAL I 964 -81.45 -17.55 -61.63
CA VAL I 964 -81.14 -16.88 -62.90
C VAL I 964 -80.81 -17.91 -63.97
N GLU I 965 -80.04 -18.94 -63.60
CA GLU I 965 -79.72 -20.02 -64.54
C GLU I 965 -80.94 -20.84 -64.91
N SER I 966 -81.92 -20.94 -64.01
CA SER I 966 -83.12 -21.69 -64.32
C SER I 966 -83.97 -20.97 -65.35
N THR I 967 -84.22 -19.69 -65.14
CA THR I 967 -85.00 -18.92 -66.09
C THR I 967 -84.16 -18.44 -67.27
N PHE I 968 -82.86 -18.67 -67.27
CA PHE I 968 -82.08 -18.48 -68.49
C PHE I 968 -82.52 -19.46 -69.57
N MET I 969 -82.72 -20.72 -69.19
CA MET I 969 -82.92 -21.77 -70.18
C MET I 969 -84.24 -21.60 -70.93
N ALA I 970 -85.25 -21.03 -70.27
CA ALA I 970 -86.49 -20.75 -70.96
C ALA I 970 -86.38 -19.53 -71.87
N GLU I 971 -85.55 -18.56 -71.52
CA GLU I 971 -85.43 -17.32 -72.28
C GLU I 971 -83.97 -17.06 -72.66
N MET I 972 -83.34 -18.08 -73.24
CA MET I 972 -82.01 -17.93 -73.81
C MET I 972 -81.99 -16.90 -74.92
N ASN I 973 -83.07 -16.82 -75.70
CA ASN I 973 -83.13 -16.00 -76.90
C ASN I 973 -83.08 -14.52 -76.59
N LEU I 974 -83.46 -14.11 -75.38
CA LEU I 974 -83.27 -12.75 -74.94
C LEU I 974 -81.80 -12.42 -74.74
N PHE I 975 -80.95 -13.43 -74.55
CA PHE I 975 -79.52 -13.20 -74.34
C PHE I 975 -78.73 -13.50 -75.60
N ASN I 976 -79.37 -13.37 -76.77
CA ASN I 976 -78.77 -13.55 -78.09
C ASN I 976 -78.21 -14.96 -78.30
N VAL I 977 -78.75 -15.95 -77.60
CA VAL I 977 -78.31 -17.34 -77.72
C VAL I 977 -79.52 -18.18 -78.09
N ALA I 978 -79.43 -18.89 -79.20
CA ALA I 978 -80.54 -19.72 -79.66
C ALA I 978 -80.26 -21.18 -79.32
N ARG I 979 -81.33 -21.94 -79.16
CA ARG I 979 -81.23 -23.36 -78.88
C ARG I 979 -81.62 -24.17 -80.10
N GLY I 980 -81.24 -25.43 -80.09
CA GLY I 980 -81.61 -26.34 -81.15
C GLY I 980 -80.52 -26.50 -82.19
N ASN I 981 -80.89 -27.17 -83.26
CA ASN I 981 -79.96 -27.49 -84.33
C ASN I 981 -80.01 -26.41 -85.39
N LEU I 982 -79.42 -26.69 -86.54
CA LEU I 982 -79.26 -25.70 -87.59
C LEU I 982 -79.54 -26.37 -88.92
N TYR I 983 -80.26 -25.67 -89.79
CA TYR I 983 -80.76 -26.26 -91.03
C TYR I 983 -80.23 -25.49 -92.22
N LEU I 984 -79.70 -26.22 -93.19
CA LEU I 984 -79.16 -25.64 -94.42
C LEU I 984 -79.81 -26.37 -95.58
N VAL I 985 -81.00 -25.91 -95.98
CA VAL I 985 -81.65 -26.41 -97.17
C VAL I 985 -81.81 -25.23 -98.13
N GLN I 986 -81.91 -25.53 -99.42
CA GLN I 986 -82.23 -24.48 -100.36
C GLN I 986 -83.73 -24.21 -100.31
N THR I 987 -84.09 -22.95 -100.12
CA THR I 987 -85.50 -22.57 -100.07
C THR I 987 -85.64 -21.22 -100.76
N ALA I 988 -86.51 -21.16 -101.76
CA ALA I 988 -86.66 -19.97 -102.58
C ALA I 988 -88.07 -19.42 -102.48
N THR I 989 -88.58 -19.31 -101.25
CA THR I 989 -89.91 -18.77 -101.05
C THR I 989 -90.00 -17.30 -101.42
N ASN I 990 -91.07 -16.96 -102.10
CA ASN I 990 -91.36 -15.56 -102.38
C ASN I 990 -92.01 -14.90 -101.18
N GLY I 991 -92.75 -15.67 -100.39
CA GLY I 991 -93.49 -15.14 -99.26
C GLY I 991 -92.64 -14.94 -98.03
N ASN I 992 -93.25 -15.17 -96.87
CA ASN I 992 -92.61 -14.88 -95.60
C ASN I 992 -91.56 -15.93 -95.29
N TRP I 993 -90.38 -15.48 -94.88
CA TRP I 993 -89.30 -16.35 -94.44
C TRP I 993 -89.05 -16.06 -92.97
N SER I 994 -89.46 -16.98 -92.11
CA SER I 994 -89.26 -16.87 -90.66
C SER I 994 -88.27 -17.92 -90.23
N PRO I 995 -86.98 -17.59 -90.13
CA PRO I 995 -85.99 -18.57 -89.66
C PRO I 995 -86.18 -18.92 -88.20
N MET I 996 -86.32 -17.88 -87.37
CA MET I 996 -86.36 -18.04 -85.93
C MET I 996 -87.61 -18.80 -85.48
N ALA I 997 -88.71 -18.64 -86.20
CA ALA I 997 -89.97 -19.32 -85.89
C ALA I 997 -90.40 -20.14 -87.09
N PRO I 998 -89.93 -21.38 -87.21
CA PRO I 998 -90.37 -22.24 -88.33
C PRO I 998 -91.78 -22.75 -88.08
N VAL I 999 -92.71 -22.35 -88.94
CA VAL I 999 -94.10 -22.76 -88.76
C VAL I 999 -94.27 -24.22 -89.17
N ALA I 1000 -93.50 -24.69 -90.14
CA ALA I 1000 -93.60 -26.07 -90.59
C ALA I 1000 -92.85 -26.99 -89.64
N ALA I 1001 -93.02 -28.28 -89.86
CA ALA I 1001 -92.21 -29.28 -89.18
C ALA I 1001 -90.77 -29.19 -89.66
N PRO I 1002 -89.81 -29.59 -88.83
CA PRO I 1002 -88.43 -29.72 -89.32
C PRO I 1002 -88.35 -30.83 -90.36
N PRO I 1003 -87.48 -30.68 -91.36
CA PRO I 1003 -87.50 -31.61 -92.50
C PRO I 1003 -87.06 -33.01 -92.12
N PHE I 1004 -86.04 -33.13 -91.28
CA PHE I 1004 -85.48 -34.41 -90.89
C PHE I 1004 -84.75 -34.23 -89.58
N VAL I 1005 -84.53 -35.35 -88.89
CA VAL I 1005 -83.80 -35.37 -87.64
C VAL I 1005 -82.71 -36.41 -87.74
N ARG I 1006 -81.85 -36.43 -86.72
CA ARG I 1006 -80.94 -37.55 -86.52
C ARG I 1006 -81.72 -38.84 -86.33
N GLY I 1007 -81.35 -39.87 -87.06
CA GLY I 1007 -82.01 -41.15 -86.95
C GLY I 1007 -83.26 -41.28 -87.80
N GLY I 1008 -83.55 -40.32 -88.66
CA GLY I 1008 -84.70 -40.38 -89.52
C GLY I 1008 -84.53 -41.38 -90.65
N PRO I 1009 -85.56 -41.53 -91.48
CA PRO I 1009 -85.43 -42.37 -92.67
C PRO I 1009 -84.40 -41.79 -93.63
N ASN I 1010 -83.46 -42.65 -94.02
CA ASN I 1010 -82.24 -42.43 -94.81
C ASN I 1010 -81.56 -41.09 -94.57
N VAL I 1011 -81.41 -40.72 -93.30
CA VAL I 1011 -80.65 -39.55 -92.88
C VAL I 1011 -79.33 -40.05 -92.31
N ARG I 1012 -78.24 -39.49 -92.82
CA ARG I 1012 -76.91 -40.03 -92.55
C ARG I 1012 -76.07 -39.04 -91.77
N VAL I 1013 -75.30 -39.56 -90.83
CA VAL I 1013 -74.52 -38.75 -89.90
C VAL I 1013 -73.05 -38.97 -90.19
N VAL I 1014 -72.28 -37.89 -90.25
CA VAL I 1014 -70.87 -37.96 -90.61
C VAL I 1014 -70.06 -38.41 -89.39
N GLY I 1015 -69.05 -39.23 -89.64
CA GLY I 1015 -68.10 -39.61 -88.61
C GLY I 1015 -67.24 -38.46 -88.13
N ARG I 1016 -66.28 -38.81 -87.27
CA ARG I 1016 -65.52 -37.82 -86.52
C ARG I 1016 -64.55 -37.02 -87.38
N PHE I 1017 -64.14 -37.57 -88.53
CA PHE I 1017 -63.14 -36.90 -89.33
C PHE I 1017 -63.74 -35.85 -90.27
N GLY I 1018 -64.95 -36.07 -90.74
CA GLY I 1018 -65.47 -35.23 -91.81
C GLY I 1018 -64.75 -35.50 -93.12
N THR I 1019 -64.57 -36.76 -93.45
CA THR I 1019 -63.72 -37.16 -94.56
C THR I 1019 -64.53 -37.53 -95.80
N ILE I 1020 -63.96 -37.22 -96.96
CA ILE I 1020 -64.57 -37.46 -98.25
C ILE I 1020 -63.58 -38.18 -99.14
N VAL I 1021 -63.96 -39.35 -99.64
CA VAL I 1021 -63.16 -40.09 -100.60
C VAL I 1021 -63.61 -39.71 -102.01
N PRO I 1022 -62.69 -39.43 -102.92
CA PRO I 1022 -63.08 -39.17 -104.31
C PRO I 1022 -63.20 -40.46 -105.09
N ARG I 1023 -64.14 -40.46 -106.02
CA ARG I 1023 -64.32 -41.64 -106.84
C ARG I 1023 -64.03 -41.30 -108.30
N PRO I 1024 -63.32 -42.16 -109.01
CA PRO I 1024 -62.78 -41.78 -110.32
C PRO I 1024 -63.77 -41.99 -111.46
N ASN I 1025 -63.49 -41.28 -112.55
CA ASN I 1025 -64.07 -41.50 -113.87
C ASN I 1025 -65.59 -41.29 -113.88
N GLY I 1026 -66.00 -40.10 -113.46
CA GLY I 1026 -67.40 -39.71 -113.55
C GLY I 1026 -68.26 -40.04 -112.35
N LEU I 1027 -67.77 -40.87 -111.44
CA LEU I 1027 -68.55 -41.17 -110.24
C LEU I 1027 -68.51 -39.99 -109.28
N GLU I 1028 -69.57 -39.86 -108.51
CA GLU I 1028 -69.69 -38.78 -107.55
C GLU I 1028 -68.79 -39.03 -106.34
N PRO I 1029 -68.31 -37.98 -105.68
CA PRO I 1029 -67.55 -38.18 -104.45
C PRO I 1029 -68.43 -38.70 -103.32
N GLN I 1030 -67.85 -39.57 -102.51
CA GLN I 1030 -68.55 -40.20 -101.41
C GLN I 1030 -68.17 -39.53 -100.10
N LEU I 1031 -69.09 -39.55 -99.15
CA LEU I 1031 -68.86 -39.00 -97.82
C LEU I 1031 -68.92 -40.13 -96.80
N ILE I 1032 -67.91 -40.20 -95.95
CA ILE I 1032 -67.84 -41.25 -94.94
C ILE I 1032 -68.84 -40.93 -93.84
N ASP I 1033 -69.71 -41.88 -93.53
CA ASP I 1033 -70.75 -41.64 -92.54
C ASP I 1033 -70.24 -42.00 -91.14
N ASP I 1034 -71.18 -42.09 -90.19
CA ASP I 1034 -70.84 -42.47 -88.82
C ASP I 1034 -70.43 -43.93 -88.70
N GLY I 1035 -70.87 -44.79 -89.61
CA GLY I 1035 -70.51 -46.18 -89.56
C GLY I 1035 -69.26 -46.52 -90.34
N ASN I 1036 -68.49 -45.48 -90.69
CA ASN I 1036 -67.26 -45.58 -91.48
C ASN I 1036 -67.51 -46.25 -92.83
N VAL I 1037 -68.60 -45.85 -93.47
CA VAL I 1037 -69.00 -46.38 -94.77
C VAL I 1037 -69.16 -45.19 -95.71
N PRO I 1038 -68.51 -45.20 -96.87
CA PRO I 1038 -68.67 -44.08 -97.81
C PRO I 1038 -70.06 -44.00 -98.42
N ARG I 1039 -70.81 -42.97 -98.03
CA ARG I 1039 -72.15 -42.74 -98.50
C ARG I 1039 -72.15 -41.56 -99.47
N ASP I 1040 -73.07 -41.59 -100.44
CA ASP I 1040 -73.13 -40.53 -101.43
C ASP I 1040 -73.64 -39.23 -100.81
N ILE I 1041 -73.30 -38.13 -101.47
CA ILE I 1041 -73.50 -36.80 -100.90
C ILE I 1041 -74.98 -36.42 -100.92
N ALA I 1042 -75.66 -36.66 -102.04
CA ALA I 1042 -77.02 -36.17 -102.23
C ALA I 1042 -77.99 -36.95 -101.35
N GLY I 1043 -78.63 -36.24 -100.42
CA GLY I 1043 -79.58 -36.83 -99.50
C GLY I 1043 -79.85 -35.93 -98.31
N ASP I 1044 -79.82 -36.48 -97.10
CA ASP I 1044 -80.03 -35.73 -95.88
C ASP I 1044 -78.88 -36.03 -94.92
N TRP I 1045 -78.09 -35.01 -94.61
CA TRP I 1045 -76.90 -35.21 -93.79
C TRP I 1045 -77.00 -34.49 -92.46
N VAL I 1046 -76.18 -34.95 -91.52
CA VAL I 1046 -76.10 -34.38 -90.18
C VAL I 1046 -74.63 -34.12 -89.88
N TYR I 1047 -74.24 -32.85 -89.82
CA TYR I 1047 -72.94 -32.74 -89.17
C TYR I 1047 -73.11 -32.54 -87.68
N PRO I 1048 -72.25 -33.14 -86.86
CA PRO I 1048 -71.93 -32.54 -85.57
C PRO I 1048 -71.14 -31.28 -85.81
N SER I 1049 -71.22 -30.35 -84.85
CA SER I 1049 -70.56 -29.05 -85.01
C SER I 1049 -69.06 -29.17 -84.97
N ASP I 1050 -68.54 -30.15 -84.22
CA ASP I 1050 -67.10 -30.33 -84.15
C ASP I 1050 -66.55 -30.87 -85.45
N VAL I 1051 -67.33 -31.73 -86.12
CA VAL I 1051 -66.97 -32.27 -87.43
C VAL I 1051 -66.91 -31.16 -88.47
N LEU I 1052 -67.78 -30.17 -88.36
CA LEU I 1052 -67.73 -29.04 -89.27
C LEU I 1052 -66.49 -28.18 -89.04
N GLN I 1053 -65.99 -28.14 -87.80
CA GLN I 1053 -64.81 -27.33 -87.50
C GLN I 1053 -63.51 -27.95 -88.00
N VAL I 1054 -63.46 -29.27 -88.20
CA VAL I 1054 -62.27 -29.90 -88.74
C VAL I 1054 -62.36 -30.10 -90.25
N SER I 1055 -63.56 -30.03 -90.81
CA SER I 1055 -63.82 -30.28 -92.22
C SER I 1055 -64.41 -29.04 -92.87
N VAL I 1056 -63.79 -27.88 -92.60
CA VAL I 1056 -64.33 -26.61 -93.06
C VAL I 1056 -64.28 -26.52 -94.58
N ALA I 1057 -63.07 -26.60 -95.13
CA ALA I 1057 -62.87 -26.48 -96.57
C ALA I 1057 -63.30 -27.72 -97.33
N VAL I 1058 -63.66 -28.80 -96.64
CA VAL I 1058 -64.18 -30.00 -97.30
C VAL I 1058 -65.70 -29.97 -97.34
N PHE I 1059 -66.34 -29.43 -96.30
CA PHE I 1059 -67.76 -29.10 -96.37
C PHE I 1059 -68.01 -28.06 -97.45
N ARG I 1060 -67.14 -27.06 -97.54
CA ARG I 1060 -67.40 -25.91 -98.41
C ARG I 1060 -67.17 -26.25 -99.88
N ASP I 1061 -66.16 -27.06 -100.18
CA ASP I 1061 -65.81 -27.32 -101.56
C ASP I 1061 -66.56 -28.49 -102.17
N TYR I 1062 -66.99 -29.45 -101.37
CA TYR I 1062 -67.61 -30.66 -101.92
C TYR I 1062 -69.10 -30.76 -101.68
N VAL I 1063 -69.56 -30.55 -100.46
CA VAL I 1063 -70.96 -30.79 -100.12
C VAL I 1063 -71.72 -29.50 -99.84
N TRP I 1064 -71.08 -28.36 -99.91
CA TRP I 1064 -71.83 -27.10 -99.96
C TRP I 1064 -72.39 -26.74 -101.34
N PRO I 1065 -71.71 -26.97 -102.48
CA PRO I 1065 -72.40 -26.77 -103.76
C PRO I 1065 -73.59 -27.69 -103.97
N MET I 1066 -73.60 -28.87 -103.36
CA MET I 1066 -74.78 -29.71 -103.43
C MET I 1066 -75.92 -29.19 -102.57
N VAL I 1067 -75.68 -28.24 -101.67
CA VAL I 1067 -76.78 -27.58 -100.97
C VAL I 1067 -77.34 -26.45 -101.81
N LYS I 1068 -76.46 -25.69 -102.48
CA LYS I 1068 -76.91 -24.62 -103.37
C LYS I 1068 -77.71 -25.15 -104.55
N ALA I 1069 -77.38 -26.35 -105.02
CA ALA I 1069 -78.21 -26.98 -106.05
C ALA I 1069 -79.52 -27.48 -105.50
N GLY I 1070 -79.63 -27.66 -104.19
CA GLY I 1070 -80.82 -28.22 -103.58
C GLY I 1070 -80.86 -29.72 -103.55
N ARG I 1071 -79.84 -30.40 -104.05
CA ARG I 1071 -79.87 -31.85 -104.11
C ARG I 1071 -79.50 -32.51 -102.79
N THR I 1072 -79.07 -31.77 -101.78
CA THR I 1072 -78.86 -32.35 -100.47
C THR I 1072 -79.22 -31.33 -99.39
N ARG I 1073 -79.44 -31.83 -98.18
CA ARG I 1073 -79.90 -31.03 -97.06
C ARG I 1073 -79.08 -31.43 -95.85
N VAL I 1074 -78.26 -30.53 -95.33
CA VAL I 1074 -77.41 -30.88 -94.20
C VAL I 1074 -77.98 -30.29 -92.93
N LEU I 1075 -77.62 -30.91 -91.82
CA LEU I 1075 -78.02 -30.48 -90.48
C LEU I 1075 -76.73 -30.23 -89.71
N VAL I 1076 -76.62 -29.06 -89.12
CA VAL I 1076 -75.44 -28.71 -88.31
C VAL I 1076 -75.89 -28.91 -86.87
N GLU I 1077 -75.66 -30.10 -86.34
CA GLU I 1077 -76.12 -30.44 -85.01
C GLU I 1077 -75.19 -29.82 -83.97
N LEU I 1078 -75.75 -28.98 -83.12
CA LEU I 1078 -74.99 -28.37 -82.05
C LEU I 1078 -75.96 -28.03 -80.93
N GLY I 1079 -75.41 -27.84 -79.74
CA GLY I 1079 -76.25 -27.58 -78.58
C GLY I 1079 -76.91 -26.23 -78.63
N HIS I 1080 -76.12 -25.17 -78.46
CA HIS I 1080 -76.62 -23.82 -78.46
C HIS I 1080 -75.63 -22.93 -79.19
N TYR I 1081 -76.11 -21.75 -79.60
CA TYR I 1081 -75.28 -20.90 -80.42
C TYR I 1081 -75.74 -19.46 -80.30
N VAL I 1082 -74.81 -18.56 -80.45
CA VAL I 1082 -75.11 -17.15 -80.61
C VAL I 1082 -75.61 -16.94 -82.03
N TYR I 1083 -76.66 -16.15 -82.19
CA TYR I 1083 -77.23 -15.89 -83.49
C TYR I 1083 -77.11 -14.42 -83.83
N THR I 1084 -76.70 -14.13 -85.06
CA THR I 1084 -76.67 -12.78 -85.60
C THR I 1084 -77.78 -12.65 -86.62
N LEU I 1085 -78.66 -11.69 -86.43
CA LEU I 1085 -79.75 -11.49 -87.36
C LEU I 1085 -79.38 -10.42 -88.37
N HIS I 1086 -79.70 -10.69 -89.64
CA HIS I 1086 -79.51 -9.75 -90.72
C HIS I 1086 -80.88 -9.39 -91.29
N TYR I 1087 -81.20 -8.10 -91.30
CA TYR I 1087 -82.48 -7.64 -91.82
C TYR I 1087 -82.27 -6.97 -93.16
N TYR I 1088 -83.22 -7.18 -94.07
CA TYR I 1088 -83.10 -6.71 -95.43
C TYR I 1088 -84.45 -6.21 -95.92
N ASP I 1089 -84.41 -5.43 -96.98
CA ASP I 1089 -85.62 -4.99 -97.65
C ASP I 1089 -86.14 -6.12 -98.52
N PRO I 1090 -87.38 -6.59 -98.31
CA PRO I 1090 -87.93 -7.62 -99.20
C PRO I 1090 -88.32 -7.13 -100.58
N GLN I 1091 -88.20 -5.83 -100.86
CA GLN I 1091 -88.32 -5.34 -102.23
C GLN I 1091 -87.19 -5.88 -103.08
N ILE I 1092 -85.96 -5.55 -102.72
CA ILE I 1092 -84.77 -5.97 -103.44
C ILE I 1092 -84.47 -7.43 -103.12
N SER I 1093 -84.10 -8.19 -104.14
CA SER I 1093 -83.80 -9.61 -103.97
C SER I 1093 -82.52 -9.81 -103.16
N LEU I 1094 -82.42 -11.00 -102.56
CA LEU I 1094 -81.28 -11.37 -101.75
C LEU I 1094 -81.01 -12.86 -101.96
N ASP I 1095 -79.73 -13.22 -101.85
CA ASP I 1095 -79.31 -14.61 -101.77
C ASP I 1095 -78.47 -14.77 -100.51
N GLU I 1096 -78.84 -15.72 -99.67
CA GLU I 1096 -78.23 -15.82 -98.35
C GLU I 1096 -76.84 -16.43 -98.39
N ALA I 1097 -76.46 -17.08 -99.50
CA ALA I 1097 -75.20 -17.80 -99.59
C ALA I 1097 -73.94 -16.94 -99.50
N PRO I 1098 -73.84 -15.72 -100.08
CA PRO I 1098 -72.67 -14.89 -99.75
C PRO I 1098 -72.64 -14.45 -98.29
N ILE I 1099 -73.80 -14.27 -97.68
CA ILE I 1099 -73.87 -13.97 -96.26
C ILE I 1099 -73.51 -15.19 -95.42
N LEU I 1100 -73.71 -16.38 -95.98
CA LEU I 1100 -73.46 -17.61 -95.25
C LEU I 1100 -72.13 -18.26 -95.59
N GLU I 1101 -71.60 -18.05 -96.79
CA GLU I 1101 -70.22 -18.46 -97.07
C GLU I 1101 -69.22 -17.66 -96.28
N GLU I 1102 -69.56 -16.42 -95.90
CA GLU I 1102 -68.73 -15.66 -94.99
C GLU I 1102 -68.69 -16.31 -93.61
N TRP I 1103 -69.79 -16.94 -93.20
CA TRP I 1103 -69.79 -17.66 -91.93
C TRP I 1103 -68.93 -18.91 -92.01
N LEU I 1104 -69.00 -19.64 -93.12
CA LEU I 1104 -68.21 -20.86 -93.27
C LEU I 1104 -66.74 -20.56 -93.45
N SER I 1105 -66.41 -19.39 -93.99
CA SER I 1105 -65.01 -19.04 -94.20
C SER I 1105 -64.29 -18.72 -92.90
N LYS I 1106 -65.03 -18.32 -91.86
CA LYS I 1106 -64.42 -17.92 -90.60
C LYS I 1106 -64.47 -19.02 -89.54
N ILE I 1107 -64.98 -20.20 -89.88
CA ILE I 1107 -65.00 -21.32 -88.93
C ILE I 1107 -63.60 -21.89 -88.82
N ASN I 1108 -63.06 -21.86 -87.62
CA ASN I 1108 -61.77 -22.44 -87.28
C ASN I 1108 -61.99 -23.72 -86.50
N PRO I 1109 -60.93 -24.51 -86.30
CA PRO I 1109 -60.99 -25.51 -85.22
C PRO I 1109 -61.08 -24.89 -83.84
N ALA I 1110 -60.70 -23.62 -83.68
CA ALA I 1110 -60.90 -22.92 -82.43
C ALA I 1110 -62.39 -22.74 -82.11
N GLY I 1111 -63.15 -22.20 -83.05
CA GLY I 1111 -64.58 -22.07 -82.83
C GLY I 1111 -65.26 -21.42 -84.01
N ILE I 1112 -66.57 -21.22 -83.85
CA ILE I 1112 -67.44 -20.80 -84.94
C ILE I 1112 -67.94 -19.38 -84.69
N PRO I 1113 -68.26 -18.62 -85.73
CA PRO I 1113 -68.84 -17.29 -85.54
C PRO I 1113 -70.27 -17.39 -85.09
N PRO I 1114 -70.90 -16.29 -84.67
CA PRO I 1114 -72.35 -16.32 -84.45
C PRO I 1114 -73.09 -16.55 -85.76
N VAL I 1115 -74.13 -17.37 -85.69
CA VAL I 1115 -74.75 -17.90 -86.91
C VAL I 1115 -75.61 -16.83 -87.56
N PRO I 1116 -75.39 -16.52 -88.82
CA PRO I 1116 -76.19 -15.49 -89.49
C PRO I 1116 -77.55 -16.01 -89.92
N PHE I 1117 -78.52 -15.10 -89.92
CA PHE I 1117 -79.88 -15.38 -90.36
C PHE I 1117 -80.40 -14.16 -91.09
N CYS I 1118 -81.04 -14.38 -92.22
CA CYS I 1118 -81.68 -13.31 -92.97
C CYS I 1118 -83.18 -13.33 -92.70
N ILE I 1119 -83.67 -12.27 -92.06
CA ILE I 1119 -85.09 -12.08 -91.81
C ILE I 1119 -85.53 -10.85 -92.59
N PRO I 1120 -86.59 -10.93 -93.40
CA PRO I 1120 -87.04 -9.74 -94.11
C PRO I 1120 -87.68 -8.75 -93.16
N ILE I 1121 -87.41 -7.47 -93.40
CA ILE I 1121 -88.04 -6.39 -92.66
C ILE I 1121 -89.52 -6.41 -93.01
N PRO I 1122 -90.41 -6.63 -92.04
CA PRO I 1122 -91.83 -6.80 -92.36
C PRO I 1122 -92.48 -5.47 -92.75
N GLN I 1123 -93.15 -5.48 -93.89
CA GLN I 1123 -93.62 -4.25 -94.51
C GLN I 1123 -95.05 -3.94 -94.08
N VAL I 1124 -95.42 -2.67 -94.26
CA VAL I 1124 -96.72 -2.18 -93.85
C VAL I 1124 -97.71 -2.11 -95.00
N TYR I 1125 -97.26 -2.29 -96.23
CA TYR I 1125 -98.09 -2.13 -97.40
C TYR I 1125 -98.04 -3.42 -98.22
N PRO I 1126 -99.18 -3.83 -98.82
CA PRO I 1126 -99.23 -5.14 -99.49
C PRO I 1126 -98.39 -5.18 -100.76
N CYS I 1127 -97.10 -5.41 -100.57
CA CYS I 1127 -96.12 -5.25 -101.62
C CYS I 1127 -96.00 -6.49 -102.49
N ILE I 1128 -95.29 -6.32 -103.60
CA ILE I 1128 -94.78 -7.43 -104.37
C ILE I 1128 -93.36 -7.69 -103.90
N THR I 1129 -92.93 -8.94 -104.03
CA THR I 1129 -91.71 -9.40 -103.39
C THR I 1129 -90.89 -10.16 -104.42
N ALA I 1130 -89.58 -10.05 -104.33
CA ALA I 1130 -88.70 -10.82 -105.20
C ALA I 1130 -88.53 -12.24 -104.66
N ARG I 1131 -88.36 -13.19 -105.58
CA ARG I 1131 -87.94 -14.52 -105.20
C ARG I 1131 -86.54 -14.46 -104.63
N ARG I 1132 -86.40 -14.81 -103.36
CA ARG I 1132 -85.13 -14.78 -102.68
C ARG I 1132 -84.83 -16.16 -102.12
N VAL I 1133 -83.56 -16.53 -102.14
CA VAL I 1133 -83.15 -17.90 -101.85
C VAL I 1133 -82.41 -17.89 -100.52
N HIS I 1134 -83.06 -18.41 -99.48
CA HIS I 1134 -82.47 -18.46 -98.16
C HIS I 1134 -82.07 -19.88 -97.81
N TYR I 1135 -81.00 -20.01 -97.03
CA TYR I 1135 -80.47 -21.31 -96.65
C TYR I 1135 -80.57 -21.59 -95.16
N ALA I 1136 -79.99 -20.73 -94.33
CA ALA I 1136 -79.86 -21.03 -92.91
C ALA I 1136 -81.13 -20.69 -92.16
N PHE I 1137 -81.64 -21.67 -91.41
CA PHE I 1137 -82.72 -21.45 -90.47
C PHE I 1137 -82.61 -22.50 -89.37
N THR I 1138 -83.44 -22.38 -88.35
CA THR I 1138 -83.28 -23.19 -87.17
C THR I 1138 -84.44 -24.16 -86.98
N SER I 1139 -84.23 -25.12 -86.10
CA SER I 1139 -85.19 -26.19 -85.81
C SER I 1139 -86.20 -25.78 -84.74
N GLU I 1140 -85.70 -25.40 -83.57
CA GLU I 1140 -86.56 -25.00 -82.47
C GLU I 1140 -87.04 -23.56 -82.72
N ASN I 1141 -88.22 -23.23 -82.19
CA ASN I 1141 -88.69 -21.85 -82.21
C ASN I 1141 -87.78 -21.02 -81.31
N ASN I 1142 -86.94 -20.20 -81.92
CA ASN I 1142 -86.04 -19.30 -81.20
C ASN I 1142 -86.43 -17.85 -81.33
N ASN I 1143 -87.69 -17.58 -81.68
CA ASN I 1143 -88.18 -16.23 -81.89
C ASN I 1143 -88.83 -15.70 -80.61
N ASP I 1144 -88.11 -15.76 -79.49
CA ASP I 1144 -88.71 -15.53 -78.20
C ASP I 1144 -88.66 -14.06 -77.78
N SER I 1145 -87.86 -13.25 -78.45
CA SER I 1145 -87.67 -11.85 -78.06
C SER I 1145 -87.91 -10.92 -79.23
N LEU I 1146 -89.01 -11.13 -79.95
CA LEU I 1146 -89.29 -10.31 -81.13
C LEU I 1146 -90.14 -9.08 -80.80
N PHE I 1147 -91.22 -9.29 -80.05
CA PHE I 1147 -92.01 -8.28 -79.35
C PHE I 1147 -92.86 -7.37 -80.24
N SER I 1148 -92.61 -7.34 -81.55
CA SER I 1148 -93.35 -6.45 -82.44
C SER I 1148 -93.07 -6.85 -83.88
N THR I 1149 -93.89 -6.35 -84.77
CA THR I 1149 -93.59 -6.50 -86.18
C THR I 1149 -93.64 -5.20 -86.96
N ASN I 1150 -94.56 -4.29 -86.63
CA ASN I 1150 -94.58 -2.93 -87.13
C ASN I 1150 -95.20 -2.10 -86.01
N ALA I 1151 -94.35 -1.56 -85.15
CA ALA I 1151 -94.85 -1.03 -83.89
C ALA I 1151 -95.57 0.29 -84.09
N ALA I 1152 -94.96 1.22 -84.81
CA ALA I 1152 -95.57 2.53 -85.03
C ALA I 1152 -96.59 2.53 -86.16
N SER I 1153 -96.78 1.41 -86.83
CA SER I 1153 -97.73 1.34 -87.92
C SER I 1153 -99.10 0.92 -87.39
N ILE I 1154 -100.04 0.66 -88.30
CA ILE I 1154 -101.39 0.29 -87.89
C ILE I 1154 -101.59 -1.21 -88.04
N ASP I 1155 -100.85 -1.83 -88.96
CA ASP I 1155 -101.02 -3.23 -89.30
C ASP I 1155 -99.85 -3.67 -90.15
N THR I 1156 -99.39 -4.90 -89.94
CA THR I 1156 -98.38 -5.49 -90.80
C THR I 1156 -99.04 -6.14 -92.02
N ALA I 1157 -98.33 -6.09 -93.15
CA ALA I 1157 -98.89 -6.56 -94.40
C ALA I 1157 -98.18 -7.80 -94.93
N PHE I 1158 -96.86 -7.72 -95.13
CA PHE I 1158 -96.15 -8.84 -95.73
C PHE I 1158 -95.58 -9.80 -94.69
N GLY I 1159 -94.92 -9.27 -93.68
CA GLY I 1159 -94.22 -10.10 -92.71
C GLY I 1159 -95.13 -10.80 -91.73
N GLU I 1160 -94.53 -11.21 -90.62
CA GLU I 1160 -95.27 -11.93 -89.60
C GLU I 1160 -96.20 -10.98 -88.84
N ASN I 1161 -97.28 -11.56 -88.29
CA ASN I 1161 -98.22 -10.80 -87.46
C ASN I 1161 -97.84 -10.95 -85.99
N ALA I 1162 -96.71 -10.35 -85.66
CA ALA I 1162 -96.14 -10.42 -84.32
C ALA I 1162 -96.62 -9.22 -83.53
N ALA I 1163 -97.80 -9.36 -82.92
CA ALA I 1163 -98.29 -8.32 -82.04
C ALA I 1163 -97.51 -8.35 -80.72
N VAL I 1164 -97.69 -7.28 -79.94
CA VAL I 1164 -97.06 -7.22 -78.62
C VAL I 1164 -97.74 -8.24 -77.72
N SER I 1165 -96.94 -9.14 -77.16
CA SER I 1165 -97.48 -10.31 -76.47
C SER I 1165 -98.07 -9.93 -75.13
N PRO I 1166 -99.33 -10.25 -74.86
CA PRO I 1166 -99.88 -10.01 -73.52
C PRO I 1166 -99.39 -11.00 -72.49
N LEU I 1167 -98.86 -12.15 -72.91
CA LEU I 1167 -98.31 -13.10 -71.97
C LEU I 1167 -97.03 -12.58 -71.33
N ARG I 1168 -96.32 -11.70 -72.05
CA ARG I 1168 -95.17 -11.02 -71.49
C ARG I 1168 -95.59 -9.99 -70.45
N TRP I 1169 -96.81 -9.48 -70.54
CA TRP I 1169 -97.30 -8.41 -69.68
C TRP I 1169 -98.58 -8.79 -68.91
N PRO I 1170 -98.52 -9.73 -67.96
CA PRO I 1170 -99.74 -10.02 -67.20
C PRO I 1170 -100.12 -8.92 -66.23
N GLY I 1171 -99.16 -8.24 -65.61
CA GLY I 1171 -99.48 -7.23 -64.63
C GLY I 1171 -100.08 -5.96 -65.20
N LEU I 1172 -100.07 -5.80 -66.52
CA LEU I 1172 -100.59 -4.60 -67.15
C LEU I 1172 -101.94 -4.79 -67.82
N VAL I 1173 -102.19 -5.93 -68.46
CA VAL I 1173 -103.39 -6.09 -69.26
C VAL I 1173 -104.33 -7.16 -68.75
N ASP I 1174 -103.90 -8.07 -67.89
CA ASP I 1174 -104.75 -9.20 -67.50
C ASP I 1174 -105.71 -8.77 -66.41
N PRO I 1175 -107.03 -8.97 -66.59
CA PRO I 1175 -107.95 -8.70 -65.49
C PRO I 1175 -107.84 -9.70 -64.35
N ASN I 1176 -107.36 -10.91 -64.62
CA ASN I 1176 -107.23 -11.94 -63.59
C ASN I 1176 -105.87 -11.92 -62.93
N TYR I 1177 -105.14 -10.82 -63.03
CA TYR I 1177 -103.82 -10.71 -62.39
C TYR I 1177 -103.99 -10.43 -60.92
N ARG I 1178 -103.50 -11.34 -60.08
CA ARG I 1178 -103.36 -11.06 -58.66
C ARG I 1178 -102.01 -10.39 -58.43
N VAL I 1179 -101.97 -9.52 -57.42
CA VAL I 1179 -100.75 -8.78 -57.12
C VAL I 1179 -99.71 -9.73 -56.54
N GLY I 1180 -98.45 -9.53 -56.93
CA GLY I 1180 -97.38 -10.35 -56.41
C GLY I 1180 -97.31 -11.74 -56.97
N THR I 1181 -97.83 -11.96 -58.17
CA THR I 1181 -97.77 -13.26 -58.82
C THR I 1181 -96.95 -13.16 -60.10
N ASN I 1182 -96.18 -14.21 -60.36
CA ASN I 1182 -95.39 -14.28 -61.59
C ASN I 1182 -95.16 -15.73 -61.97
N ASP I 1183 -94.93 -15.95 -63.26
CA ASP I 1183 -94.44 -17.23 -63.75
C ASP I 1183 -92.94 -17.17 -63.97
N LEU I 1184 -92.24 -16.96 -62.86
CA LEU I 1184 -90.82 -16.58 -62.89
C LEU I 1184 -89.85 -17.58 -63.50
N PRO I 1185 -89.91 -18.91 -63.26
CA PRO I 1185 -88.91 -19.78 -63.92
C PRO I 1185 -89.09 -19.93 -65.41
N ASN I 1186 -90.21 -19.49 -65.99
CA ASN I 1186 -90.47 -19.67 -67.41
C ASN I 1186 -90.54 -18.36 -68.18
N ARG I 1187 -91.39 -17.42 -67.76
CA ARG I 1187 -91.56 -16.17 -68.47
C ARG I 1187 -91.20 -15.01 -67.55
N ILE I 1188 -90.36 -14.13 -68.05
CA ILE I 1188 -89.91 -12.99 -67.25
C ILE I 1188 -90.85 -11.84 -67.58
N THR I 1189 -91.80 -11.62 -66.67
CA THR I 1189 -92.83 -10.60 -66.82
C THR I 1189 -92.24 -9.20 -66.75
N LEU I 1190 -92.51 -8.38 -67.76
CA LEU I 1190 -91.94 -7.05 -67.85
C LEU I 1190 -92.74 -5.98 -67.11
N TYR I 1191 -93.78 -6.35 -66.38
CA TYR I 1191 -94.53 -5.35 -65.62
C TYR I 1191 -95.10 -6.04 -64.40
N ASN I 1192 -94.49 -5.81 -63.24
CA ASN I 1192 -94.87 -6.47 -62.00
C ASN I 1192 -95.12 -5.44 -60.91
N SER I 1193 -95.43 -5.94 -59.73
CA SER I 1193 -95.56 -5.14 -58.53
C SER I 1193 -94.39 -5.45 -57.61
N LEU I 1194 -93.99 -4.46 -56.81
CA LEU I 1194 -92.78 -4.63 -56.02
C LEU I 1194 -92.83 -3.73 -54.78
N TYR I 1195 -91.93 -4.02 -53.86
CA TYR I 1195 -91.66 -3.17 -52.71
C TYR I 1195 -90.52 -2.21 -53.05
N ARG I 1196 -90.56 -1.03 -52.45
CA ARG I 1196 -89.42 -0.14 -52.45
C ARG I 1196 -89.18 0.38 -51.04
N TYR I 1197 -87.91 0.64 -50.74
CA TYR I 1197 -87.43 0.75 -49.38
C TYR I 1197 -86.81 2.11 -49.13
N ASN I 1198 -86.84 2.55 -47.88
CA ASN I 1198 -86.28 3.83 -47.45
C ASN I 1198 -85.36 3.64 -46.26
N PHE I 1199 -84.43 2.69 -46.38
CA PHE I 1199 -83.57 2.30 -45.28
C PHE I 1199 -82.55 3.39 -44.98
N THR I 1200 -82.70 4.04 -43.84
CA THR I 1200 -81.63 4.89 -43.34
C THR I 1200 -80.51 4.03 -42.78
N TYR I 1201 -79.30 4.58 -42.78
CA TYR I 1201 -78.07 3.81 -42.55
C TYR I 1201 -77.31 4.38 -41.37
N PRO I 1202 -77.76 4.14 -40.15
CA PRO I 1202 -77.13 4.80 -39.00
C PRO I 1202 -75.83 4.11 -38.61
N THR I 1203 -74.87 4.92 -38.19
CA THR I 1203 -73.65 4.39 -37.62
C THR I 1203 -73.89 4.04 -36.15
N LEU I 1204 -72.86 3.52 -35.50
CA LEU I 1204 -73.00 3.15 -34.10
C LEU I 1204 -73.12 4.36 -33.19
N ASP I 1205 -72.64 5.52 -33.64
CA ASP I 1205 -72.95 6.76 -32.95
C ASP I 1205 -74.43 7.12 -33.09
N GLY I 1206 -75.03 6.78 -34.23
CA GLY I 1206 -76.44 7.03 -34.44
C GLY I 1206 -77.36 6.02 -33.80
N ILE I 1207 -76.82 4.88 -33.35
CA ILE I 1207 -77.62 3.89 -32.65
C ILE I 1207 -77.56 4.15 -31.16
N MET I 1208 -76.36 4.10 -30.59
CA MET I 1208 -76.16 4.26 -29.16
C MET I 1208 -75.33 5.49 -28.87
N TYR I 1209 -75.38 5.94 -27.62
CA TYR I 1209 -74.54 7.05 -27.21
C TYR I 1209 -73.16 6.53 -26.83
N VAL I 1210 -72.13 7.22 -27.30
CA VAL I 1210 -70.75 6.81 -27.09
C VAL I 1210 -70.06 7.87 -26.26
N ARG I 1211 -69.52 7.48 -25.11
CA ARG I 1211 -68.86 8.41 -24.21
C ARG I 1211 -67.48 7.92 -23.81
N SER J 15 -66.25 -5.98 -186.42
CA SER J 15 -65.91 -5.15 -185.27
C SER J 15 -66.21 -5.87 -183.96
N PRO J 16 -65.24 -5.87 -183.05
CA PRO J 16 -65.45 -6.49 -181.75
C PRO J 16 -66.39 -5.65 -180.88
N ALA J 17 -66.98 -6.33 -179.89
CA ALA J 17 -67.94 -5.75 -178.94
C ALA J 17 -69.14 -5.13 -179.65
N ASP J 18 -69.55 -5.74 -180.74
CA ASP J 18 -70.69 -5.26 -181.51
C ASP J 18 -71.62 -6.43 -181.82
N THR J 19 -71.04 -7.63 -181.84
CA THR J 19 -71.84 -8.83 -182.07
C THR J 19 -72.44 -9.34 -180.77
N ASN J 20 -71.68 -9.23 -179.67
CA ASN J 20 -72.04 -9.80 -178.38
C ASN J 20 -72.61 -8.77 -177.42
N VAL J 21 -73.41 -7.84 -177.93
CA VAL J 21 -74.05 -6.83 -177.10
C VAL J 21 -75.20 -7.49 -176.33
N VAL J 22 -75.15 -7.42 -175.01
CA VAL J 22 -76.18 -7.97 -174.13
C VAL J 22 -76.70 -6.84 -173.27
N PRO J 23 -77.89 -6.98 -172.67
CA PRO J 23 -78.32 -6.01 -171.66
C PRO J 23 -77.40 -6.01 -170.45
N ALA J 24 -77.25 -4.83 -169.86
CA ALA J 24 -76.25 -4.61 -168.82
C ALA J 24 -76.74 -5.10 -167.46
N LYS J 25 -75.90 -4.93 -166.46
CA LYS J 25 -76.23 -5.30 -165.09
C LYS J 25 -77.29 -4.36 -164.54
N ASP J 26 -78.35 -4.94 -163.96
CA ASP J 26 -79.57 -4.25 -163.52
C ASP J 26 -80.17 -3.45 -164.67
N ALA J 27 -80.53 -4.18 -165.73
CA ALA J 27 -80.93 -3.56 -166.98
C ALA J 27 -82.25 -2.77 -166.94
N PRO J 28 -83.33 -3.19 -166.25
CA PRO J 28 -84.50 -2.30 -166.22
C PRO J 28 -84.30 -1.07 -165.36
N THR J 29 -83.54 -1.17 -164.27
CA THR J 29 -83.38 -0.09 -163.31
C THR J 29 -81.97 0.49 -163.36
N THR J 30 -81.38 0.55 -164.54
CA THR J 30 -80.05 1.14 -164.68
C THR J 30 -80.11 2.67 -164.61
N ASN J 31 -80.93 3.27 -165.46
CA ASN J 31 -80.97 4.72 -165.64
C ASN J 31 -82.20 5.34 -164.99
N SER J 32 -82.63 4.82 -163.85
CA SER J 32 -83.82 5.35 -163.19
C SER J 32 -83.42 6.40 -162.15
N PRO J 33 -84.06 7.57 -162.16
CA PRO J 33 -83.69 8.61 -161.20
C PRO J 33 -84.44 8.42 -159.90
N PRO J 34 -83.93 8.96 -158.80
CA PRO J 34 -84.65 8.86 -157.51
C PRO J 34 -85.89 9.74 -157.47
N SER J 35 -86.95 9.34 -158.15
CA SER J 35 -88.20 10.08 -158.18
C SER J 35 -89.21 9.42 -157.25
N THR J 36 -89.87 10.23 -156.43
CA THR J 36 -90.87 9.74 -155.48
C THR J 36 -92.27 10.24 -155.80
N THR J 37 -92.45 10.95 -156.91
CA THR J 37 -93.76 11.46 -157.29
C THR J 37 -94.48 10.50 -158.22
N SER J 38 -93.86 10.19 -159.36
CA SER J 38 -94.38 9.19 -160.29
C SER J 38 -93.17 8.44 -160.83
N PRO J 39 -92.80 7.34 -160.17
CA PRO J 39 -91.53 6.68 -160.53
C PRO J 39 -91.56 6.00 -161.89
N ASN J 40 -92.62 5.28 -162.20
CA ASN J 40 -92.70 4.58 -163.47
C ASN J 40 -92.89 5.56 -164.63
N GLN J 41 -93.48 6.72 -164.37
CA GLN J 41 -93.61 7.73 -165.41
C GLN J 41 -92.28 8.41 -165.68
N ALA J 42 -91.50 8.68 -164.63
CA ALA J 42 -90.22 9.34 -164.80
C ALA J 42 -89.15 8.38 -165.31
N ALA J 43 -89.28 7.08 -165.01
CA ALA J 43 -88.30 6.12 -165.50
C ALA J 43 -88.43 5.91 -167.00
N ALA J 44 -89.62 6.08 -167.56
CA ALA J 44 -89.77 6.05 -169.00
C ALA J 44 -89.23 7.31 -169.64
N ASP J 45 -89.36 8.45 -168.98
CA ASP J 45 -88.81 9.69 -169.49
C ASP J 45 -87.29 9.73 -169.34
N ALA J 46 -86.74 9.00 -168.38
CA ALA J 46 -85.29 8.93 -168.25
C ALA J 46 -84.68 8.01 -169.30
N ASN J 47 -85.38 6.90 -169.61
CA ASN J 47 -84.96 6.06 -170.73
C ASN J 47 -85.25 6.70 -172.07
N GLN J 48 -86.10 7.73 -172.10
CA GLN J 48 -86.39 8.45 -173.32
C GLN J 48 -85.18 9.23 -173.80
N GLN J 49 -84.64 10.11 -172.95
CA GLN J 49 -83.51 10.93 -173.33
C GLN J 49 -82.20 10.18 -173.28
N GLN J 50 -82.14 9.04 -172.58
CA GLN J 50 -80.91 8.24 -172.59
C GLN J 50 -80.73 7.57 -173.94
N ALA J 51 -81.83 7.11 -174.55
CA ALA J 51 -81.76 6.59 -175.91
C ALA J 51 -81.59 7.71 -176.93
N GLY J 52 -81.87 8.95 -176.55
CA GLY J 52 -81.76 10.07 -177.45
C GLY J 52 -83.00 10.35 -178.27
N ILE J 53 -84.08 9.63 -178.03
CA ILE J 53 -85.31 9.81 -178.81
C ILE J 53 -86.01 11.05 -178.28
N VAL J 54 -86.05 12.10 -179.11
CA VAL J 54 -86.58 13.39 -178.69
C VAL J 54 -88.10 13.31 -178.58
N SER J 55 -88.66 13.95 -177.55
CA SER J 55 -90.09 13.92 -177.27
C SER J 55 -90.94 14.63 -178.31
N SER J 56 -90.34 15.37 -179.25
CA SER J 56 -91.11 15.88 -180.37
C SER J 56 -91.23 14.85 -181.48
N GLN J 57 -90.24 13.96 -181.62
CA GLN J 57 -90.28 12.95 -182.66
C GLN J 57 -91.24 11.82 -182.33
N SER J 58 -91.46 11.57 -181.04
CA SER J 58 -92.42 10.58 -180.58
C SER J 58 -93.59 11.31 -179.94
N GLY J 59 -94.78 11.12 -180.49
CA GLY J 59 -95.94 11.87 -180.06
C GLY J 59 -96.70 11.13 -178.98
N PRO J 60 -97.82 10.51 -179.36
CA PRO J 60 -98.61 9.74 -178.38
C PRO J 60 -97.92 8.48 -177.88
N ASN J 61 -96.80 8.06 -178.46
CA ASN J 61 -96.10 6.87 -177.99
C ASN J 61 -95.39 7.08 -176.66
N ALA J 62 -95.18 8.33 -176.24
CA ALA J 62 -94.43 8.62 -175.01
C ALA J 62 -95.25 9.44 -174.01
N VAL J 63 -96.57 9.54 -174.19
CA VAL J 63 -97.37 10.33 -173.27
C VAL J 63 -97.58 9.58 -171.96
N GLY J 64 -98.24 8.43 -172.02
CA GLY J 64 -98.41 7.63 -170.82
C GLY J 64 -97.75 6.28 -170.96
N ASP J 65 -96.67 6.08 -170.22
CA ASP J 65 -95.92 4.83 -170.28
C ASP J 65 -95.16 4.62 -168.99
N SER J 66 -94.88 3.36 -168.69
CA SER J 66 -94.21 2.97 -167.46
C SER J 66 -92.95 2.20 -167.78
N ALA J 67 -91.91 2.46 -167.01
CA ALA J 67 -90.67 1.70 -167.04
C ALA J 67 -90.33 1.29 -165.62
N PRO J 68 -89.69 0.15 -165.42
CA PRO J 68 -89.32 -0.28 -164.07
C PRO J 68 -88.29 0.64 -163.45
N SER J 69 -88.62 1.19 -162.29
CA SER J 69 -87.78 2.14 -161.59
C SER J 69 -87.18 1.50 -160.34
N SER J 70 -86.13 2.14 -159.82
CA SER J 70 -85.47 1.64 -158.62
C SER J 70 -86.29 1.95 -157.37
N SER J 71 -87.05 3.04 -157.37
CA SER J 71 -87.78 3.44 -156.18
C SER J 71 -89.10 2.68 -155.99
N VAL J 72 -89.52 1.86 -156.94
CA VAL J 72 -90.63 0.94 -156.75
C VAL J 72 -90.04 -0.45 -156.57
N ASN J 73 -90.39 -1.09 -155.45
CA ASN J 73 -89.87 -2.42 -155.15
C ASN J 73 -90.65 -3.48 -155.93
N ASN J 74 -90.47 -4.75 -155.57
CA ASN J 74 -91.20 -5.82 -156.22
C ASN J 74 -92.67 -5.84 -155.80
N ASP J 75 -93.00 -5.22 -154.67
CA ASP J 75 -94.39 -4.98 -154.33
C ASP J 75 -94.86 -3.69 -155.00
N GLY J 76 -96.10 -3.29 -154.71
CA GLY J 76 -96.67 -2.14 -155.40
C GLY J 76 -96.23 -0.79 -154.90
N ASP J 77 -95.74 -0.70 -153.67
CA ASP J 77 -95.55 0.60 -153.03
C ASP J 77 -94.23 1.26 -153.44
N ILE J 78 -94.23 2.58 -153.39
CA ILE J 78 -93.07 3.39 -153.72
C ILE J 78 -92.15 3.45 -152.50
N ILE J 79 -90.87 3.15 -152.70
CA ILE J 79 -89.93 3.08 -151.60
C ILE J 79 -88.85 4.14 -151.83
N THR J 80 -88.18 4.52 -150.73
CA THR J 80 -87.12 5.53 -150.80
C THR J 80 -85.73 4.90 -150.79
N ARG J 81 -85.44 4.15 -149.75
CA ARG J 81 -84.26 3.34 -149.52
C ARG J 81 -84.56 1.89 -149.91
N PRO J 82 -83.55 1.04 -150.13
CA PRO J 82 -83.84 -0.34 -150.52
C PRO J 82 -84.56 -1.14 -149.45
N THR J 83 -85.02 -2.33 -149.86
CA THR J 83 -85.81 -3.17 -148.97
C THR J 83 -84.93 -3.80 -147.89
N SER J 84 -83.64 -3.97 -148.18
CA SER J 84 -82.74 -4.61 -147.22
C SER J 84 -82.53 -3.75 -145.98
N ASP J 85 -82.33 -2.44 -146.16
CA ASP J 85 -82.31 -1.51 -145.04
C ASP J 85 -83.66 -0.88 -144.77
N SER J 86 -84.73 -1.50 -145.23
CA SER J 86 -86.09 -1.21 -144.77
C SER J 86 -86.67 -2.32 -143.92
N ILE J 87 -86.36 -3.58 -144.27
CA ILE J 87 -86.69 -4.69 -143.37
C ILE J 87 -85.84 -4.59 -142.11
N ALA J 88 -84.61 -4.10 -142.23
CA ALA J 88 -83.78 -3.87 -141.05
C ALA J 88 -84.33 -2.77 -140.17
N ALA J 89 -85.02 -1.79 -140.74
CA ALA J 89 -85.59 -0.70 -139.95
C ALA J 89 -86.74 -1.17 -139.07
N VAL J 90 -87.51 -2.15 -139.54
CA VAL J 90 -88.54 -2.74 -138.70
C VAL J 90 -87.92 -3.54 -137.56
N ALA J 91 -86.88 -4.33 -137.88
CA ALA J 91 -86.21 -5.14 -136.87
C ALA J 91 -85.42 -4.29 -135.89
N ASN J 92 -84.83 -3.19 -136.34
CA ASN J 92 -84.11 -2.33 -135.40
C ASN J 92 -85.07 -1.56 -134.51
N ALA J 93 -86.30 -1.31 -134.98
CA ALA J 93 -87.28 -0.63 -134.16
C ALA J 93 -87.82 -1.53 -133.05
N THR J 94 -87.69 -2.84 -133.19
CA THR J 94 -88.14 -3.79 -132.17
C THR J 94 -86.90 -4.52 -131.67
N LYS J 95 -86.19 -3.91 -130.73
CA LYS J 95 -85.09 -4.55 -130.02
C LYS J 95 -85.16 -4.17 -128.55
N PRO J 96 -85.96 -4.88 -127.76
CA PRO J 96 -85.96 -4.64 -126.32
C PRO J 96 -84.67 -5.13 -125.69
N ALA J 97 -84.36 -4.58 -124.53
CA ALA J 97 -83.14 -4.95 -123.81
C ALA J 97 -83.28 -6.35 -123.25
N ALA J 98 -82.34 -7.22 -123.61
CA ALA J 98 -82.36 -8.59 -123.09
C ALA J 98 -81.97 -8.62 -121.62
N VAL J 99 -81.19 -7.64 -121.17
CA VAL J 99 -80.82 -7.50 -119.77
C VAL J 99 -81.48 -6.23 -119.26
N VAL J 100 -82.55 -6.39 -118.49
CA VAL J 100 -83.24 -5.27 -117.86
C VAL J 100 -82.92 -5.32 -116.37
N SER J 101 -82.23 -4.31 -115.88
CA SER J 101 -81.81 -4.27 -114.48
C SER J 101 -83.02 -3.91 -113.63
N ASP J 102 -83.74 -4.93 -113.20
CA ASP J 102 -84.80 -4.72 -112.23
C ASP J 102 -84.40 -5.26 -110.85
N PRO J 103 -84.91 -4.67 -109.77
CA PRO J 103 -84.63 -5.24 -108.45
C PRO J 103 -85.32 -6.58 -108.22
N GLN J 104 -86.60 -6.70 -108.58
CA GLN J 104 -87.30 -7.95 -108.41
C GLN J 104 -86.85 -8.96 -109.46
N SER J 105 -85.77 -9.68 -109.16
CA SER J 105 -85.27 -10.73 -110.04
C SER J 105 -84.49 -11.70 -109.17
N MET J 106 -84.78 -12.99 -109.33
CA MET J 106 -84.22 -14.00 -108.43
C MET J 106 -82.73 -14.17 -108.69
N LYS J 107 -81.92 -13.47 -107.90
CA LYS J 107 -80.47 -13.56 -108.04
C LYS J 107 -79.98 -14.81 -107.33
N VAL J 108 -79.27 -15.66 -108.06
CA VAL J 108 -78.78 -16.93 -107.54
C VAL J 108 -77.27 -16.94 -107.65
N THR J 109 -76.61 -17.23 -106.53
CA THR J 109 -75.16 -17.38 -106.49
C THR J 109 -74.76 -18.59 -107.32
N PRO J 110 -73.63 -18.55 -108.03
CA PRO J 110 -73.15 -19.74 -108.75
C PRO J 110 -72.88 -20.91 -107.82
N ILE J 111 -73.17 -22.11 -108.33
CA ILE J 111 -73.23 -23.31 -107.51
C ILE J 111 -71.84 -23.72 -107.05
N VAL J 112 -70.95 -24.03 -108.00
CA VAL J 112 -69.56 -24.29 -107.70
C VAL J 112 -68.87 -22.96 -107.46
N ASN J 113 -67.67 -22.99 -106.88
CA ASN J 113 -66.99 -21.77 -106.49
C ASN J 113 -66.08 -21.29 -107.60
N PRO J 114 -66.31 -20.11 -108.17
CA PRO J 114 -65.31 -19.53 -109.08
C PRO J 114 -64.18 -18.83 -108.35
N SER J 115 -64.38 -18.46 -107.08
CA SER J 115 -63.29 -17.90 -106.29
C SER J 115 -62.27 -18.96 -105.92
N SER J 116 -62.67 -20.23 -105.89
CA SER J 116 -61.75 -21.35 -105.68
C SER J 116 -62.14 -22.44 -106.68
N TYR J 117 -61.53 -22.38 -107.87
CA TYR J 117 -61.64 -23.51 -108.78
C TYR J 117 -60.76 -24.63 -108.26
N VAL J 118 -61.34 -25.54 -107.48
CA VAL J 118 -60.55 -26.63 -106.93
C VAL J 118 -60.20 -27.64 -108.01
N CYS J 119 -59.14 -28.39 -107.75
CA CYS J 119 -58.58 -29.35 -108.67
C CYS J 119 -59.51 -30.54 -108.90
N ASN J 120 -59.34 -31.20 -110.04
CA ASN J 120 -60.14 -32.37 -110.36
C ASN J 120 -59.73 -33.56 -109.51
N VAL J 121 -58.47 -33.98 -109.64
CA VAL J 121 -57.99 -35.14 -108.90
C VAL J 121 -57.57 -34.74 -107.48
N CYS J 122 -57.25 -33.47 -107.25
CA CYS J 122 -56.74 -32.97 -105.98
C CYS J 122 -57.59 -31.82 -105.47
N ASN J 123 -57.10 -31.06 -104.48
CA ASN J 123 -57.72 -29.79 -104.11
C ASN J 123 -56.73 -28.63 -104.21
N ALA J 124 -55.95 -28.59 -105.30
CA ALA J 124 -55.11 -27.44 -105.61
C ALA J 124 -55.99 -26.34 -106.18
N ARG J 125 -56.19 -25.28 -105.40
CA ARG J 125 -57.02 -24.16 -105.85
C ARG J 125 -56.18 -23.14 -106.61
N PHE J 126 -56.83 -22.47 -107.56
CA PHE J 126 -56.17 -21.44 -108.37
C PHE J 126 -57.19 -20.37 -108.70
N SER J 127 -56.67 -19.20 -109.10
CA SER J 127 -57.54 -18.12 -109.57
C SER J 127 -57.94 -18.32 -111.02
N THR J 128 -57.12 -19.01 -111.80
CA THR J 128 -57.39 -19.29 -113.20
C THR J 128 -57.19 -20.78 -113.43
N MET J 129 -58.13 -21.42 -114.12
CA MET J 129 -58.07 -22.86 -114.32
C MET J 129 -57.05 -23.25 -115.39
N SER J 130 -56.52 -22.29 -116.15
CA SER J 130 -55.40 -22.57 -117.04
C SER J 130 -54.15 -22.96 -116.28
N ALA J 131 -53.94 -22.38 -115.09
CA ALA J 131 -52.88 -22.87 -114.21
C ALA J 131 -53.25 -24.22 -113.62
N LEU J 132 -54.54 -24.52 -113.51
CA LEU J 132 -54.99 -25.81 -113.01
C LEU J 132 -54.96 -26.88 -114.10
N SER J 133 -55.17 -26.47 -115.36
CA SER J 133 -55.03 -27.41 -116.48
C SER J 133 -53.58 -27.84 -116.65
N GLU J 134 -52.63 -26.98 -116.27
CA GLU J 134 -51.23 -27.33 -116.25
C GLU J 134 -50.84 -28.12 -114.99
N HIS J 135 -51.70 -28.14 -113.97
CA HIS J 135 -51.37 -28.86 -112.74
C HIS J 135 -51.49 -30.36 -112.94
N LEU J 136 -52.62 -30.82 -113.48
CA LEU J 136 -52.78 -32.23 -113.79
C LEU J 136 -51.91 -32.66 -114.96
N ARG J 137 -51.48 -31.72 -115.80
CA ARG J 137 -50.55 -32.00 -116.89
C ARG J 137 -49.16 -32.36 -116.38
N SER J 138 -48.80 -31.93 -115.17
CA SER J 138 -47.48 -32.18 -114.61
C SER J 138 -47.48 -32.97 -113.30
N ASP J 139 -48.63 -33.15 -112.65
CA ASP J 139 -48.66 -33.83 -111.37
C ASP J 139 -49.48 -35.11 -111.36
N HIS J 140 -50.55 -35.20 -112.15
CA HIS J 140 -51.36 -36.41 -112.23
C HIS J 140 -51.39 -36.89 -113.69
N ARG J 141 -50.39 -37.67 -114.07
CA ARG J 141 -50.34 -38.25 -115.41
C ARG J 141 -50.30 -39.77 -115.35
N ASN J 155 -38.09 -39.37 -103.62
CA ASN J 155 -39.01 -39.35 -102.49
C ASN J 155 -40.09 -40.43 -102.59
N ALA J 156 -40.78 -40.63 -101.47
CA ALA J 156 -41.93 -41.52 -101.37
C ALA J 156 -43.22 -40.78 -101.06
N ILE J 157 -43.22 -39.93 -100.03
CA ILE J 157 -44.31 -38.99 -99.78
C ILE J 157 -43.81 -37.62 -100.15
N ARG J 158 -44.54 -36.92 -101.02
CA ARG J 158 -44.13 -35.57 -101.36
C ARG J 158 -44.86 -34.50 -100.55
N SER J 159 -46.14 -34.70 -100.23
CA SER J 159 -46.94 -33.65 -99.64
C SER J 159 -48.22 -34.23 -99.08
N PHE J 160 -48.84 -33.47 -98.19
CA PHE J 160 -50.22 -33.66 -97.79
C PHE J 160 -50.92 -32.32 -97.79
N LEU J 161 -52.25 -32.36 -97.79
CA LEU J 161 -53.07 -31.16 -97.77
C LEU J 161 -54.02 -31.25 -96.60
N THR J 162 -53.95 -30.29 -95.69
CA THR J 162 -54.75 -30.36 -94.49
C THR J 162 -56.17 -29.90 -94.77
N ALA J 163 -57.10 -30.29 -93.88
CA ALA J 163 -58.46 -29.81 -93.96
C ALA J 163 -58.82 -28.85 -92.84
N TRP J 164 -58.13 -28.91 -91.71
CA TRP J 164 -58.39 -27.98 -90.62
C TRP J 164 -57.72 -26.64 -90.85
N ASP J 165 -56.73 -26.57 -91.74
CA ASP J 165 -55.99 -25.34 -91.94
C ASP J 165 -55.79 -25.03 -93.41
N ASP J 166 -56.11 -25.97 -94.31
CA ASP J 166 -55.89 -25.91 -95.76
C ASP J 166 -54.49 -25.40 -96.13
N ILE J 167 -53.46 -25.96 -95.49
CA ILE J 167 -52.08 -25.67 -95.85
C ILE J 167 -51.39 -26.97 -96.25
N ARG J 168 -50.42 -26.85 -97.13
CA ARG J 168 -49.66 -28.01 -97.57
C ARG J 168 -48.52 -28.31 -96.62
N ILE J 169 -48.37 -29.58 -96.27
CA ILE J 169 -47.26 -30.06 -95.45
C ILE J 169 -46.36 -30.90 -96.35
N LEU J 170 -45.13 -30.45 -96.53
CA LEU J 170 -44.18 -31.11 -97.42
C LEU J 170 -43.20 -31.95 -96.62
N SER J 171 -42.68 -32.99 -97.27
CA SER J 171 -41.64 -33.80 -96.69
C SER J 171 -40.34 -33.00 -96.62
N PRO J 172 -39.47 -33.31 -95.67
CA PRO J 172 -38.13 -32.70 -95.67
C PRO J 172 -37.29 -33.21 -96.84
N ASP J 173 -36.24 -32.46 -97.14
CA ASP J 173 -35.42 -32.71 -98.31
C ASP J 173 -34.58 -33.98 -98.14
N VAL J 174 -34.07 -34.48 -99.28
CA VAL J 174 -33.42 -35.78 -99.32
C VAL J 174 -32.00 -35.70 -98.76
N SER J 175 -31.31 -34.60 -99.00
CA SER J 175 -29.87 -34.51 -98.78
C SER J 175 -29.52 -34.56 -97.29
N SER J 176 -28.60 -35.46 -96.94
CA SER J 176 -28.17 -35.61 -95.55
C SER J 176 -27.24 -34.50 -95.11
N LYS J 177 -26.66 -33.75 -96.06
CA LYS J 177 -25.80 -32.62 -95.70
C LYS J 177 -26.61 -31.47 -95.12
N SER J 178 -27.85 -31.31 -95.58
CA SER J 178 -28.73 -30.29 -95.02
C SER J 178 -29.19 -30.67 -93.62
N LEU J 179 -29.49 -31.95 -93.39
CA LEU J 179 -29.86 -32.41 -92.07
C LEU J 179 -28.65 -32.48 -91.17
N SER J 180 -28.90 -32.36 -89.86
CA SER J 180 -27.82 -32.39 -88.88
C SER J 180 -27.45 -33.81 -88.51
N ALA J 181 -26.15 -34.07 -88.41
CA ALA J 181 -25.62 -35.32 -87.89
C ALA J 181 -25.14 -35.07 -86.47
N TYR J 182 -25.50 -35.95 -85.55
CA TYR J 182 -25.29 -35.66 -84.13
C TYR J 182 -24.75 -36.87 -83.40
N LEU J 183 -23.56 -36.71 -82.81
CA LEU J 183 -22.98 -37.59 -81.79
C LEU J 183 -22.77 -39.00 -82.35
N ASP J 184 -21.95 -39.07 -83.40
CA ASP J 184 -21.48 -40.33 -84.01
C ASP J 184 -22.65 -41.16 -84.54
N SER J 185 -23.62 -40.50 -85.15
CA SER J 185 -24.78 -41.16 -85.73
C SER J 185 -25.12 -40.52 -87.06
N ALA J 186 -25.50 -41.34 -88.03
CA ALA J 186 -25.79 -40.87 -89.38
C ALA J 186 -27.29 -40.85 -89.64
N VAL J 187 -27.75 -39.78 -90.28
CA VAL J 187 -29.12 -39.73 -90.78
C VAL J 187 -29.25 -40.69 -91.95
N ALA J 188 -30.16 -41.64 -91.82
CA ALA J 188 -30.28 -42.72 -92.80
C ALA J 188 -31.20 -42.31 -93.94
N ASN J 189 -30.82 -42.68 -95.16
CA ASN J 189 -31.62 -42.44 -96.34
C ASN J 189 -32.01 -43.76 -96.99
N GLY J 190 -33.02 -43.70 -97.85
CA GLY J 190 -33.41 -44.84 -98.63
C GLY J 190 -32.37 -45.16 -99.68
N PRO J 191 -32.15 -46.45 -99.93
CA PRO J 191 -31.18 -46.84 -100.95
C PRO J 191 -31.69 -46.55 -102.35
N GLU J 192 -30.75 -46.49 -103.29
CA GLU J 192 -31.07 -46.20 -104.69
C GLU J 192 -31.55 -47.51 -105.32
N LEU J 193 -32.83 -47.79 -105.12
CA LEU J 193 -33.43 -48.99 -105.67
C LEU J 193 -33.64 -48.88 -107.17
N ILE J 194 -34.24 -47.77 -107.61
CA ILE J 194 -34.72 -47.66 -108.97
C ILE J 194 -33.56 -47.16 -109.81
N ILE J 195 -32.86 -48.09 -110.44
CA ILE J 195 -31.90 -47.80 -111.49
C ILE J 195 -32.30 -48.61 -112.71
N GLU J 196 -32.46 -47.93 -113.83
CA GLU J 196 -33.11 -48.53 -114.98
C GLU J 196 -32.41 -48.09 -116.25
N ASP J 197 -32.35 -49.00 -117.23
CA ASP J 197 -31.65 -48.72 -118.46
C ASP J 197 -32.47 -49.18 -119.65
N THR J 198 -32.27 -48.49 -120.77
CA THR J 198 -32.93 -48.79 -122.02
C THR J 198 -32.00 -49.45 -123.02
N GLY J 199 -30.78 -49.77 -122.61
CA GLY J 199 -29.81 -50.35 -123.52
C GLY J 199 -30.00 -51.83 -123.72
N LEU J 200 -28.91 -52.56 -123.75
CA LEU J 200 -28.96 -54.00 -123.86
C LEU J 200 -28.78 -54.67 -122.51
N CYS J 201 -29.32 -55.87 -122.41
CA CYS J 201 -29.22 -56.68 -121.21
C CYS J 201 -28.01 -57.63 -121.32
N THR J 202 -26.85 -57.03 -121.51
CA THR J 202 -25.62 -57.81 -121.67
C THR J 202 -24.49 -57.26 -120.81
N SER J 203 -23.58 -58.16 -120.49
CA SER J 203 -22.30 -57.83 -119.87
C SER J 203 -21.14 -58.41 -120.65
N PHE J 204 -21.39 -58.95 -121.85
CA PHE J 204 -20.41 -59.70 -122.61
C PHE J 204 -20.31 -59.09 -124.01
N MET J 205 -19.40 -58.14 -124.19
CA MET J 205 -19.19 -57.69 -125.56
C MET J 205 -18.37 -58.72 -126.31
N LEU J 206 -18.52 -58.72 -127.63
CA LEU J 206 -17.84 -59.65 -128.51
C LEU J 206 -16.69 -58.88 -129.14
N LEU J 207 -15.57 -58.82 -128.44
CA LEU J 207 -14.46 -58.00 -128.87
C LEU J 207 -13.53 -58.82 -129.75
N ASP J 208 -13.23 -58.29 -130.94
CA ASP J 208 -12.23 -58.89 -131.80
C ASP J 208 -10.84 -58.40 -131.42
N ASN J 209 -9.93 -59.34 -131.19
CA ASN J 209 -8.58 -58.93 -130.79
C ASN J 209 -7.72 -58.63 -132.01
N ILE J 210 -7.81 -59.45 -133.04
CA ILE J 210 -7.00 -59.26 -134.24
C ILE J 210 -7.91 -58.82 -135.36
N PRO J 211 -7.67 -57.67 -135.99
CA PRO J 211 -8.50 -57.24 -137.11
C PRO J 211 -8.21 -58.06 -138.36
N SER J 212 -9.03 -57.82 -139.39
CA SER J 212 -8.85 -58.47 -140.67
C SER J 212 -7.62 -57.93 -141.38
N ALA J 213 -7.10 -58.72 -142.32
CA ALA J 213 -5.88 -58.37 -143.03
C ALA J 213 -6.16 -57.62 -144.33
N HIS J 214 -6.98 -56.55 -144.24
CA HIS J 214 -7.32 -55.65 -145.34
C HIS J 214 -7.90 -56.40 -146.54
N LEU J 215 -8.82 -57.32 -146.26
CA LEU J 215 -9.36 -58.17 -147.31
C LEU J 215 -10.33 -57.41 -148.22
N THR J 216 -10.37 -57.82 -149.48
CA THR J 216 -11.39 -57.35 -150.39
C THR J 216 -12.73 -58.00 -150.04
N LYS J 217 -13.81 -57.44 -150.58
CA LYS J 217 -15.13 -57.76 -150.07
C LYS J 217 -15.94 -58.69 -150.96
N GLU J 218 -15.98 -58.44 -152.28
CA GLU J 218 -16.67 -59.19 -153.34
C GLU J 218 -18.19 -58.98 -153.27
N LEU J 219 -18.67 -58.35 -152.20
CA LEU J 219 -20.07 -58.00 -152.05
C LEU J 219 -20.12 -56.85 -151.06
N ILE J 220 -20.81 -55.78 -151.46
CA ILE J 220 -20.91 -54.59 -150.64
C ILE J 220 -22.37 -54.60 -150.23
N GLY J 221 -22.81 -53.61 -149.45
CA GLY J 221 -24.16 -53.54 -148.93
C GLY J 221 -25.30 -53.58 -149.93
N PHE J 222 -26.53 -53.60 -149.40
CA PHE J 222 -27.71 -53.85 -150.20
C PHE J 222 -27.98 -52.72 -151.17
N THR J 223 -28.51 -53.08 -152.33
CA THR J 223 -28.82 -52.12 -153.38
C THR J 223 -30.30 -51.79 -153.36
N TRP J 224 -30.60 -50.50 -153.28
CA TRP J 224 -31.94 -49.96 -153.39
C TRP J 224 -32.21 -49.72 -154.89
N PHE J 225 -33.15 -48.85 -155.24
CA PHE J 225 -33.36 -48.51 -156.65
C PHE J 225 -32.07 -48.02 -157.31
N MET J 226 -31.41 -47.05 -156.70
CA MET J 226 -30.09 -46.63 -157.15
C MET J 226 -29.09 -46.50 -156.01
N GLN J 227 -29.53 -46.56 -154.76
CA GLN J 227 -28.67 -46.35 -153.61
C GLN J 227 -28.00 -47.66 -153.18
N MET J 228 -27.00 -47.52 -152.32
CA MET J 228 -26.33 -48.66 -151.71
C MET J 228 -26.51 -48.56 -150.20
N TYR J 229 -26.92 -49.66 -149.57
CA TYR J 229 -27.20 -49.70 -148.14
C TYR J 229 -26.19 -50.61 -147.46
N GLN J 230 -25.05 -50.04 -147.08
CA GLN J 230 -24.15 -50.75 -146.19
C GLN J 230 -24.76 -50.82 -144.79
N MET J 231 -24.35 -51.83 -144.03
CA MET J 231 -24.85 -51.99 -142.68
C MET J 231 -23.79 -52.70 -141.85
N THR J 232 -23.63 -52.24 -140.62
CA THR J 232 -22.64 -52.80 -139.71
C THR J 232 -23.02 -54.23 -139.34
N PRO J 233 -22.09 -55.20 -139.47
CA PRO J 233 -22.43 -56.56 -139.09
C PRO J 233 -22.56 -56.69 -137.58
N PRO J 234 -23.43 -57.59 -137.10
CA PRO J 234 -23.65 -57.69 -135.66
C PRO J 234 -22.50 -58.35 -134.93
N LEU J 235 -22.00 -59.36 -135.45
CA LEU J 235 -20.90 -60.08 -134.85
C LEU J 235 -19.58 -59.48 -135.31
N PRO J 236 -18.50 -59.59 -134.53
CA PRO J 236 -17.25 -58.95 -134.92
C PRO J 236 -16.58 -59.66 -136.08
N GLU J 237 -16.09 -58.87 -137.02
CA GLU J 237 -15.30 -59.36 -138.14
C GLU J 237 -13.84 -59.18 -137.76
N GLY J 238 -13.20 -60.28 -137.37
CA GLY J 238 -11.81 -60.23 -136.95
C GLY J 238 -11.20 -61.60 -137.07
N ALA J 239 -9.87 -61.63 -137.03
CA ALA J 239 -9.17 -62.90 -137.14
C ALA J 239 -9.29 -63.73 -135.89
N VAL J 240 -9.47 -63.08 -134.73
CA VAL J 240 -9.78 -63.76 -133.48
C VAL J 240 -10.89 -62.97 -132.80
N ASN J 241 -12.00 -63.64 -132.49
CA ASN J 241 -13.10 -63.03 -131.76
C ASN J 241 -13.21 -63.69 -130.40
N ARG J 242 -13.35 -62.87 -129.36
CA ARG J 242 -13.43 -63.37 -127.99
C ARG J 242 -14.66 -62.82 -127.29
N ILE J 243 -15.15 -63.58 -126.33
CA ILE J 243 -16.26 -63.18 -125.48
C ILE J 243 -15.64 -62.62 -124.20
N VAL J 244 -15.78 -61.31 -123.99
CA VAL J 244 -15.08 -60.60 -122.93
C VAL J 244 -16.11 -60.03 -121.98
N CYS J 245 -15.89 -60.23 -120.67
CA CYS J 245 -16.78 -59.72 -119.64
C CYS J 245 -16.52 -58.23 -119.42
N MET J 246 -17.42 -57.39 -119.92
CA MET J 246 -17.41 -55.96 -119.62
C MET J 246 -18.83 -55.57 -119.29
N THR J 247 -19.13 -55.43 -118.00
CA THR J 247 -20.50 -55.19 -117.56
C THR J 247 -20.98 -53.81 -117.98
N ASN J 248 -22.26 -53.75 -118.38
CA ASN J 248 -22.95 -52.54 -118.79
C ASN J 248 -22.23 -51.83 -119.93
N TRP J 249 -21.70 -52.61 -120.87
CA TRP J 249 -21.00 -52.04 -122.00
C TRP J 249 -21.98 -51.43 -122.99
N ALA J 250 -23.19 -51.95 -123.04
CA ALA J 250 -24.24 -51.44 -123.90
C ALA J 250 -25.38 -50.81 -123.10
N SER J 251 -25.10 -50.38 -121.88
CA SER J 251 -26.13 -49.75 -121.05
C SER J 251 -26.41 -48.35 -121.56
N LEU J 252 -27.69 -48.02 -121.67
CA LEU J 252 -28.15 -46.71 -122.15
C LEU J 252 -29.16 -46.14 -121.15
N GLY J 253 -28.78 -46.17 -119.88
CA GLY J 253 -29.63 -45.63 -118.84
C GLY J 253 -29.31 -44.18 -118.55
N ASP J 254 -30.06 -43.62 -117.59
CA ASP J 254 -29.77 -42.26 -117.17
C ASP J 254 -28.47 -42.19 -116.37
N GLU J 255 -28.28 -43.12 -115.45
CA GLU J 255 -27.05 -43.23 -114.67
C GLU J 255 -26.74 -44.71 -114.53
N GLY J 256 -25.82 -45.02 -113.64
CA GLY J 256 -25.53 -46.41 -113.30
C GLY J 256 -24.94 -46.46 -111.91
N ARG J 257 -24.60 -47.66 -111.49
CA ARG J 257 -23.88 -47.83 -110.24
C ARG J 257 -22.38 -47.65 -110.47
N GLY J 258 -21.69 -47.14 -109.46
CA GLY J 258 -20.27 -46.94 -109.52
C GLY J 258 -19.44 -48.19 -109.37
N LEU J 259 -20.07 -49.36 -109.35
CA LEU J 259 -19.42 -50.63 -109.16
C LEU J 259 -19.62 -51.45 -110.43
N GLU J 260 -18.54 -51.66 -111.19
CA GLU J 260 -18.61 -52.43 -112.42
C GLU J 260 -17.39 -53.34 -112.54
N VAL J 261 -17.51 -54.33 -113.42
CA VAL J 261 -16.43 -55.26 -113.72
C VAL J 261 -16.16 -55.17 -115.22
N ARG J 262 -15.02 -54.58 -115.57
CA ARG J 262 -14.60 -54.44 -116.96
C ARG J 262 -13.29 -55.20 -117.12
N LEU J 263 -13.39 -56.48 -117.43
CA LEU J 263 -12.20 -57.27 -117.68
C LEU J 263 -11.61 -56.89 -119.04
N PRO J 264 -10.29 -56.87 -119.16
CA PRO J 264 -9.67 -56.64 -120.46
C PRO J 264 -9.78 -57.89 -121.32
N PRO J 265 -9.56 -57.78 -122.63
CA PRO J 265 -9.48 -58.98 -123.48
C PRO J 265 -8.29 -59.84 -123.10
N PRO J 266 -8.28 -61.13 -123.47
CA PRO J 266 -7.21 -62.03 -123.01
C PRO J 266 -5.82 -61.73 -123.56
N THR J 267 -5.66 -60.75 -124.44
CA THR J 267 -4.34 -60.32 -124.87
C THR J 267 -3.71 -59.32 -123.90
N ASP J 268 -4.37 -59.00 -122.81
CA ASP J 268 -3.88 -58.06 -121.82
C ASP J 268 -3.87 -58.71 -120.45
N SER J 269 -3.22 -58.05 -119.50
CA SER J 269 -3.15 -58.56 -118.13
C SER J 269 -4.49 -58.33 -117.45
N SER J 270 -5.19 -59.43 -117.16
CA SER J 270 -6.49 -59.36 -116.50
C SER J 270 -6.37 -59.55 -114.99
N VAL J 271 -5.30 -59.03 -114.41
CA VAL J 271 -4.98 -59.31 -113.03
C VAL J 271 -5.62 -58.32 -112.05
N HIS J 272 -6.01 -57.13 -112.52
CA HIS J 272 -6.44 -56.06 -111.63
C HIS J 272 -7.80 -56.31 -111.00
N ALA J 273 -8.60 -57.19 -111.59
CA ALA J 273 -9.91 -57.48 -111.02
C ALA J 273 -9.90 -58.67 -110.08
N TYR J 274 -8.76 -59.36 -109.96
CA TYR J 274 -8.60 -60.45 -109.01
C TYR J 274 -7.72 -60.05 -107.83
N LYS J 275 -7.62 -58.75 -107.56
CA LYS J 275 -6.89 -58.21 -106.42
C LYS J 275 -7.84 -57.26 -105.72
N THR J 276 -8.68 -57.80 -104.86
CA THR J 276 -9.73 -57.02 -104.21
C THR J 276 -9.62 -57.06 -102.70
N VAL J 277 -9.37 -58.22 -102.12
CA VAL J 277 -9.52 -58.43 -100.69
C VAL J 277 -8.17 -58.47 -99.97
N LEU J 278 -7.33 -59.44 -100.31
CA LEU J 278 -6.11 -59.72 -99.56
C LEU J 278 -4.87 -59.49 -100.40
N SER J 279 -4.84 -58.39 -101.14
CA SER J 279 -3.74 -58.11 -102.04
C SER J 279 -3.15 -56.72 -101.92
N ARG J 280 -3.87 -55.74 -101.37
CA ARG J 280 -3.33 -54.39 -101.27
C ARG J 280 -2.14 -54.35 -100.32
N GLY J 281 -1.10 -53.62 -100.73
CA GLY J 281 0.14 -53.70 -100.00
C GLY J 281 1.20 -54.52 -100.70
N TYR J 282 1.33 -55.78 -100.30
CA TYR J 282 2.50 -56.59 -100.65
C TYR J 282 2.57 -56.92 -102.12
N ILE J 283 1.43 -57.08 -102.80
CA ILE J 283 1.46 -57.63 -104.13
C ILE J 283 1.75 -56.52 -105.13
N ASP J 284 2.30 -56.89 -106.29
CA ASP J 284 2.59 -55.91 -107.31
C ASP J 284 1.41 -55.77 -108.26
N ASN J 285 1.53 -54.85 -109.20
CA ASN J 285 0.46 -54.63 -110.17
C ASN J 285 0.51 -55.60 -111.36
N ALA J 286 1.29 -56.67 -111.26
CA ALA J 286 1.43 -57.61 -112.35
C ALA J 286 1.10 -59.04 -111.97
N GLN J 287 0.97 -59.37 -110.68
CA GLN J 287 0.65 -60.72 -110.27
C GLN J 287 -0.53 -60.73 -109.32
N PHE J 288 -1.25 -61.85 -109.33
CA PHE J 288 -2.32 -62.14 -108.40
C PHE J 288 -1.86 -63.23 -107.45
N ASN J 289 -2.52 -63.31 -106.31
CA ASN J 289 -2.22 -64.34 -105.33
C ASN J 289 -3.10 -65.55 -105.61
N PRO J 290 -2.52 -66.72 -105.91
CA PRO J 290 -3.37 -67.91 -106.10
C PRO J 290 -4.00 -68.40 -104.83
N LEU J 291 -3.42 -68.12 -103.67
CA LEU J 291 -4.04 -68.52 -102.41
C LEU J 291 -5.19 -67.63 -102.01
N ALA J 292 -5.29 -66.44 -102.59
CA ALA J 292 -6.43 -65.56 -102.38
C ALA J 292 -7.31 -65.49 -103.62
N LEU J 293 -7.41 -66.59 -104.35
CA LEU J 293 -8.15 -66.57 -105.60
C LEU J 293 -9.64 -66.74 -105.38
N ARG J 294 -10.04 -67.64 -104.48
CA ARG J 294 -11.45 -67.91 -104.25
C ARG J 294 -12.16 -66.73 -103.60
N SER J 295 -11.45 -65.95 -102.79
CA SER J 295 -12.01 -64.72 -102.28
C SER J 295 -12.16 -63.68 -103.37
N ASN J 296 -11.14 -63.53 -104.21
CA ASN J 296 -11.15 -62.48 -105.21
C ASN J 296 -12.07 -62.78 -106.38
N VAL J 297 -12.25 -64.06 -106.71
CA VAL J 297 -13.26 -64.43 -107.70
C VAL J 297 -14.65 -64.12 -107.17
N LEU J 298 -14.93 -64.55 -105.93
CA LEU J 298 -16.24 -64.35 -105.33
C LEU J 298 -16.59 -62.87 -105.17
N LEU J 299 -15.59 -62.02 -104.97
CA LEU J 299 -15.87 -60.59 -104.92
C LEU J 299 -15.69 -59.92 -106.26
N MET J 300 -15.30 -60.65 -107.29
CA MET J 300 -15.53 -60.17 -108.64
C MET J 300 -16.95 -60.49 -109.07
N LEU J 301 -17.42 -61.68 -108.74
CA LEU J 301 -18.78 -62.08 -109.09
C LEU J 301 -19.82 -61.34 -108.27
N LEU J 302 -19.46 -60.86 -107.08
CA LEU J 302 -20.36 -59.98 -106.35
C LEU J 302 -20.47 -58.64 -107.05
N GLN J 303 -19.33 -58.08 -107.49
CA GLN J 303 -19.37 -56.84 -108.25
C GLN J 303 -19.88 -57.06 -109.67
N PHE J 304 -19.78 -58.28 -110.19
CA PHE J 304 -20.49 -58.62 -111.42
C PHE J 304 -21.99 -58.57 -111.20
N THR J 305 -22.45 -59.10 -110.06
CA THR J 305 -23.88 -59.15 -109.80
C THR J 305 -24.43 -57.77 -109.48
N LEU J 306 -23.74 -57.04 -108.61
CA LEU J 306 -24.19 -55.72 -108.18
C LEU J 306 -24.09 -54.68 -109.29
N SER J 307 -23.32 -54.94 -110.34
CA SER J 307 -23.34 -54.05 -111.49
C SER J 307 -24.58 -54.23 -112.33
N ASN J 308 -25.28 -55.35 -112.19
CA ASN J 308 -26.36 -55.74 -113.07
C ASN J 308 -27.69 -55.83 -112.35
N LEU J 309 -27.86 -55.03 -111.30
CA LEU J 309 -29.11 -55.01 -110.55
C LEU J 309 -29.91 -53.81 -111.04
N LYS J 310 -30.52 -53.95 -112.22
CA LYS J 310 -31.21 -52.84 -112.85
C LYS J 310 -32.59 -53.28 -113.34
N ILE J 311 -33.32 -52.31 -113.91
CA ILE J 311 -34.66 -52.51 -114.44
C ILE J 311 -34.59 -52.32 -115.96
N ASN J 312 -35.28 -53.18 -116.70
CA ASN J 312 -35.30 -53.10 -118.15
C ASN J 312 -36.48 -52.24 -118.60
N LYS J 313 -36.20 -50.99 -118.95
CA LYS J 313 -37.24 -50.09 -119.43
C LYS J 313 -37.67 -50.43 -120.86
N SER J 314 -38.81 -49.87 -121.25
CA SER J 314 -39.51 -50.31 -122.46
C SER J 314 -38.78 -49.88 -123.73
N SER J 315 -38.39 -48.59 -123.80
CA SER J 315 -37.62 -48.01 -124.91
C SER J 315 -38.33 -48.15 -126.25
N THR J 316 -39.34 -47.30 -126.48
CA THR J 316 -40.36 -47.36 -127.53
C THR J 316 -39.84 -47.81 -128.89
N PHE J 317 -40.64 -48.61 -129.58
CA PHE J 317 -40.17 -49.48 -130.65
C PHE J 317 -40.33 -48.82 -132.00
N THR J 318 -39.82 -49.48 -133.03
CA THR J 318 -40.08 -49.14 -134.43
C THR J 318 -40.43 -50.42 -135.19
N SER J 319 -41.30 -50.29 -136.17
CA SER J 319 -41.69 -51.41 -137.00
C SER J 319 -40.74 -51.52 -138.19
N ASP J 320 -40.30 -52.73 -138.48
CA ASP J 320 -39.27 -52.96 -139.47
C ASP J 320 -39.87 -53.19 -140.85
N VAL J 321 -39.27 -52.55 -141.84
CA VAL J 321 -39.51 -52.88 -143.25
C VAL J 321 -38.16 -53.32 -143.80
N THR J 322 -37.90 -54.63 -143.72
CA THR J 322 -36.64 -55.20 -144.17
C THR J 322 -36.98 -56.61 -144.64
N THR J 323 -36.30 -57.08 -145.69
CA THR J 323 -36.79 -58.16 -146.55
C THR J 323 -37.01 -59.48 -145.80
N ILE J 324 -36.22 -59.75 -144.76
CA ILE J 324 -36.37 -61.02 -144.06
C ILE J 324 -37.11 -60.79 -142.75
N THR J 325 -37.04 -59.57 -142.22
CA THR J 325 -37.67 -59.23 -140.95
C THR J 325 -38.75 -58.18 -141.15
N SER J 326 -39.58 -58.35 -142.18
CA SER J 326 -40.67 -57.43 -142.41
C SER J 326 -41.82 -57.70 -141.45
N GLY J 327 -42.58 -56.66 -141.16
CA GLY J 327 -43.74 -56.77 -140.28
C GLY J 327 -43.37 -57.07 -138.85
N ARG J 328 -42.28 -56.50 -138.36
CA ARG J 328 -41.75 -56.86 -137.05
C ARG J 328 -41.37 -55.60 -136.30
N MET J 329 -41.71 -55.54 -135.01
CA MET J 329 -41.40 -54.39 -134.19
C MET J 329 -40.06 -54.61 -133.50
N ILE J 330 -39.12 -53.69 -133.71
CA ILE J 330 -37.79 -53.76 -133.11
C ILE J 330 -37.57 -52.50 -132.27
N ARG J 331 -36.63 -52.58 -131.35
CA ARG J 331 -36.34 -51.46 -130.47
C ARG J 331 -35.55 -50.39 -131.20
N ALA J 332 -35.69 -49.15 -130.75
CA ALA J 332 -35.26 -48.00 -131.54
C ALA J 332 -33.87 -47.49 -131.19
N PHE J 333 -33.51 -47.49 -129.89
CA PHE J 333 -32.23 -47.00 -129.36
C PHE J 333 -32.00 -45.53 -129.72
N GLU J 334 -32.85 -44.69 -129.13
CA GLU J 334 -32.76 -43.25 -129.38
C GLU J 334 -31.49 -42.65 -128.82
N GLY J 335 -30.92 -43.25 -127.76
CA GLY J 335 -29.74 -42.72 -127.11
C GLY J 335 -28.50 -42.80 -127.97
N ARG J 336 -28.14 -44.01 -128.41
CA ARG J 336 -27.11 -44.17 -129.41
C ARG J 336 -27.57 -45.18 -130.45
N PRO J 337 -27.45 -44.86 -131.74
CA PRO J 337 -28.01 -45.74 -132.77
C PRO J 337 -27.12 -46.91 -133.15
N GLU J 338 -25.89 -46.97 -132.65
CA GLU J 338 -24.99 -48.05 -133.03
C GLU J 338 -25.38 -49.38 -132.41
N LEU J 339 -26.22 -49.37 -131.37
CA LEU J 339 -26.65 -50.62 -130.76
C LEU J 339 -27.64 -51.38 -131.61
N LEU J 340 -28.31 -50.73 -132.56
CA LEU J 340 -29.34 -51.40 -133.34
C LEU J 340 -28.75 -52.45 -134.27
N ALA J 341 -27.57 -52.18 -134.84
CA ALA J 341 -26.88 -53.21 -135.59
C ALA J 341 -26.30 -54.27 -134.67
N LEU J 342 -26.13 -53.96 -133.38
CA LEU J 342 -25.65 -54.95 -132.42
C LEU J 342 -26.76 -55.73 -131.77
N ALA J 343 -27.93 -55.12 -131.56
CA ALA J 343 -28.96 -55.74 -130.72
C ALA J 343 -29.62 -56.91 -131.41
N TYR J 344 -29.80 -56.83 -132.73
CA TYR J 344 -30.52 -57.87 -133.47
C TYR J 344 -29.59 -58.49 -134.50
N PRO J 345 -28.88 -59.55 -134.15
CA PRO J 345 -28.19 -60.34 -135.17
C PRO J 345 -29.20 -61.03 -136.08
N GLY J 346 -28.79 -61.21 -137.32
CA GLY J 346 -29.64 -61.83 -138.31
C GLY J 346 -30.53 -60.88 -139.07
N ARG J 347 -30.71 -59.67 -138.58
CA ARG J 347 -31.51 -58.68 -139.28
C ARG J 347 -30.68 -58.09 -140.41
N ALA J 348 -31.21 -58.20 -141.63
CA ALA J 348 -30.57 -57.75 -142.88
C ALA J 348 -29.18 -58.35 -143.04
N VAL J 349 -29.14 -59.68 -143.15
CA VAL J 349 -27.88 -60.37 -143.38
C VAL J 349 -27.45 -60.12 -144.81
N LEU J 350 -26.26 -59.54 -144.97
CA LEU J 350 -25.68 -59.43 -146.29
C LEU J 350 -25.31 -60.83 -146.75
N PRO J 351 -25.79 -61.29 -147.91
CA PRO J 351 -25.69 -62.71 -148.25
C PRO J 351 -24.32 -63.19 -148.68
N THR J 352 -23.27 -62.43 -148.40
CA THR J 352 -21.91 -62.88 -148.66
C THR J 352 -21.58 -64.11 -147.81
N GLN J 353 -20.64 -64.91 -148.30
CA GLN J 353 -20.35 -66.19 -147.68
C GLN J 353 -19.11 -66.03 -146.81
N THR J 354 -19.34 -65.51 -145.60
CA THR J 354 -18.34 -65.41 -144.57
C THR J 354 -18.78 -66.26 -143.38
N LYS J 355 -17.84 -66.55 -142.47
CA LYS J 355 -18.18 -67.33 -141.28
C LYS J 355 -19.15 -66.58 -140.39
N ASN J 356 -19.11 -65.25 -140.42
CA ASN J 356 -20.12 -64.45 -139.77
C ASN J 356 -21.49 -64.69 -140.40
N ALA J 357 -21.58 -64.58 -141.72
CA ALA J 357 -22.87 -64.59 -142.39
C ALA J 357 -23.36 -65.99 -142.77
N GLN J 358 -22.50 -67.00 -142.72
CA GLN J 358 -23.00 -68.37 -142.83
C GLN J 358 -23.82 -68.74 -141.60
N PHE J 359 -23.39 -68.29 -140.44
CA PHE J 359 -24.14 -68.52 -139.21
C PHE J 359 -25.44 -67.72 -139.20
N LEU J 360 -25.35 -66.42 -139.53
CA LEU J 360 -26.50 -65.54 -139.45
C LEU J 360 -27.55 -65.82 -140.52
N SER J 361 -27.22 -66.62 -141.53
CA SER J 361 -28.24 -67.08 -142.47
C SER J 361 -29.21 -68.05 -141.82
N THR J 362 -28.81 -68.71 -140.74
CA THR J 362 -29.66 -69.64 -140.02
C THR J 362 -30.47 -68.95 -138.93
N ALA J 363 -30.53 -67.62 -138.93
CA ALA J 363 -31.35 -66.91 -137.96
C ALA J 363 -32.82 -67.07 -138.31
N ILE J 364 -33.64 -67.29 -137.29
CA ILE J 364 -35.07 -67.40 -137.49
C ILE J 364 -35.67 -66.00 -137.47
N ALA J 365 -36.47 -65.69 -138.50
CA ALA J 365 -37.06 -64.35 -138.59
C ALA J 365 -38.15 -64.13 -137.55
N ASP J 366 -38.70 -65.19 -136.96
CA ASP J 366 -39.69 -65.03 -135.92
C ASP J 366 -39.06 -64.55 -134.61
N ARG J 367 -37.76 -64.71 -134.46
CA ARG J 367 -37.11 -64.44 -133.18
C ARG J 367 -36.66 -62.99 -133.05
N ILE J 368 -36.21 -62.37 -134.14
CA ILE J 368 -35.75 -60.98 -134.09
C ILE J 368 -36.92 -60.08 -133.75
N GLY J 369 -36.75 -59.23 -132.75
CA GLY J 369 -37.79 -58.30 -132.34
C GLY J 369 -38.58 -58.80 -131.15
N ARG J 370 -39.68 -58.09 -130.88
CA ARG J 370 -40.55 -58.47 -129.78
C ARG J 370 -41.37 -59.71 -130.16
N LEU J 371 -41.83 -60.42 -129.14
CA LEU J 371 -42.50 -61.69 -129.36
C LEU J 371 -44.00 -61.53 -129.54
N ASP J 372 -44.65 -60.79 -128.65
CA ASP J 372 -46.10 -60.70 -128.66
C ASP J 372 -46.55 -59.28 -128.90
N ARG J 373 -47.82 -59.13 -129.26
CA ARG J 373 -48.39 -57.81 -129.44
C ARG J 373 -48.66 -57.17 -128.08
N ALA J 374 -48.87 -55.85 -128.10
CA ALA J 374 -48.94 -55.04 -126.89
C ALA J 374 -50.19 -55.38 -126.10
N ASN J 375 -50.00 -56.02 -124.94
CA ASN J 375 -51.15 -56.51 -124.19
C ASN J 375 -51.68 -55.46 -123.21
N LEU J 376 -50.83 -54.93 -122.33
CA LEU J 376 -51.24 -53.95 -121.35
C LEU J 376 -50.76 -52.59 -121.84
N ILE J 377 -51.70 -51.75 -122.26
CA ILE J 377 -51.38 -50.50 -122.94
C ILE J 377 -51.89 -49.35 -122.11
N GLY J 378 -51.06 -48.32 -121.96
CA GLY J 378 -51.44 -47.10 -121.29
C GLY J 378 -52.22 -46.20 -122.22
N GLY J 379 -51.79 -44.95 -122.34
CA GLY J 379 -52.34 -44.10 -123.37
C GLY J 379 -51.99 -44.64 -124.75
N GLU J 380 -50.69 -44.79 -125.01
CA GLU J 380 -50.23 -45.43 -126.23
C GLU J 380 -49.16 -46.47 -125.87
N VAL J 381 -48.42 -46.21 -124.81
CA VAL J 381 -47.22 -46.98 -124.49
C VAL J 381 -47.63 -48.28 -123.80
N SER J 382 -46.91 -49.35 -124.10
CA SER J 382 -47.20 -50.66 -123.54
C SER J 382 -46.52 -50.82 -122.19
N ALA J 383 -47.17 -51.57 -121.30
CA ALA J 383 -46.68 -51.68 -119.92
C ALA J 383 -45.57 -52.72 -119.79
N MET J 384 -45.68 -53.84 -120.52
CA MET J 384 -44.68 -54.89 -120.46
C MET J 384 -44.70 -55.64 -121.78
N VAL J 385 -43.54 -56.18 -122.16
CA VAL J 385 -43.35 -56.73 -123.50
C VAL J 385 -42.31 -57.83 -123.47
N GLU J 386 -42.67 -58.99 -124.03
CA GLU J 386 -41.72 -60.09 -124.22
C GLU J 386 -40.84 -59.75 -125.41
N CYS J 387 -39.64 -59.28 -125.15
CA CYS J 387 -38.71 -58.95 -126.20
C CYS J 387 -37.67 -60.05 -126.34
N MET J 388 -37.22 -60.26 -127.58
CA MET J 388 -36.31 -61.33 -127.94
C MET J 388 -35.11 -60.72 -128.69
N GLU J 389 -34.46 -59.77 -128.05
CA GLU J 389 -33.18 -59.26 -128.54
C GLU J 389 -32.06 -60.08 -127.90
N LEU J 390 -30.81 -59.66 -128.07
CA LEU J 390 -29.73 -60.39 -127.44
C LEU J 390 -29.54 -59.99 -125.99
N CYS J 391 -29.37 -60.99 -125.16
CA CYS J 391 -29.07 -60.83 -123.74
C CYS J 391 -28.44 -62.13 -123.28
N ASP J 392 -27.26 -62.03 -122.67
CA ASP J 392 -26.63 -63.20 -122.08
C ASP J 392 -27.48 -63.72 -120.94
N ALA J 393 -27.51 -65.05 -120.79
CA ALA J 393 -28.39 -65.68 -119.81
C ALA J 393 -27.95 -65.40 -118.37
N LEU J 394 -26.73 -64.95 -118.16
CA LEU J 394 -26.26 -64.72 -116.81
C LEU J 394 -26.66 -63.33 -116.33
N THR J 395 -26.54 -62.32 -117.19
CA THR J 395 -26.99 -60.99 -116.82
C THR J 395 -28.52 -60.91 -116.79
N LEU J 396 -29.18 -61.66 -117.68
CA LEU J 396 -30.64 -61.71 -117.69
C LEU J 396 -31.17 -62.33 -116.41
N HIS J 397 -30.49 -63.36 -115.90
CA HIS J 397 -30.94 -64.01 -114.68
C HIS J 397 -30.77 -63.12 -113.47
N ILE J 398 -29.80 -62.22 -113.49
CA ILE J 398 -29.63 -61.27 -112.39
C ILE J 398 -30.71 -60.20 -112.45
N ARG J 399 -30.95 -59.64 -113.65
CA ARG J 399 -31.95 -58.60 -113.79
C ARG J 399 -33.37 -59.13 -113.63
N GLU J 400 -33.58 -60.41 -113.92
CA GLU J 400 -34.87 -61.02 -113.61
C GLU J 400 -35.01 -61.25 -112.11
N THR J 401 -33.89 -61.41 -111.41
CA THR J 401 -33.93 -61.67 -109.97
C THR J 401 -34.02 -60.38 -109.16
N TYR J 402 -33.32 -59.33 -109.60
CA TYR J 402 -33.44 -58.03 -108.95
C TYR J 402 -34.83 -57.46 -109.14
N ILE J 403 -35.50 -57.78 -110.24
CA ILE J 403 -36.85 -57.28 -110.42
C ILE J 403 -37.86 -58.22 -109.78
N MET J 404 -37.42 -59.39 -109.30
CA MET J 404 -38.19 -60.13 -108.32
C MET J 404 -37.98 -59.56 -106.93
N LEU J 405 -36.80 -58.99 -106.67
CA LEU J 405 -36.53 -58.37 -105.38
C LEU J 405 -37.39 -57.14 -105.17
N LEU J 406 -37.61 -56.35 -106.22
CA LEU J 406 -38.38 -55.12 -106.09
C LEU J 406 -39.86 -55.40 -105.91
N ARG J 407 -40.38 -56.41 -106.60
CA ARG J 407 -41.78 -56.79 -106.40
C ARG J 407 -41.98 -57.52 -105.10
N SER J 408 -40.91 -58.07 -104.52
CA SER J 408 -41.02 -58.70 -103.21
C SER J 408 -41.21 -57.68 -102.11
N MET J 409 -40.65 -56.48 -102.29
CA MET J 409 -40.80 -55.40 -101.33
C MET J 409 -41.91 -54.44 -101.72
N HIS J 410 -42.79 -54.85 -102.63
CA HIS J 410 -43.86 -54.00 -103.12
C HIS J 410 -44.97 -53.90 -102.08
N GLN J 411 -45.34 -52.67 -101.75
CA GLN J 411 -46.49 -52.40 -100.91
C GLN J 411 -47.62 -51.87 -101.80
N ASP J 412 -48.81 -52.42 -101.62
CA ASP J 412 -50.00 -51.94 -102.30
C ASP J 412 -50.31 -50.53 -101.82
N PRO J 413 -50.30 -49.53 -102.70
CA PRO J 413 -50.45 -48.15 -102.24
C PRO J 413 -51.85 -47.80 -101.79
N THR J 414 -52.86 -48.60 -102.14
CA THR J 414 -54.20 -48.32 -101.68
C THR J 414 -54.42 -48.71 -100.23
N GLN J 415 -53.44 -49.36 -99.59
CA GLN J 415 -53.53 -49.72 -98.19
C GLN J 415 -52.70 -48.80 -97.30
N ILE J 416 -52.10 -47.75 -97.87
CA ILE J 416 -51.34 -46.79 -97.08
C ILE J 416 -52.25 -46.02 -96.13
N VAL J 417 -53.51 -45.83 -96.53
CA VAL J 417 -54.50 -45.15 -95.69
C VAL J 417 -54.71 -45.89 -94.38
N GLN J 418 -54.76 -47.23 -94.43
CA GLN J 418 -54.82 -47.98 -93.19
C GLN J 418 -53.50 -48.01 -92.45
N ILE J 419 -52.37 -47.83 -93.16
CA ILE J 419 -51.09 -47.75 -92.48
C ILE J 419 -50.99 -46.45 -91.69
N VAL J 420 -51.43 -45.34 -92.30
CA VAL J 420 -51.35 -44.04 -91.62
C VAL J 420 -52.34 -43.96 -90.47
N ASN J 421 -53.51 -44.59 -90.60
CA ASN J 421 -54.47 -44.62 -89.50
C ASN J 421 -53.97 -45.45 -88.34
N GLU J 422 -53.54 -46.69 -88.61
CA GLU J 422 -53.22 -47.60 -87.52
C GLU J 422 -51.90 -47.26 -86.85
N CYS J 423 -51.00 -46.58 -87.56
CA CYS J 423 -49.81 -46.08 -86.88
C CYS J 423 -50.13 -44.87 -86.03
N ALA J 424 -51.13 -44.08 -86.42
CA ALA J 424 -51.52 -42.90 -85.64
C ALA J 424 -52.45 -43.22 -84.49
N ASN J 425 -52.80 -44.50 -84.31
CA ASN J 425 -53.88 -44.95 -83.41
C ASN J 425 -55.19 -44.23 -83.72
N ASN J 426 -55.47 -44.07 -85.02
CA ASN J 426 -56.68 -43.45 -85.54
C ASN J 426 -56.87 -42.02 -85.04
N LEU J 427 -55.77 -41.29 -84.91
CA LEU J 427 -55.82 -39.88 -84.57
C LEU J 427 -55.66 -38.98 -85.78
N LEU J 428 -55.42 -39.54 -86.96
CA LEU J 428 -55.11 -38.74 -88.13
C LEU J 428 -55.42 -39.60 -89.35
N ASN J 429 -56.38 -39.17 -90.15
CA ASN J 429 -56.81 -39.92 -91.32
C ASN J 429 -56.36 -39.19 -92.57
N SER J 430 -56.34 -39.93 -93.69
CA SER J 430 -56.02 -39.34 -94.97
C SER J 430 -56.83 -40.06 -96.05
N THR J 431 -56.95 -39.40 -97.19
CA THR J 431 -57.49 -39.98 -98.41
C THR J 431 -56.46 -39.75 -99.48
N ILE J 432 -55.74 -40.80 -99.86
CA ILE J 432 -54.66 -40.70 -100.84
C ILE J 432 -55.16 -41.36 -102.13
N PRO J 433 -55.51 -40.60 -103.15
CA PRO J 433 -55.95 -41.23 -104.41
C PRO J 433 -54.78 -41.62 -105.29
N ILE J 434 -54.81 -42.83 -105.82
CA ILE J 434 -53.80 -43.29 -106.75
C ILE J 434 -54.49 -43.73 -108.03
N SER J 435 -53.73 -43.75 -109.11
CA SER J 435 -54.18 -44.30 -110.38
C SER J 435 -53.75 -45.77 -110.41
N LEU J 436 -54.72 -46.66 -110.36
CA LEU J 436 -54.43 -48.09 -110.40
C LEU J 436 -53.94 -48.47 -111.79
N ARG J 437 -52.66 -48.73 -111.89
CA ARG J 437 -51.97 -49.06 -113.12
C ARG J 437 -51.46 -50.49 -113.04
N PRO J 438 -51.22 -51.15 -114.19
CA PRO J 438 -50.69 -52.51 -114.15
C PRO J 438 -49.28 -52.59 -113.61
N THR J 439 -48.40 -51.74 -114.13
CA THR J 439 -47.00 -51.72 -113.68
C THR J 439 -46.81 -50.65 -112.61
N ILE J 440 -47.56 -50.81 -111.54
CA ILE J 440 -47.43 -49.97 -110.35
C ILE J 440 -46.31 -50.56 -109.49
N LEU J 441 -45.48 -49.69 -108.93
CA LEU J 441 -44.36 -50.16 -108.13
C LEU J 441 -44.09 -49.15 -107.03
N CYS J 442 -44.27 -49.58 -105.78
CA CYS J 442 -43.91 -48.79 -104.61
C CYS J 442 -43.12 -49.70 -103.68
N PRO J 443 -41.81 -49.73 -103.81
CA PRO J 443 -40.97 -50.66 -103.02
C PRO J 443 -40.80 -50.23 -101.58
N TRP J 444 -41.91 -50.17 -100.85
CA TRP J 444 -41.98 -49.47 -99.57
C TRP J 444 -42.35 -50.42 -98.45
N PHE J 445 -41.94 -51.69 -98.55
CA PHE J 445 -42.40 -52.74 -97.65
C PHE J 445 -41.26 -53.67 -97.27
N ALA J 446 -41.22 -54.04 -96.00
CA ALA J 446 -40.35 -55.12 -95.52
C ALA J 446 -41.17 -56.00 -94.60
N SER J 447 -40.91 -57.30 -94.64
CA SER J 447 -41.74 -58.26 -93.91
C SER J 447 -41.44 -58.21 -92.42
N SER J 448 -42.20 -59.01 -91.67
CA SER J 448 -42.04 -59.05 -90.22
C SER J 448 -40.72 -59.70 -89.83
N GLU J 449 -40.32 -60.75 -90.55
CA GLU J 449 -39.04 -61.40 -90.26
C GLU J 449 -37.87 -60.52 -90.72
N ASP J 450 -38.10 -59.69 -91.73
CA ASP J 450 -37.04 -58.89 -92.30
C ASP J 450 -36.66 -57.72 -91.39
N LEU J 451 -37.65 -57.09 -90.76
CA LEU J 451 -37.37 -56.00 -89.84
C LEU J 451 -36.73 -56.48 -88.55
N ARG J 452 -36.88 -57.76 -88.21
CA ARG J 452 -36.19 -58.31 -87.05
C ARG J 452 -34.69 -58.40 -87.29
N LEU J 453 -34.29 -58.77 -88.50
CA LEU J 453 -32.86 -58.86 -88.80
C LEU J 453 -32.23 -57.48 -88.92
N GLN J 454 -33.02 -56.47 -89.29
CA GLN J 454 -32.53 -55.11 -89.26
C GLN J 454 -32.26 -54.66 -87.83
N GLN J 455 -33.08 -55.11 -86.88
CA GLN J 455 -32.95 -54.67 -85.50
C GLN J 455 -31.70 -55.23 -84.84
N VAL J 456 -31.38 -56.50 -85.12
CA VAL J 456 -30.14 -57.07 -84.61
C VAL J 456 -28.94 -56.43 -85.28
N MET J 457 -29.07 -56.10 -86.56
CA MET J 457 -27.98 -55.48 -87.29
C MET J 457 -27.72 -54.05 -86.82
N HIS J 458 -28.76 -53.36 -86.36
CA HIS J 458 -28.53 -52.14 -85.59
C HIS J 458 -27.80 -52.47 -84.30
N LEU J 459 -28.28 -53.48 -83.57
CA LEU J 459 -27.76 -53.84 -82.26
C LEU J 459 -26.32 -54.35 -82.33
N VAL J 460 -25.88 -54.82 -83.50
CA VAL J 460 -24.45 -55.06 -83.72
C VAL J 460 -23.71 -53.75 -83.89
N ASN J 461 -24.24 -52.86 -84.74
CA ASN J 461 -23.58 -51.59 -85.04
C ASN J 461 -23.66 -50.60 -83.88
N ILE J 462 -24.55 -50.83 -82.92
CA ILE J 462 -24.82 -49.95 -81.80
C ILE J 462 -24.31 -50.72 -80.58
N SER J 463 -23.12 -51.28 -80.72
CA SER J 463 -22.47 -52.06 -79.67
C SER J 463 -22.06 -51.16 -78.49
N SER J 464 -21.28 -51.75 -77.57
CA SER J 464 -21.04 -51.25 -76.21
C SER J 464 -20.62 -49.79 -76.05
N ASN J 465 -20.22 -49.12 -77.13
CA ASN J 465 -20.00 -47.69 -77.09
C ASN J 465 -21.33 -46.99 -76.86
N THR J 466 -21.43 -46.25 -75.76
CA THR J 466 -22.67 -45.57 -75.40
C THR J 466 -22.95 -44.34 -76.26
N ALA J 467 -21.99 -43.92 -77.08
CA ALA J 467 -22.18 -42.79 -77.99
C ALA J 467 -22.90 -43.17 -79.27
N ALA J 468 -23.48 -44.36 -79.33
CA ALA J 468 -24.29 -44.79 -80.47
C ALA J 468 -25.72 -45.09 -80.09
N ALA J 469 -25.98 -45.46 -78.85
CA ALA J 469 -27.34 -45.69 -78.37
C ALA J 469 -27.99 -44.43 -77.86
N LEU J 470 -27.19 -43.52 -77.30
CA LEU J 470 -27.70 -42.22 -76.89
C LEU J 470 -28.33 -41.37 -78.01
N PRO J 471 -27.86 -41.36 -79.27
CA PRO J 471 -28.63 -40.65 -80.30
C PRO J 471 -29.97 -41.26 -80.64
N LEU J 472 -30.25 -42.50 -80.24
CA LEU J 472 -31.57 -43.05 -80.51
C LEU J 472 -32.60 -42.54 -79.52
N VAL J 473 -32.18 -42.17 -78.31
CA VAL J 473 -33.14 -41.62 -77.37
C VAL J 473 -33.15 -40.10 -77.38
N GLU J 474 -32.04 -39.45 -77.72
CA GLU J 474 -32.06 -37.99 -77.80
C GLU J 474 -32.70 -37.50 -79.08
N ALA J 475 -32.75 -38.33 -80.12
CA ALA J 475 -33.60 -38.00 -81.25
C ALA J 475 -35.07 -38.15 -80.87
N LEU J 476 -35.40 -39.24 -80.16
CA LEU J 476 -36.78 -39.43 -79.73
C LEU J 476 -37.18 -38.45 -78.63
N SER J 477 -36.21 -37.97 -77.85
CA SER J 477 -36.50 -36.91 -76.89
C SER J 477 -36.85 -35.62 -77.58
N THR J 478 -36.27 -35.35 -78.74
CA THR J 478 -36.63 -34.17 -79.51
C THR J 478 -38.02 -34.34 -80.12
N LEU J 479 -38.34 -35.55 -80.58
CA LEU J 479 -39.65 -35.80 -81.16
C LEU J 479 -40.74 -35.86 -80.11
N LEU J 480 -40.43 -36.30 -78.89
CA LEU J 480 -41.44 -36.33 -77.84
C LEU J 480 -41.80 -34.93 -77.37
N ARG J 481 -40.81 -34.06 -77.18
CA ARG J 481 -41.08 -32.77 -76.60
C ARG J 481 -41.71 -31.80 -77.59
N SER J 482 -41.68 -32.09 -78.88
CA SER J 482 -42.37 -31.25 -79.86
C SER J 482 -43.80 -31.71 -80.09
N VAL J 483 -44.06 -33.01 -79.92
CA VAL J 483 -45.40 -33.53 -80.09
C VAL J 483 -46.29 -33.19 -78.90
N THR J 484 -45.73 -33.25 -77.69
CA THR J 484 -46.50 -33.30 -76.45
C THR J 484 -47.30 -32.02 -76.21
N PRO J 485 -48.46 -32.13 -75.56
CA PRO J 485 -49.20 -30.94 -75.15
C PRO J 485 -48.72 -30.33 -73.86
N LEU J 486 -47.84 -31.03 -73.15
CA LEU J 486 -47.54 -30.73 -71.76
C LEU J 486 -46.37 -29.77 -71.70
N VAL J 487 -46.67 -28.50 -71.48
CA VAL J 487 -45.64 -27.53 -71.13
C VAL J 487 -45.26 -27.77 -69.68
N LEU J 488 -44.05 -27.39 -69.30
CA LEU J 488 -43.55 -27.65 -67.95
C LEU J 488 -43.24 -26.33 -67.28
N ASP J 489 -44.05 -25.96 -66.30
CA ASP J 489 -43.90 -24.67 -65.62
C ASP J 489 -43.69 -24.92 -64.14
N PRO J 490 -42.49 -24.68 -63.61
CA PRO J 490 -42.25 -24.91 -62.17
C PRO J 490 -42.78 -23.82 -61.28
N THR J 491 -43.27 -22.71 -61.84
CA THR J 491 -43.67 -21.56 -61.04
C THR J 491 -44.96 -21.82 -60.27
N VAL J 492 -45.73 -22.85 -60.63
CA VAL J 492 -46.85 -23.25 -59.80
C VAL J 492 -46.33 -23.83 -58.49
N LEU J 493 -45.28 -24.67 -58.57
CA LEU J 493 -44.67 -25.23 -57.38
C LEU J 493 -43.75 -24.23 -56.70
N THR J 494 -43.13 -23.32 -57.46
CA THR J 494 -42.29 -22.29 -56.84
C THR J 494 -43.14 -21.32 -56.04
N ASN J 495 -44.34 -21.00 -56.52
CA ASN J 495 -45.27 -20.24 -55.68
C ASN J 495 -45.77 -21.06 -54.49
N ALA J 496 -45.84 -22.38 -54.65
CA ALA J 496 -46.26 -23.23 -53.54
C ALA J 496 -45.16 -23.42 -52.51
N ILE J 497 -43.91 -23.13 -52.87
CA ILE J 497 -42.79 -23.22 -51.95
C ILE J 497 -42.33 -21.85 -51.48
N THR J 498 -42.80 -20.77 -52.11
CA THR J 498 -42.43 -19.42 -51.68
C THR J 498 -43.06 -19.08 -50.33
N THR J 499 -44.26 -19.60 -50.07
CA THR J 499 -44.95 -19.31 -48.81
C THR J 499 -44.21 -19.90 -47.62
N ILE J 500 -43.62 -21.08 -47.79
CA ILE J 500 -42.85 -21.70 -46.73
C ILE J 500 -41.34 -21.69 -47.04
N SER J 501 -40.88 -20.74 -47.87
CA SER J 501 -39.45 -20.63 -48.12
C SER J 501 -38.69 -20.13 -46.90
N GLU J 502 -39.29 -19.17 -46.16
CA GLU J 502 -38.74 -18.57 -44.94
C GLU J 502 -37.39 -17.93 -45.23
N SER J 503 -37.40 -16.79 -45.95
CA SER J 503 -36.19 -16.16 -46.48
C SER J 503 -35.21 -15.70 -45.40
N THR J 504 -35.64 -15.55 -44.15
CA THR J 504 -34.71 -15.30 -43.06
C THR J 504 -33.88 -16.56 -42.77
N THR J 505 -32.77 -16.37 -42.04
CA THR J 505 -31.73 -17.39 -41.91
C THR J 505 -32.21 -18.61 -41.13
N GLN J 506 -31.33 -19.64 -41.11
CA GLN J 506 -31.55 -21.07 -40.75
C GLN J 506 -32.39 -21.69 -41.87
N THR J 507 -32.33 -21.11 -43.07
CA THR J 507 -33.05 -21.61 -44.23
C THR J 507 -32.14 -22.37 -45.21
N ILE J 508 -30.98 -22.84 -44.74
CA ILE J 508 -29.94 -23.35 -45.62
C ILE J 508 -30.41 -24.62 -46.33
N SER J 509 -31.05 -25.52 -45.59
CA SER J 509 -31.57 -26.76 -46.16
C SER J 509 -32.80 -26.58 -47.09
N PRO J 510 -33.81 -25.75 -46.78
CA PRO J 510 -34.87 -25.56 -47.79
C PRO J 510 -34.42 -24.75 -49.00
N ILE J 511 -33.43 -23.87 -48.86
CA ILE J 511 -32.86 -23.24 -50.04
C ILE J 511 -32.00 -24.24 -50.81
N SER J 512 -31.41 -25.22 -50.10
CA SER J 512 -30.67 -26.30 -50.77
C SER J 512 -31.59 -27.16 -51.62
N GLU J 513 -32.87 -27.24 -51.27
CA GLU J 513 -33.86 -27.85 -52.14
C GLU J 513 -34.00 -27.05 -53.42
N ILE J 514 -34.37 -25.77 -53.29
CA ILE J 514 -34.64 -24.92 -54.44
C ILE J 514 -33.38 -24.50 -55.18
N LEU J 515 -32.20 -24.81 -54.61
CA LEU J 515 -30.96 -24.67 -55.36
C LEU J 515 -30.95 -25.62 -56.56
N ARG J 516 -31.53 -26.81 -56.41
CA ARG J 516 -31.65 -27.76 -57.50
C ARG J 516 -33.10 -27.97 -57.93
N LEU J 517 -34.01 -27.08 -57.51
CA LEU J 517 -35.41 -27.16 -57.93
C LEU J 517 -35.92 -25.94 -58.67
N LEU J 518 -35.19 -24.83 -58.70
CA LEU J 518 -35.71 -23.63 -59.35
C LEU J 518 -35.52 -23.68 -60.86
N GLN J 519 -34.25 -23.66 -61.31
CA GLN J 519 -33.80 -23.66 -62.70
C GLN J 519 -34.47 -22.60 -63.57
N PRO J 520 -34.16 -21.30 -63.38
CA PRO J 520 -34.72 -20.28 -64.28
C PRO J 520 -34.12 -20.36 -65.67
N MET J 521 -32.79 -20.35 -65.73
CA MET J 521 -32.05 -20.37 -66.99
C MET J 521 -30.97 -21.45 -67.00
N GLY J 522 -31.12 -22.49 -66.18
CA GLY J 522 -30.18 -23.58 -66.15
C GLY J 522 -30.23 -24.42 -67.41
N ASN J 523 -31.34 -25.11 -67.61
CA ASN J 523 -31.57 -25.88 -68.84
C ASN J 523 -33.07 -26.09 -69.00
N ASP J 524 -33.43 -26.74 -70.09
CA ASP J 524 -34.78 -27.28 -70.25
C ASP J 524 -34.92 -28.57 -69.43
N TYR J 525 -36.08 -29.20 -69.53
CA TYR J 525 -36.30 -30.47 -68.85
C TYR J 525 -35.91 -31.63 -69.77
N ALA J 526 -34.63 -31.64 -70.14
CA ALA J 526 -34.12 -32.66 -71.03
C ALA J 526 -34.01 -34.00 -70.33
N ALA J 527 -33.78 -34.00 -69.01
CA ALA J 527 -33.66 -35.25 -68.27
C ALA J 527 -34.99 -35.96 -68.14
N PHE J 528 -36.10 -35.26 -68.29
CA PHE J 528 -37.41 -35.91 -68.19
C PHE J 528 -37.76 -36.61 -69.49
N TRP J 529 -37.57 -35.95 -70.62
CA TRP J 529 -37.96 -36.53 -71.90
C TRP J 529 -36.99 -37.60 -72.36
N LYS J 530 -35.71 -37.48 -71.98
CA LYS J 530 -34.76 -38.54 -72.24
C LYS J 530 -35.08 -39.78 -71.44
N CYS J 531 -35.66 -39.59 -70.27
CA CYS J 531 -36.03 -40.73 -69.43
C CYS J 531 -37.26 -41.44 -69.96
N ILE J 532 -38.10 -40.74 -70.72
CA ILE J 532 -39.26 -41.38 -71.35
C ILE J 532 -38.81 -42.12 -72.61
N ALA J 533 -37.92 -41.52 -73.39
CA ALA J 533 -37.47 -42.12 -74.65
C ALA J 533 -36.65 -43.38 -74.42
N SER J 534 -36.08 -43.55 -73.23
CA SER J 534 -35.38 -44.79 -72.91
C SER J 534 -36.33 -45.94 -72.66
N TRP J 535 -37.60 -45.66 -72.39
CA TRP J 535 -38.58 -46.75 -72.25
C TRP J 535 -38.83 -47.41 -73.59
N ALA J 536 -38.84 -46.62 -74.66
CA ALA J 536 -38.97 -47.21 -75.99
C ALA J 536 -37.72 -47.98 -76.36
N TYR J 537 -36.55 -47.50 -75.95
CA TYR J 537 -35.29 -48.13 -76.28
C TYR J 537 -34.68 -48.80 -75.06
N ASN J 538 -35.52 -49.45 -74.26
CA ASN J 538 -35.06 -50.33 -73.19
C ASN J 538 -34.29 -51.50 -73.78
N GLY J 539 -33.33 -52.00 -73.02
CA GLY J 539 -32.47 -53.06 -73.53
C GLY J 539 -31.37 -52.60 -74.45
N LEU J 540 -31.41 -51.36 -74.91
CA LEU J 540 -30.32 -50.72 -75.65
C LEU J 540 -29.64 -49.64 -74.84
N VAL J 541 -30.39 -48.89 -74.05
CA VAL J 541 -29.85 -47.91 -73.12
C VAL J 541 -30.82 -47.78 -71.95
N THR J 542 -30.29 -47.86 -70.74
CA THR J 542 -31.07 -47.75 -69.52
C THR J 542 -30.76 -46.43 -68.84
N THR J 543 -31.81 -45.71 -68.44
CA THR J 543 -31.65 -44.42 -67.79
C THR J 543 -31.46 -44.61 -66.29
N VAL J 544 -30.27 -45.07 -65.92
CA VAL J 544 -29.99 -45.36 -64.51
C VAL J 544 -29.84 -44.07 -63.72
N LEU J 545 -29.99 -44.21 -62.40
CA LEU J 545 -29.79 -43.09 -61.49
C LEU J 545 -28.32 -42.71 -61.45
N SER J 546 -28.06 -41.42 -61.23
CA SER J 546 -26.69 -40.93 -61.25
C SER J 546 -25.95 -41.35 -59.98
N GLU J 547 -24.64 -41.49 -60.12
CA GLU J 547 -23.78 -41.79 -58.97
C GLU J 547 -23.77 -40.64 -57.98
N ASP J 548 -23.87 -39.40 -58.47
CA ASP J 548 -23.72 -38.22 -57.65
C ASP J 548 -24.92 -37.94 -56.77
N ALA J 549 -26.08 -38.50 -57.08
CA ALA J 549 -27.30 -38.22 -56.34
C ALA J 549 -27.60 -39.24 -55.26
N PHE J 550 -26.84 -40.32 -55.19
CA PHE J 550 -26.93 -41.19 -54.05
C PHE J 550 -26.29 -40.48 -52.85
N PRO J 551 -26.94 -40.48 -51.69
CA PRO J 551 -26.24 -40.08 -50.47
C PRO J 551 -25.20 -41.13 -50.12
N ASP J 552 -24.08 -40.65 -49.59
CA ASP J 552 -22.98 -41.55 -49.28
C ASP J 552 -23.30 -42.46 -48.10
N SER J 553 -22.75 -43.66 -48.13
CA SER J 553 -23.10 -44.68 -47.14
C SER J 553 -22.22 -44.59 -45.89
N SER J 554 -22.13 -43.37 -45.37
CA SER J 554 -21.60 -43.08 -44.05
C SER J 554 -22.43 -42.01 -43.35
N GLN J 555 -23.30 -41.32 -44.08
CA GLN J 555 -24.08 -40.23 -43.53
C GLN J 555 -25.32 -40.77 -42.83
N SER J 556 -25.62 -40.22 -41.66
CA SER J 556 -26.83 -40.61 -40.96
C SER J 556 -28.05 -39.95 -41.61
N ILE J 557 -29.23 -40.46 -41.22
CA ILE J 557 -30.48 -39.92 -41.72
C ILE J 557 -30.80 -38.56 -41.12
N THR J 558 -30.21 -38.24 -39.97
CA THR J 558 -30.46 -36.97 -39.29
C THR J 558 -29.94 -35.77 -40.08
N HIS J 559 -28.97 -35.97 -40.95
CA HIS J 559 -28.50 -34.89 -41.82
C HIS J 559 -29.57 -34.59 -42.85
N LEU J 560 -30.18 -33.41 -42.73
CA LEU J 560 -31.32 -33.06 -43.59
C LEU J 560 -31.03 -32.94 -45.08
N PRO J 561 -29.91 -32.35 -45.56
CA PRO J 561 -29.67 -32.38 -47.02
C PRO J 561 -29.42 -33.76 -47.58
N SER J 562 -29.10 -34.74 -46.73
CA SER J 562 -28.95 -36.09 -47.21
C SER J 562 -30.28 -36.79 -47.39
N MET J 563 -31.30 -36.45 -46.59
CA MET J 563 -32.57 -37.14 -46.75
C MET J 563 -33.44 -36.51 -47.83
N TRP J 564 -33.27 -35.22 -48.11
CA TRP J 564 -33.90 -34.64 -49.29
C TRP J 564 -33.24 -35.14 -50.55
N LYS J 565 -31.95 -35.49 -50.45
CA LYS J 565 -31.26 -36.20 -51.52
C LYS J 565 -31.80 -37.61 -51.69
N CYS J 566 -32.38 -38.18 -50.64
CA CYS J 566 -33.04 -39.48 -50.71
C CYS J 566 -34.52 -39.35 -51.07
N LEU J 567 -35.13 -38.20 -50.80
CA LEU J 567 -36.53 -38.01 -51.15
C LEU J 567 -36.71 -37.87 -52.65
N PHE J 568 -35.82 -37.13 -53.30
CA PHE J 568 -35.91 -36.93 -54.74
C PHE J 568 -35.54 -38.20 -55.46
N LEU J 569 -34.73 -39.02 -54.84
CA LEU J 569 -34.29 -40.27 -55.43
C LEU J 569 -35.41 -41.29 -55.44
N THR J 570 -36.19 -41.33 -54.36
CA THR J 570 -37.30 -42.27 -54.25
C THR J 570 -38.43 -41.89 -55.19
N LEU J 571 -38.68 -40.59 -55.36
CA LEU J 571 -39.76 -40.14 -56.25
C LEU J 571 -39.44 -40.44 -57.71
N ALA J 572 -38.20 -40.22 -58.12
CA ALA J 572 -37.78 -40.53 -59.48
C ALA J 572 -37.33 -41.99 -59.62
N GLY J 573 -37.72 -42.86 -58.70
CA GLY J 573 -37.44 -44.28 -58.78
C GLY J 573 -38.07 -44.97 -59.97
N PRO J 574 -39.41 -45.05 -60.01
CA PRO J 574 -40.08 -45.76 -61.11
C PRO J 574 -40.03 -45.04 -62.43
N MET J 575 -39.55 -43.81 -62.46
CA MET J 575 -39.40 -43.11 -63.73
C MET J 575 -38.32 -43.74 -64.58
N THR J 576 -37.30 -44.30 -63.95
CA THR J 576 -36.15 -44.86 -64.65
C THR J 576 -36.49 -46.23 -65.24
N SER J 577 -35.70 -46.61 -66.25
CA SER J 577 -35.80 -47.93 -66.86
C SER J 577 -34.77 -48.90 -66.29
N ASP J 578 -34.02 -48.48 -65.29
CA ASP J 578 -33.13 -49.36 -64.55
C ASP J 578 -33.97 -50.39 -63.81
N PRO J 579 -33.75 -51.69 -64.03
CA PRO J 579 -34.53 -52.68 -63.29
C PRO J 579 -34.14 -52.80 -61.84
N HIS J 580 -32.94 -52.33 -61.47
CA HIS J 580 -32.49 -52.35 -60.10
C HIS J 580 -32.88 -51.08 -59.36
N SER J 581 -33.67 -50.22 -59.99
CA SER J 581 -34.20 -49.04 -59.33
C SER J 581 -35.01 -49.28 -58.04
N PRO J 582 -35.81 -50.35 -57.87
CA PRO J 582 -36.43 -50.55 -56.55
C PRO J 582 -35.45 -50.85 -55.44
N VAL J 583 -34.27 -51.36 -55.75
CA VAL J 583 -33.33 -51.77 -54.71
C VAL J 583 -32.34 -50.65 -54.41
N LYS J 584 -31.96 -49.89 -55.44
CA LYS J 584 -31.15 -48.70 -55.22
C LYS J 584 -31.91 -47.65 -54.44
N VAL J 585 -33.22 -47.55 -54.65
CA VAL J 585 -34.06 -46.69 -53.83
C VAL J 585 -34.17 -47.24 -52.41
N PHE J 586 -34.34 -48.56 -52.28
CA PHE J 586 -34.49 -49.16 -50.96
C PHE J 586 -33.22 -49.07 -50.15
N MET J 587 -32.07 -49.26 -50.79
CA MET J 587 -30.82 -49.28 -50.03
C MET J 587 -30.37 -47.88 -49.65
N ALA J 588 -30.71 -46.88 -50.46
CA ALA J 588 -30.26 -45.51 -50.20
C ALA J 588 -30.90 -44.95 -48.95
N LEU J 589 -32.15 -45.31 -48.68
CA LEU J 589 -32.73 -44.99 -47.39
C LEU J 589 -32.16 -45.90 -46.30
N ALA J 590 -31.86 -47.16 -46.66
CA ALA J 590 -31.30 -48.09 -45.70
C ALA J 590 -29.87 -47.73 -45.34
N ASN J 591 -29.16 -47.03 -46.22
CA ASN J 591 -27.82 -46.54 -45.88
C ASN J 591 -27.87 -45.49 -44.79
N LEU J 592 -28.92 -44.66 -44.79
CA LEU J 592 -28.96 -43.50 -43.93
C LEU J 592 -29.26 -43.84 -42.48
N LEU J 593 -29.76 -45.03 -42.21
CA LEU J 593 -30.16 -45.42 -40.86
C LEU J 593 -29.51 -46.73 -40.45
N ALA J 594 -28.18 -46.80 -40.62
CA ALA J 594 -27.43 -47.99 -40.25
C ALA J 594 -27.43 -48.22 -38.74
N GLN J 595 -27.16 -47.18 -37.95
CA GLN J 595 -27.28 -47.35 -36.51
C GLN J 595 -28.72 -47.28 -35.97
N PRO J 596 -29.57 -46.29 -36.31
CA PRO J 596 -30.90 -46.28 -35.68
C PRO J 596 -31.81 -47.41 -36.13
N GLU J 597 -31.67 -47.92 -37.35
CA GLU J 597 -32.44 -49.07 -37.81
C GLU J 597 -31.47 -50.13 -38.32
N PRO J 598 -30.85 -50.89 -37.41
CA PRO J 598 -29.82 -51.84 -37.84
C PRO J 598 -30.36 -53.11 -38.47
N ILE J 599 -30.65 -53.04 -39.76
CA ILE J 599 -31.09 -54.22 -40.49
C ILE J 599 -29.88 -55.09 -40.81
N ALA J 600 -30.14 -56.37 -41.07
CA ALA J 600 -29.13 -57.29 -41.58
C ALA J 600 -29.45 -57.62 -43.03
N ILE J 601 -28.42 -57.60 -43.87
CA ILE J 601 -28.55 -57.91 -45.28
C ILE J 601 -27.93 -59.26 -45.55
N GLY J 602 -28.68 -60.14 -46.21
CA GLY J 602 -28.29 -61.54 -46.32
C GLY J 602 -27.33 -61.86 -47.43
N VAL J 603 -26.97 -60.91 -48.28
CA VAL J 603 -25.95 -61.21 -49.30
C VAL J 603 -24.57 -61.25 -48.63
N PRO J 604 -23.77 -62.29 -48.88
CA PRO J 604 -22.55 -62.46 -48.10
C PRO J 604 -21.46 -61.47 -48.46
N GLY J 605 -20.63 -61.15 -47.46
CA GLY J 605 -19.56 -60.20 -47.61
C GLY J 605 -19.98 -58.75 -47.69
N MET J 606 -21.27 -58.45 -47.56
CA MET J 606 -21.81 -57.13 -47.81
C MET J 606 -22.66 -56.70 -46.62
N HIS J 607 -22.75 -55.39 -46.43
CA HIS J 607 -23.28 -54.83 -45.20
C HIS J 607 -24.25 -53.71 -45.52
N GLN J 608 -24.80 -53.10 -44.47
CA GLN J 608 -25.67 -51.95 -44.64
C GLN J 608 -24.89 -50.68 -44.94
N THR J 609 -23.57 -50.71 -44.77
CA THR J 609 -22.70 -49.61 -45.15
C THR J 609 -22.32 -49.64 -46.62
N THR J 610 -22.91 -50.52 -47.40
CA THR J 610 -22.64 -50.67 -48.83
C THR J 610 -23.62 -49.80 -49.61
N PRO J 611 -23.14 -48.95 -50.54
CA PRO J 611 -24.02 -47.94 -51.15
C PRO J 611 -25.11 -48.48 -52.04
N ALA J 612 -25.93 -47.57 -52.55
CA ALA J 612 -26.90 -47.92 -53.57
C ALA J 612 -26.26 -48.12 -54.93
N SER J 613 -25.02 -47.67 -55.12
CA SER J 613 -24.34 -47.84 -56.40
C SER J 613 -24.00 -49.30 -56.64
N GLN J 614 -23.74 -50.07 -55.58
CA GLN J 614 -23.33 -51.45 -55.76
C GLN J 614 -24.49 -52.34 -56.19
N PHE J 615 -25.70 -52.05 -55.72
CA PHE J 615 -26.81 -52.98 -55.90
C PHE J 615 -27.30 -52.87 -57.35
N SER J 616 -26.62 -53.60 -58.23
CA SER J 616 -26.97 -53.63 -59.65
C SER J 616 -27.07 -55.05 -60.19
N HIS J 617 -27.11 -56.05 -59.31
CA HIS J 617 -27.21 -57.43 -59.71
C HIS J 617 -28.33 -58.08 -58.91
N PRO J 618 -29.08 -59.01 -59.50
CA PRO J 618 -30.27 -59.55 -58.81
C PRO J 618 -29.94 -60.42 -57.62
N GLY J 619 -28.79 -61.11 -57.61
CA GLY J 619 -28.41 -61.89 -56.45
C GLY J 619 -27.95 -61.06 -55.27
N VAL J 620 -27.81 -59.76 -55.47
CA VAL J 620 -27.33 -58.82 -54.46
C VAL J 620 -28.50 -58.06 -53.82
N TRP J 621 -29.73 -58.34 -54.25
CA TRP J 621 -30.89 -57.79 -53.57
C TRP J 621 -30.99 -58.35 -52.16
N PRO J 622 -31.31 -57.53 -51.16
CA PRO J 622 -31.44 -58.03 -49.80
C PRO J 622 -32.65 -58.94 -49.68
N PRO J 623 -32.54 -60.03 -48.90
CA PRO J 623 -33.72 -60.89 -48.71
C PRO J 623 -34.82 -60.23 -47.90
N GLY J 624 -34.47 -59.28 -47.04
CA GLY J 624 -35.49 -58.51 -46.35
C GLY J 624 -36.26 -57.60 -47.29
N PHE J 625 -35.63 -57.15 -48.38
CA PHE J 625 -36.36 -56.47 -49.42
C PHE J 625 -37.21 -57.44 -50.22
N LEU J 626 -36.73 -58.67 -50.41
CA LEU J 626 -37.49 -59.69 -51.12
C LEU J 626 -38.71 -60.12 -50.32
N ASN J 627 -38.51 -60.38 -49.03
CA ASN J 627 -39.59 -60.70 -48.11
C ASN J 627 -39.57 -59.67 -47.00
N PRO J 628 -40.49 -58.70 -47.00
CA PRO J 628 -40.54 -57.73 -45.89
C PRO J 628 -40.94 -58.31 -44.55
N GLN J 629 -41.38 -59.57 -44.49
CA GLN J 629 -41.60 -60.22 -43.21
C GLN J 629 -40.30 -60.59 -42.51
N LEU J 630 -39.17 -60.52 -43.21
CA LEU J 630 -37.87 -60.71 -42.58
C LEU J 630 -37.40 -59.49 -41.80
N ILE J 631 -38.09 -58.37 -41.93
CA ILE J 631 -37.75 -57.15 -41.22
C ILE J 631 -38.70 -57.03 -40.03
N ASN J 632 -38.13 -56.82 -38.84
CA ASN J 632 -38.98 -56.69 -37.65
C ASN J 632 -39.63 -55.31 -37.62
N PRO J 633 -40.93 -55.23 -37.33
CA PRO J 633 -41.57 -53.91 -37.27
C PRO J 633 -41.20 -53.12 -36.03
N GLN J 634 -40.92 -53.78 -34.90
CA GLN J 634 -40.51 -53.06 -33.72
C GLN J 634 -39.03 -52.72 -33.71
N GLN J 635 -38.20 -53.47 -34.45
CA GLN J 635 -36.79 -53.13 -34.55
C GLN J 635 -36.59 -52.00 -35.54
N ALA J 636 -36.97 -52.21 -36.80
CA ALA J 636 -36.84 -51.23 -37.87
C ALA J 636 -38.22 -50.90 -38.41
N PRO J 637 -38.93 -49.95 -37.78
CA PRO J 637 -40.26 -49.60 -38.30
C PRO J 637 -40.22 -48.82 -39.58
N LEU J 638 -39.13 -48.09 -39.84
CA LEU J 638 -39.03 -47.32 -41.07
C LEU J 638 -38.79 -48.22 -42.27
N LEU J 639 -37.85 -49.16 -42.15
CA LEU J 639 -37.57 -50.08 -43.26
C LEU J 639 -38.68 -51.10 -43.43
N ARG J 640 -39.43 -51.40 -42.37
CA ARG J 640 -40.63 -52.21 -42.48
C ARG J 640 -41.64 -51.55 -43.40
N ALA J 641 -41.95 -50.29 -43.15
CA ALA J 641 -42.95 -49.59 -43.92
C ALA J 641 -42.45 -49.10 -45.27
N PHE J 642 -41.13 -49.13 -45.50
CA PHE J 642 -40.58 -48.68 -46.78
C PHE J 642 -40.36 -49.83 -47.74
N ALA J 643 -39.98 -51.01 -47.24
CA ALA J 643 -39.99 -52.19 -48.09
C ALA J 643 -41.41 -52.59 -48.44
N GLU J 644 -42.36 -52.33 -47.54
CA GLU J 644 -43.77 -52.54 -47.87
C GLU J 644 -44.27 -51.46 -48.82
N HIS J 645 -43.65 -50.27 -48.78
CA HIS J 645 -44.02 -49.20 -49.70
C HIS J 645 -43.65 -49.55 -51.13
N ILE J 646 -42.43 -50.04 -51.34
CA ILE J 646 -41.98 -50.37 -52.69
C ILE J 646 -42.67 -51.65 -53.17
N ARG J 647 -43.03 -52.53 -52.25
CA ARG J 647 -43.73 -53.76 -52.62
C ARG J 647 -45.15 -53.47 -53.09
N ALA J 648 -45.80 -52.45 -52.54
CA ALA J 648 -47.20 -52.20 -52.82
C ALA J 648 -47.47 -51.03 -53.74
N ASN J 649 -46.51 -50.12 -53.92
CA ASN J 649 -46.78 -48.92 -54.70
C ASN J 649 -45.93 -48.79 -55.94
N TRP J 650 -44.97 -49.67 -56.17
CA TRP J 650 -44.23 -49.64 -57.42
C TRP J 650 -45.17 -50.04 -58.56
N PRO J 651 -45.15 -49.34 -59.68
CA PRO J 651 -46.17 -49.55 -60.71
C PRO J 651 -46.01 -50.88 -61.42
N GLN J 652 -47.13 -51.58 -61.56
CA GLN J 652 -47.19 -52.80 -62.35
C GLN J 652 -47.03 -52.42 -63.81
N PRO J 653 -45.99 -52.89 -64.50
CA PRO J 653 -45.78 -52.47 -65.89
C PRO J 653 -46.81 -53.09 -66.81
N SER J 654 -47.18 -52.32 -67.83
CA SER J 654 -48.26 -52.69 -68.72
C SER J 654 -47.74 -52.66 -70.16
N GLU J 655 -48.67 -52.78 -71.09
CA GLU J 655 -48.29 -52.86 -72.50
C GLU J 655 -49.35 -52.17 -73.35
N PHE J 656 -48.96 -51.82 -74.56
CA PHE J 656 -49.86 -51.22 -75.53
C PHE J 656 -49.33 -51.51 -76.92
N GLY J 657 -50.24 -51.63 -77.87
CA GLY J 657 -49.84 -51.86 -79.25
C GLY J 657 -49.31 -50.61 -79.91
N TYR J 658 -48.61 -50.81 -81.02
CA TYR J 658 -48.12 -49.70 -81.81
C TYR J 658 -48.07 -50.14 -83.27
N GLY J 659 -48.10 -49.17 -84.16
CA GLY J 659 -47.98 -49.44 -85.58
C GLY J 659 -49.19 -50.14 -86.15
N SER J 660 -49.08 -50.48 -87.42
CA SER J 660 -50.16 -51.18 -88.09
C SER J 660 -50.11 -52.66 -87.78
N THR J 661 -51.13 -53.37 -88.23
CA THR J 661 -51.09 -54.82 -88.26
C THR J 661 -50.62 -55.34 -89.61
N LEU J 662 -50.49 -54.47 -90.59
CA LEU J 662 -50.08 -54.84 -91.94
C LEU J 662 -48.63 -54.55 -92.22
N GLN J 663 -47.89 -54.02 -91.24
CA GLN J 663 -46.58 -53.45 -91.48
C GLN J 663 -45.45 -54.43 -91.18
N GLY J 664 -45.36 -54.91 -89.96
CA GLY J 664 -44.26 -55.77 -89.56
C GLY J 664 -43.96 -55.60 -88.08
N SER J 665 -43.28 -56.61 -87.54
CA SER J 665 -43.06 -56.65 -86.09
C SER J 665 -42.00 -55.65 -85.66
N ALA J 666 -40.77 -55.81 -86.17
CA ALA J 666 -39.59 -55.01 -85.87
C ALA J 666 -39.22 -55.00 -84.39
N ASN J 667 -39.64 -56.02 -83.64
CA ASN J 667 -39.28 -56.14 -82.24
C ASN J 667 -39.09 -57.60 -81.91
N LEU J 668 -38.05 -57.88 -81.11
CA LEU J 668 -37.54 -59.22 -80.93
C LEU J 668 -38.13 -59.89 -79.69
N PHE J 669 -37.87 -59.31 -78.52
CA PHE J 669 -38.13 -59.97 -77.26
C PHE J 669 -39.58 -59.84 -76.84
N ILE J 670 -40.14 -58.64 -77.01
CA ILE J 670 -41.53 -58.37 -76.71
C ILE J 670 -42.34 -58.94 -77.86
N PRO J 671 -43.64 -59.23 -77.70
CA PRO J 671 -44.43 -59.76 -78.81
C PRO J 671 -44.59 -58.76 -79.94
N SER J 672 -45.18 -59.25 -81.03
CA SER J 672 -45.25 -58.49 -82.28
C SER J 672 -46.13 -57.26 -82.11
N ASN J 673 -45.66 -56.15 -82.71
CA ASN J 673 -46.19 -54.78 -82.76
C ASN J 673 -46.92 -54.34 -81.50
N ARG J 674 -46.27 -54.52 -80.34
CA ARG J 674 -46.86 -54.16 -79.06
C ARG J 674 -45.74 -53.81 -78.09
N MET J 675 -45.64 -52.54 -77.73
CA MET J 675 -44.62 -52.06 -76.81
C MET J 675 -44.94 -52.46 -75.37
N VAL J 676 -43.98 -52.22 -74.49
CA VAL J 676 -44.10 -52.52 -73.06
C VAL J 676 -43.85 -51.23 -72.30
N TYR J 677 -44.72 -50.92 -71.35
CA TYR J 677 -44.67 -49.62 -70.71
C TYR J 677 -44.51 -49.79 -69.20
N PRO J 678 -43.73 -48.92 -68.54
CA PRO J 678 -43.49 -49.09 -67.11
C PRO J 678 -44.71 -48.80 -66.24
N TRP J 679 -45.66 -48.00 -66.71
CA TRP J 679 -46.77 -47.57 -65.89
C TRP J 679 -48.05 -48.25 -66.36
N PRO J 680 -48.98 -48.53 -65.46
CA PRO J 680 -50.16 -49.33 -65.86
C PRO J 680 -51.19 -48.51 -66.63
N ASN J 681 -50.89 -48.30 -67.92
CA ASN J 681 -51.58 -47.32 -68.74
C ASN J 681 -53.05 -47.67 -68.99
N GLN J 682 -53.82 -46.63 -69.34
CA GLN J 682 -55.23 -46.70 -69.65
C GLN J 682 -55.48 -45.76 -70.81
N PRO J 683 -56.53 -45.99 -71.60
CA PRO J 683 -56.88 -45.04 -72.66
C PRO J 683 -57.34 -43.71 -72.09
N LEU J 684 -57.26 -42.69 -72.92
CA LEU J 684 -57.45 -41.29 -72.49
C LEU J 684 -58.91 -41.01 -72.17
N PRO J 685 -59.25 -40.61 -70.94
CA PRO J 685 -60.64 -40.27 -70.63
C PRO J 685 -60.89 -38.81 -70.88
N ARG J 686 -62.11 -38.37 -70.59
CA ARG J 686 -62.36 -36.93 -70.47
C ARG J 686 -61.71 -36.45 -69.19
N LEU J 687 -61.05 -35.29 -69.25
CA LEU J 687 -60.17 -34.85 -68.18
C LEU J 687 -60.95 -34.38 -66.95
N THR J 688 -61.60 -35.30 -66.27
CA THR J 688 -62.41 -34.97 -65.11
C THR J 688 -61.57 -35.14 -63.84
N VAL J 689 -62.22 -35.06 -62.68
CA VAL J 689 -61.50 -34.81 -61.43
C VAL J 689 -60.85 -36.08 -60.91
N ALA J 690 -61.57 -37.18 -60.89
CA ALA J 690 -60.99 -38.42 -60.37
C ALA J 690 -59.98 -39.06 -61.32
N PRO J 691 -60.13 -39.03 -62.72
CA PRO J 691 -59.02 -39.47 -63.57
C PRO J 691 -57.91 -38.45 -63.80
N THR J 692 -57.48 -37.80 -62.73
CA THR J 692 -56.17 -37.17 -62.69
C THR J 692 -55.44 -37.50 -61.40
N TYR J 693 -56.09 -38.18 -60.47
CA TYR J 693 -55.54 -38.55 -59.19
C TYR J 693 -55.51 -40.05 -58.96
N ASP J 694 -56.13 -40.82 -59.84
CA ASP J 694 -56.11 -42.27 -59.77
C ASP J 694 -54.88 -42.89 -60.41
N SER J 695 -53.94 -42.08 -60.87
CA SER J 695 -52.79 -42.59 -61.60
C SER J 695 -51.84 -43.32 -60.65
N ALA J 696 -50.99 -44.16 -61.25
CA ALA J 696 -49.98 -44.83 -60.44
C ALA J 696 -48.90 -43.85 -60.01
N MET J 697 -48.56 -42.90 -60.87
CA MET J 697 -47.61 -41.89 -60.45
C MET J 697 -48.26 -40.86 -59.55
N SER J 698 -49.58 -40.69 -59.64
CA SER J 698 -50.31 -40.02 -58.57
C SER J 698 -50.20 -40.82 -57.27
N ASN J 699 -50.32 -42.14 -57.37
CA ASN J 699 -50.22 -42.99 -56.18
C ASN J 699 -48.80 -43.04 -55.67
N TRP J 700 -47.82 -43.00 -56.57
CA TRP J 700 -46.43 -43.12 -56.13
C TRP J 700 -45.94 -41.84 -55.48
N ILE J 701 -46.30 -40.69 -56.03
CA ILE J 701 -45.91 -39.41 -55.44
C ILE J 701 -46.60 -39.21 -54.10
N SER J 702 -47.88 -39.57 -54.01
CA SER J 702 -48.66 -39.37 -52.79
C SER J 702 -48.12 -40.22 -51.64
N THR J 703 -47.95 -41.52 -51.86
CA THR J 703 -47.57 -42.42 -50.78
C THR J 703 -46.10 -42.30 -50.39
N THR J 704 -45.24 -41.80 -51.28
CA THR J 704 -43.84 -41.61 -50.91
C THR J 704 -43.68 -40.37 -50.04
N ILE J 705 -44.28 -39.26 -50.46
CA ILE J 705 -44.27 -38.03 -49.67
C ILE J 705 -44.94 -38.25 -48.32
N ALA J 706 -46.05 -38.99 -48.31
CA ALA J 706 -46.67 -39.36 -47.04
C ALA J 706 -45.80 -40.31 -46.23
N PHE J 707 -44.91 -41.07 -46.87
CA PHE J 707 -43.96 -41.86 -46.10
C PHE J 707 -42.81 -41.01 -45.57
N PHE J 708 -42.34 -40.05 -46.34
CA PHE J 708 -41.22 -39.27 -45.88
C PHE J 708 -41.61 -38.15 -44.94
N ILE J 709 -42.90 -38.00 -44.64
CA ILE J 709 -43.30 -37.14 -43.53
C ILE J 709 -43.15 -37.88 -42.21
N ARG J 710 -43.58 -39.14 -42.13
CA ARG J 710 -43.35 -39.90 -40.91
C ARG J 710 -41.90 -40.34 -40.77
N VAL J 711 -41.07 -40.16 -41.80
CA VAL J 711 -39.62 -40.27 -41.60
C VAL J 711 -39.10 -39.06 -40.85
N VAL J 712 -39.40 -37.85 -41.33
CA VAL J 712 -38.83 -36.66 -40.71
C VAL J 712 -39.52 -36.33 -39.39
N ASN J 713 -40.71 -36.86 -39.15
CA ASN J 713 -41.39 -36.68 -37.88
C ASN J 713 -41.21 -37.89 -36.96
N SER J 714 -40.17 -38.68 -37.19
CA SER J 714 -39.85 -39.78 -36.30
C SER J 714 -39.12 -39.26 -35.08
N VAL J 715 -38.77 -40.17 -34.18
CA VAL J 715 -38.15 -39.77 -32.93
C VAL J 715 -36.66 -39.56 -33.13
N ASN J 716 -36.04 -40.31 -34.04
CA ASN J 716 -34.59 -40.30 -34.22
C ASN J 716 -34.08 -39.08 -34.98
N MET J 717 -34.97 -38.25 -35.52
CA MET J 717 -34.52 -37.12 -36.33
C MET J 717 -33.95 -35.99 -35.49
N THR J 718 -34.48 -35.79 -34.29
CA THR J 718 -34.37 -34.55 -33.52
C THR J 718 -32.96 -34.21 -33.05
N ALA J 719 -31.96 -35.05 -33.31
CA ALA J 719 -30.60 -34.70 -32.94
C ALA J 719 -30.03 -33.57 -33.78
N THR J 720 -30.58 -33.34 -34.97
CA THR J 720 -30.17 -32.25 -35.84
C THR J 720 -31.29 -31.29 -36.19
N VAL J 721 -32.54 -31.75 -36.19
CA VAL J 721 -33.67 -30.96 -36.66
C VAL J 721 -34.51 -30.52 -35.47
N ASN J 722 -35.02 -29.30 -35.54
CA ASN J 722 -35.76 -28.67 -34.46
C ASN J 722 -37.26 -28.83 -34.71
N ASP J 723 -38.08 -28.46 -33.73
CA ASP J 723 -39.53 -28.53 -33.90
C ASP J 723 -40.02 -27.54 -34.95
N LEU J 724 -39.37 -26.38 -35.08
CA LEU J 724 -39.68 -25.48 -36.16
C LEU J 724 -39.32 -26.10 -37.50
N THR J 725 -38.18 -26.77 -37.58
CA THR J 725 -37.71 -27.31 -38.84
C THR J 725 -38.19 -28.73 -39.11
N ARG J 726 -38.64 -29.48 -38.10
CA ARG J 726 -39.44 -30.67 -38.40
C ARG J 726 -40.74 -30.26 -39.05
N ARG J 727 -41.36 -29.21 -38.52
CA ARG J 727 -42.62 -28.72 -39.02
C ARG J 727 -42.46 -27.95 -40.33
N THR J 728 -41.26 -27.42 -40.59
CA THR J 728 -41.01 -26.72 -41.84
C THR J 728 -40.84 -27.69 -42.99
N MET J 729 -40.02 -28.73 -42.79
CA MET J 729 -39.82 -29.74 -43.83
C MET J 729 -41.10 -30.53 -44.08
N THR J 730 -41.90 -30.75 -43.04
CA THR J 730 -43.22 -31.34 -43.21
C THR J 730 -44.11 -30.43 -44.04
N GLY J 731 -43.99 -29.11 -43.85
CA GLY J 731 -44.74 -28.17 -44.65
C GLY J 731 -44.31 -28.13 -46.10
N VAL J 732 -43.04 -28.46 -46.38
CA VAL J 732 -42.57 -28.51 -47.76
C VAL J 732 -43.17 -29.69 -48.49
N MET J 733 -43.16 -30.87 -47.84
CA MET J 733 -43.64 -32.09 -48.48
C MET J 733 -45.13 -32.06 -48.73
N THR J 734 -45.92 -31.55 -47.78
CA THR J 734 -47.35 -31.43 -48.03
C THR J 734 -47.66 -30.32 -49.04
N ALA J 735 -46.70 -29.44 -49.31
CA ALA J 735 -46.86 -28.52 -50.43
C ALA J 735 -46.45 -29.17 -51.74
N MET J 736 -45.41 -30.01 -51.71
CA MET J 736 -45.00 -30.75 -52.91
C MET J 736 -46.05 -31.77 -53.32
N ARG J 737 -46.76 -32.33 -52.35
CA ARG J 737 -47.68 -33.43 -52.64
C ARG J 737 -48.95 -32.94 -53.31
N GLN J 738 -49.35 -31.70 -53.04
CA GLN J 738 -50.67 -31.23 -53.42
C GLN J 738 -50.68 -30.32 -54.64
N VAL J 739 -49.51 -30.04 -55.22
CA VAL J 739 -49.45 -29.24 -56.44
C VAL J 739 -50.12 -30.00 -57.57
N LYS J 740 -51.07 -29.37 -58.25
CA LYS J 740 -51.73 -29.97 -59.39
C LYS J 740 -50.74 -30.08 -60.52
N THR J 741 -50.25 -31.30 -60.74
CA THR J 741 -49.38 -31.61 -61.87
C THR J 741 -50.10 -32.59 -62.78
N MET J 742 -50.02 -32.34 -64.08
CA MET J 742 -50.69 -33.17 -65.06
C MET J 742 -49.76 -34.24 -65.61
N THR J 743 -48.51 -34.28 -65.15
CA THR J 743 -47.60 -35.36 -65.55
C THR J 743 -47.96 -36.75 -65.03
N PRO J 744 -48.65 -36.94 -63.90
CA PRO J 744 -49.26 -38.26 -63.69
C PRO J 744 -50.42 -38.54 -64.60
N PHE J 745 -51.10 -37.52 -65.12
CA PHE J 745 -52.12 -37.78 -66.13
C PHE J 745 -51.49 -38.06 -67.48
N TYR J 746 -50.39 -37.39 -67.79
CA TYR J 746 -49.71 -37.57 -69.06
C TYR J 746 -49.10 -38.95 -69.16
N ILE J 747 -48.49 -39.43 -68.08
CA ILE J 747 -47.79 -40.70 -68.09
C ILE J 747 -48.75 -41.87 -68.00
N GLN J 748 -50.01 -41.61 -67.71
CA GLN J 748 -51.06 -42.60 -67.56
C GLN J 748 -51.88 -42.75 -68.83
N HIS J 749 -52.25 -41.66 -69.47
CA HIS J 749 -53.18 -41.68 -70.58
C HIS J 749 -52.62 -41.09 -71.86
N MET J 750 -51.86 -40.01 -71.78
CA MET J 750 -51.45 -39.26 -72.97
C MET J 750 -50.14 -39.75 -73.58
N CYS J 751 -49.18 -40.15 -72.78
CA CYS J 751 -47.90 -40.59 -73.34
C CYS J 751 -47.92 -41.93 -74.08
N PRO J 752 -48.65 -42.98 -73.65
CA PRO J 752 -48.67 -44.21 -74.48
C PRO J 752 -49.34 -44.07 -75.83
N THR J 753 -50.27 -43.12 -76.00
CA THR J 753 -50.76 -42.90 -77.35
C THR J 753 -49.86 -41.97 -78.14
N GLU J 754 -48.81 -41.44 -77.51
CA GLU J 754 -47.74 -40.73 -78.21
C GLU J 754 -46.55 -41.60 -78.52
N LEU J 755 -46.16 -42.49 -77.60
CA LEU J 755 -45.06 -43.40 -77.89
C LEU J 755 -45.40 -44.38 -79.00
N SER J 756 -46.67 -44.79 -79.08
CA SER J 756 -47.07 -45.73 -80.10
C SER J 756 -47.11 -45.12 -81.49
N VAL J 757 -47.26 -43.81 -81.58
CA VAL J 757 -47.19 -43.15 -82.88
C VAL J 757 -45.75 -42.81 -83.23
N LEU J 758 -44.98 -42.32 -82.26
CA LEU J 758 -43.59 -41.97 -82.50
C LEU J 758 -42.70 -43.20 -82.65
N ALA J 759 -43.18 -44.39 -82.28
CA ALA J 759 -42.44 -45.59 -82.61
C ALA J 759 -42.49 -45.89 -84.08
N SER J 760 -43.53 -45.45 -84.77
CA SER J 760 -43.72 -45.78 -86.18
C SER J 760 -43.22 -44.69 -87.11
N VAL J 761 -42.65 -43.61 -86.59
CA VAL J 761 -42.08 -42.56 -87.44
C VAL J 761 -40.56 -42.55 -87.41
N THR J 762 -39.93 -43.18 -86.42
CA THR J 762 -38.49 -43.20 -86.38
C THR J 762 -37.93 -44.14 -87.44
N VAL J 763 -36.72 -43.83 -87.91
CA VAL J 763 -36.05 -44.70 -88.87
C VAL J 763 -35.68 -46.01 -88.21
N THR J 764 -35.36 -45.98 -86.92
CA THR J 764 -35.07 -47.15 -86.14
C THR J 764 -36.21 -47.48 -85.19
N PRO J 765 -36.75 -48.69 -85.26
CA PRO J 765 -37.92 -49.04 -84.44
C PRO J 765 -37.50 -49.32 -83.01
N PRO J 766 -38.44 -49.27 -82.04
CA PRO J 766 -38.05 -49.44 -80.63
C PRO J 766 -37.63 -50.84 -80.24
N PHE J 767 -36.34 -51.01 -80.02
CA PHE J 767 -35.82 -52.23 -79.40
C PHE J 767 -36.18 -52.21 -77.92
N GLN J 768 -36.71 -53.32 -77.41
CA GLN J 768 -37.28 -53.25 -76.07
C GLN J 768 -37.28 -54.61 -75.40
N VAL J 769 -36.92 -54.63 -74.12
CA VAL J 769 -36.95 -55.82 -73.27
C VAL J 769 -38.08 -55.62 -72.27
N PRO J 770 -38.68 -56.67 -71.71
CA PRO J 770 -39.81 -56.46 -70.81
C PRO J 770 -39.37 -55.95 -69.44
N PHE J 771 -40.22 -55.11 -68.86
CA PHE J 771 -39.98 -54.57 -67.54
C PHE J 771 -40.35 -55.59 -66.47
N THR J 772 -39.72 -55.45 -65.31
CA THR J 772 -39.82 -56.44 -64.24
C THR J 772 -40.05 -55.73 -62.92
N ARG J 773 -41.15 -56.03 -62.25
CA ARG J 773 -41.52 -55.36 -61.02
C ARG J 773 -41.19 -56.28 -59.84
N LEU J 774 -39.99 -56.09 -59.29
CA LEU J 774 -39.61 -56.58 -57.95
C LEU J 774 -39.64 -58.11 -57.84
N VAL J 775 -39.49 -58.82 -58.94
CA VAL J 775 -39.45 -60.27 -58.92
C VAL J 775 -38.10 -60.72 -59.47
N GLN J 776 -37.39 -61.53 -58.70
CA GLN J 776 -35.94 -61.65 -58.82
C GLN J 776 -35.51 -62.65 -59.88
N ASN J 777 -36.31 -63.68 -60.14
CA ASN J 777 -35.83 -64.74 -61.02
C ASN J 777 -35.83 -64.32 -62.49
N ASP J 778 -36.72 -63.42 -62.88
CA ASP J 778 -36.87 -63.04 -64.27
C ASP J 778 -36.36 -61.64 -64.60
N VAL J 779 -35.75 -60.95 -63.65
CA VAL J 779 -35.12 -59.67 -63.98
C VAL J 779 -33.84 -59.91 -64.75
N ILE J 780 -33.63 -59.12 -65.80
CA ILE J 780 -32.62 -59.39 -66.81
C ILE J 780 -31.25 -58.98 -66.29
N THR J 781 -30.26 -59.85 -66.49
CA THR J 781 -28.89 -59.54 -66.09
C THR J 781 -28.02 -59.10 -67.26
N ASN J 782 -28.18 -59.73 -68.42
CA ASN J 782 -27.38 -59.40 -69.59
C ASN J 782 -28.25 -59.49 -70.83
N VAL J 783 -27.88 -58.73 -71.86
CA VAL J 783 -28.51 -58.78 -73.17
C VAL J 783 -27.40 -58.97 -74.18
N LEU J 784 -27.33 -60.15 -74.76
CA LEU J 784 -26.24 -60.52 -75.65
C LEU J 784 -26.68 -60.49 -77.11
N VAL J 785 -25.69 -60.36 -77.99
CA VAL J 785 -25.88 -60.51 -79.42
C VAL J 785 -25.04 -61.69 -79.84
N ALA J 786 -25.69 -62.79 -80.19
CA ALA J 786 -25.01 -64.02 -80.57
C ALA J 786 -24.88 -64.05 -82.09
N ARG J 787 -23.65 -63.93 -82.58
CA ARG J 787 -23.38 -64.06 -84.01
C ARG J 787 -23.66 -65.48 -84.49
N VAL J 788 -23.30 -66.45 -83.67
CA VAL J 788 -23.54 -67.85 -83.94
C VAL J 788 -23.99 -68.47 -82.62
N ASP J 789 -24.77 -69.54 -82.71
CA ASP J 789 -25.28 -70.21 -81.52
C ASP J 789 -24.12 -70.85 -80.76
N PRO J 790 -24.15 -70.79 -79.41
CA PRO J 790 -23.00 -71.25 -78.63
C PRO J 790 -22.73 -72.74 -78.71
N ALA J 791 -23.73 -73.55 -79.09
CA ALA J 791 -23.47 -74.96 -79.34
C ALA J 791 -22.61 -75.13 -80.59
N GLN J 792 -22.84 -74.31 -81.60
CA GLN J 792 -22.08 -74.34 -82.85
C GLN J 792 -21.06 -73.21 -82.92
N ARG J 793 -20.47 -72.84 -81.79
CA ARG J 793 -19.52 -71.74 -81.71
C ARG J 793 -18.16 -72.32 -81.32
N GLY J 794 -17.34 -72.62 -82.33
CA GLY J 794 -15.94 -72.89 -82.06
C GLY J 794 -15.21 -71.59 -81.75
N ASP J 795 -14.27 -71.68 -80.79
CA ASP J 795 -13.49 -70.54 -80.29
C ASP J 795 -14.43 -69.46 -79.75
N ALA J 796 -15.07 -69.81 -78.63
CA ALA J 796 -16.25 -69.11 -78.12
C ALA J 796 -15.97 -67.65 -77.79
N ALA J 797 -16.92 -66.79 -78.16
CA ALA J 797 -16.79 -65.34 -78.01
C ALA J 797 -18.11 -64.78 -77.49
N VAL J 798 -18.20 -64.60 -76.18
CA VAL J 798 -19.33 -63.89 -75.58
C VAL J 798 -19.27 -62.43 -76.00
N ASP J 799 -20.44 -61.79 -76.11
CA ASP J 799 -20.54 -60.41 -76.56
C ASP J 799 -19.84 -59.45 -75.61
N ILE J 800 -19.39 -58.33 -76.18
CA ILE J 800 -18.67 -57.29 -75.43
C ILE J 800 -19.59 -56.54 -74.46
N ARG J 801 -20.91 -56.65 -74.65
CA ARG J 801 -21.88 -55.98 -73.78
C ARG J 801 -21.86 -56.50 -72.35
N ALA J 802 -21.35 -57.73 -72.13
CA ALA J 802 -21.29 -58.30 -70.80
C ALA J 802 -20.21 -57.67 -69.93
N THR J 803 -19.32 -56.88 -70.53
CA THR J 803 -18.28 -56.19 -69.75
C THR J 803 -18.88 -55.08 -68.90
N HIS J 804 -19.94 -54.45 -69.39
CA HIS J 804 -20.62 -53.41 -68.63
C HIS J 804 -21.41 -54.03 -67.47
N ALA J 805 -21.66 -53.20 -66.45
CA ALA J 805 -22.39 -53.67 -65.28
C ALA J 805 -23.86 -53.88 -65.61
N THR J 806 -24.52 -52.87 -66.15
CA THR J 806 -25.89 -53.03 -66.61
C THR J 806 -25.91 -53.80 -67.92
N PHE J 807 -27.09 -54.32 -68.26
CA PHE J 807 -27.22 -55.06 -69.50
C PHE J 807 -27.19 -54.15 -70.72
N ALA J 808 -27.56 -52.89 -70.56
CA ALA J 808 -27.59 -51.93 -71.65
C ALA J 808 -26.67 -50.77 -71.29
N ALA J 809 -26.70 -49.73 -72.14
CA ALA J 809 -25.88 -48.55 -71.92
C ALA J 809 -26.39 -47.79 -70.70
N ALA J 810 -25.56 -47.69 -69.68
CA ALA J 810 -25.95 -47.02 -68.44
C ALA J 810 -25.96 -45.51 -68.68
N LEU J 811 -27.17 -44.93 -68.74
CA LEU J 811 -27.30 -43.51 -68.97
C LEU J 811 -27.64 -42.83 -67.66
N PRO J 812 -26.73 -42.04 -67.08
CA PRO J 812 -27.04 -41.37 -65.81
C PRO J 812 -28.05 -40.26 -66.00
N VAL J 813 -28.92 -40.11 -65.02
CA VAL J 813 -29.95 -39.07 -65.07
C VAL J 813 -30.07 -38.46 -63.69
N ASP J 814 -30.40 -37.17 -63.65
CA ASP J 814 -30.50 -36.45 -62.40
C ASP J 814 -31.92 -36.55 -61.86
N PRO J 815 -32.13 -37.15 -60.69
CA PRO J 815 -33.50 -37.26 -60.15
C PRO J 815 -34.07 -35.95 -59.69
N ALA J 816 -33.23 -34.98 -59.32
CA ALA J 816 -33.75 -33.66 -58.95
C ALA J 816 -34.31 -32.93 -60.15
N ALA J 817 -33.80 -33.21 -61.35
CA ALA J 817 -34.37 -32.64 -62.57
C ALA J 817 -35.60 -33.40 -63.03
N ILE J 818 -35.78 -34.64 -62.57
CA ILE J 818 -36.98 -35.39 -62.90
C ILE J 818 -38.12 -35.02 -61.96
N VAL J 819 -37.81 -34.88 -60.66
CA VAL J 819 -38.85 -34.67 -59.67
C VAL J 819 -39.47 -33.28 -59.77
N VAL J 820 -38.76 -32.31 -60.33
CA VAL J 820 -39.41 -31.06 -60.71
C VAL J 820 -40.41 -31.31 -61.81
N ALA J 821 -39.99 -32.07 -62.82
CA ALA J 821 -40.84 -32.34 -63.97
C ALA J 821 -42.01 -33.24 -63.60
N MET J 822 -41.82 -34.14 -62.64
CA MET J 822 -42.94 -34.95 -62.17
C MET J 822 -43.96 -34.12 -61.41
N LEU J 823 -43.51 -33.07 -60.73
CA LEU J 823 -44.36 -32.28 -59.85
C LEU J 823 -44.78 -30.96 -60.46
N CYS J 824 -44.45 -30.71 -61.72
CA CYS J 824 -45.00 -29.56 -62.41
C CYS J 824 -45.62 -30.03 -63.70
N GLY J 825 -45.94 -29.12 -64.60
CA GLY J 825 -46.35 -29.55 -65.92
C GLY J 825 -47.84 -29.62 -66.16
N GLN J 826 -48.54 -28.52 -65.91
CA GLN J 826 -49.90 -28.41 -66.40
C GLN J 826 -49.88 -28.28 -67.93
N THR J 827 -50.99 -28.68 -68.55
CA THR J 827 -51.07 -28.65 -70.01
C THR J 827 -51.52 -27.28 -70.48
N GLU J 828 -51.87 -27.18 -71.77
CA GLU J 828 -52.36 -25.94 -72.34
C GLU J 828 -53.73 -25.61 -71.77
N THR J 829 -53.98 -24.31 -71.60
CA THR J 829 -55.24 -23.86 -71.00
C THR J 829 -56.44 -24.08 -71.90
N ASN J 830 -56.24 -24.31 -73.19
CA ASN J 830 -57.32 -24.59 -74.13
C ASN J 830 -57.02 -25.86 -74.90
N LEU J 831 -56.52 -26.87 -74.20
CA LEU J 831 -56.11 -28.11 -74.84
C LEU J 831 -57.32 -28.96 -75.21
N ILE J 832 -57.35 -29.38 -76.47
CA ILE J 832 -58.19 -30.47 -76.93
C ILE J 832 -57.25 -31.56 -77.43
N PRO J 833 -57.32 -32.79 -76.90
CA PRO J 833 -56.34 -33.82 -77.29
C PRO J 833 -56.51 -34.30 -78.71
N SER J 834 -57.69 -34.15 -79.30
CA SER J 834 -57.90 -34.57 -80.67
C SER J 834 -57.29 -33.60 -81.66
N HIS J 835 -57.48 -32.31 -81.46
CA HIS J 835 -56.89 -31.32 -82.35
C HIS J 835 -55.39 -31.27 -82.20
N HIS J 836 -54.89 -31.45 -80.97
CA HIS J 836 -53.46 -31.28 -80.73
C HIS J 836 -52.66 -32.44 -81.30
N TYR J 837 -53.19 -33.66 -81.21
CA TYR J 837 -52.43 -34.81 -81.68
C TYR J 837 -52.41 -34.86 -83.20
N GLY J 838 -53.53 -34.53 -83.83
CA GLY J 838 -53.55 -34.50 -85.28
C GLY J 838 -52.68 -33.41 -85.88
N LYS J 839 -52.61 -32.27 -85.20
CA LYS J 839 -51.74 -31.19 -85.68
C LYS J 839 -50.27 -31.45 -85.38
N ALA J 840 -49.96 -32.34 -84.45
CA ALA J 840 -48.57 -32.65 -84.15
C ALA J 840 -48.07 -33.85 -84.92
N PHE J 841 -48.94 -34.82 -85.20
CA PHE J 841 -48.58 -35.99 -85.98
C PHE J 841 -48.60 -35.72 -87.48
N ALA J 842 -49.14 -34.57 -87.89
CA ALA J 842 -49.27 -34.26 -89.31
C ALA J 842 -47.95 -34.10 -90.06
N PRO J 843 -46.92 -33.41 -89.56
CA PRO J 843 -45.66 -33.38 -90.34
C PRO J 843 -44.89 -34.67 -90.27
N LEU J 844 -45.13 -35.50 -89.26
CA LEU J 844 -44.30 -36.69 -89.05
C LEU J 844 -44.62 -37.80 -90.04
N PHE J 845 -45.84 -37.84 -90.56
CA PHE J 845 -46.20 -38.86 -91.55
C PHE J 845 -45.88 -38.43 -92.97
N ALA J 846 -45.67 -37.13 -93.20
CA ALA J 846 -45.26 -36.69 -94.52
C ALA J 846 -43.80 -37.03 -94.79
N SER J 847 -43.01 -37.24 -93.74
CA SER J 847 -41.64 -37.70 -93.94
C SER J 847 -41.64 -39.16 -94.37
N ASN J 848 -40.66 -39.53 -95.18
CA ASN J 848 -40.56 -40.87 -95.73
C ASN J 848 -39.80 -41.82 -94.83
N ALA J 849 -39.68 -41.51 -93.53
CA ALA J 849 -38.92 -42.36 -92.63
C ALA J 849 -39.64 -43.67 -92.33
N MET J 850 -40.96 -43.68 -92.46
CA MET J 850 -41.68 -44.95 -92.40
C MET J 850 -41.37 -45.82 -93.60
N PHE J 851 -41.09 -45.19 -94.74
CA PHE J 851 -40.73 -45.89 -95.95
C PHE J 851 -39.23 -46.03 -96.12
N THR J 852 -38.44 -45.26 -95.38
CA THR J 852 -36.99 -45.41 -95.40
C THR J 852 -36.59 -46.67 -94.64
N ARG J 853 -37.29 -46.96 -93.54
CA ARG J 853 -36.95 -48.11 -92.69
C ARG J 853 -37.11 -49.43 -93.43
N ASN J 854 -38.23 -49.62 -94.12
CA ASN J 854 -38.47 -50.87 -94.83
C ASN J 854 -37.54 -51.01 -96.02
N GLN J 855 -37.14 -49.91 -96.66
CA GLN J 855 -36.18 -49.99 -97.75
C GLN J 855 -34.78 -50.31 -97.26
N ARG J 856 -34.44 -50.01 -96.02
CA ARG J 856 -33.12 -50.35 -95.51
C ARG J 856 -33.07 -51.76 -94.95
N ALA J 857 -34.21 -52.34 -94.59
CA ALA J 857 -34.21 -53.70 -94.07
C ALA J 857 -34.02 -54.71 -95.19
N VAL J 858 -34.63 -54.47 -96.34
CA VAL J 858 -34.51 -55.38 -97.46
C VAL J 858 -33.11 -55.36 -98.04
N ILE J 859 -32.38 -54.26 -97.88
CA ILE J 859 -31.01 -54.20 -98.37
C ILE J 859 -30.04 -54.73 -97.33
N THR J 860 -30.35 -54.55 -96.04
CA THR J 860 -29.59 -55.20 -94.98
C THR J 860 -29.66 -56.72 -95.11
N ARG J 861 -30.85 -57.25 -95.40
CA ARG J 861 -31.04 -58.68 -95.50
C ARG J 861 -30.32 -59.26 -96.72
N GLU J 862 -30.38 -58.56 -97.87
CA GLU J 862 -29.71 -59.08 -99.04
C GLU J 862 -28.19 -58.95 -98.92
N ALA J 863 -27.71 -57.91 -98.25
CA ALA J 863 -26.29 -57.81 -97.96
C ALA J 863 -25.87 -58.81 -96.90
N PHE J 864 -26.80 -59.25 -96.05
CA PHE J 864 -26.47 -60.21 -95.01
C PHE J 864 -26.20 -61.59 -95.59
N VAL J 865 -27.10 -62.06 -96.46
CA VAL J 865 -27.01 -63.42 -96.98
C VAL J 865 -25.81 -63.57 -97.91
N CYS J 866 -25.47 -62.52 -98.65
CA CYS J 866 -24.26 -62.57 -99.46
C CYS J 866 -23.01 -62.55 -98.60
N ALA J 867 -22.99 -61.74 -97.54
CA ALA J 867 -21.80 -61.64 -96.70
C ALA J 867 -21.66 -62.84 -95.78
N ARG J 868 -22.77 -63.43 -95.36
CA ARG J 868 -22.69 -64.64 -94.54
C ARG J 868 -22.12 -65.80 -95.33
N SER J 869 -22.47 -65.89 -96.61
CA SER J 869 -21.93 -66.93 -97.46
C SER J 869 -20.56 -66.60 -98.00
N ALA J 870 -20.19 -65.32 -98.06
CA ALA J 870 -18.87 -64.97 -98.55
C ALA J 870 -17.79 -65.38 -97.56
N VAL J 871 -18.06 -65.25 -96.25
CA VAL J 871 -17.14 -65.72 -95.24
C VAL J 871 -17.35 -67.20 -94.91
N ALA J 872 -18.36 -67.83 -95.51
CA ALA J 872 -18.55 -69.27 -95.38
C ALA J 872 -17.96 -70.05 -96.55
N GLN J 873 -18.03 -69.51 -97.76
CA GLN J 873 -17.41 -70.17 -98.90
C GLN J 873 -15.89 -70.06 -98.91
N CYS J 874 -15.32 -69.18 -98.09
CA CYS J 874 -13.88 -69.08 -97.97
C CYS J 874 -13.31 -69.94 -96.85
N GLN J 875 -14.14 -70.33 -95.88
CA GLN J 875 -13.70 -71.23 -94.83
C GLN J 875 -14.04 -72.67 -95.22
N ASP J 876 -13.90 -73.59 -94.28
CA ASP J 876 -14.08 -75.02 -94.54
C ASP J 876 -15.44 -75.53 -94.07
N ALA J 877 -15.87 -75.14 -92.88
CA ALA J 877 -17.11 -75.67 -92.30
C ALA J 877 -17.84 -74.51 -91.63
N GLY J 878 -18.83 -74.84 -90.81
CA GLY J 878 -19.59 -73.81 -90.13
C GLY J 878 -21.02 -73.71 -90.64
N PHE J 879 -21.33 -72.63 -91.34
CA PHE J 879 -22.66 -72.45 -91.91
C PHE J 879 -22.72 -73.15 -93.27
N LEU J 880 -23.76 -73.96 -93.45
CA LEU J 880 -23.88 -74.79 -94.65
C LEU J 880 -24.43 -73.95 -95.79
N VAL J 881 -23.58 -73.70 -96.78
CA VAL J 881 -23.99 -73.09 -98.04
C VAL J 881 -23.68 -74.08 -99.15
N PRO J 882 -24.32 -73.93 -100.31
CA PRO J 882 -23.81 -74.62 -101.51
C PRO J 882 -22.44 -74.04 -101.88
N ARG J 883 -21.54 -74.93 -102.31
CA ARG J 883 -20.15 -74.56 -102.58
C ARG J 883 -19.80 -74.88 -104.03
N PRO J 884 -20.14 -74.00 -104.97
CA PRO J 884 -19.75 -74.24 -106.36
C PRO J 884 -18.29 -73.92 -106.58
N LEU J 885 -17.79 -72.94 -105.85
CA LEU J 885 -16.43 -72.45 -106.02
C LEU J 885 -15.42 -73.18 -105.16
N ASP J 886 -15.78 -74.34 -104.60
CA ASP J 886 -14.92 -75.03 -103.65
C ASP J 886 -13.64 -75.57 -104.28
N ALA J 887 -13.61 -75.74 -105.60
CA ALA J 887 -12.39 -76.16 -106.27
C ALA J 887 -11.36 -75.05 -106.35
N LEU J 888 -11.77 -73.79 -106.24
CA LEU J 888 -10.82 -72.69 -106.23
C LEU J 888 -9.99 -72.70 -104.95
N ARG J 889 -8.75 -72.24 -105.07
CA ARG J 889 -7.79 -72.33 -103.98
C ARG J 889 -7.98 -71.17 -103.01
N GLN J 890 -7.98 -71.48 -101.73
CA GLN J 890 -8.10 -70.48 -100.68
C GLN J 890 -7.49 -71.05 -99.41
N PHE J 891 -6.68 -70.24 -98.72
CA PHE J 891 -6.07 -70.69 -97.49
C PHE J 891 -7.09 -70.64 -96.35
N ASP J 892 -6.64 -71.06 -95.17
CA ASP J 892 -7.51 -71.17 -94.00
C ASP J 892 -7.85 -69.78 -93.50
N VAL J 893 -9.02 -69.29 -93.87
CA VAL J 893 -9.42 -67.92 -93.56
C VAL J 893 -9.79 -67.84 -92.09
N THR J 894 -8.96 -67.14 -91.32
CA THR J 894 -9.18 -66.97 -89.89
C THR J 894 -10.09 -65.78 -89.64
N SER J 895 -10.19 -65.34 -88.39
CA SER J 895 -11.08 -64.24 -88.06
C SER J 895 -10.55 -62.90 -88.57
N ALA J 896 -9.23 -62.73 -88.59
CA ALA J 896 -8.67 -61.47 -89.07
C ALA J 896 -8.74 -61.38 -90.59
N ALA J 897 -8.56 -62.50 -91.28
CA ALA J 897 -8.64 -62.50 -92.74
C ALA J 897 -10.07 -62.36 -93.24
N ALA J 898 -11.04 -62.89 -92.48
CA ALA J 898 -12.43 -62.78 -92.89
C ALA J 898 -12.99 -61.40 -92.70
N ALA J 899 -12.33 -60.55 -91.91
CA ALA J 899 -12.79 -59.18 -91.74
C ALA J 899 -12.61 -58.38 -93.01
N GLU J 900 -11.51 -58.60 -93.74
CA GLU J 900 -11.30 -57.87 -94.98
C GLU J 900 -12.16 -58.39 -96.12
N ILE J 901 -12.66 -59.62 -96.02
CA ILE J 901 -13.76 -60.02 -96.90
C ILE J 901 -15.02 -59.26 -96.51
N MET J 902 -15.30 -59.19 -95.22
CA MET J 902 -16.44 -58.43 -94.72
C MET J 902 -16.25 -56.93 -94.88
N HIS J 903 -15.01 -56.45 -94.91
CA HIS J 903 -14.75 -55.05 -95.24
C HIS J 903 -15.23 -54.71 -96.64
N ALA J 904 -15.07 -55.65 -97.57
CA ALA J 904 -15.27 -55.33 -98.98
C ALA J 904 -16.59 -55.83 -99.55
N VAL J 905 -17.19 -56.86 -98.95
CA VAL J 905 -18.57 -57.19 -99.31
C VAL J 905 -19.51 -56.08 -98.85
N ASN J 906 -19.29 -55.57 -97.64
CA ASN J 906 -20.09 -54.47 -97.13
C ASN J 906 -19.85 -53.20 -97.94
N ASP J 907 -18.59 -52.96 -98.33
CA ASP J 907 -18.28 -51.78 -99.14
C ASP J 907 -18.91 -51.88 -100.52
N ALA J 908 -19.14 -53.11 -101.01
CA ALA J 908 -19.80 -53.29 -102.29
C ALA J 908 -21.26 -52.86 -102.23
N PHE J 909 -21.96 -53.24 -101.15
CA PHE J 909 -23.37 -52.89 -101.03
C PHE J 909 -23.56 -51.41 -100.69
N LYS J 910 -22.66 -50.85 -99.90
CA LYS J 910 -22.72 -49.41 -99.62
C LYS J 910 -22.41 -48.59 -100.87
N THR J 911 -21.64 -49.14 -101.81
CA THR J 911 -21.36 -48.42 -103.04
C THR J 911 -22.53 -48.56 -104.03
N ALA J 912 -23.13 -49.74 -104.10
CA ALA J 912 -24.12 -50.02 -105.13
C ALA J 912 -25.44 -49.33 -104.82
N PHE J 913 -25.98 -49.54 -103.63
CA PHE J 913 -27.25 -48.94 -103.25
C PHE J 913 -27.07 -47.65 -102.48
N ASP J 914 -25.89 -47.03 -102.59
CA ASP J 914 -25.41 -45.74 -102.02
C ASP J 914 -26.01 -45.39 -100.66
N LEU J 915 -25.95 -46.34 -99.73
CA LEU J 915 -26.45 -46.10 -98.39
C LEU J 915 -25.53 -45.15 -97.63
N ASP J 916 -26.12 -44.50 -96.63
CA ASP J 916 -25.39 -43.74 -95.63
C ASP J 916 -25.54 -44.43 -94.28
N GLY J 917 -24.48 -44.47 -93.52
CA GLY J 917 -24.51 -45.09 -92.21
C GLY J 917 -23.98 -46.50 -92.22
N ALA J 918 -24.16 -47.16 -91.09
CA ALA J 918 -23.57 -48.47 -90.84
C ALA J 918 -24.49 -49.55 -91.40
N LEU J 919 -24.06 -50.19 -92.49
CA LEU J 919 -24.84 -51.29 -93.03
C LEU J 919 -24.53 -52.61 -92.33
N LEU J 920 -23.29 -53.09 -92.45
CA LEU J 920 -22.88 -54.33 -91.80
C LEU J 920 -21.50 -54.24 -91.15
N ASP J 921 -20.95 -53.05 -90.96
CA ASP J 921 -19.54 -52.95 -90.59
C ASP J 921 -19.27 -53.32 -89.14
N GLY J 922 -20.31 -53.36 -88.30
CA GLY J 922 -20.17 -53.95 -86.97
C GLY J 922 -19.69 -55.39 -87.02
N LEU J 923 -20.16 -56.14 -88.01
CA LEU J 923 -19.62 -57.47 -88.27
C LEU J 923 -18.16 -57.41 -88.70
N ALA J 924 -17.79 -56.35 -89.40
CA ALA J 924 -16.43 -56.23 -89.90
C ALA J 924 -15.46 -55.72 -88.84
N LEU J 925 -15.88 -54.73 -88.05
CA LEU J 925 -14.94 -54.02 -87.19
C LEU J 925 -14.52 -54.85 -85.98
N TYR J 926 -15.42 -55.65 -85.42
CA TYR J 926 -15.09 -56.42 -84.24
C TYR J 926 -15.70 -57.81 -84.33
N GLY J 927 -15.25 -58.69 -83.44
CA GLY J 927 -15.78 -60.02 -83.34
C GLY J 927 -15.36 -60.92 -84.49
N ASP J 928 -16.01 -62.08 -84.54
CA ASP J 928 -15.79 -63.02 -85.62
C ASP J 928 -16.75 -62.74 -86.76
N PRO J 929 -16.27 -62.48 -87.98
CA PRO J 929 -17.18 -62.36 -89.12
C PRO J 929 -17.77 -63.69 -89.54
N ARG J 930 -17.17 -64.80 -89.13
CA ARG J 930 -17.61 -66.13 -89.55
C ARG J 930 -18.87 -66.48 -88.76
N ILE J 931 -20.02 -66.15 -89.35
CA ILE J 931 -21.29 -66.24 -88.69
C ILE J 931 -22.14 -67.31 -89.34
N ALA J 932 -23.14 -67.80 -88.60
CA ALA J 932 -24.14 -68.70 -89.14
C ALA J 932 -25.55 -68.17 -88.98
N ASP J 933 -25.91 -67.70 -87.79
CA ASP J 933 -27.28 -67.29 -87.51
C ASP J 933 -27.26 -66.29 -86.37
N LEU J 934 -27.54 -65.03 -86.69
CA LEU J 934 -27.60 -64.00 -85.66
C LEU J 934 -28.83 -64.18 -84.79
N SER J 935 -28.66 -63.91 -83.50
CA SER J 935 -29.76 -64.04 -82.54
C SER J 935 -29.43 -63.19 -81.32
N ALA J 936 -30.35 -62.31 -80.96
CA ALA J 936 -30.23 -61.58 -79.71
C ALA J 936 -30.95 -62.36 -78.62
N ALA J 937 -30.39 -62.27 -77.41
CA ALA J 937 -30.94 -63.00 -76.27
C ALA J 937 -30.72 -62.18 -75.02
N TYR J 938 -31.64 -62.30 -74.08
CA TYR J 938 -31.48 -61.69 -72.77
C TYR J 938 -31.49 -62.77 -71.71
N LEU J 939 -30.51 -62.72 -70.82
CA LEU J 939 -30.36 -63.72 -69.77
C LEU J 939 -31.02 -63.21 -68.50
N GLN J 940 -31.91 -64.02 -67.95
CA GLN J 940 -32.56 -63.71 -66.69
C GLN J 940 -31.77 -64.30 -65.53
N TYR J 941 -32.08 -63.83 -64.32
CA TYR J 941 -31.35 -64.28 -63.14
C TYR J 941 -31.68 -65.72 -62.78
N GLY J 942 -32.90 -66.17 -63.07
CA GLY J 942 -33.28 -67.52 -62.71
C GLY J 942 -32.84 -68.59 -63.69
N GLY J 943 -31.87 -68.27 -64.53
CA GLY J 943 -31.34 -69.20 -65.50
C GLY J 943 -32.12 -69.28 -66.80
N ASN J 944 -33.28 -68.66 -66.87
CA ASN J 944 -34.11 -68.71 -68.06
C ASN J 944 -33.51 -67.77 -69.10
N VAL J 945 -32.70 -68.32 -69.99
CA VAL J 945 -32.21 -67.59 -71.15
C VAL J 945 -33.13 -67.87 -72.32
N VAL J 946 -33.61 -66.81 -72.97
CA VAL J 946 -34.51 -66.91 -74.11
C VAL J 946 -33.88 -66.21 -75.29
N ARG J 947 -33.83 -66.91 -76.42
CA ARG J 947 -33.00 -66.50 -77.55
C ARG J 947 -33.89 -66.38 -78.78
N GLU J 948 -34.29 -65.15 -79.10
CA GLU J 948 -35.08 -64.92 -80.29
C GLU J 948 -34.18 -65.02 -81.49
N HIS J 949 -34.20 -66.18 -82.15
CA HIS J 949 -33.45 -66.36 -83.38
C HIS J 949 -34.06 -65.54 -84.50
N VAL J 950 -33.21 -65.10 -85.42
CA VAL J 950 -33.71 -64.40 -86.59
C VAL J 950 -32.94 -64.85 -87.83
N PRO J 951 -33.49 -65.78 -88.60
CA PRO J 951 -32.96 -66.07 -89.90
C PRO J 951 -33.45 -65.04 -90.91
N PRO J 952 -32.73 -64.85 -92.00
CA PRO J 952 -33.24 -63.97 -93.06
C PRO J 952 -34.38 -64.63 -93.82
N GLY J 953 -35.06 -63.82 -94.62
CA GLY J 953 -36.16 -64.31 -95.41
C GLY J 953 -35.67 -64.96 -96.69
N PRO J 954 -36.56 -65.04 -97.68
CA PRO J 954 -36.12 -65.54 -98.98
C PRO J 954 -35.22 -64.52 -99.67
N SER J 955 -33.92 -64.81 -99.72
CA SER J 955 -32.96 -63.87 -100.28
C SER J 955 -32.98 -63.96 -101.79
N HIS J 956 -32.87 -62.80 -102.43
CA HIS J 956 -32.93 -62.71 -103.88
C HIS J 956 -31.57 -62.48 -104.52
N ILE J 957 -30.81 -61.50 -104.06
CA ILE J 957 -29.54 -61.14 -104.69
C ILE J 957 -28.54 -62.29 -104.55
N HIS J 958 -28.52 -62.94 -103.40
CA HIS J 958 -27.67 -64.10 -103.22
C HIS J 958 -28.13 -65.29 -104.07
N ARG J 959 -29.45 -65.40 -104.30
CA ARG J 959 -29.95 -66.47 -105.16
C ARG J 959 -29.50 -66.25 -106.59
N ALA J 960 -29.39 -64.99 -107.02
CA ALA J 960 -28.78 -64.72 -108.31
C ALA J 960 -27.29 -64.94 -108.28
N LEU J 961 -26.65 -64.69 -107.15
CA LEU J 961 -25.20 -64.85 -107.03
C LEU J 961 -24.80 -66.33 -107.09
N GLN J 962 -25.61 -67.21 -106.50
CA GLN J 962 -25.34 -68.64 -106.57
C GLN J 962 -25.45 -69.16 -108.00
N GLN J 963 -26.28 -68.53 -108.81
CA GLN J 963 -26.33 -68.89 -110.22
C GLN J 963 -25.08 -68.43 -110.95
N VAL J 964 -24.47 -67.33 -110.50
CA VAL J 964 -23.25 -66.84 -111.13
C VAL J 964 -22.06 -67.72 -110.76
N GLU J 965 -22.03 -68.20 -109.51
CA GLU J 965 -20.93 -69.04 -109.05
C GLU J 965 -20.89 -70.37 -109.79
N SER J 966 -22.06 -70.98 -109.99
CA SER J 966 -22.11 -72.22 -110.77
C SER J 966 -21.85 -71.95 -112.24
N THR J 967 -22.17 -70.74 -112.71
CA THR J 967 -21.84 -70.38 -114.08
C THR J 967 -20.35 -70.11 -114.24
N PHE J 968 -19.68 -69.69 -113.16
CA PHE J 968 -18.24 -69.43 -113.22
C PHE J 968 -17.46 -70.70 -113.49
N MET J 969 -17.71 -71.75 -112.72
CA MET J 969 -16.90 -72.96 -112.82
C MET J 969 -17.15 -73.75 -114.09
N ALA J 970 -18.13 -73.37 -114.91
CA ALA J 970 -18.29 -73.91 -116.23
C ALA J 970 -17.85 -72.95 -117.33
N GLU J 971 -17.84 -71.64 -117.06
CA GLU J 971 -17.55 -70.62 -118.05
C GLU J 971 -16.47 -69.67 -117.55
N MET J 972 -15.43 -70.20 -116.92
CA MET J 972 -14.39 -69.35 -116.36
C MET J 972 -13.44 -68.80 -117.41
N ASN J 973 -13.41 -69.39 -118.60
CA ASN J 973 -12.52 -68.90 -119.64
C ASN J 973 -12.99 -67.56 -120.18
N LEU J 974 -14.28 -67.27 -120.07
CA LEU J 974 -14.79 -65.95 -120.40
C LEU J 974 -14.30 -64.89 -119.44
N PHE J 975 -13.92 -65.28 -118.22
CA PHE J 975 -13.46 -64.35 -117.21
C PHE J 975 -11.95 -64.38 -117.06
N ASN J 976 -11.24 -64.78 -118.12
CA ASN J 976 -9.78 -64.81 -118.21
C ASN J 976 -9.14 -65.73 -117.17
N VAL J 977 -9.84 -66.79 -116.78
CA VAL J 977 -9.32 -67.77 -115.84
C VAL J 977 -9.34 -69.13 -116.52
N ALA J 978 -8.22 -69.84 -116.47
CA ALA J 978 -8.11 -71.16 -117.04
C ALA J 978 -8.06 -72.20 -115.94
N ARG J 979 -8.72 -73.34 -116.16
CA ARG J 979 -8.64 -74.45 -115.23
C ARG J 979 -7.54 -75.41 -115.68
N GLY J 980 -7.28 -76.39 -114.83
CA GLY J 980 -6.33 -77.43 -115.14
C GLY J 980 -4.89 -76.99 -114.96
N ASN J 981 -3.99 -77.96 -115.09
CA ASN J 981 -2.58 -77.75 -114.79
C ASN J 981 -1.88 -77.10 -115.97
N LEU J 982 -0.55 -77.08 -115.93
CA LEU J 982 0.21 -76.29 -116.89
C LEU J 982 1.50 -77.00 -117.22
N TYR J 983 1.75 -77.23 -118.50
CA TYR J 983 2.95 -77.89 -118.96
C TYR J 983 3.96 -76.90 -119.47
N LEU J 984 5.24 -77.26 -119.35
CA LEU J 984 6.35 -76.46 -119.86
C LEU J 984 7.33 -77.34 -120.61
N VAL J 985 6.85 -78.16 -121.53
CA VAL J 985 7.76 -78.86 -122.42
C VAL J 985 8.13 -77.93 -123.56
N GLN J 986 9.24 -78.22 -124.23
CA GLN J 986 9.44 -77.49 -125.47
C GLN J 986 8.97 -78.35 -126.62
N THR J 987 8.67 -77.69 -127.73
CA THR J 987 8.44 -78.35 -129.00
C THR J 987 8.83 -77.40 -130.11
N ALA J 988 9.56 -77.92 -131.10
CA ALA J 988 10.07 -77.13 -132.20
C ALA J 988 9.15 -77.20 -133.40
N THR J 989 7.85 -77.26 -133.15
CA THR J 989 6.89 -77.46 -134.22
C THR J 989 6.79 -76.25 -135.12
N ASN J 990 6.49 -76.52 -136.38
CA ASN J 990 6.29 -75.49 -137.37
C ASN J 990 4.83 -75.31 -137.71
N GLY J 991 4.03 -76.37 -137.56
CA GLY J 991 2.63 -76.35 -137.91
C GLY J 991 1.74 -75.69 -136.87
N ASN J 992 0.50 -76.18 -136.80
CA ASN J 992 -0.53 -75.56 -135.99
C ASN J 992 -0.26 -75.77 -134.51
N TRP J 993 -0.72 -74.81 -133.71
CA TRP J 993 -0.43 -74.81 -132.28
C TRP J 993 -1.57 -74.13 -131.56
N SER J 994 -1.95 -74.68 -130.41
CA SER J 994 -3.07 -74.15 -129.63
C SER J 994 -2.87 -74.54 -128.18
N PRO J 995 -2.37 -73.63 -127.35
CA PRO J 995 -2.23 -73.94 -125.92
C PRO J 995 -3.54 -74.06 -125.19
N MET J 996 -4.62 -73.48 -125.70
CA MET J 996 -5.91 -73.56 -125.06
C MET J 996 -6.45 -74.99 -125.07
N ALA J 997 -6.57 -75.58 -126.26
CA ALA J 997 -7.06 -76.95 -126.42
C ALA J 997 -6.03 -77.74 -127.20
N PRO J 998 -5.04 -78.32 -126.54
CA PRO J 998 -4.07 -79.17 -127.24
C PRO J 998 -4.71 -80.47 -127.68
N VAL J 999 -4.68 -80.72 -128.99
CA VAL J 999 -5.34 -81.91 -129.53
C VAL J 999 -4.54 -83.16 -129.18
N ALA J 1000 -3.21 -83.05 -129.18
CA ALA J 1000 -2.34 -84.18 -128.93
C ALA J 1000 -2.43 -84.63 -127.47
N ALA J 1001 -1.86 -85.80 -127.22
CA ALA J 1001 -1.88 -86.37 -125.88
C ALA J 1001 -1.01 -85.56 -124.94
N PRO J 1002 -1.35 -85.50 -123.65
CA PRO J 1002 -0.43 -84.88 -122.69
C PRO J 1002 0.82 -85.73 -122.55
N PRO J 1003 1.98 -85.10 -122.32
CA PRO J 1003 3.23 -85.86 -122.29
C PRO J 1003 3.34 -86.79 -121.10
N PHE J 1004 2.77 -86.42 -119.96
CA PHE J 1004 2.79 -87.24 -118.77
C PHE J 1004 1.73 -86.74 -117.80
N VAL J 1005 1.48 -87.56 -116.78
CA VAL J 1005 0.57 -87.25 -115.69
C VAL J 1005 1.38 -87.43 -114.40
N ARG J 1006 0.76 -87.15 -113.25
CA ARG J 1006 1.50 -87.16 -112.00
C ARG J 1006 1.89 -88.57 -111.57
N GLY J 1007 0.99 -89.53 -111.71
CA GLY J 1007 1.32 -90.87 -111.29
C GLY J 1007 1.95 -91.75 -112.35
N GLY J 1008 2.43 -91.17 -113.45
CA GLY J 1008 2.89 -91.93 -114.58
C GLY J 1008 4.24 -92.60 -114.39
N PRO J 1009 4.75 -93.21 -115.46
CA PRO J 1009 6.07 -93.86 -115.38
C PRO J 1009 7.20 -92.85 -115.52
N ASN J 1010 8.25 -93.08 -114.73
CA ASN J 1010 9.51 -92.31 -114.70
C ASN J 1010 9.36 -90.85 -114.29
N VAL J 1011 8.16 -90.42 -113.94
CA VAL J 1011 7.89 -89.04 -113.57
C VAL J 1011 7.93 -88.95 -112.05
N ARG J 1012 8.30 -87.78 -111.54
CA ARG J 1012 8.56 -87.66 -110.12
C ARG J 1012 8.17 -86.27 -109.64
N VAL J 1013 7.68 -86.21 -108.41
CA VAL J 1013 7.17 -84.99 -107.81
C VAL J 1013 8.28 -84.38 -106.98
N VAL J 1014 8.49 -83.08 -107.13
CA VAL J 1014 9.50 -82.39 -106.35
C VAL J 1014 9.01 -82.23 -104.91
N GLY J 1015 9.94 -82.11 -103.99
CA GLY J 1015 9.62 -81.88 -102.60
C GLY J 1015 9.38 -80.41 -102.32
N ARG J 1016 9.38 -80.07 -101.04
CA ARG J 1016 9.23 -78.67 -100.64
C ARG J 1016 10.49 -77.89 -101.00
N PHE J 1017 10.28 -76.66 -101.46
CA PHE J 1017 11.26 -75.61 -101.72
C PHE J 1017 12.19 -75.88 -102.90
N GLY J 1018 12.07 -77.04 -103.56
CA GLY J 1018 12.81 -77.33 -104.78
C GLY J 1018 14.32 -77.32 -104.64
N THR J 1019 14.83 -78.07 -103.67
CA THR J 1019 16.23 -77.97 -103.28
C THR J 1019 17.13 -78.64 -104.31
N ILE J 1020 17.91 -77.82 -105.03
CA ILE J 1020 18.96 -78.31 -105.90
C ILE J 1020 20.20 -78.59 -105.08
N VAL J 1021 20.74 -79.80 -105.19
CA VAL J 1021 22.04 -80.06 -104.57
C VAL J 1021 23.09 -79.79 -105.65
N PRO J 1022 24.17 -79.14 -105.33
CA PRO J 1022 25.34 -79.18 -106.22
C PRO J 1022 26.24 -80.33 -105.87
N ARG J 1023 26.58 -81.17 -106.84
CA ARG J 1023 27.45 -82.28 -106.46
C ARG J 1023 28.90 -81.93 -106.76
N PRO J 1024 29.81 -82.10 -105.78
CA PRO J 1024 31.16 -81.50 -105.87
C PRO J 1024 32.10 -82.29 -106.77
N ASN J 1025 31.74 -82.42 -108.04
CA ASN J 1025 32.54 -83.12 -109.03
C ASN J 1025 32.08 -82.60 -110.39
N GLY J 1026 32.43 -83.31 -111.46
CA GLY J 1026 31.82 -83.06 -112.74
C GLY J 1026 30.42 -83.60 -112.91
N LEU J 1027 29.87 -84.20 -111.86
CA LEU J 1027 28.49 -84.67 -111.87
C LEU J 1027 27.53 -83.49 -111.92
N GLU J 1028 26.41 -83.70 -112.61
CA GLU J 1028 25.46 -82.62 -112.80
C GLU J 1028 24.68 -82.38 -111.52
N PRO J 1029 24.19 -81.15 -111.30
CA PRO J 1029 23.33 -80.91 -110.15
C PRO J 1029 22.00 -81.63 -110.31
N GLN J 1030 21.39 -81.95 -109.19
CA GLN J 1030 20.19 -82.77 -109.23
C GLN J 1030 19.21 -82.31 -108.17
N LEU J 1031 17.93 -82.60 -108.42
CA LEU J 1031 16.82 -81.98 -107.72
C LEU J 1031 16.23 -82.93 -106.69
N ILE J 1032 15.77 -82.38 -105.58
CA ILE J 1032 15.22 -83.19 -104.50
C ILE J 1032 13.83 -83.68 -104.90
N ASP J 1033 13.43 -84.81 -104.34
CA ASP J 1033 12.17 -85.47 -104.66
C ASP J 1033 11.18 -85.20 -103.53
N ASP J 1034 9.92 -85.60 -103.75
CA ASP J 1034 8.96 -85.63 -102.66
C ASP J 1034 9.34 -86.65 -101.59
N GLY J 1035 10.07 -87.70 -101.97
CA GLY J 1035 10.55 -88.68 -101.02
C GLY J 1035 11.91 -88.34 -100.43
N ASN J 1036 12.31 -87.07 -100.60
CA ASN J 1036 13.52 -86.49 -99.99
C ASN J 1036 14.78 -87.22 -100.45
N VAL J 1037 14.89 -87.40 -101.75
CA VAL J 1037 16.07 -88.01 -102.36
C VAL J 1037 16.46 -87.16 -103.57
N PRO J 1038 17.73 -86.82 -103.76
CA PRO J 1038 18.11 -86.02 -104.93
C PRO J 1038 18.02 -86.84 -106.21
N ARG J 1039 17.28 -86.31 -107.18
CA ARG J 1039 17.08 -86.95 -108.48
C ARG J 1039 17.53 -86.02 -109.59
N ASP J 1040 18.02 -86.60 -110.68
CA ASP J 1040 18.56 -85.82 -111.78
C ASP J 1040 17.46 -85.05 -112.51
N ILE J 1041 17.84 -83.90 -113.07
CA ILE J 1041 16.87 -82.95 -113.59
C ILE J 1041 16.36 -83.37 -114.96
N ALA J 1042 17.19 -84.03 -115.76
CA ALA J 1042 16.78 -84.47 -117.08
C ALA J 1042 15.73 -85.58 -116.97
N GLY J 1043 14.53 -85.27 -117.40
CA GLY J 1043 13.41 -86.18 -117.27
C GLY J 1043 12.13 -85.39 -117.14
N ASP J 1044 11.07 -86.07 -116.75
CA ASP J 1044 9.78 -85.44 -116.58
C ASP J 1044 9.48 -85.16 -115.11
N TRP J 1045 9.18 -83.91 -114.81
CA TRP J 1045 8.97 -83.44 -113.44
C TRP J 1045 7.58 -82.85 -113.29
N VAL J 1046 7.11 -82.83 -112.04
CA VAL J 1046 5.79 -82.30 -111.70
C VAL J 1046 5.98 -81.26 -110.60
N TYR J 1047 5.80 -79.99 -110.94
CA TYR J 1047 5.83 -79.10 -109.78
C TYR J 1047 4.41 -78.76 -109.34
N PRO J 1048 4.16 -78.66 -108.04
CA PRO J 1048 2.98 -77.93 -107.58
C PRO J 1048 3.26 -76.44 -107.63
N SER J 1049 2.19 -75.66 -107.53
CA SER J 1049 2.33 -74.21 -107.62
C SER J 1049 2.96 -73.61 -106.37
N ASP J 1050 2.88 -74.30 -105.23
CA ASP J 1050 3.45 -73.75 -104.01
C ASP J 1050 4.98 -73.81 -104.05
N VAL J 1051 5.53 -74.88 -104.63
CA VAL J 1051 6.98 -75.05 -104.63
C VAL J 1051 7.60 -74.14 -105.69
N LEU J 1052 6.86 -73.81 -106.75
CA LEU J 1052 7.39 -72.97 -107.81
C LEU J 1052 7.65 -71.55 -107.31
N GLN J 1053 6.75 -71.03 -106.47
CA GLN J 1053 6.88 -69.64 -106.04
C GLN J 1053 8.03 -69.45 -105.06
N VAL J 1054 8.40 -70.50 -104.32
CA VAL J 1054 9.46 -70.40 -103.34
C VAL J 1054 10.79 -70.89 -103.88
N SER J 1055 10.85 -71.30 -105.15
CA SER J 1055 12.09 -71.77 -105.74
C SER J 1055 12.25 -71.17 -107.14
N VAL J 1056 12.07 -69.86 -107.23
CA VAL J 1056 12.05 -69.19 -108.53
C VAL J 1056 13.46 -69.09 -109.10
N ALA J 1057 14.39 -68.54 -108.32
CA ALA J 1057 15.77 -68.39 -108.78
C ALA J 1057 16.45 -69.73 -108.95
N VAL J 1058 15.98 -70.75 -108.24
CA VAL J 1058 16.41 -72.12 -108.48
C VAL J 1058 15.83 -72.62 -109.80
N PHE J 1059 14.57 -72.29 -110.08
CA PHE J 1059 13.91 -72.75 -111.31
C PHE J 1059 14.58 -72.16 -112.53
N ARG J 1060 14.87 -70.86 -112.49
CA ARG J 1060 15.40 -70.16 -113.66
C ARG J 1060 16.84 -70.55 -113.94
N ASP J 1061 17.55 -71.09 -112.96
CA ASP J 1061 18.98 -71.34 -113.12
C ASP J 1061 19.36 -72.81 -113.30
N TYR J 1062 18.49 -73.76 -112.97
CA TYR J 1062 18.96 -75.14 -112.97
C TYR J 1062 18.07 -76.10 -113.76
N VAL J 1063 16.77 -75.82 -113.86
CA VAL J 1063 15.85 -76.70 -114.55
C VAL J 1063 15.28 -76.06 -115.81
N TRP J 1064 14.99 -74.75 -115.77
CA TRP J 1064 14.55 -74.07 -116.98
C TRP J 1064 15.59 -74.01 -118.12
N PRO J 1065 16.90 -73.84 -117.88
CA PRO J 1065 17.82 -74.05 -119.01
C PRO J 1065 17.89 -75.49 -119.47
N MET J 1066 17.58 -76.44 -118.59
CA MET J 1066 17.46 -77.83 -118.99
C MET J 1066 16.11 -78.12 -119.63
N VAL J 1067 15.18 -77.18 -119.53
CA VAL J 1067 13.92 -77.24 -120.26
C VAL J 1067 14.05 -76.62 -121.65
N LYS J 1068 14.79 -75.52 -121.77
CA LYS J 1068 15.02 -74.90 -123.08
C LYS J 1068 15.81 -75.81 -123.99
N ALA J 1069 16.80 -76.52 -123.45
CA ALA J 1069 17.34 -77.66 -124.16
C ALA J 1069 16.34 -78.81 -124.06
N GLY J 1070 16.30 -79.65 -125.09
CA GLY J 1070 15.28 -80.68 -125.14
C GLY J 1070 15.45 -81.84 -124.19
N ARG J 1071 15.50 -81.55 -122.89
CA ARG J 1071 15.80 -82.53 -121.87
C ARG J 1071 14.69 -82.73 -120.87
N THR J 1072 14.21 -81.65 -120.26
CA THR J 1072 13.30 -81.73 -119.12
C THR J 1072 11.92 -81.22 -119.50
N ARG J 1073 10.90 -81.97 -119.07
CA ARG J 1073 9.51 -81.61 -119.30
C ARG J 1073 8.83 -81.41 -117.95
N VAL J 1074 8.23 -80.25 -117.74
CA VAL J 1074 7.74 -79.85 -116.43
C VAL J 1074 6.23 -79.64 -116.48
N LEU J 1075 5.52 -80.30 -115.58
CA LEU J 1075 4.11 -80.01 -115.32
C LEU J 1075 4.01 -79.16 -114.07
N VAL J 1076 3.54 -77.93 -114.22
CA VAL J 1076 3.39 -77.03 -113.08
C VAL J 1076 1.93 -77.09 -112.65
N GLU J 1077 1.68 -77.64 -111.48
CA GLU J 1077 0.30 -77.88 -111.04
C GLU J 1077 -0.31 -76.59 -110.51
N LEU J 1078 -1.05 -75.90 -111.36
CA LEU J 1078 -1.89 -74.80 -110.92
C LEU J 1078 -3.33 -75.29 -111.00
N GLY J 1079 -4.11 -75.01 -109.98
CA GLY J 1079 -5.51 -75.41 -110.02
C GLY J 1079 -6.29 -74.52 -110.97
N HIS J 1080 -6.25 -73.23 -110.69
CA HIS J 1080 -6.90 -72.23 -111.50
C HIS J 1080 -5.98 -71.02 -111.56
N TYR J 1081 -5.99 -70.33 -112.70
CA TYR J 1081 -5.02 -69.26 -112.89
C TYR J 1081 -5.49 -68.31 -113.97
N VAL J 1082 -5.11 -67.05 -113.81
CA VAL J 1082 -5.34 -66.05 -114.85
C VAL J 1082 -4.36 -66.29 -115.98
N TYR J 1083 -4.85 -66.21 -117.22
CA TYR J 1083 -4.01 -66.37 -118.38
C TYR J 1083 -4.08 -65.14 -119.26
N THR J 1084 -2.94 -64.74 -119.80
CA THR J 1084 -2.89 -63.78 -120.89
C THR J 1084 -2.21 -64.44 -122.08
N LEU J 1085 -2.73 -64.19 -123.27
CA LEU J 1085 -2.23 -64.88 -124.45
C LEU J 1085 -1.74 -63.90 -125.50
N HIS J 1086 -0.71 -64.33 -126.22
CA HIS J 1086 -0.07 -63.54 -127.25
C HIS J 1086 -0.41 -64.08 -128.63
N TYR J 1087 -0.45 -63.18 -129.59
CA TYR J 1087 -0.78 -63.50 -130.97
C TYR J 1087 0.36 -63.07 -131.88
N TYR J 1088 0.88 -64.01 -132.66
CA TYR J 1088 1.98 -63.74 -133.57
C TYR J 1088 1.56 -64.03 -135.00
N ASP J 1089 2.24 -63.39 -135.92
CA ASP J 1089 2.13 -63.77 -137.31
C ASP J 1089 3.00 -65.00 -137.55
N PRO J 1090 2.46 -66.08 -138.12
CA PRO J 1090 3.22 -67.31 -138.25
C PRO J 1090 4.33 -67.27 -139.29
N GLN J 1091 4.51 -66.18 -140.03
CA GLN J 1091 5.67 -66.03 -140.90
C GLN J 1091 6.87 -65.42 -140.18
N ILE J 1092 6.95 -65.56 -138.85
CA ILE J 1092 8.05 -65.00 -138.07
C ILE J 1092 8.59 -66.08 -137.14
N SER J 1093 9.86 -66.42 -137.28
CA SER J 1093 10.54 -67.29 -136.33
C SER J 1093 10.84 -66.52 -135.05
N LEU J 1094 10.51 -67.12 -133.91
CA LEU J 1094 10.76 -66.48 -132.63
C LEU J 1094 10.76 -67.51 -131.53
N ASP J 1095 11.88 -67.63 -130.82
CA ASP J 1095 11.93 -68.40 -129.58
C ASP J 1095 11.03 -67.73 -128.54
N GLU J 1096 10.17 -68.53 -127.92
CA GLU J 1096 9.26 -68.01 -126.90
C GLU J 1096 9.87 -68.02 -125.51
N ALA J 1097 11.15 -68.37 -125.38
CA ALA J 1097 11.80 -68.33 -124.08
C ALA J 1097 11.93 -66.93 -123.47
N PRO J 1098 12.23 -65.84 -124.19
CA PRO J 1098 12.20 -64.52 -123.52
C PRO J 1098 10.82 -64.07 -123.10
N ILE J 1099 9.76 -64.62 -123.67
CA ILE J 1099 8.41 -64.30 -123.21
C ILE J 1099 8.16 -64.91 -121.84
N LEU J 1100 8.65 -66.13 -121.62
CA LEU J 1100 8.35 -66.84 -120.39
C LEU J 1100 9.44 -66.67 -119.34
N GLU J 1101 10.66 -66.31 -119.74
CA GLU J 1101 11.63 -65.86 -118.75
C GLU J 1101 11.24 -64.52 -118.15
N GLU J 1102 10.49 -63.71 -118.90
CA GLU J 1102 9.89 -62.52 -118.32
C GLU J 1102 8.80 -62.89 -117.32
N TRP J 1103 8.10 -64.00 -117.55
CA TRP J 1103 7.11 -64.48 -116.60
C TRP J 1103 7.77 -64.97 -115.32
N LEU J 1104 8.90 -65.66 -115.43
CA LEU J 1104 9.58 -66.17 -114.25
C LEU J 1104 10.23 -65.08 -113.42
N SER J 1105 10.50 -63.91 -114.03
CA SER J 1105 11.15 -62.85 -113.29
C SER J 1105 10.23 -62.23 -112.26
N LYS J 1106 8.93 -62.29 -112.48
CA LYS J 1106 7.95 -61.66 -111.60
C LYS J 1106 7.30 -62.63 -110.64
N ILE J 1107 7.71 -63.88 -110.61
CA ILE J 1107 7.15 -64.84 -109.68
C ILE J 1107 7.89 -64.72 -108.35
N ASN J 1108 7.13 -64.57 -107.29
CA ASN J 1108 7.64 -64.50 -105.93
C ASN J 1108 6.70 -65.35 -105.09
N PRO J 1109 7.00 -65.65 -103.81
CA PRO J 1109 6.01 -66.37 -102.99
C PRO J 1109 4.74 -65.58 -102.70
N ALA J 1110 4.70 -64.28 -102.98
CA ALA J 1110 3.46 -63.53 -102.84
C ALA J 1110 2.45 -63.95 -103.90
N GLY J 1111 2.83 -63.91 -105.17
CA GLY J 1111 1.88 -64.23 -106.22
C GLY J 1111 2.54 -64.61 -107.52
N ILE J 1112 1.70 -65.01 -108.46
CA ILE J 1112 2.12 -65.49 -109.77
C ILE J 1112 1.46 -64.61 -110.83
N PRO J 1113 2.21 -64.04 -111.77
CA PRO J 1113 1.62 -63.26 -112.85
C PRO J 1113 0.86 -64.14 -113.83
N PRO J 1114 -0.03 -63.57 -114.67
CA PRO J 1114 -0.75 -64.39 -115.64
C PRO J 1114 0.18 -65.03 -116.67
N VAL J 1115 -0.20 -66.22 -117.10
CA VAL J 1115 0.71 -67.14 -117.77
C VAL J 1115 0.70 -66.85 -119.27
N PRO J 1116 1.85 -66.55 -119.87
CA PRO J 1116 1.93 -66.19 -121.31
C PRO J 1116 1.83 -67.35 -122.29
N PHE J 1117 0.61 -67.75 -122.60
CA PHE J 1117 0.33 -68.66 -123.69
C PHE J 1117 0.46 -67.91 -125.01
N CYS J 1118 0.67 -68.66 -126.09
CA CYS J 1118 0.92 -68.05 -127.39
C CYS J 1118 0.20 -68.82 -128.49
N ILE J 1119 -0.73 -68.16 -129.17
CA ILE J 1119 -1.53 -68.76 -130.23
C ILE J 1119 -1.18 -68.03 -131.51
N PRO J 1120 -1.00 -68.73 -132.64
CA PRO J 1120 -0.81 -68.02 -133.91
C PRO J 1120 -2.10 -67.38 -134.38
N ILE J 1121 -1.94 -66.31 -135.15
CA ILE J 1121 -3.10 -65.66 -135.77
C ILE J 1121 -3.58 -66.51 -136.94
N PRO J 1122 -4.86 -66.86 -136.99
CA PRO J 1122 -5.35 -67.75 -138.05
C PRO J 1122 -5.35 -67.06 -139.41
N GLN J 1123 -4.68 -67.70 -140.37
CA GLN J 1123 -4.47 -67.11 -141.68
C GLN J 1123 -5.62 -67.45 -142.62
N VAL J 1124 -5.96 -66.48 -143.47
CA VAL J 1124 -7.03 -66.68 -144.44
C VAL J 1124 -6.50 -67.39 -145.67
N TYR J 1125 -5.28 -67.07 -146.07
CA TYR J 1125 -4.61 -67.59 -147.23
C TYR J 1125 -3.52 -68.57 -146.83
N PRO J 1126 -3.26 -69.62 -147.62
CA PRO J 1126 -2.22 -70.58 -147.27
C PRO J 1126 -0.84 -70.00 -147.53
N CYS J 1127 -0.05 -69.85 -146.47
CA CYS J 1127 1.29 -69.30 -146.60
C CYS J 1127 2.27 -70.17 -145.82
N ILE J 1128 3.54 -70.01 -146.14
CA ILE J 1128 4.59 -70.78 -145.48
C ILE J 1128 4.84 -70.20 -144.10
N THR J 1129 4.69 -71.04 -143.08
CA THR J 1129 4.86 -70.63 -141.71
C THR J 1129 6.29 -70.89 -141.25
N ALA J 1130 6.76 -70.05 -140.34
CA ALA J 1130 8.13 -70.08 -139.87
C ALA J 1130 8.23 -70.90 -138.58
N ARG J 1131 9.33 -71.65 -138.45
CA ARG J 1131 9.53 -72.52 -137.31
C ARG J 1131 9.80 -71.72 -136.05
N ARG J 1132 9.12 -72.08 -134.96
CA ARG J 1132 9.32 -71.39 -133.70
C ARG J 1132 8.96 -72.34 -132.56
N VAL J 1133 9.69 -72.20 -131.46
CA VAL J 1133 9.59 -73.13 -130.34
C VAL J 1133 8.62 -72.58 -129.31
N HIS J 1134 7.72 -73.44 -128.84
CA HIS J 1134 6.69 -73.06 -127.89
C HIS J 1134 6.93 -73.80 -126.58
N TYR J 1135 6.52 -73.19 -125.48
CA TYR J 1135 6.79 -73.76 -124.16
C TYR J 1135 5.54 -74.07 -123.36
N ALA J 1136 4.65 -73.11 -123.18
CA ALA J 1136 3.55 -73.26 -122.26
C ALA J 1136 2.27 -73.64 -122.99
N PHE J 1137 1.56 -74.62 -122.43
CA PHE J 1137 0.26 -75.04 -122.94
C PHE J 1137 -0.50 -75.73 -121.83
N THR J 1138 -1.82 -75.69 -121.90
CA THR J 1138 -2.67 -76.19 -120.84
C THR J 1138 -2.82 -77.70 -120.93
N SER J 1139 -3.64 -78.24 -120.04
CA SER J 1139 -4.05 -79.64 -120.07
C SER J 1139 -5.51 -79.79 -120.44
N GLU J 1140 -6.41 -79.08 -119.75
CA GLU J 1140 -7.81 -79.05 -120.11
C GLU J 1140 -8.02 -78.10 -121.29
N ASN J 1141 -9.21 -78.17 -121.88
CA ASN J 1141 -9.56 -77.24 -122.96
C ASN J 1141 -9.91 -75.88 -122.38
N ASN J 1142 -9.33 -74.83 -122.96
CA ASN J 1142 -9.56 -73.48 -122.45
C ASN J 1142 -9.83 -72.47 -123.56
N ASN J 1143 -10.18 -72.92 -124.76
CA ASN J 1143 -10.66 -72.04 -125.81
C ASN J 1143 -12.17 -71.85 -125.76
N ASP J 1144 -12.77 -72.02 -124.59
CA ASP J 1144 -14.18 -71.70 -124.39
C ASP J 1144 -14.47 -70.22 -124.54
N SER J 1145 -13.47 -69.36 -124.32
CA SER J 1145 -13.62 -67.94 -124.57
C SER J 1145 -13.62 -67.60 -126.06
N LEU J 1146 -13.13 -68.51 -126.90
CA LEU J 1146 -12.96 -68.19 -128.31
C LEU J 1146 -14.30 -68.21 -129.02
N PHE J 1147 -14.65 -67.10 -129.65
CA PHE J 1147 -15.92 -66.98 -130.33
C PHE J 1147 -15.83 -67.43 -131.78
N SER J 1148 -14.90 -66.87 -132.54
CA SER J 1148 -14.75 -67.20 -133.95
C SER J 1148 -13.37 -66.78 -134.42
N THR J 1149 -12.85 -67.49 -135.41
CA THR J 1149 -11.61 -67.14 -136.07
C THR J 1149 -11.89 -66.86 -137.54
N ASN J 1150 -11.43 -65.69 -138.00
CA ASN J 1150 -11.60 -65.21 -139.38
C ASN J 1150 -13.07 -65.17 -139.78
N ALA J 1151 -13.85 -64.38 -139.05
CA ALA J 1151 -15.28 -64.30 -139.30
C ALA J 1151 -15.60 -63.59 -140.61
N ALA J 1152 -14.69 -62.77 -141.11
CA ALA J 1152 -14.89 -62.05 -142.36
C ALA J 1152 -14.36 -62.81 -143.56
N SER J 1153 -14.26 -64.14 -143.47
CA SER J 1153 -13.70 -64.94 -144.56
C SER J 1153 -14.58 -66.16 -144.76
N ILE J 1154 -14.48 -66.73 -145.96
CA ILE J 1154 -15.20 -67.95 -146.29
C ILE J 1154 -14.70 -69.11 -145.44
N ASP J 1155 -13.40 -69.17 -145.18
CA ASP J 1155 -12.80 -70.20 -144.35
C ASP J 1155 -11.46 -69.70 -143.83
N THR J 1156 -10.87 -70.49 -142.95
CA THR J 1156 -9.49 -70.27 -142.53
C THR J 1156 -8.58 -71.21 -143.31
N ALA J 1157 -7.28 -70.94 -143.24
CA ALA J 1157 -6.33 -71.74 -143.99
C ALA J 1157 -5.30 -72.43 -143.11
N PHE J 1158 -4.75 -71.76 -142.11
CA PHE J 1158 -3.71 -72.37 -141.29
C PHE J 1158 -4.10 -72.52 -139.83
N GLY J 1159 -4.56 -71.46 -139.19
CA GLY J 1159 -4.76 -71.47 -137.75
C GLY J 1159 -5.97 -72.30 -137.32
N GLU J 1160 -6.36 -72.10 -136.07
CA GLU J 1160 -7.47 -72.85 -135.51
C GLU J 1160 -8.79 -72.39 -136.14
N ASN J 1161 -9.59 -73.36 -136.55
CA ASN J 1161 -10.86 -73.09 -137.22
C ASN J 1161 -11.95 -73.02 -136.17
N ALA J 1162 -12.56 -71.84 -136.03
CA ALA J 1162 -13.63 -71.64 -135.05
C ALA J 1162 -14.79 -70.99 -135.78
N ALA J 1163 -15.77 -71.80 -136.17
CA ALA J 1163 -17.00 -71.23 -136.69
C ALA J 1163 -17.86 -70.75 -135.52
N VAL J 1164 -18.81 -69.88 -135.84
CA VAL J 1164 -19.69 -69.34 -134.81
C VAL J 1164 -20.67 -70.43 -134.39
N SER J 1165 -20.60 -70.81 -133.13
CA SER J 1165 -21.33 -71.98 -132.66
C SER J 1165 -22.81 -71.65 -132.47
N PRO J 1166 -23.73 -72.49 -132.97
CA PRO J 1166 -25.14 -72.29 -132.64
C PRO J 1166 -25.47 -72.62 -131.21
N LEU J 1167 -24.58 -73.35 -130.52
CA LEU J 1167 -24.81 -73.75 -129.15
C LEU J 1167 -24.77 -72.56 -128.19
N ARG J 1168 -24.10 -71.48 -128.58
CA ARG J 1168 -24.18 -70.22 -127.85
C ARG J 1168 -25.41 -69.42 -128.20
N TRP J 1169 -26.05 -69.70 -129.34
CA TRP J 1169 -27.18 -68.91 -129.81
C TRP J 1169 -28.41 -69.77 -130.15
N PRO J 1170 -28.96 -70.55 -129.20
CA PRO J 1170 -30.16 -71.32 -129.55
C PRO J 1170 -31.41 -70.49 -129.63
N GLY J 1171 -31.44 -69.32 -129.02
CA GLY J 1171 -32.61 -68.46 -129.12
C GLY J 1171 -32.81 -67.87 -130.50
N LEU J 1172 -31.76 -67.81 -131.30
CA LEU J 1172 -31.81 -67.22 -132.63
C LEU J 1172 -31.89 -68.27 -133.74
N VAL J 1173 -31.31 -69.44 -133.53
CA VAL J 1173 -31.09 -70.42 -134.58
C VAL J 1173 -31.94 -71.67 -134.37
N ASP J 1174 -31.99 -72.19 -133.16
CA ASP J 1174 -32.64 -73.46 -132.90
C ASP J 1174 -34.15 -73.32 -132.97
N PRO J 1175 -34.83 -74.07 -133.85
CA PRO J 1175 -36.29 -73.93 -133.94
C PRO J 1175 -37.03 -74.58 -132.81
N ASN J 1176 -36.40 -75.47 -132.05
CA ASN J 1176 -37.02 -76.10 -130.89
C ASN J 1176 -36.77 -75.31 -129.61
N TYR J 1177 -36.45 -74.03 -129.73
CA TYR J 1177 -36.15 -73.19 -128.58
C TYR J 1177 -37.44 -72.81 -127.88
N ARG J 1178 -37.65 -73.33 -126.68
CA ARG J 1178 -38.74 -72.86 -125.85
C ARG J 1178 -38.40 -71.48 -125.32
N VAL J 1179 -39.41 -70.62 -125.24
CA VAL J 1179 -39.21 -69.22 -124.90
C VAL J 1179 -38.85 -69.10 -123.42
N GLY J 1180 -37.68 -68.51 -123.16
CA GLY J 1180 -37.28 -68.26 -121.79
C GLY J 1180 -36.48 -69.38 -121.15
N THR J 1181 -35.75 -70.16 -121.93
CA THR J 1181 -35.01 -71.30 -121.43
C THR J 1181 -33.52 -70.99 -121.49
N ASN J 1182 -32.85 -71.04 -120.34
CA ASN J 1182 -31.42 -70.83 -120.25
C ASN J 1182 -30.70 -72.15 -120.04
N ASP J 1183 -29.37 -72.08 -120.03
CA ASP J 1183 -28.53 -73.23 -119.74
C ASP J 1183 -27.42 -72.82 -118.77
N LEU J 1184 -27.83 -72.14 -117.70
CA LEU J 1184 -26.89 -71.39 -116.86
C LEU J 1184 -25.85 -72.20 -116.09
N PRO J 1185 -26.11 -73.39 -115.54
CA PRO J 1185 -25.00 -74.16 -114.96
C PRO J 1185 -24.04 -74.76 -115.99
N ASN J 1186 -24.28 -74.57 -117.28
CA ASN J 1186 -23.45 -75.14 -118.32
C ASN J 1186 -22.87 -74.12 -119.28
N ARG J 1187 -23.66 -73.13 -119.69
CA ARG J 1187 -23.28 -72.36 -120.88
C ARG J 1187 -24.09 -71.09 -120.96
N ILE J 1188 -23.45 -70.00 -121.38
CA ILE J 1188 -24.06 -68.69 -121.40
C ILE J 1188 -24.60 -68.45 -122.81
N THR J 1189 -25.92 -68.48 -122.94
CA THR J 1189 -26.59 -68.16 -124.19
C THR J 1189 -26.69 -66.65 -124.35
N LEU J 1190 -26.15 -66.12 -125.45
CA LEU J 1190 -26.08 -64.68 -125.64
C LEU J 1190 -27.35 -64.06 -126.21
N TYR J 1191 -28.29 -64.87 -126.69
CA TYR J 1191 -29.51 -64.35 -127.31
C TYR J 1191 -30.69 -65.05 -126.66
N ASN J 1192 -31.41 -64.34 -125.79
CA ASN J 1192 -32.52 -64.95 -125.07
C ASN J 1192 -33.81 -64.16 -125.20
N SER J 1193 -34.81 -64.56 -124.44
CA SER J 1193 -36.12 -63.92 -124.39
C SER J 1193 -36.20 -63.13 -123.08
N LEU J 1194 -35.87 -61.86 -123.15
CA LEU J 1194 -35.99 -61.00 -121.97
C LEU J 1194 -37.42 -60.50 -121.87
N TYR J 1195 -37.64 -59.56 -120.96
CA TYR J 1195 -38.98 -59.07 -120.67
C TYR J 1195 -38.80 -57.64 -120.22
N ARG J 1196 -39.11 -56.68 -121.08
CA ARG J 1196 -38.97 -55.29 -120.71
C ARG J 1196 -40.11 -54.87 -119.80
N TYR J 1197 -39.96 -53.70 -119.18
CA TYR J 1197 -40.94 -53.22 -118.22
C TYR J 1197 -41.18 -51.74 -118.43
N ASN J 1198 -42.31 -51.27 -117.92
CA ASN J 1198 -42.64 -49.85 -117.90
C ASN J 1198 -43.23 -49.49 -116.54
N PHE J 1199 -42.50 -49.84 -115.48
CA PHE J 1199 -42.93 -49.59 -114.10
C PHE J 1199 -43.22 -48.13 -113.83
N THR J 1200 -44.43 -47.88 -113.31
CA THR J 1200 -44.89 -46.56 -112.93
C THR J 1200 -44.68 -46.37 -111.44
N TYR J 1201 -44.43 -45.12 -111.05
CA TYR J 1201 -43.91 -44.78 -109.73
C TYR J 1201 -44.86 -43.77 -109.09
N PRO J 1202 -45.89 -44.22 -108.38
CA PRO J 1202 -46.89 -43.29 -107.87
C PRO J 1202 -46.37 -42.53 -106.67
N THR J 1203 -46.51 -41.22 -106.71
CA THR J 1203 -46.25 -40.39 -105.55
C THR J 1203 -47.56 -40.11 -104.84
N LEU J 1204 -47.48 -39.87 -103.54
CA LEU J 1204 -48.66 -39.80 -102.70
C LEU J 1204 -48.83 -38.39 -102.19
N ASP J 1205 -49.98 -37.78 -102.51
CA ASP J 1205 -50.28 -36.40 -102.17
C ASP J 1205 -51.68 -36.28 -101.60
N GLY J 1206 -51.99 -37.14 -100.63
CA GLY J 1206 -53.34 -37.22 -100.11
C GLY J 1206 -53.75 -36.02 -99.27
N ILE J 1207 -55.04 -35.99 -98.96
CA ILE J 1207 -55.64 -34.93 -98.16
C ILE J 1207 -55.84 -35.49 -96.75
N MET J 1208 -55.32 -34.79 -95.75
CA MET J 1208 -55.14 -35.36 -94.43
C MET J 1208 -56.12 -34.76 -93.42
N TYR J 1209 -56.62 -35.61 -92.54
CA TYR J 1209 -57.84 -35.38 -91.77
C TYR J 1209 -57.60 -35.67 -90.30
N VAL J 1210 -58.26 -34.90 -89.45
CA VAL J 1210 -58.10 -35.03 -88.00
C VAL J 1210 -59.47 -35.36 -87.39
N ARG J 1211 -59.46 -36.09 -86.27
CA ARG J 1211 -60.69 -36.31 -85.53
C ARG J 1211 -61.21 -35.00 -84.93
N SER J 1212 -62.45 -35.07 -84.46
CA SER J 1212 -63.12 -33.96 -83.81
C SER J 1212 -63.80 -34.53 -82.57
N ALA J 1213 -63.16 -34.38 -81.42
CA ALA J 1213 -63.67 -34.96 -80.20
C ALA J 1213 -64.92 -34.23 -79.73
N THR J 1214 -65.98 -34.98 -79.46
CA THR J 1214 -67.20 -34.44 -78.90
C THR J 1214 -67.25 -34.75 -77.41
N PRO K 151 -9.57 -9.21 -12.09
CA PRO K 151 -8.43 -8.31 -12.20
C PRO K 151 -7.10 -9.05 -12.21
N MET K 152 -6.68 -9.52 -11.04
CA MET K 152 -5.46 -10.32 -10.96
C MET K 152 -5.71 -11.75 -11.45
N ILE K 153 -6.90 -12.28 -11.18
CA ILE K 153 -7.24 -13.62 -11.63
C ILE K 153 -7.48 -13.65 -13.15
N ASN K 154 -7.84 -12.50 -13.74
CA ASN K 154 -7.96 -12.41 -15.18
C ASN K 154 -6.60 -12.42 -15.86
N ASN K 155 -5.55 -12.02 -15.14
CA ASN K 155 -4.20 -12.10 -15.69
C ASN K 155 -3.75 -13.55 -15.81
N ALA K 156 -4.17 -14.41 -14.88
CA ALA K 156 -3.88 -15.84 -15.01
C ALA K 156 -4.70 -16.47 -16.13
N ILE K 157 -5.87 -15.91 -16.41
CA ILE K 157 -6.67 -16.36 -17.55
C ILE K 157 -6.00 -15.97 -18.86
N ARG K 158 -5.58 -14.70 -18.96
CA ARG K 158 -4.97 -14.19 -20.17
C ARG K 158 -3.62 -14.86 -20.44
N SER K 159 -2.86 -15.14 -19.37
CA SER K 159 -1.59 -15.82 -19.54
C SER K 159 -1.79 -17.25 -20.01
N PHE K 160 -2.81 -17.94 -19.49
CA PHE K 160 -3.01 -19.34 -19.84
C PHE K 160 -3.54 -19.51 -21.26
N LEU K 161 -4.48 -18.66 -21.67
CA LEU K 161 -5.05 -18.79 -23.01
C LEU K 161 -4.07 -18.36 -24.08
N THR K 162 -3.10 -17.50 -23.74
CA THR K 162 -2.00 -17.21 -24.64
C THR K 162 -0.83 -18.16 -24.48
N ALA K 163 -0.81 -18.94 -23.40
CA ALA K 163 0.20 -19.99 -23.28
C ALA K 163 -0.09 -21.11 -24.27
N TRP K 164 -1.34 -21.56 -24.32
CA TRP K 164 -1.65 -22.68 -25.21
C TRP K 164 -1.76 -22.25 -26.66
N ASP K 165 -2.12 -20.99 -26.91
CA ASP K 165 -2.30 -20.53 -28.29
C ASP K 165 -0.97 -20.43 -29.01
N ASP K 166 0.08 -19.96 -28.32
CA ASP K 166 1.40 -19.87 -28.93
C ASP K 166 1.98 -21.26 -29.19
N ILE K 167 1.69 -22.22 -28.31
CA ILE K 167 2.12 -23.59 -28.56
C ILE K 167 1.28 -24.21 -29.67
N ARG K 168 0.01 -23.80 -29.80
CA ARG K 168 -0.83 -24.36 -30.85
C ARG K 168 -0.45 -23.83 -32.23
N ILE K 169 -0.15 -22.53 -32.34
CA ILE K 169 0.26 -21.99 -33.63
C ILE K 169 1.67 -22.37 -34.01
N LEU K 170 2.46 -22.91 -33.07
CA LEU K 170 3.74 -23.52 -33.38
C LEU K 170 3.45 -24.96 -33.78
N SER K 171 2.98 -25.12 -35.02
CA SER K 171 2.56 -26.41 -35.55
C SER K 171 2.49 -26.28 -37.06
N PRO K 172 2.79 -27.35 -37.80
CA PRO K 172 2.54 -27.35 -39.24
C PRO K 172 1.05 -27.36 -39.54
N ASP K 173 0.73 -26.96 -40.77
CA ASP K 173 -0.66 -26.89 -41.19
C ASP K 173 -1.21 -28.29 -41.43
N VAL K 174 -2.34 -28.58 -40.80
CA VAL K 174 -3.01 -29.87 -40.96
C VAL K 174 -4.22 -29.69 -41.88
N SER K 175 -4.24 -30.47 -42.95
CA SER K 175 -5.34 -30.47 -43.93
C SER K 175 -5.28 -31.77 -44.70
N SER K 176 -6.13 -31.88 -45.71
CA SER K 176 -6.10 -33.06 -46.57
C SER K 176 -4.92 -33.05 -47.52
N LYS K 177 -4.27 -31.90 -47.70
CA LYS K 177 -3.05 -31.83 -48.50
C LYS K 177 -1.91 -32.60 -47.83
N SER K 178 -1.86 -32.58 -46.49
CA SER K 178 -0.84 -33.34 -45.78
C SER K 178 -1.08 -34.84 -45.88
N LEU K 179 -2.33 -35.24 -46.08
CA LEU K 179 -2.64 -36.66 -46.28
C LEU K 179 -2.12 -37.15 -47.62
N SER K 180 -2.29 -36.34 -48.67
CA SER K 180 -1.77 -36.74 -49.97
C SER K 180 -0.25 -36.59 -50.03
N ALA K 181 0.31 -35.62 -49.30
CA ALA K 181 1.75 -35.43 -49.30
C ALA K 181 2.45 -36.56 -48.56
N TYR K 182 1.83 -37.05 -47.48
CA TYR K 182 2.36 -38.24 -46.82
C TYR K 182 2.19 -39.47 -47.70
N LEU K 183 1.10 -39.54 -48.44
CA LEU K 183 0.84 -40.69 -49.28
C LEU K 183 1.73 -40.69 -50.53
N ASP K 184 2.25 -39.52 -50.92
CA ASP K 184 3.19 -39.44 -52.03
C ASP K 184 4.50 -40.13 -51.71
N SER K 185 4.89 -40.14 -50.43
CA SER K 185 6.12 -40.80 -50.03
C SER K 185 6.04 -42.32 -50.20
N ALA K 186 4.86 -42.89 -50.06
CA ALA K 186 4.66 -44.31 -50.24
C ALA K 186 4.45 -44.71 -51.70
N VAL K 187 4.42 -43.75 -52.63
CA VAL K 187 4.27 -44.08 -54.05
C VAL K 187 5.62 -44.30 -54.72
N ALA K 188 6.59 -43.43 -54.43
CA ALA K 188 7.85 -43.43 -55.16
C ALA K 188 8.72 -44.65 -54.87
N ASN K 189 8.53 -45.30 -53.72
CA ASN K 189 9.30 -46.49 -53.38
C ASN K 189 8.59 -47.77 -53.84
N GLY K 190 8.26 -47.79 -55.12
CA GLY K 190 7.53 -48.90 -55.69
C GLY K 190 8.36 -49.67 -56.69
N PRO K 191 8.47 -50.99 -56.48
CA PRO K 191 9.19 -51.82 -57.44
C PRO K 191 8.41 -52.00 -58.73
N GLU K 192 9.09 -51.96 -59.85
CA GLU K 192 8.44 -52.29 -61.11
C GLU K 192 8.39 -53.80 -61.26
N LEU K 193 7.19 -54.33 -61.37
CA LEU K 193 6.99 -55.75 -61.56
C LEU K 193 6.45 -56.08 -62.94
N ILE K 194 5.58 -55.22 -63.45
CA ILE K 194 4.88 -55.51 -64.70
C ILE K 194 5.72 -54.93 -65.84
N ILE K 195 6.72 -55.72 -66.24
CA ILE K 195 7.55 -55.42 -67.39
C ILE K 195 7.24 -56.44 -68.47
N GLU K 196 6.91 -55.95 -69.66
CA GLU K 196 6.37 -56.77 -70.74
C GLU K 196 7.40 -56.93 -71.86
N ASP K 197 7.61 -58.17 -72.27
CA ASP K 197 8.50 -58.50 -73.38
C ASP K 197 7.66 -58.71 -74.62
N THR K 198 7.70 -57.75 -75.54
CA THR K 198 6.95 -57.88 -76.78
C THR K 198 7.63 -58.86 -77.72
N GLY K 199 8.97 -58.87 -77.76
CA GLY K 199 9.71 -59.77 -78.61
C GLY K 199 9.74 -61.18 -78.07
N LEU K 200 10.42 -62.04 -78.82
CA LEU K 200 10.45 -63.46 -78.48
C LEU K 200 11.36 -63.71 -77.29
N CYS K 201 11.06 -64.78 -76.55
CA CYS K 201 11.68 -65.01 -75.25
C CYS K 201 12.76 -66.09 -75.32
N THR K 202 13.94 -65.68 -75.75
CA THR K 202 15.11 -66.51 -75.57
C THR K 202 16.29 -65.64 -75.23
N SER K 203 17.33 -66.27 -74.69
CA SER K 203 18.53 -65.56 -74.29
C SER K 203 19.78 -66.15 -74.89
N PHE K 204 19.64 -67.06 -75.86
CA PHE K 204 20.76 -67.78 -76.47
C PHE K 204 20.73 -67.45 -77.96
N MET K 205 21.40 -66.38 -78.37
CA MET K 205 21.42 -66.06 -79.78
C MET K 205 22.42 -66.94 -80.50
N LEU K 206 22.07 -67.33 -81.71
CA LEU K 206 22.85 -68.27 -82.52
C LEU K 206 23.89 -67.45 -83.25
N LEU K 207 25.00 -67.22 -82.58
CA LEU K 207 25.96 -66.21 -83.01
C LEU K 207 26.93 -66.80 -84.02
N ASP K 208 26.96 -66.22 -85.21
CA ASP K 208 27.99 -66.50 -86.20
C ASP K 208 29.36 -66.08 -85.68
N ASN K 209 30.24 -67.05 -85.43
CA ASN K 209 31.53 -66.78 -84.83
C ASN K 209 32.65 -66.73 -85.84
N ILE K 210 32.70 -67.66 -86.77
CA ILE K 210 33.72 -67.66 -87.82
C ILE K 210 33.04 -67.56 -89.18
N PRO K 211 33.20 -66.47 -89.91
CA PRO K 211 32.49 -66.32 -91.18
C PRO K 211 33.09 -67.18 -92.28
N SER K 212 32.25 -67.49 -93.27
CA SER K 212 32.68 -68.32 -94.38
C SER K 212 33.60 -67.53 -95.32
N ALA K 213 34.24 -68.25 -96.22
CA ALA K 213 35.15 -67.64 -97.18
C ALA K 213 34.37 -67.15 -98.38
N HIS K 214 34.21 -65.82 -98.49
CA HIS K 214 33.64 -65.21 -99.68
C HIS K 214 34.62 -65.36 -100.83
N LEU K 215 34.33 -66.25 -101.76
CA LEU K 215 35.21 -66.51 -102.89
C LEU K 215 34.40 -66.61 -104.18
N THR K 216 34.83 -65.87 -105.20
CA THR K 216 34.15 -65.82 -106.49
C THR K 216 35.09 -66.11 -107.65
N LYS K 217 36.27 -66.67 -107.39
CA LYS K 217 37.27 -66.90 -108.42
C LYS K 217 37.55 -68.38 -108.64
N GLU K 218 37.77 -69.14 -107.58
CA GLU K 218 38.10 -70.55 -107.65
C GLU K 218 37.22 -71.30 -106.68
N LEU K 219 36.83 -72.52 -107.08
CA LEU K 219 35.87 -73.39 -106.36
C LEU K 219 34.57 -72.64 -106.05
N ILE K 220 33.97 -72.08 -107.10
CA ILE K 220 32.73 -71.32 -107.01
C ILE K 220 31.57 -72.28 -106.83
N GLY K 221 30.67 -71.97 -105.89
CA GLY K 221 29.43 -72.70 -105.78
C GLY K 221 29.32 -73.62 -104.59
N PHE K 222 30.37 -73.76 -103.78
CA PHE K 222 30.25 -74.54 -102.56
C PHE K 222 29.41 -73.81 -101.53
N THR K 223 29.70 -72.53 -101.30
CA THR K 223 28.97 -71.76 -100.32
C THR K 223 27.74 -71.12 -100.97
N TRP K 224 26.71 -70.92 -100.15
CA TRP K 224 25.42 -70.43 -100.64
C TRP K 224 24.82 -69.54 -99.57
N PHE K 225 24.87 -68.24 -99.76
CA PHE K 225 24.33 -67.29 -98.80
C PHE K 225 22.91 -66.90 -99.17
N MET K 226 22.18 -66.41 -98.18
CA MET K 226 20.88 -65.82 -98.42
C MET K 226 20.96 -64.36 -98.82
N GLN K 227 22.15 -63.75 -98.70
CA GLN K 227 22.33 -62.36 -99.08
C GLN K 227 22.22 -62.18 -100.58
N MET K 228 22.59 -63.19 -101.35
CA MET K 228 22.45 -63.13 -102.80
C MET K 228 21.00 -63.30 -103.26
N TYR K 229 20.09 -63.63 -102.35
CA TYR K 229 18.68 -63.76 -102.68
C TYR K 229 17.82 -62.71 -102.01
N GLN K 230 18.44 -61.65 -101.47
CA GLN K 230 17.80 -60.54 -100.76
C GLN K 230 16.93 -61.05 -99.61
N MET K 231 17.59 -61.75 -98.68
CA MET K 231 16.86 -62.45 -97.64
C MET K 231 17.79 -62.67 -96.44
N THR K 232 17.23 -62.58 -95.24
CA THR K 232 18.10 -62.92 -94.13
C THR K 232 17.88 -64.35 -93.69
N PRO K 233 18.95 -65.10 -93.39
CA PRO K 233 18.78 -66.49 -93.00
C PRO K 233 18.26 -66.61 -91.57
N PRO K 234 17.47 -67.64 -91.28
CA PRO K 234 17.00 -67.84 -89.90
C PRO K 234 18.11 -68.25 -88.95
N LEU K 235 18.88 -69.27 -89.32
CA LEU K 235 20.06 -69.88 -88.74
C LEU K 235 21.30 -69.19 -89.31
N PRO K 236 22.35 -69.00 -88.51
CA PRO K 236 23.50 -68.25 -88.99
C PRO K 236 24.29 -69.02 -90.04
N GLU K 237 25.07 -68.26 -90.80
CA GLU K 237 25.81 -68.80 -91.94
C GLU K 237 27.28 -68.47 -91.76
N GLY K 238 28.07 -69.49 -91.51
CA GLY K 238 29.50 -69.32 -91.39
C GLY K 238 30.18 -70.64 -91.15
N ALA K 239 31.43 -70.58 -90.70
CA ALA K 239 32.10 -71.81 -90.36
C ALA K 239 31.69 -72.28 -88.97
N VAL K 240 31.95 -71.48 -87.95
CA VAL K 240 31.59 -71.83 -86.59
C VAL K 240 30.49 -70.89 -86.14
N ASN K 241 29.41 -71.45 -85.62
CA ASN K 241 28.24 -70.69 -85.19
C ASN K 241 27.95 -71.04 -83.75
N ARG K 242 28.62 -70.35 -82.83
CA ARG K 242 28.52 -70.69 -81.42
C ARG K 242 27.19 -70.23 -80.83
N ILE K 243 26.59 -71.10 -80.03
CA ILE K 243 25.51 -70.68 -79.14
C ILE K 243 26.16 -70.05 -77.93
N VAL K 244 25.83 -68.79 -77.65
CA VAL K 244 26.36 -68.09 -76.49
C VAL K 244 25.21 -67.29 -75.88
N CYS K 245 25.22 -67.15 -74.55
CA CYS K 245 24.13 -66.44 -73.91
C CYS K 245 24.33 -64.94 -74.11
N MET K 246 23.34 -64.30 -74.71
CA MET K 246 23.28 -62.85 -74.80
C MET K 246 21.83 -62.51 -74.45
N THR K 247 21.60 -62.17 -73.19
CA THR K 247 20.26 -62.10 -72.63
C THR K 247 19.47 -60.96 -73.22
N ASN K 248 18.23 -61.26 -73.62
CA ASN K 248 17.26 -60.31 -74.16
C ASN K 248 17.78 -59.68 -75.45
N TRP K 249 18.43 -60.50 -76.28
CA TRP K 249 18.90 -60.02 -77.56
C TRP K 249 17.76 -59.79 -78.52
N ALA K 250 16.64 -60.48 -78.32
CA ALA K 250 15.47 -60.35 -79.16
C ALA K 250 14.33 -59.63 -78.49
N SER K 251 14.53 -59.13 -77.27
CA SER K 251 13.47 -58.45 -76.54
C SER K 251 13.31 -57.05 -77.12
N LEU K 252 12.20 -56.80 -77.81
CA LEU K 252 11.98 -55.52 -78.45
C LEU K 252 11.02 -54.62 -77.68
N GLY K 253 10.32 -55.15 -76.68
CA GLY K 253 9.53 -54.29 -75.82
C GLY K 253 10.43 -53.40 -74.98
N ASP K 254 9.94 -52.20 -74.68
CA ASP K 254 10.73 -51.21 -73.98
C ASP K 254 10.85 -51.56 -72.49
N GLU K 255 11.65 -50.76 -71.78
CA GLU K 255 11.89 -50.84 -70.35
C GLU K 255 12.46 -52.22 -69.97
N GLY K 256 13.69 -52.44 -70.40
CA GLY K 256 14.43 -53.62 -70.00
C GLY K 256 14.66 -53.68 -68.49
N ARG K 257 15.09 -54.86 -68.04
CA ARG K 257 15.26 -55.11 -66.61
C ARG K 257 16.48 -54.43 -66.02
N GLY K 258 17.29 -53.74 -66.81
CA GLY K 258 18.49 -53.13 -66.28
C GLY K 258 19.70 -54.01 -66.47
N LEU K 259 20.03 -54.82 -65.45
CA LEU K 259 21.11 -55.77 -65.54
C LEU K 259 20.84 -56.80 -66.64
N GLU K 260 21.86 -57.05 -67.47
CA GLU K 260 21.77 -57.98 -68.58
C GLU K 260 23.13 -58.62 -68.77
N VAL K 261 23.18 -59.94 -68.83
CA VAL K 261 24.42 -60.67 -69.04
C VAL K 261 24.54 -61.07 -70.51
N ARG K 262 25.63 -60.66 -71.14
CA ARG K 262 25.88 -60.96 -72.55
C ARG K 262 27.33 -61.43 -72.66
N LEU K 263 27.53 -62.74 -72.59
CA LEU K 263 28.85 -63.29 -72.80
C LEU K 263 29.27 -63.15 -74.25
N PRO K 264 30.52 -62.79 -74.51
CA PRO K 264 31.01 -62.70 -75.88
C PRO K 264 31.25 -64.10 -76.43
N PRO K 265 31.44 -64.24 -77.75
CA PRO K 265 31.77 -65.57 -78.31
C PRO K 265 33.11 -66.06 -77.80
N PRO K 266 33.37 -67.38 -77.88
CA PRO K 266 34.60 -67.94 -77.29
C PRO K 266 35.89 -67.50 -77.96
N THR K 267 35.82 -66.79 -79.09
CA THR K 267 37.02 -66.15 -79.63
C THR K 267 37.52 -65.06 -78.70
N ASP K 268 36.60 -64.36 -78.03
CA ASP K 268 36.96 -63.28 -77.14
C ASP K 268 37.33 -63.85 -75.77
N SER K 269 37.57 -62.97 -74.79
CA SER K 269 38.11 -63.40 -73.51
C SER K 269 37.05 -64.03 -72.63
N SER K 270 35.90 -63.35 -72.48
CA SER K 270 34.71 -63.85 -71.77
C SER K 270 34.97 -64.12 -70.30
N VAL K 271 35.72 -63.23 -69.65
CA VAL K 271 35.93 -63.30 -68.21
C VAL K 271 35.35 -62.11 -67.48
N HIS K 272 34.80 -61.13 -68.20
CA HIS K 272 34.28 -59.94 -67.54
C HIS K 272 32.95 -60.20 -66.83
N ALA K 273 32.27 -61.30 -67.16
CA ALA K 273 31.12 -61.70 -66.36
C ALA K 273 31.50 -62.50 -65.13
N TYR K 274 32.73 -62.99 -65.08
CA TYR K 274 33.20 -63.75 -63.93
C TYR K 274 34.23 -62.98 -63.11
N LYS K 275 34.22 -61.66 -63.21
CA LYS K 275 34.96 -60.79 -62.30
C LYS K 275 33.99 -59.86 -61.58
N THR K 276 32.81 -60.38 -61.28
CA THR K 276 31.75 -59.59 -60.67
C THR K 276 31.87 -59.48 -59.16
N VAL K 277 32.64 -60.37 -58.53
CA VAL K 277 32.78 -60.39 -57.08
C VAL K 277 34.09 -61.10 -56.75
N LEU K 278 34.74 -60.65 -55.68
CA LEU K 278 36.09 -61.09 -55.28
C LEU K 278 37.11 -60.87 -56.40
N SER K 279 37.03 -59.71 -57.04
CA SER K 279 37.92 -59.37 -58.15
C SER K 279 38.14 -57.87 -58.11
N ARG K 280 38.64 -57.33 -59.23
CA ARG K 280 38.74 -55.91 -59.58
C ARG K 280 39.82 -55.17 -58.78
N GLY K 281 40.34 -55.78 -57.72
CA GLY K 281 41.46 -55.20 -57.01
C GLY K 281 42.53 -56.24 -56.79
N TYR K 282 42.13 -57.50 -56.92
CA TYR K 282 42.98 -58.64 -56.60
C TYR K 282 43.56 -59.30 -57.84
N ILE K 283 42.91 -59.15 -58.98
CA ILE K 283 43.27 -59.91 -60.16
C ILE K 283 43.28 -58.97 -61.36
N ASP K 284 44.09 -59.33 -62.37
CA ASP K 284 44.18 -58.49 -63.54
C ASP K 284 42.97 -58.75 -64.44
N ASN K 285 42.79 -57.88 -65.44
CA ASN K 285 41.65 -57.97 -66.34
C ASN K 285 41.70 -59.22 -67.22
N ALA K 286 42.88 -59.82 -67.40
CA ALA K 286 42.97 -61.03 -68.20
C ALA K 286 42.49 -62.25 -67.44
N GLN K 287 42.96 -62.46 -66.21
CA GLN K 287 42.67 -63.70 -65.51
C GLN K 287 41.28 -63.69 -64.89
N PHE K 288 40.63 -64.85 -64.93
CA PHE K 288 39.52 -65.12 -64.03
C PHE K 288 40.07 -65.75 -62.75
N ASN K 289 39.25 -65.77 -61.72
CA ASN K 289 39.69 -66.24 -60.42
C ASN K 289 39.17 -67.65 -60.19
N PRO K 290 40.01 -68.68 -60.29
CA PRO K 290 39.49 -70.06 -60.14
C PRO K 290 39.16 -70.44 -58.72
N LEU K 291 39.63 -69.69 -57.73
CA LEU K 291 39.30 -69.97 -56.34
C LEU K 291 38.03 -69.27 -55.89
N ALA K 292 37.51 -68.37 -56.70
CA ALA K 292 36.22 -67.73 -56.45
C ALA K 292 35.28 -67.95 -57.62
N LEU K 293 35.44 -69.10 -58.29
CA LEU K 293 34.69 -69.37 -59.51
C LEU K 293 33.21 -69.57 -59.23
N ARG K 294 32.89 -70.28 -58.16
CA ARG K 294 31.49 -70.51 -57.82
C ARG K 294 30.79 -69.23 -57.38
N SER K 295 31.52 -68.29 -56.78
CA SER K 295 30.88 -67.04 -56.42
C SER K 295 30.65 -66.16 -57.64
N ASN K 296 31.48 -66.30 -58.67
CA ASN K 296 31.31 -65.52 -59.90
C ASN K 296 30.33 -66.17 -60.86
N VAL K 297 30.22 -67.49 -60.83
CA VAL K 297 29.28 -68.18 -61.71
C VAL K 297 27.86 -68.04 -61.20
N LEU K 298 27.65 -68.31 -59.91
CA LEU K 298 26.32 -68.24 -59.31
C LEU K 298 25.75 -66.83 -59.37
N LEU K 299 26.61 -65.83 -59.23
CA LEU K 299 26.15 -64.46 -59.30
C LEU K 299 25.81 -64.08 -60.73
N MET K 300 26.49 -64.68 -61.71
CA MET K 300 26.11 -64.49 -63.11
C MET K 300 24.80 -65.17 -63.42
N LEU K 301 24.54 -66.33 -62.79
CA LEU K 301 23.26 -66.99 -62.98
C LEU K 301 22.13 -66.21 -62.32
N LEU K 302 22.45 -65.42 -61.30
CA LEU K 302 21.48 -64.50 -60.73
C LEU K 302 21.34 -63.25 -61.59
N GLN K 303 22.39 -62.87 -62.32
CA GLN K 303 22.21 -61.88 -63.37
C GLN K 303 21.33 -62.44 -64.48
N PHE K 304 21.48 -63.73 -64.79
CA PHE K 304 20.74 -64.33 -65.87
C PHE K 304 19.28 -64.53 -65.52
N THR K 305 18.99 -64.80 -64.24
CA THR K 305 17.61 -65.07 -63.84
C THR K 305 16.82 -63.78 -63.72
N LEU K 306 17.37 -62.78 -63.04
CA LEU K 306 16.63 -61.55 -62.79
C LEU K 306 16.45 -60.72 -64.05
N SER K 307 17.34 -60.88 -65.03
CA SER K 307 17.16 -60.20 -66.31
C SER K 307 16.05 -60.82 -67.13
N ASN K 308 15.69 -62.07 -66.87
CA ASN K 308 14.68 -62.78 -67.63
C ASN K 308 13.34 -62.81 -66.93
N LEU K 309 13.05 -61.83 -66.08
CA LEU K 309 11.79 -61.73 -65.36
C LEU K 309 10.80 -60.82 -66.06
N LYS K 310 10.83 -60.78 -67.38
CA LYS K 310 9.83 -60.05 -68.13
C LYS K 310 8.59 -60.90 -68.32
N ILE K 311 7.49 -60.23 -68.69
CA ILE K 311 6.23 -60.89 -68.99
C ILE K 311 6.13 -61.03 -70.51
N ASN K 312 5.80 -62.24 -70.98
CA ASN K 312 5.68 -62.50 -72.41
C ASN K 312 4.37 -61.91 -72.90
N LYS K 313 4.44 -60.67 -73.39
CA LYS K 313 3.25 -60.03 -73.94
C LYS K 313 2.98 -60.58 -75.33
N SER K 314 1.70 -60.79 -75.62
CA SER K 314 1.30 -61.24 -76.95
C SER K 314 1.25 -60.06 -77.90
N SER K 315 1.82 -60.25 -79.08
CA SER K 315 1.72 -59.28 -80.14
C SER K 315 0.53 -59.66 -81.03
N THR K 316 0.40 -58.97 -82.16
CA THR K 316 -0.61 -59.36 -83.12
C THR K 316 -0.13 -60.55 -83.93
N PHE K 317 -1.08 -61.37 -84.36
CA PHE K 317 -0.81 -62.53 -85.21
C PHE K 317 -1.49 -62.29 -86.55
N THR K 318 -0.70 -62.31 -87.62
CA THR K 318 -1.24 -62.13 -88.96
C THR K 318 -1.16 -63.43 -89.73
N SER K 319 -2.11 -63.62 -90.64
CA SER K 319 -2.13 -64.81 -91.47
C SER K 319 -1.01 -64.76 -92.49
N ASP K 320 -0.31 -65.89 -92.65
CA ASP K 320 0.72 -66.03 -93.67
C ASP K 320 -0.01 -66.23 -94.99
N VAL K 321 -0.30 -65.10 -95.66
CA VAL K 321 -1.07 -65.14 -96.90
C VAL K 321 -0.21 -65.71 -98.02
N THR K 322 1.10 -65.54 -97.93
CA THR K 322 2.03 -66.09 -98.90
C THR K 322 2.10 -67.61 -98.80
N THR K 323 2.80 -68.22 -99.76
CA THR K 323 2.76 -69.66 -99.96
C THR K 323 3.80 -70.42 -99.16
N ILE K 324 4.51 -69.76 -98.25
CA ILE K 324 5.59 -70.42 -97.52
C ILE K 324 5.01 -71.39 -96.49
N THR K 325 4.06 -70.92 -95.68
CA THR K 325 3.30 -71.81 -94.82
C THR K 325 1.81 -71.80 -95.11
N SER K 326 1.31 -70.82 -95.88
CA SER K 326 -0.03 -70.78 -96.45
C SER K 326 -1.14 -70.82 -95.39
N GLY K 327 -1.18 -69.77 -94.58
CA GLY K 327 -2.27 -69.59 -93.65
C GLY K 327 -1.98 -69.91 -92.21
N ARG K 328 -0.75 -70.31 -91.88
CA ARG K 328 -0.39 -70.46 -90.48
C ARG K 328 -0.29 -69.09 -89.84
N MET K 329 -0.93 -68.93 -88.68
CA MET K 329 -1.06 -67.63 -88.03
C MET K 329 0.27 -67.25 -87.37
N ILE K 330 1.18 -66.76 -88.19
CA ILE K 330 2.51 -66.37 -87.72
C ILE K 330 2.42 -65.02 -87.02
N ARG K 331 3.48 -64.64 -86.33
CA ARG K 331 3.52 -63.37 -85.61
C ARG K 331 4.37 -62.38 -86.38
N ALA K 332 3.72 -61.48 -87.10
CA ALA K 332 4.41 -60.36 -87.71
C ALA K 332 4.75 -59.34 -86.62
N PHE K 333 6.03 -58.99 -86.53
CA PHE K 333 6.49 -58.21 -85.39
C PHE K 333 6.19 -56.72 -85.58
N GLU K 334 6.62 -56.16 -86.72
CA GLU K 334 6.42 -54.77 -87.14
C GLU K 334 7.07 -53.74 -86.22
N GLY K 335 7.88 -54.18 -85.24
CA GLY K 335 8.73 -53.28 -84.49
C GLY K 335 10.16 -53.59 -84.84
N ARG K 336 10.44 -54.87 -85.06
CA ARG K 336 11.71 -55.32 -85.63
C ARG K 336 11.37 -56.40 -86.64
N PRO K 337 11.18 -56.03 -87.91
CA PRO K 337 10.90 -57.04 -88.95
C PRO K 337 12.10 -57.92 -89.28
N GLU K 338 13.30 -57.55 -88.84
CA GLU K 338 14.46 -58.42 -88.96
C GLU K 338 14.32 -59.66 -88.08
N LEU K 339 13.53 -59.56 -87.02
CA LEU K 339 13.34 -60.67 -86.10
C LEU K 339 12.38 -61.72 -86.65
N LEU K 340 11.62 -61.39 -87.70
CA LEU K 340 10.63 -62.30 -88.26
C LEU K 340 11.27 -63.54 -88.87
N ALA K 341 12.40 -63.36 -89.55
CA ALA K 341 13.09 -64.52 -90.12
C ALA K 341 13.76 -65.35 -89.04
N LEU K 342 14.26 -64.71 -87.99
CA LEU K 342 14.92 -65.42 -86.92
C LEU K 342 13.93 -66.11 -85.99
N ALA K 343 12.67 -65.67 -85.98
CA ALA K 343 11.68 -66.27 -85.11
C ALA K 343 11.25 -67.64 -85.62
N TYR K 344 11.18 -67.80 -86.93
CA TYR K 344 10.47 -68.89 -87.57
C TYR K 344 11.41 -69.59 -88.54
N PRO K 345 12.15 -70.59 -88.07
CA PRO K 345 12.96 -71.39 -88.99
C PRO K 345 12.15 -72.24 -89.93
N GLY K 346 10.88 -72.53 -89.60
CA GLY K 346 10.01 -73.23 -90.51
C GLY K 346 9.63 -72.44 -91.74
N ARG K 347 9.67 -71.11 -91.67
CA ARG K 347 9.40 -70.27 -92.82
C ARG K 347 10.63 -69.97 -93.65
N ALA K 348 11.66 -70.79 -93.55
CA ALA K 348 12.87 -70.55 -94.33
C ALA K 348 12.66 -70.98 -95.77
N VAL K 349 13.23 -70.20 -96.69
CA VAL K 349 13.36 -70.62 -98.07
C VAL K 349 14.64 -71.44 -98.17
N LEU K 350 14.56 -72.60 -98.83
CA LEU K 350 15.67 -73.55 -98.91
C LEU K 350 16.02 -73.75 -100.38
N PRO K 351 16.76 -72.81 -100.98
CA PRO K 351 17.03 -72.88 -102.41
C PRO K 351 17.95 -74.02 -102.81
N THR K 352 19.12 -74.06 -102.21
CA THR K 352 20.13 -75.05 -102.51
C THR K 352 20.29 -75.99 -101.31
N GLN K 353 21.23 -76.92 -101.43
CA GLN K 353 21.52 -77.84 -100.34
C GLN K 353 22.55 -77.18 -99.41
N THR K 354 22.09 -76.14 -98.75
CA THR K 354 22.79 -75.56 -97.63
C THR K 354 22.82 -76.59 -96.51
N LYS K 355 23.88 -76.58 -95.70
CA LYS K 355 23.91 -77.45 -94.54
C LYS K 355 22.85 -77.06 -93.53
N ASN K 356 22.48 -75.77 -93.48
CA ASN K 356 21.28 -75.36 -92.77
C ASN K 356 20.03 -75.93 -93.43
N ALA K 357 20.02 -75.99 -94.76
CA ALA K 357 18.89 -76.56 -95.47
C ALA K 357 18.80 -78.07 -95.31
N GLN K 358 19.90 -78.73 -94.97
CA GLN K 358 19.84 -80.13 -94.60
C GLN K 358 19.07 -80.31 -93.30
N PHE K 359 19.14 -79.33 -92.41
CA PHE K 359 18.40 -79.36 -91.15
C PHE K 359 16.99 -78.80 -91.30
N LEU K 360 16.82 -77.66 -91.96
CA LEU K 360 15.52 -77.01 -92.02
C LEU K 360 14.54 -77.72 -92.93
N SER K 361 14.99 -78.66 -93.75
CA SER K 361 14.07 -79.49 -94.50
C SER K 361 13.38 -80.53 -93.62
N THR K 362 13.90 -80.79 -92.43
CA THR K 362 13.30 -81.73 -91.49
C THR K 362 12.19 -81.08 -90.68
N ALA K 363 11.99 -79.77 -90.85
CA ALA K 363 11.04 -79.03 -90.03
C ALA K 363 9.60 -79.41 -90.36
N ILE K 364 8.85 -79.78 -89.34
CA ILE K 364 7.45 -80.13 -89.51
C ILE K 364 6.65 -78.85 -89.66
N ALA K 365 5.74 -78.82 -90.63
CA ALA K 365 5.21 -77.55 -91.13
C ALA K 365 4.22 -76.91 -90.15
N ASP K 366 3.41 -77.71 -89.47
CA ASP K 366 2.38 -77.17 -88.60
C ASP K 366 2.88 -76.91 -87.17
N ARG K 367 4.19 -76.75 -86.99
CA ARG K 367 4.81 -76.45 -85.71
C ARG K 367 5.12 -74.97 -85.56
N ILE K 368 4.26 -74.11 -86.09
CA ILE K 368 4.61 -72.70 -86.22
C ILE K 368 3.37 -71.86 -85.96
N GLY K 369 3.59 -70.65 -85.43
CA GLY K 369 2.50 -69.75 -85.17
C GLY K 369 1.71 -70.17 -83.95
N ARG K 370 0.53 -69.58 -83.81
CA ARG K 370 -0.31 -69.93 -82.68
C ARG K 370 -0.96 -71.28 -82.89
N LEU K 371 -1.35 -71.89 -81.78
CA LEU K 371 -2.05 -73.16 -81.80
C LEU K 371 -3.39 -73.08 -81.11
N ASP K 372 -3.48 -72.38 -79.98
CA ASP K 372 -4.73 -72.21 -79.24
C ASP K 372 -4.83 -70.74 -78.84
N ARG K 373 -5.67 -69.99 -79.55
CA ARG K 373 -6.00 -68.63 -79.13
C ARG K 373 -7.17 -68.73 -78.16
N ALA K 374 -6.87 -68.76 -76.87
CA ALA K 374 -7.90 -68.91 -75.84
C ALA K 374 -8.52 -67.54 -75.54
N ASN K 375 -9.36 -67.10 -76.46
CA ASN K 375 -10.06 -65.84 -76.30
C ASN K 375 -11.42 -66.04 -75.65
N LEU K 376 -11.91 -64.99 -75.02
CA LEU K 376 -13.15 -65.02 -74.27
C LEU K 376 -14.24 -64.16 -74.88
N ILE K 377 -13.91 -62.93 -75.24
CA ILE K 377 -14.88 -61.95 -75.70
C ILE K 377 -14.55 -61.58 -77.14
N GLY K 378 -15.56 -61.62 -78.01
CA GLY K 378 -15.39 -61.09 -79.34
C GLY K 378 -15.29 -59.58 -79.30
N GLY K 379 -14.28 -59.04 -79.99
CA GLY K 379 -14.03 -57.62 -79.95
C GLY K 379 -13.07 -57.17 -78.87
N GLU K 380 -12.73 -58.04 -77.94
CA GLU K 380 -11.78 -57.74 -76.89
C GLU K 380 -10.53 -58.57 -77.12
N VAL K 381 -9.41 -58.11 -76.58
CA VAL K 381 -8.11 -58.75 -76.78
C VAL K 381 -8.12 -60.14 -76.15
N SER K 382 -7.46 -61.09 -76.82
CA SER K 382 -7.44 -62.47 -76.35
C SER K 382 -6.61 -62.58 -75.08
N ALA K 383 -7.05 -63.45 -74.17
CA ALA K 383 -6.41 -63.51 -72.86
C ALA K 383 -5.06 -64.20 -72.91
N MET K 384 -4.97 -65.30 -73.65
CA MET K 384 -3.79 -66.16 -73.56
C MET K 384 -3.66 -66.94 -74.86
N VAL K 385 -2.73 -66.53 -75.70
CA VAL K 385 -2.42 -67.29 -76.89
C VAL K 385 -1.33 -68.30 -76.56
N GLU K 386 -1.23 -69.33 -77.39
CA GLU K 386 -0.32 -70.45 -77.15
C GLU K 386 0.38 -70.77 -78.47
N CYS K 387 1.58 -70.26 -78.64
CA CYS K 387 2.27 -70.27 -79.92
C CYS K 387 3.59 -71.01 -79.82
N MET K 388 3.98 -71.63 -80.93
CA MET K 388 5.28 -72.26 -81.05
C MET K 388 6.18 -71.33 -81.84
N GLU K 389 7.31 -70.96 -81.25
CA GLU K 389 8.28 -70.08 -81.89
C GLU K 389 9.63 -70.34 -81.23
N LEU K 390 10.64 -69.59 -81.66
CA LEU K 390 11.99 -69.79 -81.18
C LEU K 390 12.09 -69.28 -79.75
N CYS K 391 12.29 -70.19 -78.81
CA CYS K 391 12.43 -69.85 -77.40
C CYS K 391 13.19 -70.97 -76.71
N ASP K 392 14.06 -70.61 -75.78
CA ASP K 392 14.77 -71.61 -75.01
C ASP K 392 13.90 -72.14 -73.89
N ALA K 393 14.18 -73.36 -73.45
CA ALA K 393 13.39 -73.97 -72.40
C ALA K 393 13.70 -73.43 -71.02
N LEU K 394 14.82 -72.73 -70.85
CA LEU K 394 15.21 -72.25 -69.54
C LEU K 394 14.60 -70.88 -69.22
N THR K 395 14.75 -69.91 -70.12
CA THR K 395 14.15 -68.60 -69.93
C THR K 395 12.62 -68.69 -69.89
N LEU K 396 12.06 -69.66 -70.61
CA LEU K 396 10.63 -69.94 -70.51
C LEU K 396 10.25 -70.40 -69.11
N HIS K 397 11.10 -71.19 -68.45
CA HIS K 397 10.81 -71.58 -67.08
C HIS K 397 10.98 -70.41 -66.12
N ILE K 398 11.92 -69.52 -66.40
CA ILE K 398 12.10 -68.32 -65.59
C ILE K 398 10.89 -67.41 -65.71
N ARG K 399 10.33 -67.32 -66.92
CA ARG K 399 9.18 -66.46 -67.12
C ARG K 399 7.89 -67.11 -66.61
N GLU K 400 7.70 -68.40 -66.85
CA GLU K 400 6.46 -69.03 -66.43
C GLU K 400 6.37 -69.26 -64.93
N THR K 401 7.46 -69.06 -64.19
CA THR K 401 7.35 -68.95 -62.74
C THR K 401 7.28 -67.51 -62.28
N TYR K 402 7.53 -66.54 -63.17
CA TYR K 402 7.38 -65.16 -62.79
C TYR K 402 5.91 -64.74 -62.81
N ILE K 403 5.13 -65.25 -63.76
CA ILE K 403 3.70 -65.02 -63.75
C ILE K 403 3.06 -65.75 -62.58
N MET K 404 3.59 -66.93 -62.24
CA MET K 404 3.12 -67.64 -61.05
C MET K 404 3.47 -66.88 -59.78
N LEU K 405 4.56 -66.10 -59.80
CA LEU K 405 4.80 -65.15 -58.72
C LEU K 405 3.74 -64.06 -58.69
N LEU K 406 3.43 -63.50 -59.86
CA LEU K 406 2.43 -62.44 -59.94
C LEU K 406 1.01 -62.98 -59.73
N ARG K 407 0.77 -64.24 -60.05
CA ARG K 407 -0.49 -64.85 -59.65
C ARG K 407 -0.52 -65.23 -58.19
N SER K 408 0.64 -65.31 -57.54
CA SER K 408 0.68 -65.56 -56.10
C SER K 408 0.36 -64.31 -55.29
N MET K 409 0.26 -63.15 -55.94
CA MET K 409 -0.10 -61.93 -55.26
C MET K 409 -1.26 -61.21 -55.94
N HIS K 410 -1.94 -61.88 -56.87
CA HIS K 410 -3.16 -61.38 -57.46
C HIS K 410 -4.37 -61.81 -56.66
N GLN K 411 -5.32 -60.89 -56.50
CA GLN K 411 -6.61 -61.20 -55.89
C GLN K 411 -7.70 -60.66 -56.80
N ASP K 412 -8.73 -61.48 -57.03
CA ASP K 412 -9.88 -61.10 -57.83
C ASP K 412 -10.66 -59.96 -57.16
N PRO K 413 -11.38 -59.14 -57.94
CA PRO K 413 -12.01 -57.93 -57.37
C PRO K 413 -13.09 -58.16 -56.34
N THR K 414 -13.65 -59.37 -56.23
CA THR K 414 -14.59 -59.64 -55.16
C THR K 414 -13.91 -59.67 -53.80
N GLN K 415 -12.62 -59.95 -53.76
CA GLN K 415 -11.89 -59.97 -52.50
C GLN K 415 -11.29 -58.63 -52.16
N ILE K 416 -10.82 -57.87 -53.15
CA ILE K 416 -10.15 -56.61 -52.84
C ILE K 416 -11.12 -55.48 -52.60
N VAL K 417 -12.41 -55.67 -52.92
CA VAL K 417 -13.40 -54.71 -52.46
C VAL K 417 -13.64 -54.89 -50.97
N GLN K 418 -13.35 -56.07 -50.44
CA GLN K 418 -13.43 -56.27 -49.00
C GLN K 418 -12.19 -55.76 -48.30
N ILE K 419 -11.02 -55.97 -48.91
CA ILE K 419 -9.74 -55.62 -48.28
C ILE K 419 -9.62 -54.11 -48.13
N VAL K 420 -10.07 -53.36 -49.13
CA VAL K 420 -10.15 -51.91 -48.99
C VAL K 420 -11.18 -51.52 -47.94
N ASN K 421 -12.29 -52.25 -47.88
CA ASN K 421 -13.31 -51.95 -46.89
C ASN K 421 -12.87 -52.39 -45.49
N GLU K 422 -12.12 -53.49 -45.38
CA GLU K 422 -11.67 -53.92 -44.07
C GLU K 422 -10.47 -53.09 -43.59
N CYS K 423 -9.67 -52.55 -44.50
CA CYS K 423 -8.63 -51.62 -44.08
C CYS K 423 -9.18 -50.25 -43.71
N ALA K 424 -10.45 -49.98 -43.99
CA ALA K 424 -11.07 -48.71 -43.65
C ALA K 424 -12.21 -48.86 -42.66
N ASN K 425 -12.35 -50.04 -42.04
CA ASN K 425 -13.37 -50.36 -41.04
C ASN K 425 -14.79 -50.16 -41.58
N ASN K 426 -15.00 -50.61 -42.82
CA ASN K 426 -16.28 -50.73 -43.51
C ASN K 426 -16.95 -49.40 -43.85
N LEU K 427 -16.38 -48.27 -43.43
CA LEU K 427 -16.82 -46.97 -43.90
C LEU K 427 -16.06 -46.66 -45.19
N LEU K 428 -16.18 -45.43 -45.67
CA LEU K 428 -15.57 -44.95 -46.92
C LEU K 428 -16.04 -45.80 -48.10
N ASN K 429 -17.28 -45.53 -48.52
CA ASN K 429 -18.01 -46.23 -49.57
C ASN K 429 -17.20 -46.60 -50.80
N SER K 430 -17.46 -47.79 -51.31
CA SER K 430 -16.75 -48.35 -52.46
C SER K 430 -17.70 -49.26 -53.22
N THR K 431 -17.50 -49.34 -54.53
CA THR K 431 -18.45 -50.01 -55.41
C THR K 431 -17.72 -50.68 -56.57
N ILE K 432 -17.85 -52.00 -56.68
CA ILE K 432 -17.35 -52.72 -57.86
C ILE K 432 -18.50 -53.03 -58.80
N PRO K 433 -18.31 -52.92 -60.10
CA PRO K 433 -19.30 -53.44 -61.04
C PRO K 433 -19.27 -54.95 -61.04
N ILE K 434 -20.45 -55.56 -61.05
CA ILE K 434 -20.57 -57.00 -61.07
C ILE K 434 -20.74 -57.39 -62.54
N SER K 435 -19.63 -57.70 -63.18
CA SER K 435 -19.58 -58.09 -64.58
C SER K 435 -18.32 -58.90 -64.79
N LEU K 436 -18.11 -59.33 -66.02
CA LEU K 436 -16.95 -60.14 -66.34
C LEU K 436 -15.78 -59.27 -66.81
N ARG K 437 -14.59 -59.61 -66.35
CA ARG K 437 -13.36 -58.88 -66.67
C ARG K 437 -12.30 -59.89 -67.04
N PRO K 438 -11.98 -60.04 -68.33
CA PRO K 438 -11.15 -61.16 -68.78
C PRO K 438 -9.69 -61.11 -68.34
N THR K 439 -9.02 -59.99 -68.59
CA THR K 439 -7.56 -59.99 -68.61
C THR K 439 -6.95 -59.06 -67.59
N ILE K 440 -7.42 -59.07 -66.36
CA ILE K 440 -6.86 -58.19 -65.36
C ILE K 440 -5.83 -58.97 -64.55
N LEU K 441 -4.87 -58.24 -64.00
CA LEU K 441 -3.92 -58.77 -63.05
C LEU K 441 -3.41 -57.60 -62.24
N CYS K 442 -3.83 -57.53 -60.98
CA CYS K 442 -3.41 -56.49 -60.04
C CYS K 442 -2.52 -57.10 -58.96
N PRO K 443 -1.21 -57.15 -59.17
CA PRO K 443 -0.31 -57.89 -58.27
C PRO K 443 0.04 -57.11 -57.00
N TRP K 444 -0.86 -57.15 -56.03
CA TRP K 444 -0.85 -56.18 -54.95
C TRP K 444 -0.76 -56.76 -53.55
N PHE K 445 -0.76 -58.08 -53.39
CA PHE K 445 -1.04 -58.67 -52.08
C PHE K 445 -0.04 -59.76 -51.69
N ALA K 446 0.91 -59.41 -50.83
CA ALA K 446 1.74 -60.43 -50.24
C ALA K 446 1.03 -61.08 -49.07
N SER K 447 1.60 -62.19 -48.60
CA SER K 447 1.03 -62.88 -47.46
C SER K 447 1.38 -62.14 -46.17
N SER K 448 0.81 -62.63 -45.06
CA SER K 448 1.22 -62.14 -43.76
C SER K 448 2.63 -62.57 -43.40
N GLU K 449 3.11 -63.67 -44.00
CA GLU K 449 4.47 -64.12 -43.75
C GLU K 449 5.49 -63.19 -44.40
N ASP K 450 5.11 -62.55 -45.52
CA ASP K 450 6.03 -61.67 -46.21
C ASP K 450 6.05 -60.28 -45.59
N LEU K 451 4.91 -59.84 -45.05
CA LEU K 451 4.88 -58.56 -44.36
C LEU K 451 5.65 -58.60 -43.06
N ARG K 452 5.64 -59.73 -42.37
CA ARG K 452 6.43 -59.89 -41.15
C ARG K 452 7.92 -59.88 -41.44
N LEU K 453 8.31 -60.32 -42.64
CA LEU K 453 9.72 -60.34 -42.97
C LEU K 453 10.25 -58.94 -43.19
N GLN K 454 9.53 -58.11 -43.94
CA GLN K 454 9.99 -56.74 -44.12
C GLN K 454 9.72 -55.88 -42.90
N GLN K 455 8.86 -56.32 -41.99
CA GLN K 455 8.72 -55.63 -40.71
C GLN K 455 9.98 -55.76 -39.89
N VAL K 456 10.50 -56.98 -39.75
CA VAL K 456 11.76 -57.19 -39.04
C VAL K 456 12.92 -56.57 -39.80
N MET K 457 12.88 -56.65 -41.13
CA MET K 457 13.92 -56.06 -41.96
C MET K 457 13.96 -54.55 -41.82
N HIS K 458 12.79 -53.92 -41.69
CA HIS K 458 12.77 -52.47 -41.49
C HIS K 458 13.22 -52.10 -40.08
N LEU K 459 12.98 -52.98 -39.11
CA LEU K 459 13.49 -52.73 -37.77
C LEU K 459 14.98 -53.00 -37.68
N VAL K 460 15.48 -53.94 -38.49
CA VAL K 460 16.91 -54.14 -38.62
C VAL K 460 17.56 -52.99 -39.37
N ASN K 461 16.92 -52.52 -40.44
CA ASN K 461 17.42 -51.37 -41.21
C ASN K 461 17.48 -50.12 -40.36
N ILE K 462 16.49 -49.91 -39.51
CA ILE K 462 16.42 -48.68 -38.75
C ILE K 462 17.36 -48.78 -37.55
N SER K 463 17.84 -47.63 -37.09
CA SER K 463 18.59 -47.60 -35.85
C SER K 463 17.65 -47.89 -34.69
N SER K 464 18.17 -48.61 -33.69
CA SER K 464 17.36 -49.04 -32.55
C SER K 464 17.35 -48.01 -31.43
N ASN K 465 17.53 -46.74 -31.75
CA ASN K 465 17.65 -45.66 -30.78
C ASN K 465 16.36 -44.84 -30.70
N THR K 466 16.39 -43.79 -29.88
CA THR K 466 15.26 -42.87 -29.82
C THR K 466 15.33 -41.80 -30.90
N ALA K 467 16.45 -41.69 -31.61
CA ALA K 467 16.59 -40.73 -32.69
C ALA K 467 15.90 -41.18 -33.97
N ALA K 468 15.42 -42.42 -34.02
CA ALA K 468 14.75 -42.96 -35.19
C ALA K 468 13.29 -43.31 -34.95
N ALA K 469 12.87 -43.49 -33.71
CA ALA K 469 11.46 -43.72 -33.41
C ALA K 469 10.69 -42.42 -33.29
N LEU K 470 11.34 -41.35 -32.84
CA LEU K 470 10.72 -40.03 -32.85
C LEU K 470 10.31 -39.54 -34.24
N PRO K 471 11.07 -39.75 -35.33
CA PRO K 471 10.49 -39.46 -36.66
C PRO K 471 9.39 -40.43 -37.08
N LEU K 472 9.19 -41.54 -36.35
CA LEU K 472 8.12 -42.46 -36.71
C LEU K 472 6.84 -42.16 -35.94
N VAL K 473 6.96 -41.79 -34.67
CA VAL K 473 5.77 -41.44 -33.89
C VAL K 473 5.21 -40.11 -34.34
N GLU K 474 6.09 -39.14 -34.62
CA GLU K 474 5.65 -37.84 -35.11
C GLU K 474 5.05 -37.96 -36.51
N ALA K 475 5.48 -38.97 -37.28
CA ALA K 475 4.84 -39.24 -38.56
C ALA K 475 3.41 -39.70 -38.37
N LEU K 476 3.15 -40.54 -37.36
CA LEU K 476 1.77 -40.95 -37.12
C LEU K 476 1.00 -39.86 -36.39
N SER K 477 1.66 -39.11 -35.49
CA SER K 477 1.01 -38.02 -34.79
C SER K 477 0.59 -36.90 -35.74
N THR K 478 1.32 -36.71 -36.84
CA THR K 478 0.91 -35.73 -37.83
C THR K 478 -0.36 -36.16 -38.54
N LEU K 479 -0.44 -37.43 -38.94
CA LEU K 479 -1.62 -37.96 -39.60
C LEU K 479 -2.81 -37.99 -38.66
N LEU K 480 -2.61 -38.50 -37.45
CA LEU K 480 -3.68 -38.74 -36.51
C LEU K 480 -4.32 -37.44 -36.04
N ARG K 481 -3.51 -36.43 -35.78
CA ARG K 481 -4.04 -35.12 -35.43
C ARG K 481 -4.68 -34.43 -36.62
N SER K 482 -4.30 -34.81 -37.84
CA SER K 482 -4.90 -34.18 -39.02
C SER K 482 -6.31 -34.68 -39.28
N VAL K 483 -6.57 -35.96 -39.04
CA VAL K 483 -7.90 -36.51 -39.26
C VAL K 483 -8.44 -37.00 -37.92
N THR K 484 -9.13 -36.09 -37.21
CA THR K 484 -9.76 -36.40 -35.93
C THR K 484 -10.84 -35.38 -35.67
N PRO K 485 -11.94 -35.77 -35.04
CA PRO K 485 -12.98 -34.82 -34.65
C PRO K 485 -12.75 -34.16 -33.30
N LEU K 486 -11.71 -34.58 -32.58
CA LEU K 486 -11.47 -34.06 -31.23
C LEU K 486 -10.78 -32.71 -31.34
N VAL K 487 -11.46 -31.67 -30.87
CA VAL K 487 -10.95 -30.31 -30.92
C VAL K 487 -10.64 -29.86 -29.49
N LEU K 488 -9.42 -29.41 -29.27
CA LEU K 488 -8.98 -28.96 -27.96
C LEU K 488 -9.38 -27.50 -27.76
N ASP K 489 -10.13 -27.23 -26.71
CA ASP K 489 -10.51 -25.87 -26.38
C ASP K 489 -10.06 -25.56 -24.96
N PRO K 490 -9.00 -24.77 -24.77
CA PRO K 490 -8.55 -24.46 -23.41
C PRO K 490 -9.50 -23.58 -22.63
N THR K 491 -10.41 -22.85 -23.29
CA THR K 491 -11.36 -22.01 -22.58
C THR K 491 -12.37 -22.83 -21.79
N VAL K 492 -12.56 -24.09 -22.17
CA VAL K 492 -13.45 -24.98 -21.41
C VAL K 492 -12.88 -25.25 -20.03
N LEU K 493 -11.57 -25.49 -19.95
CA LEU K 493 -10.95 -25.67 -18.64
C LEU K 493 -10.85 -24.35 -17.90
N THR K 494 -10.68 -23.25 -18.63
CA THR K 494 -10.58 -21.95 -18.01
C THR K 494 -11.90 -21.54 -17.38
N ASN K 495 -12.99 -21.70 -18.13
CA ASN K 495 -14.29 -21.23 -17.65
C ASN K 495 -14.82 -22.13 -16.54
N ALA K 496 -14.33 -23.37 -16.44
CA ALA K 496 -14.71 -24.23 -15.33
C ALA K 496 -13.91 -23.93 -14.06
N ILE K 497 -12.70 -23.40 -14.19
CA ILE K 497 -11.87 -23.14 -13.02
C ILE K 497 -12.07 -21.72 -12.49
N THR K 498 -12.08 -20.71 -13.37
CA THR K 498 -12.16 -19.34 -12.89
C THR K 498 -13.55 -18.95 -12.38
N THR K 499 -14.54 -19.81 -12.54
CA THR K 499 -15.85 -19.61 -11.92
C THR K 499 -15.98 -20.41 -10.64
N ILE K 500 -14.89 -20.52 -9.89
CA ILE K 500 -14.89 -21.03 -8.53
C ILE K 500 -14.56 -19.86 -7.61
N SER K 501 -15.36 -19.68 -6.56
CA SER K 501 -15.24 -18.52 -5.70
C SER K 501 -14.04 -18.64 -4.79
N GLU K 502 -13.21 -17.60 -4.74
CA GLU K 502 -12.10 -17.53 -3.81
C GLU K 502 -11.95 -16.10 -3.31
N SER K 503 -11.79 -15.94 -2.00
CA SER K 503 -11.46 -14.64 -1.43
C SER K 503 -10.07 -14.23 -1.84
N THR K 504 -9.92 -12.95 -2.20
CA THR K 504 -8.63 -12.40 -2.60
C THR K 504 -7.78 -11.97 -1.41
N THR K 505 -8.24 -12.22 -0.18
CA THR K 505 -7.48 -11.85 1.00
C THR K 505 -6.27 -12.75 1.21
N GLN K 506 -6.30 -13.98 0.71
CA GLN K 506 -5.24 -14.93 0.94
C GLN K 506 -3.97 -14.55 0.18
N THR K 507 -2.85 -15.06 0.68
CA THR K 507 -1.58 -14.85 -0.01
C THR K 507 -1.52 -15.71 -1.28
N ILE K 508 -1.96 -16.95 -1.19
CA ILE K 508 -1.89 -17.90 -2.29
C ILE K 508 -3.26 -18.00 -2.93
N SER K 509 -3.30 -17.89 -4.25
CA SER K 509 -4.51 -18.19 -5.01
C SER K 509 -4.31 -19.53 -5.72
N PRO K 510 -4.92 -20.61 -5.23
CA PRO K 510 -4.76 -21.91 -5.91
C PRO K 510 -5.39 -21.95 -7.30
N ILE K 511 -6.36 -21.09 -7.58
CA ILE K 511 -6.88 -20.96 -8.94
C ILE K 511 -5.79 -20.41 -9.85
N SER K 512 -5.00 -19.46 -9.35
CA SER K 512 -3.93 -18.89 -10.16
C SER K 512 -2.74 -19.81 -10.26
N GLU K 513 -2.54 -20.70 -9.28
CA GLU K 513 -1.37 -21.57 -9.31
C GLU K 513 -1.50 -22.67 -10.35
N ILE K 514 -2.71 -23.14 -10.60
CA ILE K 514 -2.92 -24.21 -11.56
C ILE K 514 -2.72 -23.69 -12.98
N LEU K 515 -3.17 -22.46 -13.24
CA LEU K 515 -2.98 -21.87 -14.56
C LEU K 515 -1.51 -21.54 -14.82
N ARG K 516 -0.73 -21.31 -13.76
CA ARG K 516 0.71 -21.25 -13.91
C ARG K 516 1.29 -22.62 -14.17
N LEU K 517 0.62 -23.67 -13.67
CA LEU K 517 1.22 -24.99 -13.69
C LEU K 517 0.68 -25.87 -14.81
N LEU K 518 -0.48 -25.55 -15.38
CA LEU K 518 -0.98 -26.29 -16.53
C LEU K 518 -0.29 -25.95 -17.83
N GLN K 519 0.34 -24.79 -17.92
CA GLN K 519 0.99 -24.41 -19.17
C GLN K 519 2.23 -25.26 -19.38
N PRO K 520 2.54 -25.63 -20.62
CA PRO K 520 3.59 -26.62 -20.84
C PRO K 520 4.98 -26.04 -20.59
N MET K 521 5.84 -26.88 -20.00
CA MET K 521 7.24 -26.50 -19.80
C MET K 521 7.97 -26.42 -21.13
N GLY K 522 7.99 -27.52 -21.88
CA GLY K 522 8.51 -27.48 -23.22
C GLY K 522 7.51 -26.87 -24.18
N ASN K 523 7.97 -26.70 -25.43
CA ASN K 523 7.13 -26.18 -26.49
C ASN K 523 6.38 -27.28 -27.24
N ASP K 524 6.12 -28.41 -26.57
CA ASP K 524 5.51 -29.57 -27.23
C ASP K 524 3.99 -29.40 -27.30
N TYR K 525 3.50 -29.10 -28.48
CA TYR K 525 2.08 -29.24 -28.75
C TYR K 525 1.78 -30.69 -29.09
N ALA K 526 0.57 -31.12 -28.75
CA ALA K 526 0.03 -32.45 -29.08
C ALA K 526 0.88 -33.56 -28.47
N ALA K 527 1.33 -33.36 -27.23
CA ALA K 527 1.92 -34.46 -26.48
C ALA K 527 0.88 -35.52 -26.14
N PHE K 528 -0.40 -35.13 -26.12
CA PHE K 528 -1.51 -36.07 -26.20
C PHE K 528 -1.36 -36.99 -27.40
N TRP K 529 -1.24 -36.41 -28.59
CA TRP K 529 -1.21 -37.20 -29.80
C TRP K 529 0.12 -37.93 -29.99
N LYS K 530 1.17 -37.51 -29.28
CA LYS K 530 2.37 -38.34 -29.21
C LYS K 530 2.11 -39.58 -28.38
N CYS K 531 1.26 -39.47 -27.34
CA CYS K 531 0.93 -40.63 -26.53
C CYS K 531 0.01 -41.58 -27.25
N ILE K 532 -0.82 -41.09 -28.17
CA ILE K 532 -1.71 -41.99 -28.90
C ILE K 532 -0.92 -42.74 -29.95
N ALA K 533 -0.04 -42.04 -30.67
CA ALA K 533 0.70 -42.65 -31.77
C ALA K 533 1.75 -43.62 -31.27
N SER K 534 2.23 -43.45 -30.04
CA SER K 534 3.17 -44.38 -29.46
C SER K 534 2.55 -45.69 -29.03
N TRP K 535 1.22 -45.75 -28.94
CA TRP K 535 0.56 -47.00 -28.60
C TRP K 535 0.64 -48.00 -29.74
N ALA K 536 0.70 -47.51 -30.97
CA ALA K 536 0.92 -48.37 -32.12
C ALA K 536 2.37 -48.83 -32.23
N TYR K 537 3.28 -48.21 -31.49
CA TYR K 537 4.69 -48.56 -31.54
C TYR K 537 5.26 -48.69 -30.14
N ASN K 538 4.57 -49.42 -29.26
CA ASN K 538 5.10 -49.56 -27.91
C ASN K 538 6.26 -50.54 -27.81
N GLY K 539 6.57 -51.26 -28.89
CA GLY K 539 7.74 -52.10 -28.90
C GLY K 539 8.99 -51.33 -29.22
N LEU K 540 8.88 -50.37 -30.15
CA LEU K 540 10.01 -49.49 -30.43
C LEU K 540 10.23 -48.52 -29.28
N VAL K 541 9.24 -47.69 -28.99
CA VAL K 541 9.40 -46.56 -28.08
C VAL K 541 8.36 -46.67 -26.97
N THR K 542 8.75 -46.22 -25.78
CA THR K 542 7.83 -46.12 -24.66
C THR K 542 7.85 -44.68 -24.18
N THR K 543 6.70 -44.01 -24.25
CA THR K 543 6.60 -42.66 -23.74
C THR K 543 6.75 -42.64 -22.23
N VAL K 544 7.65 -41.80 -21.75
CA VAL K 544 7.92 -41.66 -20.34
C VAL K 544 7.37 -40.31 -19.90
N LEU K 545 6.86 -40.24 -18.68
CA LEU K 545 6.48 -38.96 -18.10
C LEU K 545 7.71 -38.08 -17.95
N SER K 546 7.51 -36.78 -18.13
CA SER K 546 8.63 -35.85 -18.15
C SER K 546 9.26 -35.74 -16.77
N GLU K 547 10.58 -35.92 -16.72
CA GLU K 547 11.29 -36.04 -15.45
C GLU K 547 11.30 -34.74 -14.67
N ASP K 548 11.31 -33.61 -15.36
CA ASP K 548 11.26 -32.33 -14.67
C ASP K 548 9.88 -32.02 -14.12
N ALA K 549 8.83 -32.67 -14.63
CA ALA K 549 7.47 -32.44 -14.18
C ALA K 549 7.05 -33.38 -13.06
N PHE K 550 7.97 -33.87 -12.32
CA PHE K 550 7.60 -34.53 -11.07
C PHE K 550 7.67 -33.53 -9.93
N PRO K 551 6.91 -33.72 -8.86
CA PRO K 551 7.13 -32.91 -7.65
C PRO K 551 8.48 -33.26 -7.05
N ASP K 552 9.25 -32.22 -6.72
CA ASP K 552 10.63 -32.40 -6.30
C ASP K 552 10.70 -33.07 -4.93
N SER K 553 11.82 -33.75 -4.69
CA SER K 553 12.03 -34.44 -3.43
C SER K 553 12.50 -33.50 -2.33
N SER K 554 12.58 -32.20 -2.59
CA SER K 554 12.85 -31.24 -1.52
C SER K 554 11.58 -30.87 -0.77
N GLN K 555 10.44 -30.88 -1.45
CA GLN K 555 9.20 -30.37 -0.89
C GLN K 555 8.31 -31.51 -0.43
N SER K 556 7.15 -31.14 0.12
CA SER K 556 6.26 -32.10 0.75
C SER K 556 4.83 -31.71 0.41
N ILE K 557 3.88 -32.28 1.17
CA ILE K 557 2.47 -32.08 0.89
C ILE K 557 2.01 -30.67 1.25
N THR K 558 2.74 -29.98 2.13
CA THR K 558 2.38 -28.61 2.46
C THR K 558 2.70 -27.66 1.31
N HIS K 559 3.67 -28.01 0.49
CA HIS K 559 3.96 -27.23 -0.71
C HIS K 559 2.83 -27.45 -1.71
N LEU K 560 2.11 -26.40 -2.02
CA LEU K 560 0.91 -26.50 -2.84
C LEU K 560 1.17 -26.83 -4.32
N PRO K 561 2.14 -26.22 -5.04
CA PRO K 561 2.34 -26.65 -6.43
C PRO K 561 2.90 -28.05 -6.58
N SER K 562 3.47 -28.64 -5.53
CA SER K 562 3.86 -30.05 -5.64
C SER K 562 2.65 -30.96 -5.71
N MET K 563 1.54 -30.60 -5.06
CA MET K 563 0.37 -31.47 -5.10
C MET K 563 -0.34 -31.39 -6.43
N TRP K 564 -0.47 -30.18 -7.00
CA TRP K 564 -1.12 -30.04 -8.30
C TRP K 564 -0.30 -30.69 -9.39
N LYS K 565 1.02 -30.60 -9.28
CA LYS K 565 1.89 -31.32 -10.21
C LYS K 565 1.78 -32.82 -9.98
N CYS K 566 1.52 -33.25 -8.75
CA CYS K 566 1.27 -34.67 -8.48
C CYS K 566 -0.09 -35.11 -9.02
N LEU K 567 -1.05 -34.19 -9.07
CA LEU K 567 -2.35 -34.53 -9.65
C LEU K 567 -2.25 -34.76 -11.14
N PHE K 568 -1.38 -34.03 -11.81
CA PHE K 568 -1.33 -34.10 -13.26
C PHE K 568 -0.48 -35.26 -13.73
N LEU K 569 0.26 -35.91 -12.83
CA LEU K 569 0.88 -37.18 -13.15
C LEU K 569 -0.14 -38.30 -13.15
N THR K 570 -1.00 -38.30 -12.13
CA THR K 570 -1.95 -39.39 -11.96
C THR K 570 -3.02 -39.37 -13.04
N LEU K 571 -3.43 -38.17 -13.46
CA LEU K 571 -4.30 -38.04 -14.61
C LEU K 571 -3.63 -38.53 -15.88
N ALA K 572 -2.40 -38.08 -16.12
CA ALA K 572 -1.62 -38.53 -17.27
C ALA K 572 -0.91 -39.85 -17.04
N GLY K 573 -1.31 -40.61 -16.03
CA GLY K 573 -0.74 -41.92 -15.75
C GLY K 573 -0.98 -42.95 -16.83
N PRO K 574 -2.24 -43.35 -17.04
CA PRO K 574 -2.51 -44.41 -18.01
C PRO K 574 -2.39 -44.00 -19.47
N MET K 575 -2.17 -42.72 -19.76
CA MET K 575 -2.07 -42.28 -21.15
C MET K 575 -0.77 -42.68 -21.82
N THR K 576 0.17 -43.27 -21.10
CA THR K 576 1.46 -43.62 -21.67
C THR K 576 1.69 -45.12 -21.67
N SER K 577 2.60 -45.55 -22.53
CA SER K 577 2.88 -46.96 -22.75
C SER K 577 4.00 -47.48 -21.85
N ASP K 578 4.50 -46.67 -20.94
CA ASP K 578 5.56 -47.13 -20.06
C ASP K 578 4.96 -48.02 -18.97
N PRO K 579 5.54 -49.20 -18.73
CA PRO K 579 5.00 -50.07 -17.68
C PRO K 579 5.24 -49.54 -16.28
N HIS K 580 6.29 -48.75 -16.08
CA HIS K 580 6.65 -48.28 -14.76
C HIS K 580 5.95 -46.98 -14.39
N SER K 581 5.04 -46.50 -15.23
CA SER K 581 4.28 -45.30 -14.90
C SER K 581 3.38 -45.41 -13.69
N PRO K 582 2.62 -46.50 -13.43
CA PRO K 582 1.85 -46.54 -12.17
C PRO K 582 2.70 -46.63 -10.92
N VAL K 583 3.98 -46.98 -11.02
CA VAL K 583 4.86 -46.89 -9.88
C VAL K 583 5.46 -45.49 -9.76
N LYS K 584 5.73 -44.86 -10.90
CA LYS K 584 6.18 -43.47 -10.88
C LYS K 584 5.06 -42.53 -10.43
N VAL K 585 3.81 -42.92 -10.63
CA VAL K 585 2.70 -42.17 -10.06
C VAL K 585 2.58 -42.46 -8.57
N PHE K 586 2.77 -43.71 -8.16
CA PHE K 586 2.65 -44.05 -6.75
C PHE K 586 3.81 -43.48 -5.93
N MET K 587 5.03 -43.62 -6.43
CA MET K 587 6.17 -43.09 -5.71
C MET K 587 6.43 -41.63 -5.99
N ALA K 588 5.49 -40.93 -6.61
CA ALA K 588 5.52 -39.47 -6.59
C ALA K 588 4.83 -38.93 -5.36
N LEU K 589 3.64 -39.47 -5.05
CA LEU K 589 2.93 -39.05 -3.86
C LEU K 589 3.59 -39.60 -2.61
N ALA K 590 4.18 -40.79 -2.67
CA ALA K 590 4.94 -41.30 -1.54
C ALA K 590 6.21 -40.47 -1.31
N ASN K 591 6.76 -39.90 -2.38
CA ASN K 591 7.83 -38.92 -2.27
C ASN K 591 7.32 -37.57 -1.76
N LEU K 592 6.01 -37.39 -1.68
CA LEU K 592 5.43 -36.11 -1.33
C LEU K 592 4.85 -36.09 0.08
N LEU K 593 4.60 -37.24 0.67
CA LEU K 593 4.17 -37.33 2.07
C LEU K 593 4.95 -38.42 2.80
N ALA K 594 6.27 -38.41 2.64
CA ALA K 594 7.11 -39.41 3.29
C ALA K 594 7.28 -39.17 4.78
N GLN K 595 7.05 -37.95 5.25
CA GLN K 595 7.09 -37.71 6.71
C GLN K 595 5.90 -38.33 7.44
N PRO K 596 4.62 -38.09 7.07
CA PRO K 596 3.56 -38.71 7.88
C PRO K 596 3.33 -40.17 7.57
N GLU K 597 3.73 -40.64 6.38
CA GLU K 597 3.24 -41.90 5.82
C GLU K 597 4.43 -42.77 5.42
N PRO K 598 5.03 -43.49 6.36
CA PRO K 598 6.15 -44.35 6.00
C PRO K 598 5.68 -45.68 5.42
N ILE K 599 6.35 -46.10 4.34
CA ILE K 599 6.10 -47.41 3.74
C ILE K 599 7.43 -48.10 3.51
N ALA K 600 7.36 -49.42 3.37
CA ALA K 600 8.54 -50.24 3.15
C ALA K 600 8.94 -50.19 1.69
N ILE K 601 10.15 -49.72 1.42
CA ILE K 601 10.75 -49.80 0.11
C ILE K 601 11.72 -50.98 0.16
N GLY K 602 12.07 -51.53 -0.99
CA GLY K 602 12.76 -52.79 -1.03
C GLY K 602 14.27 -52.65 -0.94
N VAL K 603 14.97 -52.92 -2.03
CA VAL K 603 16.43 -53.00 -2.13
C VAL K 603 17.10 -51.72 -1.67
N PRO K 604 18.32 -51.78 -1.12
CA PRO K 604 18.96 -50.56 -0.62
C PRO K 604 19.38 -49.63 -1.75
N GLY K 605 19.61 -48.38 -1.38
CA GLY K 605 19.79 -47.30 -2.33
C GLY K 605 18.51 -46.65 -2.77
N MET K 606 17.37 -47.28 -2.53
CA MET K 606 16.06 -46.77 -2.92
C MET K 606 15.26 -46.53 -1.65
N HIS K 607 15.02 -45.27 -1.33
CA HIS K 607 14.23 -44.89 -0.17
C HIS K 607 12.88 -44.35 -0.63
N GLN K 608 12.08 -43.92 0.33
CA GLN K 608 10.81 -43.31 0.00
C GLN K 608 10.99 -41.89 -0.51
N THR K 609 12.02 -41.19 -0.05
CA THR K 609 12.35 -39.87 -0.53
C THR K 609 13.25 -39.88 -1.75
N THR K 610 13.51 -41.06 -2.32
CA THR K 610 14.15 -41.14 -3.62
C THR K 610 13.21 -40.55 -4.66
N PRO K 611 13.72 -39.77 -5.62
CA PRO K 611 12.84 -39.19 -6.65
C PRO K 611 12.12 -40.24 -7.48
N ALA K 612 10.91 -39.89 -7.90
CA ALA K 612 9.99 -40.84 -8.51
C ALA K 612 10.44 -41.32 -9.88
N SER K 613 11.34 -40.58 -10.53
CA SER K 613 11.87 -41.02 -11.82
C SER K 613 12.87 -42.16 -11.68
N GLN K 614 13.33 -42.48 -10.48
CA GLN K 614 14.33 -43.51 -10.27
C GLN K 614 13.73 -44.89 -10.09
N PHE K 615 12.42 -45.03 -10.22
CA PHE K 615 11.72 -46.29 -9.96
C PHE K 615 11.39 -47.00 -11.26
N SER K 616 12.34 -46.95 -12.19
CA SER K 616 12.15 -47.39 -13.56
C SER K 616 12.37 -48.88 -13.75
N HIS K 617 12.57 -49.64 -12.68
CA HIS K 617 12.87 -51.06 -12.76
C HIS K 617 11.72 -51.85 -12.14
N PRO K 618 11.46 -53.08 -12.59
CA PRO K 618 10.37 -53.84 -11.96
C PRO K 618 10.68 -54.27 -10.55
N GLY K 619 11.94 -54.56 -10.24
CA GLY K 619 12.30 -55.06 -8.92
C GLY K 619 12.23 -54.02 -7.82
N VAL K 620 12.21 -52.74 -8.17
CA VAL K 620 12.12 -51.69 -7.17
C VAL K 620 10.69 -51.19 -7.01
N TRP K 621 9.72 -51.97 -7.45
CA TRP K 621 8.34 -51.65 -7.12
C TRP K 621 8.14 -51.94 -5.63
N PRO K 622 7.49 -51.05 -4.89
CA PRO K 622 7.37 -51.26 -3.45
C PRO K 622 6.42 -52.40 -3.15
N PRO K 623 6.65 -53.16 -2.08
CA PRO K 623 5.72 -54.23 -1.71
C PRO K 623 4.35 -53.71 -1.31
N GLY K 624 4.26 -52.46 -0.86
CA GLY K 624 2.96 -51.87 -0.64
C GLY K 624 2.21 -51.59 -1.94
N PHE K 625 2.93 -51.38 -3.03
CA PHE K 625 2.27 -51.15 -4.31
C PHE K 625 1.70 -52.44 -4.87
N LEU K 626 2.42 -53.54 -4.71
CA LEU K 626 1.91 -54.83 -5.17
C LEU K 626 0.80 -55.32 -4.26
N ASN K 627 1.08 -55.45 -2.98
CA ASN K 627 0.12 -55.91 -1.99
C ASN K 627 -0.19 -54.75 -1.06
N PRO K 628 -1.31 -54.04 -1.26
CA PRO K 628 -1.64 -52.93 -0.36
C PRO K 628 -2.10 -53.39 1.02
N GLN K 629 -2.33 -54.68 1.22
CA GLN K 629 -2.61 -55.20 2.55
C GLN K 629 -1.39 -55.05 3.47
N LEU K 630 -0.18 -55.00 2.90
CA LEU K 630 1.02 -54.82 3.70
C LEU K 630 1.07 -53.44 4.34
N ILE K 631 0.47 -52.44 3.71
CA ILE K 631 0.45 -51.10 4.28
C ILE K 631 -0.58 -51.05 5.40
N ASN K 632 -0.14 -50.64 6.58
CA ASN K 632 -1.03 -50.57 7.73
C ASN K 632 -1.78 -49.26 7.70
N PRO K 633 -3.12 -49.27 7.69
CA PRO K 633 -3.86 -48.00 7.72
C PRO K 633 -3.75 -47.25 9.02
N GLN K 634 -3.40 -47.90 10.12
CA GLN K 634 -3.14 -47.16 11.34
C GLN K 634 -1.83 -46.40 11.27
N GLN K 635 -0.89 -46.88 10.44
CA GLN K 635 0.39 -46.20 10.24
C GLN K 635 0.34 -45.28 9.03
N ALA K 636 0.04 -45.83 7.86
CA ALA K 636 -0.02 -45.08 6.61
C ALA K 636 -1.41 -45.21 6.01
N PRO K 637 -2.36 -44.37 6.45
CA PRO K 637 -3.73 -44.50 5.91
C PRO K 637 -3.88 -43.98 4.50
N LEU K 638 -3.29 -42.83 4.18
CA LEU K 638 -3.60 -42.14 2.94
C LEU K 638 -2.88 -42.77 1.76
N LEU K 639 -1.72 -43.36 2.01
CA LEU K 639 -0.92 -43.94 0.94
C LEU K 639 -1.33 -45.36 0.61
N ARG K 640 -2.03 -46.05 1.52
CA ARG K 640 -2.63 -47.33 1.17
C ARG K 640 -3.77 -47.15 0.19
N ALA K 641 -4.64 -46.17 0.45
CA ALA K 641 -5.80 -45.93 -0.39
C ALA K 641 -5.43 -45.36 -1.75
N PHE K 642 -4.20 -44.87 -1.93
CA PHE K 642 -3.73 -44.53 -3.26
C PHE K 642 -3.21 -45.75 -3.99
N ALA K 643 -2.68 -46.74 -3.26
CA ALA K 643 -2.38 -48.02 -3.87
C ALA K 643 -3.65 -48.78 -4.20
N GLU K 644 -4.67 -48.65 -3.35
CA GLU K 644 -5.98 -49.20 -3.66
C GLU K 644 -6.61 -48.50 -4.85
N HIS K 645 -6.32 -47.21 -5.03
CA HIS K 645 -6.88 -46.48 -6.15
C HIS K 645 -6.27 -46.91 -7.47
N ILE K 646 -4.96 -47.10 -7.51
CA ILE K 646 -4.29 -47.44 -8.75
C ILE K 646 -4.68 -48.85 -9.19
N ARG K 647 -4.64 -49.81 -8.27
CA ARG K 647 -4.87 -51.20 -8.64
C ARG K 647 -6.32 -51.49 -9.01
N ALA K 648 -7.25 -50.63 -8.60
CA ALA K 648 -8.66 -50.83 -8.92
C ALA K 648 -9.11 -50.04 -10.13
N ASN K 649 -8.53 -48.88 -10.39
CA ASN K 649 -9.06 -48.00 -11.41
C ASN K 649 -8.16 -47.88 -12.64
N TRP K 650 -7.00 -48.52 -12.65
CA TRP K 650 -6.14 -48.50 -13.83
C TRP K 650 -6.84 -49.27 -14.95
N PRO K 651 -6.76 -48.79 -16.18
CA PRO K 651 -7.62 -49.34 -17.24
C PRO K 651 -7.21 -50.73 -17.68
N GLN K 652 -8.20 -51.50 -18.05
CA GLN K 652 -7.95 -52.81 -18.63
C GLN K 652 -7.44 -52.63 -20.05
N PRO K 653 -6.32 -53.24 -20.43
CA PRO K 653 -5.92 -53.21 -21.83
C PRO K 653 -6.85 -54.06 -22.68
N SER K 654 -7.22 -53.52 -23.82
CA SER K 654 -8.11 -54.19 -24.75
C SER K 654 -7.44 -54.33 -26.12
N GLU K 655 -8.17 -54.93 -27.05
CA GLU K 655 -7.64 -55.19 -28.38
C GLU K 655 -8.72 -54.96 -29.41
N PHE K 656 -8.30 -54.77 -30.65
CA PHE K 656 -9.19 -54.58 -31.78
C PHE K 656 -8.46 -54.96 -33.05
N GLY K 657 -9.20 -55.02 -34.15
CA GLY K 657 -8.69 -55.48 -35.43
C GLY K 657 -8.41 -54.38 -36.41
N TYR K 658 -7.41 -54.60 -37.26
CA TYR K 658 -7.09 -53.68 -38.33
C TYR K 658 -6.76 -54.48 -39.58
N GLY K 659 -6.78 -53.80 -40.72
CA GLY K 659 -6.40 -54.44 -41.96
C GLY K 659 -7.39 -55.49 -42.40
N SER K 660 -6.89 -56.50 -43.09
CA SER K 660 -7.72 -57.58 -43.61
C SER K 660 -7.07 -58.91 -43.32
N THR K 661 -7.89 -59.90 -42.98
CA THR K 661 -7.41 -61.27 -42.87
C THR K 661 -7.00 -61.80 -44.24
N LEU K 662 -7.68 -61.31 -45.28
CA LEU K 662 -7.36 -61.71 -46.65
C LEU K 662 -6.00 -61.15 -47.07
N GLN K 663 -5.66 -59.95 -46.60
CA GLN K 663 -4.38 -59.35 -46.93
C GLN K 663 -3.27 -59.86 -46.01
N GLY K 664 -3.54 -59.91 -44.72
CA GLY K 664 -2.53 -60.22 -43.74
C GLY K 664 -2.07 -58.98 -43.01
N SER K 665 -1.04 -59.15 -42.18
CA SER K 665 -0.50 -58.05 -41.39
C SER K 665 0.95 -58.34 -41.06
N ALA K 666 1.60 -57.35 -40.45
CA ALA K 666 3.00 -57.46 -40.04
C ALA K 666 3.14 -57.55 -38.53
N ASN K 667 2.16 -58.15 -37.87
CA ASN K 667 2.24 -58.33 -36.43
C ASN K 667 3.21 -59.46 -36.09
N LEU K 668 4.06 -59.22 -35.10
CA LEU K 668 5.08 -60.17 -34.71
C LEU K 668 4.79 -60.85 -33.38
N PHE K 669 4.22 -60.13 -32.43
CA PHE K 669 3.88 -60.71 -31.14
C PHE K 669 2.40 -60.66 -30.84
N ILE K 670 1.69 -59.71 -31.42
CA ILE K 670 0.24 -59.64 -31.37
C ILE K 670 -0.23 -60.69 -32.37
N PRO K 671 -1.39 -61.33 -32.18
CA PRO K 671 -2.01 -62.08 -33.28
C PRO K 671 -2.26 -61.20 -34.50
N SER K 672 -2.29 -61.83 -35.67
CA SER K 672 -2.27 -61.10 -36.93
C SER K 672 -3.56 -60.31 -37.13
N ASN K 673 -3.41 -59.13 -37.75
CA ASN K 673 -4.49 -58.18 -38.01
C ASN K 673 -5.21 -57.74 -36.73
N ARG K 674 -4.44 -57.60 -35.66
CA ARG K 674 -4.96 -57.13 -34.38
C ARG K 674 -4.05 -56.03 -33.85
N MET K 675 -4.65 -55.09 -33.12
CA MET K 675 -3.91 -54.09 -32.37
C MET K 675 -4.40 -54.09 -30.93
N VAL K 676 -3.47 -54.08 -29.98
CA VAL K 676 -3.83 -53.95 -28.57
C VAL K 676 -3.91 -52.46 -28.23
N TYR K 677 -4.54 -52.17 -27.10
CA TYR K 677 -4.95 -50.83 -26.83
C TYR K 677 -5.01 -50.72 -25.31
N PRO K 678 -4.37 -49.70 -24.71
CA PRO K 678 -4.21 -49.68 -23.26
C PRO K 678 -5.47 -49.33 -22.49
N TRP K 679 -6.52 -48.90 -23.18
CA TRP K 679 -7.81 -48.56 -22.60
C TRP K 679 -8.82 -49.60 -23.09
N PRO K 680 -9.94 -49.79 -22.39
CA PRO K 680 -10.98 -50.65 -22.94
C PRO K 680 -11.65 -50.02 -24.14
N ASN K 681 -12.22 -50.87 -24.98
CA ASN K 681 -12.63 -50.47 -26.31
C ASN K 681 -14.09 -50.85 -26.54
N GLN K 682 -14.78 -49.97 -27.26
CA GLN K 682 -16.13 -50.15 -27.77
C GLN K 682 -16.15 -49.75 -29.24
N PRO K 683 -16.98 -50.38 -30.06
CA PRO K 683 -16.98 -50.07 -31.49
C PRO K 683 -17.56 -48.69 -31.78
N LEU K 684 -17.40 -48.28 -33.03
CA LEU K 684 -17.68 -46.92 -33.44
C LEU K 684 -19.18 -46.68 -33.51
N PRO K 685 -19.69 -45.61 -32.92
CA PRO K 685 -21.09 -45.23 -33.14
C PRO K 685 -21.27 -44.48 -34.45
N ARG K 686 -22.48 -44.56 -35.00
CA ARG K 686 -22.83 -43.92 -36.26
C ARG K 686 -23.92 -42.88 -36.11
N LEU K 687 -24.24 -42.47 -34.88
CA LEU K 687 -25.24 -41.44 -34.62
C LEU K 687 -24.59 -40.27 -33.90
N THR K 688 -25.43 -39.32 -33.47
CA THR K 688 -24.95 -38.13 -32.78
C THR K 688 -24.40 -38.49 -31.42
N VAL K 689 -23.18 -38.04 -31.14
CA VAL K 689 -22.46 -38.42 -29.94
C VAL K 689 -22.36 -37.22 -28.99
N ALA K 690 -22.26 -37.54 -27.71
CA ALA K 690 -22.25 -36.58 -26.62
C ALA K 690 -21.29 -37.10 -25.56
N PRO K 691 -20.68 -36.22 -24.76
CA PRO K 691 -19.72 -36.71 -23.75
C PRO K 691 -20.42 -37.44 -22.62
N THR K 692 -19.96 -38.65 -22.35
CA THR K 692 -20.51 -39.46 -21.27
C THR K 692 -19.44 -39.69 -20.21
N TYR K 693 -19.90 -40.04 -19.01
CA TYR K 693 -19.01 -40.36 -17.90
C TYR K 693 -18.99 -41.84 -17.60
N ASP K 694 -19.60 -42.66 -18.44
CA ASP K 694 -19.65 -44.10 -18.24
C ASP K 694 -18.38 -44.79 -18.71
N SER K 695 -17.51 -44.07 -19.42
CA SER K 695 -16.27 -44.63 -19.93
C SER K 695 -15.30 -44.90 -18.79
N ALA K 696 -14.37 -45.82 -19.04
CA ALA K 696 -13.30 -46.04 -18.09
C ALA K 696 -12.17 -45.03 -18.23
N MET K 697 -12.19 -44.21 -19.28
CA MET K 697 -11.34 -43.03 -19.29
C MET K 697 -11.79 -42.05 -18.23
N SER K 698 -13.10 -41.86 -18.08
CA SER K 698 -13.63 -40.96 -17.08
C SER K 698 -13.68 -41.58 -15.71
N ASN K 699 -13.70 -42.91 -15.62
CA ASN K 699 -13.58 -43.57 -14.32
C ASN K 699 -12.19 -43.37 -13.75
N TRP K 700 -11.19 -43.19 -14.59
CA TRP K 700 -9.88 -42.82 -14.06
C TRP K 700 -9.88 -41.38 -13.58
N ILE K 701 -10.54 -40.49 -14.32
CA ILE K 701 -10.53 -39.07 -13.97
C ILE K 701 -11.38 -38.83 -12.72
N SER K 702 -12.60 -39.34 -12.72
CA SER K 702 -13.52 -39.04 -11.63
C SER K 702 -13.21 -39.80 -10.36
N THR K 703 -12.19 -40.66 -10.32
CA THR K 703 -11.76 -41.27 -9.07
C THR K 703 -10.48 -40.68 -8.51
N THR K 704 -9.53 -40.28 -9.35
CA THR K 704 -8.33 -39.66 -8.79
C THR K 704 -8.60 -38.23 -8.35
N ILE K 705 -9.59 -37.56 -8.94
CA ILE K 705 -10.06 -36.32 -8.36
C ILE K 705 -10.79 -36.61 -7.06
N ALA K 706 -11.60 -37.66 -7.06
CA ALA K 706 -12.25 -38.13 -5.84
C ALA K 706 -11.26 -38.69 -4.84
N PHE K 707 -10.03 -39.00 -5.24
CA PHE K 707 -9.04 -39.34 -4.23
C PHE K 707 -8.32 -38.11 -3.69
N PHE K 708 -8.08 -37.09 -4.51
CA PHE K 708 -7.37 -35.95 -3.96
C PHE K 708 -8.30 -34.95 -3.31
N ILE K 709 -9.61 -35.16 -3.41
CA ILE K 709 -10.54 -34.44 -2.56
C ILE K 709 -10.50 -35.02 -1.15
N ARG K 710 -9.95 -36.23 -0.98
CA ARG K 710 -9.71 -36.86 0.30
C ARG K 710 -8.37 -36.46 0.89
N VAL K 711 -7.36 -36.30 0.03
CA VAL K 711 -6.05 -35.83 0.48
C VAL K 711 -6.14 -34.39 0.94
N VAL K 712 -6.90 -33.57 0.21
CA VAL K 712 -7.14 -32.19 0.62
C VAL K 712 -7.94 -32.14 1.92
N ASN K 713 -8.90 -33.04 2.09
CA ASN K 713 -9.67 -33.10 3.32
C ASN K 713 -9.05 -34.01 4.37
N SER K 714 -7.78 -34.38 4.20
CA SER K 714 -7.15 -35.25 5.18
C SER K 714 -6.73 -34.45 6.41
N VAL K 715 -6.32 -35.18 7.45
CA VAL K 715 -5.93 -34.56 8.71
C VAL K 715 -4.60 -33.82 8.54
N ASN K 716 -3.70 -34.36 7.73
CA ASN K 716 -2.42 -33.71 7.48
C ASN K 716 -2.59 -32.40 6.73
N MET K 717 -3.56 -32.32 5.82
CA MET K 717 -3.79 -31.08 5.11
C MET K 717 -4.59 -30.09 5.96
N THR K 718 -5.38 -30.62 6.90
CA THR K 718 -6.24 -29.78 7.75
C THR K 718 -5.42 -28.87 8.66
N ALA K 719 -4.37 -29.42 9.27
CA ALA K 719 -3.58 -28.65 10.22
C ALA K 719 -2.72 -27.58 9.57
N THR K 720 -2.50 -27.67 8.26
CA THR K 720 -1.60 -26.74 7.58
C THR K 720 -2.34 -25.67 6.80
N VAL K 721 -3.22 -26.07 5.91
CA VAL K 721 -3.87 -25.16 4.96
C VAL K 721 -5.11 -24.57 5.62
N ASN K 722 -5.31 -23.27 5.41
CA ASN K 722 -6.50 -22.58 5.88
C ASN K 722 -7.74 -23.18 5.22
N ASP K 723 -8.87 -23.11 5.95
CA ASP K 723 -10.07 -23.85 5.57
C ASP K 723 -10.70 -23.31 4.30
N LEU K 724 -10.68 -22.00 4.11
CA LEU K 724 -11.39 -21.42 2.97
C LEU K 724 -10.61 -21.60 1.67
N THR K 725 -9.28 -21.55 1.74
CA THR K 725 -8.46 -21.87 0.58
C THR K 725 -8.24 -23.37 0.42
N ARG K 726 -8.77 -24.17 1.34
CA ARG K 726 -8.82 -25.61 1.18
C ARG K 726 -10.06 -26.04 0.43
N ARG K 727 -11.14 -25.26 0.56
CA ARG K 727 -12.33 -25.50 -0.25
C ARG K 727 -12.11 -25.03 -1.68
N THR K 728 -11.22 -24.05 -1.87
CA THR K 728 -10.91 -23.59 -3.22
C THR K 728 -10.19 -24.66 -4.02
N MET K 729 -9.31 -25.43 -3.36
CA MET K 729 -8.78 -26.63 -3.99
C MET K 729 -9.88 -27.66 -4.23
N THR K 730 -10.76 -27.83 -3.25
CA THR K 730 -11.89 -28.75 -3.38
C THR K 730 -12.85 -28.29 -4.47
N GLY K 731 -13.02 -26.98 -4.62
CA GLY K 731 -13.93 -26.46 -5.63
C GLY K 731 -13.41 -26.56 -7.05
N VAL K 732 -12.10 -26.39 -7.23
CA VAL K 732 -11.53 -26.47 -8.57
C VAL K 732 -11.53 -27.92 -9.07
N MET K 733 -11.08 -28.84 -8.22
CA MET K 733 -10.99 -30.24 -8.62
C MET K 733 -12.36 -30.83 -8.93
N THR K 734 -13.36 -30.52 -8.10
CA THR K 734 -14.71 -30.99 -8.37
C THR K 734 -15.27 -30.34 -9.63
N ALA K 735 -14.86 -29.10 -9.92
CA ALA K 735 -15.18 -28.53 -11.23
C ALA K 735 -14.43 -29.24 -12.34
N MET K 736 -13.15 -29.58 -12.11
CA MET K 736 -12.38 -30.38 -13.07
C MET K 736 -12.94 -31.77 -13.22
N ARG K 737 -13.54 -32.31 -12.15
CA ARG K 737 -14.19 -33.61 -12.21
C ARG K 737 -15.44 -33.60 -13.10
N GLN K 738 -16.04 -32.43 -13.30
CA GLN K 738 -17.33 -32.32 -13.96
C GLN K 738 -17.25 -31.58 -15.29
N VAL K 739 -16.08 -31.48 -15.89
CA VAL K 739 -15.94 -30.84 -17.19
C VAL K 739 -16.48 -31.79 -18.26
N LYS K 740 -17.37 -31.30 -19.10
CA LYS K 740 -17.97 -32.10 -20.16
C LYS K 740 -16.98 -32.17 -21.32
N THR K 741 -16.00 -33.04 -21.17
CA THR K 741 -14.97 -33.23 -22.18
C THR K 741 -15.25 -34.46 -23.03
N MET K 742 -14.99 -34.33 -24.33
CA MET K 742 -15.35 -35.37 -25.28
C MET K 742 -14.29 -36.46 -25.35
N THR K 743 -13.11 -36.21 -24.79
CA THR K 743 -11.98 -37.14 -24.82
C THR K 743 -12.24 -38.45 -24.08
N PRO K 744 -12.97 -38.50 -22.94
CA PRO K 744 -13.39 -39.82 -22.44
C PRO K 744 -14.30 -40.60 -23.37
N PHE K 745 -15.13 -39.93 -24.18
CA PHE K 745 -15.82 -40.67 -25.21
C PHE K 745 -14.88 -41.00 -26.36
N TYR K 746 -13.88 -40.16 -26.60
CA TYR K 746 -13.05 -40.29 -27.78
C TYR K 746 -12.12 -41.49 -27.70
N ILE K 747 -11.48 -41.68 -26.54
CA ILE K 747 -10.46 -42.73 -26.40
C ILE K 747 -11.11 -44.11 -26.46
N GLN K 748 -12.29 -44.25 -25.87
CA GLN K 748 -12.91 -45.58 -25.82
C GLN K 748 -13.54 -45.94 -27.17
N HIS K 749 -14.12 -44.96 -27.85
CA HIS K 749 -14.98 -45.23 -29.00
C HIS K 749 -14.36 -44.81 -30.33
N MET K 750 -13.98 -43.54 -30.47
CA MET K 750 -13.62 -43.02 -31.78
C MET K 750 -12.14 -43.11 -32.09
N CYS K 751 -11.30 -43.30 -31.08
CA CYS K 751 -9.86 -43.38 -31.27
C CYS K 751 -9.35 -44.72 -31.82
N PRO K 752 -9.81 -45.91 -31.38
CA PRO K 752 -9.30 -47.14 -32.02
C PRO K 752 -9.73 -47.31 -33.46
N THR K 753 -10.80 -46.64 -33.88
CA THR K 753 -11.19 -46.70 -35.29
C THR K 753 -10.18 -45.97 -36.16
N GLU K 754 -9.63 -44.86 -35.66
CA GLU K 754 -8.64 -44.10 -36.41
C GLU K 754 -7.33 -44.86 -36.54
N LEU K 755 -6.87 -45.46 -35.45
CA LEU K 755 -5.62 -46.21 -35.51
C LEU K 755 -5.78 -47.50 -36.29
N SER K 756 -6.99 -48.06 -36.33
CA SER K 756 -7.21 -49.24 -37.16
C SER K 756 -7.23 -48.90 -38.65
N VAL K 757 -7.55 -47.65 -39.00
CA VAL K 757 -7.44 -47.20 -40.38
C VAL K 757 -6.03 -46.74 -40.70
N LEU K 758 -5.45 -45.93 -39.82
CA LEU K 758 -4.14 -45.35 -40.08
C LEU K 758 -3.00 -46.34 -39.97
N ALA K 759 -3.23 -47.52 -39.40
CA ALA K 759 -2.20 -48.56 -39.40
C ALA K 759 -1.89 -49.03 -40.81
N SER K 760 -2.88 -49.04 -41.68
CA SER K 760 -2.69 -49.52 -43.04
C SER K 760 -2.06 -48.49 -43.97
N VAL K 761 -1.94 -47.23 -43.54
CA VAL K 761 -1.40 -46.19 -44.41
C VAL K 761 -0.12 -45.57 -43.90
N THR K 762 0.30 -45.87 -42.68
CA THR K 762 1.62 -45.44 -42.25
C THR K 762 2.69 -46.24 -42.97
N VAL K 763 3.87 -45.63 -43.13
CA VAL K 763 4.96 -46.28 -43.85
C VAL K 763 5.51 -47.46 -43.05
N THR K 764 5.35 -47.45 -41.73
CA THR K 764 5.69 -48.58 -40.91
C THR K 764 4.42 -49.16 -40.31
N PRO K 765 4.18 -50.46 -40.46
CA PRO K 765 3.04 -51.08 -39.81
C PRO K 765 3.20 -51.08 -38.31
N PRO K 766 2.11 -51.13 -37.54
CA PRO K 766 2.24 -50.97 -36.08
C PRO K 766 2.90 -52.16 -35.40
N PHE K 767 4.14 -51.95 -34.98
CA PHE K 767 4.86 -52.95 -34.21
C PHE K 767 4.48 -52.80 -32.75
N GLN K 768 3.59 -53.67 -32.29
CA GLN K 768 3.14 -53.62 -30.92
C GLN K 768 3.65 -54.82 -30.12
N VAL K 769 3.69 -54.61 -28.81
CA VAL K 769 4.01 -55.59 -27.79
C VAL K 769 2.80 -55.55 -26.86
N PRO K 770 2.34 -56.66 -26.29
CA PRO K 770 1.15 -56.62 -25.43
C PRO K 770 1.36 -55.77 -24.18
N PHE K 771 0.33 -55.01 -23.84
CA PHE K 771 0.39 -54.17 -22.66
C PHE K 771 0.32 -55.01 -21.39
N THR K 772 0.67 -54.38 -20.28
CA THR K 772 0.69 -55.05 -18.99
C THR K 772 0.08 -54.14 -17.95
N ARG K 773 -1.00 -54.58 -17.33
CA ARG K 773 -1.63 -53.81 -16.27
C ARG K 773 -1.07 -54.32 -14.95
N LEU K 774 0.02 -53.68 -14.50
CA LEU K 774 0.52 -53.75 -13.13
C LEU K 774 0.98 -55.14 -12.72
N VAL K 775 1.20 -56.05 -13.65
CA VAL K 775 1.68 -57.38 -13.31
C VAL K 775 3.18 -57.28 -13.10
N GLN K 776 3.66 -57.82 -11.99
CA GLN K 776 5.09 -57.75 -11.67
C GLN K 776 5.92 -58.56 -12.66
N ASN K 777 5.43 -59.72 -13.06
CA ASN K 777 6.20 -60.64 -13.88
C ASN K 777 5.97 -60.45 -15.37
N ASP K 778 5.09 -59.54 -15.77
CA ASP K 778 4.79 -59.32 -17.18
C ASP K 778 5.24 -57.95 -17.66
N VAL K 779 6.12 -57.29 -16.92
CA VAL K 779 6.68 -56.01 -17.36
C VAL K 779 7.64 -56.27 -18.51
N ILE K 780 7.38 -55.65 -19.64
CA ILE K 780 8.20 -55.86 -20.83
C ILE K 780 9.49 -55.08 -20.63
N THR K 781 10.53 -55.77 -20.16
CA THR K 781 11.79 -55.11 -19.86
C THR K 781 12.53 -54.72 -21.13
N ASN K 782 12.52 -55.59 -22.14
CA ASN K 782 13.23 -55.35 -23.38
C ASN K 782 12.43 -55.92 -24.54
N VAL K 783 12.56 -55.27 -25.69
CA VAL K 783 12.02 -55.77 -26.96
C VAL K 783 13.20 -55.97 -27.90
N LEU K 784 13.26 -57.13 -28.53
CA LEU K 784 14.53 -57.63 -29.03
C LEU K 784 14.40 -58.17 -30.45
N VAL K 785 15.33 -57.77 -31.32
CA VAL K 785 15.36 -58.17 -32.72
C VAL K 785 16.82 -58.41 -33.12
N ALA K 786 17.11 -59.58 -33.67
CA ALA K 786 18.47 -59.91 -34.09
C ALA K 786 18.56 -60.06 -35.61
N ARG K 787 19.80 -60.08 -36.08
CA ARG K 787 20.17 -60.34 -37.46
C ARG K 787 20.71 -61.74 -37.67
N VAL K 788 20.92 -62.48 -36.59
CA VAL K 788 21.68 -63.72 -36.60
C VAL K 788 21.06 -64.64 -35.55
N ASP K 789 20.86 -65.91 -35.90
CA ASP K 789 20.25 -66.73 -34.88
C ASP K 789 21.30 -67.24 -33.89
N PRO K 790 20.90 -67.47 -32.64
CA PRO K 790 21.84 -68.03 -31.66
C PRO K 790 22.24 -69.47 -31.95
N ALA K 791 21.47 -70.19 -32.78
CA ALA K 791 21.72 -71.61 -32.98
C ALA K 791 22.99 -71.85 -33.78
N GLN K 792 23.22 -71.07 -34.83
CA GLN K 792 24.43 -71.24 -35.63
C GLN K 792 25.68 -70.78 -34.90
N ARG K 793 25.53 -69.91 -33.91
CA ARG K 793 26.64 -69.55 -33.04
C ARG K 793 26.63 -70.48 -31.84
N GLY K 794 27.48 -70.19 -30.85
CA GLY K 794 27.42 -70.91 -29.60
C GLY K 794 26.57 -70.18 -28.58
N ASP K 795 25.37 -69.76 -28.99
CA ASP K 795 24.53 -68.90 -28.16
C ASP K 795 23.15 -69.48 -27.90
N ALA K 796 22.95 -70.76 -28.15
CA ALA K 796 21.62 -71.36 -28.03
C ALA K 796 21.15 -71.49 -26.59
N ALA K 797 22.03 -71.37 -25.61
CA ALA K 797 21.66 -71.56 -24.22
C ALA K 797 21.71 -70.28 -23.40
N VAL K 798 22.46 -69.27 -23.83
CA VAL K 798 22.57 -68.02 -23.09
C VAL K 798 21.29 -67.22 -23.25
N ASP K 799 21.14 -66.16 -22.45
CA ASP K 799 19.89 -65.42 -22.38
C ASP K 799 19.63 -64.65 -23.66
N ILE K 800 18.40 -64.15 -23.79
CA ILE K 800 17.97 -63.48 -25.01
C ILE K 800 18.62 -62.11 -25.12
N ARG K 801 18.93 -61.48 -23.99
CA ARG K 801 19.42 -60.11 -23.99
C ARG K 801 20.83 -59.98 -24.56
N ALA K 802 21.58 -61.06 -24.64
CA ALA K 802 22.89 -61.05 -25.28
C ALA K 802 22.85 -61.55 -26.72
N THR K 803 21.72 -62.08 -27.17
CA THR K 803 21.62 -62.66 -28.50
C THR K 803 20.74 -61.86 -29.44
N HIS K 804 20.26 -60.70 -29.02
CA HIS K 804 19.35 -59.92 -29.83
C HIS K 804 19.56 -58.44 -29.53
N ALA K 805 19.39 -57.60 -30.56
CA ALA K 805 19.52 -56.17 -30.37
C ALA K 805 18.21 -55.57 -29.88
N THR K 806 18.31 -54.55 -29.05
CA THR K 806 17.19 -54.06 -28.25
C THR K 806 16.83 -52.63 -28.63
N PHE K 807 15.53 -52.36 -28.74
CA PHE K 807 15.02 -51.03 -29.08
C PHE K 807 15.04 -50.15 -27.86
N ALA K 808 16.01 -49.25 -27.77
CA ALA K 808 16.12 -48.32 -26.64
C ALA K 808 15.62 -46.96 -27.11
N ALA K 809 14.33 -46.71 -26.90
CA ALA K 809 13.71 -45.47 -27.35
C ALA K 809 12.68 -45.00 -26.33
N ALA K 810 12.66 -43.70 -26.08
CA ALA K 810 11.74 -43.13 -25.11
C ALA K 810 11.32 -41.74 -25.57
N LEU K 811 10.20 -41.28 -25.03
CA LEU K 811 9.69 -39.94 -25.32
C LEU K 811 9.33 -39.24 -24.01
N PRO K 812 10.02 -38.17 -23.65
CA PRO K 812 9.67 -37.44 -22.42
C PRO K 812 8.42 -36.59 -22.56
N VAL K 813 7.27 -37.19 -22.35
CA VAL K 813 6.00 -36.50 -22.52
C VAL K 813 5.69 -35.68 -21.28
N ASP K 814 5.38 -34.40 -21.48
CA ASP K 814 4.93 -33.54 -20.37
C ASP K 814 3.52 -33.91 -19.94
N PRO K 815 3.29 -34.16 -18.66
CA PRO K 815 1.96 -34.59 -18.22
C PRO K 815 0.95 -33.46 -18.13
N ALA K 816 1.41 -32.23 -17.95
CA ALA K 816 0.49 -31.11 -17.87
C ALA K 816 -0.17 -30.81 -19.20
N ALA K 817 0.53 -31.10 -20.31
CA ALA K 817 -0.09 -30.97 -21.62
C ALA K 817 -1.06 -32.10 -21.91
N ILE K 818 -0.95 -33.23 -21.20
CA ILE K 818 -1.92 -34.30 -21.35
C ILE K 818 -3.24 -33.90 -20.72
N VAL K 819 -3.17 -33.34 -19.51
CA VAL K 819 -4.36 -33.05 -18.71
C VAL K 819 -5.19 -31.96 -19.37
N VAL K 820 -4.55 -30.99 -20.02
CA VAL K 820 -5.28 -29.98 -20.78
C VAL K 820 -6.01 -30.62 -21.95
N ALA K 821 -5.35 -31.54 -22.65
CA ALA K 821 -5.98 -32.20 -23.78
C ALA K 821 -7.02 -33.22 -23.33
N MET K 822 -6.73 -33.92 -22.24
CA MET K 822 -7.67 -34.89 -21.69
C MET K 822 -8.94 -34.23 -21.22
N LEU K 823 -8.80 -33.19 -20.41
CA LEU K 823 -9.95 -32.59 -19.77
C LEU K 823 -10.61 -31.55 -20.65
N CYS K 824 -10.08 -31.28 -21.84
CA CYS K 824 -10.76 -30.47 -22.84
C CYS K 824 -10.78 -31.20 -24.17
N GLY K 825 -11.90 -31.86 -24.43
CA GLY K 825 -12.18 -32.35 -25.75
C GLY K 825 -13.56 -31.86 -26.10
N GLN K 826 -13.70 -31.20 -27.24
CA GLN K 826 -15.02 -30.81 -27.70
C GLN K 826 -15.14 -31.15 -29.16
N THR K 827 -16.37 -31.42 -29.59
CA THR K 827 -16.68 -31.85 -30.93
C THR K 827 -17.94 -31.10 -31.34
N GLU K 828 -18.08 -30.86 -32.66
CA GLU K 828 -19.32 -30.31 -33.19
C GLU K 828 -20.48 -31.24 -32.85
N THR K 829 -21.62 -30.64 -32.52
CA THR K 829 -22.73 -31.39 -31.94
C THR K 829 -23.37 -32.31 -32.98
N ASN K 830 -23.62 -31.80 -34.17
CA ASN K 830 -24.19 -32.60 -35.25
C ASN K 830 -23.09 -33.17 -36.14
N LEU K 831 -22.17 -33.91 -35.53
CA LEU K 831 -21.06 -34.52 -36.23
C LEU K 831 -21.11 -36.02 -36.04
N ILE K 832 -21.50 -36.73 -37.10
CA ILE K 832 -21.51 -38.20 -37.09
C ILE K 832 -20.06 -38.69 -37.16
N PRO K 833 -19.65 -39.62 -36.29
CA PRO K 833 -18.28 -40.12 -36.36
C PRO K 833 -18.00 -40.94 -37.60
N SER K 834 -18.96 -41.75 -38.04
CA SER K 834 -18.75 -42.57 -39.23
C SER K 834 -18.76 -41.73 -40.50
N HIS K 835 -19.49 -40.61 -40.50
CA HIS K 835 -19.46 -39.74 -41.66
C HIS K 835 -18.23 -38.86 -41.67
N HIS K 836 -17.79 -38.39 -40.51
CA HIS K 836 -16.61 -37.54 -40.46
C HIS K 836 -15.35 -38.31 -40.84
N TYR K 837 -15.31 -39.60 -40.55
CA TYR K 837 -14.21 -40.43 -41.01
C TYR K 837 -14.32 -40.76 -42.49
N GLY K 838 -15.53 -40.71 -43.06
CA GLY K 838 -15.66 -40.89 -44.49
C GLY K 838 -15.14 -39.70 -45.27
N LYS K 839 -15.39 -38.49 -44.76
CA LYS K 839 -14.85 -37.29 -45.40
C LYS K 839 -13.34 -37.17 -45.19
N ALA K 840 -12.80 -37.80 -44.17
CA ALA K 840 -11.41 -37.63 -43.79
C ALA K 840 -10.50 -38.67 -44.41
N PHE K 841 -10.91 -39.94 -44.39
CA PHE K 841 -10.09 -41.03 -44.89
C PHE K 841 -10.19 -41.21 -46.39
N ALA K 842 -10.92 -40.33 -47.08
CA ALA K 842 -11.11 -40.47 -48.53
C ALA K 842 -9.83 -40.35 -49.36
N PRO K 843 -8.95 -39.34 -49.19
CA PRO K 843 -7.79 -39.28 -50.10
C PRO K 843 -6.71 -40.32 -49.82
N LEU K 844 -6.75 -41.02 -48.68
CA LEU K 844 -5.78 -42.06 -48.41
C LEU K 844 -6.33 -43.46 -48.68
N PHE K 845 -7.39 -43.56 -49.49
CA PHE K 845 -7.78 -44.82 -50.11
C PHE K 845 -8.19 -44.63 -51.56
N ALA K 846 -7.72 -43.55 -52.20
CA ALA K 846 -8.09 -43.32 -53.59
C ALA K 846 -7.31 -44.23 -54.54
N SER K 847 -6.01 -44.32 -54.36
CA SER K 847 -5.13 -45.07 -55.23
C SER K 847 -4.69 -46.36 -54.55
N ASN K 848 -3.79 -47.08 -55.21
CA ASN K 848 -3.20 -48.30 -54.68
C ASN K 848 -1.93 -48.05 -53.88
N ALA K 849 -1.80 -46.86 -53.29
CA ALA K 849 -0.59 -46.53 -52.55
C ALA K 849 -0.51 -47.24 -51.21
N MET K 850 -1.63 -47.74 -50.68
CA MET K 850 -1.59 -48.64 -49.55
C MET K 850 -0.91 -49.95 -49.91
N PHE K 851 -1.08 -50.39 -51.15
CA PHE K 851 -0.59 -51.67 -51.64
C PHE K 851 0.90 -51.65 -51.99
N THR K 852 1.55 -50.48 -51.91
CA THR K 852 2.94 -50.41 -52.34
C THR K 852 3.87 -51.00 -51.30
N ARG K 853 3.56 -50.83 -50.00
CA ARG K 853 4.31 -51.53 -48.97
C ARG K 853 4.03 -53.02 -49.00
N ASN K 854 2.90 -53.43 -49.59
CA ASN K 854 2.58 -54.83 -49.72
C ASN K 854 3.32 -55.45 -50.89
N GLN K 855 3.71 -54.63 -51.88
CA GLN K 855 4.56 -55.10 -52.97
C GLN K 855 6.03 -55.12 -52.59
N ARG K 856 6.44 -54.27 -51.65
CA ARG K 856 7.83 -54.30 -51.18
C ARG K 856 8.12 -55.58 -50.40
N ALA K 857 7.09 -56.17 -49.79
CA ALA K 857 7.30 -57.35 -48.95
C ALA K 857 7.69 -58.56 -49.77
N VAL K 858 7.23 -58.65 -51.01
CA VAL K 858 7.66 -59.75 -51.86
C VAL K 858 9.11 -59.59 -52.27
N ILE K 859 9.45 -58.39 -52.75
CA ILE K 859 10.81 -58.12 -53.22
C ILE K 859 11.80 -58.19 -52.08
N THR K 860 11.38 -57.84 -50.87
CA THR K 860 12.22 -58.07 -49.70
C THR K 860 12.38 -59.55 -49.41
N ARG K 861 11.33 -60.34 -49.63
CA ARG K 861 11.44 -61.78 -49.47
C ARG K 861 12.29 -62.39 -50.57
N GLU K 862 11.98 -62.04 -51.84
CA GLU K 862 12.68 -62.64 -52.98
C GLU K 862 14.16 -62.27 -53.01
N ALA K 863 14.54 -61.16 -52.37
CA ALA K 863 15.95 -60.85 -52.22
C ALA K 863 16.54 -61.54 -51.01
N PHE K 864 15.77 -61.72 -49.93
CA PHE K 864 16.33 -62.32 -48.72
C PHE K 864 16.58 -63.80 -48.89
N VAL K 865 15.74 -64.50 -49.65
CA VAL K 865 15.94 -65.93 -49.83
C VAL K 865 17.11 -66.18 -50.77
N CYS K 866 17.24 -65.37 -51.82
CA CYS K 866 18.33 -65.55 -52.77
C CYS K 866 19.67 -65.13 -52.17
N ALA K 867 19.67 -64.08 -51.34
CA ALA K 867 20.91 -63.70 -50.67
C ALA K 867 21.33 -64.72 -49.63
N ARG K 868 20.36 -65.35 -48.96
CA ARG K 868 20.66 -66.54 -48.17
C ARG K 868 21.16 -67.66 -49.06
N SER K 869 20.54 -67.85 -50.22
CA SER K 869 20.93 -68.94 -51.10
C SER K 869 22.25 -68.67 -51.81
N ALA K 870 22.55 -67.39 -52.09
CA ALA K 870 23.81 -67.09 -52.74
C ALA K 870 24.99 -67.30 -51.80
N VAL K 871 24.82 -66.92 -50.54
CA VAL K 871 25.90 -67.08 -49.57
C VAL K 871 26.10 -68.55 -49.23
N ALA K 872 25.01 -69.24 -48.87
CA ALA K 872 25.12 -70.60 -48.36
C ALA K 872 25.49 -71.62 -49.43
N GLN K 873 25.29 -71.29 -50.71
CA GLN K 873 25.82 -72.18 -51.74
C GLN K 873 27.28 -71.89 -52.04
N CYS K 874 27.71 -70.64 -51.86
CA CYS K 874 29.13 -70.34 -51.87
C CYS K 874 29.81 -70.78 -50.58
N GLN K 875 29.05 -70.96 -49.51
CA GLN K 875 29.59 -71.44 -48.27
C GLN K 875 29.62 -72.96 -48.28
N ASP K 876 30.66 -73.54 -47.70
CA ASP K 876 30.69 -74.98 -47.50
C ASP K 876 29.91 -75.32 -46.25
N ALA K 877 28.92 -76.20 -46.40
CA ALA K 877 28.04 -76.69 -45.34
C ALA K 877 27.30 -75.55 -44.63
N GLY K 878 26.67 -74.69 -45.43
CA GLY K 878 25.87 -73.61 -44.89
C GLY K 878 24.48 -74.06 -44.51
N PHE K 879 23.48 -73.24 -44.84
CA PHE K 879 22.10 -73.54 -44.50
C PHE K 879 21.57 -74.69 -45.35
N LEU K 880 20.34 -75.11 -45.05
CA LEU K 880 19.70 -76.20 -45.78
C LEU K 880 19.26 -75.69 -47.15
N VAL K 881 20.22 -75.58 -48.04
CA VAL K 881 19.96 -75.16 -49.42
C VAL K 881 20.42 -76.29 -50.34
N PRO K 882 19.72 -76.53 -51.44
CA PRO K 882 20.25 -77.45 -52.45
C PRO K 882 21.41 -76.78 -53.17
N ARG K 883 22.51 -77.52 -53.34
CA ARG K 883 23.79 -76.98 -53.77
C ARG K 883 24.28 -77.70 -55.03
N PRO K 884 23.76 -77.33 -56.19
CA PRO K 884 24.10 -78.04 -57.43
C PRO K 884 25.46 -77.66 -58.01
N LEU K 885 26.24 -76.84 -57.33
CA LEU K 885 27.49 -76.34 -57.89
C LEU K 885 28.69 -76.67 -57.01
N ASP K 886 28.61 -77.78 -56.26
CA ASP K 886 29.71 -78.15 -55.37
C ASP K 886 30.96 -78.54 -56.14
N ALA K 887 30.81 -78.99 -57.38
CA ALA K 887 31.96 -79.36 -58.19
C ALA K 887 32.80 -78.16 -58.58
N LEU K 888 32.22 -76.97 -58.60
CA LEU K 888 32.98 -75.75 -58.84
C LEU K 888 33.79 -75.38 -57.61
N ARG K 889 34.95 -74.80 -57.85
CA ARG K 889 35.85 -74.41 -56.77
C ARG K 889 35.38 -73.09 -56.15
N GLN K 890 35.37 -73.04 -54.82
CA GLN K 890 35.12 -71.79 -54.11
C GLN K 890 35.89 -71.87 -52.80
N PHE K 891 36.95 -71.08 -52.68
CA PHE K 891 37.85 -71.19 -51.55
C PHE K 891 37.60 -70.13 -50.49
N ASP K 892 37.61 -68.86 -50.87
CA ASP K 892 37.54 -67.77 -49.90
C ASP K 892 36.10 -67.62 -49.44
N VAL K 893 35.80 -68.19 -48.28
CA VAL K 893 34.44 -68.23 -47.76
C VAL K 893 34.35 -67.43 -46.47
N THR K 894 35.17 -66.40 -46.37
CA THR K 894 35.22 -65.57 -45.17
C THR K 894 34.02 -64.64 -45.12
N SER K 895 33.91 -63.89 -44.02
CA SER K 895 32.79 -62.97 -43.86
C SER K 895 32.92 -61.78 -44.80
N ALA K 896 34.14 -61.38 -45.14
CA ALA K 896 34.32 -60.28 -46.08
C ALA K 896 33.96 -60.71 -47.48
N ALA K 897 34.15 -62.00 -47.80
CA ALA K 897 33.72 -62.51 -49.10
C ALA K 897 32.21 -62.57 -49.19
N ALA K 898 31.55 -63.10 -48.16
CA ALA K 898 30.10 -63.19 -48.16
C ALA K 898 29.43 -61.83 -48.08
N ALA K 899 30.12 -60.83 -47.51
CA ALA K 899 29.62 -59.47 -47.60
C ALA K 899 29.67 -58.95 -49.02
N GLU K 900 30.69 -59.35 -49.79
CA GLU K 900 30.75 -58.96 -51.19
C GLU K 900 29.73 -59.73 -52.01
N ILE K 901 29.34 -60.93 -51.57
CA ILE K 901 28.34 -61.69 -52.30
C ILE K 901 26.96 -61.08 -52.09
N MET K 902 26.60 -60.82 -50.83
CA MET K 902 25.26 -60.35 -50.52
C MET K 902 25.03 -58.93 -51.00
N HIS K 903 26.06 -58.08 -50.94
CA HIS K 903 25.94 -56.72 -51.45
C HIS K 903 25.82 -56.68 -52.96
N ALA K 904 26.34 -57.70 -53.64
CA ALA K 904 26.18 -57.76 -55.09
C ALA K 904 24.84 -58.37 -55.47
N VAL K 905 24.31 -59.25 -54.64
CA VAL K 905 22.92 -59.69 -54.81
C VAL K 905 21.97 -58.54 -54.53
N ASN K 906 22.27 -57.75 -53.51
CA ASN K 906 21.42 -56.63 -53.14
C ASN K 906 21.47 -55.52 -54.19
N ASP K 907 22.62 -55.36 -54.86
CA ASP K 907 22.67 -54.41 -55.97
C ASP K 907 21.89 -54.89 -57.18
N ALA K 908 21.65 -56.20 -57.30
CA ALA K 908 20.86 -56.70 -58.41
C ALA K 908 19.38 -56.38 -58.23
N PHE K 909 18.87 -56.58 -57.02
CA PHE K 909 17.46 -56.33 -56.77
C PHE K 909 17.14 -54.84 -56.67
N LYS K 910 18.13 -54.00 -56.39
CA LYS K 910 17.91 -52.56 -56.50
C LYS K 910 18.01 -52.09 -57.94
N THR K 911 18.44 -52.94 -58.87
CA THR K 911 18.53 -52.61 -60.27
C THR K 911 17.42 -53.28 -61.08
N ALA K 912 17.17 -54.55 -60.83
CA ALA K 912 16.15 -55.28 -61.58
C ALA K 912 14.75 -54.82 -61.25
N PHE K 913 14.53 -54.28 -60.05
CA PHE K 913 13.22 -53.77 -59.67
C PHE K 913 13.26 -52.27 -59.41
N ASP K 914 14.34 -51.61 -59.83
CA ASP K 914 14.70 -50.18 -59.77
C ASP K 914 14.19 -49.43 -58.54
N LEU K 915 14.33 -50.05 -57.37
CA LEU K 915 13.94 -49.43 -56.13
C LEU K 915 15.18 -48.86 -55.45
N ASP K 916 15.08 -47.64 -54.97
CA ASP K 916 16.19 -46.93 -54.36
C ASP K 916 16.18 -46.97 -52.84
N GLY K 917 15.18 -47.60 -52.24
CA GLY K 917 15.12 -47.70 -50.80
C GLY K 917 16.16 -48.66 -50.25
N ALA K 918 16.30 -48.63 -48.92
CA ALA K 918 17.30 -49.45 -48.24
C ALA K 918 16.72 -50.86 -48.07
N LEU K 919 16.74 -51.61 -49.16
CA LEU K 919 16.35 -53.00 -49.15
C LEU K 919 17.56 -53.86 -48.85
N LEU K 920 17.40 -54.81 -47.93
CA LEU K 920 18.31 -55.92 -47.61
C LEU K 920 19.63 -55.46 -46.99
N ASP K 921 19.87 -54.14 -46.89
CA ASP K 921 21.08 -53.63 -46.28
C ASP K 921 21.03 -53.83 -44.77
N GLY K 922 22.16 -53.59 -44.12
CA GLY K 922 22.19 -53.69 -42.68
C GLY K 922 22.16 -55.10 -42.12
N LEU K 923 22.03 -56.14 -42.95
CA LEU K 923 22.26 -57.48 -42.45
C LEU K 923 23.74 -57.73 -42.21
N ALA K 924 24.60 -57.06 -42.97
CA ALA K 924 26.03 -57.08 -42.75
C ALA K 924 26.50 -55.95 -41.83
N LEU K 925 25.59 -55.41 -41.00
CA LEU K 925 25.99 -54.38 -40.05
C LEU K 925 26.87 -54.97 -38.96
N TYR K 926 26.66 -56.24 -38.61
CA TYR K 926 27.62 -56.92 -37.76
C TYR K 926 28.80 -57.47 -38.54
N GLY K 927 28.76 -57.39 -39.86
CA GLY K 927 29.84 -57.91 -40.69
C GLY K 927 29.75 -59.38 -40.98
N ASP K 928 28.69 -60.07 -40.54
CA ASP K 928 28.54 -61.50 -40.75
C ASP K 928 27.23 -61.77 -41.48
N PRO K 929 27.24 -61.74 -42.81
CA PRO K 929 26.05 -62.11 -43.57
C PRO K 929 25.93 -63.61 -43.80
N ARG K 930 26.90 -64.38 -43.33
CA ARG K 930 26.90 -65.81 -43.52
C ARG K 930 25.78 -66.47 -42.74
N ILE K 931 25.40 -65.86 -41.63
CA ILE K 931 24.30 -66.32 -40.80
C ILE K 931 23.29 -65.20 -40.77
N ALA K 932 22.29 -65.27 -41.65
CA ALA K 932 21.24 -64.28 -41.69
C ALA K 932 19.92 -64.98 -41.36
N ASP K 933 19.55 -64.96 -40.09
CA ASP K 933 18.26 -65.48 -39.64
C ASP K 933 17.60 -64.40 -38.80
N LEU K 934 16.60 -63.74 -39.36
CA LEU K 934 15.94 -62.66 -38.65
C LEU K 934 15.05 -63.21 -37.54
N SER K 935 15.17 -62.63 -36.35
CA SER K 935 14.45 -63.10 -35.18
C SER K 935 13.84 -61.91 -34.46
N ALA K 936 12.86 -62.19 -33.61
CA ALA K 936 12.21 -61.16 -32.82
C ALA K 936 11.72 -61.78 -31.52
N ALA K 937 11.93 -61.06 -30.42
CA ALA K 937 11.55 -61.58 -29.11
C ALA K 937 11.33 -60.41 -28.17
N TYR K 938 10.73 -60.72 -27.02
CA TYR K 938 10.73 -59.79 -25.91
C TYR K 938 10.85 -60.55 -24.61
N LEU K 939 11.68 -60.03 -23.72
CA LEU K 939 11.91 -60.62 -22.42
C LEU K 939 11.13 -59.83 -21.38
N GLN K 940 10.20 -60.48 -20.71
CA GLN K 940 9.50 -59.87 -19.60
C GLN K 940 10.09 -60.35 -18.28
N TYR K 941 9.71 -59.64 -17.21
CA TYR K 941 10.44 -59.72 -15.94
C TYR K 941 10.27 -61.06 -15.23
N GLY K 942 9.25 -61.83 -15.57
CA GLY K 942 9.07 -63.14 -14.97
C GLY K 942 10.04 -64.20 -15.48
N GLY K 943 10.90 -63.86 -16.43
CA GLY K 943 11.79 -64.80 -17.05
C GLY K 943 11.28 -65.36 -18.36
N ASN K 944 10.00 -65.13 -18.67
CA ASN K 944 9.42 -65.67 -19.88
C ASN K 944 9.86 -64.86 -21.09
N VAL K 945 10.13 -65.57 -22.18
CA VAL K 945 10.42 -64.96 -23.46
C VAL K 945 9.61 -65.66 -24.53
N VAL K 946 9.00 -64.88 -25.43
CA VAL K 946 8.16 -65.47 -26.47
C VAL K 946 9.02 -66.12 -27.56
N ARG K 947 10.02 -65.39 -28.05
CA ARG K 947 10.98 -65.86 -29.07
C ARG K 947 10.24 -66.28 -30.34
N GLU K 948 9.66 -65.28 -30.99
CA GLU K 948 8.90 -65.49 -32.21
C GLU K 948 9.77 -65.04 -33.38
N HIS K 949 10.60 -65.96 -33.86
CA HIS K 949 11.48 -65.65 -34.99
C HIS K 949 10.76 -65.94 -36.30
N VAL K 950 11.01 -65.11 -37.29
CA VAL K 950 10.29 -65.16 -38.57
C VAL K 950 11.15 -65.90 -39.59
N PRO K 951 10.62 -66.91 -40.26
CA PRO K 951 11.31 -67.50 -41.40
C PRO K 951 10.87 -66.85 -42.69
N PRO K 952 11.62 -67.03 -43.77
CA PRO K 952 11.14 -66.55 -45.08
C PRO K 952 9.99 -67.41 -45.57
N GLY K 953 9.34 -66.92 -46.62
CA GLY K 953 8.21 -67.60 -47.19
C GLY K 953 8.58 -68.45 -48.40
N PRO K 954 7.58 -69.08 -49.00
CA PRO K 954 7.83 -69.88 -50.21
C PRO K 954 8.04 -69.01 -51.44
N SER K 955 9.27 -68.54 -51.63
CA SER K 955 9.59 -67.66 -52.74
C SER K 955 9.61 -68.43 -54.06
N HIS K 956 9.66 -67.68 -55.15
CA HIS K 956 9.63 -68.25 -56.49
C HIS K 956 10.92 -68.04 -57.29
N ILE K 957 11.64 -66.95 -57.05
CA ILE K 957 12.89 -66.72 -57.77
C ILE K 957 13.97 -67.69 -57.29
N HIS K 958 13.96 -68.01 -55.99
CA HIS K 958 14.85 -69.03 -55.45
C HIS K 958 14.55 -70.40 -56.05
N ARG K 959 13.28 -70.69 -56.32
CA ARG K 959 12.96 -71.90 -57.06
C ARG K 959 13.37 -71.78 -58.53
N ALA K 960 13.33 -70.56 -59.07
CA ALA K 960 13.70 -70.35 -60.47
C ALA K 960 15.20 -70.50 -60.65
N LEU K 961 15.98 -69.82 -59.81
CA LEU K 961 17.44 -69.84 -59.91
C LEU K 961 18.00 -71.24 -59.63
N GLN K 962 17.31 -72.02 -58.80
CA GLN K 962 17.74 -73.39 -58.53
C GLN K 962 17.62 -74.26 -59.77
N GLN K 963 16.61 -74.01 -60.60
CA GLN K 963 16.51 -74.74 -61.86
C GLN K 963 17.54 -74.24 -62.86
N VAL K 964 17.93 -72.97 -62.77
CA VAL K 964 18.94 -72.42 -63.68
C VAL K 964 20.30 -73.02 -63.38
N GLU K 965 20.64 -73.15 -62.10
CA GLU K 965 21.92 -73.73 -61.71
C GLU K 965 21.98 -75.21 -62.04
N SER K 966 20.85 -75.92 -61.94
CA SER K 966 20.84 -77.35 -62.22
C SER K 966 21.02 -77.62 -63.71
N THR K 967 20.51 -76.75 -64.56
CA THR K 967 20.76 -76.88 -65.98
C THR K 967 21.97 -76.08 -66.45
N PHE K 968 22.56 -75.27 -65.56
CA PHE K 968 23.88 -74.73 -65.86
C PHE K 968 24.90 -75.84 -65.98
N MET K 969 24.89 -76.78 -65.02
CA MET K 969 25.88 -77.84 -64.95
C MET K 969 25.81 -78.75 -66.17
N ALA K 970 24.62 -78.93 -66.73
CA ALA K 970 24.50 -79.76 -67.91
C ALA K 970 24.98 -79.04 -69.16
N GLU K 971 24.92 -77.71 -69.18
CA GLU K 971 25.29 -76.92 -70.35
C GLU K 971 26.19 -75.77 -69.97
N MET K 972 27.27 -76.09 -69.26
CA MET K 972 28.28 -75.10 -68.89
C MET K 972 28.93 -74.46 -70.11
N ASN K 973 29.09 -75.24 -71.18
CA ASN K 973 29.88 -74.81 -72.33
C ASN K 973 29.22 -73.70 -73.12
N LEU K 974 27.89 -73.57 -73.02
CA LEU K 974 27.20 -72.44 -73.61
C LEU K 974 27.51 -71.13 -72.91
N PHE K 975 28.04 -71.18 -71.69
CA PHE K 975 28.37 -69.98 -70.94
C PHE K 975 29.88 -69.78 -70.88
N ASN K 976 30.59 -70.32 -71.87
CA ASN K 976 32.04 -70.22 -72.04
C ASN K 976 32.82 -70.81 -70.85
N VAL K 977 32.25 -71.79 -70.16
CA VAL K 977 32.91 -72.47 -69.06
C VAL K 977 33.00 -73.94 -69.40
N ALA K 978 34.19 -74.51 -69.33
CA ALA K 978 34.40 -75.89 -69.70
C ALA K 978 34.71 -76.73 -68.47
N ARG K 979 34.15 -77.93 -68.43
CA ARG K 979 34.42 -78.85 -67.33
C ARG K 979 35.57 -79.78 -67.70
N GLY K 980 35.96 -80.60 -66.73
CA GLY K 980 37.01 -81.57 -66.95
C GLY K 980 38.39 -80.97 -66.78
N ASN K 981 39.39 -81.83 -66.87
CA ASN K 981 40.77 -81.43 -66.64
C ASN K 981 41.41 -81.02 -67.97
N LEU K 982 42.73 -80.85 -67.97
CA LEU K 982 43.42 -80.28 -69.11
C LEU K 982 44.67 -81.09 -69.40
N TYR K 983 45.04 -81.14 -70.69
CA TYR K 983 46.15 -81.95 -71.13
C TYR K 983 47.13 -81.12 -71.95
N LEU K 984 48.42 -81.33 -71.70
CA LEU K 984 49.47 -80.67 -72.46
C LEU K 984 50.43 -81.76 -72.94
N VAL K 985 50.26 -82.20 -74.18
CA VAL K 985 51.15 -83.19 -74.81
C VAL K 985 51.68 -82.59 -76.10
N GLN K 986 52.59 -83.29 -76.75
CA GLN K 986 52.97 -82.92 -78.11
C GLN K 986 52.15 -83.75 -79.09
N THR K 987 51.51 -83.07 -80.04
CA THR K 987 50.72 -83.75 -81.06
C THR K 987 50.88 -83.00 -82.37
N ALA K 988 51.39 -83.67 -83.38
CA ALA K 988 51.61 -83.08 -84.70
C ALA K 988 50.63 -83.73 -85.66
N THR K 989 49.43 -83.15 -85.76
CA THR K 989 48.41 -83.67 -86.65
C THR K 989 48.64 -83.17 -88.07
N ASN K 990 48.83 -84.12 -88.99
CA ASN K 990 48.69 -83.79 -90.40
C ASN K 990 47.25 -83.43 -90.73
N GLY K 991 46.29 -84.09 -90.08
CA GLY K 991 44.90 -83.88 -90.38
C GLY K 991 44.11 -83.13 -89.32
N ASN K 992 43.04 -83.74 -88.83
CA ASN K 992 42.06 -83.02 -88.03
C ASN K 992 42.51 -82.95 -86.57
N TRP K 993 42.06 -81.88 -85.90
CA TRP K 993 42.34 -81.66 -84.49
C TRP K 993 41.11 -81.06 -83.85
N SER K 994 40.75 -81.58 -82.67
CA SER K 994 39.55 -81.13 -81.95
C SER K 994 39.86 -81.09 -80.47
N PRO K 995 40.21 -79.92 -79.93
CA PRO K 995 40.48 -79.85 -78.49
C PRO K 995 39.24 -79.98 -77.65
N MET K 996 38.11 -79.46 -78.15
CA MET K 996 36.88 -79.47 -77.39
C MET K 996 36.28 -80.87 -77.32
N ALA K 997 36.34 -81.61 -78.41
CA ALA K 997 35.79 -82.97 -78.47
C ALA K 997 36.91 -83.95 -78.76
N PRO K 998 37.48 -84.58 -77.72
CA PRO K 998 38.51 -85.59 -77.97
C PRO K 998 37.92 -86.86 -78.53
N VAL K 999 38.59 -87.42 -79.53
CA VAL K 999 38.06 -88.59 -80.24
C VAL K 999 38.32 -89.88 -79.47
N ALA K 1000 39.36 -89.91 -78.64
CA ALA K 1000 39.73 -91.11 -77.91
C ALA K 1000 39.61 -90.86 -76.41
N ALA K 1001 39.81 -91.93 -75.64
CA ALA K 1001 39.86 -91.79 -74.19
C ALA K 1001 41.13 -91.04 -73.80
N PRO K 1002 41.06 -90.19 -72.78
CA PRO K 1002 42.24 -89.40 -72.40
C PRO K 1002 43.28 -90.28 -71.74
N PRO K 1003 44.55 -90.08 -72.07
CA PRO K 1003 45.61 -90.85 -71.42
C PRO K 1003 45.88 -90.32 -70.01
N PHE K 1004 46.65 -91.11 -69.26
CA PHE K 1004 47.24 -90.87 -67.94
C PHE K 1004 46.33 -90.14 -66.95
N VAL K 1005 45.21 -90.75 -66.59
CA VAL K 1005 44.35 -90.18 -65.56
C VAL K 1005 45.04 -90.26 -64.21
N ARG K 1006 44.52 -89.51 -63.23
CA ARG K 1006 45.12 -89.46 -61.90
C ARG K 1006 45.09 -90.81 -61.21
N GLY K 1007 46.25 -91.25 -60.75
CA GLY K 1007 46.40 -92.55 -60.12
C GLY K 1007 46.54 -93.70 -61.09
N GLY K 1008 46.80 -93.43 -62.36
CA GLY K 1008 46.93 -94.47 -63.36
C GLY K 1008 48.24 -95.21 -63.28
N PRO K 1009 48.55 -95.98 -64.33
CA PRO K 1009 49.85 -96.68 -64.39
C PRO K 1009 50.98 -95.68 -64.49
N ASN K 1010 51.86 -95.71 -63.48
CA ASN K 1010 53.00 -94.84 -63.17
C ASN K 1010 52.80 -93.37 -63.54
N VAL K 1011 51.64 -92.84 -63.16
CA VAL K 1011 51.33 -91.42 -63.29
C VAL K 1011 51.61 -90.75 -61.96
N ARG K 1012 52.39 -89.68 -62.00
CA ARG K 1012 52.92 -89.05 -60.79
C ARG K 1012 52.30 -87.69 -60.59
N VAL K 1013 52.00 -87.34 -59.35
CA VAL K 1013 51.29 -86.12 -59.01
C VAL K 1013 52.23 -85.23 -58.23
N VAL K 1014 52.34 -83.96 -58.63
CA VAL K 1014 53.20 -83.01 -57.94
C VAL K 1014 52.56 -82.59 -56.63
N GLY K 1015 53.36 -82.57 -55.57
CA GLY K 1015 52.95 -82.07 -54.27
C GLY K 1015 52.65 -80.59 -54.20
N ARG K 1016 52.60 -80.06 -52.97
CA ARG K 1016 52.02 -78.75 -52.73
C ARG K 1016 52.90 -77.62 -53.25
N PHE K 1017 54.21 -77.74 -53.06
CA PHE K 1017 55.09 -76.60 -53.34
C PHE K 1017 55.39 -76.44 -54.81
N GLY K 1018 55.32 -77.51 -55.59
CA GLY K 1018 55.69 -77.44 -56.99
C GLY K 1018 57.18 -77.23 -57.13
N THR K 1019 57.95 -78.13 -56.54
CA THR K 1019 59.37 -77.91 -56.29
C THR K 1019 60.25 -78.85 -57.10
N ILE K 1020 61.30 -78.30 -57.70
CA ILE K 1020 62.26 -79.05 -58.48
C ILE K 1020 63.64 -78.91 -57.85
N VAL K 1021 64.26 -80.04 -57.55
CA VAL K 1021 65.62 -80.09 -57.03
C VAL K 1021 66.59 -80.26 -58.19
N PRO K 1022 67.60 -79.42 -58.31
CA PRO K 1022 68.61 -79.62 -59.35
C PRO K 1022 69.58 -80.71 -58.97
N ARG K 1023 70.13 -81.36 -59.99
CA ARG K 1023 71.03 -82.47 -59.75
C ARG K 1023 72.38 -82.23 -60.42
N PRO K 1024 73.47 -82.64 -59.79
CA PRO K 1024 74.79 -82.30 -60.32
C PRO K 1024 75.23 -83.24 -61.43
N ASN K 1025 76.12 -82.70 -62.28
CA ASN K 1025 76.96 -83.45 -63.22
C ASN K 1025 76.13 -84.21 -64.25
N GLY K 1026 75.30 -83.45 -64.98
CA GLY K 1026 74.63 -84.01 -66.14
C GLY K 1026 73.45 -84.89 -65.83
N LEU K 1027 73.03 -85.00 -64.59
CA LEU K 1027 71.82 -85.74 -64.29
C LEU K 1027 70.60 -84.89 -64.63
N GLU K 1028 69.49 -85.55 -64.88
CA GLU K 1028 68.25 -84.84 -65.12
C GLU K 1028 67.75 -84.19 -63.84
N PRO K 1029 67.13 -83.02 -63.93
CA PRO K 1029 66.54 -82.41 -62.74
C PRO K 1029 65.32 -83.19 -62.29
N GLN K 1030 65.21 -83.36 -60.98
CA GLN K 1030 64.15 -84.16 -60.39
C GLN K 1030 63.04 -83.27 -59.86
N LEU K 1031 61.82 -83.80 -59.91
CA LEU K 1031 60.62 -83.10 -59.47
C LEU K 1031 60.00 -83.84 -58.29
N ILE K 1032 59.62 -83.08 -57.26
CA ILE K 1032 59.12 -83.66 -56.02
C ILE K 1032 57.65 -84.00 -56.20
N ASP K 1033 57.30 -85.27 -55.97
CA ASP K 1033 55.95 -85.72 -56.23
C ASP K 1033 55.02 -85.38 -55.06
N ASP K 1034 53.84 -86.00 -55.04
CA ASP K 1034 52.91 -85.78 -53.94
C ASP K 1034 53.38 -86.45 -52.66
N GLY K 1035 54.15 -87.53 -52.77
CA GLY K 1035 54.61 -88.24 -51.60
C GLY K 1035 55.95 -87.75 -51.07
N ASN K 1036 56.35 -86.55 -51.51
CA ASN K 1036 57.60 -85.89 -51.15
C ASN K 1036 58.81 -86.77 -51.50
N VAL K 1037 58.81 -87.26 -52.74
CA VAL K 1037 59.93 -88.02 -53.29
C VAL K 1037 60.30 -87.35 -54.60
N PRO K 1038 61.58 -87.08 -54.86
CA PRO K 1038 61.96 -86.56 -56.17
C PRO K 1038 61.78 -87.60 -57.26
N ARG K 1039 61.04 -87.24 -58.30
CA ARG K 1039 60.83 -88.09 -59.45
C ARG K 1039 61.30 -87.39 -60.71
N ASP K 1040 61.66 -88.16 -61.72
CA ASP K 1040 62.19 -87.59 -62.94
C ASP K 1040 61.07 -87.01 -63.80
N ILE K 1041 61.44 -86.03 -64.63
CA ILE K 1041 60.46 -85.23 -65.32
C ILE K 1041 59.79 -86.01 -66.45
N ALA K 1042 60.57 -86.79 -67.19
CA ALA K 1042 60.07 -87.49 -68.38
C ALA K 1042 59.10 -88.59 -67.96
N GLY K 1043 57.82 -88.35 -68.19
CA GLY K 1043 56.79 -89.31 -67.84
C GLY K 1043 55.40 -88.72 -67.95
N ASP K 1044 54.55 -88.99 -66.97
CA ASP K 1044 53.19 -88.49 -66.96
C ASP K 1044 52.93 -87.79 -65.64
N TRP K 1045 52.61 -86.50 -65.70
CA TRP K 1045 52.48 -85.68 -64.52
C TRP K 1045 51.07 -85.13 -64.38
N VAL K 1046 50.73 -84.78 -63.15
CA VAL K 1046 49.44 -84.20 -62.80
C VAL K 1046 49.70 -82.91 -62.04
N TYR K 1047 49.04 -81.84 -62.46
CA TYR K 1047 49.17 -80.52 -61.85
C TYR K 1047 47.84 -80.09 -61.27
N PRO K 1048 47.74 -79.91 -59.95
CA PRO K 1048 46.64 -79.09 -59.43
C PRO K 1048 46.82 -77.66 -59.91
N SER K 1049 45.69 -76.98 -60.10
CA SER K 1049 45.73 -75.60 -60.61
C SER K 1049 46.38 -74.66 -59.61
N ASP K 1050 46.27 -74.96 -58.32
CA ASP K 1050 46.91 -74.13 -57.31
C ASP K 1050 48.43 -74.29 -57.34
N VAL K 1051 48.90 -75.51 -57.60
CA VAL K 1051 50.33 -75.78 -57.68
C VAL K 1051 50.95 -75.05 -58.87
N LEU K 1052 50.20 -74.97 -59.97
CA LEU K 1052 50.71 -74.27 -61.14
C LEU K 1052 50.79 -72.77 -60.93
N GLN K 1053 49.99 -72.23 -60.01
CA GLN K 1053 50.06 -70.80 -59.73
C GLN K 1053 51.27 -70.43 -58.88
N VAL K 1054 51.72 -71.32 -58.01
CA VAL K 1054 52.89 -71.02 -57.20
C VAL K 1054 54.18 -71.43 -57.89
N SER K 1055 54.11 -72.26 -58.91
CA SER K 1055 55.27 -72.82 -59.56
C SER K 1055 55.25 -72.49 -61.05
N VAL K 1056 55.02 -71.21 -61.38
CA VAL K 1056 54.87 -70.82 -62.79
C VAL K 1056 56.20 -70.94 -63.52
N ALA K 1057 57.21 -70.21 -63.05
CA ALA K 1057 58.48 -70.17 -63.76
C ALA K 1057 59.26 -71.47 -63.64
N VAL K 1058 58.92 -72.32 -62.67
CA VAL K 1058 59.54 -73.62 -62.54
C VAL K 1058 58.90 -74.63 -63.49
N PHE K 1059 57.60 -74.50 -63.71
CA PHE K 1059 56.94 -75.19 -64.83
C PHE K 1059 57.57 -74.77 -66.15
N ARG K 1060 57.66 -73.47 -66.38
CA ARG K 1060 57.98 -72.93 -67.69
C ARG K 1060 59.43 -73.14 -68.08
N ASP K 1061 60.33 -73.30 -67.10
CA ASP K 1061 61.73 -73.47 -67.41
C ASP K 1061 62.17 -74.92 -67.52
N TYR K 1062 61.55 -75.83 -66.77
CA TYR K 1062 62.07 -77.18 -66.66
C TYR K 1062 61.16 -78.21 -67.33
N VAL K 1063 59.91 -78.31 -66.92
CA VAL K 1063 59.06 -79.41 -67.38
C VAL K 1063 58.30 -79.07 -68.66
N TRP K 1064 58.16 -77.80 -68.99
CA TRP K 1064 57.50 -77.42 -70.23
C TRP K 1064 58.35 -77.65 -71.50
N PRO K 1065 59.68 -77.49 -71.50
CA PRO K 1065 60.42 -78.02 -72.66
C PRO K 1065 60.34 -79.52 -72.81
N MET K 1066 60.18 -80.25 -71.72
CA MET K 1066 60.00 -81.69 -71.83
C MET K 1066 58.63 -82.06 -72.36
N VAL K 1067 57.68 -81.13 -72.33
CA VAL K 1067 56.43 -81.31 -73.05
C VAL K 1067 56.63 -80.99 -74.53
N LYS K 1068 57.39 -79.92 -74.82
CA LYS K 1068 57.66 -79.53 -76.20
C LYS K 1068 58.43 -80.60 -76.95
N ALA K 1069 59.39 -81.24 -76.30
CA ALA K 1069 60.11 -82.34 -76.92
C ALA K 1069 59.29 -83.62 -76.95
N GLY K 1070 58.15 -83.65 -76.27
CA GLY K 1070 57.32 -84.83 -76.24
C GLY K 1070 57.77 -85.89 -75.29
N ARG K 1071 58.83 -85.65 -74.53
CA ARG K 1071 59.33 -86.65 -73.61
C ARG K 1071 58.51 -86.73 -72.33
N THR K 1072 57.61 -85.79 -72.07
CA THR K 1072 56.67 -85.94 -70.98
C THR K 1072 55.31 -85.37 -71.37
N ARG K 1073 54.31 -85.73 -70.59
CA ARG K 1073 52.93 -85.36 -70.84
C ARG K 1073 52.32 -84.97 -69.52
N VAL K 1074 51.88 -83.72 -69.37
CA VAL K 1074 51.37 -83.28 -68.08
C VAL K 1074 49.86 -83.11 -68.18
N LEU K 1075 49.20 -83.42 -67.07
CA LEU K 1075 47.80 -83.10 -66.86
C LEU K 1075 47.72 -81.89 -65.94
N VAL K 1076 46.77 -81.01 -66.20
CA VAL K 1076 46.57 -79.82 -65.37
C VAL K 1076 45.18 -79.95 -64.78
N GLU K 1077 45.11 -80.47 -63.55
CA GLU K 1077 43.83 -80.74 -62.91
C GLU K 1077 43.25 -79.42 -62.41
N LEU K 1078 42.26 -78.93 -63.13
CA LEU K 1078 41.42 -77.82 -62.70
C LEU K 1078 39.99 -78.15 -63.06
N GLY K 1079 39.09 -77.91 -62.10
CA GLY K 1079 37.72 -78.41 -62.18
C GLY K 1079 36.92 -77.82 -63.32
N HIS K 1080 36.70 -76.52 -63.27
CA HIS K 1080 35.99 -75.83 -64.32
C HIS K 1080 36.75 -74.56 -64.65
N TYR K 1081 36.65 -74.12 -65.89
CA TYR K 1081 37.53 -73.07 -66.37
C TYR K 1081 36.91 -72.36 -67.55
N VAL K 1082 37.13 -71.05 -67.61
CA VAL K 1082 36.77 -70.28 -68.79
C VAL K 1082 37.75 -70.63 -69.90
N TYR K 1083 37.24 -70.74 -71.12
CA TYR K 1083 38.08 -71.10 -72.26
C TYR K 1083 37.93 -70.08 -73.37
N THR K 1084 39.06 -69.72 -73.98
CA THR K 1084 39.10 -68.90 -75.17
C THR K 1084 39.51 -69.77 -76.34
N LEU K 1085 38.84 -69.63 -77.47
CA LEU K 1085 39.13 -70.46 -78.64
C LEU K 1085 39.88 -69.64 -79.67
N HIS K 1086 40.95 -70.21 -80.19
CA HIS K 1086 41.65 -69.65 -81.33
C HIS K 1086 41.28 -70.44 -82.58
N TYR K 1087 41.00 -69.73 -83.66
CA TYR K 1087 40.69 -70.35 -84.93
C TYR K 1087 41.73 -69.95 -85.95
N TYR K 1088 42.26 -70.92 -86.67
CA TYR K 1088 43.30 -70.68 -87.66
C TYR K 1088 42.92 -71.36 -88.97
N ASP K 1089 43.49 -70.85 -90.05
CA ASP K 1089 43.36 -71.52 -91.33
C ASP K 1089 44.32 -72.71 -91.35
N PRO K 1090 43.84 -73.94 -91.58
CA PRO K 1090 44.75 -75.08 -91.65
C PRO K 1090 45.59 -75.15 -92.92
N GLN K 1091 45.48 -74.18 -93.83
CA GLN K 1091 46.44 -74.06 -94.91
C GLN K 1091 47.82 -73.71 -94.36
N ILE K 1092 47.91 -72.56 -93.70
CA ILE K 1092 49.16 -72.13 -93.08
C ILE K 1092 49.42 -72.96 -91.83
N SER K 1093 50.66 -73.42 -91.67
CA SER K 1093 51.03 -74.16 -90.48
C SER K 1093 51.07 -73.24 -89.26
N LEU K 1094 50.99 -73.86 -88.08
CA LEU K 1094 50.92 -73.12 -86.83
C LEU K 1094 51.51 -73.96 -85.73
N ASP K 1095 52.17 -73.30 -84.78
CA ASP K 1095 52.67 -73.94 -83.57
C ASP K 1095 51.94 -73.33 -82.39
N GLU K 1096 51.30 -74.17 -81.58
CA GLU K 1096 50.43 -73.69 -80.52
C GLU K 1096 51.21 -73.10 -79.34
N ALA K 1097 52.48 -73.47 -79.19
CA ALA K 1097 53.24 -73.09 -78.00
C ALA K 1097 53.41 -71.59 -77.76
N PRO K 1098 53.71 -70.71 -78.74
CA PRO K 1098 53.75 -69.27 -78.42
C PRO K 1098 52.40 -68.70 -78.04
N ILE K 1099 51.30 -69.30 -78.49
CA ILE K 1099 49.98 -68.91 -78.02
C ILE K 1099 49.76 -69.44 -76.62
N LEU K 1100 50.42 -70.54 -76.27
CA LEU K 1100 50.22 -71.19 -74.97
C LEU K 1100 51.30 -70.84 -73.96
N GLU K 1101 52.50 -70.44 -74.41
CA GLU K 1101 53.45 -69.81 -73.51
C GLU K 1101 52.94 -68.48 -72.99
N GLU K 1102 52.15 -67.77 -73.81
CA GLU K 1102 51.52 -66.54 -73.38
C GLU K 1102 50.52 -66.79 -72.27
N TRP K 1103 49.83 -67.94 -72.32
CA TRP K 1103 48.94 -68.32 -71.24
C TRP K 1103 49.71 -68.61 -69.96
N LEU K 1104 50.92 -69.13 -70.08
CA LEU K 1104 51.71 -69.48 -68.91
C LEU K 1104 52.34 -68.26 -68.27
N SER K 1105 52.76 -67.28 -69.06
CA SER K 1105 53.39 -66.09 -68.50
C SER K 1105 52.39 -65.20 -67.78
N LYS K 1106 51.11 -65.32 -68.09
CA LYS K 1106 50.09 -64.50 -67.44
C LYS K 1106 49.48 -65.17 -66.22
N ILE K 1107 49.94 -66.36 -65.85
CA ILE K 1107 49.45 -67.00 -64.63
C ILE K 1107 50.12 -66.38 -63.42
N ASN K 1108 49.33 -65.81 -62.55
CA ASN K 1108 49.75 -65.28 -61.26
C ASN K 1108 49.46 -66.31 -60.19
N PRO K 1109 49.90 -66.07 -58.95
CA PRO K 1109 49.29 -66.81 -57.83
C PRO K 1109 47.85 -66.41 -57.57
N ALA K 1110 47.39 -65.28 -58.08
CA ALA K 1110 46.01 -64.87 -57.90
C ALA K 1110 45.08 -65.72 -58.76
N GLY K 1111 45.26 -65.67 -60.08
CA GLY K 1111 44.33 -66.38 -60.93
C GLY K 1111 44.97 -66.72 -62.26
N ILE K 1112 44.22 -67.48 -63.06
CA ILE K 1112 44.71 -67.98 -64.34
C ILE K 1112 43.90 -67.36 -65.47
N PRO K 1113 44.47 -67.18 -66.66
CA PRO K 1113 43.71 -66.66 -67.78
C PRO K 1113 42.76 -67.70 -68.32
N PRO K 1114 41.81 -67.32 -69.17
CA PRO K 1114 41.03 -68.33 -69.87
C PRO K 1114 41.90 -69.12 -70.82
N VAL K 1115 41.70 -70.44 -70.82
CA VAL K 1115 42.64 -71.37 -71.46
C VAL K 1115 42.49 -71.27 -72.98
N PRO K 1116 43.58 -71.08 -73.72
CA PRO K 1116 43.47 -71.01 -75.17
C PRO K 1116 43.41 -72.40 -75.79
N PHE K 1117 42.70 -72.47 -76.92
CA PHE K 1117 42.63 -73.70 -77.71
C PHE K 1117 42.64 -73.31 -79.17
N CYS K 1118 43.65 -73.78 -79.90
CA CYS K 1118 43.71 -73.55 -81.34
C CYS K 1118 42.87 -74.62 -82.03
N ILE K 1119 41.78 -74.20 -82.66
CA ILE K 1119 40.89 -75.10 -83.39
C ILE K 1119 41.03 -74.79 -84.88
N PRO K 1120 41.26 -75.79 -85.72
CA PRO K 1120 41.31 -75.51 -87.17
C PRO K 1120 39.93 -75.17 -87.71
N ILE K 1121 39.88 -74.10 -88.50
CA ILE K 1121 38.65 -73.69 -89.18
C ILE K 1121 38.29 -74.77 -90.19
N PRO K 1122 37.11 -75.37 -90.08
CA PRO K 1122 36.75 -76.49 -90.97
C PRO K 1122 36.50 -76.02 -92.40
N GLN K 1123 37.19 -76.66 -93.34
CA GLN K 1123 37.20 -76.25 -94.73
C GLN K 1123 36.10 -76.96 -95.50
N VAL K 1124 35.76 -76.40 -96.67
CA VAL K 1124 34.72 -76.96 -97.51
C VAL K 1124 35.27 -77.82 -98.64
N TYR K 1125 36.59 -77.86 -98.79
CA TYR K 1125 37.26 -78.52 -99.90
C TYR K 1125 38.44 -79.31 -99.37
N PRO K 1126 38.64 -80.54 -99.84
CA PRO K 1126 39.71 -81.38 -99.28
C PRO K 1126 41.09 -80.95 -99.74
N CYS K 1127 41.66 -79.97 -99.06
CA CYS K 1127 42.95 -79.43 -99.45
C CYS K 1127 44.10 -80.21 -98.83
N ILE K 1128 45.29 -79.99 -99.38
CA ILE K 1128 46.52 -80.35 -98.67
C ILE K 1128 46.64 -79.50 -97.43
N THR K 1129 47.09 -80.11 -96.34
CA THR K 1129 46.96 -79.50 -95.02
C THR K 1129 48.26 -79.63 -94.26
N ALA K 1130 48.77 -78.49 -93.78
CA ALA K 1130 50.04 -78.46 -93.08
C ALA K 1130 49.94 -79.12 -91.71
N ARG K 1131 51.07 -79.62 -91.23
CA ARG K 1131 51.14 -80.13 -89.86
C ARG K 1131 51.12 -78.98 -88.88
N ARG K 1132 50.56 -79.23 -87.70
CA ARG K 1132 50.56 -78.28 -86.61
C ARG K 1132 50.94 -79.03 -85.34
N VAL K 1133 51.92 -78.52 -84.61
CA VAL K 1133 52.27 -79.12 -83.34
C VAL K 1133 51.32 -78.56 -82.29
N HIS K 1134 50.24 -79.29 -82.02
CA HIS K 1134 49.25 -78.86 -81.05
C HIS K 1134 49.58 -79.38 -79.66
N TYR K 1135 49.18 -78.61 -78.65
CA TYR K 1135 49.52 -78.93 -77.28
C TYR K 1135 48.32 -79.12 -76.36
N ALA K 1136 47.36 -78.21 -76.38
CA ALA K 1136 46.33 -78.15 -75.36
C ALA K 1136 45.05 -78.81 -75.85
N PHE K 1137 44.52 -79.73 -75.06
CA PHE K 1137 43.19 -80.29 -75.26
C PHE K 1137 42.68 -80.74 -73.90
N THR K 1138 41.41 -81.14 -73.86
CA THR K 1138 40.75 -81.41 -72.61
C THR K 1138 40.27 -82.86 -72.54
N SER K 1139 39.75 -83.23 -71.38
CA SER K 1139 39.31 -84.59 -71.12
C SER K 1139 37.85 -84.81 -71.50
N GLU K 1140 36.94 -84.07 -70.87
CA GLU K 1140 35.53 -84.21 -71.12
C GLU K 1140 35.16 -83.51 -72.43
N ASN K 1141 34.15 -84.02 -73.12
CA ASN K 1141 33.63 -83.42 -74.33
C ASN K 1141 33.01 -82.07 -73.97
N ASN K 1142 33.72 -80.99 -74.31
CA ASN K 1142 33.26 -79.63 -74.08
C ASN K 1142 32.83 -78.95 -75.36
N ASN K 1143 32.52 -79.71 -76.39
CA ASN K 1143 32.12 -79.16 -77.68
C ASN K 1143 30.60 -79.09 -77.77
N ASP K 1144 30.01 -78.41 -76.79
CA ASP K 1144 28.58 -78.48 -76.58
C ASP K 1144 27.86 -77.26 -77.13
N SER K 1145 28.58 -76.29 -77.70
CA SER K 1145 27.99 -75.07 -78.20
C SER K 1145 28.36 -74.82 -79.66
N LEU K 1146 28.66 -75.88 -80.40
CA LEU K 1146 29.28 -75.71 -81.71
C LEU K 1146 28.26 -75.38 -82.79
N PHE K 1147 27.23 -76.21 -82.94
CA PHE K 1147 26.00 -75.98 -83.70
C PHE K 1147 26.17 -76.02 -85.21
N SER K 1148 27.40 -75.99 -85.73
CA SER K 1148 27.59 -75.96 -87.19
C SER K 1148 29.05 -76.26 -87.49
N THR K 1149 29.30 -76.61 -88.74
CA THR K 1149 30.68 -76.71 -89.18
C THR K 1149 30.96 -75.94 -90.47
N ASN K 1150 30.04 -75.96 -91.43
CA ASN K 1150 30.08 -75.08 -92.61
C ASN K 1150 28.62 -74.85 -92.97
N ALA K 1151 28.07 -73.77 -92.44
CA ALA K 1151 26.62 -73.60 -92.47
C ALA K 1151 26.12 -73.32 -93.88
N ALA K 1152 26.56 -72.21 -94.48
CA ALA K 1152 26.12 -71.81 -95.80
C ALA K 1152 26.64 -72.72 -96.90
N SER K 1153 27.63 -73.57 -96.62
CA SER K 1153 28.20 -74.44 -97.62
C SER K 1153 27.31 -75.64 -97.87
N ILE K 1154 27.77 -76.60 -98.67
CA ILE K 1154 27.00 -77.76 -99.03
C ILE K 1154 27.42 -78.99 -98.22
N ASP K 1155 28.71 -79.12 -97.92
CA ASP K 1155 29.24 -80.29 -97.25
C ASP K 1155 30.64 -80.00 -96.73
N THR K 1156 30.91 -80.31 -95.47
CA THR K 1156 32.25 -80.12 -94.93
C THR K 1156 33.18 -81.21 -95.46
N ALA K 1157 34.45 -80.85 -95.64
CA ALA K 1157 35.43 -81.76 -96.21
C ALA K 1157 36.54 -82.09 -95.23
N PHE K 1158 37.25 -81.08 -94.71
CA PHE K 1158 38.38 -81.34 -93.84
C PHE K 1158 37.98 -81.49 -92.38
N GLY K 1159 37.29 -80.50 -91.83
CA GLY K 1159 37.01 -80.46 -90.40
C GLY K 1159 35.96 -81.43 -89.93
N GLU K 1160 35.36 -81.13 -88.78
CA GLU K 1160 34.35 -82.02 -88.22
C GLU K 1160 33.06 -81.95 -89.02
N ASN K 1161 32.30 -83.02 -88.95
CA ASN K 1161 31.00 -83.10 -89.61
C ASN K 1161 29.88 -82.78 -88.62
N ALA K 1162 29.95 -81.57 -88.07
CA ALA K 1162 29.03 -81.12 -87.04
C ALA K 1162 27.85 -80.42 -87.71
N ALA K 1163 26.85 -81.21 -88.09
CA ALA K 1163 25.62 -80.64 -88.57
C ALA K 1163 24.79 -80.14 -87.40
N VAL K 1164 23.66 -79.49 -87.72
CA VAL K 1164 22.80 -78.93 -86.69
C VAL K 1164 22.10 -80.06 -85.94
N SER K 1165 22.23 -80.05 -84.63
CA SER K 1165 21.73 -81.14 -83.80
C SER K 1165 20.21 -81.13 -83.71
N PRO K 1166 19.52 -82.19 -84.11
CA PRO K 1166 18.06 -82.23 -83.95
C PRO K 1166 17.62 -82.39 -82.51
N LEU K 1167 18.50 -82.87 -81.64
CA LEU K 1167 18.16 -82.98 -80.22
C LEU K 1167 18.05 -81.62 -79.57
N ARG K 1168 18.75 -80.63 -80.12
CA ARG K 1168 18.61 -79.26 -79.66
C ARG K 1168 17.25 -78.67 -80.07
N TRP K 1169 16.67 -79.19 -81.15
CA TRP K 1169 15.41 -78.65 -81.69
C TRP K 1169 14.32 -79.73 -81.79
N PRO K 1170 13.81 -80.27 -80.68
CA PRO K 1170 12.73 -81.24 -80.81
C PRO K 1170 11.41 -80.63 -81.23
N GLY K 1171 11.16 -79.37 -80.89
CA GLY K 1171 9.90 -78.77 -81.26
C GLY K 1171 9.77 -78.45 -82.74
N LEU K 1172 10.86 -78.50 -83.49
CA LEU K 1172 10.84 -78.13 -84.90
C LEU K 1172 10.92 -79.32 -85.83
N VAL K 1173 11.73 -80.32 -85.50
CA VAL K 1173 12.00 -81.41 -86.44
C VAL K 1173 11.50 -82.77 -85.98
N ASP K 1174 11.16 -82.95 -84.70
CA ASP K 1174 10.78 -84.27 -84.20
C ASP K 1174 9.30 -84.51 -84.47
N PRO K 1175 8.93 -85.59 -85.17
CA PRO K 1175 7.51 -85.92 -85.31
C PRO K 1175 6.88 -86.37 -84.01
N ASN K 1176 7.65 -86.96 -83.10
CA ASN K 1176 7.15 -87.45 -81.84
C ASN K 1176 7.16 -86.38 -80.75
N TYR K 1177 7.23 -85.12 -81.13
CA TYR K 1177 7.20 -84.02 -80.17
C TYR K 1177 5.76 -83.74 -79.74
N ARG K 1178 5.48 -83.91 -78.46
CA ARG K 1178 4.21 -83.47 -77.90
C ARG K 1178 4.36 -82.05 -77.39
N VAL K 1179 3.27 -81.30 -77.47
CA VAL K 1179 3.31 -79.90 -77.05
C VAL K 1179 3.39 -79.82 -75.53
N GLY K 1180 4.33 -79.03 -75.04
CA GLY K 1180 4.50 -78.85 -73.62
C GLY K 1180 5.59 -79.69 -72.99
N THR K 1181 6.47 -80.29 -73.77
CA THR K 1181 7.53 -81.13 -73.26
C THR K 1181 8.90 -80.48 -73.46
N ASN K 1182 9.85 -80.90 -72.64
CA ASN K 1182 11.22 -80.44 -72.72
C ASN K 1182 12.13 -81.47 -72.06
N ASP K 1183 13.41 -81.17 -72.03
CA ASP K 1183 14.44 -81.98 -71.37
C ASP K 1183 15.31 -81.06 -70.53
N LEU K 1184 14.65 -80.25 -69.71
CA LEU K 1184 15.23 -79.03 -69.17
C LEU K 1184 16.41 -79.21 -68.22
N PRO K 1185 16.46 -80.16 -67.27
CA PRO K 1185 17.69 -80.28 -66.46
C PRO K 1185 18.89 -80.85 -67.20
N ASN K 1186 18.76 -81.22 -68.47
CA ASN K 1186 19.87 -81.80 -69.21
C ASN K 1186 20.17 -81.06 -70.51
N ARG K 1187 19.15 -80.57 -71.21
CA ARG K 1187 19.34 -79.83 -72.45
C ARG K 1187 18.44 -78.62 -72.44
N ILE K 1188 18.84 -77.60 -73.19
CA ILE K 1188 18.01 -76.41 -73.34
C ILE K 1188 17.56 -76.39 -74.80
N THR K 1189 16.35 -76.89 -75.03
CA THR K 1189 15.71 -76.88 -76.33
C THR K 1189 15.47 -75.46 -76.81
N LEU K 1190 15.84 -75.17 -78.05
CA LEU K 1190 15.75 -73.82 -78.60
C LEU K 1190 14.46 -73.54 -79.37
N TYR K 1191 13.45 -74.41 -79.28
CA TYR K 1191 12.21 -74.19 -80.02
C TYR K 1191 11.09 -74.91 -79.29
N ASN K 1192 10.20 -74.14 -78.67
CA ASN K 1192 9.15 -74.71 -77.85
C ASN K 1192 7.84 -73.97 -78.09
N SER K 1193 6.78 -74.48 -77.47
CA SER K 1193 5.53 -73.78 -77.33
C SER K 1193 5.55 -72.95 -76.06
N LEU K 1194 4.90 -71.80 -76.11
CA LEU K 1194 4.91 -70.92 -74.95
C LEU K 1194 3.60 -70.16 -74.92
N TYR K 1195 3.26 -69.67 -73.73
CA TYR K 1195 2.06 -68.89 -73.52
C TYR K 1195 2.40 -67.40 -73.50
N ARG K 1196 1.57 -66.61 -74.16
CA ARG K 1196 1.72 -65.16 -74.11
C ARG K 1196 0.44 -64.53 -73.60
N TYR K 1197 0.59 -63.45 -72.86
CA TYR K 1197 -0.44 -62.93 -72.00
C TYR K 1197 -0.78 -61.50 -72.41
N ASN K 1198 -2.03 -61.11 -72.21
CA ASN K 1198 -2.47 -59.76 -72.51
C ASN K 1198 -3.10 -59.14 -71.28
N PHE K 1199 -2.41 -59.25 -70.15
CA PHE K 1199 -2.86 -58.77 -68.86
C PHE K 1199 -3.05 -57.26 -68.84
N THR K 1200 -4.31 -56.81 -68.77
CA THR K 1200 -4.56 -55.41 -68.51
C THR K 1200 -4.25 -55.08 -67.06
N TYR K 1201 -3.86 -53.84 -66.82
CA TYR K 1201 -3.26 -53.41 -65.56
C TYR K 1201 -4.11 -52.29 -64.97
N PRO K 1202 -5.16 -52.63 -64.26
CA PRO K 1202 -6.04 -51.59 -63.71
C PRO K 1202 -5.42 -50.93 -62.49
N THR K 1203 -5.86 -49.70 -62.25
CA THR K 1203 -5.59 -49.04 -60.98
C THR K 1203 -6.64 -49.50 -59.98
N LEU K 1204 -6.63 -48.91 -58.79
CA LEU K 1204 -7.70 -49.21 -57.84
C LEU K 1204 -9.00 -48.54 -58.29
N ASP K 1205 -8.90 -47.45 -59.04
CA ASP K 1205 -10.07 -46.86 -59.67
C ASP K 1205 -10.54 -47.67 -60.86
N GLY K 1206 -9.65 -48.43 -61.49
CA GLY K 1206 -10.06 -49.33 -62.55
C GLY K 1206 -10.77 -50.58 -62.06
N ILE K 1207 -10.73 -50.85 -60.76
CA ILE K 1207 -11.44 -51.98 -60.18
C ILE K 1207 -12.75 -51.51 -59.57
N MET K 1208 -12.66 -50.62 -58.59
CA MET K 1208 -13.83 -50.16 -57.86
C MET K 1208 -14.06 -48.68 -58.12
N TYR K 1209 -15.17 -48.19 -57.61
CA TYR K 1209 -15.55 -46.78 -57.73
C TYR K 1209 -15.59 -46.19 -56.33
N VAL K 1210 -14.66 -45.28 -56.05
CA VAL K 1210 -14.55 -44.64 -54.76
C VAL K 1210 -14.73 -43.14 -54.97
N ARG K 1211 -15.70 -42.56 -54.29
CA ARG K 1211 -15.95 -41.12 -54.37
C ARG K 1211 -15.67 -40.45 -53.04
N SER L 15 128.70 -69.48 -123.09
CA SER L 15 127.65 -68.46 -123.07
C SER L 15 126.42 -68.94 -122.32
N PRO L 16 125.88 -68.08 -121.45
CA PRO L 16 124.68 -68.46 -120.71
C PRO L 16 123.45 -68.44 -121.61
N ALA L 17 122.40 -69.10 -121.11
CA ALA L 17 121.06 -69.14 -121.73
C ALA L 17 121.09 -69.68 -123.15
N ASP L 18 122.01 -70.57 -123.43
CA ASP L 18 122.08 -71.20 -124.74
C ASP L 18 122.14 -72.71 -124.65
N THR L 19 122.83 -73.27 -123.66
CA THR L 19 122.92 -74.72 -123.52
C THR L 19 121.72 -75.28 -122.77
N ASN L 20 121.21 -74.54 -121.80
CA ASN L 20 120.14 -75.01 -120.92
C ASN L 20 118.78 -74.51 -121.36
N VAL L 21 118.55 -74.43 -122.67
CA VAL L 21 117.26 -74.04 -123.22
C VAL L 21 116.29 -75.21 -123.09
N VAL L 22 115.19 -74.98 -122.40
CA VAL L 22 114.13 -75.97 -122.24
C VAL L 22 112.87 -75.38 -122.85
N PRO L 23 111.85 -76.20 -123.16
CA PRO L 23 110.56 -75.63 -123.56
C PRO L 23 109.91 -74.87 -122.41
N ALA L 24 109.24 -73.79 -122.75
CA ALA L 24 108.71 -72.86 -121.76
C ALA L 24 107.43 -73.40 -121.14
N LYS L 25 106.82 -72.57 -120.30
CA LYS L 25 105.59 -72.97 -119.62
C LYS L 25 104.42 -72.98 -120.60
N ASP L 26 103.67 -74.09 -120.59
CA ASP L 26 102.57 -74.37 -121.51
C ASP L 26 103.04 -74.28 -122.97
N ALA L 27 104.12 -75.00 -123.27
CA ALA L 27 104.79 -74.85 -124.55
C ALA L 27 103.99 -75.29 -125.78
N PRO L 28 103.18 -76.36 -125.78
CA PRO L 28 102.35 -76.58 -126.98
C PRO L 28 101.22 -75.59 -127.15
N THR L 29 100.62 -75.11 -126.06
CA THR L 29 99.43 -74.27 -126.13
C THR L 29 99.72 -72.84 -125.67
N THR L 30 100.86 -72.29 -126.05
CA THR L 30 101.14 -70.89 -125.78
C THR L 30 100.71 -70.00 -126.94
N ASN L 31 101.17 -70.32 -128.15
CA ASN L 31 100.93 -69.51 -129.33
C ASN L 31 99.64 -69.88 -130.04
N SER L 32 98.76 -70.60 -129.39
CA SER L 32 97.49 -70.99 -130.00
C SER L 32 96.54 -69.80 -130.01
N PRO L 33 95.97 -69.43 -131.14
CA PRO L 33 95.08 -68.27 -131.20
C PRO L 33 93.70 -68.63 -130.67
N PRO L 34 92.95 -67.66 -130.17
CA PRO L 34 91.57 -67.93 -129.76
C PRO L 34 90.65 -68.16 -130.96
N SER L 35 90.73 -69.33 -131.57
CA SER L 35 89.94 -69.64 -132.75
C SER L 35 88.91 -70.72 -132.42
N THR L 36 87.82 -70.72 -133.21
CA THR L 36 86.72 -71.64 -133.00
C THR L 36 86.40 -72.51 -134.21
N THR L 37 86.84 -72.13 -135.41
CA THR L 37 86.46 -72.88 -136.60
C THR L 37 87.25 -74.19 -136.69
N SER L 38 88.56 -74.09 -136.80
CA SER L 38 89.44 -75.25 -136.84
C SER L 38 90.65 -74.91 -136.00
N PRO L 39 90.60 -75.18 -134.69
CA PRO L 39 91.63 -74.66 -133.79
C PRO L 39 92.95 -75.39 -133.90
N ASN L 40 92.91 -76.68 -134.20
CA ASN L 40 94.15 -77.42 -134.42
C ASN L 40 94.82 -77.00 -135.72
N GLN L 41 94.04 -76.63 -136.73
CA GLN L 41 94.63 -76.13 -137.97
C GLN L 41 95.19 -74.72 -137.77
N ALA L 42 94.50 -73.90 -136.96
CA ALA L 42 94.92 -72.53 -136.74
C ALA L 42 96.13 -72.45 -135.82
N ALA L 43 96.25 -73.38 -134.87
CA ALA L 43 97.42 -73.37 -133.98
C ALA L 43 98.66 -73.83 -134.71
N ALA L 44 98.53 -74.77 -135.65
CA ALA L 44 99.68 -75.18 -136.45
C ALA L 44 100.08 -74.10 -137.43
N ASP L 45 99.13 -73.27 -137.85
CA ASP L 45 99.45 -72.14 -138.71
C ASP L 45 99.95 -70.94 -137.92
N ALA L 46 99.63 -70.86 -136.63
CA ALA L 46 100.19 -69.81 -135.80
C ALA L 46 101.62 -70.12 -135.40
N ASN L 47 101.90 -71.38 -135.06
CA ASN L 47 103.27 -71.82 -134.81
C ASN L 47 104.11 -71.82 -136.09
N GLN L 48 103.46 -71.87 -137.25
CA GLN L 48 104.17 -71.79 -138.52
C GLN L 48 104.83 -70.44 -138.69
N GLN L 49 104.10 -69.36 -138.40
CA GLN L 49 104.63 -68.01 -138.53
C GLN L 49 105.27 -67.51 -137.24
N GLN L 50 105.09 -68.21 -136.13
CA GLN L 50 105.82 -67.84 -134.92
C GLN L 50 107.30 -68.17 -135.05
N ALA L 51 107.61 -69.28 -135.73
CA ALA L 51 108.99 -69.64 -136.03
C ALA L 51 109.54 -68.89 -137.23
N GLY L 52 108.76 -68.02 -137.86
CA GLY L 52 109.22 -67.26 -139.00
C GLY L 52 109.32 -68.04 -140.29
N ILE L 53 108.81 -69.26 -140.32
CA ILE L 53 108.92 -70.11 -141.51
C ILE L 53 107.86 -69.66 -142.50
N VAL L 54 108.30 -69.03 -143.59
CA VAL L 54 107.38 -68.56 -144.62
C VAL L 54 106.81 -69.74 -145.37
N SER L 55 105.49 -69.71 -145.63
CA SER L 55 104.80 -70.82 -146.28
C SER L 55 105.10 -70.94 -147.77
N SER L 56 105.93 -70.07 -148.34
CA SER L 56 106.47 -70.33 -149.66
C SER L 56 107.62 -71.31 -149.60
N GLN L 57 108.36 -71.34 -148.49
CA GLN L 57 109.42 -72.31 -148.31
C GLN L 57 108.87 -73.68 -147.95
N SER L 58 107.92 -73.73 -147.01
CA SER L 58 107.30 -74.97 -146.60
C SER L 58 106.12 -75.25 -147.53
N GLY L 59 106.22 -76.34 -148.30
CA GLY L 59 105.24 -76.62 -149.33
C GLY L 59 104.12 -77.49 -148.80
N PRO L 60 104.10 -78.77 -149.24
CA PRO L 60 103.08 -79.70 -148.73
C PRO L 60 103.24 -80.07 -147.26
N ASN L 61 104.36 -79.70 -146.63
CA ASN L 61 104.61 -80.03 -145.23
C ASN L 61 103.78 -79.21 -144.26
N ALA L 62 103.13 -78.14 -144.73
CA ALA L 62 102.35 -77.28 -143.86
C ALA L 62 100.87 -77.23 -144.24
N VAL L 63 100.45 -78.04 -145.22
CA VAL L 63 99.06 -78.01 -145.66
C VAL L 63 98.16 -78.70 -144.65
N GLY L 64 98.37 -80.00 -144.45
CA GLY L 64 97.64 -80.71 -143.42
C GLY L 64 98.49 -80.85 -142.19
N ASP L 65 98.28 -79.98 -141.21
CA ASP L 65 99.07 -80.03 -139.99
C ASP L 65 98.20 -79.57 -138.82
N SER L 66 98.49 -80.13 -137.64
CA SER L 66 97.73 -79.82 -136.45
C SER L 66 98.70 -79.63 -135.29
N ALA L 67 98.26 -78.87 -134.31
CA ALA L 67 99.04 -78.57 -133.12
C ALA L 67 98.12 -78.59 -131.92
N PRO L 68 98.64 -78.88 -130.72
CA PRO L 68 97.81 -78.77 -129.51
C PRO L 68 97.46 -77.30 -129.26
N SER L 69 96.16 -77.03 -129.20
CA SER L 69 95.66 -75.68 -128.98
C SER L 69 94.98 -75.59 -127.62
N SER L 70 94.80 -74.34 -127.16
CA SER L 70 94.23 -74.09 -125.85
C SER L 70 92.72 -74.33 -125.80
N SER L 71 92.07 -74.49 -126.95
CA SER L 71 90.62 -74.62 -127.02
C SER L 71 90.18 -76.00 -127.44
N VAL L 72 91.08 -76.98 -127.43
CA VAL L 72 90.83 -78.34 -127.88
C VAL L 72 91.12 -79.25 -126.69
N ASN L 73 90.57 -78.89 -125.52
CA ASN L 73 90.82 -79.54 -124.23
C ASN L 73 90.66 -81.06 -124.24
N ASN L 74 91.19 -81.73 -123.20
CA ASN L 74 91.62 -83.13 -123.21
C ASN L 74 90.55 -84.14 -123.63
N ASP L 75 89.28 -83.76 -123.69
CA ASP L 75 88.24 -84.63 -124.24
C ASP L 75 88.20 -84.45 -125.77
N GLY L 76 87.13 -84.91 -126.40
CA GLY L 76 87.02 -84.61 -127.81
C GLY L 76 86.42 -83.27 -128.14
N ASP L 77 86.07 -82.47 -127.13
CA ASP L 77 85.26 -81.28 -127.33
C ASP L 77 86.10 -80.09 -127.76
N ILE L 78 85.45 -79.18 -128.49
CA ILE L 78 86.01 -77.88 -128.86
C ILE L 78 85.37 -76.84 -127.95
N ILE L 79 86.18 -76.21 -127.10
CA ILE L 79 85.67 -75.35 -126.05
C ILE L 79 86.06 -73.91 -126.38
N THR L 80 85.33 -72.96 -125.79
CA THR L 80 85.62 -71.54 -125.92
C THR L 80 86.23 -70.97 -124.65
N ARG L 81 85.53 -71.11 -123.53
CA ARG L 81 86.01 -70.74 -122.21
C ARG L 81 86.94 -71.84 -121.71
N PRO L 82 87.63 -71.64 -120.56
CA PRO L 82 88.38 -72.77 -119.98
C PRO L 82 87.51 -73.91 -119.47
N THR L 83 88.16 -74.95 -118.97
CA THR L 83 87.45 -76.14 -118.49
C THR L 83 86.79 -75.90 -117.14
N SER L 84 87.43 -75.09 -116.28
CA SER L 84 86.98 -74.92 -114.91
C SER L 84 85.65 -74.18 -114.85
N ASP L 85 85.51 -73.09 -115.60
CA ASP L 85 84.24 -72.37 -115.63
C ASP L 85 83.22 -72.97 -116.59
N SER L 86 83.58 -74.06 -117.27
CA SER L 86 82.57 -74.86 -117.95
C SER L 86 81.98 -75.92 -117.04
N ILE L 87 82.79 -76.44 -116.11
CA ILE L 87 82.26 -77.28 -115.04
C ILE L 87 81.38 -76.45 -114.12
N ALA L 88 81.79 -75.20 -113.85
CA ALA L 88 81.08 -74.34 -112.93
C ALA L 88 79.72 -73.92 -113.47
N ALA L 89 79.60 -73.74 -114.78
CA ALA L 89 78.33 -73.33 -115.37
C ALA L 89 77.29 -74.44 -115.31
N VAL L 90 77.72 -75.70 -115.39
CA VAL L 90 76.81 -76.81 -115.17
C VAL L 90 76.44 -76.90 -113.71
N ALA L 91 77.40 -76.58 -112.82
CA ALA L 91 77.13 -76.65 -111.39
C ALA L 91 76.27 -75.49 -110.93
N ASN L 92 76.53 -74.28 -111.44
CA ASN L 92 75.76 -73.12 -111.00
C ASN L 92 74.34 -73.13 -111.53
N ALA L 93 74.08 -73.85 -112.62
CA ALA L 93 72.71 -74.02 -113.08
C ALA L 93 71.95 -74.99 -112.20
N THR L 94 72.65 -75.95 -111.60
CA THR L 94 72.03 -76.94 -110.74
C THR L 94 72.15 -76.46 -109.29
N LYS L 95 71.38 -75.41 -108.99
CA LYS L 95 71.32 -74.85 -107.64
C LYS L 95 69.88 -74.48 -107.30
N PRO L 96 69.14 -75.39 -106.70
CA PRO L 96 67.85 -75.02 -106.13
C PRO L 96 68.04 -74.15 -104.90
N ALA L 97 66.96 -73.48 -104.51
CA ALA L 97 66.98 -72.71 -103.28
C ALA L 97 66.96 -73.67 -102.09
N ALA L 98 67.90 -73.46 -101.16
CA ALA L 98 67.98 -74.34 -100.00
C ALA L 98 66.83 -74.09 -99.03
N VAL L 99 66.35 -72.84 -98.95
CA VAL L 99 65.22 -72.48 -98.11
C VAL L 99 64.15 -71.90 -99.00
N VAL L 100 63.06 -72.64 -99.17
CA VAL L 100 61.92 -72.21 -99.96
C VAL L 100 60.77 -71.90 -98.99
N SER L 101 60.37 -70.64 -98.95
CA SER L 101 59.35 -70.19 -98.00
C SER L 101 57.98 -70.63 -98.51
N ASP L 102 57.51 -71.76 -98.01
CA ASP L 102 56.15 -72.20 -98.29
C ASP L 102 55.33 -72.23 -97.01
N PRO L 103 54.02 -71.96 -97.10
CA PRO L 103 53.20 -71.98 -95.88
C PRO L 103 53.00 -73.37 -95.32
N GLN L 104 52.85 -74.39 -96.16
CA GLN L 104 52.79 -75.77 -95.68
C GLN L 104 54.19 -76.22 -95.33
N SER L 105 54.63 -75.83 -94.13
CA SER L 105 55.95 -76.18 -93.63
C SER L 105 55.86 -76.19 -92.12
N MET L 106 56.21 -77.33 -91.52
CA MET L 106 55.99 -77.58 -90.10
C MET L 106 56.79 -76.63 -89.22
N LYS L 107 56.10 -75.69 -88.58
CA LYS L 107 56.73 -74.69 -87.74
C LYS L 107 56.83 -75.22 -86.32
N VAL L 108 58.05 -75.31 -85.81
CA VAL L 108 58.31 -75.86 -84.47
C VAL L 108 59.05 -74.80 -83.67
N THR L 109 58.47 -74.42 -82.53
CA THR L 109 59.12 -73.52 -81.59
C THR L 109 60.33 -74.22 -80.96
N PRO L 110 61.42 -73.49 -80.68
CA PRO L 110 62.55 -74.09 -79.96
C PRO L 110 62.16 -74.65 -78.59
N ILE L 111 62.82 -75.75 -78.24
CA ILE L 111 62.43 -76.51 -77.05
C ILE L 111 62.84 -75.77 -75.78
N VAL L 112 64.15 -75.57 -75.60
CA VAL L 112 64.62 -74.68 -74.56
C VAL L 112 64.41 -73.24 -75.00
N ASN L 113 64.40 -72.32 -74.04
CA ASN L 113 64.07 -70.95 -74.34
C ASN L 113 65.33 -70.12 -74.52
N PRO L 114 65.54 -69.52 -75.70
CA PRO L 114 66.59 -68.50 -75.82
C PRO L 114 66.15 -67.16 -75.28
N SER L 115 64.84 -66.94 -75.11
CA SER L 115 64.36 -65.72 -74.48
C SER L 115 64.72 -65.69 -73.01
N SER L 116 64.77 -66.85 -72.36
CA SER L 116 65.22 -66.97 -70.98
C SER L 116 66.26 -68.09 -70.92
N TYR L 117 67.51 -67.75 -71.20
CA TYR L 117 68.61 -68.67 -70.95
C TYR L 117 68.79 -68.77 -69.44
N VAL L 118 68.33 -69.89 -68.87
CA VAL L 118 68.48 -70.08 -67.43
C VAL L 118 69.93 -70.39 -67.10
N CYS L 119 70.33 -70.05 -65.88
CA CYS L 119 71.66 -70.34 -65.38
C CYS L 119 71.89 -71.84 -65.22
N ASN L 120 73.15 -72.25 -65.30
CA ASN L 120 73.47 -73.66 -65.22
C ASN L 120 73.42 -74.16 -63.79
N VAL L 121 74.11 -73.47 -62.87
CA VAL L 121 74.15 -73.90 -61.49
C VAL L 121 73.13 -73.13 -60.64
N CYS L 122 72.43 -72.17 -61.24
CA CYS L 122 71.42 -71.37 -60.55
C CYS L 122 70.24 -71.18 -61.50
N ASN L 123 69.39 -70.20 -61.24
CA ASN L 123 68.42 -69.70 -62.22
C ASN L 123 68.45 -68.19 -62.34
N ALA L 124 69.66 -67.61 -62.35
CA ALA L 124 69.82 -66.18 -62.57
C ALA L 124 69.63 -65.90 -64.06
N ARG L 125 68.41 -65.52 -64.44
CA ARG L 125 68.10 -65.29 -65.84
C ARG L 125 68.62 -63.93 -66.29
N PHE L 126 68.81 -63.80 -67.60
CA PHE L 126 69.25 -62.56 -68.22
C PHE L 126 68.56 -62.44 -69.58
N SER L 127 69.01 -61.48 -70.38
CA SER L 127 68.60 -61.37 -71.77
C SER L 127 69.67 -61.84 -72.74
N THR L 128 70.89 -62.11 -72.25
CA THR L 128 71.99 -62.57 -73.08
C THR L 128 72.85 -63.52 -72.24
N MET L 129 73.17 -64.69 -72.80
CA MET L 129 73.94 -65.69 -72.09
C MET L 129 75.42 -65.32 -71.94
N SER L 130 75.87 -64.28 -72.66
CA SER L 130 77.25 -63.79 -72.48
C SER L 130 77.43 -63.15 -71.11
N ALA L 131 76.40 -62.48 -70.60
CA ALA L 131 76.44 -61.98 -69.23
C ALA L 131 76.27 -63.11 -68.22
N LEU L 132 75.70 -64.24 -68.63
CA LEU L 132 75.53 -65.39 -67.75
C LEU L 132 76.82 -66.16 -67.53
N SER L 133 77.75 -66.08 -68.48
CA SER L 133 79.01 -66.81 -68.37
C SER L 133 79.94 -66.22 -67.33
N GLU L 134 79.70 -64.98 -66.90
CA GLU L 134 80.54 -64.36 -65.88
C GLU L 134 79.99 -64.53 -64.47
N HIS L 135 78.70 -64.82 -64.32
CA HIS L 135 78.15 -65.11 -63.00
C HIS L 135 78.64 -66.46 -62.50
N LEU L 136 78.67 -67.46 -63.38
CA LEU L 136 79.19 -68.77 -63.01
C LEU L 136 80.71 -68.77 -62.89
N ARG L 137 81.38 -67.84 -63.57
CA ARG L 137 82.83 -67.69 -63.45
C ARG L 137 83.23 -67.07 -62.12
N SER L 138 82.31 -66.37 -61.46
CA SER L 138 82.59 -65.69 -60.20
C SER L 138 81.90 -66.31 -59.00
N ASP L 139 80.64 -66.75 -59.13
CA ASP L 139 79.88 -67.20 -57.98
C ASP L 139 79.94 -68.71 -57.78
N HIS L 140 79.68 -69.50 -58.83
CA HIS L 140 79.62 -70.95 -58.70
C HIS L 140 80.94 -71.54 -59.17
N ARG L 141 81.91 -71.52 -58.26
CA ARG L 141 83.26 -72.03 -58.54
C ARG L 141 83.64 -73.11 -57.54
N ASN L 155 79.46 -64.23 -46.68
CA ASN L 155 78.31 -64.18 -45.79
C ASN L 155 77.59 -65.51 -45.67
N ALA L 156 76.31 -65.46 -45.29
CA ALA L 156 75.53 -66.65 -45.02
C ALA L 156 74.39 -66.86 -46.01
N ILE L 157 73.49 -65.90 -46.17
CA ILE L 157 72.44 -65.95 -47.18
C ILE L 157 72.58 -64.70 -48.03
N ARG L 158 72.89 -64.89 -49.32
CA ARG L 158 73.04 -63.71 -50.15
C ARG L 158 71.73 -63.32 -50.85
N SER L 159 70.90 -64.30 -51.21
CA SER L 159 69.71 -64.05 -52.01
C SER L 159 68.84 -65.29 -52.01
N PHE L 160 67.60 -65.10 -52.42
CA PHE L 160 66.71 -66.17 -52.81
C PHE L 160 66.05 -65.81 -54.13
N LEU L 161 65.39 -66.79 -54.73
CA LEU L 161 64.65 -66.58 -55.96
C LEU L 161 63.29 -67.23 -55.78
N THR L 162 62.23 -66.43 -55.91
CA THR L 162 60.89 -66.89 -55.64
C THR L 162 60.23 -67.38 -56.92
N ALA L 163 59.51 -68.50 -56.81
CA ALA L 163 58.85 -69.07 -57.98
C ALA L 163 57.50 -68.45 -58.26
N TRP L 164 56.98 -67.62 -57.36
CA TRP L 164 55.67 -67.06 -57.53
C TRP L 164 55.68 -65.63 -58.03
N ASP L 165 56.75 -64.89 -57.78
CA ASP L 165 56.82 -63.49 -58.15
C ASP L 165 58.01 -63.19 -59.05
N ASP L 166 58.90 -64.18 -59.24
CA ASP L 166 60.14 -64.09 -60.00
C ASP L 166 60.98 -62.84 -59.73
N ILE L 167 61.19 -62.54 -58.46
CA ILE L 167 62.10 -61.49 -58.05
C ILE L 167 63.18 -62.11 -57.16
N ARG L 168 64.18 -61.30 -56.84
CA ARG L 168 65.28 -61.72 -55.99
C ARG L 168 65.17 -61.00 -54.65
N ILE L 169 65.00 -61.77 -53.58
CA ILE L 169 64.92 -61.22 -52.24
C ILE L 169 66.30 -61.32 -51.61
N LEU L 170 66.83 -60.18 -51.18
CA LEU L 170 68.19 -60.09 -50.70
C LEU L 170 68.21 -59.95 -49.18
N SER L 171 69.32 -60.35 -48.60
CA SER L 171 69.57 -60.11 -47.19
C SER L 171 69.76 -58.62 -46.91
N PRO L 172 69.52 -58.18 -45.69
CA PRO L 172 69.97 -56.83 -45.31
C PRO L 172 71.49 -56.77 -45.25
N ASP L 173 72.00 -55.54 -45.34
CA ASP L 173 73.43 -55.33 -45.43
C ASP L 173 74.15 -55.66 -44.12
N VAL L 174 75.42 -56.04 -44.24
CA VAL L 174 76.22 -56.34 -43.07
C VAL L 174 76.64 -55.06 -42.34
N SER L 175 76.56 -53.91 -42.99
CA SER L 175 76.81 -52.63 -42.34
C SER L 175 75.53 -52.13 -41.69
N SER L 176 75.13 -52.84 -40.65
CA SER L 176 73.93 -52.51 -39.87
C SER L 176 74.23 -51.54 -38.75
N LYS L 177 75.47 -51.05 -38.64
CA LYS L 177 75.79 -50.03 -37.66
C LYS L 177 75.12 -48.70 -38.01
N SER L 178 74.94 -48.42 -39.31
CA SER L 178 74.23 -47.23 -39.72
C SER L 178 72.74 -47.32 -39.42
N LEU L 179 72.20 -48.53 -39.33
CA LEU L 179 70.82 -48.71 -38.90
C LEU L 179 70.66 -48.32 -37.44
N SER L 180 69.52 -47.71 -37.13
CA SER L 180 69.30 -47.16 -35.80
C SER L 180 68.99 -48.26 -34.79
N ALA L 181 69.40 -48.02 -33.55
CA ALA L 181 69.13 -48.92 -32.44
C ALA L 181 68.03 -48.31 -31.57
N TYR L 182 67.08 -49.13 -31.17
CA TYR L 182 65.86 -48.63 -30.55
C TYR L 182 65.85 -48.96 -29.06
N LEU L 183 65.85 -47.91 -28.23
CA LEU L 183 65.57 -47.96 -26.79
C LEU L 183 66.57 -48.85 -26.04
N ASP L 184 67.83 -48.43 -26.06
CA ASP L 184 68.92 -49.01 -25.26
C ASP L 184 69.14 -50.49 -25.60
N SER L 185 68.95 -50.85 -26.86
CA SER L 185 69.18 -52.22 -27.32
C SER L 185 69.86 -52.17 -28.67
N ALA L 186 71.01 -52.82 -28.78
CA ALA L 186 71.85 -52.72 -29.96
C ALA L 186 71.56 -53.87 -30.93
N VAL L 187 71.78 -53.59 -32.22
CA VAL L 187 71.60 -54.60 -33.25
C VAL L 187 72.75 -55.58 -33.18
N ALA L 188 72.44 -56.85 -32.92
CA ALA L 188 73.45 -57.88 -32.76
C ALA L 188 73.90 -58.37 -34.13
N ASN L 189 75.21 -58.36 -34.35
CA ASN L 189 75.79 -58.84 -35.59
C ASN L 189 76.66 -60.06 -35.33
N GLY L 190 77.05 -60.72 -36.41
CA GLY L 190 77.88 -61.89 -36.32
C GLY L 190 79.31 -61.54 -35.98
N PRO L 191 79.96 -62.40 -35.21
CA PRO L 191 81.35 -62.13 -34.84
C PRO L 191 82.31 -62.41 -35.98
N GLU L 192 83.50 -61.84 -35.86
CA GLU L 192 84.55 -62.01 -36.87
C GLU L 192 85.22 -63.35 -36.60
N LEU L 193 84.60 -64.41 -37.10
CA LEU L 193 85.12 -65.75 -36.88
C LEU L 193 86.30 -66.05 -37.80
N ILE L 194 86.06 -65.98 -39.11
CA ILE L 194 87.06 -66.38 -40.09
C ILE L 194 88.11 -65.28 -40.20
N ILE L 195 89.30 -65.55 -39.67
CA ILE L 195 90.49 -64.76 -39.90
C ILE L 195 91.60 -65.71 -40.28
N GLU L 196 92.25 -65.45 -41.41
CA GLU L 196 93.15 -66.41 -42.01
C GLU L 196 94.39 -65.70 -42.52
N ASP L 197 95.49 -66.45 -42.59
CA ASP L 197 96.76 -65.84 -43.00
C ASP L 197 97.64 -66.90 -43.67
N THR L 198 98.48 -66.43 -44.58
CA THR L 198 99.39 -67.29 -45.32
C THR L 198 100.79 -67.28 -44.74
N GLY L 199 101.01 -66.58 -43.62
CA GLY L 199 102.31 -66.48 -43.02
C GLY L 199 102.64 -67.65 -42.13
N LEU L 200 103.65 -67.44 -41.29
CA LEU L 200 104.07 -68.48 -40.38
C LEU L 200 103.15 -68.55 -39.17
N CYS L 201 103.10 -69.72 -38.56
CA CYS L 201 102.33 -69.98 -37.36
C CYS L 201 103.17 -69.70 -36.11
N THR L 202 103.80 -68.52 -36.08
CA THR L 202 104.76 -68.18 -35.04
C THR L 202 104.32 -66.94 -34.29
N SER L 203 104.57 -66.94 -32.99
CA SER L 203 104.47 -65.75 -32.17
C SER L 203 105.79 -65.39 -31.52
N PHE L 204 106.85 -66.13 -31.82
CA PHE L 204 108.14 -66.00 -31.14
C PHE L 204 109.22 -65.76 -32.19
N MET L 205 109.58 -64.50 -32.42
CA MET L 205 110.72 -64.29 -33.29
C MET L 205 112.02 -64.55 -32.52
N LEU L 206 113.10 -64.69 -33.28
CA LEU L 206 114.43 -64.94 -32.72
C LEU L 206 115.23 -63.66 -32.96
N LEU L 207 115.24 -62.79 -31.96
CA LEU L 207 115.84 -61.48 -32.08
C LEU L 207 117.25 -61.52 -31.50
N ASP L 208 118.13 -60.68 -32.07
CA ASP L 208 119.49 -60.53 -31.58
C ASP L 208 119.60 -59.20 -30.84
N ASN L 209 119.97 -59.27 -29.55
CA ASN L 209 120.17 -58.03 -28.80
C ASN L 209 121.42 -57.31 -29.27
N ILE L 210 122.57 -57.97 -29.16
CA ILE L 210 123.85 -57.38 -29.53
C ILE L 210 124.26 -57.96 -30.87
N PRO L 211 124.46 -57.15 -31.90
CA PRO L 211 124.99 -57.66 -33.16
C PRO L 211 126.46 -58.04 -33.02
N SER L 212 126.93 -58.82 -33.99
CA SER L 212 128.32 -59.23 -34.02
C SER L 212 129.22 -58.04 -34.33
N ALA L 213 130.50 -58.18 -33.97
CA ALA L 213 131.43 -57.06 -34.08
C ALA L 213 132.15 -57.03 -35.43
N HIS L 214 131.36 -57.13 -36.50
CA HIS L 214 131.80 -57.01 -37.90
C HIS L 214 132.94 -57.98 -38.23
N LEU L 215 132.64 -59.27 -38.02
CA LEU L 215 133.66 -60.29 -38.19
C LEU L 215 133.91 -60.55 -39.67
N THR L 216 135.13 -61.01 -39.96
CA THR L 216 135.48 -61.39 -41.31
C THR L 216 134.71 -62.64 -41.71
N LYS L 217 134.38 -62.72 -43.00
CA LYS L 217 133.46 -63.77 -43.45
C LYS L 217 134.15 -65.13 -43.54
N GLU L 218 135.23 -65.21 -44.33
CA GLU L 218 136.09 -66.38 -44.60
C GLU L 218 135.38 -67.43 -45.46
N LEU L 219 134.08 -67.25 -45.68
CA LEU L 219 133.31 -68.03 -46.63
C LEU L 219 132.11 -67.20 -47.02
N ILE L 220 131.93 -67.02 -48.32
CA ILE L 220 130.88 -66.16 -48.84
C ILE L 220 129.90 -67.16 -49.42
N GLY L 221 128.77 -66.70 -49.97
CA GLY L 221 127.71 -67.56 -50.44
C GLY L 221 128.04 -68.56 -51.53
N PHE L 222 127.00 -69.29 -51.95
CA PHE L 222 127.14 -70.42 -52.86
C PHE L 222 127.63 -69.97 -54.22
N THR L 223 128.39 -70.84 -54.89
CA THR L 223 128.95 -70.52 -56.18
C THR L 223 128.23 -71.35 -57.25
N TRP L 224 127.65 -70.65 -58.21
CA TRP L 224 127.05 -71.25 -59.40
C TRP L 224 128.17 -71.32 -60.46
N PHE L 225 127.82 -71.40 -61.75
CA PHE L 225 128.84 -71.37 -62.80
C PHE L 225 129.73 -70.14 -62.69
N MET L 226 129.14 -68.96 -62.66
CA MET L 226 129.90 -67.74 -62.43
C MET L 226 129.25 -66.91 -61.35
N GLN L 227 127.94 -67.10 -61.15
CA GLN L 227 127.20 -66.32 -60.18
C GLN L 227 127.51 -66.75 -58.76
N MET L 228 127.27 -65.84 -57.83
CA MET L 228 127.37 -66.14 -56.41
C MET L 228 126.02 -65.87 -55.75
N TYR L 229 125.53 -66.84 -54.99
CA TYR L 229 124.25 -66.74 -54.29
C TYR L 229 124.52 -66.62 -52.80
N GLN L 230 124.30 -65.44 -52.24
CA GLN L 230 124.30 -65.24 -50.80
C GLN L 230 122.87 -65.40 -50.31
N MET L 231 122.70 -66.14 -49.22
CA MET L 231 121.38 -66.36 -48.65
C MET L 231 121.35 -65.87 -47.21
N THR L 232 120.25 -65.22 -46.85
CA THR L 232 120.06 -64.71 -45.51
C THR L 232 119.97 -65.88 -44.53
N PRO L 233 120.72 -65.86 -43.43
CA PRO L 233 120.70 -66.98 -42.49
C PRO L 233 119.37 -67.06 -41.75
N PRO L 234 118.88 -68.27 -41.50
CA PRO L 234 117.58 -68.39 -40.83
C PRO L 234 117.61 -68.00 -39.37
N LEU L 235 118.60 -68.33 -38.71
CA LEU L 235 118.78 -68.02 -37.31
C LEU L 235 119.50 -66.69 -37.16
N PRO L 236 119.31 -65.95 -36.07
CA PRO L 236 119.97 -64.65 -35.96
C PRO L 236 121.46 -64.80 -35.66
N GLU L 237 122.25 -63.97 -36.31
CA GLU L 237 123.70 -63.96 -36.14
C GLU L 237 124.05 -62.71 -35.34
N GLY L 238 124.10 -62.86 -34.01
CA GLY L 238 124.43 -61.77 -33.13
C GLY L 238 125.17 -62.30 -31.93
N ALA L 239 125.63 -61.37 -31.08
CA ALA L 239 126.38 -61.78 -29.91
C ALA L 239 125.49 -62.40 -28.85
N VAL L 240 124.24 -61.94 -28.73
CA VAL L 240 123.25 -62.53 -27.85
C VAL L 240 121.94 -62.64 -28.63
N ASN L 241 121.39 -63.85 -28.71
CA ASN L 241 120.14 -64.10 -29.39
C ASN L 241 119.09 -64.50 -28.37
N ARG L 242 117.91 -63.90 -28.46
CA ARG L 242 116.82 -64.20 -27.53
C ARG L 242 115.60 -64.68 -28.28
N ILE L 243 114.67 -65.26 -27.52
CA ILE L 243 113.38 -65.71 -28.04
C ILE L 243 112.36 -64.73 -27.51
N VAL L 244 111.97 -63.77 -28.34
CA VAL L 244 111.16 -62.64 -27.92
C VAL L 244 109.72 -62.88 -28.33
N CYS L 245 108.80 -62.78 -27.38
CA CYS L 245 107.37 -62.95 -27.66
C CYS L 245 106.83 -61.71 -28.36
N MET L 246 106.60 -61.83 -29.66
CA MET L 246 105.97 -60.77 -30.45
C MET L 246 104.97 -61.47 -31.37
N THR L 247 103.68 -61.40 -31.01
CA THR L 247 102.68 -62.16 -31.73
C THR L 247 102.47 -61.62 -33.13
N ASN L 248 102.23 -62.54 -34.07
CA ASN L 248 101.97 -62.26 -35.48
C ASN L 248 103.09 -61.46 -36.13
N TRP L 249 104.33 -61.72 -35.71
CA TRP L 249 105.47 -61.04 -36.32
C TRP L 249 105.71 -61.53 -37.74
N ALA L 250 105.38 -62.80 -38.01
CA ALA L 250 105.55 -63.41 -39.32
C ALA L 250 104.23 -63.70 -39.99
N SER L 251 103.15 -63.09 -39.51
CA SER L 251 101.84 -63.30 -40.09
C SER L 251 101.71 -62.55 -41.41
N LEU L 252 101.12 -63.21 -42.39
CA LEU L 252 100.94 -62.66 -43.74
C LEU L 252 99.49 -62.95 -44.12
N GLY L 253 98.61 -62.01 -43.79
CA GLY L 253 97.21 -62.13 -44.14
C GLY L 253 96.70 -60.79 -44.62
N ASP L 254 95.40 -60.76 -44.95
CA ASP L 254 94.80 -59.50 -45.37
C ASP L 254 94.67 -58.53 -44.20
N GLU L 255 94.15 -59.01 -43.08
CA GLU L 255 94.03 -58.22 -41.85
C GLU L 255 94.36 -59.13 -40.68
N GLY L 256 94.04 -58.66 -39.48
CA GLY L 256 94.19 -59.45 -38.28
C GLY L 256 93.32 -58.83 -37.19
N ARG L 257 93.45 -59.39 -36.00
CA ARG L 257 92.71 -58.84 -34.88
C ARG L 257 93.40 -57.58 -34.35
N GLY L 258 92.63 -56.76 -33.66
CA GLY L 258 93.15 -55.54 -33.07
C GLY L 258 93.61 -55.77 -31.65
N LEU L 259 94.23 -56.92 -31.41
CA LEU L 259 94.60 -57.34 -30.06
C LEU L 259 95.82 -58.24 -30.20
N GLU L 260 97.00 -57.67 -29.94
CA GLU L 260 98.26 -58.41 -30.08
C GLU L 260 99.11 -58.22 -28.84
N VAL L 261 100.10 -59.09 -28.69
CA VAL L 261 101.04 -59.06 -27.58
C VAL L 261 102.44 -58.94 -28.15
N ARG L 262 103.10 -57.82 -27.87
CA ARG L 262 104.45 -57.57 -28.36
C ARG L 262 105.34 -57.25 -27.15
N LEU L 263 106.03 -58.25 -26.66
CA LEU L 263 107.01 -57.94 -25.64
C LEU L 263 108.28 -57.41 -26.28
N PRO L 264 108.96 -56.49 -25.61
CA PRO L 264 110.26 -56.05 -26.10
C PRO L 264 111.32 -57.10 -25.78
N PRO L 265 112.49 -57.03 -26.40
CA PRO L 265 113.61 -57.85 -25.96
C PRO L 265 114.05 -57.45 -24.56
N PRO L 266 114.70 -58.36 -23.81
CA PRO L 266 114.92 -58.10 -22.37
C PRO L 266 115.89 -56.97 -22.07
N THR L 267 116.52 -56.35 -23.06
CA THR L 267 117.31 -55.16 -22.77
C THR L 267 116.41 -53.98 -22.41
N ASP L 268 115.26 -53.88 -23.06
CA ASP L 268 114.30 -52.83 -22.74
C ASP L 268 113.39 -53.28 -21.61
N SER L 269 112.70 -52.32 -21.02
CA SER L 269 111.77 -52.61 -19.94
C SER L 269 110.50 -53.22 -20.51
N SER L 270 110.19 -54.45 -20.08
CA SER L 270 109.01 -55.17 -20.55
C SER L 270 107.82 -54.97 -19.63
N VAL L 271 107.71 -53.81 -19.01
CA VAL L 271 106.74 -53.61 -17.94
C VAL L 271 105.39 -53.14 -18.46
N HIS L 272 105.31 -52.67 -19.70
CA HIS L 272 104.09 -52.08 -20.22
C HIS L 272 103.00 -53.10 -20.52
N ALA L 273 103.34 -54.39 -20.54
CA ALA L 273 102.35 -55.41 -20.84
C ALA L 273 101.69 -55.99 -19.59
N TYR L 274 102.34 -55.86 -18.44
CA TYR L 274 101.84 -56.40 -17.18
C TYR L 274 101.08 -55.35 -16.39
N LYS L 275 100.60 -54.31 -17.06
CA LYS L 275 99.75 -53.28 -16.47
C LYS L 275 98.48 -53.24 -17.31
N THR L 276 97.56 -54.12 -17.00
CA THR L 276 96.36 -54.25 -17.79
C THR L 276 95.09 -54.08 -16.97
N VAL L 277 95.03 -54.69 -15.79
CA VAL L 277 93.79 -54.86 -15.06
C VAL L 277 93.72 -53.93 -13.86
N LEU L 278 94.62 -54.09 -12.91
CA LEU L 278 94.56 -53.39 -11.62
C LEU L 278 95.73 -52.43 -11.47
N SER L 279 96.06 -51.72 -12.54
CA SER L 279 97.29 -50.93 -12.51
C SER L 279 97.07 -49.48 -12.90
N ARG L 280 96.06 -49.21 -13.73
CA ARG L 280 95.89 -47.88 -14.31
C ARG L 280 95.54 -46.85 -13.24
N GLY L 281 96.05 -45.64 -13.40
CA GLY L 281 95.92 -44.67 -12.35
C GLY L 281 97.16 -44.52 -11.49
N TYR L 282 97.18 -45.23 -10.37
CA TYR L 282 98.15 -45.00 -9.30
C TYR L 282 99.59 -45.31 -9.73
N ILE L 283 99.78 -46.26 -10.63
CA ILE L 283 101.12 -46.77 -10.89
C ILE L 283 101.84 -45.86 -11.87
N ASP L 284 103.17 -45.93 -11.86
CA ASP L 284 103.94 -45.17 -12.84
C ASP L 284 104.15 -46.00 -14.10
N ASN L 285 104.67 -45.34 -15.14
CA ASN L 285 104.95 -46.01 -16.39
C ASN L 285 106.20 -46.87 -16.34
N ALA L 286 106.92 -46.89 -15.22
CA ALA L 286 108.17 -47.61 -15.12
C ALA L 286 108.10 -48.84 -14.23
N GLN L 287 107.03 -49.05 -13.47
CA GLN L 287 106.93 -50.21 -12.60
C GLN L 287 105.60 -50.94 -12.79
N PHE L 288 105.63 -52.22 -12.43
CA PHE L 288 104.46 -53.08 -12.35
C PHE L 288 104.12 -53.32 -10.89
N ASN L 289 102.89 -53.73 -10.64
CA ASN L 289 102.49 -54.09 -9.29
C ASN L 289 102.68 -55.58 -9.10
N PRO L 290 103.53 -56.02 -8.17
CA PRO L 290 103.72 -57.46 -7.96
C PRO L 290 102.52 -58.13 -7.31
N LEU L 291 101.65 -57.38 -6.65
CA LEU L 291 100.47 -57.99 -6.06
C LEU L 291 99.39 -58.29 -7.10
N ALA L 292 99.42 -57.60 -8.24
CA ALA L 292 98.50 -57.86 -9.34
C ALA L 292 99.15 -58.73 -10.41
N LEU L 293 100.13 -59.54 -10.03
CA LEU L 293 100.93 -60.24 -11.02
C LEU L 293 100.18 -61.42 -11.63
N ARG L 294 99.44 -62.17 -10.81
CA ARG L 294 98.73 -63.34 -11.33
C ARG L 294 97.57 -62.95 -12.22
N SER L 295 97.00 -61.76 -12.02
CA SER L 295 95.96 -61.27 -12.91
C SER L 295 96.55 -60.77 -14.21
N ASN L 296 97.62 -59.98 -14.14
CA ASN L 296 98.17 -59.33 -15.33
C ASN L 296 98.90 -60.32 -16.23
N VAL L 297 99.44 -61.39 -15.65
CA VAL L 297 99.94 -62.48 -16.47
C VAL L 297 98.81 -63.18 -17.19
N LEU L 298 97.73 -63.47 -16.46
CA LEU L 298 96.59 -64.21 -17.00
C LEU L 298 95.92 -63.48 -18.14
N LEU L 299 95.87 -62.15 -18.09
CA LEU L 299 95.26 -61.41 -19.18
C LEU L 299 96.30 -60.93 -20.18
N MET L 300 97.57 -61.18 -19.94
CA MET L 300 98.53 -61.17 -21.03
C MET L 300 98.44 -62.45 -21.83
N LEU L 301 98.32 -63.58 -21.14
CA LEU L 301 98.20 -64.87 -21.81
C LEU L 301 96.87 -65.00 -22.51
N LEU L 302 95.83 -64.34 -22.00
CA LEU L 302 94.55 -64.30 -22.68
C LEU L 302 94.64 -63.51 -23.98
N GLN L 303 95.33 -62.36 -23.94
CA GLN L 303 95.56 -61.62 -25.17
C GLN L 303 96.59 -62.31 -26.05
N PHE L 304 97.47 -63.11 -25.46
CA PHE L 304 98.35 -63.96 -26.25
C PHE L 304 97.56 -65.03 -26.97
N THR L 305 96.56 -65.60 -26.30
CA THR L 305 95.76 -66.65 -26.90
C THR L 305 94.86 -66.09 -27.99
N LEU L 306 94.20 -64.97 -27.71
CA LEU L 306 93.27 -64.39 -28.67
C LEU L 306 93.95 -63.66 -29.80
N SER L 307 95.26 -63.42 -29.72
CA SER L 307 95.97 -62.86 -30.86
C SER L 307 96.23 -63.91 -31.93
N ASN L 308 96.13 -65.17 -31.58
CA ASN L 308 96.52 -66.27 -32.44
C ASN L 308 95.33 -67.17 -32.76
N LEU L 309 94.15 -66.57 -32.93
CA LEU L 309 92.97 -67.34 -33.30
C LEU L 309 92.73 -67.22 -34.80
N LYS L 310 93.60 -67.89 -35.56
CA LYS L 310 93.64 -67.73 -37.00
C LYS L 310 93.64 -69.08 -37.70
N ILE L 311 93.24 -69.05 -38.97
CA ILE L 311 93.21 -70.22 -39.83
C ILE L 311 94.47 -70.20 -40.69
N ASN L 312 95.14 -71.34 -40.78
CA ASN L 312 96.34 -71.47 -41.59
C ASN L 312 95.97 -71.76 -43.04
N LYS L 313 96.52 -70.98 -43.98
CA LYS L 313 96.04 -70.95 -45.35
C LYS L 313 96.83 -71.84 -46.30
N SER L 314 96.36 -71.90 -47.55
CA SER L 314 96.92 -72.78 -48.56
C SER L 314 98.26 -72.29 -49.06
N SER L 315 98.28 -71.10 -49.68
CA SER L 315 99.50 -70.36 -50.02
C SER L 315 100.47 -71.12 -50.92
N THR L 316 100.13 -71.24 -52.21
CA THR L 316 100.75 -72.11 -53.23
C THR L 316 102.27 -72.23 -53.19
N PHE L 317 102.78 -73.41 -53.50
CA PHE L 317 104.11 -73.83 -53.10
C PHE L 317 105.07 -73.66 -54.28
N THR L 318 106.36 -73.91 -54.02
CA THR L 318 107.37 -74.02 -55.07
C THR L 318 108.22 -75.25 -54.82
N SER L 319 108.51 -76.00 -55.88
CA SER L 319 109.43 -77.11 -55.77
C SER L 319 110.86 -76.60 -55.72
N ASP L 320 111.65 -77.17 -54.81
CA ASP L 320 112.99 -76.69 -54.53
C ASP L 320 113.99 -77.43 -55.40
N VAL L 321 114.87 -76.67 -56.05
CA VAL L 321 116.04 -77.24 -56.70
C VAL L 321 117.26 -76.73 -55.95
N THR L 322 117.68 -77.50 -54.95
CA THR L 322 118.83 -77.18 -54.11
C THR L 322 119.36 -78.51 -53.62
N THR L 323 120.70 -78.63 -53.53
CA THR L 323 121.36 -79.93 -53.51
C THR L 323 121.01 -80.79 -52.31
N ILE L 324 120.61 -80.17 -51.20
CA ILE L 324 120.19 -80.97 -50.05
C ILE L 324 118.67 -81.20 -50.05
N THR L 325 117.89 -80.26 -50.58
CA THR L 325 116.43 -80.38 -50.55
C THR L 325 115.86 -80.40 -51.96
N SER L 326 116.45 -81.18 -52.85
CA SER L 326 115.96 -81.26 -54.21
C SER L 326 114.65 -82.03 -54.26
N GLY L 327 113.77 -81.60 -55.16
CA GLY L 327 112.49 -82.25 -55.34
C GLY L 327 111.53 -82.08 -54.18
N ARG L 328 111.69 -81.01 -53.41
CA ARG L 328 110.90 -80.79 -52.21
C ARG L 328 110.06 -79.54 -52.38
N MET L 329 108.80 -79.60 -51.96
CA MET L 329 107.87 -78.49 -52.12
C MET L 329 107.89 -77.61 -50.88
N ILE L 330 108.29 -76.36 -51.06
CA ILE L 330 108.33 -75.38 -49.98
C ILE L 330 107.35 -74.27 -50.30
N ARG L 331 106.94 -73.55 -49.26
CA ARG L 331 105.98 -72.47 -49.43
C ARG L 331 106.66 -71.24 -50.03
N ALA L 332 105.85 -70.34 -50.57
CA ALA L 332 106.36 -69.28 -51.44
C ALA L 332 106.42 -67.91 -50.80
N PHE L 333 105.40 -67.53 -50.02
CA PHE L 333 105.27 -66.24 -49.33
C PHE L 333 105.28 -65.08 -50.33
N GLU L 334 104.22 -65.02 -51.14
CA GLU L 334 104.09 -64.01 -52.17
C GLU L 334 103.94 -62.60 -51.61
N GLY L 335 103.43 -62.46 -50.38
CA GLY L 335 103.25 -61.14 -49.80
C GLY L 335 104.57 -60.46 -49.48
N ARG L 336 105.43 -61.13 -48.72
CA ARG L 336 106.78 -60.68 -48.52
C ARG L 336 107.71 -61.89 -48.64
N PRO L 337 108.77 -61.79 -49.43
CA PRO L 337 109.66 -62.94 -49.62
C PRO L 337 110.67 -63.13 -48.51
N GLU L 338 110.70 -62.24 -47.52
CA GLU L 338 111.73 -62.30 -46.49
C GLU L 338 111.50 -63.45 -45.52
N LEU L 339 110.28 -63.99 -45.45
CA LEU L 339 109.99 -65.11 -44.59
C LEU L 339 110.51 -66.42 -45.14
N LEU L 340 110.88 -66.48 -46.42
CA LEU L 340 111.31 -67.73 -47.04
C LEU L 340 112.62 -68.23 -46.45
N ALA L 341 113.56 -67.32 -46.20
CA ALA L 341 114.78 -67.69 -45.51
C ALA L 341 114.53 -68.00 -44.04
N LEU L 342 113.44 -67.49 -43.48
CA LEU L 342 113.10 -67.75 -42.08
C LEU L 342 112.27 -69.00 -41.91
N ALA L 343 111.48 -69.38 -42.91
CA ALA L 343 110.51 -70.46 -42.72
C ALA L 343 111.18 -71.83 -42.69
N TYR L 344 112.30 -71.99 -43.39
CA TYR L 344 112.94 -73.30 -43.51
C TYR L 344 114.41 -73.19 -43.15
N PRO L 345 114.75 -73.31 -41.88
CA PRO L 345 116.15 -73.50 -41.52
C PRO L 345 116.62 -74.87 -41.95
N GLY L 346 117.92 -74.99 -42.18
CA GLY L 346 118.49 -76.20 -42.70
C GLY L 346 118.46 -76.31 -44.20
N ARG L 347 117.72 -75.44 -44.87
CA ARG L 347 117.66 -75.40 -46.32
C ARG L 347 118.76 -74.48 -46.83
N ALA L 348 119.63 -75.02 -47.69
CA ALA L 348 120.72 -74.30 -48.35
C ALA L 348 121.67 -73.65 -47.34
N VAL L 349 122.22 -74.48 -46.48
CA VAL L 349 123.10 -74.02 -45.42
C VAL L 349 124.46 -73.69 -46.00
N LEU L 350 124.95 -72.48 -45.72
CA LEU L 350 126.31 -72.14 -46.08
C LEU L 350 127.26 -72.97 -45.22
N PRO L 351 128.20 -73.71 -45.82
CA PRO L 351 128.96 -74.71 -45.08
C PRO L 351 130.05 -74.19 -44.16
N THR L 352 130.02 -72.89 -43.85
CA THR L 352 130.92 -72.33 -42.86
C THR L 352 130.67 -72.96 -41.49
N GLN L 353 131.70 -72.99 -40.67
CA GLN L 353 131.63 -73.64 -39.37
C GLN L 353 131.40 -72.57 -38.32
N THR L 354 130.14 -72.21 -38.14
CA THR L 354 129.73 -71.30 -37.09
C THR L 354 128.65 -71.97 -36.25
N LYS L 355 128.33 -71.37 -35.11
CA LYS L 355 127.31 -71.92 -34.21
C LYS L 355 125.93 -71.89 -34.86
N ASN L 356 125.71 -70.97 -35.79
CA ASN L 356 124.51 -71.02 -36.61
C ASN L 356 124.52 -72.25 -37.50
N ALA L 357 125.64 -72.54 -38.16
CA ALA L 357 125.66 -73.57 -39.18
C ALA L 357 126.25 -74.89 -38.71
N GLN L 358 126.81 -74.97 -37.50
CA GLN L 358 127.03 -76.27 -36.90
C GLN L 358 125.70 -76.94 -36.58
N PHE L 359 124.71 -76.14 -36.19
CA PHE L 359 123.40 -76.67 -35.87
C PHE L 359 122.66 -77.12 -37.12
N LEU L 360 122.61 -76.25 -38.13
CA LEU L 360 121.84 -76.53 -39.33
C LEU L 360 122.51 -77.57 -40.22
N SER L 361 123.74 -77.97 -39.93
CA SER L 361 124.33 -79.13 -40.57
C SER L 361 123.64 -80.42 -40.17
N THR L 362 122.97 -80.44 -39.02
CA THR L 362 122.28 -81.61 -38.53
C THR L 362 120.80 -81.61 -38.85
N ALA L 363 120.32 -80.61 -39.60
CA ALA L 363 118.92 -80.53 -39.95
C ALA L 363 118.59 -81.56 -41.03
N ILE L 364 117.47 -82.23 -40.85
CA ILE L 364 117.06 -83.31 -41.74
C ILE L 364 116.33 -82.73 -42.92
N ALA L 365 116.79 -83.05 -44.14
CA ALA L 365 116.17 -82.52 -45.35
C ALA L 365 114.82 -83.16 -45.64
N ASP L 366 114.52 -84.30 -45.02
CA ASP L 366 113.19 -84.88 -45.16
C ASP L 366 112.15 -84.07 -44.42
N ARG L 367 112.55 -83.28 -43.42
CA ARG L 367 111.62 -82.51 -42.63
C ARG L 367 111.30 -81.15 -43.24
N ILE L 368 112.19 -80.60 -44.05
CA ILE L 368 111.94 -79.33 -44.70
C ILE L 368 110.84 -79.50 -45.73
N GLY L 369 109.87 -78.59 -45.75
CA GLY L 369 108.84 -78.59 -46.76
C GLY L 369 107.54 -79.22 -46.28
N ARG L 370 106.74 -79.67 -47.24
CA ARG L 370 105.51 -80.36 -46.93
C ARG L 370 105.78 -81.86 -46.77
N LEU L 371 104.90 -82.52 -46.03
CA LEU L 371 105.16 -83.88 -45.57
C LEU L 371 104.44 -84.94 -46.40
N ASP L 372 103.55 -84.56 -47.30
CA ASP L 372 102.67 -85.54 -47.91
C ASP L 372 102.39 -85.16 -49.35
N ARG L 373 101.91 -86.13 -50.11
CA ARG L 373 101.44 -85.86 -51.46
C ARG L 373 100.17 -85.02 -51.43
N ALA L 374 99.92 -84.32 -52.52
CA ALA L 374 98.70 -83.55 -52.67
C ALA L 374 97.53 -84.50 -52.87
N ASN L 375 96.57 -84.48 -51.96
CA ASN L 375 95.54 -85.51 -51.92
C ASN L 375 94.16 -85.03 -52.35
N LEU L 376 93.62 -83.99 -51.71
CA LEU L 376 92.26 -83.54 -51.97
C LEU L 376 92.37 -82.33 -52.88
N ILE L 377 92.21 -82.55 -54.18
CA ILE L 377 92.61 -81.60 -55.21
C ILE L 377 91.37 -81.29 -56.04
N GLY L 378 90.78 -80.13 -55.81
CA GLY L 378 89.65 -79.72 -56.62
C GLY L 378 90.07 -79.00 -57.89
N GLY L 379 90.86 -77.95 -57.73
CA GLY L 379 91.16 -77.04 -58.82
C GLY L 379 92.64 -76.78 -59.00
N GLU L 380 93.43 -77.87 -58.93
CA GLU L 380 94.90 -77.94 -58.93
C GLU L 380 95.46 -77.46 -57.58
N VAL L 381 94.60 -77.20 -56.61
CA VAL L 381 94.99 -76.65 -55.31
C VAL L 381 94.56 -77.63 -54.24
N SER L 382 95.47 -77.94 -53.32
CA SER L 382 95.21 -78.92 -52.27
C SER L 382 94.24 -78.35 -51.23
N ALA L 383 93.39 -79.21 -50.70
CA ALA L 383 92.44 -78.76 -49.69
C ALA L 383 93.07 -78.66 -48.32
N MET L 384 94.04 -79.52 -48.01
CA MET L 384 94.81 -79.42 -46.78
C MET L 384 96.16 -80.10 -47.02
N VAL L 385 97.14 -79.71 -46.22
CA VAL L 385 98.51 -80.19 -46.42
C VAL L 385 99.25 -80.21 -45.09
N GLU L 386 99.88 -81.35 -44.78
CA GLU L 386 100.76 -81.47 -43.63
C GLU L 386 102.06 -80.76 -43.96
N CYS L 387 102.20 -79.53 -43.51
CA CYS L 387 103.43 -78.79 -43.71
C CYS L 387 104.28 -78.86 -42.45
N MET L 388 105.59 -78.80 -42.64
CA MET L 388 106.59 -78.89 -41.58
C MET L 388 107.54 -77.70 -41.70
N GLU L 389 106.97 -76.51 -41.72
CA GLU L 389 107.76 -75.29 -41.55
C GLU L 389 107.82 -74.94 -40.07
N LEU L 390 108.63 -73.93 -39.72
CA LEU L 390 108.80 -73.63 -38.31
C LEU L 390 107.58 -72.93 -37.74
N CYS L 391 107.21 -73.35 -36.54
CA CYS L 391 106.13 -72.75 -35.78
C CYS L 391 106.33 -73.15 -34.33
N ASP L 392 106.15 -72.19 -33.42
CA ASP L 392 106.15 -72.54 -32.02
C ASP L 392 104.93 -73.39 -31.71
N ALA L 393 105.14 -74.43 -30.90
CA ALA L 393 104.08 -75.36 -30.57
C ALA L 393 102.98 -74.72 -29.73
N LEU L 394 103.30 -73.63 -29.03
CA LEU L 394 102.28 -72.97 -28.22
C LEU L 394 101.26 -72.25 -29.09
N THR L 395 101.70 -71.63 -30.18
CA THR L 395 100.77 -71.02 -31.10
C THR L 395 100.06 -72.07 -31.94
N LEU L 396 100.79 -73.14 -32.31
CA LEU L 396 100.19 -74.25 -33.04
C LEU L 396 99.16 -74.97 -32.19
N HIS L 397 99.34 -75.00 -30.87
CA HIS L 397 98.30 -75.54 -30.01
C HIS L 397 97.06 -74.66 -30.02
N ILE L 398 97.24 -73.35 -30.19
CA ILE L 398 96.08 -72.45 -30.19
C ILE L 398 95.36 -72.49 -31.53
N ARG L 399 96.11 -72.34 -32.63
CA ARG L 399 95.51 -72.32 -33.97
C ARG L 399 94.93 -73.67 -34.39
N GLU L 400 95.32 -74.76 -33.74
CA GLU L 400 94.61 -76.02 -33.93
C GLU L 400 93.41 -76.12 -33.01
N THR L 401 93.47 -75.54 -31.81
CA THR L 401 92.31 -75.57 -30.93
C THR L 401 91.26 -74.60 -31.41
N TYR L 402 91.67 -73.47 -31.97
CA TYR L 402 90.73 -72.54 -32.58
C TYR L 402 90.03 -73.16 -33.78
N ILE L 403 90.70 -74.04 -34.50
CA ILE L 403 90.05 -74.61 -35.67
C ILE L 403 89.27 -75.86 -35.29
N MET L 404 89.51 -76.43 -34.10
CA MET L 404 88.56 -77.37 -33.55
C MET L 404 87.30 -76.66 -33.12
N LEU L 405 87.42 -75.41 -32.68
CA LEU L 405 86.25 -74.60 -32.34
C LEU L 405 85.39 -74.33 -33.56
N LEU L 406 86.03 -74.08 -34.71
CA LEU L 406 85.26 -73.79 -35.92
C LEU L 406 84.63 -75.04 -36.50
N ARG L 407 85.33 -76.17 -36.46
CA ARG L 407 84.72 -77.41 -36.92
C ARG L 407 83.72 -77.96 -35.92
N SER L 408 83.76 -77.51 -34.67
CA SER L 408 82.71 -77.87 -33.73
C SER L 408 81.41 -77.19 -34.09
N MET L 409 81.47 -75.95 -34.54
CA MET L 409 80.27 -75.19 -34.88
C MET L 409 79.90 -75.32 -36.35
N HIS L 410 80.43 -76.33 -37.05
CA HIS L 410 80.08 -76.51 -38.45
C HIS L 410 78.67 -77.04 -38.58
N GLN L 411 77.85 -76.33 -39.35
CA GLN L 411 76.54 -76.82 -39.76
C GLN L 411 76.65 -77.35 -41.17
N ASP L 412 76.18 -78.56 -41.38
CA ASP L 412 76.12 -79.21 -42.69
C ASP L 412 75.21 -78.40 -43.60
N PRO L 413 75.74 -77.78 -44.66
CA PRO L 413 74.94 -76.84 -45.45
C PRO L 413 73.88 -77.50 -46.31
N THR L 414 73.93 -78.82 -46.46
CA THR L 414 72.89 -79.52 -47.19
C THR L 414 71.64 -79.76 -46.35
N GLN L 415 71.71 -79.50 -45.05
CA GLN L 415 70.57 -79.67 -44.17
C GLN L 415 69.86 -78.37 -43.87
N ILE L 416 70.21 -77.29 -44.56
CA ILE L 416 69.56 -76.01 -44.36
C ILE L 416 68.12 -76.04 -44.87
N VAL L 417 67.84 -76.92 -45.84
CA VAL L 417 66.50 -77.07 -46.40
C VAL L 417 65.51 -77.56 -45.34
N GLN L 418 65.91 -78.57 -44.55
CA GLN L 418 65.04 -79.04 -43.49
C GLN L 418 64.95 -78.06 -42.33
N ILE L 419 65.95 -77.20 -42.16
CA ILE L 419 65.89 -76.18 -41.12
C ILE L 419 64.85 -75.13 -41.49
N VAL L 420 64.83 -74.70 -42.76
CA VAL L 420 63.93 -73.63 -43.18
C VAL L 420 62.48 -74.14 -43.20
N ASN L 421 62.27 -75.40 -43.57
CA ASN L 421 60.93 -75.98 -43.55
C ASN L 421 60.37 -76.08 -42.15
N GLU L 422 61.13 -76.67 -41.23
CA GLU L 422 60.61 -76.89 -39.89
C GLU L 422 60.53 -75.60 -39.09
N CYS L 423 61.33 -74.59 -39.43
CA CYS L 423 61.16 -73.27 -38.83
C CYS L 423 60.07 -72.46 -39.50
N ALA L 424 59.47 -72.95 -40.59
CA ALA L 424 58.36 -72.28 -41.22
C ALA L 424 57.05 -73.03 -41.08
N ASN L 425 57.07 -74.18 -40.41
CA ASN L 425 55.93 -75.10 -40.31
C ASN L 425 55.41 -75.50 -41.68
N ASN L 426 56.34 -75.78 -42.61
CA ASN L 426 56.07 -76.20 -43.98
C ASN L 426 55.23 -75.18 -44.74
N LEU L 427 55.46 -73.90 -44.49
CA LEU L 427 54.80 -72.85 -45.23
C LEU L 427 55.69 -72.24 -46.31
N LEU L 428 56.98 -72.56 -46.33
CA LEU L 428 57.90 -71.94 -47.25
C LEU L 428 59.07 -72.90 -47.43
N ASN L 429 59.10 -73.61 -48.56
CA ASN L 429 60.16 -74.55 -48.85
C ASN L 429 61.18 -73.89 -49.75
N SER L 430 62.43 -74.33 -49.63
CA SER L 430 63.49 -73.85 -50.49
C SER L 430 64.32 -75.03 -50.96
N THR L 431 65.06 -74.80 -52.05
CA THR L 431 66.06 -75.76 -52.53
C THR L 431 67.36 -75.01 -52.68
N ILE L 432 68.35 -75.36 -51.85
CA ILE L 432 69.62 -74.66 -51.85
C ILE L 432 70.70 -75.61 -52.37
N PRO L 433 71.16 -75.44 -53.62
CA PRO L 433 72.21 -76.31 -54.14
C PRO L 433 73.58 -75.88 -53.63
N ILE L 434 74.31 -76.83 -53.06
CA ILE L 434 75.68 -76.60 -52.63
C ILE L 434 76.57 -77.61 -53.33
N SER L 435 77.84 -77.27 -53.43
CA SER L 435 78.86 -78.18 -53.95
C SER L 435 79.61 -78.77 -52.78
N LEU L 436 79.51 -80.08 -52.61
CA LEU L 436 80.17 -80.75 -51.50
C LEU L 436 81.67 -80.80 -51.75
N ARG L 437 82.43 -80.11 -50.93
CA ARG L 437 83.86 -79.97 -51.03
C ARG L 437 84.54 -80.68 -49.88
N PRO L 438 85.81 -81.08 -50.03
CA PRO L 438 86.49 -81.70 -48.88
C PRO L 438 86.71 -80.74 -47.73
N THR L 439 87.04 -79.49 -48.01
CA THR L 439 87.15 -78.46 -46.98
C THR L 439 86.00 -77.49 -47.18
N ILE L 440 84.91 -77.75 -46.50
CA ILE L 440 83.74 -76.88 -46.46
C ILE L 440 83.59 -76.41 -45.02
N LEU L 441 83.32 -75.12 -44.85
CA LEU L 441 83.18 -74.55 -43.52
C LEU L 441 82.03 -73.57 -43.50
N CYS L 442 81.04 -73.84 -42.65
CA CYS L 442 79.89 -72.96 -42.47
C CYS L 442 79.62 -72.91 -40.97
N PRO L 443 80.29 -72.02 -40.26
CA PRO L 443 80.23 -72.05 -38.79
C PRO L 443 78.92 -71.53 -38.24
N TRP L 444 77.82 -72.22 -38.50
CA TRP L 444 76.47 -71.69 -38.30
C TRP L 444 75.70 -72.52 -37.28
N PHE L 445 76.38 -73.29 -36.44
CA PHE L 445 75.76 -74.28 -35.58
C PHE L 445 76.09 -74.02 -34.12
N ALA L 446 75.09 -74.18 -33.27
CA ALA L 446 75.28 -74.11 -31.83
C ALA L 446 74.38 -75.15 -31.18
N SER L 447 74.89 -75.80 -30.15
CA SER L 447 74.19 -76.92 -29.55
C SER L 447 73.00 -76.43 -28.73
N SER L 448 72.14 -77.37 -28.37
CA SER L 448 71.00 -77.08 -27.51
C SER L 448 71.46 -76.63 -26.13
N GLU L 449 72.60 -77.12 -25.66
CA GLU L 449 73.14 -76.68 -24.39
C GLU L 449 73.70 -75.26 -24.50
N ASP L 450 74.16 -74.88 -25.69
CA ASP L 450 74.90 -73.63 -25.83
C ASP L 450 73.96 -72.45 -25.98
N LEU L 451 72.83 -72.63 -26.66
CA LEU L 451 71.85 -71.56 -26.78
C LEU L 451 71.14 -71.27 -25.46
N ARG L 452 71.12 -72.24 -24.54
CA ARG L 452 70.57 -71.99 -23.22
C ARG L 452 71.43 -71.02 -22.43
N LEU L 453 72.75 -71.17 -22.52
CA LEU L 453 73.64 -70.27 -21.79
C LEU L 453 73.68 -68.90 -22.45
N GLN L 454 73.42 -68.84 -23.75
CA GLN L 454 73.22 -67.54 -24.39
C GLN L 454 71.96 -66.87 -23.85
N GLN L 455 70.91 -67.66 -23.61
CA GLN L 455 69.64 -67.09 -23.19
C GLN L 455 69.71 -66.57 -21.76
N VAL L 456 70.44 -67.27 -20.90
CA VAL L 456 70.66 -66.77 -19.54
C VAL L 456 71.55 -65.53 -19.58
N MET L 457 72.48 -65.47 -20.52
CA MET L 457 73.40 -64.35 -20.56
C MET L 457 72.73 -63.07 -21.04
N HIS L 458 71.73 -63.19 -21.93
CA HIS L 458 70.86 -62.05 -22.18
C HIS L 458 70.09 -61.67 -20.93
N LEU L 459 69.63 -62.67 -20.18
CA LEU L 459 68.85 -62.43 -18.99
C LEU L 459 69.71 -61.86 -17.85
N VAL L 460 71.03 -62.06 -17.89
CA VAL L 460 71.91 -61.37 -16.96
C VAL L 460 72.14 -59.93 -17.42
N ASN L 461 72.28 -59.72 -18.73
CA ASN L 461 72.57 -58.40 -19.23
C ASN L 461 71.39 -57.45 -19.11
N ILE L 462 70.16 -58.00 -19.15
CA ILE L 462 68.98 -57.15 -19.02
C ILE L 462 68.81 -56.71 -17.57
N SER L 463 68.58 -57.67 -16.66
CA SER L 463 68.71 -57.50 -15.22
C SER L 463 67.76 -56.45 -14.64
N SER L 464 66.46 -56.66 -14.87
CA SER L 464 65.37 -55.78 -14.39
C SER L 464 65.53 -54.35 -14.87
N ASN L 465 66.08 -54.19 -16.07
CA ASN L 465 66.03 -52.92 -16.77
C ASN L 465 64.90 -53.05 -17.78
N THR L 466 63.78 -52.38 -17.51
CA THR L 466 62.64 -52.46 -18.40
C THR L 466 62.92 -51.80 -19.73
N ALA L 467 63.86 -50.85 -19.76
CA ALA L 467 64.33 -50.30 -21.03
C ALA L 467 65.11 -51.31 -21.86
N ALA L 468 65.61 -52.38 -21.26
CA ALA L 468 66.31 -53.42 -21.99
C ALA L 468 65.39 -54.54 -22.45
N ALA L 469 64.42 -54.93 -21.63
CA ALA L 469 63.56 -56.05 -21.97
C ALA L 469 62.50 -55.69 -23.00
N LEU L 470 62.02 -54.46 -22.97
CA LEU L 470 60.96 -53.97 -23.84
C LEU L 470 61.26 -53.94 -25.35
N PRO L 471 62.49 -53.66 -25.84
CA PRO L 471 62.70 -53.76 -27.29
C PRO L 471 62.67 -55.18 -27.83
N LEU L 472 62.72 -56.19 -26.98
CA LEU L 472 62.54 -57.55 -27.46
C LEU L 472 61.09 -57.81 -27.83
N VAL L 473 60.15 -57.17 -27.13
CA VAL L 473 58.74 -57.29 -27.49
C VAL L 473 58.25 -56.12 -28.30
N GLU L 474 59.13 -55.15 -28.58
CA GLU L 474 58.80 -54.13 -29.56
C GLU L 474 59.36 -54.45 -30.93
N ALA L 475 60.41 -55.27 -30.99
CA ALA L 475 60.85 -55.79 -32.27
C ALA L 475 59.90 -56.87 -32.77
N LEU L 476 59.53 -57.80 -31.89
CA LEU L 476 58.61 -58.88 -32.28
C LEU L 476 57.23 -58.34 -32.59
N SER L 477 56.81 -57.27 -31.91
CA SER L 477 55.56 -56.60 -32.28
C SER L 477 55.67 -55.95 -33.65
N THR L 478 56.84 -55.40 -33.98
CA THR L 478 57.06 -54.81 -35.29
C THR L 478 57.04 -55.88 -36.37
N LEU L 479 57.62 -57.05 -36.07
CA LEU L 479 57.57 -58.17 -37.02
C LEU L 479 56.18 -58.76 -37.12
N LEU L 480 55.44 -58.82 -36.02
CA LEU L 480 54.08 -59.37 -36.07
C LEU L 480 53.12 -58.47 -36.84
N ARG L 481 53.34 -57.16 -36.86
CA ARG L 481 52.43 -56.29 -37.58
C ARG L 481 52.63 -56.36 -39.09
N SER L 482 53.80 -56.77 -39.55
CA SER L 482 54.06 -56.91 -40.98
C SER L 482 53.76 -58.30 -41.51
N VAL L 483 53.80 -59.31 -40.66
CA VAL L 483 53.54 -60.67 -41.09
C VAL L 483 52.05 -60.95 -41.19
N THR L 484 51.27 -60.37 -40.27
CA THR L 484 49.90 -60.80 -40.04
C THR L 484 48.98 -60.49 -41.23
N PRO L 485 47.98 -61.35 -41.47
CA PRO L 485 46.95 -61.04 -42.47
C PRO L 485 45.78 -60.26 -41.90
N LEU L 486 45.85 -59.85 -40.65
CA LEU L 486 44.72 -59.28 -39.94
C LEU L 486 44.86 -57.76 -39.92
N VAL L 487 43.89 -57.08 -40.51
CA VAL L 487 43.83 -55.63 -40.47
C VAL L 487 42.90 -55.27 -39.33
N LEU L 488 43.14 -54.12 -38.71
CA LEU L 488 42.37 -53.65 -37.57
C LEU L 488 41.55 -52.45 -38.01
N ASP L 489 40.25 -52.65 -38.17
CA ASP L 489 39.38 -51.62 -38.73
C ASP L 489 38.13 -51.51 -37.87
N PRO L 490 38.04 -50.47 -37.03
CA PRO L 490 36.91 -50.35 -36.12
C PRO L 490 35.66 -49.73 -36.73
N THR L 491 35.59 -49.59 -38.06
CA THR L 491 34.43 -48.97 -38.67
C THR L 491 33.22 -49.89 -38.65
N VAL L 492 33.44 -51.21 -38.66
CA VAL L 492 32.32 -52.14 -38.48
C VAL L 492 31.81 -52.05 -37.05
N LEU L 493 32.72 -51.86 -36.08
CA LEU L 493 32.30 -51.58 -34.71
C LEU L 493 31.63 -50.22 -34.63
N THR L 494 32.11 -49.25 -35.39
CA THR L 494 31.53 -47.92 -35.41
C THR L 494 30.11 -47.94 -35.97
N ASN L 495 29.88 -48.74 -37.00
CA ASN L 495 28.55 -48.88 -37.59
C ASN L 495 27.58 -49.62 -36.67
N ALA L 496 28.06 -50.24 -35.61
CA ALA L 496 27.19 -50.90 -34.64
C ALA L 496 27.05 -50.13 -33.34
N ILE L 497 27.98 -49.24 -33.02
CA ILE L 497 27.98 -48.58 -31.72
C ILE L 497 27.58 -47.11 -31.80
N THR L 498 27.70 -46.48 -32.97
CA THR L 498 27.37 -45.06 -33.10
C THR L 498 25.91 -44.86 -33.45
N THR L 499 25.31 -45.82 -34.15
CA THR L 499 23.91 -45.72 -34.59
C THR L 499 22.92 -45.74 -33.43
N ILE L 500 23.33 -46.20 -32.25
CA ILE L 500 22.46 -46.18 -31.08
C ILE L 500 23.14 -45.48 -29.92
N SER L 501 24.03 -44.52 -30.24
CA SER L 501 24.65 -43.66 -29.24
C SER L 501 24.08 -42.25 -29.26
N GLU L 502 23.47 -41.84 -30.39
CA GLU L 502 22.53 -40.72 -30.55
C GLU L 502 23.15 -39.33 -30.51
N SER L 503 24.41 -39.22 -30.06
CA SER L 503 25.24 -38.00 -30.10
C SER L 503 24.69 -36.77 -29.37
N THR L 504 23.52 -36.90 -28.74
CA THR L 504 22.75 -35.84 -28.09
C THR L 504 21.99 -36.50 -26.93
N THR L 505 20.92 -35.83 -26.47
CA THR L 505 19.81 -36.35 -25.64
C THR L 505 20.25 -37.23 -24.46
N GLN L 506 20.71 -36.56 -23.39
CA GLN L 506 21.41 -37.14 -22.23
C GLN L 506 22.73 -37.77 -22.65
N THR L 507 23.64 -36.87 -23.04
CA THR L 507 25.00 -37.20 -23.48
C THR L 507 25.89 -37.79 -22.39
N ILE L 508 25.41 -37.88 -21.14
CA ILE L 508 26.27 -38.25 -20.02
C ILE L 508 26.64 -39.73 -20.11
N SER L 509 25.66 -40.59 -20.31
CA SER L 509 25.94 -42.03 -20.30
C SER L 509 26.60 -42.56 -21.59
N PRO L 510 26.04 -42.38 -22.83
CA PRO L 510 26.64 -43.12 -23.97
C PRO L 510 27.93 -42.52 -24.50
N ILE L 511 28.08 -41.19 -24.41
CA ILE L 511 29.22 -40.55 -25.03
C ILE L 511 30.46 -40.65 -24.15
N SER L 512 30.29 -40.75 -22.83
CA SER L 512 31.42 -40.85 -21.92
C SER L 512 32.18 -42.18 -22.04
N GLU L 513 31.62 -43.17 -22.74
CA GLU L 513 32.32 -44.42 -22.97
C GLU L 513 32.48 -44.73 -24.46
N ILE L 514 32.48 -43.71 -25.29
CA ILE L 514 33.00 -43.82 -26.64
C ILE L 514 34.28 -43.01 -26.82
N LEU L 515 34.52 -41.99 -25.99
CA LEU L 515 35.78 -41.26 -26.03
C LEU L 515 36.93 -42.11 -25.53
N ARG L 516 36.67 -43.05 -24.61
CA ARG L 516 37.68 -43.99 -24.20
C ARG L 516 37.97 -45.04 -25.26
N LEU L 517 37.12 -45.15 -26.28
CA LEU L 517 37.20 -46.25 -27.23
C LEU L 517 37.42 -45.79 -28.65
N LEU L 518 36.62 -44.84 -29.15
CA LEU L 518 36.52 -44.65 -30.59
C LEU L 518 36.64 -43.20 -31.05
N GLN L 519 36.26 -42.25 -30.18
CA GLN L 519 35.90 -40.92 -30.64
C GLN L 519 37.04 -40.10 -31.26
N PRO L 520 38.31 -40.06 -30.72
CA PRO L 520 39.37 -39.47 -31.54
C PRO L 520 39.67 -40.29 -32.80
N MET L 521 40.11 -41.53 -32.61
CA MET L 521 40.45 -42.51 -33.64
C MET L 521 40.47 -43.88 -32.96
N GLY L 522 41.01 -44.88 -33.63
CA GLY L 522 41.43 -46.09 -32.97
C GLY L 522 42.75 -45.84 -32.25
N ASN L 523 43.67 -45.19 -32.98
CA ASN L 523 44.83 -44.37 -32.59
C ASN L 523 45.97 -45.08 -31.85
N ASP L 524 45.80 -46.36 -31.51
CA ASP L 524 46.92 -47.15 -30.98
C ASP L 524 46.64 -48.62 -31.21
N TYR L 525 47.48 -49.26 -32.02
CA TYR L 525 47.37 -50.68 -32.29
C TYR L 525 48.56 -51.47 -31.81
N ALA L 526 49.66 -50.82 -31.43
CA ALA L 526 50.82 -51.52 -30.90
C ALA L 526 50.75 -51.63 -29.38
N ALA L 527 49.60 -52.07 -28.92
CA ALA L 527 49.33 -52.54 -27.57
C ALA L 527 48.68 -53.90 -27.60
N PHE L 528 47.82 -54.15 -28.58
CA PHE L 528 47.39 -55.50 -28.89
C PHE L 528 48.57 -56.35 -29.34
N TRP L 529 49.32 -55.87 -30.33
CA TRP L 529 50.49 -56.61 -30.80
C TRP L 529 51.62 -56.58 -29.80
N LYS L 530 51.62 -55.62 -28.88
CA LYS L 530 52.61 -55.62 -27.82
C LYS L 530 52.28 -56.68 -26.77
N CYS L 531 51.00 -57.03 -26.62
CA CYS L 531 50.64 -58.12 -25.71
C CYS L 531 51.01 -59.47 -26.30
N ILE L 532 50.90 -59.63 -27.61
CA ILE L 532 51.18 -60.91 -28.23
C ILE L 532 52.68 -61.18 -28.24
N ALA L 533 53.48 -60.14 -28.52
CA ALA L 533 54.92 -60.28 -28.46
C ALA L 533 55.40 -60.51 -27.04
N SER L 534 54.64 -60.04 -26.05
CA SER L 534 55.00 -60.28 -24.67
C SER L 534 54.71 -61.71 -24.23
N TRP L 535 53.85 -62.44 -24.96
CA TRP L 535 53.59 -63.82 -24.62
C TRP L 535 54.78 -64.71 -24.90
N ALA L 536 55.48 -64.45 -26.01
CA ALA L 536 56.68 -65.22 -26.31
C ALA L 536 57.77 -64.92 -25.28
N TYR L 537 57.90 -63.66 -24.90
CA TYR L 537 58.90 -63.25 -23.92
C TYR L 537 58.29 -63.09 -22.54
N ASN L 538 57.36 -63.98 -22.21
CA ASN L 538 56.90 -64.15 -20.85
C ASN L 538 58.07 -64.51 -19.94
N GLY L 539 58.01 -64.05 -18.70
CA GLY L 539 59.11 -64.29 -17.78
C GLY L 539 60.20 -63.25 -17.87
N LEU L 540 60.41 -62.69 -19.07
CA LEU L 540 61.27 -61.54 -19.23
C LEU L 540 60.50 -60.25 -19.03
N VAL L 541 59.28 -60.18 -19.56
CA VAL L 541 58.42 -59.01 -19.42
C VAL L 541 56.96 -59.46 -19.45
N THR L 542 56.22 -59.07 -18.42
CA THR L 542 54.80 -59.36 -18.34
C THR L 542 54.01 -58.10 -18.66
N THR L 543 52.93 -58.27 -19.41
CA THR L 543 52.10 -57.15 -19.84
C THR L 543 50.91 -57.04 -18.88
N VAL L 544 51.11 -56.35 -17.77
CA VAL L 544 50.07 -56.26 -16.75
C VAL L 544 49.00 -55.28 -17.19
N LEU L 545 47.85 -55.37 -16.53
CA LEU L 545 46.82 -54.35 -16.65
C LEU L 545 47.33 -53.05 -16.06
N SER L 546 46.96 -51.93 -16.70
CA SER L 546 47.60 -50.67 -16.38
C SER L 546 47.11 -50.12 -15.04
N GLU L 547 47.85 -49.14 -14.52
CA GLU L 547 47.52 -48.50 -13.26
C GLU L 547 46.18 -47.76 -13.37
N ASP L 548 45.94 -47.11 -14.51
CA ASP L 548 44.74 -46.32 -14.73
C ASP L 548 43.57 -47.15 -15.22
N ALA L 549 43.76 -48.44 -15.42
CA ALA L 549 42.68 -49.29 -15.92
C ALA L 549 41.63 -49.55 -14.86
N PHE L 550 42.02 -49.51 -13.59
CA PHE L 550 41.08 -50.02 -12.61
C PHE L 550 40.16 -48.91 -12.16
N PRO L 551 38.88 -49.20 -11.93
CA PRO L 551 38.04 -48.26 -11.20
C PRO L 551 38.48 -48.20 -9.75
N ASP L 552 38.44 -47.00 -9.17
CA ASP L 552 38.89 -46.81 -7.80
C ASP L 552 37.96 -47.50 -6.82
N SER L 553 38.55 -47.99 -5.73
CA SER L 553 37.80 -48.82 -4.78
C SER L 553 37.06 -47.98 -3.75
N SER L 554 36.35 -46.98 -4.23
CA SER L 554 35.38 -46.23 -3.46
C SER L 554 34.15 -45.89 -4.28
N GLN L 555 34.26 -45.87 -5.60
CA GLN L 555 33.12 -45.69 -6.48
C GLN L 555 32.27 -46.95 -6.49
N SER L 556 30.97 -46.78 -6.39
CA SER L 556 30.08 -47.92 -6.45
C SER L 556 29.85 -48.36 -7.89
N ILE L 557 29.17 -49.51 -8.03
CA ILE L 557 28.92 -50.09 -9.34
C ILE L 557 27.87 -49.31 -10.11
N THR L 558 27.00 -48.56 -9.42
CA THR L 558 25.92 -47.82 -10.07
C THR L 558 26.42 -46.66 -10.92
N HIS L 559 27.67 -46.27 -10.80
CA HIS L 559 28.27 -45.27 -11.68
C HIS L 559 28.57 -45.92 -13.03
N LEU L 560 27.92 -45.43 -14.08
CA LEU L 560 28.07 -46.04 -15.40
C LEU L 560 29.47 -45.92 -16.02
N PRO L 561 30.21 -44.80 -15.93
CA PRO L 561 31.59 -44.85 -16.45
C PRO L 561 32.53 -45.71 -15.63
N SER L 562 32.12 -46.18 -14.46
CA SER L 562 32.95 -47.04 -13.63
C SER L 562 32.68 -48.51 -13.85
N MET L 563 31.63 -48.89 -14.57
CA MET L 563 31.44 -50.29 -14.90
C MET L 563 31.94 -50.66 -16.28
N TRP L 564 31.93 -49.71 -17.23
CA TRP L 564 32.60 -49.93 -18.49
C TRP L 564 34.11 -49.97 -18.31
N LYS L 565 34.60 -49.24 -17.30
CA LYS L 565 36.00 -49.32 -16.93
C LYS L 565 36.34 -50.67 -16.32
N CYS L 566 35.35 -51.36 -15.75
CA CYS L 566 35.49 -52.74 -15.30
C CYS L 566 35.18 -53.74 -16.39
N LEU L 567 34.30 -53.38 -17.33
CA LEU L 567 33.95 -54.28 -18.42
C LEU L 567 35.12 -54.43 -19.39
N PHE L 568 35.73 -53.31 -19.77
CA PHE L 568 36.86 -53.33 -20.68
C PHE L 568 38.07 -53.98 -20.03
N LEU L 569 38.12 -53.94 -18.71
CA LEU L 569 39.14 -54.64 -17.97
C LEU L 569 38.98 -56.15 -18.09
N THR L 570 37.73 -56.63 -17.98
CA THR L 570 37.47 -58.06 -17.95
C THR L 570 37.77 -58.71 -19.29
N LEU L 571 37.37 -58.06 -20.38
CA LEU L 571 37.66 -58.61 -21.70
C LEU L 571 39.14 -58.58 -22.01
N ALA L 572 39.87 -57.61 -21.48
CA ALA L 572 41.32 -57.58 -21.64
C ALA L 572 42.05 -58.39 -20.57
N GLY L 573 41.32 -59.18 -19.79
CA GLY L 573 41.90 -60.05 -18.80
C GLY L 573 42.77 -61.16 -19.37
N PRO L 574 42.19 -62.11 -20.11
CA PRO L 574 42.98 -63.23 -20.65
C PRO L 574 43.98 -62.82 -21.72
N MET L 575 43.89 -61.60 -22.24
CA MET L 575 44.86 -61.13 -23.20
C MET L 575 46.22 -60.85 -22.56
N THR L 576 46.23 -60.59 -21.25
CA THR L 576 47.45 -60.21 -20.55
C THR L 576 48.19 -61.44 -20.05
N SER L 577 49.51 -61.35 -20.05
CA SER L 577 50.36 -62.42 -19.54
C SER L 577 50.64 -62.29 -18.05
N ASP L 578 50.02 -61.34 -17.39
CA ASP L 578 50.07 -61.23 -15.94
C ASP L 578 49.36 -62.44 -15.35
N PRO L 579 50.01 -63.24 -14.51
CA PRO L 579 49.31 -64.39 -13.90
C PRO L 579 48.36 -64.00 -12.80
N HIS L 580 48.34 -62.74 -12.38
CA HIS L 580 47.36 -62.25 -11.43
C HIS L 580 46.21 -61.54 -12.10
N SER L 581 46.15 -61.61 -13.43
CA SER L 581 45.00 -61.09 -14.16
C SER L 581 43.64 -61.66 -13.77
N PRO L 582 43.45 -62.97 -13.48
CA PRO L 582 42.10 -63.40 -13.07
C PRO L 582 41.65 -62.86 -11.73
N VAL L 583 42.58 -62.44 -10.88
CA VAL L 583 42.20 -61.89 -9.59
C VAL L 583 41.96 -60.39 -9.69
N LYS L 584 42.78 -59.70 -10.48
CA LYS L 584 42.58 -58.27 -10.71
C LYS L 584 41.28 -58.01 -11.45
N VAL L 585 40.89 -58.93 -12.34
CA VAL L 585 39.58 -58.84 -12.98
C VAL L 585 38.47 -59.09 -11.97
N PHE L 586 38.65 -60.09 -11.11
CA PHE L 586 37.62 -60.40 -10.11
C PHE L 586 37.51 -59.31 -9.06
N MET L 587 38.64 -58.81 -8.57
CA MET L 587 38.61 -57.89 -7.45
C MET L 587 38.11 -56.51 -7.88
N ALA L 588 38.31 -56.14 -9.14
CA ALA L 588 37.86 -54.85 -9.62
C ALA L 588 36.35 -54.78 -9.67
N LEU L 589 35.67 -55.86 -10.06
CA LEU L 589 34.24 -55.89 -9.89
C LEU L 589 33.88 -56.01 -8.42
N ALA L 590 34.65 -56.78 -7.66
CA ALA L 590 34.43 -56.90 -6.22
C ALA L 590 34.64 -55.60 -5.47
N ASN L 591 35.45 -54.68 -6.01
CA ASN L 591 35.56 -53.36 -5.41
C ASN L 591 34.29 -52.56 -5.63
N LEU L 592 33.63 -52.74 -6.78
CA LEU L 592 32.54 -51.87 -7.17
C LEU L 592 31.25 -52.13 -6.40
N LEU L 593 31.11 -53.30 -5.79
CA LEU L 593 29.87 -53.67 -5.13
C LEU L 593 30.10 -54.10 -3.68
N ALA L 594 30.81 -53.26 -2.93
CA ALA L 594 31.07 -53.56 -1.51
C ALA L 594 29.79 -53.52 -0.69
N GLN L 595 29.01 -52.45 -0.79
CA GLN L 595 27.76 -52.43 -0.04
C GLN L 595 26.66 -53.31 -0.62
N PRO L 596 26.34 -53.32 -1.94
CA PRO L 596 25.28 -54.24 -2.38
C PRO L 596 25.66 -55.70 -2.32
N GLU L 597 26.95 -56.05 -2.40
CA GLU L 597 27.39 -57.42 -2.27
C GLU L 597 28.46 -57.49 -1.18
N PRO L 598 28.05 -57.53 0.09
CA PRO L 598 29.04 -57.55 1.17
C PRO L 598 29.68 -58.91 1.35
N ILE L 599 30.71 -59.19 0.57
CA ILE L 599 31.46 -60.42 0.67
C ILE L 599 32.56 -60.24 1.71
N ALA L 600 33.00 -61.34 2.31
CA ALA L 600 34.17 -61.35 3.16
C ALA L 600 35.31 -62.00 2.40
N ILE L 601 36.53 -61.51 2.63
CA ILE L 601 37.72 -61.97 1.93
C ILE L 601 38.71 -62.50 2.95
N GLY L 602 39.17 -63.73 2.76
CA GLY L 602 39.93 -64.46 3.74
C GLY L 602 41.39 -64.11 3.88
N VAL L 603 41.93 -63.22 3.06
CA VAL L 603 43.32 -62.80 3.27
C VAL L 603 43.37 -61.88 4.49
N PRO L 604 44.33 -62.06 5.40
CA PRO L 604 44.29 -61.31 6.66
C PRO L 604 44.67 -59.85 6.51
N GLY L 605 43.97 -59.00 7.28
CA GLY L 605 44.21 -57.58 7.32
C GLY L 605 43.77 -56.81 6.10
N MET L 606 43.14 -57.47 5.12
CA MET L 606 42.86 -56.88 3.83
C MET L 606 41.41 -57.17 3.47
N HIS L 607 40.69 -56.15 3.00
CA HIS L 607 39.25 -56.21 2.91
C HIS L 607 38.78 -56.05 1.46
N GLN L 608 37.47 -55.93 1.30
CA GLN L 608 36.89 -55.78 -0.03
C GLN L 608 37.10 -54.37 -0.57
N THR L 609 37.45 -53.41 0.28
CA THR L 609 37.80 -52.09 -0.20
C THR L 609 39.24 -51.99 -0.69
N THR L 610 40.01 -53.06 -0.58
CA THR L 610 41.39 -53.05 -1.06
C THR L 610 41.39 -53.13 -2.58
N PRO L 611 42.09 -52.23 -3.27
CA PRO L 611 41.99 -52.17 -4.73
C PRO L 611 42.62 -53.37 -5.40
N ALA L 612 42.26 -53.55 -6.67
CA ALA L 612 42.78 -54.67 -7.44
C ALA L 612 44.23 -54.48 -7.87
N SER L 613 44.79 -53.28 -7.73
CA SER L 613 46.21 -53.09 -8.00
C SER L 613 47.08 -53.79 -6.99
N GLN L 614 46.58 -53.94 -5.76
CA GLN L 614 47.34 -54.61 -4.71
C GLN L 614 47.49 -56.09 -4.98
N PHE L 615 46.44 -56.74 -5.50
CA PHE L 615 46.44 -58.20 -5.59
C PHE L 615 47.37 -58.68 -6.70
N SER L 616 48.65 -58.81 -6.36
CA SER L 616 49.66 -59.24 -7.33
C SER L 616 50.56 -60.32 -6.73
N HIS L 617 50.14 -60.95 -5.65
CA HIS L 617 50.89 -62.03 -5.03
C HIS L 617 49.93 -63.19 -4.79
N PRO L 618 50.39 -64.43 -4.99
CA PRO L 618 49.47 -65.58 -4.92
C PRO L 618 48.93 -65.89 -3.54
N GLY L 619 49.54 -65.37 -2.49
CA GLY L 619 48.98 -65.57 -1.16
C GLY L 619 47.89 -64.61 -0.80
N VAL L 620 47.56 -63.71 -1.71
CA VAL L 620 46.58 -62.65 -1.48
C VAL L 620 45.32 -62.91 -2.29
N TRP L 621 45.24 -64.06 -2.95
CA TRP L 621 44.03 -64.38 -3.69
C TRP L 621 42.90 -64.71 -2.72
N PRO L 622 41.71 -64.18 -2.95
CA PRO L 622 40.59 -64.46 -2.04
C PRO L 622 40.15 -65.90 -2.16
N PRO L 623 39.87 -66.56 -1.02
CA PRO L 623 39.41 -67.96 -1.08
C PRO L 623 38.02 -68.10 -1.67
N GLY L 624 37.22 -67.03 -1.68
CA GLY L 624 35.98 -67.07 -2.42
C GLY L 624 36.22 -67.11 -3.92
N PHE L 625 37.32 -66.54 -4.38
CA PHE L 625 37.74 -66.72 -5.77
C PHE L 625 38.40 -68.06 -5.98
N LEU L 626 39.16 -68.55 -4.99
CA LEU L 626 39.78 -69.86 -5.07
C LEU L 626 38.73 -70.96 -5.07
N ASN L 627 37.91 -70.98 -4.03
CA ASN L 627 36.77 -71.87 -3.95
C ASN L 627 35.52 -71.04 -4.22
N PRO L 628 34.88 -71.19 -5.39
CA PRO L 628 33.63 -70.45 -5.63
C PRO L 628 32.48 -70.87 -4.76
N GLN L 629 32.55 -72.05 -4.11
CA GLN L 629 31.50 -72.46 -3.21
C GLN L 629 31.54 -71.73 -1.87
N LEU L 630 32.58 -70.94 -1.60
CA LEU L 630 32.62 -70.12 -0.39
C LEU L 630 31.83 -68.83 -0.50
N ILE L 631 31.23 -68.56 -1.66
CA ILE L 631 30.38 -67.39 -1.83
C ILE L 631 28.93 -67.85 -1.80
N ASN L 632 28.12 -67.20 -0.97
CA ASN L 632 26.71 -67.54 -0.89
C ASN L 632 25.99 -67.03 -2.15
N PRO L 633 25.30 -67.89 -2.89
CA PRO L 633 24.73 -67.46 -4.18
C PRO L 633 23.53 -66.54 -4.04
N GLN L 634 22.89 -66.47 -2.88
CA GLN L 634 21.82 -65.52 -2.69
C GLN L 634 22.24 -64.27 -1.92
N GLN L 635 23.38 -64.32 -1.24
CA GLN L 635 23.89 -63.11 -0.59
C GLN L 635 24.66 -62.24 -1.59
N ALA L 636 25.50 -62.87 -2.42
CA ALA L 636 26.25 -62.18 -3.45
C ALA L 636 26.05 -62.90 -4.77
N PRO L 637 24.91 -62.69 -5.45
CA PRO L 637 24.65 -63.42 -6.69
C PRO L 637 25.50 -62.97 -7.86
N LEU L 638 25.95 -61.73 -7.87
CA LEU L 638 26.84 -61.30 -8.95
C LEU L 638 28.25 -61.82 -8.75
N LEU L 639 28.76 -61.78 -7.52
CA LEU L 639 30.06 -62.36 -7.25
C LEU L 639 30.05 -63.87 -7.29
N ARG L 640 28.88 -64.49 -7.10
CA ARG L 640 28.78 -65.93 -7.28
C ARG L 640 29.04 -66.32 -8.72
N ALA L 641 28.38 -65.64 -9.66
CA ALA L 641 28.51 -66.00 -11.05
C ALA L 641 29.80 -65.47 -11.66
N PHE L 642 30.31 -64.34 -11.19
CA PHE L 642 31.51 -63.77 -11.78
C PHE L 642 32.76 -64.52 -11.37
N ALA L 643 32.78 -65.07 -10.16
CA ALA L 643 33.83 -66.03 -9.81
C ALA L 643 33.65 -67.32 -10.59
N GLU L 644 32.41 -67.72 -10.82
CA GLU L 644 32.11 -68.88 -11.65
C GLU L 644 32.43 -68.60 -13.12
N HIS L 645 32.29 -67.35 -13.55
CA HIS L 645 32.64 -66.98 -14.91
C HIS L 645 34.14 -67.07 -15.16
N ILE L 646 34.93 -66.57 -14.20
CA ILE L 646 36.38 -66.61 -14.38
C ILE L 646 36.91 -68.03 -14.16
N ARG L 647 36.26 -68.83 -13.32
CA ARG L 647 36.69 -70.21 -13.10
C ARG L 647 36.48 -71.07 -14.34
N ALA L 648 35.44 -70.80 -15.12
CA ALA L 648 35.07 -71.66 -16.23
C ALA L 648 35.44 -71.10 -17.59
N ASN L 649 35.16 -69.82 -17.84
CA ASN L 649 35.35 -69.26 -19.17
C ASN L 649 36.76 -68.78 -19.43
N TRP L 650 37.65 -68.85 -18.45
CA TRP L 650 39.03 -68.46 -18.69
C TRP L 650 39.70 -69.50 -19.57
N PRO L 651 40.50 -69.09 -20.55
CA PRO L 651 41.07 -70.05 -21.48
C PRO L 651 42.15 -70.91 -20.88
N GLN L 652 42.08 -72.19 -21.18
CA GLN L 652 43.10 -73.14 -20.75
C GLN L 652 44.34 -72.96 -21.63
N PRO L 653 45.51 -72.72 -21.05
CA PRO L 653 46.70 -72.50 -21.88
C PRO L 653 47.20 -73.79 -22.50
N SER L 654 47.79 -73.66 -23.68
CA SER L 654 48.29 -74.80 -24.43
C SER L 654 49.73 -74.57 -24.86
N GLU L 655 50.24 -75.44 -25.71
CA GLU L 655 51.62 -75.32 -26.17
C GLU L 655 51.71 -75.81 -27.61
N PHE L 656 52.74 -75.33 -28.30
CA PHE L 656 52.93 -75.65 -29.71
C PHE L 656 54.42 -75.63 -30.01
N GLY L 657 54.83 -76.48 -30.93
CA GLY L 657 56.24 -76.57 -31.27
C GLY L 657 56.71 -75.41 -32.13
N TYR L 658 58.02 -75.19 -32.11
CA TYR L 658 58.63 -74.22 -32.99
C TYR L 658 60.02 -74.70 -33.33
N GLY L 659 60.66 -74.01 -34.27
CA GLY L 659 62.01 -74.32 -34.67
C GLY L 659 62.11 -75.68 -35.35
N SER L 660 63.35 -76.12 -35.49
CA SER L 660 63.64 -77.42 -36.08
C SER L 660 64.18 -78.36 -35.02
N THR L 661 64.00 -79.65 -35.28
CA THR L 661 64.58 -80.66 -34.40
C THR L 661 66.08 -80.78 -34.56
N LEU L 662 66.63 -80.24 -35.65
CA LEU L 662 68.06 -80.28 -35.91
C LEU L 662 68.77 -79.01 -35.49
N GLN L 663 68.06 -78.06 -34.88
CA GLN L 663 68.61 -76.72 -34.66
C GLN L 663 69.10 -76.50 -33.25
N GLY L 664 68.24 -76.65 -32.26
CA GLY L 664 68.59 -76.35 -30.89
C GLY L 664 67.38 -75.84 -30.13
N SER L 665 67.33 -76.16 -28.83
CA SER L 665 66.14 -75.87 -28.03
C SER L 665 66.04 -74.40 -27.69
N ALA L 666 67.11 -73.83 -27.14
CA ALA L 666 67.29 -72.41 -26.79
C ALA L 666 66.33 -71.92 -25.71
N ASN L 667 65.65 -72.81 -25.00
CA ASN L 667 64.72 -72.41 -23.95
C ASN L 667 64.95 -73.24 -22.70
N LEU L 668 64.69 -72.61 -21.56
CA LEU L 668 65.10 -73.14 -20.27
C LEU L 668 64.01 -73.95 -19.60
N PHE L 669 62.87 -73.29 -19.33
CA PHE L 669 61.86 -73.77 -18.41
C PHE L 669 60.82 -74.62 -19.11
N ILE L 670 60.30 -74.12 -20.22
CA ILE L 670 59.37 -74.84 -21.07
C ILE L 670 60.19 -75.93 -21.78
N PRO L 671 59.56 -77.03 -22.28
CA PRO L 671 60.36 -78.11 -22.87
C PRO L 671 61.06 -77.76 -24.18
N SER L 672 61.75 -78.74 -24.74
CA SER L 672 62.63 -78.52 -25.89
C SER L 672 61.83 -78.08 -27.11
N ASN L 673 62.25 -76.93 -27.67
CA ASN L 673 61.72 -76.17 -28.81
C ASN L 673 60.20 -76.24 -28.97
N ARG L 674 59.49 -75.84 -27.91
CA ARG L 674 58.03 -75.88 -27.90
C ARG L 674 57.55 -74.71 -27.03
N MET L 675 57.08 -73.64 -27.69
CA MET L 675 56.50 -72.50 -26.98
C MET L 675 55.19 -72.87 -26.31
N VAL L 676 54.81 -72.06 -25.33
CA VAL L 676 53.61 -72.26 -24.55
C VAL L 676 52.70 -71.06 -24.76
N TYR L 677 51.43 -71.33 -25.07
CA TYR L 677 50.52 -70.30 -25.52
C TYR L 677 49.36 -70.18 -24.54
N PRO L 678 48.84 -68.97 -24.33
CA PRO L 678 47.77 -68.79 -23.32
C PRO L 678 46.39 -69.23 -23.78
N TRP L 679 46.24 -69.74 -25.00
CA TRP L 679 44.94 -70.06 -25.55
C TRP L 679 44.98 -71.47 -26.14
N PRO L 680 43.90 -72.24 -26.01
CA PRO L 680 43.95 -73.65 -26.39
C PRO L 680 43.99 -73.87 -27.90
N ASN L 681 45.15 -73.64 -28.49
CA ASN L 681 45.29 -73.48 -29.93
C ASN L 681 45.04 -74.77 -30.71
N GLN L 682 44.77 -74.60 -31.99
CA GLN L 682 44.44 -75.65 -32.93
C GLN L 682 45.04 -75.28 -34.28
N PRO L 683 45.32 -76.27 -35.14
CA PRO L 683 45.79 -75.96 -36.49
C PRO L 683 44.72 -75.27 -37.30
N LEU L 684 45.18 -74.51 -38.30
CA LEU L 684 44.32 -73.60 -39.07
C LEU L 684 43.32 -74.37 -39.93
N PRO L 685 42.02 -74.18 -39.73
CA PRO L 685 41.04 -74.90 -40.56
C PRO L 685 40.71 -74.10 -41.79
N ARG L 686 39.86 -74.64 -42.65
CA ARG L 686 39.23 -73.83 -43.67
C ARG L 686 38.24 -72.89 -42.99
N LEU L 687 38.26 -71.62 -43.40
CA LEU L 687 37.59 -70.56 -42.66
C LEU L 687 36.07 -70.63 -42.86
N THR L 688 35.47 -71.64 -42.25
CA THR L 688 34.04 -71.86 -42.38
C THR L 688 33.33 -71.28 -41.18
N VAL L 689 32.03 -71.57 -41.07
CA VAL L 689 31.15 -70.83 -40.18
C VAL L 689 31.40 -71.20 -38.71
N ALA L 690 31.44 -72.48 -38.41
CA ALA L 690 31.59 -72.87 -37.01
C ALA L 690 33.01 -72.69 -36.47
N PRO L 691 34.16 -72.94 -37.26
CA PRO L 691 35.47 -72.54 -36.78
C PRO L 691 35.80 -71.04 -36.93
N THR L 692 34.87 -70.19 -36.53
CA THR L 692 35.20 -68.81 -36.20
C THR L 692 34.48 -68.34 -34.96
N TYR L 693 33.59 -69.15 -34.40
CA TYR L 693 32.83 -68.81 -33.22
C TYR L 693 33.06 -69.77 -32.08
N ASP L 694 33.75 -70.88 -32.31
CA ASP L 694 34.06 -71.84 -31.28
C ASP L 694 35.35 -71.52 -30.54
N SER L 695 35.96 -70.38 -30.84
CA SER L 695 37.23 -70.00 -30.24
C SER L 695 37.08 -69.67 -28.76
N ALA L 696 38.20 -69.72 -28.06
CA ALA L 696 38.18 -69.42 -26.63
C ALA L 696 38.04 -67.94 -26.36
N MET L 697 38.49 -67.09 -27.29
CA MET L 697 38.23 -65.68 -27.13
C MET L 697 36.84 -65.31 -27.62
N SER L 698 36.28 -66.12 -28.53
CA SER L 698 34.84 -66.04 -28.80
C SER L 698 34.05 -66.42 -27.56
N ASN L 699 34.47 -67.49 -26.88
CA ASN L 699 33.82 -67.91 -25.64
C ASN L 699 33.99 -66.87 -24.55
N TRP L 700 35.14 -66.19 -24.53
CA TRP L 700 35.36 -65.20 -23.49
C TRP L 700 34.53 -63.94 -23.71
N ILE L 701 34.33 -63.53 -24.96
CA ILE L 701 33.54 -62.34 -25.20
C ILE L 701 32.05 -62.63 -25.09
N SER L 702 31.60 -63.76 -25.64
CA SER L 702 30.18 -64.10 -25.68
C SER L 702 29.61 -64.47 -24.32
N THR L 703 30.45 -64.64 -23.29
CA THR L 703 29.97 -64.94 -21.95
C THR L 703 30.22 -63.83 -20.96
N THR L 704 31.21 -62.97 -21.19
CA THR L 704 31.44 -61.82 -20.33
C THR L 704 30.44 -60.72 -20.60
N ILE L 705 30.23 -60.39 -21.88
CA ILE L 705 29.22 -59.42 -22.27
C ILE L 705 27.84 -59.89 -21.85
N ALA L 706 27.58 -61.20 -21.98
CA ALA L 706 26.37 -61.78 -21.46
C ALA L 706 26.29 -61.71 -19.94
N PHE L 707 27.44 -61.58 -19.26
CA PHE L 707 27.39 -61.38 -17.81
C PHE L 707 27.21 -59.92 -17.46
N PHE L 708 27.81 -59.00 -18.20
CA PHE L 708 27.61 -57.60 -17.86
C PHE L 708 26.25 -57.06 -18.31
N ILE L 709 25.46 -57.85 -19.03
CA ILE L 709 24.08 -57.46 -19.26
C ILE L 709 23.23 -57.71 -18.02
N ARG L 710 23.39 -58.87 -17.38
CA ARG L 710 22.68 -59.08 -16.13
C ARG L 710 23.30 -58.33 -14.97
N VAL L 711 24.50 -57.76 -15.14
CA VAL L 711 24.98 -56.77 -14.18
C VAL L 711 24.19 -55.48 -14.33
N VAL L 712 24.12 -54.94 -15.55
CA VAL L 712 23.53 -53.63 -15.75
C VAL L 712 22.01 -53.69 -15.64
N ASN L 713 21.41 -54.87 -15.74
CA ASN L 713 19.98 -55.02 -15.58
C ASN L 713 19.61 -55.60 -14.23
N SER L 714 20.52 -55.52 -13.27
CA SER L 714 20.20 -55.94 -11.92
C SER L 714 19.32 -54.90 -11.25
N VAL L 715 18.78 -55.28 -10.09
CA VAL L 715 17.86 -54.39 -9.38
C VAL L 715 18.64 -53.25 -8.74
N ASN L 716 19.89 -53.49 -8.36
CA ASN L 716 20.69 -52.50 -7.66
C ASN L 716 21.21 -51.39 -8.55
N MET L 717 21.05 -51.49 -9.87
CA MET L 717 21.59 -50.46 -10.75
C MET L 717 20.77 -49.18 -10.71
N THR L 718 19.46 -49.30 -10.68
CA THR L 718 18.51 -48.24 -11.05
C THR L 718 18.49 -47.06 -10.11
N ALA L 719 19.34 -46.97 -9.07
CA ALA L 719 19.41 -45.74 -8.29
C ALA L 719 20.05 -44.60 -9.07
N THR L 720 20.83 -44.91 -10.11
CA THR L 720 21.48 -43.90 -10.93
C THR L 720 21.13 -43.98 -12.40
N VAL L 721 20.72 -45.15 -12.89
CA VAL L 721 20.56 -45.37 -14.33
C VAL L 721 19.07 -45.53 -14.65
N ASN L 722 18.66 -44.91 -15.75
CA ASN L 722 17.27 -44.86 -16.17
C ASN L 722 16.91 -46.14 -16.93
N ASP L 723 15.59 -46.36 -17.12
CA ASP L 723 15.15 -47.48 -17.95
C ASP L 723 15.53 -47.28 -19.41
N LEU L 724 15.61 -46.03 -19.86
CA LEU L 724 16.13 -45.76 -21.19
C LEU L 724 17.61 -46.14 -21.27
N THR L 725 18.37 -45.83 -20.23
CA THR L 725 19.80 -46.09 -20.24
C THR L 725 20.16 -47.46 -19.66
N ARG L 726 19.28 -48.12 -18.94
CA ARG L 726 19.50 -49.55 -18.71
C ARG L 726 19.31 -50.33 -19.99
N ARG L 727 18.49 -49.82 -20.89
CA ARG L 727 18.21 -50.44 -22.17
C ARG L 727 19.19 -49.97 -23.25
N THR L 728 19.68 -48.73 -23.12
CA THR L 728 20.70 -48.24 -24.05
C THR L 728 22.03 -48.93 -23.80
N MET L 729 22.45 -49.01 -22.53
CA MET L 729 23.72 -49.65 -22.22
C MET L 729 23.67 -51.15 -22.50
N THR L 730 22.49 -51.77 -22.36
CA THR L 730 22.32 -53.14 -22.80
C THR L 730 22.46 -53.24 -24.32
N GLY L 731 21.95 -52.25 -25.04
CA GLY L 731 22.02 -52.26 -26.49
C GLY L 731 23.43 -52.07 -27.02
N VAL L 732 24.27 -51.34 -26.28
CA VAL L 732 25.65 -51.15 -26.73
C VAL L 732 26.45 -52.45 -26.61
N MET L 733 26.27 -53.16 -25.49
CA MET L 733 27.02 -54.39 -25.25
C MET L 733 26.63 -55.49 -26.22
N THR L 734 25.33 -55.66 -26.48
CA THR L 734 24.90 -56.68 -27.43
C THR L 734 25.25 -56.31 -28.87
N ALA L 735 25.57 -55.04 -29.12
CA ALA L 735 26.18 -54.69 -30.39
C ALA L 735 27.64 -55.12 -30.43
N MET L 736 28.37 -54.86 -29.34
CA MET L 736 29.79 -55.21 -29.26
C MET L 736 30.00 -56.71 -29.22
N ARG L 737 29.03 -57.45 -28.71
CA ARG L 737 29.17 -58.89 -28.58
C ARG L 737 29.07 -59.59 -29.92
N GLN L 738 28.33 -59.00 -30.86
CA GLN L 738 27.96 -59.69 -32.10
C GLN L 738 28.69 -59.17 -33.33
N VAL L 739 29.63 -58.25 -33.16
CA VAL L 739 30.45 -57.82 -34.28
C VAL L 739 31.31 -58.98 -34.74
N LYS L 740 31.24 -59.29 -36.02
CA LYS L 740 32.10 -60.33 -36.59
C LYS L 740 33.53 -59.83 -36.57
N THR L 741 34.31 -60.35 -35.63
CA THR L 741 35.72 -60.04 -35.51
C THR L 741 36.51 -61.31 -35.73
N MET L 742 37.57 -61.22 -36.52
CA MET L 742 38.36 -62.39 -36.85
C MET L 742 39.48 -62.59 -35.83
N THR L 743 39.63 -61.68 -34.89
CA THR L 743 40.64 -61.82 -33.85
C THR L 743 40.46 -62.98 -32.88
N PRO L 744 39.25 -63.51 -32.60
CA PRO L 744 39.23 -64.81 -31.94
C PRO L 744 39.66 -65.94 -32.85
N PHE L 745 39.40 -65.83 -34.16
CA PHE L 745 39.91 -66.84 -35.08
C PHE L 745 41.42 -66.72 -35.23
N TYR L 746 41.93 -65.50 -35.25
CA TYR L 746 43.36 -65.26 -35.41
C TYR L 746 44.13 -65.81 -34.23
N ILE L 747 43.70 -65.49 -33.02
CA ILE L 747 44.41 -65.86 -31.81
C ILE L 747 44.29 -67.34 -31.52
N GLN L 748 43.38 -68.04 -32.19
CA GLN L 748 43.18 -69.46 -32.00
C GLN L 748 43.98 -70.28 -33.01
N HIS L 749 44.00 -69.85 -34.26
CA HIS L 749 44.53 -70.66 -35.34
C HIS L 749 45.69 -69.99 -36.06
N MET L 750 45.55 -68.72 -36.44
CA MET L 750 46.58 -68.06 -37.24
C MET L 750 47.77 -67.62 -36.43
N CYS L 751 47.56 -67.08 -35.23
CA CYS L 751 48.64 -66.54 -34.42
C CYS L 751 49.67 -67.55 -33.92
N PRO L 752 49.34 -68.78 -33.47
CA PRO L 752 50.41 -69.69 -33.05
C PRO L 752 51.28 -70.19 -34.19
N THR L 753 50.77 -70.28 -35.41
CA THR L 753 51.63 -70.62 -36.53
C THR L 753 52.34 -69.39 -37.12
N GLU L 754 52.25 -68.25 -36.44
CA GLU L 754 53.11 -67.10 -36.70
C GLU L 754 54.19 -66.95 -35.64
N LEU L 755 53.81 -67.05 -34.37
CA LEU L 755 54.78 -66.97 -33.28
C LEU L 755 55.76 -68.12 -33.28
N SER L 756 55.40 -69.26 -33.87
CA SER L 756 56.36 -70.36 -34.02
C SER L 756 57.43 -70.00 -35.04
N VAL L 757 57.01 -69.39 -36.16
CA VAL L 757 57.97 -69.00 -37.19
C VAL L 757 58.78 -67.80 -36.71
N LEU L 758 58.13 -66.82 -36.11
CA LEU L 758 58.82 -65.63 -35.64
C LEU L 758 59.65 -65.88 -34.39
N ALA L 759 59.54 -67.05 -33.77
CA ALA L 759 60.51 -67.41 -32.75
C ALA L 759 61.82 -67.86 -33.34
N SER L 760 61.84 -68.27 -34.60
CA SER L 760 63.04 -68.83 -35.21
C SER L 760 63.72 -67.87 -36.17
N VAL L 761 63.25 -66.64 -36.30
CA VAL L 761 63.92 -65.64 -37.12
C VAL L 761 64.57 -64.54 -36.31
N THR L 762 64.35 -64.49 -35.00
CA THR L 762 64.93 -63.45 -34.18
C THR L 762 66.32 -63.86 -33.70
N VAL L 763 67.12 -62.85 -33.37
CA VAL L 763 68.43 -63.11 -32.77
C VAL L 763 68.25 -63.65 -31.36
N THR L 764 67.31 -63.08 -30.61
CA THR L 764 67.01 -63.57 -29.28
C THR L 764 65.79 -64.48 -29.30
N PRO L 765 65.95 -65.76 -28.99
CA PRO L 765 64.82 -66.67 -28.99
C PRO L 765 63.97 -66.46 -27.76
N PRO L 766 62.69 -66.88 -27.77
CA PRO L 766 61.79 -66.51 -26.67
C PRO L 766 62.08 -67.22 -25.36
N PHE L 767 62.63 -66.46 -24.41
CA PHE L 767 62.61 -66.86 -23.01
C PHE L 767 61.17 -66.88 -22.52
N GLN L 768 60.75 -67.97 -21.91
CA GLN L 768 59.32 -68.16 -21.68
C GLN L 768 59.10 -69.06 -20.49
N VAL L 769 58.19 -68.67 -19.61
CA VAL L 769 57.87 -69.40 -18.39
C VAL L 769 56.49 -70.00 -18.59
N PRO L 770 56.11 -71.08 -17.87
CA PRO L 770 54.78 -71.66 -18.09
C PRO L 770 53.66 -70.78 -17.59
N PHE L 771 52.52 -70.89 -18.26
CA PHE L 771 51.31 -70.18 -17.86
C PHE L 771 50.54 -70.99 -16.82
N THR L 772 49.54 -70.36 -16.23
CA THR L 772 48.83 -70.94 -15.10
C THR L 772 47.40 -70.42 -15.09
N ARG L 773 46.44 -71.32 -15.23
CA ARG L 773 45.03 -70.95 -15.17
C ARG L 773 44.52 -71.26 -13.77
N LEU L 774 44.61 -70.27 -12.89
CA LEU L 774 43.88 -70.18 -11.62
C LEU L 774 44.24 -71.26 -10.61
N VAL L 775 45.31 -72.02 -10.82
CA VAL L 775 45.78 -72.98 -9.83
C VAL L 775 46.90 -72.33 -9.02
N GLN L 776 46.71 -72.28 -7.71
CA GLN L 776 47.39 -71.30 -6.87
C GLN L 776 48.79 -71.73 -6.44
N ASN L 777 49.04 -73.03 -6.29
CA ASN L 777 50.31 -73.44 -5.70
C ASN L 777 51.46 -73.30 -6.68
N ASP L 778 51.21 -73.46 -7.97
CA ASP L 778 52.27 -73.47 -8.97
C ASP L 778 52.35 -72.19 -9.79
N VAL L 779 51.68 -71.13 -9.38
CA VAL L 779 51.80 -69.87 -10.09
C VAL L 779 53.06 -69.15 -9.62
N ILE L 780 53.78 -68.55 -10.57
CA ILE L 780 55.13 -68.08 -10.33
C ILE L 780 55.10 -66.79 -9.51
N THR L 781 55.94 -66.73 -8.48
CA THR L 781 56.11 -65.54 -7.68
C THR L 781 57.31 -64.71 -8.10
N ASN L 782 58.44 -65.36 -8.37
CA ASN L 782 59.66 -64.68 -8.76
C ASN L 782 60.42 -65.51 -9.78
N VAL L 783 61.17 -64.83 -10.64
CA VAL L 783 62.18 -65.45 -11.49
C VAL L 783 63.54 -64.92 -11.05
N LEU L 784 64.42 -65.83 -10.66
CA LEU L 784 65.75 -65.48 -10.21
C LEU L 784 66.78 -65.99 -11.21
N VAL L 785 67.92 -65.33 -11.25
CA VAL L 785 69.06 -65.74 -12.07
C VAL L 785 70.22 -65.98 -11.12
N ALA L 786 70.56 -67.24 -10.88
CA ALA L 786 71.60 -67.59 -9.94
C ALA L 786 72.95 -67.58 -10.63
N ARG L 787 73.83 -66.69 -10.18
CA ARG L 787 75.23 -66.72 -10.60
C ARG L 787 75.97 -67.90 -9.99
N VAL L 788 75.47 -68.42 -8.87
CA VAL L 788 76.04 -69.55 -8.18
C VAL L 788 74.90 -70.19 -7.40
N ASP L 789 74.97 -71.50 -7.21
CA ASP L 789 73.95 -72.22 -6.45
C ASP L 789 73.93 -71.72 -5.00
N PRO L 790 72.75 -71.67 -4.37
CA PRO L 790 72.65 -71.03 -3.04
C PRO L 790 73.37 -71.77 -1.95
N ALA L 791 73.61 -73.07 -2.09
CA ALA L 791 74.43 -73.77 -1.12
C ALA L 791 75.89 -73.35 -1.24
N GLN L 792 76.38 -73.17 -2.47
CA GLN L 792 77.73 -72.73 -2.72
C GLN L 792 77.84 -71.22 -2.82
N ARG L 793 76.90 -70.48 -2.24
CA ARG L 793 76.87 -69.02 -2.33
C ARG L 793 77.35 -68.44 -1.00
N GLY L 794 78.66 -68.32 -0.87
CA GLY L 794 79.22 -67.49 0.17
C GLY L 794 79.06 -66.02 -0.19
N ASP L 795 78.84 -65.20 0.84
CA ASP L 795 78.44 -63.79 0.71
C ASP L 795 77.18 -63.68 -0.13
N ALA L 796 76.09 -64.19 0.45
CA ALA L 796 74.85 -64.49 -0.26
C ALA L 796 74.24 -63.25 -0.91
N ALA L 797 73.82 -63.40 -2.16
CA ALA L 797 73.33 -62.28 -2.97
C ALA L 797 72.16 -62.78 -3.80
N VAL L 798 70.95 -62.41 -3.38
CA VAL L 798 69.76 -62.70 -4.15
C VAL L 798 69.76 -61.81 -5.39
N ASP L 799 69.16 -62.31 -6.46
CA ASP L 799 69.02 -61.56 -7.71
C ASP L 799 68.27 -60.26 -7.49
N ILE L 800 68.57 -59.27 -8.34
CA ILE L 800 67.94 -57.96 -8.29
C ILE L 800 66.48 -58.02 -8.73
N ARG L 801 66.08 -59.11 -9.40
CA ARG L 801 64.73 -59.21 -9.96
C ARG L 801 63.66 -59.37 -8.91
N ALA L 802 64.03 -59.74 -7.69
CA ALA L 802 63.06 -59.89 -6.61
C ALA L 802 62.64 -58.57 -6.00
N THR L 803 63.23 -57.45 -6.43
CA THR L 803 62.82 -56.14 -5.92
C THR L 803 61.46 -55.73 -6.48
N HIS L 804 61.18 -56.10 -7.73
CA HIS L 804 59.94 -55.70 -8.37
C HIS L 804 58.75 -56.49 -7.83
N ALA L 805 57.56 -55.91 -8.01
CA ALA L 805 56.34 -56.56 -7.56
C ALA L 805 56.03 -57.77 -8.43
N THR L 806 55.85 -57.54 -9.72
CA THR L 806 55.69 -58.64 -10.66
C THR L 806 57.01 -59.37 -10.84
N PHE L 807 56.93 -60.61 -11.31
CA PHE L 807 58.13 -61.41 -11.43
C PHE L 807 58.96 -61.06 -12.65
N ALA L 808 58.45 -60.20 -13.53
CA ALA L 808 59.21 -59.75 -14.69
C ALA L 808 59.05 -58.26 -14.87
N ALA L 809 59.46 -57.73 -16.01
CA ALA L 809 59.30 -56.32 -16.31
C ALA L 809 57.83 -55.98 -16.45
N ALA L 810 57.34 -55.09 -15.59
CA ALA L 810 55.93 -54.71 -15.61
C ALA L 810 55.69 -53.77 -16.78
N LEU L 811 54.89 -54.23 -17.74
CA LEU L 811 54.52 -53.43 -18.89
C LEU L 811 53.04 -53.09 -18.81
N PRO L 812 52.68 -51.84 -18.50
CA PRO L 812 51.27 -51.47 -18.49
C PRO L 812 50.71 -51.44 -19.89
N VAL L 813 49.49 -51.94 -20.04
CA VAL L 813 48.79 -51.93 -21.32
C VAL L 813 47.35 -51.47 -21.06
N ASP L 814 46.81 -50.74 -22.00
CA ASP L 814 45.48 -50.17 -21.84
C ASP L 814 44.42 -51.19 -22.22
N PRO L 815 43.41 -51.40 -21.39
CA PRO L 815 42.40 -52.42 -21.71
C PRO L 815 41.43 -51.96 -22.79
N ALA L 816 41.19 -50.65 -22.87
CA ALA L 816 40.34 -50.14 -23.93
C ALA L 816 41.03 -50.21 -25.28
N ALA L 817 42.36 -50.09 -25.29
CA ALA L 817 43.09 -50.26 -26.55
C ALA L 817 43.11 -51.72 -26.98
N ILE L 818 43.01 -52.65 -26.03
CA ILE L 818 42.94 -54.06 -26.37
C ILE L 818 41.56 -54.43 -26.87
N VAL L 819 40.51 -53.95 -26.17
CA VAL L 819 39.17 -54.42 -26.43
C VAL L 819 38.61 -53.84 -27.72
N VAL L 820 39.19 -52.76 -28.24
CA VAL L 820 38.93 -52.36 -29.62
C VAL L 820 39.47 -53.43 -30.57
N ALA L 821 40.72 -53.82 -30.35
CA ALA L 821 41.38 -54.78 -31.23
C ALA L 821 40.77 -56.17 -31.13
N MET L 822 40.29 -56.55 -29.96
CA MET L 822 39.60 -57.82 -29.82
C MET L 822 38.29 -57.84 -30.59
N LEU L 823 37.63 -56.70 -30.69
CA LEU L 823 36.28 -56.66 -31.24
C LEU L 823 36.21 -56.15 -32.67
N CYS L 824 37.27 -55.58 -33.21
CA CYS L 824 37.36 -55.36 -34.65
C CYS L 824 38.48 -56.23 -35.20
N GLY L 825 38.12 -57.22 -35.98
CA GLY L 825 39.11 -58.03 -36.65
C GLY L 825 38.67 -58.39 -38.04
N GLN L 826 39.47 -58.03 -39.03
CA GLN L 826 39.19 -58.35 -40.41
C GLN L 826 40.42 -58.97 -41.03
N THR L 827 40.21 -59.61 -42.17
CA THR L 827 41.32 -60.10 -42.99
C THR L 827 41.29 -59.38 -44.33
N GLU L 828 42.25 -59.72 -45.18
CA GLU L 828 42.17 -59.33 -46.58
C GLU L 828 40.97 -59.99 -47.22
N THR L 829 40.29 -59.25 -48.11
CA THR L 829 39.06 -59.76 -48.72
C THR L 829 39.31 -60.93 -49.67
N ASN L 830 40.55 -61.15 -50.11
CA ASN L 830 40.93 -62.30 -50.90
C ASN L 830 42.09 -63.03 -50.24
N LEU L 831 42.00 -63.18 -48.92
CA LEU L 831 43.08 -63.81 -48.17
C LEU L 831 43.11 -65.31 -48.43
N ILE L 832 44.26 -65.78 -48.89
CA ILE L 832 44.58 -67.19 -48.88
C ILE L 832 45.68 -67.39 -47.84
N PRO L 833 45.50 -68.28 -46.85
CA PRO L 833 46.47 -68.35 -45.74
C PRO L 833 47.83 -68.87 -46.16
N SER L 834 47.90 -69.68 -47.20
CA SER L 834 49.18 -70.28 -47.58
C SER L 834 50.01 -69.33 -48.44
N HIS L 835 49.38 -68.53 -49.29
CA HIS L 835 50.12 -67.54 -50.06
C HIS L 835 50.63 -66.41 -49.18
N HIS L 836 49.87 -66.04 -48.15
CA HIS L 836 50.21 -64.86 -47.38
C HIS L 836 51.41 -65.08 -46.48
N TYR L 837 51.51 -66.28 -45.88
CA TYR L 837 52.59 -66.52 -44.94
C TYR L 837 53.91 -66.72 -45.65
N GLY L 838 53.91 -67.43 -46.78
CA GLY L 838 55.15 -67.66 -47.50
C GLY L 838 55.72 -66.42 -48.14
N LYS L 839 54.86 -65.49 -48.54
CA LYS L 839 55.36 -64.20 -49.02
C LYS L 839 55.89 -63.35 -47.87
N ALA L 840 55.32 -63.50 -46.68
CA ALA L 840 55.72 -62.68 -45.56
C ALA L 840 56.93 -63.25 -44.84
N PHE L 841 57.06 -64.56 -44.79
CA PHE L 841 58.20 -65.20 -44.16
C PHE L 841 59.46 -65.14 -45.03
N ALA L 842 59.31 -64.78 -46.28
CA ALA L 842 60.38 -64.75 -47.26
C ALA L 842 61.46 -63.70 -46.96
N PRO L 843 61.16 -62.47 -46.51
CA PRO L 843 62.27 -61.62 -46.04
C PRO L 843 62.84 -62.07 -44.71
N LEU L 844 62.08 -62.81 -43.91
CA LEU L 844 62.58 -63.22 -42.60
C LEU L 844 63.49 -64.44 -42.68
N PHE L 845 63.63 -65.04 -43.85
CA PHE L 845 64.55 -66.16 -44.05
C PHE L 845 65.76 -65.81 -44.90
N ALA L 846 65.73 -64.68 -45.59
CA ALA L 846 66.93 -64.21 -46.27
C ALA L 846 67.89 -63.55 -45.31
N SER L 847 67.42 -63.11 -44.15
CA SER L 847 68.30 -62.52 -43.15
C SER L 847 69.11 -63.61 -42.47
N ASN L 848 70.32 -63.25 -42.05
CA ASN L 848 71.22 -64.18 -41.39
C ASN L 848 71.04 -64.20 -39.87
N ALA L 849 69.87 -63.80 -39.39
CA ALA L 849 69.64 -63.70 -37.96
C ALA L 849 69.53 -65.07 -37.30
N MET L 850 69.10 -66.07 -38.06
CA MET L 850 69.15 -67.45 -37.56
C MET L 850 70.59 -67.89 -37.38
N PHE L 851 71.48 -67.44 -38.25
CA PHE L 851 72.89 -67.78 -38.19
C PHE L 851 73.68 -66.84 -37.29
N THR L 852 73.21 -65.60 -37.12
CA THR L 852 73.81 -64.69 -36.16
C THR L 852 73.61 -65.17 -34.73
N ARG L 853 72.46 -65.79 -34.45
CA ARG L 853 72.18 -66.31 -33.12
C ARG L 853 73.14 -67.42 -32.73
N ASN L 854 73.39 -68.36 -33.65
CA ASN L 854 74.25 -69.48 -33.31
C ASN L 854 75.71 -69.05 -33.24
N GLN L 855 76.11 -68.06 -34.03
CA GLN L 855 77.48 -67.59 -33.97
C GLN L 855 77.78 -66.75 -32.74
N ARG L 856 76.76 -66.13 -32.14
CA ARG L 856 77.00 -65.38 -30.92
C ARG L 856 76.88 -66.23 -29.67
N ALA L 857 76.20 -67.37 -29.76
CA ALA L 857 76.08 -68.25 -28.60
C ALA L 857 77.39 -68.98 -28.33
N VAL L 858 78.11 -69.36 -29.40
CA VAL L 858 79.37 -70.05 -29.23
C VAL L 858 80.45 -69.10 -28.72
N ILE L 859 80.39 -67.83 -29.09
CA ILE L 859 81.39 -66.89 -28.60
C ILE L 859 81.10 -66.50 -27.16
N THR L 860 79.82 -66.42 -26.81
CA THR L 860 79.43 -66.16 -25.41
C THR L 860 79.89 -67.31 -24.51
N ARG L 861 79.78 -68.54 -24.99
CA ARG L 861 80.26 -69.69 -24.23
C ARG L 861 81.78 -69.67 -24.08
N GLU L 862 82.49 -69.38 -25.16
CA GLU L 862 83.95 -69.36 -25.08
C GLU L 862 84.45 -68.17 -24.28
N ALA L 863 83.70 -67.07 -24.28
CA ALA L 863 84.02 -65.95 -23.41
C ALA L 863 83.54 -66.17 -21.98
N PHE L 864 82.63 -67.12 -21.77
CA PHE L 864 82.16 -67.42 -20.43
C PHE L 864 83.22 -68.14 -19.63
N VAL L 865 83.75 -69.23 -20.19
CA VAL L 865 84.64 -70.12 -19.46
C VAL L 865 85.99 -69.45 -19.23
N CYS L 866 86.45 -68.66 -20.20
CA CYS L 866 87.69 -67.92 -20.04
C CYS L 866 87.55 -66.81 -18.99
N ALA L 867 86.34 -66.31 -18.78
CA ALA L 867 86.11 -65.32 -17.74
C ALA L 867 85.81 -65.96 -16.39
N ARG L 868 85.09 -67.08 -16.41
CA ARG L 868 84.77 -67.77 -15.16
C ARG L 868 86.01 -68.31 -14.49
N SER L 869 86.94 -68.84 -15.26
CA SER L 869 88.19 -69.30 -14.71
C SER L 869 89.15 -68.15 -14.41
N ALA L 870 88.95 -66.99 -15.02
CA ALA L 870 89.80 -65.84 -14.72
C ALA L 870 89.52 -65.34 -13.31
N VAL L 871 88.24 -65.20 -12.96
CA VAL L 871 87.88 -64.76 -11.61
C VAL L 871 87.88 -65.90 -10.60
N ALA L 872 88.20 -67.12 -11.03
CA ALA L 872 88.40 -68.24 -10.12
C ALA L 872 89.86 -68.50 -9.82
N GLN L 873 90.75 -68.33 -10.82
CA GLN L 873 92.17 -68.50 -10.56
C GLN L 873 92.74 -67.37 -9.72
N CYS L 874 92.14 -66.18 -9.81
CA CYS L 874 92.65 -65.06 -9.03
C CYS L 874 92.26 -65.16 -7.56
N GLN L 875 91.07 -65.66 -7.28
CA GLN L 875 90.68 -65.90 -5.89
C GLN L 875 91.27 -67.22 -5.40
N ASP L 876 91.03 -67.52 -4.12
CA ASP L 876 91.59 -68.70 -3.49
C ASP L 876 90.62 -69.86 -3.44
N ALA L 877 89.33 -69.61 -3.63
CA ALA L 877 88.30 -70.63 -3.42
C ALA L 877 87.29 -70.51 -4.55
N GLY L 878 86.12 -71.10 -4.37
CA GLY L 878 85.04 -70.92 -5.31
C GLY L 878 85.03 -72.02 -6.36
N PHE L 879 85.04 -71.62 -7.62
CA PHE L 879 84.91 -72.56 -8.72
C PHE L 879 86.22 -73.28 -8.96
N LEU L 880 86.17 -74.60 -9.01
CA LEU L 880 87.37 -75.42 -9.13
C LEU L 880 87.86 -75.44 -10.57
N VAL L 881 89.07 -74.91 -10.79
CA VAL L 881 89.77 -75.03 -12.07
C VAL L 881 91.18 -75.51 -11.78
N PRO L 882 91.85 -76.11 -12.77
CA PRO L 882 93.29 -76.33 -12.64
C PRO L 882 94.03 -75.01 -12.60
N ARG L 883 95.01 -74.93 -11.70
CA ARG L 883 95.67 -73.66 -11.35
C ARG L 883 97.17 -73.76 -11.60
N PRO L 884 97.62 -73.58 -12.85
CA PRO L 884 99.07 -73.52 -13.07
C PRO L 884 99.67 -72.22 -12.57
N LEU L 885 98.94 -71.12 -12.72
CA LEU L 885 99.45 -69.80 -12.37
C LEU L 885 99.42 -69.51 -10.89
N ASP L 886 98.99 -70.46 -10.05
CA ASP L 886 98.74 -70.21 -8.64
C ASP L 886 100.03 -69.91 -7.87
N ALA L 887 101.19 -70.25 -8.42
CA ALA L 887 102.44 -69.87 -7.80
C ALA L 887 102.74 -68.38 -7.91
N LEU L 888 102.05 -67.64 -8.77
CA LEU L 888 102.23 -66.22 -8.87
C LEU L 888 101.59 -65.51 -7.68
N ARG L 889 101.84 -64.21 -7.58
CA ARG L 889 101.40 -63.42 -6.45
C ARG L 889 100.07 -62.74 -6.76
N GLN L 890 99.13 -62.83 -5.83
CA GLN L 890 97.81 -62.24 -6.00
C GLN L 890 97.18 -62.03 -4.63
N PHE L 891 96.62 -60.86 -4.40
CA PHE L 891 95.99 -60.55 -3.12
C PHE L 891 94.58 -61.14 -3.09
N ASP L 892 93.84 -60.84 -2.03
CA ASP L 892 92.48 -61.35 -1.87
C ASP L 892 91.55 -60.61 -2.83
N VAL L 893 91.14 -61.30 -3.89
CA VAL L 893 90.32 -60.68 -4.92
C VAL L 893 88.87 -60.65 -4.43
N THR L 894 88.38 -59.45 -4.15
CA THR L 894 86.99 -59.27 -3.74
C THR L 894 86.14 -59.01 -4.98
N SER L 895 84.89 -58.61 -4.77
CA SER L 895 83.98 -58.42 -5.89
C SER L 895 84.31 -57.19 -6.71
N ALA L 896 84.95 -56.19 -6.10
CA ALA L 896 85.32 -54.99 -6.84
C ALA L 896 86.50 -55.24 -7.76
N ALA L 897 87.51 -55.95 -7.28
CA ALA L 897 88.67 -56.25 -8.12
C ALA L 897 88.34 -57.29 -9.18
N ALA L 898 87.43 -58.22 -8.86
CA ALA L 898 87.00 -59.19 -9.86
C ALA L 898 86.12 -58.56 -10.93
N ALA L 899 85.52 -57.40 -10.65
CA ALA L 899 84.78 -56.69 -11.67
C ALA L 899 85.70 -56.14 -12.74
N GLU L 900 86.86 -55.61 -12.34
CA GLU L 900 87.81 -55.11 -13.32
C GLU L 900 88.57 -56.21 -14.04
N ILE L 901 88.66 -57.40 -13.44
CA ILE L 901 89.12 -58.55 -14.20
C ILE L 901 88.06 -58.94 -15.23
N MET L 902 86.78 -58.86 -14.83
CA MET L 902 85.69 -59.20 -15.74
C MET L 902 85.53 -58.18 -16.86
N HIS L 903 85.97 -56.94 -16.62
CA HIS L 903 86.00 -55.94 -17.70
C HIS L 903 86.93 -56.37 -18.81
N ALA L 904 88.20 -56.57 -18.50
CA ALA L 904 89.20 -56.74 -19.54
C ALA L 904 89.23 -58.16 -20.11
N VAL L 905 88.46 -59.10 -19.55
CA VAL L 905 88.20 -60.33 -20.29
C VAL L 905 87.09 -60.11 -21.30
N ASN L 906 86.02 -59.44 -20.88
CA ASN L 906 84.94 -59.07 -21.79
C ASN L 906 85.43 -58.08 -22.84
N ASP L 907 86.36 -57.20 -22.49
CA ASP L 907 86.92 -56.26 -23.45
C ASP L 907 87.81 -56.97 -24.46
N ALA L 908 88.38 -58.13 -24.10
CA ALA L 908 89.22 -58.86 -25.02
C ALA L 908 88.40 -59.50 -26.13
N PHE L 909 87.29 -60.16 -25.76
CA PHE L 909 86.48 -60.84 -26.77
C PHE L 909 85.67 -59.84 -27.60
N LYS L 910 85.33 -58.69 -27.03
CA LYS L 910 84.70 -57.66 -27.84
C LYS L 910 85.68 -56.98 -28.78
N THR L 911 86.99 -57.15 -28.56
CA THR L 911 88.00 -56.63 -29.47
C THR L 911 88.38 -57.68 -30.51
N ALA L 912 88.48 -58.94 -30.09
CA ALA L 912 88.89 -60.01 -30.99
C ALA L 912 87.82 -60.30 -32.03
N PHE L 913 86.63 -60.71 -31.57
CA PHE L 913 85.56 -61.11 -32.46
C PHE L 913 84.58 -59.99 -32.74
N ASP L 914 84.97 -58.74 -32.41
CA ASP L 914 84.32 -57.44 -32.63
C ASP L 914 82.78 -57.44 -32.56
N LEU L 915 82.23 -58.05 -31.52
CA LEU L 915 80.79 -58.09 -31.35
C LEU L 915 80.23 -56.73 -30.99
N ASP L 916 78.97 -56.52 -31.34
CA ASP L 916 78.21 -55.38 -30.89
C ASP L 916 77.26 -55.80 -29.76
N GLY L 917 76.71 -54.82 -29.08
CA GLY L 917 75.83 -55.08 -27.96
C GLY L 917 76.58 -55.61 -26.75
N ALA L 918 75.81 -55.98 -25.75
CA ALA L 918 76.38 -56.55 -24.55
C ALA L 918 76.75 -58.00 -24.78
N LEU L 919 77.99 -58.35 -24.46
CA LEU L 919 78.46 -59.72 -24.54
C LEU L 919 78.41 -60.40 -23.18
N LEU L 920 79.09 -59.81 -22.20
CA LEU L 920 79.22 -60.42 -20.88
C LEU L 920 79.15 -59.33 -19.82
N ASP L 921 78.45 -58.24 -20.13
CA ASP L 921 78.52 -57.03 -19.33
C ASP L 921 77.77 -57.15 -18.03
N GLY L 922 76.77 -58.03 -17.94
CA GLY L 922 76.03 -58.20 -16.71
C GLY L 922 76.87 -58.80 -15.60
N LEU L 923 77.88 -59.59 -15.96
CA LEU L 923 78.79 -60.14 -14.96
C LEU L 923 79.73 -59.10 -14.40
N ALA L 924 79.89 -57.96 -15.08
CA ALA L 924 80.84 -56.95 -14.68
C ALA L 924 80.22 -55.78 -13.96
N LEU L 925 78.94 -55.49 -14.21
CA LEU L 925 78.36 -54.24 -13.74
C LEU L 925 77.66 -54.35 -12.40
N TYR L 926 77.24 -55.54 -11.99
CA TYR L 926 76.50 -55.69 -10.76
C TYR L 926 76.75 -57.08 -10.19
N GLY L 927 76.64 -57.20 -8.88
CA GLY L 927 76.76 -58.50 -8.24
C GLY L 927 78.19 -58.99 -8.20
N ASP L 928 78.31 -60.25 -7.80
CA ASP L 928 79.63 -60.89 -7.76
C ASP L 928 80.01 -61.40 -9.14
N PRO L 929 81.18 -61.01 -9.66
CA PRO L 929 81.68 -61.68 -10.86
C PRO L 929 82.23 -63.06 -10.58
N ARG L 930 82.51 -63.38 -9.32
CA ARG L 930 83.15 -64.63 -8.94
C ARG L 930 82.10 -65.75 -8.97
N ILE L 931 81.77 -66.16 -10.18
CA ILE L 931 80.70 -67.11 -10.41
C ILE L 931 81.26 -68.53 -10.39
N ALA L 932 80.36 -69.50 -10.23
CA ALA L 932 80.71 -70.90 -10.39
C ALA L 932 79.91 -71.56 -11.49
N ASP L 933 78.59 -71.41 -11.49
CA ASP L 933 77.75 -72.06 -12.49
C ASP L 933 76.46 -71.26 -12.59
N LEU L 934 76.24 -70.64 -13.74
CA LEU L 934 74.99 -69.92 -13.96
C LEU L 934 73.82 -70.88 -14.06
N SER L 935 72.70 -70.49 -13.47
CA SER L 935 71.45 -71.22 -13.56
C SER L 935 70.32 -70.24 -13.36
N ALA L 936 69.24 -70.41 -14.11
CA ALA L 936 68.03 -69.66 -13.88
C ALA L 936 67.05 -70.52 -13.10
N ALA L 937 66.16 -69.86 -12.39
CA ALA L 937 65.18 -70.55 -11.57
C ALA L 937 63.96 -69.66 -11.40
N TYR L 938 62.78 -70.26 -11.40
CA TYR L 938 61.56 -69.52 -11.11
C TYR L 938 60.85 -70.18 -9.93
N LEU L 939 60.45 -69.36 -8.97
CA LEU L 939 59.82 -69.85 -7.76
C LEU L 939 58.31 -69.83 -7.91
N GLN L 940 57.67 -70.90 -7.48
CA GLN L 940 56.22 -70.99 -7.43
C GLN L 940 55.73 -70.73 -6.01
N TYR L 941 54.42 -70.58 -5.88
CA TYR L 941 53.87 -70.22 -4.59
C TYR L 941 53.85 -71.39 -3.62
N GLY L 942 53.69 -72.61 -4.11
CA GLY L 942 53.58 -73.75 -3.22
C GLY L 942 54.90 -74.37 -2.85
N GLY L 943 55.92 -73.53 -2.66
CA GLY L 943 57.24 -73.99 -2.26
C GLY L 943 58.06 -74.65 -3.34
N ASN L 944 57.50 -74.84 -4.53
CA ASN L 944 58.22 -75.53 -5.59
C ASN L 944 59.16 -74.54 -6.25
N VAL L 945 60.43 -74.62 -5.90
CA VAL L 945 61.47 -73.97 -6.68
C VAL L 945 61.95 -74.97 -7.73
N VAL L 946 62.10 -74.48 -8.95
CA VAL L 946 62.56 -75.29 -10.07
C VAL L 946 63.67 -74.53 -10.78
N ARG L 947 64.79 -75.22 -11.03
CA ARG L 947 66.03 -74.56 -11.37
C ARG L 947 66.66 -75.27 -12.56
N GLU L 948 66.91 -74.55 -13.63
CA GLU L 948 67.57 -75.11 -14.80
C GLU L 948 69.05 -74.78 -14.70
N HIS L 949 69.84 -75.75 -14.28
CA HIS L 949 71.28 -75.61 -14.29
C HIS L 949 71.77 -75.60 -15.73
N VAL L 950 72.49 -74.55 -16.11
CA VAL L 950 73.01 -74.48 -17.47
C VAL L 950 74.52 -74.35 -17.43
N PRO L 951 75.25 -75.45 -17.52
CA PRO L 951 76.69 -75.39 -17.62
C PRO L 951 77.11 -75.17 -19.06
N PRO L 952 78.25 -74.53 -19.29
CA PRO L 952 78.79 -74.46 -20.65
C PRO L 952 79.28 -75.82 -21.11
N GLY L 953 79.21 -76.03 -22.41
CA GLY L 953 79.55 -77.32 -22.98
C GLY L 953 81.04 -77.52 -23.10
N PRO L 954 81.48 -78.21 -24.16
CA PRO L 954 82.91 -78.36 -24.39
C PRO L 954 83.54 -77.05 -24.81
N SER L 955 84.29 -76.43 -23.91
CA SER L 955 84.97 -75.19 -24.26
C SER L 955 86.20 -75.50 -25.10
N HIS L 956 86.60 -74.52 -25.89
CA HIS L 956 87.75 -74.67 -26.76
C HIS L 956 88.84 -73.65 -26.49
N ILE L 957 88.50 -72.36 -26.45
CA ILE L 957 89.51 -71.31 -26.25
C ILE L 957 90.09 -71.41 -24.84
N HIS L 958 89.28 -71.78 -23.86
CA HIS L 958 89.82 -72.02 -22.53
C HIS L 958 90.68 -73.28 -22.48
N ARG L 959 90.37 -74.27 -23.32
CA ARG L 959 91.22 -75.45 -23.39
C ARG L 959 92.59 -75.10 -23.98
N ALA L 960 92.63 -74.12 -24.88
CA ALA L 960 93.92 -73.63 -25.36
C ALA L 960 94.59 -72.74 -24.32
N LEU L 961 93.81 -72.03 -23.51
CA LEU L 961 94.38 -71.12 -22.53
C LEU L 961 95.06 -71.88 -21.40
N GLN L 962 94.50 -73.02 -21.00
CA GLN L 962 95.09 -73.82 -19.94
C GLN L 962 96.43 -74.41 -20.35
N GLN L 963 96.62 -74.66 -21.65
CA GLN L 963 97.93 -75.09 -22.12
C GLN L 963 98.92 -73.95 -22.11
N VAL L 964 98.45 -72.72 -22.38
CA VAL L 964 99.32 -71.55 -22.34
C VAL L 964 99.78 -71.27 -20.91
N GLU L 965 98.88 -71.45 -19.93
CA GLU L 965 99.23 -71.22 -18.53
C GLU L 965 100.27 -72.19 -18.04
N SER L 966 100.13 -73.47 -18.40
CA SER L 966 101.14 -74.46 -18.03
C SER L 966 102.43 -74.23 -18.80
N THR L 967 102.35 -73.64 -19.99
CA THR L 967 103.55 -73.34 -20.76
C THR L 967 104.28 -72.15 -20.18
N PHE L 968 103.54 -71.17 -19.67
CA PHE L 968 104.15 -70.00 -19.04
C PHE L 968 104.98 -70.39 -17.83
N MET L 969 104.48 -71.32 -17.01
CA MET L 969 105.14 -71.60 -15.74
C MET L 969 106.45 -72.36 -15.89
N ALA L 970 106.76 -72.86 -17.08
CA ALA L 970 108.08 -73.41 -17.37
C ALA L 970 108.87 -72.56 -18.35
N GLU L 971 108.22 -71.67 -19.09
CA GLU L 971 108.86 -70.85 -20.11
C GLU L 971 108.58 -69.38 -19.87
N MET L 972 108.64 -68.94 -18.61
CA MET L 972 108.35 -67.55 -18.29
C MET L 972 109.49 -66.61 -18.61
N ASN L 973 110.71 -67.14 -18.77
CA ASN L 973 111.84 -66.28 -19.09
C ASN L 973 111.73 -65.72 -20.50
N LEU L 974 111.02 -66.44 -21.37
CA LEU L 974 110.68 -65.91 -22.68
C LEU L 974 109.74 -64.72 -22.58
N PHE L 975 108.92 -64.67 -21.54
CA PHE L 975 107.96 -63.58 -21.35
C PHE L 975 108.45 -62.55 -20.36
N ASN L 976 109.77 -62.48 -20.15
CA ASN L 976 110.49 -61.51 -19.32
C ASN L 976 110.15 -61.59 -17.84
N VAL L 977 109.50 -62.65 -17.38
CA VAL L 977 109.22 -62.84 -15.96
C VAL L 977 110.21 -63.86 -15.44
N ALA L 978 110.86 -63.56 -14.33
CA ALA L 978 111.87 -64.44 -13.76
C ALA L 978 111.41 -64.96 -12.40
N ARG L 979 111.48 -66.28 -12.23
CA ARG L 979 111.17 -66.89 -10.95
C ARG L 979 112.38 -66.79 -10.03
N GLY L 980 112.23 -67.29 -8.82
CA GLY L 980 113.31 -67.29 -7.86
C GLY L 980 113.48 -65.94 -7.19
N ASN L 981 114.31 -65.94 -6.15
CA ASN L 981 114.49 -64.76 -5.31
C ASN L 981 115.55 -63.84 -5.92
N LEU L 982 115.99 -62.85 -5.16
CA LEU L 982 116.90 -61.84 -5.67
C LEU L 982 118.03 -61.65 -4.66
N TYR L 983 119.26 -61.78 -5.12
CA TYR L 983 120.41 -61.58 -4.25
C TYR L 983 121.04 -60.22 -4.51
N LEU L 984 121.57 -59.64 -3.44
CA LEU L 984 122.27 -58.35 -3.47
C LEU L 984 123.57 -58.43 -2.70
N VAL L 985 124.39 -59.44 -2.98
CA VAL L 985 125.76 -59.38 -2.50
C VAL L 985 126.55 -58.49 -3.45
N GLN L 986 127.74 -58.08 -3.04
CA GLN L 986 128.62 -57.50 -4.04
C GLN L 986 129.72 -58.51 -4.36
N THR L 987 130.30 -58.33 -5.54
CA THR L 987 131.46 -59.10 -5.95
C THR L 987 132.41 -58.15 -6.65
N ALA L 988 133.71 -58.38 -6.47
CA ALA L 988 134.72 -57.59 -7.15
C ALA L 988 135.31 -58.35 -8.32
N THR L 989 134.46 -59.11 -9.02
CA THR L 989 134.93 -60.08 -9.98
C THR L 989 135.42 -59.40 -11.25
N ASN L 990 136.43 -60.02 -11.85
CA ASN L 990 136.97 -59.62 -13.13
C ASN L 990 136.61 -60.60 -14.22
N GLY L 991 136.47 -61.87 -13.88
CA GLY L 991 136.21 -62.92 -14.84
C GLY L 991 134.76 -63.01 -15.27
N ASN L 992 134.33 -64.23 -15.54
CA ASN L 992 133.03 -64.48 -16.13
C ASN L 992 131.92 -64.23 -15.10
N TRP L 993 130.74 -63.92 -15.61
CA TRP L 993 129.62 -63.52 -14.77
C TRP L 993 128.34 -63.78 -15.55
N SER L 994 127.32 -64.28 -14.86
CA SER L 994 126.03 -64.55 -15.48
C SER L 994 124.95 -64.47 -14.41
N PRO L 995 124.20 -63.37 -14.35
CA PRO L 995 123.14 -63.26 -13.36
C PRO L 995 121.94 -64.13 -13.65
N MET L 996 121.76 -64.56 -14.90
CA MET L 996 120.65 -65.44 -15.25
C MET L 996 120.77 -66.79 -14.56
N ALA L 997 121.83 -67.53 -14.88
CA ALA L 997 122.09 -68.84 -14.28
C ALA L 997 123.37 -68.73 -13.48
N PRO L 998 123.29 -68.44 -12.20
CA PRO L 998 124.50 -68.41 -11.37
C PRO L 998 125.05 -69.82 -11.15
N VAL L 999 126.22 -70.07 -11.72
CA VAL L 999 126.83 -71.39 -11.63
C VAL L 999 127.31 -71.66 -10.21
N ALA L 1000 127.81 -70.63 -9.55
CA ALA L 1000 128.29 -70.74 -8.18
C ALA L 1000 127.12 -70.97 -7.23
N ALA L 1001 127.47 -71.39 -6.01
CA ALA L 1001 126.47 -71.68 -5.00
C ALA L 1001 125.80 -70.39 -4.53
N PRO L 1002 124.55 -70.45 -4.13
CA PRO L 1002 123.93 -69.30 -3.47
C PRO L 1002 124.61 -69.04 -2.13
N PRO L 1003 124.79 -67.78 -1.75
CA PRO L 1003 125.56 -67.49 -0.54
C PRO L 1003 124.85 -67.91 0.73
N PHE L 1004 123.53 -67.82 0.77
CA PHE L 1004 122.76 -68.18 1.94
C PHE L 1004 121.31 -68.37 1.54
N VAL L 1005 120.52 -68.87 2.49
CA VAL L 1005 119.13 -69.18 2.30
C VAL L 1005 118.36 -68.50 3.43
N ARG L 1006 117.03 -68.62 3.43
CA ARG L 1006 116.21 -67.97 4.46
C ARG L 1006 116.47 -68.56 5.84
N GLY L 1007 116.58 -69.88 5.94
CA GLY L 1007 116.73 -70.50 7.24
C GLY L 1007 118.13 -71.01 7.52
N GLY L 1008 119.15 -70.33 7.01
CA GLY L 1008 120.51 -70.76 7.17
C GLY L 1008 121.12 -70.29 8.46
N PRO L 1009 122.41 -70.55 8.65
CA PRO L 1009 123.09 -70.12 9.87
C PRO L 1009 123.46 -68.65 9.81
N ASN L 1010 123.24 -67.95 10.94
CA ASN L 1010 123.59 -66.55 11.17
C ASN L 1010 122.92 -65.59 10.20
N VAL L 1011 121.84 -66.01 9.54
CA VAL L 1011 121.08 -65.14 8.65
C VAL L 1011 119.71 -64.92 9.28
N ARG L 1012 119.24 -63.69 9.20
CA ARG L 1012 118.02 -63.30 9.89
C ARG L 1012 117.12 -62.53 8.95
N VAL L 1013 115.84 -62.60 9.23
CA VAL L 1013 114.81 -61.99 8.39
C VAL L 1013 114.43 -60.66 9.02
N VAL L 1014 114.27 -59.64 8.17
CA VAL L 1014 113.88 -58.32 8.62
C VAL L 1014 112.46 -58.35 9.20
N GLY L 1015 112.15 -57.35 10.02
CA GLY L 1015 110.79 -57.17 10.48
C GLY L 1015 109.85 -56.74 9.37
N ARG L 1016 108.57 -56.66 9.72
CA ARG L 1016 107.54 -56.39 8.74
C ARG L 1016 107.60 -54.95 8.23
N PHE L 1017 108.16 -54.04 9.02
CA PHE L 1017 108.23 -52.65 8.61
C PHE L 1017 109.58 -52.23 8.06
N GLY L 1018 110.65 -52.96 8.39
CA GLY L 1018 111.97 -52.55 7.97
C GLY L 1018 112.53 -51.40 8.77
N THR L 1019 112.26 -51.38 10.07
CA THR L 1019 112.54 -50.21 10.89
C THR L 1019 114.00 -50.17 11.32
N ILE L 1020 114.65 -49.03 11.10
CA ILE L 1020 115.99 -48.75 11.60
C ILE L 1020 115.87 -48.07 12.95
N VAL L 1021 116.58 -48.58 13.96
CA VAL L 1021 116.67 -47.82 15.19
C VAL L 1021 117.98 -47.03 15.12
N PRO L 1022 117.94 -45.73 15.41
CA PRO L 1022 119.20 -45.00 15.61
C PRO L 1022 119.58 -45.03 17.08
N ARG L 1023 120.88 -45.11 17.34
CA ARG L 1023 121.31 -45.21 18.72
C ARG L 1023 122.11 -43.98 19.12
N PRO L 1024 121.80 -43.36 20.27
CA PRO L 1024 122.22 -41.98 20.57
C PRO L 1024 123.66 -41.83 21.05
N ASN L 1025 124.58 -42.46 20.35
CA ASN L 1025 125.98 -42.45 20.73
C ASN L 1025 126.76 -42.77 19.46
N GLY L 1026 128.03 -43.15 19.60
CA GLY L 1026 128.80 -43.62 18.48
C GLY L 1026 128.46 -45.01 17.98
N LEU L 1027 127.40 -45.62 18.49
CA LEU L 1027 126.98 -46.94 18.03
C LEU L 1027 126.36 -46.84 16.65
N GLU L 1028 126.52 -47.90 15.87
CA GLU L 1028 125.99 -47.91 14.53
C GLU L 1028 124.48 -48.10 14.55
N PRO L 1029 123.78 -47.65 13.51
CA PRO L 1029 122.35 -47.97 13.40
C PRO L 1029 122.15 -49.47 13.19
N GLN L 1030 121.01 -49.96 13.65
CA GLN L 1030 120.74 -51.38 13.53
C GLN L 1030 119.27 -51.61 13.23
N LEU L 1031 119.01 -52.67 12.48
CA LEU L 1031 117.73 -52.92 11.84
C LEU L 1031 116.88 -53.88 12.65
N ILE L 1032 115.57 -53.71 12.57
CA ILE L 1032 114.66 -54.53 13.35
C ILE L 1032 114.53 -55.90 12.70
N ASP L 1033 114.12 -56.89 13.49
CA ASP L 1033 114.10 -58.28 13.08
C ASP L 1033 112.66 -58.76 13.03
N ASP L 1034 112.46 -59.94 12.42
CA ASP L 1034 111.15 -60.60 12.45
C ASP L 1034 110.71 -60.92 13.87
N GLY L 1035 111.65 -61.22 14.76
CA GLY L 1035 111.36 -61.36 16.17
C GLY L 1035 111.30 -60.06 16.94
N ASN L 1036 111.26 -58.92 16.24
CA ASN L 1036 111.07 -57.58 16.80
C ASN L 1036 112.20 -57.23 17.78
N VAL L 1037 113.43 -57.43 17.33
CA VAL L 1037 114.62 -57.07 18.11
C VAL L 1037 115.57 -56.32 17.18
N PRO L 1038 116.16 -55.21 17.60
CA PRO L 1038 117.13 -54.51 16.73
C PRO L 1038 118.42 -55.30 16.61
N ARG L 1039 118.77 -55.63 15.37
CA ARG L 1039 119.97 -56.38 15.05
C ARG L 1039 120.83 -55.59 14.07
N ASP L 1040 122.14 -55.77 14.14
CA ASP L 1040 123.06 -54.98 13.37
C ASP L 1040 123.00 -55.32 11.88
N ILE L 1041 123.32 -54.32 11.06
CA ILE L 1041 123.13 -54.45 9.62
C ILE L 1041 124.20 -55.35 9.00
N ALA L 1042 125.42 -55.27 9.51
CA ALA L 1042 126.54 -56.03 8.96
C ALA L 1042 126.34 -57.52 9.19
N GLY L 1043 126.19 -58.26 8.10
CA GLY L 1043 125.86 -59.67 8.17
C GLY L 1043 125.19 -60.11 6.89
N ASP L 1044 124.04 -60.76 6.99
CA ASP L 1044 123.27 -61.11 5.80
C ASP L 1044 121.79 -61.16 6.14
N TRP L 1045 120.98 -60.54 5.30
CA TRP L 1045 119.59 -60.24 5.59
C TRP L 1045 118.70 -60.78 4.48
N VAL L 1046 117.43 -61.00 4.83
CA VAL L 1046 116.44 -61.54 3.91
C VAL L 1046 115.28 -60.57 3.87
N TYR L 1047 115.16 -59.82 2.77
CA TYR L 1047 113.88 -59.12 2.75
C TYR L 1047 112.85 -59.90 1.97
N PRO L 1048 111.61 -59.90 2.40
CA PRO L 1048 110.51 -60.18 1.47
C PRO L 1048 110.20 -58.94 0.64
N SER L 1049 109.37 -59.13 -0.38
CA SER L 1049 109.07 -58.05 -1.29
C SER L 1049 108.23 -56.97 -0.64
N ASP L 1050 107.40 -57.34 0.34
CA ASP L 1050 106.50 -56.37 0.96
C ASP L 1050 107.25 -55.37 1.82
N VAL L 1051 108.35 -55.80 2.44
CA VAL L 1051 109.08 -54.91 3.33
C VAL L 1051 109.98 -53.98 2.53
N LEU L 1052 110.52 -54.44 1.41
CA LEU L 1052 111.39 -53.59 0.61
C LEU L 1052 110.61 -52.46 -0.07
N GLN L 1053 109.35 -52.69 -0.42
CA GLN L 1053 108.57 -51.66 -1.09
C GLN L 1053 108.19 -50.50 -0.17
N VAL L 1054 108.14 -50.72 1.14
CA VAL L 1054 107.75 -49.67 2.07
C VAL L 1054 108.92 -49.03 2.79
N SER L 1055 110.08 -49.68 2.80
CA SER L 1055 111.25 -49.16 3.50
C SER L 1055 112.34 -48.79 2.51
N VAL L 1056 111.95 -48.08 1.44
CA VAL L 1056 112.86 -47.82 0.33
C VAL L 1056 113.94 -46.83 0.73
N ALA L 1057 113.54 -45.67 1.27
CA ALA L 1057 114.49 -44.67 1.73
C ALA L 1057 115.27 -45.16 2.93
N VAL L 1058 114.69 -46.08 3.70
CA VAL L 1058 115.43 -46.79 4.73
C VAL L 1058 116.46 -47.73 4.12
N PHE L 1059 116.07 -48.46 3.07
CA PHE L 1059 116.98 -49.40 2.42
C PHE L 1059 118.15 -48.68 1.79
N ARG L 1060 117.87 -47.63 1.02
CA ARG L 1060 118.89 -46.96 0.22
C ARG L 1060 119.89 -46.19 1.07
N ASP L 1061 119.56 -45.87 2.33
CA ASP L 1061 120.37 -44.98 3.13
C ASP L 1061 121.08 -45.65 4.30
N TYR L 1062 120.73 -46.89 4.65
CA TYR L 1062 121.35 -47.46 5.83
C TYR L 1062 121.91 -48.86 5.63
N VAL L 1063 121.33 -49.64 4.74
CA VAL L 1063 121.77 -51.00 4.50
C VAL L 1063 122.34 -51.17 3.09
N TRP L 1064 121.79 -50.47 2.10
CA TRP L 1064 122.39 -50.49 0.78
C TRP L 1064 123.80 -49.89 0.69
N PRO L 1065 124.17 -48.80 1.40
CA PRO L 1065 125.60 -48.45 1.43
C PRO L 1065 126.43 -49.46 2.18
N MET L 1066 125.84 -50.17 3.14
CA MET L 1066 126.52 -51.25 3.81
C MET L 1066 126.60 -52.50 2.94
N VAL L 1067 125.84 -52.55 1.85
CA VAL L 1067 125.99 -53.56 0.80
C VAL L 1067 127.06 -53.17 -0.20
N LYS L 1068 127.15 -51.87 -0.52
CA LYS L 1068 128.18 -51.39 -1.44
C LYS L 1068 129.58 -51.50 -0.85
N ALA L 1069 129.71 -51.58 0.46
CA ALA L 1069 130.90 -52.10 1.09
C ALA L 1069 130.70 -53.57 1.39
N GLY L 1070 131.79 -54.32 1.46
CA GLY L 1070 131.69 -55.76 1.67
C GLY L 1070 131.25 -56.19 3.05
N ARG L 1071 130.07 -55.75 3.49
CA ARG L 1071 129.60 -55.98 4.84
C ARG L 1071 128.30 -56.77 4.88
N THR L 1072 127.29 -56.34 4.13
CA THR L 1072 125.94 -56.90 4.21
C THR L 1072 125.57 -57.51 2.88
N ARG L 1073 124.97 -58.70 2.93
CA ARG L 1073 124.50 -59.42 1.76
C ARG L 1073 122.98 -59.55 1.89
N VAL L 1074 122.23 -58.91 1.00
CA VAL L 1074 120.78 -58.85 1.14
C VAL L 1074 120.15 -59.82 0.15
N LEU L 1075 119.36 -60.76 0.67
CA LEU L 1075 118.45 -61.55 -0.14
C LEU L 1075 117.11 -60.85 -0.20
N VAL L 1076 116.54 -60.73 -1.40
CA VAL L 1076 115.28 -60.05 -1.58
C VAL L 1076 114.29 -61.06 -2.16
N GLU L 1077 113.24 -61.35 -1.40
CA GLU L 1077 112.29 -62.38 -1.77
C GLU L 1077 111.15 -61.79 -2.59
N LEU L 1078 111.33 -61.79 -3.90
CA LEU L 1078 110.22 -61.73 -4.84
C LEU L 1078 110.04 -63.11 -5.41
N GLY L 1079 108.81 -63.61 -5.43
CA GLY L 1079 108.58 -64.94 -5.98
C GLY L 1079 108.78 -64.97 -7.47
N HIS L 1080 108.14 -64.06 -8.19
CA HIS L 1080 108.31 -63.92 -9.62
C HIS L 1080 108.40 -62.43 -9.92
N TYR L 1081 109.24 -62.06 -10.89
CA TYR L 1081 109.45 -60.65 -11.17
C TYR L 1081 109.86 -60.45 -12.61
N VAL L 1082 109.59 -59.25 -13.11
CA VAL L 1082 110.02 -58.86 -14.44
C VAL L 1082 111.46 -58.37 -14.37
N TYR L 1083 112.31 -58.90 -15.24
CA TYR L 1083 113.71 -58.51 -15.29
C TYR L 1083 113.98 -57.72 -16.54
N THR L 1084 115.01 -56.87 -16.48
CA THR L 1084 115.57 -56.26 -17.66
C THR L 1084 117.08 -56.24 -17.51
N LEU L 1085 117.79 -56.46 -18.61
CA LEU L 1085 119.21 -56.71 -18.52
C LEU L 1085 120.02 -55.72 -19.36
N HIS L 1086 121.25 -55.48 -18.91
CA HIS L 1086 122.11 -54.47 -19.49
C HIS L 1086 123.39 -55.15 -19.95
N TYR L 1087 123.59 -55.21 -21.25
CA TYR L 1087 124.79 -55.83 -21.80
C TYR L 1087 125.93 -54.83 -21.82
N TYR L 1088 127.02 -55.16 -21.12
CA TYR L 1088 128.18 -54.30 -21.02
C TYR L 1088 129.36 -54.91 -21.76
N ASP L 1089 130.29 -54.06 -22.14
CA ASP L 1089 131.55 -54.55 -22.65
C ASP L 1089 132.43 -55.02 -21.48
N PRO L 1090 133.13 -56.14 -21.63
CA PRO L 1090 134.01 -56.59 -20.55
C PRO L 1090 135.29 -55.77 -20.46
N GLN L 1091 135.63 -55.00 -21.49
CA GLN L 1091 136.81 -54.15 -21.46
C GLN L 1091 136.57 -52.82 -20.76
N ILE L 1092 135.39 -52.59 -20.22
CA ILE L 1092 135.03 -51.30 -19.61
C ILE L 1092 134.70 -51.53 -18.14
N SER L 1093 135.38 -50.79 -17.27
CA SER L 1093 135.09 -50.83 -15.84
C SER L 1093 133.89 -49.96 -15.52
N LEU L 1094 133.00 -50.48 -14.67
CA LEU L 1094 131.87 -49.70 -14.21
C LEU L 1094 131.41 -50.19 -12.85
N ASP L 1095 131.27 -49.26 -11.92
CA ASP L 1095 130.61 -49.54 -10.65
C ASP L 1095 129.12 -49.69 -10.93
N GLU L 1096 128.55 -50.84 -10.60
CA GLU L 1096 127.17 -51.12 -10.95
C GLU L 1096 126.16 -50.57 -9.96
N ALA L 1097 126.59 -49.75 -9.02
CA ALA L 1097 125.66 -49.15 -8.07
C ALA L 1097 124.67 -48.17 -8.71
N PRO L 1098 125.03 -47.25 -9.62
CA PRO L 1098 123.98 -46.39 -10.21
C PRO L 1098 122.99 -47.11 -11.10
N ILE L 1099 123.31 -48.31 -11.59
CA ILE L 1099 122.33 -49.08 -12.35
C ILE L 1099 121.25 -49.61 -11.41
N LEU L 1100 121.61 -49.91 -10.16
CA LEU L 1100 120.66 -50.47 -9.22
C LEU L 1100 120.10 -49.44 -8.27
N GLU L 1101 120.83 -48.35 -8.01
CA GLU L 1101 120.24 -47.24 -7.27
C GLU L 1101 119.16 -46.54 -8.08
N GLU L 1102 119.24 -46.61 -9.40
CA GLU L 1102 118.12 -46.17 -10.24
C GLU L 1102 116.92 -47.10 -10.07
N TRP L 1103 117.16 -48.39 -9.87
CA TRP L 1103 116.07 -49.32 -9.57
C TRP L 1103 115.48 -49.03 -8.21
N LEU L 1104 116.31 -48.71 -7.23
CA LEU L 1104 115.80 -48.40 -5.90
C LEU L 1104 115.06 -47.07 -5.87
N SER L 1105 115.45 -46.13 -6.74
CA SER L 1105 114.83 -44.82 -6.76
C SER L 1105 113.40 -44.83 -7.29
N LYS L 1106 112.93 -45.94 -7.86
CA LYS L 1106 111.58 -46.02 -8.40
C LYS L 1106 110.71 -47.05 -7.68
N ILE L 1107 111.19 -47.64 -6.59
CA ILE L 1107 110.35 -48.54 -5.81
C ILE L 1107 109.51 -47.71 -4.85
N ASN L 1108 108.20 -47.89 -4.91
CA ASN L 1108 107.27 -47.32 -3.97
C ASN L 1108 106.52 -48.50 -3.37
N PRO L 1109 105.60 -48.31 -2.40
CA PRO L 1109 104.74 -49.44 -2.04
C PRO L 1109 103.79 -49.86 -3.15
N ALA L 1110 103.58 -49.02 -4.16
CA ALA L 1110 102.68 -49.39 -5.25
C ALA L 1110 103.31 -50.44 -6.15
N GLY L 1111 104.58 -50.28 -6.49
CA GLY L 1111 105.16 -51.19 -7.48
C GLY L 1111 106.66 -51.27 -7.41
N ILE L 1112 107.20 -52.15 -8.27
CA ILE L 1112 108.63 -52.40 -8.37
C ILE L 1112 109.02 -52.34 -9.84
N PRO L 1113 109.97 -51.50 -10.22
CA PRO L 1113 110.43 -51.46 -11.62
C PRO L 1113 111.26 -52.68 -11.95
N PRO L 1114 111.44 -53.01 -13.23
CA PRO L 1114 112.13 -54.27 -13.56
C PRO L 1114 113.59 -54.28 -13.15
N VAL L 1115 114.02 -55.43 -12.64
CA VAL L 1115 115.28 -55.60 -11.93
C VAL L 1115 116.45 -55.55 -12.91
N PRO L 1116 117.40 -54.63 -12.72
CA PRO L 1116 118.50 -54.40 -13.68
C PRO L 1116 119.69 -55.35 -13.53
N PHE L 1117 119.54 -56.53 -14.13
CA PHE L 1117 120.66 -57.45 -14.23
C PHE L 1117 121.65 -56.95 -15.29
N CYS L 1118 122.87 -57.45 -15.23
CA CYS L 1118 123.93 -56.97 -16.12
C CYS L 1118 124.82 -58.13 -16.53
N ILE L 1119 124.85 -58.41 -17.82
CA ILE L 1119 125.52 -59.60 -18.36
C ILE L 1119 126.62 -59.13 -19.29
N PRO L 1120 127.81 -59.72 -19.27
CA PRO L 1120 128.84 -59.31 -20.23
C PRO L 1120 128.53 -59.77 -21.63
N ILE L 1121 128.97 -58.98 -22.60
CA ILE L 1121 128.80 -59.35 -24.01
C ILE L 1121 129.78 -60.47 -24.35
N PRO L 1122 129.30 -61.58 -24.94
CA PRO L 1122 130.19 -62.71 -25.25
C PRO L 1122 131.19 -62.34 -26.33
N GLN L 1123 132.48 -62.45 -25.99
CA GLN L 1123 133.55 -62.04 -26.87
C GLN L 1123 133.93 -63.18 -27.80
N VAL L 1124 134.26 -62.84 -29.04
CA VAL L 1124 134.72 -63.83 -30.00
C VAL L 1124 136.21 -64.07 -29.82
N TYR L 1125 136.95 -63.02 -29.52
CA TYR L 1125 138.39 -63.05 -29.34
C TYR L 1125 138.74 -62.85 -27.88
N PRO L 1126 139.75 -63.56 -27.36
CA PRO L 1126 140.15 -63.37 -25.97
C PRO L 1126 140.78 -62.00 -25.76
N CYS L 1127 140.32 -61.29 -24.75
CA CYS L 1127 140.81 -59.96 -24.44
C CYS L 1127 140.87 -59.77 -22.94
N ILE L 1128 141.68 -58.81 -22.52
CA ILE L 1128 141.82 -58.53 -21.09
C ILE L 1128 140.55 -57.84 -20.61
N THR L 1129 139.82 -58.49 -19.73
CA THR L 1129 138.60 -57.93 -19.20
C THR L 1129 138.89 -56.99 -18.05
N ALA L 1130 138.04 -55.99 -17.89
CA ALA L 1130 138.24 -54.96 -16.88
C ALA L 1130 137.50 -55.31 -15.60
N ARG L 1131 138.10 -54.96 -14.46
CA ARG L 1131 137.49 -55.21 -13.17
C ARG L 1131 136.27 -54.30 -12.98
N ARG L 1132 135.12 -54.91 -12.71
CA ARG L 1132 133.92 -54.15 -12.41
C ARG L 1132 133.06 -54.95 -11.45
N VAL L 1133 132.42 -54.24 -10.53
CA VAL L 1133 131.66 -54.90 -9.48
C VAL L 1133 130.32 -55.35 -10.06
N HIS L 1134 129.59 -56.17 -9.32
CA HIS L 1134 128.24 -56.58 -9.70
C HIS L 1134 127.43 -56.77 -8.44
N TYR L 1135 126.13 -56.54 -8.52
CA TYR L 1135 125.30 -56.64 -7.34
C TYR L 1135 124.19 -57.67 -7.45
N ALA L 1136 123.37 -57.63 -8.49
CA ALA L 1136 122.14 -58.39 -8.53
C ALA L 1136 122.30 -59.67 -9.35
N PHE L 1137 121.76 -60.77 -8.83
CA PHE L 1137 121.64 -62.04 -9.55
C PHE L 1137 120.53 -62.84 -8.91
N THR L 1138 120.27 -64.03 -9.44
CA THR L 1138 119.09 -64.80 -9.11
C THR L 1138 119.45 -65.98 -8.21
N SER L 1139 118.41 -66.75 -7.87
CA SER L 1139 118.56 -68.02 -7.20
C SER L 1139 118.19 -69.20 -8.08
N GLU L 1140 117.32 -68.99 -9.07
CA GLU L 1140 117.02 -69.96 -10.09
C GLU L 1140 117.78 -69.61 -11.37
N ASN L 1141 117.82 -70.54 -12.31
CA ASN L 1141 118.39 -70.23 -13.61
C ASN L 1141 117.36 -69.55 -14.49
N ASN L 1142 117.78 -68.49 -15.17
CA ASN L 1142 116.83 -67.73 -15.97
C ASN L 1142 117.38 -67.37 -17.34
N ASN L 1143 118.40 -68.08 -17.83
CA ASN L 1143 118.84 -67.95 -19.21
C ASN L 1143 118.09 -68.89 -20.14
N ASP L 1144 116.87 -69.27 -19.78
CA ASP L 1144 116.06 -70.10 -20.66
C ASP L 1144 115.63 -69.34 -21.91
N SER L 1145 115.55 -68.02 -21.83
CA SER L 1145 115.25 -67.20 -23.00
C SER L 1145 116.44 -67.07 -23.94
N LEU L 1146 117.64 -67.43 -23.50
CA LEU L 1146 118.82 -67.28 -24.33
C LEU L 1146 118.84 -68.33 -25.42
N PHE L 1147 119.08 -67.89 -26.65
CA PHE L 1147 119.10 -68.79 -27.80
C PHE L 1147 120.50 -69.20 -28.19
N SER L 1148 121.36 -68.23 -28.49
CA SER L 1148 122.70 -68.52 -28.95
C SER L 1148 123.61 -67.32 -28.68
N THR L 1149 124.85 -67.60 -28.32
CA THR L 1149 125.86 -66.57 -28.10
C THR L 1149 126.91 -66.70 -29.18
N ASN L 1150 127.14 -65.59 -29.91
CA ASN L 1150 128.10 -65.49 -31.01
C ASN L 1150 127.81 -66.53 -32.10
N ALA L 1151 126.66 -66.37 -32.73
CA ALA L 1151 126.21 -67.34 -33.72
C ALA L 1151 127.03 -67.29 -35.00
N ALA L 1152 127.71 -66.18 -35.28
CA ALA L 1152 128.58 -66.07 -36.44
C ALA L 1152 130.03 -66.38 -36.13
N SER L 1153 130.29 -67.25 -35.15
CA SER L 1153 131.64 -67.61 -34.77
C SER L 1153 131.74 -69.11 -34.59
N ILE L 1154 132.97 -69.62 -34.75
CA ILE L 1154 133.22 -71.04 -34.52
C ILE L 1154 133.01 -71.39 -33.04
N ASP L 1155 133.36 -70.47 -32.14
CA ASP L 1155 133.15 -70.66 -30.71
C ASP L 1155 133.16 -69.29 -30.05
N THR L 1156 132.80 -69.26 -28.78
CA THR L 1156 132.97 -68.06 -27.98
C THR L 1156 134.33 -68.10 -27.30
N ALA L 1157 134.71 -66.97 -26.72
CA ALA L 1157 136.00 -66.87 -26.05
C ALA L 1157 135.87 -66.60 -24.57
N PHE L 1158 135.15 -65.55 -24.19
CA PHE L 1158 135.07 -65.15 -22.79
C PHE L 1158 133.69 -65.33 -22.17
N GLY L 1159 132.63 -64.96 -22.88
CA GLY L 1159 131.31 -64.92 -22.28
C GLY L 1159 130.72 -66.31 -22.07
N GLU L 1160 129.42 -66.32 -21.79
CA GLU L 1160 128.75 -67.59 -21.61
C GLU L 1160 128.54 -68.26 -22.95
N ASN L 1161 128.88 -69.54 -23.01
CA ASN L 1161 128.79 -70.32 -24.24
C ASN L 1161 127.37 -70.89 -24.33
N ALA L 1162 126.75 -70.72 -25.49
CA ALA L 1162 125.41 -71.25 -25.69
C ALA L 1162 125.27 -71.60 -27.16
N ALA L 1163 125.40 -72.89 -27.48
CA ALA L 1163 125.08 -73.36 -28.81
C ALA L 1163 123.57 -73.33 -29.03
N VAL L 1164 123.17 -73.45 -30.29
CA VAL L 1164 121.77 -73.60 -30.60
C VAL L 1164 121.31 -74.97 -30.12
N SER L 1165 120.33 -74.99 -29.23
CA SER L 1165 119.99 -76.22 -28.54
C SER L 1165 119.14 -77.11 -29.43
N PRO L 1166 119.52 -78.38 -29.62
CA PRO L 1166 118.65 -79.32 -30.34
C PRO L 1166 117.39 -79.67 -29.59
N LEU L 1167 117.35 -79.37 -28.29
CA LEU L 1167 116.17 -79.60 -27.48
C LEU L 1167 115.02 -78.67 -27.86
N ARG L 1168 115.32 -77.52 -28.46
CA ARG L 1168 114.29 -76.64 -28.99
C ARG L 1168 113.79 -77.08 -30.35
N TRP L 1169 114.55 -77.89 -31.07
CA TRP L 1169 114.24 -78.25 -32.44
C TRP L 1169 114.23 -79.77 -32.64
N PRO L 1170 113.27 -80.50 -32.05
CA PRO L 1170 113.19 -81.93 -32.38
C PRO L 1170 112.61 -82.19 -33.75
N GLY L 1171 111.73 -81.30 -34.23
CA GLY L 1171 111.12 -81.51 -35.54
C GLY L 1171 112.05 -81.31 -36.70
N LEU L 1172 113.19 -80.64 -36.48
CA LEU L 1172 114.13 -80.36 -37.55
C LEU L 1172 115.39 -81.21 -37.48
N VAL L 1173 115.81 -81.60 -36.28
CA VAL L 1173 117.08 -82.27 -36.09
C VAL L 1173 116.89 -83.72 -35.67
N ASP L 1174 115.99 -83.98 -34.74
CA ASP L 1174 115.89 -85.32 -34.15
C ASP L 1174 115.23 -86.29 -35.13
N PRO L 1175 115.86 -87.43 -35.42
CA PRO L 1175 115.25 -88.38 -36.36
C PRO L 1175 114.07 -89.12 -35.79
N ASN L 1176 114.00 -89.27 -34.48
CA ASN L 1176 112.93 -90.02 -33.84
C ASN L 1176 111.71 -89.17 -33.53
N TYR L 1177 111.64 -87.97 -34.09
CA TYR L 1177 110.47 -87.11 -33.91
C TYR L 1177 109.26 -87.70 -34.60
N ARG L 1178 108.14 -87.71 -33.90
CA ARG L 1178 106.88 -88.16 -34.47
C ARG L 1178 106.03 -86.95 -34.79
N VAL L 1179 105.25 -87.06 -35.86
CA VAL L 1179 104.49 -85.94 -36.40
C VAL L 1179 103.39 -85.54 -35.43
N GLY L 1180 103.40 -84.29 -34.99
CA GLY L 1180 102.41 -83.76 -34.07
C GLY L 1180 102.82 -83.76 -32.62
N THR L 1181 103.98 -84.30 -32.29
CA THR L 1181 104.41 -84.41 -30.91
C THR L 1181 104.94 -83.07 -30.41
N ASN L 1182 104.46 -82.63 -29.26
CA ASN L 1182 104.91 -81.39 -28.64
C ASN L 1182 105.30 -81.66 -27.20
N ASP L 1183 106.15 -80.79 -26.66
CA ASP L 1183 106.55 -80.84 -25.26
C ASP L 1183 106.00 -79.63 -24.52
N LEU L 1184 104.76 -79.29 -24.84
CA LEU L 1184 104.15 -78.04 -24.39
C LEU L 1184 104.01 -77.81 -22.88
N PRO L 1185 103.80 -78.81 -22.01
CA PRO L 1185 103.88 -78.50 -20.57
C PRO L 1185 105.29 -78.18 -20.08
N ASN L 1186 106.33 -78.30 -20.91
CA ASN L 1186 107.68 -78.09 -20.42
C ASN L 1186 108.47 -77.11 -21.29
N ARG L 1187 108.22 -77.10 -22.59
CA ARG L 1187 109.14 -76.43 -23.50
C ARG L 1187 108.44 -76.09 -24.79
N ILE L 1188 108.84 -74.98 -25.40
CA ILE L 1188 108.24 -74.49 -26.63
C ILE L 1188 109.10 -74.91 -27.80
N THR L 1189 108.63 -75.87 -28.57
CA THR L 1189 109.32 -76.35 -29.75
C THR L 1189 109.10 -75.39 -30.91
N LEU L 1190 110.18 -74.90 -31.51
CA LEU L 1190 110.07 -73.87 -32.54
C LEU L 1190 109.83 -74.42 -33.95
N TYR L 1191 110.08 -75.70 -34.19
CA TYR L 1191 109.90 -76.30 -35.51
C TYR L 1191 108.96 -77.48 -35.38
N ASN L 1192 107.80 -77.42 -36.04
CA ASN L 1192 106.77 -78.41 -35.80
C ASN L 1192 106.04 -78.74 -37.10
N SER L 1193 105.16 -79.72 -37.01
CA SER L 1193 104.32 -80.16 -38.12
C SER L 1193 102.97 -79.50 -37.97
N LEU L 1194 102.80 -78.34 -38.60
CA LEU L 1194 101.51 -77.70 -38.64
C LEU L 1194 100.65 -78.35 -39.71
N TYR L 1195 99.52 -77.75 -40.01
CA TYR L 1195 98.54 -78.41 -40.87
C TYR L 1195 97.77 -77.27 -41.55
N ARG L 1196 98.17 -76.94 -42.77
CA ARG L 1196 97.55 -75.85 -43.48
C ARG L 1196 96.18 -76.26 -44.01
N TYR L 1197 95.30 -75.28 -44.17
CA TYR L 1197 93.92 -75.51 -44.57
C TYR L 1197 93.55 -74.64 -45.75
N ASN L 1198 92.58 -75.10 -46.51
CA ASN L 1198 92.06 -74.36 -47.65
C ASN L 1198 90.54 -74.41 -47.64
N PHE L 1199 89.96 -74.01 -46.51
CA PHE L 1199 88.51 -74.00 -46.32
C PHE L 1199 87.78 -73.17 -47.38
N THR L 1200 86.73 -73.74 -47.93
CA THR L 1200 85.83 -73.05 -48.84
C THR L 1200 84.62 -72.56 -48.05
N TYR L 1201 84.10 -71.41 -48.45
CA TYR L 1201 83.08 -70.68 -47.69
C TYR L 1201 81.84 -70.53 -48.56
N PRO L 1202 80.93 -71.50 -48.53
CA PRO L 1202 79.80 -71.48 -49.46
C PRO L 1202 78.76 -70.46 -49.07
N THR L 1203 78.41 -69.60 -50.02
CA THR L 1203 77.22 -68.79 -49.86
C THR L 1203 76.01 -69.60 -50.30
N LEU L 1204 74.83 -69.16 -49.86
CA LEU L 1204 73.59 -69.89 -50.12
C LEU L 1204 72.67 -68.99 -50.92
N ASP L 1205 72.42 -69.37 -52.16
CA ASP L 1205 71.58 -68.61 -53.08
C ASP L 1205 70.47 -69.50 -53.64
N GLY L 1206 69.80 -70.20 -52.74
CA GLY L 1206 68.78 -71.15 -53.14
C GLY L 1206 67.52 -70.50 -53.69
N ILE L 1207 66.64 -71.37 -54.19
CA ILE L 1207 65.40 -70.99 -54.83
C ILE L 1207 64.26 -71.40 -53.90
N MET L 1208 63.34 -70.48 -53.65
CA MET L 1208 62.39 -70.60 -52.56
C MET L 1208 60.96 -70.67 -53.06
N TYR L 1209 60.17 -71.52 -52.41
CA TYR L 1209 58.88 -71.98 -52.90
C TYR L 1209 57.82 -71.80 -51.83
N VAL L 1210 56.61 -71.44 -52.24
CA VAL L 1210 55.49 -71.25 -51.32
C VAL L 1210 54.51 -72.40 -51.53
N ARG L 1211 53.87 -72.82 -50.44
CA ARG L 1211 52.87 -73.87 -50.51
C ARG L 1211 51.60 -73.35 -51.16
N SER L 1212 50.98 -74.17 -51.99
CA SER L 1212 49.75 -73.82 -52.69
C SER L 1212 48.57 -74.38 -51.92
N ALA L 1213 47.66 -73.50 -51.49
CA ALA L 1213 46.50 -73.95 -50.75
C ALA L 1213 45.49 -74.59 -51.67
N THR L 1214 45.11 -75.83 -51.37
CA THR L 1214 44.16 -76.56 -52.19
C THR L 1214 42.75 -76.04 -51.97
#